data_8EZB
#
_entry.id   8EZB
#
_cell.length_a   1.00
_cell.length_b   1.00
_cell.length_c   1.00
_cell.angle_alpha   90.00
_cell.angle_beta   90.00
_cell.angle_gamma   90.00
#
_symmetry.space_group_name_H-M   'P 1'
#
loop_
_entity.id
_entity.type
_entity.pdbx_description
1 polymer 'X-ray repair cross-complementing protein 6'
2 polymer 'X-ray repair cross-complementing protein 5'
3 polymer 'DNA-dependent protein kinase catalytic subunit'
4 polymer 'DNA (31-MER)'
5 polymer 'DNA (30-MER)'
6 polymer 'DNA repair protein XRCC4'
7 polymer 'Non-homologous end-joining factor 1'
8 polymer 'Protein PAXX'
9 polymer 'DNA ligase 4'
10 non-polymer 'MAGNESIUM ION'
11 non-polymer "ADENOSINE-5'-TRIPHOSPHATE"
#
loop_
_entity_poly.entity_id
_entity_poly.type
_entity_poly.pdbx_seq_one_letter_code
_entity_poly.pdbx_strand_id
1 'polypeptide(L)'
;MSGWESYYKTEGDEEAEEEQEENLEASGDYKYSGRDSLIFLVDASKAMFESQSEDELTPFDMSIQCIQSVYISKIISSDR
DLLAVVFYGTEKDKNSVNFKNIYVLQELDNPGAKRILELDQFKGQQGQKRFQDMMGHGSDYSLSEVLWVCANLFSDVQFK
MSHKRIMLFTNEDNPHGNDSAKASRARTKAGDLRDTGIFLDLMHLKKPGGFDISLFYRDIISIAEDEDLRVHFEESSKLE
DLLRKVRAKETRKRALSRLKLKLNKDIVISVGIYNLVQKALKPPPIKLYRETNEPVKTKTRTFNTSTGGLLLPSDTKRSQ
IYGSRQIILEKEETEELKRFDDPGLMLMGFKPLVLLKKHHYLRPSLFVYPEESLVIGSSTLFSALLIKCLEKEVAALCRY
TPRRNIPPYFVALVPQEEELDDQKIQVTPPGFQLVFLPFADDKRKMPFTEKIMATPEQVGKMKAIVEKLRFTYRSDSFEN
PVLQQHFRNLEALALDLMEPEQAVDLTLPKVEAMNKRLGSLVDEFKELVYPPDYNPEGKVTKRKHDNEGSGSKRPKVEYS
EEELKTHISKGTLGKFTVPMLKEACRAYGLKSGLKKQELLEALTKHFQD
;
A,J
2 'polypeptide(L)'
;MVRSGNKAAVVLCMDVGFTMSNSIPGIESPFEQAKKVITMFVQRQVFAENKDEIALVLFGTDGTDNPLSGGDQYQNITVH
RHLMLPDFDLLEDIESKIQPGSQQADFLDALIVSMDVIQHETIGKKFEKRHIEIFTDLSSRFSKSQLDIIIHSLKKCDIS
LQFFLPFSLGKEDGSGDRGDGPFRLGGHGPSFPLKGITEQQKEGLEIVKMVMISLEGEDGLDEIYSFSESLRKLCVFKKI
ERHSIHWPCRLTIGSNLSIRIAAYKSILQERVKKTWTVVDAKTLKKEDIQKETVYCLNDDDETEVLKEDIIQGFRYGSDI
VPFSKVDEEQMKYKSEGKCFSVLGFCKSSQVQRRFFMGNQVLKVFAARDDEAAAVALSSLIHALDDLDMVAIVRYAYDKR
ANPQVGVAFPHIKHNYECLVYVQLPFMEDLRQYMFSSLKNSKKYAPTEAQLNAVDALIDSMSLAKKDEKTDTLEDLFPTT
KIPNPRFQRLFQCLLHRALHPREPLPPIQQHIWNMLNPPAEVTTKSQIPLSKIKTLFPLIEAKKKDQVTAQEIFQDNHED
GPTAKKLKTEQGGAHFSVSSLAEGSVTSVGSVNPAENFRVLVKQKKASFEEASNQLINHIEQFLDTNETPYFMKSIDCIR
AFREEAIKFSEEQRFNNFLKALQEKVEIKQLNHFWEIVVQDGITLITKEEASGSSVTAEEAKKFLAPKDKPSGDTAAVFE
EGGDVDDLLDMI
;
B,K
3 'polypeptide(L)'
;MAGSGAGVRCSLLRLQETLSAADRCGAALAGHQLIRGLGQECVLSSSPAVLALQTSLVFSRDFGLLVFVRKSLNSIEFRE
CREEILKFLCIFLEKMGQKIAPYSVEIKNTCTSVYTKDRAAKCKIPALDLLIKLLQTFRSSRLMDEFKIGELFSKFYGEL
ALKKKIPDTVLEKVYELLGLLGEVHPSEMINNAENLFRAFLGELKTQMTSAVREPKLPVLAGCLKGLSSLLCNFTKSMEE
DPQTSREIFNFVLKAIRPQIDLKRYAVPSAGLRLFALHASQFSTCLLDNYVSLFEVLLKWCAHTNVELKKAALSALESFL
KQVSNMVAKNAEMHKNKLQYFMEQFYGIIRNVDSNNKELSIAIRGYGLFAGPCKVINAKDVDFMYVELIQRCKQMFLTQT
DTGDDRVYQMPSFLQSVASVLLYLDTVPEVYTPVLEHLVVMQIDSFPQYSPKMQLVCCRAIVKVFLALAAKGPVLRNCIS
TVVHQGLIRICSKPVVLPKGPESESEDHRASGEVRTGKWKVPTYKDYVDLFRHLLSSDQMMDSILADEAFFSVNSSSESL
NHLLYDEFVKSVLKIVEKLDLTLEIQTVGEQENGDEAPGVWMIPTSDPAANLHPAKPKDFSAFINLVEFCREILPEKQAE
FFEPWVYSFSYELILQSTRLPLISGFYKLLSITVRNAKKIKYFEGVSPKSLKHSPEDPEKYSCFALFVKFGKEVAVKMKQ
YKDELLASCLTFLLSLPHNIIELDVRAYVPALQMAFKLGLSYTPLAEVGLNALEEWSIYIDRHVMQPYYKDILPCLDGYL
KTSALSDETKNNWEVSALSRAAQKGFNKVVLKHLKKTKNLSSNEAISLEEIRIRVVQMLGSLGGQINKNLLTVTSSDEMM
KSYVAWDREKRLSFAVPFREMKPVIFLDVFLPRVTELALTASDRQTKVAACELLHSMVMFMLGKATQMPEGGQGAPPMYQ
LYKRTFPVLLRLACDVDQVTRQLYEPLVMQLIHWFTNNKKFESQDTVALLEAILDGIVDPVDSTLRDFCGRCIREFLKWS
IKQITPQQQEKSPVNTKSLFKRLYSLALHPNAFKRLGASLAFNNIYREFREEESLVEQFVFEALVIYMESLALAHADEKS
LGTIQQCCDAIDHLCRIIEKKHVSLNKAKKRRLPRGFPPSASLCLLDLVKWLLAHCGRPQTECRHKSIELFYKFVPLLPG
NRSPNLWLKDVLKEEGVSFLINTFEGGGCGQPSGILAQPTLLYLRGPFSLQATLCWLDLLLAALECYNTFIGERTVGALQ
VLGTEAQSSLLKAVAFFLESIAMHDIIAAEKCFGTGAAGNRTSPQEGERYNYSKCTVVVRIMEFTTTLLNTSPEGWKLLK
KDLCNTHLMRVLVQTLCEPASIGFNIGDVQVMAHLPDVCVNLMKALKMSPYKDILETHLREKITAQSIEELCAVNLYGPD
AQVDRSRLAAVVSACKQLHRAGLLHNILPSQSTDLHHSVGTELLSLVYKGIAPGDERQCLPSLDLSCKQLASGLLELAFA
FGGLCERLVSLLLNPAVLSTASLGSSQGSVIHFSHGEYFYSLFSETINTELLKNLDLAVLELMQSSVDNTKMVSAVLNGM
LDQSFRERANQKHQGLKLATTILQHWKKCDSWWAKDSPLETKMAVLALLAKILQIDSSVSFNTSHGSFPEVFTTYISLLA
DTKLDLHLKGQAVTLLPFFTSLTGGSLEELRRVLEQLIVAHFPMQSREFPPGTPRFNNYVDCMKKFLDALELSQSPMLLE
LMTEVLCREQQHVMEELFQSSFRRIARRGSCVTQVGLLESVYEMFRKDDPRLSFTRQSFVDRSLLTLLWHCSLDALREFF
STIVVDAIDVLKSRFTKLNESTFDTQITKKMGYYKILDVMYSRLPKDDVHAKESKINQVFHGSCITEGNELTKTLIKLCY
DAFTENMAGENQLLERRRLYHCAAYNCAISVICCVFNELKFYQGFLFSEKPEKNLLIFENLIDLKRRYNFPVEVEVPMER
KKKYIEIRKEAREAANGDSDGPSYMSSLSYLADSTLSEEMSQFDFSTGVQSYSYSSQDPRPATGRFRRREQRDPTVHDDV
LELEMDELNRHECMAPLTALVKHMHRSLGPPQGEEDSVPRDLPSWMKFLHGKLGNPIVPLNIRLFLAKLVINTEEVFRPY
AKHWLSPLLQLAASENNGGEGIHYMVVEIVATILSWTGLATPTGVPKDEVLANRLLNFLMKHVFHPKRAVFRHNLEIIKT
LVECWKDCLSIPYRLIFEKFSGKDPNSKDNSVGIQLLGIVMANDLPPYDPQCGIQSSEYFQALVNNMSFVRYKEVYAAAA
EVLGLILRYVMERKNILEESLCELVAKQLKQHQNTMEDKFIVCLNKVTKSFPPLADRFMNAVFFLLPKFHGVLKTLCLEV
VLCRVEGMTELYFQLKSKDFVQVMRHRDDERQKVCLDIIYKMMPKLKPVELRELLNPVVEFVSHPSTTCREQMYNILMWI
HDNYRDPESETDNDSQEIFKLAKDVLIQGLIDENPGLQLIIRNFWSHETRLPSNTLDRLLALNSLYSPKIEVHFLSLATN
FLLEMTSMSPDYPNPMFEHPLSECEFQEYTIDSDWRFRSTVLTPMFVETQASQGTLQTRTQEGSLSARWPVAGQIRATQQ
QHDFTLTQTADGRSSFDWLTGSSTDPLVDHTSPSSDSLLFAHKRSERLQRAPLKSVGPDFGKKRLGLPGDEVDNKVKGAA
GRTDLLRLRRRFMRDQEKLSLMYARKGVAEQKREKEIKSELKMKQDAQVVLYRSYRHGDLPDIQIKHSSLITPLQAVAQR
DPIIAKQLFSSLFSGILKEMDKFKTLSEKNNITQKLLQDFNRFLNTTFSFFPPFVSCIQDISCQHAALLSLDPAAVSAGC
LASLQQPVGIRLLEEALLRLLPAELPAKRVRGKARLPPDVLRWVELAKLYRSIGEYDVLRGIFTSEIGTKQITQSALLAE
ARSDYSEAAKQYDEALNKQDWVDGEPTEAEKDFWELASLDCYNHLAEWKSLEYCSTASIDSENPPDLNKIWSEPFYQETY
LPYMIRSKLKLLLQGEADQSLLTFIDKAMHGELQKAILELHYSQELSLLYLLQDDVDRAKYYIQNGIQSFMQNYSSIDVL
LHQSRLTKLQSVQALTEIQEFISFISKQGNLSSQVPLKRLLNTWTNRYPDAKMDPMNIWDDIITNRCFFLSKIEEKLTPL
PEDNSMNVDQDGDPSDRMEVQEQEEDISSLIRSCKFSMKMKMIDSARKQNNFSLAMKLLKELHKESKTRDDWLVSWVQSY
CRLSHCRSRSQGCSEQVLTVLKTVSLLDENNVSSYLSKNILAFRDQNILLGTTYRIIANALSSEPACLAEIEEDKARRIL
ELSGSSSEDSEKVIAGLYQRAFQHLSEAVQAAEEEAQPPSWSCGPAAGVIDAYMTLADFCDQQLRKEEENASVIDSAELQ
AYPALVVEKMLKALKLNSNEARLKFPRLLQIIERYPEETLSLMTKEISSVPCWQFISWISHMVALLDKDQAVAVQHSVEE
ITDNYPQAIVYPFIISSESYSFKDTSTGHKNKEFVARIKSKLDQGGVIQDFINALDQLSNPELLFKDWSNDVRAELAKTP
VNKKNIEKMYERMYAALGDPKAPGLGAFRRKFIQTFGKEFDKHFGKGGSKLLRMKLSDFNDITNMLLLKMNKDSKPPGNL
KECSPWMSDFKVEFLRNELEIPGQYDGRGKPLPEYHVRIAGFDERVTVMASLRRPKRIIIRGHDEREHPFLVKGGEDLRQ
DQRVEQLFQVMNGILAQDSACSQRALQLRTYSVVPMTSRLGLIEWLENTVTLKDLLLNTMSQEEKAAYLSDPRAPPCEYK
DWLTKMSGKHDVGAYMLMYKGANRTETVTSFRKRESKVPADLLKRAFVRMSTSPEAFLALRSHFASSHALICISHWILGI
GDRHLNNFMVAMETGGVIGIDFGHAFGSATQFLPVPELMPFRLTRQFINLMLPMKETGLMYSIMVHALRAFRSDPGLLTN
TMDVFVKEPSFDWKNFEQKMLKKGGSWIQEINVAEKNWYPRQKICYAKRKLAGANPAVITCDELLLGHEKAPAFRDYVAV
ARGSKDHNIRAQEPESGLSEETQVKCLMDQATDPNILGRTWEGWEPWM
;
C,L
4 'polydeoxyribonucleotide'
;(DT)(DC)(DT)(DA)(DA)(DG)(DA)(DA)(DC)(DT)(DC)(DT)(DG)(DA)(DT)(DG)(DT)(DC)(DA)(DG)
(DT)(DA)(DG)(DA)(DT)(DT)(DA)(DC)(DA)(DC)(DT)
;
D,M
5 'polydeoxyribonucleotide'
;(DG)(DT)(DG)(DT)(DA)(DA)(DT)(DC)(DT)(DA)(DC)(DT)(DG)(DA)(DC)(DA)(DT)(DC)(DA)(DG)
(DA)(DG)(DT)(DT)(DC)(DT)(DT)(DA)(DG)(DA)
;
E,N
6 'polypeptide(L)'
;MERKISRIHLVSEPSITHFLQVSWEKTLESGFVITLTDGHSAWTGTVSESEISQEADDMAMEKGKYVGELRKALLSGAGP
ADVYTFNFSKESCYFFFEKNLKDVSFRLGSFNLEKVENPAEVIRELICYCLDTIAENQAKNEHLQKENERLLRDWNDVQG
RFEKCVSAKEALETDLYKRFILVLNEKKTKIRSLHNKLLNAAQEREKDIKQEGETAICSEMTADRDPVYDESTDEESENQ
TDLSGLASAAVSKDDSIISSLDVTDIAPSRKRRQRMQRNLGTEPKMAPQENQLQEKENSRPDSSLPETSKKEHISAENMS
LETLRNSSPEDLFDEI
;
F,G,O,P
7 'polypeptide(L)'
;MEELEQGLLMQPWAWLQLAENSLLAKVFITKQGYALLVSDLQQVWHEQVDTSVVSQRAKELNKRLTAPPAAFLCHLDNLL
RPLLKDAAHPSEATFSCDCVADALILRVRSELSGLPFYWNFHCMLASPSLVSQHLIRPLMGMSLALQCQVRELATLLHMK
DLEIQDYQESGATLIRDRLKTEPFEENSFLEQFMIEKLPEACSIGDGKPFVMNLQDLYMAVTTQEVQVGQKHQGAGDPHT
SNSASLQGIDSQCVNQPEQLVSSAPTLSAPEKESTGTSGPLQRPQLSKVKRKKPRGLFS
;
H,I
8 'polypeptide(L)'
;MDPLSPPLCTLPPGPEPPRFVCYCEGEESGEGDRGGFNLYVTDAAELWSTCFTPDSLAALKARFGLSAAEDITPRFRAAC
EQQAVALTLQEDRASLTLSGGPSALAFDLSKVPGPEAAPRLRALTLGLAKRVWSLERRLAAAEETAVSPRKSPRPAGPQL
FLPDPDPQRGGPGPGVRRRCPGESLINPGFKSKKPAGGVDFDET
;
S,T
9 'polypeptide(L)'
;MAASQTSQTVASHVPFADLCSTLERIQKSKGRAEKIRHFREFLDSWRKFHDALHKNHKDVTDSFYPAMRLILPQLERERM
AYGIKETMLAKLYIELLNLPRDGKDALKLLNYRTPTGTHGDAGDFAMIAYFVLKPRCLQKGSLTIQQVNDLLDSIASNNS
AKRKDLIKKSLLQLITQSSALEQKWLIRMIIKDLKLGVSQQTIFSVFHNDAAELHNVTTDLEKVCRQLHDPSVGLSDISI
TLFSAFKPMLAAIADIEHIEKDMKHQSFYIETKLDGERMQMHKDGDVYKYFSRNGYNYTDQFGASPTEGSLTPFIHNAFK
ADIQICILDGEMMAYNPNTQTFMQKGTKFDIKRMVEDSDLQTCYCVFDVLMVNNKKLGHETLRKRYEILSSIFTPIPGRI
EIVQKTQAHTKNEVIDALNEAIDKREEGIMVKQPLSIYKPDKRGEGWLKIKPEYVSGLMDELDILIVGGYWGKGSRGGMM
SHFLCAVAEKPPPGEKPSVFHTLSRVGSGCTMKELYDLGLKLAKYWKPFHRKAPPSSILCGTEKPEVYIEPCNSVIVQIK
AAEIVPSDMYKTGCTLRFPRIEKIRDDKEWHECMTLDDLEQLRGKASGKLASKHLYIGGDDEPQEKKRKAAPKMKKVIGI
IEHLKAPNLTNVNKISNIFEDVEFCVMSGTDSQPKPDLENRIAEFGGYIVQNPGPDTYCVIAGSENIRVKNIILSNKHDV
VKPAWLLECFKTKSFVPWQPRFMIHMCPSTKEHFAREYDCYGDSYFIDTDLNQLKEVFSGIKNSNEQTPEEMASLIADLE
YRYSWDCSPLSMFRRHTVYLDSYAVINDLSTKNEGTRLAIKALELRFHGAKVVSCLAEGVSHVIIGEDHSRVADFKAFRR
TFKRKFKILKESWVTDSIDKCELQEENQYLI
;
X,Y
#
loop_
_chem_comp.id
_chem_comp.type
_chem_comp.name
_chem_comp.formula
ATP non-polymer ADENOSINE-5'-TRIPHOSPHATE 'C10 H16 N5 O13 P3'
DA DNA linking 2'-DEOXYADENOSINE-5'-MONOPHOSPHATE 'C10 H14 N5 O6 P'
DC DNA linking 2'-DEOXYCYTIDINE-5'-MONOPHOSPHATE 'C9 H14 N3 O7 P'
DG DNA linking 2'-DEOXYGUANOSINE-5'-MONOPHOSPHATE 'C10 H14 N5 O7 P'
DT DNA linking THYMIDINE-5'-MONOPHOSPHATE 'C10 H15 N2 O8 P'
MG non-polymer 'MAGNESIUM ION' 'Mg 2'
#
# COMPACT_ATOMS: atom_id res chain seq x y z
N TYR A 30 15.62 50.91 7.86
CA TYR A 30 16.72 50.24 7.17
C TYR A 30 18.08 50.53 7.82
N LYS A 31 19.11 49.81 7.37
CA LYS A 31 20.53 49.95 7.73
C LYS A 31 21.07 51.36 7.45
N TYR A 32 22.23 51.69 7.99
CA TYR A 32 22.77 53.05 7.99
C TYR A 32 23.04 53.62 6.58
N SER A 33 23.82 52.91 5.77
CA SER A 33 24.42 53.52 4.58
C SER A 33 23.43 53.79 3.44
N GLY A 34 22.34 53.04 3.34
CA GLY A 34 21.46 53.10 2.18
C GLY A 34 20.93 54.51 1.91
N ARG A 35 21.19 55.04 0.72
CA ARG A 35 20.67 56.33 0.26
C ARG A 35 19.15 56.29 0.08
N ASP A 36 18.45 57.36 0.38
CA ASP A 36 17.15 57.57 -0.23
C ASP A 36 17.35 57.86 -1.72
N SER A 37 16.51 57.33 -2.57
CA SER A 37 16.61 57.51 -4.01
C SER A 37 15.24 57.74 -4.58
N LEU A 38 15.03 58.74 -5.43
CA LEU A 38 13.69 59.19 -5.76
C LEU A 38 13.56 59.69 -7.19
N ILE A 39 12.64 59.15 -7.98
CA ILE A 39 12.51 59.46 -9.41
C ILE A 39 11.16 60.08 -9.74
N PHE A 40 11.16 61.21 -10.44
CA PHE A 40 9.97 62.01 -10.71
C PHE A 40 9.49 61.87 -12.14
N LEU A 41 8.23 61.51 -12.37
CA LEU A 41 7.78 60.95 -13.63
C LEU A 41 6.48 61.59 -14.12
N VAL A 42 6.61 62.63 -14.93
CA VAL A 42 5.50 63.51 -15.29
C VAL A 42 4.86 63.13 -16.61
N ASP A 43 3.54 63.20 -16.61
CA ASP A 43 2.68 63.12 -17.79
C ASP A 43 2.90 64.33 -18.71
N ALA A 44 3.51 64.16 -19.88
CA ALA A 44 3.70 65.22 -20.85
C ALA A 44 2.49 65.47 -21.76
N SER A 45 1.34 64.82 -21.52
CA SER A 45 0.18 64.85 -22.43
C SER A 45 -0.56 66.18 -22.45
N LYS A 46 -0.80 66.73 -23.65
CA LYS A 46 -1.40 68.07 -23.88
C LYS A 46 -2.65 68.35 -23.06
N ALA A 47 -3.53 67.35 -22.94
CA ALA A 47 -4.80 67.41 -22.23
C ALA A 47 -4.69 67.78 -20.74
N MET A 48 -3.50 67.65 -20.16
CA MET A 48 -3.14 68.13 -18.82
C MET A 48 -2.07 69.23 -18.90
N PHE A 49 -1.04 68.99 -19.71
CA PHE A 49 0.17 69.80 -19.85
C PHE A 49 -0.10 71.27 -20.17
N GLU A 50 -0.96 71.56 -21.14
CA GLU A 50 -1.30 72.93 -21.53
C GLU A 50 -2.64 73.38 -20.93
N SER A 51 -3.20 72.62 -19.98
CA SER A 51 -4.60 72.72 -19.56
C SER A 51 -4.79 73.45 -18.24
N GLN A 52 -5.89 74.19 -18.12
CA GLN A 52 -6.33 74.86 -16.91
C GLN A 52 -7.85 75.07 -16.94
N SER A 53 -8.49 75.08 -15.77
CA SER A 53 -9.91 75.44 -15.61
C SER A 53 -10.05 76.91 -15.19
N GLU A 54 -9.16 77.31 -14.32
CA GLU A 54 -8.70 78.65 -13.95
C GLU A 54 -7.74 79.20 -15.02
N ASP A 55 -7.06 80.31 -14.73
CA ASP A 55 -5.78 80.66 -15.37
C ASP A 55 -4.58 80.55 -14.39
N GLU A 56 -4.89 80.46 -13.10
CA GLU A 56 -3.97 80.78 -11.99
C GLU A 56 -2.91 79.72 -11.65
N LEU A 57 -3.00 78.49 -12.17
CA LEU A 57 -1.96 77.48 -12.05
C LEU A 57 -1.84 76.74 -13.37
N THR A 58 -1.07 75.66 -13.36
CA THR A 58 -0.98 74.77 -14.51
C THR A 58 -0.37 73.45 -14.08
N PRO A 59 -1.01 72.33 -14.40
CA PRO A 59 -0.58 71.06 -13.82
C PRO A 59 0.85 70.72 -14.14
N PHE A 60 1.31 70.98 -15.35
CA PHE A 60 2.73 70.79 -15.61
C PHE A 60 3.54 71.83 -14.87
N ASP A 61 3.10 73.07 -14.90
CA ASP A 61 3.77 74.08 -14.12
C ASP A 61 3.66 73.81 -12.63
N MET A 62 2.76 72.91 -12.25
CA MET A 62 2.65 72.52 -10.86
C MET A 62 3.64 71.41 -10.55
N SER A 63 3.72 70.44 -11.44
CA SER A 63 4.63 69.34 -11.23
C SER A 63 6.07 69.79 -11.32
N ILE A 64 6.38 70.65 -12.27
CA ILE A 64 7.75 71.09 -12.39
C ILE A 64 8.13 71.91 -11.19
N GLN A 65 7.19 72.69 -10.67
CA GLN A 65 7.48 73.42 -9.44
C GLN A 65 7.75 72.45 -8.32
N CYS A 66 6.97 71.39 -8.24
CA CYS A 66 7.22 70.40 -7.21
C CYS A 66 8.60 69.80 -7.35
N ILE A 67 8.98 69.45 -8.57
CA ILE A 67 10.25 68.78 -8.76
C ILE A 67 11.39 69.72 -8.43
N GLN A 68 11.33 70.99 -8.83
CA GLN A 68 12.36 71.95 -8.44
C GLN A 68 12.38 72.19 -6.93
N SER A 69 11.25 72.10 -6.24
CA SER A 69 11.18 72.47 -4.85
C SER A 69 11.54 71.37 -3.88
N VAL A 70 11.12 70.12 -4.10
CA VAL A 70 11.67 69.01 -3.33
C VAL A 70 13.15 68.88 -3.60
N TYR A 71 13.59 69.13 -4.83
CA TYR A 71 14.99 69.02 -5.22
C TYR A 71 15.85 70.08 -4.55
N ILE A 72 15.41 71.33 -4.45
CA ILE A 72 16.11 72.35 -3.64
C ILE A 72 16.05 72.06 -2.13
N SER A 73 15.02 71.39 -1.62
CA SER A 73 15.05 70.87 -0.25
C SER A 73 16.16 69.82 -0.07
N LYS A 74 16.18 68.79 -0.93
CA LYS A 74 17.16 67.72 -0.87
C LYS A 74 18.59 68.20 -1.07
N ILE A 75 18.84 69.29 -1.80
CA ILE A 75 20.19 69.84 -1.93
C ILE A 75 20.73 70.35 -0.61
N ILE A 76 19.99 71.19 0.12
CA ILE A 76 20.48 71.67 1.42
C ILE A 76 20.54 70.51 2.41
N SER A 77 19.54 69.65 2.39
CA SER A 77 19.34 68.73 3.49
C SER A 77 20.03 67.38 3.39
N SER A 78 20.25 66.84 2.18
CA SER A 78 20.80 65.50 1.97
C SER A 78 21.42 65.32 0.58
N ASP A 79 22.51 66.02 0.28
CA ASP A 79 23.30 65.92 -0.96
C ASP A 79 23.73 64.49 -1.39
N ARG A 80 23.68 63.55 -0.45
CA ARG A 80 23.97 62.13 -0.55
C ARG A 80 22.86 61.33 -1.21
N ASP A 81 21.60 61.77 -1.13
CA ASP A 81 20.43 61.06 -1.63
C ASP A 81 20.14 61.39 -3.10
N LEU A 82 19.59 60.45 -3.87
CA LEU A 82 19.60 60.48 -5.35
C LEU A 82 18.28 60.96 -5.94
N LEU A 83 18.29 61.81 -6.96
CA LEU A 83 17.10 62.21 -7.72
C LEU A 83 17.25 61.89 -9.22
N ALA A 84 16.14 61.59 -9.90
CA ALA A 84 16.00 61.58 -11.35
C ALA A 84 14.66 62.16 -11.76
N VAL A 85 14.51 62.56 -13.02
CA VAL A 85 13.25 63.08 -13.54
C VAL A 85 13.04 62.67 -15.00
N VAL A 86 11.83 62.28 -15.34
CA VAL A 86 11.47 61.58 -16.57
C VAL A 86 10.15 62.10 -17.11
N PHE A 87 10.08 62.31 -18.43
CA PHE A 87 8.83 62.63 -19.09
C PHE A 87 8.36 61.46 -19.93
N TYR A 88 7.13 61.05 -19.71
CA TYR A 88 6.51 59.99 -20.50
C TYR A 88 5.46 60.55 -21.44
N GLY A 89 5.15 59.78 -22.48
CA GLY A 89 4.26 60.22 -23.52
C GLY A 89 4.81 61.38 -24.33
N THR A 90 6.04 61.85 -24.20
CA THR A 90 6.52 62.85 -25.15
C THR A 90 6.80 62.25 -26.54
N GLU A 91 6.98 63.06 -27.60
CA GLU A 91 7.11 62.58 -28.99
C GLU A 91 8.53 62.28 -29.45
N LYS A 92 9.60 62.86 -28.95
CA LYS A 92 11.03 62.59 -29.23
C LYS A 92 11.65 61.96 -28.00
N ASP A 93 12.42 60.89 -28.16
CA ASP A 93 12.72 59.95 -27.07
C ASP A 93 14.17 59.89 -26.63
N LYS A 94 14.35 59.50 -25.37
CA LYS A 94 15.64 59.17 -24.74
C LYS A 94 15.43 58.17 -23.61
N ASN A 95 15.94 56.96 -23.82
CA ASN A 95 15.80 55.78 -22.96
C ASN A 95 16.97 54.82 -23.23
N SER A 96 17.20 53.84 -22.38
CA SER A 96 18.09 52.73 -22.73
C SER A 96 17.45 51.79 -23.75
N VAL A 97 16.18 51.43 -23.51
CA VAL A 97 15.40 50.44 -24.26
C VAL A 97 13.92 50.56 -23.87
N ASN A 98 12.99 49.96 -24.62
CA ASN A 98 11.53 50.16 -24.45
C ASN A 98 11.22 51.66 -24.70
N PHE A 99 11.62 52.13 -25.88
CA PHE A 99 11.84 53.55 -26.14
C PHE A 99 10.57 54.39 -26.30
N LYS A 100 9.46 53.79 -26.74
CA LYS A 100 8.44 54.57 -27.45
C LYS A 100 7.84 55.64 -26.56
N ASN A 101 8.01 56.88 -26.97
CA ASN A 101 7.33 58.05 -26.45
C ASN A 101 7.66 58.34 -24.99
N ILE A 102 8.94 58.29 -24.59
CA ILE A 102 9.45 58.59 -23.24
C ILE A 102 10.83 59.26 -23.36
N TYR A 103 11.09 60.21 -22.49
CA TYR A 103 12.31 60.99 -22.45
C TYR A 103 12.76 61.15 -21.00
N VAL A 104 13.80 60.42 -20.63
CA VAL A 104 14.51 60.63 -19.37
C VAL A 104 15.24 61.98 -19.45
N LEU A 105 14.65 63.04 -18.90
CA LEU A 105 15.34 64.33 -18.82
C LEU A 105 16.63 64.20 -18.03
N GLN A 106 16.59 63.47 -16.91
CA GLN A 106 17.72 63.25 -16.01
C GLN A 106 17.75 61.85 -15.43
N GLU A 107 18.85 61.13 -15.64
CA GLU A 107 19.13 59.84 -15.00
C GLU A 107 19.38 60.01 -13.50
N LEU A 108 19.59 58.96 -12.71
CA LEU A 108 19.81 59.09 -11.26
C LEU A 108 21.16 59.70 -10.91
N ASP A 109 21.17 60.71 -10.06
CA ASP A 109 22.40 61.38 -9.67
C ASP A 109 22.24 62.08 -8.33
N ASN A 110 23.36 62.34 -7.68
CA ASN A 110 23.39 63.25 -6.55
C ASN A 110 22.98 64.63 -7.02
N PRO A 111 22.19 65.36 -6.24
CA PRO A 111 21.57 66.60 -6.68
C PRO A 111 22.45 67.81 -6.57
N GLY A 112 22.31 68.74 -7.52
CA GLY A 112 23.03 70.01 -7.50
C GLY A 112 22.42 71.06 -8.41
N ALA A 113 23.14 72.15 -8.61
CA ALA A 113 22.63 73.34 -9.27
C ALA A 113 22.28 73.10 -10.73
N LYS A 114 23.18 72.57 -11.56
CA LYS A 114 22.93 72.45 -13.00
C LYS A 114 21.68 71.64 -13.34
N ARG A 115 21.31 70.67 -12.49
CA ARG A 115 20.04 69.95 -12.61
C ARG A 115 18.83 70.82 -12.32
N ILE A 116 18.86 71.62 -11.27
CA ILE A 116 17.82 72.60 -11.02
C ILE A 116 17.74 73.60 -12.17
N LEU A 117 18.84 74.02 -12.79
CA LEU A 117 18.77 74.87 -13.99
C LEU A 117 18.15 74.16 -15.20
N GLU A 118 18.35 72.86 -15.40
CA GLU A 118 17.65 72.14 -16.47
C GLU A 118 16.12 72.15 -16.30
N LEU A 119 15.59 71.94 -15.09
CA LEU A 119 14.15 72.04 -14.85
C LEU A 119 13.64 73.47 -15.03
N ASP A 120 14.41 74.48 -14.64
CA ASP A 120 13.96 75.87 -14.66
C ASP A 120 13.58 76.33 -16.08
N GLN A 121 14.28 75.83 -17.08
CA GLN A 121 14.06 76.17 -18.49
C GLN A 121 12.63 75.88 -18.96
N PHE A 122 11.92 74.91 -18.38
CA PHE A 122 10.60 74.47 -18.85
C PHE A 122 9.42 75.12 -18.13
N LYS A 123 9.69 75.90 -17.08
CA LYS A 123 8.67 76.53 -16.25
C LYS A 123 8.02 77.75 -16.95
N GLY A 124 6.70 77.88 -16.79
CA GLY A 124 5.92 79.10 -17.06
C GLY A 124 5.23 79.15 -18.43
N GLN A 125 4.55 80.26 -18.75
CA GLN A 125 3.78 80.41 -19.99
C GLN A 125 4.66 80.31 -21.24
N GLN A 126 5.82 80.97 -21.25
CA GLN A 126 6.83 80.74 -22.28
C GLN A 126 7.45 79.33 -22.16
N GLY A 127 7.62 78.81 -20.94
CA GLY A 127 8.13 77.46 -20.70
C GLY A 127 7.33 76.36 -21.38
N GLN A 128 6.01 76.41 -21.32
CA GLN A 128 5.15 75.46 -22.03
C GLN A 128 5.20 75.60 -23.57
N LYS A 129 5.91 76.58 -24.12
CA LYS A 129 6.36 76.57 -25.53
C LYS A 129 7.81 76.09 -25.68
N ARG A 130 8.70 76.44 -24.76
CA ARG A 130 10.10 75.96 -24.75
C ARG A 130 10.20 74.43 -24.80
N PHE A 131 9.34 73.75 -24.05
CA PHE A 131 9.28 72.29 -24.04
C PHE A 131 8.81 71.70 -25.39
N GLN A 132 7.97 72.44 -26.12
CA GLN A 132 7.34 72.00 -27.36
C GLN A 132 8.29 72.04 -28.55
N ASP A 133 9.20 73.01 -28.56
CA ASP A 133 10.27 73.07 -29.55
C ASP A 133 11.22 71.85 -29.45
N MET A 134 11.15 71.07 -28.36
CA MET A 134 12.07 69.97 -28.09
C MET A 134 11.44 68.56 -28.07
N MET A 135 10.55 68.23 -27.14
CA MET A 135 10.18 66.83 -26.96
C MET A 135 8.79 66.47 -27.49
N GLY A 136 7.87 67.43 -27.63
CA GLY A 136 6.64 67.28 -28.39
C GLY A 136 5.47 66.56 -27.67
N HIS A 137 4.23 67.03 -27.90
CA HIS A 137 3.12 66.90 -26.97
C HIS A 137 1.76 66.33 -27.35
N GLY A 138 1.31 65.40 -26.49
CA GLY A 138 0.01 64.74 -26.53
C GLY A 138 0.01 63.31 -27.06
N SER A 139 1.13 62.78 -27.55
CA SER A 139 1.17 61.45 -28.20
C SER A 139 0.76 60.29 -27.28
N ASP A 140 0.48 59.13 -27.86
CA ASP A 140 0.10 57.94 -27.09
C ASP A 140 1.27 57.36 -26.28
N TYR A 141 0.92 56.75 -25.14
CA TYR A 141 1.87 56.33 -24.12
C TYR A 141 1.44 55.00 -23.50
N SER A 142 2.32 54.34 -22.74
CA SER A 142 1.94 53.08 -22.08
C SER A 142 2.59 52.81 -20.73
N LEU A 143 1.84 52.88 -19.61
CA LEU A 143 2.39 52.75 -18.27
C LEU A 143 3.22 51.48 -18.09
N SER A 144 2.84 50.35 -18.65
CA SER A 144 3.67 49.15 -18.52
C SER A 144 5.07 49.31 -19.12
N GLU A 145 5.24 50.13 -20.16
CA GLU A 145 6.56 50.55 -20.65
C GLU A 145 7.17 51.62 -19.75
N VAL A 146 6.40 52.57 -19.26
CA VAL A 146 6.95 53.63 -18.38
C VAL A 146 7.53 53.04 -17.10
N LEU A 147 6.79 52.16 -16.42
CA LEU A 147 7.28 51.44 -15.27
C LEU A 147 8.49 50.54 -15.60
N TRP A 148 8.59 50.00 -16.82
CA TRP A 148 9.78 49.28 -17.27
C TRP A 148 10.97 50.21 -17.29
N VAL A 149 10.76 51.40 -17.82
CA VAL A 149 11.88 52.30 -17.98
C VAL A 149 12.44 52.66 -16.62
N CYS A 150 11.57 53.03 -15.70
CA CYS A 150 12.07 53.47 -14.41
C CYS A 150 12.77 52.33 -13.71
N ALA A 151 12.28 51.13 -13.92
CA ALA A 151 12.94 49.99 -13.30
C ALA A 151 14.36 49.89 -13.79
N ASN A 152 14.54 49.95 -15.10
CA ASN A 152 15.90 49.86 -15.60
C ASN A 152 16.75 50.96 -15.01
N LEU A 153 16.17 52.13 -14.86
CA LEU A 153 16.96 53.20 -14.25
C LEU A 153 17.48 52.77 -12.90
N PHE A 154 16.60 52.47 -11.94
CA PHE A 154 17.16 52.09 -10.64
C PHE A 154 18.14 50.97 -10.75
N SER A 155 17.93 50.05 -11.66
CA SER A 155 18.90 48.98 -11.75
C SER A 155 20.27 49.52 -12.09
N ASP A 156 20.34 50.46 -13.02
CA ASP A 156 21.62 50.82 -13.62
C ASP A 156 22.60 51.38 -12.60
N VAL A 157 22.13 51.91 -11.44
CA VAL A 157 23.00 52.51 -10.38
C VAL A 157 23.57 51.53 -9.37
N GLN A 158 24.80 51.84 -8.96
CA GLN A 158 25.68 50.98 -8.17
C GLN A 158 25.47 51.08 -6.65
N PHE A 159 25.02 52.23 -6.15
CA PHE A 159 24.90 52.49 -4.72
C PHE A 159 23.90 51.61 -4.00
N LYS A 160 24.06 51.43 -2.70
CA LYS A 160 23.06 50.82 -1.84
C LYS A 160 21.94 51.81 -1.57
N MET A 161 20.69 51.42 -1.82
CA MET A 161 19.49 52.25 -1.69
C MET A 161 18.61 51.74 -0.56
N SER A 162 18.19 52.60 0.38
CA SER A 162 17.36 52.22 1.53
C SER A 162 15.88 52.30 1.23
N HIS A 163 15.48 53.34 0.52
CA HIS A 163 14.12 53.55 0.04
C HIS A 163 14.17 53.81 -1.45
N LYS A 164 13.37 53.06 -2.21
CA LYS A 164 13.29 53.17 -3.66
C LYS A 164 11.87 53.62 -3.96
N ARG A 165 11.66 54.84 -4.44
CA ARG A 165 10.31 55.44 -4.60
C ARG A 165 10.16 56.15 -5.91
N ILE A 166 9.05 55.89 -6.58
CA ILE A 166 8.58 56.61 -7.78
C ILE A 166 7.44 57.56 -7.43
N MET A 167 7.40 58.78 -7.99
CA MET A 167 6.28 59.73 -7.83
C MET A 167 5.54 59.99 -9.16
N LEU A 168 4.25 59.65 -9.21
CA LEU A 168 3.37 59.88 -10.36
C LEU A 168 2.79 61.29 -10.37
N PHE A 169 3.19 62.08 -11.35
CA PHE A 169 2.55 63.34 -11.69
C PHE A 169 1.76 63.18 -12.98
N THR A 170 0.64 62.49 -12.90
CA THR A 170 -0.38 62.46 -13.96
C THR A 170 -1.72 62.71 -13.34
N ASN A 171 -2.59 63.36 -14.10
CA ASN A 171 -3.99 63.42 -13.75
C ASN A 171 -4.86 62.35 -14.40
N GLU A 172 -4.31 61.50 -15.27
CA GLU A 172 -5.14 60.75 -16.19
C GLU A 172 -5.74 59.52 -15.52
N ASP A 173 -6.82 59.73 -14.78
CA ASP A 173 -7.30 58.80 -13.76
C ASP A 173 -7.65 57.41 -14.29
N ASN A 174 -8.30 57.29 -15.45
CA ASN A 174 -8.14 56.10 -16.28
C ASN A 174 -6.93 56.36 -17.18
N PRO A 175 -5.78 55.67 -17.00
CA PRO A 175 -4.55 55.92 -17.75
C PRO A 175 -4.60 55.30 -19.16
N HIS A 176 -5.72 55.54 -19.84
CA HIS A 176 -6.07 55.01 -21.16
C HIS A 176 -5.94 53.48 -21.21
N GLY A 177 -6.54 52.83 -20.22
CA GLY A 177 -6.80 51.39 -20.15
C GLY A 177 -8.01 50.94 -20.97
N ASN A 178 -8.39 51.71 -22.00
CA ASN A 178 -9.49 51.41 -22.93
C ASN A 178 -9.36 49.97 -23.44
N ASP A 179 -8.15 49.60 -23.87
CA ASP A 179 -7.74 48.22 -24.01
C ASP A 179 -7.41 47.63 -22.62
N SER A 180 -8.31 46.82 -22.05
CA SER A 180 -8.03 46.17 -20.77
C SER A 180 -6.80 45.25 -20.84
N ALA A 181 -6.48 44.69 -22.01
CA ALA A 181 -5.29 43.88 -22.23
C ALA A 181 -4.00 44.71 -22.47
N LYS A 182 -4.10 46.02 -22.67
CA LYS A 182 -3.00 46.96 -22.39
C LYS A 182 -2.81 47.10 -20.88
N ALA A 183 -3.90 47.47 -20.19
CA ALA A 183 -3.89 47.81 -18.77
C ALA A 183 -3.44 46.67 -17.84
N SER A 184 -3.80 45.42 -18.12
CA SER A 184 -3.34 44.28 -17.32
C SER A 184 -1.82 44.10 -17.37
N ARG A 185 -1.07 44.48 -18.38
CA ARG A 185 0.33 44.59 -18.46
C ARG A 185 0.86 45.55 -17.40
N ALA A 186 0.27 46.74 -17.31
CA ALA A 186 0.70 47.73 -16.34
C ALA A 186 0.55 47.18 -14.92
N ARG A 187 -0.66 46.68 -14.62
CA ARG A 187 -1.04 46.21 -13.29
C ARG A 187 -0.16 45.03 -12.87
N THR A 188 0.12 44.11 -13.79
CA THR A 188 1.10 43.04 -13.53
C THR A 188 2.49 43.62 -13.36
N LYS A 189 2.95 44.54 -14.24
CA LYS A 189 4.28 45.14 -14.15
C LYS A 189 4.47 45.90 -12.84
N ALA A 190 3.44 46.55 -12.35
CA ALA A 190 3.48 47.24 -11.08
C ALA A 190 3.33 46.30 -9.88
N GLY A 191 2.66 45.17 -10.05
CA GLY A 191 2.88 44.02 -9.18
C GLY A 191 4.38 43.70 -9.13
N ASP A 192 5.05 43.59 -10.27
CA ASP A 192 6.48 43.30 -10.32
C ASP A 192 7.35 44.40 -9.70
N LEU A 193 7.00 45.68 -9.83
CA LEU A 193 7.64 46.78 -9.10
C LEU A 193 7.55 46.50 -7.60
N ARG A 194 6.33 46.32 -7.08
CA ARG A 194 6.12 46.10 -5.65
C ARG A 194 6.79 44.83 -5.16
N ASP A 195 6.76 43.77 -5.97
CA ASP A 195 7.42 42.51 -5.67
C ASP A 195 8.95 42.65 -5.57
N THR A 196 9.57 43.50 -6.40
CA THR A 196 11.02 43.76 -6.31
C THR A 196 11.39 44.78 -5.22
N GLY A 197 10.43 45.24 -4.42
CA GLY A 197 10.70 46.15 -3.30
C GLY A 197 11.08 47.57 -3.68
N ILE A 198 10.95 47.92 -4.97
CA ILE A 198 10.69 49.31 -5.30
C ILE A 198 9.25 49.64 -4.91
N PHE A 199 9.10 50.77 -4.24
CA PHE A 199 7.78 51.34 -3.96
C PHE A 199 7.41 52.29 -5.07
N LEU A 200 6.13 52.66 -5.11
CA LEU A 200 5.53 53.68 -5.98
C LEU A 200 4.45 54.48 -5.25
N ASP A 201 4.39 55.77 -5.52
CA ASP A 201 3.58 56.77 -4.83
C ASP A 201 2.95 57.76 -5.83
N LEU A 202 1.90 58.45 -5.43
CA LEU A 202 1.00 59.15 -6.38
C LEU A 202 0.60 60.53 -5.92
N MET A 203 0.42 61.43 -6.88
CA MET A 203 -0.38 62.62 -6.66
C MET A 203 -1.26 62.97 -7.86
N HIS A 204 -2.53 63.20 -7.51
CA HIS A 204 -3.62 63.70 -8.35
C HIS A 204 -3.66 65.22 -8.31
N LEU A 205 -4.03 65.80 -9.44
CA LEU A 205 -3.58 67.13 -9.84
C LEU A 205 -4.71 68.05 -10.30
N LYS A 206 -5.91 67.92 -9.69
CA LYS A 206 -7.13 68.71 -9.99
C LYS A 206 -7.57 68.57 -11.46
N LYS A 207 -7.89 67.35 -11.89
CA LYS A 207 -8.52 67.10 -13.21
C LYS A 207 -9.91 67.76 -13.25
N PRO A 208 -10.28 68.49 -14.33
CA PRO A 208 -11.55 69.19 -14.39
C PRO A 208 -12.74 68.26 -14.13
N GLY A 209 -13.63 68.65 -13.22
CA GLY A 209 -14.86 67.91 -12.92
C GLY A 209 -14.74 66.70 -11.98
N GLY A 210 -13.67 65.90 -12.07
CA GLY A 210 -13.42 64.83 -11.10
C GLY A 210 -12.08 64.09 -11.26
N PHE A 211 -11.67 63.46 -10.17
CA PHE A 211 -10.68 62.39 -10.14
C PHE A 211 -11.11 61.34 -9.10
N ASP A 212 -11.05 60.04 -9.42
CA ASP A 212 -11.34 58.98 -8.45
C ASP A 212 -10.43 57.77 -8.62
N ILE A 213 -9.57 57.60 -7.63
CA ILE A 213 -8.63 56.50 -7.45
C ILE A 213 -9.33 55.13 -7.55
N SER A 214 -10.58 55.01 -7.13
CA SER A 214 -11.30 53.73 -7.14
C SER A 214 -11.64 53.23 -8.55
N LEU A 215 -11.64 54.10 -9.56
CA LEU A 215 -11.76 53.66 -10.94
C LEU A 215 -10.50 52.88 -11.35
N PHE A 216 -9.34 53.52 -11.22
CA PHE A 216 -8.03 52.95 -11.52
C PHE A 216 -6.96 53.73 -10.74
N TYR A 217 -5.79 53.12 -10.54
CA TYR A 217 -4.81 53.39 -9.48
C TYR A 217 -5.13 52.79 -8.12
N ARG A 218 -6.35 52.30 -7.88
CA ARG A 218 -6.72 51.60 -6.64
C ARG A 218 -5.75 50.49 -6.25
N ASP A 219 -5.26 49.73 -7.22
CA ASP A 219 -4.30 48.63 -7.02
C ASP A 219 -2.83 48.98 -7.31
N ILE A 220 -2.56 50.13 -7.91
CA ILE A 220 -1.17 50.56 -8.17
C ILE A 220 -0.55 51.17 -6.92
N ILE A 221 -1.26 52.05 -6.21
CA ILE A 221 -0.79 52.54 -4.91
C ILE A 221 -0.88 51.45 -3.84
N SER A 222 -0.20 51.63 -2.70
CA SER A 222 -0.41 50.81 -1.50
C SER A 222 -1.72 51.15 -0.80
N VAL A 231 -12.95 59.21 -0.52
CA VAL A 231 -13.80 58.57 -1.52
C VAL A 231 -13.65 59.24 -2.89
N HIS A 232 -13.58 60.57 -2.92
CA HIS A 232 -13.31 61.38 -4.10
C HIS A 232 -12.53 62.64 -3.69
N PHE A 233 -11.70 63.17 -4.59
CA PHE A 233 -10.74 64.23 -4.26
C PHE A 233 -10.85 65.46 -5.16
N GLU A 234 -10.63 66.62 -4.54
CA GLU A 234 -10.37 67.90 -5.19
C GLU A 234 -8.94 67.98 -5.76
N GLU A 235 -7.93 67.83 -4.92
CA GLU A 235 -6.49 67.89 -5.19
C GLU A 235 -5.76 67.46 -3.90
N SER A 236 -4.61 66.79 -3.98
CA SER A 236 -4.09 66.08 -2.81
C SER A 236 -3.65 66.98 -1.66
N SER A 237 -4.13 66.69 -0.45
CA SER A 237 -3.68 67.29 0.81
C SER A 237 -2.21 66.97 1.15
N LYS A 238 -1.64 65.94 0.50
CA LYS A 238 -0.24 65.57 0.55
C LYS A 238 0.66 66.54 -0.21
N LEU A 239 0.17 67.12 -1.31
CA LEU A 239 1.03 67.85 -2.23
C LEU A 239 1.62 69.13 -1.64
N GLU A 240 0.89 69.82 -0.77
CA GLU A 240 1.39 71.00 -0.07
C GLU A 240 2.65 70.70 0.78
N ASP A 241 2.80 69.46 1.26
CA ASP A 241 3.99 69.07 2.03
C ASP A 241 5.27 69.11 1.19
N LEU A 242 5.17 68.95 -0.13
CA LEU A 242 6.30 69.08 -1.06
C LEU A 242 6.67 70.53 -1.33
N LEU A 243 5.89 71.49 -0.83
CA LEU A 243 6.15 72.93 -0.94
C LEU A 243 6.54 73.55 0.41
N ARG A 244 6.83 72.75 1.44
CA ARG A 244 7.35 73.21 2.75
C ARG A 244 8.73 73.86 2.69
N LYS A 245 9.51 73.57 1.64
CA LYS A 245 10.84 74.15 1.38
C LYS A 245 11.77 74.04 2.59
N VAL A 246 11.59 73.00 3.41
CA VAL A 246 12.13 72.95 4.78
C VAL A 246 13.62 72.64 4.76
N ARG A 247 14.40 73.31 5.61
CA ARG A 247 15.86 73.23 5.57
C ARG A 247 16.48 73.00 6.95
N ALA A 248 17.36 72.02 6.95
CA ALA A 248 18.23 71.56 8.01
C ALA A 248 19.16 70.52 7.34
N LYS A 249 20.26 70.13 7.98
CA LYS A 249 20.78 68.80 7.71
C LYS A 249 19.86 67.77 8.36
N GLU A 250 19.61 66.66 7.71
CA GLU A 250 19.01 65.55 8.39
C GLU A 250 20.04 64.43 8.42
N THR A 251 20.51 64.07 9.61
CA THR A 251 21.58 63.09 9.80
C THR A 251 21.04 61.92 10.59
N ARG A 252 21.05 60.73 10.01
CA ARG A 252 20.37 59.54 10.54
C ARG A 252 21.00 59.02 11.83
N LYS A 253 20.23 58.24 12.60
CA LYS A 253 20.64 57.61 13.86
C LYS A 253 21.98 56.90 13.70
N ARG A 254 22.98 57.36 14.43
CA ARG A 254 24.33 56.79 14.48
C ARG A 254 24.87 56.99 15.88
N ALA A 255 25.69 56.06 16.35
CA ALA A 255 26.34 56.17 17.65
C ALA A 255 27.31 57.33 17.69
N LEU A 256 27.58 57.89 18.87
CA LEU A 256 28.76 58.73 19.04
C LEU A 256 29.99 57.88 19.30
N SER A 257 29.85 56.85 20.13
CA SER A 257 30.87 55.87 20.53
C SER A 257 30.21 54.70 21.26
N ARG A 258 30.91 53.59 21.57
CA ARG A 258 30.39 52.54 22.47
C ARG A 258 31.33 52.35 23.65
N LEU A 259 30.80 52.10 24.84
CA LEU A 259 31.58 52.04 26.08
C LEU A 259 31.13 50.89 26.98
N LYS A 260 31.98 50.49 27.94
CA LYS A 260 31.67 49.45 28.92
C LYS A 260 31.42 50.09 30.28
N LEU A 261 30.22 49.97 30.84
CA LEU A 261 29.84 50.46 32.15
C LEU A 261 30.33 49.49 33.24
N LYS A 262 31.61 49.66 33.63
CA LYS A 262 32.26 48.85 34.66
C LYS A 262 31.58 49.15 35.99
N LEU A 263 30.76 48.22 36.46
CA LEU A 263 30.09 48.35 37.77
C LEU A 263 31.11 48.25 38.93
N ASN A 264 32.17 47.48 38.71
CA ASN A 264 33.35 47.29 39.56
C ASN A 264 34.55 46.86 38.70
N LYS A 265 35.52 46.13 39.28
CA LYS A 265 36.68 45.54 38.60
C LYS A 265 36.34 44.51 37.50
N ASP A 266 35.09 44.07 37.37
CA ASP A 266 34.73 42.84 36.64
C ASP A 266 33.43 42.93 35.83
N ILE A 267 32.27 43.24 36.43
CA ILE A 267 30.99 43.24 35.69
C ILE A 267 30.94 44.45 34.75
N VAL A 268 30.60 44.19 33.48
CA VAL A 268 30.51 45.21 32.43
C VAL A 268 29.28 45.00 31.58
N ILE A 269 28.67 46.10 31.16
CA ILE A 269 27.72 46.09 30.04
C ILE A 269 28.10 47.10 28.97
N SER A 270 27.92 46.73 27.71
CA SER A 270 28.04 47.66 26.60
C SER A 270 26.83 48.57 26.54
N VAL A 271 27.10 49.87 26.45
CA VAL A 271 26.09 50.87 26.16
C VAL A 271 26.54 51.78 25.04
N GLY A 272 25.57 52.25 24.27
CA GLY A 272 25.77 53.32 23.33
C GLY A 272 25.70 54.67 23.99
N ILE A 273 26.04 55.68 23.22
CA ILE A 273 26.21 57.05 23.63
C ILE A 273 25.72 57.86 22.45
N TYR A 274 24.55 58.49 22.51
CA TYR A 274 23.93 59.05 21.30
C TYR A 274 23.58 60.51 21.45
N ASN A 275 23.63 61.26 20.35
CA ASN A 275 23.62 62.71 20.38
C ASN A 275 22.26 63.33 20.08
N LEU A 276 21.38 63.37 21.08
CA LEU A 276 20.01 63.85 20.88
C LEU A 276 19.91 65.35 20.60
N VAL A 277 20.90 66.15 20.99
CA VAL A 277 20.89 67.61 20.85
C VAL A 277 22.30 68.10 20.59
N GLN A 278 22.57 68.69 19.42
CA GLN A 278 23.94 69.01 19.01
C GLN A 278 23.91 70.22 18.08
N LYS A 279 24.52 71.34 18.47
CA LYS A 279 24.38 72.58 17.71
C LYS A 279 24.95 72.47 16.30
N ALA A 280 24.16 72.81 15.30
CA ALA A 280 24.58 72.87 13.92
C ALA A 280 25.34 74.15 13.62
N LEU A 281 26.15 74.07 12.57
CA LEU A 281 27.07 75.10 12.13
C LEU A 281 26.91 75.30 10.63
N LYS A 282 27.15 76.51 10.13
CA LYS A 282 27.31 76.68 8.69
C LYS A 282 28.44 75.77 8.18
N PRO A 283 28.27 75.05 7.08
CA PRO A 283 29.23 74.03 6.66
C PRO A 283 30.60 74.63 6.38
N PRO A 284 31.67 73.85 6.59
CA PRO A 284 33.03 74.34 6.46
C PRO A 284 33.28 74.83 5.03
N PRO A 285 33.78 76.06 4.85
CA PRO A 285 34.04 76.65 3.57
C PRO A 285 35.28 76.08 2.88
N ILE A 286 35.19 75.80 1.57
CA ILE A 286 36.30 75.21 0.80
C ILE A 286 37.02 76.29 0.01
N LYS A 287 38.21 76.68 0.45
CA LYS A 287 39.10 77.64 -0.21
C LYS A 287 39.30 77.36 -1.71
N LEU A 288 39.17 78.34 -2.62
CA LEU A 288 39.27 78.18 -4.10
C LEU A 288 40.28 79.10 -4.79
N TYR A 289 40.85 78.65 -5.90
CA TYR A 289 41.60 79.49 -6.84
C TYR A 289 40.69 80.42 -7.60
N ARG A 290 40.95 81.71 -7.49
CA ARG A 290 40.23 82.79 -8.15
C ARG A 290 40.04 82.57 -9.65
N GLU A 291 41.09 82.26 -10.38
CA GLU A 291 41.05 82.46 -11.83
C GLU A 291 40.28 81.38 -12.58
N THR A 292 40.03 80.23 -11.94
CA THR A 292 39.38 79.05 -12.54
C THR A 292 38.27 78.45 -11.67
N ASN A 293 38.02 79.02 -10.48
CA ASN A 293 37.23 78.45 -9.39
C ASN A 293 37.68 77.06 -8.87
N GLU A 294 38.81 76.51 -9.30
CA GLU A 294 39.23 75.19 -8.84
C GLU A 294 39.52 75.16 -7.35
N PRO A 295 39.24 74.06 -6.63
CA PRO A 295 39.75 73.87 -5.28
C PRO A 295 41.26 73.79 -5.25
N VAL A 296 41.84 74.29 -4.17
CA VAL A 296 43.29 74.39 -3.92
C VAL A 296 43.63 73.80 -2.56
N LYS A 297 44.81 73.20 -2.47
CA LYS A 297 45.31 72.61 -1.24
C LYS A 297 45.98 73.66 -0.37
N THR A 298 45.48 73.90 0.84
CA THR A 298 46.36 74.37 1.92
C THR A 298 47.35 73.25 2.23
N LYS A 299 48.64 73.57 2.19
CA LYS A 299 49.75 72.61 2.08
C LYS A 299 50.85 72.92 3.08
N THR A 300 50.48 73.26 4.34
CA THR A 300 51.42 73.83 5.33
C THR A 300 52.62 72.92 5.71
N ARG A 301 53.74 73.56 6.06
CA ARG A 301 55.00 72.96 6.55
C ARG A 301 55.55 73.81 7.72
N THR A 302 56.49 73.26 8.50
CA THR A 302 57.34 74.06 9.41
C THR A 302 58.75 74.21 8.83
N PHE A 303 59.30 75.41 8.95
CA PHE A 303 60.59 75.75 8.35
C PHE A 303 61.47 76.44 9.40
N ASN A 304 62.75 76.08 9.52
CA ASN A 304 63.63 76.68 10.52
C ASN A 304 63.89 78.17 10.22
N THR A 305 63.71 79.07 11.19
CA THR A 305 63.85 80.53 10.95
C THR A 305 65.23 80.92 10.39
N SER A 306 66.27 80.14 10.68
CA SER A 306 67.65 80.39 10.22
C SER A 306 68.02 79.76 8.87
N THR A 307 67.41 78.64 8.48
CA THR A 307 68.00 77.63 7.57
C THR A 307 66.93 76.79 6.85
N GLY A 308 67.30 76.10 5.77
CA GLY A 308 66.37 75.35 4.90
C GLY A 308 65.68 74.12 5.51
N GLY A 309 65.94 73.78 6.77
CA GLY A 309 65.37 72.59 7.40
C GLY A 309 63.85 72.60 7.34
N LEU A 310 63.28 71.73 6.51
CA LEU A 310 61.89 71.34 6.60
C LEU A 310 61.79 70.40 7.80
N LEU A 311 61.54 70.98 8.96
CA LEU A 311 61.64 70.27 10.23
C LEU A 311 60.55 69.21 10.33
N LEU A 312 60.95 67.98 10.59
CA LEU A 312 60.03 66.86 10.77
C LEU A 312 59.40 66.91 12.16
N PRO A 313 58.27 66.22 12.42
CA PRO A 313 57.64 66.24 13.73
C PRO A 313 58.54 65.80 14.88
N SER A 314 59.50 64.91 14.61
CA SER A 314 60.52 64.49 15.59
C SER A 314 61.57 65.58 15.91
N ASP A 315 61.74 66.60 15.06
CA ASP A 315 62.76 67.65 15.25
C ASP A 315 62.43 68.65 16.37
N THR A 316 61.25 68.63 16.93
CA THR A 316 60.76 69.75 17.72
C THR A 316 59.94 69.20 18.85
N LYS A 317 60.01 69.88 19.99
CA LYS A 317 59.35 69.37 21.18
C LYS A 317 58.14 70.21 21.48
N ARG A 318 57.77 70.34 22.73
CA ARG A 318 56.77 71.27 23.22
C ARG A 318 57.28 71.84 24.52
N SER A 319 56.80 72.99 24.91
CA SER A 319 57.32 73.71 26.05
C SER A 319 56.40 74.71 26.73
N GLN A 320 56.82 75.17 27.91
CA GLN A 320 56.16 76.17 28.75
C GLN A 320 57.18 77.16 29.30
N ILE A 321 56.76 78.33 29.80
CA ILE A 321 57.56 79.21 30.67
C ILE A 321 56.87 79.41 32.02
N TYR A 322 57.59 79.19 33.12
CA TYR A 322 57.17 79.46 34.50
C TYR A 322 58.41 79.93 35.27
N GLY A 323 58.27 80.75 36.32
CA GLY A 323 59.38 81.08 37.24
C GLY A 323 60.72 81.44 36.56
N SER A 324 60.67 82.13 35.42
CA SER A 324 61.81 82.45 34.54
C SER A 324 62.68 81.24 34.12
N ARG A 325 62.11 80.03 34.03
CA ARG A 325 62.74 78.83 33.46
C ARG A 325 61.80 78.10 32.51
N GLN A 326 62.40 77.36 31.59
CA GLN A 326 61.72 76.75 30.46
C GLN A 326 61.60 75.26 30.66
N ILE A 327 60.39 74.73 30.57
CA ILE A 327 60.11 73.30 30.80
C ILE A 327 59.94 72.63 29.43
N ILE A 328 60.60 71.50 29.20
CA ILE A 328 60.67 70.83 27.89
C ILE A 328 60.05 69.44 27.95
N LEU A 329 59.09 69.14 27.07
CA LEU A 329 58.45 67.83 26.92
C LEU A 329 58.32 67.44 25.45
N GLU A 330 58.31 66.17 25.13
CA GLU A 330 58.20 65.64 23.78
C GLU A 330 56.77 65.70 23.19
N LYS A 331 56.62 65.54 21.87
CA LYS A 331 55.30 65.42 21.24
C LYS A 331 54.58 64.11 21.58
N GLU A 332 55.28 63.08 22.05
CA GLU A 332 54.58 62.00 22.76
C GLU A 332 54.01 62.56 24.07
N GLU A 333 54.92 63.09 24.88
CA GLU A 333 54.32 63.07 26.46
C GLU A 333 53.28 64.47 26.71
N THR A 334 53.41 65.21 25.34
CA THR A 334 52.05 66.66 25.93
C THR A 334 50.80 65.96 25.89
N GLU A 335 50.71 64.70 25.45
CA GLU A 335 49.50 63.87 25.44
C GLU A 335 49.71 62.52 26.16
N GLU A 336 50.79 62.33 26.91
CA GLU A 336 50.88 61.30 27.96
C GLU A 336 50.39 61.89 29.28
N LEU A 337 50.79 63.11 29.59
CA LEU A 337 49.99 63.94 30.47
C LEU A 337 48.60 64.11 29.84
N LYS A 338 47.57 64.30 30.65
CA LYS A 338 46.14 64.19 30.31
C LYS A 338 45.56 62.78 30.11
N ARG A 339 46.34 61.70 30.26
CA ARG A 339 45.84 60.32 30.40
C ARG A 339 45.52 59.98 31.86
N PHE A 340 44.49 59.17 32.11
CA PHE A 340 44.19 58.58 33.42
C PHE A 340 43.67 57.15 33.33
N ASP A 341 42.83 56.89 32.30
CA ASP A 341 41.99 55.71 32.11
C ASP A 341 41.81 55.25 30.66
N ASP A 342 41.28 54.04 30.50
CA ASP A 342 40.78 53.50 29.24
C ASP A 342 39.28 53.77 29.02
N PRO A 343 38.78 53.85 27.77
CA PRO A 343 37.38 54.10 27.42
C PRO A 343 36.38 53.20 28.16
N GLY A 344 35.55 53.77 29.02
CA GLY A 344 34.53 53.06 29.78
C GLY A 344 33.73 54.04 30.63
N LEU A 345 32.91 53.50 31.51
CA LEU A 345 32.09 54.25 32.45
C LEU A 345 32.13 53.54 33.80
N MET A 346 32.86 54.05 34.80
CA MET A 346 32.90 53.39 36.12
C MET A 346 31.79 53.91 37.04
N LEU A 347 31.05 52.99 37.67
CA LEU A 347 30.00 53.28 38.65
C LEU A 347 30.58 53.78 39.99
N MET A 348 29.99 54.84 40.55
CA MET A 348 30.48 55.57 41.72
C MET A 348 29.49 55.65 42.90
N GLY A 349 28.33 54.98 42.80
CA GLY A 349 27.26 55.02 43.78
C GLY A 349 26.18 56.08 43.51
N PHE A 350 25.17 56.10 44.37
CA PHE A 350 23.85 56.63 44.08
C PHE A 350 23.48 57.81 44.99
N LYS A 351 22.54 58.65 44.54
CA LYS A 351 22.20 59.98 45.09
C LYS A 351 20.69 60.23 45.09
N PRO A 352 20.15 61.30 45.70
CA PRO A 352 18.76 61.70 45.46
C PRO A 352 18.69 62.60 44.23
N LEU A 353 17.64 62.53 43.41
CA LEU A 353 17.56 63.40 42.24
C LEU A 353 17.44 64.89 42.59
N VAL A 354 16.99 65.25 43.79
CA VAL A 354 16.89 66.65 44.22
C VAL A 354 18.26 67.32 44.48
N LEU A 355 19.28 66.54 44.89
CA LEU A 355 20.60 67.09 45.22
C LEU A 355 21.44 67.41 43.98
N LEU A 356 21.13 66.80 42.84
CA LEU A 356 21.64 67.19 41.52
C LEU A 356 21.03 68.54 41.09
N LYS A 357 21.53 69.64 41.66
CA LYS A 357 20.99 70.99 41.49
C LYS A 357 21.05 71.43 40.02
N LYS A 358 19.91 71.80 39.46
CA LYS A 358 19.75 72.29 38.07
C LYS A 358 20.38 73.68 37.82
N HIS A 359 21.03 74.39 38.75
CA HIS A 359 21.71 75.66 38.34
C HIS A 359 23.09 75.45 37.71
N HIS A 360 23.83 74.41 38.08
CA HIS A 360 25.16 74.18 37.51
C HIS A 360 25.12 73.07 36.48
N TYR A 361 25.37 73.46 35.24
CA TYR A 361 25.23 72.70 34.01
C TYR A 361 26.45 72.89 33.13
N LEU A 362 27.00 71.80 32.62
CA LEU A 362 28.34 71.80 32.04
C LEU A 362 28.35 71.91 30.51
N ARG A 363 27.83 70.89 29.83
CA ARG A 363 27.72 70.82 28.37
C ARG A 363 26.50 69.96 27.99
N PRO A 364 26.00 70.02 26.75
CA PRO A 364 24.76 69.36 26.36
C PRO A 364 24.68 67.89 26.76
N SER A 365 23.53 67.49 27.29
CA SER A 365 23.26 66.13 27.72
C SER A 365 23.20 65.16 26.54
N LEU A 366 23.74 63.96 26.71
CA LEU A 366 23.81 62.91 25.70
C LEU A 366 23.02 61.69 26.15
N PHE A 367 22.45 60.89 25.27
CA PHE A 367 21.67 59.73 25.68
C PHE A 367 22.49 58.48 25.90
N VAL A 368 22.08 57.59 26.81
CA VAL A 368 22.65 56.23 26.94
C VAL A 368 21.60 55.16 26.69
N TYR A 369 21.92 54.20 25.83
CA TYR A 369 21.01 53.16 25.35
C TYR A 369 21.76 51.85 25.10
N PRO A 370 21.21 50.66 25.36
CA PRO A 370 21.97 49.41 25.32
C PRO A 370 22.41 49.00 23.93
N GLU A 371 23.47 48.19 23.86
CA GLU A 371 23.98 47.67 22.59
C GLU A 371 24.44 46.23 22.70
N GLU A 372 23.61 45.27 22.28
CA GLU A 372 23.92 43.83 22.18
C GLU A 372 25.04 43.50 21.18
N SER A 373 25.51 44.48 20.41
CA SER A 373 26.68 44.36 19.51
C SER A 373 27.93 43.83 20.24
N LEU A 374 28.00 44.08 21.55
CA LEU A 374 28.98 43.56 22.50
C LEU A 374 28.23 43.03 23.72
N VAL A 375 28.89 42.29 24.60
CA VAL A 375 28.33 41.88 25.91
C VAL A 375 26.90 41.32 25.85
N ILE A 376 26.66 40.29 25.03
CA ILE A 376 25.32 39.81 24.70
C ILE A 376 24.50 39.52 25.97
N GLY A 377 23.20 39.83 25.93
CA GLY A 377 22.27 39.71 27.05
C GLY A 377 22.44 40.77 28.14
N SER A 378 23.39 41.70 28.03
CA SER A 378 23.53 42.81 28.98
C SER A 378 22.33 43.76 29.01
N SER A 379 21.56 43.82 27.94
CA SER A 379 20.24 44.44 27.88
C SER A 379 19.30 44.00 29.02
N THR A 380 19.40 42.74 29.48
CA THR A 380 18.60 42.21 30.59
C THR A 380 18.91 42.91 31.91
N LEU A 381 20.18 43.24 32.16
CA LEU A 381 20.63 43.97 33.34
C LEU A 381 20.22 45.44 33.24
N PHE A 382 20.59 46.09 32.14
CA PHE A 382 20.28 47.50 31.89
C PHE A 382 18.78 47.81 32.11
N SER A 383 17.91 46.97 31.55
CA SER A 383 16.46 47.15 31.65
C SER A 383 15.98 47.09 33.09
N ALA A 384 16.45 46.14 33.90
CA ALA A 384 16.11 46.12 35.33
C ALA A 384 16.62 47.36 36.06
N LEU A 385 17.85 47.80 35.76
CA LEU A 385 18.48 49.01 36.28
C LEU A 385 17.66 50.28 35.98
N LEU A 386 17.21 50.45 34.74
CA LEU A 386 16.28 51.50 34.34
C LEU A 386 15.00 51.45 35.17
N ILE A 387 14.32 50.30 35.18
CA ILE A 387 13.01 50.14 35.82
C ILE A 387 13.07 50.52 37.30
N LYS A 388 14.05 49.97 38.02
CA LYS A 388 14.11 50.10 39.47
C LYS A 388 14.65 51.46 39.94
N CYS A 389 15.54 52.13 39.21
CA CYS A 389 15.95 53.49 39.57
C CYS A 389 14.76 54.47 39.64
N LEU A 390 13.82 54.33 38.72
CA LEU A 390 12.63 55.16 38.66
C LEU A 390 11.75 54.99 39.91
N GLU A 391 11.75 53.80 40.52
CA GLU A 391 11.04 53.56 41.79
C GLU A 391 11.77 54.22 42.97
N LYS A 392 13.10 54.11 43.01
CA LYS A 392 13.95 54.67 44.07
C LYS A 392 14.08 56.19 44.07
N GLU A 393 13.61 56.87 43.03
CA GLU A 393 13.78 58.32 42.84
C GLU A 393 15.27 58.74 42.82
N VAL A 394 16.09 57.97 42.08
CA VAL A 394 17.54 57.92 42.23
C VAL A 394 18.29 58.21 40.93
N ALA A 395 19.45 58.84 41.04
CA ALA A 395 20.51 58.70 40.04
C ALA A 395 21.72 57.83 40.35
N ALA A 396 22.27 57.21 39.34
CA ALA A 396 23.61 56.64 39.39
C ALA A 396 24.63 57.75 39.08
N LEU A 397 25.73 57.79 39.83
CA LEU A 397 26.90 58.63 39.51
C LEU A 397 27.94 57.75 38.83
N CYS A 398 28.53 58.23 37.74
CA CYS A 398 29.59 57.56 37.01
C CYS A 398 30.76 58.52 36.75
N ARG A 399 31.94 57.93 36.51
CA ARG A 399 33.07 58.62 35.89
C ARG A 399 33.21 58.16 34.44
N TYR A 400 33.43 59.11 33.54
CA TYR A 400 33.19 58.98 32.11
C TYR A 400 34.41 59.40 31.31
N THR A 401 34.94 58.51 30.48
CA THR A 401 35.95 58.83 29.47
C THR A 401 35.46 58.41 28.10
N PRO A 402 35.24 59.34 27.16
CA PRO A 402 34.75 59.00 25.82
C PRO A 402 35.79 58.38 24.88
N ARG A 403 37.08 58.48 25.23
CA ARG A 403 38.23 58.05 24.42
C ARG A 403 39.38 57.65 25.33
N ARG A 404 40.37 56.93 24.79
CA ARG A 404 41.73 56.94 25.36
C ARG A 404 42.33 58.35 25.28
N ASN A 405 43.20 58.72 26.22
CA ASN A 405 43.81 60.06 26.32
C ASN A 405 42.81 61.23 26.44
N ILE A 406 41.80 61.04 27.27
CA ILE A 406 40.92 62.10 27.76
C ILE A 406 40.78 61.92 29.28
N PRO A 407 40.82 62.98 30.09
CA PRO A 407 40.49 62.90 31.50
C PRO A 407 39.04 62.46 31.76
N PRO A 408 38.80 61.76 32.87
CA PRO A 408 37.44 61.51 33.32
C PRO A 408 36.72 62.79 33.71
N TYR A 409 35.51 62.97 33.20
CA TYR A 409 34.51 63.81 33.85
C TYR A 409 33.60 62.97 34.73
N PHE A 410 32.80 63.64 35.56
CA PHE A 410 31.78 62.99 36.36
C PHE A 410 30.39 63.30 35.87
N VAL A 411 29.58 62.26 35.80
CA VAL A 411 28.31 62.31 35.11
C VAL A 411 27.24 61.60 35.92
N ALA A 412 26.08 62.22 36.06
CA ALA A 412 24.93 61.59 36.66
C ALA A 412 24.07 60.95 35.57
N LEU A 413 23.81 59.66 35.70
CA LEU A 413 22.89 58.90 34.89
C LEU A 413 21.48 59.02 35.48
N VAL A 414 20.70 59.98 34.99
CA VAL A 414 19.28 60.15 35.33
C VAL A 414 18.41 59.20 34.49
N PRO A 415 17.45 58.44 35.05
CA PRO A 415 16.74 57.42 34.30
C PRO A 415 15.53 57.98 33.55
N GLN A 416 15.17 57.42 32.41
CA GLN A 416 14.12 57.93 31.53
C GLN A 416 12.95 57.05 30.94
N GLU A 417 11.81 57.70 30.77
CA GLU A 417 10.49 57.08 30.62
C GLU A 417 9.67 57.72 29.47
N GLU A 418 9.00 56.94 28.63
CA GLU A 418 8.55 57.38 27.31
C GLU A 418 7.09 57.82 27.23
N GLU A 419 6.81 59.01 26.70
CA GLU A 419 5.45 59.50 26.45
C GLU A 419 4.94 59.16 25.04
N LEU A 420 4.55 57.90 24.88
CA LEU A 420 3.94 57.35 23.66
C LEU A 420 2.46 57.76 23.46
N ASP A 421 1.88 58.53 24.37
CA ASP A 421 0.45 58.83 24.42
C ASP A 421 -0.08 59.55 23.18
N ASP A 422 0.80 60.26 22.46
CA ASP A 422 0.55 60.90 21.17
C ASP A 422 0.55 59.88 20.01
N GLN A 423 -0.28 58.84 20.12
CA GLN A 423 -0.44 57.77 19.14
C GLN A 423 0.90 57.15 18.71
N LYS A 424 1.76 56.86 19.69
CA LYS A 424 3.11 56.30 19.57
C LYS A 424 4.10 57.16 18.77
N ILE A 425 3.83 58.46 18.59
CA ILE A 425 4.90 59.44 18.32
C ILE A 425 5.75 59.57 19.59
N GLN A 426 6.89 58.89 19.62
CA GLN A 426 7.73 58.85 20.80
C GLN A 426 8.49 60.18 20.95
N VAL A 427 7.90 61.14 21.65
CA VAL A 427 8.56 62.44 21.95
C VAL A 427 9.83 62.26 22.79
N THR A 428 9.92 61.16 23.54
CA THR A 428 10.98 60.87 24.51
C THR A 428 11.37 59.39 24.50
N PRO A 429 12.58 58.99 24.10
CA PRO A 429 13.01 57.60 24.18
C PRO A 429 13.38 57.20 25.62
N PRO A 430 13.15 55.94 26.03
CA PRO A 430 13.49 55.46 27.36
C PRO A 430 14.92 54.92 27.44
N GLY A 431 15.63 55.23 28.53
CA GLY A 431 17.07 54.95 28.67
C GLY A 431 17.65 55.75 29.83
N PHE A 432 18.85 56.31 29.71
CA PHE A 432 19.37 57.26 30.67
C PHE A 432 19.84 58.53 29.99
N GLN A 433 19.77 59.66 30.68
CA GLN A 433 20.51 60.85 30.30
C GLN A 433 21.86 60.86 31.01
N LEU A 434 22.95 61.08 30.28
CA LEU A 434 24.18 61.58 30.86
C LEU A 434 24.02 63.07 31.10
N VAL A 435 23.91 63.49 32.36
CA VAL A 435 24.00 64.92 32.72
C VAL A 435 25.34 65.13 33.41
N PHE A 436 26.15 66.03 32.87
CA PHE A 436 27.50 66.29 33.35
C PHE A 436 27.50 67.21 34.57
N LEU A 437 28.50 67.11 35.44
CA LEU A 437 28.61 67.90 36.66
C LEU A 437 29.90 68.73 36.66
N PRO A 438 29.88 70.00 37.10
CA PRO A 438 31.08 70.81 37.16
C PRO A 438 32.05 70.31 38.24
N PHE A 439 33.29 70.75 38.18
CA PHE A 439 34.28 70.67 39.26
C PHE A 439 34.58 72.08 39.78
N ALA A 440 35.38 72.18 40.84
CA ALA A 440 35.62 73.44 41.54
C ALA A 440 36.05 74.56 40.60
N ASP A 441 37.03 74.29 39.75
CA ASP A 441 37.58 75.25 38.78
C ASP A 441 36.55 75.88 37.84
N ASP A 442 35.43 75.19 37.58
CA ASP A 442 34.45 75.61 36.60
C ASP A 442 33.51 76.68 37.15
N LYS A 443 33.20 76.59 38.46
CA LYS A 443 32.24 77.46 39.14
C LYS A 443 32.90 78.79 39.52
N ARG A 444 32.92 79.73 38.58
CA ARG A 444 33.65 80.99 38.69
C ARG A 444 33.04 81.91 39.75
N LYS A 445 33.90 82.61 40.49
CA LYS A 445 33.50 83.58 41.52
C LYS A 445 32.69 84.72 40.89
N MET A 446 31.66 85.19 41.59
CA MET A 446 30.75 86.23 41.12
C MET A 446 30.55 87.28 42.24
N PRO A 447 30.50 88.60 41.94
CA PRO A 447 30.70 89.65 42.95
C PRO A 447 29.69 89.68 44.11
N PHE A 448 30.04 90.41 45.16
CA PHE A 448 29.14 90.64 46.29
C PHE A 448 27.93 91.51 45.91
N THR A 449 26.79 91.21 46.51
CA THR A 449 25.51 91.90 46.41
C THR A 449 24.61 91.38 47.53
N GLU A 450 23.82 92.24 48.17
CA GLU A 450 22.73 91.81 49.05
C GLU A 450 21.54 92.79 48.98
N LYS A 451 20.33 92.23 49.01
CA LYS A 451 19.02 92.90 48.93
C LYS A 451 17.92 91.85 49.08
N ILE A 452 16.81 92.20 49.72
CA ILE A 452 15.50 91.55 49.61
C ILE A 452 14.48 92.69 49.60
N MET A 453 14.14 93.21 48.41
CA MET A 453 13.70 94.60 48.29
C MET A 453 12.19 94.79 48.03
N ALA A 454 11.57 94.00 47.16
CA ALA A 454 10.18 94.17 46.78
C ALA A 454 9.16 94.03 47.93
N THR A 455 8.06 94.78 47.88
CA THR A 455 6.85 94.59 48.70
C THR A 455 5.83 93.67 48.01
N PRO A 456 4.83 93.14 48.73
CA PRO A 456 3.77 92.32 48.14
C PRO A 456 2.95 92.98 47.03
N GLU A 457 2.85 94.31 46.98
CA GLU A 457 2.19 94.99 45.85
C GLU A 457 3.06 94.97 44.58
N GLN A 458 4.37 95.04 44.75
CA GLN A 458 5.33 95.10 43.66
C GLN A 458 5.49 93.71 43.01
N VAL A 459 5.47 92.64 43.81
CA VAL A 459 5.20 91.28 43.29
C VAL A 459 3.78 91.18 42.74
N GLY A 460 2.76 91.71 43.42
CA GLY A 460 1.36 91.57 43.05
C GLY A 460 1.01 92.12 41.67
N LYS A 461 1.51 93.30 41.31
CA LYS A 461 1.38 93.82 39.95
C LYS A 461 2.14 92.95 38.94
N MET A 462 3.32 92.44 39.31
CA MET A 462 4.12 91.62 38.40
C MET A 462 3.41 90.29 38.06
N LYS A 463 2.81 89.67 39.08
CA LYS A 463 2.01 88.46 38.96
C LYS A 463 0.85 88.61 37.97
N ALA A 464 0.40 89.84 37.70
CA ALA A 464 -0.55 90.11 36.62
C ALA A 464 0.12 90.10 35.23
N ILE A 465 1.15 90.93 35.01
CA ILE A 465 1.80 91.06 33.69
C ILE A 465 2.31 89.70 33.22
N VAL A 466 2.96 88.95 34.12
CA VAL A 466 3.45 87.60 33.84
C VAL A 466 2.32 86.69 33.37
N GLU A 467 1.15 86.71 34.02
CA GLU A 467 0.03 85.85 33.62
C GLU A 467 -0.66 86.32 32.34
N LYS A 468 -0.54 87.61 31.98
CA LYS A 468 -0.98 88.14 30.68
C LYS A 468 -0.06 87.71 29.53
N LEU A 469 1.23 87.46 29.79
CA LEU A 469 2.24 87.13 28.78
C LEU A 469 2.49 85.62 28.63
N ARG A 470 1.65 84.78 29.25
CA ARG A 470 1.71 83.30 29.20
C ARG A 470 1.43 82.77 27.79
N PHE A 471 2.39 82.06 27.20
CA PHE A 471 2.22 81.29 25.95
C PHE A 471 2.59 79.80 26.20
N THR A 472 2.73 79.00 25.13
CA THR A 472 3.37 77.67 25.22
C THR A 472 4.61 77.59 24.34
N TYR A 473 5.79 77.51 24.98
CA TYR A 473 7.00 77.11 24.29
C TYR A 473 6.93 75.62 23.90
N ARG A 474 7.40 75.31 22.71
CA ARG A 474 7.75 73.95 22.31
C ARG A 474 9.14 74.00 21.71
N SER A 475 9.91 72.92 21.90
CA SER A 475 11.34 72.89 21.56
C SER A 475 11.60 73.31 20.12
N ASP A 476 10.79 72.83 19.19
CA ASP A 476 10.91 73.11 17.76
C ASP A 476 10.27 74.45 17.31
N SER A 477 9.78 75.30 18.21
CA SER A 477 9.05 76.51 17.82
C SER A 477 9.92 77.65 17.26
N PHE A 478 11.25 77.54 17.27
CA PHE A 478 12.16 78.59 16.78
C PHE A 478 13.20 78.04 15.79
N GLU A 479 13.81 78.93 15.01
CA GLU A 479 14.82 78.57 14.01
C GLU A 479 15.97 79.57 14.00
N ASN A 480 17.18 79.15 13.63
CA ASN A 480 18.35 80.01 13.71
C ASN A 480 18.29 81.13 12.67
N PRO A 481 18.29 82.41 13.05
CA PRO A 481 18.17 83.47 12.08
C PRO A 481 19.33 83.49 11.08
N VAL A 482 20.56 83.28 11.55
CA VAL A 482 21.76 83.27 10.70
C VAL A 482 21.73 82.09 9.76
N LEU A 483 21.68 80.87 10.29
CA LEU A 483 21.82 79.68 9.46
C LEU A 483 20.66 79.56 8.46
N GLN A 484 19.45 79.95 8.80
CA GLN A 484 18.36 80.01 7.81
C GLN A 484 18.64 81.08 6.75
N GLN A 485 19.08 82.28 7.12
CA GLN A 485 19.39 83.32 6.15
C GLN A 485 20.52 82.91 5.22
N HIS A 486 21.54 82.26 5.77
CA HIS A 486 22.72 81.82 5.04
C HIS A 486 22.33 80.95 3.85
N PHE A 487 21.45 79.97 4.02
CA PHE A 487 21.03 79.13 2.89
C PHE A 487 20.34 79.93 1.78
N ARG A 488 19.55 80.94 2.13
CA ARG A 488 18.85 81.75 1.14
C ARG A 488 19.81 82.60 0.33
N ASN A 489 20.81 83.18 0.98
CA ASN A 489 21.91 83.85 0.28
C ASN A 489 22.63 82.86 -0.64
N LEU A 490 22.97 81.68 -0.13
CA LEU A 490 23.65 80.66 -0.88
C LEU A 490 22.87 80.20 -2.12
N GLU A 491 21.56 80.08 -2.04
CA GLU A 491 20.74 79.76 -3.23
C GLU A 491 20.75 80.85 -4.27
N ALA A 492 20.60 82.11 -3.86
CA ALA A 492 20.63 83.22 -4.79
C ALA A 492 21.91 83.17 -5.63
N LEU A 493 23.06 83.01 -4.96
CA LEU A 493 24.34 82.85 -5.62
C LEU A 493 24.39 81.57 -6.47
N ALA A 494 23.82 80.47 -6.02
CA ALA A 494 23.94 79.19 -6.71
C ALA A 494 23.17 79.16 -8.03
N LEU A 495 21.89 79.52 -8.02
CA LEU A 495 21.06 79.45 -9.22
C LEU A 495 21.21 80.67 -10.14
N ASP A 496 21.93 81.71 -9.72
CA ASP A 496 21.78 83.06 -10.28
C ASP A 496 20.29 83.48 -10.26
N LEU A 497 19.68 83.46 -9.07
CA LEU A 497 18.35 84.05 -8.89
C LEU A 497 18.40 85.55 -9.10
N MET A 498 17.22 86.16 -9.13
CA MET A 498 17.07 87.61 -9.10
C MET A 498 17.43 88.18 -7.71
N GLU A 499 16.96 87.58 -6.62
CA GLU A 499 17.02 88.17 -5.28
C GLU A 499 17.33 87.16 -4.16
N PRO A 500 18.03 87.55 -3.09
CA PRO A 500 18.01 86.81 -1.84
C PRO A 500 16.60 86.86 -1.23
N GLU A 501 16.06 85.71 -0.82
CA GLU A 501 14.67 85.61 -0.35
C GLU A 501 14.42 86.38 0.96
N GLN A 502 15.45 86.63 1.77
CA GLN A 502 15.39 87.58 2.89
C GLN A 502 14.35 87.25 3.99
N ALA A 503 13.86 86.01 4.06
CA ALA A 503 12.80 85.59 4.98
C ALA A 503 13.08 85.95 6.44
N VAL A 504 12.27 86.84 7.00
CA VAL A 504 12.49 87.51 8.28
C VAL A 504 12.34 86.53 9.45
N ASP A 505 13.22 86.66 10.43
CA ASP A 505 13.37 85.75 11.54
C ASP A 505 12.24 85.83 12.57
N LEU A 506 12.20 84.82 13.44
CA LEU A 506 11.14 84.57 14.40
C LEU A 506 11.61 84.73 15.85
N THR A 507 12.80 85.30 16.04
CA THR A 507 13.39 85.54 17.36
C THR A 507 13.14 86.96 17.84
N LEU A 508 13.04 87.96 16.96
CA LEU A 508 12.63 89.30 17.38
C LEU A 508 11.27 89.23 18.09
N PRO A 509 11.07 89.90 19.24
CA PRO A 509 9.74 90.07 19.79
C PRO A 509 8.91 90.94 18.82
N LYS A 510 7.69 90.51 18.54
CA LYS A 510 6.72 91.23 17.69
C LYS A 510 6.11 92.41 18.44
N VAL A 511 6.90 93.45 18.72
CA VAL A 511 6.64 94.41 19.82
C VAL A 511 5.25 95.05 19.85
N GLU A 512 4.57 95.26 18.72
CA GLU A 512 3.19 95.76 18.77
C GLU A 512 2.23 94.80 19.46
N ALA A 513 2.40 93.49 19.32
CA ALA A 513 1.59 92.54 20.08
C ALA A 513 1.92 92.61 21.59
N MET A 514 3.20 92.76 21.93
CA MET A 514 3.62 92.98 23.31
C MET A 514 3.10 94.32 23.86
N ASN A 515 2.93 95.35 23.01
CA ASN A 515 2.25 96.57 23.43
C ASN A 515 0.80 96.27 23.80
N LYS A 516 0.07 95.55 22.94
CA LYS A 516 -1.39 95.41 23.04
C LYS A 516 -1.87 94.32 24.02
N ARG A 517 -1.36 93.09 23.93
CA ARG A 517 -1.72 91.97 24.83
C ARG A 517 -1.42 92.34 26.28
N LEU A 518 -0.19 92.76 26.52
CA LEU A 518 0.20 93.29 27.83
C LEU A 518 -0.67 94.51 28.20
N GLY A 519 -0.85 95.43 27.26
CA GLY A 519 -1.44 96.73 27.50
C GLY A 519 -0.48 97.71 28.20
N SER A 520 -1.03 98.77 28.78
CA SER A 520 -0.32 99.94 29.34
C SER A 520 0.44 99.69 30.67
N LEU A 521 0.46 98.46 31.18
CA LEU A 521 0.85 98.17 32.57
C LEU A 521 2.35 98.38 32.91
N VAL A 522 3.19 98.74 31.95
CA VAL A 522 4.54 99.27 32.22
C VAL A 522 4.50 100.48 33.16
N ASP A 523 3.42 101.27 33.11
CA ASP A 523 3.25 102.40 34.01
C ASP A 523 3.16 101.99 35.48
N GLU A 524 2.78 100.75 35.81
CA GLU A 524 2.72 100.30 37.21
C GLU A 524 4.12 100.23 37.82
N PHE A 525 5.13 99.81 37.06
CA PHE A 525 6.52 99.95 37.45
C PHE A 525 6.93 101.43 37.53
N LYS A 526 6.61 102.22 36.50
CA LYS A 526 7.02 103.63 36.42
C LYS A 526 6.40 104.52 37.51
N GLU A 527 5.23 104.16 38.02
CA GLU A 527 4.55 104.89 39.10
C GLU A 527 4.81 104.26 40.47
N LEU A 528 4.58 102.95 40.63
CA LEU A 528 4.50 102.31 41.96
C LEU A 528 5.85 101.88 42.53
N VAL A 529 6.90 101.89 41.71
CA VAL A 529 8.14 101.15 41.99
C VAL A 529 9.40 102.03 41.91
N TYR A 530 9.44 103.09 41.09
CA TYR A 530 10.61 103.97 41.01
C TYR A 530 10.27 105.45 40.66
N PRO A 531 11.17 106.43 40.92
CA PRO A 531 10.92 107.85 40.65
C PRO A 531 10.92 108.21 39.15
N PRO A 532 10.42 109.40 38.76
CA PRO A 532 10.25 109.81 37.37
C PRO A 532 11.53 110.32 36.66
N ASP A 533 12.71 110.20 37.27
CA ASP A 533 13.96 110.80 36.76
C ASP A 533 14.56 110.10 35.51
N TYR A 534 14.09 108.91 35.14
CA TYR A 534 14.43 108.20 33.90
C TYR A 534 13.17 107.64 33.23
N ASN B 6 44.26 92.42 44.38
CA ASN B 6 45.22 92.30 45.47
C ASN B 6 46.64 92.05 44.92
N LYS B 7 47.65 92.57 45.62
CA LYS B 7 49.05 92.15 45.52
C LYS B 7 49.55 91.88 46.93
N ALA B 8 49.76 90.61 47.29
CA ALA B 8 50.13 90.28 48.65
C ALA B 8 51.59 90.22 49.14
N ALA B 9 51.75 90.41 50.45
CA ALA B 9 52.99 90.07 51.18
C ALA B 9 52.80 88.77 51.97
N VAL B 10 53.79 87.89 51.87
CA VAL B 10 53.93 86.66 52.65
C VAL B 10 55.30 86.65 53.29
N VAL B 11 55.40 86.27 54.57
CA VAL B 11 56.69 86.12 55.25
C VAL B 11 56.72 84.84 56.06
N LEU B 12 57.35 83.81 55.50
CA LEU B 12 57.58 82.58 56.23
C LEU B 12 58.67 82.82 57.28
N CYS B 13 58.31 82.68 58.54
CA CYS B 13 59.15 82.91 59.71
C CYS B 13 59.35 81.56 60.42
N MET B 14 60.43 80.86 60.09
CA MET B 14 60.63 79.44 60.37
C MET B 14 61.68 79.18 61.47
N ASP B 15 61.26 78.50 62.53
CA ASP B 15 62.13 78.02 63.59
C ASP B 15 62.96 76.82 63.11
N VAL B 16 64.28 77.00 63.14
CA VAL B 16 65.31 76.04 62.78
C VAL B 16 66.24 75.74 63.97
N GLY B 17 65.84 76.01 65.21
CA GLY B 17 66.61 75.55 66.37
C GLY B 17 66.81 74.02 66.42
N PHE B 18 67.66 73.56 67.34
CA PHE B 18 67.95 72.15 67.54
C PHE B 18 66.71 71.30 67.89
N THR B 19 65.93 71.69 68.88
CA THR B 19 64.91 70.85 69.54
C THR B 19 63.86 70.28 68.62
N MET B 20 63.37 71.04 67.63
CA MET B 20 62.36 70.57 66.68
C MET B 20 62.83 69.39 65.81
N SER B 21 64.12 69.03 65.84
CA SER B 21 64.65 67.79 65.27
C SER B 21 64.18 66.52 66.01
N ASN B 22 63.70 66.65 67.25
CA ASN B 22 63.40 65.56 68.17
C ASN B 22 61.89 65.46 68.43
N SER B 23 61.34 64.24 68.44
CA SER B 23 59.89 64.02 68.47
C SER B 23 59.15 62.86 69.18
N ILE B 24 57.82 63.01 69.28
CA ILE B 24 56.92 61.86 69.45
C ILE B 24 57.20 60.89 68.28
N PRO B 25 57.59 59.61 68.50
CA PRO B 25 58.11 58.74 67.43
C PRO B 25 57.12 58.32 66.34
N GLY B 26 55.81 58.52 66.55
CA GLY B 26 54.75 58.21 65.59
C GLY B 26 54.59 59.21 64.43
N ILE B 27 55.40 60.27 64.39
CA ILE B 27 55.40 61.30 63.34
C ILE B 27 56.82 61.67 62.90
N GLU B 28 56.92 62.34 61.75
CA GLU B 28 58.10 63.11 61.39
C GLU B 28 58.37 64.23 62.43
N SER B 29 59.64 64.59 62.62
CA SER B 29 60.09 65.68 63.50
C SER B 29 59.36 67.00 63.23
N PRO B 30 59.05 67.81 64.26
CA PRO B 30 58.50 69.16 64.08
C PRO B 30 59.30 70.05 63.11
N PHE B 31 60.61 69.89 63.00
CA PHE B 31 61.45 70.57 62.02
C PHE B 31 61.03 70.21 60.60
N GLU B 32 61.09 68.92 60.26
CA GLU B 32 60.80 68.45 58.90
C GLU B 32 59.30 68.53 58.59
N GLN B 33 58.40 68.38 59.56
CA GLN B 33 56.98 68.68 59.40
C GLN B 33 56.77 70.11 58.90
N ALA B 34 57.34 71.11 59.57
CA ALA B 34 57.24 72.50 59.13
C ALA B 34 57.87 72.70 57.75
N LYS B 35 59.07 72.13 57.52
CA LYS B 35 59.75 72.16 56.21
C LYS B 35 58.86 71.59 55.10
N LYS B 36 58.16 70.49 55.36
CA LYS B 36 57.20 69.90 54.42
C LYS B 36 55.99 70.82 54.22
N VAL B 37 55.41 71.41 55.26
CA VAL B 37 54.29 72.36 55.10
C VAL B 37 54.70 73.47 54.16
N ILE B 38 55.83 74.14 54.43
CA ILE B 38 56.26 75.26 53.59
C ILE B 38 56.65 74.80 52.18
N THR B 39 57.11 73.57 51.98
CA THR B 39 57.27 72.99 50.65
C THR B 39 55.93 72.88 49.92
N MET B 40 54.93 72.26 50.57
CA MET B 40 53.57 72.05 50.04
C MET B 40 52.85 73.38 49.78
N PHE B 41 53.25 74.43 50.48
CA PHE B 41 52.84 75.79 50.19
C PHE B 41 53.57 76.40 48.98
N VAL B 42 54.91 76.47 49.00
CA VAL B 42 55.70 77.21 48.00
C VAL B 42 55.32 76.84 46.56
N GLN B 43 55.12 75.54 46.30
CA GLN B 43 54.65 74.98 45.03
C GLN B 43 53.42 75.70 44.43
N ARG B 44 52.50 76.15 45.29
CA ARG B 44 51.20 76.71 44.92
C ARG B 44 51.36 77.98 44.09
N GLN B 45 51.94 79.01 44.68
CA GLN B 45 52.26 80.27 43.98
C GLN B 45 53.50 80.15 43.09
N VAL B 46 54.33 79.12 43.23
CA VAL B 46 55.34 78.81 42.20
C VAL B 46 54.68 78.58 40.84
N PHE B 47 53.48 77.98 40.78
CA PHE B 47 52.70 77.86 39.55
C PHE B 47 51.66 78.97 39.36
N ALA B 48 50.81 79.25 40.35
CA ALA B 48 49.71 80.20 40.19
C ALA B 48 50.19 81.64 39.89
N GLU B 49 49.64 82.28 38.86
CA GLU B 49 50.06 83.60 38.35
C GLU B 49 49.52 84.78 39.20
N ASN B 50 49.50 84.63 40.53
CA ASN B 50 49.23 85.73 41.46
C ASN B 50 50.44 86.67 41.59
N LYS B 51 50.18 87.90 42.05
CA LYS B 51 51.15 89.01 42.07
C LYS B 51 51.84 89.12 43.44
N ASP B 52 51.98 87.99 44.15
CA ASP B 52 52.27 87.98 45.58
C ASP B 52 53.75 87.74 45.87
N GLU B 53 54.33 88.66 46.63
CA GLU B 53 55.71 88.60 47.08
C GLU B 53 55.86 87.66 48.29
N ILE B 54 56.91 86.85 48.33
CA ILE B 54 57.28 86.00 49.46
C ILE B 54 58.66 86.38 50.00
N ALA B 55 58.83 86.32 51.33
CA ALA B 55 60.10 86.35 52.02
C ALA B 55 60.30 85.10 52.91
N LEU B 56 61.55 84.72 53.16
CA LEU B 56 61.96 83.70 54.12
C LEU B 56 62.79 84.32 55.25
N VAL B 57 62.42 84.04 56.50
CA VAL B 57 63.21 84.30 57.71
C VAL B 57 63.40 82.98 58.47
N LEU B 58 64.64 82.69 58.85
CA LEU B 58 65.02 81.54 59.66
C LEU B 58 65.43 82.03 61.05
N PHE B 59 65.01 81.36 62.13
CA PHE B 59 65.46 81.69 63.48
C PHE B 59 65.77 80.45 64.31
N GLY B 60 66.65 80.58 65.31
CA GLY B 60 67.42 79.44 65.82
C GLY B 60 68.63 79.11 64.95
N THR B 61 69.05 80.06 64.12
CA THR B 61 70.23 79.93 63.23
C THR B 61 71.51 80.09 64.03
N ASP B 62 72.55 79.29 63.76
CA ASP B 62 73.81 79.39 64.51
C ASP B 62 74.63 80.65 64.15
N GLY B 63 74.40 81.22 62.96
CA GLY B 63 74.82 82.57 62.59
C GLY B 63 73.70 83.60 62.72
N THR B 64 73.89 84.80 62.17
CA THR B 64 72.81 85.80 62.02
C THR B 64 73.04 86.74 60.85
N ASP B 65 71.97 87.10 60.16
CA ASP B 65 71.92 88.02 59.03
C ASP B 65 70.59 88.77 59.06
N ASN B 66 70.61 90.05 59.42
CA ASN B 66 69.40 90.90 59.45
C ASN B 66 69.77 92.40 59.35
N PRO B 67 68.83 93.28 58.96
CA PRO B 67 69.08 94.73 58.92
C PRO B 67 69.20 95.41 60.30
N LEU B 68 68.97 94.66 61.39
CA LEU B 68 68.64 95.15 62.73
C LEU B 68 69.49 94.50 63.83
N SER B 69 70.65 93.94 63.48
CA SER B 69 71.43 93.00 64.32
C SER B 69 71.67 93.45 65.76
N GLY B 70 71.58 92.50 66.70
CA GLY B 70 71.81 92.69 68.13
C GLY B 70 72.56 91.54 68.79
N GLY B 71 72.89 91.69 70.08
CA GLY B 71 73.69 90.71 70.83
C GLY B 71 72.89 89.55 71.43
N ASP B 72 71.68 89.82 71.92
CA ASP B 72 70.77 88.84 72.55
C ASP B 72 69.42 88.78 71.82
N GLN B 73 68.72 89.92 71.73
CA GLN B 73 67.66 90.14 70.74
C GLN B 73 68.27 90.44 69.37
N TYR B 74 67.46 90.35 68.32
CA TYR B 74 67.84 90.46 66.93
C TYR B 74 69.02 89.54 66.56
N GLN B 75 69.01 88.30 67.09
CA GLN B 75 70.14 87.37 67.06
C GLN B 75 69.69 85.91 66.97
N ASN B 76 70.54 85.04 66.42
CA ASN B 76 70.19 83.70 65.94
C ASN B 76 69.02 83.73 64.93
N ILE B 77 69.06 84.75 64.05
CA ILE B 77 68.09 85.02 62.99
C ILE B 77 68.84 85.26 61.67
N THR B 78 68.37 84.65 60.58
CA THR B 78 68.77 84.96 59.21
C THR B 78 67.56 85.33 58.35
N VAL B 79 67.54 86.54 57.79
CA VAL B 79 66.58 87.00 56.78
C VAL B 79 67.00 86.42 55.42
N HIS B 80 66.78 85.11 55.28
CA HIS B 80 67.35 84.25 54.25
C HIS B 80 66.94 84.62 52.82
N ARG B 81 65.74 85.17 52.61
CA ARG B 81 65.25 85.58 51.29
C ARG B 81 64.30 86.79 51.40
N HIS B 82 64.59 87.85 50.65
CA HIS B 82 63.81 89.11 50.63
C HIS B 82 62.43 88.96 49.98
N LEU B 83 61.55 89.97 50.18
CA LEU B 83 60.13 89.93 49.79
C LEU B 83 59.88 90.19 48.29
N MET B 84 59.91 89.12 47.47
CA MET B 84 59.67 89.15 46.01
C MET B 84 58.87 87.92 45.55
N LEU B 85 58.32 87.93 44.33
CA LEU B 85 57.62 86.79 43.72
C LEU B 85 58.44 85.49 43.85
N PRO B 86 57.80 84.34 44.10
CA PRO B 86 58.46 83.04 44.29
C PRO B 86 59.17 82.53 43.02
N ASP B 87 60.07 81.57 43.17
CA ASP B 87 60.81 80.94 42.08
C ASP B 87 61.35 79.53 42.42
N PHE B 88 61.71 78.75 41.42
CA PHE B 88 62.10 77.34 41.59
C PHE B 88 63.34 77.15 42.47
N ASP B 89 64.30 78.07 42.43
CA ASP B 89 65.49 78.02 43.27
C ASP B 89 65.15 78.18 44.75
N LEU B 90 64.14 79.01 45.09
CA LEU B 90 63.65 79.09 46.46
C LEU B 90 63.08 77.73 46.87
N LEU B 91 62.27 77.12 46.01
CA LEU B 91 61.69 75.81 46.26
C LEU B 91 62.76 74.73 46.43
N GLU B 92 63.82 74.72 45.62
CA GLU B 92 64.96 73.81 45.82
C GLU B 92 65.69 74.06 47.14
N ASP B 93 65.90 75.31 47.51
CA ASP B 93 66.58 75.65 48.77
C ASP B 93 65.76 75.23 49.99
N ILE B 94 64.44 75.44 49.95
CA ILE B 94 63.49 74.93 50.94
C ILE B 94 63.52 73.40 50.99
N GLU B 95 63.47 72.74 49.84
CA GLU B 95 63.36 71.29 49.80
C GLU B 95 64.66 70.57 50.20
N SER B 96 65.82 71.18 49.95
CA SER B 96 67.12 70.48 50.07
C SER B 96 68.23 71.20 50.85
N LYS B 97 68.23 72.53 50.93
CA LYS B 97 69.35 73.30 51.52
C LYS B 97 69.19 73.45 53.04
N ILE B 98 68.03 73.93 53.50
CA ILE B 98 67.82 74.22 54.92
C ILE B 98 68.18 73.20 56.05
N GLN B 99 68.92 73.71 57.05
CA GLN B 99 69.49 72.92 58.16
C GLN B 99 69.00 73.41 59.53
N PRO B 100 68.78 72.53 60.52
CA PRO B 100 68.66 72.95 61.90
C PRO B 100 70.00 73.48 62.43
N GLY B 101 69.96 74.60 63.16
CA GLY B 101 71.06 75.04 64.00
C GLY B 101 71.20 74.15 65.24
N SER B 102 72.39 74.09 65.81
CA SER B 102 72.65 73.44 67.11
C SER B 102 72.21 74.31 68.29
N GLN B 103 72.01 75.61 68.06
CA GLN B 103 71.58 76.59 69.07
C GLN B 103 70.04 76.68 69.14
N GLN B 104 69.51 77.69 69.82
CA GLN B 104 68.07 77.97 69.96
C GLN B 104 67.76 79.47 69.78
N ALA B 105 66.55 79.81 69.34
CA ALA B 105 66.02 81.18 69.35
C ALA B 105 64.52 81.53 69.59
N ASP B 106 64.20 82.81 69.58
CA ASP B 106 62.89 83.33 69.95
C ASP B 106 62.03 83.74 68.74
N PHE B 107 60.80 83.23 68.68
CA PHE B 107 59.80 83.67 67.70
C PHE B 107 59.34 85.13 67.88
N LEU B 108 59.30 85.68 69.09
CA LEU B 108 58.95 87.10 69.31
C LEU B 108 60.09 87.97 68.72
N ASP B 109 61.32 87.66 69.11
CA ASP B 109 62.49 88.01 68.31
C ASP B 109 62.45 88.00 66.75
N ALA B 110 62.21 86.86 66.10
CA ALA B 110 62.03 86.79 64.68
C ALA B 110 60.84 87.61 64.17
N LEU B 111 59.71 87.65 64.90
CA LEU B 111 58.53 88.41 64.53
C LEU B 111 58.84 89.90 64.39
N ILE B 112 59.50 90.51 65.38
CA ILE B 112 59.81 91.94 65.31
C ILE B 112 60.69 92.25 64.08
N VAL B 113 61.72 91.43 63.83
CA VAL B 113 62.57 91.61 62.62
C VAL B 113 61.74 91.47 61.35
N SER B 114 60.90 90.45 61.26
CA SER B 114 60.11 90.15 60.07
C SER B 114 59.08 91.24 59.79
N MET B 115 58.42 91.73 60.83
CA MET B 115 57.45 92.82 60.77
C MET B 115 58.10 94.17 60.39
N ASP B 116 59.33 94.43 60.88
CA ASP B 116 60.11 95.57 60.44
C ASP B 116 60.57 95.44 58.98
N VAL B 117 60.93 94.25 58.51
CA VAL B 117 61.20 94.02 57.08
C VAL B 117 59.95 94.29 56.24
N ILE B 118 58.75 93.89 56.68
CA ILE B 118 57.52 94.26 55.98
C ILE B 118 57.35 95.79 55.97
N GLN B 119 57.62 96.48 57.09
CA GLN B 119 57.62 97.95 57.14
C GLN B 119 58.66 98.62 56.23
N HIS B 120 59.76 97.95 55.88
CA HIS B 120 60.69 98.42 54.84
C HIS B 120 60.10 98.19 53.44
N GLU B 121 59.78 96.94 53.12
CA GLU B 121 59.45 96.50 51.76
C GLU B 121 58.14 97.12 51.23
N THR B 122 57.14 97.33 52.11
CA THR B 122 55.81 97.83 51.71
C THR B 122 55.76 99.31 51.27
N ILE B 123 56.88 100.02 51.27
CA ILE B 123 56.96 101.44 50.87
C ILE B 123 57.36 101.60 49.40
N GLY B 124 58.47 100.97 48.98
CA GLY B 124 59.10 101.19 47.67
C GLY B 124 58.48 100.45 46.48
N LYS B 125 57.55 99.52 46.74
CA LYS B 125 56.76 98.78 45.74
C LYS B 125 55.36 98.48 46.27
N LYS B 126 54.38 98.32 45.38
CA LYS B 126 52.98 98.13 45.77
C LYS B 126 52.42 96.81 46.34
N PHE B 127 51.44 96.98 47.20
CA PHE B 127 50.74 95.93 47.95
C PHE B 127 49.27 96.29 48.18
N GLU B 128 48.46 95.29 48.52
CA GLU B 128 47.17 95.49 49.18
C GLU B 128 47.18 94.75 50.52
N LYS B 129 46.90 93.44 50.54
CA LYS B 129 47.05 92.63 51.76
C LYS B 129 48.37 91.98 52.17
N ARG B 130 48.57 91.81 53.48
CA ARG B 130 49.85 91.39 54.07
C ARG B 130 49.68 90.35 55.17
N HIS B 131 50.63 89.41 55.23
CA HIS B 131 50.69 88.35 56.23
C HIS B 131 52.14 88.16 56.74
N ILE B 132 52.24 87.63 57.96
CA ILE B 132 53.43 87.05 58.58
C ILE B 132 53.05 85.65 59.11
N GLU B 133 53.93 84.67 59.00
CA GLU B 133 53.61 83.26 59.23
C GLU B 133 54.67 82.57 60.08
N ILE B 134 54.37 82.23 61.34
CA ILE B 134 55.37 81.69 62.29
C ILE B 134 55.23 80.18 62.48
N PHE B 135 56.31 79.45 62.24
CA PHE B 135 56.38 77.99 62.37
C PHE B 135 57.37 77.60 63.48
N THR B 136 56.96 76.86 64.52
CA THR B 136 57.83 76.53 65.66
C THR B 136 57.35 75.31 66.46
N ASP B 137 58.21 74.74 67.30
CA ASP B 137 57.90 73.72 68.30
C ASP B 137 57.67 74.28 69.71
N LEU B 138 57.68 75.61 69.87
CA LEU B 138 57.63 76.35 71.15
C LEU B 138 58.86 76.14 72.06
N SER B 139 60.01 75.80 71.49
CA SER B 139 61.31 75.84 72.18
C SER B 139 61.88 77.25 72.38
N SER B 140 61.23 78.30 71.87
CA SER B 140 61.59 79.68 72.19
C SER B 140 61.45 79.96 73.68
N ARG B 141 62.52 80.47 74.29
CA ARG B 141 62.52 81.07 75.63
C ARG B 141 62.65 82.59 75.50
N PHE B 142 61.78 83.33 76.18
CA PHE B 142 61.72 84.79 76.03
C PHE B 142 61.14 85.52 77.26
N SER B 143 61.49 86.80 77.39
CA SER B 143 60.74 87.78 78.18
C SER B 143 59.50 88.22 77.38
N LYS B 144 58.33 88.30 78.03
CA LYS B 144 57.10 88.86 77.42
C LYS B 144 57.15 90.40 77.33
N SER B 145 58.12 90.91 76.58
CA SER B 145 58.32 92.32 76.26
C SER B 145 57.35 93.21 75.44
N GLN B 146 57.64 93.57 74.18
CA GLN B 146 56.83 94.44 73.31
C GLN B 146 55.36 94.20 72.92
N LEU B 147 54.64 93.30 73.61
CA LEU B 147 53.45 92.64 73.06
C LEU B 147 52.27 93.59 72.76
N ASP B 148 51.94 94.52 73.66
CA ASP B 148 50.87 95.49 73.40
C ASP B 148 51.20 96.42 72.22
N ILE B 149 52.44 96.91 72.14
CA ILE B 149 52.94 97.69 70.99
C ILE B 149 52.96 96.84 69.73
N ILE B 150 53.29 95.55 69.78
CA ILE B 150 53.23 94.66 68.62
C ILE B 150 51.79 94.49 68.13
N ILE B 151 50.83 94.22 69.03
CA ILE B 151 49.44 94.00 68.62
C ILE B 151 48.82 95.29 68.08
N HIS B 152 49.07 96.43 68.72
CA HIS B 152 48.75 97.78 68.22
C HIS B 152 49.38 98.01 66.84
N SER B 153 50.68 97.75 66.69
CA SER B 153 51.39 97.91 65.43
C SER B 153 50.93 96.93 64.35
N LEU B 154 50.46 95.72 64.67
CA LEU B 154 49.90 94.80 63.67
C LEU B 154 48.61 95.37 63.07
N LYS B 155 47.83 96.14 63.85
CA LYS B 155 46.76 96.99 63.30
C LYS B 155 47.30 98.19 62.51
N LYS B 156 48.26 98.96 63.04
CA LYS B 156 48.79 100.17 62.36
C LYS B 156 49.59 99.88 61.07
N CYS B 157 50.22 98.71 60.97
CA CYS B 157 50.86 98.17 59.77
C CYS B 157 49.91 97.36 58.87
N ASP B 158 48.74 96.99 59.40
CA ASP B 158 47.69 96.17 58.77
C ASP B 158 48.18 94.80 58.24
N ILE B 159 48.92 94.07 59.08
CA ILE B 159 49.48 92.74 58.78
C ILE B 159 48.82 91.69 59.68
N SER B 160 48.25 90.62 59.14
CA SER B 160 47.76 89.50 59.98
C SER B 160 48.85 88.45 60.21
N LEU B 161 48.81 87.80 61.37
CA LEU B 161 49.75 86.75 61.76
C LEU B 161 49.04 85.39 61.72
N GLN B 162 49.61 84.42 61.00
CA GLN B 162 49.22 83.02 61.08
C GLN B 162 50.30 82.25 61.86
N PHE B 163 49.89 81.35 62.76
CA PHE B 163 50.81 80.64 63.64
C PHE B 163 50.64 79.12 63.49
N PHE B 164 51.75 78.40 63.36
CA PHE B 164 51.79 77.00 62.97
C PHE B 164 52.54 76.15 64.01
N LEU B 165 51.93 75.05 64.48
CA LEU B 165 52.41 74.26 65.63
C LEU B 165 52.36 72.73 65.42
N PRO B 166 53.11 71.93 66.21
CA PRO B 166 53.20 70.48 66.00
C PRO B 166 52.09 69.62 66.63
N PHE B 167 51.09 70.20 67.31
CA PHE B 167 50.11 69.46 68.13
C PHE B 167 48.70 70.08 68.17
N SER B 168 47.72 69.26 68.55
CA SER B 168 46.28 69.42 68.28
C SER B 168 45.55 70.51 69.10
N LEU B 169 44.45 71.02 68.53
CA LEU B 169 43.53 71.95 69.20
C LEU B 169 42.11 71.55 69.68
N GLY B 170 41.86 70.24 69.83
CA GLY B 170 40.57 69.67 70.25
C GLY B 170 40.19 69.99 71.70
N GLY B 196 51.95 63.33 74.79
CA GLY B 196 53.38 63.40 75.10
C GLY B 196 53.99 64.80 75.07
N ILE B 197 53.22 65.84 74.74
CA ILE B 197 53.70 67.23 74.64
C ILE B 197 54.23 67.77 75.98
N THR B 198 55.24 68.64 75.91
CA THR B 198 55.90 69.19 77.10
C THR B 198 55.06 70.28 77.78
N GLU B 199 55.33 70.50 79.06
CA GLU B 199 54.76 71.59 79.86
C GLU B 199 55.10 72.95 79.21
N GLN B 200 56.35 73.12 78.79
CA GLN B 200 56.75 74.15 77.85
C GLN B 200 55.96 74.38 76.51
N GLN B 201 55.37 73.34 75.90
CA GLN B 201 54.49 73.46 74.75
C GLN B 201 53.06 73.86 75.16
N LYS B 202 52.55 73.31 76.27
CA LYS B 202 51.25 73.71 76.83
C LYS B 202 51.25 75.19 77.24
N GLU B 203 52.25 75.63 77.99
CA GLU B 203 52.34 77.03 78.45
C GLU B 203 52.63 77.99 77.28
N GLY B 204 53.47 77.57 76.33
CA GLY B 204 53.69 78.32 75.10
C GLY B 204 52.41 78.51 74.29
N LEU B 205 51.57 77.48 74.10
CA LEU B 205 50.28 77.62 73.43
C LEU B 205 49.36 78.59 74.15
N GLU B 206 49.25 78.55 75.49
CA GLU B 206 48.44 79.53 76.22
C GLU B 206 48.95 80.95 76.03
N ILE B 207 50.28 81.15 75.98
CA ILE B 207 50.85 82.40 75.49
C ILE B 207 50.57 82.83 74.03
N VAL B 208 50.50 81.91 73.05
CA VAL B 208 50.06 82.15 71.67
C VAL B 208 48.57 82.50 71.62
N LYS B 209 47.71 81.74 72.33
CA LYS B 209 46.29 82.04 72.50
C LYS B 209 46.11 83.47 73.02
N MET B 210 46.78 83.81 74.11
CA MET B 210 46.72 85.15 74.70
C MET B 210 47.09 86.25 73.69
N VAL B 211 48.19 86.08 72.96
CA VAL B 211 48.46 86.95 71.82
C VAL B 211 47.40 87.08 70.69
N MET B 212 46.68 86.02 70.31
CA MET B 212 45.68 86.07 69.25
C MET B 212 44.28 86.49 69.73
N ILE B 213 43.96 86.16 70.98
CA ILE B 213 42.84 86.77 71.71
C ILE B 213 43.04 88.28 71.75
N SER B 214 44.26 88.75 72.04
CA SER B 214 44.59 90.19 72.05
C SER B 214 44.48 90.84 70.66
N LEU B 215 44.89 90.15 69.60
CA LEU B 215 44.76 90.63 68.21
C LEU B 215 43.31 90.70 67.70
N GLU B 216 42.54 89.62 67.86
CA GLU B 216 41.29 89.37 67.09
C GLU B 216 40.16 88.76 67.92
N GLY B 217 40.38 88.39 69.19
CA GLY B 217 39.37 87.73 70.03
C GLY B 217 39.03 86.32 69.54
N GLU B 218 37.73 86.00 69.45
CA GLU B 218 37.24 84.65 69.13
C GLU B 218 37.67 84.15 67.74
N ASP B 219 37.73 85.01 66.71
CA ASP B 219 38.28 84.64 65.40
C ASP B 219 39.80 84.42 65.43
N GLY B 220 40.52 84.93 66.44
CA GLY B 220 41.98 84.92 66.48
C GLY B 220 42.58 83.51 66.51
N LEU B 221 41.96 82.57 67.23
CA LEU B 221 42.46 81.18 67.26
C LEU B 221 42.31 80.46 65.92
N ASP B 222 41.46 80.94 65.01
CA ASP B 222 41.39 80.43 63.64
C ASP B 222 42.49 80.98 62.72
N GLU B 223 43.41 81.81 63.23
CA GLU B 223 44.72 82.06 62.60
C GLU B 223 45.80 81.04 63.04
N ILE B 224 45.46 80.08 63.93
CA ILE B 224 46.38 79.06 64.44
C ILE B 224 46.09 77.71 63.77
N TYR B 225 47.14 77.04 63.29
CA TYR B 225 47.04 75.79 62.52
C TYR B 225 48.04 74.73 63.02
N SER B 226 47.64 73.47 63.09
CA SER B 226 48.62 72.40 63.34
C SER B 226 49.33 71.98 62.04
N PHE B 227 50.59 71.52 62.14
CA PHE B 227 51.29 70.88 61.02
C PHE B 227 50.50 69.65 60.52
N SER B 228 49.81 68.95 61.43
CA SER B 228 48.95 67.80 61.11
C SER B 228 47.80 68.18 60.19
N GLU B 229 46.91 69.10 60.60
CA GLU B 229 45.77 69.47 59.77
C GLU B 229 46.20 70.13 58.46
N SER B 230 47.28 70.93 58.49
CA SER B 230 47.76 71.64 57.32
C SER B 230 48.37 70.71 56.27
N LEU B 231 49.24 69.74 56.62
CA LEU B 231 49.65 68.72 55.64
C LEU B 231 48.44 67.92 55.10
N ARG B 232 47.38 67.77 55.91
CA ARG B 232 46.09 67.16 55.53
C ARG B 232 45.12 68.14 54.83
N LYS B 233 45.60 69.30 54.39
CA LYS B 233 44.83 70.36 53.69
C LYS B 233 45.57 71.00 52.50
N LEU B 234 46.90 71.10 52.57
CA LEU B 234 47.80 71.57 51.51
C LEU B 234 48.18 70.44 50.51
N CYS B 235 47.39 69.36 50.46
CA CYS B 235 47.65 68.14 49.68
C CYS B 235 47.73 68.32 48.15
N VAL B 236 47.19 69.43 47.63
CA VAL B 236 46.83 69.63 46.22
C VAL B 236 47.30 71.01 45.74
N PHE B 237 47.44 71.19 44.42
CA PHE B 237 47.66 72.51 43.81
C PHE B 237 46.40 73.37 43.87
N LYS B 238 46.53 74.69 43.66
CA LYS B 238 45.39 75.60 43.75
C LYS B 238 44.34 75.30 42.66
N LYS B 239 43.06 75.50 42.97
CA LYS B 239 42.00 75.85 42.01
C LYS B 239 42.50 76.93 41.03
N ILE B 240 42.18 76.85 39.75
CA ILE B 240 42.50 77.94 38.82
C ILE B 240 41.65 79.20 39.11
N GLU B 241 42.32 80.31 39.39
CA GLU B 241 41.65 81.56 39.74
C GLU B 241 41.32 82.30 38.45
N ARG B 242 40.02 82.45 38.17
CA ARG B 242 39.54 83.36 37.13
C ARG B 242 38.21 84.00 37.51
N HIS B 243 38.12 85.29 37.21
CA HIS B 243 36.92 86.14 37.23
C HIS B 243 35.99 85.80 36.07
N SER B 244 34.73 86.23 36.17
CA SER B 244 33.88 86.47 34.99
C SER B 244 33.89 87.97 34.73
N ILE B 245 34.13 88.39 33.49
CA ILE B 245 34.22 89.81 33.16
C ILE B 245 32.84 90.48 33.30
N HIS B 246 32.81 91.76 33.67
CA HIS B 246 31.59 92.57 33.62
C HIS B 246 31.10 92.79 32.18
N TRP B 247 29.77 92.74 32.04
CA TRP B 247 28.97 93.08 30.86
C TRP B 247 27.71 93.89 31.22
N PRO B 248 27.60 95.18 30.85
CA PRO B 248 26.44 96.04 31.12
C PRO B 248 25.37 95.91 30.03
N CYS B 249 24.10 95.80 30.41
CA CYS B 249 23.00 95.64 29.48
C CYS B 249 21.66 96.15 30.05
N ARG B 250 20.56 95.98 29.33
CA ARG B 250 19.18 96.37 29.63
C ARG B 250 17.95 95.44 29.46
N LEU B 251 17.68 94.57 30.43
CA LEU B 251 16.61 93.58 30.44
C LEU B 251 15.29 94.22 30.05
N THR B 252 14.69 93.79 28.95
CA THR B 252 13.52 94.44 28.36
C THR B 252 12.19 93.73 28.04
N ILE B 253 11.37 93.55 29.07
CA ILE B 253 10.08 92.82 29.00
C ILE B 253 9.04 93.38 28.01
N GLY B 254 9.15 94.65 27.59
CA GLY B 254 8.31 95.24 26.56
C GLY B 254 8.92 96.52 26.00
N SER B 255 8.42 97.02 24.89
CA SER B 255 9.09 98.08 24.10
C SER B 255 9.47 99.33 24.92
N ASN B 256 8.60 99.76 25.85
CA ASN B 256 8.85 100.91 26.71
C ASN B 256 9.66 100.55 27.98
N LEU B 257 9.37 99.43 28.65
CA LEU B 257 9.93 99.04 29.95
C LEU B 257 11.25 98.30 29.83
N SER B 258 12.34 98.97 30.16
CA SER B 258 13.66 98.38 30.31
C SER B 258 14.16 98.52 31.73
N ILE B 259 14.87 97.51 32.23
CA ILE B 259 15.56 97.51 33.51
C ILE B 259 17.07 97.32 33.25
N ARG B 260 17.95 97.97 34.02
CA ARG B 260 19.40 97.72 33.91
C ARG B 260 19.74 96.32 34.41
N ILE B 261 20.50 95.54 33.62
CA ILE B 261 20.97 94.18 33.97
C ILE B 261 22.48 94.05 33.70
N ALA B 262 23.22 93.32 34.55
CA ALA B 262 24.63 92.99 34.28
C ALA B 262 24.95 91.57 34.73
N ALA B 263 25.04 90.65 33.77
CA ALA B 263 25.21 89.23 33.99
C ALA B 263 26.68 88.82 34.19
N TYR B 264 26.92 87.71 34.87
CA TYR B 264 28.24 87.07 34.95
C TYR B 264 28.13 85.59 34.62
N LYS B 265 29.06 85.08 33.80
CA LYS B 265 29.22 83.63 33.64
C LYS B 265 29.42 83.00 35.00
N SER B 266 28.92 81.79 35.20
CA SER B 266 28.91 81.15 36.51
C SER B 266 29.51 79.77 36.49
N ILE B 267 29.08 78.92 35.58
CA ILE B 267 29.80 77.73 35.17
C ILE B 267 30.42 78.04 33.83
N LEU B 268 31.72 77.77 33.69
CA LEU B 268 32.38 77.66 32.40
C LEU B 268 33.31 76.46 32.42
N GLN B 269 33.25 75.57 31.42
CA GLN B 269 34.15 74.42 31.34
C GLN B 269 35.58 74.93 31.12
N GLU B 270 36.40 74.95 32.16
CA GLU B 270 37.60 75.78 32.19
C GLU B 270 38.84 75.13 31.55
N ARG B 271 39.62 75.95 30.84
CA ARG B 271 40.81 75.58 30.07
C ARG B 271 42.05 76.30 30.61
N VAL B 272 43.22 75.68 30.48
CA VAL B 272 44.48 76.21 31.06
C VAL B 272 44.90 77.51 30.37
N LYS B 273 45.49 78.44 31.13
CA LYS B 273 45.91 79.78 30.67
C LYS B 273 47.00 79.76 29.60
N LYS B 274 48.12 79.10 29.86
CA LYS B 274 49.29 79.09 28.96
C LYS B 274 49.26 77.89 28.03
N THR B 275 49.25 78.13 26.73
CA THR B 275 49.39 77.06 25.72
C THR B 275 50.80 76.48 25.69
N TRP B 276 50.96 75.25 25.22
CA TRP B 276 52.25 74.65 24.91
C TRP B 276 52.92 75.35 23.73
N THR B 277 53.91 76.18 24.02
CA THR B 277 54.82 76.80 23.04
C THR B 277 55.62 75.76 22.27
N VAL B 278 56.07 76.09 21.04
CA VAL B 278 56.80 75.18 20.15
C VAL B 278 58.26 75.59 20.07
N VAL B 279 59.18 74.62 20.23
CA VAL B 279 60.61 74.88 20.47
C VAL B 279 61.53 73.87 19.80
N ASP B 280 62.63 74.36 19.22
CA ASP B 280 63.66 73.56 18.55
C ASP B 280 64.39 72.62 19.51
N ALA B 281 64.60 71.36 19.12
CA ALA B 281 65.09 70.31 19.99
C ALA B 281 66.49 70.50 20.59
N LYS B 282 67.37 71.26 19.91
CA LYS B 282 68.78 71.42 20.33
C LYS B 282 69.12 72.81 20.84
N THR B 283 68.49 73.84 20.31
CA THR B 283 68.69 75.25 20.71
C THR B 283 67.80 75.62 21.89
N LEU B 284 66.64 75.00 22.02
CA LEU B 284 65.63 75.33 23.02
C LEU B 284 65.17 76.80 22.98
N LYS B 285 65.07 77.40 21.78
CA LYS B 285 64.54 78.76 21.54
C LYS B 285 63.21 78.76 20.78
N LYS B 286 62.21 79.46 21.32
CA LYS B 286 60.79 79.46 20.90
C LYS B 286 60.46 80.27 19.63
N GLU B 287 61.47 80.60 18.82
CA GLU B 287 61.31 81.41 17.60
C GLU B 287 62.23 80.99 16.45
N ASP B 288 62.92 79.84 16.58
CA ASP B 288 63.68 79.22 15.50
C ASP B 288 62.83 78.38 14.55
N ILE B 289 61.50 78.37 14.72
CA ILE B 289 60.55 77.75 13.77
C ILE B 289 59.58 78.80 13.21
N GLN B 290 59.50 78.89 11.88
CA GLN B 290 58.45 79.62 11.15
C GLN B 290 57.48 78.65 10.49
N LYS B 291 56.17 78.90 10.64
CA LYS B 291 55.12 78.00 10.18
C LYS B 291 54.54 78.48 8.86
N GLU B 292 55.16 78.08 7.75
CA GLU B 292 54.69 78.41 6.41
C GLU B 292 53.42 77.63 6.06
N THR B 293 52.26 78.30 6.10
CA THR B 293 51.04 77.77 5.49
C THR B 293 51.04 78.06 3.99
N VAL B 294 51.88 77.36 3.22
CA VAL B 294 51.94 77.46 1.74
C VAL B 294 50.71 76.81 1.05
N TYR B 295 50.41 77.22 -0.19
CA TYR B 295 49.27 76.74 -1.00
C TYR B 295 49.71 76.06 -2.29
N CYS B 296 48.93 75.08 -2.75
CA CYS B 296 49.14 74.42 -4.03
C CYS B 296 47.85 74.33 -4.87
N LEU B 297 47.90 74.76 -6.14
CA LEU B 297 47.05 74.23 -7.19
C LEU B 297 47.65 72.88 -7.65
N ASN B 298 46.88 71.87 -8.00
CA ASN B 298 47.38 70.53 -8.25
C ASN B 298 48.03 70.33 -9.65
N ASP B 299 47.99 71.35 -10.51
CA ASP B 299 48.63 71.37 -11.84
C ASP B 299 50.16 71.54 -11.77
N ASP B 300 50.85 70.59 -11.14
CA ASP B 300 52.29 70.58 -10.88
C ASP B 300 52.73 71.85 -10.12
N ASP B 301 52.29 71.95 -8.87
CA ASP B 301 52.82 72.87 -7.87
C ASP B 301 52.89 74.35 -8.29
N GLU B 302 51.86 74.84 -8.98
CA GLU B 302 51.62 76.28 -9.06
C GLU B 302 51.25 76.81 -7.66
N THR B 303 52.12 77.63 -7.07
CA THR B 303 51.95 78.17 -5.72
C THR B 303 51.23 79.51 -5.75
N GLU B 304 50.13 79.62 -5.04
CA GLU B 304 49.26 80.79 -5.02
C GLU B 304 49.71 81.87 -4.03
N VAL B 305 49.15 83.08 -4.19
CA VAL B 305 49.27 84.20 -3.24
C VAL B 305 47.89 84.49 -2.65
N LEU B 306 47.73 84.28 -1.34
CA LEU B 306 46.43 84.40 -0.67
C LEU B 306 45.84 85.82 -0.76
N LYS B 307 46.70 86.83 -0.83
CA LYS B 307 46.32 88.25 -0.90
C LYS B 307 45.72 88.68 -2.25
N GLU B 308 45.74 87.80 -3.25
CA GLU B 308 45.25 88.12 -4.59
C GLU B 308 44.34 87.05 -5.19
N ASP B 309 44.62 85.77 -4.94
CA ASP B 309 44.15 84.69 -5.82
C ASP B 309 43.35 83.59 -5.13
N ILE B 310 43.03 83.73 -3.84
CA ILE B 310 42.31 82.70 -3.08
C ILE B 310 41.01 83.27 -2.52
N ILE B 311 39.89 82.67 -2.91
CA ILE B 311 38.55 83.16 -2.60
C ILE B 311 37.76 82.03 -1.97
N GLN B 312 37.16 82.24 -0.80
CA GLN B 312 36.47 81.14 -0.12
C GLN B 312 35.25 80.72 -0.91
N GLY B 313 34.93 79.43 -0.91
CA GLY B 313 33.65 78.95 -1.41
C GLY B 313 32.86 78.15 -0.39
N PHE B 314 31.55 78.06 -0.55
CA PHE B 314 30.73 77.06 0.12
C PHE B 314 30.44 75.92 -0.85
N ARG B 315 29.68 74.91 -0.42
CA ARG B 315 29.39 73.73 -1.23
C ARG B 315 27.88 73.51 -1.25
N TYR B 316 27.35 73.24 -2.43
CA TYR B 316 25.93 73.23 -2.69
C TYR B 316 25.59 71.99 -3.53
N GLY B 317 25.27 70.89 -2.84
CA GLY B 317 24.98 69.61 -3.50
C GLY B 317 26.21 69.03 -4.18
N SER B 318 26.02 68.53 -5.38
CA SER B 318 27.09 68.01 -6.24
C SER B 318 28.08 69.05 -6.79
N ASP B 319 28.00 70.33 -6.42
CA ASP B 319 28.92 71.36 -6.94
C ASP B 319 29.29 72.47 -5.94
N ILE B 320 30.39 73.14 -6.23
CA ILE B 320 30.94 74.28 -5.47
C ILE B 320 30.37 75.59 -6.00
N VAL B 321 30.13 76.57 -5.13
CA VAL B 321 29.80 77.93 -5.57
C VAL B 321 30.70 78.97 -4.89
N PRO B 322 31.32 79.89 -5.64
CA PRO B 322 32.18 80.91 -5.06
C PRO B 322 31.37 82.07 -4.49
N PHE B 323 31.57 82.37 -3.21
CA PHE B 323 31.24 83.63 -2.57
C PHE B 323 32.41 84.61 -2.79
N SER B 324 32.40 85.74 -2.08
CA SER B 324 33.60 86.47 -1.69
C SER B 324 33.54 86.66 -0.17
N LYS B 325 34.64 86.61 0.57
CA LYS B 325 34.56 86.92 2.02
C LYS B 325 34.03 88.34 2.25
N VAL B 326 34.46 89.24 1.37
CA VAL B 326 33.98 90.63 1.23
C VAL B 326 32.57 90.80 0.67
N ASP B 327 31.83 89.73 0.33
CA ASP B 327 30.42 89.83 -0.04
C ASP B 327 29.48 88.98 0.82
N GLU B 328 29.99 87.99 1.54
CA GLU B 328 29.23 87.40 2.65
C GLU B 328 28.87 88.51 3.64
N GLU B 329 29.82 89.37 4.01
CA GLU B 329 29.57 90.52 4.87
C GLU B 329 28.55 91.53 4.30
N GLN B 330 28.30 91.52 2.98
CA GLN B 330 27.29 92.37 2.34
C GLN B 330 25.88 91.80 2.52
N MET B 331 25.76 90.47 2.67
CA MET B 331 24.48 89.73 2.70
C MET B 331 24.17 89.08 4.06
N LYS B 332 25.18 88.95 4.95
CA LYS B 332 25.12 88.28 6.24
C LYS B 332 24.05 88.87 7.13
N TYR B 333 23.41 88.02 7.93
CA TYR B 333 22.47 88.45 8.95
C TYR B 333 23.17 89.28 10.03
N LYS B 334 22.84 90.58 10.12
CA LYS B 334 23.40 91.52 11.08
C LYS B 334 22.37 91.84 12.14
N SER B 335 22.70 91.56 13.40
CA SER B 335 21.86 91.96 14.54
C SER B 335 21.80 93.48 14.66
N GLU B 336 20.63 94.02 14.94
CA GLU B 336 20.43 95.47 15.02
C GLU B 336 20.97 96.09 16.32
N GLY B 337 21.37 95.26 17.31
CA GLY B 337 21.93 95.73 18.57
C GLY B 337 22.46 94.62 19.48
N LYS B 338 23.16 95.02 20.54
CA LYS B 338 23.75 94.18 21.58
C LYS B 338 22.69 93.74 22.62
N CYS B 339 21.61 93.15 22.11
CA CYS B 339 20.31 93.05 22.74
C CYS B 339 20.21 92.08 23.95
N PHE B 340 19.28 92.34 24.86
CA PHE B 340 18.63 91.32 25.71
C PHE B 340 17.15 91.68 25.89
N SER B 341 16.20 90.84 25.46
CA SER B 341 14.75 91.18 25.52
C SER B 341 13.85 89.96 25.59
N VAL B 342 12.96 89.90 26.58
CA VAL B 342 12.10 88.73 26.82
C VAL B 342 11.07 88.55 25.72
N LEU B 343 10.83 87.31 25.28
CA LEU B 343 9.83 86.97 24.26
C LEU B 343 8.47 86.62 24.87
N GLY B 344 8.43 86.11 26.11
CA GLY B 344 7.21 85.67 26.79
C GLY B 344 7.53 84.67 27.90
N PHE B 345 6.51 83.99 28.46
CA PHE B 345 6.67 83.06 29.61
C PHE B 345 5.87 81.76 29.48
N CYS B 346 6.25 80.66 30.12
CA CYS B 346 5.47 79.41 30.14
C CYS B 346 5.95 78.40 31.17
N LYS B 347 5.13 77.43 31.58
CA LYS B 347 5.47 76.54 32.71
C LYS B 347 6.81 75.76 32.67
N SER B 348 7.25 75.29 33.83
CA SER B 348 8.42 74.41 33.92
C SER B 348 8.25 73.15 33.06
N SER B 349 7.01 72.68 32.90
CA SER B 349 6.60 71.58 32.01
C SER B 349 7.01 71.75 30.55
N GLN B 350 7.01 72.97 30.00
CA GLN B 350 7.42 73.22 28.61
C GLN B 350 8.92 72.93 28.39
N VAL B 351 9.72 72.86 29.45
CA VAL B 351 11.18 72.80 29.39
C VAL B 351 11.70 71.65 30.22
N GLN B 352 11.84 70.49 29.58
CA GLN B 352 12.35 69.31 30.22
C GLN B 352 13.87 69.40 30.45
N ARG B 353 14.46 68.55 31.22
CA ARG B 353 15.82 68.49 31.66
C ARG B 353 16.78 68.39 30.49
N ARG B 354 16.57 67.41 29.61
CA ARG B 354 17.54 66.94 28.64
C ARG B 354 18.04 68.06 27.76
N PHE B 355 17.12 68.92 27.32
CA PHE B 355 17.34 69.64 26.09
C PHE B 355 18.41 70.73 26.23
N PHE B 356 18.70 71.23 27.45
CA PHE B 356 19.66 72.33 27.70
C PHE B 356 20.95 72.20 26.89
N MET B 357 21.36 73.28 26.25
CA MET B 357 22.24 73.22 25.08
C MET B 357 23.47 74.15 25.11
N GLY B 358 23.83 74.74 26.24
CA GLY B 358 24.78 75.86 26.32
C GLY B 358 26.25 75.53 26.47
N ASN B 359 27.08 76.46 26.02
CA ASN B 359 28.51 76.53 26.32
C ASN B 359 28.79 76.97 27.76
N GLN B 360 27.94 77.86 28.30
CA GLN B 360 28.08 78.55 29.59
C GLN B 360 26.73 78.74 30.27
N VAL B 361 26.75 79.09 31.56
CA VAL B 361 25.58 79.58 32.30
C VAL B 361 25.83 81.02 32.72
N LEU B 362 24.88 81.94 32.55
CA LEU B 362 24.95 83.30 33.11
C LEU B 362 24.24 83.36 34.45
N LYS B 363 24.64 84.24 35.36
CA LYS B 363 23.82 84.78 36.46
C LYS B 363 23.63 86.26 36.19
N VAL B 364 22.39 86.68 36.08
CA VAL B 364 21.84 87.82 35.34
C VAL B 364 21.25 88.80 36.35
N PHE B 365 22.04 89.80 36.74
CA PHE B 365 21.86 90.55 38.01
C PHE B 365 21.49 92.02 37.82
N ALA B 366 20.80 92.60 38.80
CA ALA B 366 20.50 94.03 38.84
C ALA B 366 21.77 94.87 38.91
N ALA B 367 21.85 95.91 38.07
CA ALA B 367 23.06 96.71 37.87
C ALA B 367 23.56 97.37 39.18
N ARG B 368 24.89 97.50 39.31
CA ARG B 368 25.51 98.00 40.56
C ARG B 368 25.08 99.42 40.89
N ASP B 369 24.63 99.62 42.11
CA ASP B 369 24.05 100.84 42.66
C ASP B 369 22.77 101.36 41.95
N ASP B 370 22.04 100.53 41.20
CA ASP B 370 20.69 100.88 40.73
C ASP B 370 19.61 100.28 41.65
N GLU B 371 19.23 101.06 42.64
CA GLU B 371 18.20 100.70 43.62
C GLU B 371 16.78 100.64 43.02
N ALA B 372 16.52 101.30 41.88
CA ALA B 372 15.29 101.11 41.13
C ALA B 372 15.28 99.74 40.42
N ALA B 373 16.39 99.37 39.78
CA ALA B 373 16.54 98.04 39.21
C ALA B 373 16.45 96.95 40.29
N ALA B 374 17.07 97.17 41.46
CA ALA B 374 17.03 96.22 42.56
C ALA B 374 15.60 95.86 42.99
N VAL B 375 14.73 96.85 43.19
CA VAL B 375 13.32 96.58 43.52
C VAL B 375 12.56 95.95 42.33
N ALA B 376 12.82 96.40 41.11
CA ALA B 376 12.11 95.92 39.94
C ALA B 376 12.44 94.46 39.59
N LEU B 377 13.72 94.09 39.59
CA LEU B 377 14.15 92.72 39.31
C LEU B 377 13.85 91.78 40.48
N SER B 378 14.00 92.21 41.73
CA SER B 378 13.50 91.39 42.84
C SER B 378 12.00 91.13 42.71
N SER B 379 11.20 92.10 42.25
CA SER B 379 9.79 91.87 41.93
C SER B 379 9.63 90.85 40.80
N LEU B 380 10.38 90.99 39.70
CA LEU B 380 10.34 90.08 38.54
C LEU B 380 10.48 88.64 38.98
N ILE B 381 11.58 88.32 39.68
CA ILE B 381 11.92 86.93 40.00
C ILE B 381 11.07 86.43 41.18
N HIS B 382 10.73 87.25 42.17
CA HIS B 382 9.76 86.84 43.17
C HIS B 382 8.37 86.53 42.57
N ALA B 383 8.00 87.16 41.47
CA ALA B 383 6.79 86.82 40.73
C ALA B 383 6.92 85.60 39.81
N LEU B 384 8.11 85.00 39.71
CA LEU B 384 8.32 83.73 39.01
C LEU B 384 8.50 82.58 40.01
N ASP B 385 8.92 82.86 41.25
CA ASP B 385 9.14 81.84 42.30
C ASP B 385 7.92 80.97 42.63
N ASP B 386 6.70 81.44 42.34
CA ASP B 386 5.44 80.89 42.82
C ASP B 386 4.53 80.30 41.72
N LEU B 387 4.66 80.75 40.48
CA LEU B 387 3.85 80.28 39.35
C LEU B 387 4.42 79.04 38.64
N ASP B 388 5.66 78.62 38.94
CA ASP B 388 6.42 77.66 38.13
C ASP B 388 6.64 78.12 36.67
N MET B 389 6.33 79.38 36.35
CA MET B 389 6.59 79.95 35.05
C MET B 389 8.08 80.22 34.84
N VAL B 390 8.54 80.02 33.63
CA VAL B 390 9.85 80.45 33.14
C VAL B 390 9.85 81.45 31.97
N ALA B 391 10.87 82.29 31.87
CA ALA B 391 11.07 83.19 30.74
C ALA B 391 11.78 82.56 29.55
N ILE B 392 11.54 83.14 28.38
CA ILE B 392 12.17 82.78 27.11
C ILE B 392 12.65 84.09 26.50
N VAL B 393 13.91 84.19 26.07
CA VAL B 393 14.57 85.49 25.86
C VAL B 393 15.46 85.50 24.63
N ARG B 394 15.38 86.52 23.78
CA ARG B 394 16.40 86.74 22.77
C ARG B 394 17.65 87.27 23.45
N TYR B 395 18.80 86.68 23.23
CA TYR B 395 20.07 87.31 23.66
C TYR B 395 21.16 87.50 22.56
N ALA B 396 22.10 88.38 22.85
CA ALA B 396 23.30 88.64 22.08
C ALA B 396 24.34 89.35 22.94
N TYR B 397 25.52 88.73 23.09
CA TYR B 397 26.61 89.30 23.89
C TYR B 397 27.07 90.66 23.37
N ASP B 398 27.26 90.78 22.05
CA ASP B 398 27.80 91.97 21.40
C ASP B 398 27.43 91.99 19.90
N LYS B 399 27.77 93.08 19.20
CA LYS B 399 27.51 93.25 17.77
C LYS B 399 28.30 92.24 16.95
N ARG B 400 27.81 91.88 15.76
CA ARG B 400 28.32 90.85 14.84
C ARG B 400 28.19 89.40 15.32
N ALA B 401 28.25 89.13 16.63
CA ALA B 401 28.08 87.78 17.16
C ALA B 401 26.66 87.26 16.91
N ASN B 402 26.48 85.95 16.89
CA ASN B 402 25.19 85.34 16.56
C ASN B 402 24.09 85.73 17.57
N PRO B 403 22.86 85.97 17.13
CA PRO B 403 21.70 86.06 18.00
C PRO B 403 21.46 84.74 18.70
N GLN B 404 20.66 84.75 19.73
CA GLN B 404 20.63 83.63 20.65
C GLN B 404 19.26 83.49 21.30
N VAL B 405 18.82 82.30 21.62
CA VAL B 405 17.58 82.07 22.37
C VAL B 405 17.65 81.19 23.62
N GLY B 406 16.79 81.42 24.61
CA GLY B 406 16.49 80.40 25.58
C GLY B 406 16.05 80.87 26.96
N VAL B 407 16.20 79.95 27.90
CA VAL B 407 15.40 79.84 29.12
C VAL B 407 16.07 80.56 30.26
N ALA B 408 15.42 81.54 30.85
CA ALA B 408 15.98 82.30 31.96
C ALA B 408 15.33 81.82 33.29
N PHE B 409 15.91 80.79 33.88
CA PHE B 409 15.33 79.84 34.85
C PHE B 409 15.58 80.28 36.31
N PRO B 410 14.56 80.73 37.06
CA PRO B 410 14.71 81.23 38.42
C PRO B 410 14.79 80.17 39.54
N HIS B 411 15.41 80.55 40.64
CA HIS B 411 15.78 79.75 41.83
C HIS B 411 16.03 80.71 43.01
N ILE B 412 16.05 80.26 44.27
CA ILE B 412 16.24 81.17 45.43
C ILE B 412 17.21 80.65 46.50
N LYS B 413 18.03 81.58 46.99
CA LYS B 413 19.00 81.43 48.08
C LYS B 413 18.75 82.54 49.09
N HIS B 414 19.00 82.31 50.39
CA HIS B 414 18.59 83.29 51.42
C HIS B 414 19.24 84.67 51.24
N ASN B 415 20.46 84.72 50.72
CA ASN B 415 21.11 85.98 50.37
C ASN B 415 20.91 86.72 49.02
N TYR B 416 20.30 86.11 48.01
CA TYR B 416 19.96 86.73 46.73
C TYR B 416 19.00 85.84 45.92
N GLU B 417 18.19 86.45 45.07
CA GLU B 417 17.40 85.71 44.07
C GLU B 417 18.29 85.24 42.92
N CYS B 418 18.10 84.00 42.48
CA CYS B 418 18.75 83.47 41.29
C CYS B 418 17.79 83.54 40.12
N LEU B 419 18.30 83.98 38.97
CA LEU B 419 17.70 83.73 37.67
C LEU B 419 18.84 83.56 36.68
N VAL B 420 19.20 82.31 36.43
CA VAL B 420 20.23 81.94 35.46
C VAL B 420 19.67 82.07 34.04
N TYR B 421 20.49 82.40 33.06
CA TYR B 421 20.11 82.27 31.65
C TYR B 421 20.92 81.17 31.00
N VAL B 422 20.24 80.30 30.22
CA VAL B 422 20.82 79.17 29.49
C VAL B 422 20.29 79.10 28.05
N GLN B 423 21.14 78.78 27.07
CA GLN B 423 20.69 78.62 25.68
C GLN B 423 19.86 77.34 25.44
N LEU B 424 18.83 77.44 24.61
CA LEU B 424 18.01 76.32 24.15
C LEU B 424 18.04 76.15 22.62
N PRO B 425 17.86 74.92 22.11
CA PRO B 425 18.05 74.60 20.71
C PRO B 425 17.11 75.36 19.78
N PHE B 426 17.59 75.66 18.58
CA PHE B 426 16.71 75.92 17.45
C PHE B 426 16.21 74.61 16.84
N MET B 427 15.22 74.65 15.95
CA MET B 427 14.62 73.43 15.38
C MET B 427 15.62 72.51 14.66
N GLU B 428 16.71 73.01 14.12
CA GLU B 428 17.74 72.20 13.46
C GLU B 428 18.87 71.75 14.40
N ASP B 429 18.92 72.20 15.65
CA ASP B 429 19.86 71.68 16.66
C ASP B 429 19.37 70.42 17.38
N LEU B 430 18.12 70.05 17.17
CA LEU B 430 17.42 69.00 17.89
C LEU B 430 17.29 67.76 17.01
N ARG B 431 17.69 66.58 17.50
CA ARG B 431 17.67 65.32 16.76
C ARG B 431 16.58 64.39 17.28
N GLN B 432 15.74 63.88 16.40
CA GLN B 432 14.65 62.98 16.76
C GLN B 432 14.86 61.61 16.12
N TYR B 433 14.97 60.58 16.95
CA TYR B 433 15.15 59.19 16.56
C TYR B 433 14.20 58.31 17.38
N MET B 434 13.52 57.35 16.74
CA MET B 434 12.73 56.36 17.48
C MET B 434 13.61 55.17 17.87
N PHE B 435 14.34 55.33 18.97
CA PHE B 435 14.99 54.21 19.64
C PHE B 435 13.97 53.13 19.97
N SER B 436 14.24 51.88 19.59
CA SER B 436 13.34 50.76 19.82
C SER B 436 13.01 50.64 21.31
N SER B 437 11.73 50.80 21.65
CA SER B 437 11.27 51.15 23.00
C SER B 437 11.16 49.93 23.93
N LEU B 438 11.65 50.04 25.17
CA LEU B 438 12.13 48.86 25.90
C LEU B 438 11.05 48.10 26.70
N LYS B 439 9.89 48.69 27.00
CA LYS B 439 8.77 48.05 27.73
C LYS B 439 8.14 46.85 27.00
N ASN B 440 8.46 46.65 25.72
CA ASN B 440 8.10 45.47 24.90
C ASN B 440 9.01 44.28 25.25
N SER B 441 9.08 43.93 26.54
CA SER B 441 10.19 43.19 27.17
C SER B 441 10.28 41.70 26.85
N LYS B 442 9.35 41.15 26.07
CA LYS B 442 9.19 39.72 25.75
C LYS B 442 10.42 38.99 25.18
N LYS B 443 11.36 39.64 24.54
CA LYS B 443 12.66 39.11 24.05
C LYS B 443 13.93 39.49 24.96
N TYR B 444 13.81 40.27 26.05
CA TYR B 444 14.87 40.84 26.87
C TYR B 444 14.38 40.75 28.31
N ALA B 445 14.03 39.57 28.79
CA ALA B 445 13.20 39.37 29.98
C ALA B 445 13.81 39.93 31.29
N PRO B 446 13.08 40.78 32.05
CA PRO B 446 13.44 41.21 33.40
C PRO B 446 12.74 40.34 34.48
N THR B 447 13.28 39.16 34.78
CA THR B 447 12.58 38.18 35.67
C THR B 447 12.62 38.54 37.15
N GLU B 448 11.72 37.94 37.93
CA GLU B 448 11.52 38.23 39.36
C GLU B 448 12.80 38.19 40.20
N ALA B 449 13.68 37.21 39.98
CA ALA B 449 14.94 37.08 40.71
C ALA B 449 15.98 38.15 40.31
N GLN B 450 16.05 38.53 39.04
CA GLN B 450 16.88 39.65 38.57
C GLN B 450 16.42 40.96 39.21
N LEU B 451 15.11 41.23 39.17
CA LEU B 451 14.54 42.42 39.80
C LEU B 451 14.79 42.42 41.32
N ASN B 452 14.49 41.33 41.98
CA ASN B 452 14.87 41.13 43.37
C ASN B 452 16.36 41.07 43.79
N ALA B 453 17.30 41.15 42.86
CA ALA B 453 18.70 41.45 43.13
C ALA B 453 18.91 42.97 43.08
N VAL B 454 18.57 43.60 41.96
CA VAL B 454 18.73 45.06 41.73
C VAL B 454 18.06 45.89 42.83
N ASP B 455 16.91 45.45 43.33
CA ASP B 455 16.19 46.06 44.45
C ASP B 455 17.08 46.37 45.66
N ALA B 456 18.02 45.53 46.03
CA ALA B 456 19.06 45.85 46.94
C ALA B 456 20.36 46.58 46.51
N LEU B 457 20.74 46.62 45.23
CA LEU B 457 21.96 47.26 44.73
C LEU B 457 21.91 48.76 44.99
N ILE B 458 20.84 49.36 44.49
CA ILE B 458 20.69 50.80 44.34
C ILE B 458 20.36 51.51 45.65
N ASP B 459 19.92 50.77 46.68
CA ASP B 459 19.94 51.22 48.07
C ASP B 459 21.30 50.93 48.73
N SER B 460 21.82 49.72 48.65
CA SER B 460 23.15 49.37 49.12
C SER B 460 24.37 50.24 48.72
N MET B 461 24.51 50.70 47.47
CA MET B 461 25.62 51.53 46.97
C MET B 461 25.31 53.03 47.04
N SER B 462 24.34 53.46 47.85
CA SER B 462 24.09 54.87 48.12
C SER B 462 25.31 55.58 48.70
N LEU B 463 25.63 56.74 48.15
CA LEU B 463 26.59 57.72 48.67
C LEU B 463 25.95 58.63 49.70
N ALA B 464 24.78 59.15 49.33
CA ALA B 464 23.98 59.95 50.20
C ALA B 464 23.42 59.03 51.30
N LYS B 465 23.86 59.26 52.55
CA LYS B 465 23.31 58.59 53.74
C LYS B 465 22.50 59.57 54.57
N LYS B 466 21.39 59.07 55.13
CA LYS B 466 20.37 59.80 55.91
C LYS B 466 20.80 60.11 57.35
N ASP B 467 22.04 60.51 57.58
CA ASP B 467 22.54 60.85 58.92
C ASP B 467 22.13 62.27 59.39
N GLU B 468 20.86 62.65 59.20
CA GLU B 468 20.37 64.03 59.32
C GLU B 468 18.85 64.14 59.61
N LYS B 469 18.42 65.32 60.07
CA LYS B 469 17.02 65.72 60.28
C LYS B 469 16.64 67.01 59.53
N THR B 470 17.60 67.64 58.85
CA THR B 470 17.39 68.70 57.83
C THR B 470 16.70 68.21 56.54
N ASP B 471 16.54 66.90 56.35
CA ASP B 471 16.20 66.25 55.07
C ASP B 471 17.24 66.50 53.95
N THR B 472 18.45 66.94 54.31
CA THR B 472 19.64 66.94 53.45
C THR B 472 20.56 65.81 53.90
N LEU B 473 20.90 64.90 52.99
CA LEU B 473 21.75 63.75 53.26
C LEU B 473 23.23 64.18 53.32
N GLU B 474 24.08 63.31 53.87
CA GLU B 474 25.46 63.63 54.25
C GLU B 474 26.30 64.27 53.15
N ASP B 475 25.94 64.08 51.87
CA ASP B 475 26.67 64.60 50.72
C ASP B 475 28.11 64.07 50.75
N LEU B 476 28.21 62.74 50.89
CA LEU B 476 29.43 62.00 51.23
C LEU B 476 30.55 62.13 50.19
N PHE B 477 30.18 62.56 48.97
CA PHE B 477 31.09 62.75 47.84
C PHE B 477 30.71 64.02 47.06
N PRO B 478 31.19 65.21 47.50
CA PRO B 478 30.73 66.50 47.00
C PRO B 478 31.48 66.90 45.72
N THR B 479 31.19 66.22 44.61
CA THR B 479 31.99 66.29 43.37
C THR B 479 32.19 67.71 42.85
N THR B 480 31.28 68.65 43.08
CA THR B 480 31.45 70.06 42.67
C THR B 480 32.49 70.83 43.50
N LYS B 481 32.91 70.31 44.65
CA LYS B 481 34.00 70.84 45.49
C LYS B 481 35.36 70.24 45.16
N ILE B 482 35.44 69.15 44.40
CA ILE B 482 36.72 68.53 43.98
C ILE B 482 37.41 69.44 42.94
N PRO B 483 38.74 69.61 42.96
CA PRO B 483 39.50 70.32 41.93
C PRO B 483 39.69 69.44 40.68
N ASN B 484 39.86 70.03 39.49
CA ASN B 484 39.95 69.23 38.27
C ASN B 484 41.25 68.38 38.23
N PRO B 485 41.16 67.03 38.16
CA PRO B 485 42.34 66.19 38.09
C PRO B 485 43.21 66.50 36.88
N ARG B 486 42.69 67.01 35.75
CA ARG B 486 43.51 67.44 34.62
C ARG B 486 44.55 68.48 35.05
N PHE B 487 44.24 69.47 35.88
CA PHE B 487 45.23 70.51 36.19
C PHE B 487 46.18 70.09 37.30
N GLN B 488 45.68 69.37 38.31
CA GLN B 488 46.53 68.74 39.32
C GLN B 488 47.61 67.90 38.63
N ARG B 489 47.23 67.04 37.70
CA ARG B 489 48.18 66.22 36.93
C ARG B 489 49.16 67.04 36.09
N LEU B 490 48.72 68.14 35.47
CA LEU B 490 49.61 68.97 34.68
C LEU B 490 50.67 69.64 35.56
N PHE B 491 50.26 70.34 36.62
CA PHE B 491 51.22 71.03 37.48
C PHE B 491 52.14 70.05 38.19
N GLN B 492 51.64 68.86 38.52
CA GLN B 492 52.45 67.82 39.13
C GLN B 492 53.59 67.35 38.23
N CYS B 493 53.36 67.21 36.92
CA CYS B 493 54.42 66.98 35.97
C CYS B 493 55.36 68.18 35.84
N LEU B 494 54.84 69.39 35.68
CA LEU B 494 55.70 70.58 35.59
C LEU B 494 56.56 70.73 36.83
N LEU B 495 56.07 70.36 38.02
CA LEU B 495 56.89 70.30 39.23
C LEU B 495 58.02 69.29 39.07
N HIS B 496 57.72 68.03 38.83
CA HIS B 496 58.70 66.97 38.78
C HIS B 496 59.80 67.25 37.74
N ARG B 497 59.43 67.65 36.52
CA ARG B 497 60.40 68.02 35.48
C ARG B 497 61.13 69.34 35.77
N ALA B 498 60.64 70.20 36.65
CA ALA B 498 61.40 71.36 37.09
C ALA B 498 62.49 70.94 38.10
N LEU B 499 62.14 70.19 39.14
CA LEU B 499 63.10 69.77 40.17
C LEU B 499 64.07 68.65 39.73
N HIS B 500 63.77 67.89 38.67
CA HIS B 500 64.58 66.74 38.21
C HIS B 500 64.82 66.78 36.68
N PRO B 501 65.47 67.82 36.16
CA PRO B 501 65.32 68.33 34.78
C PRO B 501 65.72 67.44 33.59
N ARG B 502 66.18 66.19 33.80
CA ARG B 502 66.45 65.23 32.71
C ARG B 502 65.83 63.84 32.92
N GLU B 503 65.04 63.66 33.98
CA GLU B 503 64.51 62.35 34.38
C GLU B 503 63.13 62.02 33.77
N PRO B 504 62.75 60.73 33.60
CA PRO B 504 61.36 60.39 33.29
C PRO B 504 60.13 60.67 34.20
N LEU B 505 58.96 60.68 33.59
CA LEU B 505 57.74 61.15 34.23
C LEU B 505 57.24 60.15 35.29
N PRO B 506 56.61 60.64 36.37
CA PRO B 506 56.14 59.80 37.45
C PRO B 506 54.77 59.19 37.13
N PRO B 507 54.34 58.17 37.87
CA PRO B 507 52.96 57.73 37.89
C PRO B 507 52.01 58.85 38.36
N ILE B 508 50.71 58.60 38.26
CA ILE B 508 49.71 59.44 38.96
C ILE B 508 50.02 59.39 40.46
N GLN B 509 50.19 60.54 41.12
CA GLN B 509 50.35 60.54 42.57
C GLN B 509 49.11 59.95 43.24
N GLN B 510 49.32 59.01 44.15
CA GLN B 510 48.30 58.10 44.68
C GLN B 510 47.12 58.79 45.34
N HIS B 511 47.34 59.89 46.06
CA HIS B 511 46.26 60.63 46.72
C HIS B 511 45.23 61.18 45.71
N ILE B 512 45.61 61.41 44.46
CA ILE B 512 44.67 61.79 43.40
C ILE B 512 43.68 60.66 43.13
N TRP B 513 44.12 59.40 43.00
CA TRP B 513 43.18 58.29 42.94
C TRP B 513 42.32 58.20 44.18
N ASN B 514 42.90 58.36 45.37
CA ASN B 514 42.16 58.26 46.62
C ASN B 514 41.06 59.33 46.72
N MET B 515 41.26 60.49 46.09
CA MET B 515 40.28 61.57 45.98
C MET B 515 39.24 61.32 44.88
N LEU B 516 39.67 60.79 43.73
CA LEU B 516 38.90 60.64 42.50
C LEU B 516 38.05 59.37 42.46
N ASN B 517 38.49 58.30 43.12
CA ASN B 517 37.62 57.18 43.53
C ASN B 517 36.42 57.74 44.32
N PRO B 518 35.48 56.86 44.73
CA PRO B 518 34.43 57.12 45.75
C PRO B 518 34.44 56.04 46.88
N PRO B 519 35.60 55.58 47.36
CA PRO B 519 35.76 54.23 47.90
C PRO B 519 35.07 53.88 49.24
N ALA B 520 35.51 54.51 50.33
CA ALA B 520 35.51 54.02 51.71
C ALA B 520 34.40 53.01 52.12
N GLU B 521 33.42 53.41 52.94
CA GLU B 521 32.42 52.48 53.46
C GLU B 521 31.52 51.92 52.37
N VAL B 522 31.28 52.67 51.29
CA VAL B 522 30.38 52.26 50.20
C VAL B 522 30.85 50.96 49.54
N THR B 523 32.14 50.81 49.30
CA THR B 523 32.70 49.53 48.80
C THR B 523 32.57 48.40 49.80
N THR B 524 32.68 48.66 51.12
CA THR B 524 32.43 47.59 52.12
C THR B 524 30.96 47.13 52.10
N LYS B 525 30.01 48.02 51.78
CA LYS B 525 28.59 47.67 51.64
C LYS B 525 28.29 46.93 50.34
N SER B 526 28.95 47.29 49.25
CA SER B 526 28.57 46.84 47.91
C SER B 526 28.79 45.35 47.62
N GLN B 527 29.82 44.75 48.22
CA GLN B 527 30.40 43.51 47.67
C GLN B 527 29.42 42.33 47.58
N ILE B 528 28.50 42.19 48.54
CA ILE B 528 27.52 41.10 48.56
C ILE B 528 26.38 41.29 47.56
N PRO B 529 25.66 42.43 47.51
CA PRO B 529 24.68 42.68 46.46
C PRO B 529 25.29 42.58 45.04
N LEU B 530 26.51 43.08 44.82
CA LEU B 530 27.23 42.83 43.56
C LEU B 530 27.47 41.33 43.31
N SER B 531 27.79 40.55 44.33
CA SER B 531 28.06 39.10 44.17
C SER B 531 26.87 38.29 43.64
N LYS B 532 25.62 38.72 43.93
CA LYS B 532 24.42 38.11 43.33
C LYS B 532 24.06 38.64 41.95
N ILE B 533 24.57 39.80 41.54
CA ILE B 533 24.48 40.22 40.13
C ILE B 533 25.25 39.26 39.23
N LYS B 534 26.46 38.84 39.64
CA LYS B 534 27.38 38.00 38.84
C LYS B 534 26.77 36.68 38.35
N THR B 535 25.75 36.17 39.06
CA THR B 535 25.08 34.90 38.77
C THR B 535 23.72 35.10 38.13
N LEU B 536 22.89 36.02 38.64
CA LEU B 536 21.53 36.27 38.13
C LEU B 536 21.49 36.97 36.75
N PHE B 537 22.60 37.54 36.32
CA PHE B 537 22.74 38.16 35.00
C PHE B 537 23.91 37.55 34.21
N PRO B 538 23.77 37.35 32.89
CA PRO B 538 24.84 36.92 32.01
C PRO B 538 25.87 38.02 31.73
N LEU B 539 27.08 37.61 31.32
CA LEU B 539 28.25 38.47 31.12
C LEU B 539 29.13 37.92 29.99
N ILE B 540 28.53 37.78 28.80
CA ILE B 540 29.20 37.29 27.57
C ILE B 540 30.30 38.28 27.14
N GLU B 541 31.26 37.75 26.40
CA GLU B 541 32.58 38.32 26.17
C GLU B 541 32.61 39.74 25.56
N ALA B 542 33.74 40.41 25.79
CA ALA B 542 34.26 41.48 24.96
C ALA B 542 35.78 41.28 24.73
N LYS B 543 36.28 41.72 23.57
CA LYS B 543 37.71 41.69 23.22
C LYS B 543 38.51 42.68 24.07
N LYS B 544 39.84 42.57 24.05
CA LYS B 544 40.80 43.55 24.58
C LYS B 544 41.77 44.01 23.48
N LYS B 545 42.31 45.22 23.63
CA LYS B 545 43.42 45.83 22.85
C LYS B 545 44.62 46.25 23.71
N ASP B 546 45.81 46.26 23.11
CA ASP B 546 47.12 46.39 23.77
C ASP B 546 47.72 47.81 23.68
N GLN B 547 48.99 47.99 24.10
CA GLN B 547 49.66 49.29 24.16
C GLN B 547 51.16 49.20 23.82
N VAL B 548 52.06 50.05 24.36
CA VAL B 548 53.53 49.83 24.33
C VAL B 548 53.96 48.48 24.93
N THR B 549 53.12 47.89 25.79
CA THR B 549 53.15 46.48 26.18
C THR B 549 53.26 45.49 25.02
N ALA B 550 52.81 45.85 23.81
CA ALA B 550 52.98 45.07 22.59
C ALA B 550 54.44 44.89 22.18
N GLN B 551 55.38 45.63 22.77
CA GLN B 551 56.82 45.34 22.78
C GLN B 551 57.53 46.08 23.91
N GLU B 552 57.28 45.66 25.15
CA GLU B 552 57.94 46.18 26.38
C GLU B 552 58.34 45.02 27.31
N ILE B 553 59.36 45.26 28.15
CA ILE B 553 60.09 44.21 28.88
C ILE B 553 59.22 43.42 29.87
N PHE B 554 59.64 42.18 30.15
CA PHE B 554 59.22 41.33 31.27
C PHE B 554 57.70 41.28 31.48
N ALA C 6 44.96 38.41 -34.27
CA ALA C 6 45.24 39.38 -33.18
C ALA C 6 44.27 40.56 -33.27
N GLY C 7 43.49 40.80 -32.20
CA GLY C 7 42.56 41.93 -32.09
C GLY C 7 43.17 43.22 -31.52
N VAL C 8 44.39 43.15 -30.98
CA VAL C 8 45.08 44.16 -30.15
C VAL C 8 45.02 45.57 -30.76
N ARG C 9 45.21 45.71 -32.07
CA ARG C 9 45.17 47.02 -32.73
C ARG C 9 43.77 47.59 -32.86
N CYS C 10 42.78 46.80 -33.27
CA CYS C 10 41.37 47.21 -33.30
C CYS C 10 40.92 47.58 -31.86
N SER C 11 41.34 46.84 -30.83
CA SER C 11 41.14 47.23 -29.42
C SER C 11 41.78 48.59 -29.11
N LEU C 12 43.07 48.78 -29.38
CA LEU C 12 43.75 50.02 -29.03
C LEU C 12 43.22 51.24 -29.79
N LEU C 13 42.81 51.07 -31.04
CA LEU C 13 42.22 52.13 -31.85
C LEU C 13 40.95 52.68 -31.17
N ARG C 14 40.09 51.82 -30.59
CA ARG C 14 38.89 52.29 -29.86
C ARG C 14 39.23 52.92 -28.50
N LEU C 15 40.37 52.62 -27.87
CA LEU C 15 40.74 53.24 -26.58
C LEU C 15 40.96 54.75 -26.71
N GLN C 16 41.64 55.17 -27.78
CA GLN C 16 41.81 56.59 -28.13
C GLN C 16 40.48 57.29 -28.43
N GLU C 17 39.46 56.58 -28.93
CA GLU C 17 38.14 57.18 -29.11
C GLU C 17 37.51 57.56 -27.77
N THR C 18 37.63 56.71 -26.75
CA THR C 18 37.04 57.02 -25.42
C THR C 18 37.60 58.28 -24.77
N LEU C 19 38.88 58.59 -25.03
CA LEU C 19 39.56 59.80 -24.57
C LEU C 19 39.04 61.09 -25.26
N SER C 20 38.54 60.97 -26.50
CA SER C 20 38.07 62.09 -27.34
C SER C 20 36.55 62.28 -27.34
N ALA C 21 35.80 61.29 -26.83
CA ALA C 21 34.35 61.34 -26.66
C ALA C 21 33.89 62.51 -25.74
N ALA C 22 32.75 63.12 -26.06
CA ALA C 22 32.23 64.25 -25.29
C ALA C 22 31.75 63.85 -23.88
N ASP C 23 31.03 62.72 -23.74
CA ASP C 23 30.60 62.19 -22.44
C ASP C 23 31.79 61.54 -21.72
N ARG C 24 32.66 62.37 -21.14
CA ARG C 24 33.90 61.92 -20.47
C ARG C 24 33.62 60.99 -19.28
N CYS C 25 32.56 61.26 -18.53
CA CYS C 25 32.11 60.41 -17.43
C CYS C 25 31.71 59.00 -17.89
N GLY C 26 30.83 58.88 -18.90
CA GLY C 26 30.37 57.60 -19.43
C GLY C 26 31.43 56.84 -20.25
N ALA C 27 32.20 57.56 -21.07
CA ALA C 27 33.23 56.99 -21.91
C ALA C 27 34.35 56.28 -21.12
N ALA C 28 34.68 56.74 -19.91
CA ALA C 28 35.61 56.04 -19.02
C ALA C 28 35.22 54.57 -18.78
N LEU C 29 33.91 54.27 -18.74
CA LEU C 29 33.42 52.92 -18.47
C LEU C 29 33.67 51.97 -19.66
N ALA C 30 33.55 52.46 -20.89
CA ALA C 30 34.00 51.71 -22.06
C ALA C 30 35.53 51.52 -22.04
N GLY C 31 36.30 52.59 -21.81
CA GLY C 31 37.77 52.56 -21.81
C GLY C 31 38.38 51.60 -20.79
N HIS C 32 37.87 51.63 -19.55
CA HIS C 32 38.30 50.70 -18.50
C HIS C 32 38.12 49.23 -18.93
N GLN C 33 36.91 48.84 -19.32
CA GLN C 33 36.62 47.45 -19.65
C GLN C 33 37.33 47.01 -20.95
N LEU C 34 37.60 47.95 -21.85
CA LEU C 34 38.40 47.72 -23.05
C LEU C 34 39.87 47.42 -22.71
N ILE C 35 40.49 48.15 -21.78
CA ILE C 35 41.82 47.79 -21.27
C ILE C 35 41.75 46.46 -20.52
N ARG C 36 40.68 46.22 -19.74
CA ARG C 36 40.48 44.95 -19.02
C ARG C 36 40.43 43.75 -19.98
N GLY C 37 39.90 43.92 -21.20
CA GLY C 37 39.96 42.91 -22.27
C GLY C 37 41.35 42.80 -22.92
N LEU C 38 41.91 43.92 -23.37
CA LEU C 38 43.24 44.01 -23.98
C LEU C 38 44.33 43.33 -23.12
N GLY C 39 44.33 43.59 -21.81
CA GLY C 39 45.26 43.01 -20.85
C GLY C 39 45.02 41.52 -20.51
N GLN C 40 43.94 40.90 -21.00
CA GLN C 40 43.78 39.44 -21.05
C GLN C 40 44.36 38.85 -22.34
N GLU C 41 44.16 39.53 -23.47
CA GLU C 41 44.60 39.02 -24.78
C GLU C 41 46.12 38.80 -24.84
N CYS C 42 46.93 39.79 -24.46
CA CYS C 42 48.38 39.68 -24.70
C CYS C 42 49.17 39.03 -23.55
N VAL C 43 48.58 38.85 -22.36
CA VAL C 43 49.17 37.96 -21.33
C VAL C 43 48.94 36.49 -21.70
N LEU C 44 47.79 36.17 -22.32
CA LEU C 44 47.38 34.82 -22.71
C LEU C 44 48.30 34.22 -23.79
N SER C 45 48.77 35.05 -24.71
CA SER C 45 49.52 34.68 -25.91
C SER C 45 50.70 33.72 -25.67
N SER C 46 50.98 32.91 -26.70
CA SER C 46 52.26 32.20 -26.90
C SER C 46 52.54 31.96 -28.40
N SER C 47 53.13 32.96 -29.07
CA SER C 47 53.84 32.83 -30.36
C SER C 47 54.82 34.00 -30.57
N PRO C 48 56.14 33.79 -30.76
CA PRO C 48 57.17 34.86 -30.70
C PRO C 48 56.91 36.08 -31.61
N ALA C 49 56.32 35.87 -32.77
CA ALA C 49 56.02 36.90 -33.78
C ALA C 49 54.66 37.59 -33.63
N VAL C 50 53.81 37.08 -32.73
CA VAL C 50 52.62 37.80 -32.28
C VAL C 50 52.91 38.54 -30.96
N LEU C 51 53.82 38.00 -30.14
CA LEU C 51 54.48 38.72 -29.04
C LEU C 51 55.22 39.95 -29.58
N ALA C 52 55.82 39.87 -30.76
CA ALA C 52 56.32 41.04 -31.49
C ALA C 52 55.22 42.10 -31.69
N LEU C 53 54.05 41.73 -32.21
CA LEU C 53 52.90 42.66 -32.37
C LEU C 53 52.54 43.31 -31.03
N GLN C 54 52.44 42.49 -29.99
CA GLN C 54 51.97 42.89 -28.67
C GLN C 54 53.00 43.71 -27.89
N THR C 55 54.30 43.53 -28.15
CA THR C 55 55.36 44.43 -27.67
C THR C 55 55.55 45.67 -28.55
N SER C 56 55.12 45.62 -29.80
CA SER C 56 55.19 46.76 -30.74
C SER C 56 54.08 47.78 -30.51
N LEU C 57 52.83 47.35 -30.35
CA LEU C 57 51.67 48.25 -30.29
C LEU C 57 51.22 48.68 -28.87
N VAL C 58 51.49 47.91 -27.81
CA VAL C 58 51.33 48.37 -26.43
C VAL C 58 52.13 49.65 -26.14
N PHE C 59 53.40 49.68 -26.53
CA PHE C 59 54.34 50.80 -26.33
C PHE C 59 54.48 51.70 -27.57
N SER C 60 53.41 51.83 -28.34
CA SER C 60 53.38 52.72 -29.50
C SER C 60 53.54 54.20 -29.11
N ARG C 61 53.91 55.06 -30.08
CA ARG C 61 54.37 56.46 -29.92
C ARG C 61 53.28 57.51 -30.19
N ASP C 62 52.43 57.24 -31.18
CA ASP C 62 51.28 58.07 -31.63
C ASP C 62 49.92 57.59 -31.03
N PHE C 63 49.98 56.44 -30.37
CA PHE C 63 48.95 55.42 -30.15
C PHE C 63 49.45 54.52 -29.02
N GLY C 64 48.64 53.61 -28.48
CA GLY C 64 49.10 52.72 -27.40
C GLY C 64 48.89 53.27 -25.99
N LEU C 65 49.39 52.56 -24.98
CA LEU C 65 48.92 52.69 -23.59
C LEU C 65 49.49 53.90 -22.84
N LEU C 66 50.79 54.20 -22.98
CA LEU C 66 51.46 55.27 -22.22
C LEU C 66 51.03 56.66 -22.70
N VAL C 67 50.81 56.80 -24.01
CA VAL C 67 50.22 58.02 -24.61
C VAL C 67 48.83 58.26 -24.04
N PHE C 68 47.98 57.23 -23.98
CA PHE C 68 46.68 57.32 -23.32
C PHE C 68 46.78 57.78 -21.85
N VAL C 69 47.70 57.23 -21.04
CA VAL C 69 47.92 57.71 -19.66
C VAL C 69 48.30 59.18 -19.65
N ARG C 70 49.41 59.56 -20.28
CA ARG C 70 49.92 60.93 -20.19
C ARG C 70 48.97 61.97 -20.79
N LYS C 71 48.22 61.62 -21.84
CA LYS C 71 47.25 62.50 -22.48
C LYS C 71 45.92 62.59 -21.69
N SER C 72 45.56 61.57 -20.91
CA SER C 72 44.37 61.62 -20.03
C SER C 72 44.65 62.22 -18.63
N LEU C 73 45.89 62.60 -18.30
CA LEU C 73 46.39 62.79 -16.93
C LEU C 73 45.84 64.03 -16.17
N ASN C 74 45.07 64.90 -16.83
CA ASN C 74 44.33 66.01 -16.19
C ASN C 74 42.92 65.62 -15.67
N SER C 75 42.35 64.51 -16.14
CA SER C 75 41.04 63.99 -15.72
C SER C 75 41.05 63.41 -14.28
N ILE C 76 39.90 63.41 -13.62
CA ILE C 76 39.63 62.64 -12.37
C ILE C 76 38.73 61.41 -12.63
N GLU C 77 37.98 61.40 -13.74
CA GLU C 77 37.13 60.28 -14.16
C GLU C 77 37.95 59.02 -14.50
N PHE C 78 39.15 59.17 -15.08
CA PHE C 78 39.93 58.06 -15.63
C PHE C 78 40.80 57.29 -14.60
N ARG C 79 40.64 57.50 -13.28
CA ARG C 79 41.40 56.79 -12.22
C ARG C 79 41.40 55.26 -12.36
N GLU C 80 40.24 54.73 -12.71
CA GLU C 80 40.00 53.29 -12.89
C GLU C 80 40.85 52.72 -14.03
N CYS C 81 40.98 53.47 -15.14
CA CYS C 81 41.84 53.12 -16.27
C CYS C 81 43.31 53.17 -15.85
N ARG C 82 43.73 54.28 -15.26
CA ARG C 82 45.14 54.55 -14.92
C ARG C 82 45.68 53.66 -13.79
N GLU C 83 44.83 53.12 -12.92
CA GLU C 83 45.17 52.00 -12.04
C GLU C 83 45.36 50.68 -12.81
N GLU C 84 44.36 50.29 -13.61
CA GLU C 84 44.34 49.06 -14.39
C GLU C 84 45.49 48.94 -15.38
N ILE C 85 45.77 50.00 -16.10
CA ILE C 85 46.84 50.05 -17.09
C ILE C 85 48.21 49.95 -16.40
N LEU C 86 48.41 50.50 -15.20
CA LEU C 86 49.63 50.28 -14.42
C LEU C 86 49.72 48.84 -13.88
N LYS C 87 48.61 48.28 -13.36
CA LYS C 87 48.54 46.86 -12.98
C LYS C 87 48.89 45.94 -14.16
N PHE C 88 48.33 46.20 -15.34
CA PHE C 88 48.69 45.45 -16.54
C PHE C 88 50.17 45.61 -16.90
N LEU C 89 50.75 46.81 -16.90
CA LEU C 89 52.17 47.00 -17.22
C LEU C 89 53.10 46.33 -16.20
N CYS C 90 52.70 46.25 -14.93
CA CYS C 90 53.39 45.46 -13.92
C CYS C 90 53.50 43.98 -14.37
N ILE C 91 52.38 43.37 -14.77
CA ILE C 91 52.37 42.01 -15.34
C ILE C 91 53.16 41.92 -16.67
N PHE C 92 52.99 42.86 -17.60
CA PHE C 92 53.65 42.79 -18.91
C PHE C 92 55.17 42.97 -18.82
N LEU C 93 55.64 43.88 -17.97
CA LEU C 93 57.07 44.04 -17.68
C LEU C 93 57.65 42.76 -17.06
N GLU C 94 56.91 42.06 -16.18
CA GLU C 94 57.33 40.74 -15.67
C GLU C 94 57.27 39.62 -16.74
N LYS C 95 56.26 39.59 -17.61
CA LYS C 95 56.16 38.64 -18.72
C LYS C 95 57.35 38.77 -19.66
N MET C 96 57.74 40.00 -19.96
CA MET C 96 58.73 40.31 -20.98
C MET C 96 60.17 40.39 -20.44
N GLY C 97 60.32 40.91 -19.22
CA GLY C 97 61.58 41.05 -18.47
C GLY C 97 62.49 42.19 -18.97
N GLN C 98 63.76 41.88 -19.16
CA GLN C 98 64.80 42.75 -19.75
C GLN C 98 64.81 42.82 -21.28
N LYS C 99 63.98 42.04 -21.98
CA LYS C 99 64.10 41.66 -23.41
C LYS C 99 64.59 42.77 -24.35
N ILE C 100 63.91 43.92 -24.37
CA ILE C 100 64.20 45.06 -25.24
C ILE C 100 64.17 46.34 -24.39
N ALA C 101 65.36 46.70 -23.88
CA ALA C 101 65.63 47.86 -23.03
C ALA C 101 65.54 49.30 -23.63
N PRO C 102 65.91 49.57 -24.91
CA PRO C 102 66.21 50.90 -25.47
C PRO C 102 65.02 51.88 -25.56
N TYR C 103 63.83 51.49 -25.11
CA TYR C 103 62.60 52.31 -25.06
C TYR C 103 62.10 52.55 -23.62
N SER C 104 62.73 51.93 -22.61
CA SER C 104 62.19 51.74 -21.25
C SER C 104 62.01 53.01 -20.38
N VAL C 105 62.73 54.11 -20.65
CA VAL C 105 62.66 55.34 -19.82
C VAL C 105 61.25 55.93 -19.74
N GLU C 106 60.43 55.71 -20.76
CA GLU C 106 59.08 56.29 -20.87
C GLU C 106 58.09 55.64 -19.89
N ILE C 107 58.32 54.38 -19.50
CA ILE C 107 57.62 53.77 -18.36
C ILE C 107 58.00 54.53 -17.06
N LYS C 108 59.29 54.86 -16.81
CA LYS C 108 59.70 55.68 -15.64
C LYS C 108 59.01 57.05 -15.64
N ASN C 109 59.02 57.75 -16.77
CA ASN C 109 58.42 59.07 -16.92
C ASN C 109 56.90 59.02 -16.68
N THR C 110 56.23 57.97 -17.12
CA THR C 110 54.83 57.71 -16.80
C THR C 110 54.60 57.52 -15.29
N CYS C 111 55.48 56.80 -14.59
CA CYS C 111 55.33 56.57 -13.17
C CYS C 111 55.54 57.83 -12.31
N THR C 112 56.62 58.60 -12.50
CA THR C 112 56.81 59.86 -11.73
C THR C 112 55.77 60.93 -12.12
N SER C 113 55.33 61.01 -13.38
CA SER C 113 54.22 61.91 -13.79
C SER C 113 52.90 61.51 -13.14
N VAL C 114 52.51 60.22 -13.17
CA VAL C 114 51.34 59.72 -12.44
C VAL C 114 51.45 60.05 -10.95
N TYR C 115 52.54 59.66 -10.27
CA TYR C 115 52.72 59.89 -8.84
C TYR C 115 52.57 61.37 -8.43
N THR C 116 53.14 62.30 -9.19
CA THR C 116 53.02 63.73 -8.87
C THR C 116 51.65 64.32 -9.22
N LYS C 117 51.06 63.98 -10.38
CA LYS C 117 49.82 64.65 -10.86
C LYS C 117 48.53 64.02 -10.34
N ASP C 118 48.55 62.78 -9.85
CA ASP C 118 47.34 62.13 -9.31
C ASP C 118 47.39 62.05 -7.78
N ARG C 119 46.37 62.61 -7.12
CA ARG C 119 46.24 62.64 -5.66
C ARG C 119 45.93 61.27 -5.05
N ALA C 120 45.21 60.40 -5.75
CA ALA C 120 44.72 59.15 -5.16
C ALA C 120 45.86 58.20 -4.80
N ALA C 121 45.96 57.75 -3.53
CA ALA C 121 46.91 56.71 -3.12
C ALA C 121 46.79 55.45 -4.01
N LYS C 122 45.59 55.06 -4.45
CA LYS C 122 45.42 53.89 -5.35
C LYS C 122 45.93 54.05 -6.77
N CYS C 123 46.28 55.27 -7.21
CA CYS C 123 47.12 55.49 -8.38
C CYS C 123 48.62 55.67 -8.02
N LYS C 124 48.94 56.28 -6.86
CA LYS C 124 50.34 56.38 -6.37
C LYS C 124 50.97 55.01 -6.08
N ILE C 125 50.21 54.06 -5.51
CA ILE C 125 50.64 52.68 -5.26
C ILE C 125 51.10 51.95 -6.56
N PRO C 126 50.30 51.78 -7.64
CA PRO C 126 50.81 51.18 -8.86
C PRO C 126 51.96 51.95 -9.52
N ALA C 127 51.96 53.29 -9.44
CA ALA C 127 53.08 54.10 -9.95
C ALA C 127 54.41 53.81 -9.24
N LEU C 128 54.38 53.68 -7.90
CA LEU C 128 55.52 53.20 -7.12
C LEU C 128 55.85 51.74 -7.48
N ASP C 129 54.88 50.81 -7.46
CA ASP C 129 55.10 49.39 -7.74
C ASP C 129 55.81 49.13 -9.06
N LEU C 130 55.36 49.83 -10.12
CA LEU C 130 55.95 49.72 -11.44
C LEU C 130 57.38 50.28 -11.49
N LEU C 131 57.70 51.36 -10.74
CA LEU C 131 59.10 51.79 -10.55
C LEU C 131 59.92 50.71 -9.85
N ILE C 132 59.43 50.07 -8.79
CA ILE C 132 60.21 49.07 -8.05
C ILE C 132 60.69 48.00 -9.00
N LYS C 133 59.77 47.39 -9.75
CA LYS C 133 60.11 46.36 -10.72
C LYS C 133 60.97 46.91 -11.87
N LEU C 134 60.70 48.12 -12.38
CA LEU C 134 61.48 48.71 -13.47
C LEU C 134 62.96 48.90 -13.07
N LEU C 135 63.23 49.59 -11.96
CA LEU C 135 64.58 49.74 -11.44
C LEU C 135 65.23 48.36 -11.18
N GLN C 136 64.48 47.41 -10.58
CA GLN C 136 65.00 46.09 -10.19
C GLN C 136 65.45 45.23 -11.39
N THR C 137 64.72 45.30 -12.50
CA THR C 137 64.99 44.51 -13.71
C THR C 137 66.05 45.11 -14.64
N PHE C 138 66.17 46.44 -14.70
CA PHE C 138 67.23 47.14 -15.44
C PHE C 138 68.51 47.44 -14.63
N ARG C 139 68.73 46.74 -13.51
CA ARG C 139 69.91 46.87 -12.61
C ARG C 139 71.25 46.88 -13.38
N SER C 140 71.42 45.90 -14.29
CA SER C 140 72.60 45.66 -15.18
C SER C 140 72.53 46.35 -16.55
N SER C 141 71.49 47.15 -16.81
CA SER C 141 71.18 47.68 -18.14
C SER C 141 72.18 48.70 -18.67
N ARG C 142 72.10 48.97 -19.98
CA ARG C 142 72.65 50.16 -20.63
C ARG C 142 72.05 51.48 -20.11
N LEU C 143 70.76 51.50 -19.76
CA LEU C 143 69.96 52.73 -19.61
C LEU C 143 69.98 53.39 -18.22
N MET C 144 70.65 52.80 -17.23
CA MET C 144 70.46 53.17 -15.81
C MET C 144 70.98 54.58 -15.42
N ASP C 145 71.86 55.20 -16.21
CA ASP C 145 72.26 56.61 -16.05
C ASP C 145 71.17 57.58 -16.55
N GLU C 146 70.64 57.38 -17.76
CA GLU C 146 69.62 58.26 -18.36
C GLU C 146 68.25 58.20 -17.66
N PHE C 147 68.05 57.23 -16.76
CA PHE C 147 66.96 57.23 -15.77
C PHE C 147 67.00 58.47 -14.86
N LYS C 148 68.15 59.18 -14.71
CA LYS C 148 68.42 60.29 -13.76
C LYS C 148 68.24 59.87 -12.30
N ILE C 149 68.87 58.75 -11.96
CA ILE C 149 68.79 58.07 -10.66
C ILE C 149 69.13 58.99 -9.48
N GLY C 150 70.02 59.98 -9.67
CA GLY C 150 70.35 60.99 -8.65
C GLY C 150 69.30 62.08 -8.46
N GLU C 151 68.50 62.39 -9.49
CA GLU C 151 67.29 63.19 -9.33
C GLU C 151 66.31 62.42 -8.44
N LEU C 152 66.12 61.13 -8.72
CA LEU C 152 65.08 60.27 -8.12
C LEU C 152 65.21 60.13 -6.60
N PHE C 153 66.42 60.09 -6.06
CA PHE C 153 66.63 60.20 -4.63
C PHE C 153 66.14 61.56 -4.10
N SER C 154 66.58 62.69 -4.68
CA SER C 154 66.24 64.01 -4.16
C SER C 154 64.73 64.27 -4.19
N LYS C 155 64.02 63.80 -5.23
CA LYS C 155 62.57 63.97 -5.35
C LYS C 155 61.81 63.19 -4.28
N PHE C 156 62.13 61.92 -4.06
CA PHE C 156 61.42 61.08 -3.08
C PHE C 156 61.96 61.17 -1.63
N TYR C 157 63.21 61.59 -1.38
CA TYR C 157 63.74 61.94 -0.05
C TYR C 157 63.05 63.20 0.50
N GLY C 158 62.85 64.21 -0.34
CA GLY C 158 62.19 65.46 0.04
C GLY C 158 60.80 65.27 0.65
N GLU C 159 60.07 64.24 0.21
CA GLU C 159 58.76 63.87 0.74
C GLU C 159 58.79 63.50 2.23
N LEU C 160 59.96 63.14 2.80
CA LEU C 160 60.06 62.83 4.23
C LEU C 160 60.02 64.09 5.11
N ALA C 161 60.17 65.26 4.48
CA ALA C 161 59.92 66.62 5.01
C ALA C 161 58.51 66.80 5.61
N LEU C 162 57.55 66.02 5.12
CA LEU C 162 56.16 66.04 5.56
C LEU C 162 55.61 64.61 5.66
N LYS C 163 56.46 63.64 6.07
CA LYS C 163 56.08 62.21 6.17
C LYS C 163 54.80 61.98 6.97
N LYS C 164 54.49 62.87 7.94
CA LYS C 164 53.26 62.79 8.74
C LYS C 164 51.95 62.95 7.94
N LYS C 165 52.00 63.61 6.78
CA LYS C 165 50.84 63.86 5.89
C LYS C 165 50.61 62.75 4.85
N ILE C 166 51.64 61.95 4.59
CA ILE C 166 51.62 60.90 3.58
C ILE C 166 50.80 59.71 4.12
N PRO C 167 49.87 59.14 3.36
CA PRO C 167 49.09 58.01 3.84
C PRO C 167 50.00 56.80 4.14
N ASP C 168 49.66 56.04 5.19
CA ASP C 168 50.49 54.97 5.74
C ASP C 168 51.01 53.98 4.67
N THR C 169 50.13 53.52 3.77
CA THR C 169 50.50 52.52 2.76
C THR C 169 51.37 53.10 1.64
N VAL C 170 51.27 54.40 1.34
CA VAL C 170 52.17 55.08 0.39
C VAL C 170 53.58 55.23 1.01
N LEU C 171 53.67 55.48 2.32
CA LEU C 171 54.94 55.56 3.04
C LEU C 171 55.66 54.20 3.16
N GLU C 172 54.98 53.07 2.98
CA GLU C 172 55.70 51.81 2.73
C GLU C 172 56.61 51.92 1.50
N LYS C 173 55.98 52.36 0.40
CA LYS C 173 56.55 52.28 -0.93
C LYS C 173 57.63 53.33 -1.15
N VAL C 174 57.51 54.50 -0.52
CA VAL C 174 58.58 55.50 -0.50
C VAL C 174 59.85 54.93 0.12
N TYR C 175 59.75 54.15 1.18
CA TYR C 175 60.91 53.52 1.79
C TYR C 175 61.42 52.28 1.05
N GLU C 176 60.52 51.47 0.52
CA GLU C 176 60.85 50.41 -0.44
C GLU C 176 61.68 50.95 -1.61
N LEU C 177 61.22 52.04 -2.23
CA LEU C 177 61.93 52.74 -3.28
C LEU C 177 63.26 53.31 -2.81
N LEU C 178 63.26 54.15 -1.76
CA LEU C 178 64.44 54.90 -1.34
C LEU C 178 65.62 53.99 -1.03
N GLY C 179 65.36 52.95 -0.25
CA GLY C 179 66.39 51.97 0.05
C GLY C 179 66.86 51.20 -1.20
N LEU C 180 66.00 50.99 -2.19
CA LEU C 180 66.39 50.37 -3.45
C LEU C 180 67.32 51.24 -4.32
N LEU C 181 67.24 52.56 -4.21
CA LEU C 181 68.16 53.44 -4.92
C LEU C 181 69.61 53.17 -4.50
N GLY C 182 69.83 52.90 -3.22
CA GLY C 182 71.13 52.44 -2.72
C GLY C 182 71.57 51.08 -3.23
N GLU C 183 70.64 50.22 -3.65
CA GLU C 183 70.98 48.94 -4.25
C GLU C 183 71.49 49.08 -5.68
N VAL C 184 70.72 49.73 -6.55
CA VAL C 184 70.90 49.55 -7.99
C VAL C 184 72.04 50.37 -8.59
N HIS C 185 72.41 51.52 -7.99
CA HIS C 185 73.38 52.45 -8.58
C HIS C 185 74.17 53.24 -7.52
N PRO C 186 75.09 52.58 -6.78
CA PRO C 186 75.69 53.12 -5.57
C PRO C 186 76.50 54.40 -5.75
N SER C 187 77.19 54.54 -6.87
CA SER C 187 78.07 55.69 -7.15
C SER C 187 77.35 57.03 -7.10
N GLU C 188 76.04 57.10 -7.37
CA GLU C 188 75.24 58.33 -7.32
C GLU C 188 74.62 58.58 -5.93
N MET C 189 74.63 57.56 -5.06
CA MET C 189 74.15 57.62 -3.67
C MET C 189 75.26 57.89 -2.62
N ILE C 190 76.52 58.02 -3.05
CA ILE C 190 77.71 57.84 -2.21
C ILE C 190 77.75 58.73 -0.96
N ASN C 191 77.32 60.00 -1.07
CA ASN C 191 77.25 60.93 0.08
C ASN C 191 75.89 60.92 0.80
N ASN C 192 74.82 60.50 0.11
CA ASN C 192 73.43 60.57 0.57
C ASN C 192 73.08 59.47 1.56
N ALA C 193 73.57 58.24 1.32
CA ALA C 193 73.10 57.05 2.03
C ALA C 193 73.35 57.09 3.56
N GLU C 194 74.35 57.84 4.04
CA GLU C 194 74.60 58.04 5.49
C GLU C 194 73.47 58.86 6.16
N ASN C 195 73.03 59.96 5.55
CA ASN C 195 71.86 60.70 6.04
C ASN C 195 70.60 59.82 5.96
N LEU C 196 70.51 58.92 4.98
CA LEU C 196 69.41 57.94 4.90
C LEU C 196 69.50 56.88 6.01
N PHE C 197 70.68 56.40 6.39
CA PHE C 197 70.82 55.56 7.60
C PHE C 197 70.31 56.24 8.87
N ARG C 198 70.70 57.50 9.09
CA ARG C 198 70.17 58.35 10.17
C ARG C 198 68.64 58.44 10.12
N ALA C 199 68.04 58.67 8.94
CA ALA C 199 66.60 58.72 8.72
C ALA C 199 65.91 57.36 9.01
N PHE C 200 66.37 56.25 8.41
CA PHE C 200 65.79 54.91 8.59
C PHE C 200 65.87 54.46 10.06
N LEU C 201 67.03 54.59 10.72
CA LEU C 201 67.16 54.22 12.12
C LEU C 201 66.34 55.14 13.03
N GLY C 202 66.38 56.45 12.82
CA GLY C 202 65.62 57.40 13.62
C GLY C 202 64.11 57.19 13.52
N GLU C 203 63.58 56.94 12.32
CA GLU C 203 62.16 56.61 12.13
C GLU C 203 61.85 55.24 12.77
N LEU C 204 62.65 54.19 12.54
CA LEU C 204 62.33 52.85 13.04
C LEU C 204 62.46 52.73 14.57
N LYS C 205 63.43 53.38 15.20
CA LYS C 205 63.51 53.53 16.66
C LYS C 205 62.23 54.16 17.19
N THR C 206 61.83 55.29 16.60
CA THR C 206 60.61 56.03 16.97
C THR C 206 59.37 55.15 16.79
N GLN C 207 59.28 54.40 15.68
CA GLN C 207 58.15 53.55 15.36
C GLN C 207 58.06 52.29 16.26
N MET C 208 59.18 51.65 16.61
CA MET C 208 59.20 50.47 17.51
C MET C 208 59.08 50.79 19.00
N THR C 209 59.65 51.92 19.44
CA THR C 209 59.84 52.20 20.88
C THR C 209 58.92 53.31 21.43
N SER C 210 58.06 53.95 20.62
CA SER C 210 57.13 55.01 21.09
C SER C 210 56.11 54.50 22.11
N ALA C 211 55.91 55.29 23.15
CA ALA C 211 54.93 55.00 24.18
C ALA C 211 53.52 55.47 23.80
N VAL C 212 53.38 56.55 23.02
CA VAL C 212 52.10 57.25 22.82
C VAL C 212 51.11 56.53 21.90
N ARG C 213 51.58 55.62 21.05
CA ARG C 213 50.81 54.93 20.01
C ARG C 213 51.31 53.49 19.81
N GLU C 214 50.41 52.60 19.37
CA GLU C 214 50.82 51.32 18.78
C GLU C 214 51.49 51.54 17.42
N PRO C 215 52.40 50.66 16.97
CA PRO C 215 53.14 50.87 15.73
C PRO C 215 52.23 50.86 14.48
N LYS C 216 52.53 51.74 13.51
CA LYS C 216 51.99 51.71 12.14
C LYS C 216 52.68 50.60 11.34
N LEU C 217 52.19 49.37 11.50
CA LEU C 217 52.76 48.17 10.89
C LEU C 217 53.20 48.34 9.42
N PRO C 218 52.41 48.93 8.49
CA PRO C 218 52.87 49.19 7.13
C PRO C 218 54.18 50.00 7.05
N VAL C 219 54.27 51.08 7.84
CA VAL C 219 55.44 51.97 7.81
C VAL C 219 56.68 51.25 8.34
N LEU C 220 56.53 50.52 9.47
CA LEU C 220 57.59 49.68 10.04
C LEU C 220 58.10 48.67 9.01
N ALA C 221 57.19 48.00 8.31
CA ALA C 221 57.55 47.07 7.26
C ALA C 221 58.29 47.76 6.09
N GLY C 222 57.80 48.91 5.64
CA GLY C 222 58.48 49.72 4.63
C GLY C 222 59.94 50.05 4.98
N CYS C 223 60.23 50.39 6.24
CA CYS C 223 61.59 50.64 6.71
C CYS C 223 62.48 49.39 6.62
N LEU C 224 62.03 48.26 7.16
CA LEU C 224 62.81 47.02 7.12
C LEU C 224 63.05 46.54 5.68
N LYS C 225 62.03 46.68 4.82
CA LYS C 225 62.17 46.39 3.39
C LYS C 225 63.21 47.32 2.73
N GLY C 226 63.10 48.65 2.84
CA GLY C 226 64.08 49.54 2.20
C GLY C 226 65.51 49.35 2.71
N LEU C 227 65.64 49.21 4.02
CA LEU C 227 66.90 48.91 4.70
C LEU C 227 67.59 47.65 4.17
N SER C 228 66.81 46.66 3.77
CA SER C 228 67.36 45.44 3.21
C SER C 228 68.04 45.59 1.85
N SER C 229 67.66 46.60 1.08
CA SER C 229 68.40 46.97 -0.11
C SER C 229 69.57 47.88 0.22
N LEU C 230 69.37 48.83 1.14
CA LEU C 230 70.38 49.81 1.55
C LEU C 230 71.70 49.15 1.96
N LEU C 231 71.64 48.13 2.81
CA LEU C 231 72.81 47.41 3.34
C LEU C 231 73.62 46.62 2.30
N CYS C 232 73.13 46.46 1.06
CA CYS C 232 73.82 45.66 0.03
C CYS C 232 75.09 46.34 -0.47
N ASN C 233 75.01 47.65 -0.68
CA ASN C 233 76.16 48.56 -0.67
C ASN C 233 76.31 49.19 0.75
N PHE C 234 77.17 50.20 0.95
CA PHE C 234 77.18 51.02 2.19
C PHE C 234 77.17 50.20 3.50
N THR C 235 77.98 49.14 3.55
CA THR C 235 77.95 48.12 4.60
C THR C 235 78.24 48.65 6.00
N LYS C 236 77.34 48.33 6.93
CA LYS C 236 77.44 48.57 8.38
C LYS C 236 77.82 47.26 9.07
N SER C 237 78.89 46.65 8.56
CA SER C 237 79.48 45.42 9.06
C SER C 237 80.33 45.72 10.29
N MET C 238 80.13 44.95 11.35
CA MET C 238 80.60 45.19 12.73
C MET C 238 82.11 45.52 12.93
N GLU C 239 82.99 45.23 11.97
CA GLU C 239 84.39 45.73 11.92
C GLU C 239 84.50 47.25 12.13
N GLU C 240 83.54 48.01 11.60
CA GLU C 240 83.48 49.47 11.67
C GLU C 240 82.03 49.90 11.89
N ASP C 241 81.83 51.09 12.44
CA ASP C 241 80.50 51.49 12.94
C ASP C 241 79.81 50.41 13.85
N PRO C 242 80.42 50.04 15.00
CA PRO C 242 79.90 48.99 15.89
C PRO C 242 78.59 49.37 16.57
N GLN C 243 78.39 50.66 16.90
CA GLN C 243 77.16 51.12 17.53
C GLN C 243 75.96 51.04 16.58
N THR C 244 76.01 51.65 15.39
CA THR C 244 74.87 51.56 14.45
C THR C 244 74.59 50.11 14.05
N SER C 245 75.61 49.29 13.79
CA SER C 245 75.42 47.88 13.44
C SER C 245 74.77 47.05 14.56
N ARG C 246 75.06 47.35 15.84
CA ARG C 246 74.34 46.77 16.99
C ARG C 246 72.87 47.23 17.02
N GLU C 247 72.61 48.52 16.77
CA GLU C 247 71.26 49.09 16.76
C GLU C 247 70.39 48.45 15.67
N ILE C 248 70.94 48.25 14.47
CA ILE C 248 70.24 47.53 13.40
C ILE C 248 69.93 46.09 13.84
N PHE C 249 70.90 45.40 14.44
CA PHE C 249 70.72 44.02 14.87
C PHE C 249 69.65 43.86 15.97
N ASN C 250 69.71 44.65 17.05
CA ASN C 250 68.71 44.50 18.11
C ASN C 250 67.31 45.07 17.73
N PHE C 251 67.16 45.93 16.71
CA PHE C 251 65.85 46.16 16.07
C PHE C 251 65.42 44.96 15.23
N VAL C 252 66.32 44.24 14.55
CA VAL C 252 65.98 42.95 13.91
C VAL C 252 65.52 41.91 14.93
N LEU C 253 66.16 41.78 16.10
CA LEU C 253 65.61 40.97 17.20
C LEU C 253 64.21 41.45 17.61
N LYS C 254 63.95 42.77 17.74
CA LYS C 254 62.60 43.33 18.03
C LYS C 254 61.54 42.99 16.97
N ALA C 255 61.91 42.93 15.69
CA ALA C 255 61.02 42.53 14.62
C ALA C 255 60.81 40.99 14.56
N ILE C 256 61.88 40.20 14.74
CA ILE C 256 61.91 38.75 14.55
C ILE C 256 61.27 37.99 15.70
N ARG C 257 61.51 38.39 16.96
CA ARG C 257 60.96 37.70 18.14
C ARG C 257 59.42 37.82 18.16
N PRO C 258 58.67 36.71 18.30
CA PRO C 258 57.24 36.74 18.56
C PRO C 258 57.00 37.05 20.06
N GLN C 259 57.41 38.26 20.48
CA GLN C 259 57.35 38.77 21.86
C GLN C 259 55.90 38.82 22.39
N ILE C 260 54.98 39.07 21.46
CA ILE C 260 53.58 38.65 21.46
C ILE C 260 53.25 38.35 19.99
N ASP C 261 52.27 37.49 19.72
CA ASP C 261 51.87 37.10 18.36
C ASP C 261 51.05 38.20 17.65
N LEU C 262 51.42 38.59 16.42
CA LEU C 262 50.57 39.41 15.53
C LEU C 262 49.50 38.55 14.84
N LYS C 263 48.34 39.10 14.43
CA LYS C 263 47.40 38.39 13.52
C LYS C 263 47.59 38.71 12.02
N ARG C 264 48.53 39.58 11.67
CA ARG C 264 49.17 39.70 10.33
C ARG C 264 50.68 39.87 10.47
N TYR C 265 51.46 39.26 9.59
CA TYR C 265 52.91 39.05 9.77
C TYR C 265 53.77 39.79 8.76
N ALA C 266 53.29 40.88 8.13
CA ALA C 266 54.13 41.67 7.24
C ALA C 266 55.43 42.17 7.93
N VAL C 267 55.38 42.44 9.25
CA VAL C 267 56.52 42.88 10.06
C VAL C 267 57.62 41.82 10.26
N PRO C 268 57.32 40.63 10.81
CA PRO C 268 58.25 39.49 10.79
C PRO C 268 58.73 39.15 9.38
N SER C 269 57.83 39.11 8.40
CA SER C 269 58.13 38.79 7.00
C SER C 269 59.21 39.68 6.39
N ALA C 270 59.15 40.99 6.67
CA ALA C 270 60.19 41.94 6.28
C ALA C 270 61.47 41.84 7.12
N GLY C 271 61.36 41.62 8.44
CA GLY C 271 62.53 41.43 9.30
C GLY C 271 63.36 40.20 8.92
N LEU C 272 62.70 39.13 8.45
CA LEU C 272 63.34 37.90 7.99
C LEU C 272 64.14 38.07 6.70
N ARG C 273 63.59 38.77 5.72
CA ARG C 273 64.34 39.05 4.49
C ARG C 273 65.59 39.89 4.76
N LEU C 274 65.49 40.91 5.63
CA LEU C 274 66.63 41.71 6.11
C LEU C 274 67.71 40.86 6.77
N PHE C 275 67.32 40.03 7.74
CA PHE C 275 68.23 39.12 8.40
C PHE C 275 68.88 38.13 7.41
N ALA C 276 68.11 37.61 6.45
CA ALA C 276 68.62 36.65 5.48
C ALA C 276 69.71 37.21 4.55
N LEU C 277 69.52 38.41 4.01
CA LEU C 277 70.51 38.99 3.10
C LEU C 277 71.71 39.61 3.84
N HIS C 278 71.58 39.94 5.13
CA HIS C 278 72.58 40.74 5.86
C HIS C 278 73.06 40.20 7.19
N ALA C 279 72.89 38.91 7.42
CA ALA C 279 73.50 38.30 8.58
C ALA C 279 75.04 38.50 8.63
N SER C 280 75.70 38.57 7.47
CA SER C 280 77.09 39.00 7.30
C SER C 280 77.44 40.32 8.00
N GLN C 281 76.47 41.24 8.10
CA GLN C 281 76.64 42.55 8.73
C GLN C 281 76.70 42.48 10.27
N PHE C 282 76.06 41.48 10.89
CA PHE C 282 75.77 41.49 12.33
C PHE C 282 76.34 40.26 13.09
N SER C 283 77.37 39.63 12.53
CA SER C 283 77.74 38.24 12.85
C SER C 283 78.24 37.97 14.27
N THR C 284 78.92 38.91 14.93
CA THR C 284 79.31 38.71 16.33
C THR C 284 78.07 38.52 17.20
N CYS C 285 76.98 39.23 16.88
CA CYS C 285 75.69 39.10 17.54
C CYS C 285 75.03 37.74 17.27
N LEU C 286 75.26 37.15 16.10
CA LEU C 286 74.82 35.78 15.81
C LEU C 286 75.45 34.79 16.79
N LEU C 287 76.68 35.00 17.28
CA LEU C 287 77.28 34.11 18.26
C LEU C 287 76.98 34.52 19.71
N ASP C 288 76.54 35.76 19.93
CA ASP C 288 75.98 36.19 21.22
C ASP C 288 74.61 35.56 21.47
N ASN C 289 73.63 35.85 20.61
CA ASN C 289 72.21 35.52 20.83
C ASN C 289 71.82 34.12 20.29
N TYR C 290 72.81 33.25 20.05
CA TYR C 290 72.73 32.16 19.06
C TYR C 290 71.54 31.18 19.24
N VAL C 291 71.27 30.69 20.46
CA VAL C 291 70.14 29.75 20.67
C VAL C 291 68.79 30.43 20.43
N SER C 292 68.54 31.63 20.98
CA SER C 292 67.28 32.37 20.75
C SER C 292 67.02 32.64 19.27
N LEU C 293 68.08 32.93 18.49
CA LEU C 293 68.00 33.09 17.05
C LEU C 293 67.54 31.79 16.39
N PHE C 294 68.23 30.67 16.60
CA PHE C 294 67.83 29.41 15.95
C PHE C 294 66.48 28.87 16.44
N GLU C 295 66.13 29.04 17.73
CA GLU C 295 64.80 28.72 18.28
C GLU C 295 63.68 29.48 17.55
N VAL C 296 63.75 30.81 17.49
CA VAL C 296 62.71 31.64 16.85
C VAL C 296 62.67 31.38 15.34
N LEU C 297 63.82 31.26 14.68
CA LEU C 297 63.88 30.99 13.25
C LEU C 297 63.26 29.64 12.90
N LEU C 298 63.63 28.58 13.61
CA LEU C 298 62.99 27.28 13.53
C LEU C 298 61.48 27.36 13.80
N LYS C 299 61.02 28.10 14.83
CA LYS C 299 59.59 28.28 15.12
C LYS C 299 58.84 28.90 13.95
N TRP C 300 59.31 29.99 13.34
CA TRP C 300 58.64 30.54 12.15
C TRP C 300 58.42 29.49 11.05
N CYS C 301 59.28 28.49 10.93
CA CYS C 301 59.16 27.44 9.92
C CYS C 301 57.91 26.58 10.06
N ALA C 302 57.37 26.49 11.28
CA ALA C 302 56.12 25.80 11.54
C ALA C 302 54.85 26.59 11.14
N HIS C 303 55.02 27.91 10.98
CA HIS C 303 53.97 28.93 11.02
C HIS C 303 53.42 29.12 9.60
N THR C 304 52.12 28.89 9.40
CA THR C 304 51.64 28.43 8.09
C THR C 304 51.25 29.48 7.03
N ASN C 305 51.48 30.80 7.17
CA ASN C 305 51.40 31.65 5.98
C ASN C 305 52.44 31.21 5.01
N VAL C 306 52.05 31.05 3.74
CA VAL C 306 53.10 30.47 2.86
C VAL C 306 54.30 31.42 2.63
N GLU C 307 54.09 32.70 2.36
CA GLU C 307 55.23 33.59 2.12
C GLU C 307 56.03 33.86 3.39
N LEU C 308 55.35 33.92 4.54
CA LEU C 308 56.03 33.93 5.82
C LEU C 308 56.95 32.73 5.94
N LYS C 309 56.43 31.54 5.64
CA LYS C 309 57.17 30.30 5.68
C LYS C 309 58.39 30.34 4.74
N LYS C 310 58.25 30.79 3.50
CA LYS C 310 59.39 30.92 2.57
C LYS C 310 60.43 31.95 3.06
N ALA C 311 59.98 33.08 3.61
CA ALA C 311 60.84 34.10 4.21
C ALA C 311 61.57 33.58 5.45
N ALA C 312 60.88 32.82 6.32
CA ALA C 312 61.42 32.14 7.48
C ALA C 312 62.60 31.28 7.08
N LEU C 313 62.33 30.36 6.17
CA LEU C 313 63.20 29.26 5.83
C LEU C 313 64.49 29.73 5.16
N SER C 314 64.38 30.64 4.19
CA SER C 314 65.54 31.24 3.52
C SER C 314 66.48 32.03 4.46
N ALA C 315 66.00 32.44 5.64
CA ALA C 315 66.83 33.09 6.66
C ALA C 315 67.72 32.11 7.47
N LEU C 316 67.29 30.86 7.72
CA LEU C 316 68.14 29.90 8.42
C LEU C 316 69.40 29.54 7.62
N GLU C 317 69.26 29.34 6.31
CA GLU C 317 70.37 29.03 5.42
C GLU C 317 71.50 30.06 5.55
N SER C 318 71.14 31.34 5.45
CA SER C 318 72.10 32.44 5.54
C SER C 318 72.66 32.61 6.97
N PHE C 319 71.85 32.37 7.98
CA PHE C 319 72.29 32.37 9.38
C PHE C 319 73.42 31.35 9.59
N LEU C 320 73.19 30.09 9.23
CA LEU C 320 74.23 29.06 9.23
C LEU C 320 75.43 29.42 8.29
N LYS C 321 75.18 30.04 7.12
CA LYS C 321 76.23 30.54 6.20
C LYS C 321 77.17 31.48 6.93
N GLN C 322 76.65 32.53 7.55
CA GLN C 322 77.48 33.49 8.26
C GLN C 322 78.19 32.86 9.45
N VAL C 323 77.47 32.05 10.22
CA VAL C 323 78.06 31.37 11.38
C VAL C 323 79.20 30.44 10.96
N SER C 324 79.14 29.80 9.79
CA SER C 324 80.27 29.05 9.25
C SER C 324 81.53 29.90 9.00
N ASN C 325 81.40 31.06 8.37
CA ASN C 325 82.51 32.00 8.11
C ASN C 325 83.12 32.50 9.43
N MET C 326 82.32 32.58 10.49
CA MET C 326 82.77 33.01 11.80
C MET C 326 83.78 32.04 12.45
N VAL C 327 83.82 30.77 12.03
CA VAL C 327 84.79 29.76 12.52
C VAL C 327 85.57 29.03 11.40
N ALA C 328 85.41 29.43 10.13
CA ALA C 328 86.36 29.16 9.04
C ALA C 328 87.77 29.75 9.29
N LYS C 329 87.83 30.81 10.11
CA LYS C 329 89.01 31.53 10.59
C LYS C 329 88.92 31.84 12.11
N ASN C 330 88.53 30.85 12.94
CA ASN C 330 88.60 30.94 14.41
C ASN C 330 89.04 29.62 15.10
N ALA C 331 89.51 29.76 16.34
CA ALA C 331 90.04 28.71 17.20
C ALA C 331 88.98 27.69 17.71
N GLU C 332 89.46 26.80 18.58
CA GLU C 332 88.72 25.74 19.28
C GLU C 332 87.58 26.24 20.20
N MET C 333 87.53 27.53 20.55
CA MET C 333 86.52 28.09 21.48
C MET C 333 85.07 27.73 21.14
N HIS C 334 84.78 27.47 19.86
CA HIS C 334 83.43 27.26 19.34
C HIS C 334 83.01 25.79 19.17
N LYS C 335 83.76 24.81 19.66
CA LYS C 335 83.30 23.40 19.70
C LYS C 335 81.92 23.30 20.36
N ASN C 336 81.69 23.99 21.48
CA ASN C 336 80.39 24.08 22.15
C ASN C 336 79.23 24.53 21.21
N LYS C 337 79.46 25.57 20.42
CA LYS C 337 78.49 26.02 19.40
C LYS C 337 78.32 25.00 18.28
N LEU C 338 79.41 24.49 17.70
CA LEU C 338 79.35 23.49 16.62
C LEU C 338 78.63 22.22 17.03
N GLN C 339 78.84 21.78 18.27
CA GLN C 339 78.09 20.69 18.87
C GLN C 339 76.57 20.98 18.79
N TYR C 340 76.09 22.16 19.20
CA TYR C 340 74.66 22.47 19.13
C TYR C 340 74.12 22.35 17.69
N PHE C 341 74.83 22.89 16.68
CA PHE C 341 74.39 22.83 15.28
C PHE C 341 74.50 21.44 14.67
N MET C 342 75.62 20.76 14.85
CA MET C 342 75.81 19.40 14.35
C MET C 342 74.90 18.40 15.04
N GLU C 343 74.42 18.68 16.26
CA GLU C 343 73.31 17.93 16.85
C GLU C 343 72.00 18.28 16.17
N GLN C 344 71.54 19.53 16.36
CA GLN C 344 70.11 19.76 16.32
C GLN C 344 69.54 19.61 14.92
N PHE C 345 70.06 20.32 13.92
CA PHE C 345 69.49 20.24 12.58
C PHE C 345 69.72 18.85 11.96
N TYR C 346 70.77 18.12 12.35
CA TYR C 346 70.93 16.71 11.98
C TYR C 346 69.78 15.87 12.56
N GLY C 347 69.40 16.10 13.83
CA GLY C 347 68.24 15.44 14.46
C GLY C 347 66.91 15.70 13.74
N ILE C 348 66.77 16.85 13.11
CA ILE C 348 65.66 17.17 12.20
C ILE C 348 65.81 16.41 10.88
N ILE C 349 66.93 16.55 10.17
CA ILE C 349 67.11 15.92 8.84
C ILE C 349 66.84 14.41 8.91
N ARG C 350 67.41 13.76 9.91
CA ARG C 350 67.36 12.30 10.05
C ARG C 350 65.97 11.74 10.42
N ASN C 351 64.95 12.59 10.65
CA ASN C 351 63.62 12.23 11.19
C ASN C 351 62.36 12.94 10.59
N VAL C 352 62.41 14.23 10.28
CA VAL C 352 61.21 15.11 10.33
C VAL C 352 60.15 14.88 9.23
N ASP C 353 58.89 14.91 9.66
CA ASP C 353 57.69 14.93 8.82
C ASP C 353 57.25 16.38 8.53
N SER C 354 58.05 17.12 7.78
CA SER C 354 57.77 18.53 7.45
C SER C 354 58.18 18.93 6.03
N ASN C 355 57.87 20.17 5.62
CA ASN C 355 58.07 20.66 4.24
C ASN C 355 59.53 20.60 3.75
N ASN C 356 59.70 20.47 2.42
CA ASN C 356 61.00 20.41 1.75
C ASN C 356 61.90 21.60 2.02
N LYS C 357 61.32 22.75 2.37
CA LYS C 357 62.09 23.93 2.79
C LYS C 357 62.80 23.69 4.12
N GLU C 358 62.11 23.41 5.23
CA GLU C 358 62.73 23.09 6.55
C GLU C 358 63.86 22.06 6.41
N LEU C 359 63.59 20.98 5.69
CA LEU C 359 64.50 19.82 5.55
C LEU C 359 65.69 20.05 4.62
N SER C 360 65.51 20.66 3.43
CA SER C 360 66.62 20.94 2.49
C SER C 360 67.57 22.04 2.98
N ILE C 361 67.13 22.94 3.86
CA ILE C 361 68.00 23.86 4.59
C ILE C 361 68.96 23.10 5.48
N ALA C 362 68.46 22.12 6.23
CA ALA C 362 69.29 21.46 7.20
C ALA C 362 70.37 20.62 6.48
N ILE C 363 70.03 20.07 5.30
CA ILE C 363 71.04 19.65 4.32
C ILE C 363 71.96 20.80 3.88
N ARG C 364 71.47 22.03 3.57
CA ARG C 364 72.39 23.13 3.23
C ARG C 364 73.36 23.37 4.40
N GLY C 365 72.83 23.40 5.62
CA GLY C 365 73.56 23.49 6.89
C GLY C 365 74.74 22.54 6.97
N TYR C 366 74.48 21.24 6.80
CA TYR C 366 75.52 20.26 7.00
C TYR C 366 76.69 20.38 6.02
N GLY C 367 76.42 20.89 4.81
CA GLY C 367 77.46 21.17 3.81
C GLY C 367 78.50 22.19 4.29
N LEU C 368 77.98 23.27 4.87
CA LEU C 368 78.74 24.47 5.21
C LEU C 368 79.82 24.25 6.27
N PHE C 369 79.53 23.41 7.25
CA PHE C 369 80.36 23.23 8.44
C PHE C 369 81.65 22.44 8.20
N ALA C 370 81.93 21.96 6.99
CA ALA C 370 83.19 21.29 6.67
C ALA C 370 84.40 22.20 6.90
N GLY C 371 84.38 23.41 6.35
CA GLY C 371 85.50 24.37 6.50
C GLY C 371 85.79 24.79 7.96
N PRO C 372 84.75 24.94 8.82
CA PRO C 372 84.90 24.92 10.28
C PRO C 372 85.52 23.63 10.86
N CYS C 373 84.95 22.48 10.53
CA CYS C 373 85.23 21.22 11.24
C CYS C 373 86.59 20.61 10.89
N LYS C 374 87.11 20.82 9.68
CA LYS C 374 88.48 20.42 9.30
C LYS C 374 89.53 20.93 10.32
N VAL C 375 89.28 22.10 10.95
CA VAL C 375 90.20 22.79 11.86
C VAL C 375 90.43 22.03 13.17
N ILE C 376 89.45 21.27 13.66
CA ILE C 376 89.64 20.40 14.85
C ILE C 376 90.03 18.97 14.48
N ASN C 377 89.55 18.46 13.33
CA ASN C 377 89.84 17.10 12.90
C ASN C 377 89.50 16.86 11.42
N ALA C 378 90.53 16.55 10.60
CA ALA C 378 90.35 16.06 9.23
C ALA C 378 89.52 14.77 9.15
N LYS C 379 89.64 13.85 10.13
CA LYS C 379 88.91 12.58 10.18
C LYS C 379 87.45 12.69 10.68
N ASP C 380 86.89 13.90 10.72
CA ASP C 380 85.42 14.09 10.74
C ASP C 380 84.89 14.63 9.38
N VAL C 381 85.79 15.11 8.51
CA VAL C 381 85.49 15.71 7.21
C VAL C 381 85.01 14.67 6.19
N ASP C 382 85.67 13.52 6.12
CA ASP C 382 85.23 12.38 5.32
C ASP C 382 83.92 11.81 5.82
N PHE C 383 83.80 11.57 7.13
CA PHE C 383 82.57 11.00 7.67
C PHE C 383 81.38 11.90 7.46
N MET C 384 81.50 13.22 7.46
CA MET C 384 80.37 14.03 7.02
C MET C 384 80.05 13.89 5.51
N TYR C 385 80.99 13.58 4.63
CA TYR C 385 80.66 13.25 3.23
C TYR C 385 80.00 11.86 3.17
N VAL C 386 80.54 10.88 3.88
CA VAL C 386 79.96 9.54 4.01
C VAL C 386 78.52 9.65 4.50
N GLU C 387 78.27 10.46 5.51
CA GLU C 387 76.94 10.67 6.06
C GLU C 387 76.00 11.52 5.18
N LEU C 388 76.49 12.47 4.35
CA LEU C 388 75.68 13.14 3.35
C LEU C 388 75.15 12.14 2.33
N ILE C 389 76.01 11.32 1.72
CA ILE C 389 75.52 10.33 0.75
C ILE C 389 74.73 9.19 1.45
N GLN C 390 75.13 8.75 2.64
CA GLN C 390 74.34 7.79 3.42
C GLN C 390 73.11 8.41 4.15
N ARG C 391 72.87 9.73 3.97
CA ARG C 391 71.58 10.42 4.12
C ARG C 391 70.78 10.52 2.81
N CYS C 392 71.42 10.50 1.62
CA CYS C 392 70.72 10.62 0.33
C CYS C 392 69.75 9.48 0.11
N LYS C 393 70.11 8.27 0.56
CA LYS C 393 69.16 7.15 0.59
C LYS C 393 67.85 7.45 1.37
N GLN C 394 67.78 8.49 2.25
CA GLN C 394 66.50 8.75 2.92
C GLN C 394 65.84 10.09 2.52
N MET C 395 66.59 11.01 1.90
CA MET C 395 66.01 12.10 1.14
C MET C 395 65.30 11.58 -0.13
N PHE C 396 65.79 10.50 -0.74
CA PHE C 396 65.04 9.69 -1.70
C PHE C 396 63.70 9.20 -1.13
N LEU C 397 63.76 8.57 0.06
CA LEU C 397 62.74 7.69 0.63
C LEU C 397 61.64 8.46 1.39
N THR C 398 60.99 9.41 0.69
CA THR C 398 59.89 10.27 1.19
C THR C 398 58.56 9.53 1.41
N GLN C 399 58.45 8.28 0.93
CA GLN C 399 57.29 7.42 0.98
C GLN C 399 56.06 8.07 0.31
N THR C 400 56.03 7.99 -1.03
CA THR C 400 54.99 8.53 -1.94
C THR C 400 54.62 9.98 -1.63
N ASP C 401 55.55 10.88 -1.88
CA ASP C 401 55.40 12.32 -1.66
C ASP C 401 55.27 13.12 -2.97
N THR C 402 54.25 12.79 -3.75
CA THR C 402 54.12 13.16 -5.16
C THR C 402 54.20 14.67 -5.42
N GLY C 403 55.01 15.08 -6.39
CA GLY C 403 54.98 16.43 -6.98
C GLY C 403 55.58 17.54 -6.12
N ASP C 404 56.22 17.21 -4.99
CA ASP C 404 56.84 18.18 -4.09
C ASP C 404 58.33 17.92 -3.86
N ASP C 405 58.74 16.66 -3.72
CA ASP C 405 60.07 16.33 -3.21
C ASP C 405 61.22 16.61 -4.20
N ARG C 406 61.28 15.98 -5.38
CA ARG C 406 62.29 16.34 -6.40
C ARG C 406 62.31 17.86 -6.69
N VAL C 407 61.26 18.68 -6.52
CA VAL C 407 61.36 20.10 -6.96
C VAL C 407 62.33 20.94 -6.10
N TYR C 408 62.78 20.47 -4.93
CA TYR C 408 63.88 21.08 -4.17
C TYR C 408 64.84 20.11 -3.45
N GLN C 409 64.55 18.80 -3.40
CA GLN C 409 65.27 17.84 -2.56
C GLN C 409 66.73 17.57 -2.99
N MET C 410 66.99 16.91 -4.12
CA MET C 410 68.32 16.47 -4.55
C MET C 410 69.35 17.54 -4.89
N PRO C 411 69.07 18.74 -5.43
CA PRO C 411 70.13 19.74 -5.61
C PRO C 411 70.81 20.09 -4.28
N SER C 412 70.06 20.06 -3.17
CA SER C 412 70.64 20.31 -1.85
C SER C 412 71.69 19.25 -1.47
N PHE C 413 71.59 18.01 -1.94
CA PHE C 413 72.61 16.99 -1.68
C PHE C 413 73.96 17.42 -2.28
N LEU C 414 73.92 17.98 -3.48
CA LEU C 414 75.11 18.39 -4.21
C LEU C 414 75.62 19.77 -3.78
N GLN C 415 74.73 20.67 -3.36
CA GLN C 415 75.09 22.00 -2.83
C GLN C 415 75.60 21.96 -1.36
N SER C 416 75.91 20.77 -0.84
CA SER C 416 76.41 20.50 0.51
C SER C 416 77.58 19.50 0.54
N VAL C 417 78.37 19.35 -0.54
CA VAL C 417 79.40 18.29 -0.66
C VAL C 417 80.71 18.68 -1.37
N ALA C 418 80.93 19.95 -1.73
CA ALA C 418 82.24 20.43 -2.22
C ALA C 418 83.20 20.85 -1.09
N SER C 419 82.65 21.49 -0.07
CA SER C 419 83.30 21.99 1.15
C SER C 419 84.04 20.93 1.95
N VAL C 420 83.65 19.67 1.83
CA VAL C 420 84.27 18.51 2.47
C VAL C 420 85.54 18.02 1.76
N LEU C 421 85.97 18.70 0.69
CA LEU C 421 87.17 18.31 -0.08
C LEU C 421 87.93 19.51 -0.64
N LEU C 422 87.29 20.67 -0.86
CA LEU C 422 87.87 21.85 -1.50
C LEU C 422 89.30 22.24 -1.05
N TYR C 423 89.63 22.09 0.25
CA TYR C 423 90.95 22.40 0.80
C TYR C 423 91.83 21.17 1.17
N LEU C 424 91.35 19.94 0.95
CA LEU C 424 91.97 18.68 1.37
C LEU C 424 92.77 17.98 0.24
N ASP C 425 93.42 16.84 0.49
CA ASP C 425 93.90 15.90 -0.55
C ASP C 425 94.14 14.45 -0.06
N THR C 426 93.42 13.96 0.98
CA THR C 426 93.83 12.77 1.75
C THR C 426 93.29 11.40 1.30
N VAL C 427 92.09 11.30 0.71
CA VAL C 427 91.27 10.06 0.80
C VAL C 427 90.77 9.47 -0.56
N PRO C 428 90.69 8.13 -0.75
CA PRO C 428 90.27 7.51 -2.03
C PRO C 428 88.76 7.20 -2.08
N GLU C 429 88.11 7.07 -3.27
CA GLU C 429 86.68 7.38 -3.38
C GLU C 429 85.69 6.56 -4.27
N VAL C 430 84.95 5.62 -3.65
CA VAL C 430 83.68 4.91 -4.06
C VAL C 430 82.55 5.82 -4.50
N TYR C 431 82.57 6.96 -3.87
CA TYR C 431 81.78 8.16 -4.05
C TYR C 431 81.86 8.74 -5.45
N THR C 432 82.97 8.50 -6.14
CA THR C 432 83.11 8.91 -7.55
C THR C 432 82.26 7.97 -8.44
N PRO C 433 82.41 6.63 -8.44
CA PRO C 433 81.51 5.77 -9.19
C PRO C 433 80.06 5.92 -8.78
N VAL C 434 79.77 5.93 -7.47
CA VAL C 434 78.41 6.17 -6.97
C VAL C 434 77.93 7.57 -7.35
N LEU C 435 78.80 8.50 -7.78
CA LEU C 435 78.32 9.76 -8.34
C LEU C 435 77.46 9.53 -9.58
N GLU C 436 77.59 8.42 -10.32
CA GLU C 436 76.60 8.03 -11.33
C GLU C 436 75.17 8.07 -10.79
N HIS C 437 74.95 7.61 -9.55
CA HIS C 437 73.65 7.66 -8.88
C HIS C 437 73.13 9.09 -8.84
N LEU C 438 73.96 10.04 -8.43
CA LEU C 438 73.56 11.44 -8.39
C LEU C 438 73.49 12.05 -9.79
N VAL C 439 74.43 11.76 -10.69
CA VAL C 439 74.46 12.27 -12.08
C VAL C 439 73.17 11.92 -12.80
N VAL C 440 72.87 10.63 -12.91
CA VAL C 440 71.69 10.19 -13.65
C VAL C 440 70.43 10.72 -12.96
N MET C 441 70.32 10.60 -11.62
CA MET C 441 69.16 11.09 -10.87
C MET C 441 68.92 12.55 -11.16
N GLN C 442 69.96 13.35 -10.99
CA GLN C 442 69.92 14.79 -11.10
C GLN C 442 69.56 15.28 -12.51
N ILE C 443 70.12 14.64 -13.54
CA ILE C 443 69.99 15.07 -14.94
C ILE C 443 68.70 14.53 -15.57
N ASP C 444 68.26 13.33 -15.16
CA ASP C 444 66.91 12.81 -15.45
C ASP C 444 65.80 13.74 -14.97
N SER C 445 65.96 14.36 -13.79
CA SER C 445 64.96 15.25 -13.21
C SER C 445 65.00 16.69 -13.76
N PHE C 446 65.96 17.03 -14.64
CA PHE C 446 66.02 18.35 -15.30
C PHE C 446 64.70 18.77 -15.98
N PRO C 447 63.98 17.92 -16.74
CA PRO C 447 62.67 18.25 -17.30
C PRO C 447 61.49 18.12 -16.30
N GLN C 448 61.72 17.51 -15.13
CA GLN C 448 60.65 17.20 -14.16
C GLN C 448 60.25 18.39 -13.29
N TYR C 449 61.16 19.33 -13.02
CA TYR C 449 60.85 20.59 -12.37
C TYR C 449 60.09 21.57 -13.30
N SER C 450 59.68 22.70 -12.73
CA SER C 450 59.52 23.96 -13.44
C SER C 450 60.90 24.47 -13.90
N PRO C 451 61.00 25.26 -14.98
CA PRO C 451 62.26 25.43 -15.70
C PRO C 451 63.41 26.01 -14.86
N LYS C 452 63.17 27.09 -14.09
CA LYS C 452 64.22 27.89 -13.42
C LYS C 452 65.13 27.07 -12.50
N MET C 453 64.57 26.02 -11.89
CA MET C 453 65.30 25.06 -11.06
C MET C 453 66.41 24.30 -11.83
N GLN C 454 66.37 24.24 -13.17
CA GLN C 454 67.41 23.63 -14.01
C GLN C 454 68.79 24.30 -13.85
N LEU C 455 68.85 25.61 -13.65
CA LEU C 455 70.10 26.32 -13.37
C LEU C 455 70.71 25.84 -12.04
N VAL C 456 69.87 25.62 -11.04
CA VAL C 456 70.29 25.08 -9.73
C VAL C 456 70.78 23.64 -9.88
N CYS C 457 70.18 22.82 -10.74
CA CYS C 457 70.70 21.49 -11.04
C CYS C 457 72.07 21.55 -11.71
N CYS C 458 72.30 22.42 -12.69
CA CYS C 458 73.65 22.65 -13.23
C CYS C 458 74.58 23.11 -12.10
N ARG C 459 74.16 23.96 -11.16
CA ARG C 459 75.01 24.40 -10.03
C ARG C 459 75.40 23.25 -9.11
N ALA C 460 74.45 22.38 -8.80
CA ALA C 460 74.67 21.16 -8.07
C ALA C 460 75.73 20.28 -8.76
N ILE C 461 75.52 19.95 -10.03
CA ILE C 461 76.36 18.95 -10.72
C ILE C 461 77.66 19.55 -11.20
N VAL C 462 77.73 20.88 -11.32
CA VAL C 462 78.99 21.60 -11.51
C VAL C 462 79.84 21.49 -10.23
N LYS C 463 79.31 21.88 -9.06
CA LYS C 463 80.07 21.89 -7.79
C LYS C 463 80.71 20.54 -7.48
N VAL C 464 80.01 19.42 -7.73
CA VAL C 464 80.56 18.11 -7.40
C VAL C 464 81.70 17.66 -8.33
N PHE C 465 81.92 18.27 -9.48
CA PHE C 465 83.13 18.03 -10.27
C PHE C 465 84.33 18.82 -9.73
N LEU C 466 84.16 20.03 -9.22
CA LEU C 466 85.27 20.77 -8.58
C LEU C 466 85.80 20.07 -7.33
N ALA C 467 84.87 19.51 -6.56
CA ALA C 467 85.18 18.75 -5.38
C ALA C 467 86.17 17.64 -5.73
N LEU C 468 85.86 16.80 -6.72
CA LEU C 468 86.75 15.69 -7.12
C LEU C 468 88.13 16.19 -7.55
N ALA C 469 88.22 17.26 -8.35
CA ALA C 469 89.51 17.74 -8.83
C ALA C 469 90.41 18.26 -7.69
N ALA C 470 89.85 18.74 -6.58
CA ALA C 470 90.62 19.13 -5.39
C ALA C 470 91.28 17.97 -4.66
N LYS C 471 91.07 16.70 -5.04
CA LYS C 471 92.08 15.64 -4.75
C LYS C 471 93.51 15.98 -5.25
N GLY C 472 93.65 16.74 -6.33
CA GLY C 472 94.86 16.68 -7.15
C GLY C 472 94.95 15.42 -8.06
N PRO C 473 96.16 14.89 -8.35
CA PRO C 473 96.51 14.11 -9.56
C PRO C 473 95.69 12.88 -9.99
N VAL C 474 95.02 12.21 -9.07
CA VAL C 474 94.38 10.92 -9.33
C VAL C 474 93.23 11.00 -10.35
N LEU C 475 92.51 12.12 -10.36
CA LEU C 475 91.10 12.19 -10.78
C LEU C 475 90.78 11.61 -12.17
N ARG C 476 91.59 11.92 -13.16
CA ARG C 476 91.17 12.00 -14.57
C ARG C 476 90.38 10.79 -15.04
N ASN C 477 90.95 9.60 -14.89
CA ASN C 477 90.37 8.30 -15.23
C ASN C 477 88.95 8.11 -14.67
N CYS C 478 88.79 8.50 -13.41
CA CYS C 478 87.60 8.26 -12.63
C CYS C 478 86.42 9.03 -13.26
N ILE C 479 86.52 10.36 -13.27
CA ILE C 479 85.46 11.22 -13.78
C ILE C 479 85.18 10.96 -15.24
N SER C 480 86.25 10.75 -16.02
CA SER C 480 86.25 10.37 -17.44
C SER C 480 85.41 9.10 -17.73
N THR C 481 85.26 8.21 -16.73
CA THR C 481 84.44 7.00 -16.86
C THR C 481 83.13 7.08 -16.03
N VAL C 482 83.01 7.98 -15.06
CA VAL C 482 81.71 8.27 -14.42
C VAL C 482 80.77 8.97 -15.40
N VAL C 483 81.26 9.96 -16.16
CA VAL C 483 80.49 10.56 -17.26
C VAL C 483 80.07 9.50 -18.27
N HIS C 484 80.88 8.46 -18.43
CA HIS C 484 80.68 7.44 -19.46
C HIS C 484 79.50 6.50 -19.29
N GLN C 485 79.38 5.86 -18.12
CA GLN C 485 78.17 5.07 -17.83
C GLN C 485 76.94 5.98 -17.82
N GLY C 486 77.12 7.28 -17.54
CA GLY C 486 76.04 8.26 -17.63
C GLY C 486 75.63 8.54 -19.09
N LEU C 487 76.60 8.76 -19.98
CA LEU C 487 76.30 8.98 -21.39
C LEU C 487 75.62 7.78 -22.03
N ILE C 488 75.98 6.55 -21.63
CA ILE C 488 75.35 5.32 -22.08
C ILE C 488 73.82 5.33 -21.89
N ARG C 489 73.29 6.10 -20.92
CA ARG C 489 71.85 6.35 -20.81
C ARG C 489 71.34 7.32 -21.86
N ILE C 490 71.81 8.57 -21.92
CA ILE C 490 71.28 9.56 -22.89
C ILE C 490 71.41 9.05 -24.34
N CYS C 491 72.47 8.31 -24.67
CA CYS C 491 72.57 7.73 -25.99
C CYS C 491 71.76 6.42 -26.17
N SER C 492 71.39 5.66 -25.14
CA SER C 492 70.35 4.59 -25.26
C SER C 492 68.89 5.07 -24.99
N LYS C 493 68.68 6.36 -24.71
CA LYS C 493 67.38 7.07 -24.56
C LYS C 493 66.63 7.18 -25.91
N PRO C 494 65.29 6.95 -26.00
CA PRO C 494 64.69 6.65 -27.30
C PRO C 494 64.47 7.83 -28.27
N VAL C 495 64.35 7.47 -29.55
CA VAL C 495 64.14 8.26 -30.78
C VAL C 495 63.40 7.37 -31.82
N VAL C 496 62.81 7.89 -32.90
CA VAL C 496 62.09 7.08 -33.93
C VAL C 496 62.33 7.54 -35.39
N LEU C 497 62.34 6.60 -36.36
CA LEU C 497 62.42 6.85 -37.81
C LEU C 497 61.61 5.82 -38.62
N PRO C 522 64.24 12.63 -22.63
CA PRO C 522 63.40 11.72 -23.39
C PRO C 522 63.94 11.38 -24.79
N THR C 523 64.80 12.21 -25.37
CA THR C 523 65.39 12.03 -26.69
C THR C 523 66.88 12.40 -26.69
N TYR C 524 67.56 12.06 -27.77
CA TYR C 524 68.91 12.54 -28.08
C TYR C 524 69.06 14.07 -28.01
N LYS C 525 67.99 14.88 -28.07
CA LYS C 525 68.05 16.34 -27.99
C LYS C 525 68.19 16.86 -26.56
N ASP C 526 67.66 16.15 -25.58
CA ASP C 526 67.21 16.77 -24.33
C ASP C 526 68.30 17.21 -23.35
N TYR C 527 69.26 16.37 -22.97
CA TYR C 527 70.20 16.73 -21.90
C TYR C 527 71.28 17.74 -22.35
N VAL C 528 71.26 18.15 -23.63
CA VAL C 528 72.39 18.77 -24.34
C VAL C 528 72.90 20.05 -23.69
N ASP C 529 71.99 20.85 -23.14
CA ASP C 529 72.32 22.16 -22.60
C ASP C 529 73.11 22.04 -21.30
N LEU C 530 72.72 21.08 -20.45
CA LEU C 530 73.43 20.76 -19.22
C LEU C 530 74.89 20.44 -19.55
N PHE C 531 75.08 19.51 -20.48
CA PHE C 531 76.38 19.11 -20.97
C PHE C 531 77.12 20.31 -21.58
N ARG C 532 76.45 21.15 -22.39
CA ARG C 532 77.08 22.37 -22.90
C ARG C 532 77.53 23.30 -21.78
N HIS C 533 76.71 23.55 -20.78
CA HIS C 533 77.06 24.38 -19.62
C HIS C 533 78.18 23.79 -18.76
N LEU C 534 78.44 22.48 -18.85
CA LEU C 534 79.57 21.83 -18.18
C LEU C 534 80.83 21.89 -19.01
N LEU C 535 80.69 21.80 -20.32
CA LEU C 535 81.78 21.86 -21.27
C LEU C 535 81.79 23.28 -21.87
N SER C 536 81.88 24.27 -20.97
CA SER C 536 82.06 25.70 -21.23
C SER C 536 82.62 26.38 -19.98
N SER C 537 83.83 26.94 -20.06
CA SER C 537 84.60 27.43 -18.91
C SER C 537 84.17 28.82 -18.41
N ASP C 538 82.90 28.96 -18.07
CA ASP C 538 82.32 30.19 -17.50
C ASP C 538 82.74 30.46 -16.04
N GLN C 539 82.44 31.68 -15.60
CA GLN C 539 82.86 32.28 -14.33
C GLN C 539 82.12 31.75 -13.07
N MET C 540 81.41 30.62 -13.22
CA MET C 540 80.77 29.83 -12.16
C MET C 540 81.68 29.51 -10.94
N MET C 541 83.01 29.55 -11.11
CA MET C 541 84.01 29.45 -10.02
C MET C 541 84.13 30.76 -9.21
N ASP C 542 84.25 31.91 -9.90
CA ASP C 542 84.37 33.23 -9.27
C ASP C 542 83.16 33.53 -8.39
N SER C 543 82.01 33.23 -8.98
CA SER C 543 80.65 33.50 -8.51
C SER C 543 80.20 32.47 -7.47
N SER C 557 90.88 27.29 -12.03
CA SER C 557 90.57 25.96 -12.49
C SER C 557 89.86 25.96 -13.86
N GLU C 558 89.72 27.12 -14.48
CA GLU C 558 88.79 27.36 -15.60
C GLU C 558 89.02 26.42 -16.79
N SER C 559 90.27 26.20 -17.19
CA SER C 559 90.59 25.31 -18.29
C SER C 559 90.25 23.85 -18.00
N LEU C 560 89.97 23.45 -16.76
CA LEU C 560 89.52 22.10 -16.46
C LEU C 560 88.04 21.89 -16.79
N ASN C 561 87.21 22.91 -17.03
CA ASN C 561 85.92 22.70 -17.72
C ASN C 561 86.12 22.19 -19.16
N HIS C 562 87.24 22.57 -19.77
CA HIS C 562 87.71 22.05 -21.04
C HIS C 562 88.50 20.77 -20.88
N LEU C 563 89.30 20.58 -19.84
CA LEU C 563 89.90 19.26 -19.59
C LEU C 563 88.81 18.18 -19.37
N LEU C 564 87.60 18.56 -18.97
CA LEU C 564 86.45 17.66 -19.01
C LEU C 564 86.05 17.31 -20.46
N TYR C 565 86.01 18.30 -21.35
CA TYR C 565 85.79 18.11 -22.79
C TYR C 565 86.95 17.31 -23.39
N ASP C 566 88.16 17.46 -22.87
CA ASP C 566 89.30 16.67 -23.29
C ASP C 566 88.97 15.20 -23.19
N GLU C 567 88.34 14.77 -22.13
CA GLU C 567 88.00 13.36 -22.01
C GLU C 567 86.81 13.00 -22.85
N PHE C 568 86.00 14.00 -23.19
CA PHE C 568 85.05 13.90 -24.26
C PHE C 568 85.69 13.69 -25.64
N VAL C 569 87.01 13.82 -25.77
CA VAL C 569 87.74 13.08 -26.79
C VAL C 569 88.33 11.81 -26.22
N LYS C 570 89.17 11.91 -25.18
CA LYS C 570 90.09 10.85 -24.80
C LYS C 570 89.34 9.57 -24.61
N SER C 571 88.37 9.59 -23.70
CA SER C 571 87.56 8.43 -23.41
C SER C 571 86.76 8.08 -24.65
N VAL C 572 86.13 9.05 -25.31
CA VAL C 572 85.16 8.80 -26.38
C VAL C 572 85.78 8.16 -27.58
N LEU C 573 86.98 8.55 -27.99
CA LEU C 573 87.61 7.82 -29.06
C LEU C 573 88.34 6.55 -28.62
N LYS C 574 88.98 6.52 -27.43
CA LYS C 574 89.37 5.24 -26.79
C LYS C 574 88.16 4.29 -26.73
N ILE C 575 86.95 4.80 -26.64
CA ILE C 575 85.73 4.03 -26.66
C ILE C 575 85.42 3.43 -28.05
N VAL C 576 86.11 3.74 -29.13
CA VAL C 576 85.98 2.94 -30.37
C VAL C 576 86.39 1.48 -30.14
N GLU C 577 87.41 1.30 -29.30
CA GLU C 577 87.85 0.05 -28.69
C GLU C 577 86.77 -0.60 -27.81
N LYS C 578 85.78 0.16 -27.35
CA LYS C 578 84.63 -0.42 -26.64
C LYS C 578 83.79 -1.29 -27.59
N LEU C 579 83.68 -0.91 -28.88
CA LEU C 579 82.57 -1.34 -29.74
C LEU C 579 82.88 -2.48 -30.74
N ASP C 580 82.04 -3.52 -30.84
CA ASP C 580 82.20 -4.64 -31.79
C ASP C 580 80.92 -5.03 -32.57
N LEU C 581 81.08 -5.29 -33.89
CA LEU C 581 80.05 -5.30 -34.94
C LEU C 581 80.64 -5.90 -36.25
N THR C 582 80.19 -7.07 -36.76
CA THR C 582 80.52 -7.53 -38.14
C THR C 582 79.55 -8.55 -38.80
N LEU C 583 78.70 -8.03 -39.70
CA LEU C 583 78.11 -8.75 -40.86
C LEU C 583 77.43 -10.12 -40.67
N GLU C 584 76.44 -10.25 -39.76
CA GLU C 584 75.44 -11.33 -39.83
C GLU C 584 74.06 -10.87 -39.33
N ILE C 585 72.98 -11.48 -39.82
CA ILE C 585 71.63 -11.22 -39.30
C ILE C 585 71.49 -11.75 -37.87
N ALA C 609 71.27 -8.59 -52.34
CA ALA C 609 72.41 -9.15 -53.07
C ALA C 609 73.77 -8.46 -52.81
N ALA C 610 73.75 -7.25 -52.25
CA ALA C 610 74.90 -6.47 -51.82
C ALA C 610 74.57 -5.64 -50.55
N ASN C 611 73.77 -6.19 -49.65
CA ASN C 611 73.49 -5.66 -48.32
C ASN C 611 73.79 -6.68 -47.20
N LEU C 612 74.05 -6.14 -46.00
CA LEU C 612 74.77 -6.76 -44.88
C LEU C 612 74.16 -6.28 -43.54
N HIS C 613 74.43 -6.93 -42.40
CA HIS C 613 73.70 -6.59 -41.18
C HIS C 613 74.61 -6.60 -39.96
N PRO C 614 74.48 -5.65 -39.02
CA PRO C 614 75.32 -5.62 -37.83
C PRO C 614 74.98 -6.81 -36.95
N ALA C 615 75.98 -7.62 -36.60
CA ALA C 615 75.78 -8.82 -35.78
C ALA C 615 75.41 -8.53 -34.31
N LYS C 616 75.71 -7.33 -33.79
CA LYS C 616 75.52 -6.91 -32.39
C LYS C 616 74.87 -5.52 -32.26
N PRO C 617 73.53 -5.43 -32.27
CA PRO C 617 72.83 -4.14 -32.37
C PRO C 617 73.22 -3.10 -31.32
N LYS C 618 73.46 -3.48 -30.06
CA LYS C 618 73.76 -2.49 -28.98
C LYS C 618 74.95 -1.61 -29.32
N ASP C 619 75.97 -2.17 -29.94
CA ASP C 619 77.17 -1.43 -30.31
C ASP C 619 76.96 -0.46 -31.47
N PHE C 620 75.75 -0.45 -32.07
CA PHE C 620 75.26 0.61 -32.96
C PHE C 620 74.17 1.48 -32.29
N SER C 621 73.13 0.87 -31.70
CA SER C 621 71.84 1.56 -31.48
C SER C 621 71.89 2.67 -30.44
N ALA C 622 72.80 2.61 -29.47
CA ALA C 622 73.14 3.74 -28.58
C ALA C 622 74.26 4.60 -29.20
N PHE C 623 75.24 3.97 -29.81
CA PHE C 623 76.43 4.62 -30.36
C PHE C 623 76.13 5.70 -31.41
N ILE C 624 75.08 5.55 -32.20
CA ILE C 624 74.68 6.60 -33.16
C ILE C 624 73.90 7.75 -32.50
N ASN C 625 73.47 7.59 -31.26
CA ASN C 625 73.03 8.70 -30.43
C ASN C 625 74.21 9.33 -29.68
N LEU C 626 75.37 8.66 -29.52
CA LEU C 626 76.61 9.38 -29.30
C LEU C 626 76.82 10.29 -30.50
N VAL C 627 76.71 9.78 -31.73
CA VAL C 627 76.83 10.60 -32.95
C VAL C 627 75.90 11.81 -32.90
N GLU C 628 74.61 11.59 -32.73
CA GLU C 628 73.64 12.67 -32.81
C GLU C 628 73.68 13.60 -31.59
N PHE C 629 74.15 13.14 -30.42
CA PHE C 629 74.35 14.02 -29.28
C PHE C 629 75.66 14.81 -29.40
N CYS C 630 76.74 14.16 -29.81
CA CYS C 630 78.01 14.82 -30.11
C CYS C 630 77.92 15.76 -31.32
N ARG C 631 76.88 15.62 -32.14
CA ARG C 631 76.47 16.64 -33.11
C ARG C 631 76.15 18.02 -32.49
N GLU C 632 76.12 18.13 -31.14
CA GLU C 632 76.43 19.37 -30.43
C GLU C 632 77.54 19.20 -29.39
N ILE C 633 77.68 18.02 -28.76
CA ILE C 633 78.70 17.83 -27.71
C ILE C 633 80.13 18.05 -28.24
N LEU C 634 80.40 17.86 -29.53
CA LEU C 634 81.68 18.24 -30.14
C LEU C 634 81.80 19.72 -30.48
N PRO C 635 80.95 20.34 -31.34
CA PRO C 635 81.21 21.62 -32.03
C PRO C 635 81.29 22.87 -31.13
N GLU C 636 82.36 22.94 -30.36
CA GLU C 636 83.00 24.16 -29.84
C GLU C 636 84.49 24.06 -30.15
N LYS C 637 85.14 25.20 -30.38
CA LYS C 637 86.56 25.31 -30.77
C LYS C 637 87.53 25.07 -29.60
N GLN C 638 87.01 24.50 -28.51
CA GLN C 638 87.57 24.50 -27.15
C GLN C 638 88.21 25.83 -26.75
N ALA C 639 87.57 26.97 -27.08
CA ALA C 639 88.14 28.31 -26.85
C ALA C 639 89.57 28.48 -27.40
N GLU C 640 89.87 27.83 -28.54
CA GLU C 640 91.19 27.66 -29.18
C GLU C 640 92.20 26.73 -28.48
N PHE C 641 91.86 26.13 -27.32
CA PHE C 641 92.68 25.12 -26.66
C PHE C 641 92.76 23.76 -27.41
N PHE C 642 91.97 23.57 -28.47
CA PHE C 642 91.66 22.25 -29.06
C PHE C 642 92.87 21.46 -29.61
N GLU C 643 94.04 22.07 -29.65
CA GLU C 643 95.22 21.58 -30.34
C GLU C 643 95.47 20.08 -30.29
N PRO C 644 95.70 19.47 -29.10
CA PRO C 644 96.30 18.14 -29.03
C PRO C 644 95.39 17.11 -29.68
N TRP C 645 94.10 17.40 -29.67
CA TRP C 645 93.11 16.53 -30.24
C TRP C 645 93.09 16.54 -31.73
N VAL C 646 93.20 17.66 -32.42
CA VAL C 646 92.88 17.65 -33.86
C VAL C 646 93.63 16.56 -34.64
N TYR C 647 94.95 16.53 -34.55
CA TYR C 647 95.75 15.52 -35.23
C TYR C 647 95.39 14.12 -34.76
N SER C 648 95.54 13.87 -33.47
CA SER C 648 95.38 12.55 -32.88
C SER C 648 93.99 11.96 -33.07
N PHE C 649 92.96 12.79 -32.90
CA PHE C 649 91.56 12.43 -33.03
C PHE C 649 91.27 11.95 -34.44
N SER C 650 91.56 12.82 -35.41
CA SER C 650 91.21 12.56 -36.81
C SER C 650 91.97 11.33 -37.31
N TYR C 651 93.26 11.25 -36.97
CA TYR C 651 94.09 10.09 -37.17
C TYR C 651 93.39 8.82 -36.66
N GLU C 652 93.06 8.76 -35.37
CA GLU C 652 92.41 7.58 -34.77
C GLU C 652 91.16 7.20 -35.53
N LEU C 653 90.28 8.16 -35.74
CA LEU C 653 89.00 7.84 -36.33
C LEU C 653 89.15 7.42 -37.79
N ILE C 654 90.09 7.98 -38.53
CA ILE C 654 90.36 7.49 -39.88
C ILE C 654 90.90 6.07 -39.83
N LEU C 655 91.95 5.82 -39.06
CA LEU C 655 92.56 4.52 -39.01
C LEU C 655 91.50 3.46 -38.72
N GLN C 656 90.56 3.70 -37.83
CA GLN C 656 89.52 2.73 -37.54
C GLN C 656 88.29 2.82 -38.42
N SER C 657 88.04 3.90 -39.17
CA SER C 657 86.86 3.99 -40.05
C SER C 657 86.87 2.90 -41.14
N THR C 658 88.06 2.37 -41.38
CA THR C 658 88.38 1.15 -42.10
C THR C 658 87.55 -0.06 -41.68
N ARG C 659 87.21 -0.16 -40.40
CA ARG C 659 86.46 -1.28 -39.80
C ARG C 659 85.11 -1.43 -40.48
N LEU C 660 84.43 -0.33 -40.80
CA LEU C 660 83.04 -0.39 -41.25
C LEU C 660 82.63 0.67 -42.28
N PRO C 661 82.71 0.32 -43.57
CA PRO C 661 81.84 0.88 -44.58
C PRO C 661 80.37 0.68 -44.17
N LEU C 662 79.40 1.32 -44.85
CA LEU C 662 78.00 1.36 -44.43
C LEU C 662 77.80 2.06 -43.06
N ILE C 663 78.85 2.60 -42.42
CA ILE C 663 78.68 3.54 -41.30
C ILE C 663 78.81 5.00 -41.75
N SER C 664 77.72 5.70 -41.56
CA SER C 664 77.63 7.15 -41.72
C SER C 664 78.33 7.90 -40.58
N GLY C 665 78.16 7.43 -39.36
CA GLY C 665 78.42 8.25 -38.18
C GLY C 665 79.85 8.75 -38.09
N PHE C 666 80.81 7.91 -38.44
CA PHE C 666 82.19 8.33 -38.35
C PHE C 666 82.44 9.53 -39.26
N TYR C 667 82.02 9.45 -40.51
CA TYR C 667 82.15 10.55 -41.45
C TYR C 667 81.45 11.79 -40.95
N LYS C 668 80.27 11.67 -40.32
CA LYS C 668 79.63 12.83 -39.67
C LYS C 668 80.58 13.45 -38.67
N LEU C 669 81.07 12.68 -37.71
CA LEU C 669 81.87 13.20 -36.61
C LEU C 669 83.22 13.71 -37.10
N LEU C 670 83.82 13.01 -38.06
CA LEU C 670 85.01 13.44 -38.76
C LEU C 670 84.76 14.71 -39.58
N SER C 671 83.56 14.91 -40.12
CA SER C 671 83.26 16.15 -40.80
C SER C 671 83.07 17.27 -39.80
N ILE C 672 82.47 17.00 -38.63
CA ILE C 672 82.34 18.02 -37.58
C ILE C 672 83.73 18.45 -37.12
N THR C 673 84.61 17.46 -36.96
CA THR C 673 86.04 17.65 -36.75
C THR C 673 86.61 18.57 -37.80
N VAL C 674 86.40 18.30 -39.09
CA VAL C 674 87.04 19.13 -40.12
C VAL C 674 86.47 20.54 -40.15
N ARG C 675 85.16 20.71 -39.98
CA ARG C 675 84.50 22.03 -40.02
C ARG C 675 84.93 22.90 -38.85
N ASN C 676 84.99 22.33 -37.66
CA ASN C 676 85.58 23.00 -36.53
C ASN C 676 87.05 23.34 -36.79
N ALA C 677 87.82 22.39 -37.34
CA ALA C 677 89.21 22.60 -37.71
C ALA C 677 89.41 23.69 -38.77
N LYS C 678 88.44 23.95 -39.66
CA LYS C 678 88.47 25.10 -40.59
C LYS C 678 88.44 26.40 -39.84
N LYS C 679 87.55 26.54 -38.86
CA LYS C 679 87.49 27.78 -38.07
C LYS C 679 88.69 27.96 -37.17
N ILE C 680 89.24 26.86 -36.66
CA ILE C 680 90.54 26.83 -35.98
C ILE C 680 91.74 26.87 -36.95
N LYS C 681 91.52 26.87 -38.26
CA LYS C 681 92.49 27.08 -39.34
C LYS C 681 93.76 26.23 -39.19
N TYR C 682 93.64 25.02 -38.66
CA TYR C 682 94.83 24.29 -38.20
C TYR C 682 95.81 23.99 -39.34
N PHE C 683 95.26 23.68 -40.52
CA PHE C 683 95.96 23.39 -41.78
C PHE C 683 96.44 24.63 -42.57
N GLU C 684 96.30 25.85 -42.04
CA GLU C 684 96.72 27.10 -42.72
C GLU C 684 98.24 27.14 -42.96
N GLY C 685 98.73 27.56 -44.15
CA GLY C 685 100.16 27.42 -44.44
C GLY C 685 100.65 26.01 -44.77
N VAL C 686 99.75 25.02 -44.85
CA VAL C 686 100.01 23.62 -45.24
C VAL C 686 100.91 22.87 -44.25
N PRO C 698 104.31 20.64 -36.45
CA PRO C 698 104.39 19.52 -37.38
C PRO C 698 103.15 18.65 -37.42
N GLU C 699 102.37 18.67 -36.32
CA GLU C 699 101.04 18.06 -36.23
C GLU C 699 100.14 18.51 -37.38
N LYS C 700 100.23 19.81 -37.72
CA LYS C 700 99.53 20.38 -38.86
C LYS C 700 99.88 19.66 -40.17
N TYR C 701 101.13 19.62 -40.60
CA TYR C 701 101.43 19.04 -41.90
C TYR C 701 101.32 17.52 -41.94
N SER C 702 101.40 16.87 -40.78
CA SER C 702 101.09 15.46 -40.61
C SER C 702 99.63 15.19 -40.92
N CYS C 703 98.72 15.90 -40.26
CA CYS C 703 97.31 15.82 -40.58
C CYS C 703 97.02 16.25 -42.02
N PHE C 704 97.72 17.27 -42.49
CA PHE C 704 97.57 17.72 -43.86
C PHE C 704 97.84 16.57 -44.82
N ALA C 705 99.00 15.93 -44.70
CA ALA C 705 99.34 14.77 -45.52
C ALA C 705 98.29 13.66 -45.37
N LEU C 706 97.80 13.38 -44.16
CA LEU C 706 96.71 12.43 -43.95
C LEU C 706 95.51 12.80 -44.81
N PHE C 707 94.94 13.99 -44.64
CA PHE C 707 93.75 14.28 -45.40
C PHE C 707 94.02 14.38 -46.90
N VAL C 708 95.18 14.87 -47.32
CA VAL C 708 95.52 14.87 -48.73
C VAL C 708 95.49 13.46 -49.30
N LYS C 709 96.11 12.49 -48.64
CA LYS C 709 96.06 11.09 -49.10
C LYS C 709 94.70 10.45 -48.83
N PHE C 710 93.92 10.95 -47.89
CA PHE C 710 92.51 10.61 -47.80
C PHE C 710 91.73 11.07 -49.04
N GLY C 711 92.27 12.00 -49.82
CA GLY C 711 91.76 12.35 -51.15
C GLY C 711 91.88 11.22 -52.17
N LYS C 712 92.79 10.27 -51.97
CA LYS C 712 92.80 8.99 -52.68
C LYS C 712 91.93 7.94 -51.99
N GLU C 713 91.24 8.34 -50.91
CA GLU C 713 90.45 7.45 -50.08
C GLU C 713 88.97 7.49 -50.40
N VAL C 714 88.13 8.11 -49.58
CA VAL C 714 86.69 7.85 -49.76
C VAL C 714 86.24 8.28 -51.15
N ALA C 715 86.89 9.28 -51.72
CA ALA C 715 86.68 9.75 -53.08
C ALA C 715 86.91 8.67 -54.14
N VAL C 716 87.80 7.72 -53.89
CA VAL C 716 87.99 6.54 -54.73
C VAL C 716 87.02 5.43 -54.36
N LYS C 717 86.67 5.33 -53.07
CA LYS C 717 85.73 4.34 -52.54
C LYS C 717 84.28 4.57 -53.02
N MET C 718 83.99 5.80 -53.45
CA MET C 718 82.74 6.26 -54.01
C MET C 718 81.92 5.24 -54.77
N LYS C 719 82.53 4.58 -55.75
CA LYS C 719 81.80 3.91 -56.82
C LYS C 719 80.95 2.75 -56.32
N GLN C 720 81.16 2.29 -55.10
CA GLN C 720 80.32 1.27 -54.44
C GLN C 720 79.04 1.83 -53.78
N TYR C 721 79.04 3.06 -53.31
CA TYR C 721 78.18 3.46 -52.21
C TYR C 721 76.72 3.76 -52.51
N LYS C 722 75.95 3.89 -51.42
CA LYS C 722 74.50 3.62 -51.37
C LYS C 722 73.77 4.46 -50.28
N ASP C 723 72.88 5.34 -50.73
CA ASP C 723 72.04 6.26 -49.96
C ASP C 723 72.71 6.92 -48.74
N GLU C 724 72.28 6.69 -47.51
CA GLU C 724 72.71 7.47 -46.33
C GLU C 724 74.23 7.39 -46.04
N LEU C 725 74.83 6.24 -46.30
CA LEU C 725 76.27 6.06 -46.26
C LEU C 725 76.96 7.05 -47.20
N LEU C 726 76.52 7.01 -48.44
CA LEU C 726 76.99 7.87 -49.50
C LEU C 726 76.73 9.34 -49.15
N ALA C 727 75.57 9.67 -48.57
CA ALA C 727 75.21 11.03 -48.21
C ALA C 727 76.07 11.61 -47.08
N SER C 728 76.21 10.88 -45.98
CA SER C 728 77.03 11.29 -44.85
C SER C 728 78.51 11.39 -45.20
N CYS C 729 79.02 10.58 -46.12
CA CYS C 729 80.41 10.66 -46.55
C CYS C 729 80.67 11.77 -47.58
N LEU C 730 79.76 12.00 -48.52
CA LEU C 730 79.84 13.15 -49.42
C LEU C 730 79.85 14.43 -48.61
N THR C 731 79.00 14.50 -47.60
CA THR C 731 79.00 15.60 -46.65
C THR C 731 80.40 15.86 -46.14
N PHE C 732 81.11 14.83 -45.74
CA PHE C 732 82.46 14.99 -45.29
C PHE C 732 83.34 15.63 -46.36
N LEU C 733 83.44 15.04 -47.55
CA LEU C 733 84.36 15.57 -48.57
C LEU C 733 84.10 17.02 -48.88
N LEU C 734 82.86 17.34 -49.10
CA LEU C 734 82.51 18.66 -49.53
C LEU C 734 82.79 19.67 -48.41
N SER C 735 82.84 19.25 -47.16
CA SER C 735 83.20 20.12 -46.06
C SER C 735 84.73 20.24 -45.82
N LEU C 736 85.58 19.55 -46.58
CA LEU C 736 87.04 19.67 -46.48
C LEU C 736 87.54 21.08 -46.80
N PRO C 737 88.69 21.51 -46.27
CA PRO C 737 89.22 22.86 -46.45
C PRO C 737 89.81 23.06 -47.85
N HIS C 738 89.60 24.24 -48.41
CA HIS C 738 90.04 24.52 -49.78
C HIS C 738 91.54 24.36 -49.93
N ASN C 739 92.28 24.66 -48.86
CA ASN C 739 93.73 24.63 -48.91
C ASN C 739 94.24 23.24 -49.32
N ILE C 740 93.51 22.18 -48.99
CA ILE C 740 93.80 20.84 -49.51
C ILE C 740 93.42 20.79 -50.98
N ILE C 741 92.20 21.22 -51.28
CA ILE C 741 91.49 20.94 -52.51
C ILE C 741 92.00 21.80 -53.68
N GLU C 742 93.12 22.49 -53.51
CA GLU C 742 93.89 22.98 -54.65
C GLU C 742 94.60 21.86 -55.42
N LEU C 743 94.56 20.60 -54.96
CA LEU C 743 95.23 19.51 -55.66
C LEU C 743 94.22 18.66 -56.44
N ASP C 744 94.45 18.53 -57.75
CA ASP C 744 93.90 17.47 -58.63
C ASP C 744 92.43 17.14 -58.39
N VAL C 745 91.60 18.15 -58.56
CA VAL C 745 90.24 18.07 -58.09
C VAL C 745 89.37 17.09 -58.85
N ARG C 746 89.85 16.46 -59.93
CA ARG C 746 89.28 15.24 -60.51
C ARG C 746 88.87 14.19 -59.45
N ALA C 747 89.56 14.10 -58.31
CA ALA C 747 89.04 13.44 -57.13
C ALA C 747 87.57 13.79 -56.80
N TYR C 748 87.27 15.05 -56.55
CA TYR C 748 86.00 15.61 -56.11
C TYR C 748 85.05 16.06 -57.19
N VAL C 749 85.46 16.21 -58.44
CA VAL C 749 84.53 16.43 -59.55
C VAL C 749 83.37 15.46 -59.47
N PRO C 750 83.59 14.15 -59.46
CA PRO C 750 82.50 13.22 -59.33
C PRO C 750 81.80 13.47 -58.02
N ALA C 751 82.49 13.75 -56.92
CA ALA C 751 81.84 13.92 -55.63
C ALA C 751 80.79 15.03 -55.68
N LEU C 752 81.17 16.22 -56.11
CA LEU C 752 80.22 17.31 -56.24
C LEU C 752 79.18 16.99 -57.32
N GLN C 753 79.56 16.39 -58.44
CA GLN C 753 78.59 16.00 -59.45
C GLN C 753 77.54 15.06 -58.85
N MET C 754 77.97 14.09 -58.07
CA MET C 754 77.09 13.20 -57.34
C MET C 754 76.24 14.02 -56.41
N ALA C 755 76.82 14.95 -55.65
CA ALA C 755 76.08 15.68 -54.65
C ALA C 755 74.82 16.31 -55.25
N PHE C 756 74.95 17.08 -56.31
CA PHE C 756 73.77 17.67 -56.91
C PHE C 756 72.88 16.59 -57.52
N LYS C 757 73.45 15.68 -58.30
CA LYS C 757 72.71 14.66 -59.04
C LYS C 757 71.89 13.76 -58.11
N LEU C 758 72.30 13.63 -56.86
CA LEU C 758 71.62 12.86 -55.83
C LEU C 758 70.68 13.73 -54.98
N GLY C 759 71.17 14.87 -54.49
CA GLY C 759 70.54 15.65 -53.42
C GLY C 759 69.11 16.07 -53.70
N LEU C 760 68.66 16.01 -54.95
CA LEU C 760 67.31 16.34 -55.37
C LEU C 760 66.26 15.38 -54.77
N SER C 761 66.70 14.25 -54.23
CA SER C 761 65.85 13.36 -53.43
C SER C 761 66.45 13.05 -52.05
N TYR C 762 67.26 13.99 -51.55
CA TYR C 762 67.52 14.19 -50.13
C TYR C 762 67.96 15.63 -49.96
N THR C 763 67.00 16.52 -50.02
CA THR C 763 67.17 17.93 -50.30
C THR C 763 68.30 18.66 -49.57
N PRO C 764 68.55 18.47 -48.26
CA PRO C 764 69.61 19.23 -47.59
C PRO C 764 71.01 18.69 -47.86
N LEU C 765 71.17 17.57 -48.56
CA LEU C 765 72.49 17.23 -49.11
C LEU C 765 72.99 18.26 -50.12
N ALA C 766 72.12 18.69 -51.04
CA ALA C 766 72.48 19.70 -52.02
C ALA C 766 72.99 20.97 -51.34
N GLU C 767 72.42 21.31 -50.18
CA GLU C 767 72.85 22.46 -49.40
C GLU C 767 74.34 22.43 -49.00
N VAL C 768 74.90 21.25 -48.71
CA VAL C 768 76.35 21.13 -48.49
C VAL C 768 77.11 21.52 -49.75
N GLY C 769 76.62 21.10 -50.92
CA GLY C 769 77.25 21.48 -52.18
C GLY C 769 77.20 22.97 -52.42
N LEU C 770 76.15 23.64 -51.99
CA LEU C 770 76.15 25.10 -51.98
C LEU C 770 77.28 25.61 -51.09
N ASN C 771 77.36 25.15 -49.84
CA ASN C 771 78.39 25.58 -48.89
C ASN C 771 79.76 25.47 -49.57
N ALA C 772 80.02 24.32 -50.15
CA ALA C 772 81.29 23.99 -50.71
C ALA C 772 81.59 24.84 -51.94
N LEU C 773 80.67 24.88 -52.91
CA LEU C 773 80.93 25.61 -54.14
C LEU C 773 81.16 27.08 -53.85
N GLU C 774 80.37 27.61 -52.92
CA GLU C 774 80.57 28.94 -52.38
C GLU C 774 81.98 29.11 -51.78
N GLU C 775 82.31 28.36 -50.73
CA GLU C 775 83.61 28.44 -50.06
C GLU C 775 84.77 28.33 -51.06
N TRP C 776 84.66 27.37 -51.97
CA TRP C 776 85.62 27.18 -53.02
C TRP C 776 85.74 28.41 -53.86
N SER C 777 84.62 28.91 -54.37
CA SER C 777 84.69 29.86 -55.46
C SER C 777 85.31 31.19 -55.05
N ILE C 778 85.49 31.45 -53.76
CA ILE C 778 86.39 32.49 -53.27
C ILE C 778 87.78 31.94 -52.93
N TYR C 779 87.91 30.96 -52.05
CA TYR C 779 89.22 30.65 -51.49
C TYR C 779 90.11 29.85 -52.43
N ILE C 780 89.56 29.25 -53.49
CA ILE C 780 90.30 28.59 -54.56
C ILE C 780 90.95 29.63 -55.47
N ASP C 781 92.10 29.28 -56.03
CA ASP C 781 92.71 30.02 -57.13
C ASP C 781 91.84 29.96 -58.38
N ARG C 782 91.34 31.11 -58.80
CA ARG C 782 90.43 31.21 -59.95
C ARG C 782 91.03 30.61 -61.21
N HIS C 783 92.33 30.70 -61.47
CA HIS C 783 92.95 30.11 -62.65
C HIS C 783 93.02 28.59 -62.55
N VAL C 784 93.17 28.08 -61.32
CA VAL C 784 93.02 26.65 -61.09
C VAL C 784 91.61 26.22 -61.44
N MET C 785 90.61 27.02 -61.11
CA MET C 785 89.22 26.59 -61.23
C MET C 785 88.59 26.87 -62.60
N GLN C 786 88.95 27.98 -63.23
CA GLN C 786 88.50 28.41 -64.54
C GLN C 786 88.33 27.28 -65.55
N PRO C 787 89.25 26.30 -65.67
CA PRO C 787 89.04 25.19 -66.59
C PRO C 787 87.99 24.20 -66.12
N TYR C 788 87.93 23.92 -64.83
CA TYR C 788 87.14 22.84 -64.27
C TYR C 788 85.64 23.09 -64.31
N TYR C 789 85.21 24.34 -64.22
CA TYR C 789 83.81 24.68 -64.00
C TYR C 789 82.86 24.05 -64.99
N LYS C 790 83.33 23.85 -66.21
CA LYS C 790 82.65 23.18 -67.32
C LYS C 790 81.93 21.90 -66.91
N ASP C 791 82.47 21.19 -65.95
CA ASP C 791 81.91 19.92 -65.53
C ASP C 791 80.92 20.05 -64.38
N ILE C 792 80.92 21.18 -63.68
CA ILE C 792 80.12 21.40 -62.48
C ILE C 792 78.79 22.01 -62.85
N LEU C 793 78.81 23.15 -63.55
CA LEU C 793 77.61 23.90 -63.85
C LEU C 793 76.52 23.06 -64.51
N PRO C 794 76.80 22.14 -65.44
CA PRO C 794 75.73 21.48 -66.16
C PRO C 794 74.74 20.78 -65.25
N CYS C 795 75.20 20.17 -64.16
CA CYS C 795 74.31 19.45 -63.26
C CYS C 795 73.34 20.37 -62.51
N LEU C 796 73.50 21.69 -62.57
CA LEU C 796 72.52 22.63 -62.02
C LEU C 796 71.41 23.00 -63.00
N ASP C 797 71.44 22.54 -64.24
CA ASP C 797 70.31 22.63 -65.16
C ASP C 797 69.03 22.04 -64.54
N GLY C 798 69.12 20.80 -64.05
CA GLY C 798 67.96 20.09 -63.52
C GLY C 798 67.31 20.82 -62.36
N TYR C 799 68.11 21.48 -61.52
CA TYR C 799 67.61 22.20 -60.36
C TYR C 799 66.68 23.35 -60.71
N LEU C 800 66.58 23.69 -61.99
CA LEU C 800 65.75 24.76 -62.52
C LEU C 800 64.82 24.28 -63.65
N LYS C 801 64.63 22.97 -63.84
CA LYS C 801 63.94 22.37 -65.00
C LYS C 801 62.39 22.38 -65.01
N THR C 802 61.68 22.65 -63.90
CA THR C 802 60.19 22.65 -63.91
C THR C 802 59.55 23.43 -62.75
N SER C 803 58.30 23.88 -62.93
CA SER C 803 57.45 24.50 -61.91
C SER C 803 56.61 23.47 -61.15
N ALA C 804 56.74 22.17 -61.45
CA ALA C 804 56.07 21.07 -60.74
C ALA C 804 54.53 21.23 -60.64
N LEU C 805 53.91 21.64 -61.76
CA LEU C 805 52.47 21.57 -62.08
C LEU C 805 51.55 21.71 -60.86
N ALA C 845 64.32 19.53 -42.65
CA ALA C 845 65.13 20.15 -43.69
C ALA C 845 64.49 21.44 -44.23
N ILE C 846 65.28 22.41 -44.70
CA ILE C 846 64.73 23.63 -45.33
C ILE C 846 63.99 23.30 -46.62
N SER C 847 63.02 24.11 -46.99
CA SER C 847 62.09 23.79 -48.06
C SER C 847 62.76 23.69 -49.43
N LEU C 848 62.31 22.79 -50.30
CA LEU C 848 62.94 22.52 -51.59
C LEU C 848 63.07 23.77 -52.48
N GLU C 849 62.13 24.70 -52.40
CA GLU C 849 62.24 25.92 -53.16
C GLU C 849 63.14 26.98 -52.56
N GLU C 850 63.63 26.80 -51.32
CA GLU C 850 64.85 27.49 -50.90
C GLU C 850 66.01 27.12 -51.81
N ILE C 851 66.12 25.84 -52.16
CA ILE C 851 67.18 25.37 -53.03
C ILE C 851 67.04 25.93 -54.43
N ARG C 852 65.85 25.84 -55.03
CA ARG C 852 65.62 26.36 -56.39
C ARG C 852 65.95 27.85 -56.46
N ILE C 853 65.72 28.59 -55.39
CA ILE C 853 66.20 29.94 -55.20
C ILE C 853 67.73 30.00 -55.09
N ARG C 854 68.36 29.21 -54.23
CA ARG C 854 69.78 29.38 -53.92
C ARG C 854 70.70 29.16 -55.10
N VAL C 855 70.41 28.23 -55.99
CA VAL C 855 71.21 28.05 -57.19
C VAL C 855 71.31 29.34 -57.99
N VAL C 856 70.22 30.05 -58.23
CA VAL C 856 70.29 31.31 -58.96
C VAL C 856 71.16 32.32 -58.20
N GLN C 857 70.99 32.44 -56.88
CA GLN C 857 71.82 33.34 -56.09
C GLN C 857 73.31 33.04 -56.26
N MET C 858 73.65 31.75 -56.31
CA MET C 858 75.00 31.33 -56.64
C MET C 858 75.37 31.77 -58.04
N LEU C 859 74.64 31.38 -59.07
CA LEU C 859 75.02 31.63 -60.47
C LEU C 859 75.37 33.10 -60.71
N GLY C 860 74.63 33.99 -60.09
CA GLY C 860 74.94 35.40 -60.18
C GLY C 860 76.21 35.74 -59.43
N SER C 861 76.29 35.39 -58.15
CA SER C 861 77.44 35.75 -57.32
C SER C 861 78.75 35.13 -57.83
N LEU C 862 78.64 33.99 -58.50
CA LEU C 862 79.68 33.28 -59.21
C LEU C 862 80.21 34.07 -60.42
N GLY C 863 79.40 34.98 -60.96
CA GLY C 863 79.80 35.96 -61.96
C GLY C 863 79.59 35.51 -63.38
N GLY C 864 79.21 36.45 -64.25
CA GLY C 864 78.87 36.15 -65.63
C GLY C 864 79.99 35.44 -66.39
N GLN C 865 81.25 35.69 -66.00
CA GLN C 865 82.41 35.12 -66.69
C GLN C 865 82.34 33.61 -66.81
N ILE C 866 82.00 32.97 -65.71
CA ILE C 866 82.01 31.51 -65.58
C ILE C 866 80.65 30.95 -65.90
N ASN C 867 79.60 31.66 -65.50
CA ASN C 867 78.20 31.28 -65.64
C ASN C 867 77.82 30.60 -66.96
N LYS C 868 78.26 31.20 -68.06
CA LYS C 868 78.06 30.76 -69.44
C LYS C 868 78.46 29.30 -69.69
N ASN C 869 79.25 28.69 -68.79
CA ASN C 869 79.55 27.27 -68.82
C ASN C 869 78.28 26.40 -68.77
N LEU C 870 77.21 26.86 -68.10
CA LEU C 870 75.97 26.09 -67.96
C LEU C 870 75.41 25.70 -69.33
N LEU C 871 75.32 26.68 -70.20
CA LEU C 871 74.85 26.53 -71.55
C LEU C 871 76.03 26.34 -72.49
N THR C 872 76.58 25.13 -72.46
CA THR C 872 77.57 24.61 -73.40
C THR C 872 77.03 23.33 -74.01
N VAL C 873 77.37 23.00 -75.25
CA VAL C 873 76.67 21.91 -75.97
C VAL C 873 76.71 20.58 -75.21
N THR C 874 77.81 20.29 -74.53
CA THR C 874 78.01 19.10 -73.69
C THR C 874 77.05 19.00 -72.51
N SER C 875 76.32 20.05 -72.17
CA SER C 875 75.20 19.99 -71.21
C SER C 875 73.97 19.26 -71.80
N SER C 876 73.89 19.08 -73.14
CA SER C 876 72.70 18.58 -73.83
C SER C 876 72.63 17.06 -73.98
N ASP C 877 73.75 16.41 -74.36
CA ASP C 877 73.77 15.06 -74.94
C ASP C 877 72.92 14.03 -74.19
N GLU C 878 73.17 13.83 -72.91
CA GLU C 878 72.62 12.69 -72.15
C GLU C 878 71.16 12.89 -71.73
N MET C 879 70.56 14.04 -72.06
CA MET C 879 69.10 14.18 -72.26
C MET C 879 68.70 14.06 -73.73
N MET C 880 69.39 14.79 -74.60
CA MET C 880 68.93 15.16 -75.94
C MET C 880 68.75 13.96 -76.87
N LYS C 881 69.34 12.81 -76.56
CA LYS C 881 69.02 11.53 -77.21
C LYS C 881 67.51 11.24 -77.20
N SER C 882 66.76 11.73 -76.20
CA SER C 882 65.29 11.67 -76.12
C SER C 882 64.56 12.65 -77.05
N TYR C 883 65.26 13.35 -77.94
CA TYR C 883 64.69 14.24 -78.97
C TYR C 883 65.13 13.89 -80.41
N VAL C 884 65.51 12.64 -80.69
CA VAL C 884 65.90 12.20 -82.06
C VAL C 884 65.23 10.88 -82.49
N ALA C 885 64.96 10.77 -83.80
CA ALA C 885 64.03 9.78 -84.36
C ALA C 885 64.44 8.33 -84.11
N TRP C 886 63.49 7.43 -83.82
CA TRP C 886 63.78 6.01 -83.56
C TRP C 886 63.92 5.19 -84.82
N ASP C 887 63.23 5.56 -85.88
CA ASP C 887 63.48 5.13 -87.24
C ASP C 887 63.16 6.31 -88.15
N ARG C 888 63.86 6.35 -89.27
CA ARG C 888 63.86 7.42 -90.26
C ARG C 888 62.75 7.18 -91.27
N GLU C 889 62.35 5.93 -91.44
CA GLU C 889 61.01 5.60 -91.93
C GLU C 889 59.93 5.86 -90.86
N LYS C 890 58.66 5.76 -91.25
CA LYS C 890 57.48 5.88 -90.38
C LYS C 890 56.77 4.54 -90.37
N ARG C 891 57.15 3.67 -89.44
CA ARG C 891 57.03 2.22 -89.63
C ARG C 891 55.65 1.58 -89.47
N LEU C 892 54.92 1.88 -88.40
CA LEU C 892 53.79 1.07 -87.99
C LEU C 892 52.51 1.47 -88.72
N SER C 893 52.44 1.20 -90.02
CA SER C 893 51.34 1.53 -90.90
C SER C 893 50.08 0.72 -90.60
N PHE C 894 48.98 1.42 -90.32
CA PHE C 894 47.74 0.85 -89.81
C PHE C 894 46.51 1.49 -90.47
N ALA C 895 45.47 0.72 -90.85
CA ALA C 895 44.29 1.26 -91.55
C ALA C 895 43.04 1.32 -90.68
N VAL C 896 42.53 2.52 -90.44
CA VAL C 896 41.40 2.78 -89.55
C VAL C 896 40.11 2.26 -90.18
N PRO C 897 39.33 1.42 -89.49
CA PRO C 897 37.98 1.08 -89.91
C PRO C 897 36.96 2.17 -89.52
N PHE C 898 36.88 3.25 -90.27
CA PHE C 898 35.61 3.99 -90.35
C PHE C 898 34.60 3.15 -91.14
N ARG C 899 33.31 3.50 -91.02
CA ARG C 899 32.21 2.61 -91.46
C ARG C 899 32.36 2.19 -92.90
N GLU C 900 32.59 3.16 -93.77
CA GLU C 900 32.42 3.02 -95.21
C GLU C 900 33.74 2.86 -95.98
N MET C 901 34.83 3.30 -95.37
CA MET C 901 36.12 3.56 -96.00
C MET C 901 37.21 3.67 -94.93
N LYS C 902 38.48 3.54 -95.34
CA LYS C 902 39.58 3.37 -94.39
C LYS C 902 40.72 4.38 -94.57
N PRO C 903 40.88 5.30 -93.61
CA PRO C 903 42.11 6.08 -93.40
C PRO C 903 43.30 5.26 -92.91
N VAL C 904 44.49 5.86 -92.75
CA VAL C 904 45.71 5.17 -92.28
C VAL C 904 46.55 5.98 -91.28
N ILE C 905 47.18 5.31 -90.32
CA ILE C 905 47.99 5.82 -89.20
C ILE C 905 49.38 5.18 -89.20
N PHE C 906 50.41 5.88 -88.73
CA PHE C 906 51.76 5.35 -88.54
C PHE C 906 52.11 5.35 -87.07
N LEU C 907 51.72 4.31 -86.35
CA LEU C 907 51.80 4.29 -84.88
C LEU C 907 53.22 4.46 -84.32
N ASP C 908 54.28 4.36 -85.14
CA ASP C 908 55.67 4.53 -84.76
C ASP C 908 55.78 5.70 -83.78
N VAL C 909 55.16 6.83 -84.13
CA VAL C 909 55.26 8.09 -83.39
C VAL C 909 54.62 8.05 -81.99
N PHE C 910 53.76 7.09 -81.70
CA PHE C 910 53.20 6.96 -80.37
C PHE C 910 54.11 6.25 -79.43
N LEU C 911 54.76 5.19 -79.91
CA LEU C 911 55.59 4.33 -79.10
C LEU C 911 56.53 5.07 -78.14
N PRO C 912 57.33 6.05 -78.58
CA PRO C 912 58.28 6.70 -77.70
C PRO C 912 57.60 7.51 -76.60
N ARG C 913 56.33 7.89 -76.76
CA ARG C 913 55.60 8.54 -75.68
C ARG C 913 54.85 7.55 -74.83
N VAL C 914 54.19 6.59 -75.46
CA VAL C 914 53.45 5.56 -74.75
C VAL C 914 54.35 4.79 -73.79
N THR C 915 55.53 4.43 -74.24
CA THR C 915 56.54 3.79 -73.41
C THR C 915 56.85 4.64 -72.21
N GLU C 916 57.18 5.91 -72.42
CA GLU C 916 57.58 6.81 -71.36
C GLU C 916 56.55 6.78 -70.25
N LEU C 917 55.28 6.92 -70.62
CA LEU C 917 54.20 6.80 -69.67
C LEU C 917 54.17 5.43 -69.05
N ALA C 918 54.16 4.37 -69.85
CA ALA C 918 53.97 3.04 -69.32
C ALA C 918 55.04 2.70 -68.29
N LEU C 919 56.27 3.16 -68.47
CA LEU C 919 57.30 3.08 -67.45
C LEU C 919 56.96 3.95 -66.25
N THR C 920 56.62 5.21 -66.46
CA THR C 920 56.73 6.25 -65.43
C THR C 920 55.44 6.66 -64.75
N ALA C 921 54.34 6.67 -65.48
CA ALA C 921 53.21 7.53 -65.21
C ALA C 921 52.64 7.32 -63.82
N SER C 922 52.71 8.35 -62.97
CA SER C 922 52.42 8.24 -61.54
C SER C 922 50.96 7.95 -61.23
N ASP C 923 50.02 8.27 -62.10
CA ASP C 923 48.62 7.99 -61.85
C ASP C 923 48.34 6.50 -62.03
N ARG C 924 47.86 5.83 -60.98
CA ARG C 924 47.57 4.40 -60.97
C ARG C 924 46.67 4.00 -62.13
N GLN C 925 45.58 4.73 -62.26
CA GLN C 925 44.51 4.44 -63.19
C GLN C 925 44.95 4.72 -64.62
N THR C 926 45.89 5.64 -64.83
CA THR C 926 46.59 5.77 -66.11
C THR C 926 47.45 4.56 -66.36
N LYS C 927 48.30 4.21 -65.39
CA LYS C 927 49.37 3.23 -65.59
C LYS C 927 48.79 1.88 -65.93
N VAL C 928 47.79 1.44 -65.17
CA VAL C 928 47.16 0.14 -65.39
C VAL C 928 46.53 0.01 -66.79
N ALA C 929 46.01 1.10 -67.37
CA ALA C 929 45.52 1.08 -68.75
C ALA C 929 46.66 1.18 -69.74
N ALA C 930 47.66 2.01 -69.44
CA ALA C 930 48.74 2.31 -70.35
C ALA C 930 49.42 1.03 -70.85
N CYS C 931 49.60 0.08 -69.96
CA CYS C 931 50.25 -1.17 -70.27
C CYS C 931 49.51 -1.95 -71.34
N GLU C 932 48.18 -1.85 -71.38
CA GLU C 932 47.39 -2.49 -72.42
C GLU C 932 47.69 -1.89 -73.76
N LEU C 933 47.92 -0.58 -73.78
CA LEU C 933 48.30 0.09 -74.99
C LEU C 933 49.55 -0.59 -75.49
N LEU C 934 50.58 -0.58 -74.67
CA LEU C 934 51.87 -1.02 -75.16
C LEU C 934 51.86 -2.50 -75.46
N HIS C 935 51.23 -3.29 -74.61
CA HIS C 935 51.09 -4.72 -74.83
C HIS C 935 50.42 -4.99 -76.15
N SER C 936 49.29 -4.37 -76.41
CA SER C 936 48.58 -4.62 -77.65
C SER C 936 49.38 -4.09 -78.83
N MET C 937 50.00 -2.93 -78.69
CA MET C 937 50.80 -2.35 -79.76
C MET C 937 52.00 -3.21 -80.09
N VAL C 938 52.64 -3.85 -79.11
CA VAL C 938 53.73 -4.78 -79.39
C VAL C 938 53.28 -5.82 -80.38
N MET C 939 52.08 -6.34 -80.20
CA MET C 939 51.54 -7.33 -81.10
C MET C 939 51.55 -6.81 -82.52
N PHE C 940 51.20 -5.56 -82.69
CA PHE C 940 51.11 -5.01 -84.01
C PHE C 940 52.44 -5.10 -84.74
N MET C 941 53.54 -4.90 -84.03
CA MET C 941 54.86 -5.04 -84.64
C MET C 941 55.01 -6.43 -85.23
N LEU C 942 54.70 -7.45 -84.45
CA LEU C 942 54.90 -8.85 -84.82
C LEU C 942 54.01 -9.18 -86.00
N GLY C 943 52.80 -8.65 -85.98
CA GLY C 943 51.94 -8.62 -87.12
C GLY C 943 52.67 -8.14 -88.35
N LYS C 944 53.23 -6.95 -88.31
CA LYS C 944 53.87 -6.39 -89.50
C LYS C 944 55.13 -7.14 -89.87
N ALA C 945 55.86 -7.65 -88.90
CA ALA C 945 57.00 -8.52 -89.11
C ALA C 945 56.63 -9.81 -89.84
N THR C 946 55.35 -10.14 -89.85
CA THR C 946 54.78 -11.28 -90.54
C THR C 946 53.67 -10.89 -91.50
N GLN C 947 53.53 -9.61 -91.81
CA GLN C 947 52.90 -9.15 -93.03
C GLN C 947 53.89 -9.39 -94.16
N MET C 948 54.26 -10.65 -94.36
CA MET C 948 54.98 -11.07 -95.56
C MET C 948 53.99 -10.93 -96.70
N PRO C 949 54.19 -9.97 -97.61
CA PRO C 949 53.19 -9.66 -98.62
C PRO C 949 53.20 -10.76 -99.68
N GLU C 950 52.08 -10.95 -100.37
CA GLU C 950 52.12 -11.62 -101.67
C GLU C 950 52.77 -10.73 -102.73
N GLY C 951 52.89 -9.42 -102.46
CA GLY C 951 53.68 -8.48 -103.25
C GLY C 951 55.19 -8.74 -103.19
N GLY C 952 55.93 -8.00 -104.00
CA GLY C 952 57.37 -8.18 -104.16
C GLY C 952 58.23 -7.64 -103.02
N GLN C 953 57.70 -6.72 -102.20
CA GLN C 953 58.43 -6.14 -101.08
C GLN C 953 58.54 -7.15 -99.93
N GLY C 954 59.75 -7.37 -99.41
CA GLY C 954 59.91 -8.12 -98.17
C GLY C 954 59.32 -7.34 -96.99
N ALA C 955 58.87 -8.03 -95.94
CA ALA C 955 58.43 -7.36 -94.73
C ALA C 955 59.60 -6.51 -94.17
N PRO C 956 59.42 -5.20 -93.96
CA PRO C 956 60.54 -4.30 -93.75
C PRO C 956 61.35 -4.54 -92.47
N PRO C 957 62.53 -3.91 -92.35
CA PRO C 957 63.34 -3.92 -91.14
C PRO C 957 62.57 -3.41 -89.92
N MET C 958 62.96 -3.89 -88.74
CA MET C 958 62.42 -3.41 -87.46
C MET C 958 63.46 -3.25 -86.35
N TYR C 959 64.70 -3.61 -86.65
CA TYR C 959 65.78 -3.70 -85.68
C TYR C 959 65.86 -2.44 -84.84
N GLN C 960 65.81 -1.28 -85.48
CA GLN C 960 65.85 -0.01 -84.79
C GLN C 960 64.85 0.04 -83.66
N LEU C 961 63.60 -0.26 -83.99
CA LEU C 961 62.52 -0.16 -83.04
C LEU C 961 62.77 -1.17 -81.97
N TYR C 962 62.97 -2.41 -82.37
CA TYR C 962 63.16 -3.50 -81.44
C TYR C 962 64.18 -3.14 -80.39
N LYS C 963 65.32 -2.60 -80.81
CA LYS C 963 66.40 -2.18 -79.91
C LYS C 963 65.88 -1.16 -78.92
N ARG C 964 65.27 -0.07 -79.38
CA ARG C 964 64.71 0.93 -78.46
C ARG C 964 63.42 0.50 -77.79
N THR C 965 62.96 -0.72 -78.00
CA THR C 965 61.71 -1.20 -77.41
C THR C 965 61.94 -2.26 -76.37
N PHE C 966 62.68 -3.30 -76.71
CA PHE C 966 62.70 -4.50 -75.89
C PHE C 966 63.28 -4.25 -74.48
N PRO C 967 64.26 -3.37 -74.25
CA PRO C 967 64.67 -2.99 -72.92
C PRO C 967 63.54 -2.41 -72.09
N VAL C 968 62.60 -1.73 -72.73
CA VAL C 968 61.45 -1.18 -72.04
C VAL C 968 60.70 -2.31 -71.37
N LEU C 969 60.38 -3.33 -72.15
CA LEU C 969 59.57 -4.46 -71.74
C LEU C 969 60.17 -5.13 -70.52
N LEU C 970 61.48 -5.29 -70.47
CA LEU C 970 62.13 -5.94 -69.34
C LEU C 970 61.98 -5.12 -68.08
N ARG C 971 62.09 -3.79 -68.18
CA ARG C 971 61.85 -2.93 -67.02
C ARG C 971 60.40 -3.09 -66.59
N LEU C 972 59.51 -3.10 -67.55
CA LEU C 972 58.10 -3.29 -67.30
C LEU C 972 57.77 -4.69 -66.78
N ALA C 973 58.62 -5.68 -67.00
CA ALA C 973 58.41 -7.01 -66.47
C ALA C 973 58.95 -7.12 -65.05
N CYS C 974 60.18 -6.72 -64.76
CA CYS C 974 60.62 -6.77 -63.36
C CYS C 974 59.94 -5.71 -62.50
N ASP C 975 59.16 -4.81 -63.10
CA ASP C 975 58.27 -3.83 -62.47
C ASP C 975 57.63 -4.34 -61.19
N VAL C 976 57.72 -3.54 -60.14
CA VAL C 976 57.18 -3.87 -58.83
C VAL C 976 55.66 -4.13 -58.84
N ASP C 977 54.87 -3.57 -59.77
CA ASP C 977 53.42 -3.84 -59.78
C ASP C 977 53.09 -5.29 -60.20
N GLN C 978 52.48 -6.04 -59.30
CA GLN C 978 51.85 -7.32 -59.60
C GLN C 978 51.08 -7.34 -60.92
N VAL C 979 50.11 -6.46 -61.11
CA VAL C 979 49.12 -6.69 -62.16
C VAL C 979 49.74 -6.56 -63.53
N THR C 980 50.51 -5.51 -63.75
CA THR C 980 51.18 -5.30 -65.02
C THR C 980 52.21 -6.41 -65.24
N ARG C 981 52.96 -6.75 -64.20
CA ARG C 981 53.95 -7.82 -64.27
C ARG C 981 53.29 -9.12 -64.69
N GLN C 982 52.12 -9.43 -64.16
CA GLN C 982 51.39 -10.64 -64.49
C GLN C 982 51.02 -10.72 -65.97
N LEU C 983 50.97 -9.61 -66.70
CA LEU C 983 50.85 -9.60 -68.15
C LEU C 983 52.20 -9.69 -68.85
N TYR C 984 53.15 -8.83 -68.51
CA TYR C 984 54.41 -8.79 -69.25
C TYR C 984 55.36 -9.96 -68.97
N GLU C 985 55.35 -10.51 -67.77
CA GLU C 985 56.19 -11.63 -67.46
C GLU C 985 55.89 -12.82 -68.38
N PRO C 986 54.61 -13.16 -68.65
CA PRO C 986 54.29 -14.05 -69.74
C PRO C 986 54.79 -13.56 -71.09
N LEU C 987 54.58 -12.27 -71.39
CA LEU C 987 54.87 -11.75 -72.71
C LEU C 987 56.30 -12.05 -73.09
N VAL C 988 57.25 -11.68 -72.24
CA VAL C 988 58.66 -11.78 -72.60
C VAL C 988 59.03 -13.22 -72.94
N MET C 989 58.41 -14.19 -72.28
CA MET C 989 58.62 -15.58 -72.63
C MET C 989 58.17 -15.87 -74.03
N GLN C 990 56.93 -15.51 -74.37
CA GLN C 990 56.43 -15.69 -75.73
C GLN C 990 57.38 -15.03 -76.75
N LEU C 991 57.88 -13.84 -76.45
CA LEU C 991 58.81 -13.18 -77.34
C LEU C 991 60.03 -14.03 -77.58
N ILE C 992 60.71 -14.43 -76.50
CA ILE C 992 61.90 -15.26 -76.59
C ILE C 992 61.56 -16.45 -77.44
N HIS C 993 60.46 -17.10 -77.10
CA HIS C 993 60.06 -18.35 -77.69
C HIS C 993 59.90 -18.18 -79.18
N TRP C 994 59.26 -17.10 -79.60
CA TRP C 994 59.21 -16.78 -80.99
C TRP C 994 60.62 -16.52 -81.52
N PHE C 995 61.32 -15.52 -80.99
CA PHE C 995 62.48 -14.97 -81.66
C PHE C 995 63.60 -15.97 -81.82
N THR C 996 63.73 -16.89 -80.87
CA THR C 996 64.79 -17.89 -80.90
C THR C 996 64.66 -18.88 -82.04
N ASN C 997 63.60 -18.83 -82.85
CA ASN C 997 63.33 -19.78 -83.91
C ASN C 997 64.20 -19.67 -85.19
N ASN C 998 65.13 -18.72 -85.27
CA ASN C 998 65.89 -18.44 -86.50
C ASN C 998 66.84 -19.57 -86.87
N LYS C 999 67.28 -19.61 -88.13
CA LYS C 999 68.17 -20.66 -88.65
C LYS C 999 69.62 -20.25 -88.84
N LYS C 1000 69.98 -18.95 -88.87
CA LYS C 1000 71.34 -18.49 -89.21
C LYS C 1000 71.92 -17.39 -88.32
N PHE C 1001 73.24 -17.27 -88.41
CA PHE C 1001 74.13 -16.77 -87.36
C PHE C 1001 73.81 -15.44 -86.68
N GLU C 1002 73.61 -14.34 -87.39
CA GLU C 1002 73.29 -13.06 -86.75
C GLU C 1002 72.00 -12.48 -87.32
N SER C 1003 70.88 -13.03 -86.87
CA SER C 1003 69.59 -12.35 -86.92
C SER C 1003 69.72 -11.04 -86.15
N GLN C 1004 69.60 -9.92 -86.85
CA GLN C 1004 69.66 -8.63 -86.18
C GLN C 1004 68.65 -8.57 -85.06
N ASP C 1005 67.45 -9.10 -85.23
CA ASP C 1005 66.41 -9.07 -84.19
C ASP C 1005 66.84 -9.83 -82.95
N THR C 1006 67.35 -11.02 -83.18
CA THR C 1006 67.80 -11.91 -82.13
C THR C 1006 68.92 -11.25 -81.37
N VAL C 1007 69.83 -10.64 -82.10
CA VAL C 1007 70.92 -9.88 -81.54
C VAL C 1007 70.36 -8.79 -80.68
N ALA C 1008 69.41 -8.03 -81.21
CA ALA C 1008 68.84 -6.91 -80.50
C ALA C 1008 68.26 -7.36 -79.18
N LEU C 1009 67.49 -8.44 -79.22
CA LEU C 1009 66.91 -8.96 -78.03
C LEU C 1009 67.97 -9.39 -77.05
N LEU C 1010 68.88 -10.26 -77.48
CA LEU C 1010 69.94 -10.75 -76.64
C LEU C 1010 70.64 -9.58 -75.97
N GLU C 1011 71.12 -8.63 -76.77
CA GLU C 1011 71.89 -7.50 -76.29
C GLU C 1011 71.08 -6.70 -75.28
N ALA C 1012 69.78 -6.57 -75.50
CA ALA C 1012 68.95 -5.90 -74.52
C ALA C 1012 68.99 -6.66 -73.21
N ILE C 1013 68.88 -7.98 -73.27
CA ILE C 1013 68.85 -8.81 -72.10
C ILE C 1013 70.15 -8.65 -71.35
N LEU C 1014 71.27 -8.81 -72.03
CA LEU C 1014 72.58 -8.63 -71.43
C LEU C 1014 72.76 -7.22 -70.87
N ASP C 1015 72.32 -6.19 -71.61
CA ASP C 1015 72.38 -4.81 -71.12
C ASP C 1015 71.55 -4.62 -69.87
N GLY C 1016 70.55 -5.49 -69.67
CA GLY C 1016 69.92 -5.59 -68.39
C GLY C 1016 70.77 -6.32 -67.37
N ILE C 1017 71.33 -7.47 -67.70
CA ILE C 1017 72.05 -8.27 -66.72
C ILE C 1017 73.35 -7.63 -66.21
N VAL C 1018 73.91 -6.63 -66.89
CA VAL C 1018 75.05 -5.90 -66.35
C VAL C 1018 74.63 -4.74 -65.49
N ASP C 1019 73.35 -4.40 -65.42
CA ASP C 1019 72.91 -3.09 -64.91
C ASP C 1019 73.46 -2.78 -63.51
N PRO C 1020 74.06 -1.62 -63.23
CA PRO C 1020 74.76 -1.40 -61.97
C PRO C 1020 73.82 -1.31 -60.78
N VAL C 1021 72.70 -0.64 -60.96
CA VAL C 1021 71.78 -0.28 -59.89
C VAL C 1021 70.90 -1.46 -59.50
N ASP C 1022 70.39 -2.21 -60.47
CA ASP C 1022 69.15 -2.96 -60.30
C ASP C 1022 69.29 -4.50 -60.24
N SER C 1023 69.55 -5.00 -59.04
CA SER C 1023 69.59 -6.42 -58.77
C SER C 1023 68.28 -7.09 -59.15
N THR C 1024 67.14 -6.42 -59.00
CA THR C 1024 65.85 -7.02 -59.30
C THR C 1024 65.71 -7.30 -60.79
N LEU C 1025 66.21 -6.39 -61.63
CA LEU C 1025 66.32 -6.63 -63.05
C LEU C 1025 67.29 -7.77 -63.28
N ARG C 1026 68.49 -7.71 -62.70
CA ARG C 1026 69.50 -8.74 -62.94
C ARG C 1026 68.98 -10.12 -62.55
N ASP C 1027 68.17 -10.19 -61.51
CA ASP C 1027 67.43 -11.36 -61.14
C ASP C 1027 66.49 -11.75 -62.28
N PHE C 1028 65.58 -10.86 -62.66
CA PHE C 1028 64.57 -11.21 -63.65
C PHE C 1028 65.16 -11.60 -65.00
N CYS C 1029 66.08 -10.79 -65.47
CA CYS C 1029 66.85 -11.07 -66.64
C CYS C 1029 67.50 -12.44 -66.57
N GLY C 1030 67.97 -12.86 -65.39
CA GLY C 1030 68.54 -14.18 -65.21
C GLY C 1030 67.60 -15.27 -65.66
N ARG C 1031 66.33 -15.12 -65.29
CA ARG C 1031 65.29 -16.04 -65.77
C ARG C 1031 65.23 -15.97 -67.28
N CYS C 1032 65.12 -14.78 -67.86
CA CYS C 1032 65.00 -14.65 -69.30
C CYS C 1032 66.14 -15.33 -70.03
N ILE C 1033 67.35 -15.19 -69.52
CA ILE C 1033 68.54 -15.82 -70.08
C ILE C 1033 68.37 -17.32 -70.10
N ARG C 1034 68.04 -17.91 -68.96
CA ARG C 1034 67.82 -19.34 -68.86
C ARG C 1034 66.81 -19.76 -69.92
N GLU C 1035 65.67 -19.10 -69.89
CA GLU C 1035 64.56 -19.46 -70.75
C GLU C 1035 64.97 -19.28 -72.20
N PHE C 1036 65.78 -18.27 -72.51
CA PHE C 1036 66.35 -18.07 -73.82
C PHE C 1036 67.05 -19.32 -74.26
N LEU C 1037 68.04 -19.77 -73.49
CA LEU C 1037 68.88 -20.83 -73.98
C LEU C 1037 68.07 -22.10 -74.08
N LYS C 1038 67.23 -22.38 -73.08
CA LYS C 1038 66.32 -23.53 -73.08
C LYS C 1038 65.56 -23.57 -74.40
N TRP C 1039 64.91 -22.47 -74.72
CA TRP C 1039 64.18 -22.38 -75.98
C TRP C 1039 65.07 -22.42 -77.20
N SER C 1040 66.28 -21.91 -77.10
CA SER C 1040 67.22 -21.97 -78.20
C SER C 1040 67.73 -23.38 -78.48
N ILE C 1041 67.59 -24.32 -77.54
CA ILE C 1041 67.70 -25.76 -77.80
C ILE C 1041 66.44 -26.28 -78.47
N LYS C 1042 65.31 -25.84 -77.94
CA LYS C 1042 63.98 -26.36 -78.21
C LYS C 1042 63.54 -26.30 -79.65
N GLN C 1043 64.30 -25.68 -80.53
CA GLN C 1043 63.83 -25.30 -81.86
C GLN C 1043 64.70 -25.78 -83.03
N ILE C 1044 65.59 -26.76 -82.85
CA ILE C 1044 66.53 -27.11 -83.93
C ILE C 1044 66.84 -28.60 -84.07
N THR C 1045 67.05 -29.08 -85.29
CA THR C 1045 67.44 -30.47 -85.56
C THR C 1045 68.80 -30.79 -84.96
N PRO C 1046 69.03 -32.03 -84.55
CA PRO C 1046 70.34 -32.45 -84.10
C PRO C 1046 71.39 -32.19 -85.19
N GLN C 1047 71.14 -32.63 -86.42
CA GLN C 1047 72.15 -32.58 -87.49
C GLN C 1047 72.59 -31.15 -87.85
N GLN C 1048 71.69 -30.18 -87.73
CA GLN C 1048 72.06 -28.77 -87.91
C GLN C 1048 72.72 -28.20 -86.66
N GLN C 1049 72.19 -28.49 -85.48
CA GLN C 1049 72.81 -28.04 -84.24
C GLN C 1049 74.24 -28.54 -84.09
N GLU C 1050 74.53 -29.75 -84.53
CA GLU C 1050 75.87 -30.32 -84.57
C GLU C 1050 76.75 -29.59 -85.59
N LYS C 1051 76.22 -29.29 -86.78
CA LYS C 1051 76.92 -28.54 -87.83
C LYS C 1051 77.26 -27.11 -87.40
N SER C 1052 76.33 -26.39 -86.77
CA SER C 1052 76.54 -25.01 -86.29
C SER C 1052 75.46 -24.59 -85.29
N PRO C 1053 75.73 -24.56 -83.98
CA PRO C 1053 74.75 -24.21 -82.97
C PRO C 1053 74.60 -22.69 -82.88
N VAL C 1054 73.89 -22.09 -83.82
CA VAL C 1054 74.10 -20.67 -84.16
C VAL C 1054 73.91 -19.74 -82.99
N ASN C 1055 72.76 -19.67 -82.36
CA ASN C 1055 72.60 -18.69 -81.30
C ASN C 1055 73.42 -19.05 -80.08
N THR C 1056 73.76 -20.30 -79.89
CA THR C 1056 74.66 -20.72 -78.83
C THR C 1056 76.02 -20.06 -78.97
N LYS C 1057 76.57 -20.09 -80.19
CA LYS C 1057 77.77 -19.36 -80.55
C LYS C 1057 77.53 -17.87 -80.29
N SER C 1058 76.52 -17.29 -80.92
CA SER C 1058 76.25 -15.85 -80.79
C SER C 1058 75.93 -15.40 -79.38
N LEU C 1059 75.60 -16.30 -78.47
CA LEU C 1059 75.56 -16.04 -77.05
C LEU C 1059 76.94 -16.10 -76.43
N PHE C 1060 77.59 -17.25 -76.48
CA PHE C 1060 78.80 -17.44 -75.72
C PHE C 1060 79.82 -16.36 -76.03
N LYS C 1061 79.96 -15.97 -77.30
CA LYS C 1061 80.91 -14.95 -77.70
C LYS C 1061 80.70 -13.66 -76.90
N ARG C 1062 79.44 -13.28 -76.71
CA ARG C 1062 79.11 -12.07 -75.97
C ARG C 1062 79.25 -12.26 -74.48
N LEU C 1063 78.96 -13.45 -73.99
CA LEU C 1063 79.30 -13.76 -72.61
C LEU C 1063 80.80 -13.62 -72.38
N TYR C 1064 81.62 -14.17 -73.26
CA TYR C 1064 83.04 -14.05 -73.10
C TYR C 1064 83.45 -12.59 -73.03
N SER C 1065 83.00 -11.74 -73.95
CA SER C 1065 83.43 -10.34 -73.91
C SER C 1065 83.07 -9.70 -72.58
N LEU C 1066 81.90 -9.99 -72.03
CA LEU C 1066 81.57 -9.47 -70.72
C LEU C 1066 82.41 -10.08 -69.63
N ALA C 1067 82.79 -11.33 -69.75
CA ALA C 1067 83.76 -11.89 -68.85
C ALA C 1067 85.15 -11.23 -68.98
N LEU C 1068 85.53 -10.68 -70.13
CA LEU C 1068 86.81 -10.01 -70.30
C LEU C 1068 86.75 -8.51 -70.07
N HIS C 1069 85.60 -7.92 -69.83
CA HIS C 1069 85.50 -6.50 -69.60
C HIS C 1069 86.20 -6.12 -68.30
N PRO C 1070 86.93 -5.00 -68.23
CA PRO C 1070 87.65 -4.62 -67.03
C PRO C 1070 86.73 -4.11 -65.92
N ASN C 1071 85.57 -3.55 -66.24
CA ASN C 1071 84.63 -3.06 -65.23
C ASN C 1071 84.04 -4.24 -64.44
N ALA C 1072 84.03 -4.17 -63.12
CA ALA C 1072 83.54 -5.28 -62.34
C ALA C 1072 82.09 -5.66 -62.63
N PHE C 1073 81.15 -4.72 -62.69
CA PHE C 1073 79.77 -5.07 -63.00
C PHE C 1073 79.65 -5.68 -64.39
N LYS C 1074 80.46 -5.24 -65.36
CA LYS C 1074 80.45 -5.80 -66.71
C LYS C 1074 80.88 -7.26 -66.72
N ARG C 1075 81.66 -7.70 -65.73
CA ARG C 1075 81.92 -9.13 -65.51
C ARG C 1075 80.79 -9.79 -64.75
N LEU C 1076 80.36 -9.19 -63.65
CA LEU C 1076 79.53 -9.86 -62.66
C LEU C 1076 78.30 -10.46 -63.30
N GLY C 1077 77.58 -9.69 -64.10
CA GLY C 1077 76.39 -10.18 -64.79
C GLY C 1077 76.67 -11.45 -65.57
N ALA C 1078 77.76 -11.53 -66.31
CA ALA C 1078 78.05 -12.71 -67.12
C ALA C 1078 78.24 -13.95 -66.26
N SER C 1079 78.83 -13.83 -65.07
CA SER C 1079 78.83 -14.97 -64.19
C SER C 1079 77.41 -15.39 -63.79
N LEU C 1080 76.48 -14.45 -63.54
CA LEU C 1080 75.12 -14.83 -63.18
C LEU C 1080 74.43 -15.54 -64.33
N ALA C 1081 74.59 -15.03 -65.54
CA ALA C 1081 74.12 -15.73 -66.71
C ALA C 1081 74.68 -17.12 -66.74
N PHE C 1082 75.98 -17.26 -66.54
CA PHE C 1082 76.57 -18.55 -66.65
C PHE C 1082 76.03 -19.51 -65.61
N ASN C 1083 75.81 -19.08 -64.36
CA ASN C 1083 75.11 -19.93 -63.40
C ASN C 1083 73.73 -20.28 -63.95
N ASN C 1084 72.94 -19.28 -64.29
CA ASN C 1084 71.57 -19.50 -64.70
C ASN C 1084 71.43 -20.33 -65.96
N ILE C 1085 72.44 -20.58 -66.80
CA ILE C 1085 72.35 -21.61 -67.84
C ILE C 1085 72.98 -22.94 -67.47
N TYR C 1086 73.73 -23.09 -66.37
CA TYR C 1086 74.56 -24.30 -66.20
C TYR C 1086 73.71 -25.56 -66.33
N ARG C 1087 72.57 -25.51 -65.65
CA ARG C 1087 71.58 -26.56 -65.51
C ARG C 1087 70.81 -26.85 -66.81
N GLU C 1088 71.06 -26.09 -67.88
CA GLU C 1088 70.48 -26.26 -69.22
C GLU C 1088 71.53 -26.21 -70.33
N PHE C 1089 72.76 -25.87 -70.01
CA PHE C 1089 73.94 -26.30 -70.74
C PHE C 1089 74.12 -27.80 -70.50
N ARG C 1090 75.22 -28.44 -70.90
CA ARG C 1090 75.48 -29.85 -70.55
C ARG C 1090 74.33 -30.81 -70.83
N GLU C 1091 73.60 -30.52 -71.90
CA GLU C 1091 72.47 -31.32 -72.33
C GLU C 1091 72.71 -31.91 -73.71
N GLU C 1092 72.94 -31.09 -74.71
CA GLU C 1092 73.46 -31.61 -75.97
C GLU C 1092 74.93 -32.00 -75.80
N GLU C 1093 75.38 -33.04 -76.49
CA GLU C 1093 76.77 -33.52 -76.42
C GLU C 1093 77.70 -32.44 -76.97
N SER C 1094 77.28 -31.89 -78.11
CA SER C 1094 78.00 -30.89 -78.87
C SER C 1094 78.46 -29.73 -78.02
N LEU C 1095 77.61 -29.25 -77.14
CA LEU C 1095 77.90 -28.03 -76.42
C LEU C 1095 79.12 -28.21 -75.53
N VAL C 1096 79.08 -29.18 -74.63
CA VAL C 1096 80.25 -29.44 -73.80
C VAL C 1096 81.39 -29.97 -74.64
N GLU C 1097 81.14 -30.74 -75.71
CA GLU C 1097 82.20 -31.13 -76.62
C GLU C 1097 82.97 -29.93 -77.19
N GLN C 1098 82.27 -28.85 -77.57
CA GLN C 1098 82.84 -27.75 -78.31
C GLN C 1098 83.31 -26.59 -77.47
N PHE C 1099 82.51 -26.15 -76.50
CA PHE C 1099 82.73 -24.87 -75.82
C PHE C 1099 83.48 -24.98 -74.50
N VAL C 1100 83.53 -26.16 -73.88
CA VAL C 1100 83.73 -26.19 -72.43
C VAL C 1100 85.09 -25.69 -71.95
N PHE C 1101 86.19 -26.02 -72.63
CA PHE C 1101 87.50 -25.49 -72.26
C PHE C 1101 87.53 -23.97 -72.39
N GLU C 1102 86.98 -23.48 -73.50
CA GLU C 1102 86.94 -22.05 -73.76
C GLU C 1102 86.19 -21.39 -72.62
N ALA C 1103 85.00 -21.91 -72.30
CA ALA C 1103 84.24 -21.42 -71.18
C ALA C 1103 85.06 -21.40 -69.89
N LEU C 1104 85.69 -22.51 -69.55
CA LEU C 1104 86.48 -22.61 -68.34
C LEU C 1104 87.56 -21.56 -68.29
N VAL C 1105 88.44 -21.59 -69.29
CA VAL C 1105 89.61 -20.74 -69.34
C VAL C 1105 89.20 -19.30 -69.18
N ILE C 1106 88.17 -18.87 -69.90
CA ILE C 1106 87.72 -17.50 -69.82
C ILE C 1106 87.32 -17.16 -68.40
N TYR C 1107 86.63 -18.03 -67.69
CA TYR C 1107 86.29 -17.71 -66.33
C TYR C 1107 87.48 -17.62 -65.41
N MET C 1108 88.54 -18.38 -65.65
CA MET C 1108 89.78 -18.17 -64.90
C MET C 1108 90.26 -16.74 -65.04
N GLU C 1109 90.28 -16.25 -66.26
CA GLU C 1109 90.76 -14.91 -66.49
C GLU C 1109 89.80 -13.92 -65.88
N SER C 1110 88.50 -14.16 -65.97
CA SER C 1110 87.57 -13.25 -65.36
C SER C 1110 87.71 -13.24 -63.84
N LEU C 1111 88.14 -14.35 -63.25
CA LEU C 1111 88.51 -14.36 -61.85
C LEU C 1111 89.77 -13.55 -61.58
N ALA C 1112 90.79 -13.72 -62.42
CA ALA C 1112 92.04 -13.01 -62.28
C ALA C 1112 91.79 -11.52 -62.30
N LEU C 1113 91.01 -11.04 -63.26
CA LEU C 1113 90.65 -9.64 -63.36
C LEU C 1113 89.90 -9.15 -62.13
N ALA C 1114 89.18 -10.01 -61.42
CA ALA C 1114 88.52 -9.59 -60.20
C ALA C 1114 89.48 -9.25 -59.08
N HIS C 1115 90.72 -9.74 -59.14
CA HIS C 1115 91.71 -9.58 -58.09
C HIS C 1115 91.88 -8.15 -57.62
N ALA C 1116 91.89 -7.18 -58.54
CA ALA C 1116 92.09 -5.77 -58.20
C ALA C 1116 90.90 -5.12 -57.49
N ASP C 1117 89.72 -5.74 -57.51
CA ASP C 1117 88.47 -5.20 -57.01
C ASP C 1117 88.29 -5.42 -55.52
N GLU C 1118 87.30 -4.75 -54.94
CA GLU C 1118 86.77 -5.14 -53.64
C GLU C 1118 86.21 -6.57 -53.72
N LYS C 1119 86.29 -7.34 -52.62
CA LYS C 1119 85.56 -8.61 -52.47
C LYS C 1119 84.07 -8.34 -52.35
N SER C 1120 83.67 -7.18 -51.87
CA SER C 1120 82.28 -6.84 -51.55
C SER C 1120 81.33 -6.71 -52.75
N LEU C 1121 81.78 -6.86 -53.99
CA LEU C 1121 80.87 -7.13 -55.10
C LEU C 1121 80.42 -8.60 -55.14
N GLY C 1122 81.09 -9.50 -54.43
CA GLY C 1122 80.78 -10.93 -54.40
C GLY C 1122 81.20 -11.71 -55.64
N THR C 1123 81.85 -11.03 -56.60
CA THR C 1123 82.30 -11.62 -57.87
C THR C 1123 83.11 -12.87 -57.66
N ILE C 1124 83.97 -12.88 -56.63
CA ILE C 1124 84.76 -14.04 -56.24
C ILE C 1124 83.86 -15.27 -56.15
N GLN C 1125 82.82 -15.20 -55.33
CA GLN C 1125 81.92 -16.31 -55.09
C GLN C 1125 81.18 -16.68 -56.35
N GLN C 1126 80.63 -15.68 -57.04
CA GLN C 1126 79.91 -15.94 -58.28
C GLN C 1126 80.77 -16.70 -59.27
N CYS C 1127 82.03 -16.30 -59.34
CA CYS C 1127 82.97 -16.94 -60.22
C CYS C 1127 83.32 -18.34 -59.72
N CYS C 1128 83.43 -18.53 -58.40
CA CYS C 1128 83.65 -19.86 -57.86
C CYS C 1128 82.56 -20.79 -58.36
N ASP C 1129 81.30 -20.46 -58.15
CA ASP C 1129 80.21 -21.29 -58.67
C ASP C 1129 80.32 -21.52 -60.18
N ALA C 1130 80.64 -20.48 -60.95
CA ALA C 1130 80.79 -20.62 -62.38
C ALA C 1130 81.81 -21.66 -62.79
N ILE C 1131 82.88 -21.79 -62.01
CA ILE C 1131 83.95 -22.72 -62.27
C ILE C 1131 83.61 -24.07 -61.65
N ASP C 1132 83.04 -24.04 -60.46
CA ASP C 1132 82.61 -25.21 -59.76
C ASP C 1132 81.66 -26.01 -60.61
N HIS C 1133 80.69 -25.36 -61.24
CA HIS C 1133 79.75 -26.10 -62.03
C HIS C 1133 80.38 -26.64 -63.29
N LEU C 1134 81.44 -26.01 -63.78
CA LEU C 1134 82.26 -26.62 -64.81
C LEU C 1134 82.95 -27.86 -64.27
N CYS C 1135 83.57 -27.79 -63.11
CA CYS C 1135 84.12 -28.98 -62.46
C CYS C 1135 83.06 -30.08 -62.35
N ARG C 1136 81.85 -29.72 -61.94
CA ARG C 1136 80.74 -30.67 -61.83
C ARG C 1136 80.40 -31.30 -63.17
N ILE C 1137 80.61 -30.63 -64.29
CA ILE C 1137 80.45 -31.25 -65.61
C ILE C 1137 81.60 -32.20 -65.86
N ILE C 1138 82.80 -31.75 -65.56
CA ILE C 1138 83.99 -32.46 -66.02
C ILE C 1138 84.23 -33.75 -65.24
N GLU C 1139 83.79 -33.81 -63.99
CA GLU C 1139 83.67 -35.08 -63.25
C GLU C 1139 83.10 -36.19 -64.14
N LYS C 1140 82.10 -35.85 -64.94
CA LYS C 1140 81.45 -36.79 -65.83
C LYS C 1140 82.22 -36.83 -67.13
N LYS C 1141 82.10 -35.81 -67.95
CA LYS C 1141 82.38 -35.99 -69.38
C LYS C 1141 83.82 -35.84 -69.82
N HIS C 1142 84.76 -36.00 -68.90
CA HIS C 1142 86.14 -36.30 -69.31
C HIS C 1142 86.19 -37.55 -70.20
N VAL C 1143 85.31 -38.53 -69.96
CA VAL C 1143 85.11 -39.72 -70.81
C VAL C 1143 85.04 -39.37 -72.29
N SER C 1144 84.37 -38.27 -72.62
CA SER C 1144 84.21 -37.73 -73.96
C SER C 1144 85.42 -36.90 -74.40
N LEU C 1145 85.90 -36.03 -73.51
CA LEU C 1145 86.97 -35.07 -73.77
C LEU C 1145 88.35 -35.72 -73.94
N ASN C 1146 88.56 -36.93 -73.44
CA ASN C 1146 89.84 -37.60 -73.59
C ASN C 1146 90.19 -37.86 -75.06
N LYS C 1147 89.18 -38.07 -75.91
CA LYS C 1147 89.35 -38.24 -77.36
C LYS C 1147 89.94 -36.95 -77.93
N ALA C 1148 91.00 -37.02 -78.73
CA ALA C 1148 91.40 -35.87 -79.53
C ALA C 1148 90.32 -35.61 -80.57
N LYS C 1149 89.64 -34.45 -80.52
CA LYS C 1149 88.56 -34.10 -81.45
C LYS C 1149 88.54 -32.58 -81.67
N LYS C 1150 87.84 -32.10 -82.69
CA LYS C 1150 87.73 -30.67 -83.04
C LYS C 1150 86.87 -29.90 -82.03
N ARG C 1151 87.40 -28.80 -81.52
CA ARG C 1151 86.83 -27.97 -80.43
C ARG C 1151 87.19 -26.52 -80.69
N ARG C 1152 86.54 -25.56 -80.04
CA ARG C 1152 86.95 -24.17 -80.17
C ARG C 1152 88.20 -23.89 -79.34
N LEU C 1153 89.23 -23.41 -80.01
CA LEU C 1153 90.55 -23.12 -79.46
C LEU C 1153 90.41 -22.09 -78.34
N PRO C 1154 90.71 -22.44 -77.09
CA PRO C 1154 90.68 -21.49 -76.01
C PRO C 1154 91.66 -20.35 -76.25
N ARG C 1155 91.32 -19.19 -75.73
CA ARG C 1155 92.10 -17.98 -75.93
C ARG C 1155 93.57 -18.20 -75.57
N GLY C 1156 94.42 -18.15 -76.59
CA GLY C 1156 95.88 -18.17 -76.47
C GLY C 1156 96.58 -19.52 -76.63
N PHE C 1157 95.88 -20.63 -76.72
CA PHE C 1157 96.54 -21.90 -76.97
C PHE C 1157 97.21 -21.92 -78.35
N PRO C 1158 98.28 -22.69 -78.55
CA PRO C 1158 98.82 -22.92 -79.88
C PRO C 1158 97.77 -23.61 -80.77
N PRO C 1159 97.41 -23.03 -81.92
CA PRO C 1159 96.40 -23.60 -82.80
C PRO C 1159 96.77 -25.01 -83.24
N SER C 1160 95.78 -25.90 -83.24
CA SER C 1160 95.97 -27.35 -83.39
C SER C 1160 94.79 -27.96 -84.14
N ALA C 1161 94.98 -29.10 -84.79
CA ALA C 1161 93.95 -29.73 -85.63
C ALA C 1161 92.75 -30.28 -84.85
N SER C 1162 92.97 -30.56 -83.57
CA SER C 1162 92.01 -31.09 -82.60
C SER C 1162 92.61 -30.90 -81.20
N LEU C 1163 91.81 -31.06 -80.15
CA LEU C 1163 92.23 -30.78 -78.79
C LEU C 1163 91.71 -31.83 -77.82
N CYS C 1164 92.36 -31.96 -76.67
CA CYS C 1164 92.01 -32.90 -75.63
C CYS C 1164 92.39 -32.37 -74.25
N LEU C 1165 91.92 -33.08 -73.24
CA LEU C 1165 92.12 -32.72 -71.86
C LEU C 1165 93.59 -32.62 -71.44
N LEU C 1166 94.52 -33.28 -72.14
CA LEU C 1166 95.95 -33.10 -71.89
C LEU C 1166 96.40 -31.68 -72.15
N ASP C 1167 96.02 -31.15 -73.29
CA ASP C 1167 96.40 -29.81 -73.67
C ASP C 1167 95.94 -28.84 -72.59
N LEU C 1168 94.71 -29.03 -72.12
CA LEU C 1168 94.18 -28.22 -71.04
C LEU C 1168 94.98 -28.40 -69.75
N VAL C 1169 95.20 -29.60 -69.25
CA VAL C 1169 95.89 -29.70 -67.97
C VAL C 1169 97.31 -29.19 -68.05
N LYS C 1170 97.98 -29.33 -69.19
CA LYS C 1170 99.30 -28.73 -69.37
C LYS C 1170 99.22 -27.21 -69.34
N TRP C 1171 98.18 -26.64 -69.91
CA TRP C 1171 97.94 -25.22 -69.74
C TRP C 1171 97.67 -24.87 -68.29
N LEU C 1172 96.90 -25.66 -67.56
CA LEU C 1172 96.68 -25.39 -66.15
C LEU C 1172 97.99 -25.39 -65.39
N LEU C 1173 98.87 -26.34 -65.68
CA LEU C 1173 100.18 -26.35 -65.06
C LEU C 1173 100.88 -25.01 -65.30
N ALA C 1174 100.87 -24.49 -66.53
CA ALA C 1174 101.47 -23.19 -66.81
C ALA C 1174 100.92 -22.07 -65.92
N HIS C 1175 99.67 -22.16 -65.50
CA HIS C 1175 99.07 -21.17 -64.64
C HIS C 1175 99.35 -21.33 -63.17
N CYS C 1176 100.23 -22.23 -62.75
CA CYS C 1176 100.34 -22.50 -61.32
C CYS C 1176 100.89 -21.33 -60.46
N GLY C 1177 101.89 -20.60 -60.93
CA GLY C 1177 102.68 -19.65 -60.15
C GLY C 1177 102.31 -18.21 -60.39
N ARG C 1178 101.08 -17.93 -60.87
CA ARG C 1178 100.60 -16.58 -61.24
C ARG C 1178 100.04 -15.82 -60.05
N PRO C 1179 100.10 -14.50 -60.00
CA PRO C 1179 99.91 -13.73 -58.77
C PRO C 1179 98.45 -13.50 -58.38
N GLN C 1180 97.51 -13.74 -59.27
CA GLN C 1180 96.10 -13.43 -59.05
C GLN C 1180 95.46 -14.46 -58.13
N THR C 1181 95.26 -14.10 -56.87
CA THR C 1181 95.12 -15.08 -55.79
C THR C 1181 94.12 -16.19 -56.10
N GLU C 1182 92.87 -15.88 -56.38
CA GLU C 1182 91.91 -16.96 -56.46
C GLU C 1182 92.04 -17.77 -57.74
N CYS C 1183 92.61 -17.19 -58.79
CA CYS C 1183 93.04 -18.00 -59.92
C CYS C 1183 94.02 -19.06 -59.46
N ARG C 1184 95.01 -18.69 -58.63
CA ARG C 1184 96.00 -19.61 -58.13
C ARG C 1184 95.34 -20.73 -57.34
N HIS C 1185 94.50 -20.41 -56.38
CA HIS C 1185 93.82 -21.42 -55.59
C HIS C 1185 93.03 -22.37 -56.47
N LYS C 1186 92.35 -21.85 -57.48
CA LYS C 1186 91.61 -22.72 -58.37
C LYS C 1186 92.54 -23.62 -59.14
N SER C 1187 93.59 -23.09 -59.76
CA SER C 1187 94.38 -23.93 -60.68
C SER C 1187 95.04 -25.10 -59.96
N ILE C 1188 95.47 -24.88 -58.71
CA ILE C 1188 95.88 -25.95 -57.80
C ILE C 1188 94.77 -27.01 -57.69
N GLU C 1189 93.59 -26.62 -57.22
CA GLU C 1189 92.55 -27.57 -56.90
C GLU C 1189 92.07 -28.28 -58.13
N LEU C 1190 91.87 -27.56 -59.21
CA LEU C 1190 91.44 -28.14 -60.45
C LEU C 1190 92.46 -29.13 -60.97
N PHE C 1191 93.74 -28.79 -60.94
CA PHE C 1191 94.75 -29.70 -61.43
C PHE C 1191 94.69 -31.04 -60.70
N TYR C 1192 94.57 -31.02 -59.37
CA TYR C 1192 94.37 -32.25 -58.60
C TYR C 1192 93.12 -33.02 -59.02
N LYS C 1193 92.00 -32.33 -59.23
CA LYS C 1193 90.77 -32.93 -59.77
C LYS C 1193 90.93 -33.40 -61.22
N PHE C 1194 92.00 -33.06 -61.92
CA PHE C 1194 92.17 -33.39 -63.33
C PHE C 1194 93.32 -34.33 -63.70
N VAL C 1195 94.34 -34.54 -62.88
CA VAL C 1195 95.25 -35.66 -63.15
C VAL C 1195 94.51 -36.99 -63.33
N PRO C 1196 93.61 -37.38 -62.40
CA PRO C 1196 93.19 -38.77 -62.31
C PRO C 1196 92.29 -39.24 -63.44
N LEU C 1197 92.11 -38.46 -64.50
CA LEU C 1197 91.09 -38.69 -65.51
C LEU C 1197 91.57 -38.49 -66.95
N LEU C 1198 92.83 -38.11 -67.15
CA LEU C 1198 93.48 -38.38 -68.43
C LEU C 1198 93.62 -39.89 -68.62
N PRO C 1199 93.87 -40.42 -69.83
CA PRO C 1199 93.75 -41.85 -70.13
C PRO C 1199 94.57 -42.81 -69.27
N GLY C 1200 95.67 -42.36 -68.66
CA GLY C 1200 96.41 -43.14 -67.67
C GLY C 1200 95.73 -43.25 -66.31
N ASN C 1201 94.98 -42.23 -65.87
CA ASN C 1201 94.34 -42.18 -64.54
C ASN C 1201 95.26 -42.40 -63.30
N ARG C 1202 96.54 -42.07 -63.40
CA ARG C 1202 97.56 -42.21 -62.36
C ARG C 1202 97.40 -41.15 -61.25
N SER C 1203 98.12 -41.26 -60.13
CA SER C 1203 98.22 -40.20 -59.13
C SER C 1203 99.04 -39.00 -59.62
N PRO C 1204 98.93 -37.80 -59.01
CA PRO C 1204 99.74 -36.65 -59.40
C PRO C 1204 101.23 -36.91 -59.24
N ASN C 1205 101.67 -37.50 -58.13
CA ASN C 1205 103.09 -37.77 -57.93
C ASN C 1205 103.64 -38.66 -59.04
N LEU C 1206 102.93 -39.75 -59.33
CA LEU C 1206 103.36 -40.71 -60.35
C LEU C 1206 103.21 -40.15 -61.77
N TRP C 1207 102.24 -39.28 -62.01
CA TRP C 1207 102.17 -38.53 -63.25
C TRP C 1207 103.37 -37.59 -63.41
N LEU C 1208 103.68 -36.81 -62.37
CA LEU C 1208 104.76 -35.84 -62.36
C LEU C 1208 106.11 -36.49 -62.62
N LYS C 1209 106.32 -37.68 -62.07
CA LYS C 1209 107.52 -38.46 -62.27
C LYS C 1209 107.89 -38.52 -63.75
N ASP C 1210 106.93 -38.65 -64.65
CA ASP C 1210 107.22 -38.69 -66.08
C ASP C 1210 107.80 -37.37 -66.59
N VAL C 1211 107.07 -36.28 -66.42
CA VAL C 1211 107.47 -34.97 -66.95
C VAL C 1211 108.68 -34.39 -66.23
N LEU C 1212 108.89 -34.65 -64.93
CA LEU C 1212 110.15 -34.29 -64.29
C LEU C 1212 111.32 -35.11 -64.86
N LYS C 1213 111.14 -36.41 -65.16
CA LYS C 1213 112.18 -37.24 -65.80
C LYS C 1213 112.49 -36.75 -67.21
N GLU C 1214 111.51 -36.25 -67.94
CA GLU C 1214 111.71 -35.69 -69.28
C GLU C 1214 112.28 -34.26 -69.28
N GLU C 1215 111.73 -33.38 -68.47
CA GLU C 1215 111.91 -31.94 -68.59
C GLU C 1215 112.88 -31.36 -67.54
N GLY C 1216 113.03 -32.04 -66.39
CA GLY C 1216 113.84 -31.60 -65.26
C GLY C 1216 113.13 -30.58 -64.37
N VAL C 1217 113.50 -30.48 -63.08
CA VAL C 1217 112.84 -29.53 -62.17
C VAL C 1217 112.87 -28.09 -62.68
N SER C 1218 113.88 -27.77 -63.49
CA SER C 1218 113.99 -26.58 -64.31
C SER C 1218 112.65 -26.15 -64.91
N PHE C 1219 112.00 -27.04 -65.66
CA PHE C 1219 110.73 -26.77 -66.30
C PHE C 1219 109.67 -26.32 -65.30
N LEU C 1220 109.53 -27.06 -64.21
CA LEU C 1220 108.52 -26.76 -63.22
C LEU C 1220 108.82 -25.47 -62.50
N ILE C 1221 110.07 -25.21 -62.13
CA ILE C 1221 110.47 -23.95 -61.51
C ILE C 1221 110.17 -22.78 -62.47
N ASN C 1222 110.46 -22.98 -63.74
CA ASN C 1222 110.10 -22.06 -64.79
C ASN C 1222 108.57 -21.93 -64.98
N THR C 1223 107.74 -22.52 -64.11
CA THR C 1223 106.29 -22.32 -64.05
C THR C 1223 105.77 -22.05 -62.65
N PHE C 1224 106.42 -22.49 -61.58
CA PHE C 1224 106.08 -22.00 -60.23
C PHE C 1224 106.67 -20.63 -59.93
N GLU C 1225 107.65 -20.22 -60.72
CA GLU C 1225 108.29 -18.92 -60.61
C GLU C 1225 108.30 -18.23 -61.97
N GLY C 1226 108.60 -18.96 -63.05
CA GLY C 1226 108.35 -18.49 -64.42
C GLY C 1226 106.86 -18.53 -64.79
N GLY C 1227 105.97 -18.42 -63.80
CA GLY C 1227 104.54 -18.66 -63.90
C GLY C 1227 103.73 -17.42 -64.27
N GLY C 1228 102.90 -17.52 -65.31
CA GLY C 1228 102.22 -16.39 -65.95
C GLY C 1228 102.42 -16.42 -67.47
N CYS C 1229 102.33 -15.26 -68.10
CA CYS C 1229 102.32 -15.08 -69.56
C CYS C 1229 103.66 -15.34 -70.29
N GLY C 1230 103.65 -16.15 -71.35
CA GLY C 1230 104.81 -16.42 -72.19
C GLY C 1230 106.02 -16.91 -71.39
N GLN C 1231 107.05 -16.08 -71.32
CA GLN C 1231 108.12 -16.17 -70.34
C GLN C 1231 107.99 -14.92 -69.44
N PRO C 1232 107.21 -15.00 -68.36
CA PRO C 1232 106.93 -13.88 -67.48
C PRO C 1232 108.05 -13.65 -66.46
N SER C 1233 109.03 -14.54 -66.38
CA SER C 1233 110.27 -14.28 -65.68
C SER C 1233 110.15 -14.00 -64.18
N GLY C 1234 109.13 -14.49 -63.47
CA GLY C 1234 109.02 -14.28 -62.01
C GLY C 1234 110.17 -14.87 -61.17
N ILE C 1235 110.93 -15.79 -61.75
CA ILE C 1235 112.26 -16.23 -61.31
C ILE C 1235 113.23 -15.09 -61.01
N LEU C 1236 113.06 -13.92 -61.63
CA LEU C 1236 113.88 -12.74 -61.38
C LEU C 1236 113.41 -12.06 -60.11
N ALA C 1237 113.92 -12.48 -58.96
CA ALA C 1237 113.76 -11.75 -57.70
C ALA C 1237 114.54 -10.44 -57.71
N GLN C 1238 115.68 -10.48 -58.39
CA GLN C 1238 116.68 -9.43 -58.43
C GLN C 1238 116.12 -8.03 -58.75
N PRO C 1239 115.34 -7.77 -59.82
CA PRO C 1239 114.80 -6.44 -60.10
C PRO C 1239 113.98 -5.84 -58.95
N THR C 1240 113.39 -6.68 -58.11
CA THR C 1240 112.61 -6.28 -56.94
C THR C 1240 113.50 -6.00 -55.72
N LEU C 1241 114.62 -6.71 -55.63
CA LEU C 1241 115.75 -6.45 -54.75
C LEU C 1241 116.69 -5.35 -55.30
N LEU C 1242 116.29 -4.64 -56.36
CA LEU C 1242 117.05 -3.58 -57.02
C LEU C 1242 116.24 -2.29 -57.18
N TYR C 1243 115.23 -2.30 -58.06
CA TYR C 1243 114.35 -1.17 -58.33
C TYR C 1243 113.33 -1.01 -57.21
N SER C 1249 110.54 1.31 -52.52
CA SER C 1249 110.25 1.71 -53.91
C SER C 1249 108.81 2.19 -54.13
N LEU C 1250 108.39 2.15 -55.39
CA LEU C 1250 107.01 2.25 -55.79
C LEU C 1250 106.15 1.19 -55.09
N GLN C 1251 104.84 1.40 -55.00
CA GLN C 1251 103.91 0.40 -54.47
C GLN C 1251 103.90 -0.93 -55.25
N ALA C 1252 104.58 -1.01 -56.40
CA ALA C 1252 104.89 -2.25 -57.10
C ALA C 1252 105.68 -3.27 -56.25
N THR C 1253 106.25 -2.86 -55.13
CA THR C 1253 106.60 -3.81 -54.06
C THR C 1253 105.48 -4.80 -53.79
N LEU C 1254 104.23 -4.37 -53.69
CA LEU C 1254 103.11 -5.29 -53.50
C LEU C 1254 103.00 -6.27 -54.65
N CYS C 1255 103.17 -5.85 -55.90
CA CYS C 1255 103.22 -6.80 -56.99
C CYS C 1255 104.31 -7.83 -56.76
N TRP C 1256 105.52 -7.43 -56.37
CA TRP C 1256 106.54 -8.42 -56.02
C TRP C 1256 106.09 -9.29 -54.85
N LEU C 1257 105.51 -8.70 -53.84
CA LEU C 1257 105.09 -9.40 -52.67
C LEU C 1257 104.10 -10.49 -53.07
N ASP C 1258 103.13 -10.18 -53.92
CA ASP C 1258 102.21 -11.17 -54.45
C ASP C 1258 102.97 -12.25 -55.20
N LEU C 1259 103.96 -11.87 -55.99
CA LEU C 1259 104.70 -12.84 -56.78
C LEU C 1259 105.47 -13.79 -55.85
N LEU C 1260 106.02 -13.27 -54.75
CA LEU C 1260 106.66 -14.11 -53.74
C LEU C 1260 105.63 -15.01 -53.09
N LEU C 1261 104.48 -14.47 -52.73
CA LEU C 1261 103.42 -15.26 -52.17
C LEU C 1261 103.00 -16.38 -53.11
N ALA C 1262 102.93 -16.15 -54.41
CA ALA C 1262 102.56 -17.21 -55.34
C ALA C 1262 103.65 -18.24 -55.46
N ALA C 1263 104.90 -17.81 -55.55
CA ALA C 1263 106.01 -18.75 -55.54
C ALA C 1263 105.93 -19.63 -54.29
N LEU C 1264 105.78 -19.02 -53.12
CA LEU C 1264 105.60 -19.78 -51.90
C LEU C 1264 104.36 -20.61 -51.98
N GLU C 1265 103.22 -20.12 -52.39
CA GLU C 1265 102.01 -20.91 -52.30
C GLU C 1265 102.04 -22.11 -53.23
N CYS C 1266 102.76 -22.01 -54.33
CA CYS C 1266 103.15 -23.19 -55.07
C CYS C 1266 103.83 -24.18 -54.13
N TYR C 1267 105.01 -23.88 -53.59
CA TYR C 1267 105.64 -24.77 -52.62
C TYR C 1267 104.71 -25.08 -51.42
N ASN C 1268 103.78 -24.19 -51.05
CA ASN C 1268 102.89 -24.40 -49.94
C ASN C 1268 101.96 -25.62 -50.25
N THR C 1269 101.79 -26.05 -51.50
CA THR C 1269 101.10 -27.28 -51.84
C THR C 1269 101.98 -28.49 -51.99
N PHE C 1270 102.86 -28.55 -52.99
CA PHE C 1270 103.25 -29.85 -53.53
C PHE C 1270 104.23 -30.62 -52.65
N ILE C 1271 105.04 -29.96 -51.81
CA ILE C 1271 105.72 -30.68 -50.74
C ILE C 1271 104.69 -31.18 -49.72
N GLY C 1272 103.70 -30.37 -49.36
CA GLY C 1272 102.75 -30.69 -48.28
C GLY C 1272 101.85 -31.89 -48.60
N GLU C 1273 101.42 -32.01 -49.85
CA GLU C 1273 100.79 -33.23 -50.37
C GLU C 1273 101.81 -34.36 -50.64
N ARG C 1274 103.11 -34.10 -50.48
CA ARG C 1274 104.24 -34.95 -50.88
C ARG C 1274 104.02 -35.48 -52.27
N THR C 1275 104.12 -34.59 -53.23
CA THR C 1275 103.89 -34.89 -54.65
C THR C 1275 105.11 -34.64 -55.53
N VAL C 1276 106.11 -33.95 -55.00
CA VAL C 1276 107.45 -33.82 -55.56
C VAL C 1276 108.43 -33.83 -54.39
N GLY C 1277 109.60 -34.46 -54.55
CA GLY C 1277 110.54 -34.72 -53.47
C GLY C 1277 111.39 -33.50 -53.10
N ALA C 1278 111.58 -33.22 -51.81
CA ALA C 1278 112.08 -31.94 -51.34
C ALA C 1278 113.45 -31.53 -51.95
N LEU C 1279 114.39 -32.46 -52.05
CA LEU C 1279 115.71 -32.19 -52.63
C LEU C 1279 115.69 -32.15 -54.17
N GLN C 1280 114.55 -32.47 -54.77
CA GLN C 1280 114.19 -32.03 -56.10
C GLN C 1280 113.68 -30.58 -56.02
N VAL C 1281 112.66 -30.33 -55.20
CA VAL C 1281 111.93 -29.06 -55.15
C VAL C 1281 112.87 -27.87 -54.98
N LEU C 1282 113.73 -27.91 -53.96
CA LEU C 1282 114.78 -26.93 -53.82
C LEU C 1282 115.92 -27.30 -54.74
N GLY C 1283 115.76 -26.98 -56.02
CA GLY C 1283 116.68 -27.39 -57.06
C GLY C 1283 118.11 -26.88 -56.81
N THR C 1284 119.10 -27.56 -57.36
CA THR C 1284 120.53 -27.23 -57.20
C THR C 1284 120.95 -25.93 -57.90
N GLU C 1285 120.03 -25.21 -58.55
CA GLU C 1285 120.23 -23.93 -59.24
C GLU C 1285 118.90 -23.16 -59.43
N ALA C 1286 118.99 -21.88 -59.78
CA ALA C 1286 117.92 -21.02 -60.29
C ALA C 1286 116.68 -20.77 -59.40
N GLN C 1287 116.57 -21.38 -58.22
CA GLN C 1287 115.44 -21.22 -57.30
C GLN C 1287 115.50 -19.92 -56.47
N SER C 1288 115.64 -18.79 -57.15
CA SER C 1288 116.13 -17.55 -56.58
C SER C 1288 115.35 -17.07 -55.36
N SER C 1289 114.02 -17.25 -55.41
CA SER C 1289 113.06 -16.73 -54.45
C SER C 1289 113.41 -17.13 -53.02
N LEU C 1290 113.40 -18.43 -52.76
CA LEU C 1290 113.52 -18.95 -51.41
C LEU C 1290 114.89 -18.62 -50.86
N LEU C 1291 115.86 -18.60 -51.76
CA LEU C 1291 117.27 -18.40 -51.41
C LEU C 1291 117.62 -16.93 -51.07
N LYS C 1292 116.88 -15.95 -51.60
CA LYS C 1292 117.17 -14.51 -51.43
C LYS C 1292 115.94 -13.74 -50.97
N ALA C 1293 114.85 -13.81 -51.72
CA ALA C 1293 113.68 -12.97 -51.48
C ALA C 1293 113.11 -13.14 -50.07
N VAL C 1294 113.03 -14.39 -49.63
CA VAL C 1294 112.77 -14.76 -48.25
C VAL C 1294 113.85 -14.24 -47.31
N ALA C 1295 115.09 -14.59 -47.57
CA ALA C 1295 116.20 -14.26 -46.69
C ALA C 1295 116.31 -12.73 -46.47
N PHE C 1296 116.38 -11.96 -47.53
CA PHE C 1296 116.31 -10.53 -47.55
C PHE C 1296 115.14 -9.97 -46.79
N PHE C 1297 113.94 -10.47 -47.06
CA PHE C 1297 112.77 -9.97 -46.41
C PHE C 1297 112.98 -10.12 -44.90
N LEU C 1298 113.33 -11.30 -44.42
CA LEU C 1298 113.66 -11.58 -43.03
C LEU C 1298 114.83 -10.76 -42.46
N GLU C 1299 115.82 -10.44 -43.28
CA GLU C 1299 117.02 -9.73 -42.86
C GLU C 1299 116.84 -8.22 -42.86
N SER C 1300 115.93 -7.71 -43.69
CA SER C 1300 116.06 -6.35 -44.20
C SER C 1300 114.74 -5.58 -44.33
N ILE C 1301 113.60 -6.26 -44.30
CA ILE C 1301 112.27 -5.61 -44.38
C ILE C 1301 111.31 -6.10 -43.29
N ALA C 1302 111.46 -7.34 -42.85
CA ALA C 1302 110.63 -7.95 -41.85
C ALA C 1302 110.71 -7.17 -40.53
N MET C 1303 111.90 -6.75 -40.11
CA MET C 1303 112.07 -6.06 -38.82
C MET C 1303 111.45 -4.64 -38.80
N HIS C 1304 110.92 -4.16 -39.95
CA HIS C 1304 110.79 -2.74 -40.25
C HIS C 1304 109.41 -2.37 -40.79
N ASP C 1305 109.06 -1.09 -40.69
CA ASP C 1305 107.97 -0.52 -41.47
C ASP C 1305 108.41 -0.17 -42.91
N ILE C 1306 107.43 0.22 -43.71
CA ILE C 1306 107.52 0.44 -45.16
C ILE C 1306 108.75 1.23 -45.61
N ILE C 1307 109.20 2.19 -44.81
CA ILE C 1307 110.29 3.08 -45.17
C ILE C 1307 111.65 2.37 -45.27
N ALA C 1308 111.84 1.17 -44.69
CA ALA C 1308 113.07 0.40 -44.95
C ALA C 1308 113.18 -0.07 -46.41
N ALA C 1309 112.06 -0.33 -47.08
CA ALA C 1309 112.00 -0.55 -48.53
C ALA C 1309 112.04 0.78 -49.24
N GLU C 1310 111.14 1.66 -48.84
CA GLU C 1310 110.95 2.97 -49.41
C GLU C 1310 111.98 4.00 -48.90
N LYS C 1311 113.25 3.53 -48.86
CA LYS C 1311 114.50 4.27 -48.72
C LYS C 1311 115.40 3.92 -49.91
N CYS C 1312 116.03 2.76 -49.84
CA CYS C 1312 117.13 2.39 -50.74
C CYS C 1312 116.66 1.86 -52.11
N PHE C 1313 115.36 1.61 -52.24
CA PHE C 1313 114.72 1.10 -53.44
C PHE C 1313 113.79 2.19 -53.98
N GLY C 1314 113.91 2.62 -55.24
CA GLY C 1314 113.12 3.74 -55.78
C GLY C 1314 113.13 4.96 -54.83
N THR C 1315 111.96 5.35 -54.32
CA THR C 1315 111.84 6.23 -53.14
C THR C 1315 110.52 6.03 -52.39
N GLY C 1316 110.45 6.49 -51.12
CA GLY C 1316 109.22 6.69 -50.34
C GLY C 1316 108.71 8.14 -50.43
N ALA C 1317 107.40 8.34 -50.61
CA ALA C 1317 106.85 9.59 -51.15
C ALA C 1317 106.98 10.80 -50.22
N ALA C 1318 107.02 12.00 -50.81
CA ALA C 1318 107.15 13.27 -50.12
C ALA C 1318 108.31 13.27 -49.11
N GLY C 1319 108.05 13.57 -47.84
CA GLY C 1319 108.98 13.41 -46.70
C GLY C 1319 108.95 12.03 -46.01
N ASN C 1320 108.77 10.93 -46.75
CA ASN C 1320 108.67 9.55 -46.29
C ASN C 1320 107.39 9.17 -45.52
N ARG C 1321 106.32 9.97 -45.62
CA ARG C 1321 105.05 9.76 -44.89
C ARG C 1321 103.81 9.76 -45.78
N THR C 1322 103.03 8.67 -45.69
CA THR C 1322 101.82 8.38 -46.50
C THR C 1322 100.82 7.49 -45.74
N SER C 1323 99.64 7.26 -46.33
CA SER C 1323 98.39 6.91 -45.63
C SER C 1323 98.29 5.47 -45.08
N PRO C 1324 97.44 5.23 -44.07
CA PRO C 1324 97.06 3.86 -43.69
C PRO C 1324 96.33 3.11 -44.80
N GLN C 1325 95.64 3.76 -45.74
CA GLN C 1325 95.09 3.10 -46.93
C GLN C 1325 96.19 2.43 -47.77
N GLU C 1326 97.43 2.91 -47.68
CA GLU C 1326 98.61 2.21 -48.19
C GLU C 1326 99.16 1.27 -47.11
N GLY C 1327 99.51 1.83 -45.95
CA GLY C 1327 100.25 1.14 -44.90
C GLY C 1327 99.57 -0.13 -44.40
N GLU C 1328 98.25 -0.10 -44.23
CA GLU C 1328 97.52 -1.28 -43.79
C GLU C 1328 97.65 -2.37 -44.83
N ARG C 1329 97.52 -2.09 -46.12
CA ARG C 1329 97.75 -3.13 -47.15
C ARG C 1329 99.18 -3.60 -47.17
N TYR C 1330 100.14 -2.71 -46.98
CA TYR C 1330 101.53 -3.14 -46.87
C TYR C 1330 101.70 -4.09 -45.69
N ASN C 1331 101.38 -3.66 -44.48
CA ASN C 1331 101.60 -4.45 -43.28
C ASN C 1331 100.74 -5.69 -43.20
N TYR C 1332 99.46 -5.60 -43.53
CA TYR C 1332 98.60 -6.77 -43.75
C TYR C 1332 99.28 -7.77 -44.67
N SER C 1333 99.65 -7.36 -45.86
CA SER C 1333 100.11 -8.33 -46.81
C SER C 1333 101.44 -8.91 -46.36
N LYS C 1334 102.35 -8.05 -45.91
CA LYS C 1334 103.61 -8.40 -45.25
C LYS C 1334 103.39 -9.45 -44.19
N CYS C 1335 102.48 -9.19 -43.27
CA CYS C 1335 102.19 -10.10 -42.19
C CYS C 1335 101.49 -11.38 -42.65
N THR C 1336 101.01 -11.46 -43.90
CA THR C 1336 100.60 -12.73 -44.49
C THR C 1336 101.82 -13.54 -44.84
N VAL C 1337 102.80 -12.91 -45.46
CA VAL C 1337 103.85 -13.62 -46.14
C VAL C 1337 104.69 -14.43 -45.16
N VAL C 1338 104.98 -13.87 -44.00
CA VAL C 1338 105.60 -14.62 -42.91
C VAL C 1338 104.84 -15.89 -42.60
N VAL C 1339 103.52 -15.87 -42.64
CA VAL C 1339 102.74 -17.04 -42.28
C VAL C 1339 103.04 -18.14 -43.27
N ARG C 1340 102.94 -17.82 -44.55
CA ARG C 1340 103.19 -18.80 -45.58
C ARG C 1340 104.61 -19.30 -45.52
N ILE C 1341 105.61 -18.46 -45.25
CA ILE C 1341 106.96 -18.93 -44.99
C ILE C 1341 106.98 -19.98 -43.90
N MET C 1342 106.41 -19.66 -42.76
CA MET C 1342 106.50 -20.54 -41.62
C MET C 1342 105.83 -21.87 -41.91
N GLU C 1343 104.65 -21.85 -42.50
CA GLU C 1343 103.93 -23.06 -42.87
C GLU C 1343 104.77 -23.88 -43.84
N PHE C 1344 105.28 -23.25 -44.87
CA PHE C 1344 106.14 -23.91 -45.82
C PHE C 1344 107.36 -24.51 -45.15
N THR C 1345 108.11 -23.73 -44.38
CA THR C 1345 109.36 -24.19 -43.78
C THR C 1345 109.13 -25.35 -42.83
N THR C 1346 108.09 -25.29 -42.00
CA THR C 1346 107.66 -26.43 -41.18
C THR C 1346 107.50 -27.67 -42.04
N THR C 1347 106.85 -27.50 -43.18
CA THR C 1347 106.49 -28.57 -44.09
C THR C 1347 107.70 -29.23 -44.73
N LEU C 1348 108.85 -28.58 -44.73
CA LEU C 1348 110.12 -29.25 -45.05
C LEU C 1348 110.48 -30.30 -44.02
N LEU C 1349 110.54 -29.85 -42.77
CA LEU C 1349 111.01 -30.63 -41.64
C LEU C 1349 110.08 -31.81 -41.37
N ASN C 1350 108.78 -31.58 -41.57
CA ASN C 1350 107.70 -32.55 -41.38
C ASN C 1350 107.34 -33.32 -42.64
N THR C 1351 108.22 -33.33 -43.64
CA THR C 1351 108.22 -34.37 -44.67
C THR C 1351 109.57 -35.01 -44.85
N SER C 1352 110.66 -34.33 -44.48
CA SER C 1352 112.00 -34.82 -44.71
C SER C 1352 112.88 -34.78 -43.45
N PRO C 1353 113.60 -35.88 -43.13
CA PRO C 1353 114.67 -35.86 -42.14
C PRO C 1353 115.94 -35.19 -42.69
N GLU C 1354 115.91 -34.73 -43.94
CA GLU C 1354 117.06 -34.17 -44.64
C GLU C 1354 116.85 -32.72 -45.11
N GLY C 1355 115.62 -32.23 -45.18
CA GLY C 1355 115.33 -30.91 -45.77
C GLY C 1355 116.10 -29.78 -45.10
N TRP C 1356 116.26 -29.92 -43.79
CA TRP C 1356 117.07 -29.02 -42.98
C TRP C 1356 118.53 -28.92 -43.44
N LYS C 1357 119.05 -29.86 -44.24
CA LYS C 1357 120.42 -29.91 -44.79
C LYS C 1357 120.64 -29.15 -46.10
N LEU C 1358 119.59 -28.86 -46.90
CA LEU C 1358 119.71 -27.88 -48.01
C LEU C 1358 119.43 -26.45 -47.58
N LEU C 1359 118.39 -26.22 -46.77
CA LEU C 1359 118.20 -24.92 -46.15
C LEU C 1359 119.34 -24.55 -45.18
N LYS C 1360 120.05 -25.53 -44.60
CA LYS C 1360 121.34 -25.32 -43.90
C LYS C 1360 122.38 -24.57 -44.74
N LYS C 1361 122.35 -24.61 -46.07
CA LYS C 1361 123.27 -23.78 -46.87
C LYS C 1361 122.87 -22.29 -46.84
N ASP C 1362 121.59 -21.98 -46.65
CA ASP C 1362 121.14 -20.71 -46.08
C ASP C 1362 121.33 -20.74 -44.55
N LEU C 1363 122.56 -21.02 -44.13
CA LEU C 1363 122.91 -21.28 -42.74
C LEU C 1363 122.48 -20.12 -41.83
N CYS C 1364 122.56 -18.90 -42.34
CA CYS C 1364 122.06 -17.68 -41.73
C CYS C 1364 120.52 -17.61 -41.80
N ASN C 1365 119.89 -18.63 -41.25
CA ASN C 1365 118.48 -18.67 -40.88
C ASN C 1365 118.16 -17.68 -39.73
N THR C 1366 119.10 -17.43 -38.82
CA THR C 1366 118.86 -16.87 -37.46
C THR C 1366 118.04 -15.58 -37.41
N HIS C 1367 118.04 -14.78 -38.46
CA HIS C 1367 117.14 -13.63 -38.58
C HIS C 1367 115.69 -14.06 -38.36
N LEU C 1368 115.29 -15.18 -38.96
CA LEU C 1368 113.96 -15.73 -38.78
C LEU C 1368 113.66 -16.05 -37.32
N MET C 1369 114.65 -16.37 -36.50
CA MET C 1369 114.39 -16.65 -35.11
C MET C 1369 114.06 -15.39 -34.32
N ARG C 1370 114.74 -14.27 -34.57
CA ARG C 1370 114.32 -12.98 -34.01
C ARG C 1370 112.95 -12.59 -34.52
N VAL C 1371 112.63 -12.89 -35.77
CA VAL C 1371 111.25 -12.78 -36.25
C VAL C 1371 110.33 -13.65 -35.39
N LEU C 1372 110.66 -14.89 -35.13
CA LEU C 1372 109.80 -15.79 -34.40
C LEU C 1372 109.61 -15.38 -32.95
N VAL C 1373 110.64 -15.00 -32.20
CA VAL C 1373 110.37 -14.44 -30.87
C VAL C 1373 109.51 -13.18 -30.97
N GLN C 1374 109.69 -12.32 -31.98
CA GLN C 1374 108.77 -11.19 -32.17
C GLN C 1374 107.35 -11.66 -32.41
N THR C 1375 107.20 -12.68 -33.24
CA THR C 1375 105.93 -13.30 -33.64
C THR C 1375 105.10 -13.78 -32.45
N LEU C 1376 105.69 -13.89 -31.26
CA LEU C 1376 105.01 -14.25 -30.04
C LEU C 1376 105.17 -13.22 -28.92
N CYS C 1377 106.25 -12.44 -28.86
CA CYS C 1377 106.46 -11.52 -27.75
C CYS C 1377 105.77 -10.17 -27.96
N GLU C 1378 105.66 -9.67 -29.19
CA GLU C 1378 104.70 -8.61 -29.53
C GLU C 1378 104.43 -8.58 -31.05
N PRO C 1379 103.87 -9.65 -31.63
CA PRO C 1379 103.45 -9.65 -33.04
C PRO C 1379 102.44 -8.57 -33.34
N ALA C 1380 101.79 -7.96 -32.34
CA ALA C 1380 100.96 -6.78 -32.55
C ALA C 1380 101.75 -5.58 -33.12
N SER C 1381 103.07 -5.54 -32.92
CA SER C 1381 103.98 -4.65 -33.64
C SER C 1381 104.10 -4.98 -35.13
N ILE C 1382 103.36 -5.98 -35.61
CA ILE C 1382 103.44 -6.54 -36.96
C ILE C 1382 102.04 -6.83 -37.55
N GLY C 1383 101.18 -7.66 -36.92
CA GLY C 1383 99.90 -8.16 -37.46
C GLY C 1383 98.56 -7.92 -36.69
N PHE C 1384 98.49 -7.89 -35.35
CA PHE C 1384 97.20 -7.72 -34.62
C PHE C 1384 96.50 -6.36 -34.82
N ASN C 1385 97.21 -5.45 -35.46
CA ASN C 1385 96.78 -4.16 -35.99
C ASN C 1385 95.60 -4.26 -36.98
N ILE C 1386 95.36 -5.44 -37.55
CA ILE C 1386 94.24 -5.66 -38.45
C ILE C 1386 92.90 -5.59 -37.70
N GLY C 1387 92.78 -6.29 -36.55
CA GLY C 1387 91.57 -6.28 -35.71
C GLY C 1387 90.63 -7.50 -35.80
N ASP C 1388 90.98 -8.56 -36.55
CA ASP C 1388 90.09 -9.65 -36.96
C ASP C 1388 90.56 -11.03 -36.50
N VAL C 1389 90.18 -11.48 -35.30
CA VAL C 1389 90.60 -12.79 -34.76
C VAL C 1389 90.37 -13.97 -35.72
N GLN C 1390 89.40 -13.84 -36.63
CA GLN C 1390 89.18 -14.67 -37.82
C GLN C 1390 90.46 -15.02 -38.59
N VAL C 1391 91.30 -14.04 -38.88
CA VAL C 1391 92.69 -14.26 -39.28
C VAL C 1391 93.60 -14.22 -38.04
N MET C 1392 93.59 -13.17 -37.33
CA MET C 1392 94.53 -12.75 -36.38
C MET C 1392 94.58 -13.54 -35.05
N ALA C 1393 93.78 -14.56 -34.80
CA ALA C 1393 93.89 -15.43 -33.67
C ALA C 1393 94.07 -16.90 -34.06
N HIS C 1394 93.94 -17.27 -35.34
CA HIS C 1394 94.53 -18.53 -35.79
C HIS C 1394 96.01 -18.36 -36.02
N LEU C 1395 96.47 -17.20 -36.48
CA LEU C 1395 97.89 -16.98 -36.74
C LEU C 1395 98.83 -17.30 -35.56
N PRO C 1396 98.51 -17.00 -34.29
CA PRO C 1396 99.32 -17.46 -33.19
C PRO C 1396 99.20 -18.97 -33.02
N ASP C 1397 98.00 -19.53 -33.09
CA ASP C 1397 97.79 -20.98 -32.94
C ASP C 1397 98.48 -21.79 -34.06
N VAL C 1398 98.57 -21.21 -35.25
CA VAL C 1398 99.31 -21.77 -36.37
C VAL C 1398 100.78 -21.61 -36.10
N CYS C 1399 101.23 -20.44 -35.66
CA CYS C 1399 102.62 -20.23 -35.31
C CYS C 1399 103.10 -21.31 -34.35
N VAL C 1400 102.42 -21.44 -33.22
CA VAL C 1400 102.80 -22.37 -32.15
C VAL C 1400 102.93 -23.81 -32.63
N ASN C 1401 102.22 -24.20 -33.68
CA ASN C 1401 102.39 -25.53 -34.25
C ASN C 1401 103.83 -25.75 -34.67
N LEU C 1402 104.42 -24.77 -35.37
CA LEU C 1402 105.79 -24.91 -35.88
C LEU C 1402 106.77 -25.20 -34.75
N MET C 1403 106.51 -24.67 -33.56
CA MET C 1403 107.45 -24.82 -32.46
C MET C 1403 107.65 -26.26 -32.05
N LYS C 1404 106.71 -27.18 -32.30
CA LYS C 1404 107.02 -28.60 -32.07
C LYS C 1404 108.15 -29.03 -32.99
N ALA C 1405 108.05 -28.73 -34.27
CA ALA C 1405 109.13 -28.90 -35.22
C ALA C 1405 110.36 -28.02 -34.94
N LEU C 1406 110.37 -27.23 -33.86
CA LEU C 1406 111.59 -26.63 -33.31
C LEU C 1406 112.09 -27.32 -32.03
N LYS C 1407 111.19 -27.65 -31.10
CA LYS C 1407 111.44 -28.34 -29.83
C LYS C 1407 111.99 -29.74 -30.09
N MET C 1408 111.31 -30.50 -30.94
CA MET C 1408 111.81 -31.72 -31.56
C MET C 1408 112.44 -31.44 -32.94
N SER C 1409 113.19 -30.35 -33.01
CA SER C 1409 114.30 -30.20 -33.93
C SER C 1409 115.57 -30.01 -33.08
N PRO C 1410 116.75 -30.46 -33.54
CA PRO C 1410 118.01 -30.25 -32.85
C PRO C 1410 118.38 -28.77 -32.63
N TYR C 1411 117.67 -27.82 -33.26
CA TYR C 1411 117.94 -26.37 -33.18
C TYR C 1411 117.48 -25.71 -31.85
N LYS C 1412 116.84 -26.47 -30.93
CA LYS C 1412 116.05 -26.01 -29.74
C LYS C 1412 116.65 -24.85 -28.94
N ASP C 1413 117.94 -24.91 -28.62
CA ASP C 1413 118.60 -23.93 -27.74
C ASP C 1413 118.46 -22.48 -28.20
N ILE C 1414 118.35 -22.28 -29.51
CA ILE C 1414 118.35 -20.94 -30.06
C ILE C 1414 117.04 -20.23 -29.77
N LEU C 1415 115.96 -20.93 -29.49
CA LEU C 1415 114.82 -20.33 -28.79
C LEU C 1415 115.19 -19.76 -27.42
N GLU C 1416 116.00 -20.47 -26.65
CA GLU C 1416 116.57 -19.95 -25.40
C GLU C 1416 117.48 -18.75 -25.70
N THR C 1417 118.32 -18.81 -26.74
CA THR C 1417 119.14 -17.67 -27.16
C THR C 1417 118.33 -16.44 -27.59
N HIS C 1418 117.05 -16.59 -27.92
CA HIS C 1418 116.14 -15.45 -28.12
C HIS C 1418 115.41 -15.05 -26.83
N LEU C 1419 115.02 -15.99 -25.98
CA LEU C 1419 114.27 -15.72 -24.75
C LEU C 1419 115.05 -16.14 -23.49
N ARG C 1420 115.09 -17.43 -23.13
CA ARG C 1420 115.51 -17.88 -21.78
C ARG C 1420 116.98 -17.61 -21.44
N GLU C 1421 117.84 -17.31 -22.40
CA GLU C 1421 119.21 -16.84 -22.13
C GLU C 1421 119.27 -15.34 -21.74
N LYS C 1422 118.17 -14.58 -21.91
CA LYS C 1422 118.05 -13.14 -21.60
C LYS C 1422 116.95 -12.80 -20.59
N ILE C 1423 115.69 -13.13 -20.90
CA ILE C 1423 114.52 -12.38 -20.39
C ILE C 1423 113.81 -12.96 -19.16
N THR C 1424 113.98 -14.24 -18.87
CA THR C 1424 113.22 -14.98 -17.84
C THR C 1424 113.38 -14.41 -16.43
N ALA C 1425 112.30 -13.86 -15.86
CA ALA C 1425 112.23 -13.31 -14.50
C ALA C 1425 110.92 -13.73 -13.79
N GLN C 1426 110.98 -14.02 -12.49
CA GLN C 1426 109.91 -14.71 -11.76
C GLN C 1426 108.92 -13.78 -11.04
N SER C 1427 109.40 -12.81 -10.26
CA SER C 1427 108.57 -12.05 -9.31
C SER C 1427 108.07 -10.69 -9.82
N ILE C 1428 108.57 -10.18 -10.95
CA ILE C 1428 108.28 -8.82 -11.40
C ILE C 1428 106.77 -8.56 -11.56
N GLU C 1429 105.98 -9.56 -11.93
CA GLU C 1429 104.52 -9.43 -12.03
C GLU C 1429 103.83 -9.38 -10.66
N GLU C 1430 104.39 -10.01 -9.63
CA GLU C 1430 103.98 -9.79 -8.24
C GLU C 1430 104.48 -8.44 -7.70
N LEU C 1431 105.58 -7.89 -8.25
CA LEU C 1431 106.08 -6.54 -7.93
C LEU C 1431 105.07 -5.48 -8.41
N CYS C 1432 104.52 -5.67 -9.61
CA CYS C 1432 103.44 -4.86 -10.18
C CYS C 1432 102.06 -5.08 -9.51
N ALA C 1433 101.90 -5.97 -8.50
CA ALA C 1433 100.60 -6.37 -7.94
C ALA C 1433 99.73 -5.17 -7.50
N VAL C 1434 100.29 -4.29 -6.67
CA VAL C 1434 99.61 -3.08 -6.20
C VAL C 1434 99.34 -2.07 -7.32
N ASN C 1435 99.95 -2.24 -8.50
CA ASN C 1435 99.75 -1.38 -9.65
C ASN C 1435 98.71 -1.94 -10.62
N LEU C 1436 98.44 -3.26 -10.64
CA LEU C 1436 97.72 -3.93 -11.76
C LEU C 1436 96.35 -3.31 -12.11
N TYR C 1437 95.51 -3.16 -11.09
CA TYR C 1437 94.19 -2.54 -11.19
C TYR C 1437 94.33 -1.06 -10.83
N GLY C 1438 94.28 -0.17 -11.83
CA GLY C 1438 94.47 1.28 -11.63
C GLY C 1438 94.68 2.19 -12.87
N PRO C 1439 94.84 3.51 -12.63
CA PRO C 1439 94.67 4.59 -13.61
C PRO C 1439 95.70 4.61 -14.76
N ASP C 1440 96.93 4.22 -14.49
CA ASP C 1440 98.06 4.24 -15.42
C ASP C 1440 98.10 3.03 -16.36
N ALA C 1441 97.06 2.20 -16.42
CA ALA C 1441 97.00 1.10 -17.39
C ALA C 1441 97.13 1.61 -18.84
N GLN C 1442 96.66 2.83 -19.10
CA GLN C 1442 96.79 3.57 -20.37
C GLN C 1442 98.26 3.87 -20.77
N VAL C 1443 99.22 3.74 -19.84
CA VAL C 1443 100.62 4.21 -19.98
C VAL C 1443 101.68 3.14 -19.63
N ASP C 1444 101.49 2.29 -18.60
CA ASP C 1444 102.60 1.48 -18.05
C ASP C 1444 102.42 -0.06 -17.96
N ARG C 1445 101.29 -0.64 -18.41
CA ARG C 1445 101.08 -2.12 -18.43
C ARG C 1445 101.10 -2.78 -19.79
N SER C 1446 101.60 -2.08 -20.81
CA SER C 1446 102.13 -2.68 -22.05
C SER C 1446 103.18 -3.78 -21.76
N ARG C 1447 104.01 -3.60 -20.72
CA ARG C 1447 104.92 -4.62 -20.17
C ARG C 1447 104.22 -5.94 -19.78
N LEU C 1448 102.94 -5.89 -19.42
CA LEU C 1448 102.13 -7.08 -19.13
C LEU C 1448 101.36 -7.56 -20.36
N ALA C 1449 100.82 -6.67 -21.20
CA ALA C 1449 100.27 -7.05 -22.51
C ALA C 1449 101.28 -7.89 -23.33
N ALA C 1450 102.58 -7.58 -23.18
CA ALA C 1450 103.68 -8.37 -23.68
C ALA C 1450 103.73 -9.81 -23.12
N VAL C 1451 103.80 -9.95 -21.81
CA VAL C 1451 103.91 -11.25 -21.15
C VAL C 1451 102.71 -12.13 -21.42
N VAL C 1452 101.50 -11.64 -21.15
CA VAL C 1452 100.29 -12.46 -21.14
C VAL C 1452 100.05 -13.14 -22.49
N SER C 1453 100.24 -12.39 -23.56
CA SER C 1453 100.19 -12.97 -24.90
C SER C 1453 101.30 -14.03 -25.04
N ALA C 1454 102.55 -13.68 -24.73
CA ALA C 1454 103.71 -14.52 -25.03
C ALA C 1454 103.64 -15.93 -24.43
N CYS C 1455 103.49 -15.99 -23.12
CA CYS C 1455 103.51 -17.24 -22.37
C CYS C 1455 102.36 -18.16 -22.78
N LYS C 1456 101.17 -17.62 -23.07
CA LYS C 1456 100.04 -18.41 -23.55
C LYS C 1456 100.42 -19.18 -24.80
N GLN C 1457 101.02 -18.52 -25.77
CA GLN C 1457 101.43 -19.18 -27.00
C GLN C 1457 102.45 -20.26 -26.69
N LEU C 1458 103.41 -19.95 -25.85
CA LEU C 1458 104.46 -20.91 -25.50
C LEU C 1458 103.89 -22.18 -24.92
N HIS C 1459 102.83 -22.13 -24.12
CA HIS C 1459 102.19 -23.37 -23.71
C HIS C 1459 101.05 -23.87 -24.60
N ARG C 1460 100.51 -23.09 -25.53
CA ARG C 1460 99.78 -23.69 -26.66
C ARG C 1460 100.73 -24.57 -27.48
N ALA C 1461 101.98 -24.14 -27.63
CA ALA C 1461 103.08 -24.93 -28.14
C ALA C 1461 103.63 -25.97 -27.14
N GLY C 1462 103.12 -25.97 -25.91
CA GLY C 1462 103.49 -26.91 -24.85
C GLY C 1462 104.88 -26.70 -24.25
N LEU C 1463 105.56 -25.58 -24.54
CA LEU C 1463 106.97 -25.45 -24.18
C LEU C 1463 107.22 -24.94 -22.77
N LEU C 1464 106.20 -24.43 -22.11
CA LEU C 1464 106.41 -23.44 -21.06
C LEU C 1464 107.04 -24.05 -19.78
N HIS C 1465 106.89 -25.36 -19.56
CA HIS C 1465 107.54 -26.10 -18.48
C HIS C 1465 109.04 -26.35 -18.71
N ASN C 1466 109.60 -25.90 -19.84
CA ASN C 1466 111.05 -25.68 -19.97
C ASN C 1466 111.40 -24.19 -19.85
N ILE C 1467 110.44 -23.29 -20.08
CA ILE C 1467 110.65 -21.85 -19.93
C ILE C 1467 110.56 -21.38 -18.47
N LEU C 1468 110.01 -22.17 -17.55
CA LEU C 1468 110.28 -22.00 -16.13
C LEU C 1468 110.60 -23.35 -15.49
N PRO C 1469 111.63 -23.46 -14.62
CA PRO C 1469 111.91 -24.70 -13.92
C PRO C 1469 110.79 -24.97 -12.90
N SER C 1470 110.15 -26.13 -12.99
CA SER C 1470 109.12 -26.57 -12.04
C SER C 1470 109.72 -26.65 -10.63
N GLN C 1471 109.17 -25.90 -9.68
CA GLN C 1471 109.78 -25.76 -8.35
C GLN C 1471 109.68 -27.04 -7.51
N SER C 1472 108.52 -27.71 -7.53
CA SER C 1472 108.23 -28.86 -6.64
C SER C 1472 107.35 -29.96 -7.24
N THR C 1473 106.35 -29.61 -8.08
CA THR C 1473 105.43 -30.57 -8.74
C THR C 1473 105.15 -30.18 -10.20
N ASP C 1474 104.37 -30.98 -10.91
CA ASP C 1474 103.81 -30.63 -12.22
C ASP C 1474 102.96 -29.33 -12.16
N LEU C 1475 102.41 -28.99 -11.00
CA LEU C 1475 102.04 -27.61 -10.72
C LEU C 1475 103.30 -26.82 -10.34
N HIS C 1476 103.67 -25.85 -11.18
CA HIS C 1476 104.43 -24.71 -10.74
C HIS C 1476 103.58 -23.94 -9.71
N HIS C 1477 103.88 -24.00 -8.40
CA HIS C 1477 102.97 -23.47 -7.36
C HIS C 1477 102.74 -21.96 -7.46
N SER C 1478 103.67 -21.24 -8.07
CA SER C 1478 103.52 -19.86 -8.53
C SER C 1478 102.21 -19.65 -9.32
N VAL C 1479 101.88 -20.54 -10.24
CA VAL C 1479 100.61 -20.56 -10.99
C VAL C 1479 99.40 -20.59 -10.07
N GLY C 1480 99.40 -21.45 -9.06
CA GLY C 1480 98.35 -21.46 -8.05
C GLY C 1480 98.30 -20.15 -7.26
N THR C 1481 99.46 -19.61 -6.86
CA THR C 1481 99.52 -18.33 -6.16
C THR C 1481 99.11 -17.17 -7.05
N GLU C 1482 99.29 -17.25 -8.36
CA GLU C 1482 98.83 -16.23 -9.30
C GLU C 1482 97.30 -16.21 -9.38
N LEU C 1483 96.67 -17.38 -9.45
CA LEU C 1483 95.25 -17.43 -9.20
C LEU C 1483 94.97 -16.79 -7.85
N LEU C 1484 95.53 -17.29 -6.75
CA LEU C 1484 95.22 -16.79 -5.40
C LEU C 1484 95.46 -15.28 -5.22
N SER C 1485 96.48 -14.72 -5.86
CA SER C 1485 97.11 -13.47 -5.41
C SER C 1485 97.73 -12.60 -6.50
N LEU C 1486 97.72 -13.00 -7.78
CA LEU C 1486 97.69 -12.00 -8.87
C LEU C 1486 96.24 -11.52 -9.05
N VAL C 1487 95.26 -12.41 -8.91
CA VAL C 1487 93.85 -12.06 -9.08
C VAL C 1487 92.93 -12.39 -7.91
N TYR C 1488 92.96 -13.55 -7.26
CA TYR C 1488 91.83 -13.96 -6.39
C TYR C 1488 91.75 -13.08 -5.15
N LYS C 1489 92.88 -12.61 -4.64
CA LYS C 1489 92.90 -11.46 -3.73
C LYS C 1489 92.92 -10.10 -4.42
N GLY C 1490 93.50 -9.91 -5.61
CA GLY C 1490 93.58 -8.54 -6.12
C GLY C 1490 92.27 -8.03 -6.72
N ILE C 1491 91.39 -8.96 -7.11
CA ILE C 1491 90.03 -8.65 -7.56
C ILE C 1491 89.17 -8.03 -6.43
N ALA C 1492 89.55 -8.22 -5.16
CA ALA C 1492 88.81 -7.82 -3.99
C ALA C 1492 89.70 -7.00 -3.01
N PRO C 1493 89.84 -5.68 -3.20
CA PRO C 1493 90.60 -4.77 -2.33
C PRO C 1493 89.92 -4.46 -0.99
N GLY C 1494 89.45 -5.48 -0.27
CA GLY C 1494 88.71 -5.37 1.01
C GLY C 1494 89.51 -4.93 2.26
N ASP C 1495 90.74 -4.42 2.09
CA ASP C 1495 91.54 -3.85 3.18
C ASP C 1495 91.16 -2.39 3.49
N GLU C 1496 91.05 -1.52 2.48
CA GLU C 1496 90.49 -0.16 2.67
C GLU C 1496 88.95 -0.14 2.60
N ARG C 1497 88.34 -1.27 2.19
CA ARG C 1497 86.89 -1.49 2.08
C ARG C 1497 86.16 -0.46 1.19
N GLN C 1498 86.90 0.27 0.35
CA GLN C 1498 86.34 1.03 -0.78
C GLN C 1498 85.87 0.07 -1.88
N CYS C 1499 84.65 0.34 -2.34
CA CYS C 1499 83.73 -0.51 -3.08
C CYS C 1499 84.34 -1.37 -4.19
N LEU C 1500 83.81 -2.59 -4.30
CA LEU C 1500 84.28 -3.58 -5.25
C LEU C 1500 84.15 -3.04 -6.70
N PRO C 1501 85.26 -2.91 -7.44
CA PRO C 1501 85.33 -2.38 -8.80
C PRO C 1501 84.48 -3.10 -9.85
N SER C 1502 83.78 -2.32 -10.68
CA SER C 1502 83.41 -2.72 -12.04
C SER C 1502 84.66 -2.56 -12.91
N LEU C 1503 85.27 -3.68 -13.31
CA LEU C 1503 86.64 -3.69 -13.85
C LEU C 1503 86.76 -2.85 -15.12
N ASP C 1504 87.95 -2.25 -15.28
CA ASP C 1504 88.39 -1.75 -16.57
C ASP C 1504 88.62 -2.96 -17.49
N LEU C 1505 87.85 -3.03 -18.58
CA LEU C 1505 87.53 -4.31 -19.21
C LEU C 1505 88.77 -5.01 -19.78
N SER C 1506 89.74 -4.24 -20.22
CA SER C 1506 91.02 -4.77 -20.69
C SER C 1506 91.71 -5.55 -19.56
N CYS C 1507 91.68 -4.99 -18.35
CA CYS C 1507 92.22 -5.65 -17.18
C CYS C 1507 91.44 -6.93 -16.79
N LYS C 1508 90.12 -6.99 -17.06
CA LYS C 1508 89.33 -8.25 -16.96
C LYS C 1508 89.91 -9.32 -17.86
N GLN C 1509 90.09 -9.02 -19.15
CA GLN C 1509 90.50 -10.05 -20.11
C GLN C 1509 91.98 -10.44 -19.96
N LEU C 1510 92.91 -9.56 -19.58
CA LEU C 1510 94.27 -10.00 -19.21
C LEU C 1510 94.28 -10.83 -17.92
N ALA C 1511 93.46 -10.50 -16.91
CA ALA C 1511 93.32 -11.33 -15.71
C ALA C 1511 92.71 -12.72 -16.03
N SER C 1512 91.73 -12.76 -16.92
CA SER C 1512 91.27 -13.99 -17.54
C SER C 1512 92.41 -14.69 -18.28
N GLY C 1513 93.32 -13.93 -18.87
CA GLY C 1513 94.54 -14.43 -19.49
C GLY C 1513 95.41 -15.14 -18.48
N LEU C 1514 95.58 -14.60 -17.27
CA LEU C 1514 96.27 -15.29 -16.19
C LEU C 1514 95.56 -16.59 -15.83
N LEU C 1515 94.23 -16.60 -15.72
CA LEU C 1515 93.48 -17.82 -15.42
C LEU C 1515 93.66 -18.89 -16.51
N GLU C 1516 93.48 -18.50 -17.76
CA GLU C 1516 93.74 -19.32 -18.92
C GLU C 1516 95.16 -19.87 -18.87
N LEU C 1517 96.12 -18.98 -18.65
CA LEU C 1517 97.51 -19.33 -18.49
C LEU C 1517 97.68 -20.30 -17.33
N ALA C 1518 96.92 -20.18 -16.26
CA ALA C 1518 97.01 -21.11 -15.17
C ALA C 1518 96.62 -22.52 -15.61
N PHE C 1519 95.55 -22.65 -16.39
CA PHE C 1519 95.16 -23.94 -16.95
C PHE C 1519 96.12 -24.49 -18.00
N ALA C 1520 97.17 -23.76 -18.38
CA ALA C 1520 98.29 -24.36 -19.10
C ALA C 1520 99.02 -25.45 -18.29
N PHE C 1521 98.83 -25.49 -16.96
CA PHE C 1521 99.70 -26.23 -16.05
C PHE C 1521 99.02 -27.36 -15.28
N GLY C 1522 99.83 -28.34 -14.89
CA GLY C 1522 99.41 -29.57 -14.21
C GLY C 1522 98.95 -29.34 -12.77
N GLY C 1523 98.09 -30.22 -12.26
CA GLY C 1523 97.57 -30.19 -10.88
C GLY C 1523 96.68 -28.98 -10.51
N LEU C 1524 96.48 -28.04 -11.42
CA LEU C 1524 95.89 -26.73 -11.12
C LEU C 1524 94.49 -26.86 -10.53
N CYS C 1525 93.65 -27.63 -11.21
CA CYS C 1525 92.26 -27.76 -10.82
C CYS C 1525 92.09 -28.46 -9.46
N GLU C 1526 93.11 -29.18 -8.97
CA GLU C 1526 93.06 -29.86 -7.69
C GLU C 1526 93.15 -28.88 -6.50
N ARG C 1527 93.57 -27.63 -6.74
CA ARG C 1527 93.29 -26.51 -5.81
C ARG C 1527 91.97 -25.82 -6.13
N LEU C 1528 91.65 -25.56 -7.40
CA LEU C 1528 90.42 -24.87 -7.81
C LEU C 1528 89.17 -25.55 -7.27
N VAL C 1529 89.18 -26.88 -7.31
CA VAL C 1529 88.14 -27.72 -6.75
C VAL C 1529 87.91 -27.51 -5.23
N SER C 1530 88.77 -26.73 -4.56
CA SER C 1530 88.49 -26.12 -3.26
C SER C 1530 88.38 -24.59 -3.34
N LEU C 1531 89.16 -23.91 -4.18
CA LEU C 1531 89.18 -22.43 -4.35
C LEU C 1531 87.88 -21.83 -4.95
N LEU C 1532 87.05 -22.64 -5.59
CA LEU C 1532 85.65 -22.32 -5.85
C LEU C 1532 84.89 -22.02 -4.55
N LEU C 1533 85.07 -22.88 -3.54
CA LEU C 1533 84.18 -23.13 -2.41
C LEU C 1533 84.32 -22.10 -1.28
N ASN C 1534 84.36 -20.81 -1.62
CA ASN C 1534 84.73 -19.72 -0.71
C ASN C 1534 83.47 -19.04 -0.14
N PRO C 1535 83.29 -19.04 1.19
CA PRO C 1535 82.08 -18.54 1.84
C PRO C 1535 82.06 -17.03 2.05
N ALA C 1536 83.23 -16.37 2.03
CA ALA C 1536 83.41 -14.97 2.42
C ALA C 1536 82.45 -14.07 1.62
N VAL C 1537 81.47 -13.50 2.31
CA VAL C 1537 80.46 -12.66 1.68
C VAL C 1537 81.06 -11.28 1.41
N LEU C 1538 80.99 -10.82 0.17
CA LEU C 1538 81.54 -9.53 -0.26
C LEU C 1538 80.57 -8.41 0.06
N SER C 1539 80.96 -7.50 0.94
CA SER C 1539 80.17 -6.30 1.30
C SER C 1539 80.35 -5.18 0.25
N THR C 1540 80.06 -5.52 -1.02
CA THR C 1540 80.55 -4.85 -2.25
C THR C 1540 80.67 -3.33 -2.13
N SER C 1549 78.17 -0.53 -5.79
CA SER C 1549 77.19 -1.31 -5.04
C SER C 1549 77.63 -1.54 -3.58
N VAL C 1550 76.71 -2.03 -2.73
CA VAL C 1550 77.00 -2.49 -1.34
C VAL C 1550 76.26 -3.78 -0.92
N ILE C 1551 75.34 -4.28 -1.77
CA ILE C 1551 74.59 -5.53 -1.57
C ILE C 1551 75.56 -6.73 -1.61
N HIS C 1552 75.26 -7.75 -0.80
CA HIS C 1552 76.10 -8.91 -0.54
C HIS C 1552 75.98 -10.05 -1.59
N PHE C 1553 77.12 -10.69 -1.91
CA PHE C 1553 77.20 -12.09 -2.36
C PHE C 1553 78.64 -12.64 -2.22
N SER C 1554 78.83 -13.96 -2.25
CA SER C 1554 80.12 -14.64 -1.99
C SER C 1554 81.24 -14.19 -2.93
N HIS C 1555 82.47 -14.23 -2.44
CA HIS C 1555 83.67 -14.06 -3.26
C HIS C 1555 83.92 -15.27 -4.19
N GLY C 1556 83.66 -16.50 -3.73
CA GLY C 1556 83.69 -17.69 -4.60
C GLY C 1556 82.63 -17.60 -5.69
N GLU C 1557 81.43 -17.12 -5.34
CA GLU C 1557 80.38 -16.76 -6.30
C GLU C 1557 80.89 -15.71 -7.29
N TYR C 1558 81.32 -14.56 -6.79
CA TYR C 1558 81.72 -13.45 -7.63
C TYR C 1558 82.80 -13.89 -8.59
N PHE C 1559 83.81 -14.59 -8.08
CA PHE C 1559 84.87 -15.16 -8.89
C PHE C 1559 84.30 -16.03 -10.00
N TYR C 1560 83.57 -17.11 -9.65
CA TYR C 1560 83.06 -18.04 -10.63
C TYR C 1560 82.17 -17.32 -11.64
N SER C 1561 81.19 -16.58 -11.14
CA SER C 1561 80.16 -15.91 -11.93
C SER C 1561 80.73 -14.81 -12.83
N LEU C 1562 81.75 -14.08 -12.38
CA LEU C 1562 82.50 -13.17 -13.24
C LEU C 1562 83.22 -13.96 -14.31
N PHE C 1563 84.08 -14.88 -13.89
CA PHE C 1563 84.95 -15.62 -14.78
C PHE C 1563 84.28 -16.84 -15.38
N SER C 1564 82.97 -16.74 -15.63
CA SER C 1564 82.16 -17.89 -16.03
C SER C 1564 82.71 -18.41 -17.34
N GLU C 1565 82.60 -17.68 -18.46
CA GLU C 1565 83.15 -18.13 -19.76
C GLU C 1565 84.64 -18.50 -19.67
N THR C 1566 85.41 -17.77 -18.86
CA THR C 1566 86.82 -18.05 -18.68
C THR C 1566 87.05 -19.49 -18.17
N ILE C 1567 86.47 -19.80 -17.02
CA ILE C 1567 86.48 -21.13 -16.43
C ILE C 1567 85.79 -22.09 -17.41
N ASN C 1568 84.65 -21.69 -17.93
CA ASN C 1568 83.68 -22.50 -18.63
C ASN C 1568 83.95 -22.66 -20.13
N THR C 1569 85.15 -22.32 -20.55
CA THR C 1569 85.74 -22.74 -21.81
C THR C 1569 86.98 -23.60 -21.57
N GLU C 1570 87.52 -23.60 -20.35
CA GLU C 1570 88.88 -24.05 -20.08
C GLU C 1570 89.00 -25.07 -18.93
N LEU C 1571 88.31 -24.85 -17.81
CA LEU C 1571 88.07 -25.89 -16.83
C LEU C 1571 87.57 -27.15 -17.52
N LEU C 1572 86.74 -26.99 -18.56
CA LEU C 1572 86.20 -28.05 -19.42
C LEU C 1572 87.21 -29.05 -19.98
N LYS C 1573 88.50 -28.73 -19.99
CA LYS C 1573 89.52 -29.71 -20.33
C LYS C 1573 89.52 -30.87 -19.31
N ASN C 1574 89.18 -30.55 -18.06
CA ASN C 1574 88.61 -31.46 -17.06
C ASN C 1574 87.10 -31.52 -17.28
N LEU C 1575 86.49 -32.71 -17.38
CA LEU C 1575 85.02 -32.72 -17.54
C LEU C 1575 84.38 -32.79 -16.17
N ASP C 1576 84.34 -33.99 -15.60
CA ASP C 1576 83.70 -34.32 -14.34
C ASP C 1576 84.66 -34.40 -13.13
N LEU C 1577 85.97 -34.35 -13.37
CA LEU C 1577 87.00 -34.52 -12.36
C LEU C 1577 87.11 -33.34 -11.37
N ALA C 1578 86.12 -32.44 -11.43
CA ALA C 1578 85.71 -31.57 -10.33
C ALA C 1578 84.22 -31.75 -9.96
N VAL C 1579 83.33 -32.08 -10.91
CA VAL C 1579 81.91 -32.42 -10.66
C VAL C 1579 81.79 -33.51 -9.59
N LEU C 1580 82.66 -34.49 -9.65
CA LEU C 1580 82.87 -35.55 -8.69
C LEU C 1580 83.01 -34.97 -7.28
N GLU C 1581 83.95 -34.07 -7.07
CA GLU C 1581 84.14 -33.39 -5.80
C GLU C 1581 82.94 -32.53 -5.46
N LEU C 1582 82.49 -31.75 -6.42
CA LEU C 1582 81.39 -30.80 -6.37
C LEU C 1582 80.12 -31.44 -5.77
N MET C 1583 79.79 -32.68 -6.15
CA MET C 1583 78.65 -33.42 -5.59
C MET C 1583 79.01 -34.39 -4.45
N GLN C 1584 80.14 -35.09 -4.55
CA GLN C 1584 80.39 -36.36 -3.86
C GLN C 1584 81.68 -36.36 -3.06
N SER C 1585 82.83 -36.02 -3.66
CA SER C 1585 84.10 -36.00 -2.91
C SER C 1585 84.21 -34.77 -1.99
N SER C 1586 83.10 -34.05 -1.82
CA SER C 1586 82.70 -33.24 -0.69
C SER C 1586 81.17 -33.14 -0.71
N VAL C 1587 80.55 -32.69 0.38
CA VAL C 1587 79.10 -32.44 0.42
C VAL C 1587 78.67 -31.57 -0.76
N ASP C 1588 77.65 -32.02 -1.47
CA ASP C 1588 77.05 -31.29 -2.58
C ASP C 1588 76.62 -29.90 -2.08
N ASN C 1589 77.31 -28.88 -2.59
CA ASN C 1589 77.34 -27.58 -1.95
C ASN C 1589 75.94 -26.99 -1.82
N THR C 1590 75.73 -26.20 -0.78
CA THR C 1590 74.42 -25.63 -0.45
C THR C 1590 73.84 -24.80 -1.59
N LYS C 1591 74.67 -24.17 -2.44
CA LYS C 1591 74.25 -23.35 -3.59
C LYS C 1591 75.01 -23.70 -4.87
N MET C 1592 76.16 -23.08 -5.05
CA MET C 1592 76.81 -22.87 -6.34
C MET C 1592 77.19 -24.13 -7.12
N VAL C 1593 77.31 -25.29 -6.50
CA VAL C 1593 77.56 -26.56 -7.21
C VAL C 1593 76.64 -26.65 -8.43
N SER C 1594 75.43 -26.13 -8.24
CA SER C 1594 74.44 -26.03 -9.28
C SER C 1594 74.59 -24.85 -10.23
N ALA C 1595 74.89 -23.64 -9.77
CA ALA C 1595 75.16 -22.52 -10.66
C ALA C 1595 76.34 -22.82 -11.60
N VAL C 1596 77.22 -23.74 -11.19
CA VAL C 1596 78.15 -24.41 -12.08
C VAL C 1596 77.53 -24.94 -13.36
N LEU C 1597 76.37 -25.56 -13.26
CA LEU C 1597 75.71 -26.17 -14.37
C LEU C 1597 74.93 -25.10 -15.15
N ASN C 1598 74.43 -24.03 -14.51
CA ASN C 1598 73.88 -22.87 -15.24
C ASN C 1598 74.92 -22.24 -16.16
N GLY C 1599 76.06 -21.82 -15.60
CA GLY C 1599 77.15 -21.29 -16.40
C GLY C 1599 77.64 -22.33 -17.40
N MET C 1600 77.58 -23.62 -17.06
CA MET C 1600 77.92 -24.66 -18.03
C MET C 1600 76.98 -24.72 -19.21
N LEU C 1601 75.69 -24.62 -18.95
CA LEU C 1601 74.68 -24.91 -19.95
C LEU C 1601 74.30 -23.68 -20.79
N ASP C 1602 75.12 -22.63 -20.69
CA ASP C 1602 75.32 -21.66 -21.77
C ASP C 1602 76.22 -22.35 -22.80
N GLN C 1603 77.49 -22.58 -22.44
CA GLN C 1603 78.50 -22.98 -23.40
C GLN C 1603 78.32 -24.41 -23.88
N SER C 1604 78.11 -25.38 -22.99
CA SER C 1604 77.95 -26.78 -23.41
C SER C 1604 76.79 -26.98 -24.37
N PHE C 1605 75.70 -26.21 -24.21
CA PHE C 1605 74.55 -26.20 -25.12
C PHE C 1605 74.81 -25.36 -26.39
N ARG C 1606 75.72 -24.39 -26.33
CA ARG C 1606 76.27 -23.66 -27.49
C ARG C 1606 77.22 -24.52 -28.33
N GLU C 1607 77.88 -25.48 -27.70
CA GLU C 1607 79.12 -26.07 -28.22
C GLU C 1607 78.92 -26.88 -29.50
N ARG C 1608 79.48 -26.39 -30.60
CA ARG C 1608 79.79 -27.13 -31.84
C ARG C 1608 81.15 -26.77 -32.44
N ALA C 1609 81.98 -26.00 -31.72
CA ALA C 1609 83.24 -25.45 -32.21
C ALA C 1609 84.34 -26.52 -32.20
N ASN C 1610 84.33 -27.39 -33.22
CA ASN C 1610 85.23 -28.53 -33.37
C ASN C 1610 85.16 -29.62 -32.25
N GLN C 1611 84.16 -29.58 -31.36
CA GLN C 1611 83.86 -30.62 -30.37
C GLN C 1611 82.35 -30.73 -30.17
N LYS C 1612 81.87 -31.91 -29.75
CA LYS C 1612 80.48 -32.16 -29.32
C LYS C 1612 80.41 -33.41 -28.41
N HIS C 1613 79.27 -34.12 -28.36
CA HIS C 1613 78.93 -35.13 -27.35
C HIS C 1613 78.95 -34.60 -25.91
N GLN C 1614 78.96 -33.28 -25.71
CA GLN C 1614 79.10 -32.63 -24.40
C GLN C 1614 78.10 -33.21 -23.40
N GLY C 1615 76.83 -33.28 -23.77
CA GLY C 1615 75.80 -33.86 -22.93
C GLY C 1615 76.00 -35.32 -22.65
N LEU C 1616 76.43 -36.11 -23.63
CA LEU C 1616 76.62 -37.55 -23.43
C LEU C 1616 77.71 -37.84 -22.40
N LYS C 1617 78.89 -37.22 -22.58
CA LYS C 1617 80.03 -37.45 -21.67
C LYS C 1617 79.72 -36.88 -20.29
N LEU C 1618 79.07 -35.71 -20.24
CA LEU C 1618 78.56 -35.15 -19.00
C LEU C 1618 77.65 -36.17 -18.31
N ALA C 1619 76.59 -36.59 -19.00
CA ALA C 1619 75.46 -37.34 -18.46
C ALA C 1619 75.93 -38.45 -17.54
N THR C 1620 76.73 -39.37 -18.07
CA THR C 1620 77.13 -40.60 -17.40
C THR C 1620 77.82 -40.36 -16.07
N THR C 1621 78.46 -39.21 -15.90
CA THR C 1621 78.95 -38.78 -14.59
C THR C 1621 77.84 -38.08 -13.82
N ILE C 1622 77.25 -37.00 -14.32
CA ILE C 1622 76.28 -36.18 -13.59
C ILE C 1622 75.04 -36.96 -13.13
N LEU C 1623 74.72 -38.09 -13.75
CA LEU C 1623 73.71 -39.04 -13.28
C LEU C 1623 74.18 -39.92 -12.11
N GLN C 1624 75.36 -40.54 -12.19
CA GLN C 1624 75.88 -41.31 -11.07
C GLN C 1624 76.06 -40.36 -9.90
N HIS C 1625 76.60 -39.20 -10.17
CA HIS C 1625 76.83 -38.17 -9.20
C HIS C 1625 75.52 -37.56 -8.68
N TRP C 1626 74.45 -37.53 -9.48
CA TRP C 1626 73.09 -37.17 -9.03
C TRP C 1626 72.61 -38.06 -7.88
N LYS C 1627 73.07 -39.33 -7.79
CA LYS C 1627 72.80 -40.19 -6.61
C LYS C 1627 73.03 -39.43 -5.32
N LYS C 1628 74.11 -38.64 -5.30
CA LYS C 1628 74.67 -38.03 -4.12
C LYS C 1628 74.11 -36.61 -3.89
N CYS C 1629 73.10 -36.19 -4.64
CA CYS C 1629 72.42 -34.91 -4.46
C CYS C 1629 71.58 -34.96 -3.16
N ASP C 1630 72.12 -34.42 -2.06
CA ASP C 1630 71.59 -34.63 -0.71
C ASP C 1630 71.24 -33.34 0.01
N SER C 1631 71.83 -32.18 -0.32
CA SER C 1631 71.53 -30.93 0.41
C SER C 1631 70.12 -30.38 0.10
N TRP C 1632 69.61 -30.64 -1.10
CA TRP C 1632 68.19 -30.49 -1.44
C TRP C 1632 67.28 -31.30 -0.51
N TRP C 1633 67.76 -32.43 0.04
CA TRP C 1633 66.96 -33.32 0.91
C TRP C 1633 66.76 -32.77 2.33
N ALA C 1634 67.35 -31.61 2.66
CA ALA C 1634 66.78 -30.73 3.67
C ALA C 1634 65.42 -30.21 3.20
N LYS C 1635 64.35 -30.44 3.95
CA LYS C 1635 62.98 -30.00 3.63
C LYS C 1635 62.94 -28.54 3.20
N ASP C 1636 63.52 -27.70 4.04
CA ASP C 1636 63.69 -26.27 3.87
C ASP C 1636 64.94 -25.91 3.04
N SER C 1637 65.43 -26.80 2.19
CA SER C 1637 66.46 -26.43 1.21
C SER C 1637 65.95 -25.23 0.43
N PRO C 1638 66.64 -24.08 0.42
CA PRO C 1638 66.07 -22.83 -0.05
C PRO C 1638 65.41 -22.90 -1.43
N LEU C 1639 64.47 -21.99 -1.69
CA LEU C 1639 63.89 -21.79 -3.03
C LEU C 1639 64.98 -21.56 -4.09
N GLU C 1640 66.15 -21.09 -3.66
CA GLU C 1640 67.31 -20.98 -4.50
C GLU C 1640 67.77 -22.36 -4.99
N THR C 1641 68.02 -23.29 -4.08
CA THR C 1641 68.47 -24.65 -4.42
C THR C 1641 67.38 -25.46 -5.13
N LYS C 1642 66.11 -25.25 -4.77
CA LYS C 1642 65.01 -25.75 -5.58
C LYS C 1642 65.10 -25.22 -7.01
N MET C 1643 65.20 -23.90 -7.20
CA MET C 1643 65.30 -23.28 -8.53
C MET C 1643 66.51 -23.82 -9.32
N ALA C 1644 67.63 -24.02 -8.66
CA ALA C 1644 68.83 -24.54 -9.28
C ALA C 1644 68.61 -25.95 -9.83
N VAL C 1645 68.22 -26.92 -9.00
CA VAL C 1645 68.04 -28.30 -9.47
C VAL C 1645 66.94 -28.41 -10.51
N LEU C 1646 65.97 -27.50 -10.43
CA LEU C 1646 64.92 -27.30 -11.42
C LEU C 1646 65.53 -26.87 -12.77
N ALA C 1647 66.25 -25.75 -12.81
CA ALA C 1647 66.80 -25.25 -14.08
C ALA C 1647 67.77 -26.25 -14.70
N LEU C 1648 68.57 -26.91 -13.86
CA LEU C 1648 69.42 -28.04 -14.22
C LEU C 1648 68.61 -29.14 -14.87
N LEU C 1649 67.56 -29.63 -14.23
CA LEU C 1649 66.80 -30.74 -14.80
C LEU C 1649 66.22 -30.36 -16.16
N ALA C 1650 65.76 -29.12 -16.35
CA ALA C 1650 65.36 -28.66 -17.68
C ALA C 1650 66.51 -28.82 -18.66
N LYS C 1651 67.66 -28.26 -18.29
CA LYS C 1651 68.83 -28.31 -19.14
C LYS C 1651 69.41 -29.72 -19.29
N ILE C 1652 69.07 -30.70 -18.45
CA ILE C 1652 69.38 -32.11 -18.71
C ILE C 1652 68.68 -32.52 -19.99
N LEU C 1653 67.34 -32.52 -20.04
CA LEU C 1653 66.62 -33.01 -21.21
C LEU C 1653 66.96 -32.18 -22.45
N GLN C 1654 67.45 -30.96 -22.25
CA GLN C 1654 68.05 -30.17 -23.29
C GLN C 1654 69.40 -30.76 -23.76
N ILE C 1655 70.45 -30.88 -22.92
CA ILE C 1655 71.81 -31.33 -23.33
C ILE C 1655 71.95 -32.86 -23.51
N ASP C 1656 71.36 -33.61 -22.59
CA ASP C 1656 71.24 -35.06 -22.58
C ASP C 1656 70.00 -35.45 -23.39
N SER C 1657 70.07 -35.23 -24.71
CA SER C 1657 68.99 -35.49 -25.66
C SER C 1657 68.35 -36.84 -25.34
N SER C 1658 67.03 -36.90 -25.21
CA SER C 1658 66.36 -37.95 -24.42
C SER C 1658 66.61 -39.40 -24.87
N VAL C 1659 67.10 -39.62 -26.09
CA VAL C 1659 67.71 -40.90 -26.54
C VAL C 1659 68.82 -41.40 -25.59
N SER C 1660 69.45 -40.49 -24.84
CA SER C 1660 70.48 -40.68 -23.82
C SER C 1660 69.95 -40.54 -22.37
N PHE C 1661 68.65 -40.30 -22.20
CA PHE C 1661 67.92 -40.47 -20.95
C PHE C 1661 66.69 -41.36 -21.18
N ASN C 1662 66.88 -42.47 -21.92
CA ASN C 1662 65.76 -43.17 -22.52
C ASN C 1662 65.01 -44.04 -21.51
N THR C 1663 65.72 -44.92 -20.80
CA THR C 1663 65.10 -46.05 -20.07
C THR C 1663 65.64 -46.23 -18.65
N SER C 1664 66.96 -46.34 -18.50
CA SER C 1664 67.66 -46.52 -17.20
C SER C 1664 68.99 -45.76 -17.17
N HIS C 1665 69.17 -44.83 -18.11
CA HIS C 1665 70.48 -44.28 -18.46
C HIS C 1665 71.04 -43.43 -17.34
N GLY C 1666 70.31 -42.39 -16.93
CA GLY C 1666 70.37 -41.87 -15.58
C GLY C 1666 69.48 -42.73 -14.67
N SER C 1667 69.85 -42.89 -13.39
CA SER C 1667 69.15 -43.80 -12.49
C SER C 1667 67.81 -43.19 -12.10
N PHE C 1668 66.72 -43.65 -12.73
CA PHE C 1668 65.37 -43.18 -12.42
C PHE C 1668 65.00 -43.32 -10.93
N PRO C 1669 65.36 -44.40 -10.20
CA PRO C 1669 65.15 -44.50 -8.77
C PRO C 1669 65.74 -43.33 -7.97
N GLU C 1670 66.85 -42.76 -8.43
CA GLU C 1670 67.37 -41.51 -7.88
C GLU C 1670 66.62 -40.32 -8.52
N VAL C 1671 66.83 -40.09 -9.81
CA VAL C 1671 66.64 -38.76 -10.41
C VAL C 1671 65.17 -38.42 -10.68
N PHE C 1672 64.36 -39.41 -11.03
CA PHE C 1672 62.94 -39.20 -11.22
C PHE C 1672 62.19 -39.11 -9.89
N THR C 1673 62.48 -39.99 -8.91
CA THR C 1673 61.86 -39.89 -7.57
C THR C 1673 62.20 -38.55 -6.91
N THR C 1674 63.41 -38.06 -7.14
CA THR C 1674 63.81 -36.70 -6.83
C THR C 1674 62.90 -35.66 -7.51
N TYR C 1675 62.67 -35.74 -8.82
CA TYR C 1675 61.73 -34.83 -9.49
C TYR C 1675 60.29 -34.93 -8.93
N ILE C 1676 59.80 -36.13 -8.62
CA ILE C 1676 58.47 -36.33 -8.01
C ILE C 1676 58.41 -35.61 -6.66
N SER C 1677 59.41 -35.82 -5.81
CA SER C 1677 59.50 -35.18 -4.49
C SER C 1677 59.73 -33.66 -4.61
N LEU C 1678 60.34 -33.20 -5.70
CA LEU C 1678 60.37 -31.79 -6.11
C LEU C 1678 58.98 -31.24 -6.45
N LEU C 1679 58.20 -31.93 -7.30
CA LEU C 1679 56.82 -31.51 -7.61
C LEU C 1679 55.98 -31.43 -6.34
N ALA C 1680 56.15 -32.38 -5.43
CA ALA C 1680 55.45 -32.49 -4.15
C ALA C 1680 55.78 -31.39 -3.12
N ASP C 1681 56.75 -30.51 -3.38
CA ASP C 1681 57.12 -29.37 -2.51
C ASP C 1681 55.96 -28.37 -2.31
N THR C 1682 55.46 -28.13 -1.08
CA THR C 1682 54.29 -27.28 -0.94
C THR C 1682 54.67 -25.82 -0.80
N LYS C 1683 55.94 -25.52 -0.53
CA LYS C 1683 56.54 -24.19 -0.69
C LYS C 1683 56.90 -23.83 -2.16
N LEU C 1684 57.00 -24.78 -3.11
CA LEU C 1684 57.20 -24.49 -4.55
C LEU C 1684 55.95 -23.83 -5.12
N ASP C 1685 56.04 -22.58 -5.52
CA ASP C 1685 54.88 -21.82 -5.99
C ASP C 1685 54.61 -22.03 -7.49
N LEU C 1686 53.40 -21.64 -7.92
CA LEU C 1686 52.73 -22.25 -9.06
C LEU C 1686 53.30 -21.90 -10.44
N HIS C 1687 54.00 -20.76 -10.61
CA HIS C 1687 54.78 -20.50 -11.83
C HIS C 1687 55.97 -21.46 -11.97
N LEU C 1688 56.59 -21.81 -10.85
CA LEU C 1688 57.74 -22.71 -10.78
C LEU C 1688 57.29 -24.16 -10.83
N LYS C 1689 56.15 -24.50 -10.19
CA LYS C 1689 55.39 -25.69 -10.54
C LYS C 1689 55.20 -25.75 -12.06
N GLY C 1690 54.86 -24.63 -12.70
CA GLY C 1690 54.64 -24.49 -14.15
C GLY C 1690 55.84 -24.91 -14.99
N GLN C 1691 57.04 -24.41 -14.68
CA GLN C 1691 58.24 -24.99 -15.27
C GLN C 1691 58.39 -26.48 -14.90
N ALA C 1692 58.18 -26.86 -13.64
CA ALA C 1692 58.41 -28.24 -13.20
C ALA C 1692 57.60 -29.20 -14.07
N VAL C 1693 56.29 -28.99 -14.15
CA VAL C 1693 55.43 -29.77 -15.03
C VAL C 1693 55.80 -29.61 -16.51
N THR C 1694 56.42 -28.52 -16.94
CA THR C 1694 56.89 -28.37 -18.33
C THR C 1694 57.95 -29.40 -18.71
N LEU C 1695 58.57 -30.08 -17.75
CA LEU C 1695 59.47 -31.20 -17.99
C LEU C 1695 59.00 -32.53 -17.40
N LEU C 1696 57.77 -32.59 -16.90
CA LEU C 1696 57.09 -33.87 -16.77
C LEU C 1696 57.07 -34.70 -18.07
N PRO C 1697 56.76 -34.15 -19.27
CA PRO C 1697 56.20 -34.97 -20.34
C PRO C 1697 57.09 -36.11 -20.77
N PHE C 1698 58.39 -35.91 -20.79
CA PHE C 1698 59.36 -36.91 -21.22
C PHE C 1698 59.30 -38.18 -20.36
N PHE C 1699 58.95 -38.05 -19.09
CA PHE C 1699 58.77 -39.13 -18.13
C PHE C 1699 57.46 -39.91 -18.36
N THR C 1700 56.61 -39.51 -19.30
CA THR C 1700 55.45 -40.35 -19.65
C THR C 1700 55.87 -41.58 -20.45
N SER C 1701 57.15 -41.63 -20.83
CA SER C 1701 57.84 -42.80 -21.35
C SER C 1701 57.93 -43.96 -20.35
N LEU C 1702 57.59 -43.82 -19.05
CA LEU C 1702 57.87 -44.92 -18.13
C LEU C 1702 56.75 -45.94 -18.19
N THR C 1703 57.07 -47.17 -18.57
CA THR C 1703 56.15 -48.32 -18.46
C THR C 1703 56.08 -48.88 -17.03
N GLY C 1704 57.12 -48.66 -16.23
CA GLY C 1704 57.25 -49.23 -14.89
C GLY C 1704 56.16 -48.74 -13.93
N GLY C 1705 56.00 -49.46 -12.83
CA GLY C 1705 55.18 -49.01 -11.69
C GLY C 1705 55.69 -47.71 -11.05
N SER C 1706 56.90 -47.29 -11.38
CA SER C 1706 57.43 -45.94 -11.16
C SER C 1706 56.51 -44.83 -11.70
N LEU C 1707 55.71 -45.12 -12.72
CA LEU C 1707 54.70 -44.22 -13.26
C LEU C 1707 53.45 -44.11 -12.38
N GLU C 1708 53.21 -45.01 -11.43
CA GLU C 1708 51.99 -44.99 -10.62
C GLU C 1708 51.86 -43.68 -9.82
N GLU C 1709 52.95 -43.29 -9.19
CA GLU C 1709 53.00 -42.01 -8.51
C GLU C 1709 53.11 -40.83 -9.48
N LEU C 1710 53.43 -41.01 -10.76
CA LEU C 1710 53.35 -39.90 -11.72
C LEU C 1710 51.89 -39.48 -11.93
N ARG C 1711 50.95 -40.42 -11.96
CA ARG C 1711 49.53 -40.04 -11.84
C ARG C 1711 49.26 -39.45 -10.45
N ARG C 1712 49.59 -40.15 -9.34
CA ARG C 1712 49.20 -39.64 -8.02
C ARG C 1712 49.75 -38.25 -7.70
N VAL C 1713 51.00 -37.96 -8.03
CA VAL C 1713 51.60 -36.65 -7.77
C VAL C 1713 50.92 -35.56 -8.60
N LEU C 1714 50.54 -35.85 -9.85
CA LEU C 1714 49.81 -34.91 -10.68
C LEU C 1714 48.34 -34.77 -10.25
N GLU C 1715 47.71 -35.83 -9.75
CA GLU C 1715 46.43 -35.71 -9.06
C GLU C 1715 46.55 -34.80 -7.83
N GLN C 1716 47.51 -35.07 -6.95
CA GLN C 1716 47.77 -34.28 -5.74
C GLN C 1716 48.05 -32.81 -6.06
N LEU C 1717 48.88 -32.55 -7.06
CA LEU C 1717 49.20 -31.22 -7.57
C LEU C 1717 47.92 -30.50 -8.00
N ILE C 1718 47.22 -30.98 -9.02
CA ILE C 1718 46.15 -30.21 -9.60
C ILE C 1718 44.97 -30.09 -8.64
N VAL C 1719 44.71 -31.10 -7.80
CA VAL C 1719 43.54 -31.07 -6.92
C VAL C 1719 43.73 -30.13 -5.74
N ALA C 1720 44.94 -30.05 -5.19
CA ALA C 1720 45.23 -29.06 -4.17
C ALA C 1720 45.24 -27.64 -4.78
N HIS C 1721 45.87 -27.47 -5.94
CA HIS C 1721 46.11 -26.15 -6.52
C HIS C 1721 44.88 -25.57 -7.23
N PHE C 1722 44.32 -26.31 -8.18
CA PHE C 1722 43.32 -25.80 -9.13
C PHE C 1722 41.87 -26.04 -8.67
N PRO C 1723 40.93 -25.20 -9.12
CA PRO C 1723 39.72 -24.95 -8.33
C PRO C 1723 38.71 -26.10 -8.32
N MET C 1724 38.45 -26.66 -7.14
CA MET C 1724 37.48 -27.76 -6.92
C MET C 1724 36.08 -27.43 -7.43
N GLN C 1725 35.70 -26.15 -7.31
CA GLN C 1725 34.66 -25.53 -8.12
C GLN C 1725 35.33 -24.52 -9.07
N SER C 1726 35.37 -24.81 -10.37
CA SER C 1726 35.92 -23.91 -11.39
C SER C 1726 34.95 -22.84 -11.89
N ARG C 1727 33.66 -22.98 -11.58
CA ARG C 1727 32.61 -22.05 -11.94
C ARG C 1727 32.84 -20.60 -11.53
N GLU C 1728 33.67 -20.39 -10.49
CA GLU C 1728 33.90 -19.11 -9.85
C GLU C 1728 34.22 -17.95 -10.81
N PHE C 1729 35.02 -18.18 -11.83
CA PHE C 1729 35.79 -17.10 -12.44
C PHE C 1729 35.23 -16.57 -13.78
N PRO C 1730 34.91 -15.27 -13.89
CA PRO C 1730 34.97 -14.57 -15.16
C PRO C 1730 36.45 -14.23 -15.48
N PRO C 1731 36.79 -13.84 -16.73
CA PRO C 1731 38.16 -13.53 -17.10
C PRO C 1731 38.74 -12.32 -16.36
N GLY C 1732 40.04 -12.39 -16.07
CA GLY C 1732 40.88 -11.20 -15.88
C GLY C 1732 41.56 -11.10 -14.51
N THR C 1733 41.20 -11.94 -13.55
CA THR C 1733 41.78 -12.01 -12.20
C THR C 1733 42.95 -13.02 -12.15
N PRO C 1734 44.05 -12.83 -11.39
CA PRO C 1734 45.23 -13.75 -11.40
C PRO C 1734 44.89 -15.20 -11.10
N ARG C 1735 43.92 -15.36 -10.21
CA ARG C 1735 43.22 -16.59 -9.85
C ARG C 1735 42.73 -17.39 -11.07
N PHE C 1736 42.31 -16.68 -12.11
CA PHE C 1736 41.99 -17.18 -13.44
C PHE C 1736 43.20 -17.12 -14.40
N ASN C 1737 43.88 -15.97 -14.51
CA ASN C 1737 44.89 -15.69 -15.55
C ASN C 1737 46.07 -16.66 -15.51
N ASN C 1738 46.55 -16.99 -14.32
CA ASN C 1738 47.61 -17.96 -14.12
C ASN C 1738 47.06 -19.40 -14.09
N TYR C 1739 45.78 -19.57 -13.77
CA TYR C 1739 45.11 -20.84 -13.93
C TYR C 1739 44.99 -21.23 -15.41
N VAL C 1740 44.55 -20.36 -16.32
CA VAL C 1740 44.45 -20.67 -17.77
C VAL C 1740 45.80 -20.95 -18.41
N ASP C 1741 46.88 -20.34 -17.93
CA ASP C 1741 48.23 -20.77 -18.30
C ASP C 1741 48.46 -22.21 -17.86
N CYS C 1742 48.15 -22.56 -16.61
CA CYS C 1742 48.28 -23.94 -16.16
C CYS C 1742 47.39 -24.91 -16.95
N MET C 1743 46.13 -24.56 -17.20
CA MET C 1743 45.23 -25.33 -18.06
C MET C 1743 45.84 -25.61 -19.44
N LYS C 1744 46.25 -24.56 -20.16
CA LYS C 1744 46.86 -24.75 -21.48
C LYS C 1744 48.16 -25.52 -21.35
N LYS C 1745 48.93 -25.34 -20.28
CA LYS C 1745 50.15 -26.11 -20.07
C LYS C 1745 49.87 -27.59 -19.84
N PHE C 1746 48.80 -27.98 -19.20
CA PHE C 1746 48.47 -29.40 -19.18
C PHE C 1746 48.09 -29.92 -20.57
N LEU C 1747 47.54 -29.09 -21.46
CA LEU C 1747 47.27 -29.50 -22.85
C LEU C 1747 48.53 -29.55 -23.72
N ASP C 1748 49.46 -28.62 -23.55
CA ASP C 1748 50.80 -28.76 -24.10
C ASP C 1748 51.42 -30.10 -23.63
N ALA C 1749 51.32 -30.39 -22.33
CA ALA C 1749 51.87 -31.59 -21.75
C ALA C 1749 51.25 -32.86 -22.36
N LEU C 1750 49.95 -32.87 -22.59
CA LEU C 1750 49.29 -33.90 -23.37
C LEU C 1750 49.80 -33.95 -24.82
N GLU C 1751 49.89 -32.81 -25.50
CA GLU C 1751 50.31 -32.71 -26.90
C GLU C 1751 51.72 -33.28 -27.10
N LEU C 1752 52.63 -33.05 -26.15
CA LEU C 1752 53.96 -33.64 -26.18
C LEU C 1752 53.92 -35.13 -25.81
N SER C 1753 53.34 -35.48 -24.66
CA SER C 1753 53.44 -36.83 -24.05
C SER C 1753 52.74 -37.93 -24.84
N GLN C 1754 51.70 -37.59 -25.62
CA GLN C 1754 50.90 -38.54 -26.41
C GLN C 1754 50.41 -39.70 -25.52
N SER C 1755 49.91 -39.33 -24.33
CA SER C 1755 49.81 -40.19 -23.14
C SER C 1755 48.37 -40.44 -22.69
N PRO C 1756 47.97 -41.70 -22.47
CA PRO C 1756 46.71 -41.99 -21.81
C PRO C 1756 46.70 -41.57 -20.34
N MET C 1757 47.84 -41.41 -19.70
CA MET C 1757 47.97 -40.96 -18.30
C MET C 1757 47.66 -39.48 -18.17
N LEU C 1758 48.10 -38.67 -19.12
CA LEU C 1758 47.71 -37.26 -19.18
C LEU C 1758 46.27 -37.11 -19.67
N LEU C 1759 45.84 -37.91 -20.63
CA LEU C 1759 44.44 -38.00 -21.01
C LEU C 1759 43.57 -38.26 -19.76
N GLU C 1760 43.91 -39.26 -18.96
CA GLU C 1760 43.23 -39.66 -17.75
C GLU C 1760 43.12 -38.53 -16.73
N LEU C 1761 44.23 -37.88 -16.39
CA LEU C 1761 44.21 -36.67 -15.56
C LEU C 1761 43.29 -35.61 -16.16
N MET C 1762 43.46 -35.31 -17.46
CA MET C 1762 42.71 -34.27 -18.14
C MET C 1762 41.21 -34.51 -18.09
N THR C 1763 40.76 -35.77 -18.09
CA THR C 1763 39.33 -36.04 -18.00
C THR C 1763 38.72 -35.48 -16.73
N GLU C 1764 39.45 -35.50 -15.61
CA GLU C 1764 38.98 -34.99 -14.32
C GLU C 1764 38.80 -33.46 -14.29
N VAL C 1765 39.50 -32.73 -15.17
CA VAL C 1765 39.39 -31.27 -15.30
C VAL C 1765 38.46 -30.87 -16.46
N LEU C 1766 38.50 -31.52 -17.63
CA LEU C 1766 37.58 -31.17 -18.71
C LEU C 1766 36.14 -31.53 -18.33
N CYS C 1767 35.94 -32.62 -17.59
CA CYS C 1767 34.64 -32.99 -17.03
C CYS C 1767 34.32 -32.31 -15.68
N ARG C 1768 35.04 -31.25 -15.27
CA ARG C 1768 34.81 -30.55 -13.99
C ARG C 1768 33.41 -29.95 -13.92
N GLU C 1769 32.90 -29.45 -15.03
CA GLU C 1769 31.47 -29.14 -15.21
C GLU C 1769 31.10 -29.06 -16.70
N GLN C 1770 29.81 -29.12 -17.03
CA GLN C 1770 29.35 -28.65 -18.33
C GLN C 1770 29.66 -27.16 -18.43
N GLN C 1771 30.25 -26.70 -19.53
CA GLN C 1771 30.65 -25.30 -19.67
C GLN C 1771 31.53 -24.83 -18.50
N HIS C 1772 32.54 -25.64 -18.16
CA HIS C 1772 33.76 -25.08 -17.55
C HIS C 1772 34.17 -23.94 -18.49
N VAL C 1773 34.27 -22.70 -18.01
CA VAL C 1773 34.05 -21.57 -18.93
C VAL C 1773 35.06 -21.52 -20.09
N MET C 1774 36.25 -22.11 -19.96
CA MET C 1774 37.03 -22.61 -21.09
C MET C 1774 36.60 -24.03 -21.51
N GLU C 1775 36.21 -24.21 -22.78
CA GLU C 1775 36.08 -25.54 -23.42
C GLU C 1775 36.80 -25.64 -24.77
N GLU C 1776 36.92 -24.50 -25.44
CA GLU C 1776 37.51 -24.36 -26.77
C GLU C 1776 38.90 -24.96 -26.87
N LEU C 1777 39.80 -24.75 -25.90
CA LEU C 1777 41.13 -25.34 -25.98
C LEU C 1777 41.07 -26.83 -25.80
N PHE C 1778 40.40 -27.33 -24.76
CA PHE C 1778 40.33 -28.76 -24.52
C PHE C 1778 39.76 -29.51 -25.73
N GLN C 1779 38.83 -28.88 -26.46
CA GLN C 1779 38.29 -29.42 -27.72
C GLN C 1779 39.24 -29.24 -28.91
N SER C 1780 39.60 -28.01 -29.24
CA SER C 1780 40.41 -27.72 -30.44
C SER C 1780 41.82 -28.32 -30.36
N SER C 1781 42.45 -28.38 -29.19
CA SER C 1781 43.77 -29.00 -29.05
C SER C 1781 43.71 -30.48 -29.41
N PHE C 1782 42.63 -31.18 -29.10
CA PHE C 1782 42.52 -32.60 -29.40
C PHE C 1782 42.59 -32.87 -30.90
N ARG C 1783 42.13 -31.91 -31.73
CA ARG C 1783 42.29 -31.96 -33.20
C ARG C 1783 43.75 -32.14 -33.60
N ARG C 1784 44.67 -31.47 -32.91
CA ARG C 1784 46.12 -31.59 -33.16
C ARG C 1784 46.63 -32.94 -32.69
N ILE C 1785 46.26 -33.40 -31.48
CA ILE C 1785 46.82 -34.63 -30.87
C ILE C 1785 46.38 -35.91 -31.58
N ALA C 1786 45.14 -35.97 -32.08
CA ALA C 1786 44.66 -37.11 -32.86
C ALA C 1786 45.24 -37.16 -34.29
N ARG C 1787 45.71 -36.06 -34.88
CA ARG C 1787 46.23 -35.98 -36.27
C ARG C 1787 47.55 -36.73 -36.47
N ARG C 1788 48.59 -36.33 -35.75
CA ARG C 1788 49.98 -36.84 -35.91
C ARG C 1788 50.22 -38.27 -35.43
N GLY C 1789 49.37 -38.78 -34.53
CA GLY C 1789 49.58 -40.04 -33.84
C GLY C 1789 49.78 -41.23 -34.78
N SER C 1790 50.90 -41.93 -34.63
CA SER C 1790 51.12 -43.24 -35.24
C SER C 1790 50.25 -44.29 -34.56
N CYS C 1791 49.55 -45.11 -35.34
CA CYS C 1791 48.28 -45.76 -34.98
C CYS C 1791 48.20 -46.41 -33.59
N VAL C 1792 49.21 -47.17 -33.17
CA VAL C 1792 49.23 -47.85 -31.87
C VAL C 1792 49.13 -46.87 -30.69
N THR C 1793 49.59 -45.63 -30.86
CA THR C 1793 49.46 -44.60 -29.82
C THR C 1793 47.98 -44.32 -29.54
N GLN C 1794 47.19 -43.91 -30.54
CA GLN C 1794 45.77 -43.67 -30.35
C GLN C 1794 44.98 -44.93 -29.97
N VAL C 1795 45.41 -46.12 -30.40
CA VAL C 1795 44.84 -47.38 -29.88
C VAL C 1795 44.97 -47.44 -28.37
N GLY C 1796 46.14 -47.10 -27.82
CA GLY C 1796 46.32 -47.01 -26.37
C GLY C 1796 45.51 -45.88 -25.70
N LEU C 1797 45.50 -44.69 -26.30
CA LEU C 1797 44.72 -43.55 -25.80
C LEU C 1797 43.25 -43.93 -25.61
N LEU C 1798 42.62 -44.38 -26.69
CA LEU C 1798 41.21 -44.73 -26.75
C LEU C 1798 40.92 -45.84 -25.74
N GLU C 1799 41.78 -46.83 -25.63
CA GLU C 1799 41.50 -47.91 -24.70
C GLU C 1799 41.51 -47.41 -23.26
N SER C 1800 42.38 -46.48 -22.87
CA SER C 1800 42.36 -46.02 -21.47
C SER C 1800 41.03 -45.37 -21.12
N VAL C 1801 40.46 -44.57 -22.02
CA VAL C 1801 39.17 -43.92 -21.80
C VAL C 1801 38.02 -44.91 -21.93
N TYR C 1802 38.14 -45.91 -22.80
CA TYR C 1802 37.19 -47.01 -22.87
C TYR C 1802 37.20 -47.87 -21.61
N GLU C 1803 38.37 -48.27 -21.14
CA GLU C 1803 38.56 -49.05 -19.91
C GLU C 1803 38.05 -48.26 -18.71
N MET C 1804 38.39 -46.97 -18.66
CA MET C 1804 37.82 -46.06 -17.68
C MET C 1804 36.30 -46.02 -17.77
N PHE C 1805 35.73 -45.91 -18.96
CA PHE C 1805 34.29 -45.91 -19.13
C PHE C 1805 33.63 -47.24 -18.73
N ARG C 1806 34.28 -48.36 -19.05
CA ARG C 1806 33.88 -49.73 -18.76
C ARG C 1806 33.84 -50.03 -17.27
N LYS C 1807 34.78 -49.46 -16.51
CA LYS C 1807 34.96 -49.77 -15.08
C LYS C 1807 33.66 -49.48 -14.34
N ASP C 1808 33.12 -50.48 -13.67
CA ASP C 1808 31.81 -50.40 -13.00
C ASP C 1808 31.79 -49.43 -11.81
N ASP C 1809 32.95 -48.93 -11.35
CA ASP C 1809 33.09 -48.19 -10.10
C ASP C 1809 32.01 -47.10 -9.92
N PRO C 1810 31.39 -47.00 -8.72
CA PRO C 1810 30.51 -45.88 -8.38
C PRO C 1810 31.26 -44.59 -8.56
N ARG C 1811 30.63 -43.73 -9.39
CA ARG C 1811 30.81 -42.45 -10.11
C ARG C 1811 29.52 -42.07 -10.89
N LEU C 1812 29.24 -40.79 -11.13
CA LEU C 1812 27.94 -40.31 -11.66
C LEU C 1812 27.73 -40.57 -13.17
N SER C 1813 26.48 -40.65 -13.64
CA SER C 1813 26.22 -40.95 -15.06
C SER C 1813 26.65 -39.81 -16.00
N PHE C 1814 26.58 -38.55 -15.55
CA PHE C 1814 27.31 -37.42 -16.15
C PHE C 1814 28.78 -37.76 -16.37
N THR C 1815 29.49 -38.16 -15.32
CA THR C 1815 30.92 -38.46 -15.34
C THR C 1815 31.26 -39.59 -16.30
N ARG C 1816 30.39 -40.61 -16.40
CA ARG C 1816 30.56 -41.67 -17.40
C ARG C 1816 30.27 -41.20 -18.82
N GLN C 1817 29.21 -40.40 -19.03
CA GLN C 1817 28.90 -39.88 -20.36
C GLN C 1817 29.93 -38.88 -20.84
N SER C 1818 30.40 -37.99 -19.96
CA SER C 1818 31.33 -36.93 -20.31
C SER C 1818 32.62 -37.52 -20.85
N PHE C 1819 33.13 -38.57 -20.23
CA PHE C 1819 34.30 -39.26 -20.74
C PHE C 1819 34.06 -39.78 -22.16
N VAL C 1820 32.93 -40.43 -22.44
CA VAL C 1820 32.68 -40.89 -23.81
C VAL C 1820 32.49 -39.71 -24.77
N ASP C 1821 31.51 -38.85 -24.53
CA ASP C 1821 31.13 -37.85 -25.52
C ASP C 1821 32.18 -36.73 -25.61
N ARG C 1822 32.43 -36.06 -24.49
CA ARG C 1822 33.35 -34.92 -24.40
C ARG C 1822 34.82 -35.31 -24.59
N SER C 1823 35.17 -36.61 -24.71
CA SER C 1823 36.53 -37.02 -25.10
C SER C 1823 36.60 -38.19 -26.10
N LEU C 1824 36.05 -39.36 -25.80
CA LEU C 1824 36.24 -40.57 -26.60
C LEU C 1824 35.76 -40.38 -28.05
N LEU C 1825 34.50 -39.99 -28.25
CA LEU C 1825 33.99 -39.66 -29.58
C LEU C 1825 34.79 -38.51 -30.19
N THR C 1826 35.08 -37.53 -29.34
CA THR C 1826 35.84 -36.33 -29.63
C THR C 1826 37.31 -36.60 -30.03
N LEU C 1827 37.73 -37.87 -30.10
CA LEU C 1827 39.00 -38.29 -30.70
C LEU C 1827 38.85 -38.99 -32.05
N LEU C 1828 37.66 -39.50 -32.38
CA LEU C 1828 37.48 -40.52 -33.43
C LEU C 1828 37.16 -40.00 -34.84
N TRP C 1829 36.89 -38.70 -35.02
CA TRP C 1829 36.71 -38.06 -36.34
C TRP C 1829 38.02 -37.78 -37.10
N HIS C 1830 39.06 -37.38 -36.35
CA HIS C 1830 40.16 -36.53 -36.86
C HIS C 1830 41.26 -37.29 -37.59
N CYS C 1831 41.54 -38.51 -37.14
CA CYS C 1831 42.74 -39.30 -37.45
C CYS C 1831 42.78 -39.86 -38.88
N SER C 1832 43.90 -40.49 -39.26
CA SER C 1832 43.98 -41.36 -40.44
C SER C 1832 43.05 -42.58 -40.33
N LEU C 1833 43.02 -43.40 -41.38
CA LEU C 1833 42.53 -44.78 -41.32
C LEU C 1833 43.50 -45.65 -40.45
N ASP C 1834 43.25 -46.96 -40.32
CA ASP C 1834 43.90 -47.92 -39.39
C ASP C 1834 43.56 -47.71 -37.90
N ALA C 1835 43.37 -46.47 -37.47
CA ALA C 1835 42.82 -46.13 -36.15
C ALA C 1835 41.43 -46.76 -35.91
N LEU C 1836 40.70 -47.07 -36.99
CA LEU C 1836 39.53 -47.95 -36.96
C LEU C 1836 39.93 -49.39 -36.59
N ARG C 1837 40.64 -50.06 -37.51
CA ARG C 1837 40.74 -51.52 -37.59
C ARG C 1837 41.40 -52.17 -36.37
N GLU C 1838 42.46 -51.53 -35.87
CA GLU C 1838 43.04 -51.92 -34.60
C GLU C 1838 42.07 -51.73 -33.44
N PHE C 1839 41.59 -50.51 -33.19
CA PHE C 1839 40.83 -50.28 -31.98
C PHE C 1839 39.48 -51.00 -31.97
N PHE C 1840 38.82 -51.09 -33.11
CA PHE C 1840 37.69 -51.97 -33.36
C PHE C 1840 37.93 -53.38 -32.82
N SER C 1841 39.01 -54.01 -33.29
CA SER C 1841 39.39 -55.38 -32.98
C SER C 1841 39.87 -55.55 -31.53
N THR C 1842 39.84 -54.48 -30.73
CA THR C 1842 39.75 -54.60 -29.28
C THR C 1842 38.29 -54.52 -28.81
N ILE C 1843 37.63 -53.38 -28.92
CA ILE C 1843 36.48 -53.09 -28.07
C ILE C 1843 35.20 -53.82 -28.43
N VAL C 1844 34.93 -54.11 -29.70
CA VAL C 1844 33.51 -54.20 -30.11
C VAL C 1844 32.75 -55.41 -29.54
N VAL C 1845 33.43 -56.54 -29.40
CA VAL C 1845 32.84 -57.70 -28.68
C VAL C 1845 32.65 -57.39 -27.20
N ASP C 1846 33.67 -56.83 -26.56
CA ASP C 1846 33.66 -56.47 -25.14
C ASP C 1846 32.68 -55.32 -24.83
N ALA C 1847 32.20 -54.63 -25.87
CA ALA C 1847 31.13 -53.66 -25.86
C ALA C 1847 29.74 -54.30 -26.05
N ILE C 1848 29.54 -55.00 -27.17
CA ILE C 1848 28.23 -55.54 -27.55
C ILE C 1848 27.75 -56.61 -26.55
N ASP C 1849 28.67 -57.26 -25.83
CA ASP C 1849 28.35 -58.21 -24.76
C ASP C 1849 27.48 -57.63 -23.64
N VAL C 1850 27.61 -56.33 -23.38
CA VAL C 1850 26.77 -55.62 -22.40
C VAL C 1850 25.41 -55.27 -22.99
N LEU C 1851 25.38 -54.83 -24.25
CA LEU C 1851 24.14 -54.41 -24.92
C LEU C 1851 23.05 -55.49 -24.88
N LYS C 1852 23.46 -56.73 -25.15
CA LYS C 1852 22.57 -57.81 -25.64
C LYS C 1852 21.58 -58.44 -24.65
N SER C 1853 21.75 -58.31 -23.32
CA SER C 1853 20.85 -59.00 -22.37
C SER C 1853 20.62 -58.30 -21.02
N ARG C 1854 21.24 -57.15 -20.75
CA ARG C 1854 21.30 -56.53 -19.41
C ARG C 1854 20.42 -55.28 -19.32
N PHE C 1855 19.46 -55.26 -18.39
CA PHE C 1855 18.38 -54.26 -18.36
C PHE C 1855 17.78 -53.99 -16.95
N THR C 1856 18.40 -54.46 -15.87
CA THR C 1856 17.88 -54.37 -14.48
C THR C 1856 18.48 -53.19 -13.69
N LYS C 1857 18.36 -53.19 -12.35
CA LYS C 1857 18.82 -52.14 -11.41
C LYS C 1857 18.10 -50.79 -11.52
N LEU C 1858 16.88 -50.83 -12.02
CA LEU C 1858 15.85 -49.84 -11.73
C LEU C 1858 15.58 -49.75 -10.22
N ASN C 1859 15.79 -50.87 -9.53
CA ASN C 1859 15.38 -51.18 -8.16
C ASN C 1859 16.11 -50.35 -7.08
N GLU C 1860 17.43 -50.15 -7.21
CA GLU C 1860 18.17 -49.09 -6.51
C GLU C 1860 18.27 -47.80 -7.36
N SER C 1861 18.10 -47.92 -8.69
CA SER C 1861 18.04 -46.84 -9.70
C SER C 1861 19.37 -46.24 -10.18
N THR C 1862 20.48 -46.93 -10.02
CA THR C 1862 21.64 -46.58 -10.83
C THR C 1862 21.54 -46.96 -12.31
N PHE C 1863 20.38 -47.48 -12.74
CA PHE C 1863 20.03 -47.80 -14.11
C PHE C 1863 20.51 -46.82 -15.18
N ASP C 1864 20.59 -45.53 -14.86
CA ASP C 1864 21.14 -44.51 -15.76
C ASP C 1864 22.58 -44.84 -16.18
N THR C 1865 23.34 -45.58 -15.37
CA THR C 1865 24.67 -46.09 -15.75
C THR C 1865 24.57 -47.18 -16.81
N GLN C 1866 23.62 -48.13 -16.70
CA GLN C 1866 23.39 -49.14 -17.74
C GLN C 1866 23.12 -48.43 -19.06
N ILE C 1867 22.08 -47.61 -19.10
CA ILE C 1867 21.74 -46.92 -20.36
C ILE C 1867 22.83 -45.97 -20.83
N THR C 1868 23.58 -45.30 -19.94
CA THR C 1868 24.70 -44.46 -20.39
C THR C 1868 25.76 -45.31 -21.07
N LYS C 1869 26.06 -46.51 -20.58
CA LYS C 1869 26.92 -47.45 -21.33
C LYS C 1869 26.30 -47.77 -22.67
N LYS C 1870 25.00 -48.07 -22.70
CA LYS C 1870 24.35 -48.49 -23.94
C LYS C 1870 24.43 -47.39 -25.01
N MET C 1871 24.08 -46.15 -24.67
CA MET C 1871 24.24 -45.03 -25.61
C MET C 1871 25.71 -44.72 -25.89
N GLY C 1872 26.61 -44.84 -24.92
CA GLY C 1872 28.04 -44.75 -25.16
C GLY C 1872 28.47 -45.68 -26.29
N TYR C 1873 28.06 -46.95 -26.26
CA TYR C 1873 28.33 -47.89 -27.34
C TYR C 1873 27.65 -47.52 -28.65
N TYR C 1874 26.38 -47.13 -28.66
CA TYR C 1874 25.78 -46.66 -29.90
C TYR C 1874 26.50 -45.45 -30.48
N LYS C 1875 27.02 -44.56 -29.65
CA LYS C 1875 27.80 -43.41 -30.12
C LYS C 1875 29.21 -43.81 -30.58
N ILE C 1876 29.81 -44.82 -29.96
CA ILE C 1876 31.04 -45.46 -30.43
C ILE C 1876 30.84 -46.03 -31.83
N LEU C 1877 29.78 -46.83 -31.99
CA LEU C 1877 29.41 -47.43 -33.26
C LEU C 1877 29.08 -46.34 -34.28
N ASP C 1878 28.39 -45.27 -33.89
CA ASP C 1878 28.05 -44.17 -34.78
C ASP C 1878 29.27 -43.58 -35.50
N VAL C 1879 30.32 -43.22 -34.75
CA VAL C 1879 31.51 -42.61 -35.36
C VAL C 1879 32.26 -43.61 -36.24
N MET C 1880 32.44 -44.85 -35.81
CA MET C 1880 33.10 -45.83 -36.69
C MET C 1880 32.27 -46.12 -37.93
N TYR C 1881 30.96 -46.32 -37.81
CA TYR C 1881 30.14 -46.62 -38.97
C TYR C 1881 29.93 -45.42 -39.89
N SER C 1882 30.21 -44.19 -39.44
CA SER C 1882 30.37 -43.07 -40.36
C SER C 1882 31.59 -43.19 -41.29
N ARG C 1883 32.59 -44.00 -40.89
CA ARG C 1883 33.87 -44.20 -41.60
C ARG C 1883 34.00 -45.58 -42.25
N LEU C 1884 33.38 -46.63 -41.68
CA LEU C 1884 33.43 -48.02 -42.17
C LEU C 1884 32.77 -48.17 -43.56
N PRO C 1885 33.48 -48.68 -44.56
CA PRO C 1885 32.89 -48.93 -45.88
C PRO C 1885 31.88 -50.09 -45.94
N LYS C 1886 31.06 -50.10 -47.01
CA LYS C 1886 29.90 -50.99 -47.21
C LYS C 1886 30.25 -52.47 -47.02
N ASP C 1887 31.21 -52.92 -47.82
CA ASP C 1887 31.64 -54.31 -47.92
C ASP C 1887 32.62 -54.66 -46.83
N ASP C 1888 33.41 -53.72 -46.33
CA ASP C 1888 34.32 -53.92 -45.19
C ASP C 1888 33.59 -54.27 -43.87
N VAL C 1889 32.25 -54.21 -43.84
CA VAL C 1889 31.40 -54.68 -42.73
C VAL C 1889 30.29 -55.70 -43.13
N HIS C 1890 30.40 -56.32 -44.32
CA HIS C 1890 29.69 -57.56 -44.68
C HIS C 1890 30.62 -58.63 -45.29
N ALA C 1891 31.47 -58.29 -46.27
CA ALA C 1891 32.39 -59.24 -46.89
C ALA C 1891 33.44 -59.77 -45.89
N LYS C 1892 34.01 -60.96 -46.11
CA LYS C 1892 34.92 -61.68 -45.18
C LYS C 1892 36.31 -61.05 -45.06
N GLU C 1893 36.36 -59.79 -44.67
CA GLU C 1893 37.48 -59.18 -43.96
C GLU C 1893 37.46 -59.73 -42.51
N SER C 1894 38.55 -60.33 -42.04
CA SER C 1894 38.52 -61.29 -40.93
C SER C 1894 38.08 -60.72 -39.58
N LYS C 1895 38.00 -59.40 -39.35
CA LYS C 1895 37.32 -58.92 -38.14
C LYS C 1895 35.81 -59.24 -38.14
N ILE C 1896 35.18 -59.45 -39.29
CA ILE C 1896 33.81 -59.98 -39.36
C ILE C 1896 33.78 -61.42 -38.83
N ASN C 1897 34.77 -62.24 -39.17
CA ASN C 1897 34.96 -63.56 -38.58
C ASN C 1897 35.07 -63.50 -37.07
N GLN C 1898 36.07 -62.79 -36.56
CA GLN C 1898 36.38 -62.79 -35.14
C GLN C 1898 35.30 -62.13 -34.27
N VAL C 1899 34.56 -61.15 -34.79
CA VAL C 1899 33.43 -60.54 -34.08
C VAL C 1899 32.13 -61.34 -34.23
N PHE C 1900 32.08 -62.29 -35.15
CA PHE C 1900 31.14 -63.40 -35.07
C PHE C 1900 31.85 -64.71 -34.67
N HIS C 1901 31.50 -65.85 -35.29
CA HIS C 1901 31.91 -67.18 -34.86
C HIS C 1901 32.81 -67.87 -35.91
N GLY C 1902 34.00 -68.30 -35.50
CA GLY C 1902 35.00 -68.92 -36.39
C GLY C 1902 35.45 -68.00 -37.54
N SER C 1903 36.07 -68.56 -38.57
CA SER C 1903 36.11 -67.89 -39.88
C SER C 1903 34.69 -67.91 -40.49
N CYS C 1904 33.87 -66.91 -40.12
CA CYS C 1904 32.41 -67.04 -40.12
C CYS C 1904 31.78 -67.23 -41.51
N ILE C 1905 30.68 -67.99 -41.55
CA ILE C 1905 30.03 -68.43 -42.80
C ILE C 1905 29.20 -67.34 -43.51
N THR C 1906 28.53 -66.46 -42.75
CA THR C 1906 27.64 -65.42 -43.29
C THR C 1906 28.40 -64.18 -43.76
N GLU C 1907 27.74 -63.31 -44.53
CA GLU C 1907 28.28 -62.03 -45.01
C GLU C 1907 28.25 -60.95 -43.91
N GLY C 1908 28.76 -61.29 -42.73
CA GLY C 1908 28.58 -60.50 -41.50
C GLY C 1908 27.12 -60.31 -41.11
N ASN C 1909 26.22 -61.12 -41.68
CA ASN C 1909 24.78 -60.92 -41.62
C ASN C 1909 24.31 -60.99 -40.17
N GLU C 1910 24.91 -61.86 -39.35
CA GLU C 1910 24.48 -62.05 -37.97
C GLU C 1910 24.93 -60.91 -37.05
N LEU C 1911 26.18 -60.44 -37.14
CA LEU C 1911 26.61 -59.30 -36.31
C LEU C 1911 25.89 -58.01 -36.73
N THR C 1912 25.63 -57.80 -38.03
CA THR C 1912 24.88 -56.63 -38.49
C THR C 1912 23.41 -56.76 -38.16
N LYS C 1913 22.77 -57.93 -38.31
CA LYS C 1913 21.36 -58.10 -37.91
C LYS C 1913 21.17 -58.04 -36.39
N THR C 1914 22.07 -58.59 -35.57
CA THR C 1914 21.98 -58.44 -34.11
C THR C 1914 22.14 -56.98 -33.68
N LEU C 1915 23.08 -56.24 -34.28
CA LEU C 1915 23.17 -54.78 -34.11
C LEU C 1915 21.86 -54.10 -34.55
N ILE C 1916 21.33 -54.42 -35.73
CA ILE C 1916 20.08 -53.86 -36.25
C ILE C 1916 18.92 -54.14 -35.29
N LYS C 1917 18.76 -55.37 -34.80
CA LYS C 1917 17.72 -55.71 -33.82
C LYS C 1917 17.88 -54.90 -32.55
N LEU C 1918 19.10 -54.76 -32.04
CA LEU C 1918 19.34 -54.04 -30.78
C LEU C 1918 19.09 -52.54 -30.91
N CYS C 1919 19.59 -51.88 -31.96
CA CYS C 1919 19.29 -50.47 -32.19
C CYS C 1919 17.78 -50.27 -32.39
N TYR C 1920 17.14 -51.14 -33.19
CA TYR C 1920 15.68 -51.10 -33.37
C TYR C 1920 14.93 -51.21 -32.04
N ASP C 1921 15.13 -52.30 -31.31
CA ASP C 1921 14.50 -52.51 -30.00
C ASP C 1921 14.75 -51.33 -29.05
N ALA C 1922 15.99 -50.85 -28.98
CA ALA C 1922 16.36 -49.73 -28.13
C ALA C 1922 15.69 -48.40 -28.49
N PHE C 1923 15.17 -48.22 -29.71
CA PHE C 1923 14.26 -47.11 -30.01
C PHE C 1923 12.80 -47.53 -30.13
N THR C 1924 12.51 -48.83 -30.08
CA THR C 1924 11.15 -49.39 -29.98
C THR C 1924 10.58 -49.22 -28.58
N GLU C 1925 11.44 -49.37 -27.55
CA GLU C 1925 11.03 -49.52 -26.15
C GLU C 1925 10.08 -48.42 -25.66
N ASN C 1926 8.82 -48.82 -25.45
CA ASN C 1926 7.75 -47.93 -25.02
C ASN C 1926 8.04 -47.33 -23.63
N MET C 1927 7.51 -46.14 -23.39
CA MET C 1927 7.62 -45.44 -22.09
C MET C 1927 6.33 -45.49 -21.24
N ALA C 1928 5.47 -46.48 -21.52
CA ALA C 1928 4.12 -46.61 -21.00
C ALA C 1928 4.02 -46.61 -19.45
N GLY C 1929 4.91 -47.33 -18.77
CA GLY C 1929 4.92 -47.47 -17.31
C GLY C 1929 6.11 -46.79 -16.63
N GLU C 1930 6.95 -46.12 -17.42
CA GLU C 1930 8.26 -45.61 -17.05
C GLU C 1930 8.11 -44.41 -16.10
N ASN C 1931 7.95 -44.66 -14.79
CA ASN C 1931 7.67 -43.67 -13.75
C ASN C 1931 8.91 -43.06 -13.03
N GLN C 1932 10.11 -43.66 -13.16
CA GLN C 1932 11.37 -43.12 -12.61
C GLN C 1932 12.46 -43.04 -13.67
N LEU C 1933 13.43 -42.13 -13.54
CA LEU C 1933 14.51 -41.90 -14.51
C LEU C 1933 14.00 -41.61 -15.93
N LEU C 1934 12.82 -41.01 -16.04
CA LEU C 1934 12.04 -40.88 -17.27
C LEU C 1934 12.90 -40.24 -18.36
N GLU C 1935 13.41 -39.05 -18.08
CA GLU C 1935 14.21 -38.28 -19.03
C GLU C 1935 15.45 -39.09 -19.44
N ARG C 1936 16.20 -39.61 -18.49
CA ARG C 1936 17.47 -40.30 -18.78
C ARG C 1936 17.27 -41.55 -19.65
N ARG C 1937 16.22 -42.33 -19.41
CA ARG C 1937 15.80 -43.47 -20.24
C ARG C 1937 15.24 -43.06 -21.62
N ARG C 1938 14.45 -41.99 -21.67
CA ARG C 1938 13.95 -41.40 -22.93
C ARG C 1938 15.11 -40.96 -23.81
N LEU C 1939 16.06 -40.21 -23.25
CA LEU C 1939 17.27 -39.78 -23.92
C LEU C 1939 18.05 -40.97 -24.48
N TYR C 1940 18.10 -42.10 -23.76
CA TYR C 1940 18.69 -43.32 -24.31
C TYR C 1940 17.92 -43.81 -25.54
N HIS C 1941 16.59 -43.93 -25.48
CA HIS C 1941 15.80 -44.28 -26.66
C HIS C 1941 16.08 -43.31 -27.82
N CYS C 1942 16.31 -42.02 -27.53
CA CYS C 1942 16.71 -41.03 -28.52
C CYS C 1942 18.03 -41.40 -29.19
N ALA C 1943 19.11 -41.47 -28.40
CA ALA C 1943 20.42 -41.72 -28.94
C ALA C 1943 20.45 -43.09 -29.66
N ALA C 1944 19.65 -44.06 -29.24
CA ALA C 1944 19.63 -45.37 -29.87
C ALA C 1944 19.09 -45.37 -31.29
N TYR C 1945 18.30 -44.36 -31.65
CA TYR C 1945 17.91 -44.11 -33.04
C TYR C 1945 19.12 -43.75 -33.92
N ASN C 1946 20.12 -43.11 -33.34
CA ASN C 1946 21.25 -42.60 -34.09
C ASN C 1946 22.05 -43.69 -34.79
N CYS C 1947 22.56 -44.70 -34.07
CA CYS C 1947 23.53 -45.59 -34.71
C CYS C 1947 22.89 -46.38 -35.87
N ALA C 1948 21.59 -46.69 -35.74
CA ALA C 1948 20.83 -47.28 -36.83
C ALA C 1948 21.00 -46.49 -38.12
N ILE C 1949 20.85 -45.17 -38.06
CA ILE C 1949 21.06 -44.29 -39.20
C ILE C 1949 22.46 -44.53 -39.79
N SER C 1950 23.50 -44.41 -38.98
CA SER C 1950 24.87 -44.43 -39.49
C SER C 1950 25.36 -45.80 -39.92
N VAL C 1951 24.77 -46.92 -39.47
CA VAL C 1951 25.03 -48.21 -40.11
C VAL C 1951 24.24 -48.32 -41.42
N ILE C 1952 22.93 -48.04 -41.39
CA ILE C 1952 22.01 -48.29 -42.50
C ILE C 1952 22.43 -47.53 -43.75
N CYS C 1953 22.84 -46.26 -43.61
CA CYS C 1953 23.33 -45.42 -44.71
C CYS C 1953 24.52 -46.03 -45.47
N CYS C 1954 25.19 -47.03 -44.91
CA CYS C 1954 26.33 -47.73 -45.52
C CYS C 1954 26.03 -49.21 -45.85
N VAL C 1955 25.41 -49.98 -44.94
CA VAL C 1955 25.18 -51.42 -45.17
C VAL C 1955 23.96 -51.71 -46.05
N PHE C 1956 22.96 -50.81 -46.06
CA PHE C 1956 21.70 -50.95 -46.81
C PHE C 1956 21.54 -49.74 -47.73
N ASN C 1957 22.30 -49.68 -48.82
CA ASN C 1957 22.46 -48.47 -49.66
C ASN C 1957 21.15 -47.93 -50.32
N GLU C 1958 20.14 -48.77 -50.50
CA GLU C 1958 19.06 -48.56 -51.49
C GLU C 1958 17.66 -48.43 -50.88
N LEU C 1959 16.83 -47.62 -51.54
CA LEU C 1959 15.57 -47.06 -51.04
C LEU C 1959 14.64 -48.09 -50.39
N LYS C 1960 14.47 -49.26 -51.01
CA LYS C 1960 13.44 -50.25 -50.65
C LYS C 1960 13.80 -51.11 -49.45
N PHE C 1961 14.98 -50.90 -48.83
CA PHE C 1961 15.25 -51.36 -47.47
C PHE C 1961 14.77 -50.35 -46.41
N TYR C 1962 14.74 -49.06 -46.68
CA TYR C 1962 14.56 -48.02 -45.64
C TYR C 1962 13.19 -47.99 -44.96
N GLN C 1963 12.15 -48.59 -45.55
CA GLN C 1963 10.82 -48.65 -44.91
C GLN C 1963 10.86 -49.38 -43.56
N GLY C 1964 11.57 -50.51 -43.48
CA GLY C 1964 11.59 -51.34 -42.29
C GLY C 1964 12.38 -50.70 -41.15
N PHE C 1965 13.70 -50.70 -41.33
CA PHE C 1965 14.73 -50.71 -40.28
C PHE C 1965 14.86 -49.48 -39.38
N LEU C 1966 14.05 -48.44 -39.62
CA LEU C 1966 13.98 -47.25 -38.75
C LEU C 1966 12.56 -46.65 -38.62
N PHE C 1967 11.52 -47.31 -39.13
CA PHE C 1967 10.20 -46.67 -39.26
C PHE C 1967 8.97 -47.60 -39.19
N SER C 1968 9.06 -48.89 -39.55
CA SER C 1968 7.89 -49.77 -39.82
C SER C 1968 7.09 -50.26 -38.60
N GLU C 1969 6.71 -49.36 -37.72
CA GLU C 1969 5.82 -49.61 -36.58
C GLU C 1969 4.34 -49.53 -36.98
N LYS C 1970 3.77 -50.67 -37.43
CA LYS C 1970 2.35 -50.95 -37.22
C LYS C 1970 2.02 -50.67 -35.73
N PRO C 1971 0.88 -50.03 -35.40
CA PRO C 1971 0.51 -49.72 -34.02
C PRO C 1971 -0.01 -50.96 -33.27
N GLU C 1972 0.81 -52.00 -33.19
CA GLU C 1972 0.46 -53.24 -32.46
C GLU C 1972 0.37 -53.00 -30.94
N LYS C 1973 1.13 -52.01 -30.42
CA LYS C 1973 0.88 -51.33 -29.14
C LYS C 1973 1.52 -49.95 -29.09
N ASN C 1974 0.99 -49.06 -28.25
CA ASN C 1974 1.59 -47.81 -27.73
C ASN C 1974 2.19 -46.78 -28.74
N LEU C 1975 1.90 -46.88 -30.04
CA LEU C 1975 2.14 -45.82 -31.05
C LEU C 1975 3.63 -45.38 -31.20
N LEU C 1976 3.88 -44.11 -31.57
CA LEU C 1976 5.08 -43.65 -32.28
C LEU C 1976 6.42 -43.93 -31.61
N ILE C 1977 7.36 -44.53 -32.34
CA ILE C 1977 8.74 -44.60 -31.86
C ILE C 1977 9.32 -43.19 -31.61
N PHE C 1978 8.88 -42.19 -32.36
CA PHE C 1978 9.29 -40.80 -32.19
C PHE C 1978 8.82 -40.16 -30.86
N GLU C 1979 7.84 -40.75 -30.18
CA GLU C 1979 7.44 -40.37 -28.82
C GLU C 1979 8.30 -41.06 -27.75
N ASN C 1980 9.03 -42.12 -28.10
CA ASN C 1980 10.19 -42.54 -27.29
C ASN C 1980 11.33 -41.51 -27.41
N LEU C 1981 11.39 -40.78 -28.53
CA LEU C 1981 12.46 -39.82 -28.86
C LEU C 1981 12.20 -38.37 -28.42
N ILE C 1982 10.97 -37.96 -28.13
CA ILE C 1982 10.74 -36.75 -27.33
C ILE C 1982 9.62 -37.04 -26.34
N ASP C 1983 9.84 -36.64 -25.08
CA ASP C 1983 8.80 -36.61 -24.04
C ASP C 1983 7.78 -35.47 -24.29
N LEU C 1984 6.56 -35.67 -23.83
CA LEU C 1984 5.36 -34.87 -24.14
C LEU C 1984 5.21 -33.51 -23.42
N LYS C 1985 4.90 -33.47 -22.11
CA LYS C 1985 4.56 -32.20 -21.43
C LYS C 1985 5.80 -31.36 -21.13
N ARG C 1986 6.36 -30.73 -22.18
CA ARG C 1986 7.55 -29.89 -22.11
C ARG C 1986 7.64 -28.90 -23.26
N ARG C 1987 8.51 -27.91 -23.08
CA ARG C 1987 8.47 -26.64 -23.81
C ARG C 1987 9.82 -26.26 -24.38
N TYR C 1988 9.75 -25.43 -25.42
CA TYR C 1988 10.85 -24.87 -26.19
C TYR C 1988 10.39 -23.51 -26.76
N ASN C 1989 11.28 -22.54 -26.99
CA ASN C 1989 10.91 -21.17 -27.38
C ASN C 1989 11.57 -20.69 -28.69
N PHE C 1990 10.83 -19.87 -29.44
CA PHE C 1990 11.15 -19.46 -30.81
C PHE C 1990 11.03 -17.94 -30.94
N PRO C 1991 12.04 -17.20 -30.42
CA PRO C 1991 11.97 -15.75 -30.25
C PRO C 1991 12.08 -14.98 -31.56
N VAL C 1992 11.70 -13.71 -31.52
CA VAL C 1992 11.52 -12.83 -32.69
C VAL C 1992 12.71 -11.88 -32.90
N GLU C 1993 13.10 -11.70 -34.16
CA GLU C 1993 14.26 -10.92 -34.59
C GLU C 1993 14.08 -9.38 -34.52
N VAL C 1994 15.19 -8.65 -34.70
CA VAL C 1994 15.29 -7.17 -34.67
C VAL C 1994 16.14 -6.68 -35.83
N MET C 2085 18.70 -23.41 -33.41
CA MET C 2085 19.77 -22.55 -32.93
C MET C 2085 19.35 -21.75 -31.69
N ASP C 2086 18.22 -21.06 -31.75
CA ASP C 2086 17.65 -20.33 -30.60
C ASP C 2086 16.92 -21.27 -29.63
N GLU C 2087 16.49 -22.42 -30.15
CA GLU C 2087 16.33 -23.67 -29.40
C GLU C 2087 17.05 -24.74 -30.23
N LEU C 2088 17.76 -25.66 -29.58
CA LEU C 2088 18.93 -26.31 -30.17
C LEU C 2088 18.69 -27.68 -30.80
N ASN C 2089 19.23 -27.83 -32.01
CA ASN C 2089 19.36 -29.07 -32.78
C ASN C 2089 20.07 -30.21 -32.04
N ARG C 2090 20.87 -29.91 -31.01
CA ARG C 2090 21.51 -30.88 -30.11
C ARG C 2090 20.53 -31.66 -29.23
N HIS C 2091 19.22 -31.39 -29.24
CA HIS C 2091 18.23 -32.28 -28.63
C HIS C 2091 18.44 -33.71 -29.13
N GLU C 2092 18.32 -34.68 -28.24
CA GLU C 2092 19.09 -35.91 -28.42
C GLU C 2092 18.81 -36.75 -29.65
N CYS C 2093 17.59 -36.83 -30.19
CA CYS C 2093 17.44 -37.34 -31.55
C CYS C 2093 17.54 -36.28 -32.66
N MET C 2094 17.26 -35.02 -32.34
CA MET C 2094 17.20 -33.97 -33.36
C MET C 2094 18.50 -33.88 -34.14
N ALA C 2095 19.65 -33.95 -33.47
CA ALA C 2095 20.94 -33.95 -34.15
C ALA C 2095 21.08 -35.10 -35.17
N PRO C 2096 21.01 -36.40 -34.78
CA PRO C 2096 21.18 -37.50 -35.73
C PRO C 2096 20.11 -37.53 -36.82
N LEU C 2097 18.83 -37.27 -36.54
CA LEU C 2097 17.85 -37.22 -37.63
C LEU C 2097 18.14 -36.04 -38.57
N THR C 2098 18.33 -34.83 -38.06
CA THR C 2098 18.52 -33.69 -38.96
C THR C 2098 19.84 -33.74 -39.71
N ALA C 2099 20.87 -34.40 -39.19
CA ALA C 2099 22.06 -34.73 -39.96
C ALA C 2099 21.80 -35.81 -41.03
N LEU C 2100 20.92 -36.77 -40.77
CA LEU C 2100 20.49 -37.76 -41.77
C LEU C 2100 19.85 -37.13 -42.98
N VAL C 2101 18.78 -36.39 -42.76
CA VAL C 2101 17.76 -36.24 -43.80
C VAL C 2101 18.28 -35.51 -45.04
N LYS C 2102 19.33 -34.68 -44.90
CA LYS C 2102 20.05 -34.10 -46.05
C LYS C 2102 20.69 -35.17 -46.93
N HIS C 2103 21.23 -36.21 -46.31
CA HIS C 2103 21.76 -37.43 -46.94
C HIS C 2103 20.67 -38.38 -47.42
N MET C 2104 19.45 -38.29 -46.92
CA MET C 2104 18.32 -38.99 -47.54
C MET C 2104 18.02 -38.48 -48.97
N HIS C 2105 18.66 -37.41 -49.44
CA HIS C 2105 18.72 -37.11 -50.88
C HIS C 2105 19.32 -38.29 -51.67
N ARG C 2106 20.36 -38.92 -51.11
CA ARG C 2106 20.93 -40.19 -51.58
C ARG C 2106 20.00 -41.35 -51.25
N SER C 2107 19.55 -41.43 -50.00
CA SER C 2107 18.77 -42.56 -49.46
C SER C 2107 17.31 -42.20 -49.14
N LEU C 2108 16.51 -42.06 -50.19
CA LEU C 2108 15.12 -41.59 -50.16
C LEU C 2108 14.19 -42.56 -49.41
N PRO C 2119 8.45 -45.31 -50.75
CA PRO C 2119 9.88 -45.54 -50.56
C PRO C 2119 10.58 -44.19 -50.37
N ARG C 2120 10.34 -43.28 -51.32
CA ARG C 2120 10.35 -41.83 -51.10
C ARG C 2120 9.39 -41.48 -49.97
N ASP C 2121 8.27 -42.17 -50.04
CA ASP C 2121 7.06 -42.09 -49.27
C ASP C 2121 7.13 -42.84 -47.94
N LEU C 2122 7.33 -44.15 -47.99
CA LEU C 2122 6.85 -45.07 -46.97
C LEU C 2122 7.53 -45.03 -45.60
N PRO C 2123 8.86 -44.81 -45.44
CA PRO C 2123 9.42 -44.51 -44.12
C PRO C 2123 8.83 -43.26 -43.52
N SER C 2124 8.13 -42.42 -44.32
CA SER C 2124 7.47 -41.23 -43.79
C SER C 2124 5.96 -41.42 -43.61
N TRP C 2125 5.24 -42.03 -44.56
CA TRP C 2125 3.76 -41.98 -44.62
C TRP C 2125 3.11 -42.20 -43.27
N MET C 2126 3.38 -43.33 -42.61
CA MET C 2126 2.62 -43.84 -41.46
C MET C 2126 2.61 -42.90 -40.24
N LYS C 2127 3.46 -41.87 -40.24
CA LYS C 2127 3.49 -40.79 -39.25
C LYS C 2127 3.36 -39.41 -39.92
N PHE C 2128 4.14 -39.15 -40.96
CA PHE C 2128 4.28 -37.83 -41.58
C PHE C 2128 3.03 -37.44 -42.38
N LEU C 2129 2.45 -38.37 -43.15
CA LEU C 2129 1.16 -38.13 -43.84
C LEU C 2129 0.04 -37.81 -42.85
N HIS C 2130 0.12 -38.33 -41.62
CA HIS C 2130 -0.98 -38.34 -40.65
C HIS C 2130 -0.82 -37.35 -39.47
N GLY C 2131 0.35 -36.74 -39.26
CA GLY C 2131 0.59 -35.69 -38.26
C GLY C 2131 -0.04 -34.33 -38.60
N LYS C 2132 -1.37 -34.34 -38.83
CA LYS C 2132 -2.21 -33.27 -39.41
C LYS C 2132 -3.71 -33.55 -39.12
N LEU C 2133 -4.61 -32.73 -39.64
CA LEU C 2133 -6.08 -32.97 -39.63
C LEU C 2133 -6.43 -34.41 -40.06
N GLY C 2134 -7.28 -35.09 -39.29
CA GLY C 2134 -7.43 -36.55 -39.29
C GLY C 2134 -6.85 -37.18 -38.02
N ASN C 2135 -5.61 -36.81 -37.64
CA ASN C 2135 -5.03 -37.10 -36.32
C ASN C 2135 -4.23 -35.89 -35.78
N PRO C 2136 -4.88 -34.72 -35.60
CA PRO C 2136 -4.21 -33.50 -35.17
C PRO C 2136 -3.65 -33.63 -33.76
N ILE C 2137 -3.99 -34.70 -33.04
CA ILE C 2137 -3.42 -35.00 -31.74
C ILE C 2137 -1.95 -35.41 -31.85
N VAL C 2138 -1.54 -36.18 -32.86
CA VAL C 2138 -0.19 -36.78 -32.80
C VAL C 2138 0.95 -35.75 -32.84
N PRO C 2139 0.85 -34.62 -33.58
CA PRO C 2139 1.82 -33.54 -33.50
C PRO C 2139 1.58 -32.57 -32.35
N LEU C 2140 0.62 -32.75 -31.44
CA LEU C 2140 0.16 -31.66 -30.57
C LEU C 2140 1.31 -30.89 -29.87
N ASN C 2141 2.29 -31.63 -29.35
CA ASN C 2141 3.63 -31.13 -29.03
C ASN C 2141 4.68 -31.68 -30.01
N ILE C 2142 4.57 -32.93 -30.47
CA ILE C 2142 5.50 -33.59 -31.43
C ILE C 2142 5.61 -32.88 -32.79
N ARG C 2143 4.88 -31.82 -33.09
CA ARG C 2143 5.19 -30.89 -34.18
C ARG C 2143 6.51 -30.15 -33.96
N LEU C 2144 6.93 -29.97 -32.71
CA LEU C 2144 8.28 -29.54 -32.38
C LEU C 2144 9.33 -30.62 -32.70
N PHE C 2145 8.88 -31.84 -33.04
CA PHE C 2145 9.61 -32.77 -33.90
C PHE C 2145 9.20 -32.46 -35.36
N LEU C 2146 8.04 -32.94 -35.81
CA LEU C 2146 7.63 -33.04 -37.21
C LEU C 2146 7.80 -31.75 -38.00
N ALA C 2147 7.24 -30.66 -37.50
CA ALA C 2147 7.39 -29.36 -38.13
C ALA C 2147 8.81 -28.81 -38.04
N LYS C 2148 9.45 -28.72 -36.85
CA LYS C 2148 10.81 -28.13 -36.76
C LYS C 2148 11.80 -28.91 -37.62
N LEU C 2149 11.68 -30.22 -37.62
CA LEU C 2149 12.35 -31.12 -38.55
C LEU C 2149 12.10 -30.69 -39.99
N VAL C 2150 10.83 -30.64 -40.42
CA VAL C 2150 10.47 -30.28 -41.79
C VAL C 2150 10.96 -28.91 -42.20
N ILE C 2151 10.91 -27.90 -41.33
CA ILE C 2151 11.55 -26.61 -41.57
C ILE C 2151 13.02 -26.81 -41.90
N ASN C 2152 13.73 -27.52 -41.03
CA ASN C 2152 15.12 -27.85 -41.19
C ASN C 2152 15.35 -29.01 -42.19
N THR C 2153 14.38 -29.25 -43.08
CA THR C 2153 14.41 -30.22 -44.17
C THR C 2153 13.85 -29.59 -45.46
N GLU C 2154 13.44 -28.32 -45.43
CA GLU C 2154 12.88 -27.63 -46.60
C GLU C 2154 13.90 -27.51 -47.75
N GLU C 2155 15.19 -27.69 -47.43
CA GLU C 2155 16.28 -27.89 -48.38
C GLU C 2155 16.14 -29.18 -49.21
N VAL C 2156 15.38 -30.17 -48.73
CA VAL C 2156 15.41 -31.57 -49.21
C VAL C 2156 14.10 -32.01 -49.86
N PHE C 2157 12.98 -31.84 -49.17
CA PHE C 2157 11.77 -32.66 -49.34
C PHE C 2157 11.00 -32.48 -50.67
N ARG C 2158 11.42 -31.53 -51.52
CA ARG C 2158 10.64 -30.95 -52.63
C ARG C 2158 9.84 -31.88 -53.57
N PRO C 2159 10.31 -33.07 -53.99
CA PRO C 2159 9.71 -33.75 -55.15
C PRO C 2159 8.22 -34.10 -54.99
N TYR C 2160 7.80 -34.44 -53.77
CA TYR C 2160 6.40 -34.74 -53.39
C TYR C 2160 5.97 -33.99 -52.12
N ALA C 2161 6.47 -32.76 -51.99
CA ALA C 2161 6.03 -31.74 -51.03
C ALA C 2161 4.55 -31.37 -51.18
N LYS C 2162 3.92 -31.76 -52.30
CA LYS C 2162 2.53 -31.46 -52.69
C LYS C 2162 1.51 -31.75 -51.60
N HIS C 2163 1.36 -33.01 -51.20
CA HIS C 2163 0.26 -33.39 -50.32
C HIS C 2163 0.41 -32.84 -48.89
N TRP C 2164 1.63 -32.67 -48.37
CA TRP C 2164 1.85 -32.23 -46.99
C TRP C 2164 1.70 -30.71 -46.79
N LEU C 2165 2.12 -29.86 -47.73
CA LEU C 2165 2.36 -28.44 -47.37
C LEU C 2165 1.09 -27.65 -47.10
N SER C 2166 -0.04 -27.91 -47.79
CA SER C 2166 -1.30 -27.25 -47.45
C SER C 2166 -1.80 -27.66 -46.05
N PRO C 2167 -1.71 -28.95 -45.68
CA PRO C 2167 -1.80 -29.36 -44.28
C PRO C 2167 -0.76 -28.72 -43.32
N LEU C 2168 0.39 -28.21 -43.76
CA LEU C 2168 1.27 -27.43 -42.88
C LEU C 2168 0.70 -26.06 -42.56
N LEU C 2169 0.08 -25.38 -43.53
CA LEU C 2169 -0.65 -24.15 -43.21
C LEU C 2169 -1.81 -24.46 -42.26
N GLN C 2170 -2.53 -25.56 -42.45
CA GLN C 2170 -3.46 -26.08 -41.45
C GLN C 2170 -2.76 -26.35 -40.10
N LEU C 2171 -1.55 -26.90 -40.10
CA LEU C 2171 -0.82 -27.22 -38.89
C LEU C 2171 -0.48 -25.92 -38.13
N ALA C 2172 -0.08 -24.86 -38.85
CA ALA C 2172 0.12 -23.54 -38.28
C ALA C 2172 -1.20 -22.88 -37.84
N ALA C 2173 -2.34 -23.20 -38.44
CA ALA C 2173 -3.64 -22.75 -37.93
C ALA C 2173 -4.07 -23.45 -36.62
N SER C 2174 -3.22 -24.26 -35.99
CA SER C 2174 -3.42 -24.75 -34.61
C SER C 2174 -3.49 -23.62 -33.58
N GLU C 2175 -4.03 -23.93 -32.40
CA GLU C 2175 -4.30 -22.96 -31.34
C GLU C 2175 -3.02 -22.47 -30.64
N ASN C 2176 -1.92 -23.19 -30.77
CA ASN C 2176 -0.58 -22.75 -30.42
C ASN C 2176 0.41 -23.29 -31.47
N ASN C 2177 1.54 -22.60 -31.63
CA ASN C 2177 2.58 -22.85 -32.65
C ASN C 2177 3.96 -22.35 -32.19
N GLY C 2178 4.41 -22.70 -30.98
CA GLY C 2178 5.76 -22.35 -30.51
C GLY C 2178 5.90 -20.93 -29.98
N GLY C 2179 4.87 -20.45 -29.26
CA GLY C 2179 4.87 -19.23 -28.47
C GLY C 2179 3.61 -19.08 -27.61
N GLU C 2180 3.06 -17.87 -27.54
CA GLU C 2180 1.62 -17.65 -27.28
C GLU C 2180 0.78 -17.80 -28.58
N GLY C 2181 1.38 -18.34 -29.64
CA GLY C 2181 0.96 -18.24 -31.03
C GLY C 2181 2.06 -18.78 -31.96
N ILE C 2182 2.13 -18.31 -33.20
CA ILE C 2182 3.25 -18.64 -34.11
C ILE C 2182 4.57 -18.02 -33.67
N HIS C 2183 4.59 -16.83 -33.08
CA HIS C 2183 5.84 -16.18 -32.66
C HIS C 2183 6.83 -16.14 -33.85
N TYR C 2184 8.01 -16.76 -33.77
CA TYR C 2184 8.89 -16.85 -34.95
C TYR C 2184 8.56 -18.00 -35.92
N MET C 2185 7.74 -18.98 -35.51
CA MET C 2185 7.41 -20.14 -36.34
C MET C 2185 6.77 -19.77 -37.67
N VAL C 2186 5.89 -18.77 -37.72
CA VAL C 2186 5.31 -18.35 -39.00
C VAL C 2186 6.40 -17.89 -39.93
N VAL C 2187 7.40 -17.20 -39.39
CA VAL C 2187 8.51 -16.67 -40.16
C VAL C 2187 9.16 -17.82 -40.91
N GLU C 2188 9.16 -19.04 -40.34
CA GLU C 2188 9.75 -20.12 -41.09
C GLU C 2188 8.77 -20.73 -42.12
N ILE C 2189 7.48 -20.88 -41.80
CA ILE C 2189 6.55 -21.72 -42.60
C ILE C 2189 6.29 -21.15 -43.99
N VAL C 2190 6.09 -19.83 -44.12
CA VAL C 2190 5.90 -19.17 -45.43
C VAL C 2190 7.06 -19.44 -46.39
N ALA C 2191 8.24 -19.62 -45.82
CA ALA C 2191 9.43 -19.91 -46.56
C ALA C 2191 9.35 -21.26 -47.33
N THR C 2192 8.36 -22.11 -47.06
CA THR C 2192 8.03 -23.25 -47.95
C THR C 2192 7.75 -22.82 -49.40
N ILE C 2193 7.21 -21.61 -49.60
CA ILE C 2193 7.04 -21.00 -50.92
C ILE C 2193 8.06 -19.88 -51.15
N LEU C 2194 8.60 -19.24 -50.12
CA LEU C 2194 9.47 -18.05 -50.28
C LEU C 2194 10.95 -18.17 -49.85
N SER C 2195 11.38 -19.27 -49.24
CA SER C 2195 12.81 -19.63 -49.20
C SER C 2195 13.22 -20.14 -50.57
N TRP C 2196 12.58 -21.22 -51.00
CA TRP C 2196 12.70 -21.71 -52.37
C TRP C 2196 11.30 -21.82 -52.99
N THR C 2197 11.02 -20.95 -53.96
CA THR C 2197 9.76 -20.93 -54.71
C THR C 2197 9.87 -21.97 -55.82
N GLY C 2198 9.66 -23.24 -55.49
CA GLY C 2198 9.67 -24.34 -56.44
C GLY C 2198 8.74 -25.51 -56.09
N LEU C 2199 8.37 -26.28 -57.11
CA LEU C 2199 7.38 -27.37 -57.07
C LEU C 2199 6.04 -26.95 -56.47
N ALA C 2200 5.66 -27.47 -55.30
CA ALA C 2200 4.28 -27.49 -54.83
C ALA C 2200 3.67 -26.13 -54.44
N THR C 2201 2.32 -26.09 -54.42
CA THR C 2201 1.50 -24.97 -53.91
C THR C 2201 0.34 -25.42 -52.99
N PRO C 2202 0.05 -24.71 -51.88
CA PRO C 2202 -1.01 -25.08 -50.95
C PRO C 2202 -2.41 -24.66 -51.43
N THR C 2203 -2.54 -24.02 -52.60
CA THR C 2203 -3.70 -23.17 -52.94
C THR C 2203 -4.06 -23.25 -54.42
N GLY C 2204 -5.33 -23.09 -54.76
CA GLY C 2204 -5.84 -23.29 -56.12
C GLY C 2204 -5.96 -24.77 -56.48
N VAL C 2205 -5.16 -25.63 -55.83
CA VAL C 2205 -5.39 -27.06 -55.73
C VAL C 2205 -6.57 -27.36 -54.77
N PRO C 2206 -6.55 -26.98 -53.48
CA PRO C 2206 -7.75 -26.72 -52.67
C PRO C 2206 -8.07 -25.22 -52.67
N LYS C 2207 -9.32 -24.81 -52.38
CA LYS C 2207 -9.54 -23.39 -52.11
C LYS C 2207 -9.14 -23.13 -50.66
N ASP C 2208 -7.91 -22.70 -50.46
CA ASP C 2208 -7.29 -22.71 -49.12
C ASP C 2208 -7.98 -21.74 -48.14
N GLU C 2209 -8.29 -20.54 -48.65
CA GLU C 2209 -9.30 -19.63 -48.11
C GLU C 2209 -9.16 -19.31 -46.60
N VAL C 2210 -10.16 -19.64 -45.78
CA VAL C 2210 -10.33 -19.04 -44.44
C VAL C 2210 -9.17 -19.35 -43.51
N LEU C 2211 -8.61 -20.57 -43.55
CA LEU C 2211 -7.45 -20.94 -42.74
C LEU C 2211 -6.24 -20.05 -43.06
N ALA C 2212 -6.00 -19.76 -44.33
CA ALA C 2212 -4.92 -18.85 -44.68
C ALA C 2212 -5.22 -17.40 -44.26
N ASN C 2213 -6.49 -16.99 -44.27
CA ASN C 2213 -6.88 -15.73 -43.66
C ASN C 2213 -6.80 -15.75 -42.11
N ARG C 2214 -6.87 -16.92 -41.46
CA ARG C 2214 -6.47 -17.07 -40.04
C ARG C 2214 -4.97 -16.84 -39.87
N LEU C 2215 -4.13 -17.44 -40.72
CA LEU C 2215 -2.69 -17.17 -40.72
C LEU C 2215 -2.41 -15.67 -40.90
N LEU C 2216 -3.11 -15.01 -41.81
CA LEU C 2216 -3.00 -13.57 -41.97
C LEU C 2216 -3.43 -12.84 -40.71
N ASN C 2217 -4.63 -13.07 -40.16
CA ASN C 2217 -5.07 -12.35 -38.97
C ASN C 2217 -4.26 -12.69 -37.70
N PHE C 2218 -3.54 -13.82 -37.69
CA PHE C 2218 -2.50 -14.15 -36.69
C PHE C 2218 -1.45 -13.03 -36.63
N LEU C 2219 -1.13 -12.41 -37.77
CA LEU C 2219 -0.20 -11.28 -37.92
C LEU C 2219 -0.80 -9.93 -37.52
N MET C 2220 -2.07 -9.89 -37.09
CA MET C 2220 -2.91 -8.69 -37.10
C MET C 2220 -3.72 -8.46 -35.82
N LYS C 2221 -4.52 -9.43 -35.38
CA LYS C 2221 -5.58 -9.23 -34.36
C LYS C 2221 -5.04 -8.74 -33.00
N HIS C 2222 -3.79 -9.09 -32.70
CA HIS C 2222 -3.04 -8.86 -31.45
C HIS C 2222 -1.58 -8.50 -31.78
N VAL C 2223 -1.40 -7.72 -32.84
CA VAL C 2223 -0.12 -7.42 -33.54
C VAL C 2223 0.85 -6.47 -32.82
N PHE C 2224 0.32 -5.59 -31.97
CA PHE C 2224 1.04 -4.54 -31.22
C PHE C 2224 2.28 -5.09 -30.50
N HIS C 2225 3.42 -4.39 -30.59
CA HIS C 2225 4.64 -4.69 -29.81
C HIS C 2225 5.55 -3.44 -29.61
N PRO C 2226 6.50 -3.45 -28.66
CA PRO C 2226 7.26 -2.27 -28.26
C PRO C 2226 8.40 -1.94 -29.22
N LYS C 2227 9.03 -0.77 -28.99
CA LYS C 2227 10.31 -0.33 -29.58
C LYS C 2227 10.36 -0.41 -31.11
N ARG C 2228 9.20 -0.33 -31.76
CA ARG C 2228 9.00 -0.42 -33.22
C ARG C 2228 9.36 -1.77 -33.83
N ALA C 2229 10.50 -2.37 -33.51
CA ALA C 2229 11.09 -3.49 -34.24
C ALA C 2229 10.24 -4.78 -34.25
N VAL C 2230 9.95 -5.37 -33.08
CA VAL C 2230 9.24 -6.68 -33.00
C VAL C 2230 7.83 -6.59 -33.57
N PHE C 2231 7.18 -5.45 -33.35
CA PHE C 2231 5.91 -5.10 -33.95
C PHE C 2231 6.03 -5.04 -35.48
N ARG C 2232 6.93 -4.19 -35.99
CA ARG C 2232 7.18 -3.94 -37.41
C ARG C 2232 7.58 -5.20 -38.16
N HIS C 2233 8.24 -6.17 -37.52
CA HIS C 2233 8.62 -7.45 -38.12
C HIS C 2233 7.44 -8.37 -38.46
N ASN C 2234 6.26 -8.21 -37.84
CA ASN C 2234 5.05 -8.72 -38.47
C ASN C 2234 4.87 -7.99 -39.81
N LEU C 2235 4.74 -6.67 -39.68
CA LEU C 2235 4.19 -5.78 -40.69
C LEU C 2235 4.98 -5.88 -41.98
N GLU C 2236 6.29 -5.68 -41.90
CA GLU C 2236 7.15 -5.61 -43.08
C GLU C 2236 7.31 -6.93 -43.84
N ILE C 2237 6.77 -8.01 -43.29
CA ILE C 2237 6.72 -9.33 -43.91
C ILE C 2237 5.32 -9.65 -44.45
N ILE C 2238 4.23 -9.21 -43.78
CA ILE C 2238 2.87 -9.32 -44.36
C ILE C 2238 2.86 -8.71 -45.77
N LYS C 2239 3.56 -7.58 -45.92
CA LYS C 2239 3.66 -6.82 -47.17
C LYS C 2239 4.21 -7.63 -48.34
N THR C 2240 4.94 -8.69 -48.06
CA THR C 2240 5.60 -9.58 -49.03
C THR C 2240 5.07 -11.02 -48.96
N LEU C 2241 4.17 -11.34 -48.02
CA LEU C 2241 3.49 -12.63 -47.94
C LEU C 2241 2.59 -12.95 -49.15
N VAL C 2242 1.53 -12.18 -49.36
CA VAL C 2242 0.44 -12.53 -50.33
C VAL C 2242 0.85 -12.35 -51.79
N GLU C 2243 1.92 -11.61 -52.04
CA GLU C 2243 2.20 -11.02 -53.34
C GLU C 2243 2.54 -12.07 -54.39
N CYS C 2244 3.49 -12.95 -54.08
CA CYS C 2244 3.84 -14.08 -54.92
C CYS C 2244 2.81 -15.22 -54.81
N TRP C 2245 2.07 -15.26 -53.71
CA TRP C 2245 1.07 -16.28 -53.47
C TRP C 2245 -0.17 -16.09 -54.37
N LYS C 2246 -0.97 -17.15 -54.48
CA LYS C 2246 -2.09 -17.30 -55.39
C LYS C 2246 -3.34 -16.55 -54.94
N ASP C 2247 -4.31 -16.22 -55.73
CA ASP C 2247 -5.48 -15.52 -55.54
C ASP C 2247 -5.27 -14.17 -54.84
N CYS C 2248 -6.23 -13.66 -54.04
CA CYS C 2248 -6.11 -12.42 -53.28
C CYS C 2248 -6.67 -12.45 -51.83
N LEU C 2249 -7.64 -13.33 -51.52
CA LEU C 2249 -8.19 -13.55 -50.17
C LEU C 2249 -8.70 -12.27 -49.47
N SER C 2250 -9.46 -11.42 -50.16
CA SER C 2250 -9.86 -10.09 -49.66
C SER C 2250 -10.37 -10.12 -48.22
N ILE C 2251 -9.81 -9.24 -47.40
CA ILE C 2251 -9.91 -9.26 -45.95
C ILE C 2251 -11.24 -8.65 -45.44
N PRO C 2252 -11.85 -9.18 -44.35
CA PRO C 2252 -13.00 -8.55 -43.73
C PRO C 2252 -12.67 -7.17 -43.15
N TYR C 2253 -13.48 -6.16 -43.47
CA TYR C 2253 -13.28 -4.77 -43.06
C TYR C 2253 -13.38 -4.57 -41.54
N ARG C 2254 -13.99 -5.52 -40.85
CA ARG C 2254 -13.94 -5.69 -39.39
C ARG C 2254 -12.50 -5.68 -38.84
N LEU C 2255 -11.57 -6.43 -39.44
CA LEU C 2255 -10.17 -6.50 -39.00
C LEU C 2255 -9.51 -5.13 -39.14
N ILE C 2256 -9.63 -4.61 -40.36
CA ILE C 2256 -9.07 -3.35 -40.83
C ILE C 2256 -9.53 -2.21 -39.91
N PHE C 2257 -10.78 -2.29 -39.40
CA PHE C 2257 -11.47 -1.19 -38.77
C PHE C 2257 -10.79 -0.81 -37.49
N GLU C 2258 -10.83 -1.75 -36.54
CA GLU C 2258 -10.42 -1.53 -35.17
C GLU C 2258 -9.00 -1.00 -35.15
N LYS C 2259 -8.17 -1.50 -36.07
CA LYS C 2259 -6.76 -1.15 -36.17
C LYS C 2259 -6.50 0.30 -36.54
N PHE C 2260 -7.46 1.04 -37.09
CA PHE C 2260 -7.39 2.51 -37.15
C PHE C 2260 -8.50 3.22 -36.36
N SER C 2261 -9.38 2.52 -35.65
CA SER C 2261 -10.61 3.13 -35.08
C SER C 2261 -10.91 2.79 -33.62
N GLY C 2262 -10.17 1.89 -32.98
CA GLY C 2262 -10.50 1.39 -31.65
C GLY C 2262 -10.51 2.46 -30.57
N LYS C 2263 -9.33 3.03 -30.30
CA LYS C 2263 -9.09 4.16 -29.41
C LYS C 2263 -8.69 5.36 -30.25
N ASP C 2264 -9.41 6.48 -30.19
CA ASP C 2264 -8.95 7.72 -30.82
C ASP C 2264 -7.63 8.10 -30.13
N PRO C 2265 -6.48 8.02 -30.81
CA PRO C 2265 -5.21 7.88 -30.13
C PRO C 2265 -4.79 9.14 -29.38
N ASN C 2266 -4.04 8.88 -28.32
CA ASN C 2266 -3.13 9.81 -27.63
C ASN C 2266 -1.72 9.17 -27.68
N SER C 2267 -1.42 8.51 -28.82
CA SER C 2267 -0.48 7.38 -28.94
C SER C 2267 -0.08 7.09 -30.40
N LYS C 2268 1.01 6.32 -30.60
CA LYS C 2268 1.52 5.89 -31.91
C LYS C 2268 0.72 4.76 -32.56
N ASP C 2269 0.21 3.86 -31.73
CA ASP C 2269 -0.41 2.58 -32.07
C ASP C 2269 -1.44 2.60 -33.23
N ASN C 2270 -2.34 3.57 -33.30
CA ASN C 2270 -3.46 3.56 -34.25
C ASN C 2270 -3.04 3.65 -35.73
N SER C 2271 -1.78 4.01 -36.00
CA SER C 2271 -1.17 3.91 -37.34
C SER C 2271 -0.92 2.44 -37.80
N VAL C 2272 -1.32 1.47 -37.00
CA VAL C 2272 -1.40 0.06 -37.40
C VAL C 2272 -2.45 -0.19 -38.47
N GLY C 2273 -3.72 0.20 -38.25
CA GLY C 2273 -4.75 0.08 -39.28
C GLY C 2273 -4.40 0.87 -40.54
N ILE C 2274 -3.65 1.97 -40.37
CA ILE C 2274 -3.09 2.80 -41.44
C ILE C 2274 -2.04 2.04 -42.27
N GLN C 2275 -1.07 1.41 -41.63
CA GLN C 2275 -0.16 0.48 -42.31
C GLN C 2275 -0.98 -0.56 -43.09
N LEU C 2276 -1.89 -1.24 -42.38
CA LEU C 2276 -2.66 -2.39 -42.86
C LEU C 2276 -3.44 -2.07 -44.12
N LEU C 2277 -4.22 -1.00 -44.06
CA LEU C 2277 -5.04 -0.57 -45.18
C LEU C 2277 -4.15 -0.19 -46.38
N GLY C 2278 -2.98 0.36 -46.09
CA GLY C 2278 -1.91 0.55 -47.06
C GLY C 2278 -1.44 -0.75 -47.72
N ILE C 2279 -1.56 -1.92 -47.10
CA ILE C 2279 -1.13 -3.19 -47.71
C ILE C 2279 -2.14 -3.71 -48.72
N VAL C 2280 -3.44 -3.53 -48.47
CA VAL C 2280 -4.48 -3.78 -49.50
C VAL C 2280 -4.54 -2.67 -50.56
N MET C 2281 -3.69 -1.67 -50.40
CA MET C 2281 -3.18 -0.90 -51.52
C MET C 2281 -1.94 -1.62 -52.10
N ALA C 2282 -0.91 -1.93 -51.32
CA ALA C 2282 0.44 -2.25 -51.81
C ALA C 2282 0.49 -3.35 -52.90
N ASN C 2283 -0.24 -4.44 -52.74
CA ASN C 2283 -0.12 -5.61 -53.62
C ASN C 2283 -0.97 -5.50 -54.88
N ASP C 2284 -0.66 -4.52 -55.74
CA ASP C 2284 -1.46 -4.09 -56.89
C ASP C 2284 -2.92 -3.76 -56.55
N LEU C 2285 -3.15 -3.37 -55.28
CA LEU C 2285 -4.40 -2.87 -54.76
C LEU C 2285 -5.56 -3.88 -54.95
N PRO C 2286 -5.59 -5.03 -54.27
CA PRO C 2286 -6.73 -5.95 -54.35
C PRO C 2286 -8.02 -5.26 -53.88
N PRO C 2287 -9.21 -5.81 -54.20
CA PRO C 2287 -10.52 -5.32 -53.73
C PRO C 2287 -10.55 -4.91 -52.23
N TYR C 2288 -10.79 -3.63 -51.98
CA TYR C 2288 -11.05 -3.03 -50.66
C TYR C 2288 -12.55 -2.80 -50.49
N ASP C 2289 -13.10 -1.70 -51.02
CA ASP C 2289 -14.51 -1.62 -51.46
C ASP C 2289 -15.53 -2.11 -50.41
N PRO C 2290 -15.64 -1.47 -49.22
CA PRO C 2290 -16.22 -2.12 -48.05
C PRO C 2290 -17.71 -2.48 -48.17
N GLN C 2291 -18.09 -3.62 -47.62
CA GLN C 2291 -19.43 -4.23 -47.61
C GLN C 2291 -19.71 -4.98 -46.29
N CYS C 2292 -19.02 -5.97 -45.88
CA CYS C 2292 -19.08 -6.81 -44.78
C CYS C 2292 -18.85 -6.04 -43.48
N GLY C 2293 -19.73 -6.18 -42.48
CA GLY C 2293 -19.57 -5.64 -41.14
C GLY C 2293 -19.66 -4.12 -40.98
N ILE C 2294 -19.31 -3.32 -42.00
CA ILE C 2294 -19.25 -1.84 -41.90
C ILE C 2294 -19.50 -1.11 -43.24
N GLN C 2295 -19.88 0.17 -43.14
CA GLN C 2295 -20.40 1.01 -44.22
C GLN C 2295 -19.45 2.16 -44.57
N SER C 2296 -19.46 2.54 -45.85
CA SER C 2296 -18.33 3.20 -46.51
C SER C 2296 -17.95 4.57 -45.97
N SER C 2297 -18.80 5.58 -46.11
CA SER C 2297 -18.37 6.98 -45.89
C SER C 2297 -17.96 7.23 -44.45
N GLU C 2298 -18.65 6.64 -43.47
CA GLU C 2298 -18.25 6.74 -42.06
C GLU C 2298 -16.86 6.14 -41.83
N TYR C 2299 -16.59 5.01 -42.46
CA TYR C 2299 -15.31 4.29 -42.40
C TYR C 2299 -14.17 5.22 -42.84
N PHE C 2300 -14.42 6.00 -43.89
CA PHE C 2300 -13.54 7.04 -44.36
C PHE C 2300 -13.50 8.26 -43.44
N GLN C 2301 -14.61 8.68 -42.86
CA GLN C 2301 -14.65 9.84 -41.98
C GLN C 2301 -13.77 9.58 -40.76
N ALA C 2302 -13.94 8.43 -40.12
CA ALA C 2302 -13.05 8.00 -39.06
C ALA C 2302 -11.60 7.96 -39.58
N LEU C 2303 -11.41 7.50 -40.81
CA LEU C 2303 -10.08 7.41 -41.38
C LEU C 2303 -9.42 8.78 -41.59
N VAL C 2304 -10.12 9.77 -42.13
CA VAL C 2304 -9.57 11.12 -42.21
C VAL C 2304 -9.33 11.73 -40.83
N ASN C 2305 -10.08 11.39 -39.78
CA ASN C 2305 -9.80 11.90 -38.44
C ASN C 2305 -8.41 11.50 -37.92
N ASN C 2306 -7.76 10.49 -38.49
CA ASN C 2306 -6.43 10.07 -38.06
C ASN C 2306 -5.38 11.19 -38.20
N MET C 2307 -5.49 12.04 -39.21
CA MET C 2307 -4.61 13.20 -39.36
C MET C 2307 -4.90 14.35 -38.38
N SER C 2308 -5.82 14.17 -37.43
CA SER C 2308 -6.03 15.15 -36.36
C SER C 2308 -5.04 14.97 -35.19
N PHE C 2309 -4.42 13.81 -35.02
CA PHE C 2309 -3.63 13.47 -33.81
C PHE C 2309 -2.21 14.03 -33.86
N VAL C 2310 -2.08 15.36 -33.90
CA VAL C 2310 -0.86 16.12 -34.23
C VAL C 2310 0.26 16.14 -33.19
N ARG C 2311 0.09 15.56 -32.00
CA ARG C 2311 1.18 15.41 -31.01
C ARG C 2311 2.40 14.57 -31.43
N TYR C 2312 2.30 13.68 -32.43
CA TYR C 2312 3.36 12.73 -32.81
C TYR C 2312 3.64 12.68 -34.32
N LYS C 2313 4.92 12.83 -34.72
CA LYS C 2313 5.37 13.15 -36.10
C LYS C 2313 5.05 12.10 -37.17
N GLU C 2314 4.91 10.85 -36.76
CA GLU C 2314 4.56 9.71 -37.61
C GLU C 2314 3.06 9.36 -37.64
N VAL C 2315 2.24 9.90 -36.71
CA VAL C 2315 0.83 9.51 -36.55
C VAL C 2315 -0.07 10.21 -37.55
N TYR C 2316 -0.20 11.53 -37.48
CA TYR C 2316 -1.24 12.25 -38.21
C TYR C 2316 -1.02 12.23 -39.72
N ALA C 2317 0.22 12.47 -40.19
CA ALA C 2317 0.55 12.58 -41.61
C ALA C 2317 0.29 11.28 -42.35
N ALA C 2318 0.48 10.14 -41.69
CA ALA C 2318 0.37 8.84 -42.32
C ALA C 2318 -1.01 8.61 -42.93
N ALA C 2319 -2.07 9.07 -42.28
CA ALA C 2319 -3.44 8.86 -42.74
C ALA C 2319 -3.61 9.42 -44.17
N ALA C 2320 -3.10 10.63 -44.43
CA ALA C 2320 -3.19 11.26 -45.73
C ALA C 2320 -2.43 10.51 -46.84
N GLU C 2321 -1.43 9.66 -46.54
CA GLU C 2321 -0.89 8.74 -47.53
C GLU C 2321 -1.94 7.72 -47.95
N VAL C 2322 -2.43 6.94 -46.98
CA VAL C 2322 -3.43 5.90 -47.20
C VAL C 2322 -4.59 6.48 -48.00
N LEU C 2323 -5.10 7.62 -47.53
CA LEU C 2323 -6.20 8.35 -48.13
C LEU C 2323 -5.87 8.88 -49.54
N GLY C 2324 -4.67 9.39 -49.81
CA GLY C 2324 -4.26 9.74 -51.17
C GLY C 2324 -4.32 8.54 -52.13
N LEU C 2325 -3.90 7.36 -51.69
CA LEU C 2325 -4.04 6.15 -52.52
C LEU C 2325 -5.48 5.63 -52.60
N ILE C 2326 -6.37 5.93 -51.65
CA ILE C 2326 -7.81 5.76 -51.89
C ILE C 2326 -8.18 6.53 -53.15
N LEU C 2327 -7.72 7.76 -53.36
CA LEU C 2327 -8.11 8.47 -54.57
C LEU C 2327 -7.52 7.79 -55.80
N ARG C 2328 -6.26 7.34 -55.79
CA ARG C 2328 -5.70 6.59 -56.93
C ARG C 2328 -6.56 5.35 -57.24
N TYR C 2329 -6.96 4.65 -56.20
CA TYR C 2329 -7.74 3.43 -56.26
C TYR C 2329 -9.17 3.70 -56.73
N VAL C 2330 -9.93 4.53 -56.04
CA VAL C 2330 -11.31 4.87 -56.38
C VAL C 2330 -11.37 5.63 -57.71
N MET C 2331 -10.35 6.37 -58.09
CA MET C 2331 -10.25 6.91 -59.44
C MET C 2331 -10.20 5.77 -60.47
N GLU C 2332 -9.29 4.80 -60.33
CA GLU C 2332 -9.03 3.83 -61.41
C GLU C 2332 -9.81 2.51 -61.34
N ARG C 2333 -10.23 2.09 -60.14
CA ARG C 2333 -11.40 1.22 -59.92
C ARG C 2333 -12.70 1.97 -60.19
N LYS C 2334 -12.65 3.31 -60.31
CA LYS C 2334 -13.74 4.20 -60.78
C LYS C 2334 -15.02 4.21 -59.93
N ASN C 2335 -14.93 3.95 -58.63
CA ASN C 2335 -16.13 3.66 -57.83
C ASN C 2335 -17.13 4.83 -57.74
N ILE C 2336 -18.43 4.52 -57.76
CA ILE C 2336 -19.55 5.47 -57.98
C ILE C 2336 -19.71 6.53 -56.87
N LEU C 2337 -19.10 6.36 -55.69
CA LEU C 2337 -19.11 7.38 -54.64
C LEU C 2337 -18.40 8.70 -55.03
N GLU C 2338 -17.54 8.65 -56.05
CA GLU C 2338 -16.39 9.56 -56.21
C GLU C 2338 -16.70 11.07 -56.20
N GLU C 2339 -17.92 11.49 -56.53
CA GLU C 2339 -18.31 12.90 -56.53
C GLU C 2339 -18.47 13.46 -55.11
N SER C 2340 -19.46 12.98 -54.34
CA SER C 2340 -19.67 13.42 -52.95
C SER C 2340 -18.49 13.04 -52.05
N LEU C 2341 -17.80 11.94 -52.38
CA LEU C 2341 -16.52 11.60 -51.77
C LEU C 2341 -15.51 12.73 -51.95
N CYS C 2342 -15.33 13.21 -53.18
CA CYS C 2342 -14.36 14.27 -53.45
C CYS C 2342 -14.75 15.57 -52.74
N GLU C 2343 -16.04 15.91 -52.69
CA GLU C 2343 -16.50 17.02 -51.86
C GLU C 2343 -16.18 16.80 -50.37
N LEU C 2344 -16.29 15.57 -49.84
CA LEU C 2344 -15.87 15.26 -48.47
C LEU C 2344 -14.37 15.47 -48.28
N VAL C 2345 -13.54 15.03 -49.23
CA VAL C 2345 -12.10 15.29 -49.14
C VAL C 2345 -11.80 16.79 -49.20
N ALA C 2346 -12.44 17.52 -50.10
CA ALA C 2346 -12.27 18.97 -50.19
C ALA C 2346 -12.68 19.63 -48.88
N LYS C 2347 -13.84 19.25 -48.33
CA LYS C 2347 -14.34 19.69 -47.02
C LYS C 2347 -13.36 19.36 -45.90
N GLN C 2348 -12.79 18.17 -45.88
CA GLN C 2348 -11.81 17.78 -44.87
C GLN C 2348 -10.56 18.67 -44.92
N LEU C 2349 -9.97 18.89 -46.09
CA LEU C 2349 -8.82 19.80 -46.23
C LEU C 2349 -9.20 21.23 -45.86
N LYS C 2350 -10.37 21.71 -46.28
CA LYS C 2350 -10.89 23.07 -46.03
C LYS C 2350 -11.27 23.36 -44.58
N GLN C 2351 -11.62 22.35 -43.78
CA GLN C 2351 -11.83 22.54 -42.34
C GLN C 2351 -10.51 22.78 -41.57
N HIS C 2352 -9.39 22.30 -42.10
CA HIS C 2352 -8.23 22.01 -41.25
C HIS C 2352 -6.87 22.47 -41.77
N GLN C 2353 -6.67 22.65 -43.07
CA GLN C 2353 -5.61 23.56 -43.52
C GLN C 2353 -5.89 25.00 -43.09
N ASN C 2354 -7.15 25.35 -42.82
CA ASN C 2354 -7.54 26.60 -42.18
C ASN C 2354 -6.98 26.77 -40.74
N THR C 2355 -6.64 25.69 -40.03
CA THR C 2355 -6.32 25.75 -38.58
C THR C 2355 -5.03 25.02 -38.19
N MET C 2356 -4.40 24.29 -39.11
CA MET C 2356 -3.27 23.38 -38.86
C MET C 2356 -2.35 23.40 -40.08
N GLU C 2357 -1.69 24.52 -40.31
CA GLU C 2357 -1.27 24.94 -41.63
C GLU C 2357 -0.16 24.10 -42.25
N ASP C 2358 0.90 23.85 -41.48
CA ASP C 2358 1.98 22.94 -41.86
C ASP C 2358 1.41 21.55 -42.08
N LYS C 2359 0.70 21.04 -41.07
CA LYS C 2359 0.27 19.64 -41.00
C LYS C 2359 -0.65 19.32 -42.16
N PHE C 2360 -1.43 20.31 -42.61
CA PHE C 2360 -2.32 20.17 -43.73
C PHE C 2360 -1.74 20.63 -45.09
N ILE C 2361 -0.64 21.41 -45.16
CA ILE C 2361 0.21 21.50 -46.37
C ILE C 2361 0.93 20.17 -46.62
N VAL C 2362 1.43 19.52 -45.55
CA VAL C 2362 1.96 18.16 -45.60
C VAL C 2362 0.87 17.18 -46.06
N CYS C 2363 -0.38 17.39 -45.64
CA CYS C 2363 -1.53 16.58 -46.05
C CYS C 2363 -1.91 16.78 -47.54
N LEU C 2364 -1.97 18.03 -47.99
CA LEU C 2364 -2.13 18.38 -49.40
C LEU C 2364 -0.91 17.97 -50.25
N ASN C 2365 0.21 17.54 -49.64
CA ASN C 2365 1.33 16.85 -50.30
C ASN C 2365 1.19 15.33 -50.28
N LYS C 2366 0.58 14.71 -49.26
CA LYS C 2366 0.22 13.27 -49.34
C LYS C 2366 -0.93 13.06 -50.33
N VAL C 2367 -2.01 13.83 -50.27
CA VAL C 2367 -2.84 14.13 -51.45
C VAL C 2367 -1.95 14.88 -52.44
N THR C 2368 -2.26 15.01 -53.72
CA THR C 2368 -1.35 15.64 -54.70
C THR C 2368 -0.13 14.78 -55.04
N LYS C 2369 0.77 14.41 -54.11
CA LYS C 2369 1.89 13.51 -54.47
C LYS C 2369 1.41 12.07 -54.70
N SER C 2370 0.62 11.52 -53.78
CA SER C 2370 0.24 10.09 -53.84
C SER C 2370 -0.88 9.83 -54.88
N PHE C 2371 -1.79 10.78 -55.07
CA PHE C 2371 -2.48 10.97 -56.34
C PHE C 2371 -2.76 12.45 -56.60
N PRO C 2372 -2.60 13.00 -57.83
CA PRO C 2372 -2.56 14.44 -58.07
C PRO C 2372 -3.77 15.31 -57.68
N PRO C 2373 -5.04 14.90 -57.93
CA PRO C 2373 -6.17 15.84 -58.04
C PRO C 2373 -6.41 17.02 -57.08
N LEU C 2374 -6.52 16.84 -55.76
CA LEU C 2374 -7.33 17.78 -54.96
C LEU C 2374 -6.89 19.27 -54.95
N ALA C 2375 -5.61 19.58 -55.10
CA ALA C 2375 -5.13 20.95 -54.86
C ALA C 2375 -5.71 22.06 -55.76
N ASP C 2376 -6.35 21.73 -56.89
CA ASP C 2376 -6.91 22.69 -57.86
C ASP C 2376 -7.75 23.79 -57.21
N ARG C 2377 -8.60 23.41 -56.25
CA ARG C 2377 -9.49 24.32 -55.53
C ARG C 2377 -8.71 25.32 -54.68
N PHE C 2378 -7.52 24.93 -54.24
CA PHE C 2378 -6.74 25.60 -53.20
C PHE C 2378 -5.64 26.53 -53.74
N MET C 2379 -5.03 26.21 -54.89
CA MET C 2379 -3.66 26.60 -55.29
C MET C 2379 -3.17 28.00 -54.88
N ASN C 2380 -3.97 29.05 -54.99
CA ASN C 2380 -3.63 30.39 -54.48
C ASN C 2380 -3.16 30.35 -53.01
N ALA C 2381 -3.88 29.64 -52.15
CA ALA C 2381 -3.59 29.40 -50.75
C ALA C 2381 -2.43 28.41 -50.47
N VAL C 2382 -1.72 27.94 -51.50
CA VAL C 2382 -0.47 27.16 -51.39
C VAL C 2382 0.73 28.02 -51.75
N PHE C 2383 0.70 28.69 -52.91
CA PHE C 2383 1.68 29.73 -53.27
C PHE C 2383 1.83 30.77 -52.14
N PHE C 2384 0.70 31.10 -51.51
CA PHE C 2384 0.53 31.84 -50.27
C PHE C 2384 1.60 31.57 -49.19
N LEU C 2385 1.96 30.31 -48.94
CA LEU C 2385 2.85 29.92 -47.85
C LEU C 2385 4.28 29.61 -48.28
N LEU C 2386 4.55 29.39 -49.58
CA LEU C 2386 5.91 29.11 -50.09
C LEU C 2386 6.97 30.17 -49.71
N PRO C 2387 6.68 31.49 -49.66
CA PRO C 2387 7.59 32.47 -49.08
C PRO C 2387 7.60 32.55 -47.54
N LYS C 2388 6.66 31.90 -46.82
CA LYS C 2388 6.56 31.98 -45.36
C LYS C 2388 7.33 30.87 -44.67
N PHE C 2389 7.45 29.71 -45.33
CA PHE C 2389 8.19 28.53 -44.87
C PHE C 2389 9.47 28.32 -45.71
N HIS C 2390 10.64 28.26 -45.06
CA HIS C 2390 11.89 27.78 -45.67
C HIS C 2390 12.02 26.24 -45.54
N GLY C 2391 13.13 25.69 -46.03
CA GLY C 2391 13.59 24.34 -45.70
C GLY C 2391 12.71 23.21 -46.25
N VAL C 2392 12.47 22.17 -45.47
CA VAL C 2392 11.66 21.02 -45.87
C VAL C 2392 10.30 21.45 -46.41
N LEU C 2393 9.63 22.39 -45.76
CA LEU C 2393 8.34 22.92 -46.23
C LEU C 2393 8.48 23.84 -47.46
N LYS C 2394 9.64 24.45 -47.73
CA LYS C 2394 9.92 24.98 -49.08
C LYS C 2394 9.76 23.86 -50.09
N THR C 2395 10.46 22.74 -49.85
CA THR C 2395 10.45 21.61 -50.78
C THR C 2395 9.08 20.94 -50.89
N LEU C 2396 8.30 20.78 -49.81
CA LEU C 2396 6.97 20.16 -49.87
C LEU C 2396 5.91 21.11 -50.41
N CYS C 2397 6.02 22.41 -50.17
CA CYS C 2397 5.13 23.42 -50.77
C CYS C 2397 5.35 23.48 -52.30
N LEU C 2398 6.63 23.56 -52.72
CA LEU C 2398 7.04 23.32 -54.10
C LEU C 2398 6.48 22.01 -54.63
N GLU C 2399 6.63 20.91 -53.91
CA GLU C 2399 6.20 19.61 -54.36
C GLU C 2399 4.67 19.47 -54.49
N VAL C 2400 3.87 20.25 -53.78
CA VAL C 2400 2.43 20.35 -54.07
C VAL C 2400 2.19 21.07 -55.39
N VAL C 2401 2.82 22.22 -55.58
CA VAL C 2401 2.69 22.99 -56.83
C VAL C 2401 3.12 22.15 -58.02
N LEU C 2402 4.25 21.46 -57.88
CA LEU C 2402 4.81 20.51 -58.84
C LEU C 2402 3.83 19.38 -59.16
N CYS C 2403 3.46 18.58 -58.15
CA CYS C 2403 2.74 17.35 -58.41
C CYS C 2403 1.38 17.64 -59.03
N ARG C 2404 0.77 18.78 -58.71
CA ARG C 2404 -0.52 19.22 -59.27
C ARG C 2404 -0.38 20.46 -60.15
N VAL C 2405 0.70 20.57 -60.92
CA VAL C 2405 0.90 21.68 -61.85
C VAL C 2405 -0.11 21.63 -63.00
N GLU C 2406 -0.83 22.72 -63.20
CA GLU C 2406 -1.75 22.99 -64.32
C GLU C 2406 -1.59 24.44 -64.82
N GLY C 2407 -0.39 25.03 -64.66
CA GLY C 2407 -0.05 26.36 -65.20
C GLY C 2407 -0.72 27.54 -64.47
N MET C 2408 -1.19 27.32 -63.25
CA MET C 2408 -1.95 28.27 -62.44
C MET C 2408 -1.30 29.66 -62.43
N THR C 2409 -2.13 30.69 -62.45
CA THR C 2409 -1.71 32.10 -62.30
C THR C 2409 -0.72 32.63 -63.34
N GLU C 2410 -0.73 32.08 -64.58
CA GLU C 2410 0.02 32.64 -65.72
C GLU C 2410 1.48 32.89 -65.33
N LEU C 2411 2.16 31.81 -64.95
CA LEU C 2411 2.98 31.70 -63.73
C LEU C 2411 3.89 32.88 -63.43
N TYR C 2412 4.53 33.46 -64.43
CA TYR C 2412 5.49 34.52 -64.23
C TYR C 2412 4.88 35.75 -63.57
N PHE C 2413 3.59 36.05 -63.73
CA PHE C 2413 2.98 37.18 -63.01
C PHE C 2413 2.62 36.88 -61.53
N GLN C 2414 2.78 35.63 -61.08
CA GLN C 2414 2.97 35.28 -59.66
C GLN C 2414 4.45 35.21 -59.27
N LEU C 2415 5.32 34.75 -60.18
CA LEU C 2415 6.58 34.08 -59.81
C LEU C 2415 7.87 34.73 -60.36
N LYS C 2416 7.76 35.64 -61.34
CA LYS C 2416 8.87 36.21 -62.13
C LYS C 2416 9.97 36.82 -61.28
N SER C 2417 9.58 37.40 -60.15
CA SER C 2417 10.47 37.73 -59.05
C SER C 2417 10.38 36.69 -57.93
N LYS C 2418 9.16 36.36 -57.50
CA LYS C 2418 8.85 35.90 -56.14
C LYS C 2418 9.62 34.68 -55.63
N ASP C 2419 10.02 33.77 -56.51
CA ASP C 2419 10.94 32.67 -56.18
C ASP C 2419 12.16 32.62 -57.10
N PHE C 2420 11.96 32.43 -58.41
CA PHE C 2420 13.03 31.97 -59.28
C PHE C 2420 14.20 32.94 -59.45
N VAL C 2421 14.07 34.21 -59.09
CA VAL C 2421 15.21 35.13 -59.02
C VAL C 2421 16.25 34.72 -57.96
N GLN C 2422 15.85 34.15 -56.82
CA GLN C 2422 16.76 33.96 -55.69
C GLN C 2422 16.57 32.67 -54.87
N VAL C 2423 15.36 32.11 -54.76
CA VAL C 2423 15.17 30.76 -54.17
C VAL C 2423 15.86 29.69 -55.02
N MET C 2424 15.91 29.92 -56.32
CA MET C 2424 16.74 29.17 -57.25
C MET C 2424 18.22 29.20 -56.86
N ARG C 2425 18.72 30.40 -56.51
CA ARG C 2425 20.07 30.66 -55.98
C ARG C 2425 20.27 30.17 -54.53
N HIS C 2426 19.32 29.47 -53.92
CA HIS C 2426 19.36 29.06 -52.51
C HIS C 2426 19.73 27.59 -52.31
N ARG C 2427 20.61 27.38 -51.34
CA ARG C 2427 21.60 26.28 -51.21
C ARG C 2427 21.14 24.82 -51.25
N ASP C 2428 20.16 24.40 -50.46
CA ASP C 2428 20.06 22.98 -50.05
C ASP C 2428 19.80 22.01 -51.22
N ASP C 2429 20.57 20.93 -51.33
CA ASP C 2429 20.57 20.10 -52.55
C ASP C 2429 19.18 19.58 -52.93
N GLU C 2430 18.38 19.09 -51.98
CA GLU C 2430 16.99 18.69 -52.24
C GLU C 2430 16.09 19.86 -52.71
N ARG C 2431 16.24 21.06 -52.12
CA ARG C 2431 15.51 22.26 -52.57
C ARG C 2431 15.86 22.61 -54.01
N GLN C 2432 17.16 22.61 -54.31
CA GLN C 2432 17.66 22.84 -55.65
C GLN C 2432 17.18 21.74 -56.61
N LYS C 2433 17.16 20.49 -56.16
CA LYS C 2433 16.69 19.34 -56.93
C LYS C 2433 15.22 19.50 -57.32
N VAL C 2434 14.29 19.63 -56.35
CA VAL C 2434 12.88 19.82 -56.72
C VAL C 2434 12.70 21.10 -57.54
N CYS C 2435 13.49 22.14 -57.29
CA CYS C 2435 13.47 23.38 -58.03
C CYS C 2435 13.76 23.19 -59.52
N LEU C 2436 14.89 22.57 -59.89
CA LEU C 2436 15.14 22.19 -61.28
C LEU C 2436 14.09 21.20 -61.79
N ASP C 2437 13.57 20.34 -60.93
CA ASP C 2437 12.51 19.46 -61.34
C ASP C 2437 11.24 20.26 -61.72
N ILE C 2438 10.98 21.45 -61.15
CA ILE C 2438 9.91 22.34 -61.63
C ILE C 2438 10.25 22.83 -63.04
N ILE C 2439 11.45 23.43 -63.18
CA ILE C 2439 11.96 23.97 -64.44
C ILE C 2439 11.69 23.00 -65.59
N TYR C 2440 12.11 21.75 -65.38
CA TYR C 2440 12.19 20.78 -66.45
C TYR C 2440 10.84 20.42 -67.11
N LYS C 2441 9.69 20.73 -66.47
CA LYS C 2441 8.37 20.51 -67.07
C LYS C 2441 7.64 21.79 -67.48
N MET C 2442 8.01 22.95 -66.97
CA MET C 2442 7.40 24.23 -67.40
C MET C 2442 7.74 24.60 -68.85
N MET C 2443 8.66 23.86 -69.50
CA MET C 2443 9.17 24.07 -70.86
C MET C 2443 8.13 24.61 -71.85
N PRO C 2444 7.03 23.89 -72.13
CA PRO C 2444 6.23 24.19 -73.30
C PRO C 2444 5.52 25.53 -73.19
N LYS C 2445 5.32 26.03 -71.96
CA LYS C 2445 4.59 27.26 -71.69
C LYS C 2445 5.51 28.47 -71.51
N LEU C 2446 6.82 28.31 -71.64
CA LEU C 2446 7.76 29.45 -71.60
C LEU C 2446 7.81 30.17 -72.96
N LYS C 2447 7.68 31.50 -72.98
CA LYS C 2447 8.09 32.37 -74.10
C LYS C 2447 9.60 32.61 -74.04
N PRO C 2448 10.27 32.90 -75.17
CA PRO C 2448 11.72 33.10 -75.21
C PRO C 2448 12.22 34.21 -74.29
N VAL C 2449 11.36 35.17 -73.94
CA VAL C 2449 11.69 36.23 -72.99
C VAL C 2449 12.03 35.61 -71.64
N GLU C 2450 11.08 34.96 -70.96
CA GLU C 2450 11.43 34.33 -69.70
C GLU C 2450 12.39 33.19 -69.86
N LEU C 2451 12.41 32.50 -71.00
CA LEU C 2451 13.38 31.46 -71.25
C LEU C 2451 14.80 32.04 -71.18
N ARG C 2452 15.01 33.25 -71.71
CA ARG C 2452 16.27 33.98 -71.52
C ARG C 2452 16.44 34.36 -70.07
N GLU C 2453 15.41 34.93 -69.44
CA GLU C 2453 15.53 35.35 -68.04
C GLU C 2453 15.87 34.21 -67.09
N LEU C 2454 15.38 33.00 -67.37
CA LEU C 2454 15.49 31.87 -66.47
C LEU C 2454 16.63 30.93 -66.82
N LEU C 2455 17.01 30.78 -68.09
CA LEU C 2455 18.14 29.91 -68.39
C LEU C 2455 19.40 30.38 -67.68
N ASN C 2456 19.63 31.68 -67.65
CA ASN C 2456 20.86 32.20 -67.10
C ASN C 2456 21.08 31.84 -65.61
N PRO C 2457 20.12 32.00 -64.69
CA PRO C 2457 20.26 31.47 -63.35
C PRO C 2457 20.29 29.94 -63.27
N VAL C 2458 19.88 29.19 -64.32
CA VAL C 2458 20.12 27.74 -64.41
C VAL C 2458 21.55 27.42 -64.80
N VAL C 2459 22.15 28.23 -65.69
CA VAL C 2459 23.53 28.06 -66.12
C VAL C 2459 24.48 28.07 -64.93
N GLU C 2460 24.11 28.76 -63.86
CA GLU C 2460 24.79 28.74 -62.56
C GLU C 2460 25.10 27.34 -61.98
N PHE C 2461 24.31 26.31 -62.30
CA PHE C 2461 24.54 24.98 -61.74
C PHE C 2461 25.82 24.30 -62.26
N VAL C 2462 26.53 24.95 -63.18
CA VAL C 2462 27.87 24.56 -63.66
C VAL C 2462 28.87 24.40 -62.52
N SER C 2463 28.63 25.11 -61.42
CA SER C 2463 29.40 25.06 -60.17
C SER C 2463 29.11 23.85 -59.28
N HIS C 2464 27.99 23.14 -59.45
CA HIS C 2464 27.36 22.42 -58.34
C HIS C 2464 27.95 21.02 -58.02
N PRO C 2465 28.31 20.68 -56.76
CA PRO C 2465 28.90 19.38 -56.41
C PRO C 2465 27.97 18.16 -56.58
N SER C 2466 26.66 18.34 -56.62
CA SER C 2466 25.72 17.24 -56.80
C SER C 2466 25.51 16.93 -58.27
N THR C 2467 26.06 15.82 -58.74
CA THR C 2467 25.75 15.23 -60.06
C THR C 2467 24.27 14.93 -60.16
N THR C 2468 23.63 14.54 -59.05
CA THR C 2468 22.19 14.32 -58.98
C THR C 2468 21.41 15.62 -59.24
N CYS C 2469 21.89 16.79 -58.81
CA CYS C 2469 21.24 18.06 -59.16
C CYS C 2469 21.61 18.51 -60.58
N ARG C 2470 22.90 18.52 -60.87
CA ARG C 2470 23.53 18.94 -62.13
C ARG C 2470 22.99 18.15 -63.34
N GLU C 2471 22.67 16.87 -63.19
CA GLU C 2471 22.10 16.09 -64.29
C GLU C 2471 20.85 16.78 -64.82
N GLN C 2472 20.05 17.36 -63.93
CA GLN C 2472 18.78 17.93 -64.31
C GLN C 2472 19.00 19.27 -64.99
N MET C 2473 19.99 20.05 -64.55
CA MET C 2473 20.52 21.16 -65.32
C MET C 2473 20.87 20.69 -66.74
N TYR C 2474 21.43 19.50 -66.90
CA TYR C 2474 21.71 19.00 -68.23
C TYR C 2474 20.44 18.53 -68.95
N ASN C 2475 19.50 17.84 -68.29
CA ASN C 2475 18.21 17.46 -68.88
C ASN C 2475 17.49 18.67 -69.46
N ILE C 2476 17.55 19.75 -68.71
CA ILE C 2476 17.09 21.05 -69.10
C ILE C 2476 17.82 21.49 -70.34
N LEU C 2477 19.13 21.72 -70.23
CA LEU C 2477 19.90 22.27 -71.33
C LEU C 2477 19.73 21.47 -72.62
N MET C 2478 19.64 20.15 -72.52
CA MET C 2478 19.35 19.25 -73.62
C MET C 2478 18.00 19.55 -74.25
N TRP C 2479 16.97 19.81 -73.45
CA TRP C 2479 15.69 20.23 -73.97
C TRP C 2479 15.79 21.57 -74.67
N ILE C 2480 16.47 22.54 -74.06
CA ILE C 2480 16.71 23.83 -74.71
C ILE C 2480 17.31 23.61 -76.09
N HIS C 2481 18.41 22.86 -76.12
CA HIS C 2481 19.20 22.63 -77.29
C HIS C 2481 18.33 22.03 -78.38
N ASP C 2482 17.67 20.92 -78.08
CA ASP C 2482 16.94 20.22 -79.11
C ASP C 2482 15.79 21.05 -79.66
N ASN C 2483 15.12 21.84 -78.82
CA ASN C 2483 14.02 22.67 -79.27
C ASN C 2483 14.46 23.98 -79.92
N TYR C 2484 15.67 24.49 -79.65
CA TYR C 2484 16.13 25.79 -80.15
C TYR C 2484 17.42 25.74 -80.97
N ARG C 2485 17.90 24.55 -81.32
CA ARG C 2485 18.72 24.35 -82.51
C ARG C 2485 18.03 24.97 -83.73
N ASP C 2486 18.83 25.66 -84.55
CA ASP C 2486 18.39 26.68 -85.47
C ASP C 2486 17.54 26.10 -86.62
N PRO C 2487 16.24 26.41 -86.70
CA PRO C 2487 15.51 26.29 -87.96
C PRO C 2487 16.02 27.32 -88.98
N GLU C 2488 15.38 27.38 -90.16
CA GLU C 2488 15.81 28.18 -91.33
C GLU C 2488 16.12 29.65 -91.02
N SER C 2489 15.24 30.33 -90.28
CA SER C 2489 15.45 31.67 -89.72
C SER C 2489 14.43 31.97 -88.62
N GLU C 2490 14.70 32.98 -87.78
CA GLU C 2490 13.89 33.33 -86.62
C GLU C 2490 13.52 34.82 -86.54
N THR C 2491 12.29 35.09 -86.14
CA THR C 2491 11.89 36.38 -85.57
C THR C 2491 12.48 36.53 -84.17
N ASP C 2492 12.33 35.51 -83.34
CA ASP C 2492 12.66 35.56 -81.92
C ASP C 2492 14.11 35.14 -81.75
N ASN C 2493 15.01 36.11 -81.73
CA ASN C 2493 16.44 35.91 -81.86
C ASN C 2493 17.04 35.01 -80.75
N ASP C 2494 16.53 35.14 -79.53
CA ASP C 2494 16.84 34.22 -78.42
C ASP C 2494 16.54 32.77 -78.77
N SER C 2495 15.51 32.49 -79.57
CA SER C 2495 15.24 31.13 -80.03
C SER C 2495 16.27 30.60 -81.02
N GLN C 2496 17.40 31.29 -81.25
CA GLN C 2496 18.62 30.56 -81.54
C GLN C 2496 19.83 31.04 -80.69
N GLU C 2497 19.72 32.08 -79.86
CA GLU C 2497 20.83 32.66 -79.11
C GLU C 2497 20.85 32.30 -77.64
N ILE C 2498 19.70 31.92 -77.07
CA ILE C 2498 19.74 31.00 -75.93
C ILE C 2498 20.45 29.73 -76.42
N PHE C 2499 20.14 29.26 -77.63
CA PHE C 2499 20.86 28.14 -78.22
C PHE C 2499 22.35 28.45 -78.47
N LYS C 2500 22.73 29.64 -78.91
CA LYS C 2500 24.14 30.09 -79.00
C LYS C 2500 24.86 30.07 -77.65
N LEU C 2501 24.14 30.18 -76.54
CA LEU C 2501 24.65 29.83 -75.21
C LEU C 2501 24.60 28.31 -74.96
N ALA C 2502 23.48 27.63 -75.10
CA ALA C 2502 23.34 26.22 -74.78
C ALA C 2502 24.34 25.33 -75.54
N LYS C 2503 24.44 25.56 -76.84
CA LYS C 2503 25.37 24.94 -77.78
C LYS C 2503 26.83 25.17 -77.38
N ASP C 2504 27.11 26.12 -76.48
CA ASP C 2504 28.37 26.24 -75.76
C ASP C 2504 28.34 25.54 -74.39
N VAL C 2505 27.38 25.80 -73.52
CA VAL C 2505 27.45 25.25 -72.16
C VAL C 2505 27.25 23.73 -72.13
N LEU C 2506 26.67 23.13 -73.17
CA LEU C 2506 26.81 21.69 -73.41
C LEU C 2506 28.25 21.25 -73.65
N ILE C 2507 29.03 22.02 -74.41
CA ILE C 2507 30.46 21.79 -74.50
C ILE C 2507 31.07 21.91 -73.12
N GLN C 2508 30.67 22.91 -72.32
CA GLN C 2508 31.12 22.99 -70.92
C GLN C 2508 30.62 21.85 -70.04
N GLY C 2509 29.75 20.99 -70.55
CA GLY C 2509 29.44 19.72 -69.93
C GLY C 2509 30.41 18.60 -70.26
N LEU C 2510 30.96 18.61 -71.46
CA LEU C 2510 31.66 17.49 -72.03
C LEU C 2510 32.94 17.09 -71.27
N ILE C 2511 33.51 17.98 -70.46
CA ILE C 2511 34.74 17.76 -69.65
C ILE C 2511 34.53 17.25 -68.22
N ASP C 2512 33.30 17.22 -67.76
CA ASP C 2512 33.00 17.36 -66.33
C ASP C 2512 33.44 16.23 -65.38
N GLU C 2513 33.37 16.54 -64.07
CA GLU C 2513 33.86 15.86 -62.84
C GLU C 2513 33.14 14.54 -62.46
N ASN C 2514 32.20 14.12 -63.29
CA ASN C 2514 31.53 12.83 -63.31
C ASN C 2514 31.59 12.24 -64.73
N PRO C 2515 32.24 11.10 -64.96
CA PRO C 2515 32.41 10.53 -66.30
C PRO C 2515 31.09 10.05 -66.92
N GLY C 2516 30.14 9.60 -66.10
CA GLY C 2516 28.78 9.34 -66.54
C GLY C 2516 28.14 10.56 -67.18
N LEU C 2517 28.33 11.76 -66.60
CA LEU C 2517 27.78 12.99 -67.18
C LEU C 2517 28.39 13.29 -68.54
N GLN C 2518 29.71 13.16 -68.73
CA GLN C 2518 30.29 13.29 -70.08
C GLN C 2518 29.62 12.31 -71.06
N LEU C 2519 29.41 11.06 -70.66
CA LEU C 2519 28.76 10.05 -71.49
C LEU C 2519 27.31 10.41 -71.76
N ILE C 2520 26.60 10.91 -70.75
CA ILE C 2520 25.23 11.38 -70.87
C ILE C 2520 25.16 12.55 -71.84
N ILE C 2521 26.12 13.46 -71.78
CA ILE C 2521 26.25 14.52 -72.76
C ILE C 2521 26.55 13.94 -74.15
N ARG C 2522 27.36 12.89 -74.23
CA ARG C 2522 27.52 12.16 -75.51
C ARG C 2522 26.20 11.56 -75.99
N ASN C 2523 25.21 11.28 -75.15
CA ASN C 2523 24.06 10.44 -75.52
C ASN C 2523 23.42 10.90 -76.83
N PHE C 2524 23.27 12.21 -77.06
CA PHE C 2524 22.95 12.70 -78.40
C PHE C 2524 24.05 13.49 -79.09
N TRP C 2525 25.14 13.95 -78.46
CA TRP C 2525 26.21 14.47 -79.32
C TRP C 2525 26.67 13.37 -80.30
N SER C 2526 26.70 12.14 -79.82
CA SER C 2526 26.95 10.96 -80.65
C SER C 2526 25.87 10.72 -81.71
N HIS C 2527 24.67 11.26 -81.53
CA HIS C 2527 23.51 10.90 -82.35
C HIS C 2527 23.66 11.40 -83.77
N GLU C 2528 23.19 10.59 -84.70
CA GLU C 2528 23.49 10.63 -86.13
C GLU C 2528 23.07 11.92 -86.85
N THR C 2529 22.08 12.61 -86.32
CA THR C 2529 21.66 13.94 -86.78
C THR C 2529 22.28 15.05 -85.94
N ARG C 2530 22.70 14.75 -84.71
CA ARG C 2530 23.23 15.70 -83.72
C ARG C 2530 24.74 15.86 -83.73
N LEU C 2531 25.44 14.98 -84.45
CA LEU C 2531 26.74 15.23 -85.08
C LEU C 2531 26.91 14.19 -86.20
N PRO C 2532 27.21 14.57 -87.46
CA PRO C 2532 27.13 13.64 -88.61
C PRO C 2532 27.81 12.26 -88.47
N SER C 2533 27.30 11.30 -89.23
CA SER C 2533 27.65 9.88 -89.18
C SER C 2533 28.44 9.37 -90.40
N ASN C 2534 28.73 10.27 -91.34
CA ASN C 2534 29.84 10.10 -92.28
C ASN C 2534 31.04 10.91 -91.76
N THR C 2535 32.21 10.30 -91.71
CA THR C 2535 33.28 10.82 -90.84
C THR C 2535 33.98 12.06 -91.38
N LEU C 2536 33.92 12.31 -92.68
CA LEU C 2536 34.35 13.61 -93.19
C LEU C 2536 33.45 14.74 -92.70
N ASP C 2537 32.13 14.64 -92.89
CA ASP C 2537 31.20 15.65 -92.40
C ASP C 2537 31.27 15.74 -90.88
N ARG C 2538 31.47 14.60 -90.20
CA ARG C 2538 31.78 14.60 -88.77
C ARG C 2538 32.91 15.57 -88.52
N LEU C 2539 34.04 15.37 -89.18
CA LEU C 2539 35.24 16.15 -88.92
C LEU C 2539 34.95 17.65 -89.09
N LEU C 2540 34.28 18.04 -90.17
CA LEU C 2540 33.85 19.43 -90.36
C LEU C 2540 33.06 19.96 -89.15
N ALA C 2541 32.17 19.15 -88.61
CA ALA C 2541 31.38 19.53 -87.46
C ALA C 2541 32.09 19.33 -86.13
N LEU C 2542 33.17 18.54 -86.03
CA LEU C 2542 34.01 18.55 -84.84
C LEU C 2542 34.57 19.97 -84.62
N ASN C 2543 34.81 20.73 -85.69
CA ASN C 2543 35.21 22.13 -85.55
C ASN C 2543 34.09 23.06 -85.06
N SER C 2544 32.85 22.58 -84.89
CA SER C 2544 31.84 23.28 -84.11
C SER C 2544 32.15 23.25 -82.61
N LEU C 2545 32.86 22.23 -82.14
CA LEU C 2545 32.97 21.90 -80.71
C LEU C 2545 33.82 22.88 -79.90
N TYR C 2546 34.65 23.68 -80.55
CA TYR C 2546 35.54 24.58 -79.84
C TYR C 2546 34.76 25.57 -78.98
N SER C 2547 35.08 25.59 -77.69
CA SER C 2547 34.79 26.67 -76.78
C SER C 2547 36.05 26.90 -75.97
N PRO C 2548 36.43 28.16 -75.68
CA PRO C 2548 37.69 28.42 -75.00
C PRO C 2548 37.86 27.67 -73.68
N LYS C 2549 36.77 27.42 -72.96
CA LYS C 2549 36.84 26.73 -71.68
C LYS C 2549 37.13 25.22 -71.80
N ILE C 2550 37.31 24.73 -73.02
CA ILE C 2550 38.07 23.53 -73.34
C ILE C 2550 39.27 23.88 -74.23
N GLU C 2551 40.47 23.59 -73.74
CA GLU C 2551 41.69 23.66 -74.53
C GLU C 2551 42.49 22.41 -74.25
N VAL C 2552 43.05 22.32 -73.03
CA VAL C 2552 43.95 21.25 -72.57
C VAL C 2552 43.40 19.87 -72.93
N HIS C 2553 42.11 19.77 -72.78
CA HIS C 2553 41.27 18.62 -72.89
C HIS C 2553 40.71 18.44 -74.30
N PHE C 2554 40.40 19.53 -75.01
CA PHE C 2554 39.46 19.50 -76.13
C PHE C 2554 39.81 18.44 -77.16
N LEU C 2555 41.07 18.43 -77.62
CA LEU C 2555 41.49 17.46 -78.61
C LEU C 2555 41.24 16.04 -78.13
N SER C 2556 41.50 15.76 -76.86
CA SER C 2556 41.39 14.40 -76.37
C SER C 2556 39.97 13.86 -76.40
N LEU C 2557 38.99 14.74 -76.59
CA LEU C 2557 37.58 14.40 -76.66
C LEU C 2557 37.09 14.51 -78.09
N ALA C 2558 37.48 15.58 -78.79
CA ALA C 2558 37.24 15.78 -80.21
C ALA C 2558 37.59 14.54 -81.03
N THR C 2559 38.67 13.90 -80.62
CA THR C 2559 39.15 12.65 -81.18
C THR C 2559 38.26 11.46 -80.84
N ASN C 2560 37.89 11.25 -79.58
CA ASN C 2560 37.28 10.00 -79.17
C ASN C 2560 35.93 9.77 -79.85
N PHE C 2561 35.24 10.84 -80.22
CA PHE C 2561 34.02 10.73 -81.00
C PHE C 2561 34.24 9.86 -82.24
N LEU C 2562 35.33 10.09 -82.96
CA LEU C 2562 35.64 9.38 -84.19
C LEU C 2562 35.71 7.89 -83.90
N LEU C 2563 36.36 7.57 -82.80
CA LEU C 2563 36.64 6.21 -82.40
C LEU C 2563 35.44 5.53 -81.71
N GLU C 2564 34.26 6.12 -81.83
CA GLU C 2564 32.96 5.44 -81.77
C GLU C 2564 32.37 5.21 -83.16
N MET C 2565 32.46 6.19 -84.07
CA MET C 2565 31.88 6.07 -85.41
C MET C 2565 32.50 4.92 -86.20
N THR C 2566 33.77 4.64 -85.94
CA THR C 2566 34.47 3.44 -86.35
C THR C 2566 33.62 2.18 -86.19
N SER C 2567 32.89 2.06 -85.08
CA SER C 2567 32.45 0.77 -84.57
C SER C 2567 31.52 0.01 -85.49
N MET C 2568 30.77 0.73 -86.31
CA MET C 2568 29.73 0.14 -87.16
C MET C 2568 30.25 -0.21 -88.56
N SER C 2569 31.54 -0.03 -88.81
CA SER C 2569 32.21 -0.68 -89.93
C SER C 2569 32.09 -2.20 -89.80
N PRO C 2570 31.71 -2.96 -90.84
CA PRO C 2570 31.54 -4.40 -90.75
C PRO C 2570 32.86 -5.13 -90.48
N ASP C 2571 34.02 -4.50 -90.62
CA ASP C 2571 35.28 -5.13 -90.20
C ASP C 2571 35.83 -4.60 -88.87
N TYR C 2572 35.28 -3.53 -88.29
CA TYR C 2572 35.73 -3.05 -86.98
C TYR C 2572 35.67 -4.13 -85.90
N PRO C 2573 34.63 -4.98 -85.88
CA PRO C 2573 34.57 -6.09 -84.96
C PRO C 2573 35.47 -7.28 -85.27
N ASN C 2574 36.44 -7.24 -86.21
CA ASN C 2574 36.96 -8.44 -86.89
C ASN C 2574 38.51 -8.51 -87.05
N PRO C 2575 39.14 -9.71 -87.11
CA PRO C 2575 40.59 -9.95 -87.14
C PRO C 2575 41.42 -9.15 -88.15
N MET C 2576 42.60 -8.68 -87.73
CA MET C 2576 43.60 -7.93 -88.50
C MET C 2576 44.58 -8.86 -89.19
N PHE C 2577 45.13 -9.81 -88.43
CA PHE C 2577 45.98 -10.82 -89.03
C PHE C 2577 45.08 -11.95 -89.52
N GLU C 2578 45.36 -12.48 -90.71
CA GLU C 2578 44.50 -13.45 -91.40
C GLU C 2578 45.24 -14.74 -91.75
N HIS C 2579 46.28 -15.05 -90.97
CA HIS C 2579 46.94 -16.34 -90.86
C HIS C 2579 47.45 -16.54 -89.44
N PRO C 2580 47.67 -17.77 -88.97
CA PRO C 2580 48.12 -18.01 -87.63
C PRO C 2580 49.58 -17.64 -87.56
N LEU C 2581 49.85 -16.46 -87.03
CA LEU C 2581 51.16 -15.97 -86.65
C LEU C 2581 51.97 -16.97 -85.82
N SER C 2582 51.29 -17.87 -85.12
CA SER C 2582 51.91 -18.97 -84.40
C SER C 2582 52.67 -19.94 -85.33
N GLU C 2583 52.25 -20.08 -86.58
CA GLU C 2583 52.87 -20.93 -87.58
C GLU C 2583 53.54 -20.09 -88.69
N CYS C 2584 53.92 -20.75 -89.78
CA CYS C 2584 54.05 -20.16 -91.12
C CYS C 2584 54.93 -18.91 -91.29
N GLU C 2585 55.85 -18.58 -90.38
CA GLU C 2585 56.59 -17.31 -90.39
C GLU C 2585 58.02 -17.37 -89.83
N PHE C 2586 58.84 -16.39 -90.22
CA PHE C 2586 60.29 -16.26 -89.97
C PHE C 2586 60.74 -14.82 -90.32
N GLN C 2587 62.04 -14.53 -90.35
CA GLN C 2587 62.60 -13.48 -91.20
C GLN C 2587 64.09 -13.72 -91.57
N GLU C 2588 64.57 -13.17 -92.68
CA GLU C 2588 66.00 -13.17 -93.02
C GLU C 2588 66.54 -11.81 -93.48
N TYR C 2589 67.74 -11.47 -93.00
CA TYR C 2589 68.51 -10.28 -93.38
C TYR C 2589 69.66 -10.65 -94.35
N THR C 2590 69.44 -11.58 -95.29
CA THR C 2590 70.47 -12.11 -96.21
C THR C 2590 70.83 -11.12 -97.33
N ILE C 2591 71.30 -9.94 -96.95
CA ILE C 2591 71.42 -8.77 -97.84
C ILE C 2591 72.65 -7.93 -97.46
N ASP C 2592 73.18 -7.17 -98.43
CA ASP C 2592 74.24 -6.15 -98.27
C ASP C 2592 73.66 -4.74 -98.40
N SER C 2593 72.53 -4.48 -97.74
CA SER C 2593 71.82 -3.21 -97.85
C SER C 2593 72.61 -2.06 -97.24
N ASP C 2594 72.33 -0.83 -97.67
CA ASP C 2594 72.79 0.37 -96.96
C ASP C 2594 72.37 0.35 -95.50
N TRP C 2595 71.32 -0.34 -95.08
CA TRP C 2595 71.02 -0.42 -93.66
C TRP C 2595 72.01 -1.33 -92.90
N ARG C 2596 72.81 -2.17 -93.58
CA ARG C 2596 73.85 -2.92 -92.87
C ARG C 2596 74.99 -2.00 -92.45
N PHE C 2597 75.33 -1.02 -93.30
CA PHE C 2597 76.39 -0.07 -92.93
C PHE C 2597 76.00 0.71 -91.68
N ARG C 2598 74.75 1.18 -91.64
CA ARG C 2598 74.18 1.91 -90.50
C ARG C 2598 74.09 1.04 -89.25
N SER C 2599 73.81 -0.24 -89.41
CA SER C 2599 73.76 -1.17 -88.28
C SER C 2599 75.15 -1.48 -87.74
N THR C 2600 76.18 -1.60 -88.58
CA THR C 2600 77.54 -1.89 -88.07
C THR C 2600 78.24 -0.62 -87.57
N VAL C 2601 77.81 0.58 -87.98
CA VAL C 2601 78.13 1.87 -87.32
C VAL C 2601 77.62 1.93 -85.88
N LEU C 2602 76.46 1.34 -85.62
CA LEU C 2602 75.80 1.39 -84.32
C LEU C 2602 76.63 0.60 -83.30
N THR C 2603 76.79 -0.69 -83.56
CA THR C 2603 77.71 -1.58 -82.89
C THR C 2603 77.82 -2.78 -83.78
N PRO C 2604 79.00 -3.23 -84.20
CA PRO C 2604 79.07 -4.31 -85.17
C PRO C 2604 78.65 -5.64 -84.56
N MET C 2605 77.94 -6.43 -85.36
CA MET C 2605 77.67 -7.84 -85.11
C MET C 2605 78.83 -8.71 -85.58
N PHE C 2606 78.93 -9.92 -85.06
CA PHE C 2606 79.96 -10.85 -85.47
C PHE C 2606 79.70 -11.36 -86.89
N VAL C 2607 80.71 -12.00 -87.44
CA VAL C 2607 80.66 -12.97 -88.52
C VAL C 2607 81.67 -14.03 -88.12
N GLU C 2608 81.47 -15.27 -88.54
CA GLU C 2608 82.43 -16.34 -88.30
C GLU C 2608 82.15 -17.50 -89.25
N THR C 2609 82.65 -17.46 -90.49
CA THR C 2609 82.71 -18.71 -91.26
C THR C 2609 83.83 -19.56 -90.66
N GLN C 2610 85.05 -19.01 -90.63
CA GLN C 2610 86.17 -19.55 -89.87
C GLN C 2610 86.39 -21.06 -90.07
N ALA C 2611 86.13 -21.59 -91.27
CA ALA C 2611 86.36 -23.03 -91.52
C ALA C 2611 87.87 -23.30 -91.58
N SER C 2612 88.36 -24.36 -90.94
CA SER C 2612 89.82 -24.58 -90.84
C SER C 2612 90.46 -25.10 -92.14
N GLN C 2613 89.70 -25.74 -93.04
CA GLN C 2613 90.21 -26.19 -94.34
C GLN C 2613 89.15 -26.03 -95.45
N GLY C 2614 89.59 -25.82 -96.69
CA GLY C 2614 88.70 -25.58 -97.82
C GLY C 2614 87.80 -24.36 -97.67
N PRO C 2630 60.07 -34.85 -85.72
CA PRO C 2630 60.96 -34.15 -86.64
C PRO C 2630 60.22 -33.37 -87.74
N VAL C 2631 58.94 -33.11 -87.52
CA VAL C 2631 57.99 -32.55 -88.49
C VAL C 2631 58.38 -31.12 -88.93
N ALA C 2632 57.81 -30.61 -90.01
CA ALA C 2632 57.78 -29.18 -90.30
C ALA C 2632 56.92 -28.42 -89.27
N GLY C 2633 57.29 -27.18 -88.92
CA GLY C 2633 56.59 -26.38 -87.92
C GLY C 2633 56.65 -26.97 -86.49
N GLN C 2634 57.78 -27.58 -86.11
CA GLN C 2634 57.88 -28.50 -84.97
C GLN C 2634 59.07 -28.22 -84.03
N ILE C 2635 58.87 -28.55 -82.76
CA ILE C 2635 59.54 -28.14 -81.53
C ILE C 2635 60.14 -29.35 -80.81
N ARG C 2636 61.44 -29.49 -80.52
CA ARG C 2636 61.94 -30.62 -79.67
C ARG C 2636 61.15 -30.70 -78.34
N ALA C 2637 60.30 -31.72 -78.17
CA ALA C 2637 59.32 -31.89 -77.10
C ALA C 2637 59.94 -32.51 -75.85
N THR C 2638 59.27 -32.44 -74.68
CA THR C 2638 59.99 -32.71 -73.43
C THR C 2638 60.55 -34.13 -73.37
N GLN C 2639 61.73 -34.26 -72.76
CA GLN C 2639 62.36 -35.52 -72.36
C GLN C 2639 62.73 -35.39 -70.87
N GLN C 2640 61.95 -36.02 -69.98
CA GLN C 2640 61.85 -35.54 -68.61
C GLN C 2640 63.06 -35.90 -67.74
N GLN C 2641 63.60 -37.10 -67.92
CA GLN C 2641 64.72 -37.60 -67.12
C GLN C 2641 65.92 -36.65 -67.12
N HIS C 2642 66.62 -36.61 -66.00
CA HIS C 2642 67.80 -35.78 -65.76
C HIS C 2642 69.03 -36.68 -65.65
N ASP C 2643 70.02 -36.50 -66.51
CA ASP C 2643 71.18 -37.39 -66.57
C ASP C 2643 72.28 -36.98 -65.58
N PHE C 2644 71.86 -36.64 -64.36
CA PHE C 2644 72.71 -36.26 -63.24
C PHE C 2644 72.12 -36.67 -61.89
N THR C 2645 73.00 -36.84 -60.90
CA THR C 2645 72.63 -36.63 -59.50
C THR C 2645 72.77 -35.14 -59.25
N LEU C 2646 71.66 -34.47 -59.02
CA LEU C 2646 71.56 -33.02 -59.13
C LEU C 2646 72.34 -32.25 -58.05
N THR C 2647 72.59 -30.97 -58.34
CA THR C 2647 72.83 -29.93 -57.33
C THR C 2647 71.62 -29.85 -56.39
N GLN C 2648 71.80 -29.74 -55.08
CA GLN C 2648 70.73 -29.98 -54.10
C GLN C 2648 70.88 -29.20 -52.79
N THR C 2649 69.77 -28.89 -52.12
CA THR C 2649 69.75 -28.20 -50.81
C THR C 2649 70.33 -29.01 -49.65
N GLN C 2768 66.35 -42.02 -72.34
CA GLN C 2768 65.24 -41.49 -73.12
C GLN C 2768 65.71 -40.93 -74.48
N VAL C 2769 64.80 -40.34 -75.26
CA VAL C 2769 65.00 -40.02 -76.69
C VAL C 2769 64.37 -38.68 -77.09
N VAL C 2770 64.84 -38.12 -78.21
CA VAL C 2770 64.24 -36.95 -78.89
C VAL C 2770 62.77 -37.20 -79.22
N LEU C 2771 61.99 -36.15 -79.09
CA LEU C 2771 60.59 -36.08 -79.46
C LEU C 2771 60.34 -34.70 -80.05
N TYR C 2772 59.25 -34.49 -80.73
CA TYR C 2772 58.92 -33.22 -81.37
C TYR C 2772 57.46 -32.88 -81.16
N ARG C 2773 57.12 -31.61 -80.89
CA ARG C 2773 55.72 -31.26 -80.74
C ARG C 2773 55.46 -29.97 -81.52
N SER C 2774 54.22 -29.52 -81.54
CA SER C 2774 53.90 -28.14 -81.90
C SER C 2774 53.22 -27.46 -80.73
N TYR C 2775 52.92 -26.18 -80.90
CA TYR C 2775 52.74 -25.25 -79.80
C TYR C 2775 51.54 -25.53 -78.93
N ARG C 2776 51.72 -25.44 -77.61
CA ARG C 2776 50.60 -25.17 -76.72
C ARG C 2776 50.07 -23.79 -77.09
N HIS C 2777 48.80 -23.53 -76.80
CA HIS C 2777 48.22 -22.21 -76.98
C HIS C 2777 48.83 -21.17 -76.03
N GLY C 2778 49.55 -21.59 -74.99
CA GLY C 2778 50.35 -20.73 -74.12
C GLY C 2778 51.79 -20.43 -74.56
N ASP C 2779 52.32 -21.10 -75.59
CA ASP C 2779 53.72 -20.90 -76.03
C ASP C 2779 53.93 -19.63 -76.84
N LEU C 2780 52.96 -19.28 -77.69
CA LEU C 2780 52.97 -18.21 -78.68
C LEU C 2780 51.82 -17.22 -78.43
N PRO C 2781 51.93 -15.95 -78.82
CA PRO C 2781 50.97 -14.92 -78.45
C PRO C 2781 49.66 -15.05 -79.25
N ASP C 2782 48.75 -14.07 -79.17
CA ASP C 2782 47.58 -14.02 -80.08
C ASP C 2782 47.99 -14.12 -81.55
N ILE C 2783 47.52 -15.19 -82.21
CA ILE C 2783 47.65 -15.40 -83.64
C ILE C 2783 47.11 -14.22 -84.44
N GLN C 2784 45.95 -13.68 -84.10
CA GLN C 2784 45.09 -12.93 -85.01
C GLN C 2784 44.13 -12.01 -84.21
N ILE C 2785 44.65 -10.91 -83.64
CA ILE C 2785 43.89 -9.82 -82.99
C ILE C 2785 43.02 -9.08 -84.03
N LYS C 2786 41.89 -8.44 -83.67
CA LYS C 2786 40.95 -7.67 -84.55
C LYS C 2786 41.18 -6.15 -84.56
N HIS C 2787 40.82 -5.32 -85.60
CA HIS C 2787 41.07 -3.89 -85.37
C HIS C 2787 40.47 -3.36 -84.06
N SER C 2788 39.40 -3.96 -83.56
CA SER C 2788 38.73 -3.54 -82.34
C SER C 2788 39.66 -3.30 -81.16
N SER C 2789 40.47 -4.28 -80.81
CA SER C 2789 41.29 -4.22 -79.62
C SER C 2789 42.45 -3.22 -79.76
N LEU C 2790 42.76 -2.79 -81.00
CA LEU C 2790 43.75 -1.74 -81.25
C LEU C 2790 43.23 -0.45 -80.67
N ILE C 2791 42.09 0.00 -81.19
CA ILE C 2791 41.64 1.35 -80.93
C ILE C 2791 41.15 1.47 -79.50
N THR C 2792 40.36 0.50 -79.08
CA THR C 2792 39.57 0.57 -77.85
C THR C 2792 40.30 1.01 -76.58
N PRO C 2793 41.45 0.46 -76.17
CA PRO C 2793 42.02 0.79 -74.87
C PRO C 2793 42.54 2.24 -74.79
N LEU C 2794 42.82 2.88 -75.92
CA LEU C 2794 43.57 4.13 -75.96
C LEU C 2794 42.83 5.28 -75.30
N GLN C 2795 41.55 5.42 -75.58
CA GLN C 2795 40.78 6.64 -75.34
C GLN C 2795 40.94 7.18 -73.92
N ALA C 2796 40.80 6.29 -72.94
CA ALA C 2796 40.86 6.63 -71.53
C ALA C 2796 42.20 7.24 -71.12
N VAL C 2797 43.27 6.86 -71.79
CA VAL C 2797 44.60 7.42 -71.61
C VAL C 2797 44.89 8.55 -72.59
N ALA C 2798 44.31 8.54 -73.78
CA ALA C 2798 44.39 9.66 -74.70
C ALA C 2798 43.82 10.94 -74.08
N GLN C 2799 42.86 10.82 -73.16
CA GLN C 2799 42.43 11.93 -72.30
C GLN C 2799 43.57 12.49 -71.42
N ARG C 2800 44.43 11.62 -70.90
CA ARG C 2800 45.35 11.87 -69.78
C ARG C 2800 46.74 12.32 -70.24
N ASP C 2801 47.21 11.81 -71.37
CA ASP C 2801 48.35 12.27 -72.13
C ASP C 2801 47.85 12.91 -73.43
N PRO C 2802 47.66 14.22 -73.42
CA PRO C 2802 47.21 14.93 -74.60
C PRO C 2802 48.27 14.91 -75.69
N ILE C 2803 49.48 14.46 -75.36
CA ILE C 2803 50.62 14.55 -76.23
C ILE C 2803 50.44 13.52 -77.31
N ILE C 2804 50.08 12.31 -76.93
CA ILE C 2804 49.58 11.34 -77.90
C ILE C 2804 48.32 11.86 -78.56
N ALA C 2805 47.47 12.61 -77.88
CA ALA C 2805 46.27 13.12 -78.50
C ALA C 2805 46.59 14.06 -79.66
N LYS C 2806 47.52 14.97 -79.45
CA LYS C 2806 48.05 15.89 -80.45
C LYS C 2806 48.53 15.11 -81.66
N GLN C 2807 49.41 14.17 -81.39
CA GLN C 2807 50.06 13.33 -82.37
C GLN C 2807 49.04 12.52 -83.13
N LEU C 2808 48.03 12.05 -82.41
CA LEU C 2808 46.98 11.29 -82.99
C LEU C 2808 46.15 12.17 -83.90
N PHE C 2809 45.73 13.33 -83.44
CA PHE C 2809 44.75 14.09 -84.17
C PHE C 2809 45.23 14.45 -85.53
N SER C 2810 46.40 15.05 -85.58
CA SER C 2810 47.03 15.40 -86.82
C SER C 2810 47.08 14.19 -87.74
N SER C 2811 47.44 13.04 -87.22
CA SER C 2811 47.58 11.84 -88.01
C SER C 2811 46.27 11.34 -88.56
N LEU C 2812 45.19 11.46 -87.80
CA LEU C 2812 43.87 11.21 -88.36
C LEU C 2812 43.65 12.21 -89.47
N PHE C 2813 43.71 13.48 -89.11
CA PHE C 2813 43.26 14.62 -89.88
C PHE C 2813 43.92 14.60 -91.24
N SER C 2814 45.24 14.51 -91.23
CA SER C 2814 46.06 14.42 -92.42
C SER C 2814 45.61 13.29 -93.33
N GLY C 2815 45.38 12.11 -92.77
CA GLY C 2815 44.87 10.98 -93.51
C GLY C 2815 43.51 11.30 -94.09
N ILE C 2816 42.62 11.84 -93.26
CA ILE C 2816 41.21 12.03 -93.55
C ILE C 2816 41.01 12.84 -94.82
N LEU C 2817 41.86 13.81 -95.12
CA LEU C 2817 41.77 14.49 -96.40
C LEU C 2817 41.94 13.51 -97.56
N LYS C 2818 42.99 12.70 -97.49
CA LYS C 2818 43.57 12.00 -98.63
C LYS C 2818 42.87 10.70 -99.00
N GLU C 2819 41.58 10.81 -99.23
CA GLU C 2819 40.85 9.93 -100.13
C GLU C 2819 40.66 10.59 -101.51
N MET C 2820 40.40 11.90 -101.53
CA MET C 2820 40.34 12.71 -102.76
C MET C 2820 39.31 12.19 -103.78
N ASP C 2821 39.59 12.32 -105.09
CA ASP C 2821 38.63 12.26 -106.21
C ASP C 2821 37.82 10.96 -106.32
N LYS C 2822 38.31 9.85 -105.76
CA LYS C 2822 37.52 8.61 -105.68
C LYS C 2822 36.30 8.72 -104.78
N PHE C 2823 36.20 9.78 -103.98
CA PHE C 2823 35.01 10.13 -103.19
C PHE C 2823 34.51 11.58 -103.32
N LYS C 2824 35.39 12.59 -103.40
CA LYS C 2824 34.97 14.00 -103.39
C LYS C 2824 35.66 14.84 -104.46
N THR C 2825 34.87 15.62 -105.19
CA THR C 2825 35.29 16.45 -106.34
C THR C 2825 35.90 17.79 -105.93
N LEU C 2826 36.52 18.47 -106.89
CA LEU C 2826 37.24 19.74 -106.73
C LEU C 2826 36.49 20.76 -105.89
N SER C 2827 35.26 21.07 -106.29
CA SER C 2827 34.46 22.12 -105.67
C SER C 2827 34.26 21.82 -104.18
N GLU C 2828 33.79 20.61 -103.87
CA GLU C 2828 33.48 20.19 -102.50
C GLU C 2828 34.68 20.33 -101.58
N LYS C 2829 35.81 19.72 -101.95
CA LYS C 2829 37.05 19.75 -101.18
C LYS C 2829 37.47 21.19 -100.89
N ASN C 2830 37.37 22.05 -101.90
CA ASN C 2830 37.87 23.40 -101.78
C ASN C 2830 36.90 24.30 -100.98
N ASN C 2831 35.59 24.17 -101.16
CA ASN C 2831 34.62 24.91 -100.34
C ASN C 2831 34.83 24.62 -98.84
N ILE C 2832 35.07 23.34 -98.56
CA ILE C 2832 35.40 22.81 -97.25
C ILE C 2832 36.70 23.41 -96.72
N THR C 2833 37.77 23.45 -97.51
CA THR C 2833 39.01 24.07 -97.02
C THR C 2833 38.79 25.51 -96.61
N GLN C 2834 37.83 26.22 -97.20
CA GLN C 2834 37.64 27.61 -96.82
C GLN C 2834 37.08 27.68 -95.40
N LYS C 2835 36.09 26.85 -95.09
CA LYS C 2835 35.54 26.81 -93.74
C LYS C 2835 36.55 26.24 -92.75
N LEU C 2836 37.32 25.23 -93.14
CA LEU C 2836 38.42 24.73 -92.31
C LEU C 2836 39.36 25.86 -91.94
N LEU C 2837 39.92 26.52 -92.94
CA LEU C 2837 40.80 27.66 -92.77
C LEU C 2837 40.15 28.71 -91.86
N GLN C 2838 38.91 29.06 -92.13
CA GLN C 2838 38.22 30.11 -91.41
C GLN C 2838 38.16 29.80 -89.92
N ASP C 2839 37.76 28.59 -89.54
CA ASP C 2839 37.69 28.21 -88.14
C ASP C 2839 39.05 27.82 -87.56
N PHE C 2840 40.00 27.44 -88.40
CA PHE C 2840 41.38 27.40 -87.96
C PHE C 2840 41.81 28.79 -87.52
N ASN C 2841 41.45 29.83 -88.28
CA ASN C 2841 41.64 31.19 -87.79
C ASN C 2841 40.83 31.36 -86.50
N ARG C 2842 39.53 31.02 -86.48
CA ARG C 2842 38.73 31.20 -85.26
C ARG C 2842 39.43 30.62 -84.04
N PHE C 2843 39.99 29.42 -84.08
CA PHE C 2843 40.72 28.87 -82.94
C PHE C 2843 41.74 29.86 -82.41
N LEU C 2844 42.60 30.35 -83.29
CA LEU C 2844 43.75 31.18 -82.94
C LEU C 2844 43.30 32.59 -82.52
N ASN C 2845 42.21 33.07 -83.09
CA ASN C 2845 41.50 34.30 -82.77
C ASN C 2845 40.91 34.28 -81.35
N THR C 2846 40.53 33.10 -80.88
CA THR C 2846 39.72 32.91 -79.68
C THR C 2846 40.52 32.35 -78.52
N THR C 2847 41.50 31.49 -78.75
CA THR C 2847 42.32 30.98 -77.66
C THR C 2847 43.02 32.15 -76.94
N PHE C 2848 42.98 32.17 -75.61
CA PHE C 2848 43.48 33.28 -74.77
C PHE C 2848 44.47 32.86 -73.66
N SER C 2849 44.41 31.57 -73.32
CA SER C 2849 45.33 30.75 -72.57
C SER C 2849 46.56 30.33 -73.38
N PHE C 2850 46.36 30.11 -74.68
CA PHE C 2850 47.33 29.52 -75.61
C PHE C 2850 48.03 28.27 -75.04
N PHE C 2851 47.29 27.21 -74.71
CA PHE C 2851 47.88 26.00 -74.15
C PHE C 2851 48.59 25.19 -75.24
N PRO C 2852 49.94 25.12 -75.27
CA PRO C 2852 50.64 24.92 -76.54
C PRO C 2852 50.35 23.63 -77.29
N PRO C 2853 50.13 22.47 -76.67
CA PRO C 2853 49.80 21.25 -77.39
C PRO C 2853 48.64 21.43 -78.38
N PHE C 2854 47.57 22.14 -78.00
CA PHE C 2854 46.49 22.45 -78.91
C PHE C 2854 46.98 23.31 -80.06
N VAL C 2855 47.56 24.45 -79.71
CA VAL C 2855 47.87 25.51 -80.68
C VAL C 2855 48.84 24.93 -81.71
N SER C 2856 49.91 24.32 -81.21
CA SER C 2856 50.90 23.60 -81.99
C SER C 2856 50.25 22.60 -82.90
N CYS C 2857 49.28 21.84 -82.43
CA CYS C 2857 48.68 20.86 -83.28
C CYS C 2857 47.97 21.47 -84.48
N ILE C 2858 47.21 22.55 -84.30
CA ILE C 2858 46.55 23.25 -85.41
C ILE C 2858 47.61 23.63 -86.45
N GLN C 2859 48.75 24.09 -85.96
CA GLN C 2859 49.84 24.48 -86.82
C GLN C 2859 50.47 23.24 -87.49
N ASP C 2860 50.68 22.16 -86.76
CA ASP C 2860 51.31 20.92 -87.22
C ASP C 2860 50.44 20.22 -88.28
N ILE C 2861 49.13 20.35 -88.13
CA ILE C 2861 48.13 20.03 -89.14
C ILE C 2861 48.30 20.88 -90.38
N SER C 2862 48.50 22.18 -90.19
CA SER C 2862 48.64 23.09 -91.32
C SER C 2862 49.85 22.77 -92.20
N CYS C 2863 50.87 22.04 -91.70
CA CYS C 2863 51.98 21.57 -92.54
C CYS C 2863 51.52 20.69 -93.70
N GLN C 2864 50.47 19.92 -93.47
CA GLN C 2864 50.29 18.68 -94.19
C GLN C 2864 49.71 18.92 -95.57
N HIS C 2865 48.97 20.00 -95.80
CA HIS C 2865 48.27 20.26 -97.06
C HIS C 2865 48.33 21.72 -97.49
N ALA C 2866 48.48 21.96 -98.79
CA ALA C 2866 48.84 23.26 -99.34
C ALA C 2866 47.86 24.38 -98.99
N ALA C 2867 46.56 24.14 -99.14
CA ALA C 2867 45.54 25.16 -98.90
C ALA C 2867 45.55 25.68 -97.46
N LEU C 2868 45.99 24.86 -96.49
CA LEU C 2868 46.00 25.23 -95.07
C LEU C 2868 46.98 26.37 -94.76
N LEU C 2869 47.92 26.60 -95.66
CA LEU C 2869 49.09 27.45 -95.45
C LEU C 2869 48.76 28.94 -95.47
N SER C 2870 47.52 29.30 -95.79
CA SER C 2870 47.11 30.70 -95.89
C SER C 2870 46.57 31.25 -94.59
N LEU C 2871 47.04 30.69 -93.46
CA LEU C 2871 46.73 31.17 -92.12
C LEU C 2871 47.12 32.62 -91.92
N ASP C 2872 46.37 33.32 -91.06
CA ASP C 2872 46.69 34.69 -90.69
C ASP C 2872 48.11 34.76 -90.13
N PRO C 2873 49.03 35.43 -90.83
CA PRO C 2873 50.40 35.47 -90.42
C PRO C 2873 50.57 36.06 -89.03
N ALA C 2874 49.84 37.13 -88.74
CA ALA C 2874 49.86 37.72 -87.43
C ALA C 2874 49.18 36.83 -86.41
N ALA C 2875 48.17 36.04 -86.79
CA ALA C 2875 47.58 35.10 -85.85
C ALA C 2875 48.58 34.00 -85.49
N VAL C 2876 49.33 33.52 -86.48
CA VAL C 2876 50.39 32.56 -86.26
C VAL C 2876 51.40 33.13 -85.28
N SER C 2877 51.89 34.34 -85.51
CA SER C 2877 52.88 34.93 -84.62
C SER C 2877 52.28 35.21 -83.24
N ALA C 2878 51.09 35.78 -83.18
CA ALA C 2878 50.37 36.05 -81.94
C ALA C 2878 50.18 34.78 -81.12
N GLY C 2879 49.85 33.68 -81.78
CA GLY C 2879 49.91 32.37 -81.18
C GLY C 2879 51.30 32.10 -80.66
N CYS C 2880 52.25 31.96 -81.56
CA CYS C 2880 53.56 31.45 -81.25
C CYS C 2880 54.24 32.20 -80.12
N LEU C 2881 54.11 33.52 -80.06
CA LEU C 2881 54.83 34.31 -79.08
C LEU C 2881 54.40 33.96 -77.66
N ALA C 2882 53.09 34.03 -77.39
CA ALA C 2882 52.59 33.66 -76.07
C ALA C 2882 52.83 32.17 -75.82
N SER C 2883 52.75 31.37 -76.87
CA SER C 2883 52.83 29.92 -76.80
C SER C 2883 54.23 29.38 -76.57
N LEU C 2884 55.29 30.18 -76.76
CA LEU C 2884 56.65 29.66 -76.92
C LEU C 2884 56.74 28.66 -78.10
N GLN C 2885 56.05 28.93 -79.20
CA GLN C 2885 55.93 28.04 -80.37
C GLN C 2885 56.50 28.62 -81.65
N GLN C 2886 57.43 29.54 -81.51
CA GLN C 2886 58.19 30.12 -82.59
C GLN C 2886 58.71 29.09 -83.60
N PRO C 2887 59.21 27.90 -83.21
CA PRO C 2887 59.77 26.95 -84.16
C PRO C 2887 58.76 26.55 -85.21
N VAL C 2888 57.62 26.04 -84.76
CA VAL C 2888 56.53 25.69 -85.66
C VAL C 2888 56.01 26.91 -86.40
N GLY C 2889 55.99 28.06 -85.72
CA GLY C 2889 55.67 29.33 -86.37
C GLY C 2889 56.53 29.53 -87.60
N ILE C 2890 57.83 29.37 -87.45
CA ILE C 2890 58.74 29.53 -88.55
C ILE C 2890 58.42 28.52 -89.64
N ARG C 2891 58.32 27.24 -89.28
CA ARG C 2891 58.15 26.18 -90.28
C ARG C 2891 56.94 26.44 -91.15
N LEU C 2892 55.85 26.78 -90.48
CA LEU C 2892 54.62 27.10 -91.17
C LEU C 2892 54.87 28.21 -92.18
N LEU C 2893 55.52 29.26 -91.76
CA LEU C 2893 55.77 30.38 -92.64
C LEU C 2893 56.70 30.01 -93.78
N GLU C 2894 57.72 29.20 -93.53
CA GLU C 2894 58.65 28.84 -94.59
C GLU C 2894 57.99 27.97 -95.64
N GLU C 2895 57.22 26.97 -95.21
CA GLU C 2895 56.45 26.19 -96.15
C GLU C 2895 55.43 27.03 -96.87
N ALA C 2896 54.79 27.98 -96.19
CA ALA C 2896 53.92 28.90 -96.86
C ALA C 2896 54.70 29.63 -97.95
N LEU C 2897 55.81 30.27 -97.60
CA LEU C 2897 56.56 31.06 -98.55
C LEU C 2897 56.98 30.25 -99.77
N LEU C 2898 57.39 29.00 -99.59
CA LEU C 2898 57.77 28.18 -100.74
C LEU C 2898 56.58 27.63 -101.47
N ARG C 2899 55.63 26.99 -100.80
CA ARG C 2899 54.58 26.30 -101.54
C ARG C 2899 53.63 27.30 -102.16
N LEU C 2900 53.52 28.49 -101.60
CA LEU C 2900 52.83 29.62 -102.21
C LEU C 2900 53.75 30.45 -103.13
N LEU C 2901 54.98 30.01 -103.45
CA LEU C 2901 55.93 30.74 -104.30
C LEU C 2901 55.38 31.16 -105.68
N PRO C 2902 54.84 30.24 -106.50
CA PRO C 2902 54.73 30.54 -107.94
C PRO C 2902 53.71 31.63 -108.29
N ALA C 2903 52.69 31.81 -107.44
CA ALA C 2903 51.50 32.61 -107.69
C ALA C 2903 51.82 34.07 -108.10
N LEU C 2916 55.92 39.97 -102.83
CA LEU C 2916 54.52 40.10 -103.22
C LEU C 2916 53.59 40.20 -101.99
N PRO C 2917 52.42 40.87 -102.07
CA PRO C 2917 51.80 41.53 -100.91
C PRO C 2917 51.62 40.71 -99.62
N PRO C 2918 51.04 39.50 -99.62
CA PRO C 2918 50.93 38.76 -98.38
C PRO C 2918 52.29 38.19 -97.98
N ASP C 2919 53.15 37.82 -98.93
CA ASP C 2919 54.51 37.41 -98.65
C ASP C 2919 55.25 38.49 -97.90
N VAL C 2920 55.09 39.74 -98.29
CA VAL C 2920 55.63 40.86 -97.55
C VAL C 2920 55.17 40.84 -96.10
N LEU C 2921 53.88 40.63 -95.84
CA LEU C 2921 53.41 40.52 -94.46
C LEU C 2921 54.09 39.35 -93.76
N ARG C 2922 54.03 38.19 -94.38
CA ARG C 2922 54.59 36.95 -93.85
C ARG C 2922 56.05 37.18 -93.47
N TRP C 2923 56.81 37.83 -94.34
CA TRP C 2923 58.21 38.10 -94.10
C TRP C 2923 58.44 38.87 -92.81
N VAL C 2924 57.62 39.88 -92.53
CA VAL C 2924 57.78 40.65 -91.29
C VAL C 2924 57.53 39.75 -90.08
N GLU C 2925 56.53 38.88 -90.17
CA GLU C 2925 56.21 38.01 -89.07
C GLU C 2925 57.28 36.97 -88.85
N LEU C 2926 57.76 36.38 -89.93
CA LEU C 2926 58.86 35.44 -89.92
C LEU C 2926 60.04 36.08 -89.18
N ALA C 2927 60.37 37.30 -89.56
CA ALA C 2927 61.40 38.04 -88.90
C ALA C 2927 61.08 38.21 -87.42
N LYS C 2928 59.87 38.61 -87.04
CA LYS C 2928 59.55 38.83 -85.63
C LYS C 2928 59.73 37.58 -84.78
N LEU C 2929 59.36 36.42 -85.31
CA LEU C 2929 59.64 35.18 -84.61
C LEU C 2929 61.12 35.05 -84.34
N TYR C 2930 61.95 35.14 -85.37
CA TYR C 2930 63.39 35.03 -85.19
C TYR C 2930 63.90 36.03 -84.18
N ARG C 2931 63.39 37.25 -84.21
CA ARG C 2931 63.80 38.29 -83.28
C ARG C 2931 63.61 37.84 -81.85
N SER C 2932 62.49 37.22 -81.54
CA SER C 2932 62.22 36.76 -80.19
C SER C 2932 63.09 35.59 -79.73
N ILE C 2933 63.86 34.93 -80.61
CA ILE C 2933 64.78 33.83 -80.25
C ILE C 2933 66.27 34.09 -80.52
N GLY C 2934 66.62 35.28 -81.01
CA GLY C 2934 67.98 35.82 -80.96
C GLY C 2934 68.84 35.55 -82.20
N GLU C 2935 68.25 35.19 -83.33
CA GLU C 2935 68.97 34.70 -84.50
C GLU C 2935 69.13 35.78 -85.59
N TYR C 2936 69.42 37.01 -85.18
CA TYR C 2936 69.32 38.21 -86.02
C TYR C 2936 70.03 38.08 -87.36
N ASP C 2937 71.06 37.28 -87.44
CA ASP C 2937 71.79 36.98 -88.65
C ASP C 2937 70.87 36.56 -89.81
N VAL C 2938 69.84 35.77 -89.51
CA VAL C 2938 68.82 35.39 -90.49
C VAL C 2938 68.08 36.62 -90.97
N LEU C 2939 67.74 37.50 -90.04
CA LEU C 2939 66.99 38.71 -90.28
C LEU C 2939 67.73 39.61 -91.26
N ARG C 2940 69.05 39.71 -91.06
CA ARG C 2940 69.91 40.41 -92.00
C ARG C 2940 69.69 39.82 -93.38
N GLY C 2941 69.76 38.50 -93.52
CA GLY C 2941 69.48 37.81 -94.78
C GLY C 2941 68.11 38.16 -95.39
N ILE C 2942 67.07 38.17 -94.57
CA ILE C 2942 65.73 38.54 -95.04
C ILE C 2942 65.75 39.94 -95.65
N PHE C 2943 66.28 40.90 -94.90
CA PHE C 2943 66.18 42.27 -95.31
C PHE C 2943 67.12 42.59 -96.43
N THR C 2944 68.39 42.31 -96.25
CA THR C 2944 69.43 42.58 -97.25
C THR C 2944 69.06 42.11 -98.65
N SER C 2945 68.38 40.98 -98.74
CA SER C 2945 68.32 40.22 -99.97
C SER C 2945 66.90 39.96 -100.41
N GLU C 2946 65.91 40.48 -99.69
CA GLU C 2946 64.55 40.47 -100.18
C GLU C 2946 63.72 41.68 -99.74
N ILE C 2947 63.76 42.05 -98.45
CA ILE C 2947 62.75 42.98 -97.93
C ILE C 2947 63.20 44.44 -98.00
N GLY C 2948 64.43 44.75 -97.60
CA GLY C 2948 65.12 45.93 -98.08
C GLY C 2948 65.16 45.96 -99.61
N THR C 2949 65.00 47.15 -100.18
CA THR C 2949 65.17 47.43 -101.62
C THR C 2949 66.28 48.44 -101.91
N LYS C 2950 66.48 49.40 -101.01
CA LYS C 2950 67.32 50.57 -101.25
C LYS C 2950 68.78 50.30 -100.92
N GLN C 2951 69.67 51.03 -101.59
CA GLN C 2951 71.10 50.95 -101.35
C GLN C 2951 71.45 51.22 -99.88
N ILE C 2952 70.77 52.21 -99.30
CA ILE C 2952 70.95 52.66 -97.91
C ILE C 2952 70.79 51.52 -96.90
N THR C 2953 69.84 50.62 -97.17
CA THR C 2953 69.46 49.54 -96.26
C THR C 2953 70.60 48.59 -96.02
N GLN C 2954 71.13 47.98 -97.09
CA GLN C 2954 72.35 47.18 -96.95
C GLN C 2954 73.43 48.01 -96.28
N SER C 2955 73.65 49.24 -96.73
CA SER C 2955 74.81 50.01 -96.31
C SER C 2955 74.82 50.27 -94.81
N ALA C 2956 73.64 50.45 -94.22
CA ALA C 2956 73.51 50.61 -92.79
C ALA C 2956 73.85 49.29 -92.09
N LEU C 2957 73.18 48.20 -92.52
CA LEU C 2957 73.40 46.88 -91.97
C LEU C 2957 74.86 46.47 -92.03
N LEU C 2958 75.56 46.90 -93.06
CA LEU C 2958 76.93 46.55 -93.30
C LEU C 2958 77.82 47.10 -92.18
N ALA C 2959 77.78 48.40 -91.94
CA ALA C 2959 78.55 49.00 -90.85
C ALA C 2959 78.09 48.48 -89.49
N GLU C 2960 76.79 48.25 -89.35
CA GLU C 2960 76.22 47.65 -88.17
C GLU C 2960 76.74 46.24 -87.94
N ALA C 2961 76.84 45.45 -88.99
CA ALA C 2961 77.39 44.11 -88.92
C ALA C 2961 78.85 44.18 -88.52
N ARG C 2962 79.61 45.15 -89.04
CA ARG C 2962 80.97 45.45 -88.57
C ARG C 2962 81.01 46.02 -87.16
N SER C 2963 79.87 46.10 -86.48
CA SER C 2963 79.71 46.63 -85.15
C SER C 2963 80.17 48.08 -85.05
N ASP C 2964 79.69 48.90 -85.98
CA ASP C 2964 79.64 50.35 -85.77
C ASP C 2964 78.25 50.87 -86.12
N TYR C 2965 77.42 50.86 -85.10
CA TYR C 2965 76.06 51.39 -85.12
C TYR C 2965 75.98 52.88 -85.42
N SER C 2966 77.05 53.66 -85.28
CA SER C 2966 76.95 55.11 -85.30
C SER C 2966 76.51 55.61 -86.67
N GLU C 2967 77.32 55.40 -87.71
CA GLU C 2967 76.89 55.80 -89.03
C GLU C 2967 75.67 55.02 -89.46
N ALA C 2968 75.51 53.75 -89.06
CA ALA C 2968 74.33 52.99 -89.40
C ALA C 2968 73.05 53.68 -88.89
N ALA C 2969 73.06 54.13 -87.63
CA ALA C 2969 71.96 54.89 -87.04
C ALA C 2969 71.65 56.11 -87.90
N LYS C 2970 72.68 56.87 -88.25
CA LYS C 2970 72.51 58.06 -89.06
C LYS C 2970 72.03 57.70 -90.46
N GLN C 2971 72.49 56.61 -91.07
CA GLN C 2971 71.99 56.17 -92.37
C GLN C 2971 70.51 55.83 -92.29
N TYR C 2972 70.05 55.20 -91.20
CA TYR C 2972 68.61 54.99 -91.01
C TYR C 2972 67.89 56.31 -90.82
N ASP C 2973 68.40 57.21 -89.98
CA ASP C 2973 67.77 58.51 -89.72
C ASP C 2973 67.62 59.32 -91.03
N GLU C 2974 68.69 59.38 -91.79
CA GLU C 2974 68.78 59.95 -93.12
C GLU C 2974 67.72 59.36 -94.05
N ALA C 2975 67.56 58.05 -94.07
CA ALA C 2975 66.50 57.41 -94.82
C ALA C 2975 65.11 57.78 -94.29
N LEU C 2976 64.91 57.74 -92.97
CA LEU C 2976 63.62 58.00 -92.34
C LEU C 2976 63.12 59.40 -92.64
N ASN C 2977 64.01 60.38 -92.59
CA ASN C 2977 63.67 61.78 -92.80
C ASN C 2977 63.90 62.24 -94.24
N LYS C 2978 64.45 61.41 -95.13
CA LYS C 2978 64.38 61.63 -96.58
C LYS C 2978 62.94 61.51 -97.06
N GLN C 2979 62.39 62.60 -97.59
CA GLN C 2979 61.02 62.62 -98.06
C GLN C 2979 60.90 62.37 -99.57
N ASP C 2980 62.01 62.09 -100.27
CA ASP C 2980 62.01 62.03 -101.74
C ASP C 2980 63.02 61.00 -102.30
N TRP C 2981 62.65 60.35 -103.40
CA TRP C 2981 63.22 59.08 -103.84
C TRP C 2981 63.04 58.89 -105.36
N VAL C 2982 63.81 57.99 -105.97
CA VAL C 2982 63.68 57.65 -107.40
C VAL C 2982 62.40 56.86 -107.77
N ASP C 2983 61.53 56.61 -106.79
CA ASP C 2983 60.18 56.05 -106.96
C ASP C 2983 59.15 56.68 -106.00
N GLY C 2984 59.55 57.60 -105.12
CA GLY C 2984 58.77 58.09 -103.99
C GLY C 2984 58.30 57.02 -103.00
N GLU C 2985 58.76 55.77 -103.09
CA GLU C 2985 58.09 54.58 -102.53
C GLU C 2985 59.03 53.46 -102.02
N PRO C 2986 59.97 53.75 -101.09
CA PRO C 2986 60.40 52.70 -100.17
C PRO C 2986 59.15 52.21 -99.41
N THR C 2987 58.99 50.90 -99.30
CA THR C 2987 57.71 50.29 -98.90
C THR C 2987 57.34 50.59 -97.46
N GLU C 2988 56.06 50.44 -97.17
CA GLU C 2988 55.54 50.57 -95.81
C GLU C 2988 56.35 49.70 -94.84
N ALA C 2989 56.71 48.49 -95.26
CA ALA C 2989 57.53 47.57 -94.50
C ALA C 2989 59.00 47.99 -94.35
N GLU C 2990 59.69 48.43 -95.41
CA GLU C 2990 61.09 48.82 -95.29
C GLU C 2990 61.23 49.98 -94.32
N LYS C 2991 60.27 50.89 -94.39
CA LYS C 2991 60.13 51.95 -93.40
C LYS C 2991 59.90 51.34 -92.02
N ASP C 2992 58.93 50.44 -91.85
CA ASP C 2992 58.71 49.80 -90.55
C ASP C 2992 59.99 49.17 -90.00
N PHE C 2993 60.78 48.59 -90.88
CA PHE C 2993 62.03 47.98 -90.52
C PHE C 2993 63.03 49.03 -90.02
N TRP C 2994 63.30 50.09 -90.77
CA TRP C 2994 64.19 51.17 -90.34
C TRP C 2994 63.76 51.74 -89.00
N GLU C 2995 62.46 51.97 -88.86
CA GLU C 2995 61.84 52.53 -87.68
C GLU C 2995 62.14 51.70 -86.43
N LEU C 2996 62.38 50.41 -86.59
CA LEU C 2996 62.89 49.57 -85.51
C LEU C 2996 64.41 49.56 -85.49
N ALA C 2997 65.03 49.38 -86.65
CA ALA C 2997 66.45 49.11 -86.78
C ALA C 2997 67.28 50.16 -86.07
N SER C 2998 66.98 51.40 -86.42
CA SER C 2998 67.53 52.60 -85.82
C SER C 2998 67.53 52.55 -84.28
N LEU C 2999 66.53 51.94 -83.63
CA LEU C 2999 66.41 51.91 -82.19
C LEU C 2999 67.53 51.11 -81.54
N ASP C 3000 67.80 49.92 -82.07
CA ASP C 3000 68.80 49.05 -81.48
C ASP C 3000 70.15 49.72 -81.53
N CYS C 3001 70.42 50.42 -82.62
CA CYS C 3001 71.65 51.16 -82.80
C CYS C 3001 71.88 52.03 -81.59
N TYR C 3002 70.91 52.88 -81.28
CA TYR C 3002 70.99 53.74 -80.14
C TYR C 3002 71.12 52.95 -78.85
N ASN C 3003 70.40 51.83 -78.74
CA ASN C 3003 70.45 51.03 -77.53
C ASN C 3003 71.87 50.55 -77.25
N HIS C 3004 72.57 50.01 -78.25
CA HIS C 3004 73.97 49.66 -78.08
C HIS C 3004 74.86 50.88 -77.88
N LEU C 3005 74.64 51.93 -78.66
CA LEU C 3005 75.38 53.18 -78.52
C LEU C 3005 75.10 53.89 -77.19
N ALA C 3006 74.27 53.34 -76.32
CA ALA C 3006 73.85 53.98 -75.08
C ALA C 3006 73.24 55.37 -75.31
N GLU C 3007 72.70 55.59 -76.50
CA GLU C 3007 72.26 56.89 -76.97
C GLU C 3007 70.85 57.25 -76.45
N TRP C 3008 70.71 57.28 -75.13
CA TRP C 3008 69.41 57.27 -74.47
C TRP C 3008 68.52 58.46 -74.79
N LYS C 3009 69.10 59.65 -75.02
CA LYS C 3009 68.33 60.85 -75.30
C LYS C 3009 67.62 60.74 -76.63
N SER C 3010 68.35 60.42 -77.70
CA SER C 3010 67.68 60.10 -78.96
C SER C 3010 66.79 58.91 -78.79
N LEU C 3011 67.09 57.97 -77.90
CA LEU C 3011 66.28 56.78 -77.75
C LEU C 3011 64.89 57.10 -77.19
N GLU C 3012 64.79 57.80 -76.07
CA GLU C 3012 63.46 58.20 -75.58
C GLU C 3012 62.76 59.05 -76.64
N TYR C 3013 63.49 59.98 -77.27
CA TYR C 3013 62.94 60.84 -78.29
C TYR C 3013 62.39 60.03 -79.45
N CYS C 3014 63.15 59.17 -80.09
CA CYS C 3014 62.69 58.39 -81.22
C CYS C 3014 61.67 57.33 -80.83
N SER C 3015 61.78 56.77 -79.63
CA SER C 3015 60.79 55.80 -79.14
C SER C 3015 59.41 56.42 -79.02
N THR C 3016 59.35 57.75 -78.88
CA THR C 3016 58.10 58.49 -78.76
C THR C 3016 57.79 59.40 -79.94
N ALA C 3017 58.77 59.89 -80.71
CA ALA C 3017 58.52 60.91 -81.73
C ALA C 3017 57.48 60.48 -82.78
N SER C 3018 57.55 59.25 -83.24
CA SER C 3018 56.55 58.70 -84.18
C SER C 3018 55.21 58.34 -83.53
N ILE C 3019 55.06 58.51 -82.22
CA ILE C 3019 53.77 58.39 -81.55
C ILE C 3019 53.00 59.68 -81.77
N ASP C 3020 52.25 59.70 -82.88
CA ASP C 3020 51.02 60.46 -83.09
C ASP C 3020 51.02 61.93 -82.63
N SER C 3021 52.08 62.68 -82.93
CA SER C 3021 52.25 64.11 -82.61
C SER C 3021 52.18 64.43 -81.11
N GLU C 3022 52.53 63.49 -80.24
CA GLU C 3022 52.66 63.73 -78.79
C GLU C 3022 53.95 64.48 -78.46
N ASN C 3023 54.16 65.62 -79.12
CA ASN C 3023 55.15 66.64 -78.78
C ASN C 3023 54.83 67.23 -77.39
N PRO C 3024 53.55 67.54 -77.08
CA PRO C 3024 53.10 67.50 -75.70
C PRO C 3024 53.10 66.01 -75.30
N PRO C 3025 53.94 65.58 -74.35
CA PRO C 3025 54.33 64.18 -74.25
C PRO C 3025 53.27 63.32 -73.58
N ASP C 3026 52.22 62.87 -74.28
CA ASP C 3026 51.47 61.74 -73.73
C ASP C 3026 52.32 60.47 -73.78
N LEU C 3027 52.39 59.90 -72.60
CA LEU C 3027 53.05 58.68 -72.18
C LEU C 3027 52.17 57.43 -72.46
N ASN C 3028 50.85 57.57 -72.37
CA ASN C 3028 49.89 56.47 -72.26
C ASN C 3028 49.31 55.96 -73.59
N LYS C 3029 49.48 56.67 -74.71
CA LYS C 3029 49.00 56.25 -76.05
C LYS C 3029 49.36 54.80 -76.43
N ILE C 3030 50.44 54.28 -75.86
CA ILE C 3030 50.92 52.89 -75.98
C ILE C 3030 49.80 51.87 -75.83
N TRP C 3031 48.92 52.08 -74.86
CA TRP C 3031 47.81 51.20 -74.57
C TRP C 3031 46.84 51.04 -75.75
N SER C 3032 46.90 51.90 -76.77
CA SER C 3032 46.09 51.80 -77.99
C SER C 3032 46.45 50.63 -78.89
N GLU C 3033 47.64 50.05 -78.76
CA GLU C 3033 48.06 48.99 -79.69
C GLU C 3033 49.07 48.07 -79.02
N PRO C 3034 48.83 46.75 -78.96
CA PRO C 3034 49.86 45.80 -78.57
C PRO C 3034 51.11 45.92 -79.45
N PHE C 3035 50.99 46.29 -80.72
CA PHE C 3035 52.14 46.63 -81.55
C PHE C 3035 53.03 47.67 -80.85
N TYR C 3036 52.44 48.73 -80.29
CA TYR C 3036 53.20 49.76 -79.62
C TYR C 3036 53.74 49.28 -78.27
N GLN C 3037 52.90 48.58 -77.50
CA GLN C 3037 53.25 48.02 -76.19
C GLN C 3037 54.43 47.06 -76.30
N GLU C 3038 54.47 46.26 -77.34
CA GLU C 3038 55.64 45.47 -77.64
C GLU C 3038 56.81 46.35 -78.04
N THR C 3039 56.59 47.17 -79.05
CA THR C 3039 57.69 47.76 -79.80
C THR C 3039 58.46 48.78 -78.96
N TYR C 3040 57.82 49.87 -78.56
CA TYR C 3040 58.57 51.04 -78.13
C TYR C 3040 58.85 51.04 -76.64
N LEU C 3041 57.92 50.44 -75.90
CA LEU C 3041 57.87 50.42 -74.47
C LEU C 3041 59.19 50.00 -73.80
N PRO C 3042 59.86 48.91 -74.24
CA PRO C 3042 61.02 48.42 -73.52
C PRO C 3042 62.12 49.47 -73.53
N TYR C 3043 62.44 49.95 -74.72
CA TYR C 3043 63.43 51.00 -74.92
C TYR C 3043 63.08 52.23 -74.10
N MET C 3044 61.81 52.61 -74.07
CA MET C 3044 61.44 53.81 -73.38
C MET C 3044 61.71 53.66 -71.89
N ILE C 3045 61.29 52.54 -71.29
CA ILE C 3045 61.52 52.27 -69.87
C ILE C 3045 63.01 52.35 -69.62
N ARG C 3046 63.74 51.61 -70.44
CA ARG C 3046 65.18 51.49 -70.37
C ARG C 3046 65.80 52.88 -70.36
N SER C 3047 65.56 53.65 -71.40
CA SER C 3047 66.20 54.93 -71.61
C SER C 3047 65.91 55.87 -70.46
N LYS C 3048 64.64 56.03 -70.11
CA LYS C 3048 64.26 56.89 -69.00
C LYS C 3048 64.97 56.45 -67.74
N LEU C 3049 65.02 55.16 -67.50
CA LEU C 3049 65.63 54.68 -66.29
C LEU C 3049 67.14 54.90 -66.31
N LYS C 3050 67.82 54.70 -67.45
CA LYS C 3050 69.27 54.94 -67.54
C LYS C 3050 69.57 56.40 -67.25
N LEU C 3051 68.78 57.29 -67.84
CA LEU C 3051 68.90 58.71 -67.60
C LEU C 3051 68.67 59.01 -66.11
N LEU C 3052 67.63 58.46 -65.50
CA LEU C 3052 67.42 58.60 -64.06
C LEU C 3052 68.59 58.08 -63.23
N LEU C 3053 69.23 57.00 -63.66
CA LEU C 3053 70.35 56.40 -62.96
C LEU C 3053 71.67 57.12 -63.21
N GLN C 3054 71.79 57.80 -64.35
CA GLN C 3054 72.78 58.84 -64.61
C GLN C 3054 72.49 60.13 -63.85
N GLY C 3055 71.54 60.09 -62.92
CA GLY C 3055 71.19 61.19 -62.04
C GLY C 3055 70.33 62.25 -62.72
N GLU C 3056 69.74 61.98 -63.89
CA GLU C 3056 68.80 62.96 -64.42
C GLU C 3056 67.55 63.01 -63.54
N ALA C 3057 66.69 64.00 -63.83
CA ALA C 3057 65.45 64.19 -63.07
C ALA C 3057 64.32 64.37 -64.07
N ASP C 3058 63.37 63.43 -64.05
CA ASP C 3058 62.02 63.57 -64.57
C ASP C 3058 61.13 62.44 -64.01
N GLN C 3059 60.29 62.74 -63.03
CA GLN C 3059 59.35 61.79 -62.46
C GLN C 3059 58.28 61.30 -63.44
N SER C 3060 58.28 61.71 -64.71
CA SER C 3060 57.30 61.25 -65.71
C SER C 3060 57.24 59.73 -65.85
N LEU C 3061 58.33 59.01 -65.59
CA LEU C 3061 58.27 57.56 -65.58
C LEU C 3061 57.46 57.04 -64.40
N LEU C 3062 57.82 57.39 -63.17
CA LEU C 3062 57.06 56.99 -61.98
C LEU C 3062 55.62 57.45 -62.10
N THR C 3063 55.40 58.61 -62.70
CA THR C 3063 54.07 59.12 -63.04
C THR C 3063 53.34 58.12 -63.92
N PHE C 3064 53.88 57.84 -65.09
CA PHE C 3064 53.29 56.91 -66.04
C PHE C 3064 53.11 55.50 -65.44
N ILE C 3065 54.07 55.04 -64.65
CA ILE C 3065 54.03 53.76 -63.96
C ILE C 3065 52.95 53.75 -62.90
N ASP C 3066 52.85 54.77 -62.08
CA ASP C 3066 51.83 54.81 -61.05
C ASP C 3066 50.44 54.93 -61.69
N LYS C 3067 50.31 55.69 -62.78
CA LYS C 3067 49.12 55.69 -63.63
C LYS C 3067 48.82 54.28 -64.17
N ALA C 3068 49.84 53.52 -64.54
CA ALA C 3068 49.70 52.16 -65.01
C ALA C 3068 49.28 51.20 -63.87
N MET C 3069 49.87 51.34 -62.68
CA MET C 3069 49.56 50.57 -61.48
C MET C 3069 48.08 50.61 -61.08
N HIS C 3070 47.38 51.67 -61.44
CA HIS C 3070 45.94 51.77 -61.23
C HIS C 3070 45.17 50.71 -62.02
N GLY C 3071 45.67 50.34 -63.20
CA GLY C 3071 45.10 49.32 -64.07
C GLY C 3071 45.46 47.88 -63.69
N GLU C 3072 44.85 46.93 -64.38
CA GLU C 3072 45.13 45.51 -64.17
C GLU C 3072 46.33 45.06 -65.02
N LEU C 3073 46.21 45.00 -66.35
CA LEU C 3073 47.34 44.64 -67.22
C LEU C 3073 48.48 45.61 -66.98
N GLN C 3074 48.13 46.90 -66.89
CA GLN C 3074 49.03 48.00 -66.58
C GLN C 3074 49.62 47.96 -65.16
N LYS C 3075 49.24 46.99 -64.31
CA LYS C 3075 50.08 46.47 -63.24
C LYS C 3075 50.76 45.16 -63.67
N ALA C 3076 49.98 44.13 -63.95
CA ALA C 3076 50.42 42.75 -64.05
C ALA C 3076 51.57 42.51 -65.02
N ILE C 3077 51.55 43.08 -66.23
CA ILE C 3077 52.61 42.83 -67.21
C ILE C 3077 53.93 43.46 -66.80
N LEU C 3078 53.88 44.51 -65.98
CA LEU C 3078 55.04 45.13 -65.38
C LEU C 3078 55.61 44.26 -64.27
N GLU C 3079 54.76 43.79 -63.36
CA GLU C 3079 55.14 42.86 -62.30
C GLU C 3079 55.78 41.60 -62.85
N LEU C 3080 55.35 41.15 -64.03
CA LEU C 3080 55.97 40.05 -64.77
C LEU C 3080 57.28 40.45 -65.44
N HIS C 3081 57.21 41.29 -66.47
CA HIS C 3081 58.31 41.44 -67.42
C HIS C 3081 59.33 42.48 -67.02
N TYR C 3082 59.01 43.33 -66.06
CA TYR C 3082 59.83 44.48 -65.72
C TYR C 3082 60.04 44.61 -64.21
N SER C 3083 59.93 43.50 -63.48
CA SER C 3083 60.02 43.56 -62.02
C SER C 3083 61.39 44.02 -61.57
N GLN C 3084 62.40 43.81 -62.39
CA GLN C 3084 63.70 44.40 -62.22
C GLN C 3084 63.57 45.93 -62.13
N GLU C 3085 63.01 46.52 -63.16
CA GLU C 3085 62.90 47.95 -63.26
C GLU C 3085 61.98 48.47 -62.16
N LEU C 3086 60.85 47.80 -61.90
CA LEU C 3086 59.97 48.16 -60.79
C LEU C 3086 60.73 48.17 -59.47
N SER C 3087 61.54 47.16 -59.22
CA SER C 3087 62.33 47.12 -58.01
C SER C 3087 63.27 48.31 -57.96
N LEU C 3088 64.00 48.56 -59.04
CA LEU C 3088 64.96 49.65 -59.10
C LEU C 3088 64.31 51.00 -58.86
N LEU C 3089 63.13 51.20 -59.40
CA LEU C 3089 62.37 52.42 -59.17
C LEU C 3089 61.95 52.53 -57.70
N TYR C 3090 61.60 51.45 -57.03
CA TYR C 3090 61.38 51.53 -55.59
C TYR C 3090 62.66 51.88 -54.82
N LEU C 3091 63.82 51.34 -55.19
CA LEU C 3091 65.10 51.78 -54.60
C LEU C 3091 65.40 53.24 -54.92
N LEU C 3092 65.05 53.68 -56.12
CA LEU C 3092 65.18 55.06 -56.54
C LEU C 3092 64.35 55.97 -55.62
N GLN C 3093 63.20 55.47 -55.14
CA GLN C 3093 62.36 56.10 -54.12
C GLN C 3093 62.68 55.63 -52.68
N ASP C 3094 63.90 55.15 -52.41
CA ASP C 3094 64.42 54.73 -51.09
C ASP C 3094 63.67 53.56 -50.40
N ASP C 3095 62.82 52.85 -51.14
CA ASP C 3095 61.96 51.78 -50.63
C ASP C 3095 62.62 50.40 -50.70
N VAL C 3096 63.02 49.89 -49.54
CA VAL C 3096 63.58 48.53 -49.38
C VAL C 3096 62.53 47.47 -49.64
N ASP C 3097 61.41 47.48 -48.93
CA ASP C 3097 60.39 46.43 -49.00
C ASP C 3097 59.91 46.17 -50.42
N ARG C 3098 59.43 47.21 -51.11
CA ARG C 3098 58.76 47.00 -52.39
C ARG C 3098 59.77 46.69 -53.47
N ALA C 3099 60.98 47.25 -53.39
CA ALA C 3099 62.06 46.77 -54.20
C ALA C 3099 62.40 45.30 -53.91
N LYS C 3100 62.45 44.92 -52.63
CA LYS C 3100 62.72 43.56 -52.15
C LYS C 3100 61.65 42.60 -52.64
N TYR C 3101 60.39 43.02 -52.67
CA TYR C 3101 59.36 42.25 -53.32
C TYR C 3101 59.62 42.12 -54.82
N TYR C 3102 59.71 43.22 -55.57
CA TYR C 3102 59.77 43.10 -57.03
C TYR C 3102 60.99 42.34 -57.51
N ILE C 3103 62.09 42.39 -56.75
CA ILE C 3103 63.23 41.53 -57.04
C ILE C 3103 63.00 40.09 -56.61
N GLN C 3104 62.43 39.82 -55.43
CA GLN C 3104 62.06 38.48 -55.01
C GLN C 3104 61.21 37.80 -56.06
N ASN C 3105 60.22 38.52 -56.57
CA ASN C 3105 59.41 38.13 -57.70
C ASN C 3105 60.27 37.89 -58.95
N GLY C 3106 61.13 38.85 -59.30
CA GLY C 3106 61.96 38.75 -60.49
C GLY C 3106 62.71 37.42 -60.59
N ILE C 3107 63.27 36.95 -59.48
CA ILE C 3107 63.92 35.64 -59.40
C ILE C 3107 62.98 34.54 -59.92
N GLN C 3108 61.78 34.47 -59.37
CA GLN C 3108 60.80 33.46 -59.73
C GLN C 3108 60.39 33.61 -61.19
N SER C 3109 60.22 34.86 -61.62
CA SER C 3109 59.83 35.16 -62.97
C SER C 3109 60.88 34.57 -63.90
N PHE C 3110 62.15 34.87 -63.68
CA PHE C 3110 63.22 34.31 -64.49
C PHE C 3110 63.15 32.80 -64.52
N MET C 3111 63.03 32.16 -63.37
CA MET C 3111 63.08 30.69 -63.29
C MET C 3111 62.06 30.08 -64.22
N GLN C 3112 60.85 30.59 -64.21
CA GLN C 3112 59.83 30.11 -65.11
C GLN C 3112 60.13 30.54 -66.55
N ASN C 3113 60.53 31.78 -66.76
CA ASN C 3113 60.86 32.27 -68.10
C ASN C 3113 61.84 31.32 -68.75
N TYR C 3114 63.01 31.19 -68.16
CA TYR C 3114 64.04 30.29 -68.64
C TYR C 3114 63.54 28.86 -68.70
N SER C 3115 62.95 28.33 -67.64
CA SER C 3115 62.64 26.91 -67.57
C SER C 3115 61.59 26.51 -68.60
N SER C 3116 60.83 27.47 -69.14
CA SER C 3116 59.91 27.21 -70.24
C SER C 3116 60.55 27.23 -71.64
N ILE C 3117 61.68 27.89 -71.85
CA ILE C 3117 62.40 27.91 -73.10
C ILE C 3117 62.89 26.51 -73.43
N ASP C 3118 62.76 26.13 -74.70
CA ASP C 3118 63.18 24.81 -75.13
C ASP C 3118 64.69 24.65 -74.98
N VAL C 3119 65.12 23.39 -74.80
CA VAL C 3119 66.54 23.11 -74.58
C VAL C 3119 67.34 23.38 -75.83
N LEU C 3120 66.71 23.17 -76.99
CA LEU C 3120 67.27 23.42 -78.32
C LEU C 3120 67.32 24.91 -78.71
N LEU C 3121 66.70 25.80 -77.94
CA LEU C 3121 66.75 27.25 -78.15
C LEU C 3121 67.96 27.88 -77.47
N HIS C 3122 69.12 27.27 -77.64
CA HIS C 3122 70.34 27.60 -76.91
C HIS C 3122 70.65 29.09 -76.93
N GLN C 3123 70.51 29.70 -78.10
CA GLN C 3123 70.70 31.13 -78.26
C GLN C 3123 69.85 31.92 -77.28
N SER C 3124 68.56 31.65 -77.23
CA SER C 3124 67.66 32.41 -76.38
C SER C 3124 67.86 32.07 -74.90
N ARG C 3125 68.07 30.78 -74.57
CA ARG C 3125 68.39 30.32 -73.21
C ARG C 3125 69.54 31.15 -72.64
N LEU C 3126 70.62 31.17 -73.39
CA LEU C 3126 71.79 31.97 -73.14
C LEU C 3126 71.41 33.43 -72.98
N THR C 3127 70.70 33.99 -73.95
CA THR C 3127 70.35 35.41 -73.98
C THR C 3127 69.59 35.86 -72.74
N LYS C 3128 68.81 34.96 -72.13
CA LYS C 3128 68.08 35.27 -70.91
C LYS C 3128 68.99 35.45 -69.71
N LEU C 3129 70.10 34.74 -69.74
CA LEU C 3129 70.74 34.32 -68.53
C LEU C 3129 71.57 35.35 -67.80
N GLN C 3130 72.24 36.24 -68.53
CA GLN C 3130 73.23 37.14 -67.97
C GLN C 3130 72.62 38.08 -66.94
N SER C 3131 71.38 38.49 -67.19
CA SER C 3131 70.57 39.34 -66.33
C SER C 3131 70.62 38.92 -64.87
N VAL C 3132 70.75 37.62 -64.61
CA VAL C 3132 70.93 37.04 -63.28
C VAL C 3132 71.89 37.84 -62.43
N GLN C 3133 73.01 38.25 -63.00
CA GLN C 3133 74.00 38.98 -62.23
C GLN C 3133 73.40 40.26 -61.71
N ALA C 3134 72.72 41.02 -62.55
CA ALA C 3134 72.11 42.26 -62.14
C ALA C 3134 71.15 42.00 -60.98
N LEU C 3135 70.30 40.99 -61.13
CA LEU C 3135 69.33 40.70 -60.09
C LEU C 3135 70.01 40.32 -58.79
N THR C 3136 71.06 39.54 -58.88
CA THR C 3136 71.82 39.14 -57.71
C THR C 3136 72.49 40.34 -57.05
N GLU C 3137 73.06 41.25 -57.83
CA GLU C 3137 73.73 42.41 -57.28
C GLU C 3137 72.74 43.33 -56.62
N ILE C 3138 71.59 43.50 -57.23
CA ILE C 3138 70.49 44.19 -56.59
C ILE C 3138 70.21 43.51 -55.25
N GLN C 3139 70.12 42.18 -55.22
CA GLN C 3139 69.84 41.42 -54.02
C GLN C 3139 70.90 41.61 -52.92
N GLU C 3140 72.17 41.48 -53.27
CA GLU C 3140 73.28 41.69 -52.37
C GLU C 3140 73.27 43.11 -51.83
N PHE C 3141 73.09 44.09 -52.71
CA PHE C 3141 73.11 45.49 -52.36
C PHE C 3141 71.99 45.83 -51.40
N ILE C 3142 70.77 45.40 -51.72
CA ILE C 3142 69.61 45.45 -50.85
C ILE C 3142 69.97 44.89 -49.48
N SER C 3143 70.60 43.73 -49.45
CA SER C 3143 70.93 43.09 -48.18
C SER C 3143 71.92 43.94 -47.39
N PHE C 3144 72.98 44.38 -48.04
CA PHE C 3144 74.05 45.16 -47.46
C PHE C 3144 73.51 46.45 -46.86
N ILE C 3145 72.69 47.18 -47.61
CA ILE C 3145 72.11 48.43 -47.12
C ILE C 3145 70.95 48.17 -46.12
N SER C 3146 70.30 47.00 -46.15
CA SER C 3146 69.23 46.65 -45.20
C SER C 3146 69.74 46.43 -43.78
N LYS C 3147 71.02 46.11 -43.65
CA LYS C 3147 71.67 45.75 -42.40
C LYS C 3147 72.44 46.96 -41.90
N GLN C 3148 72.16 47.44 -40.69
CA GLN C 3148 72.70 48.71 -40.21
C GLN C 3148 74.22 48.67 -39.93
N GLY C 3149 74.80 47.49 -39.59
CA GLY C 3149 76.22 47.35 -39.27
C GLY C 3149 77.14 47.70 -40.41
N ASN C 3150 76.62 47.81 -41.63
CA ASN C 3150 77.47 48.12 -42.78
C ASN C 3150 77.74 49.60 -42.91
N LEU C 3151 76.90 50.45 -42.33
CA LEU C 3151 77.05 51.89 -42.43
C LEU C 3151 77.93 52.47 -41.33
N SER C 3152 78.32 51.65 -40.34
CA SER C 3152 79.17 52.15 -39.25
C SER C 3152 80.64 52.17 -39.66
N SER C 3153 81.20 51.03 -40.03
CA SER C 3153 82.61 50.83 -40.38
C SER C 3153 82.83 50.82 -41.88
N GLN C 3154 83.90 51.46 -42.33
CA GLN C 3154 84.39 51.39 -43.70
C GLN C 3154 84.84 49.96 -44.12
N VAL C 3155 85.15 49.06 -43.18
CA VAL C 3155 85.72 47.74 -43.49
C VAL C 3155 84.81 46.85 -44.36
N PRO C 3156 83.56 46.54 -43.97
CA PRO C 3156 82.69 45.69 -44.79
C PRO C 3156 82.42 46.28 -46.17
N LEU C 3157 82.44 47.61 -46.29
CA LEU C 3157 82.33 48.29 -47.57
C LEU C 3157 83.59 48.11 -48.42
N LYS C 3158 84.78 48.27 -47.84
CA LYS C 3158 86.05 48.02 -48.54
C LYS C 3158 86.08 46.60 -49.09
N ARG C 3159 85.65 45.65 -48.27
CA ARG C 3159 85.45 44.26 -48.69
C ARG C 3159 84.43 44.15 -49.83
N LEU C 3160 83.27 44.82 -49.76
CA LEU C 3160 82.27 44.76 -50.81
C LEU C 3160 82.88 45.08 -52.17
N LEU C 3161 83.57 46.21 -52.29
CA LEU C 3161 84.10 46.59 -53.59
C LEU C 3161 85.01 45.50 -54.17
N ASN C 3162 85.78 44.84 -53.31
CA ASN C 3162 86.64 43.77 -53.76
C ASN C 3162 85.84 42.65 -54.42
N THR C 3163 84.62 42.39 -53.96
CA THR C 3163 83.77 41.43 -54.62
C THR C 3163 83.36 41.93 -56.00
N TRP C 3164 83.01 43.21 -56.13
CA TRP C 3164 82.55 43.77 -57.39
C TRP C 3164 83.67 43.84 -58.39
N THR C 3165 84.87 44.18 -57.95
CA THR C 3165 86.03 44.09 -58.85
C THR C 3165 86.25 42.67 -59.30
N ASN C 3166 86.05 41.69 -58.43
CA ASN C 3166 86.35 40.32 -58.79
C ASN C 3166 85.25 39.68 -59.64
N ARG C 3167 84.04 40.25 -59.60
CA ARG C 3167 82.83 39.70 -60.20
C ARG C 3167 82.40 40.53 -61.38
N TYR C 3168 83.23 40.72 -62.39
CA TYR C 3168 82.81 41.38 -63.62
C TYR C 3168 82.07 40.46 -64.59
N PRO C 3169 81.43 41.01 -65.62
CA PRO C 3169 81.10 40.26 -66.80
C PRO C 3169 82.36 39.90 -67.59
N ASP C 3170 82.17 39.13 -68.65
CA ASP C 3170 83.15 38.63 -69.62
C ASP C 3170 83.32 39.63 -70.75
N ALA C 3171 84.55 40.08 -70.98
CA ALA C 3171 84.82 41.17 -71.91
C ALA C 3171 84.79 40.76 -73.39
N LYS C 3172 84.72 39.48 -73.73
CA LYS C 3172 84.78 38.97 -75.10
C LYS C 3172 83.50 38.27 -75.51
N MET C 3173 82.76 37.68 -74.56
CA MET C 3173 81.43 37.14 -74.82
C MET C 3173 80.26 37.93 -74.26
N ASP C 3174 80.34 38.73 -73.20
CA ASP C 3174 79.14 39.46 -72.75
C ASP C 3174 78.94 40.74 -73.56
N PRO C 3175 77.81 40.94 -74.25
CA PRO C 3175 77.66 42.07 -75.17
C PRO C 3175 77.39 43.38 -74.42
N MET C 3176 77.62 44.49 -75.13
CA MET C 3176 77.97 45.71 -74.45
C MET C 3176 76.85 46.29 -73.62
N ASN C 3177 75.66 46.22 -74.14
CA ASN C 3177 74.46 46.58 -73.42
C ASN C 3177 74.41 45.91 -72.05
N ILE C 3178 74.85 44.67 -71.95
CA ILE C 3178 74.81 43.95 -70.69
C ILE C 3178 75.91 44.45 -69.75
N TRP C 3179 77.06 44.78 -70.30
CA TRP C 3179 78.10 45.46 -69.56
C TRP C 3179 77.56 46.76 -68.99
N ASP C 3180 76.92 47.53 -69.84
CA ASP C 3180 76.39 48.83 -69.52
C ASP C 3180 75.55 48.78 -68.28
N ASP C 3181 74.71 47.76 -68.24
CA ASP C 3181 73.79 47.59 -67.18
C ASP C 3181 74.50 47.46 -65.86
N ILE C 3182 75.25 46.39 -65.62
CA ILE C 3182 75.90 46.20 -64.31
C ILE C 3182 76.76 47.39 -63.92
N ILE C 3183 77.45 47.97 -64.89
CA ILE C 3183 78.34 49.07 -64.65
C ILE C 3183 77.53 50.26 -64.16
N THR C 3184 76.55 50.68 -64.93
CA THR C 3184 75.67 51.78 -64.57
C THR C 3184 75.04 51.54 -63.22
N ASN C 3185 74.58 50.33 -63.03
CA ASN C 3185 73.81 49.98 -61.87
C ASN C 3185 74.68 50.07 -60.62
N ARG C 3186 75.88 49.49 -60.65
CA ARG C 3186 76.86 49.67 -59.59
C ARG C 3186 77.21 51.12 -59.38
N CYS C 3187 77.42 51.87 -60.45
CA CYS C 3187 77.73 53.30 -60.35
C CYS C 3187 76.65 53.98 -59.51
N PHE C 3188 75.39 53.70 -59.79
CA PHE C 3188 74.27 54.20 -59.03
C PHE C 3188 74.26 53.66 -57.60
N PHE C 3189 74.45 52.37 -57.37
CA PHE C 3189 74.48 51.80 -56.02
C PHE C 3189 75.56 52.40 -55.14
N LEU C 3190 76.73 52.67 -55.71
CA LEU C 3190 77.76 53.37 -54.99
C LEU C 3190 77.38 54.81 -54.77
N SER C 3191 76.72 55.49 -55.71
CA SER C 3191 76.18 56.80 -55.41
C SER C 3191 75.22 56.75 -54.21
N LYS C 3192 74.42 55.70 -54.06
CA LYS C 3192 73.55 55.51 -52.89
C LYS C 3192 74.36 55.27 -51.61
N ILE C 3193 75.37 54.41 -51.60
CA ILE C 3193 76.22 54.26 -50.42
C ILE C 3193 76.94 55.55 -50.08
N GLU C 3194 77.41 56.23 -51.12
CA GLU C 3194 78.07 57.51 -51.01
C GLU C 3194 77.14 58.47 -50.28
N GLU C 3195 75.84 58.45 -50.58
CA GLU C 3195 74.84 59.20 -49.84
C GLU C 3195 74.61 58.69 -48.41
N LYS C 3196 74.66 57.36 -48.16
CA LYS C 3196 74.43 56.83 -46.81
C LYS C 3196 75.50 57.26 -45.81
N LEU C 3197 76.75 57.33 -46.25
CA LEU C 3197 77.87 57.78 -45.42
C LEU C 3197 78.21 59.26 -45.58
N THR C 3198 77.90 59.85 -46.73
CA THR C 3198 78.38 61.17 -47.19
C THR C 3198 77.54 61.75 -48.33
N GLU C 3225 89.96 55.15 -44.47
CA GLU C 3225 90.15 56.10 -45.56
C GLU C 3225 88.81 56.77 -45.94
N ASP C 3226 88.87 57.83 -46.73
CA ASP C 3226 87.70 58.34 -47.42
C ASP C 3226 87.13 57.33 -48.44
N ILE C 3227 86.03 56.71 -48.01
CA ILE C 3227 85.20 55.86 -48.84
C ILE C 3227 84.76 56.54 -50.14
N SER C 3228 84.57 57.87 -50.16
CA SER C 3228 84.02 58.56 -51.33
C SER C 3228 85.02 58.53 -52.48
N SER C 3229 86.24 58.99 -52.23
CA SER C 3229 87.31 58.89 -53.21
C SER C 3229 87.61 57.43 -53.56
N LEU C 3230 87.52 56.49 -52.62
CA LEU C 3230 87.59 55.07 -52.95
C LEU C 3230 86.48 54.65 -53.90
N ILE C 3231 85.27 55.14 -53.69
CA ILE C 3231 84.16 54.90 -54.61
C ILE C 3231 84.46 55.51 -55.97
N ARG C 3232 84.95 56.75 -56.06
CA ARG C 3232 85.35 57.31 -57.35
C ARG C 3232 86.46 56.47 -57.98
N SER C 3233 87.40 55.96 -57.21
CA SER C 3233 88.42 55.04 -57.68
C SER C 3233 87.79 53.83 -58.34
N CYS C 3234 86.80 53.25 -57.68
CA CYS C 3234 86.07 52.18 -58.29
C CYS C 3234 85.36 52.65 -59.56
N LYS C 3235 84.55 53.71 -59.50
CA LYS C 3235 83.79 54.25 -60.65
C LYS C 3235 84.66 54.39 -61.89
N PHE C 3236 85.81 55.00 -61.68
CA PHE C 3236 86.80 55.21 -62.70
C PHE C 3236 87.28 53.89 -63.27
N SER C 3237 87.79 53.02 -62.41
CA SER C 3237 88.28 51.70 -62.79
C SER C 3237 87.24 50.92 -63.60
N MET C 3238 86.00 50.99 -63.15
CA MET C 3238 84.89 50.32 -63.79
C MET C 3238 84.67 50.86 -65.17
N LYS C 3239 84.59 52.18 -65.32
CA LYS C 3239 84.54 52.79 -66.65
C LYS C 3239 85.67 52.21 -67.49
N MET C 3240 86.87 52.09 -66.96
CA MET C 3240 87.96 51.50 -67.73
C MET C 3240 87.65 50.10 -68.18
N LYS C 3241 87.31 49.20 -67.26
CA LYS C 3241 87.02 47.82 -67.63
C LYS C 3241 85.90 47.77 -68.66
N MET C 3242 84.92 48.65 -68.56
CA MET C 3242 83.89 48.73 -69.57
C MET C 3242 84.45 49.17 -70.91
N ILE C 3243 85.24 50.24 -70.90
CA ILE C 3243 85.85 50.77 -72.10
C ILE C 3243 86.65 49.66 -72.77
N ASP C 3244 87.38 48.90 -71.98
CA ASP C 3244 88.16 47.78 -72.46
C ASP C 3244 87.32 46.78 -73.22
N SER C 3245 86.16 46.43 -72.72
CA SER C 3245 85.31 45.54 -73.49
C SER C 3245 84.93 46.18 -74.84
N ALA C 3246 84.51 47.43 -74.85
CA ALA C 3246 84.10 48.12 -76.07
C ALA C 3246 85.24 48.36 -77.08
N ARG C 3247 86.48 48.08 -76.67
CA ARG C 3247 87.61 47.97 -77.56
C ARG C 3247 87.72 46.54 -78.06
N LYS C 3248 87.82 45.58 -77.15
CA LYS C 3248 87.95 44.15 -77.47
C LYS C 3248 86.81 43.67 -78.38
N GLN C 3249 85.66 44.31 -78.29
CA GLN C 3249 84.48 44.04 -79.09
C GLN C 3249 84.22 45.11 -80.14
N ASN C 3250 85.17 46.01 -80.34
CA ASN C 3250 85.20 46.99 -81.40
C ASN C 3250 83.96 47.91 -81.50
N ASN C 3251 83.29 48.14 -80.37
CA ASN C 3251 82.33 49.23 -80.22
C ASN C 3251 83.08 50.53 -79.95
N PHE C 3252 83.97 50.88 -80.86
CA PHE C 3252 84.84 52.02 -80.73
C PHE C 3252 84.03 53.29 -80.55
N SER C 3253 82.92 53.41 -81.26
CA SER C 3253 82.07 54.59 -81.17
C SER C 3253 81.58 54.80 -79.74
N LEU C 3254 81.16 53.74 -79.06
CA LEU C 3254 80.81 53.82 -77.64
C LEU C 3254 82.01 54.21 -76.79
N ALA C 3255 83.16 53.62 -77.08
CA ALA C 3255 84.36 53.98 -76.35
C ALA C 3255 84.65 55.48 -76.50
N MET C 3256 84.37 56.11 -77.65
CA MET C 3256 84.47 57.58 -77.76
C MET C 3256 83.63 58.29 -76.72
N LYS C 3257 82.38 57.87 -76.57
CA LYS C 3257 81.49 58.51 -75.60
C LYS C 3257 82.11 58.43 -74.21
N LEU C 3258 82.48 57.21 -73.83
CA LEU C 3258 83.04 56.96 -72.52
C LEU C 3258 84.32 57.73 -72.28
N LEU C 3259 85.19 57.77 -73.27
CA LEU C 3259 86.40 58.56 -73.22
C LEU C 3259 86.06 59.98 -72.90
N LYS C 3260 85.20 60.59 -73.69
CA LYS C 3260 84.86 61.99 -73.52
C LYS C 3260 84.10 62.36 -72.24
N GLU C 3261 83.52 61.41 -71.51
CA GLU C 3261 83.06 61.60 -70.14
C GLU C 3261 84.22 61.77 -69.16
N LEU C 3262 85.39 61.21 -69.48
CA LEU C 3262 86.56 61.19 -68.62
C LEU C 3262 87.73 62.04 -69.14
N HIS C 3263 87.68 62.52 -70.40
CA HIS C 3263 88.81 63.11 -71.13
C HIS C 3263 89.51 64.21 -70.34
N LYS C 3264 88.72 65.07 -69.71
CA LYS C 3264 89.19 66.07 -68.76
C LYS C 3264 89.09 65.60 -67.32
N GLU C 3265 88.03 64.89 -66.95
CA GLU C 3265 87.81 64.48 -65.57
C GLU C 3265 88.98 63.68 -64.99
N SER C 3266 89.53 62.75 -65.75
CA SER C 3266 90.65 61.92 -65.32
C SER C 3266 91.91 62.74 -64.98
N LYS C 3267 91.98 63.99 -65.47
CA LYS C 3267 93.15 64.87 -65.42
C LYS C 3267 93.22 65.59 -64.08
N THR C 3268 93.23 64.79 -63.01
CA THR C 3268 92.93 65.19 -61.64
C THR C 3268 93.80 64.41 -60.67
N ARG C 3269 93.56 63.11 -60.50
CA ARG C 3269 94.55 62.17 -60.00
C ARG C 3269 95.60 61.97 -61.08
N ASP C 3270 96.46 61.00 -60.85
CA ASP C 3270 97.82 61.01 -61.38
C ASP C 3270 98.00 59.77 -62.27
N ASP C 3271 98.15 58.66 -61.56
CA ASP C 3271 97.78 57.33 -61.99
C ASP C 3271 96.52 57.32 -62.86
N TRP C 3272 95.46 58.04 -62.48
CA TRP C 3272 94.25 58.07 -63.26
C TRP C 3272 94.50 58.66 -64.64
N LEU C 3273 95.26 59.74 -64.70
CA LEU C 3273 95.51 60.45 -65.94
C LEU C 3273 96.29 59.54 -66.88
N VAL C 3274 97.32 58.94 -66.30
CA VAL C 3274 98.17 57.99 -66.97
C VAL C 3274 97.31 56.89 -67.58
N SER C 3275 96.42 56.31 -66.77
CA SER C 3275 95.52 55.26 -67.21
C SER C 3275 94.68 55.72 -68.39
N TRP C 3276 94.15 56.95 -68.31
CA TRP C 3276 93.32 57.49 -69.35
C TRP C 3276 94.09 57.57 -70.65
N VAL C 3277 95.29 58.16 -70.59
CA VAL C 3277 96.15 58.32 -71.75
C VAL C 3277 96.38 56.99 -72.41
N GLN C 3278 96.82 56.03 -71.62
CA GLN C 3278 97.11 54.69 -72.11
C GLN C 3278 95.89 54.13 -72.82
N SER C 3279 94.74 54.19 -72.17
CA SER C 3279 93.51 53.66 -72.72
C SER C 3279 93.18 54.31 -74.05
N TYR C 3280 93.24 55.63 -74.09
CA TYR C 3280 92.99 56.37 -75.30
C TYR C 3280 93.92 55.91 -76.42
N CYS C 3281 95.18 55.78 -76.09
CA CYS C 3281 96.15 55.40 -77.08
C CYS C 3281 95.87 53.98 -77.57
N ARG C 3282 95.60 53.03 -76.67
CA ARG C 3282 95.22 51.67 -77.06
C ARG C 3282 94.05 51.69 -78.00
N LEU C 3283 93.04 52.49 -77.70
CA LEU C 3283 91.89 52.57 -78.55
C LEU C 3283 92.27 53.08 -79.92
N SER C 3284 93.08 54.12 -79.94
CA SER C 3284 93.61 54.66 -81.18
C SER C 3284 94.26 53.56 -81.98
N HIS C 3285 95.06 52.72 -81.32
CA HIS C 3285 95.71 51.60 -81.97
C HIS C 3285 94.70 50.63 -82.54
N CYS C 3286 93.72 50.18 -81.76
CA CYS C 3286 92.76 49.24 -82.31
C CYS C 3286 92.01 49.84 -83.49
N ARG C 3287 91.61 51.10 -83.36
CA ARG C 3287 90.97 51.81 -84.46
C ARG C 3287 91.90 51.84 -85.65
N SER C 3288 93.18 52.04 -85.42
CA SER C 3288 94.18 52.07 -86.47
C SER C 3288 94.43 50.76 -87.19
N ARG C 3289 93.70 49.67 -86.93
CA ARG C 3289 93.76 48.54 -87.86
C ARG C 3289 92.85 48.72 -89.07
N SER C 3290 91.62 49.15 -88.83
CA SER C 3290 90.46 48.84 -89.67
C SER C 3290 90.32 49.70 -90.94
N GLN C 3291 91.45 50.07 -91.50
CA GLN C 3291 91.64 51.41 -92.09
C GLN C 3291 92.65 51.43 -93.24
N GLY C 3292 92.64 52.47 -94.09
CA GLY C 3292 93.66 52.77 -95.11
C GLY C 3292 94.85 53.59 -94.58
N CYS C 3293 95.89 53.85 -95.38
CA CYS C 3293 97.16 54.36 -94.84
C CYS C 3293 97.09 55.75 -94.21
N SER C 3294 96.64 56.75 -94.96
CA SER C 3294 96.52 58.09 -94.42
C SER C 3294 95.62 58.07 -93.19
N GLU C 3295 94.50 57.37 -93.30
CA GLU C 3295 93.53 57.15 -92.25
C GLU C 3295 94.16 56.55 -90.99
N GLN C 3296 95.00 55.52 -91.12
CA GLN C 3296 95.74 54.96 -90.00
C GLN C 3296 96.69 55.98 -89.39
N VAL C 3297 97.50 56.65 -90.21
CA VAL C 3297 98.48 57.61 -89.73
C VAL C 3297 97.79 58.73 -88.97
N LEU C 3298 96.71 59.25 -89.52
CA LEU C 3298 95.84 60.21 -88.86
C LEU C 3298 95.30 59.65 -87.56
N THR C 3299 94.83 58.41 -87.55
CA THR C 3299 94.26 57.72 -86.38
C THR C 3299 95.26 57.58 -85.23
N VAL C 3300 96.57 57.66 -85.50
CA VAL C 3300 97.59 57.56 -84.44
C VAL C 3300 98.36 58.83 -84.19
N LEU C 3301 98.47 59.72 -85.18
CA LEU C 3301 99.24 60.95 -85.09
C LEU C 3301 98.96 61.69 -83.79
N LYS C 3302 97.66 61.81 -83.49
CA LYS C 3302 97.20 62.49 -82.29
C LYS C 3302 97.76 61.87 -81.02
N THR C 3303 97.90 60.55 -80.95
CA THR C 3303 98.43 59.89 -79.74
C THR C 3303 99.81 60.40 -79.37
N VAL C 3304 100.63 60.75 -80.36
CA VAL C 3304 101.98 61.25 -80.11
C VAL C 3304 101.93 62.43 -79.18
N SER C 3305 100.91 63.27 -79.34
CA SER C 3305 100.70 64.48 -78.57
C SER C 3305 100.32 64.22 -77.12
N LEU C 3306 99.75 63.06 -76.82
CA LEU C 3306 99.51 62.65 -75.43
C LEU C 3306 100.77 62.02 -74.87
N LEU C 3307 101.44 61.23 -75.69
CA LEU C 3307 102.62 60.51 -75.27
C LEU C 3307 103.77 61.47 -74.98
N ASP C 3308 103.87 62.58 -75.73
CA ASP C 3308 104.77 63.68 -75.41
C ASP C 3308 104.22 64.67 -74.35
N GLU C 3309 103.05 64.40 -73.74
CA GLU C 3309 102.82 64.95 -72.41
C GLU C 3309 103.86 64.34 -71.49
N ASN C 3310 104.51 65.16 -70.68
CA ASN C 3310 105.58 64.74 -69.83
C ASN C 3310 105.65 65.52 -68.52
N ASN C 3311 104.59 66.20 -68.08
CA ASN C 3311 104.44 66.44 -66.64
C ASN C 3311 104.31 65.09 -65.91
N VAL C 3312 103.68 64.11 -66.58
CA VAL C 3312 103.60 62.71 -66.19
C VAL C 3312 104.96 62.03 -65.99
N SER C 3313 106.06 62.60 -66.50
CA SER C 3313 107.36 61.94 -66.42
C SER C 3313 107.77 61.70 -64.98
N SER C 3314 107.33 62.55 -64.06
CA SER C 3314 107.62 62.34 -62.64
C SER C 3314 106.97 61.05 -62.14
N TYR C 3315 105.70 60.82 -62.54
CA TYR C 3315 105.02 59.59 -62.16
C TYR C 3315 105.64 58.38 -62.85
N LEU C 3316 106.03 58.55 -64.12
CA LEU C 3316 106.62 57.42 -64.86
C LEU C 3316 107.98 57.04 -64.29
N SER C 3317 108.71 58.00 -63.74
CA SER C 3317 110.02 57.73 -63.16
C SER C 3317 109.93 57.04 -61.81
N LYS C 3318 108.70 57.01 -61.26
CA LYS C 3318 108.27 56.37 -60.02
C LYS C 3318 107.55 55.05 -60.27
N ASN C 3319 106.83 54.94 -61.38
CA ASN C 3319 105.92 53.84 -61.70
C ASN C 3319 106.32 53.15 -63.01
N ILE C 3320 107.37 52.35 -62.86
CA ILE C 3320 108.00 51.50 -63.87
C ILE C 3320 106.98 50.75 -64.72
N LEU C 3321 105.92 50.25 -64.10
CA LEU C 3321 104.89 49.45 -64.75
C LEU C 3321 104.25 50.27 -65.85
N ALA C 3322 103.76 51.43 -65.48
CA ALA C 3322 103.23 52.35 -66.45
C ALA C 3322 104.29 52.78 -67.45
N PHE C 3323 105.52 53.01 -67.02
CA PHE C 3323 106.57 53.50 -67.92
C PHE C 3323 106.87 52.52 -69.05
N ARG C 3324 106.99 51.25 -68.70
CA ARG C 3324 107.03 50.13 -69.61
C ARG C 3324 105.86 50.24 -70.58
N ASP C 3325 104.64 50.35 -70.06
CA ASP C 3325 103.45 50.41 -70.90
C ASP C 3325 103.50 51.58 -71.86
N GLN C 3326 103.99 52.70 -71.35
CA GLN C 3326 104.16 53.91 -72.10
C GLN C 3326 105.08 53.70 -73.27
N ASN C 3327 106.29 53.23 -72.99
CA ASN C 3327 107.21 52.92 -74.04
C ASN C 3327 106.61 51.91 -75.03
N ILE C 3328 105.89 50.90 -74.54
CA ILE C 3328 105.35 49.86 -75.40
C ILE C 3328 104.44 50.50 -76.43
N LEU C 3329 103.48 51.26 -75.95
CA LEU C 3329 102.55 51.92 -76.83
C LEU C 3329 103.33 52.83 -77.76
N LEU C 3330 104.29 53.54 -77.24
CA LEU C 3330 105.03 54.49 -78.01
C LEU C 3330 105.72 53.82 -79.18
N GLY C 3331 106.55 52.82 -78.93
CA GLY C 3331 107.18 52.08 -80.02
C GLY C 3331 106.13 51.53 -80.97
N THR C 3332 105.06 50.96 -80.44
CA THR C 3332 104.00 50.40 -81.27
C THR C 3332 103.45 51.44 -82.22
N THR C 3333 103.33 52.66 -81.74
CA THR C 3333 102.80 53.75 -82.52
C THR C 3333 103.64 53.97 -83.75
N TYR C 3334 104.93 54.12 -83.56
CA TYR C 3334 105.85 54.29 -84.67
C TYR C 3334 105.76 53.10 -85.60
N ARG C 3335 105.70 51.89 -85.04
CA ARG C 3335 105.66 50.69 -85.86
C ARG C 3335 104.51 50.77 -86.83
N ILE C 3336 103.34 51.11 -86.33
CA ILE C 3336 102.15 51.19 -87.15
C ILE C 3336 102.42 52.11 -88.31
N ILE C 3337 102.93 53.29 -88.00
CA ILE C 3337 103.20 54.33 -88.98
C ILE C 3337 104.17 53.80 -90.02
N ALA C 3338 105.26 53.22 -89.55
CA ALA C 3338 106.31 52.77 -90.42
C ALA C 3338 105.79 51.67 -91.34
N ASN C 3339 104.96 50.79 -90.83
CA ASN C 3339 104.32 49.80 -91.68
C ASN C 3339 103.41 50.47 -92.69
N ALA C 3340 102.58 51.42 -92.26
CA ALA C 3340 101.67 52.09 -93.14
C ALA C 3340 102.40 52.77 -94.28
N LEU C 3341 103.43 53.55 -93.95
CA LEU C 3341 104.26 54.18 -94.94
C LEU C 3341 104.90 53.13 -95.83
N SER C 3342 105.63 52.17 -95.27
CA SER C 3342 106.44 51.22 -96.05
C SER C 3342 105.62 50.36 -96.99
N SER C 3343 104.34 50.16 -96.72
CA SER C 3343 103.47 49.47 -97.63
C SER C 3343 103.20 50.26 -98.92
N GLU C 3344 103.20 51.59 -98.82
CA GLU C 3344 102.73 52.54 -99.82
C GLU C 3344 103.54 53.86 -99.74
N PRO C 3345 104.86 53.82 -99.96
CA PRO C 3345 105.82 54.78 -99.40
C PRO C 3345 105.59 56.26 -99.74
N ALA C 3346 104.97 56.58 -100.87
CA ALA C 3346 104.64 57.97 -101.23
C ALA C 3346 103.38 58.54 -100.54
N CYS C 3347 102.57 57.70 -99.88
CA CYS C 3347 101.25 58.08 -99.37
C CYS C 3347 101.26 59.20 -98.31
N LEU C 3348 102.43 59.57 -97.79
CA LEU C 3348 102.65 60.80 -97.02
C LEU C 3348 102.01 62.02 -97.71
N ALA C 3349 102.07 62.06 -99.04
CA ALA C 3349 101.48 63.12 -99.85
C ALA C 3349 99.94 63.27 -99.70
N GLU C 3350 99.24 62.24 -99.23
CA GLU C 3350 97.78 62.22 -99.10
C GLU C 3350 97.26 62.97 -97.88
N ILE C 3351 98.15 63.27 -96.94
CA ILE C 3351 97.89 63.94 -95.66
C ILE C 3351 98.19 65.44 -95.82
N GLU C 3352 97.33 66.25 -95.23
CA GLU C 3352 97.41 67.70 -95.19
C GLU C 3352 98.78 68.18 -94.70
N GLU C 3353 99.37 69.16 -95.39
CA GLU C 3353 100.82 69.40 -95.36
C GLU C 3353 101.40 69.63 -93.97
N ASP C 3354 100.67 70.34 -93.10
CA ASP C 3354 101.09 70.54 -91.71
C ASP C 3354 101.37 69.21 -91.00
N LYS C 3355 100.47 68.24 -91.20
CA LYS C 3355 100.64 66.91 -90.65
C LYS C 3355 101.71 66.14 -91.44
N ALA C 3356 101.80 66.28 -92.77
CA ALA C 3356 102.89 65.67 -93.52
C ALA C 3356 104.26 66.13 -93.00
N ARG C 3357 104.35 67.38 -92.58
CA ARG C 3357 105.50 67.92 -91.90
C ARG C 3357 105.63 67.31 -90.50
N ARG C 3358 104.59 67.34 -89.65
CA ARG C 3358 104.59 66.73 -88.31
C ARG C 3358 105.20 65.34 -88.31
N ILE C 3359 104.90 64.55 -89.34
CA ILE C 3359 105.50 63.24 -89.58
C ILE C 3359 107.00 63.31 -89.83
N LEU C 3360 107.40 64.01 -90.89
CA LEU C 3360 108.80 64.11 -91.27
C LEU C 3360 109.64 64.70 -90.13
N GLU C 3361 109.11 65.73 -89.48
CA GLU C 3361 109.63 66.35 -88.28
C GLU C 3361 109.98 65.30 -87.22
N LEU C 3362 109.01 64.49 -86.83
CA LEU C 3362 109.13 63.68 -85.63
C LEU C 3362 109.65 62.27 -85.91
N SER C 3363 109.71 61.85 -87.18
CA SER C 3363 110.70 60.86 -87.60
C SER C 3363 112.12 61.39 -87.40
N GLY C 3364 112.35 62.66 -87.78
CA GLY C 3364 113.62 63.37 -87.65
C GLY C 3364 114.63 63.13 -88.78
N SER C 3365 114.37 62.16 -89.67
CA SER C 3365 115.17 61.94 -90.89
C SER C 3365 114.78 62.95 -92.00
N SER C 3366 114.89 64.24 -91.70
CA SER C 3366 114.57 65.36 -92.61
C SER C 3366 115.50 65.49 -93.83
N SER C 3367 116.38 64.50 -94.00
CA SER C 3367 116.91 64.09 -95.30
C SER C 3367 115.79 63.84 -96.33
N GLU C 3368 114.58 63.54 -95.85
CA GLU C 3368 113.35 63.53 -96.65
C GLU C 3368 113.39 62.47 -97.76
N ASP C 3369 113.72 61.25 -97.35
CA ASP C 3369 113.56 59.99 -98.07
C ASP C 3369 112.68 59.04 -97.24
N SER C 3370 111.50 58.65 -97.72
CA SER C 3370 110.52 57.90 -96.93
C SER C 3370 111.12 56.65 -96.31
N GLU C 3371 111.90 55.93 -97.10
CA GLU C 3371 112.72 54.77 -96.77
C GLU C 3371 113.67 55.04 -95.61
N LYS C 3372 114.35 56.18 -95.61
CA LYS C 3372 115.20 56.61 -94.49
C LYS C 3372 114.39 57.05 -93.29
N VAL C 3373 113.29 57.80 -93.49
CA VAL C 3373 112.39 58.10 -92.36
C VAL C 3373 111.79 56.79 -91.81
N ILE C 3374 111.58 55.75 -92.61
CA ILE C 3374 111.04 54.47 -92.15
C ILE C 3374 112.09 53.72 -91.32
N ALA C 3375 113.32 53.58 -91.82
CA ALA C 3375 114.41 53.02 -91.05
C ALA C 3375 114.61 53.78 -89.74
N GLY C 3376 114.65 55.11 -89.82
CA GLY C 3376 114.69 56.00 -88.68
C GLY C 3376 113.56 55.68 -87.71
N LEU C 3377 112.32 55.72 -88.17
CA LEU C 3377 111.15 55.41 -87.36
C LEU C 3377 111.29 54.07 -86.67
N TYR C 3378 111.66 53.03 -87.39
CA TYR C 3378 111.82 51.70 -86.82
C TYR C 3378 112.87 51.71 -85.72
N GLN C 3379 114.00 52.34 -85.98
CA GLN C 3379 115.04 52.51 -85.00
C GLN C 3379 114.47 53.24 -83.77
N ARG C 3380 113.82 54.39 -83.97
CA ARG C 3380 113.21 55.18 -82.90
C ARG C 3380 112.25 54.29 -82.11
N ALA C 3381 111.45 53.49 -82.80
CA ALA C 3381 110.52 52.54 -82.20
C ALA C 3381 111.25 51.58 -81.28
N PHE C 3382 112.28 50.94 -81.82
CA PHE C 3382 113.06 49.96 -81.11
C PHE C 3382 113.61 50.54 -79.82
N GLN C 3383 113.96 51.83 -79.79
CA GLN C 3383 114.46 52.43 -78.57
C GLN C 3383 113.45 52.32 -77.46
N HIS C 3384 112.21 52.76 -77.70
CA HIS C 3384 111.19 52.65 -76.68
C HIS C 3384 111.03 51.20 -76.27
N LEU C 3385 110.95 50.30 -77.25
CA LEU C 3385 110.67 48.91 -76.97
C LEU C 3385 111.76 48.27 -76.13
N SER C 3386 113.00 48.40 -76.58
CA SER C 3386 114.12 47.79 -75.89
C SER C 3386 114.20 48.33 -74.47
N GLU C 3387 114.01 49.63 -74.30
CA GLU C 3387 113.91 50.18 -72.97
C GLU C 3387 112.72 49.62 -72.19
N ALA C 3388 111.55 49.49 -72.80
CA ALA C 3388 110.38 48.97 -72.13
C ALA C 3388 110.67 47.59 -71.58
N VAL C 3389 111.22 46.75 -72.43
CA VAL C 3389 111.61 45.40 -72.09
C VAL C 3389 112.58 45.45 -70.94
N GLN C 3390 113.55 46.36 -70.95
CA GLN C 3390 114.54 46.46 -69.88
C GLN C 3390 113.86 46.84 -68.56
N ALA C 3391 113.09 47.92 -68.58
CA ALA C 3391 112.26 48.30 -67.45
C ALA C 3391 111.35 47.13 -66.99
N ALA C 3392 110.90 46.27 -67.90
CA ALA C 3392 110.11 45.11 -67.55
C ALA C 3392 110.94 44.02 -66.88
N GLU C 3393 112.15 43.77 -67.34
CA GLU C 3393 113.06 42.82 -66.72
C GLU C 3393 113.47 43.25 -65.30
N GLU C 3394 113.28 44.51 -64.93
CA GLU C 3394 113.80 45.11 -63.70
C GLU C 3394 112.74 45.23 -62.59
N GLU C 3395 113.06 44.73 -61.38
CA GLU C 3395 112.20 44.74 -60.20
C GLU C 3395 110.83 44.13 -60.51
N ALA C 3396 110.81 43.09 -61.34
CA ALA C 3396 109.59 42.32 -61.62
C ALA C 3396 109.95 40.84 -61.55
N GLN C 3397 109.92 40.29 -60.33
CA GLN C 3397 110.21 38.88 -60.09
C GLN C 3397 109.36 38.34 -58.95
N PRO C 3398 108.05 38.26 -59.08
CA PRO C 3398 107.22 37.71 -58.01
C PRO C 3398 107.45 36.22 -57.86
N PRO C 3399 107.53 35.72 -56.63
CA PRO C 3399 107.68 34.27 -56.45
C PRO C 3399 106.52 33.47 -57.03
N PRO C 3405 100.66 39.65 -62.65
CA PRO C 3405 101.23 40.78 -63.36
C PRO C 3405 101.97 40.38 -64.64
N ALA C 3406 102.21 39.10 -64.85
CA ALA C 3406 103.09 38.54 -65.86
C ALA C 3406 102.77 38.99 -67.29
N ALA C 3407 101.52 39.33 -67.49
CA ALA C 3407 100.94 39.76 -68.75
C ALA C 3407 101.81 40.82 -69.42
N GLY C 3408 102.10 41.91 -68.71
CA GLY C 3408 102.92 42.99 -69.26
C GLY C 3408 104.37 42.58 -69.53
N VAL C 3409 104.92 41.69 -68.72
CA VAL C 3409 106.30 41.22 -68.91
C VAL C 3409 106.39 40.52 -70.24
N ILE C 3410 105.50 39.55 -70.41
CA ILE C 3410 105.37 38.73 -71.59
C ILE C 3410 105.10 39.64 -72.78
N ASP C 3411 104.09 40.47 -72.64
CA ASP C 3411 103.64 41.39 -73.66
C ASP C 3411 104.82 42.17 -74.20
N ALA C 3412 105.66 42.74 -73.33
CA ALA C 3412 106.82 43.46 -73.77
C ALA C 3412 107.70 42.58 -74.65
N TYR C 3413 108.09 41.44 -74.10
CA TYR C 3413 109.07 40.56 -74.73
C TYR C 3413 108.57 40.14 -76.12
N MET C 3414 107.31 39.74 -76.16
CA MET C 3414 106.64 39.36 -77.38
C MET C 3414 106.64 40.51 -78.33
N THR C 3415 106.21 41.67 -77.88
CA THR C 3415 106.02 42.79 -78.75
C THR C 3415 107.30 43.11 -79.46
N LEU C 3416 108.40 43.17 -78.72
CA LEU C 3416 109.69 43.40 -79.31
C LEU C 3416 109.98 42.34 -80.36
N ALA C 3417 109.77 41.07 -80.01
CA ALA C 3417 110.01 39.99 -80.91
C ALA C 3417 109.16 40.10 -82.17
N ASP C 3418 107.90 40.50 -82.04
CA ASP C 3418 106.98 40.63 -83.17
C ASP C 3418 107.52 41.61 -84.18
N PHE C 3419 107.99 42.73 -83.66
CA PHE C 3419 108.62 43.70 -84.51
C PHE C 3419 109.85 43.11 -85.17
N CYS C 3420 110.74 42.49 -84.39
CA CYS C 3420 111.96 41.96 -84.96
C CYS C 3420 111.67 40.93 -86.05
N ASP C 3421 110.69 40.07 -85.84
CA ASP C 3421 110.33 39.07 -86.83
C ASP C 3421 109.92 39.68 -88.15
N GLN C 3422 109.03 40.68 -88.16
CA GLN C 3422 108.64 41.30 -89.42
C GLN C 3422 109.86 41.91 -90.11
N GLN C 3423 110.81 42.47 -89.36
CA GLN C 3423 112.00 43.01 -89.98
C GLN C 3423 112.86 41.91 -90.56
N LEU C 3424 113.11 40.86 -89.80
CA LEU C 3424 113.89 39.73 -90.27
C LEU C 3424 113.28 39.16 -91.54
N ARG C 3425 111.95 39.14 -91.61
CA ARG C 3425 111.26 38.73 -92.82
C ARG C 3425 111.46 39.71 -93.95
N LYS C 3426 111.42 41.02 -93.73
CA LYS C 3426 111.73 41.99 -94.78
C LYS C 3426 113.12 41.74 -95.34
N GLU C 3427 114.08 41.45 -94.50
CA GLU C 3427 115.39 41.01 -94.97
C GLU C 3427 115.27 39.71 -95.78
N GLU C 3428 114.66 38.65 -95.24
CA GLU C 3428 114.57 37.35 -95.90
C GLU C 3428 113.83 37.43 -97.25
N GLU C 3429 112.79 38.25 -97.33
CA GLU C 3429 112.01 38.54 -98.52
C GLU C 3429 112.83 39.26 -99.59
N ASN C 3430 113.83 40.05 -99.19
CA ASN C 3430 114.51 40.99 -100.06
C ASN C 3430 115.89 40.46 -100.47
N ALA C 3431 116.14 40.38 -101.78
CA ALA C 3431 117.46 40.09 -102.31
C ALA C 3431 118.43 41.25 -102.02
N SER C 3432 118.05 42.50 -102.33
CA SER C 3432 118.82 43.67 -101.95
C SER C 3432 118.56 44.01 -100.48
N VAL C 3433 119.61 43.91 -99.66
CA VAL C 3433 119.50 44.11 -98.22
C VAL C 3433 120.39 45.29 -97.85
N ILE C 3434 119.78 46.47 -97.70
CA ILE C 3434 120.50 47.62 -97.17
C ILE C 3434 120.44 47.65 -95.64
N ASP C 3435 119.36 47.14 -95.03
CA ASP C 3435 119.25 47.08 -93.59
C ASP C 3435 120.05 45.93 -93.02
N SER C 3436 121.37 46.05 -93.03
CA SER C 3436 122.26 44.99 -92.55
C SER C 3436 122.84 45.31 -91.17
N ALA C 3437 123.42 46.50 -90.99
CA ALA C 3437 123.95 46.86 -89.68
C ALA C 3437 122.84 47.06 -88.66
N GLU C 3438 121.64 47.46 -89.12
CA GLU C 3438 120.52 47.62 -88.21
C GLU C 3438 120.01 46.27 -87.72
N LEU C 3439 119.77 45.35 -88.64
CA LEU C 3439 119.25 44.03 -88.30
C LEU C 3439 120.39 43.07 -87.97
N GLN C 3440 121.28 43.48 -87.08
CA GLN C 3440 122.37 42.65 -86.63
C GLN C 3440 122.04 42.01 -85.30
N ALA C 3441 121.65 42.80 -84.31
CA ALA C 3441 121.34 42.26 -83.00
C ALA C 3441 120.14 41.32 -83.03
N TYR C 3442 119.20 41.55 -83.95
CA TYR C 3442 117.84 41.04 -83.83
C TYR C 3442 117.76 39.51 -83.71
N PRO C 3443 118.45 38.71 -84.51
CA PRO C 3443 118.36 37.28 -84.38
C PRO C 3443 118.79 36.82 -83.00
N ALA C 3444 119.95 37.25 -82.52
CA ALA C 3444 120.41 36.82 -81.21
C ALA C 3444 119.53 37.36 -80.09
N LEU C 3445 119.11 38.61 -80.24
CA LEU C 3445 118.28 39.29 -79.28
C LEU C 3445 116.98 38.54 -79.00
N VAL C 3446 116.21 38.24 -80.05
CA VAL C 3446 114.86 37.68 -79.94
C VAL C 3446 114.81 36.47 -79.03
N VAL C 3447 115.80 35.59 -79.19
CA VAL C 3447 115.91 34.33 -78.47
C VAL C 3447 115.81 34.57 -76.98
N GLU C 3448 116.66 35.45 -76.49
CA GLU C 3448 116.76 35.74 -75.07
C GLU C 3448 115.43 36.27 -74.53
N LYS C 3449 114.66 36.92 -75.39
CA LYS C 3449 113.32 37.34 -75.02
C LYS C 3449 112.37 36.15 -74.98
N MET C 3450 112.22 35.41 -76.07
CA MET C 3450 111.22 34.35 -76.08
C MET C 3450 111.48 33.34 -75.00
N LEU C 3451 112.72 32.93 -74.78
CA LEU C 3451 112.97 31.90 -73.77
C LEU C 3451 112.84 32.46 -72.35
N LYS C 3452 112.98 33.76 -72.13
CA LYS C 3452 112.43 34.36 -70.92
C LYS C 3452 110.92 34.18 -70.92
N ALA C 3453 110.23 34.62 -71.95
CA ALA C 3453 108.78 34.61 -72.01
C ALA C 3453 108.18 33.23 -71.79
N LEU C 3454 108.81 32.22 -72.34
CA LEU C 3454 108.29 30.87 -72.31
C LEU C 3454 108.34 30.31 -70.90
N LYS C 3455 109.35 30.68 -70.10
CA LYS C 3455 109.38 30.37 -68.66
C LYS C 3455 108.19 30.96 -67.92
N LEU C 3456 107.58 32.01 -68.45
CA LEU C 3456 106.40 32.65 -67.88
C LEU C 3456 105.10 32.01 -68.36
N ASN C 3457 105.17 30.85 -69.01
CA ASN C 3457 104.01 30.10 -69.49
C ASN C 3457 103.28 30.78 -70.68
N SER C 3458 103.97 31.55 -71.53
CA SER C 3458 103.33 32.22 -72.65
C SER C 3458 102.81 31.21 -73.63
N ASN C 3459 101.51 31.07 -73.68
CA ASN C 3459 100.87 30.29 -74.71
C ASN C 3459 101.23 30.81 -76.10
N GLU C 3460 101.34 32.11 -76.30
CA GLU C 3460 101.62 32.56 -77.66
C GLU C 3460 103.04 32.29 -78.09
N ALA C 3461 104.00 32.39 -77.17
CA ALA C 3461 105.37 32.00 -77.49
C ALA C 3461 105.41 30.53 -77.86
N ARG C 3462 104.71 29.71 -77.08
CA ARG C 3462 104.57 28.30 -77.32
C ARG C 3462 103.96 28.01 -78.68
N LEU C 3463 103.04 28.84 -79.12
CA LEU C 3463 102.45 28.73 -80.44
C LEU C 3463 103.41 29.14 -81.56
N LYS C 3464 104.27 30.11 -81.28
CA LYS C 3464 105.26 30.63 -82.22
C LYS C 3464 106.56 29.84 -82.25
N PHE C 3465 106.81 29.02 -81.24
CA PHE C 3465 108.10 28.45 -80.94
C PHE C 3465 108.90 27.88 -82.12
N PRO C 3466 108.30 27.14 -83.07
CA PRO C 3466 108.98 26.69 -84.26
C PRO C 3466 109.76 27.76 -85.01
N ARG C 3467 109.42 29.03 -84.86
CA ARG C 3467 110.22 30.12 -85.43
C ARG C 3467 111.69 30.00 -85.10
N LEU C 3468 112.00 29.76 -83.83
CA LEU C 3468 113.36 29.64 -83.38
C LEU C 3468 114.10 28.59 -84.18
N LEU C 3469 113.42 27.48 -84.40
CA LEU C 3469 113.99 26.30 -85.02
C LEU C 3469 114.34 26.53 -86.49
N GLN C 3470 113.72 27.51 -87.14
CA GLN C 3470 114.09 27.93 -88.49
C GLN C 3470 115.00 29.17 -88.47
N ILE C 3471 114.92 30.01 -87.45
CA ILE C 3471 115.83 31.14 -87.29
C ILE C 3471 117.25 30.66 -87.08
N ILE C 3472 117.50 29.69 -86.19
CA ILE C 3472 118.88 29.26 -85.92
C ILE C 3472 119.57 28.76 -87.17
N GLU C 3473 118.81 28.16 -88.06
CA GLU C 3473 119.30 27.67 -89.35
C GLU C 3473 119.77 28.81 -90.26
N ARG C 3474 119.12 29.97 -90.16
CA ARG C 3474 119.53 31.20 -90.85
C ARG C 3474 120.66 31.92 -90.15
N TYR C 3475 120.70 31.83 -88.82
CA TYR C 3475 121.62 32.58 -87.97
C TYR C 3475 122.54 31.68 -87.14
N PRO C 3476 123.16 30.66 -87.75
CA PRO C 3476 123.86 29.63 -87.02
C PRO C 3476 125.15 30.15 -86.37
N GLU C 3477 125.56 31.37 -86.67
CA GLU C 3477 126.82 31.93 -86.22
C GLU C 3477 126.78 32.08 -84.70
N GLU C 3478 125.74 32.70 -84.19
CA GLU C 3478 125.71 33.15 -82.80
C GLU C 3478 124.36 33.05 -82.13
N THR C 3479 123.39 32.43 -82.78
CA THR C 3479 122.25 31.93 -82.02
C THR C 3479 122.64 30.78 -81.11
N LEU C 3480 123.38 29.81 -81.64
CA LEU C 3480 123.39 28.47 -81.05
C LEU C 3480 123.88 28.51 -79.62
N SER C 3481 124.96 29.23 -79.38
CA SER C 3481 125.60 29.29 -78.08
C SER C 3481 124.64 29.80 -77.01
N LEU C 3482 124.05 30.96 -77.29
CA LEU C 3482 123.13 31.65 -76.40
C LEU C 3482 121.92 30.77 -76.11
N MET C 3483 121.29 30.29 -77.18
CA MET C 3483 120.16 29.39 -77.09
C MET C 3483 120.50 28.21 -76.20
N THR C 3484 121.65 27.61 -76.44
CA THR C 3484 122.04 26.41 -75.74
C THR C 3484 122.18 26.67 -74.25
N LYS C 3485 122.99 27.66 -73.86
CA LYS C 3485 123.19 27.92 -72.43
C LYS C 3485 121.91 28.37 -71.72
N GLU C 3486 120.96 28.88 -72.49
CA GLU C 3486 119.67 29.34 -72.01
C GLU C 3486 118.68 28.20 -71.84
N ILE C 3487 118.50 27.36 -72.86
CA ILE C 3487 117.24 26.66 -73.08
C ILE C 3487 116.87 25.65 -71.98
N SER C 3488 117.88 25.13 -71.28
CA SER C 3488 117.73 24.29 -70.08
C SER C 3488 116.74 24.86 -69.06
N SER C 3489 116.68 26.18 -68.95
CA SER C 3489 115.80 26.87 -68.02
C SER C 3489 114.31 26.82 -68.39
N VAL C 3490 113.92 26.20 -69.51
CA VAL C 3490 112.53 26.12 -69.99
C VAL C 3490 111.85 24.79 -69.63
N PRO C 3491 110.65 24.76 -69.06
CA PRO C 3491 110.01 23.51 -68.66
C PRO C 3491 109.78 22.57 -69.85
N CYS C 3492 110.20 21.32 -69.72
CA CYS C 3492 110.15 20.37 -70.82
C CYS C 3492 108.74 20.25 -71.41
N TRP C 3493 107.73 20.18 -70.56
CA TRP C 3493 106.36 19.99 -70.98
C TRP C 3493 105.77 21.20 -71.67
N GLN C 3494 106.46 22.32 -71.74
CA GLN C 3494 106.03 23.34 -72.68
C GLN C 3494 106.20 22.90 -74.12
N PHE C 3495 107.17 22.05 -74.44
CA PHE C 3495 107.52 21.87 -75.84
C PHE C 3495 106.59 20.97 -76.62
N ILE C 3496 105.91 20.08 -75.93
CA ILE C 3496 105.45 18.79 -76.46
C ILE C 3496 104.79 18.87 -77.81
N SER C 3497 103.97 19.89 -78.02
CA SER C 3497 103.37 20.18 -79.32
C SER C 3497 104.31 19.95 -80.49
N TRP C 3498 105.52 20.49 -80.41
CA TRP C 3498 106.41 20.61 -81.56
C TRP C 3498 107.38 19.48 -81.71
N ILE C 3499 107.13 18.40 -80.98
CA ILE C 3499 108.14 17.38 -80.81
C ILE C 3499 108.69 16.88 -82.12
N SER C 3500 107.86 16.74 -83.14
CA SER C 3500 108.26 16.29 -84.46
C SER C 3500 109.43 17.09 -84.99
N HIS C 3501 109.33 18.40 -84.96
CA HIS C 3501 110.40 19.27 -85.42
C HIS C 3501 111.67 18.99 -84.65
N MET C 3502 111.54 18.92 -83.33
CA MET C 3502 112.68 18.73 -82.46
C MET C 3502 113.40 17.45 -82.81
N VAL C 3503 112.68 16.34 -82.91
CA VAL C 3503 113.31 15.07 -83.22
C VAL C 3503 113.77 14.98 -84.66
N ALA C 3504 113.17 15.77 -85.54
CA ALA C 3504 113.54 15.81 -86.94
C ALA C 3504 114.86 16.55 -87.20
N LEU C 3505 115.54 17.13 -86.18
CA LEU C 3505 116.80 17.79 -86.46
C LEU C 3505 117.91 17.31 -85.50
N LEU C 3506 117.75 16.13 -84.92
CA LEU C 3506 118.77 15.56 -84.05
C LEU C 3506 120.00 15.11 -84.82
N ASP C 3507 119.93 15.07 -86.13
CA ASP C 3507 121.00 14.71 -87.05
C ASP C 3507 121.76 15.94 -87.56
N LYS C 3508 121.11 17.11 -87.65
CA LYS C 3508 121.75 18.38 -88.06
C LYS C 3508 122.44 19.00 -86.85
N ASP C 3509 123.52 19.76 -87.00
CA ASP C 3509 124.36 20.19 -85.86
C ASP C 3509 123.59 20.91 -84.76
N GLN C 3510 122.56 21.62 -85.14
CA GLN C 3510 121.62 22.29 -84.26
C GLN C 3510 120.97 21.35 -83.26
N ALA C 3511 121.09 20.03 -83.44
CA ALA C 3511 120.94 19.02 -82.42
C ALA C 3511 121.50 19.48 -81.07
N VAL C 3512 122.66 20.13 -81.08
CA VAL C 3512 123.33 20.64 -79.88
C VAL C 3512 122.38 21.37 -78.95
N ALA C 3513 121.48 22.20 -79.49
CA ALA C 3513 120.52 22.92 -78.69
C ALA C 3513 119.50 21.97 -78.02
N VAL C 3514 118.97 21.04 -78.80
CA VAL C 3514 117.82 20.23 -78.40
C VAL C 3514 118.19 18.98 -77.64
N GLN C 3515 119.41 18.46 -77.79
CA GLN C 3515 119.71 17.11 -77.34
C GLN C 3515 119.41 16.90 -75.86
N HIS C 3516 119.87 17.81 -75.02
CA HIS C 3516 119.52 17.80 -73.60
C HIS C 3516 118.00 17.81 -73.39
N SER C 3517 117.32 18.68 -74.10
CA SER C 3517 115.89 18.92 -73.93
C SER C 3517 115.11 17.66 -74.24
N VAL C 3518 115.39 17.07 -75.40
CA VAL C 3518 114.68 15.90 -75.87
C VAL C 3518 114.90 14.75 -74.93
N GLU C 3519 116.10 14.60 -74.41
CA GLU C 3519 116.35 13.56 -73.44
C GLU C 3519 115.53 13.81 -72.18
N GLU C 3520 115.41 15.05 -71.73
CA GLU C 3520 114.56 15.29 -70.59
C GLU C 3520 113.10 14.95 -70.87
N ILE C 3521 112.60 15.28 -72.05
CA ILE C 3521 111.23 14.95 -72.43
C ILE C 3521 111.05 13.44 -72.39
N THR C 3522 112.00 12.70 -72.96
CA THR C 3522 112.01 11.25 -72.87
C THR C 3522 111.92 10.79 -71.44
N ASP C 3523 112.76 11.36 -70.59
CA ASP C 3523 112.89 10.98 -69.20
C ASP C 3523 111.68 11.37 -68.36
N ASN C 3524 110.66 12.00 -68.92
CA ASN C 3524 109.40 12.26 -68.22
C ASN C 3524 108.18 11.71 -68.94
N TYR C 3525 108.19 11.70 -70.26
CA TYR C 3525 107.01 11.51 -71.07
C TYR C 3525 107.32 10.60 -72.25
N PRO C 3526 107.71 9.35 -71.97
CA PRO C 3526 108.22 8.48 -73.00
C PRO C 3526 107.14 8.19 -74.03
N GLN C 3527 105.93 7.97 -73.52
CA GLN C 3527 104.74 7.77 -74.34
C GLN C 3527 104.43 8.97 -75.22
N ALA C 3528 104.94 10.16 -74.92
CA ALA C 3528 104.82 11.27 -75.84
C ALA C 3528 105.82 11.09 -76.96
N ILE C 3529 107.10 11.03 -76.65
CA ILE C 3529 108.13 11.15 -77.68
C ILE C 3529 108.15 10.00 -78.67
N VAL C 3530 107.74 8.83 -78.21
CA VAL C 3530 108.06 7.59 -78.89
C VAL C 3530 107.67 7.57 -80.37
N TYR C 3531 106.44 7.87 -80.74
CA TYR C 3531 106.04 7.81 -82.13
C TYR C 3531 106.81 8.78 -83.01
N PRO C 3532 106.90 10.05 -82.64
CA PRO C 3532 107.77 10.97 -83.34
C PRO C 3532 109.17 10.42 -83.50
N PHE C 3533 109.73 9.86 -82.43
CA PHE C 3533 111.06 9.31 -82.50
C PHE C 3533 111.13 8.20 -83.50
N ILE C 3534 110.16 7.30 -83.51
CA ILE C 3534 110.15 6.19 -84.45
C ILE C 3534 110.24 6.70 -85.87
N ILE C 3535 109.31 7.58 -86.23
CA ILE C 3535 109.20 8.03 -87.62
C ILE C 3535 110.47 8.75 -88.06
N SER C 3536 111.13 9.40 -87.13
CA SER C 3536 112.37 10.10 -87.40
C SER C 3536 113.57 9.16 -87.45
N SER C 3537 113.55 8.13 -86.61
CA SER C 3537 114.59 7.12 -86.54
C SER C 3537 114.73 6.38 -87.84
N GLU C 3538 113.63 6.14 -88.53
CA GLU C 3538 113.62 5.52 -89.85
C GLU C 3538 113.99 6.50 -90.99
N SER C 3539 114.52 7.69 -90.67
CA SER C 3539 114.60 8.78 -91.65
C SER C 3539 115.89 9.61 -91.67
N TYR C 3540 116.65 9.68 -90.57
CA TYR C 3540 117.97 10.33 -90.52
C TYR C 3540 119.00 9.75 -91.49
N SER C 3541 120.08 10.50 -91.71
CA SER C 3541 121.38 9.97 -92.11
C SER C 3541 122.46 10.88 -91.54
N PHE C 3542 123.22 10.38 -90.59
CA PHE C 3542 124.26 11.15 -89.90
C PHE C 3542 125.46 11.45 -90.80
N LYS C 3543 126.17 12.55 -90.50
CA LYS C 3543 127.50 12.80 -91.05
C LYS C 3543 128.56 11.90 -90.41
N ASP C 3544 129.48 11.42 -91.24
CA ASP C 3544 130.56 10.54 -90.83
C ASP C 3544 131.74 11.35 -90.26
N THR C 3545 131.43 12.14 -89.22
CA THR C 3545 132.25 13.21 -88.62
C THR C 3545 131.90 13.29 -87.13
N SER C 3546 132.75 13.83 -86.25
CA SER C 3546 132.46 13.78 -84.81
C SER C 3546 131.10 14.38 -84.48
N THR C 3547 130.71 15.46 -85.14
CA THR C 3547 129.35 16.02 -85.02
C THR C 3547 128.24 15.01 -85.32
N GLY C 3548 128.29 14.33 -86.47
CA GLY C 3548 127.27 13.34 -86.78
C GLY C 3548 127.41 12.08 -85.90
N HIS C 3549 128.63 11.68 -85.54
CA HIS C 3549 128.86 10.58 -84.62
C HIS C 3549 128.24 10.88 -83.26
N LYS C 3550 128.53 12.03 -82.67
CA LYS C 3550 127.92 12.50 -81.42
C LYS C 3550 126.40 12.38 -81.50
N ASN C 3551 125.84 12.87 -82.60
CA ASN C 3551 124.41 12.79 -82.81
C ASN C 3551 123.95 11.33 -82.90
N LYS C 3552 124.63 10.49 -83.69
CA LYS C 3552 124.29 9.09 -83.91
C LYS C 3552 124.35 8.29 -82.62
N GLU C 3553 125.35 8.62 -81.80
CA GLU C 3553 125.57 8.01 -80.51
C GLU C 3553 124.51 8.45 -79.50
N PHE C 3554 124.16 9.74 -79.46
CA PHE C 3554 123.04 10.20 -78.67
C PHE C 3554 121.76 9.50 -79.09
N VAL C 3555 121.54 9.40 -80.40
CA VAL C 3555 120.37 8.74 -80.93
C VAL C 3555 120.34 7.28 -80.52
N ALA C 3556 121.46 6.59 -80.55
CA ALA C 3556 121.53 5.25 -80.01
C ALA C 3556 121.15 5.24 -78.52
N ARG C 3557 121.60 6.20 -77.72
CA ARG C 3557 121.20 6.30 -76.31
C ARG C 3557 119.71 6.55 -76.16
N ILE C 3558 119.10 7.40 -76.96
CA ILE C 3558 117.65 7.55 -76.91
C ILE C 3558 116.98 6.23 -77.29
N LYS C 3559 117.35 5.69 -78.46
CA LYS C 3559 116.77 4.47 -79.05
C LYS C 3559 116.77 3.33 -78.06
N SER C 3560 117.93 3.07 -77.48
CA SER C 3560 118.05 2.09 -76.41
C SER C 3560 117.23 2.48 -75.19
N LYS C 3561 117.24 3.74 -74.75
CA LYS C 3561 116.41 4.20 -73.64
C LYS C 3561 114.93 4.37 -74.01
N LEU C 3562 114.49 3.85 -75.15
CA LEU C 3562 113.09 3.60 -75.46
C LEU C 3562 112.79 2.10 -75.55
N ASP C 3563 113.78 1.28 -75.89
CA ASP C 3563 113.63 -0.16 -76.09
C ASP C 3563 113.29 -0.97 -74.81
N GLN C 3564 113.24 -0.37 -73.62
CA GLN C 3564 112.49 -0.95 -72.52
C GLN C 3564 110.99 -0.97 -72.86
N GLY C 3565 110.44 0.16 -73.31
CA GLY C 3565 109.15 0.21 -74.03
C GLY C 3565 109.18 -0.52 -75.37
N GLY C 3566 110.36 -0.84 -75.87
CA GLY C 3566 110.62 -1.83 -76.93
C GLY C 3566 109.90 -3.15 -76.70
N VAL C 3567 109.75 -3.55 -75.44
CA VAL C 3567 108.90 -4.67 -75.04
C VAL C 3567 107.46 -4.46 -75.53
N ILE C 3568 106.86 -3.32 -75.22
CA ILE C 3568 105.47 -3.03 -75.53
C ILE C 3568 105.27 -2.85 -77.03
N GLN C 3569 106.10 -2.03 -77.68
CA GLN C 3569 105.88 -1.59 -79.05
C GLN C 3569 105.91 -2.70 -80.09
N ASP C 3570 106.09 -3.96 -79.73
CA ASP C 3570 105.66 -5.04 -80.62
C ASP C 3570 104.19 -4.90 -81.04
N PHE C 3571 103.44 -4.19 -80.20
CA PHE C 3571 102.15 -3.60 -80.48
C PHE C 3571 102.09 -2.99 -81.87
N ILE C 3572 103.15 -2.35 -82.33
CA ILE C 3572 103.20 -1.79 -83.67
C ILE C 3572 103.03 -2.89 -84.66
N ASN C 3573 103.85 -3.91 -84.56
CA ASN C 3573 103.80 -5.07 -85.41
C ASN C 3573 102.39 -5.66 -85.36
N ALA C 3574 101.81 -5.69 -84.15
CA ALA C 3574 100.49 -6.25 -83.92
C ALA C 3574 99.42 -5.47 -84.68
N LEU C 3575 99.41 -4.15 -84.56
CA LEU C 3575 98.57 -3.34 -85.41
C LEU C 3575 98.85 -3.62 -86.88
N ASP C 3576 100.12 -3.77 -87.24
CA ASP C 3576 100.52 -3.93 -88.61
C ASP C 3576 99.80 -5.09 -89.25
N GLN C 3577 99.58 -6.17 -88.51
CA GLN C 3577 98.85 -7.35 -88.99
C GLN C 3577 97.50 -7.02 -89.60
N LEU C 3578 96.85 -5.97 -89.12
CA LEU C 3578 95.55 -5.55 -89.60
C LEU C 3578 95.57 -5.02 -91.02
N SER C 3579 96.69 -4.47 -91.50
CA SER C 3579 96.68 -4.01 -92.87
C SER C 3579 96.44 -5.17 -93.82
N ASN C 3580 95.78 -4.90 -94.96
CA ASN C 3580 95.67 -5.90 -95.99
C ASN C 3580 97.04 -6.15 -96.61
N PRO C 3581 97.56 -7.39 -96.58
CA PRO C 3581 98.90 -7.67 -97.07
C PRO C 3581 99.01 -7.34 -98.56
N GLU C 3582 97.98 -7.70 -99.34
CA GLU C 3582 97.93 -7.39 -100.75
C GLU C 3582 98.00 -5.88 -101.04
N LEU C 3583 97.48 -5.03 -100.16
CA LEU C 3583 97.66 -3.59 -100.33
C LEU C 3583 99.11 -3.20 -100.08
N LEU C 3584 99.73 -3.74 -99.04
CA LEU C 3584 101.13 -3.43 -98.81
C LEU C 3584 102.00 -3.86 -99.98
N PHE C 3585 101.71 -5.02 -100.56
CA PHE C 3585 102.38 -5.49 -101.75
C PHE C 3585 102.13 -4.57 -102.94
N LYS C 3586 100.91 -4.06 -103.12
CA LYS C 3586 100.62 -3.03 -104.12
C LYS C 3586 101.49 -1.79 -103.90
N ASP C 3587 101.64 -1.30 -102.67
CA ASP C 3587 102.49 -0.13 -102.41
C ASP C 3587 103.95 -0.39 -102.72
N TRP C 3588 104.51 -1.46 -102.16
CA TRP C 3588 105.89 -1.82 -102.39
C TRP C 3588 106.18 -2.01 -103.88
N SER C 3589 105.33 -2.75 -104.58
CA SER C 3589 105.42 -2.90 -106.02
C SER C 3589 105.07 -1.62 -106.79
N ASN C 3590 104.61 -0.55 -106.16
CA ASN C 3590 104.58 0.78 -106.75
C ASN C 3590 105.92 1.49 -106.49
N ASP C 3591 106.42 1.47 -105.26
CA ASP C 3591 107.60 2.27 -104.89
C ASP C 3591 108.91 1.70 -105.46
N VAL C 3592 109.09 0.37 -105.53
CA VAL C 3592 110.25 -0.19 -106.23
C VAL C 3592 110.12 -0.03 -107.74
N ARG C 3593 108.88 0.00 -108.27
CA ARG C 3593 108.58 0.27 -109.68
C ARG C 3593 108.97 1.69 -110.07
N ALA C 3594 108.92 2.64 -109.13
CA ALA C 3594 109.65 3.89 -109.28
C ALA C 3594 111.16 3.67 -109.09
N GLU C 3595 111.62 3.06 -108.01
CA GLU C 3595 113.05 2.93 -107.68
C GLU C 3595 113.90 2.35 -108.82
N LEU C 3596 113.43 1.25 -109.41
CA LEU C 3596 114.04 0.53 -110.52
C LEU C 3596 114.14 1.36 -111.82
N ALA C 3597 113.40 2.46 -111.92
CA ALA C 3597 113.42 3.41 -113.03
C ALA C 3597 113.80 4.83 -112.58
N LYS C 3598 114.13 5.06 -111.30
CA LYS C 3598 114.47 6.37 -110.72
C LYS C 3598 115.84 6.89 -111.15
N THR C 3599 116.67 5.96 -111.59
CA THR C 3599 118.12 6.03 -111.86
C THR C 3599 118.44 4.81 -112.73
N PRO C 3600 119.63 4.73 -113.36
CA PRO C 3600 120.17 3.41 -113.69
C PRO C 3600 120.09 2.49 -112.50
N VAL C 3601 119.71 1.20 -112.66
CA VAL C 3601 119.32 0.29 -111.56
C VAL C 3601 120.29 0.23 -110.37
N ASN C 3602 119.76 0.38 -109.15
CA ASN C 3602 120.52 0.74 -107.95
C ASN C 3602 120.46 -0.38 -106.89
N LYS C 3603 121.40 -1.32 -106.96
CA LYS C 3603 121.21 -2.70 -106.44
C LYS C 3603 120.97 -2.81 -104.93
N LYS C 3604 121.88 -2.31 -104.08
CA LYS C 3604 121.76 -2.44 -102.62
C LYS C 3604 120.40 -1.94 -102.14
N ASN C 3605 120.01 -0.76 -102.59
CA ASN C 3605 118.74 -0.14 -102.23
C ASN C 3605 117.54 -0.94 -102.78
N ILE C 3606 117.57 -1.40 -104.02
CA ILE C 3606 116.51 -2.26 -104.58
C ILE C 3606 116.30 -3.51 -103.73
N GLU C 3607 117.37 -4.18 -103.30
CA GLU C 3607 117.25 -5.31 -102.37
C GLU C 3607 116.78 -4.89 -100.97
N LYS C 3608 117.18 -3.72 -100.44
CA LYS C 3608 116.68 -3.22 -99.15
C LYS C 3608 115.16 -3.17 -99.13
N MET C 3609 114.55 -2.82 -100.26
CA MET C 3609 113.09 -2.81 -100.40
C MET C 3609 112.54 -4.24 -100.49
N TYR C 3610 113.22 -5.15 -101.19
CA TYR C 3610 112.84 -6.56 -101.12
C TYR C 3610 112.93 -7.09 -99.69
N GLU C 3611 113.95 -6.72 -98.92
CA GLU C 3611 114.08 -7.08 -97.52
C GLU C 3611 112.88 -6.57 -96.74
N ARG C 3612 112.50 -5.29 -96.91
CA ARG C 3612 111.27 -4.76 -96.31
C ARG C 3612 110.07 -5.65 -96.65
N MET C 3613 109.88 -5.95 -97.94
CA MET C 3613 108.76 -6.76 -98.42
C MET C 3613 108.76 -8.15 -97.80
N TYR C 3614 109.87 -8.86 -97.89
CA TYR C 3614 109.91 -10.26 -97.51
C TYR C 3614 109.90 -10.44 -96.00
N ALA C 3615 110.56 -9.53 -95.27
CA ALA C 3615 110.47 -9.49 -93.82
C ALA C 3615 109.03 -9.27 -93.39
N ALA C 3616 108.31 -8.39 -94.08
CA ALA C 3616 106.90 -8.16 -93.80
C ALA C 3616 106.04 -9.37 -94.16
N LEU C 3617 106.16 -9.86 -95.39
CA LEU C 3617 105.13 -10.64 -96.09
C LEU C 3617 105.66 -11.86 -96.86
N GLY C 3618 106.94 -12.18 -96.74
CA GLY C 3618 107.55 -13.37 -97.35
C GLY C 3618 107.82 -14.53 -96.37
N ASP C 3619 108.34 -14.23 -95.17
CA ASP C 3619 108.68 -15.25 -94.16
C ASP C 3619 107.49 -15.73 -93.31
N PRO C 3620 107.16 -17.03 -93.25
CA PRO C 3620 106.08 -17.54 -92.38
C PRO C 3620 106.46 -17.56 -90.91
N LYS C 3621 107.73 -17.43 -90.58
CA LYS C 3621 108.20 -17.44 -89.19
C LYS C 3621 108.29 -16.03 -88.61
N ALA C 3622 107.18 -15.29 -88.69
CA ALA C 3622 107.13 -13.94 -88.16
C ALA C 3622 106.81 -13.96 -86.67
N PRO C 3623 107.23 -12.92 -85.92
CA PRO C 3623 106.97 -12.90 -84.48
C PRO C 3623 105.48 -12.90 -84.13
N GLY C 3624 104.72 -11.97 -84.71
CA GLY C 3624 103.32 -11.86 -84.40
C GLY C 3624 102.41 -12.11 -85.58
N LEU C 3625 102.70 -13.12 -86.41
CA LEU C 3625 101.88 -13.44 -87.59
C LEU C 3625 100.47 -13.90 -87.20
N GLY C 3626 99.46 -13.38 -87.90
CA GLY C 3626 98.08 -13.85 -87.79
C GLY C 3626 97.71 -14.90 -88.81
N ALA C 3627 96.83 -15.81 -88.41
CA ALA C 3627 96.42 -16.94 -89.24
C ALA C 3627 95.76 -16.50 -90.55
N PHE C 3628 95.06 -15.37 -90.57
CA PHE C 3628 94.59 -14.85 -91.84
C PHE C 3628 95.75 -14.50 -92.77
N ARG C 3629 96.69 -13.62 -92.35
CA ARG C 3629 97.81 -13.21 -93.21
C ARG C 3629 98.71 -14.38 -93.62
N ARG C 3630 98.86 -15.39 -92.78
CA ARG C 3630 99.60 -16.63 -93.07
C ARG C 3630 99.15 -17.26 -94.38
N LYS C 3631 97.87 -17.20 -94.67
CA LYS C 3631 97.24 -17.64 -95.92
C LYS C 3631 97.91 -17.02 -97.13
N PHE C 3632 97.99 -15.69 -97.15
CA PHE C 3632 98.61 -14.95 -98.23
C PHE C 3632 100.08 -15.36 -98.38
N ILE C 3633 100.79 -15.49 -97.25
CA ILE C 3633 102.21 -15.85 -97.26
C ILE C 3633 102.38 -17.22 -97.91
N GLN C 3634 101.66 -18.24 -97.46
CA GLN C 3634 101.74 -19.56 -98.06
C GLN C 3634 101.39 -19.52 -99.54
N THR C 3635 100.36 -18.78 -99.91
CA THR C 3635 99.88 -18.75 -101.29
C THR C 3635 100.75 -17.93 -102.23
N PHE C 3636 101.68 -17.09 -101.75
CA PHE C 3636 102.48 -16.24 -102.66
C PHE C 3636 103.95 -16.08 -102.31
N GLY C 3637 104.38 -16.30 -101.07
CA GLY C 3637 105.78 -16.19 -100.67
C GLY C 3637 106.69 -17.10 -101.51
N LYS C 3638 106.20 -18.30 -101.77
CA LYS C 3638 106.75 -19.25 -102.74
C LYS C 3638 107.08 -18.58 -104.08
N GLU C 3639 106.09 -17.91 -104.66
CA GLU C 3639 106.19 -17.33 -105.99
C GLU C 3639 107.04 -16.06 -106.01
N PHE C 3640 107.15 -15.36 -104.89
CA PHE C 3640 108.15 -14.29 -104.75
C PHE C 3640 109.57 -14.83 -104.86
N ASP C 3641 109.79 -16.06 -104.41
CA ASP C 3641 111.07 -16.73 -104.60
C ASP C 3641 111.35 -17.08 -106.08
N LYS C 3642 110.31 -17.12 -106.93
CA LYS C 3642 110.37 -17.65 -108.30
C LYS C 3642 110.31 -16.57 -109.38
N HIS C 3643 109.40 -15.61 -109.26
CA HIS C 3643 109.26 -14.52 -110.22
C HIS C 3643 110.27 -13.42 -109.91
N PHE C 3644 110.35 -12.99 -108.65
CA PHE C 3644 111.59 -12.43 -108.12
C PHE C 3644 112.49 -13.58 -107.69
N GLY C 3645 113.68 -13.28 -107.17
CA GLY C 3645 114.49 -14.31 -106.51
C GLY C 3645 114.26 -14.28 -105.01
N LYS C 3646 114.62 -15.38 -104.34
CA LYS C 3646 115.02 -15.35 -102.92
C LYS C 3646 116.11 -14.28 -102.76
N GLY C 3647 116.00 -13.41 -101.76
CA GLY C 3647 116.90 -12.26 -101.58
C GLY C 3647 116.85 -11.19 -102.68
N GLY C 3648 115.93 -11.33 -103.66
CA GLY C 3648 115.67 -10.37 -104.72
C GLY C 3648 116.51 -10.54 -105.99
N SER C 3649 117.28 -11.61 -106.15
CA SER C 3649 118.29 -11.73 -107.22
C SER C 3649 117.79 -11.43 -108.63
N LYS C 3650 116.64 -12.00 -109.03
CA LYS C 3650 115.98 -11.68 -110.31
C LYS C 3650 115.61 -10.20 -110.39
N LEU C 3651 114.94 -9.68 -109.36
CA LEU C 3651 114.50 -8.28 -109.26
C LEU C 3651 115.68 -7.29 -109.33
N LEU C 3652 116.86 -7.69 -108.86
CA LEU C 3652 118.06 -6.88 -108.81
C LEU C 3652 118.60 -6.48 -110.20
N ARG C 3653 118.11 -7.12 -111.27
CA ARG C 3653 118.58 -6.98 -112.66
C ARG C 3653 117.46 -6.89 -113.70
N MET C 3654 116.31 -7.53 -113.41
CA MET C 3654 115.02 -7.48 -114.12
C MET C 3654 114.63 -6.05 -114.53
N LYS C 3655 113.99 -5.87 -115.70
CA LYS C 3655 113.70 -4.52 -116.20
C LYS C 3655 112.27 -4.14 -115.90
N LEU C 3656 111.98 -2.84 -115.83
CA LEU C 3656 110.70 -2.42 -115.27
C LEU C 3656 109.48 -2.88 -116.08
N SER C 3657 109.55 -2.86 -117.40
CA SER C 3657 108.44 -3.36 -118.23
C SER C 3657 108.07 -4.81 -117.89
N ASP C 3658 109.02 -5.60 -117.39
CA ASP C 3658 108.77 -6.94 -116.85
C ASP C 3658 108.22 -6.86 -115.42
N PHE C 3659 108.84 -6.09 -114.52
CA PHE C 3659 108.47 -6.08 -113.11
C PHE C 3659 107.04 -5.57 -112.90
N ASN C 3660 106.70 -4.49 -113.60
CA ASN C 3660 105.38 -3.89 -113.63
C ASN C 3660 104.33 -4.98 -113.90
N ASP C 3661 104.42 -5.69 -115.03
CA ASP C 3661 103.47 -6.76 -115.32
C ASP C 3661 103.62 -8.00 -114.44
N ILE C 3662 104.81 -8.32 -113.93
CA ILE C 3662 104.95 -9.39 -112.94
C ILE C 3662 104.10 -9.08 -111.71
N THR C 3663 104.25 -7.88 -111.16
CA THR C 3663 103.46 -7.49 -109.98
C THR C 3663 102.00 -7.23 -110.34
N ASN C 3664 101.69 -6.73 -111.53
CA ASN C 3664 100.31 -6.66 -111.98
C ASN C 3664 99.71 -8.06 -111.97
N MET C 3665 100.37 -9.05 -112.56
CA MET C 3665 99.89 -10.43 -112.57
C MET C 3665 99.67 -10.96 -111.16
N LEU C 3666 100.63 -10.75 -110.26
CA LEU C 3666 100.50 -11.14 -108.86
C LEU C 3666 99.24 -10.51 -108.25
N LEU C 3667 99.05 -9.20 -108.42
CA LEU C 3667 97.89 -8.51 -107.87
C LEU C 3667 96.57 -8.89 -108.54
N LEU C 3668 96.58 -9.13 -109.85
CA LEU C 3668 95.43 -9.64 -110.61
C LEU C 3668 94.96 -11.00 -110.08
N LYS C 3669 95.84 -11.80 -109.47
CA LYS C 3669 95.46 -13.06 -108.83
C LYS C 3669 95.27 -12.98 -107.29
N MET C 3670 95.96 -12.07 -106.60
CA MET C 3670 95.70 -11.78 -105.18
C MET C 3670 94.34 -11.12 -104.98
N ASN C 3671 94.08 -10.02 -105.69
CA ASN C 3671 92.87 -9.19 -105.58
C ASN C 3671 91.62 -9.85 -106.17
N LYS C 3672 91.78 -11.03 -106.77
CA LYS C 3672 90.72 -11.81 -107.43
C LYS C 3672 89.53 -11.98 -106.49
N ASP C 3673 89.78 -12.55 -105.31
CA ASP C 3673 88.96 -12.40 -104.12
C ASP C 3673 89.81 -12.68 -102.86
N SER C 3674 89.40 -12.11 -101.72
CA SER C 3674 90.06 -12.25 -100.43
C SER C 3674 89.16 -11.71 -99.34
N LYS C 3675 88.41 -12.57 -98.66
CA LYS C 3675 87.49 -12.15 -97.60
C LYS C 3675 88.30 -11.58 -96.42
N PRO C 3676 88.13 -10.30 -96.08
CA PRO C 3676 88.84 -9.73 -94.95
C PRO C 3676 88.39 -10.41 -93.64
N PRO C 3677 89.31 -10.69 -92.71
CA PRO C 3677 89.01 -11.44 -91.51
C PRO C 3677 87.98 -10.71 -90.65
N GLY C 3678 87.21 -11.48 -89.88
CA GLY C 3678 86.13 -10.90 -89.08
C GLY C 3678 86.50 -10.48 -87.67
N ASN C 3679 87.52 -11.09 -87.05
CA ASN C 3679 87.62 -11.11 -85.59
C ASN C 3679 89.06 -11.26 -85.14
N LEU C 3680 89.52 -10.53 -84.13
CA LEU C 3680 90.94 -10.42 -83.80
C LEU C 3680 91.71 -11.74 -83.69
N LYS C 3681 91.13 -12.82 -83.18
CA LYS C 3681 91.86 -14.10 -83.16
C LYS C 3681 92.11 -14.71 -84.53
N GLU C 3682 91.36 -14.34 -85.56
CA GLU C 3682 91.70 -14.64 -86.96
C GLU C 3682 92.58 -13.57 -87.58
N CYS C 3683 92.32 -12.31 -87.24
CA CYS C 3683 93.00 -11.19 -87.86
C CYS C 3683 94.47 -11.11 -87.44
N SER C 3684 94.72 -11.27 -86.15
CA SER C 3684 95.88 -10.67 -85.48
C SER C 3684 95.91 -11.16 -84.04
N PRO C 3685 96.38 -12.39 -83.79
CA PRO C 3685 96.21 -13.08 -82.53
C PRO C 3685 96.62 -12.28 -81.31
N TRP C 3686 97.60 -11.40 -81.42
CA TRP C 3686 98.15 -10.80 -80.22
C TRP C 3686 97.17 -9.91 -79.47
N MET C 3687 96.37 -9.11 -80.17
CA MET C 3687 95.40 -8.29 -79.44
C MET C 3687 94.39 -9.16 -78.70
N SER C 3688 93.98 -10.27 -79.29
CA SER C 3688 93.14 -11.27 -78.62
C SER C 3688 93.84 -11.98 -77.45
N ASP C 3689 95.11 -11.73 -77.12
CA ASP C 3689 95.60 -11.98 -75.77
C ASP C 3689 95.64 -10.72 -74.97
N PHE C 3690 96.01 -9.58 -75.53
CA PHE C 3690 96.62 -8.51 -74.77
C PHE C 3690 96.01 -8.30 -73.39
N LYS C 3691 96.86 -8.25 -72.37
CA LYS C 3691 96.45 -8.26 -70.97
C LYS C 3691 97.25 -7.31 -70.12
N VAL C 3692 96.79 -7.10 -68.89
CA VAL C 3692 97.73 -6.75 -67.82
C VAL C 3692 98.73 -7.88 -67.67
N GLU C 3693 100.00 -7.59 -67.89
CA GLU C 3693 101.11 -8.52 -67.69
C GLU C 3693 102.14 -7.76 -66.87
N PHE C 3694 102.77 -8.43 -65.93
CA PHE C 3694 103.26 -7.73 -64.76
C PHE C 3694 104.74 -7.35 -64.79
N LEU C 3695 105.16 -6.62 -63.74
CA LEU C 3695 106.47 -5.96 -63.60
C LEU C 3695 106.70 -4.89 -64.69
N ARG C 3696 105.61 -4.29 -65.20
CA ARG C 3696 105.56 -3.75 -66.57
C ARG C 3696 105.28 -2.26 -66.63
N ASN C 3697 105.77 -1.69 -67.73
CA ASN C 3697 105.47 -0.34 -68.20
C ASN C 3697 104.08 -0.33 -68.89
N GLU C 3698 103.02 0.15 -68.23
CA GLU C 3698 101.65 0.08 -68.76
C GLU C 3698 101.44 1.01 -69.98
N LEU C 3699 100.86 0.48 -71.05
CA LEU C 3699 100.62 1.26 -72.26
C LEU C 3699 99.46 2.25 -72.10
N GLU C 3700 99.73 3.52 -72.33
CA GLU C 3700 98.74 4.59 -72.49
C GLU C 3700 98.10 4.56 -73.89
N ILE C 3701 96.82 4.92 -74.01
CA ILE C 3701 96.17 5.05 -75.33
C ILE C 3701 96.89 6.12 -76.15
N PRO C 3702 97.19 5.90 -77.43
CA PRO C 3702 97.92 6.87 -78.25
C PRO C 3702 97.33 8.28 -78.27
N GLY C 3703 98.18 9.30 -78.35
CA GLY C 3703 97.75 10.65 -78.70
C GLY C 3703 97.07 11.49 -77.63
N GLN C 3704 97.11 11.11 -76.36
CA GLN C 3704 96.45 11.89 -75.32
C GLN C 3704 97.17 13.19 -74.97
N TYR C 3705 98.45 13.30 -75.26
CA TYR C 3705 99.17 14.53 -74.94
C TYR C 3705 98.73 15.73 -75.78
N ASP C 3706 98.77 16.89 -75.16
CA ASP C 3706 98.72 18.19 -75.81
C ASP C 3706 99.65 19.15 -75.05
N GLY C 3707 100.20 20.15 -75.72
CA GLY C 3707 101.27 20.97 -75.14
C GLY C 3707 100.76 22.01 -74.16
N ARG C 3708 100.28 21.61 -73.00
CA ARG C 3708 99.75 22.50 -71.96
C ARG C 3708 100.02 21.96 -70.56
N GLY C 3709 100.09 22.85 -69.59
CA GLY C 3709 99.83 22.57 -68.18
C GLY C 3709 100.41 21.28 -67.64
N LYS C 3710 101.73 21.08 -67.82
CA LYS C 3710 102.53 20.04 -67.17
C LYS C 3710 101.76 18.72 -67.09
N PRO C 3711 101.56 18.05 -68.23
CA PRO C 3711 100.59 16.99 -68.39
C PRO C 3711 100.93 15.78 -67.53
N LEU C 3712 99.92 14.92 -67.32
CA LEU C 3712 99.86 13.97 -66.22
C LEU C 3712 99.45 12.58 -66.71
N PRO C 3713 100.39 11.75 -67.16
CA PRO C 3713 100.10 10.42 -67.61
C PRO C 3713 99.29 9.58 -66.63
N GLU C 3714 99.40 9.82 -65.34
CA GLU C 3714 98.60 9.10 -64.37
C GLU C 3714 97.07 9.33 -64.53
N TYR C 3715 96.65 10.37 -65.24
CA TYR C 3715 95.32 10.45 -65.81
C TYR C 3715 95.17 9.78 -67.15
N HIS C 3716 96.15 9.92 -68.02
CA HIS C 3716 95.99 9.51 -69.40
C HIS C 3716 95.62 8.03 -69.42
N VAL C 3717 94.52 7.67 -70.06
CA VAL C 3717 93.95 6.34 -69.97
C VAL C 3717 94.86 5.30 -70.61
N ARG C 3718 94.92 4.14 -69.98
CA ARG C 3718 95.83 3.05 -70.27
C ARG C 3718 95.03 1.92 -70.87
N ILE C 3719 95.64 1.15 -71.74
CA ILE C 3719 94.94 0.09 -72.45
C ILE C 3719 94.76 -1.12 -71.53
N ALA C 3720 93.67 -1.86 -71.68
CA ALA C 3720 93.46 -3.09 -70.91
C ALA C 3720 92.72 -4.17 -71.71
N GLY C 3721 92.61 -4.05 -73.03
CA GLY C 3721 92.01 -5.07 -73.88
C GLY C 3721 91.29 -4.48 -75.09
N PHE C 3722 90.82 -5.36 -75.95
CA PHE C 3722 90.25 -5.01 -77.25
C PHE C 3722 88.88 -5.68 -77.39
N ASP C 3723 87.93 -5.07 -78.09
CA ASP C 3723 86.77 -5.83 -78.53
C ASP C 3723 87.22 -6.90 -79.53
N GLU C 3724 86.66 -8.11 -79.46
CA GLU C 3724 86.97 -9.14 -80.45
C GLU C 3724 86.56 -8.72 -81.86
N ARG C 3725 85.61 -7.79 -81.95
CA ARG C 3725 85.10 -7.29 -83.20
C ARG C 3725 86.09 -6.43 -83.93
N VAL C 3726 85.86 -6.41 -85.22
CA VAL C 3726 86.55 -5.61 -86.21
C VAL C 3726 85.50 -5.19 -87.20
N THR C 3727 85.65 -4.07 -87.87
CA THR C 3727 84.90 -3.86 -89.10
C THR C 3727 85.73 -3.15 -90.14
N VAL C 3728 85.70 -3.70 -91.33
CA VAL C 3728 86.21 -3.06 -92.54
C VAL C 3728 85.30 -1.92 -92.95
N MET C 3729 85.88 -0.81 -93.37
CA MET C 3729 85.15 0.28 -94.00
C MET C 3729 85.49 0.38 -95.49
N ALA C 3730 84.54 0.88 -96.28
CA ALA C 3730 84.44 0.50 -97.68
C ALA C 3730 85.52 1.04 -98.63
N SER C 3731 86.23 2.13 -98.30
CA SER C 3731 87.15 2.80 -99.23
C SER C 3731 88.26 1.90 -99.73
N LEU C 3732 88.97 2.28 -100.80
CA LEU C 3732 89.91 1.37 -101.49
C LEU C 3732 90.90 0.69 -100.56
N ARG C 3733 91.38 1.40 -99.54
CA ARG C 3733 92.35 0.85 -98.57
C ARG C 3733 91.72 -0.05 -97.51
N ARG C 3734 90.41 -0.32 -97.59
CA ARG C 3734 89.63 -1.20 -96.69
C ARG C 3734 90.00 -1.01 -95.21
N PRO C 3735 90.10 0.23 -94.71
CA PRO C 3735 90.64 0.48 -93.38
C PRO C 3735 89.80 -0.20 -92.28
N LYS C 3736 90.42 -0.48 -91.13
CA LYS C 3736 89.84 -1.28 -90.05
C LYS C 3736 89.41 -0.44 -88.90
N ARG C 3737 88.21 -0.68 -88.39
CA ARG C 3737 87.69 -0.11 -87.15
C ARG C 3737 87.87 -1.12 -86.05
N ILE C 3738 88.53 -0.74 -84.96
CA ILE C 3738 88.73 -1.58 -83.79
C ILE C 3738 88.25 -0.83 -82.58
N ILE C 3739 88.14 -1.48 -81.43
CA ILE C 3739 87.77 -0.79 -80.20
C ILE C 3739 88.72 -1.15 -79.10
N ILE C 3740 89.16 -0.16 -78.36
CA ILE C 3740 90.06 -0.35 -77.25
C ILE C 3740 89.28 -0.17 -75.98
N ARG C 3741 89.45 -1.10 -75.03
CA ARG C 3741 89.03 -0.92 -73.66
C ARG C 3741 90.09 -0.14 -72.92
N GLY C 3742 89.71 0.96 -72.31
CA GLY C 3742 90.61 1.54 -71.34
C GLY C 3742 90.65 0.72 -70.06
N HIS C 3743 91.60 1.01 -69.19
CA HIS C 3743 91.51 0.71 -67.78
C HIS C 3743 90.46 1.64 -67.15
N ASP C 3744 90.43 2.89 -67.57
CA ASP C 3744 89.17 3.62 -67.52
C ASP C 3744 88.18 2.84 -68.37
N GLU C 3745 87.03 2.57 -67.82
CA GLU C 3745 86.20 1.52 -68.34
C GLU C 3745 85.35 1.90 -69.55
N ARG C 3746 85.37 3.14 -70.05
CA ARG C 3746 84.75 3.43 -71.35
C ARG C 3746 85.52 2.77 -72.50
N GLU C 3747 85.00 2.86 -73.71
CA GLU C 3747 85.65 2.31 -74.89
C GLU C 3747 86.01 3.38 -75.90
N HIS C 3748 87.08 3.18 -76.65
CA HIS C 3748 87.69 4.25 -77.40
C HIS C 3748 87.86 3.65 -78.78
N PRO C 3749 86.91 3.88 -79.68
CA PRO C 3749 86.98 3.35 -81.02
C PRO C 3749 88.03 4.10 -81.81
N PHE C 3750 88.67 3.42 -82.73
CA PHE C 3750 89.66 3.99 -83.60
C PHE C 3750 89.57 3.40 -84.97
N LEU C 3751 89.82 4.21 -85.99
CA LEU C 3751 90.22 3.68 -87.25
C LEU C 3751 91.72 3.44 -87.26
N VAL C 3752 92.15 2.46 -88.03
CA VAL C 3752 93.52 2.09 -88.35
C VAL C 3752 93.74 2.29 -89.83
N LYS C 3753 94.64 3.20 -90.19
CA LYS C 3753 95.06 3.43 -91.56
C LYS C 3753 96.51 3.03 -91.69
N GLY C 3754 96.76 2.07 -92.57
CA GLY C 3754 98.10 1.51 -92.79
C GLY C 3754 98.59 1.66 -94.22
N GLY C 3755 99.89 1.52 -94.38
CA GLY C 3755 100.61 1.84 -95.60
C GLY C 3755 100.54 3.32 -95.97
N GLU C 3756 100.02 4.20 -95.12
CA GLU C 3756 99.69 5.57 -95.47
C GLU C 3756 100.33 6.51 -94.46
N ASP C 3757 100.94 7.60 -94.94
CA ASP C 3757 101.58 8.60 -94.09
C ASP C 3757 100.60 9.66 -93.64
N LEU C 3758 100.21 9.60 -92.37
CA LEU C 3758 99.19 10.48 -91.85
C LEU C 3758 99.73 11.86 -91.46
N ARG C 3759 101.05 12.07 -91.43
CA ARG C 3759 101.62 13.28 -90.84
C ARG C 3759 101.03 14.54 -91.43
N GLN C 3760 100.82 14.52 -92.74
CA GLN C 3760 100.21 15.63 -93.46
C GLN C 3760 98.93 16.05 -92.76
N ASP C 3761 97.98 15.15 -92.65
CA ASP C 3761 96.74 15.42 -91.96
C ASP C 3761 96.98 15.76 -90.51
N GLN C 3762 97.94 15.13 -89.84
CA GLN C 3762 98.17 15.44 -88.44
C GLN C 3762 98.37 16.94 -88.25
N ARG C 3763 99.09 17.59 -89.14
CA ARG C 3763 99.39 19.02 -88.93
C ARG C 3763 98.19 19.85 -89.24
N VAL C 3764 97.36 19.39 -90.16
CA VAL C 3764 96.10 20.05 -90.37
C VAL C 3764 95.34 20.13 -89.06
N GLU C 3765 95.44 19.13 -88.20
CA GLU C 3765 94.79 19.29 -86.91
C GLU C 3765 95.49 20.31 -86.05
N GLN C 3766 96.82 20.33 -86.03
CA GLN C 3766 97.51 21.35 -85.26
C GLN C 3766 97.09 22.75 -85.71
N LEU C 3767 97.03 22.95 -87.02
CA LEU C 3767 96.50 24.18 -87.58
C LEU C 3767 95.09 24.40 -87.11
N PHE C 3768 94.26 23.38 -87.10
CA PHE C 3768 92.89 23.58 -86.74
C PHE C 3768 92.77 23.97 -85.28
N GLN C 3769 93.57 23.39 -84.39
CA GLN C 3769 93.60 23.88 -83.02
C GLN C 3769 93.99 25.33 -82.97
N VAL C 3770 95.01 25.71 -83.74
CA VAL C 3770 95.42 27.11 -83.81
C VAL C 3770 94.27 27.98 -84.29
N MET C 3771 93.60 27.60 -85.36
CA MET C 3771 92.47 28.35 -85.84
C MET C 3771 91.40 28.46 -84.78
N ASN C 3772 91.08 27.36 -84.11
CA ASN C 3772 90.11 27.41 -83.04
C ASN C 3772 90.59 28.30 -81.90
N GLY C 3773 91.89 28.40 -81.64
CA GLY C 3773 92.44 29.36 -80.69
C GLY C 3773 92.12 30.78 -81.09
N ILE C 3774 92.43 31.16 -82.33
CA ILE C 3774 92.08 32.49 -82.85
C ILE C 3774 90.60 32.74 -82.71
N LEU C 3775 89.78 31.81 -83.17
CA LEU C 3775 88.36 31.99 -83.21
C LEU C 3775 87.75 31.99 -81.83
N ALA C 3776 88.34 31.30 -80.87
CA ALA C 3776 87.95 31.42 -79.48
C ALA C 3776 88.22 32.84 -78.98
N GLN C 3777 89.29 33.47 -79.45
CA GLN C 3777 89.66 34.81 -79.01
C GLN C 3777 88.98 35.94 -79.77
N ASP C 3778 88.44 35.70 -80.96
CA ASP C 3778 87.59 36.68 -81.60
C ASP C 3778 86.23 36.78 -80.90
N SER C 3779 85.94 37.94 -80.33
CA SER C 3779 84.68 38.20 -79.65
C SER C 3779 83.44 37.94 -80.52
N ALA C 3780 83.35 38.49 -81.73
CA ALA C 3780 82.16 38.33 -82.58
C ALA C 3780 81.89 36.87 -83.00
N CYS C 3781 82.93 36.05 -83.00
CA CYS C 3781 82.80 34.62 -83.22
C CYS C 3781 82.53 33.85 -81.93
N SER C 3782 83.07 34.30 -80.81
CA SER C 3782 82.87 33.64 -79.53
C SER C 3782 81.43 33.72 -79.06
N GLN C 3783 80.75 34.83 -79.35
CA GLN C 3783 79.32 34.98 -79.10
C GLN C 3783 78.47 34.09 -79.99
N ARG C 3784 79.06 33.54 -81.05
CA ARG C 3784 78.47 32.52 -81.89
C ARG C 3784 79.06 31.14 -81.61
N ALA C 3785 79.84 30.99 -80.55
CA ALA C 3785 80.40 29.73 -80.07
C ALA C 3785 81.15 28.91 -81.13
N LEU C 3786 81.67 29.55 -82.17
CA LEU C 3786 82.13 28.86 -83.35
C LEU C 3786 83.39 28.05 -83.09
N GLN C 3787 83.47 26.88 -83.69
CA GLN C 3787 84.61 25.98 -83.64
C GLN C 3787 84.58 25.05 -84.82
N LEU C 3788 85.72 24.60 -85.28
CA LEU C 3788 85.82 23.37 -86.03
C LEU C 3788 85.83 22.21 -85.04
N ARG C 3789 85.41 21.01 -85.43
CA ARG C 3789 85.79 19.79 -84.69
C ARG C 3789 87.05 19.19 -85.27
N THR C 3790 87.95 18.74 -84.41
CA THR C 3790 89.09 17.89 -84.78
C THR C 3790 89.02 16.58 -84.04
N TYR C 3791 89.40 15.53 -84.73
CA TYR C 3791 89.65 14.23 -84.16
C TYR C 3791 91.16 14.03 -84.13
N SER C 3792 91.70 13.61 -83.01
CA SER C 3792 93.14 13.41 -82.87
C SER C 3792 93.65 12.44 -83.92
N VAL C 3793 94.87 12.66 -84.39
CA VAL C 3793 95.49 11.82 -85.41
C VAL C 3793 96.88 11.45 -84.97
N VAL C 3794 97.28 10.20 -85.11
CA VAL C 3794 98.57 9.76 -84.65
C VAL C 3794 99.12 8.75 -85.64
N PRO C 3795 99.94 9.15 -86.62
CA PRO C 3795 100.90 8.22 -87.18
C PRO C 3795 101.81 7.68 -86.08
N MET C 3796 101.96 6.35 -86.00
CA MET C 3796 103.04 5.72 -85.24
C MET C 3796 104.22 5.42 -86.14
N THR C 3797 103.98 5.15 -87.41
CA THR C 3797 105.05 4.97 -88.39
C THR C 3797 104.70 5.71 -89.65
N SER C 3798 105.70 5.97 -90.47
CA SER C 3798 105.53 6.49 -91.81
C SER C 3798 104.49 5.73 -92.62
N ARG C 3799 104.35 4.43 -92.39
CA ARG C 3799 103.29 3.63 -92.99
C ARG C 3799 102.01 3.64 -92.18
N LEU C 3800 102.01 3.83 -90.87
CA LEU C 3800 100.90 3.36 -90.05
C LEU C 3800 100.44 4.36 -89.01
N GLY C 3801 99.12 4.53 -88.92
CA GLY C 3801 98.57 5.32 -87.85
C GLY C 3801 97.08 5.16 -87.60
N LEU C 3802 96.69 5.77 -86.50
CA LEU C 3802 95.33 5.83 -85.99
C LEU C 3802 94.70 7.19 -86.20
N ILE C 3803 93.46 7.16 -86.62
CA ILE C 3803 92.55 8.28 -86.53
C ILE C 3803 91.53 7.97 -85.45
N GLU C 3804 91.27 8.88 -84.54
CA GLU C 3804 90.16 8.75 -83.61
C GLU C 3804 88.82 8.67 -84.34
N TRP C 3805 87.96 7.73 -83.99
CA TRP C 3805 86.65 7.55 -84.61
C TRP C 3805 85.60 8.46 -83.95
N LEU C 3806 84.46 8.68 -84.61
CA LEU C 3806 83.38 9.54 -84.13
C LEU C 3806 81.99 8.89 -84.14
N GLU C 3807 81.28 9.02 -83.03
CA GLU C 3807 80.01 8.35 -82.82
C GLU C 3807 78.85 8.91 -83.64
N ASN C 3808 78.01 8.00 -84.13
CA ASN C 3808 76.85 8.30 -84.96
C ASN C 3808 77.15 9.36 -86.00
N THR C 3809 78.03 8.94 -86.90
CA THR C 3809 78.44 9.74 -88.04
C THR C 3809 78.25 8.95 -89.31
N VAL C 3810 78.02 9.63 -90.41
CA VAL C 3810 77.95 9.04 -91.75
C VAL C 3810 78.61 9.95 -92.76
N THR C 3811 79.03 9.45 -93.90
CA THR C 3811 79.31 10.40 -94.98
C THR C 3811 78.04 11.08 -95.39
N LEU C 3812 78.23 12.27 -95.89
CA LEU C 3812 77.21 13.01 -96.54
C LEU C 3812 76.62 12.24 -97.73
N LYS C 3813 77.44 11.58 -98.56
CA LYS C 3813 76.93 10.73 -99.64
C LYS C 3813 75.99 9.67 -99.12
N ASP C 3814 76.34 9.02 -98.04
CA ASP C 3814 75.51 8.00 -97.47
C ASP C 3814 74.21 8.57 -96.92
N LEU C 3815 74.24 9.68 -96.19
CA LEU C 3815 73.02 10.34 -95.76
C LEU C 3815 72.11 10.65 -96.95
N LEU C 3816 72.66 11.16 -98.03
CA LEU C 3816 71.90 11.50 -99.22
C LEU C 3816 71.28 10.27 -99.86
N LEU C 3817 72.07 9.25 -100.15
CA LEU C 3817 71.54 8.09 -100.85
C LEU C 3817 70.66 7.25 -99.93
N ASN C 3818 70.90 7.27 -98.62
CA ASN C 3818 69.93 6.77 -97.65
C ASN C 3818 68.60 7.49 -97.74
N THR C 3819 68.47 8.66 -98.34
CA THR C 3819 67.18 9.36 -98.43
C THR C 3819 66.42 9.09 -99.73
N MET C 3820 67.09 8.65 -100.80
CA MET C 3820 66.44 8.37 -102.09
C MET C 3820 65.50 7.17 -102.07
N SER C 3821 64.28 7.34 -102.56
CA SER C 3821 63.36 6.23 -102.77
C SER C 3821 63.88 5.19 -103.75
N GLN C 3822 63.25 4.02 -103.81
CA GLN C 3822 63.76 2.92 -104.63
C GLN C 3822 63.94 3.33 -106.09
N GLU C 3823 62.93 3.95 -106.67
CA GLU C 3823 63.01 4.46 -108.02
C GLU C 3823 64.01 5.63 -108.15
N GLU C 3824 64.07 6.56 -107.19
CA GLU C 3824 65.05 7.66 -107.24
C GLU C 3824 66.46 7.08 -107.27
N LYS C 3825 66.75 6.24 -106.29
CA LYS C 3825 67.99 5.51 -106.12
C LYS C 3825 68.33 4.74 -107.39
N ALA C 3826 67.42 3.88 -107.83
CA ALA C 3826 67.66 2.96 -108.94
C ALA C 3826 67.95 3.72 -110.23
N ALA C 3827 67.15 4.73 -110.58
CA ALA C 3827 67.45 5.54 -111.74
C ALA C 3827 68.83 6.19 -111.58
N TYR C 3828 69.06 6.80 -110.43
CA TYR C 3828 70.27 7.58 -110.20
C TYR C 3828 71.55 6.74 -110.31
N LEU C 3829 71.51 5.44 -110.05
CA LEU C 3829 72.70 4.60 -110.21
C LEU C 3829 73.24 4.62 -111.64
N SER C 3830 72.36 4.49 -112.63
CA SER C 3830 72.74 3.94 -113.94
C SER C 3830 71.98 4.53 -115.14
N ASP C 3831 70.88 5.25 -114.91
CA ASP C 3831 70.01 5.76 -115.97
C ASP C 3831 70.83 6.58 -116.98
N PRO C 3832 70.75 6.32 -118.30
CA PRO C 3832 71.46 7.09 -119.32
C PRO C 3832 71.17 8.58 -119.28
N ARG C 3833 70.05 9.00 -118.68
CA ARG C 3833 69.68 10.40 -118.43
C ARG C 3833 69.85 10.85 -116.98
N ALA C 3834 70.19 10.01 -116.02
CA ALA C 3834 70.64 10.50 -114.72
C ALA C 3834 71.95 11.30 -114.88
N PRO C 3835 72.17 12.36 -114.07
CA PRO C 3835 73.37 13.18 -114.12
C PRO C 3835 74.71 12.46 -114.31
N PRO C 3836 74.97 11.27 -113.71
CA PRO C 3836 76.25 10.59 -113.90
C PRO C 3836 76.49 10.11 -115.34
N CYS C 3837 75.46 9.59 -116.01
CA CYS C 3837 75.53 9.23 -117.43
C CYS C 3837 75.44 10.46 -118.31
N GLU C 3838 74.45 11.32 -118.07
CA GLU C 3838 74.21 12.48 -118.92
C GLU C 3838 75.43 13.40 -118.98
N TYR C 3839 76.17 13.55 -117.88
CA TYR C 3839 77.37 14.36 -117.89
C TYR C 3839 78.51 13.76 -118.73
N LYS C 3840 78.85 12.46 -118.58
CA LYS C 3840 79.86 11.84 -119.42
C LYS C 3840 79.43 11.86 -120.89
N ASP C 3841 78.13 11.68 -121.16
CA ASP C 3841 77.65 11.77 -122.53
C ASP C 3841 77.85 13.17 -123.10
N TRP C 3842 77.61 14.19 -122.27
CA TRP C 3842 77.82 15.57 -122.71
C TRP C 3842 79.29 15.85 -122.93
N LEU C 3843 80.16 15.33 -122.06
CA LEU C 3843 81.59 15.50 -122.26
C LEU C 3843 82.06 14.82 -123.54
N THR C 3844 81.49 13.63 -123.75
CA THR C 3844 81.77 12.74 -124.86
C THR C 3844 81.40 13.44 -126.15
N LYS C 3845 80.23 14.04 -126.27
CA LYS C 3845 79.91 14.72 -127.53
C LYS C 3845 80.60 16.09 -127.65
N MET C 3846 80.77 16.84 -126.56
CA MET C 3846 81.49 18.14 -126.54
C MET C 3846 83.02 18.01 -126.68
N SER C 3847 83.55 16.80 -126.78
CA SER C 3847 84.98 16.57 -126.98
C SER C 3847 85.31 15.44 -127.94
N GLY C 3848 84.45 14.44 -128.12
CA GLY C 3848 84.74 13.33 -128.99
C GLY C 3848 85.57 12.22 -128.38
N LYS C 3849 86.06 12.39 -127.15
CA LYS C 3849 86.86 11.40 -126.47
C LYS C 3849 86.10 10.80 -125.30
N HIS C 3850 86.64 9.69 -124.78
CA HIS C 3850 86.07 8.99 -123.64
C HIS C 3850 87.07 8.83 -122.51
N ASP C 3851 87.94 9.81 -122.21
CA ASP C 3851 88.89 9.68 -121.07
C ASP C 3851 89.19 11.07 -120.45
N VAL C 3852 90.20 11.19 -119.57
CA VAL C 3852 90.64 12.45 -118.91
C VAL C 3852 90.78 13.63 -119.88
N GLY C 3853 91.28 13.40 -121.10
CA GLY C 3853 91.34 14.45 -122.12
C GLY C 3853 89.99 15.02 -122.56
N ALA C 3854 88.85 14.38 -122.27
CA ALA C 3854 87.53 14.92 -122.56
C ALA C 3854 87.25 16.22 -121.80
N TYR C 3855 87.68 16.32 -120.53
CA TYR C 3855 87.61 17.58 -119.77
C TYR C 3855 88.47 18.65 -120.43
N MET C 3856 89.74 18.31 -120.72
CA MET C 3856 90.70 19.20 -121.41
C MET C 3856 90.14 19.75 -122.72
N LEU C 3857 89.71 18.88 -123.62
CA LEU C 3857 89.10 19.27 -124.87
C LEU C 3857 87.80 20.05 -124.67
N MET C 3858 86.93 19.67 -123.73
CA MET C 3858 85.69 20.41 -123.46
C MET C 3858 85.94 21.83 -122.96
N TYR C 3859 87.03 22.09 -122.22
CA TYR C 3859 87.40 23.49 -121.91
C TYR C 3859 87.75 24.32 -123.16
N LYS C 3860 88.20 23.68 -124.24
CA LYS C 3860 88.31 24.31 -125.57
C LYS C 3860 86.99 24.27 -126.36
N GLY C 3861 86.17 23.24 -126.17
CA GLY C 3861 85.05 22.86 -127.03
C GLY C 3861 83.67 23.38 -126.63
N ALA C 3862 83.36 23.49 -125.34
CA ALA C 3862 82.09 24.02 -124.86
C ALA C 3862 82.23 25.47 -124.40
N ASN C 3863 81.38 26.35 -124.91
CA ASN C 3863 81.19 27.68 -124.30
C ASN C 3863 80.25 27.60 -123.09
N ARG C 3864 80.05 28.72 -122.43
CA ARG C 3864 79.04 28.92 -121.38
C ARG C 3864 77.68 28.32 -121.73
N THR C 3865 77.12 28.62 -122.90
CA THR C 3865 75.78 28.19 -123.32
C THR C 3865 75.66 26.68 -123.43
N GLU C 3866 76.62 26.06 -124.12
CA GLU C 3866 76.63 24.61 -124.32
C GLU C 3866 76.72 23.87 -123.00
N THR C 3867 77.48 24.39 -122.01
CA THR C 3867 77.54 23.78 -120.67
C THR C 3867 76.30 24.09 -119.84
N VAL C 3868 75.90 25.36 -119.74
CA VAL C 3868 74.75 25.80 -118.95
C VAL C 3868 73.52 25.00 -119.31
N THR C 3869 73.20 24.91 -120.60
CA THR C 3869 71.99 24.21 -121.07
C THR C 3869 71.93 22.78 -120.54
N SER C 3870 72.90 21.94 -120.92
CA SER C 3870 72.97 20.57 -120.40
C SER C 3870 73.04 20.58 -118.88
N PHE C 3871 73.76 21.50 -118.28
CA PHE C 3871 73.94 21.50 -116.85
C PHE C 3871 72.65 21.80 -116.08
N ARG C 3872 71.82 22.74 -116.56
CA ARG C 3872 70.50 22.96 -115.97
C ARG C 3872 69.62 21.73 -116.15
N LYS C 3873 69.63 21.15 -117.33
CA LYS C 3873 68.87 19.92 -117.61
C LYS C 3873 69.29 18.78 -116.67
N ARG C 3874 70.59 18.66 -116.43
CA ARG C 3874 71.21 17.72 -115.49
C ARG C 3874 70.76 17.97 -114.07
N GLU C 3875 70.97 19.18 -113.56
CA GLU C 3875 70.59 19.56 -112.19
C GLU C 3875 69.13 19.31 -111.92
N SER C 3876 68.26 19.53 -112.91
CA SER C 3876 66.83 19.33 -112.74
C SER C 3876 66.50 17.92 -112.29
N LYS C 3877 67.28 16.94 -112.75
CA LYS C 3877 67.05 15.53 -112.44
C LYS C 3877 67.47 15.17 -111.02
N VAL C 3878 68.16 16.05 -110.29
CA VAL C 3878 68.51 15.74 -108.91
C VAL C 3878 67.32 16.10 -108.02
N PRO C 3879 66.83 15.20 -107.17
CA PRO C 3879 65.74 15.52 -106.23
C PRO C 3879 66.03 16.78 -105.40
N ALA C 3880 65.13 17.74 -105.45
CA ALA C 3880 65.46 19.08 -104.98
C ALA C 3880 65.62 19.15 -103.46
N ASP C 3881 64.77 18.42 -102.74
CA ASP C 3881 64.61 18.51 -101.30
C ASP C 3881 65.57 17.65 -100.50
N LEU C 3882 66.37 16.83 -101.17
CA LEU C 3882 66.85 15.59 -100.59
C LEU C 3882 67.43 15.73 -99.19
N LEU C 3883 68.37 16.64 -98.98
CA LEU C 3883 68.93 16.81 -97.66
C LEU C 3883 67.86 17.26 -96.65
N LYS C 3884 67.02 18.21 -97.03
CA LYS C 3884 65.92 18.67 -96.18
C LYS C 3884 65.03 17.51 -95.81
N ARG C 3885 64.67 16.70 -96.80
CA ARG C 3885 63.88 15.48 -96.65
C ARG C 3885 64.55 14.56 -95.66
N ALA C 3886 65.87 14.47 -95.70
CA ALA C 3886 66.59 13.69 -94.74
C ALA C 3886 66.33 14.25 -93.34
N PHE C 3887 66.63 15.52 -93.12
CA PHE C 3887 66.53 16.13 -91.81
C PHE C 3887 65.14 16.00 -91.19
N VAL C 3888 64.10 16.33 -91.96
CA VAL C 3888 62.72 16.29 -91.43
C VAL C 3888 62.32 14.90 -90.99
N ARG C 3889 62.99 13.86 -91.49
CA ARG C 3889 62.82 12.51 -91.02
C ARG C 3889 64.08 11.94 -90.42
N MET C 3890 64.79 12.80 -89.69
CA MET C 3890 65.63 12.37 -88.59
C MET C 3890 65.51 13.31 -87.38
N SER C 3891 64.43 14.08 -87.32
CA SER C 3891 64.13 15.03 -86.24
C SER C 3891 62.73 14.78 -85.69
N THR C 3892 62.47 15.03 -84.40
CA THR C 3892 61.15 14.80 -83.78
C THR C 3892 60.07 15.73 -84.29
N SER C 3893 60.40 17.00 -84.32
CA SER C 3893 59.47 18.12 -84.20
C SER C 3893 60.23 19.37 -84.61
N PRO C 3894 59.58 20.49 -84.91
CA PRO C 3894 60.20 21.54 -85.69
C PRO C 3894 61.39 22.22 -85.03
N GLU C 3895 61.54 22.16 -83.72
CA GLU C 3895 62.76 22.58 -83.01
C GLU C 3895 63.94 21.71 -83.41
N ALA C 3896 63.73 20.40 -83.43
CA ALA C 3896 64.64 19.41 -83.92
C ALA C 3896 64.84 19.55 -85.44
N PHE C 3897 64.03 20.33 -86.14
CA PHE C 3897 64.38 20.75 -87.48
C PHE C 3897 65.21 22.03 -87.49
N LEU C 3898 64.71 23.10 -86.89
CA LEU C 3898 65.36 24.41 -86.91
C LEU C 3898 66.78 24.34 -86.35
N ALA C 3899 66.93 23.74 -85.18
CA ALA C 3899 68.19 23.68 -84.49
C ALA C 3899 69.20 22.98 -85.38
N LEU C 3900 68.85 21.79 -85.89
CA LEU C 3900 69.75 21.08 -86.77
C LEU C 3900 70.07 21.93 -87.99
N ARG C 3901 69.09 22.51 -88.67
CA ARG C 3901 69.41 23.30 -89.85
C ARG C 3901 70.38 24.42 -89.50
N SER C 3902 70.17 25.11 -88.39
CA SER C 3902 71.09 26.18 -87.98
C SER C 3902 72.49 25.64 -87.78
N HIS C 3903 72.59 24.50 -87.12
CA HIS C 3903 73.86 23.96 -86.71
C HIS C 3903 74.67 23.53 -87.89
N PHE C 3904 74.04 22.76 -88.75
CA PHE C 3904 74.60 22.37 -90.00
C PHE C 3904 75.04 23.59 -90.75
N ALA C 3905 74.17 24.54 -90.97
CA ALA C 3905 74.49 25.67 -91.80
C ALA C 3905 75.74 26.39 -91.28
N SER C 3906 75.76 26.70 -89.98
CA SER C 3906 76.90 27.35 -89.36
C SER C 3906 78.15 26.56 -89.66
N SER C 3907 78.13 25.28 -89.34
CA SER C 3907 79.31 24.46 -89.46
C SER C 3907 79.76 24.36 -90.90
N HIS C 3908 78.85 24.23 -91.86
CA HIS C 3908 79.25 24.09 -93.24
C HIS C 3908 79.98 25.33 -93.73
N ALA C 3909 79.42 26.50 -93.41
CA ALA C 3909 80.05 27.74 -93.77
C ALA C 3909 81.43 27.84 -93.14
N LEU C 3910 81.52 27.60 -91.84
CA LEU C 3910 82.76 27.75 -91.11
C LEU C 3910 83.85 26.92 -91.72
N ILE C 3911 83.53 25.69 -92.09
CA ILE C 3911 84.52 24.83 -92.69
C ILE C 3911 84.88 25.34 -94.08
N CYS C 3912 83.91 25.76 -94.88
CA CYS C 3912 84.20 26.24 -96.23
C CYS C 3912 85.22 27.36 -96.23
N ILE C 3913 85.02 28.39 -95.42
CA ILE C 3913 85.99 29.47 -95.39
C ILE C 3913 87.34 28.93 -94.95
N SER C 3914 87.37 28.09 -93.92
CA SER C 3914 88.60 27.54 -93.40
C SER C 3914 89.38 26.82 -94.48
N HIS C 3915 88.69 26.03 -95.27
CA HIS C 3915 89.32 25.29 -96.34
C HIS C 3915 89.83 26.16 -97.44
N TRP C 3916 89.15 27.25 -97.76
CA TRP C 3916 89.70 28.17 -98.71
C TRP C 3916 90.98 28.79 -98.21
N ILE C 3917 91.04 29.14 -96.93
CA ILE C 3917 92.25 29.70 -96.35
C ILE C 3917 93.41 28.73 -96.52
N LEU C 3918 93.19 27.46 -96.22
CA LEU C 3918 94.24 26.46 -96.42
C LEU C 3918 94.34 25.93 -97.84
N GLY C 3919 93.52 26.40 -98.76
CA GLY C 3919 93.48 25.88 -100.11
C GLY C 3919 93.22 24.37 -100.18
N ILE C 3920 92.41 23.79 -99.31
CA ILE C 3920 92.07 22.38 -99.44
C ILE C 3920 91.11 22.19 -100.61
N GLY C 3921 91.42 21.33 -101.58
CA GLY C 3921 90.65 21.27 -102.85
C GLY C 3921 89.74 20.06 -103.07
N ASP C 3922 90.09 18.88 -102.54
CA ASP C 3922 89.41 17.62 -102.82
C ASP C 3922 88.19 17.46 -101.91
N ARG C 3923 87.25 18.39 -102.07
CA ARG C 3923 86.04 18.41 -101.24
C ARG C 3923 84.84 17.78 -101.95
N HIS C 3924 84.91 16.49 -102.23
CA HIS C 3924 83.77 15.79 -102.78
C HIS C 3924 82.84 15.33 -101.65
N LEU C 3925 81.76 14.64 -102.02
CA LEU C 3925 80.71 14.31 -101.05
C LEU C 3925 81.17 13.32 -99.99
N ASN C 3926 82.18 12.50 -100.28
CA ASN C 3926 82.65 11.51 -99.31
C ASN C 3926 83.65 12.07 -98.32
N ASN C 3927 84.06 13.34 -98.48
CA ASN C 3927 84.98 13.97 -97.54
C ASN C 3927 84.27 14.85 -96.52
N PHE C 3928 82.94 14.78 -96.47
CA PHE C 3928 82.14 15.49 -95.48
C PHE C 3928 81.34 14.50 -94.67
N MET C 3929 81.47 14.57 -93.35
CA MET C 3929 80.74 13.71 -92.44
C MET C 3929 79.75 14.54 -91.64
N VAL C 3930 78.56 13.99 -91.43
CA VAL C 3930 77.48 14.67 -90.73
C VAL C 3930 77.15 13.87 -89.48
N ALA C 3931 77.16 14.51 -88.32
CA ALA C 3931 76.77 13.87 -87.07
C ALA C 3931 75.27 13.83 -86.86
N MET C 3932 74.82 12.83 -86.11
CA MET C 3932 73.42 12.71 -85.76
C MET C 3932 73.14 13.42 -84.45
N GLU C 3933 74.03 13.29 -83.49
CA GLU C 3933 73.79 13.87 -82.18
C GLU C 3933 73.85 15.39 -82.22
N THR C 3934 74.44 16.02 -83.23
CA THR C 3934 74.19 17.43 -83.60
C THR C 3934 74.42 17.59 -85.08
N GLY C 3935 73.89 18.65 -85.69
CA GLY C 3935 74.05 18.87 -87.13
C GLY C 3935 75.44 19.34 -87.56
N GLY C 3936 76.48 19.22 -86.74
CA GLY C 3936 77.80 19.78 -87.04
C GLY C 3936 78.60 18.96 -88.04
N VAL C 3937 78.77 19.43 -89.26
CA VAL C 3937 79.53 18.77 -90.34
C VAL C 3937 81.00 18.65 -89.99
N ILE C 3938 81.72 17.65 -90.54
CA ILE C 3938 83.12 17.36 -90.12
C ILE C 3938 83.94 17.06 -91.39
N GLY C 3939 85.04 17.78 -91.59
CA GLY C 3939 85.90 17.60 -92.73
C GLY C 3939 86.98 16.57 -92.46
N ILE C 3940 87.24 15.72 -93.46
CA ILE C 3940 88.24 14.67 -93.37
C ILE C 3940 88.98 14.57 -94.70
N ASP C 3941 89.96 13.67 -94.73
CA ASP C 3941 90.71 13.32 -95.95
C ASP C 3941 91.38 14.56 -96.56
N PHE C 3942 92.32 15.12 -95.79
CA PHE C 3942 93.07 16.30 -96.19
C PHE C 3942 94.33 15.84 -96.92
N GLY C 3943 94.12 15.35 -98.14
CA GLY C 3943 95.14 14.79 -99.03
C GLY C 3943 95.70 15.79 -100.05
N HIS C 3944 95.37 17.07 -99.86
CA HIS C 3944 95.61 18.15 -100.81
C HIS C 3944 95.59 19.47 -100.07
N ALA C 3945 96.71 19.82 -99.47
CA ALA C 3945 96.84 21.12 -98.82
C ALA C 3945 97.21 22.19 -99.86
N PHE C 3946 96.99 23.46 -99.56
CA PHE C 3946 97.51 24.60 -100.33
C PHE C 3946 97.36 24.46 -101.86
N GLY C 3947 96.14 24.28 -102.35
CA GLY C 3947 95.83 24.32 -103.78
C GLY C 3947 96.32 23.13 -104.58
N SER C 3948 96.85 22.08 -103.94
CA SER C 3948 97.47 20.94 -104.61
C SER C 3948 96.57 20.29 -105.66
N ALA C 3949 95.27 20.20 -105.41
CA ALA C 3949 94.30 19.64 -106.36
C ALA C 3949 94.13 20.51 -107.60
N THR C 3950 93.96 21.81 -107.43
CA THR C 3950 93.90 22.78 -108.55
C THR C 3950 95.23 22.87 -109.30
N GLN C 3951 96.35 22.56 -108.66
CA GLN C 3951 97.67 22.67 -109.26
C GLN C 3951 98.09 21.44 -110.07
N PHE C 3952 98.04 20.22 -109.51
CA PHE C 3952 98.72 19.07 -110.10
C PHE C 3952 97.82 18.07 -110.80
N LEU C 3953 96.50 18.10 -110.58
CA LEU C 3953 95.58 17.18 -111.25
C LEU C 3953 95.42 17.54 -112.73
N PRO C 3954 95.23 16.58 -113.65
CA PRO C 3954 95.01 16.91 -115.06
C PRO C 3954 93.70 17.67 -115.28
N VAL C 3955 92.67 17.31 -114.53
CA VAL C 3955 91.42 18.04 -114.46
C VAL C 3955 91.50 18.95 -113.26
N PRO C 3956 91.65 20.27 -113.43
CA PRO C 3956 91.80 21.17 -112.29
C PRO C 3956 90.43 21.40 -111.67
N GLU C 3957 90.33 21.42 -110.35
CA GLU C 3957 89.09 21.71 -109.63
C GLU C 3957 89.15 23.15 -109.09
N LEU C 3958 88.18 23.97 -109.49
CA LEU C 3958 88.29 25.43 -109.47
C LEU C 3958 87.52 26.10 -108.34
N MET C 3959 86.65 25.38 -107.62
CA MET C 3959 85.90 25.98 -106.53
C MET C 3959 86.80 26.23 -105.31
N PRO C 3960 86.50 27.22 -104.48
CA PRO C 3960 87.22 27.45 -103.24
C PRO C 3960 86.88 26.42 -102.16
N PHE C 3961 85.67 25.87 -102.20
CA PHE C 3961 85.08 24.87 -101.32
C PHE C 3961 83.77 24.42 -101.99
N ARG C 3962 83.13 23.38 -101.48
CA ARG C 3962 81.85 22.90 -102.01
C ARG C 3962 80.68 23.74 -101.52
N LEU C 3963 79.80 24.17 -102.42
CA LEU C 3963 78.55 24.85 -102.05
C LEU C 3963 77.48 24.62 -103.11
N THR C 3964 77.28 23.36 -103.45
CA THR C 3964 76.41 22.93 -104.54
C THR C 3964 74.92 23.00 -104.18
N ARG C 3965 74.08 22.71 -105.15
CA ARG C 3965 72.63 22.96 -105.11
C ARG C 3965 71.97 22.63 -103.79
N GLN C 3966 72.20 21.44 -103.27
CA GLN C 3966 71.46 20.94 -102.13
C GLN C 3966 71.63 21.82 -100.89
N PHE C 3967 72.82 22.38 -100.69
CA PHE C 3967 73.06 23.30 -99.62
C PHE C 3967 72.15 24.51 -99.71
N ILE C 3968 72.11 25.13 -100.89
CA ILE C 3968 71.26 26.27 -101.13
C ILE C 3968 69.81 25.86 -100.91
N ASN C 3969 69.45 24.68 -101.43
CA ASN C 3969 68.09 24.22 -101.38
C ASN C 3969 67.61 23.98 -99.95
N LEU C 3970 68.49 23.52 -99.06
CA LEU C 3970 68.15 23.40 -97.67
C LEU C 3970 67.68 24.76 -97.10
N MET C 3971 68.24 25.84 -97.60
CA MET C 3971 67.86 27.19 -97.24
C MET C 3971 66.95 27.82 -98.29
N LEU C 3972 66.15 27.03 -99.01
CA LEU C 3972 65.50 27.47 -100.27
C LEU C 3972 64.80 28.84 -100.20
N PRO C 3973 64.00 29.18 -99.15
CA PRO C 3973 63.28 30.43 -99.18
C PRO C 3973 64.20 31.63 -98.92
N MET C 3974 65.40 31.35 -98.41
CA MET C 3974 66.19 32.22 -97.58
C MET C 3974 67.67 32.00 -97.87
N LYS C 3975 68.09 32.48 -99.04
CA LYS C 3975 69.38 32.16 -99.65
C LYS C 3975 70.59 32.61 -98.83
N GLU C 3976 71.77 32.18 -99.27
CA GLU C 3976 73.03 32.14 -98.50
C GLU C 3976 73.40 33.43 -97.77
N THR C 3977 73.01 34.56 -98.35
CA THR C 3977 73.20 35.94 -97.88
C THR C 3977 72.57 36.25 -96.53
N GLY C 3978 71.91 35.28 -95.90
CA GLY C 3978 71.75 35.24 -94.47
C GLY C 3978 72.90 34.53 -93.75
N LEU C 3979 72.57 33.45 -93.05
CA LEU C 3979 73.43 32.89 -92.02
C LEU C 3979 74.81 32.54 -92.53
N MET C 3980 74.88 31.82 -93.64
CA MET C 3980 76.17 31.39 -94.16
C MET C 3980 77.03 32.58 -94.44
N TYR C 3981 76.51 33.51 -95.21
CA TYR C 3981 77.22 34.73 -95.53
C TYR C 3981 77.68 35.46 -94.29
N SER C 3982 76.81 35.58 -93.28
CA SER C 3982 77.15 36.23 -92.03
C SER C 3982 78.35 35.58 -91.35
N ILE C 3983 78.24 34.27 -91.13
CA ILE C 3983 79.29 33.52 -90.44
C ILE C 3983 80.58 33.55 -91.21
N MET C 3984 80.52 33.32 -92.52
CA MET C 3984 81.71 33.38 -93.36
C MET C 3984 82.42 34.71 -93.13
N VAL C 3985 81.67 35.80 -93.14
CA VAL C 3985 82.22 37.12 -92.92
C VAL C 3985 82.84 37.26 -91.53
N HIS C 3986 82.15 36.87 -90.45
CA HIS C 3986 82.73 36.95 -89.12
C HIS C 3986 84.00 36.16 -89.00
N ALA C 3987 84.03 34.97 -89.58
CA ALA C 3987 85.22 34.15 -89.56
C ALA C 3987 86.39 34.85 -90.23
N LEU C 3988 86.20 35.32 -91.45
CA LEU C 3988 87.32 35.81 -92.23
C LEU C 3988 87.91 37.04 -91.57
N ARG C 3989 87.06 37.88 -91.01
CA ARG C 3989 87.51 39.03 -90.24
C ARG C 3989 88.29 38.59 -89.02
N ALA C 3990 87.75 37.65 -88.27
CA ALA C 3990 88.39 37.15 -87.09
C ALA C 3990 89.77 36.60 -87.39
N PHE C 3991 89.95 35.87 -88.49
CA PHE C 3991 91.28 35.48 -88.91
C PHE C 3991 92.12 36.70 -89.29
N ARG C 3992 91.63 37.54 -90.18
CA ARG C 3992 92.41 38.67 -90.67
C ARG C 3992 92.76 39.67 -89.58
N SER C 3993 92.14 39.58 -88.41
CA SER C 3993 92.57 40.33 -87.24
C SER C 3993 94.03 40.06 -86.85
N ASP C 3994 94.57 38.89 -87.17
CA ASP C 3994 95.91 38.50 -86.76
C ASP C 3994 96.51 37.49 -87.74
N PRO C 3995 96.95 37.94 -88.93
CA PRO C 3995 97.59 37.06 -89.88
C PRO C 3995 98.83 36.39 -89.30
N GLY C 3996 99.54 37.04 -88.38
CA GLY C 3996 100.84 36.61 -87.89
C GLY C 3996 100.90 35.13 -87.47
N LEU C 3997 100.17 34.75 -86.42
CA LEU C 3997 100.30 33.40 -85.87
C LEU C 3997 99.94 32.34 -86.91
N LEU C 3998 98.81 32.53 -87.59
CA LEU C 3998 98.40 31.58 -88.62
C LEU C 3998 99.38 31.54 -89.77
N THR C 3999 99.90 32.71 -90.17
CA THR C 3999 100.89 32.75 -91.24
C THR C 3999 102.18 32.03 -90.83
N ASN C 4000 102.63 32.26 -89.60
CA ASN C 4000 103.82 31.56 -89.12
C ASN C 4000 103.60 30.05 -89.10
N THR C 4001 102.43 29.61 -88.64
CA THR C 4001 102.16 28.18 -88.57
C THR C 4001 102.10 27.57 -89.98
N MET C 4002 101.47 28.26 -90.93
CA MET C 4002 101.41 27.75 -92.28
C MET C 4002 102.79 27.72 -92.94
N ASP C 4003 103.63 28.71 -92.61
CA ASP C 4003 104.99 28.74 -93.15
C ASP C 4003 105.81 27.59 -92.58
N VAL C 4004 105.61 27.27 -91.29
CA VAL C 4004 106.27 26.11 -90.71
C VAL C 4004 105.76 24.83 -91.36
N PHE C 4005 104.47 24.79 -91.67
CA PHE C 4005 103.89 23.63 -92.34
C PHE C 4005 104.53 23.39 -93.70
N VAL C 4006 104.51 24.42 -94.56
CA VAL C 4006 104.96 24.26 -95.94
C VAL C 4006 106.46 24.06 -96.06
N LYS C 4007 107.22 24.31 -95.00
CA LYS C 4007 108.67 24.13 -95.02
C LYS C 4007 109.12 22.83 -94.41
N GLU C 4008 108.21 21.91 -94.14
CA GLU C 4008 108.60 20.61 -93.59
C GLU C 4008 109.33 19.80 -94.64
N PRO C 4009 110.42 19.11 -94.29
CA PRO C 4009 111.13 18.30 -95.28
C PRO C 4009 110.34 17.07 -95.74
N SER C 4010 109.34 16.64 -94.99
CA SER C 4010 108.51 15.51 -95.39
C SER C 4010 107.36 15.91 -96.30
N PHE C 4011 107.19 17.19 -96.58
CA PHE C 4011 106.11 17.66 -97.45
C PHE C 4011 106.62 18.07 -98.82
N ASP C 4012 107.60 17.34 -99.35
CA ASP C 4012 108.14 17.62 -100.67
C ASP C 4012 107.25 17.01 -101.75
N TRP C 4013 107.74 17.01 -102.99
CA TRP C 4013 106.99 16.45 -104.10
C TRP C 4013 107.00 14.92 -104.10
N LYS C 4014 108.08 14.31 -103.59
CA LYS C 4014 108.17 12.85 -103.57
C LYS C 4014 107.08 12.22 -102.71
N ASN C 4015 106.78 12.81 -101.56
CA ASN C 4015 105.71 12.30 -100.71
C ASN C 4015 104.34 12.50 -101.35
N PHE C 4016 104.18 13.67 -101.96
CA PHE C 4016 102.93 14.08 -102.56
C PHE C 4016 102.54 13.20 -103.75
N GLU C 4017 103.42 13.02 -104.73
CA GLU C 4017 103.06 12.26 -105.92
C GLU C 4017 102.79 10.78 -105.61
N GLN C 4018 103.48 10.20 -104.63
CA GLN C 4018 103.16 8.85 -104.15
C GLN C 4018 101.89 8.78 -103.27
N LYS C 4019 101.23 9.90 -102.96
CA LYS C 4019 99.76 9.94 -102.68
C LYS C 4019 98.94 10.04 -103.98
N MET C 4020 99.30 10.91 -104.91
CA MET C 4020 98.51 11.17 -106.12
C MET C 4020 98.24 9.93 -106.99
N LEU C 4021 99.09 8.91 -106.91
CA LEU C 4021 98.81 7.59 -107.47
C LEU C 4021 97.44 7.03 -107.04
N LYS C 4022 97.06 7.26 -105.78
CA LYS C 4022 96.00 6.54 -105.04
C LYS C 4022 94.62 7.18 -105.19
N LYS C 4023 94.28 7.61 -106.41
CA LYS C 4023 93.06 8.40 -106.72
C LYS C 4023 92.18 7.79 -107.84
N GLY C 4024 92.22 6.47 -108.02
CA GLY C 4024 91.30 5.74 -108.88
C GLY C 4024 91.34 6.12 -110.36
N GLY C 4025 92.52 6.43 -110.91
CA GLY C 4025 92.69 6.82 -112.32
C GLY C 4025 92.28 8.27 -112.65
N SER C 4026 91.89 9.08 -111.66
CA SER C 4026 91.58 10.50 -111.89
C SER C 4026 92.82 11.33 -112.20
N TRP C 4027 94.02 10.91 -111.74
CA TRP C 4027 95.27 11.59 -112.06
C TRP C 4027 95.74 11.29 -113.51
N ILE C 4028 96.90 11.86 -113.85
CA ILE C 4028 97.78 11.50 -114.97
C ILE C 4028 98.45 10.17 -114.63
N GLN C 4029 97.93 9.09 -115.19
CA GLN C 4029 97.97 7.76 -114.60
C GLN C 4029 99.37 7.19 -114.28
N GLU C 4030 100.25 7.00 -115.26
CA GLU C 4030 101.65 6.54 -115.06
C GLU C 4030 102.65 7.31 -115.96
N ILE C 4031 102.39 8.60 -116.15
CA ILE C 4031 103.12 9.51 -117.05
C ILE C 4031 103.12 10.96 -116.51
N ASN C 4032 104.17 11.71 -116.86
CA ASN C 4032 104.45 13.13 -116.57
C ASN C 4032 104.33 13.56 -115.08
N VAL C 4033 105.26 13.09 -114.24
CA VAL C 4033 105.49 13.65 -112.88
C VAL C 4033 106.21 15.01 -112.92
N ALA C 4034 107.06 15.26 -113.92
CA ALA C 4034 107.75 16.55 -114.16
C ALA C 4034 108.33 17.19 -112.89
N GLU C 4035 109.19 16.46 -112.18
CA GLU C 4035 109.40 16.59 -110.74
C GLU C 4035 109.88 17.96 -110.20
N LYS C 4036 110.49 18.82 -111.01
CA LYS C 4036 110.77 20.23 -110.62
C LYS C 4036 109.48 21.08 -110.70
N ASN C 4037 108.45 20.53 -110.09
CA ASN C 4037 107.06 20.94 -110.05
C ASN C 4037 106.71 21.64 -108.72
N TRP C 4038 107.56 21.54 -107.70
CA TRP C 4038 107.26 21.94 -106.33
C TRP C 4038 107.79 23.34 -106.00
N TYR C 4039 106.91 24.26 -105.57
CA TYR C 4039 107.21 25.68 -105.40
C TYR C 4039 106.75 26.19 -104.03
N PRO C 4040 107.37 25.74 -102.93
CA PRO C 4040 106.82 25.88 -101.59
C PRO C 4040 106.64 27.31 -101.11
N ARG C 4041 107.48 28.27 -101.53
CA ARG C 4041 107.28 29.65 -101.11
C ARG C 4041 106.01 30.26 -101.71
N GLN C 4042 105.63 29.84 -102.92
CA GLN C 4042 104.43 30.39 -103.54
C GLN C 4042 103.19 30.02 -102.75
N LYS C 4043 103.20 28.86 -102.07
CA LYS C 4043 102.07 28.46 -101.26
C LYS C 4043 101.82 29.46 -100.13
N ILE C 4044 102.85 29.74 -99.34
CA ILE C 4044 102.69 30.69 -98.24
C ILE C 4044 102.49 32.11 -98.77
N CYS C 4045 103.04 32.43 -99.95
CA CYS C 4045 102.78 33.74 -100.55
C CYS C 4045 101.32 33.91 -100.89
N TYR C 4046 100.70 32.90 -101.51
CA TYR C 4046 99.29 32.96 -101.83
C TYR C 4046 98.43 32.95 -100.58
N ALA C 4047 98.88 32.23 -99.54
CA ALA C 4047 98.15 32.26 -98.27
C ALA C 4047 98.16 33.66 -97.66
N LYS C 4048 99.32 34.32 -97.67
CA LYS C 4048 99.38 35.69 -97.16
C LYS C 4048 98.56 36.64 -98.02
N ARG C 4049 98.53 36.40 -99.34
CA ARG C 4049 97.69 37.23 -100.21
C ARG C 4049 96.21 37.06 -99.89
N LYS C 4050 95.77 35.81 -99.66
CA LYS C 4050 94.39 35.57 -99.24
C LYS C 4050 94.10 36.28 -97.93
N LEU C 4051 95.00 36.15 -96.96
CA LEU C 4051 94.78 36.80 -95.66
C LEU C 4051 94.96 38.32 -95.72
N ALA C 4052 95.45 38.86 -96.84
CA ALA C 4052 95.63 40.29 -96.99
C ALA C 4052 94.47 40.96 -97.71
N GLY C 4053 93.60 40.19 -98.36
CA GLY C 4053 92.45 40.76 -99.04
C GLY C 4053 92.51 40.66 -100.55
N ALA C 4054 93.13 39.59 -101.07
CA ALA C 4054 93.24 39.41 -102.50
C ALA C 4054 91.96 38.82 -103.07
N ASN C 4055 91.79 38.96 -104.38
CA ASN C 4055 90.63 38.42 -105.06
C ASN C 4055 90.80 36.91 -105.24
N PRO C 4056 89.80 36.11 -104.87
CA PRO C 4056 89.96 34.65 -105.03
C PRO C 4056 90.19 34.21 -106.47
N ALA C 4057 89.55 34.89 -107.42
CA ALA C 4057 89.76 34.54 -108.83
C ALA C 4057 91.21 34.77 -109.26
N VAL C 4058 91.83 35.84 -108.74
CA VAL C 4058 93.23 36.10 -109.09
C VAL C 4058 94.13 35.01 -108.52
N ILE C 4059 93.86 34.56 -107.30
CA ILE C 4059 94.66 33.49 -106.71
C ILE C 4059 94.47 32.19 -107.50
N THR C 4060 93.23 31.92 -107.92
CA THR C 4060 92.98 30.72 -108.73
C THR C 4060 93.72 30.80 -110.06
N CYS C 4061 93.72 31.97 -110.70
CA CYS C 4061 94.44 32.13 -111.95
C CYS C 4061 95.95 31.99 -111.75
N ASP C 4062 96.48 32.48 -110.63
CA ASP C 4062 97.90 32.32 -110.36
C ASP C 4062 98.25 30.85 -110.14
N GLU C 4063 97.41 30.11 -109.41
CA GLU C 4063 97.66 28.69 -109.22
C GLU C 4063 97.58 27.94 -110.54
N LEU C 4064 96.64 28.32 -111.42
CA LEU C 4064 96.55 27.70 -112.73
C LEU C 4064 97.79 28.00 -113.57
N LEU C 4065 98.29 29.23 -113.49
CA LEU C 4065 99.50 29.58 -114.23
C LEU C 4065 100.70 28.80 -113.70
N LEU C 4066 100.76 28.58 -112.40
CA LEU C 4066 101.86 27.80 -111.83
C LEU C 4066 101.77 26.33 -112.19
N GLY C 4067 100.56 25.77 -112.24
CA GLY C 4067 100.41 24.35 -112.48
C GLY C 4067 100.35 23.94 -113.94
N HIS C 4068 99.39 24.50 -114.69
CA HIS C 4068 99.18 24.15 -116.09
C HIS C 4068 99.50 25.39 -116.92
N GLU C 4069 100.78 25.54 -117.27
CA GLU C 4069 101.21 26.66 -118.10
C GLU C 4069 101.33 26.26 -119.57
N LYS C 4070 101.80 25.05 -119.84
CA LYS C 4070 101.95 24.55 -121.20
C LYS C 4070 100.72 23.80 -121.70
N ALA C 4071 99.66 23.71 -120.91
CA ALA C 4071 98.46 23.02 -121.34
C ALA C 4071 97.78 23.82 -122.45
N PRO C 4072 97.15 23.15 -123.42
CA PRO C 4072 96.49 23.90 -124.51
C PRO C 4072 95.23 24.62 -124.09
N ALA C 4073 94.73 24.39 -122.87
CA ALA C 4073 93.52 25.04 -122.39
C ALA C 4073 93.79 25.98 -121.23
N PHE C 4074 95.03 26.44 -121.07
CA PHE C 4074 95.35 27.35 -119.97
C PHE C 4074 94.57 28.66 -120.08
N ARG C 4075 94.47 29.20 -121.30
CA ARG C 4075 93.69 30.41 -121.50
C ARG C 4075 92.22 30.19 -121.17
N ASP C 4076 91.66 29.07 -121.60
CA ASP C 4076 90.28 28.75 -121.23
C ASP C 4076 90.13 28.51 -119.75
N TYR C 4077 91.14 27.87 -119.12
CA TYR C 4077 91.12 27.67 -117.68
C TYR C 4077 91.01 29.01 -116.94
N VAL C 4078 91.88 29.95 -117.28
CA VAL C 4078 91.86 31.23 -116.58
C VAL C 4078 90.64 32.06 -116.97
N ALA C 4079 90.10 31.87 -118.18
CA ALA C 4079 88.89 32.59 -118.56
C ALA C 4079 87.68 32.09 -117.78
N VAL C 4080 87.64 30.78 -117.50
CA VAL C 4080 86.54 30.24 -116.69
C VAL C 4080 86.72 30.61 -115.22
N ALA C 4081 87.96 30.55 -114.74
CA ALA C 4081 88.21 30.85 -113.33
C ALA C 4081 88.02 32.33 -113.02
N ARG C 4082 88.27 33.20 -113.99
CA ARG C 4082 88.15 34.63 -113.75
C ARG C 4082 86.73 35.13 -113.94
N GLY C 4083 85.96 34.47 -114.79
CA GLY C 4083 84.58 34.85 -115.02
C GLY C 4083 84.45 36.02 -115.97
N SER C 4084 83.21 36.44 -116.16
CA SER C 4084 82.87 37.57 -117.02
C SER C 4084 82.25 38.68 -116.19
N LYS C 4085 82.46 39.92 -116.62
CA LYS C 4085 81.90 41.07 -115.92
C LYS C 4085 80.41 41.26 -116.14
N ASP C 4086 79.74 40.30 -116.77
CA ASP C 4086 78.32 40.41 -117.06
C ASP C 4086 77.43 39.67 -116.08
N HIS C 4087 77.88 38.51 -115.59
CA HIS C 4087 77.05 37.67 -114.73
C HIS C 4087 77.65 37.36 -113.38
N ASN C 4088 78.97 37.27 -113.26
CA ASN C 4088 79.64 36.88 -112.02
C ASN C 4088 80.40 38.07 -111.48
N ILE C 4089 80.13 38.45 -110.24
CA ILE C 4089 80.85 39.55 -109.62
C ILE C 4089 82.07 39.00 -108.90
N ARG C 4090 83.13 38.73 -109.67
CA ARG C 4090 84.46 38.51 -109.13
C ARG C 4090 85.47 39.19 -110.04
N ALA C 4091 85.02 39.55 -111.24
CA ALA C 4091 85.81 40.33 -112.17
C ALA C 4091 85.46 41.81 -112.16
N GLN C 4092 84.34 42.17 -111.55
CA GLN C 4092 83.95 43.56 -111.38
C GLN C 4092 84.57 44.19 -110.14
N GLU C 4093 85.54 43.52 -109.54
CA GLU C 4093 86.22 43.97 -108.33
C GLU C 4093 87.73 44.02 -108.57
N PRO C 4094 88.45 44.84 -107.80
CA PRO C 4094 89.91 44.88 -107.94
C PRO C 4094 90.57 43.56 -107.59
N GLU C 4095 91.87 43.45 -107.85
CA GLU C 4095 92.62 42.23 -107.59
C GLU C 4095 93.18 42.15 -106.18
N SER C 4096 93.07 43.21 -105.39
CA SER C 4096 93.59 43.24 -104.03
C SER C 4096 92.90 44.35 -103.27
N GLY C 4097 93.16 44.38 -101.96
CA GLY C 4097 92.56 45.39 -101.10
C GLY C 4097 91.08 45.21 -100.84
N LEU C 4098 90.53 44.04 -101.16
CA LEU C 4098 89.12 43.78 -100.92
C LEU C 4098 88.85 43.59 -99.44
N SER C 4099 87.64 43.95 -99.03
CA SER C 4099 87.22 43.73 -97.65
C SER C 4099 86.78 42.28 -97.45
N GLU C 4100 86.45 41.94 -96.21
CA GLU C 4100 86.00 40.59 -95.92
C GLU C 4100 84.67 40.29 -96.61
N GLU C 4101 83.75 41.27 -96.61
CA GLU C 4101 82.46 41.05 -97.24
C GLU C 4101 82.58 40.86 -98.74
N THR C 4102 83.41 41.68 -99.39
CA THR C 4102 83.62 41.52 -100.83
C THR C 4102 84.30 40.19 -101.14
N GLN C 4103 85.24 39.78 -100.30
CA GLN C 4103 85.90 38.48 -100.49
C GLN C 4103 84.90 37.34 -100.38
N VAL C 4104 84.01 37.40 -99.38
CA VAL C 4104 83.03 36.33 -99.22
C VAL C 4104 82.03 36.35 -100.37
N LYS C 4105 81.66 37.52 -100.86
CA LYS C 4105 80.78 37.59 -102.02
C LYS C 4105 81.43 36.97 -103.25
N CYS C 4106 82.71 37.28 -103.48
CA CYS C 4106 83.43 36.67 -104.60
C CYS C 4106 83.55 35.16 -104.43
N LEU C 4107 83.77 34.71 -103.20
CA LEU C 4107 83.86 33.27 -102.94
C LEU C 4107 82.54 32.56 -103.25
N MET C 4108 81.42 33.15 -102.81
CA MET C 4108 80.13 32.53 -103.07
C MET C 4108 79.74 32.63 -104.53
N ASP C 4109 80.23 33.65 -105.24
CA ASP C 4109 79.96 33.75 -106.67
C ASP C 4109 80.77 32.73 -107.45
N GLN C 4110 82.01 32.47 -107.02
CA GLN C 4110 82.85 31.50 -107.72
C GLN C 4110 82.48 30.06 -107.40
N ALA C 4111 82.05 29.79 -106.17
CA ALA C 4111 81.68 28.43 -105.79
C ALA C 4111 80.32 28.02 -106.32
N THR C 4112 79.47 28.98 -106.69
CA THR C 4112 78.16 28.69 -107.24
C THR C 4112 78.05 29.02 -108.72
N ASP C 4113 79.15 29.35 -109.38
CA ASP C 4113 79.13 29.67 -110.80
C ASP C 4113 78.76 28.42 -111.60
N PRO C 4114 77.68 28.44 -112.37
CA PRO C 4114 77.34 27.26 -113.19
C PRO C 4114 78.35 27.00 -114.30
N ASN C 4115 79.03 28.02 -114.80
CA ASN C 4115 80.04 27.81 -115.82
C ASN C 4115 81.23 27.02 -115.28
N ILE C 4116 81.52 27.15 -113.98
CA ILE C 4116 82.60 26.38 -113.38
C ILE C 4116 82.11 24.98 -113.00
N LEU C 4117 80.89 24.88 -112.48
CA LEU C 4117 80.38 23.58 -112.06
C LEU C 4117 80.10 22.67 -113.24
N GLY C 4118 79.76 23.24 -114.40
CA GLY C 4118 79.52 22.42 -115.58
C GLY C 4118 80.76 21.80 -116.17
N ARG C 4119 81.94 22.18 -115.70
CA ARG C 4119 83.21 21.66 -116.21
C ARG C 4119 84.00 20.91 -115.16
N THR C 4120 83.38 20.57 -114.03
CA THR C 4120 84.08 19.92 -112.93
C THR C 4120 84.22 18.43 -113.20
N TRP C 4121 85.28 17.84 -112.63
CA TRP C 4121 85.48 16.40 -112.69
C TRP C 4121 84.25 15.67 -112.17
N GLU C 4122 83.88 14.58 -112.87
CA GLU C 4122 82.62 13.90 -112.59
C GLU C 4122 82.58 13.25 -111.21
N GLY C 4123 83.73 12.90 -110.65
CA GLY C 4123 83.76 12.34 -109.30
C GLY C 4123 83.46 13.34 -108.21
N TRP C 4124 83.57 14.64 -108.52
CA TRP C 4124 83.24 15.67 -107.53
C TRP C 4124 81.73 15.86 -107.39
N GLU C 4125 80.97 15.44 -108.41
CA GLU C 4125 79.51 15.53 -108.44
C GLU C 4125 79.03 16.95 -108.20
N PRO C 4126 79.26 17.87 -109.14
CA PRO C 4126 78.82 19.25 -108.93
C PRO C 4126 77.32 19.43 -109.02
N TRP C 4127 76.59 18.48 -109.62
CA TRP C 4127 75.14 18.61 -109.72
C TRP C 4127 74.45 18.40 -108.39
N MET C 4128 75.09 17.70 -107.46
CA MET C 4128 74.49 17.43 -106.16
C MET C 4128 75.46 17.77 -105.03
N MET F 1 -34.70 148.04 -21.70
CA MET F 1 -35.87 147.13 -21.89
C MET F 1 -35.48 145.88 -22.68
N GLU F 2 -36.19 144.76 -22.49
CA GLU F 2 -36.02 143.50 -23.24
C GLU F 2 -37.33 143.16 -24.01
N ARG F 3 -37.18 142.40 -25.09
CA ARG F 3 -38.28 141.68 -25.73
C ARG F 3 -37.89 140.26 -26.09
N LYS F 4 -38.86 139.39 -26.30
CA LYS F 4 -38.64 138.01 -26.68
C LYS F 4 -39.82 137.49 -27.48
N ILE F 5 -39.53 137.15 -28.72
CA ILE F 5 -40.47 136.53 -29.61
C ILE F 5 -40.32 135.03 -29.50
N SER F 6 -41.44 134.35 -29.52
CA SER F 6 -41.58 132.95 -29.19
C SER F 6 -42.63 132.39 -30.13
N ARG F 7 -42.48 131.15 -30.58
CA ARG F 7 -43.42 130.50 -31.49
C ARG F 7 -44.22 129.43 -30.73
N ILE F 8 -45.54 129.39 -30.94
CA ILE F 8 -46.55 128.63 -30.17
C ILE F 8 -47.64 128.05 -31.08
N HIS F 9 -48.49 127.18 -30.55
CA HIS F 9 -49.74 126.76 -31.22
C HIS F 9 -50.97 126.99 -30.35
N LEU F 10 -51.97 127.64 -30.94
CA LEU F 10 -53.31 127.61 -30.38
C LEU F 10 -53.97 126.24 -30.50
N VAL F 11 -54.67 125.76 -29.46
CA VAL F 11 -55.52 124.54 -29.58
C VAL F 11 -56.68 124.76 -30.56
N SER F 12 -57.15 125.99 -30.71
CA SER F 12 -58.11 126.34 -31.77
C SER F 12 -57.56 126.08 -33.17
N GLU F 13 -56.23 126.12 -33.34
CA GLU F 13 -55.55 126.18 -34.63
C GLU F 13 -54.25 125.34 -34.64
N PRO F 14 -54.35 124.02 -34.89
CA PRO F 14 -53.24 123.06 -34.91
C PRO F 14 -52.09 123.41 -35.90
N SER F 15 -52.42 123.68 -37.18
CA SER F 15 -51.43 123.81 -38.27
C SER F 15 -50.85 125.23 -38.42
N ILE F 16 -51.59 126.24 -37.94
CA ILE F 16 -51.10 127.62 -37.85
C ILE F 16 -50.12 127.74 -36.67
N THR F 17 -48.84 127.97 -36.93
CA THR F 17 -47.90 128.45 -35.90
C THR F 17 -48.20 129.92 -35.59
N HIS F 18 -48.29 130.25 -34.32
CA HIS F 18 -48.52 131.61 -33.84
C HIS F 18 -47.25 132.13 -33.20
N PHE F 19 -47.06 133.44 -33.21
CA PHE F 19 -45.95 134.07 -32.51
C PHE F 19 -46.45 134.91 -31.38
N LEU F 20 -45.90 134.60 -30.24
CA LEU F 20 -46.00 135.38 -29.04
C LEU F 20 -44.80 136.31 -29.02
N GLN F 21 -45.01 137.56 -28.71
CA GLN F 21 -43.96 138.51 -28.42
C GLN F 21 -44.21 139.07 -27.04
N VAL F 22 -43.22 138.95 -26.18
CA VAL F 22 -43.26 139.49 -24.82
C VAL F 22 -42.25 140.58 -24.69
N SER F 23 -42.57 141.64 -23.96
CA SER F 23 -41.71 142.81 -23.90
C SER F 23 -41.81 143.39 -22.49
N TRP F 24 -40.67 143.55 -21.82
CA TRP F 24 -40.58 143.85 -20.39
C TRP F 24 -39.21 144.35 -19.98
N GLU F 25 -39.11 144.81 -18.74
CA GLU F 25 -37.91 145.47 -18.24
C GLU F 25 -37.08 144.57 -17.31
N LYS F 26 -36.35 143.64 -17.96
CA LYS F 26 -35.44 142.58 -17.47
C LYS F 26 -35.99 141.53 -16.52
N THR F 27 -36.65 141.89 -15.42
CA THR F 27 -37.45 140.90 -14.69
C THR F 27 -38.84 140.82 -15.33
N LEU F 28 -39.19 139.64 -15.85
CA LEU F 28 -40.55 139.34 -16.29
C LEU F 28 -41.56 139.47 -15.13
N GLU F 29 -41.05 139.21 -13.92
CA GLU F 29 -41.70 139.41 -12.62
C GLU F 29 -42.28 140.84 -12.43
N SER F 30 -41.70 141.86 -13.05
CA SER F 30 -42.17 143.25 -12.92
C SER F 30 -43.41 143.57 -13.79
N GLY F 31 -43.98 142.59 -14.51
CA GLY F 31 -45.05 142.80 -15.49
C GLY F 31 -44.50 142.95 -16.92
N PHE F 32 -45.36 142.81 -17.93
CA PHE F 32 -44.95 142.79 -19.34
C PHE F 32 -46.07 143.19 -20.30
N VAL F 33 -45.72 143.71 -21.49
CA VAL F 33 -46.63 143.74 -22.64
C VAL F 33 -46.46 142.47 -23.44
N ILE F 34 -47.55 142.01 -24.02
CA ILE F 34 -47.64 140.77 -24.76
C ILE F 34 -48.38 141.00 -26.10
N THR F 35 -47.89 140.46 -27.21
CA THR F 35 -48.55 140.46 -28.55
C THR F 35 -48.64 139.00 -29.02
N LEU F 36 -49.75 138.64 -29.65
CA LEU F 36 -49.93 137.41 -30.42
C LEU F 36 -50.14 137.79 -31.88
N THR F 37 -49.64 136.97 -32.79
CA THR F 37 -49.92 137.07 -34.22
C THR F 37 -49.83 135.70 -34.86
N ASP F 38 -50.44 135.54 -36.03
CA ASP F 38 -50.46 134.29 -36.81
C ASP F 38 -49.99 134.47 -38.26
N GLY F 39 -49.25 135.54 -38.54
CA GLY F 39 -48.88 135.91 -39.91
C GLY F 39 -50.00 136.60 -40.71
N HIS F 40 -51.25 136.56 -40.25
CA HIS F 40 -52.41 137.19 -40.93
C HIS F 40 -53.00 138.34 -40.10
N SER F 41 -53.00 138.23 -38.77
CA SER F 41 -53.61 139.18 -37.81
C SER F 41 -52.75 139.30 -36.55
N ALA F 42 -53.02 140.29 -35.71
CA ALA F 42 -52.30 140.49 -34.44
C ALA F 42 -53.25 140.94 -33.32
N TRP F 43 -52.85 140.69 -32.09
CA TRP F 43 -53.56 141.05 -30.86
C TRP F 43 -52.57 141.39 -29.75
N THR F 44 -52.93 142.22 -28.76
CA THR F 44 -52.01 142.73 -27.70
C THR F 44 -52.67 142.79 -26.33
N GLY F 45 -51.89 142.79 -25.24
CA GLY F 45 -52.32 143.05 -23.86
C GLY F 45 -51.15 143.22 -22.85
N THR F 46 -51.44 143.22 -21.54
CA THR F 46 -50.48 143.55 -20.45
C THR F 46 -50.71 142.72 -19.14
N VAL F 47 -49.69 142.41 -18.32
CA VAL F 47 -49.76 141.77 -16.95
C VAL F 47 -48.80 142.52 -15.99
N SER F 48 -49.03 142.50 -14.65
CA SER F 48 -48.37 143.38 -13.64
C SER F 48 -47.74 142.66 -12.41
N GLU F 49 -46.98 143.39 -11.58
CA GLU F 49 -46.19 142.89 -10.41
C GLU F 49 -47.01 142.08 -9.40
N SER F 50 -48.05 142.72 -8.86
CA SER F 50 -48.89 142.17 -7.81
C SER F 50 -49.75 141.02 -8.32
N GLU F 51 -50.17 141.06 -9.58
CA GLU F 51 -50.84 139.95 -10.28
C GLU F 51 -49.96 138.70 -10.30
N ILE F 52 -48.70 138.79 -10.72
CA ILE F 52 -47.81 137.63 -10.74
C ILE F 52 -47.53 137.13 -9.28
N SER F 53 -47.37 138.00 -8.26
CA SER F 53 -47.26 137.57 -6.85
C SER F 53 -48.46 136.78 -6.41
N GLN F 54 -49.61 137.39 -6.63
CA GLN F 54 -50.90 136.85 -6.31
C GLN F 54 -51.12 135.49 -7.00
N GLU F 55 -50.77 135.36 -8.29
CA GLU F 55 -50.87 134.14 -9.12
C GLU F 55 -49.90 133.03 -8.71
N ALA F 56 -48.86 133.33 -7.96
CA ALA F 56 -47.95 132.31 -7.48
C ALA F 56 -48.34 131.85 -6.09
N ASP F 57 -48.77 132.82 -5.28
CA ASP F 57 -49.49 132.61 -4.05
C ASP F 57 -50.78 131.77 -4.28
N ASP F 58 -51.46 131.99 -5.41
CA ASP F 58 -52.59 131.26 -6.05
C ASP F 58 -52.33 129.79 -6.34
N MET F 59 -51.07 129.44 -6.51
CA MET F 59 -50.66 128.06 -6.71
C MET F 59 -49.74 127.56 -5.57
N ALA F 60 -49.58 128.32 -4.47
CA ALA F 60 -48.75 128.03 -3.30
C ALA F 60 -47.22 127.94 -3.48
N MET F 61 -46.69 128.29 -4.66
CA MET F 61 -45.27 128.19 -4.99
C MET F 61 -44.51 129.46 -4.61
N GLU F 62 -43.22 129.29 -4.42
CA GLU F 62 -42.24 130.37 -4.34
C GLU F 62 -42.28 131.28 -5.59
N LYS F 63 -42.37 132.61 -5.44
CA LYS F 63 -42.13 133.55 -6.56
C LYS F 63 -40.65 133.52 -6.95
N GLY F 64 -40.37 133.70 -8.24
CA GLY F 64 -39.07 133.30 -8.84
C GLY F 64 -39.11 131.87 -9.39
N LYS F 65 -39.60 130.88 -8.62
CA LYS F 65 -39.85 129.52 -9.15
C LYS F 65 -41.05 129.50 -10.10
N TYR F 66 -42.11 130.20 -9.71
CA TYR F 66 -43.24 130.45 -10.60
C TYR F 66 -42.89 131.35 -11.79
N VAL F 67 -42.04 132.35 -11.56
CA VAL F 67 -41.49 133.17 -12.65
C VAL F 67 -40.70 132.29 -13.62
N GLY F 68 -39.96 131.29 -13.12
CA GLY F 68 -39.38 130.20 -13.89
C GLY F 68 -40.39 129.59 -14.89
N GLU F 69 -41.52 129.08 -14.41
CA GLU F 69 -42.61 128.57 -15.28
C GLU F 69 -43.06 129.61 -16.34
N LEU F 70 -43.21 130.87 -15.97
CA LEU F 70 -43.54 131.96 -16.89
C LEU F 70 -42.43 132.20 -17.94
N ARG F 71 -41.14 132.21 -17.56
CA ARG F 71 -40.02 132.30 -18.51
C ARG F 71 -40.10 131.16 -19.52
N LYS F 72 -40.31 129.97 -18.99
CA LYS F 72 -40.28 128.77 -19.76
C LYS F 72 -41.42 128.68 -20.77
N ALA F 73 -42.64 129.01 -20.35
CA ALA F 73 -43.81 129.11 -21.22
C ALA F 73 -43.65 130.25 -22.23
N LEU F 74 -43.47 131.46 -21.70
CA LEU F 74 -43.66 132.66 -22.47
C LEU F 74 -42.41 133.05 -23.28
N LEU F 75 -41.23 132.69 -22.78
CA LEU F 75 -39.92 133.06 -23.34
C LEU F 75 -39.21 131.91 -24.06
N SER F 76 -39.91 130.83 -24.45
CA SER F 76 -39.29 129.60 -25.03
C SER F 76 -38.28 128.90 -24.12
N GLY F 77 -38.17 129.29 -22.85
CA GLY F 77 -37.21 128.71 -21.92
C GLY F 77 -37.51 127.24 -21.56
N ALA F 78 -38.46 126.59 -22.23
CA ALA F 78 -38.87 125.22 -22.03
C ALA F 78 -37.65 124.29 -21.90
N GLY F 79 -37.54 123.62 -20.76
CA GLY F 79 -36.62 122.51 -20.57
C GLY F 79 -37.05 121.33 -21.44
N PRO F 80 -36.22 120.29 -21.52
CA PRO F 80 -36.52 119.13 -22.37
C PRO F 80 -37.82 118.42 -21.98
N ALA F 81 -38.20 118.47 -20.71
CA ALA F 81 -39.42 117.89 -20.18
C ALA F 81 -40.70 118.69 -20.46
N ASP F 82 -40.60 119.95 -20.92
CA ASP F 82 -41.72 120.88 -20.85
C ASP F 82 -42.45 121.07 -22.19
N VAL F 83 -43.76 120.81 -22.20
CA VAL F 83 -44.66 121.04 -23.34
C VAL F 83 -45.73 122.05 -22.95
N TYR F 84 -45.86 123.15 -23.70
CA TYR F 84 -46.79 124.24 -23.41
C TYR F 84 -47.83 124.41 -24.53
N THR F 85 -49.02 124.88 -24.15
CA THR F 85 -50.21 124.93 -25.00
C THR F 85 -50.94 126.25 -24.83
N PHE F 86 -51.48 126.77 -25.92
CA PHE F 86 -51.95 128.15 -26.02
C PHE F 86 -53.42 128.12 -26.48
N ASN F 87 -54.29 128.98 -25.94
CA ASN F 87 -55.72 128.99 -26.25
C ASN F 87 -56.20 130.43 -26.40
N PHE F 88 -57.03 130.68 -27.41
CA PHE F 88 -57.43 132.03 -27.74
C PHE F 88 -58.67 132.02 -28.61
N SER F 89 -59.72 132.70 -28.17
CA SER F 89 -60.69 133.24 -29.11
C SER F 89 -60.17 134.57 -29.60
N LYS F 90 -60.20 134.77 -30.91
CA LYS F 90 -59.86 136.01 -31.60
C LYS F 90 -61.01 137.01 -31.58
N GLU F 91 -62.18 136.46 -31.33
CA GLU F 91 -63.47 137.09 -31.28
C GLU F 91 -63.58 137.80 -29.92
N SER F 92 -63.54 137.04 -28.82
CA SER F 92 -63.52 137.61 -27.46
C SER F 92 -62.17 138.19 -27.11
N CYS F 93 -61.13 137.76 -27.82
CA CYS F 93 -59.77 138.01 -27.45
C CYS F 93 -59.39 137.48 -26.05
N TYR F 94 -60.09 136.48 -25.49
CA TYR F 94 -59.64 135.79 -24.27
C TYR F 94 -58.57 134.78 -24.61
N PHE F 95 -57.36 135.04 -24.12
CA PHE F 95 -56.26 134.11 -24.12
C PHE F 95 -56.21 133.30 -22.83
N PHE F 96 -55.72 132.08 -22.91
CA PHE F 96 -55.14 131.38 -21.76
C PHE F 96 -54.13 130.33 -22.23
N PHE F 97 -53.15 130.00 -21.40
CA PHE F 97 -52.06 129.07 -21.72
C PHE F 97 -51.90 128.06 -20.60
N GLU F 98 -51.15 127.00 -20.90
CA GLU F 98 -51.14 125.77 -20.16
C GLU F 98 -49.86 125.00 -20.40
N LYS F 99 -49.66 123.96 -19.60
CA LYS F 99 -48.60 122.99 -19.70
C LYS F 99 -49.18 121.57 -19.76
N ASN F 100 -48.61 120.66 -20.56
CA ASN F 100 -49.20 119.34 -20.74
C ASN F 100 -48.38 118.22 -20.12
N LEU F 101 -48.98 117.49 -19.19
CA LEU F 101 -48.43 116.42 -18.33
C LEU F 101 -49.60 115.69 -17.70
N LYS F 102 -49.37 114.53 -17.10
CA LYS F 102 -50.43 113.80 -16.37
C LYS F 102 -51.60 113.41 -17.28
N ASP F 103 -51.33 113.35 -18.58
CA ASP F 103 -52.27 113.18 -19.70
C ASP F 103 -53.26 114.32 -19.84
N VAL F 104 -52.88 115.48 -19.35
CA VAL F 104 -53.74 116.64 -19.31
C VAL F 104 -53.00 117.86 -19.75
N SER F 105 -53.77 118.83 -20.19
CA SER F 105 -53.30 120.18 -20.19
C SER F 105 -53.71 120.91 -18.92
N PHE F 106 -52.75 121.55 -18.30
CA PHE F 106 -52.90 122.37 -17.11
C PHE F 106 -52.65 123.81 -17.46
N ARG F 107 -53.73 124.58 -17.51
CA ARG F 107 -53.76 126.03 -17.36
C ARG F 107 -52.60 126.52 -16.46
N LEU F 108 -51.93 127.59 -16.87
CA LEU F 108 -50.88 128.36 -16.16
C LEU F 108 -51.24 129.86 -16.19
N GLY F 109 -52.34 130.29 -16.82
CA GLY F 109 -52.78 131.70 -16.85
C GLY F 109 -53.76 132.11 -17.97
N SER F 110 -54.32 133.33 -17.85
CA SER F 110 -55.29 133.95 -18.77
C SER F 110 -55.12 135.44 -18.98
N PHE F 111 -55.31 135.91 -20.23
CA PHE F 111 -55.22 137.32 -20.61
C PHE F 111 -56.48 137.77 -21.37
N ASN F 112 -56.84 139.04 -21.18
CA ASN F 112 -57.61 139.88 -22.10
C ASN F 112 -56.68 140.43 -23.20
N LEU F 113 -56.74 139.95 -24.44
CA LEU F 113 -56.10 140.67 -25.56
C LEU F 113 -57.10 141.63 -26.22
N GLU F 114 -56.59 142.47 -27.11
CA GLU F 114 -57.33 143.37 -27.97
C GLU F 114 -56.84 143.14 -29.41
N LYS F 115 -57.70 143.07 -30.43
CA LYS F 115 -57.22 142.96 -31.82
C LYS F 115 -56.52 144.23 -32.26
N VAL F 116 -55.29 144.10 -32.73
CA VAL F 116 -54.42 145.20 -33.17
C VAL F 116 -54.82 145.72 -34.55
N GLU F 117 -54.78 147.03 -34.67
CA GLU F 117 -55.30 147.83 -35.79
C GLU F 117 -54.36 147.94 -36.99
N ASN F 118 -53.04 147.75 -36.79
CA ASN F 118 -52.02 147.88 -37.83
C ASN F 118 -51.20 146.57 -37.95
N PRO F 119 -51.85 145.44 -38.27
CA PRO F 119 -51.27 144.10 -38.18
C PRO F 119 -49.93 143.97 -38.92
N ALA F 120 -49.92 144.22 -40.23
CA ALA F 120 -48.75 144.08 -41.10
C ALA F 120 -47.58 144.99 -40.62
N GLU F 121 -47.82 146.10 -39.90
CA GLU F 121 -46.77 147.00 -39.42
C GLU F 121 -46.03 146.54 -38.16
N VAL F 122 -46.73 146.10 -37.11
CA VAL F 122 -46.03 145.48 -35.96
C VAL F 122 -45.36 144.20 -36.40
N ILE F 123 -45.95 143.46 -37.35
CA ILE F 123 -45.27 142.36 -38.03
C ILE F 123 -43.96 142.86 -38.67
N ARG F 124 -43.98 143.89 -39.53
CA ARG F 124 -42.76 144.41 -40.19
C ARG F 124 -41.64 144.70 -39.19
N GLU F 125 -41.96 145.47 -38.17
CA GLU F 125 -41.03 145.79 -37.11
C GLU F 125 -40.46 144.51 -36.49
N LEU F 126 -41.36 143.58 -36.14
CA LEU F 126 -41.05 142.33 -35.46
C LEU F 126 -39.96 141.56 -36.19
N ILE F 127 -40.09 141.38 -37.49
CA ILE F 127 -39.19 140.50 -38.24
C ILE F 127 -37.88 141.20 -38.64
N CYS F 128 -37.88 142.53 -38.79
CA CYS F 128 -36.64 143.30 -38.98
C CYS F 128 -35.69 143.12 -37.80
N TYR F 129 -36.21 143.26 -36.57
CA TYR F 129 -35.45 142.97 -35.35
C TYR F 129 -34.81 141.59 -35.45
N CYS F 130 -35.56 140.63 -35.98
CA CYS F 130 -35.10 139.26 -36.00
C CYS F 130 -33.90 139.11 -36.96
N LEU F 131 -34.01 139.61 -38.21
CA LEU F 131 -32.90 139.65 -39.18
C LEU F 131 -31.65 140.26 -38.52
N ASP F 132 -31.78 141.39 -37.82
CA ASP F 132 -30.67 142.07 -37.12
C ASP F 132 -30.05 141.20 -36.02
N THR F 133 -30.89 140.62 -35.16
CA THR F 133 -30.42 139.87 -33.99
C THR F 133 -29.70 138.61 -34.36
N ILE F 134 -30.17 137.95 -35.42
CA ILE F 134 -29.46 136.77 -35.89
C ILE F 134 -28.04 137.24 -36.25
N ALA F 135 -27.94 138.30 -37.07
CA ALA F 135 -26.69 138.82 -37.60
C ALA F 135 -25.69 139.20 -36.49
N GLU F 136 -26.13 139.72 -35.35
CA GLU F 136 -25.23 140.07 -34.24
C GLU F 136 -24.56 138.87 -33.55
N ASN F 137 -25.31 137.80 -33.31
CA ASN F 137 -24.79 136.58 -32.69
C ASN F 137 -23.95 135.78 -33.65
N GLN F 138 -24.26 135.91 -34.93
CA GLN F 138 -23.44 135.42 -36.01
C GLN F 138 -22.03 136.04 -35.99
N ALA F 139 -21.89 137.36 -35.84
CA ALA F 139 -20.57 138.00 -35.90
C ALA F 139 -19.62 137.63 -34.77
N LYS F 140 -20.18 137.45 -33.56
CA LYS F 140 -19.46 136.87 -32.43
C LYS F 140 -19.00 135.45 -32.67
N ASN F 141 -19.84 134.66 -33.32
CA ASN F 141 -19.55 133.27 -33.63
C ASN F 141 -18.34 133.11 -34.55
N GLU F 142 -18.29 133.89 -35.64
CA GLU F 142 -17.20 133.88 -36.62
C GLU F 142 -15.82 134.04 -35.98
N HIS F 143 -15.73 134.96 -35.03
CA HIS F 143 -14.50 135.23 -34.30
C HIS F 143 -14.04 134.02 -33.48
N LEU F 144 -14.95 133.42 -32.71
CA LEU F 144 -14.66 132.23 -31.93
C LEU F 144 -14.23 131.03 -32.77
N GLN F 145 -14.79 130.88 -33.97
CA GLN F 145 -14.43 129.85 -34.96
C GLN F 145 -12.96 129.99 -35.42
N LYS F 146 -12.54 131.20 -35.83
CA LYS F 146 -11.17 131.49 -36.31
C LYS F 146 -10.09 131.12 -35.29
N GLU F 147 -10.38 131.34 -34.03
CA GLU F 147 -9.55 130.86 -32.93
C GLU F 147 -9.49 129.33 -32.84
N ASN F 148 -10.66 128.67 -32.87
CA ASN F 148 -10.77 127.21 -32.79
C ASN F 148 -9.91 126.51 -33.87
N GLU F 149 -10.00 126.96 -35.13
CA GLU F 149 -9.23 126.42 -36.28
C GLU F 149 -7.71 126.52 -36.07
N ARG F 150 -7.24 127.72 -35.70
CA ARG F 150 -5.83 128.01 -35.47
C ARG F 150 -5.25 127.08 -34.41
N LEU F 151 -6.00 126.99 -33.32
CA LEU F 151 -5.67 126.24 -32.13
C LEU F 151 -5.59 124.72 -32.36
N LEU F 152 -6.56 124.16 -33.09
CA LEU F 152 -6.62 122.73 -33.37
C LEU F 152 -5.44 122.24 -34.22
N ARG F 153 -5.11 122.99 -35.29
CA ARG F 153 -3.90 122.77 -36.11
C ARG F 153 -2.65 122.81 -35.24
N ASP F 154 -2.46 123.93 -34.55
CA ASP F 154 -1.25 124.15 -33.78
C ASP F 154 -1.09 123.13 -32.65
N TRP F 155 -2.17 122.59 -32.04
CA TRP F 155 -2.04 121.54 -31.02
C TRP F 155 -1.42 120.26 -31.55
N ASN F 156 -1.97 119.76 -32.66
CA ASN F 156 -1.48 118.57 -33.35
C ASN F 156 0.01 118.70 -33.71
N ASP F 157 0.39 119.90 -34.15
CA ASP F 157 1.72 120.24 -34.62
C ASP F 157 2.80 119.99 -33.57
N VAL F 158 2.59 120.57 -32.39
CA VAL F 158 3.59 120.45 -31.34
C VAL F 158 3.62 119.05 -30.74
N GLN F 159 2.46 118.39 -30.66
CA GLN F 159 2.38 117.02 -30.14
C GLN F 159 3.35 116.08 -30.88
N GLY F 160 3.44 116.21 -32.21
CA GLY F 160 4.39 115.49 -33.04
C GLY F 160 5.84 115.92 -32.82
N ARG F 161 6.14 117.22 -32.95
CA ARG F 161 7.53 117.71 -32.84
C ARG F 161 8.15 117.41 -31.47
N PHE F 162 7.39 117.55 -30.40
CA PHE F 162 7.84 117.26 -29.04
C PHE F 162 8.37 115.84 -28.86
N GLU F 163 7.60 114.87 -29.33
CA GLU F 163 7.91 113.45 -29.22
C GLU F 163 9.16 113.06 -30.02
N LYS F 164 9.40 113.71 -31.17
CA LYS F 164 10.67 113.60 -31.93
C LYS F 164 11.87 114.13 -31.14
N CYS F 165 11.73 115.31 -30.54
CA CYS F 165 12.81 115.92 -29.77
C CYS F 165 13.21 115.11 -28.54
N VAL F 166 12.23 114.56 -27.82
CA VAL F 166 12.45 113.63 -26.70
C VAL F 166 13.38 112.47 -27.10
N SER F 167 13.17 111.92 -28.29
CA SER F 167 13.97 110.80 -28.80
C SER F 167 15.42 111.16 -29.12
N ALA F 168 15.66 112.31 -29.77
CA ALA F 168 17.00 112.78 -30.08
C ALA F 168 17.82 113.13 -28.83
N LYS F 169 17.16 113.71 -27.81
CA LYS F 169 17.77 114.00 -26.50
C LYS F 169 18.30 112.72 -25.84
N GLU F 170 17.49 111.68 -25.84
CA GLU F 170 17.80 110.41 -25.18
C GLU F 170 18.98 109.64 -25.82
N ALA F 171 19.36 109.97 -27.06
CA ALA F 171 20.59 109.48 -27.69
C ALA F 171 21.85 110.29 -27.28
N LEU F 172 21.69 111.61 -27.11
CA LEU F 172 22.78 112.60 -27.05
C LEU F 172 23.84 112.36 -25.97
N GLU F 173 23.46 112.06 -24.73
CA GLU F 173 24.42 111.97 -23.63
C GLU F 173 25.53 110.97 -23.95
N THR F 174 25.13 109.76 -24.32
CA THR F 174 26.11 108.71 -24.64
C THR F 174 26.91 109.05 -25.87
N ASP F 175 26.34 109.75 -26.87
CA ASP F 175 27.10 110.27 -28.00
C ASP F 175 28.30 111.06 -27.50
N LEU F 176 28.07 112.08 -26.69
CA LEU F 176 29.13 112.93 -26.14
C LEU F 176 30.17 112.16 -25.31
N TYR F 177 29.75 111.20 -24.49
CA TYR F 177 30.68 110.36 -23.73
C TYR F 177 31.65 109.57 -24.60
N LYS F 178 31.12 108.92 -25.64
CA LYS F 178 31.93 108.15 -26.58
C LYS F 178 33.06 109.03 -27.12
N ARG F 179 32.68 110.23 -27.60
CA ARG F 179 33.60 111.25 -28.12
C ARG F 179 34.67 111.60 -27.07
N PHE F 180 34.27 111.90 -25.83
CA PHE F 180 35.16 112.33 -24.78
C PHE F 180 36.13 111.23 -24.30
N ILE F 181 35.72 109.98 -24.17
CA ILE F 181 36.61 108.87 -23.74
C ILE F 181 37.81 108.76 -24.64
N LEU F 182 37.54 108.73 -25.95
CA LEU F 182 38.56 108.63 -26.97
C LEU F 182 39.52 109.85 -26.86
N VAL F 183 39.00 111.08 -26.91
CA VAL F 183 39.82 112.30 -26.80
C VAL F 183 40.65 112.29 -25.50
N LEU F 184 40.05 111.90 -24.37
CA LEU F 184 40.72 111.88 -23.08
C LEU F 184 41.78 110.79 -22.88
N ASN F 185 41.56 109.59 -23.42
CA ASN F 185 42.55 108.52 -23.41
C ASN F 185 43.66 108.80 -24.44
N GLU F 186 43.37 109.42 -25.59
CA GLU F 186 44.46 109.94 -26.43
C GLU F 186 45.24 111.02 -25.69
N LYS F 187 44.58 111.95 -24.98
CA LYS F 187 45.32 113.02 -24.32
C LYS F 187 46.33 112.42 -23.32
N LYS F 188 45.93 111.40 -22.54
CA LYS F 188 46.84 110.56 -21.72
C LYS F 188 47.98 109.97 -22.55
N THR F 189 47.67 109.42 -23.73
CA THR F 189 48.65 108.88 -24.68
C THR F 189 49.62 109.95 -25.20
N LYS F 190 49.16 111.19 -25.43
CA LYS F 190 50.00 112.34 -25.86
C LYS F 190 50.99 112.73 -24.77
N ILE F 191 50.53 112.71 -23.51
CA ILE F 191 51.40 112.91 -22.34
C ILE F 191 52.55 111.87 -22.39
N ARG F 192 52.24 110.55 -22.44
CA ARG F 192 53.22 109.44 -22.50
C ARG F 192 54.22 109.53 -23.68
N SER F 193 53.80 110.06 -24.83
CA SER F 193 54.66 110.24 -26.00
C SER F 193 55.66 111.38 -25.82
N LEU F 194 55.18 112.59 -25.49
CA LEU F 194 56.01 113.78 -25.21
C LEU F 194 57.03 113.49 -24.11
N HIS F 195 56.58 112.82 -23.05
CA HIS F 195 57.44 112.31 -21.99
C HIS F 195 58.57 111.41 -22.54
N ASN F 196 58.26 110.37 -23.33
CA ASN F 196 59.27 109.46 -23.85
C ASN F 196 60.29 110.20 -24.72
N LYS F 197 59.86 111.20 -25.50
CA LYS F 197 60.76 112.05 -26.31
C LYS F 197 61.66 112.92 -25.41
N LEU F 198 61.10 113.44 -24.31
CA LEU F 198 61.84 114.18 -23.29
C LEU F 198 62.95 113.33 -22.68
N LEU F 199 62.65 112.07 -22.35
CA LEU F 199 63.63 111.09 -21.85
C LEU F 199 64.77 110.85 -22.83
N ASN F 200 64.44 110.67 -24.11
CA ASN F 200 65.44 110.48 -25.15
C ASN F 200 66.26 111.75 -25.43
N ALA F 201 65.92 112.88 -24.83
CA ALA F 201 66.65 114.12 -24.96
C ALA F 201 66.49 115.05 -23.75
N MET G 1 -32.53 122.06 -49.39
CA MET G 1 -33.08 123.38 -49.77
C MET G 1 -32.35 124.48 -49.03
N GLU G 2 -32.13 125.60 -49.69
CA GLU G 2 -31.55 126.81 -49.11
C GLU G 2 -32.43 127.99 -49.42
N ARG G 3 -32.15 129.07 -48.71
CA ARG G 3 -33.02 130.21 -48.59
C ARG G 3 -32.22 131.42 -48.16
N LYS G 4 -32.81 132.57 -48.42
CA LYS G 4 -32.34 133.92 -48.10
C LYS G 4 -33.58 134.80 -47.86
N ILE G 5 -33.47 135.79 -46.96
CA ILE G 5 -34.51 136.80 -46.67
C ILE G 5 -33.88 138.19 -46.59
N SER G 6 -34.48 139.19 -47.24
CA SER G 6 -33.97 140.56 -47.19
C SER G 6 -35.05 141.66 -47.33
N ARG G 7 -34.81 142.78 -46.63
CA ARG G 7 -35.62 144.01 -46.60
C ARG G 7 -35.33 144.89 -47.82
N ILE G 8 -36.38 145.38 -48.49
CA ILE G 8 -36.34 146.18 -49.73
C ILE G 8 -37.39 147.31 -49.69
N HIS G 9 -37.43 148.11 -50.76
CA HIS G 9 -38.46 149.10 -51.10
C HIS G 9 -38.85 148.93 -52.57
N LEU G 10 -40.02 149.45 -52.99
CA LEU G 10 -40.37 149.62 -54.40
C LEU G 10 -40.58 151.09 -54.73
N VAL G 11 -40.17 151.55 -55.92
CA VAL G 11 -40.39 152.95 -56.33
C VAL G 11 -41.88 153.27 -56.51
N SER G 12 -42.68 152.23 -56.77
CA SER G 12 -44.15 152.23 -56.79
C SER G 12 -44.78 152.51 -55.40
N GLU G 13 -44.09 152.25 -54.27
CA GLU G 13 -44.52 152.57 -52.89
C GLU G 13 -43.33 153.09 -52.07
N PRO G 14 -42.86 154.32 -52.31
CA PRO G 14 -41.59 154.81 -51.78
C PRO G 14 -41.52 154.93 -50.25
N SER G 15 -42.68 154.97 -49.59
CA SER G 15 -42.81 155.39 -48.18
C SER G 15 -42.70 154.26 -47.14
N ILE G 16 -42.50 153.00 -47.57
CA ILE G 16 -42.76 151.85 -46.70
C ILE G 16 -41.85 150.64 -46.99
N THR G 17 -41.45 149.90 -45.96
CA THR G 17 -40.58 148.69 -46.05
C THR G 17 -41.35 147.49 -46.64
N HIS G 18 -40.71 146.70 -47.52
CA HIS G 18 -41.16 145.37 -47.97
C HIS G 18 -40.07 144.33 -47.70
N PHE G 19 -40.43 143.06 -47.91
CA PHE G 19 -39.57 141.92 -47.76
C PHE G 19 -39.60 141.03 -49.01
N LEU G 20 -38.43 140.72 -49.58
CA LEU G 20 -38.25 139.72 -50.62
C LEU G 20 -37.59 138.48 -50.01
N GLN G 21 -38.17 137.31 -50.23
CA GLN G 21 -37.59 136.04 -49.79
C GLN G 21 -37.24 135.25 -51.04
N VAL G 22 -36.06 134.66 -51.03
CA VAL G 22 -35.55 133.89 -52.16
C VAL G 22 -35.15 132.51 -51.69
N SER G 23 -35.77 131.45 -52.20
CA SER G 23 -35.52 130.08 -51.72
C SER G 23 -35.30 129.19 -52.90
N TRP G 24 -34.26 128.39 -52.82
CA TRP G 24 -33.83 127.61 -53.93
C TRP G 24 -33.34 126.27 -53.51
N GLU G 25 -33.34 125.34 -54.44
CA GLU G 25 -32.79 124.04 -54.14
C GLU G 25 -31.34 123.98 -54.60
N LYS G 26 -30.49 123.54 -53.68
CA LYS G 26 -29.03 123.55 -53.65
C LYS G 26 -28.44 124.92 -53.96
N THR G 27 -28.56 125.33 -55.22
CA THR G 27 -28.10 126.60 -55.77
C THR G 27 -29.24 127.42 -56.34
N LEU G 28 -29.02 128.73 -56.30
CA LEU G 28 -29.79 129.74 -57.00
C LEU G 28 -30.07 129.30 -58.45
N GLU G 29 -29.03 128.78 -59.08
CA GLU G 29 -28.95 128.37 -60.48
C GLU G 29 -29.94 127.26 -60.88
N SER G 30 -30.27 126.30 -60.00
CA SER G 30 -31.24 125.25 -60.35
C SER G 30 -32.64 125.82 -60.58
N GLY G 31 -32.87 127.07 -60.19
CA GLY G 31 -34.19 127.60 -60.12
C GLY G 31 -34.69 127.69 -58.70
N PHE G 32 -35.70 128.51 -58.55
CA PHE G 32 -36.00 129.01 -57.25
C PHE G 32 -37.41 129.55 -57.16
N VAL G 33 -37.85 129.63 -55.91
CA VAL G 33 -39.07 130.26 -55.48
C VAL G 33 -38.67 131.61 -54.92
N ILE G 34 -39.32 132.65 -55.39
CA ILE G 34 -39.19 134.02 -54.91
C ILE G 34 -40.54 134.53 -54.48
N THR G 35 -40.55 135.27 -53.39
CA THR G 35 -41.77 135.74 -52.73
C THR G 35 -41.58 137.19 -52.37
N LEU G 36 -42.59 138.02 -52.58
CA LEU G 36 -42.67 139.40 -52.06
C LEU G 36 -43.82 139.49 -51.08
N THR G 37 -43.60 140.28 -50.03
CA THR G 37 -44.65 140.74 -49.11
C THR G 37 -44.36 142.11 -48.49
N ASP G 38 -45.43 142.80 -48.09
CA ASP G 38 -45.53 144.10 -47.39
C ASP G 38 -45.68 143.98 -45.85
N GLY G 39 -45.86 142.76 -45.34
CA GLY G 39 -46.38 142.47 -43.99
C GLY G 39 -47.82 141.90 -44.01
N HIS G 40 -48.55 142.00 -45.13
CA HIS G 40 -50.01 141.78 -45.21
C HIS G 40 -50.46 140.72 -46.24
N SER G 41 -49.84 140.66 -47.43
CA SER G 41 -50.36 139.95 -48.61
C SER G 41 -49.36 138.97 -49.23
N ALA G 42 -49.83 137.96 -49.97
CA ALA G 42 -48.93 136.96 -50.52
C ALA G 42 -48.78 137.08 -52.02
N TRP G 43 -47.56 137.41 -52.42
CA TRP G 43 -47.09 137.41 -53.78
C TRP G 43 -45.93 136.45 -53.96
N THR G 44 -46.00 135.62 -54.99
CA THR G 44 -45.05 134.51 -55.15
C THR G 44 -44.60 134.40 -56.60
N GLY G 45 -43.51 133.70 -56.87
CA GLY G 45 -43.27 133.14 -58.19
C GLY G 45 -42.12 132.16 -58.26
N THR G 46 -42.36 131.13 -59.04
CA THR G 46 -41.42 130.05 -59.26
C THR G 46 -40.80 130.23 -60.63
N VAL G 47 -39.49 130.21 -60.67
CA VAL G 47 -38.76 130.51 -61.88
C VAL G 47 -37.51 129.69 -61.85
N SER G 48 -37.41 128.78 -62.81
CA SER G 48 -36.54 127.62 -62.69
C SER G 48 -35.60 127.49 -63.86
N GLU G 49 -34.59 126.63 -63.66
CA GLU G 49 -33.41 126.43 -64.50
C GLU G 49 -33.62 126.93 -65.95
N SER G 50 -34.48 126.26 -66.71
CA SER G 50 -34.65 126.45 -68.16
C SER G 50 -35.05 127.87 -68.57
N GLU G 51 -35.55 128.69 -67.65
CA GLU G 51 -35.84 130.10 -67.88
C GLU G 51 -35.22 131.04 -66.83
N ILE G 52 -34.31 130.54 -65.98
CA ILE G 52 -33.24 131.39 -65.41
C ILE G 52 -32.05 131.45 -66.35
N SER G 53 -31.58 130.33 -66.89
CA SER G 53 -30.50 130.37 -67.91
C SER G 53 -30.99 130.79 -69.31
N GLN G 54 -32.31 131.01 -69.52
CA GLN G 54 -32.83 131.77 -70.67
C GLN G 54 -32.60 133.29 -70.51
N GLU G 55 -32.48 133.80 -69.28
CA GLU G 55 -32.27 135.24 -69.04
C GLU G 55 -30.92 135.70 -69.64
N ALA G 56 -29.83 135.01 -69.27
CA ALA G 56 -28.47 135.17 -69.81
C ALA G 56 -28.31 134.57 -71.23
N ASP G 57 -29.31 134.82 -72.08
CA ASP G 57 -29.42 134.34 -73.46
C ASP G 57 -30.30 135.33 -74.25
N ASP G 58 -31.42 135.73 -73.65
CA ASP G 58 -32.20 136.92 -74.04
C ASP G 58 -31.36 138.21 -73.92
N MET G 59 -30.68 138.43 -72.78
CA MET G 59 -29.66 139.48 -72.59
C MET G 59 -28.25 139.06 -73.03
N ALA G 60 -28.11 138.10 -73.95
CA ALA G 60 -26.88 137.68 -74.67
C ALA G 60 -25.68 137.12 -73.88
N MET G 61 -25.60 137.38 -72.58
CA MET G 61 -24.32 137.47 -71.88
C MET G 61 -23.98 136.33 -70.93
N GLU G 62 -22.83 136.44 -70.27
CA GLU G 62 -22.37 135.49 -69.26
C GLU G 62 -23.39 135.38 -68.11
N LYS G 63 -23.86 134.16 -67.83
CA LYS G 63 -24.49 133.82 -66.54
C LYS G 63 -23.54 134.18 -65.38
N GLY G 64 -22.23 134.27 -65.61
CA GLY G 64 -21.20 134.73 -64.68
C GLY G 64 -21.51 136.06 -63.98
N LYS G 65 -21.25 137.21 -64.62
CA LYS G 65 -21.61 138.50 -64.00
C LYS G 65 -23.11 138.66 -63.87
N TYR G 66 -23.97 138.09 -64.70
CA TYR G 66 -25.42 138.19 -64.45
C TYR G 66 -25.82 137.57 -63.11
N VAL G 67 -25.51 136.30 -62.84
CA VAL G 67 -25.92 135.66 -61.57
C VAL G 67 -25.15 136.27 -60.37
N GLY G 68 -23.91 136.73 -60.57
CA GLY G 68 -23.15 137.48 -59.55
C GLY G 68 -23.68 138.90 -59.28
N GLU G 69 -24.14 139.60 -60.32
CA GLU G 69 -24.90 140.85 -60.25
C GLU G 69 -26.26 140.62 -59.59
N LEU G 70 -26.99 139.55 -59.94
CA LEU G 70 -28.26 139.19 -59.32
C LEU G 70 -28.08 138.89 -57.83
N ARG G 71 -27.06 138.15 -57.39
CA ARG G 71 -26.87 137.94 -55.93
C ARG G 71 -26.39 139.20 -55.20
N LYS G 72 -25.73 140.16 -55.87
CA LYS G 72 -25.54 141.51 -55.32
C LYS G 72 -26.86 142.31 -55.26
N ALA G 73 -27.69 142.20 -56.29
CA ALA G 73 -28.97 142.90 -56.42
C ALA G 73 -30.05 142.36 -55.46
N LEU G 74 -30.39 141.08 -55.62
CA LEU G 74 -31.48 140.37 -54.98
C LEU G 74 -31.18 139.93 -53.55
N LEU G 75 -30.11 139.15 -53.38
CA LEU G 75 -29.67 138.58 -52.11
C LEU G 75 -28.85 139.63 -51.32
N SER G 76 -29.29 140.89 -51.34
CA SER G 76 -28.62 142.08 -50.81
C SER G 76 -27.19 142.23 -51.37
N VAL G 83 -25.99 150.62 -58.55
CA VAL G 83 -27.23 150.62 -57.76
C VAL G 83 -28.30 149.72 -58.38
N TYR G 84 -29.14 149.10 -57.56
CA TYR G 84 -30.33 148.35 -57.98
C TYR G 84 -31.59 149.02 -57.47
N THR G 85 -32.67 148.85 -58.23
CA THR G 85 -33.97 149.48 -57.99
C THR G 85 -35.06 148.45 -58.29
N PHE G 86 -36.13 148.41 -57.50
CA PHE G 86 -37.14 147.34 -57.51
C PHE G 86 -38.54 147.93 -57.75
N ASN G 87 -39.36 147.26 -58.57
CA ASN G 87 -40.71 147.70 -58.90
C ASN G 87 -41.61 146.45 -59.07
N PHE G 88 -42.89 146.61 -58.75
CA PHE G 88 -43.92 145.57 -58.82
C PHE G 88 -45.29 146.17 -59.20
N SER G 89 -46.26 145.39 -59.65
CA SER G 89 -47.68 145.79 -59.52
C SER G 89 -48.58 144.56 -59.31
N LYS G 90 -49.67 144.76 -58.57
CA LYS G 90 -50.34 143.76 -57.75
C LYS G 90 -51.41 142.95 -58.50
N GLU G 91 -52.06 143.61 -59.44
CA GLU G 91 -52.96 143.00 -60.42
C GLU G 91 -52.22 142.12 -61.43
N SER G 92 -51.44 142.76 -62.31
CA SER G 92 -50.58 142.20 -63.37
C SER G 92 -49.49 141.28 -62.83
N CYS G 93 -49.12 141.51 -61.57
CA CYS G 93 -48.08 140.76 -60.91
C CYS G 93 -46.71 140.84 -61.59
N TYR G 94 -46.44 141.89 -62.34
CA TYR G 94 -45.15 142.08 -62.96
C TYR G 94 -44.18 142.76 -62.00
N PHE G 95 -43.06 142.11 -61.69
CA PHE G 95 -41.94 142.64 -60.93
C PHE G 95 -40.76 142.83 -61.86
N PHE G 96 -39.97 143.89 -61.68
CA PHE G 96 -38.69 144.07 -62.37
C PHE G 96 -37.69 144.86 -61.54
N PHE G 97 -36.42 144.73 -61.91
CA PHE G 97 -35.28 145.47 -61.36
C PHE G 97 -34.22 145.72 -62.45
N GLU G 98 -33.41 146.75 -62.27
CA GLU G 98 -32.36 147.10 -63.22
C GLU G 98 -31.11 147.72 -62.61
N LYS G 99 -29.95 147.50 -63.25
CA LYS G 99 -28.65 148.03 -62.82
C LYS G 99 -28.56 149.50 -63.26
N ASN G 100 -28.55 150.39 -62.29
CA ASN G 100 -28.40 151.84 -62.47
C ASN G 100 -26.90 152.18 -62.35
N LEU G 101 -26.32 152.79 -63.38
CA LEU G 101 -24.91 153.20 -63.44
C LEU G 101 -24.76 154.74 -63.46
N LYS G 102 -23.53 155.23 -63.55
CA LYS G 102 -23.22 156.66 -63.72
C LYS G 102 -23.71 157.19 -65.08
N ASP G 103 -24.85 157.88 -65.08
CA ASP G 103 -25.54 158.48 -66.24
C ASP G 103 -25.88 157.53 -67.42
N VAL G 104 -25.91 156.21 -67.18
CA VAL G 104 -26.55 155.20 -68.04
C VAL G 104 -27.26 154.16 -67.17
N SER G 105 -28.24 153.44 -67.72
CA SER G 105 -29.06 152.47 -66.98
C SER G 105 -29.51 151.33 -67.90
N PHE G 106 -29.54 150.07 -67.44
CA PHE G 106 -29.91 148.92 -68.29
C PHE G 106 -30.59 147.78 -67.51
N ARG G 107 -31.50 147.06 -68.19
CA ARG G 107 -32.36 146.02 -67.58
C ARG G 107 -31.54 144.83 -67.05
N LEU G 108 -31.91 144.37 -65.85
CA LEU G 108 -31.24 143.26 -65.17
C LEU G 108 -32.19 142.08 -64.89
N GLY G 109 -33.48 142.29 -64.62
CA GLY G 109 -34.40 141.14 -64.56
C GLY G 109 -35.85 141.51 -64.26
N SER G 110 -36.75 140.58 -64.52
CA SER G 110 -38.16 140.75 -64.23
C SER G 110 -38.85 139.41 -64.01
N PHE G 111 -39.84 139.38 -63.12
CA PHE G 111 -40.74 138.24 -62.99
C PHE G 111 -42.14 138.71 -63.17
N ASN G 112 -42.81 138.12 -64.13
CA ASN G 112 -44.23 137.99 -63.99
C ASN G 112 -44.35 136.98 -62.83
N LEU G 113 -44.64 137.51 -61.63
CA LEU G 113 -45.10 136.77 -60.47
C LEU G 113 -46.59 136.45 -60.59
N GLU G 114 -47.09 135.69 -59.62
CA GLU G 114 -48.49 135.28 -59.48
C GLU G 114 -48.78 135.22 -57.96
N LYS G 115 -49.71 136.01 -57.43
CA LYS G 115 -49.97 136.01 -55.98
C LYS G 115 -50.76 134.81 -55.52
N VAL G 116 -50.69 134.55 -54.23
CA VAL G 116 -51.28 133.36 -53.62
C VAL G 116 -52.13 133.80 -52.44
N GLU G 117 -53.04 132.92 -52.04
CA GLU G 117 -54.00 133.20 -51.00
C GLU G 117 -53.58 132.77 -49.59
N ASN G 118 -52.26 132.72 -49.31
CA ASN G 118 -51.69 132.51 -47.96
C ASN G 118 -50.64 133.57 -47.64
N PRO G 119 -51.05 134.81 -47.33
CA PRO G 119 -50.17 135.78 -46.67
C PRO G 119 -49.58 135.26 -45.38
N ALA G 120 -50.40 134.59 -44.57
CA ALA G 120 -49.97 134.16 -43.25
C ALA G 120 -48.90 133.08 -43.26
N GLU G 121 -49.09 131.98 -43.99
CA GLU G 121 -48.13 130.87 -44.03
C GLU G 121 -46.76 131.34 -44.47
N VAL G 122 -46.74 132.35 -45.34
CA VAL G 122 -45.53 133.02 -45.78
C VAL G 122 -44.81 133.76 -44.65
N ILE G 123 -45.47 134.71 -43.96
CA ILE G 123 -44.87 135.51 -42.87
C ILE G 123 -44.41 134.62 -41.71
N ARG G 124 -45.13 133.52 -41.51
CA ARG G 124 -44.87 132.57 -40.44
C ARG G 124 -43.52 131.91 -40.51
N GLU G 125 -43.22 131.29 -41.64
CA GLU G 125 -41.93 130.62 -41.85
C GLU G 125 -40.74 131.56 -41.63
N LEU G 126 -40.90 132.78 -42.09
CA LEU G 126 -39.86 133.79 -42.12
C LEU G 126 -39.42 134.24 -40.71
N ILE G 127 -40.37 134.58 -39.84
CA ILE G 127 -40.05 134.96 -38.48
C ILE G 127 -39.45 133.79 -37.71
N CYS G 128 -40.05 132.60 -37.86
CA CYS G 128 -39.52 131.35 -37.32
C CYS G 128 -38.02 131.19 -37.61
N TYR G 129 -37.65 131.36 -38.88
CA TYR G 129 -36.27 131.24 -39.35
C TYR G 129 -35.33 132.11 -38.51
N CYS G 130 -35.72 133.37 -38.28
CA CYS G 130 -34.87 134.28 -37.55
C CYS G 130 -34.73 133.88 -36.08
N LEU G 131 -35.84 133.57 -35.40
CA LEU G 131 -35.84 133.18 -33.98
C LEU G 131 -34.99 131.94 -33.70
N ASP G 132 -35.10 130.93 -34.55
CA ASP G 132 -34.27 129.75 -34.51
C ASP G 132 -32.80 130.10 -34.69
N THR G 133 -32.51 130.84 -35.74
CA THR G 133 -31.13 131.05 -36.19
C THR G 133 -30.35 131.91 -35.18
N ILE G 134 -31.00 132.87 -34.51
CA ILE G 134 -30.42 133.62 -33.39
C ILE G 134 -30.02 132.69 -32.24
N ALA G 135 -30.97 131.86 -31.80
CA ALA G 135 -30.79 131.02 -30.62
C ALA G 135 -29.71 129.96 -30.80
N GLU G 136 -29.55 129.44 -32.02
CA GLU G 136 -28.42 128.58 -32.37
C GLU G 136 -27.08 129.26 -32.09
N ASN G 137 -26.90 130.50 -32.55
CA ASN G 137 -25.61 131.17 -32.43
C ASN G 137 -25.19 131.42 -31.00
N GLN G 138 -26.15 131.77 -30.15
CA GLN G 138 -25.90 131.96 -28.74
C GLN G 138 -25.24 130.74 -28.11
N ALA G 139 -25.86 129.56 -28.29
CA ALA G 139 -25.32 128.31 -27.79
C ALA G 139 -23.91 128.03 -28.38
N LYS G 140 -23.73 128.18 -29.69
CA LYS G 140 -22.42 127.98 -30.33
C LYS G 140 -21.35 128.92 -29.78
N ASN G 141 -21.70 130.17 -29.52
CA ASN G 141 -20.78 131.17 -28.98
C ASN G 141 -20.25 130.78 -27.61
N GLU G 142 -21.10 130.20 -26.80
CA GLU G 142 -20.71 129.66 -25.52
C GLU G 142 -19.78 128.44 -25.68
N HIS G 143 -20.17 127.47 -26.50
CA HIS G 143 -19.41 126.22 -26.68
C HIS G 143 -18.02 126.49 -27.23
N LEU G 144 -17.92 127.31 -28.29
CA LEU G 144 -16.64 127.65 -28.89
C LEU G 144 -15.72 128.30 -27.87
N GLN G 145 -16.28 129.20 -27.07
CA GLN G 145 -15.52 129.88 -26.06
C GLN G 145 -14.88 128.90 -25.05
N LYS G 146 -15.65 127.91 -24.60
CA LYS G 146 -15.16 126.85 -23.70
C LYS G 146 -14.13 125.95 -24.39
N GLU G 147 -14.44 125.49 -25.59
CA GLU G 147 -13.57 124.59 -26.36
C GLU G 147 -12.19 125.17 -26.59
N ASN G 148 -12.14 126.42 -27.03
CA ASN G 148 -10.88 126.98 -27.47
C ASN G 148 -10.08 127.65 -26.35
N GLU G 149 -10.70 127.90 -25.17
CA GLU G 149 -9.93 127.92 -23.92
C GLU G 149 -9.16 126.60 -23.76
N ARG G 150 -9.84 125.45 -23.86
CA ARG G 150 -9.22 124.13 -23.64
C ARG G 150 -8.08 123.84 -24.62
N LEU G 151 -8.23 124.23 -25.89
CA LEU G 151 -7.16 124.12 -26.87
C LEU G 151 -5.93 124.97 -26.49
N LEU G 152 -6.12 126.24 -26.09
CA LEU G 152 -4.99 127.11 -25.72
C LEU G 152 -4.28 126.61 -24.48
N ARG G 153 -5.10 126.26 -23.50
CA ARG G 153 -4.69 125.64 -22.24
C ARG G 153 -3.78 124.42 -22.53
N ASP G 154 -4.18 123.51 -23.42
CA ASP G 154 -3.33 122.37 -23.82
C ASP G 154 -2.07 122.76 -24.62
N TRP G 155 -2.17 123.72 -25.54
CA TRP G 155 -1.04 124.15 -26.35
C TRP G 155 0.10 124.72 -25.53
N ASN G 156 -0.26 125.60 -24.60
CA ASN G 156 0.66 126.16 -23.63
C ASN G 156 1.31 125.07 -22.77
N ASP G 157 0.60 123.97 -22.46
CA ASP G 157 1.20 122.84 -21.71
C ASP G 157 2.25 122.08 -22.54
N VAL G 158 1.95 121.71 -23.78
CA VAL G 158 2.96 121.03 -24.59
C VAL G 158 4.11 121.95 -24.98
N GLN G 159 3.84 123.25 -25.23
CA GLN G 159 4.88 124.30 -25.26
C GLN G 159 5.78 124.08 -24.04
N GLY G 160 5.23 124.19 -22.82
CA GLY G 160 5.95 124.00 -21.56
C GLY G 160 6.81 122.76 -21.54
N ARG G 161 6.24 121.57 -21.78
CA ARG G 161 7.00 120.31 -21.76
C ARG G 161 8.14 120.29 -22.75
N PHE G 162 7.92 120.88 -23.90
CA PHE G 162 8.94 121.03 -24.91
C PHE G 162 10.02 122.03 -24.47
N GLU G 163 9.67 123.16 -23.86
CA GLU G 163 10.65 124.10 -23.32
C GLU G 163 11.51 123.47 -22.24
N LYS G 164 10.95 122.56 -21.44
CA LYS G 164 11.70 121.73 -20.49
C LYS G 164 12.68 120.84 -21.23
N CYS G 165 12.24 120.09 -22.25
CA CYS G 165 13.12 119.24 -23.05
C CYS G 165 14.26 120.01 -23.71
N VAL G 166 13.98 121.17 -24.27
CA VAL G 166 14.98 122.03 -24.91
C VAL G 166 15.94 122.64 -23.87
N SER G 167 15.44 123.09 -22.72
CA SER G 167 16.30 123.56 -21.61
C SER G 167 17.17 122.43 -21.08
N ALA G 168 16.61 121.23 -20.93
CA ALA G 168 17.33 120.03 -20.52
C ALA G 168 18.41 119.66 -21.53
N LYS G 169 18.15 119.78 -22.84
CA LYS G 169 19.17 119.58 -23.89
C LYS G 169 20.27 120.63 -23.84
N GLU G 170 19.94 121.92 -23.69
CA GLU G 170 20.97 122.96 -23.54
C GLU G 170 21.81 122.70 -22.29
N ALA G 171 21.20 122.48 -21.12
CA ALA G 171 21.89 122.12 -19.88
C ALA G 171 22.73 120.85 -20.06
N LEU G 172 22.21 119.82 -20.74
CA LEU G 172 22.95 118.60 -21.03
C LEU G 172 24.19 118.88 -21.89
N GLU G 173 24.11 119.75 -22.90
CA GLU G 173 25.31 120.18 -23.63
C GLU G 173 26.31 120.94 -22.76
N THR G 174 25.88 122.07 -22.16
CA THR G 174 26.84 122.91 -21.42
C THR G 174 27.41 122.17 -20.23
N ASP G 175 26.62 121.43 -19.44
CA ASP G 175 27.10 120.68 -18.29
C ASP G 175 28.20 119.68 -18.66
N LEU G 176 27.97 118.92 -19.73
CA LEU G 176 28.92 117.94 -20.21
C LEU G 176 30.19 118.57 -20.81
N TYR G 177 30.07 119.64 -21.62
CA TYR G 177 31.23 120.35 -22.15
C TYR G 177 32.04 121.11 -21.06
N LYS G 178 31.43 121.68 -20.01
CA LYS G 178 32.20 122.32 -18.89
C LYS G 178 33.13 121.32 -18.21
N ARG G 179 32.57 120.15 -17.86
CA ARG G 179 33.27 119.05 -17.21
C ARG G 179 34.36 118.50 -18.11
N PHE G 180 34.04 118.30 -19.39
CA PHE G 180 35.01 117.96 -20.41
C PHE G 180 36.13 119.01 -20.50
N ILE G 181 35.82 120.31 -20.58
CA ILE G 181 36.76 121.44 -20.60
C ILE G 181 37.68 121.45 -19.39
N LEU G 182 37.19 121.20 -18.16
CA LEU G 182 38.06 121.06 -16.98
C LEU G 182 39.04 119.88 -17.17
N VAL G 183 38.52 118.66 -17.35
CA VAL G 183 39.33 117.42 -17.47
C VAL G 183 40.30 117.47 -18.65
N LEU G 184 39.84 118.05 -19.75
CA LEU G 184 40.63 118.29 -20.95
C LEU G 184 41.69 119.36 -20.72
N ASN G 185 41.35 120.53 -20.17
CA ASN G 185 42.29 121.63 -19.96
C ASN G 185 43.45 121.29 -19.03
N GLU G 186 43.27 120.36 -18.09
CA GLU G 186 44.38 119.86 -17.28
C GLU G 186 45.36 119.03 -18.12
N LYS G 187 44.84 118.14 -18.97
CA LYS G 187 45.67 117.38 -19.91
C LYS G 187 46.36 118.33 -20.88
N LYS G 188 45.65 119.31 -21.45
CA LYS G 188 46.28 120.35 -22.31
C LYS G 188 47.37 121.12 -21.57
N THR G 189 47.16 121.50 -20.31
CA THR G 189 48.17 122.23 -19.51
C THR G 189 49.44 121.40 -19.28
N LYS G 190 49.29 120.09 -19.01
CA LYS G 190 50.42 119.15 -18.91
C LYS G 190 51.10 118.93 -20.26
N ILE G 191 50.32 118.70 -21.32
CA ILE G 191 50.80 118.58 -22.72
C ILE G 191 51.57 119.84 -23.13
N ARG G 192 51.12 121.05 -22.74
CA ARG G 192 51.80 122.34 -22.96
C ARG G 192 53.11 122.45 -22.21
N SER G 193 53.11 122.10 -20.93
CA SER G 193 54.31 122.00 -20.11
C SER G 193 55.36 121.08 -20.75
N LEU G 194 54.99 119.84 -21.11
CA LEU G 194 55.88 118.89 -21.81
C LEU G 194 56.29 119.39 -23.21
N HIS G 195 55.39 119.95 -24.02
CA HIS G 195 55.68 120.53 -25.35
C HIS G 195 56.75 121.63 -25.25
N ASN G 196 56.62 122.54 -24.27
CA ASN G 196 57.60 123.58 -23.98
C ASN G 196 58.92 123.00 -23.41
N LYS G 197 58.87 122.06 -22.47
CA LYS G 197 60.04 121.32 -21.94
C LYS G 197 60.79 120.56 -23.04
N LEU G 198 60.07 120.08 -24.05
CA LEU G 198 60.61 119.36 -25.20
C LEU G 198 61.28 120.26 -26.22
N LEU G 199 60.71 121.44 -26.47
CA LEU G 199 61.36 122.48 -27.27
C LEU G 199 62.69 122.91 -26.65
N ASN G 200 62.71 123.10 -25.33
CA ASN G 200 63.92 123.45 -24.60
C ASN G 200 64.91 122.27 -24.46
N ALA G 201 64.41 121.03 -24.43
CA ALA G 201 65.21 119.81 -24.41
C ALA G 201 64.43 118.60 -24.96
N MET H 1 -62.68 105.90 41.49
CA MET H 1 -63.12 105.19 40.25
C MET H 1 -62.00 104.56 39.46
N GLU H 2 -60.84 105.21 39.36
CA GLU H 2 -59.82 104.96 38.35
C GLU H 2 -59.32 103.51 38.36
N GLU H 3 -59.26 102.94 39.55
CA GLU H 3 -58.94 101.54 39.80
C GLU H 3 -59.92 100.58 39.09
N LEU H 4 -61.17 100.98 38.88
CA LEU H 4 -62.18 100.19 38.17
C LEU H 4 -61.85 100.11 36.68
N GLU H 5 -61.54 101.26 36.08
CA GLU H 5 -61.08 101.32 34.70
C GLU H 5 -59.79 100.53 34.54
N GLN H 6 -58.85 100.68 35.48
CA GLN H 6 -57.58 100.01 35.38
C GLN H 6 -57.70 98.49 35.56
N GLY H 7 -58.64 98.03 36.39
CA GLY H 7 -59.04 96.65 36.46
C GLY H 7 -59.71 96.20 35.16
N LEU H 8 -60.64 97.02 34.65
CA LEU H 8 -61.32 96.81 33.38
C LEU H 8 -60.35 96.54 32.25
N LEU H 9 -59.30 97.34 32.11
CA LEU H 9 -58.31 97.14 31.04
C LEU H 9 -57.74 95.74 31.07
N MET H 10 -57.45 95.21 32.27
CA MET H 10 -56.96 93.84 32.45
C MET H 10 -58.00 92.74 32.51
N GLN H 11 -59.28 93.08 32.50
CA GLN H 11 -60.30 92.06 32.34
C GLN H 11 -60.21 91.39 30.97
N PRO H 12 -60.39 90.06 30.90
CA PRO H 12 -60.77 89.40 29.68
C PRO H 12 -62.14 89.86 29.20
N TRP H 13 -62.37 89.72 27.90
CA TRP H 13 -63.71 89.58 27.35
C TRP H 13 -64.30 88.21 27.66
N ALA H 14 -65.61 88.22 27.87
CA ALA H 14 -66.44 87.04 28.08
C ALA H 14 -67.70 87.11 27.21
N TRP H 15 -68.39 85.99 27.09
CA TRP H 15 -69.60 85.85 26.29
C TRP H 15 -70.87 85.85 27.12
N LEU H 16 -71.94 86.40 26.58
CA LEU H 16 -73.24 86.44 27.24
C LEU H 16 -74.37 86.33 26.20
N GLN H 17 -75.52 85.85 26.66
CA GLN H 17 -76.72 85.63 25.87
C GLN H 17 -77.97 86.05 26.62
N LEU H 18 -78.91 86.21 25.66
CA LEU H 18 -80.36 86.15 25.70
C LEU H 18 -81.06 85.87 24.35
N ALA H 19 -81.82 84.79 24.23
CA ALA H 19 -82.93 84.66 23.26
C ALA H 19 -82.63 85.14 21.82
N GLU H 20 -81.63 84.52 21.17
CA GLU H 20 -81.05 84.85 19.86
C GLU H 20 -80.16 86.11 19.80
N ASN H 21 -80.10 86.92 20.87
CA ASN H 21 -79.17 88.04 21.06
C ASN H 21 -78.05 87.69 22.06
N SER H 22 -76.90 88.35 21.89
CA SER H 22 -75.66 87.95 22.55
C SER H 22 -74.71 89.13 22.56
N LEU H 23 -73.91 89.21 23.60
CA LEU H 23 -72.95 90.29 23.77
C LEU H 23 -71.58 89.71 24.13
N LEU H 24 -70.56 90.46 23.76
CA LEU H 24 -69.27 90.43 24.44
C LEU H 24 -69.26 91.48 25.53
N ALA H 25 -68.72 91.11 26.68
CA ALA H 25 -68.66 91.99 27.82
C ALA H 25 -67.38 91.77 28.65
N LYS H 26 -66.99 92.79 29.41
CA LYS H 26 -66.15 92.67 30.60
C LYS H 26 -66.67 93.59 31.69
N VAL H 27 -66.59 93.11 32.92
CA VAL H 27 -66.95 93.88 34.11
C VAL H 27 -65.82 93.84 35.11
N PHE H 28 -65.59 94.94 35.82
CA PHE H 28 -64.78 94.96 37.03
C PHE H 28 -65.58 95.60 38.15
N ILE H 29 -66.11 94.75 39.04
CA ILE H 29 -66.86 95.11 40.26
C ILE H 29 -65.87 95.26 41.41
N THR H 30 -66.10 96.19 42.31
CA THR H 30 -65.51 96.24 43.65
C THR H 30 -66.58 96.66 44.64
N LYS H 31 -66.21 96.86 45.91
CA LYS H 31 -67.09 97.52 46.88
C LYS H 31 -67.35 99.01 46.56
N GLN H 32 -66.47 99.68 45.80
CA GLN H 32 -66.63 101.07 45.39
C GLN H 32 -67.72 101.24 44.31
N GLY H 33 -67.92 100.24 43.45
CA GLY H 33 -68.78 100.32 42.28
C GLY H 33 -68.40 99.31 41.22
N TYR H 34 -68.66 99.64 39.96
CA TYR H 34 -68.17 98.83 38.83
C TYR H 34 -67.81 99.68 37.61
N ALA H 35 -66.96 99.12 36.75
CA ALA H 35 -66.87 99.53 35.37
C ALA H 35 -67.31 98.38 34.46
N LEU H 36 -68.04 98.72 33.41
CA LEU H 36 -68.62 97.78 32.46
C LEU H 36 -68.33 98.24 31.04
N LEU H 37 -67.93 97.32 30.17
CA LEU H 37 -67.80 97.57 28.74
C LEU H 37 -68.35 96.40 27.95
N VAL H 38 -69.11 96.73 26.93
CA VAL H 38 -70.05 95.84 26.24
C VAL H 38 -69.92 96.06 24.75
N SER H 39 -70.03 95.01 23.95
CA SER H 39 -70.09 95.10 22.50
C SER H 39 -71.01 94.03 21.90
N ASP H 40 -71.72 94.38 20.84
CA ASP H 40 -72.42 93.44 19.96
C ASP H 40 -71.67 93.19 18.65
N LEU H 41 -70.35 93.41 18.63
CA LEU H 41 -69.48 93.25 17.45
C LEU H 41 -69.77 94.26 16.32
N GLN H 42 -70.54 95.30 16.63
CA GLN H 42 -71.01 96.32 15.70
C GLN H 42 -70.93 97.72 16.33
N GLN H 43 -71.26 97.84 17.62
CA GLN H 43 -71.06 99.01 18.49
C GLN H 43 -70.46 98.51 19.82
N VAL H 44 -69.96 99.48 20.60
CA VAL H 44 -69.38 99.28 21.92
C VAL H 44 -70.05 100.26 22.89
N TRP H 45 -70.33 99.81 24.11
CA TRP H 45 -71.01 100.56 25.14
C TRP H 45 -70.29 100.53 26.48
N HIS H 46 -70.31 101.64 27.20
CA HIS H 46 -69.61 101.76 28.49
C HIS H 46 -70.52 102.38 29.57
N GLU H 47 -70.29 101.93 30.80
CA GLU H 47 -70.75 102.59 32.02
C GLU H 47 -69.70 102.41 33.12
N GLN H 48 -69.61 103.41 33.99
CA GLN H 48 -69.06 103.24 35.31
C GLN H 48 -70.03 103.80 36.34
N VAL H 49 -70.13 103.12 37.46
CA VAL H 49 -71.07 103.40 38.54
C VAL H 49 -70.35 103.40 39.87
N ASP H 50 -70.74 104.33 40.72
CA ASP H 50 -70.26 104.50 42.08
C ASP H 50 -71.33 104.17 43.12
N THR H 51 -70.89 104.03 44.36
CA THR H 51 -71.66 103.68 45.57
C THR H 51 -72.98 104.44 45.68
N SER H 52 -72.96 105.75 45.40
CA SER H 52 -74.14 106.60 45.39
C SER H 52 -75.17 106.11 44.38
N VAL H 53 -74.75 105.92 43.14
CA VAL H 53 -75.61 105.47 42.05
C VAL H 53 -76.14 104.07 42.32
N VAL H 54 -75.30 103.20 42.89
CA VAL H 54 -75.77 101.89 43.35
C VAL H 54 -76.90 102.03 44.38
N SER H 55 -76.72 102.82 45.43
CA SER H 55 -77.78 102.98 46.45
C SER H 55 -79.06 103.51 45.82
N GLN H 56 -78.95 104.60 45.06
CA GLN H 56 -80.12 105.26 44.49
C GLN H 56 -80.86 104.35 43.50
N ARG H 57 -80.13 103.72 42.57
CA ARG H 57 -80.74 102.86 41.57
C ARG H 57 -81.21 101.53 42.15
N ALA H 58 -80.54 100.92 43.12
CA ALA H 58 -81.12 99.72 43.74
C ALA H 58 -82.41 100.02 44.46
N LYS H 59 -82.48 101.17 45.15
CA LYS H 59 -83.72 101.57 45.81
C LYS H 59 -84.80 101.83 44.82
N GLU H 60 -84.56 102.64 43.79
CA GLU H 60 -85.62 102.93 42.82
C GLU H 60 -86.07 101.68 42.06
N LEU H 61 -85.20 100.68 41.94
CA LEU H 61 -85.56 99.40 41.36
C LEU H 61 -86.17 98.39 42.34
N ASN H 62 -85.98 98.56 43.65
CA ASN H 62 -86.39 97.63 44.68
C ASN H 62 -86.56 98.38 46.01
N LYS H 63 -87.61 99.21 46.15
CA LYS H 63 -87.75 100.14 47.29
C LYS H 63 -87.62 99.43 48.65
N ARG H 64 -88.18 98.22 48.77
CA ARG H 64 -88.09 97.41 49.99
C ARG H 64 -86.73 96.73 50.24
N LEU H 65 -85.92 96.36 49.25
CA LEU H 65 -84.56 95.86 49.54
C LEU H 65 -83.75 96.96 50.25
N THR H 66 -83.20 96.69 51.43
CA THR H 66 -82.69 97.74 52.34
C THR H 66 -81.38 97.32 52.96
N ALA H 67 -80.31 97.65 52.26
CA ALA H 67 -78.97 97.13 52.45
C ALA H 67 -77.94 98.10 51.86
N PRO H 68 -76.65 97.93 52.18
CA PRO H 68 -75.64 98.83 51.65
C PRO H 68 -75.30 98.48 50.21
N PRO H 69 -74.76 99.42 49.43
CA PRO H 69 -74.35 99.19 48.06
C PRO H 69 -73.36 98.04 47.93
N ALA H 70 -72.59 97.71 48.97
CA ALA H 70 -71.73 96.54 48.99
C ALA H 70 -72.46 95.22 48.80
N ALA H 71 -73.64 95.04 49.40
CA ALA H 71 -74.44 93.85 49.20
C ALA H 71 -74.89 93.75 47.74
N PHE H 72 -75.36 94.87 47.21
CA PHE H 72 -75.87 94.93 45.83
C PHE H 72 -74.74 94.63 44.83
N LEU H 73 -73.56 95.20 45.04
CA LEU H 73 -72.38 94.98 44.20
C LEU H 73 -71.82 93.56 44.34
N CYS H 74 -71.74 92.99 45.54
CA CYS H 74 -71.29 91.62 45.77
C CYS H 74 -72.26 90.60 45.16
N HIS H 75 -73.57 90.81 45.25
CA HIS H 75 -74.51 89.94 44.55
C HIS H 75 -74.27 90.00 43.02
N LEU H 76 -74.21 91.20 42.43
CA LEU H 76 -73.97 91.37 40.99
C LEU H 76 -72.69 90.65 40.55
N ASP H 77 -71.62 90.79 41.32
CA ASP H 77 -70.39 90.08 41.08
C ASP H 77 -70.62 88.55 41.10
N ASN H 78 -71.12 87.99 42.21
CA ASN H 78 -71.34 86.53 42.32
C ASN H 78 -72.35 85.99 41.30
N LEU H 79 -73.26 86.80 40.82
CA LEU H 79 -74.18 86.47 39.74
C LEU H 79 -73.46 86.38 38.39
N LEU H 80 -72.59 87.34 38.11
CA LEU H 80 -71.93 87.46 36.81
C LEU H 80 -70.70 86.56 36.71
N ARG H 81 -69.92 86.33 37.77
CA ARG H 81 -68.66 85.59 37.63
C ARG H 81 -68.79 84.19 37.06
N PRO H 82 -69.75 83.36 37.50
CA PRO H 82 -69.89 82.04 36.94
C PRO H 82 -70.35 82.11 35.49
N LEU H 83 -71.21 83.09 35.19
CA LEU H 83 -71.89 83.20 33.91
C LEU H 83 -70.97 83.72 32.80
N LEU H 84 -70.05 84.62 33.14
CA LEU H 84 -68.99 85.11 32.27
C LEU H 84 -67.85 84.09 32.22
N ALA H 93 -81.51 83.17 37.38
CA ALA H 93 -81.53 84.55 36.91
C ALA H 93 -81.62 84.70 35.37
N THR H 94 -81.99 85.90 34.91
CA THR H 94 -82.25 86.21 33.49
C THR H 94 -81.90 87.67 33.14
N PHE H 95 -81.69 87.92 31.85
CA PHE H 95 -81.20 89.20 31.31
C PHE H 95 -82.00 89.63 30.08
N SER H 96 -82.09 90.94 29.85
CA SER H 96 -82.69 91.50 28.64
C SER H 96 -81.93 92.75 28.20
N CYS H 97 -81.91 93.00 26.90
CA CYS H 97 -81.08 94.04 26.32
C CYS H 97 -81.86 94.99 25.43
N ASP H 98 -81.88 96.27 25.80
CA ASP H 98 -82.72 97.25 25.13
C ASP H 98 -81.90 98.48 24.73
N CYS H 99 -82.04 98.91 23.48
CA CYS H 99 -81.35 100.10 23.03
C CYS H 99 -82.31 101.29 22.96
N VAL H 100 -81.87 102.42 23.48
CA VAL H 100 -82.54 103.72 23.37
C VAL H 100 -81.58 104.76 22.82
N ALA H 101 -81.87 105.24 21.61
CA ALA H 101 -80.93 106.00 20.78
C ALA H 101 -79.54 105.30 20.82
N ASP H 102 -78.48 106.06 21.13
CA ASP H 102 -77.10 105.61 21.21
C ASP H 102 -76.82 104.67 22.42
N ALA H 103 -77.70 104.67 23.42
CA ALA H 103 -77.46 104.03 24.71
C ALA H 103 -78.04 102.61 24.79
N LEU H 104 -77.27 101.72 25.38
CA LEU H 104 -77.69 100.35 25.66
C LEU H 104 -78.04 100.19 27.12
N ILE H 105 -79.19 99.61 27.36
CA ILE H 105 -79.61 99.20 28.69
C ILE H 105 -79.51 97.70 28.78
N LEU H 106 -78.84 97.24 29.82
CA LEU H 106 -78.80 95.83 30.17
C LEU H 106 -79.55 95.61 31.48
N ARG H 107 -80.55 94.75 31.46
CA ARG H 107 -81.48 94.53 32.55
C ARG H 107 -81.23 93.19 33.20
N VAL H 108 -81.24 93.16 34.52
CA VAL H 108 -81.05 91.95 35.34
C VAL H 108 -82.30 91.66 36.14
N ARG H 109 -82.83 90.47 35.96
CA ARG H 109 -83.81 89.87 36.87
C ARG H 109 -83.15 88.69 37.55
N SER H 110 -83.04 88.74 38.86
CA SER H 110 -82.53 87.62 39.64
C SER H 110 -83.13 87.61 41.04
N GLU H 111 -82.44 87.04 42.03
CA GLU H 111 -82.88 87.03 43.42
C GLU H 111 -81.69 87.12 44.40
N LEU H 112 -81.82 88.04 45.36
CA LEU H 112 -80.80 88.40 46.33
C LEU H 112 -81.50 88.20 47.65
N SER H 113 -81.02 87.24 48.44
CA SER H 113 -81.88 86.53 49.37
C SER H 113 -82.93 85.74 48.59
N GLY H 114 -83.95 85.18 49.23
CA GLY H 114 -85.07 84.58 48.49
C GLY H 114 -85.86 85.61 47.64
N LEU H 115 -85.70 86.91 47.95
CA LEU H 115 -86.42 87.99 47.29
C LEU H 115 -85.90 88.33 45.90
N PRO H 116 -86.76 88.87 45.02
CA PRO H 116 -86.38 89.24 43.66
C PRO H 116 -85.42 90.45 43.68
N PHE H 117 -84.36 90.40 42.88
CA PHE H 117 -83.40 91.49 42.69
C PHE H 117 -83.45 92.01 41.25
N TYR H 118 -83.62 93.33 41.07
CA TYR H 118 -83.64 94.00 39.80
C TYR H 118 -82.58 95.07 39.69
N TRP H 119 -81.91 95.06 38.54
CA TRP H 119 -80.91 96.04 38.15
C TRP H 119 -81.04 96.42 36.68
N ASN H 120 -80.71 97.66 36.35
CA ASN H 120 -80.43 98.08 34.99
C ASN H 120 -79.05 98.74 34.91
N PHE H 121 -78.22 98.22 34.02
CA PHE H 121 -77.02 98.87 33.51
C PHE H 121 -77.39 99.90 32.44
N HIS H 122 -76.87 101.12 32.52
CA HIS H 122 -77.17 102.20 31.58
C HIS H 122 -75.90 102.65 30.86
N CYS H 123 -75.69 102.14 29.65
CA CYS H 123 -74.42 102.27 28.94
C CYS H 123 -74.54 103.24 27.76
N MET H 124 -73.66 104.23 27.71
CA MET H 124 -73.50 105.09 26.54
C MET H 124 -72.66 104.39 25.48
N LEU H 125 -72.50 104.95 24.28
CA LEU H 125 -71.42 104.48 23.38
C LEU H 125 -70.07 104.72 24.02
N ALA H 126 -69.23 103.69 24.08
CA ALA H 126 -67.85 103.85 24.52
C ALA H 126 -67.13 104.90 23.66
N SER H 127 -66.19 105.63 24.28
CA SER H 127 -65.42 106.62 23.55
C SER H 127 -64.33 105.98 22.66
N PRO H 128 -63.86 106.67 21.62
CA PRO H 128 -62.77 106.19 20.77
C PRO H 128 -61.48 105.84 21.50
N SER H 129 -61.25 106.45 22.67
CA SER H 129 -60.15 106.06 23.56
C SER H 129 -60.33 104.62 24.02
N LEU H 130 -61.44 104.32 24.70
CA LEU H 130 -61.75 102.98 25.20
C LEU H 130 -61.69 101.94 24.08
N VAL H 131 -62.28 102.22 22.92
CA VAL H 131 -62.34 101.26 21.81
C VAL H 131 -60.94 100.99 21.27
N SER H 132 -60.10 102.01 21.24
CA SER H 132 -58.71 101.82 20.89
C SER H 132 -57.97 100.96 21.91
N GLN H 133 -58.15 101.25 23.20
CA GLN H 133 -57.40 100.59 24.28
C GLN H 133 -57.88 99.17 24.56
N HIS H 134 -59.20 98.94 24.57
CA HIS H 134 -59.79 97.64 24.88
C HIS H 134 -59.91 96.75 23.65
N LEU H 135 -60.04 97.30 22.43
CA LEU H 135 -60.23 96.52 21.21
C LEU H 135 -59.09 96.69 20.21
N ILE H 136 -58.97 97.84 19.54
CA ILE H 136 -58.17 97.93 18.31
C ILE H 136 -56.71 97.60 18.59
N ARG H 137 -56.09 98.33 19.51
CA ARG H 137 -54.68 98.17 19.82
C ARG H 137 -54.36 96.78 20.31
N PRO H 138 -55.04 96.23 21.32
CA PRO H 138 -54.72 94.89 21.76
C PRO H 138 -54.95 93.88 20.65
N LEU H 139 -56.08 93.92 19.94
CA LEU H 139 -56.36 92.99 18.85
C LEU H 139 -55.27 93.03 17.76
N MET H 140 -54.78 94.22 17.44
CA MET H 140 -53.66 94.37 16.52
C MET H 140 -52.38 93.77 17.13
N GLY H 141 -52.09 94.05 18.41
CA GLY H 141 -50.91 93.51 19.10
C GLY H 141 -50.91 91.99 19.22
N MET H 142 -52.11 91.40 19.30
CA MET H 142 -52.34 89.95 19.28
C MET H 142 -52.06 89.38 17.91
N SER H 143 -52.52 90.02 16.85
CA SER H 143 -52.28 89.57 15.48
C SER H 143 -50.79 89.60 15.14
N LEU H 144 -50.08 90.65 15.55
CA LEU H 144 -48.63 90.68 15.41
C LEU H 144 -47.93 89.57 16.20
N ALA H 145 -48.28 89.40 17.47
CA ALA H 145 -47.67 88.38 18.29
C ALA H 145 -47.97 86.97 17.76
N LEU H 146 -49.19 86.76 17.28
CA LEU H 146 -49.60 85.53 16.64
C LEU H 146 -48.88 85.31 15.31
N GLN H 147 -48.59 86.39 14.59
CA GLN H 147 -47.81 86.29 13.39
C GLN H 147 -46.35 85.91 13.73
N CYS H 148 -45.82 86.41 14.84
CA CYS H 148 -44.53 85.98 15.37
C CYS H 148 -44.56 84.53 15.84
N GLN H 149 -45.66 84.07 16.42
CA GLN H 149 -45.83 82.67 16.75
C GLN H 149 -45.74 81.81 15.49
N VAL H 150 -46.53 82.12 14.46
CA VAL H 150 -46.48 81.42 13.18
C VAL H 150 -45.07 81.39 12.61
N ARG H 151 -44.34 82.52 12.67
CA ARG H 151 -42.95 82.59 12.21
C ARG H 151 -42.06 81.65 13.02
N GLU H 152 -42.13 81.73 14.34
CA GLU H 152 -41.32 80.88 15.21
C GLU H 152 -41.66 79.39 15.06
N LEU H 153 -42.92 79.04 14.83
CA LEU H 153 -43.36 77.68 14.53
C LEU H 153 -42.92 77.19 13.14
N ALA H 154 -42.82 78.09 12.15
CA ALA H 154 -42.29 77.75 10.84
C ALA H 154 -40.78 77.46 10.84
N THR H 155 -40.00 78.23 11.60
CA THR H 155 -38.57 77.94 11.78
C THR H 155 -38.37 76.68 12.60
N LEU H 156 -39.18 76.45 13.66
CA LEU H 156 -39.30 75.16 14.33
C LEU H 156 -39.61 74.01 13.35
N LEU H 157 -40.59 74.16 12.46
CA LEU H 157 -40.96 73.12 11.50
C LEU H 157 -39.81 72.80 10.56
N HIS H 158 -39.15 73.82 10.01
CA HIS H 158 -38.01 73.59 9.13
C HIS H 158 -36.86 72.91 9.87
N MET H 159 -36.60 73.27 11.12
CA MET H 159 -35.59 72.60 11.92
C MET H 159 -35.90 71.13 12.23
N LYS H 160 -37.19 70.75 12.34
CA LYS H 160 -37.57 69.33 12.34
C LYS H 160 -37.42 68.65 10.98
N ASP H 161 -37.59 69.36 9.87
CA ASP H 161 -37.35 68.79 8.53
C ASP H 161 -35.87 68.53 8.22
N LEU H 162 -34.96 69.39 8.66
CA LEU H 162 -33.53 69.07 8.59
C LEU H 162 -33.20 67.81 9.38
N GLU H 163 -33.93 67.56 10.47
CA GLU H 163 -33.70 66.42 11.36
C GLU H 163 -34.15 65.08 10.79
N ILE H 164 -35.34 65.02 10.16
CA ILE H 164 -35.77 63.78 9.48
C ILE H 164 -34.94 63.50 8.24
N GLN H 165 -34.55 64.56 7.52
CA GLN H 165 -33.63 64.43 6.41
C GLN H 165 -32.37 63.79 6.95
N ASP H 166 -31.71 64.36 7.93
CA ASP H 166 -30.50 63.76 8.51
C ASP H 166 -30.67 62.31 8.95
N TYR H 167 -31.86 61.84 9.34
CA TYR H 167 -32.11 60.41 9.47
C TYR H 167 -32.21 59.65 8.15
N GLN H 168 -33.07 60.05 7.22
CA GLN H 168 -33.22 59.30 5.95
C GLN H 168 -32.01 59.47 5.02
N GLU H 169 -31.54 60.69 4.81
CA GLU H 169 -30.51 61.07 3.84
C GLU H 169 -29.11 60.55 4.21
N SER H 170 -28.83 60.34 5.49
CA SER H 170 -27.48 60.01 5.96
C SER H 170 -27.46 59.15 7.24
N GLY H 171 -28.40 59.33 8.16
CA GLY H 171 -28.66 58.50 9.34
C GLY H 171 -29.20 57.10 9.00
N ALA H 172 -29.14 56.72 7.72
CA ALA H 172 -29.15 55.38 7.14
C ALA H 172 -30.25 54.46 7.68
N THR H 173 -31.48 54.97 7.75
CA THR H 173 -32.60 54.27 8.37
C THR H 173 -33.96 54.69 7.81
N LEU H 174 -34.98 53.87 8.07
CA LEU H 174 -36.37 54.10 7.69
C LEU H 174 -37.30 54.07 8.93
N ILE H 175 -38.61 54.07 8.64
CA ILE H 175 -39.73 54.10 9.58
C ILE H 175 -40.80 53.06 9.23
N ARG H 176 -41.91 53.01 9.99
CA ARG H 176 -43.13 52.25 9.64
C ARG H 176 -43.91 52.79 8.43
N ASP H 177 -43.38 53.80 7.76
CA ASP H 177 -43.98 54.48 6.61
C ASP H 177 -45.30 55.25 6.87
N ARG H 178 -46.20 54.77 7.75
CA ARG H 178 -47.55 55.32 8.00
C ARG H 178 -47.57 56.72 8.61
N LEU H 179 -46.40 57.33 8.83
CA LEU H 179 -46.21 58.57 9.59
C LEU H 179 -45.33 59.62 8.91
N LYS H 180 -44.82 59.33 7.71
CA LYS H 180 -44.00 60.24 6.91
C LYS H 180 -44.73 61.56 6.65
N THR H 181 -44.20 62.67 7.16
CA THR H 181 -44.73 64.01 6.88
C THR H 181 -44.11 64.63 5.63
N GLU H 182 -44.85 65.54 4.98
CA GLU H 182 -44.33 66.34 3.87
C GLU H 182 -43.35 67.43 4.38
N PRO H 183 -42.29 67.81 3.62
CA PRO H 183 -41.44 68.95 3.98
C PRO H 183 -42.21 70.28 4.03
N PHE H 184 -42.08 71.03 5.12
CA PHE H 184 -42.86 72.26 5.34
C PHE H 184 -42.32 73.45 4.54
N GLU H 185 -43.24 74.16 3.89
CA GLU H 185 -42.99 75.40 3.15
C GLU H 185 -44.14 76.38 3.43
N GLU H 186 -43.85 77.47 4.11
CA GLU H 186 -44.87 78.38 4.63
C GLU H 186 -45.72 79.08 3.58
N ASN H 187 -45.20 79.28 2.36
CA ASN H 187 -45.97 79.76 1.22
C ASN H 187 -47.16 78.82 0.96
N SER H 188 -46.87 77.53 0.78
CA SER H 188 -47.91 76.55 0.48
C SER H 188 -48.76 76.28 1.72
N PHE H 189 -48.19 76.32 2.91
CA PHE H 189 -48.99 76.23 4.13
C PHE H 189 -50.08 77.32 4.18
N LEU H 190 -49.69 78.57 3.90
CA LEU H 190 -50.64 79.67 3.83
C LEU H 190 -51.65 79.53 2.70
N GLU H 191 -51.27 79.07 1.52
CA GLU H 191 -52.22 79.00 0.41
C GLU H 191 -53.30 77.94 0.65
N GLN H 192 -52.91 76.79 1.22
CA GLN H 192 -53.84 75.74 1.63
C GLN H 192 -54.71 76.25 2.77
N PHE H 193 -54.10 76.87 3.77
CA PHE H 193 -54.84 77.48 4.85
C PHE H 193 -55.89 78.45 4.33
N MET H 194 -55.52 79.36 3.44
CA MET H 194 -56.42 80.41 3.03
C MET H 194 -57.45 80.02 1.99
N ILE H 195 -57.23 78.99 1.17
CA ILE H 195 -58.33 78.42 0.40
C ILE H 195 -59.22 77.60 1.33
N GLU H 196 -58.65 76.68 2.11
CA GLU H 196 -59.40 75.62 2.77
C GLU H 196 -59.98 76.01 4.13
N LYS H 197 -59.26 76.79 4.92
CA LYS H 197 -59.52 76.95 6.36
C LYS H 197 -59.95 78.36 6.77
N LEU H 198 -59.51 79.38 6.04
CA LEU H 198 -59.90 80.76 6.29
C LEU H 198 -61.41 81.03 6.39
N PRO H 199 -62.30 80.50 5.51
CA PRO H 199 -63.72 80.80 5.53
C PRO H 199 -64.36 80.66 6.92
N GLU H 200 -64.06 79.56 7.64
CA GLU H 200 -64.54 79.37 9.01
C GLU H 200 -63.59 79.98 10.04
N ALA H 201 -62.29 79.98 9.77
CA ALA H 201 -61.30 80.36 10.76
C ALA H 201 -61.42 81.80 11.23
N CYS H 202 -61.70 82.72 10.32
CA CYS H 202 -61.90 84.12 10.66
C CYS H 202 -63.34 84.48 10.96
N SER H 203 -64.21 83.48 11.15
CA SER H 203 -65.61 83.73 11.46
C SER H 203 -65.74 84.48 12.78
N ILE H 204 -66.30 85.68 12.72
CA ILE H 204 -66.57 86.47 13.93
C ILE H 204 -67.65 85.78 14.77
N GLY H 205 -68.69 85.25 14.11
CA GLY H 205 -69.79 84.56 14.77
C GLY H 205 -70.44 85.41 15.86
N ASP H 206 -70.75 84.77 16.98
CA ASP H 206 -71.24 85.42 18.18
C ASP H 206 -70.14 86.07 19.05
N GLY H 207 -68.89 86.15 18.61
CA GLY H 207 -67.74 86.56 19.43
C GLY H 207 -67.32 85.50 20.44
N LYS H 208 -68.25 84.60 20.76
CA LYS H 208 -68.07 83.29 21.36
C LYS H 208 -66.63 82.77 21.19
N PRO H 209 -66.16 82.26 20.05
CA PRO H 209 -64.85 81.63 19.99
C PRO H 209 -63.68 82.57 20.31
N PHE H 210 -63.78 83.87 20.07
CA PHE H 210 -62.75 84.82 20.53
C PHE H 210 -62.59 84.77 22.05
N VAL H 211 -63.67 84.70 22.82
CA VAL H 211 -63.56 84.71 24.28
C VAL H 211 -63.04 83.43 24.88
N MET H 212 -63.11 82.36 24.11
CA MET H 212 -62.63 81.09 24.58
C MET H 212 -61.19 80.84 24.14
N ASN H 213 -60.85 81.16 22.90
CA ASN H 213 -59.53 80.84 22.35
C ASN H 213 -58.48 81.92 22.68
N LEU H 214 -58.87 83.20 22.81
CA LEU H 214 -57.89 84.30 22.70
C LEU H 214 -57.63 85.12 23.96
N GLN H 215 -58.33 84.85 25.05
CA GLN H 215 -58.31 85.79 26.17
C GLN H 215 -56.99 85.80 26.90
N ASP H 216 -56.38 84.65 27.20
CA ASP H 216 -55.07 84.64 27.85
C ASP H 216 -54.00 85.45 27.10
N LEU H 217 -54.12 85.52 25.77
CA LEU H 217 -53.28 86.40 24.96
C LEU H 217 -53.72 87.86 25.13
N TYR H 218 -55.02 88.14 25.10
CA TYR H 218 -55.57 89.48 25.32
C TYR H 218 -55.10 90.13 26.62
N MET H 219 -55.19 89.43 27.74
CA MET H 219 -54.71 89.92 29.03
C MET H 219 -53.21 90.20 29.04
N ALA H 220 -52.45 89.34 28.38
CA ALA H 220 -51.02 89.48 28.29
C ALA H 220 -50.64 90.70 27.44
N VAL H 221 -51.24 90.84 26.25
CA VAL H 221 -50.99 91.99 25.36
C VAL H 221 -51.37 93.29 26.03
N THR H 222 -52.53 93.35 26.66
CA THR H 222 -52.91 94.55 27.40
C THR H 222 -51.92 94.90 28.50
N THR H 223 -51.52 93.96 29.35
CA THR H 223 -50.47 94.23 30.35
C THR H 223 -49.23 94.82 29.69
N GLN H 224 -48.79 94.20 28.60
CA GLN H 224 -47.59 94.59 27.92
C GLN H 224 -47.65 95.97 27.25
N LYS H 293 36.54 84.62 54.24
CA LYS H 293 37.06 83.36 53.73
C LYS H 293 38.61 83.29 53.74
N PRO H 294 39.23 82.09 53.73
CA PRO H 294 40.64 81.91 54.07
C PRO H 294 41.62 82.66 53.14
N ARG H 295 42.84 82.87 53.63
CA ARG H 295 43.93 83.67 53.01
C ARG H 295 45.31 83.21 53.50
N GLY H 296 46.38 83.85 53.05
CA GLY H 296 47.74 83.61 53.53
C GLY H 296 48.28 82.31 52.99
N LEU H 297 48.63 81.33 53.84
CA LEU H 297 48.87 79.97 53.37
C LEU H 297 47.67 79.37 52.62
N PHE H 298 46.47 79.83 52.96
CA PHE H 298 45.20 79.39 52.40
C PHE H 298 44.66 80.34 51.32
N SER H 299 45.56 81.10 50.67
CA SER H 299 45.31 81.85 49.43
C SER H 299 44.97 80.95 48.25
N MET I 1 -70.57 105.32 -6.20
CA MET I 1 -69.78 105.47 -4.93
C MET I 1 -69.92 104.25 -4.02
N GLU I 2 -70.99 103.46 -4.10
CA GLU I 2 -71.14 102.22 -3.34
C GLU I 2 -69.97 101.24 -3.64
N GLU I 3 -69.55 101.13 -4.90
CA GLU I 3 -68.38 100.37 -5.32
C GLU I 3 -67.07 100.95 -4.78
N LEU I 4 -67.00 102.27 -4.53
CA LEU I 4 -65.85 102.87 -3.88
C LEU I 4 -65.72 102.42 -2.42
N GLU I 5 -66.84 102.35 -1.71
CA GLU I 5 -66.87 101.80 -0.36
C GLU I 5 -66.48 100.31 -0.37
N GLN I 6 -66.97 99.55 -1.35
CA GLN I 6 -66.70 98.12 -1.45
C GLN I 6 -65.24 97.83 -1.78
N GLY I 7 -64.65 98.62 -2.67
CA GLY I 7 -63.23 98.53 -2.89
C GLY I 7 -62.51 98.82 -1.59
N LEU I 8 -62.87 99.89 -0.88
CA LEU I 8 -62.19 100.30 0.34
C LEU I 8 -62.11 99.23 1.40
N LEU I 9 -63.21 98.54 1.71
CA LEU I 9 -63.23 97.46 2.71
C LEU I 9 -62.09 96.48 2.45
N MET I 10 -61.83 96.19 1.18
CA MET I 10 -60.87 95.18 0.76
C MET I 10 -59.50 95.71 0.33
N GLN I 11 -59.25 97.02 0.44
CA GLN I 11 -57.91 97.56 0.29
C GLN I 11 -57.08 97.35 1.55
N PRO I 12 -55.79 97.07 1.40
CA PRO I 12 -54.85 97.03 2.50
C PRO I 12 -54.54 98.43 3.02
N TRP I 13 -53.93 98.47 4.19
CA TRP I 13 -53.39 99.68 4.81
C TRP I 13 -51.97 99.98 4.32
N ALA I 14 -51.77 101.21 3.89
CA ALA I 14 -50.48 101.87 3.72
C ALA I 14 -50.02 102.57 5.00
N TRP I 15 -48.73 102.89 5.07
CA TRP I 15 -48.12 103.63 6.16
C TRP I 15 -47.52 104.95 5.70
N LEU I 16 -47.90 106.03 6.36
CA LEU I 16 -47.54 107.38 5.96
C LEU I 16 -46.62 108.05 6.98
N GLN I 17 -45.51 108.52 6.47
CA GLN I 17 -44.50 109.29 7.18
C GLN I 17 -44.94 110.76 7.19
N LEU I 18 -45.60 111.22 8.24
CA LEU I 18 -45.69 112.66 8.43
C LEU I 18 -44.35 113.19 8.96
N ALA I 19 -44.20 114.50 9.06
CA ALA I 19 -43.14 115.06 9.88
C ALA I 19 -43.49 114.94 11.38
N GLU I 20 -44.78 115.03 11.69
CA GLU I 20 -45.33 115.19 13.04
C GLU I 20 -45.54 113.85 13.79
N ASN I 21 -45.90 112.79 13.07
CA ASN I 21 -46.12 111.41 13.51
C ASN I 21 -46.05 110.51 12.25
N SER I 22 -46.63 109.33 12.30
CA SER I 22 -47.04 108.58 11.12
C SER I 22 -48.56 108.39 11.12
N LEU I 23 -49.13 107.98 10.01
CA LEU I 23 -50.53 107.55 9.89
C LEU I 23 -50.56 106.17 9.23
N LEU I 24 -51.66 105.47 9.44
CA LEU I 24 -52.11 104.39 8.60
C LEU I 24 -53.25 104.85 7.74
N ALA I 25 -53.22 104.50 6.47
CA ALA I 25 -54.26 104.88 5.53
C ALA I 25 -54.61 103.71 4.62
N LYS I 26 -55.89 103.36 4.49
CA LYS I 26 -56.39 102.59 3.35
C LYS I 26 -57.22 103.48 2.46
N VAL I 27 -57.01 103.35 1.17
CA VAL I 27 -57.63 104.19 0.16
C VAL I 27 -58.06 103.34 -1.01
N PHE I 28 -59.18 103.70 -1.61
CA PHE I 28 -59.61 103.16 -2.87
C PHE I 28 -59.93 104.30 -3.83
N ILE I 29 -59.24 104.33 -4.97
CA ILE I 29 -59.34 105.35 -6.01
C ILE I 29 -59.94 104.73 -7.26
N THR I 30 -60.80 105.46 -7.94
CA THR I 30 -61.23 105.20 -9.31
C THR I 30 -61.35 106.56 -10.03
N LYS I 31 -61.66 106.56 -11.33
CA LYS I 31 -62.12 107.77 -12.03
C LYS I 31 -63.39 108.42 -11.46
N GLN I 32 -64.14 107.70 -10.62
CA GLN I 32 -65.43 108.09 -10.06
C GLN I 32 -65.29 108.94 -8.79
N GLY I 33 -64.13 108.88 -8.14
CA GLY I 33 -63.90 109.46 -6.83
C GLY I 33 -62.95 108.60 -6.00
N TYR I 34 -63.02 108.80 -4.69
CA TYR I 34 -62.26 108.02 -3.75
C TYR I 34 -63.03 107.79 -2.46
N ALA I 35 -62.59 106.79 -1.72
CA ALA I 35 -62.91 106.65 -0.32
C ALA I 35 -61.61 106.34 0.42
N LEU I 36 -61.46 106.93 1.61
CA LEU I 36 -60.28 106.88 2.45
C LEU I 36 -60.68 106.63 3.90
N LEU I 37 -59.93 105.77 4.56
CA LEU I 37 -59.93 105.63 6.01
C LEU I 37 -58.51 105.80 6.54
N VAL I 38 -58.34 106.65 7.56
CA VAL I 38 -57.05 106.96 8.19
C VAL I 38 -57.09 106.67 9.67
N SER I 39 -55.95 106.29 10.24
CA SER I 39 -55.79 106.14 11.67
C SER I 39 -54.38 106.53 12.17
N ASP I 40 -54.29 107.05 13.39
CA ASP I 40 -53.01 107.24 14.12
C ASP I 40 -52.86 106.21 15.27
N LEU I 41 -53.70 105.18 15.26
CA LEU I 41 -53.76 104.12 16.26
C LEU I 41 -54.37 104.55 17.61
N GLN I 42 -54.85 105.79 17.70
CA GLN I 42 -55.72 106.27 18.78
C GLN I 42 -57.13 106.62 18.31
N GLN I 43 -57.23 107.15 17.10
CA GLN I 43 -58.46 107.55 16.44
C GLN I 43 -58.47 107.12 14.96
N VAL I 44 -59.65 107.23 14.34
CA VAL I 44 -59.93 106.82 12.97
C VAL I 44 -60.76 107.87 12.26
N TRP I 45 -60.47 108.14 10.99
CA TRP I 45 -61.12 109.18 10.21
C TRP I 45 -61.44 108.78 8.79
N HIS I 46 -62.57 109.28 8.30
CA HIS I 46 -63.18 108.84 7.07
C HIS I 46 -63.40 110.01 6.13
N GLU I 47 -63.19 109.77 4.84
CA GLU I 47 -63.75 110.61 3.79
C GLU I 47 -64.08 109.75 2.57
N GLN I 48 -65.12 110.17 1.88
CA GLN I 48 -65.56 109.67 0.59
C GLN I 48 -65.89 110.88 -0.27
N VAL I 49 -65.48 110.86 -1.54
CA VAL I 49 -65.55 112.01 -2.43
C VAL I 49 -65.77 111.55 -3.86
N ASP I 50 -66.70 112.18 -4.56
CA ASP I 50 -66.88 112.01 -5.99
C ASP I 50 -66.17 113.10 -6.80
N THR I 51 -66.15 112.94 -8.12
CA THR I 51 -65.51 113.89 -9.05
C THR I 51 -66.02 115.34 -8.95
N SER I 52 -67.23 115.57 -8.45
CA SER I 52 -67.77 116.93 -8.30
C SER I 52 -66.95 117.68 -7.26
N VAL I 53 -66.73 117.05 -6.12
CA VAL I 53 -65.90 117.60 -5.03
C VAL I 53 -64.45 117.69 -5.46
N VAL I 54 -63.93 116.71 -6.22
CA VAL I 54 -62.58 116.78 -6.78
C VAL I 54 -62.39 118.06 -7.57
N SER I 55 -63.15 118.32 -8.64
CA SER I 55 -62.84 119.50 -9.47
C SER I 55 -63.09 120.82 -8.74
N GLN I 56 -64.06 120.88 -7.83
CA GLN I 56 -64.26 122.07 -6.99
C GLN I 56 -63.07 122.28 -6.04
N ARG I 57 -62.74 121.29 -5.21
CA ARG I 57 -61.69 121.45 -4.19
C ARG I 57 -60.32 121.62 -4.83
N ALA I 58 -60.03 120.91 -5.91
CA ALA I 58 -58.80 121.11 -6.65
C ALA I 58 -58.74 122.49 -7.28
N LYS I 59 -59.81 123.02 -7.87
CA LYS I 59 -59.85 124.40 -8.36
C LYS I 59 -59.64 125.41 -7.24
N GLU I 60 -60.05 125.12 -6.01
CA GLU I 60 -59.78 126.00 -4.88
C GLU I 60 -58.32 125.94 -4.49
N LEU I 61 -57.82 124.74 -4.19
CA LEU I 61 -56.45 124.53 -3.70
C LEU I 61 -55.43 124.87 -4.80
N ASN I 62 -55.75 124.70 -6.09
CA ASN I 62 -54.83 124.83 -7.23
C ASN I 62 -55.45 125.69 -8.36
N LYS I 63 -55.63 126.98 -8.08
CA LYS I 63 -56.46 127.96 -8.82
C LYS I 63 -56.52 127.81 -10.35
N ARG I 64 -55.36 127.82 -11.03
CA ARG I 64 -55.26 127.84 -12.51
C ARG I 64 -54.73 126.55 -13.13
N LEU I 65 -54.54 125.49 -12.34
CA LEU I 65 -53.84 124.26 -12.73
C LEU I 65 -54.84 123.16 -13.11
N THR I 66 -55.57 123.40 -14.21
CA THR I 66 -56.76 122.63 -14.61
C THR I 66 -56.45 121.19 -15.05
N ALA I 67 -57.40 120.29 -14.75
CA ALA I 67 -57.45 118.92 -15.21
C ALA I 67 -58.89 118.38 -15.11
N PRO I 68 -59.22 117.29 -15.80
CA PRO I 68 -60.31 116.43 -15.42
C PRO I 68 -60.08 115.81 -14.04
N PRO I 69 -61.14 115.65 -13.25
CA PRO I 69 -61.07 114.99 -11.95
C PRO I 69 -60.29 113.68 -11.95
N ALA I 70 -60.50 112.83 -12.95
CA ALA I 70 -59.85 111.52 -13.05
C ALA I 70 -58.32 111.59 -13.16
N ALA I 71 -57.74 112.65 -13.72
CA ALA I 71 -56.30 112.79 -13.79
C ALA I 71 -55.68 113.15 -12.44
N PHE I 72 -56.38 113.96 -11.63
CA PHE I 72 -55.96 114.18 -10.26
C PHE I 72 -56.01 112.86 -9.48
N LEU I 73 -57.15 112.17 -9.57
CA LEU I 73 -57.35 110.89 -8.89
C LEU I 73 -56.26 109.87 -9.27
N CYS I 74 -55.96 109.72 -10.56
CA CYS I 74 -54.86 108.91 -11.05
C CYS I 74 -53.51 109.21 -10.41
N HIS I 75 -53.23 110.48 -10.15
CA HIS I 75 -51.99 110.84 -9.50
C HIS I 75 -51.99 110.48 -8.01
N LEU I 76 -53.10 110.73 -7.31
CA LEU I 76 -53.23 110.30 -5.92
C LEU I 76 -53.07 108.78 -5.82
N ASP I 77 -53.53 108.04 -6.81
CA ASP I 77 -53.29 106.60 -6.88
C ASP I 77 -51.80 106.24 -6.94
N ASN I 78 -50.94 107.11 -7.47
CA ASN I 78 -49.49 106.92 -7.41
C ASN I 78 -48.94 107.13 -6.01
N LEU I 79 -49.50 108.11 -5.29
CA LEU I 79 -49.12 108.54 -3.94
C LEU I 79 -47.60 108.57 -3.71
N ALA I 93 -44.03 112.60 -1.79
CA ALA I 93 -45.01 113.58 -1.34
C ALA I 93 -44.81 114.01 0.14
N THR I 94 -45.20 115.23 0.45
CA THR I 94 -45.08 115.81 1.81
C THR I 94 -46.45 115.80 2.49
N PHE I 95 -46.56 115.18 3.65
CA PHE I 95 -47.80 115.11 4.42
C PHE I 95 -47.71 115.91 5.71
N SER I 96 -48.74 116.70 5.97
CA SER I 96 -48.95 117.37 7.26
C SER I 96 -50.42 117.27 7.63
N CYS I 97 -50.74 117.42 8.90
CA CYS I 97 -52.15 117.44 9.31
C CYS I 97 -52.44 118.28 10.54
N ASP I 98 -53.69 118.68 10.67
CA ASP I 98 -54.24 119.21 11.90
C ASP I 98 -55.52 118.45 12.22
N CYS I 99 -55.73 118.13 13.49
CA CYS I 99 -57.09 117.96 13.95
C CYS I 99 -57.62 119.35 14.29
N VAL I 100 -58.57 119.82 13.49
CA VAL I 100 -59.36 121.02 13.75
C VAL I 100 -60.79 120.57 14.01
N ALA I 101 -61.29 120.84 15.22
CA ALA I 101 -62.34 120.00 15.83
C ALA I 101 -61.90 118.52 15.68
N ASP I 102 -62.71 117.66 15.05
CA ASP I 102 -62.26 116.33 14.61
C ASP I 102 -62.31 116.10 13.10
N ALA I 103 -62.15 117.20 12.36
CA ALA I 103 -61.60 117.11 11.03
C ALA I 103 -60.12 116.85 11.24
N LEU I 104 -59.72 115.59 11.08
CA LEU I 104 -58.34 115.42 10.71
C LEU I 104 -58.22 115.91 9.28
N ILE I 105 -57.86 117.18 9.15
CA ILE I 105 -57.51 117.69 7.86
C ILE I 105 -56.10 117.22 7.54
N LEU I 106 -56.00 116.34 6.55
CA LEU I 106 -54.74 115.81 6.05
C LEU I 106 -54.36 116.60 4.81
N ARG I 107 -53.23 117.31 4.86
CA ARG I 107 -52.75 118.23 3.84
C ARG I 107 -51.57 117.58 3.13
N VAL I 108 -51.72 117.44 1.83
CA VAL I 108 -50.78 116.72 0.98
C VAL I 108 -50.22 117.64 -0.08
N ARG I 109 -48.92 117.75 -0.07
CA ARG I 109 -48.14 118.43 -1.09
C ARG I 109 -47.51 117.37 -1.98
N SER I 110 -47.78 117.39 -3.27
CA SER I 110 -47.18 116.45 -4.22
C SER I 110 -46.57 117.17 -5.39
N GLU I 111 -45.76 116.45 -6.16
CA GLU I 111 -45.30 116.86 -7.48
C GLU I 111 -46.13 116.19 -8.59
N LEU I 112 -46.78 116.95 -9.47
CA LEU I 112 -47.38 116.44 -10.72
C LEU I 112 -47.21 117.47 -11.85
N SER I 113 -46.93 117.01 -13.07
CA SER I 113 -46.60 117.87 -14.24
C SER I 113 -45.33 118.74 -14.08
N GLY I 114 -44.47 118.44 -13.11
CA GLY I 114 -43.39 119.34 -12.69
C GLY I 114 -43.88 120.56 -11.89
N LEU I 115 -45.16 120.57 -11.52
CA LEU I 115 -45.78 121.55 -10.63
C LEU I 115 -46.08 120.92 -9.26
N PRO I 116 -45.78 121.63 -8.17
CA PRO I 116 -46.38 121.46 -6.87
C PRO I 116 -47.89 121.43 -6.94
N PHE I 117 -48.46 120.56 -6.13
CA PHE I 117 -49.88 120.27 -6.07
C PHE I 117 -50.34 120.19 -4.64
N TYR I 118 -51.59 120.56 -4.43
CA TYR I 118 -52.22 120.48 -3.13
C TYR I 118 -53.55 119.79 -3.12
N TRP I 119 -53.68 118.83 -2.21
CA TRP I 119 -54.94 118.27 -1.77
C TRP I 119 -55.05 118.35 -0.25
N ASN I 120 -56.25 118.66 0.25
CA ASN I 120 -56.59 118.54 1.66
C ASN I 120 -57.76 117.58 1.84
N PHE I 121 -57.55 116.52 2.59
CA PHE I 121 -58.56 115.56 2.99
C PHE I 121 -59.29 116.06 4.21
N HIS I 122 -60.62 116.05 4.18
CA HIS I 122 -61.45 116.67 5.19
C HIS I 122 -62.09 115.62 6.07
N CYS I 123 -61.22 114.88 6.75
CA CYS I 123 -61.57 113.58 7.28
C CYS I 123 -62.28 113.70 8.61
N MET I 124 -63.55 113.31 8.67
CA MET I 124 -64.28 113.35 9.94
C MET I 124 -64.05 112.08 10.72
N LEU I 125 -64.23 112.13 12.04
CA LEU I 125 -64.22 110.94 12.88
C LEU I 125 -65.10 109.87 12.22
N ALA I 126 -64.48 108.73 11.89
CA ALA I 126 -65.15 107.60 11.26
C ALA I 126 -66.33 107.13 12.11
N SER I 127 -67.38 106.59 11.49
CA SER I 127 -68.48 106.03 12.26
C SER I 127 -68.04 104.74 12.98
N PRO I 128 -68.57 104.43 14.19
CA PRO I 128 -68.32 103.18 14.89
C PRO I 128 -68.61 101.94 14.02
N SER I 129 -69.56 102.07 13.09
CA SER I 129 -69.90 100.98 12.18
C SER I 129 -68.76 100.67 11.22
N LEU I 130 -68.15 101.68 10.56
CA LEU I 130 -66.98 101.45 9.72
C LEU I 130 -65.78 101.04 10.56
N VAL I 131 -65.59 101.56 11.78
CA VAL I 131 -64.50 101.09 12.65
C VAL I 131 -64.62 99.60 12.92
N SER I 132 -65.84 99.14 13.12
CA SER I 132 -66.10 97.72 13.21
C SER I 132 -65.78 96.99 11.90
N GLN I 133 -66.27 97.46 10.76
CA GLN I 133 -66.11 96.75 9.49
C GLN I 133 -64.70 96.78 8.91
N HIS I 134 -63.96 97.86 9.13
CA HIS I 134 -62.62 98.10 8.61
C HIS I 134 -61.52 97.72 9.59
N LEU I 135 -61.76 97.74 10.90
CA LEU I 135 -60.79 97.30 11.90
C LEU I 135 -61.32 96.13 12.71
N ILE I 136 -62.23 96.36 13.65
CA ILE I 136 -62.39 95.43 14.78
C ILE I 136 -62.69 94.04 14.29
N ARG I 137 -63.69 93.91 13.42
CA ARG I 137 -64.11 92.63 12.91
C ARG I 137 -63.00 92.00 12.10
N PRO I 138 -62.41 92.65 11.08
CA PRO I 138 -61.23 92.12 10.44
C PRO I 138 -60.11 91.72 11.40
N LEU I 139 -59.71 92.59 12.33
CA LEU I 139 -58.60 92.38 13.24
C LEU I 139 -58.84 91.20 14.20
N MET I 140 -60.09 91.07 14.65
CA MET I 140 -60.55 89.88 15.36
C MET I 140 -60.42 88.65 14.46
N GLY I 141 -60.99 88.74 13.26
CA GLY I 141 -61.05 87.63 12.31
C GLY I 141 -59.65 87.13 11.95
N MET I 142 -58.72 88.07 11.82
CA MET I 142 -57.29 87.84 11.68
C MET I 142 -56.69 87.15 12.90
N SER I 143 -56.97 87.60 14.12
CA SER I 143 -56.48 86.89 15.30
C SER I 143 -56.98 85.46 15.40
N LEU I 144 -58.26 85.20 15.13
CA LEU I 144 -58.79 83.83 15.09
C LEU I 144 -58.12 83.02 13.97
N ALA I 145 -57.98 83.58 12.78
CA ALA I 145 -57.34 82.86 11.69
C ALA I 145 -55.87 82.58 11.98
N LEU I 146 -55.14 83.54 12.56
CA LEU I 146 -53.76 83.34 12.94
C LEU I 146 -53.63 82.27 14.00
N GLN I 147 -54.55 82.25 14.95
CA GLN I 147 -54.57 81.19 15.94
C GLN I 147 -54.86 79.82 15.29
N CYS I 148 -55.73 79.71 14.28
CA CYS I 148 -55.88 78.43 13.59
C CYS I 148 -54.61 78.05 12.82
N GLN I 149 -53.83 79.02 12.36
CA GLN I 149 -52.54 78.74 11.76
C GLN I 149 -51.54 78.26 12.78
N VAL I 150 -51.50 78.89 13.95
CA VAL I 150 -50.72 78.38 15.06
C VAL I 150 -51.12 76.94 15.38
N ARG I 151 -52.42 76.66 15.41
CA ARG I 151 -52.97 75.33 15.69
C ARG I 151 -52.56 74.32 14.63
N GLU I 152 -52.58 74.70 13.36
CA GLU I 152 -52.12 73.82 12.31
C GLU I 152 -50.60 73.67 12.21
N LEU I 153 -49.81 74.66 12.60
CA LEU I 153 -48.36 74.48 12.70
C LEU I 153 -48.01 73.59 13.91
N ALA I 154 -48.78 73.66 14.99
CA ALA I 154 -48.63 72.82 16.17
C ALA I 154 -49.06 71.37 15.98
N THR I 155 -50.13 71.11 15.22
CA THR I 155 -50.40 69.75 14.75
C THR I 155 -49.26 69.30 13.83
N LEU I 156 -48.85 70.10 12.84
CA LEU I 156 -47.72 69.76 11.96
C LEU I 156 -46.43 69.45 12.74
N LEU I 157 -46.11 70.22 13.78
CA LEU I 157 -44.98 69.96 14.65
C LEU I 157 -45.15 68.67 15.45
N HIS I 158 -46.36 68.41 15.95
CA HIS I 158 -46.64 67.16 16.62
C HIS I 158 -46.50 65.96 15.66
N MET I 159 -46.96 66.09 14.41
CA MET I 159 -46.88 65.04 13.38
C MET I 159 -45.43 64.73 13.03
N LYS I 160 -44.60 65.77 12.89
CA LYS I 160 -43.16 65.60 12.66
C LYS I 160 -42.44 64.98 13.86
N ASP I 161 -42.92 65.18 15.09
CA ASP I 161 -42.39 64.44 16.25
C ASP I 161 -42.77 62.97 16.26
N LEU I 162 -44.00 62.60 15.93
CA LEU I 162 -44.37 61.18 15.79
C LEU I 162 -43.46 60.48 14.77
N GLU I 163 -43.21 61.17 13.65
CA GLU I 163 -42.27 60.76 12.63
C GLU I 163 -40.84 60.57 13.17
N ILE I 164 -40.28 61.59 13.83
CA ILE I 164 -38.92 61.57 14.38
C ILE I 164 -38.74 60.62 15.56
N GLN I 165 -39.78 60.45 16.38
CA GLN I 165 -39.82 59.49 17.47
C GLN I 165 -39.75 58.08 16.92
N ASP I 166 -40.38 57.77 15.78
CA ASP I 166 -40.23 56.46 15.15
C ASP I 166 -38.76 56.13 14.83
N TYR I 167 -38.00 57.11 14.32
CA TYR I 167 -36.56 56.97 14.21
C TYR I 167 -35.88 56.74 15.55
N GLN I 168 -36.12 57.60 16.55
CA GLN I 168 -35.59 57.40 17.91
C GLN I 168 -35.98 56.06 18.53
N GLU I 169 -37.12 55.49 18.17
CA GLU I 169 -37.57 54.18 18.67
C GLU I 169 -36.81 53.00 18.07
N SER I 170 -36.18 53.14 16.91
CA SER I 170 -35.43 52.05 16.30
C SER I 170 -34.28 52.58 15.44
N GLY I 171 -33.07 52.37 15.96
CA GLY I 171 -31.80 52.78 15.35
C GLY I 171 -31.72 54.30 15.13
N ALA I 172 -31.23 54.69 13.96
CA ALA I 172 -31.33 56.05 13.44
C ALA I 172 -30.73 57.13 14.36
N THR I 173 -29.43 57.06 14.62
CA THR I 173 -28.71 58.15 15.31
C THR I 173 -28.57 59.37 14.39
N LEU I 174 -28.47 60.56 15.00
CA LEU I 174 -28.19 61.82 14.31
C LEU I 174 -26.72 61.92 13.93
N ILE I 175 -26.42 62.46 12.75
CA ILE I 175 -25.03 62.64 12.31
C ILE I 175 -24.56 64.04 12.67
N ARG I 176 -25.23 65.08 12.14
CA ARG I 176 -24.86 66.45 12.46
C ARG I 176 -25.35 66.77 13.87
N ASP I 177 -24.41 66.94 14.78
CA ASP I 177 -24.56 67.14 16.22
C ASP I 177 -25.18 68.49 16.63
N ARG I 178 -25.84 69.17 15.68
CA ARG I 178 -26.43 70.51 15.83
C ARG I 178 -27.85 70.64 15.24
N LEU I 179 -28.39 69.55 14.71
CA LEU I 179 -29.72 69.49 14.09
C LEU I 179 -30.84 69.12 15.06
N LYS I 180 -30.50 68.76 16.31
CA LYS I 180 -31.48 68.30 17.33
C LYS I 180 -32.64 69.27 17.42
N THR I 181 -33.85 68.72 17.45
CA THR I 181 -35.00 69.43 18.00
C THR I 181 -35.47 68.78 19.30
N GLU I 182 -35.73 69.62 20.29
CA GLU I 182 -36.53 69.23 21.43
C GLU I 182 -37.98 68.90 20.96
N PRO I 183 -38.67 67.94 21.60
CA PRO I 183 -40.06 67.60 21.28
C PRO I 183 -40.98 68.81 21.41
N PHE I 184 -41.80 69.13 20.40
CA PHE I 184 -42.68 70.30 20.48
C PHE I 184 -43.84 70.07 21.47
N GLU I 185 -44.03 71.05 22.33
CA GLU I 185 -45.08 71.12 23.33
C GLU I 185 -45.56 72.57 23.39
N GLU I 186 -46.86 72.76 23.22
CA GLU I 186 -47.43 74.06 22.88
C GLU I 186 -47.52 75.04 24.04
N ASN I 187 -47.84 74.54 25.24
CA ASN I 187 -47.93 75.38 26.42
C ASN I 187 -46.58 76.05 26.70
N SER I 188 -45.50 75.28 26.71
CA SER I 188 -44.15 75.81 26.97
C SER I 188 -43.63 76.72 25.84
N PHE I 189 -44.02 76.48 24.58
CA PHE I 189 -43.73 77.39 23.48
C PHE I 189 -44.42 78.74 23.64
N LEU I 190 -45.64 78.74 24.16
CA LEU I 190 -46.26 79.96 24.62
C LEU I 190 -45.46 80.54 25.81
N GLU I 191 -45.15 79.78 26.86
CA GLU I 191 -44.44 80.31 28.04
C GLU I 191 -43.17 81.10 27.70
N GLN I 192 -42.31 80.53 26.87
CA GLN I 192 -41.10 81.19 26.41
C GLN I 192 -41.42 82.40 25.53
N PHE I 193 -42.36 82.28 24.59
CA PHE I 193 -42.77 83.40 23.76
C PHE I 193 -43.23 84.58 24.62
N MET I 194 -44.00 84.35 25.67
CA MET I 194 -44.62 85.42 26.45
C MET I 194 -43.61 86.26 27.21
N ILE I 195 -42.50 85.64 27.61
CA ILE I 195 -41.40 86.33 28.29
C ILE I 195 -40.45 86.93 27.24
N GLU I 196 -40.00 86.14 26.27
CA GLU I 196 -38.91 86.50 25.37
C GLU I 196 -39.32 87.30 24.13
N LYS I 197 -40.56 87.16 23.66
CA LYS I 197 -40.98 87.62 22.33
C LYS I 197 -42.18 88.55 22.34
N LEU I 198 -43.12 88.32 23.25
CA LEU I 198 -44.31 89.14 23.31
C LEU I 198 -44.06 90.64 23.50
N PRO I 199 -43.16 91.10 24.40
CA PRO I 199 -42.87 92.52 24.58
C PRO I 199 -42.67 93.26 23.27
N GLU I 200 -41.68 92.81 22.49
CA GLU I 200 -41.39 93.32 21.16
C GLU I 200 -42.54 93.06 20.19
N ALA I 201 -43.01 91.83 20.08
CA ALA I 201 -43.88 91.45 18.98
C ALA I 201 -45.25 92.12 19.05
N CYS I 202 -45.81 92.30 20.24
CA CYS I 202 -47.10 92.95 20.38
C CYS I 202 -47.04 94.47 20.35
N SER I 203 -45.85 95.07 20.43
CA SER I 203 -45.67 96.51 20.37
C SER I 203 -46.30 97.06 19.10
N ILE I 204 -47.15 98.05 19.25
CA ILE I 204 -47.82 98.67 18.12
C ILE I 204 -46.81 99.52 17.35
N GLY I 205 -45.96 100.24 18.09
CA GLY I 205 -45.01 101.20 17.55
C GLY I 205 -45.73 102.34 16.83
N ASP I 206 -45.44 102.47 15.54
CA ASP I 206 -45.99 103.48 14.63
C ASP I 206 -46.92 102.86 13.56
N GLY I 207 -47.27 101.58 13.71
CA GLY I 207 -48.07 100.81 12.76
C GLY I 207 -47.30 100.28 11.55
N LYS I 208 -45.99 100.52 11.44
CA LYS I 208 -45.21 99.93 10.37
C LYS I 208 -45.18 98.40 10.45
N PRO I 209 -45.03 97.76 11.61
CA PRO I 209 -45.17 96.31 11.68
C PRO I 209 -46.48 95.78 11.07
N PHE I 210 -47.61 96.43 11.34
CA PHE I 210 -48.91 96.02 10.80
C PHE I 210 -48.89 96.01 9.27
N VAL I 211 -48.51 97.13 8.67
CA VAL I 211 -48.51 97.27 7.22
C VAL I 211 -47.45 96.42 6.55
N MET I 212 -46.35 96.15 7.26
CA MET I 212 -45.27 95.36 6.70
C MET I 212 -45.63 93.89 6.56
N ASN I 213 -46.32 93.25 7.50
CA ASN I 213 -46.45 91.77 7.46
C ASN I 213 -47.90 91.23 7.50
N LEU I 214 -48.92 92.04 7.77
CA LEU I 214 -50.30 91.53 7.91
C LEU I 214 -51.26 91.85 6.78
N GLN I 215 -50.85 92.63 5.77
CA GLN I 215 -51.83 93.09 4.80
C GLN I 215 -52.48 92.01 3.95
N ASP I 216 -51.77 90.91 3.66
CA ASP I 216 -52.34 89.76 2.95
C ASP I 216 -53.50 89.14 3.74
N LEU I 217 -53.31 88.95 5.05
CA LEU I 217 -54.37 88.39 5.87
C LEU I 217 -55.51 89.40 6.04
N TYR I 218 -55.17 90.69 6.10
CA TYR I 218 -56.18 91.73 6.16
C TYR I 218 -57.10 91.68 4.93
N MET I 219 -56.50 91.60 3.74
CA MET I 219 -57.22 91.52 2.49
C MET I 219 -58.03 90.25 2.41
N ALA I 220 -57.49 89.13 2.87
CA ALA I 220 -58.22 87.88 2.81
C ALA I 220 -59.43 87.88 3.76
N VAL I 221 -59.24 88.32 5.01
CA VAL I 221 -60.30 88.28 6.02
C VAL I 221 -61.44 89.23 5.66
N THR I 222 -61.11 90.44 5.20
CA THR I 222 -62.14 91.35 4.71
C THR I 222 -62.92 90.73 3.55
N THR I 223 -62.26 90.13 2.55
CA THR I 223 -62.99 89.42 1.47
C THR I 223 -63.72 88.16 1.93
N GLN I 224 -63.43 87.63 3.11
CA GLN I 224 -64.20 86.51 3.65
C GLN I 224 -65.45 87.01 4.37
N LYS I 293 -100.57 14.95 -33.38
CA LYS I 293 -99.60 13.87 -33.33
C LYS I 293 -100.22 12.49 -33.64
N PRO I 294 -99.44 11.47 -34.08
CA PRO I 294 -99.97 10.25 -34.69
C PRO I 294 -100.89 9.42 -33.78
N ARG I 295 -101.70 8.55 -34.41
CA ARG I 295 -102.76 7.74 -33.79
C ARG I 295 -103.05 6.49 -34.63
N GLY I 296 -104.00 5.66 -34.21
CA GLY I 296 -104.48 4.50 -34.98
C GLY I 296 -103.48 3.36 -34.92
N LEU I 297 -102.92 2.94 -36.06
CA LEU I 297 -101.75 2.06 -36.03
C LEU I 297 -100.55 2.69 -35.29
N PHE I 298 -100.49 4.02 -35.27
CA PHE I 298 -99.44 4.81 -34.63
C PHE I 298 -99.86 5.34 -33.25
N SER I 299 -100.80 4.65 -32.59
CA SER I 299 -101.14 4.83 -31.16
C SER I 299 -99.97 4.45 -30.25
N TYR J 30 -53.47 7.55 4.72
CA TYR J 30 -53.24 6.14 4.99
C TYR J 30 -54.20 5.23 4.21
N LYS J 31 -53.94 3.92 4.25
CA LYS J 31 -54.75 2.83 3.71
C LYS J 31 -56.18 2.81 4.27
N TYR J 32 -57.08 2.06 3.63
CA TYR J 32 -58.52 2.11 3.93
C TYR J 32 -58.88 1.69 5.36
N SER J 33 -58.46 0.51 5.79
CA SER J 33 -59.04 -0.12 6.98
C SER J 33 -58.65 0.54 8.30
N GLY J 34 -57.50 1.19 8.38
CA GLY J 34 -56.96 1.66 9.65
C GLY J 34 -57.91 2.59 10.39
N ARG J 35 -58.28 2.23 11.62
CA ARG J 35 -59.11 3.06 12.51
C ARG J 35 -58.37 4.33 12.94
N ASP J 36 -59.06 5.45 13.06
CA ASP J 36 -58.57 6.50 13.94
C ASP J 36 -58.65 6.02 15.39
N SER J 37 -57.65 6.32 16.20
CA SER J 37 -57.61 5.90 17.58
C SER J 37 -57.11 7.03 18.43
N LEU J 38 -57.74 7.36 19.54
CA LEU J 38 -57.49 8.62 20.22
C LEU J 38 -57.63 8.53 21.73
N ILE J 39 -56.61 8.92 22.49
CA ILE J 39 -56.57 8.75 23.95
C ILE J 39 -56.47 10.09 24.67
N PHE J 40 -57.34 10.32 25.65
CA PHE J 40 -57.47 11.59 26.34
C PHE J 40 -56.87 11.57 27.75
N LEU J 41 -55.98 12.48 28.07
CA LEU J 41 -55.05 12.31 29.19
C LEU J 41 -54.95 13.56 30.07
N VAL J 42 -55.80 13.62 31.09
CA VAL J 42 -56.02 14.84 31.87
C VAL J 42 -55.16 14.88 33.12
N ASP J 43 -54.64 16.07 33.39
CA ASP J 43 -53.99 16.47 34.63
C ASP J 43 -54.99 16.49 35.80
N ALA J 44 -54.89 15.55 36.74
CA ALA J 44 -55.75 15.52 37.92
C ALA J 44 -55.26 16.43 39.06
N SER J 45 -54.23 17.26 38.86
CA SER J 45 -53.59 18.04 39.93
C SER J 45 -54.44 19.20 40.45
N LYS J 46 -54.61 19.29 41.79
CA LYS J 46 -55.48 20.26 42.48
C LYS J 46 -55.31 21.70 42.01
N ALA J 47 -54.08 22.12 41.78
CA ALA J 47 -53.70 23.47 41.34
C ALA J 47 -54.34 23.93 40.01
N MET J 48 -54.85 22.99 39.22
CA MET J 48 -55.67 23.24 38.04
C MET J 48 -57.09 22.68 38.22
N PHE J 49 -57.18 21.47 38.74
CA PHE J 49 -58.40 20.67 38.88
C PHE J 49 -59.52 21.38 39.64
N GLU J 50 -59.23 21.97 40.79
CA GLU J 50 -60.22 22.69 41.60
C GLU J 50 -60.13 24.21 41.40
N SER J 51 -59.38 24.68 40.39
CA SER J 51 -58.92 26.06 40.27
C SER J 51 -59.73 26.88 39.26
N GLN J 52 -59.91 28.17 39.55
CA GLN J 52 -60.54 29.14 38.67
C GLN J 52 -60.04 30.56 39.02
N SER J 53 -59.98 31.45 38.05
CA SER J 53 -59.71 32.89 38.24
C SER J 53 -61.01 33.70 38.29
N GLU J 54 -61.91 33.29 37.40
CA GLU J 54 -63.35 33.50 37.35
C GLU J 54 -64.07 32.58 38.35
N ASP J 55 -65.39 32.47 38.26
CA ASP J 55 -66.16 31.31 38.74
C ASP J 55 -66.76 30.49 37.58
N GLU J 56 -66.78 31.07 36.37
CA GLU J 56 -67.66 30.71 35.27
C GLU J 56 -67.24 29.47 34.45
N LEU J 57 -66.03 28.93 34.63
CA LEU J 57 -65.62 27.66 34.03
C LEU J 57 -64.78 26.90 35.05
N THR J 58 -64.18 25.82 34.61
CA THR J 58 -63.23 25.08 35.43
C THR J 58 -62.41 24.14 34.55
N PRO J 59 -61.08 24.20 34.65
CA PRO J 59 -60.26 23.48 33.68
C PRO J 59 -60.53 22.00 33.62
N PHE J 60 -60.76 21.36 34.76
CA PHE J 60 -61.16 19.98 34.70
C PHE J 60 -62.55 19.86 34.15
N ASP J 61 -63.45 20.73 34.60
CA ASP J 61 -64.78 20.72 34.02
C ASP J 61 -64.74 21.13 32.57
N MET J 62 -63.63 21.69 32.11
CA MET J 62 -63.48 22.03 30.72
C MET J 62 -63.00 20.83 29.94
N SER J 63 -62.01 20.13 30.49
CA SER J 63 -61.48 18.96 29.82
C SER J 63 -62.50 17.84 29.78
N ILE J 64 -63.22 17.63 30.86
CA ILE J 64 -64.19 16.57 30.86
C ILE J 64 -65.30 16.88 29.87
N GLN J 65 -65.67 18.14 29.77
CA GLN J 65 -66.65 18.50 28.78
C GLN J 65 -66.12 18.22 27.39
N CYS J 66 -64.85 18.52 27.15
CA CYS J 66 -64.27 18.21 25.86
C CYS J 66 -64.33 16.73 25.59
N ILE J 67 -63.96 15.92 26.58
CA ILE J 67 -63.89 14.49 26.34
C ILE J 67 -65.29 13.94 26.09
N GLN J 68 -66.30 14.36 26.84
CA GLN J 68 -67.68 13.94 26.54
C GLN J 68 -68.16 14.43 25.18
N SER J 69 -67.71 15.58 24.72
CA SER J 69 -68.25 16.18 23.51
C SER J 69 -67.61 15.70 22.22
N VAL J 70 -66.28 15.54 22.16
CA VAL J 70 -65.68 14.84 21.02
C VAL J 70 -66.17 13.40 20.98
N TYR J 71 -66.37 12.77 22.13
CA TYR J 71 -66.81 11.39 22.22
C TYR J 71 -68.26 11.23 21.73
N ILE J 72 -69.19 12.12 22.07
CA ILE J 72 -70.52 12.12 21.46
C ILE J 72 -70.51 12.48 19.97
N SER J 73 -69.56 13.28 19.48
CA SER J 73 -69.36 13.42 18.04
C SER J 73 -68.95 12.10 17.37
N LYS J 74 -67.91 11.45 17.89
CA LYS J 74 -67.41 10.20 17.37
C LYS J 74 -68.41 9.06 17.43
N ILE J 75 -69.35 9.05 18.38
CA ILE J 75 -70.41 8.04 18.43
C ILE J 75 -71.34 8.13 17.22
N ILE J 76 -71.89 9.30 16.90
CA ILE J 76 -72.74 9.42 15.72
C ILE J 76 -71.93 9.20 14.46
N SER J 77 -70.72 9.75 14.41
CA SER J 77 -70.01 9.88 13.15
C SER J 77 -69.10 8.72 12.75
N SER J 78 -68.52 7.97 13.70
CA SER J 78 -67.55 6.92 13.42
C SER J 78 -67.41 5.92 14.58
N ASP J 79 -68.45 5.15 14.86
CA ASP J 79 -68.49 4.07 15.87
C ASP J 79 -67.34 3.03 15.80
N ARG J 80 -66.68 2.97 14.65
CA ARG J 80 -65.53 2.15 14.30
C ARG J 80 -64.21 2.64 14.90
N ASP J 81 -64.08 3.93 15.17
CA ASP J 81 -62.83 4.55 15.65
C ASP J 81 -62.74 4.52 17.18
N LEU J 82 -61.53 4.43 17.75
CA LEU J 82 -61.31 4.03 19.14
C LEU J 82 -61.04 5.21 20.07
N LEU J 83 -61.62 5.24 21.27
CA LEU J 83 -61.30 6.23 22.30
C LEU J 83 -60.82 5.57 23.61
N ALA J 84 -59.94 6.23 24.36
CA ALA J 84 -59.62 5.95 25.75
C ALA J 84 -59.48 7.24 26.54
N VAL J 85 -59.53 7.17 27.87
CA VAL J 85 -59.34 8.33 28.74
C VAL J 85 -58.64 7.95 30.02
N VAL J 86 -57.70 8.78 30.46
CA VAL J 86 -56.70 8.48 31.49
C VAL J 86 -56.49 9.69 32.38
N PHE J 87 -56.41 9.47 33.68
CA PHE J 87 -56.03 10.51 34.64
C PHE J 87 -54.64 10.24 35.18
N TYR J 88 -53.78 11.23 35.07
CA TYR J 88 -52.44 11.16 35.63
C TYR J 88 -52.31 12.02 36.87
N GLY J 89 -51.31 11.71 37.68
CA GLY J 89 -51.11 12.38 38.95
C GLY J 89 -52.23 12.10 39.94
N THR J 90 -53.20 11.24 39.73
CA THR J 90 -54.13 10.94 40.83
C THR J 90 -53.48 10.08 41.92
N GLU J 91 -54.08 9.93 43.10
CA GLU J 91 -53.47 9.24 44.26
C GLU J 91 -53.74 7.74 44.37
N LYS J 92 -54.82 7.16 43.86
CA LYS J 92 -55.16 5.73 43.81
C LYS J 92 -55.09 5.29 42.35
N ASP J 93 -54.46 4.15 42.07
CA ASP J 93 -53.95 3.84 40.72
C ASP J 93 -54.61 2.65 40.04
N LYS J 94 -54.57 2.70 38.69
CA LYS J 94 -54.97 1.62 37.79
C LYS J 94 -54.19 1.72 36.48
N ASN J 95 -53.31 0.76 36.24
CA ASN J 95 -52.35 0.66 35.13
C ASN J 95 -51.98 -0.80 34.92
N SER J 96 -51.37 -1.14 33.79
CA SER J 96 -50.72 -2.46 33.65
C SER J 96 -49.43 -2.52 34.48
N VAL J 97 -48.60 -1.48 34.37
CA VAL J 97 -47.25 -1.39 34.94
C VAL J 97 -46.78 0.07 34.87
N ASN J 98 -45.71 0.45 35.57
CA ASN J 98 -45.28 1.86 35.73
C ASN J 98 -46.41 2.64 36.43
N PHE J 99 -46.80 2.14 37.61
CA PHE J 99 -48.09 2.42 38.21
C PHE J 99 -48.24 3.80 38.83
N LYS J 100 -47.15 4.43 39.28
CA LYS J 100 -47.27 5.43 40.34
C LYS J 100 -48.11 6.63 39.90
N ASN J 101 -49.20 6.84 40.62
CA ASN J 101 -50.02 8.02 40.57
C ASN J 101 -50.68 8.25 39.20
N ILE J 102 -51.27 7.21 38.59
CA ILE J 102 -52.00 7.25 37.30
C ILE J 102 -53.18 6.27 37.36
N TYR J 103 -54.29 6.64 36.76
CA TYR J 103 -55.51 5.88 36.72
C TYR J 103 -56.10 5.94 35.32
N VAL J 104 -55.99 4.85 34.58
CA VAL J 104 -56.70 4.66 33.33
C VAL J 104 -58.19 4.51 33.65
N LEU J 105 -58.98 5.60 33.52
CA LEU J 105 -60.43 5.50 33.70
C LEU J 105 -61.02 4.54 32.67
N GLN J 106 -60.56 4.60 31.42
CA GLN J 106 -61.03 3.77 30.32
C GLN J 106 -59.90 3.37 29.36
N GLU J 107 -59.72 2.07 29.18
CA GLU J 107 -58.81 1.51 28.16
C GLU J 107 -59.34 1.77 26.74
N LEU J 108 -58.65 1.40 25.67
CA LEU J 108 -59.12 1.67 24.29
C LEU J 108 -60.31 0.81 23.91
N ASP J 109 -61.36 1.42 23.38
CA ASP J 109 -62.55 0.71 22.99
C ASP J 109 -63.33 1.48 21.93
N ASN J 110 -64.18 0.78 21.19
CA ASN J 110 -65.19 1.41 20.37
C ASN J 110 -66.15 2.17 21.28
N PRO J 111 -66.58 3.37 20.89
CA PRO J 111 -67.32 4.26 21.75
C PRO J 111 -68.79 3.99 21.85
N GLY J 112 -69.38 4.19 23.01
CA GLY J 112 -70.82 4.05 23.22
C GLY J 112 -71.32 4.74 24.48
N ALA J 113 -72.55 4.46 24.84
CA ALA J 113 -73.26 5.19 25.89
C ALA J 113 -72.63 5.00 27.27
N LYS J 114 -72.41 3.77 27.74
CA LYS J 114 -71.94 3.54 29.11
C LYS J 114 -70.62 4.24 29.43
N ARG J 115 -69.76 4.43 28.44
CA ARG J 115 -68.54 5.24 28.56
C ARG J 115 -68.83 6.72 28.75
N ILE J 116 -69.73 7.29 27.96
CA ILE J 116 -70.19 8.66 28.20
C ILE J 116 -70.83 8.79 29.57
N LEU J 117 -71.56 7.78 30.07
CA LEU J 117 -72.10 7.80 31.44
C LEU J 117 -71.00 7.76 32.52
N GLU J 118 -69.87 7.07 32.31
CA GLU J 118 -68.74 7.11 33.24
C GLU J 118 -68.10 8.50 33.35
N LEU J 119 -67.91 9.23 32.24
CA LEU J 119 -67.39 10.60 32.31
C LEU J 119 -68.40 11.55 32.96
N ASP J 120 -69.70 11.36 32.74
CA ASP J 120 -70.72 12.28 33.23
C ASP J 120 -70.72 12.41 34.76
N GLN J 121 -70.40 11.32 35.45
CA GLN J 121 -70.35 11.24 36.90
C GLN J 121 -69.38 12.27 37.53
N PHE J 122 -68.33 12.67 36.83
CA PHE J 122 -67.27 13.55 37.39
C PHE J 122 -67.47 15.03 37.10
N LYS J 123 -68.45 15.39 36.28
CA LYS J 123 -68.72 16.76 35.85
C LYS J 123 -69.36 17.60 36.97
N GLY J 124 -68.94 18.86 37.08
CA GLY J 124 -69.62 19.94 37.82
C GLY J 124 -69.11 20.18 39.25
N GLN J 125 -69.74 21.12 39.98
CA GLN J 125 -69.31 21.50 41.34
C GLN J 125 -69.39 20.34 42.33
N GLN J 126 -70.47 19.57 42.31
CA GLN J 126 -70.53 18.30 43.05
C GLN J 126 -69.59 17.26 42.42
N GLY J 127 -69.41 17.24 41.10
CA GLY J 127 -68.50 16.34 40.39
C GLY J 127 -67.05 16.44 40.89
N GLN J 128 -66.53 17.65 41.08
CA GLN J 128 -65.19 17.84 41.64
C GLN J 128 -65.06 17.42 43.11
N LYS J 129 -66.14 17.02 43.79
CA LYS J 129 -66.08 16.23 45.04
C LYS J 129 -66.27 14.73 44.78
N ARG J 130 -67.13 14.32 43.84
CA ARG J 130 -67.32 12.90 43.46
C ARG J 130 -66.02 12.22 43.06
N PHE J 131 -65.16 12.93 42.32
CA PHE J 131 -63.85 12.42 41.92
C PHE J 131 -62.89 12.24 43.11
N GLN J 132 -63.04 13.06 44.14
CA GLN J 132 -62.16 13.09 45.32
C GLN J 132 -62.39 11.94 46.27
N ASP J 133 -63.64 11.50 46.39
CA ASP J 133 -63.99 10.31 47.15
C ASP J 133 -63.36 9.05 46.55
N MET J 134 -62.83 9.11 45.31
CA MET J 134 -62.31 7.95 44.59
C MET J 134 -60.80 7.97 44.28
N MET J 135 -60.28 8.89 43.48
CA MET J 135 -58.91 8.72 42.99
C MET J 135 -57.89 9.66 43.63
N GLY J 136 -58.33 10.80 44.20
CA GLY J 136 -57.51 11.63 45.10
C GLY J 136 -56.49 12.59 44.42
N HIS J 137 -56.33 13.78 44.98
CA HIS J 137 -55.88 14.98 44.26
C HIS J 137 -54.71 15.84 44.70
N GLY J 138 -53.84 16.12 43.73
CA GLY J 138 -52.69 17.02 43.81
C GLY J 138 -51.33 16.31 43.90
N SER J 139 -51.27 14.98 44.03
CA SER J 139 -50.01 14.26 44.25
C SER J 139 -48.97 14.42 43.13
N ASP J 140 -47.72 14.07 43.40
CA ASP J 140 -46.64 14.18 42.42
C ASP J 140 -46.79 13.15 41.28
N TYR J 141 -46.30 13.54 40.10
CA TYR J 141 -46.52 12.82 38.85
C TYR J 141 -45.27 12.87 37.96
N SER J 142 -45.22 12.06 36.91
CA SER J 142 -44.06 12.09 36.01
C SER J 142 -44.34 11.78 34.55
N LEU J 143 -44.28 12.80 33.65
CA LEU J 143 -44.64 12.62 32.24
C LEU J 143 -43.92 11.46 31.57
N SER J 144 -42.65 11.21 31.86
CA SER J 144 -41.99 10.05 31.24
C SER J 144 -42.64 8.71 31.61
N GLU J 145 -43.25 8.58 32.79
CA GLU J 145 -44.11 7.44 33.13
C GLU J 145 -45.48 7.56 32.48
N VAL J 146 -46.07 8.75 32.41
CA VAL J 146 -47.39 8.92 31.79
C VAL J 146 -47.36 8.54 30.30
N LEU J 147 -46.38 9.04 29.55
CA LEU J 147 -46.16 8.64 28.17
C LEU J 147 -45.85 7.14 28.02
N TRP J 148 -45.19 6.51 29.00
CA TRP J 148 -45.01 5.07 29.01
C TRP J 148 -46.35 4.37 29.08
N VAL J 149 -47.21 4.86 29.95
CA VAL J 149 -48.47 4.18 30.16
C VAL J 149 -49.27 4.19 28.87
N CYS J 150 -49.36 5.36 28.26
CA CYS J 150 -50.21 5.45 27.08
C CYS J 150 -49.64 4.59 25.97
N ALA J 151 -48.32 4.50 25.92
CA ALA J 151 -47.72 3.67 24.91
C ALA J 151 -48.17 2.23 25.09
N ASN J 152 -48.08 1.74 26.31
CA ASN J 152 -48.50 0.37 26.52
C ASN J 152 -49.95 0.20 26.12
N LEU J 153 -50.76 1.20 26.40
CA LEU J 153 -52.14 1.08 25.98
C LEU J 153 -52.24 0.84 24.49
N PHE J 154 -51.75 1.76 23.67
CA PHE J 154 -51.90 1.50 22.23
C PHE J 154 -51.32 0.16 21.85
N SER J 155 -50.25 -0.26 22.49
CA SER J 155 -49.71 -1.55 22.11
C SER J 155 -50.74 -2.64 22.33
N ASP J 156 -51.44 -2.60 23.45
CA ASP J 156 -52.20 -3.75 23.91
C ASP J 156 -53.31 -4.12 22.92
N VAL J 157 -53.78 -3.18 22.06
CA VAL J 157 -54.87 -3.42 21.07
C VAL J 157 -54.45 -4.02 19.73
N GLN J 158 -55.33 -4.87 19.22
CA GLN J 158 -55.10 -5.75 18.08
C GLN J 158 -55.36 -5.11 16.71
N PHE J 159 -56.26 -4.14 16.64
CA PHE J 159 -56.70 -3.53 15.39
C PHE J 159 -55.61 -2.77 14.64
N LYS J 160 -55.76 -2.63 13.33
CA LYS J 160 -54.92 -1.74 12.52
C LYS J 160 -55.36 -0.30 12.74
N MET J 161 -54.42 0.58 13.10
CA MET J 161 -54.65 2.00 13.42
C MET J 161 -54.02 2.89 12.36
N SER J 162 -54.76 3.85 11.79
CA SER J 162 -54.26 4.75 10.75
C SER J 162 -53.63 6.01 11.31
N HIS J 163 -54.25 6.57 12.34
CA HIS J 163 -53.74 7.71 13.10
C HIS J 163 -53.73 7.35 14.57
N LYS J 164 -52.59 7.55 15.22
CA LYS J 164 -52.39 7.27 16.63
C LYS J 164 -52.11 8.60 17.29
N ARG J 165 -53.01 9.12 18.13
CA ARG J 165 -52.91 10.48 18.67
C ARG J 165 -53.23 10.52 20.15
N ILE J 166 -52.40 11.21 20.90
CA ILE J 166 -52.63 11.56 22.32
C ILE J 166 -53.02 13.04 22.45
N MET J 167 -53.98 13.39 23.32
CA MET J 167 -54.35 14.77 23.65
C MET J 167 -54.02 15.16 25.09
N LEU J 168 -53.15 16.15 25.27
CA LEU J 168 -52.75 16.69 26.58
C LEU J 168 -53.74 17.74 27.10
N PHE J 169 -54.43 17.41 28.18
CA PHE J 169 -55.20 18.37 28.96
C PHE J 169 -54.49 18.65 30.28
N THR J 170 -53.41 19.40 30.21
CA THR J 170 -52.74 19.98 31.37
C THR J 170 -52.49 21.44 31.10
N ASN J 171 -52.54 22.24 32.15
CA ASN J 171 -52.04 23.59 32.08
C ASN J 171 -50.60 23.76 32.56
N GLU J 172 -49.94 22.71 33.03
CA GLU J 172 -48.76 22.90 33.85
C GLU J 172 -47.53 23.14 32.97
N ASP J 173 -47.36 24.38 32.53
CA ASP J 173 -46.52 24.74 31.40
C ASP J 173 -45.05 24.35 31.57
N ASN J 174 -44.45 24.57 32.75
CA ASN J 174 -43.32 23.74 33.16
C ASN J 174 -43.93 22.51 33.87
N PRO J 175 -43.85 21.30 33.31
CA PRO J 175 -44.48 20.10 33.86
C PRO J 175 -43.67 19.52 35.03
N HIS J 176 -43.26 20.40 35.94
CA HIS J 176 -42.41 20.15 37.10
C HIS J 176 -41.11 19.43 36.70
N GLY J 177 -40.44 19.99 35.70
CA GLY J 177 -39.07 19.67 35.27
C GLY J 177 -38.00 20.35 36.14
N ASN J 178 -38.33 20.68 37.38
CA ASN J 178 -37.42 21.28 38.37
C ASN J 178 -36.12 20.47 38.43
N ASP J 179 -36.25 19.15 38.53
CA ASP J 179 -35.18 18.21 38.20
C ASP J 179 -35.06 18.09 36.67
N SER J 180 -34.05 18.73 36.05
CA SER J 180 -33.83 18.58 34.62
C SER J 180 -33.55 17.13 34.21
N ALA J 181 -32.99 16.31 35.10
CA ALA J 181 -32.75 14.89 34.87
C ALA J 181 -34.01 14.00 35.10
N LYS J 182 -35.09 14.55 35.67
CA LYS J 182 -36.45 14.01 35.47
C LYS J 182 -36.92 14.32 34.05
N ALA J 183 -36.90 15.61 33.69
CA ALA J 183 -37.45 16.13 32.45
C ALA J 183 -36.80 15.55 31.18
N SER J 184 -35.50 15.32 31.16
CA SER J 184 -34.83 14.70 30.01
C SER J 184 -35.34 13.28 29.73
N ARG J 185 -35.82 12.48 30.66
CA ARG J 185 -36.52 11.27 30.51
C ARG J 185 -37.79 11.46 29.69
N ALA J 186 -38.59 12.47 30.05
CA ALA J 186 -39.82 12.73 29.32
C ALA J 186 -39.52 13.06 27.86
N ARG J 187 -38.60 14.01 27.65
CA ARG J 187 -38.26 14.52 26.33
C ARG J 187 -37.68 13.42 25.45
N THR J 188 -36.83 12.58 26.01
CA THR J 188 -36.37 11.38 25.29
C THR J 188 -37.52 10.41 25.04
N LYS J 189 -38.36 10.11 26.05
CA LYS J 189 -39.50 9.20 25.89
C LYS J 189 -40.48 9.68 24.84
N ALA J 190 -40.70 10.98 24.74
CA ALA J 190 -41.54 11.56 23.73
C ALA J 190 -40.86 11.68 22.37
N GLY J 191 -39.54 11.77 22.32
CA GLY J 191 -38.78 11.39 21.14
C GLY J 191 -39.16 9.96 20.74
N ASP J 192 -39.16 9.01 21.67
CA ASP J 192 -39.53 7.62 21.38
C ASP J 192 -40.99 7.45 20.94
N LEU J 193 -41.94 8.22 21.49
CA LEU J 193 -43.31 8.26 20.99
C LEU J 193 -43.30 8.67 19.51
N ARG J 194 -42.69 9.82 19.19
CA ARG J 194 -42.67 10.31 17.81
C ARG J 194 -41.92 9.38 16.89
N ASP J 195 -40.84 8.77 17.35
CA ASP J 195 -40.06 7.78 16.61
C ASP J 195 -40.88 6.53 16.29
N THR J 196 -41.75 6.07 17.18
CA THR J 196 -42.63 4.92 16.92
C THR J 196 -43.88 5.29 16.12
N GLY J 197 -44.01 6.53 15.65
CA GLY J 197 -45.13 6.95 14.79
C GLY J 197 -46.49 7.05 15.49
N ILE J 198 -46.51 6.94 16.82
CA ILE J 198 -47.55 7.62 17.56
C ILE J 198 -47.30 9.10 17.55
N PHE J 199 -48.33 9.87 17.26
CA PHE J 199 -48.31 11.32 17.38
C PHE J 199 -48.78 11.71 18.77
N LEU J 200 -48.54 12.97 19.14
CA LEU J 200 -49.04 13.64 20.35
C LEU J 200 -49.39 15.10 20.06
N ASP J 201 -50.44 15.58 20.69
CA ASP J 201 -51.09 16.86 20.47
C ASP J 201 -51.50 17.51 21.79
N LEU J 202 -51.73 18.82 21.81
CA LEU J 202 -51.78 19.61 23.04
C LEU J 202 -52.91 20.63 23.07
N MET J 203 -53.44 20.86 24.27
CA MET J 203 -54.18 22.07 24.53
C MET J 203 -53.89 22.65 25.91
N HIS J 204 -53.60 23.96 25.88
CA HIS J 204 -53.41 24.87 26.99
C HIS J 204 -54.74 25.49 27.39
N LEU J 205 -54.88 25.73 28.69
CA LEU J 205 -56.19 25.74 29.35
C LEU J 205 -56.42 26.96 30.25
N LYS J 206 -55.88 28.13 29.85
CA LYS J 206 -55.99 29.42 30.57
C LYS J 206 -55.42 29.35 32.00
N LYS J 207 -54.12 29.05 32.11
CA LYS J 207 -53.39 29.14 33.39
C LYS J 207 -53.36 30.61 33.87
N PRO J 208 -53.65 30.90 35.15
CA PRO J 208 -53.69 32.28 35.64
C PRO J 208 -52.40 33.04 35.34
N GLY J 209 -52.51 34.23 34.75
CA GLY J 209 -51.37 35.12 34.48
C GLY J 209 -50.53 34.80 33.23
N GLY J 210 -50.28 33.53 32.90
CA GLY J 210 -49.62 33.16 31.66
C GLY J 210 -49.52 31.67 31.36
N PHE J 211 -49.34 31.37 30.07
CA PHE J 211 -48.83 30.09 29.58
C PHE J 211 -47.91 30.37 28.38
N ASP J 212 -46.74 29.73 28.31
CA ASP J 212 -45.85 29.84 27.15
C ASP J 212 -45.15 28.52 26.81
N ILE J 213 -45.55 27.98 25.67
CA ILE J 213 -45.03 26.78 25.03
C ILE J 213 -43.50 26.85 24.87
N SER J 214 -42.92 28.03 24.66
CA SER J 214 -41.47 28.17 24.43
C SER J 214 -40.64 27.88 25.69
N LEU J 215 -41.22 27.93 26.88
CA LEU J 215 -40.54 27.47 28.10
C LEU J 215 -40.33 25.96 28.03
N PHE J 216 -41.42 25.22 27.89
CA PHE J 216 -41.45 23.77 27.78
C PHE J 216 -42.74 23.34 27.06
N TYR J 217 -42.75 22.13 26.50
CA TYR J 217 -43.61 21.66 25.40
C TYR J 217 -43.19 22.10 24.00
N ARG J 218 -42.27 23.05 23.86
CA ARG J 218 -41.69 23.46 22.57
C ARG J 218 -41.21 22.28 21.71
N ASP J 219 -40.59 21.29 22.33
CA ASP J 219 -40.07 20.08 21.66
C ASP J 219 -40.97 18.83 21.77
N ILE J 220 -42.00 18.87 22.62
CA ILE J 220 -42.94 17.75 22.74
C ILE J 220 -43.97 17.77 21.61
N ILE J 221 -44.57 18.93 21.31
CA ILE J 221 -45.44 19.08 20.13
C ILE J 221 -44.62 19.04 18.83
N SER J 222 -45.29 18.82 17.70
CA SER J 222 -44.68 19.03 16.37
C SER J 222 -44.53 20.51 16.03
N VAL J 231 -46.75 33.56 20.01
CA VAL J 231 -45.64 33.78 20.92
C VAL J 231 -46.05 33.53 22.38
N HIS J 232 -47.25 33.96 22.76
CA HIS J 232 -47.87 33.71 24.07
C HIS J 232 -49.39 33.61 23.89
N PHE J 233 -50.06 32.83 24.74
CA PHE J 233 -51.47 32.50 24.55
C PHE J 233 -52.36 32.80 25.76
N GLU J 234 -53.58 33.22 25.45
CA GLU J 234 -54.71 33.31 26.38
C GLU J 234 -55.31 31.92 26.70
N GLU J 235 -55.77 31.21 25.67
CA GLU J 235 -56.40 29.88 25.70
C GLU J 235 -56.57 29.43 24.23
N SER J 236 -56.47 28.16 23.92
CA SER J 236 -56.29 27.75 22.52
C SER J 236 -57.47 28.03 21.61
N SER J 237 -57.22 28.67 20.47
CA SER J 237 -58.18 28.85 19.37
C SER J 237 -58.59 27.53 18.70
N LYS J 238 -57.83 26.46 18.92
CA LYS J 238 -58.13 25.09 18.51
C LYS J 238 -59.23 24.47 19.35
N LEU J 239 -59.34 24.80 20.63
CA LEU J 239 -60.19 24.07 21.56
C LEU J 239 -61.69 24.20 21.25
N GLU J 240 -62.12 25.35 20.75
CA GLU J 240 -63.51 25.56 20.33
C GLU J 240 -63.95 24.58 19.21
N ASP J 241 -63.02 24.10 18.39
CA ASP J 241 -63.34 23.12 17.35
C ASP J 241 -63.77 21.77 17.92
N LEU J 242 -63.34 21.43 19.15
CA LEU J 242 -63.79 20.22 19.85
C LEU J 242 -65.20 20.38 20.45
N LEU J 243 -65.79 21.57 20.39
CA LEU J 243 -67.15 21.87 20.84
C LEU J 243 -68.11 22.14 19.66
N ARG J 244 -67.71 21.85 18.42
CA ARG J 244 -68.57 21.95 17.22
C ARG J 244 -69.74 20.96 17.22
N LYS J 245 -69.65 19.87 18.00
CA LYS J 245 -70.69 18.84 18.17
C LYS J 245 -71.22 18.33 16.82
N VAL J 246 -70.37 18.32 15.79
CA VAL J 246 -70.80 18.19 14.39
C VAL J 246 -71.17 16.76 14.05
N ARG J 247 -72.26 16.57 13.31
CA ARG J 247 -72.84 15.24 13.06
C ARG J 247 -73.14 14.99 11.59
N ALA J 248 -72.66 13.84 11.15
CA ALA J 248 -72.82 13.19 9.87
C ALA J 248 -72.21 11.80 10.04
N LYS J 249 -72.46 10.86 9.14
CA LYS J 249 -71.46 9.80 8.93
C LYS J 249 -70.27 10.41 8.20
N GLU J 250 -69.07 10.02 8.55
CA GLU J 250 -67.95 10.32 7.69
C GLU J 250 -67.42 9.00 7.18
N THR J 251 -67.52 8.77 5.87
CA THR J 251 -67.16 7.51 5.22
C THR J 251 -66.03 7.75 4.24
N ARG J 252 -64.88 7.13 4.47
CA ARG J 252 -63.63 7.41 3.74
C ARG J 252 -63.68 7.02 2.27
N LYS J 253 -62.79 7.61 1.47
CA LYS J 253 -62.64 7.37 0.03
C LYS J 253 -62.57 5.87 -0.25
N ARG J 254 -63.55 5.37 -1.00
CA ARG J 254 -63.65 3.98 -1.44
C ARG J 254 -64.31 3.97 -2.81
N ALA J 255 -63.93 3.02 -3.65
CA ALA J 255 -64.54 2.86 -4.95
C ALA J 255 -66.00 2.45 -4.84
N LEU J 256 -66.82 2.75 -5.85
CA LEU J 256 -68.11 2.08 -5.98
C LEU J 256 -67.94 0.74 -6.69
N SER J 257 -67.12 0.72 -7.74
CA SER J 257 -66.77 -0.45 -8.56
C SER J 257 -65.58 -0.12 -9.46
N ARG J 258 -64.97 -1.07 -10.18
CA ARG J 258 -63.98 -0.77 -11.25
C ARG J 258 -64.43 -1.33 -12.58
N LEU J 259 -64.19 -0.62 -13.67
CA LEU J 259 -64.70 -1.00 -15.00
C LEU J 259 -63.65 -0.78 -16.08
N LYS J 260 -63.83 -1.42 -17.25
CA LYS J 260 -62.97 -1.27 -18.42
C LYS J 260 -63.67 -0.43 -19.48
N LEU J 261 -63.14 0.73 -19.82
CA LEU J 261 -63.63 1.63 -20.86
C LEU J 261 -63.19 1.12 -22.24
N LYS J 262 -63.96 0.17 -22.79
CA LYS J 262 -63.72 -0.42 -24.11
C LYS J 262 -63.92 0.66 -25.16
N LEU J 263 -62.82 1.16 -25.72
CA LEU J 263 -62.88 2.16 -26.79
C LEU J 263 -63.44 1.55 -28.10
N ASN J 264 -63.18 0.25 -28.30
CA ASN J 264 -63.69 -0.62 -29.36
C ASN J 264 -63.68 -2.08 -28.87
N LYS J 265 -63.57 -3.05 -29.80
CA LYS J 265 -63.44 -4.49 -29.53
C LYS J 265 -62.19 -4.89 -28.73
N ASP J 266 -61.22 -3.98 -28.49
CA ASP J 266 -59.85 -4.35 -28.09
C ASP J 266 -59.22 -3.39 -27.07
N ILE J 267 -59.09 -2.09 -27.34
CA ILE J 267 -58.41 -1.17 -26.41
C ILE J 267 -59.27 -0.92 -25.17
N VAL J 268 -58.67 -1.08 -24.00
CA VAL J 268 -59.34 -0.91 -22.71
C VAL J 268 -58.46 -0.12 -21.73
N ILE J 269 -59.09 0.72 -20.92
CA ILE J 269 -58.47 1.23 -19.70
C ILE J 269 -59.34 0.98 -18.49
N SER J 270 -58.71 0.66 -17.37
CA SER J 270 -59.38 0.58 -16.09
C SER J 270 -59.65 1.99 -15.56
N VAL J 271 -60.89 2.21 -15.15
CA VAL J 271 -61.28 3.42 -14.42
C VAL J 271 -62.08 3.05 -13.19
N GLY J 272 -61.93 3.87 -12.17
CA GLY J 272 -62.79 3.84 -11.02
C GLY J 272 -64.06 4.61 -11.25
N ILE J 273 -64.96 4.47 -10.29
CA ILE J 273 -66.33 4.97 -10.34
C ILE J 273 -66.61 5.39 -8.91
N TYR J 274 -66.66 6.67 -8.58
CA TYR J 274 -66.67 7.10 -7.18
C TYR J 274 -67.83 8.01 -6.84
N ASN J 275 -68.32 7.94 -5.61
CA ASN J 275 -69.60 8.50 -5.24
C ASN J 275 -69.49 9.86 -4.54
N LEU J 276 -69.33 10.93 -5.31
CA LEU J 276 -69.11 12.26 -4.74
C LEU J 276 -70.33 12.85 -4.04
N VAL J 277 -71.54 12.39 -4.36
CA VAL J 277 -72.80 12.92 -3.83
C VAL J 277 -73.80 11.79 -3.69
N GLN J 278 -74.22 11.45 -2.47
CA GLN J 278 -75.05 10.27 -2.24
C GLN J 278 -75.93 10.49 -1.01
N LYS J 279 -77.26 10.48 -1.18
CA LYS J 279 -78.15 10.87 -0.09
C LYS J 279 -78.06 9.94 1.10
N ALA J 280 -77.83 10.48 2.28
CA ALA J 280 -77.81 9.76 3.53
C ALA J 280 -79.22 9.48 4.03
N LEU J 281 -79.33 8.45 4.86
CA LEU J 281 -80.57 7.91 5.39
C LEU J 281 -80.40 7.71 6.89
N LYS J 282 -81.49 7.81 7.66
CA LYS J 282 -81.45 7.35 9.06
C LYS J 282 -81.06 5.86 9.07
N PRO J 283 -80.14 5.42 9.95
CA PRO J 283 -79.59 4.08 9.89
C PRO J 283 -80.67 3.01 10.06
N PRO J 284 -80.49 1.83 9.46
CA PRO J 284 -81.50 0.80 9.48
C PRO J 284 -81.79 0.36 10.92
N PRO J 285 -83.06 0.34 11.34
CA PRO J 285 -83.47 -0.02 12.68
C PRO J 285 -83.38 -1.52 12.95
N ILE J 286 -82.86 -1.92 14.11
CA ILE J 286 -82.70 -3.33 14.48
C ILE J 286 -83.82 -3.78 15.40
N LYS J 287 -84.76 -4.55 14.89
CA LYS J 287 -85.89 -5.15 15.63
C LYS J 287 -85.45 -5.85 16.91
N LEU J 288 -86.11 -5.63 18.08
CA LEU J 288 -85.74 -6.18 19.41
C LEU J 288 -86.87 -6.90 20.14
N TYR J 289 -86.53 -7.89 20.96
CA TYR J 289 -87.43 -8.50 21.94
C TYR J 289 -87.72 -7.54 23.09
N ARG J 290 -88.98 -7.26 23.28
CA ARG J 290 -89.50 -6.39 24.35
C ARG J 290 -88.96 -6.72 25.74
N GLU J 291 -89.02 -7.98 26.15
CA GLU J 291 -88.93 -8.25 27.58
C GLU J 291 -87.50 -8.21 28.12
N THR J 292 -86.48 -8.25 27.25
CA THR J 292 -85.05 -8.29 27.60
C THR J 292 -84.20 -7.30 26.81
N ASN J 293 -84.80 -6.55 25.89
CA ASN J 293 -84.15 -5.75 24.84
C ASN J 293 -83.21 -6.53 23.88
N GLU J 294 -83.15 -7.86 23.94
CA GLU J 294 -82.25 -8.61 23.05
C GLU J 294 -82.62 -8.46 21.58
N PRO J 295 -81.65 -8.43 20.65
CA PRO J 295 -81.95 -8.57 19.23
C PRO J 295 -82.55 -9.94 18.93
N VAL J 296 -83.43 -9.95 17.93
CA VAL J 296 -84.20 -11.12 17.46
C VAL J 296 -84.07 -11.27 15.96
N LYS J 297 -84.06 -12.51 15.50
CA LYS J 297 -83.97 -12.84 14.08
C LYS J 297 -85.36 -12.79 13.44
N THR J 298 -85.57 -11.92 12.46
CA THR J 298 -86.58 -12.21 11.42
C THR J 298 -86.07 -13.42 10.63
N LYS J 299 -86.91 -14.45 10.52
CA LYS J 299 -86.53 -15.82 10.17
C LYS J 299 -87.46 -16.38 9.10
N THR J 300 -87.82 -15.61 8.08
CA THR J 300 -88.90 -15.96 7.11
C THR J 300 -88.70 -17.25 6.31
N ARG J 301 -89.81 -17.92 5.97
CA ARG J 301 -89.93 -19.11 5.10
C ARG J 301 -91.12 -18.94 4.14
N THR J 302 -91.19 -19.75 3.09
CA THR J 302 -92.43 -19.92 2.30
C THR J 302 -93.09 -21.26 2.62
N PHE J 303 -94.41 -21.25 2.75
CA PHE J 303 -95.18 -22.42 3.19
C PHE J 303 -96.35 -22.65 2.25
N ASN J 304 -96.61 -23.88 1.80
CA ASN J 304 -97.71 -24.14 0.87
C ASN J 304 -99.08 -23.88 1.52
N THR J 305 -99.97 -23.10 0.89
CA THR J 305 -101.27 -22.74 1.50
C THR J 305 -102.12 -23.96 1.89
N SER J 306 -101.96 -25.10 1.21
CA SER J 306 -102.69 -26.35 1.47
C SER J 306 -102.05 -27.29 2.50
N THR J 307 -100.72 -27.28 2.67
CA THR J 307 -99.93 -28.44 3.15
C THR J 307 -98.60 -28.03 3.77
N GLY J 308 -97.96 -28.92 4.54
CA GLY J 308 -96.74 -28.63 5.31
C GLY J 308 -95.46 -28.32 4.52
N GLY J 309 -95.49 -28.33 3.19
CA GLY J 309 -94.32 -28.11 2.37
C GLY J 309 -93.64 -26.78 2.70
N LEU J 310 -92.48 -26.85 3.34
CA LEU J 310 -91.54 -25.74 3.39
C LEU J 310 -90.89 -25.67 2.01
N LEU J 311 -91.50 -24.91 1.11
CA LEU J 311 -91.14 -24.91 -0.28
C LEU J 311 -89.74 -24.34 -0.49
N LEU J 312 -88.88 -25.09 -1.14
CA LEU J 312 -87.53 -24.65 -1.46
C LEU J 312 -87.54 -23.68 -2.65
N PRO J 313 -86.47 -22.89 -2.89
CA PRO J 313 -86.45 -21.96 -4.01
C PRO J 313 -86.66 -22.61 -5.38
N SER J 314 -86.25 -23.87 -5.55
CA SER J 314 -86.51 -24.65 -6.75
C SER J 314 -87.98 -25.07 -6.95
N ASP J 315 -88.81 -25.08 -5.90
CA ASP J 315 -90.21 -25.51 -5.96
C ASP J 315 -91.14 -24.53 -6.69
N THR J 316 -90.70 -23.33 -7.00
CA THR J 316 -91.63 -22.25 -7.35
C THR J 316 -90.98 -21.43 -8.42
N LYS J 317 -91.81 -20.91 -9.32
CA LYS J 317 -91.28 -20.20 -10.48
C LYS J 317 -91.55 -18.72 -10.30
N ARG J 318 -91.72 -17.99 -11.39
CA ARG J 318 -92.18 -16.63 -11.40
C ARG J 318 -93.14 -16.49 -12.57
N SER J 319 -94.02 -15.51 -12.53
CA SER J 319 -95.08 -15.38 -13.50
C SER J 319 -95.68 -14.00 -13.70
N GLN J 320 -96.48 -13.86 -14.77
CA GLN J 320 -97.22 -12.67 -15.15
C GLN J 320 -98.65 -13.04 -15.58
N ILE J 321 -99.57 -12.08 -15.65
CA ILE J 321 -100.85 -12.21 -16.37
C ILE J 321 -100.97 -11.14 -17.46
N TYR J 322 -101.28 -11.56 -18.68
CA TYR J 322 -101.58 -10.71 -19.83
C TYR J 322 -102.67 -11.40 -20.67
N GLY J 323 -103.53 -10.67 -21.40
CA GLY J 323 -104.46 -11.27 -22.38
C GLY J 323 -105.24 -12.49 -21.86
N SER J 324 -105.64 -12.50 -20.58
CA SER J 324 -106.26 -13.63 -19.87
C SER J 324 -105.50 -14.98 -19.96
N ARG J 325 -104.17 -14.96 -20.11
CA ARG J 325 -103.29 -16.13 -20.04
C ARG J 325 -102.06 -15.85 -19.16
N GLN J 326 -101.50 -16.93 -18.62
CA GLN J 326 -100.48 -16.87 -17.59
C GLN J 326 -99.13 -17.29 -18.17
N ILE J 327 -98.13 -16.45 -18.03
CA ILE J 327 -96.79 -16.68 -18.59
C ILE J 327 -95.88 -17.17 -17.46
N ILE J 328 -95.13 -18.25 -17.68
CA ILE J 328 -94.34 -18.92 -16.63
C ILE J 328 -92.85 -18.90 -16.97
N LEU J 329 -92.02 -18.41 -16.05
CA LEU J 329 -90.55 -18.39 -16.16
C LEU J 329 -89.90 -18.83 -14.85
N GLU J 330 -88.70 -19.41 -14.91
CA GLU J 330 -87.95 -19.89 -13.76
C GLU J 330 -87.28 -18.76 -12.94
N LYS J 331 -86.83 -19.06 -11.71
CA LYS J 331 -86.04 -18.12 -10.91
C LYS J 331 -84.63 -17.90 -11.48
N GLU J 332 -84.10 -18.78 -12.33
CA GLU J 332 -82.98 -18.37 -13.18
C GLU J 332 -83.45 -17.29 -14.15
N GLU J 333 -84.47 -17.65 -14.93
CA GLU J 333 -84.46 -16.71 -16.31
C GLU J 333 -85.29 -15.17 -15.98
N THR J 334 -85.75 -15.39 -14.49
CA THR J 334 -86.53 -13.48 -14.41
C THR J 334 -85.37 -12.65 -14.36
N GLU J 335 -84.14 -13.18 -14.26
CA GLU J 335 -82.88 -12.44 -14.28
C GLU J 335 -81.90 -12.93 -15.37
N GLU J 336 -82.34 -13.75 -16.32
CA GLU J 336 -81.66 -13.93 -17.61
C GLU J 336 -82.20 -12.90 -18.60
N LEU J 337 -83.52 -12.71 -18.63
CA LEU J 337 -84.05 -11.43 -19.09
C LEU J 337 -83.47 -10.32 -18.19
N LYS J 338 -83.33 -9.11 -18.73
CA LYS J 338 -82.54 -7.99 -18.19
C LYS J 338 -81.00 -8.08 -18.28
N ARG J 339 -80.44 -9.14 -18.87
CA ARG J 339 -79.03 -9.18 -19.30
C ARG J 339 -78.84 -8.62 -20.72
N PHE J 340 -77.71 -7.96 -20.99
CA PHE J 340 -77.30 -7.55 -22.34
C PHE J 340 -75.79 -7.67 -22.55
N ASP J 341 -75.02 -7.31 -21.52
CA ASP J 341 -73.57 -7.08 -21.51
C ASP J 341 -72.84 -7.50 -20.25
N ASP J 342 -71.51 -7.54 -20.34
CA ASP J 342 -70.58 -7.67 -19.21
C ASP J 342 -70.13 -6.29 -18.66
N PRO J 343 -69.76 -6.17 -17.36
CA PRO J 343 -69.30 -4.93 -16.71
C PRO J 343 -68.20 -4.20 -17.48
N GLY J 344 -68.49 -3.02 -18.00
CA GLY J 344 -67.56 -2.17 -18.72
C GLY J 344 -68.22 -0.86 -19.12
N LEU J 345 -67.54 -0.09 -19.95
CA LEU J 345 -68.01 1.18 -20.48
C LEU J 345 -67.64 1.25 -21.97
N MET J 346 -68.59 1.07 -22.90
CA MET J 346 -68.27 1.15 -24.33
C MET J 346 -68.38 2.59 -24.84
N LEU J 347 -67.36 3.05 -25.57
CA LEU J 347 -67.34 4.37 -26.23
C LEU J 347 -68.27 4.42 -27.45
N MET J 348 -69.03 5.51 -27.59
CA MET J 348 -70.11 5.67 -28.58
C MET J 348 -69.95 6.91 -29.48
N GLY J 349 -68.84 7.65 -29.38
CA GLY J 349 -68.57 8.89 -30.10
C GLY J 349 -68.98 10.17 -29.36
N PHE J 350 -68.73 11.30 -29.99
CA PHE J 350 -68.55 12.59 -29.34
C PHE J 350 -69.59 13.62 -29.80
N LYS J 351 -69.84 14.64 -28.97
CA LYS J 351 -70.96 15.60 -29.05
C LYS J 351 -70.51 17.04 -28.72
N PRO J 352 -71.32 18.08 -28.90
CA PRO J 352 -71.03 19.39 -28.32
C PRO J 352 -71.58 19.45 -26.89
N LEU J 353 -70.90 20.13 -25.96
CA LEU J 353 -71.42 20.21 -24.59
C LEU J 353 -72.75 20.97 -24.48
N VAL J 354 -73.08 21.85 -25.44
CA VAL J 354 -74.36 22.58 -25.44
C VAL J 354 -75.58 21.71 -25.73
N LEU J 355 -75.43 20.63 -26.52
CA LEU J 355 -76.54 19.77 -26.92
C LEU J 355 -76.98 18.80 -25.81
N LEU J 356 -76.10 18.53 -24.84
CA LEU J 356 -76.43 17.86 -23.58
C LEU J 356 -77.27 18.79 -22.69
N LYS J 357 -78.57 18.93 -23.01
CA LYS J 357 -79.49 19.88 -22.37
C LYS J 357 -79.65 19.58 -20.88
N LYS J 358 -79.36 20.58 -20.04
CA LYS J 358 -79.48 20.52 -18.57
C LYS J 358 -80.93 20.42 -18.07
N HIS J 359 -82.01 20.39 -18.85
CA HIS J 359 -83.35 20.15 -18.23
C HIS J 359 -83.66 18.68 -17.94
N HIS J 360 -83.14 17.73 -18.72
CA HIS J 360 -83.42 16.32 -18.48
C HIS J 360 -82.23 15.64 -17.80
N TYR J 361 -82.47 15.23 -16.56
CA TYR J 361 -81.51 14.72 -15.59
C TYR J 361 -82.08 13.47 -14.93
N LEU J 362 -81.27 12.42 -14.85
CA LEU J 362 -81.75 11.09 -14.54
C LEU J 362 -81.57 10.68 -13.07
N ARG J 363 -80.33 10.57 -12.61
CA ARG J 363 -79.95 10.22 -11.24
C ARG J 363 -78.60 10.86 -10.90
N PRO J 364 -78.21 10.99 -9.63
CA PRO J 364 -77.02 11.72 -9.23
C PRO J 364 -75.75 11.33 -9.99
N SER J 365 -75.00 12.34 -10.39
CA SER J 365 -73.75 12.18 -11.13
C SER J 365 -72.66 11.53 -10.28
N LEU J 366 -71.88 10.63 -10.87
CA LEU J 366 -70.80 9.90 -10.23
C LEU J 366 -69.46 10.26 -10.86
N PHE J 367 -68.35 10.21 -10.15
CA PHE J 367 -67.05 10.57 -10.71
C PHE J 367 -66.35 9.42 -11.42
N VAL J 368 -65.54 9.70 -12.45
CA VAL J 368 -64.63 8.71 -13.05
C VAL J 368 -63.18 9.16 -12.94
N TYR J 369 -62.32 8.27 -12.44
CA TYR J 369 -60.93 8.54 -12.12
C TYR J 369 -60.05 7.31 -12.39
N PRO J 370 -58.81 7.41 -12.87
CA PRO J 370 -58.04 6.25 -13.31
C PRO J 370 -57.62 5.32 -12.18
N GLU J 371 -57.36 4.05 -12.54
CA GLU J 371 -56.90 3.06 -11.57
C GLU J 371 -55.85 2.12 -12.16
N GLU J 372 -54.57 2.38 -11.87
CA GLU J 372 -53.42 1.52 -12.25
C GLU J 372 -53.44 0.13 -11.59
N SER J 373 -54.37 -0.13 -10.67
CA SER J 373 -54.63 -1.45 -10.07
C SER J 373 -54.83 -2.55 -11.13
N LEU J 374 -55.32 -2.15 -12.30
CA LEU J 374 -55.45 -2.95 -13.52
C LEU J 374 -54.87 -2.15 -14.67
N VAL J 375 -54.67 -2.77 -15.84
CA VAL J 375 -54.30 -2.08 -17.08
C VAL J 375 -53.16 -1.04 -16.93
N ILE J 376 -52.01 -1.45 -16.42
CA ILE J 376 -50.94 -0.54 -15.99
C ILE J 376 -50.54 0.42 -17.13
N GLY J 377 -50.25 1.67 -16.78
CA GLY J 377 -49.94 2.75 -17.69
C GLY J 377 -51.13 3.32 -18.45
N SER J 378 -52.34 2.81 -18.27
CA SER J 378 -53.56 3.38 -18.88
C SER J 378 -53.87 4.80 -18.43
N SER J 379 -53.40 5.20 -17.26
CA SER J 379 -53.35 6.59 -16.81
C SER J 379 -52.75 7.56 -17.83
N THR J 380 -51.78 7.12 -18.63
CA THR J 380 -51.14 7.94 -19.68
C THR J 380 -52.14 8.30 -20.79
N LEU J 381 -53.03 7.37 -21.17
CA LEU J 381 -54.08 7.59 -22.16
C LEU J 381 -55.18 8.48 -21.58
N PHE J 382 -55.71 8.11 -20.41
CA PHE J 382 -56.78 8.85 -19.74
C PHE J 382 -56.44 10.33 -19.59
N SER J 383 -55.21 10.63 -19.15
CA SER J 383 -54.76 11.99 -18.94
C SER J 383 -54.74 12.80 -20.23
N ALA J 384 -54.25 12.26 -21.34
CA ALA J 384 -54.35 12.94 -22.63
C ALA J 384 -55.80 13.17 -23.07
N LEU J 385 -56.66 12.18 -22.88
CA LEU J 385 -58.09 12.23 -23.15
C LEU J 385 -58.80 13.36 -22.37
N LEU J 386 -58.54 13.47 -21.07
CA LEU J 386 -58.97 14.57 -20.22
C LEU J 386 -58.52 15.92 -20.79
N ILE J 387 -57.21 16.08 -21.01
CA ILE J 387 -56.61 17.35 -21.42
C ILE J 387 -57.24 17.85 -22.73
N LYS J 388 -57.32 16.98 -23.72
CA LYS J 388 -57.71 17.38 -25.07
C LYS J 388 -59.22 17.56 -25.24
N CYS J 389 -60.07 16.83 -24.52
CA CYS J 389 -61.52 17.09 -24.56
C CYS J 389 -61.86 18.52 -24.13
N LEU J 390 -61.17 19.05 -23.12
CA LEU J 390 -61.37 20.40 -22.64
C LEU J 390 -61.05 21.45 -23.71
N GLU J 391 -60.12 21.18 -24.62
CA GLU J 391 -59.82 22.06 -25.75
C GLU J 391 -60.93 22.00 -26.81
N LYS J 392 -61.43 20.79 -27.11
CA LYS J 392 -62.48 20.55 -28.11
C LYS J 392 -63.88 21.02 -27.71
N GLU J 393 -64.09 21.41 -26.45
CA GLU J 393 -65.41 21.75 -25.91
C GLU J 393 -66.42 20.60 -26.03
N VAL J 394 -65.96 19.38 -25.69
CA VAL J 394 -66.59 18.12 -26.11
C VAL J 394 -66.94 17.21 -24.93
N ALA J 395 -68.03 16.46 -25.07
CA ALA J 395 -68.18 15.20 -24.36
C ALA J 395 -68.01 13.89 -25.11
N ALA J 396 -67.51 12.87 -24.41
CA ALA J 396 -67.62 11.50 -24.87
C ALA J 396 -68.99 10.94 -24.45
N LEU J 397 -69.64 10.19 -25.34
CA LEU J 397 -70.83 9.40 -25.00
C LEU J 397 -70.40 7.95 -24.80
N CYS J 398 -70.88 7.32 -23.73
CA CYS J 398 -70.64 5.92 -23.42
C CYS J 398 -71.94 5.18 -23.11
N ARG J 399 -71.90 3.85 -23.25
CA ARG J 399 -72.90 2.95 -22.67
C ARG J 399 -72.30 2.24 -21.47
N TYR J 400 -73.07 2.16 -20.39
CA TYR J 400 -72.59 1.92 -19.04
C TYR J 400 -73.36 0.79 -18.38
N THR J 401 -72.66 -0.25 -17.95
CA THR J 401 -73.20 -1.30 -17.09
C THR J 401 -72.37 -1.41 -15.81
N PRO J 402 -72.93 -1.12 -14.63
CA PRO J 402 -72.18 -1.19 -13.38
C PRO J 402 -71.93 -2.61 -12.85
N ARG J 403 -72.63 -3.61 -13.37
CA ARG J 403 -72.62 -5.01 -12.93
C ARG J 403 -72.94 -5.93 -14.11
N ARG J 404 -72.64 -7.23 -13.97
CA ARG J 404 -73.35 -8.26 -14.75
C ARG J 404 -74.84 -8.28 -14.38
N ASN J 405 -75.72 -8.64 -15.33
CA ASN J 405 -77.18 -8.63 -15.16
C ASN J 405 -77.78 -7.28 -14.76
N ILE J 406 -77.33 -6.22 -15.42
CA ILE J 406 -77.96 -4.90 -15.44
C ILE J 406 -78.00 -4.43 -16.89
N PRO J 407 -79.11 -3.82 -17.37
CA PRO J 407 -79.14 -3.17 -18.66
C PRO J 407 -78.16 -2.00 -18.78
N PRO J 408 -77.64 -1.74 -19.98
CA PRO J 408 -76.89 -0.53 -20.23
C PRO J 408 -77.78 0.71 -20.12
N TYR J 409 -77.32 1.71 -19.37
CA TYR J 409 -77.74 3.09 -19.56
C TYR J 409 -76.76 3.82 -20.46
N PHE J 410 -77.14 5.01 -20.92
CA PHE J 410 -76.26 5.88 -21.68
C PHE J 410 -75.84 7.10 -20.88
N VAL J 411 -74.56 7.39 -20.97
CA VAL J 411 -73.92 8.34 -20.07
C VAL J 411 -72.98 9.22 -20.84
N ALA J 412 -73.04 10.52 -20.60
CA ALA J 412 -72.07 11.47 -21.14
C ALA J 412 -70.94 11.66 -20.13
N LEU J 413 -69.72 11.45 -20.58
CA LEU J 413 -68.50 11.75 -19.86
C LEU J 413 -68.09 13.20 -20.14
N VAL J 414 -68.50 14.10 -19.26
CA VAL J 414 -68.09 15.51 -19.29
C VAL J 414 -66.73 15.69 -18.60
N PRO J 415 -65.73 16.40 -19.17
CA PRO J 415 -64.39 16.43 -18.62
C PRO J 415 -64.22 17.49 -17.54
N GLN J 416 -63.37 17.28 -16.56
CA GLN J 416 -63.19 18.16 -15.40
C GLN J 416 -61.81 18.68 -14.88
N GLU J 417 -61.84 19.89 -14.33
CA GLU J 417 -60.69 20.77 -14.12
C GLU J 417 -60.69 21.43 -12.72
N GLU J 418 -59.57 21.47 -12.02
CA GLU J 418 -59.52 21.67 -10.58
C GLU J 418 -59.24 23.11 -10.11
N GLU J 419 -60.09 23.66 -9.24
CA GLU J 419 -59.89 24.98 -8.63
C GLU J 419 -59.10 24.90 -7.31
N LEU J 420 -57.78 24.73 -7.43
CA LEU J 420 -56.81 24.71 -6.32
C LEU J 420 -56.49 26.11 -5.75
N ASP J 421 -57.08 27.17 -6.30
CA ASP J 421 -56.74 28.56 -6.01
C ASP J 421 -56.91 28.96 -4.53
N ASP J 422 -57.79 28.25 -3.83
CA ASP J 422 -58.01 28.36 -2.38
C ASP J 422 -56.92 27.65 -1.57
N GLN J 423 -55.66 28.00 -1.82
CA GLN J 423 -54.47 27.46 -1.16
C GLN J 423 -54.42 25.92 -1.17
N LYS J 424 -54.72 25.34 -2.34
CA LYS J 424 -54.80 23.89 -2.60
C LYS J 424 -55.85 23.13 -1.79
N ILE J 425 -56.85 23.82 -1.22
CA ILE J 425 -58.13 23.18 -0.86
C ILE J 425 -58.84 22.83 -2.18
N GLN J 426 -58.75 21.58 -2.61
CA GLN J 426 -59.30 21.15 -3.89
C GLN J 426 -60.83 21.03 -3.79
N VAL J 427 -61.55 22.11 -4.07
CA VAL J 427 -63.03 22.11 -4.11
C VAL J 427 -63.57 21.16 -5.18
N THR J 428 -62.77 20.87 -6.21
CA THR J 428 -63.17 20.09 -7.40
C THR J 428 -62.02 19.18 -7.86
N PRO J 429 -62.13 17.85 -7.81
CA PRO J 429 -61.11 16.96 -8.35
C PRO J 429 -61.18 16.88 -9.88
N PRO J 430 -60.05 16.72 -10.59
CA PRO J 430 -60.01 16.60 -12.05
C PRO J 430 -60.18 15.16 -12.53
N GLY J 431 -60.94 14.95 -13.58
CA GLY J 431 -61.35 13.63 -14.05
C GLY J 431 -62.52 13.74 -15.04
N PHE J 432 -63.51 12.87 -14.96
CA PHE J 432 -64.76 13.04 -15.71
C PHE J 432 -65.96 12.92 -14.78
N GLN J 433 -67.06 13.60 -15.12
CA GLN J 433 -68.36 13.30 -14.55
C GLN J 433 -69.09 12.32 -15.47
N LEU J 434 -69.62 11.22 -14.90
CA LEU J 434 -70.71 10.50 -15.53
C LEU J 434 -71.99 11.29 -15.31
N VAL J 435 -72.54 11.90 -16.37
CA VAL J 435 -73.90 12.45 -16.33
C VAL J 435 -74.80 11.55 -17.16
N PHE J 436 -75.85 11.04 -16.54
CA PHE J 436 -76.76 10.06 -17.16
C PHE J 436 -77.78 10.77 -18.05
N LEU J 437 -78.28 10.09 -19.08
CA LEU J 437 -79.26 10.64 -20.04
C LEU J 437 -80.55 9.82 -20.04
N PRO J 438 -81.74 10.45 -20.10
CA PRO J 438 -83.00 9.71 -20.14
C PRO J 438 -83.16 8.97 -21.46
N PHE J 439 -84.08 8.03 -21.51
CA PHE J 439 -84.64 7.43 -22.71
C PHE J 439 -86.10 7.85 -22.88
N ALA J 440 -86.73 7.48 -23.99
CA ALA J 440 -88.08 7.94 -24.35
C ALA J 440 -89.08 7.73 -23.21
N ASP J 441 -89.12 6.53 -22.65
CA ASP J 441 -90.03 6.13 -21.57
C ASP J 441 -89.97 7.03 -20.33
N ASP J 442 -88.83 7.67 -20.09
CA ASP J 442 -88.59 8.43 -18.86
C ASP J 442 -89.22 9.81 -18.93
N LYS J 443 -89.24 10.42 -20.11
CA LYS J 443 -89.71 11.78 -20.36
C LYS J 443 -91.23 11.82 -20.47
N ARG J 444 -91.90 11.91 -19.31
CA ARG J 444 -93.35 11.78 -19.19
C ARG J 444 -94.08 12.95 -19.83
N LYS J 445 -95.21 12.68 -20.49
CA LYS J 445 -96.08 13.69 -21.11
C LYS J 445 -96.60 14.66 -20.06
N MET J 446 -96.69 15.94 -20.41
CA MET J 446 -97.13 17.01 -19.51
C MET J 446 -98.16 17.91 -20.24
N PRO J 447 -99.25 18.37 -19.59
CA PRO J 447 -100.44 18.87 -20.28
C PRO J 447 -100.23 20.09 -21.18
N PHE J 448 -101.22 20.36 -22.04
CA PHE J 448 -101.22 21.56 -22.87
C PHE J 448 -101.40 22.85 -22.06
N THR J 449 -100.73 23.91 -22.52
CA THR J 449 -100.77 25.27 -22.00
C THR J 449 -100.10 26.17 -23.03
N GLU J 450 -100.62 27.37 -23.26
CA GLU J 450 -99.93 28.43 -24.02
C GLU J 450 -100.27 29.82 -23.46
N LYS J 451 -99.25 30.68 -23.43
CA LYS J 451 -99.25 32.07 -22.94
C LYS J 451 -97.86 32.68 -23.18
N ILE J 452 -97.80 33.97 -23.49
CA ILE J 452 -96.63 34.84 -23.33
C ILE J 452 -97.19 36.18 -22.83
N MET J 453 -97.28 36.34 -21.51
CA MET J 453 -98.29 37.23 -20.91
C MET J 453 -97.75 38.55 -20.36
N ALA J 454 -96.63 38.56 -19.65
CA ALA J 454 -96.10 39.75 -18.98
C ALA J 454 -95.73 40.91 -19.94
N THR J 455 -95.90 42.15 -19.47
CA THR J 455 -95.35 43.38 -20.09
C THR J 455 -93.97 43.72 -19.51
N PRO J 456 -93.18 44.61 -20.16
CA PRO J 456 -91.89 45.06 -19.65
C PRO J 456 -91.93 45.73 -18.27
N GLU J 457 -93.04 46.31 -17.84
CA GLU J 457 -93.15 46.83 -16.46
C GLU J 457 -93.28 45.71 -15.43
N GLN J 458 -93.96 44.63 -15.80
CA GLN J 458 -94.24 43.50 -14.93
C GLN J 458 -92.97 42.64 -14.73
N VAL J 459 -92.15 42.48 -15.77
CA VAL J 459 -90.75 42.06 -15.63
C VAL J 459 -89.93 43.12 -14.87
N GLY J 460 -90.08 44.39 -15.19
CA GLY J 460 -89.27 45.48 -14.63
C GLY J 460 -89.36 45.61 -13.11
N LYS J 461 -90.56 45.53 -12.53
CA LYS J 461 -90.71 45.46 -11.07
C LYS J 461 -90.12 44.17 -10.51
N MET J 462 -90.24 43.04 -11.19
CA MET J 462 -89.70 41.76 -10.71
C MET J 462 -88.17 41.80 -10.64
N LYS J 463 -87.54 42.37 -11.66
CA LYS J 463 -86.09 42.59 -11.75
C LYS J 463 -85.55 43.38 -10.56
N ALA J 464 -86.38 44.17 -9.88
CA ALA J 464 -86.02 44.81 -8.62
C ALA J 464 -86.05 43.82 -7.44
N ILE J 465 -87.19 43.17 -7.18
CA ILE J 465 -87.36 42.28 -6.02
C ILE J 465 -86.29 41.18 -6.05
N VAL J 466 -86.07 40.58 -7.22
CA VAL J 466 -85.06 39.56 -7.41
C VAL J 466 -83.67 40.07 -7.02
N GLU J 467 -83.31 41.29 -7.42
CA GLU J 467 -81.99 41.83 -7.09
C GLU J 467 -81.86 42.26 -5.62
N LYS J 468 -82.99 42.55 -4.95
CA LYS J 468 -83.04 42.77 -3.50
C LYS J 468 -82.86 41.48 -2.69
N LEU J 469 -83.23 40.33 -3.23
CA LEU J 469 -83.21 39.02 -2.55
C LEU J 469 -81.96 38.18 -2.88
N ARG J 470 -80.97 38.77 -3.55
CA ARG J 470 -79.69 38.15 -3.93
C ARG J 470 -78.84 37.80 -2.69
N PHE J 471 -78.54 36.52 -2.51
CA PHE J 471 -77.57 36.02 -1.51
C PHE J 471 -76.46 35.19 -2.21
N THR J 472 -75.63 34.47 -1.47
CA THR J 472 -74.75 33.42 -2.03
C THR J 472 -75.07 32.05 -1.44
N TYR J 473 -75.63 31.16 -2.27
CA TYR J 473 -75.68 29.74 -1.95
C TYR J 473 -74.27 29.13 -1.99
N ARG J 474 -73.98 28.27 -1.03
CA ARG J 474 -72.87 27.32 -1.09
C ARG J 474 -73.42 25.95 -0.77
N SER J 475 -72.85 24.91 -1.38
CA SER J 475 -73.38 23.56 -1.33
C SER J 475 -73.61 23.08 0.10
N ASP J 476 -72.66 23.35 1.00
CA ASP J 476 -72.71 22.96 2.40
C ASP J 476 -73.53 23.90 3.30
N SER J 477 -74.22 24.92 2.78
CA SER J 477 -74.90 25.91 3.63
C SER J 477 -76.19 25.43 4.30
N PHE J 478 -76.67 24.21 4.04
CA PHE J 478 -77.91 23.68 4.63
C PHE J 478 -77.71 22.28 5.23
N GLU J 479 -78.62 21.86 6.10
CA GLU J 479 -78.57 20.55 6.77
C GLU J 479 -79.96 19.92 6.84
N ASN J 480 -80.05 18.59 6.86
CA ASN J 480 -81.34 17.91 6.82
C ASN J 480 -82.11 18.10 8.13
N PRO J 481 -83.31 18.71 8.13
CA PRO J 481 -84.02 18.94 9.37
C PRO J 481 -84.38 17.65 10.10
N VAL J 482 -84.79 16.62 9.38
CA VAL J 482 -85.16 15.32 9.97
C VAL J 482 -83.94 14.63 10.53
N LEU J 483 -82.96 14.34 9.69
CA LEU J 483 -81.82 13.55 10.12
C LEU J 483 -81.02 14.23 11.24
N GLN J 484 -80.89 15.56 11.25
CA GLN J 484 -80.30 16.25 12.39
C GLN J 484 -81.17 16.13 13.64
N GLN J 485 -82.48 16.30 13.54
CA GLN J 485 -83.37 16.16 14.70
C GLN J 485 -83.33 14.74 15.26
N HIS J 486 -83.30 13.75 14.38
CA HIS J 486 -83.30 12.34 14.74
C HIS J 486 -82.16 12.01 15.68
N PHE J 487 -80.93 12.46 15.41
CA PHE J 487 -79.82 12.20 16.31
C PHE J 487 -80.02 12.80 17.70
N ARG J 488 -80.62 13.98 17.79
CA ARG J 488 -80.86 14.64 19.09
C ARG J 488 -81.89 13.88 19.91
N ASN J 489 -82.96 13.41 19.28
CA ASN J 489 -83.89 12.50 19.93
C ASN J 489 -83.18 11.24 20.41
N LEU J 490 -82.38 10.63 19.53
CA LEU J 490 -81.64 9.42 19.83
C LEU J 490 -80.69 9.59 21.02
N GLU J 491 -80.00 10.72 21.15
CA GLU J 491 -79.16 10.98 22.31
C GLU J 491 -79.94 11.12 23.61
N ALA J 492 -81.06 11.83 23.60
CA ALA J 492 -81.88 11.96 24.78
C ALA J 492 -82.25 10.58 25.32
N LEU J 493 -82.73 9.71 24.45
CA LEU J 493 -83.03 8.33 24.80
C LEU J 493 -81.78 7.57 25.24
N ALA J 494 -80.62 7.77 24.58
CA ALA J 494 -79.42 6.95 24.74
C ALA J 494 -78.55 7.32 25.97
N LEU J 495 -78.16 8.58 26.14
CA LEU J 495 -77.42 9.06 27.32
C LEU J 495 -78.35 9.40 28.49
N ASP J 496 -79.64 9.13 28.32
CA ASP J 496 -80.70 9.37 29.30
C ASP J 496 -80.89 10.85 29.66
N LEU J 497 -80.74 11.77 28.68
CA LEU J 497 -80.80 13.21 28.91
C LEU J 497 -82.20 13.68 29.36
N MET J 498 -82.24 14.74 30.16
CA MET J 498 -83.49 15.35 30.63
C MET J 498 -84.36 15.89 29.48
N GLU J 499 -83.78 16.37 28.38
CA GLU J 499 -84.57 16.92 27.26
C GLU J 499 -84.01 16.56 25.87
N PRO J 500 -84.85 16.38 24.85
CA PRO J 500 -84.42 16.48 23.46
C PRO J 500 -83.95 17.92 23.14
N GLU J 501 -82.78 18.06 22.53
CA GLU J 501 -82.16 19.38 22.31
C GLU J 501 -82.95 20.26 21.33
N GLN J 502 -83.77 19.67 20.46
CA GLN J 502 -84.79 20.40 19.68
C GLN J 502 -84.23 21.50 18.73
N ALA J 503 -82.93 21.47 18.40
CA ALA J 503 -82.27 22.51 17.62
C ALA J 503 -82.96 22.80 16.27
N VAL J 504 -83.49 24.02 16.15
CA VAL J 504 -84.41 24.42 15.07
C VAL J 504 -83.69 24.51 13.74
N ASP J 505 -84.36 24.06 12.69
CA ASP J 505 -83.81 23.89 11.35
C ASP J 505 -83.58 25.21 10.60
N LEU J 506 -82.83 25.09 9.51
CA LEU J 506 -82.32 26.20 8.73
C LEU J 506 -82.92 26.24 7.32
N THR J 507 -83.97 25.47 7.08
CA THR J 507 -84.68 25.41 5.79
C THR J 507 -85.91 26.31 5.78
N LEU J 508 -86.58 26.55 6.91
CA LEU J 508 -87.67 27.53 6.97
C LEU J 508 -87.13 28.90 6.52
N PRO J 509 -87.83 29.65 5.65
CA PRO J 509 -87.50 31.05 5.42
C PRO J 509 -87.74 31.83 6.72
N LYS J 510 -86.77 32.67 7.09
CA LYS J 510 -86.82 33.56 8.26
C LYS J 510 -87.73 34.76 7.98
N VAL J 511 -89.04 34.54 7.88
CA VAL J 511 -89.97 35.44 7.15
C VAL J 511 -89.93 36.91 7.55
N GLU J 512 -89.61 37.29 8.79
CA GLU J 512 -89.46 38.70 9.13
C GLU J 512 -88.30 39.38 8.39
N ALA J 513 -87.20 38.69 8.12
CA ALA J 513 -86.15 39.25 7.28
C ALA J 513 -86.63 39.40 5.82
N MET J 514 -87.38 38.43 5.30
CA MET J 514 -88.02 38.52 3.99
C MET J 514 -89.06 39.65 3.95
N ASN J 515 -89.73 39.95 5.06
CA ASN J 515 -90.60 41.14 5.13
C ASN J 515 -89.75 42.41 4.95
N LYS J 516 -88.65 42.53 5.69
CA LYS J 516 -87.89 43.79 5.81
C LYS J 516 -86.91 44.07 4.67
N ARG J 517 -86.02 43.12 4.33
CA ARG J 517 -85.04 43.27 3.22
C ARG J 517 -85.75 43.55 1.91
N LEU J 518 -86.72 42.69 1.57
CA LEU J 518 -87.58 42.93 0.41
C LEU J 518 -88.34 44.25 0.56
N GLY J 519 -88.90 44.50 1.75
CA GLY J 519 -89.84 45.58 1.98
C GLY J 519 -91.24 45.31 1.43
N SER J 520 -92.03 46.36 1.27
CA SER J 520 -93.47 46.34 0.94
C SER J 520 -93.83 45.95 -0.51
N LEU J 521 -92.85 45.60 -1.35
CA LEU J 521 -93.00 45.53 -2.80
C LEU J 521 -93.90 44.39 -3.33
N VAL J 522 -94.42 43.51 -2.47
CA VAL J 522 -95.53 42.61 -2.83
C VAL J 522 -96.75 43.37 -3.37
N ASP J 523 -96.95 44.60 -2.92
CA ASP J 523 -98.05 45.44 -3.41
C ASP J 523 -97.90 45.77 -4.91
N GLU J 524 -96.70 45.73 -5.48
CA GLU J 524 -96.53 45.99 -6.91
C GLU J 524 -97.18 44.90 -7.76
N PHE J 525 -97.12 43.65 -7.34
CA PHE J 525 -97.93 42.57 -7.92
C PHE J 525 -99.43 42.80 -7.65
N LYS J 526 -99.80 43.10 -6.41
CA LYS J 526 -101.20 43.26 -6.01
C LYS J 526 -101.90 44.44 -6.68
N GLU J 527 -101.17 45.49 -7.05
CA GLU J 527 -101.69 46.66 -7.75
C GLU J 527 -101.51 46.57 -9.27
N LEU J 528 -100.28 46.32 -9.76
CA LEU J 528 -99.92 46.53 -11.16
C LEU J 528 -100.23 45.33 -12.05
N VAL J 529 -100.56 44.17 -11.46
CA VAL J 529 -100.51 42.88 -12.16
C VAL J 529 -101.82 42.08 -12.06
N TYR J 530 -102.63 42.22 -11.01
CA TYR J 530 -103.91 41.51 -10.90
C TYR J 530 -104.98 42.27 -10.08
N PRO J 531 -106.28 41.93 -10.22
CA PRO J 531 -107.38 42.61 -9.52
C PRO J 531 -107.43 42.35 -8.00
N PRO J 532 -108.20 43.13 -7.23
CA PRO J 532 -108.24 43.05 -5.76
C PRO J 532 -109.11 41.92 -5.18
N ASP J 533 -109.64 41.00 -6.00
CA ASP J 533 -110.62 39.98 -5.57
C ASP J 533 -110.05 38.84 -4.69
N TYR J 534 -108.73 38.69 -4.60
CA TYR J 534 -108.04 37.78 -3.68
C TYR J 534 -106.87 38.49 -2.97
N ASN K 6 -109.08 8.38 -23.26
CA ASN K 6 -109.60 7.79 -24.49
C ASN K 6 -109.91 6.30 -24.30
N LYS K 7 -110.93 5.80 -25.00
CA LYS K 7 -111.16 4.37 -25.26
C LYS K 7 -111.38 4.22 -26.76
N ALA K 8 -110.43 3.67 -27.49
CA ALA K 8 -110.54 3.58 -28.93
C ALA K 8 -111.21 2.41 -29.67
N ALA K 9 -111.67 2.70 -30.89
CA ALA K 9 -112.05 1.70 -31.88
C ALA K 9 -110.97 1.59 -32.96
N VAL K 10 -110.61 0.35 -33.30
CA VAL K 10 -109.72 -0.02 -34.39
C VAL K 10 -110.43 -1.06 -35.25
N VAL K 11 -110.37 -0.94 -36.57
CA VAL K 11 -110.93 -1.94 -37.48
C VAL K 11 -109.95 -2.23 -38.61
N LEU K 12 -109.22 -3.33 -38.47
CA LEU K 12 -108.37 -3.82 -39.56
C LEU K 12 -109.24 -4.38 -40.67
N CYS K 13 -109.18 -3.77 -41.85
CA CYS K 13 -109.96 -4.10 -43.03
C CYS K 13 -108.99 -4.59 -44.11
N MET K 14 -108.79 -5.91 -44.18
CA MET K 14 -107.67 -6.54 -44.89
C MET K 14 -108.10 -7.25 -46.18
N ASP K 15 -107.50 -6.85 -47.29
CA ASP K 15 -107.64 -7.51 -48.57
C ASP K 15 -106.88 -8.84 -48.61
N VAL K 16 -107.62 -9.91 -48.82
CA VAL K 16 -107.16 -11.29 -48.93
C VAL K 16 -107.52 -11.90 -50.29
N GLY K 17 -107.79 -11.09 -51.33
CA GLY K 17 -107.94 -11.62 -52.69
C GLY K 17 -106.69 -12.38 -53.20
N PHE K 18 -106.83 -13.05 -54.34
CA PHE K 18 -105.75 -13.78 -54.97
C PHE K 18 -104.51 -12.93 -55.33
N THR K 19 -104.70 -11.81 -56.01
CA THR K 19 -103.63 -11.05 -56.69
C THR K 19 -102.48 -10.60 -55.79
N MET K 20 -102.77 -10.16 -54.56
CA MET K 20 -101.74 -9.71 -53.62
C MET K 20 -100.75 -10.81 -53.21
N SER K 21 -101.02 -12.07 -53.57
CA SER K 21 -100.05 -13.17 -53.46
C SER K 21 -98.86 -13.05 -54.43
N ASN K 22 -98.99 -12.22 -55.48
CA ASN K 22 -98.04 -12.12 -56.60
C ASN K 22 -97.34 -10.75 -56.61
N SER K 23 -96.04 -10.74 -56.87
CA SER K 23 -95.20 -9.53 -56.70
C SER K 23 -94.00 -9.13 -57.55
N ILE K 24 -93.56 -7.88 -57.37
CA ILE K 24 -92.18 -7.48 -57.70
C ILE K 24 -91.24 -8.42 -56.91
N PRO K 25 -90.33 -9.19 -57.54
CA PRO K 25 -89.59 -10.28 -56.87
C PRO K 25 -88.59 -9.87 -55.78
N GLY K 26 -88.23 -8.58 -55.69
CA GLY K 26 -87.32 -8.03 -54.68
C GLY K 26 -87.93 -7.83 -53.28
N ILE K 27 -89.21 -8.15 -53.09
CA ILE K 27 -89.94 -8.05 -51.81
C ILE K 27 -90.80 -9.28 -51.55
N GLU K 28 -91.23 -9.43 -50.29
CA GLU K 28 -92.37 -10.28 -49.95
C GLU K 28 -93.65 -9.80 -50.66
N SER K 29 -94.56 -10.71 -50.96
CA SER K 29 -95.86 -10.47 -51.57
C SER K 29 -96.66 -9.38 -50.82
N PRO K 30 -97.43 -8.52 -51.50
CA PRO K 30 -98.35 -7.57 -50.88
C PRO K 30 -99.30 -8.20 -49.84
N PHE K 31 -99.73 -9.45 -50.03
CA PHE K 31 -100.52 -10.20 -49.06
C PHE K 31 -99.75 -10.37 -47.74
N GLU K 32 -98.58 -11.01 -47.79
CA GLU K 32 -97.81 -11.31 -46.59
C GLU K 32 -97.17 -10.04 -45.99
N GLN K 33 -96.81 -9.03 -46.80
CA GLN K 33 -96.42 -7.71 -46.31
C GLN K 33 -97.51 -7.13 -45.41
N ALA K 34 -98.76 -7.05 -45.87
CA ALA K 34 -99.85 -6.55 -45.05
C ALA K 34 -100.07 -7.42 -43.80
N LYS K 35 -100.06 -8.76 -43.95
CA LYS K 35 -100.14 -9.71 -42.83
C LYS K 35 -99.05 -9.46 -41.77
N LYS K 36 -97.82 -9.19 -42.20
CA LYS K 36 -96.71 -8.83 -41.31
C LYS K 36 -96.96 -7.47 -40.65
N VAL K 37 -97.40 -6.44 -41.38
CA VAL K 37 -97.72 -5.13 -40.76
C VAL K 37 -98.72 -5.34 -39.62
N ILE K 38 -99.84 -6.00 -39.89
CA ILE K 38 -100.87 -6.18 -38.87
C ILE K 38 -100.39 -7.09 -37.74
N THR K 39 -99.47 -8.03 -37.98
CA THR K 39 -98.80 -8.76 -36.91
C THR K 39 -97.98 -7.82 -36.01
N MET K 40 -97.11 -7.00 -36.61
CA MET K 40 -96.24 -6.03 -35.93
C MET K 40 -97.04 -4.96 -35.19
N PHE K 41 -98.27 -4.71 -35.63
CA PHE K 41 -99.24 -3.92 -34.90
C PHE K 41 -99.88 -4.66 -33.73
N VAL K 42 -100.53 -5.80 -33.96
CA VAL K 42 -101.35 -6.50 -32.94
C VAL K 42 -100.60 -6.70 -31.63
N GLN K 43 -99.34 -7.11 -31.71
CA GLN K 43 -98.39 -7.25 -30.58
C GLN K 43 -98.39 -6.06 -29.61
N ARG K 44 -98.53 -4.85 -30.11
CA ARG K 44 -98.39 -3.59 -29.39
C ARG K 44 -99.43 -3.47 -28.28
N GLN K 45 -100.70 -3.42 -28.64
CA GLN K 45 -101.82 -3.42 -27.70
C GLN K 45 -102.11 -4.80 -27.10
N VAL K 46 -101.58 -5.89 -27.67
CA VAL K 46 -101.57 -7.18 -26.97
C VAL K 46 -100.84 -7.07 -25.62
N PHE K 47 -99.77 -6.27 -25.53
CA PHE K 47 -99.10 -5.97 -24.27
C PHE K 47 -99.59 -4.69 -23.59
N ALA K 48 -99.65 -3.55 -24.28
CA ALA K 48 -99.97 -2.27 -23.67
C ALA K 48 -101.39 -2.22 -23.08
N GLU K 49 -101.54 -1.78 -21.84
CA GLU K 49 -102.80 -1.78 -21.06
C GLU K 49 -103.75 -0.62 -21.43
N ASN K 50 -103.84 -0.28 -22.72
CA ASN K 50 -104.85 0.64 -23.25
C ASN K 50 -106.24 -0.04 -23.33
N LYS K 51 -107.29 0.79 -23.37
CA LYS K 51 -108.69 0.36 -23.26
C LYS K 51 -109.33 0.18 -24.65
N ASP K 52 -108.53 -0.18 -25.64
CA ASP K 52 -108.90 -0.03 -27.06
C ASP K 52 -109.39 -1.35 -27.66
N GLU K 53 -110.59 -1.29 -28.23
CA GLU K 53 -111.23 -2.41 -28.91
C GLU K 53 -110.68 -2.56 -30.34
N ILE K 54 -110.43 -3.79 -30.78
CA ILE K 54 -110.05 -4.12 -32.16
C ILE K 54 -111.08 -5.04 -32.81
N ALA K 55 -111.34 -4.84 -34.10
CA ALA K 55 -112.05 -5.77 -34.98
C ALA K 55 -111.19 -6.17 -36.20
N LEU K 56 -111.45 -7.35 -36.77
CA LEU K 56 -110.90 -7.82 -38.04
C LEU K 56 -112.01 -8.00 -39.07
N VAL K 57 -111.82 -7.43 -40.26
CA VAL K 57 -112.62 -7.70 -41.46
C VAL K 57 -111.68 -8.16 -42.59
N LEU K 58 -112.02 -9.26 -43.25
CA LEU K 58 -111.33 -9.81 -44.41
C LEU K 58 -112.18 -9.58 -45.65
N PHE K 59 -111.61 -9.18 -46.78
CA PHE K 59 -112.34 -9.07 -48.05
C PHE K 59 -111.53 -9.59 -49.23
N GLY K 60 -112.20 -10.04 -50.29
CA GLY K 60 -111.62 -11.00 -51.23
C GLY K 60 -111.71 -12.44 -50.72
N THR K 61 -112.59 -12.69 -49.74
CA THR K 61 -112.84 -14.01 -49.15
C THR K 61 -113.68 -14.86 -50.09
N ASP K 62 -113.38 -16.15 -50.24
CA ASP K 62 -114.15 -17.02 -51.14
C ASP K 62 -115.55 -17.35 -50.59
N GLY K 63 -115.74 -17.28 -49.28
CA GLY K 63 -117.05 -17.24 -48.61
C GLY K 63 -117.49 -15.81 -48.26
N THR K 64 -118.53 -15.67 -47.45
CA THR K 64 -118.92 -14.39 -46.83
C THR K 64 -119.64 -14.55 -45.50
N ASP K 65 -119.36 -13.65 -44.57
CA ASP K 65 -119.95 -13.59 -43.23
C ASP K 65 -120.03 -12.11 -42.82
N ASN K 66 -121.23 -11.53 -42.79
CA ASN K 66 -121.45 -10.14 -42.38
C ASN K 66 -122.91 -9.92 -41.92
N PRO K 67 -123.22 -8.88 -41.15
CA PRO K 67 -124.60 -8.55 -40.75
C PRO K 67 -125.48 -7.99 -41.88
N LEU K 68 -124.91 -7.78 -43.08
CA LEU K 68 -125.44 -6.92 -44.15
C LEU K 68 -125.45 -7.62 -45.53
N SER K 69 -125.39 -8.96 -45.57
CA SER K 69 -125.06 -9.78 -46.74
C SER K 69 -125.82 -9.40 -48.03
N GLY K 70 -125.10 -9.43 -49.15
CA GLY K 70 -125.64 -9.16 -50.49
C GLY K 70 -125.06 -10.09 -51.57
N GLY K 71 -125.56 -9.96 -52.80
CA GLY K 71 -125.20 -10.82 -53.93
C GLY K 71 -123.94 -10.39 -54.68
N ASP K 72 -123.73 -9.08 -54.85
CA ASP K 72 -122.57 -8.49 -55.55
C ASP K 72 -121.80 -7.52 -54.64
N GLN K 73 -122.48 -6.50 -54.12
CA GLN K 73 -122.03 -5.76 -52.94
C GLN K 73 -122.31 -6.56 -51.66
N TYR K 74 -121.70 -6.17 -50.55
CA TYR K 74 -121.71 -6.86 -49.27
C TYR K 74 -121.34 -8.34 -49.39
N GLN K 75 -120.36 -8.66 -50.24
CA GLN K 75 -120.02 -10.02 -50.66
C GLN K 75 -118.52 -10.21 -50.92
N ASN K 76 -118.03 -11.44 -50.80
CA ASN K 76 -116.62 -11.79 -50.65
C ASN K 76 -115.95 -11.02 -49.48
N ILE K 77 -116.70 -10.90 -48.37
CA ILE K 77 -116.33 -10.25 -47.12
C ILE K 77 -116.63 -11.18 -45.94
N THR K 78 -115.70 -11.31 -45.01
CA THR K 78 -115.90 -11.94 -43.69
C THR K 78 -115.55 -10.95 -42.57
N VAL K 79 -116.51 -10.64 -41.70
CA VAL K 79 -116.31 -9.88 -40.43
C VAL K 79 -115.75 -10.87 -39.40
N HIS K 80 -114.47 -11.20 -39.59
CA HIS K 80 -113.78 -12.34 -38.95
C HIS K 80 -113.67 -12.23 -37.43
N ARG K 81 -113.59 -11.01 -36.87
CA ARG K 81 -113.49 -10.80 -35.42
C ARG K 81 -114.16 -9.48 -35.01
N HIS K 82 -115.09 -9.53 -34.07
CA HIS K 82 -115.86 -8.37 -33.56
C HIS K 82 -115.01 -7.38 -32.73
N LEU K 83 -115.54 -6.17 -32.49
CA LEU K 83 -114.82 -5.03 -31.89
C LEU K 83 -114.67 -5.15 -30.34
N MET K 84 -113.59 -5.80 -29.88
CA MET K 84 -113.26 -5.98 -28.46
C MET K 84 -111.74 -5.87 -28.22
N LEU K 85 -111.29 -5.74 -26.97
CA LEU K 85 -109.88 -5.73 -26.58
C LEU K 85 -109.11 -6.91 -27.20
N PRO K 86 -107.86 -6.72 -27.65
CA PRO K 86 -107.04 -7.74 -28.30
C PRO K 86 -106.69 -8.91 -27.38
N ASP K 87 -106.24 -10.03 -27.96
CA ASP K 87 -105.83 -11.23 -27.23
C ASP K 87 -104.89 -12.14 -28.05
N PHE K 88 -104.17 -13.05 -27.37
CA PHE K 88 -103.13 -13.88 -28.01
C PHE K 88 -103.67 -14.81 -29.10
N ASP K 89 -104.90 -15.31 -28.97
CA ASP K 89 -105.52 -16.14 -30.00
C ASP K 89 -105.77 -15.35 -31.29
N LEU K 90 -106.12 -14.06 -31.21
CA LEU K 90 -106.23 -13.21 -32.39
C LEU K 90 -104.84 -13.13 -33.05
N LEU K 91 -103.80 -12.89 -32.25
CA LEU K 91 -102.44 -12.79 -32.77
C LEU K 91 -101.98 -14.10 -33.42
N GLU K 92 -102.30 -15.26 -32.85
CA GLU K 92 -102.03 -16.57 -33.47
C GLU K 92 -102.81 -16.74 -34.79
N ASP K 93 -104.07 -16.35 -34.84
CA ASP K 93 -104.90 -16.47 -36.04
C ASP K 93 -104.37 -15.57 -37.16
N ILE K 94 -103.98 -14.34 -36.84
CA ILE K 94 -103.28 -13.41 -37.74
C ILE K 94 -101.96 -14.02 -38.23
N GLU K 95 -101.15 -14.54 -37.32
CA GLU K 95 -99.82 -15.01 -37.66
C GLU K 95 -99.83 -16.32 -38.46
N SER K 96 -100.84 -17.18 -38.27
CA SER K 96 -100.80 -18.56 -38.81
C SER K 96 -102.05 -19.05 -39.54
N LYS K 97 -103.25 -18.51 -39.25
CA LYS K 97 -104.52 -19.03 -39.78
C LYS K 97 -104.85 -18.42 -41.14
N ILE K 98 -104.85 -17.08 -41.25
CA ILE K 98 -105.26 -16.39 -42.48
C ILE K 98 -104.72 -16.79 -43.88
N GLN K 99 -105.67 -16.97 -44.82
CA GLN K 99 -105.43 -17.46 -46.19
C GLN K 99 -105.89 -16.46 -47.26
N PRO K 100 -105.19 -16.34 -48.39
CA PRO K 100 -105.75 -15.68 -49.57
C PRO K 100 -106.91 -16.51 -50.15
N GLY K 101 -108.00 -15.84 -50.52
CA GLY K 101 -109.03 -16.40 -51.39
C GLY K 101 -108.52 -16.52 -52.83
N SER K 102 -109.10 -17.44 -53.60
CA SER K 102 -108.86 -17.55 -55.05
C SER K 102 -109.64 -16.49 -55.85
N GLN K 103 -110.66 -15.90 -55.24
CA GLN K 103 -111.52 -14.86 -55.83
C GLN K 103 -110.92 -13.44 -55.59
N GLN K 104 -111.71 -12.40 -55.87
CA GLN K 104 -111.35 -10.98 -55.66
C GLN K 104 -112.50 -10.19 -55.02
N ALA K 105 -112.19 -9.11 -54.28
CA ALA K 105 -113.16 -8.12 -53.83
C ALA K 105 -112.86 -6.61 -53.68
N ASP K 106 -113.85 -5.83 -53.26
CA ASP K 106 -113.79 -4.38 -53.24
C ASP K 106 -113.57 -3.80 -51.83
N PHE K 107 -112.57 -2.92 -51.69
CA PHE K 107 -112.35 -2.15 -50.46
C PHE K 107 -113.46 -1.13 -50.15
N LEU K 108 -114.15 -0.55 -51.13
CA LEU K 108 -115.28 0.36 -50.88
C LEU K 108 -116.44 -0.48 -50.29
N ASP K 109 -116.78 -1.57 -50.96
CA ASP K 109 -117.45 -2.69 -50.32
C ASP K 109 -117.16 -3.09 -48.84
N ALA K 110 -115.92 -3.49 -48.50
CA ALA K 110 -115.52 -3.76 -47.14
C ALA K 110 -115.64 -2.54 -46.22
N LEU K 111 -115.31 -1.34 -46.71
CA LEU K 111 -115.39 -0.10 -45.93
C LEU K 111 -116.82 0.15 -45.44
N ILE K 112 -117.83 0.08 -46.32
CA ILE K 112 -119.21 0.34 -45.91
C ILE K 112 -119.64 -0.66 -44.82
N VAL K 113 -119.33 -1.96 -44.99
CA VAL K 113 -119.64 -2.96 -43.96
C VAL K 113 -118.94 -2.65 -42.64
N SER K 114 -117.65 -2.33 -42.70
CA SER K 114 -116.83 -2.07 -41.51
C SER K 114 -117.29 -0.82 -40.77
N MET K 115 -117.62 0.23 -41.50
CA MET K 115 -118.14 1.49 -40.95
C MET K 115 -119.55 1.31 -40.35
N ASP K 116 -120.39 0.48 -40.95
CA ASP K 116 -121.67 0.10 -40.36
C ASP K 116 -121.49 -0.75 -39.09
N VAL K 117 -120.53 -1.67 -39.05
CA VAL K 117 -120.18 -2.38 -37.82
C VAL K 117 -119.73 -1.41 -36.73
N ILE K 118 -118.93 -0.39 -37.04
CA ILE K 118 -118.58 0.64 -36.05
C ILE K 118 -119.87 1.38 -35.59
N GLN K 119 -120.79 1.72 -36.50
CA GLN K 119 -122.10 2.29 -36.14
C GLN K 119 -122.97 1.38 -35.27
N HIS K 120 -122.80 0.05 -35.32
CA HIS K 120 -123.45 -0.87 -34.38
C HIS K 120 -122.73 -0.84 -33.01
N GLU K 121 -121.43 -1.12 -33.00
CA GLU K 121 -120.66 -1.37 -31.79
C GLU K 121 -120.53 -0.13 -30.88
N THR K 122 -120.44 1.07 -31.47
CA THR K 122 -120.23 2.33 -30.73
C THR K 122 -121.41 2.81 -29.88
N ILE K 123 -122.55 2.10 -29.89
CA ILE K 123 -123.76 2.45 -29.12
C ILE K 123 -123.81 1.76 -27.76
N GLY K 124 -123.67 0.43 -27.75
CA GLY K 124 -123.91 -0.42 -26.56
C GLY K 124 -122.77 -0.49 -25.54
N LYS K 125 -121.59 0.06 -25.88
CA LYS K 125 -120.42 0.18 -25.00
C LYS K 125 -119.63 1.46 -25.33
N LYS K 126 -118.90 2.00 -24.35
CA LYS K 126 -118.18 3.28 -24.53
C LYS K 126 -116.88 3.42 -25.33
N PHE K 127 -116.76 4.60 -25.94
CA PHE K 127 -115.65 5.01 -26.80
C PHE K 127 -115.37 6.52 -26.65
N GLU K 128 -114.19 6.94 -27.11
CA GLU K 128 -113.92 8.34 -27.45
C GLU K 128 -113.51 8.43 -28.93
N LYS K 129 -112.24 8.17 -29.26
CA LYS K 129 -111.80 8.07 -30.66
C LYS K 129 -111.89 6.76 -31.46
N ARG K 130 -112.05 6.90 -32.78
CA ARG K 130 -112.36 5.77 -33.69
C ARG K 130 -111.55 5.83 -34.99
N HIS K 131 -111.16 4.65 -35.46
CA HIS K 131 -110.43 4.45 -36.72
C HIS K 131 -110.98 3.26 -37.51
N ILE K 132 -110.78 3.31 -38.83
CA ILE K 132 -110.90 2.21 -39.80
C ILE K 132 -109.59 2.16 -40.61
N GLU K 133 -109.11 0.97 -40.94
CA GLU K 133 -107.76 0.78 -41.48
C GLU K 133 -107.77 -0.18 -42.67
N ILE K 134 -107.56 0.31 -43.91
CA ILE K 134 -107.70 -0.52 -45.13
C ILE K 134 -106.33 -0.92 -45.69
N PHE K 135 -106.12 -2.21 -45.88
CA PHE K 135 -104.88 -2.79 -46.42
C PHE K 135 -105.17 -3.51 -47.74
N THR K 136 -104.53 -3.14 -48.87
CA THR K 136 -104.83 -3.72 -50.19
C THR K 136 -103.67 -3.54 -51.19
N ASP K 137 -103.71 -4.28 -52.30
CA ASP K 137 -102.84 -4.12 -53.48
C ASP K 137 -103.49 -3.30 -54.61
N LEU K 138 -104.69 -2.76 -54.40
CA LEU K 138 -105.55 -2.09 -55.39
C LEU K 138 -106.07 -2.98 -56.52
N SER K 139 -106.17 -4.29 -56.28
CA SER K 139 -106.90 -5.22 -57.15
C SER K 139 -108.43 -5.14 -57.05
N SER K 140 -108.98 -4.31 -56.15
CA SER K 140 -110.41 -4.01 -56.13
C SER K 140 -110.86 -3.36 -57.44
N ARG K 141 -111.89 -3.94 -58.06
CA ARG K 141 -112.65 -3.34 -59.16
C ARG K 141 -114.02 -2.90 -58.65
N PHE K 142 -114.43 -1.66 -58.93
CA PHE K 142 -115.65 -1.09 -58.37
C PHE K 142 -116.25 0.03 -59.21
N SER K 143 -117.56 0.25 -59.04
CA SER K 143 -118.22 1.52 -59.38
C SER K 143 -117.93 2.55 -58.29
N LYS K 144 -117.62 3.79 -58.67
CA LYS K 144 -117.46 4.92 -57.72
C LYS K 144 -118.82 5.44 -57.22
N SER K 145 -119.56 4.58 -56.53
CA SER K 145 -120.84 4.85 -55.88
C SER K 145 -121.05 5.81 -54.69
N GLN K 146 -121.27 5.34 -53.44
CA GLN K 146 -121.52 6.14 -52.24
C GLN K 146 -120.59 7.25 -51.67
N LEU K 147 -119.61 7.72 -52.44
CA LEU K 147 -118.41 8.37 -51.91
C LEU K 147 -118.66 9.68 -51.14
N ASP K 148 -119.49 10.58 -51.67
CA ASP K 148 -119.85 11.82 -50.97
C ASP K 148 -120.60 11.56 -49.65
N ILE K 149 -121.56 10.64 -49.66
CA ILE K 149 -122.27 10.17 -48.46
C ILE K 149 -121.30 9.48 -47.49
N ILE K 150 -120.32 8.71 -47.96
CA ILE K 150 -119.30 8.10 -47.10
C ILE K 150 -118.43 9.17 -46.45
N ILE K 151 -117.92 10.15 -47.19
CA ILE K 151 -117.05 11.19 -46.63
C ILE K 151 -117.82 12.07 -45.63
N HIS K 152 -119.06 12.46 -45.97
CA HIS K 152 -120.02 13.12 -45.06
C HIS K 152 -120.25 12.28 -43.81
N SER K 153 -120.55 10.99 -43.98
CA SER K 153 -120.79 10.07 -42.87
C SER K 153 -119.54 9.80 -42.05
N LEU K 154 -118.31 9.85 -42.59
CA LEU K 154 -117.09 9.70 -41.81
C LEU K 154 -116.91 10.90 -40.85
N LYS K 155 -117.39 12.09 -41.23
CA LYS K 155 -117.57 13.22 -40.30
C LYS K 155 -118.72 12.97 -39.30
N LYS K 156 -119.91 12.57 -39.76
CA LYS K 156 -121.10 12.37 -38.88
C LYS K 156 -120.96 11.19 -37.88
N CYS K 157 -120.19 10.17 -38.24
CA CYS K 157 -119.79 9.05 -37.36
C CYS K 157 -118.49 9.34 -36.57
N ASP K 158 -117.74 10.38 -36.96
CA ASP K 158 -116.44 10.80 -36.40
C ASP K 158 -115.37 9.71 -36.38
N ILE K 159 -115.19 9.01 -37.50
CA ILE K 159 -114.21 7.92 -37.69
C ILE K 159 -113.16 8.36 -38.72
N SER K 160 -111.87 8.30 -38.41
CA SER K 160 -110.82 8.54 -39.42
C SER K 160 -110.42 7.24 -40.12
N LEU K 161 -110.03 7.34 -41.40
CA LEU K 161 -109.59 6.23 -42.23
C LEU K 161 -108.08 6.32 -42.42
N GLN K 162 -107.35 5.25 -42.12
CA GLN K 162 -105.95 5.08 -42.52
C GLN K 162 -105.87 4.05 -43.67
N PHE K 163 -105.07 4.32 -44.69
CA PHE K 163 -104.99 3.47 -45.89
C PHE K 163 -103.56 3.00 -46.14
N PHE K 164 -103.40 1.71 -46.42
CA PHE K 164 -102.11 1.04 -46.45
C PHE K 164 -101.88 0.33 -47.80
N LEU K 165 -100.72 0.59 -48.43
CA LEU K 165 -100.44 0.18 -49.83
C LEU K 165 -99.04 -0.42 -50.04
N PRO K 166 -98.79 -1.16 -51.14
CA PRO K 166 -97.53 -1.86 -51.36
C PRO K 166 -96.39 -1.03 -52.01
N PHE K 167 -96.58 0.26 -52.31
CA PHE K 167 -95.65 1.07 -53.11
C PHE K 167 -95.58 2.56 -52.72
N SER K 168 -94.49 3.22 -53.15
CA SER K 168 -93.96 4.47 -52.60
C SER K 168 -94.73 5.76 -52.93
N LEU K 169 -94.61 6.76 -52.04
CA LEU K 169 -95.13 8.12 -52.26
C LEU K 169 -94.25 9.35 -52.59
N GLY K 170 -93.02 9.10 -53.04
CA GLY K 170 -92.03 10.14 -53.36
C GLY K 170 -92.40 11.00 -54.57
N GLY K 196 -92.24 -1.05 -61.44
CA GLY K 196 -92.97 -2.19 -61.96
C GLY K 196 -94.48 -2.20 -61.65
N ILE K 197 -94.99 -1.21 -60.91
CA ILE K 197 -96.41 -1.12 -60.52
C ILE K 197 -97.36 -1.02 -61.72
N THR K 198 -98.55 -1.60 -61.60
CA THR K 198 -99.54 -1.63 -62.68
C THR K 198 -100.25 -0.29 -62.87
N GLU K 199 -100.79 -0.08 -64.07
CA GLU K 199 -101.65 1.05 -64.41
C GLU K 199 -102.88 1.11 -63.49
N GLN K 200 -103.50 -0.06 -63.27
CA GLN K 200 -104.42 -0.27 -62.15
C GLN K 200 -104.04 0.13 -60.70
N GLN K 201 -102.75 0.09 -60.30
CA GLN K 201 -102.26 0.59 -59.02
C GLN K 201 -102.07 2.11 -59.06
N LYS K 202 -101.55 2.66 -60.15
CA LYS K 202 -101.44 4.12 -60.35
C LYS K 202 -102.81 4.80 -60.32
N GLU K 203 -103.77 4.30 -61.09
CA GLU K 203 -105.14 4.87 -61.15
C GLU K 203 -105.89 4.66 -59.83
N GLY K 204 -105.73 3.50 -59.19
CA GLY K 204 -106.25 3.23 -57.85
C GLY K 204 -105.72 4.22 -56.81
N LEU K 205 -104.42 4.51 -56.78
CA LEU K 205 -103.86 5.51 -55.87
C LEU K 205 -104.44 6.90 -56.13
N GLU K 206 -104.59 7.35 -57.38
CA GLU K 206 -105.22 8.65 -57.65
C GLU K 206 -106.67 8.68 -57.16
N ILE K 207 -107.41 7.58 -57.30
CA ILE K 207 -108.68 7.42 -56.59
C ILE K 207 -108.68 7.42 -55.03
N VAL K 208 -107.66 6.86 -54.35
CA VAL K 208 -107.44 6.95 -52.90
C VAL K 208 -107.07 8.39 -52.50
N LYS K 209 -106.15 9.05 -53.24
CA LYS K 209 -105.83 10.47 -53.06
C LYS K 209 -107.10 11.31 -53.11
N MET K 210 -107.90 11.16 -54.17
CA MET K 210 -109.15 11.89 -54.35
C MET K 210 -110.10 11.71 -53.16
N VAL K 211 -110.29 10.46 -52.70
CA VAL K 211 -110.98 10.24 -51.43
C VAL K 211 -110.44 10.91 -50.15
N MET K 212 -109.12 11.03 -49.95
CA MET K 212 -108.53 11.64 -48.75
C MET K 212 -108.38 13.16 -48.85
N ILE K 213 -108.16 13.68 -50.06
CA ILE K 213 -108.34 15.09 -50.38
C ILE K 213 -109.78 15.50 -50.03
N SER K 214 -110.77 14.69 -50.38
CA SER K 214 -112.18 14.95 -50.07
C SER K 214 -112.47 14.91 -48.55
N LEU K 215 -111.84 13.99 -47.80
CA LEU K 215 -111.97 13.90 -46.34
C LEU K 215 -111.30 15.07 -45.59
N GLU K 216 -110.03 15.37 -45.90
CA GLU K 216 -109.14 16.16 -45.03
C GLU K 216 -108.24 17.17 -45.78
N GLY K 217 -108.25 17.18 -47.12
CA GLY K 217 -107.36 18.04 -47.91
C GLY K 217 -105.88 17.67 -47.78
N GLU K 218 -105.02 18.67 -47.56
CA GLU K 218 -103.56 18.49 -47.54
C GLU K 218 -103.06 17.53 -46.45
N ASP K 219 -103.67 17.53 -45.25
CA ASP K 219 -103.35 16.54 -44.20
C ASP K 219 -103.82 15.12 -44.57
N GLY K 220 -104.77 14.96 -45.51
CA GLY K 220 -105.40 13.69 -45.81
C GLY K 220 -104.43 12.63 -46.32
N LEU K 221 -103.46 13.01 -47.16
CA LEU K 221 -102.46 12.05 -47.68
C LEU K 221 -101.52 11.52 -46.58
N ASP K 222 -101.40 12.21 -45.44
CA ASP K 222 -100.68 11.70 -44.27
C ASP K 222 -101.49 10.67 -43.45
N GLU K 223 -102.72 10.32 -43.86
CA GLU K 223 -103.40 9.09 -43.43
C GLU K 223 -103.06 7.88 -44.32
N ILE K 224 -102.22 8.05 -45.36
CA ILE K 224 -101.81 7.00 -46.30
C ILE K 224 -100.37 6.55 -46.00
N TYR K 225 -100.16 5.23 -45.91
CA TYR K 225 -98.88 4.64 -45.52
C TYR K 225 -98.47 3.48 -46.45
N SER K 226 -97.20 3.37 -46.81
CA SER K 226 -96.73 2.18 -47.51
C SER K 226 -96.44 1.02 -46.54
N PHE K 227 -96.60 -0.24 -46.97
CA PHE K 227 -96.15 -1.41 -46.22
C PHE K 227 -94.63 -1.34 -45.95
N SER K 228 -93.87 -0.73 -46.88
CA SER K 228 -92.44 -0.50 -46.75
C SER K 228 -92.10 0.40 -45.56
N GLU K 229 -92.59 1.65 -45.54
CA GLU K 229 -92.26 2.57 -44.45
C GLU K 229 -92.81 2.07 -43.11
N SER K 230 -93.98 1.44 -43.11
CA SER K 230 -94.62 0.95 -41.88
C SER K 230 -93.88 -0.24 -41.27
N LEU K 231 -93.46 -1.27 -42.02
CA LEU K 231 -92.57 -2.29 -41.45
C LEU K 231 -91.24 -1.68 -40.96
N ARG K 232 -90.79 -0.58 -41.56
CA ARG K 232 -89.62 0.22 -41.16
C ARG K 232 -89.93 1.25 -40.04
N LYS K 233 -91.09 1.15 -39.39
CA LYS K 233 -91.55 2.04 -38.30
C LYS K 233 -92.23 1.30 -37.14
N LEU K 234 -92.93 0.19 -37.41
CA LEU K 234 -93.54 -0.73 -36.43
C LEU K 234 -92.53 -1.76 -35.88
N CYS K 235 -91.22 -1.50 -35.99
CA CYS K 235 -90.13 -2.41 -35.65
C CYS K 235 -90.05 -2.84 -34.15
N VAL K 236 -90.69 -2.09 -33.26
CA VAL K 236 -90.47 -2.08 -31.80
C VAL K 236 -91.79 -2.11 -31.05
N PHE K 237 -91.79 -2.53 -29.79
CA PHE K 237 -92.94 -2.40 -28.88
C PHE K 237 -93.16 -0.93 -28.47
N LYS K 238 -94.34 -0.60 -27.94
CA LYS K 238 -94.65 0.79 -27.55
C LYS K 238 -93.74 1.28 -26.41
N LYS K 239 -93.41 2.58 -26.44
CA LYS K 239 -93.08 3.38 -25.24
C LYS K 239 -94.08 3.08 -24.11
N ILE K 240 -93.64 2.98 -22.87
CA ILE K 240 -94.57 2.85 -21.73
C ILE K 240 -95.36 4.16 -21.52
N GLU K 241 -96.68 4.07 -21.58
CA GLU K 241 -97.54 5.24 -21.45
C GLU K 241 -97.83 5.46 -19.96
N ARG K 242 -97.34 6.58 -19.43
CA ARG K 242 -97.75 7.06 -18.12
C ARG K 242 -97.80 8.58 -18.05
N HIS K 243 -98.84 9.07 -17.39
CA HIS K 243 -99.06 10.45 -16.97
C HIS K 243 -98.14 10.83 -15.79
N SER K 244 -97.99 12.11 -15.54
CA SER K 244 -97.62 12.64 -14.23
C SER K 244 -98.89 13.13 -13.55
N ILE K 245 -99.15 12.73 -12.31
CA ILE K 245 -100.39 13.11 -11.62
C ILE K 245 -100.40 14.62 -11.31
N HIS K 246 -101.58 15.24 -11.31
CA HIS K 246 -101.75 16.61 -10.82
C HIS K 246 -101.47 16.72 -9.31
N TRP K 247 -100.82 17.84 -8.95
CA TRP K 247 -100.56 18.33 -7.60
C TRP K 247 -100.78 19.86 -7.50
N PRO K 248 -101.81 20.35 -6.76
CA PRO K 248 -102.09 21.76 -6.58
C PRO K 248 -101.33 22.36 -5.40
N CYS K 249 -100.73 23.53 -5.56
CA CYS K 249 -99.94 24.20 -4.52
C CYS K 249 -99.92 25.73 -4.69
N ARG K 250 -99.15 26.42 -3.86
CA ARG K 250 -98.93 27.87 -3.80
C ARG K 250 -97.54 28.55 -3.68
N LEU K 251 -96.83 28.73 -4.78
CA LEU K 251 -95.50 29.29 -4.87
C LEU K 251 -95.41 30.61 -4.08
N THR K 252 -94.58 30.66 -3.08
CA THR K 252 -94.53 31.77 -2.11
C THR K 252 -93.26 32.57 -1.78
N ILE K 253 -92.92 33.53 -2.66
CA ILE K 253 -91.71 34.36 -2.56
C ILE K 253 -91.57 35.22 -1.29
N GLY K 254 -92.66 35.48 -0.57
CA GLY K 254 -92.63 36.17 0.73
C GLY K 254 -93.93 35.96 1.50
N SER K 255 -93.95 36.28 2.78
CA SER K 255 -95.04 35.87 3.70
C SER K 255 -96.45 36.26 3.20
N ASN K 256 -96.61 37.43 2.61
CA ASN K 256 -97.89 37.89 2.06
C ASN K 256 -98.16 37.41 0.62
N LEU K 257 -97.16 37.42 -0.26
CA LEU K 257 -97.30 37.14 -1.70
C LEU K 257 -97.19 35.66 -2.03
N SER K 258 -98.33 35.05 -2.34
CA SER K 258 -98.41 33.70 -2.89
C SER K 258 -99.01 33.71 -4.29
N ILE K 259 -98.51 32.83 -5.15
CA ILE K 259 -99.05 32.57 -6.49
C ILE K 259 -99.50 31.11 -6.56
N ARG K 260 -100.58 30.80 -7.26
CA ARG K 260 -100.99 29.40 -7.49
C ARG K 260 -99.99 28.68 -8.41
N ILE K 261 -99.50 27.51 -8.02
CA ILE K 261 -98.57 26.67 -8.81
C ILE K 261 -99.07 25.21 -8.87
N ALA K 262 -98.91 24.52 -10.00
CA ALA K 262 -99.18 23.08 -10.08
C ALA K 262 -98.15 22.38 -10.96
N ALA K 263 -97.22 21.68 -10.33
CA ALA K 263 -96.07 21.04 -10.97
C ALA K 263 -96.39 19.65 -11.52
N TYR K 264 -95.64 19.21 -12.53
CA TYR K 264 -95.67 17.83 -13.01
C TYR K 264 -94.25 17.26 -13.09
N LYS K 265 -94.07 16.02 -12.62
CA LYS K 265 -92.84 15.27 -12.89
C LYS K 265 -92.60 15.23 -14.40
N SER K 266 -91.36 15.26 -14.83
CA SER K 266 -91.03 15.41 -16.25
C SER K 266 -90.07 14.34 -16.73
N ILE K 267 -88.96 14.15 -16.02
CA ILE K 267 -88.17 12.93 -16.10
C ILE K 267 -88.48 12.12 -14.86
N LEU K 268 -88.78 10.85 -15.04
CA LEU K 268 -88.74 9.87 -13.96
C LEU K 268 -88.10 8.59 -14.48
N GLN K 269 -87.12 8.03 -13.77
CA GLN K 269 -86.48 6.77 -14.17
C GLN K 269 -87.53 5.64 -14.09
N GLU K 270 -88.08 5.22 -15.21
CA GLU K 270 -89.35 4.49 -15.20
C GLU K 270 -89.20 2.97 -15.02
N ARG K 271 -90.14 2.40 -14.25
CA ARG K 271 -90.20 0.99 -13.83
C ARG K 271 -91.47 0.33 -14.37
N VAL K 272 -91.42 -0.97 -14.64
CA VAL K 272 -92.54 -1.73 -15.25
C VAL K 272 -93.74 -1.80 -14.31
N LYS K 273 -94.97 -1.74 -14.87
CA LYS K 273 -96.24 -1.72 -14.13
C LYS K 273 -96.51 -2.99 -13.33
N LYS K 274 -96.48 -4.16 -13.96
CA LYS K 274 -96.82 -5.44 -13.31
C LYS K 274 -95.58 -6.13 -12.77
N THR K 275 -95.55 -6.40 -11.48
CA THR K 275 -94.50 -7.21 -10.84
C THR K 275 -94.60 -8.69 -11.24
N TRP K 276 -93.49 -9.42 -11.15
CA TRP K 276 -93.48 -10.87 -11.26
C TRP K 276 -94.18 -11.53 -10.07
N THR K 277 -95.40 -12.01 -10.29
CA THR K 277 -96.17 -12.85 -9.36
C THR K 277 -95.46 -14.16 -9.05
N VAL K 278 -95.74 -14.76 -7.89
CA VAL K 278 -95.09 -16.01 -7.43
C VAL K 278 -96.08 -17.17 -7.50
N VAL K 279 -95.67 -18.29 -8.09
CA VAL K 279 -96.57 -19.38 -8.49
C VAL K 279 -95.96 -20.78 -8.30
N ASP K 280 -96.77 -21.72 -7.82
CA ASP K 280 -96.40 -23.12 -7.58
C ASP K 280 -96.05 -23.86 -8.89
N ALA K 281 -94.97 -24.62 -8.90
CA ALA K 281 -94.42 -25.22 -10.11
C ALA K 281 -95.31 -26.21 -10.85
N LYS K 282 -96.25 -26.89 -10.18
CA LYS K 282 -97.07 -27.95 -10.77
C LYS K 282 -98.54 -27.57 -10.93
N THR K 283 -99.09 -26.78 -10.01
CA THR K 283 -100.47 -26.31 -10.05
C THR K 283 -100.63 -25.05 -10.89
N LEU K 284 -99.59 -24.22 -10.99
CA LEU K 284 -99.61 -22.93 -11.67
C LEU K 284 -100.71 -21.97 -11.13
N LYS K 285 -100.97 -21.99 -9.82
CA LYS K 285 -101.90 -21.08 -9.12
C LYS K 285 -101.17 -20.11 -8.16
N LYS K 286 -101.46 -18.81 -8.29
CA LYS K 286 -100.77 -17.68 -7.65
C LYS K 286 -101.10 -17.44 -6.17
N GLU K 287 -101.68 -18.42 -5.49
CA GLU K 287 -102.11 -18.31 -4.09
C GLU K 287 -101.94 -19.60 -3.28
N ASP K 288 -101.26 -20.60 -3.85
CA ASP K 288 -100.86 -21.82 -3.14
C ASP K 288 -99.57 -21.65 -2.32
N ILE K 289 -99.00 -20.45 -2.24
CA ILE K 289 -97.88 -20.11 -1.36
C ILE K 289 -98.27 -19.01 -0.36
N GLN K 290 -98.09 -19.27 0.93
CA GLN K 290 -98.14 -18.28 2.02
C GLN K 290 -96.74 -17.97 2.53
N LYS K 291 -96.41 -16.69 2.70
CA LYS K 291 -95.07 -16.24 3.07
C LYS K 291 -95.01 -15.91 4.55
N GLU K 292 -94.74 -16.91 5.37
CA GLU K 292 -94.58 -16.75 6.82
C GLU K 292 -93.27 -16.02 7.15
N THR K 293 -93.36 -14.74 7.51
CA THR K 293 -92.25 -14.02 8.16
C THR K 293 -92.23 -14.35 9.65
N VAL K 294 -91.85 -15.56 10.04
CA VAL K 294 -91.70 -15.98 11.45
C VAL K 294 -90.47 -15.34 12.14
N TYR K 295 -90.48 -15.26 13.47
CA TYR K 295 -89.41 -14.68 14.30
C TYR K 295 -88.78 -15.68 15.25
N CYS K 296 -87.49 -15.50 15.56
CA CYS K 296 -86.77 -16.29 16.55
C CYS K 296 -85.98 -15.44 17.55
N LEU K 297 -86.16 -15.66 18.85
CA LEU K 297 -85.13 -15.40 19.84
C LEU K 297 -84.13 -16.57 19.79
N ASN K 298 -82.83 -16.39 19.97
CA ASN K 298 -81.82 -17.41 19.76
C ASN K 298 -81.69 -18.45 20.90
N ASP K 299 -82.40 -18.26 22.01
CA ASP K 299 -82.48 -19.19 23.15
C ASP K 299 -83.31 -20.45 22.87
N ASP K 300 -82.88 -21.25 21.88
CA ASP K 300 -83.56 -22.44 21.37
C ASP K 300 -85.00 -22.14 20.94
N ASP K 301 -85.12 -21.37 19.87
CA ASP K 301 -86.34 -21.20 19.07
C ASP K 301 -87.60 -20.82 19.88
N GLU K 302 -87.47 -19.92 20.85
CA GLU K 302 -88.61 -19.18 21.36
C GLU K 302 -89.16 -18.24 20.26
N THR K 303 -90.36 -18.54 19.77
CA THR K 303 -91.01 -17.81 18.68
C THR K 303 -91.87 -16.67 19.21
N GLU K 304 -91.61 -15.45 18.77
CA GLU K 304 -92.27 -14.24 19.23
C GLU K 304 -93.59 -13.95 18.52
N VAL K 305 -94.38 -13.03 19.11
CA VAL K 305 -95.58 -12.45 18.50
C VAL K 305 -95.34 -10.96 18.26
N LEU K 306 -95.32 -10.53 17.00
CA LEU K 306 -94.97 -9.15 16.64
C LEU K 306 -95.94 -8.11 17.22
N LYS K 307 -97.20 -8.51 17.42
CA LYS K 307 -98.28 -7.64 17.94
C LYS K 307 -98.15 -7.33 19.43
N GLU K 308 -97.21 -7.96 20.14
CA GLU K 308 -97.04 -7.78 21.59
C GLU K 308 -95.59 -7.56 22.01
N ASP K 309 -94.62 -8.23 21.38
CA ASP K 309 -93.32 -8.47 21.98
C ASP K 309 -92.12 -7.99 21.16
N ILE K 310 -92.33 -7.30 20.03
CA ILE K 310 -91.23 -6.84 19.17
C ILE K 310 -91.27 -5.32 19.03
N ILE K 311 -90.19 -4.67 19.42
CA ILE K 311 -90.08 -3.23 19.51
C ILE K 311 -88.85 -2.79 18.74
N GLN K 312 -88.98 -1.86 17.80
CA GLN K 312 -87.83 -1.48 16.98
C GLN K 312 -86.78 -0.77 17.82
N GLY K 313 -85.50 -0.98 17.52
CA GLY K 313 -84.43 -0.18 18.09
C GLY K 313 -83.56 0.49 17.03
N PHE K 314 -82.88 1.57 17.40
CA PHE K 314 -81.76 2.09 16.63
C PHE K 314 -80.45 1.65 17.29
N ARG K 315 -79.32 2.04 16.73
CA ARG K 315 -78.00 1.63 17.21
C ARG K 315 -77.14 2.86 17.44
N TYR K 316 -76.46 2.89 18.58
CA TYR K 316 -75.77 4.07 19.07
C TYR K 316 -74.38 3.66 19.58
N GLY K 317 -73.40 3.70 18.68
CA GLY K 317 -72.03 3.29 18.98
C GLY K 317 -71.94 1.80 19.25
N SER K 318 -71.19 1.43 20.28
CA SER K 318 -71.05 0.06 20.76
C SER K 318 -72.31 -0.56 21.39
N ASP K 319 -73.47 0.09 21.40
CA ASP K 319 -74.68 -0.46 22.03
C ASP K 319 -76.00 -0.09 21.33
N ILE K 320 -77.03 -0.89 21.59
CA ILE K 320 -78.40 -0.71 21.10
C ILE K 320 -79.22 0.14 22.06
N VAL K 321 -80.13 0.98 21.56
CA VAL K 321 -81.11 1.66 22.40
C VAL K 321 -82.54 1.45 21.90
N PRO K 322 -83.48 1.04 22.76
CA PRO K 322 -84.86 0.84 22.34
C PRO K 322 -85.63 2.17 22.27
N PHE K 323 -86.20 2.45 21.11
CA PHE K 323 -87.29 3.40 20.92
C PHE K 323 -88.63 2.69 21.17
N SER K 324 -89.74 3.33 20.84
CA SER K 324 -90.99 2.66 20.44
C SER K 324 -91.39 3.21 19.09
N LYS K 325 -91.93 2.41 18.14
CA LYS K 325 -92.42 3.00 16.86
C LYS K 325 -93.42 4.15 17.09
N VAL K 326 -94.12 4.02 18.22
CA VAL K 326 -95.13 4.91 18.80
C VAL K 326 -94.58 6.05 19.69
N ASP K 327 -93.28 6.05 19.99
CA ASP K 327 -92.61 7.22 20.60
C ASP K 327 -91.72 7.95 19.58
N GLU K 328 -91.30 7.32 18.47
CA GLU K 328 -90.67 8.07 17.40
C GLU K 328 -91.65 9.09 16.83
N GLU K 329 -92.89 8.69 16.56
CA GLU K 329 -93.96 9.59 16.11
C GLU K 329 -94.28 10.71 17.11
N GLN K 330 -93.94 10.56 18.39
CA GLN K 330 -94.13 11.59 19.41
C GLN K 330 -93.04 12.68 19.34
N MET K 331 -91.85 12.32 18.85
CA MET K 331 -90.64 13.17 18.83
C MET K 331 -90.17 13.55 17.42
N LYS K 332 -90.65 12.87 16.38
CA LYS K 332 -90.27 13.02 14.97
C LYS K 332 -90.47 14.45 14.49
N TYR K 333 -89.58 14.91 13.62
CA TYR K 333 -89.74 16.19 12.94
C TYR K 333 -90.97 16.19 12.03
N LYS K 334 -91.97 17.00 12.37
CA LYS K 334 -93.23 17.14 11.63
C LYS K 334 -93.24 18.46 10.88
N SER K 335 -93.38 18.41 9.56
CA SER K 335 -93.55 19.62 8.75
C SER K 335 -94.88 20.28 9.07
N GLU K 336 -94.91 21.61 9.16
CA GLU K 336 -96.10 22.36 9.52
C GLU K 336 -97.11 22.48 8.37
N GLY K 337 -96.74 22.09 7.15
CA GLY K 337 -97.61 22.13 5.98
C GLY K 337 -97.03 21.49 4.73
N LYS K 338 -97.89 21.32 3.71
CA LYS K 338 -97.58 20.76 2.38
C LYS K 338 -96.92 21.83 1.48
N CYS K 339 -95.85 22.41 1.98
CA CYS K 339 -95.28 23.70 1.59
C CYS K 339 -94.61 23.74 0.20
N PHE K 340 -94.58 24.93 -0.42
CA PHE K 340 -93.56 25.34 -1.40
C PHE K 340 -93.25 26.83 -1.21
N SER K 341 -92.02 27.23 -0.88
CA SER K 341 -91.70 28.64 -0.56
C SER K 341 -90.23 29.00 -0.81
N VAL K 342 -89.97 30.03 -1.60
CA VAL K 342 -88.61 30.41 -2.02
C VAL K 342 -87.79 30.94 -0.83
N LEU K 343 -86.52 30.55 -0.72
CA LEU K 343 -85.61 31.01 0.31
C LEU K 343 -84.81 32.26 -0.11
N GLY K 344 -84.56 32.43 -1.41
CA GLY K 344 -83.76 33.54 -1.97
C GLY K 344 -83.21 33.19 -3.35
N PHE K 345 -82.27 33.97 -3.88
CA PHE K 345 -81.73 33.80 -5.25
C PHE K 345 -80.20 33.97 -5.35
N CYS K 346 -79.52 33.39 -6.34
CA CYS K 346 -78.08 33.61 -6.56
C CYS K 346 -77.58 33.09 -7.90
N LYS K 347 -76.43 33.55 -8.42
CA LYS K 347 -76.00 33.23 -9.78
C LYS K 347 -75.89 31.73 -10.21
N SER K 348 -75.89 31.49 -11.50
CA SER K 348 -75.64 30.15 -12.05
C SER K 348 -74.30 29.57 -11.57
N SER K 349 -73.31 30.45 -11.32
CA SER K 349 -72.00 30.14 -10.72
C SER K 349 -72.08 29.43 -9.36
N GLN K 350 -73.05 29.75 -8.49
CA GLN K 350 -73.19 29.09 -7.19
C GLN K 350 -73.56 27.61 -7.33
N VAL K 351 -74.05 27.17 -8.49
CA VAL K 351 -74.63 25.85 -8.72
C VAL K 351 -73.98 25.17 -9.92
N GLN K 352 -72.92 24.43 -9.65
CA GLN K 352 -72.20 23.70 -10.68
C GLN K 352 -73.00 22.47 -11.14
N ARG K 353 -72.65 21.84 -12.20
CA ARG K 353 -73.27 20.74 -12.89
C ARG K 353 -73.39 19.53 -11.97
N ARG K 354 -72.27 19.09 -11.38
CA ARG K 354 -72.13 17.79 -10.76
C ARG K 354 -73.17 17.54 -9.70
N PHE K 355 -73.44 18.55 -8.89
CA PHE K 355 -73.96 18.28 -7.57
C PHE K 355 -75.41 17.80 -7.60
N PHE K 356 -76.20 18.07 -8.66
CA PHE K 356 -77.63 17.73 -8.75
C PHE K 356 -77.94 16.31 -8.26
N MET K 357 -78.96 16.17 -7.41
CA MET K 357 -79.08 15.06 -6.49
C MET K 357 -80.46 14.33 -6.48
N GLY K 358 -81.33 14.56 -7.45
CA GLY K 358 -82.75 14.18 -7.37
C GLY K 358 -83.12 12.80 -7.87
N ASN K 359 -84.23 12.30 -7.33
CA ASN K 359 -84.96 11.15 -7.85
C ASN K 359 -85.74 11.47 -9.14
N GLN K 360 -86.25 12.71 -9.24
CA GLN K 360 -87.13 13.20 -10.30
C GLN K 360 -86.84 14.66 -10.65
N VAL K 361 -87.38 15.14 -11.77
CA VAL K 361 -87.43 16.56 -12.12
C VAL K 361 -88.88 17.01 -12.16
N LEU K 362 -89.24 18.15 -11.58
CA LEU K 362 -90.58 18.76 -11.74
C LEU K 362 -90.55 19.79 -12.87
N LYS K 363 -91.66 20.03 -13.55
CA LYS K 363 -91.98 21.26 -14.29
C LYS K 363 -93.15 21.92 -13.60
N VAL K 364 -92.95 23.14 -13.15
CA VAL K 364 -93.57 23.85 -12.03
C VAL K 364 -94.38 25.02 -12.60
N PHE K 365 -95.68 24.83 -12.84
CA PHE K 365 -96.48 25.62 -13.79
C PHE K 365 -97.58 26.47 -13.13
N ALA K 366 -97.96 27.57 -13.78
CA ALA K 366 -99.10 28.39 -13.37
C ALA K 366 -100.41 27.61 -13.42
N ALA K 367 -101.21 27.70 -12.36
CA ALA K 367 -102.41 26.89 -12.17
C ALA K 367 -103.43 27.05 -13.29
N ARG K 368 -104.16 25.98 -13.62
CA ARG K 368 -105.08 25.97 -14.77
C ARG K 368 -106.22 26.99 -14.60
N ASP K 369 -106.40 27.81 -15.63
CA ASP K 369 -107.33 28.94 -15.70
C ASP K 369 -107.10 30.07 -14.66
N ASP K 370 -105.91 30.17 -14.05
CA ASP K 370 -105.54 31.37 -13.27
C ASP K 370 -104.71 32.34 -14.12
N GLU K 371 -105.41 33.26 -14.77
CA GLU K 371 -104.81 34.30 -15.61
C GLU K 371 -104.03 35.36 -14.81
N ALA K 372 -104.29 35.52 -13.50
CA ALA K 372 -103.44 36.33 -12.62
C ALA K 372 -102.11 35.61 -12.33
N ALA K 373 -102.16 34.30 -12.03
CA ALA K 373 -100.95 33.52 -11.89
C ALA K 373 -100.16 33.47 -13.20
N ALA K 374 -100.81 33.35 -14.35
CA ALA K 374 -100.16 33.30 -15.65
C ALA K 374 -99.30 34.56 -15.91
N VAL K 375 -99.82 35.76 -15.65
CA VAL K 375 -99.02 36.99 -15.79
C VAL K 375 -97.92 37.09 -14.71
N ALA K 376 -98.22 36.69 -13.48
CA ALA K 376 -97.26 36.81 -12.39
C ALA K 376 -96.07 35.85 -12.52
N LEU K 377 -96.31 34.59 -12.86
CA LEU K 377 -95.25 33.61 -13.05
C LEU K 377 -94.49 33.84 -14.35
N SER K 378 -95.16 34.22 -15.45
CA SER K 378 -94.41 34.65 -16.64
C SER K 378 -93.50 35.84 -16.32
N SER K 379 -93.92 36.78 -15.47
CA SER K 379 -93.04 37.85 -14.98
C SER K 379 -91.87 37.29 -14.17
N LEU K 380 -92.12 36.38 -13.22
CA LEU K 380 -91.11 35.74 -12.38
C LEU K 380 -89.97 35.19 -13.23
N ILE K 381 -90.29 34.29 -14.16
CA ILE K 381 -89.29 33.55 -14.92
C ILE K 381 -88.68 34.43 -16.02
N HIS K 382 -89.44 35.32 -16.66
CA HIS K 382 -88.81 36.31 -17.55
C HIS K 382 -87.83 37.23 -16.83
N ALA K 383 -88.02 37.50 -15.54
CA ALA K 383 -87.06 38.24 -14.73
C ALA K 383 -85.88 37.40 -14.23
N LEU K 384 -85.85 36.09 -14.50
CA LEU K 384 -84.71 35.22 -14.24
C LEU K 384 -83.94 34.89 -15.53
N ASP K 385 -84.59 34.99 -16.70
CA ASP K 385 -83.99 34.70 -18.02
C ASP K 385 -82.74 35.53 -18.34
N ASP K 386 -82.58 36.70 -17.73
CA ASP K 386 -81.62 37.73 -18.12
C ASP K 386 -80.51 38.00 -17.08
N LEU K 387 -80.74 37.72 -15.80
CA LEU K 387 -79.76 37.94 -14.72
C LEU K 387 -78.80 36.76 -14.49
N ASP K 388 -79.02 35.60 -15.12
CA ASP K 388 -78.38 34.32 -14.76
C ASP K 388 -78.62 33.90 -13.29
N MET K 389 -79.54 34.57 -12.59
CA MET K 389 -79.92 34.19 -11.24
C MET K 389 -80.77 32.93 -11.24
N VAL K 390 -80.58 32.11 -10.24
CA VAL K 390 -81.45 30.99 -9.88
C VAL K 390 -82.13 31.03 -8.50
N ALA K 391 -83.29 30.43 -8.35
CA ALA K 391 -83.98 30.29 -7.07
C ALA K 391 -83.51 29.09 -6.24
N ILE K 392 -83.72 29.19 -4.94
CA ILE K 392 -83.44 28.16 -3.95
C ILE K 392 -84.71 28.06 -3.10
N VAL K 393 -85.27 26.87 -2.89
CA VAL K 393 -86.66 26.73 -2.44
C VAL K 393 -86.84 25.61 -1.45
N ARG K 394 -87.57 25.83 -0.34
CA ARG K 394 -88.02 24.73 0.51
C ARG K 394 -89.15 24.03 -0.23
N TYR K 395 -89.11 22.73 -0.39
CA TYR K 395 -90.29 21.97 -0.83
C TYR K 395 -90.74 20.77 0.06
N ALA K 396 -91.97 20.36 -0.13
CA ALA K 396 -92.60 19.19 0.46
C ALA K 396 -93.83 18.79 -0.35
N TYR K 397 -93.84 17.55 -0.87
CA TYR K 397 -94.95 17.03 -1.66
C TYR K 397 -96.27 17.00 -0.86
N ASP K 398 -96.22 16.52 0.37
CA ASP K 398 -97.38 16.31 1.23
C ASP K 398 -96.98 16.23 2.70
N LYS K 399 -97.95 16.14 3.60
CA LYS K 399 -97.74 16.05 5.05
C LYS K 399 -97.05 14.73 5.40
N ARG K 400 -96.31 14.70 6.51
CA ARG K 400 -95.46 13.59 7.00
C ARG K 400 -94.22 13.29 6.17
N ALA K 401 -94.24 13.49 4.86
CA ALA K 401 -93.06 13.27 4.02
C ALA K 401 -91.94 14.27 4.35
N ASN K 402 -90.71 13.92 4.03
CA ASN K 402 -89.55 14.72 4.40
C ASN K 402 -89.58 16.11 3.75
N PRO K 403 -89.16 17.17 4.46
CA PRO K 403 -88.91 18.47 3.86
C PRO K 403 -87.75 18.38 2.88
N GLN K 404 -87.60 19.38 2.04
CA GLN K 404 -86.76 19.23 0.88
C GLN K 404 -86.15 20.56 0.47
N VAL K 405 -84.96 20.58 -0.10
CA VAL K 405 -84.34 21.79 -0.64
C VAL K 405 -83.84 21.74 -2.08
N GLY K 406 -83.84 22.86 -2.79
CA GLY K 406 -82.97 23.01 -3.95
C GLY K 406 -83.44 23.96 -5.04
N VAL K 407 -82.86 23.74 -6.21
CA VAL K 407 -82.64 24.74 -7.24
C VAL K 407 -83.76 24.75 -8.24
N ALA K 408 -84.45 25.86 -8.40
CA ALA K 408 -85.56 25.96 -9.34
C ALA K 408 -85.08 26.72 -10.61
N PHE K 409 -84.54 25.98 -11.57
CA PHE K 409 -83.62 26.39 -12.64
C PHE K 409 -84.38 26.75 -13.94
N PRO K 410 -84.46 28.03 -14.34
CA PRO K 410 -85.20 28.48 -15.52
C PRO K 410 -84.50 28.30 -16.87
N HIS K 411 -85.31 28.22 -17.93
CA HIS K 411 -84.98 27.91 -19.33
C HIS K 411 -86.14 28.39 -20.22
N ILE K 412 -85.98 28.55 -21.54
CA ILE K 412 -87.06 29.06 -22.42
C ILE K 412 -87.23 28.31 -23.73
N LYS K 413 -88.49 28.08 -24.09
CA LYS K 413 -88.97 27.46 -25.33
C LYS K 413 -90.03 28.38 -25.94
N HIS K 414 -90.16 28.45 -27.26
CA HIS K 414 -91.03 29.47 -27.90
C HIS K 414 -92.51 29.37 -27.46
N ASN K 415 -92.99 28.16 -27.16
CA ASN K 415 -94.32 27.99 -26.60
C ASN K 415 -94.64 28.07 -25.09
N TYR K 416 -93.65 28.10 -24.20
CA TYR K 416 -93.82 28.27 -22.75
C TYR K 416 -92.48 28.55 -22.08
N GLU K 417 -92.51 29.25 -20.94
CA GLU K 417 -91.34 29.39 -20.08
C GLU K 417 -91.10 28.11 -19.27
N CYS K 418 -89.86 27.67 -19.17
CA CYS K 418 -89.46 26.56 -18.32
C CYS K 418 -88.88 27.11 -17.01
N LEU K 419 -89.30 26.52 -15.91
CA LEU K 419 -88.58 26.59 -14.64
C LEU K 419 -88.75 25.24 -13.95
N VAL K 420 -87.76 24.37 -14.13
CA VAL K 420 -87.73 23.06 -13.49
C VAL K 420 -87.34 23.20 -12.03
N TYR K 421 -87.82 22.34 -11.15
CA TYR K 421 -87.30 22.23 -9.79
C TYR K 421 -86.55 20.91 -9.63
N VAL K 422 -85.36 20.96 -9.01
CA VAL K 422 -84.49 19.81 -8.73
C VAL K 422 -83.93 19.85 -7.31
N GLN K 423 -83.84 18.71 -6.62
CA GLN K 423 -83.25 18.65 -5.27
C GLN K 423 -81.74 18.83 -5.26
N LEU K 424 -81.22 19.55 -4.27
CA LEU K 424 -79.79 19.70 -3.99
C LEU K 424 -79.39 19.19 -2.61
N PRO K 425 -78.13 18.74 -2.44
CA PRO K 425 -77.69 18.06 -1.24
C PRO K 425 -77.77 18.91 0.01
N PHE K 426 -78.05 18.28 1.15
CA PHE K 426 -77.68 18.83 2.45
C PHE K 426 -76.19 18.60 2.74
N MET K 427 -75.64 19.25 3.77
CA MET K 427 -74.22 19.14 4.08
C MET K 427 -73.70 17.72 4.31
N GLU K 428 -74.53 16.79 4.79
CA GLU K 428 -74.15 15.39 4.99
C GLU K 428 -74.42 14.48 3.78
N ASP K 429 -75.05 14.97 2.72
CA ASP K 429 -75.19 14.22 1.46
C ASP K 429 -73.99 14.38 0.50
N LEU K 430 -73.08 15.27 0.83
CA LEU K 430 -71.97 15.69 -0.02
C LEU K 430 -70.66 15.08 0.49
N ARG K 431 -69.90 14.41 -0.38
CA ARG K 431 -68.64 13.73 -0.03
C ARG K 431 -67.45 14.49 -0.59
N GLN K 432 -66.46 14.78 0.26
CA GLN K 432 -65.26 15.50 -0.15
C GLN K 432 -64.03 14.62 0.04
N TYR K 433 -63.32 14.36 -1.06
CA TYR K 433 -62.10 13.56 -1.09
C TYR K 433 -61.05 14.29 -1.94
N MET K 434 -59.80 14.35 -1.50
CA MET K 434 -58.71 14.87 -2.33
C MET K 434 -58.11 13.75 -3.18
N PHE K 435 -58.77 13.47 -4.31
CA PHE K 435 -58.19 12.65 -5.37
C PHE K 435 -56.85 13.23 -5.80
N SER K 436 -55.80 12.40 -5.84
CA SER K 436 -54.45 12.84 -6.20
C SER K 436 -54.47 13.50 -7.59
N SER K 437 -54.12 14.78 -7.64
CA SER K 437 -54.46 15.70 -8.74
C SER K 437 -53.50 15.58 -9.93
N LEU K 438 -54.03 15.54 -11.15
CA LEU K 438 -53.33 14.88 -12.26
C LEU K 438 -52.33 15.75 -13.04
N LYS K 439 -52.40 17.08 -12.94
CA LYS K 439 -51.47 18.03 -13.61
C LYS K 439 -50.00 17.92 -13.14
N ASN K 440 -49.74 17.20 -12.05
CA ASN K 440 -48.41 16.85 -11.55
C ASN K 440 -47.81 15.68 -12.37
N SER K 441 -47.77 15.85 -13.70
CA SER K 441 -47.72 14.77 -14.70
C SER K 441 -46.38 14.02 -14.82
N LYS K 442 -45.35 14.42 -14.08
CA LYS K 442 -43.97 13.92 -14.14
C LYS K 442 -43.78 12.39 -14.03
N LYS K 443 -44.63 11.64 -13.41
CA LYS K 443 -44.65 10.16 -13.33
C LYS K 443 -45.71 9.44 -14.31
N TYR K 444 -46.53 10.15 -15.10
CA TYR K 444 -47.64 9.66 -15.90
C TYR K 444 -47.61 10.46 -17.20
N ALA K 445 -46.49 10.45 -17.92
CA ALA K 445 -46.17 11.44 -18.94
C ALA K 445 -47.16 11.48 -20.14
N PRO K 446 -47.73 12.66 -20.49
CA PRO K 446 -48.50 12.88 -21.71
C PRO K 446 -47.63 13.46 -22.84
N THR K 447 -46.87 12.62 -23.56
CA THR K 447 -45.86 13.11 -24.52
C THR K 447 -46.46 13.62 -25.84
N GLU K 448 -45.67 14.40 -26.59
CA GLU K 448 -46.09 15.09 -27.82
C GLU K 448 -46.77 14.18 -28.85
N ALA K 449 -46.26 12.98 -29.07
CA ALA K 449 -46.83 12.01 -30.02
C ALA K 449 -48.15 11.40 -29.53
N GLN K 450 -48.29 11.13 -28.22
CA GLN K 450 -49.56 10.69 -27.63
C GLN K 450 -50.62 11.78 -27.79
N LEU K 451 -50.28 13.02 -27.44
CA LEU K 451 -51.20 14.15 -27.60
C LEU K 451 -51.57 14.36 -29.08
N ASN K 452 -50.59 14.39 -29.96
CA ASN K 452 -50.83 14.37 -31.38
C ASN K 452 -51.51 13.15 -32.07
N ALA K 453 -51.82 12.09 -31.34
CA ALA K 453 -52.75 11.05 -31.76
C ALA K 453 -54.17 11.43 -31.32
N VAL K 454 -54.39 11.67 -30.02
CA VAL K 454 -55.69 12.02 -29.44
C VAL K 454 -56.32 13.22 -30.12
N ASP K 455 -55.52 14.21 -30.51
CA ASP K 455 -55.94 15.39 -31.27
C ASP K 455 -56.83 15.06 -32.48
N ALA K 456 -56.56 14.03 -33.23
CA ALA K 456 -57.46 13.48 -34.19
C ALA K 456 -58.61 12.50 -33.81
N LEU K 457 -58.58 11.82 -32.66
CA LEU K 457 -59.58 10.85 -32.22
C LEU K 457 -60.93 11.54 -32.04
N ILE K 458 -60.90 12.57 -31.21
CA ILE K 458 -62.07 13.21 -30.64
C ILE K 458 -62.79 14.14 -31.63
N ASP K 459 -62.12 14.53 -32.72
CA ASP K 459 -62.77 15.08 -33.91
C ASP K 459 -63.24 13.95 -34.86
N SER K 460 -62.38 13.00 -35.22
CA SER K 460 -62.75 11.84 -35.99
C SER K 460 -63.98 10.98 -35.58
N MET K 461 -64.22 10.69 -34.29
CA MET K 461 -65.35 9.89 -33.80
C MET K 461 -66.55 10.75 -33.38
N SER K 462 -66.65 11.98 -33.86
CA SER K 462 -67.82 12.83 -33.67
C SER K 462 -69.10 12.19 -34.25
N LEU K 463 -70.15 12.20 -33.45
CA LEU K 463 -71.53 11.86 -33.84
C LEU K 463 -72.23 13.07 -34.46
N ALA K 464 -72.11 14.19 -33.76
CA ALA K 464 -72.62 15.45 -34.21
C ALA K 464 -71.75 15.90 -35.40
N LYS K 465 -72.37 15.95 -36.59
CA LYS K 465 -71.76 16.50 -37.81
C LYS K 465 -72.41 17.83 -38.17
N LYS K 466 -71.58 18.76 -38.63
CA LYS K 466 -71.91 20.16 -39.00
C LYS K 466 -72.63 20.30 -40.35
N ASP K 467 -73.58 19.43 -40.67
CA ASP K 467 -74.33 19.49 -41.93
C ASP K 467 -75.48 20.53 -41.91
N GLU K 468 -75.23 21.75 -41.40
CA GLU K 468 -76.25 22.73 -41.03
C GLU K 468 -75.73 24.19 -41.02
N LYS K 469 -76.66 25.15 -41.04
CA LYS K 469 -76.43 26.60 -40.88
C LYS K 469 -77.28 27.21 -39.74
N THR K 470 -78.13 26.42 -39.09
CA THR K 470 -78.79 26.73 -37.81
C THR K 470 -77.83 26.78 -36.60
N ASP K 471 -76.57 26.37 -36.75
CA ASP K 471 -75.63 26.06 -35.67
C ASP K 471 -76.09 24.93 -34.72
N THR K 472 -77.09 24.14 -35.15
CA THR K 472 -77.45 22.85 -34.54
C THR K 472 -76.94 21.73 -35.45
N LEU K 473 -76.13 20.84 -34.90
CA LEU K 473 -75.54 19.71 -35.64
C LEU K 473 -76.57 18.59 -35.84
N GLU K 474 -76.26 17.67 -36.75
CA GLU K 474 -77.22 16.69 -37.27
C GLU K 474 -77.97 15.87 -36.19
N ASP K 475 -77.41 15.77 -34.98
CA ASP K 475 -77.99 14.99 -33.87
C ASP K 475 -78.16 13.53 -34.30
N LEU K 476 -77.06 12.98 -34.83
CA LEU K 476 -77.00 11.73 -35.58
C LEU K 476 -77.42 10.50 -34.75
N PHE K 477 -77.42 10.63 -33.42
CA PHE K 477 -77.78 9.60 -32.45
C PHE K 477 -78.60 10.20 -31.30
N PRO K 478 -79.93 10.36 -31.47
CA PRO K 478 -80.78 11.12 -30.55
C PRO K 478 -81.23 10.26 -29.37
N THR K 479 -80.31 9.93 -28.45
CA THR K 479 -80.51 8.91 -27.41
C THR K 479 -81.76 9.13 -26.55
N THR K 480 -82.22 10.36 -26.37
CA THR K 480 -83.46 10.63 -25.61
C THR K 480 -84.75 10.25 -26.36
N LYS K 481 -84.68 10.00 -27.67
CA LYS K 481 -85.78 9.48 -28.50
C LYS K 481 -85.79 7.95 -28.61
N ILE K 482 -84.72 7.25 -28.19
CA ILE K 482 -84.66 5.78 -28.20
C ILE K 482 -85.58 5.22 -27.09
N PRO K 483 -86.32 4.13 -27.31
CA PRO K 483 -87.09 3.44 -26.26
C PRO K 483 -86.19 2.58 -25.36
N ASN K 484 -86.55 2.33 -24.11
CA ASN K 484 -85.69 1.60 -23.19
C ASN K 484 -85.50 0.12 -23.62
N PRO K 485 -84.27 -0.33 -23.92
CA PRO K 485 -84.03 -1.71 -24.30
C PRO K 485 -84.46 -2.70 -23.23
N ARG K 486 -84.48 -2.36 -21.93
CA ARG K 486 -85.03 -3.23 -20.87
C ARG K 486 -86.46 -3.63 -21.18
N PHE K 487 -87.36 -2.75 -21.63
CA PHE K 487 -88.75 -3.14 -21.82
C PHE K 487 -89.00 -3.82 -23.15
N GLN K 488 -88.32 -3.37 -24.21
CA GLN K 488 -88.32 -4.08 -25.49
C GLN K 488 -87.94 -5.55 -25.27
N ARG K 489 -86.84 -5.81 -24.56
CA ARG K 489 -86.40 -7.16 -24.22
C ARG K 489 -87.41 -7.95 -23.38
N LEU K 490 -88.07 -7.32 -22.41
CA LEU K 490 -89.06 -8.01 -21.58
C LEU K 490 -90.26 -8.43 -22.42
N PHE K 491 -90.90 -7.51 -23.15
CA PHE K 491 -92.07 -7.85 -23.95
C PHE K 491 -91.74 -8.83 -25.05
N GLN K 492 -90.53 -8.77 -25.62
CA GLN K 492 -90.08 -9.70 -26.62
C GLN K 492 -90.00 -11.13 -26.10
N CYS K 493 -89.55 -11.35 -24.87
CA CYS K 493 -89.64 -12.64 -24.21
C CYS K 493 -91.09 -13.05 -23.93
N LEU K 494 -91.90 -12.17 -23.34
CA LEU K 494 -93.30 -12.50 -23.08
C LEU K 494 -94.04 -12.85 -24.37
N LEU K 495 -93.71 -12.23 -25.51
CA LEU K 495 -94.23 -12.63 -26.81
C LEU K 495 -93.82 -14.07 -27.15
N HIS K 496 -92.52 -14.34 -27.22
CA HIS K 496 -92.01 -15.64 -27.64
C HIS K 496 -92.55 -16.78 -26.77
N ARG K 497 -92.53 -16.64 -25.44
CA ARG K 497 -93.09 -17.64 -24.53
C ARG K 497 -94.62 -17.71 -24.56
N ALA K 498 -95.32 -16.69 -25.06
CA ALA K 498 -96.76 -16.81 -25.31
C ALA K 498 -97.06 -17.64 -26.57
N LEU K 499 -96.42 -17.33 -27.70
CA LEU K 499 -96.65 -18.05 -28.95
C LEU K 499 -96.01 -19.45 -29.02
N HIS K 500 -95.02 -19.77 -28.18
CA HIS K 500 -94.29 -21.05 -28.21
C HIS K 500 -94.15 -21.67 -26.79
N PRO K 501 -95.28 -22.00 -26.13
CA PRO K 501 -95.40 -22.06 -24.66
C PRO K 501 -94.58 -23.08 -23.86
N ARG K 502 -93.72 -23.90 -24.48
CA ARG K 502 -92.80 -24.81 -23.77
C ARG K 502 -91.35 -24.74 -24.25
N GLU K 503 -91.02 -23.83 -25.15
CA GLU K 503 -89.70 -23.75 -25.80
C GLU K 503 -88.70 -22.82 -25.07
N PRO K 504 -87.37 -23.02 -25.21
CA PRO K 504 -86.41 -22.02 -24.77
C PRO K 504 -86.28 -20.57 -25.32
N LEU K 505 -85.67 -19.72 -24.53
CA LEU K 505 -85.65 -18.28 -24.80
C LEU K 505 -84.75 -17.93 -25.98
N PRO K 506 -85.09 -16.89 -26.76
CA PRO K 506 -84.33 -16.50 -27.93
C PRO K 506 -83.14 -15.60 -27.55
N PRO K 507 -82.19 -15.41 -28.46
CA PRO K 507 -81.20 -14.35 -28.36
C PRO K 507 -81.85 -12.96 -28.32
N ILE K 508 -81.04 -11.93 -28.07
CA ILE K 508 -81.46 -10.55 -28.31
C ILE K 508 -81.82 -10.41 -29.78
N GLN K 509 -83.03 -9.95 -30.13
CA GLN K 509 -83.37 -9.69 -31.53
C GLN K 509 -82.42 -8.63 -32.09
N GLN K 510 -81.84 -8.92 -33.26
CA GLN K 510 -80.69 -8.22 -33.83
C GLN K 510 -80.89 -6.73 -34.05
N HIS K 511 -82.09 -6.31 -34.46
CA HIS K 511 -82.37 -4.89 -34.68
C HIS K 511 -82.23 -4.05 -33.41
N ILE K 512 -82.38 -4.65 -32.22
CA ILE K 512 -82.12 -3.97 -30.95
C ILE K 512 -80.64 -3.60 -30.83
N TRP K 513 -79.70 -4.51 -31.14
CA TRP K 513 -78.29 -4.12 -31.22
C TRP K 513 -78.05 -3.05 -32.28
N ASN K 514 -78.66 -3.17 -33.45
CA ASN K 514 -78.46 -2.21 -34.52
C ASN K 514 -78.95 -0.80 -34.13
N MET K 515 -79.95 -0.71 -33.25
CA MET K 515 -80.45 0.53 -32.65
C MET K 515 -79.58 1.05 -31.50
N LEU K 516 -79.10 0.15 -30.65
CA LEU K 516 -78.41 0.43 -29.40
C LEU K 516 -76.90 0.67 -29.56
N ASN K 517 -76.27 0.06 -30.56
CA ASN K 517 -74.99 0.51 -31.09
C ASN K 517 -75.09 2.00 -31.48
N PRO K 518 -73.97 2.61 -31.95
CA PRO K 518 -73.93 3.91 -32.65
C PRO K 518 -73.17 3.82 -34.02
N PRO K 519 -73.37 2.74 -34.81
CA PRO K 519 -72.35 2.26 -35.73
C PRO K 519 -71.96 3.09 -36.96
N ALA K 520 -72.91 3.25 -37.89
CA ALA K 520 -72.72 3.45 -39.33
C ALA K 520 -71.42 4.15 -39.81
N GLU K 521 -71.49 5.38 -40.28
CA GLU K 521 -70.32 6.06 -40.87
C GLU K 521 -69.24 6.34 -39.82
N VAL K 522 -69.61 6.53 -38.56
CA VAL K 522 -68.65 6.87 -37.48
C VAL K 522 -67.60 5.77 -37.31
N THR K 523 -68.00 4.50 -37.35
CA THR K 523 -67.02 3.39 -37.33
C THR K 523 -66.14 3.35 -38.58
N THR K 524 -66.65 3.72 -39.76
CA THR K 524 -65.78 3.82 -40.96
C THR K 524 -64.73 4.93 -40.82
N LYS K 525 -65.04 6.02 -40.10
CA LYS K 525 -64.08 7.10 -39.81
C LYS K 525 -63.07 6.71 -38.74
N SER K 526 -63.49 5.96 -37.72
CA SER K 526 -62.68 5.74 -36.50
C SER K 526 -61.42 4.91 -36.70
N GLN K 527 -61.43 3.94 -37.60
CA GLN K 527 -60.51 2.80 -37.55
C GLN K 527 -59.02 3.19 -37.60
N ILE K 528 -58.67 4.21 -38.39
CA ILE K 528 -57.28 4.66 -38.55
C ILE K 528 -56.77 5.46 -37.35
N PRO K 529 -57.46 6.51 -36.85
CA PRO K 529 -57.04 7.17 -35.61
C PRO K 529 -56.98 6.21 -34.42
N LEU K 530 -57.92 5.27 -34.29
CA LEU K 530 -57.79 4.19 -33.29
C LEU K 530 -56.53 3.33 -33.52
N SER K 531 -56.16 3.03 -34.76
CA SER K 531 -54.97 2.20 -35.05
C SER K 531 -53.65 2.79 -34.56
N LYS K 532 -53.52 4.13 -34.50
CA LYS K 532 -52.35 4.79 -33.90
C LYS K 532 -52.42 4.92 -32.38
N ILE K 533 -53.60 4.80 -31.76
CA ILE K 533 -53.68 4.65 -30.29
C ILE K 533 -53.00 3.35 -29.85
N LYS K 534 -53.24 2.24 -30.57
CA LYS K 534 -52.76 0.89 -30.21
C LYS K 534 -51.24 0.79 -30.01
N THR K 535 -50.47 1.68 -30.63
CA THR K 535 -49.01 1.71 -30.60
C THR K 535 -48.47 2.81 -29.70
N LEU K 536 -49.01 4.03 -29.77
CA LEU K 536 -48.54 5.18 -28.97
C LEU K 536 -48.89 5.10 -27.48
N PHE K 537 -49.82 4.22 -27.10
CA PHE K 537 -50.19 3.97 -25.72
C PHE K 537 -50.02 2.48 -25.35
N PRO K 538 -49.55 2.17 -24.13
CA PRO K 538 -49.48 0.81 -23.62
C PRO K 538 -50.85 0.24 -23.23
N LEU K 539 -50.94 -1.09 -23.16
CA LEU K 539 -52.18 -1.85 -22.95
C LEU K 539 -51.88 -3.15 -22.19
N ILE K 540 -51.28 -3.01 -21.00
CA ILE K 540 -50.93 -4.12 -20.10
C ILE K 540 -52.21 -4.83 -19.60
N GLU K 541 -52.04 -6.10 -19.23
CA GLU K 541 -53.08 -7.10 -19.08
C GLU K 541 -54.23 -6.76 -18.12
N ALA K 542 -55.36 -7.43 -18.35
CA ALA K 542 -56.39 -7.72 -17.36
C ALA K 542 -56.82 -9.19 -17.46
N LYS K 543 -57.22 -9.79 -16.34
CA LYS K 543 -57.77 -11.15 -16.27
C LYS K 543 -59.15 -11.24 -16.94
N LYS K 544 -59.62 -12.47 -17.19
CA LYS K 544 -61.01 -12.78 -17.58
C LYS K 544 -61.64 -13.77 -16.60
N LYS K 545 -62.97 -13.73 -16.49
CA LYS K 545 -63.86 -14.70 -15.77
C LYS K 545 -64.90 -15.36 -16.69
N ASP K 546 -65.33 -16.57 -16.33
CA ASP K 546 -66.14 -17.48 -17.15
C ASP K 546 -67.64 -17.50 -16.78
N GLN K 547 -68.43 -18.43 -17.35
CA GLN K 547 -69.88 -18.51 -17.16
C GLN K 547 -70.40 -19.96 -17.13
N VAL K 548 -71.63 -20.28 -17.57
CA VAL K 548 -72.08 -21.67 -17.86
C VAL K 548 -71.18 -22.39 -18.88
N THR K 549 -70.45 -21.64 -19.69
CA THR K 549 -69.28 -22.10 -20.48
C THR K 549 -68.26 -22.90 -19.67
N ALA K 550 -68.16 -22.69 -18.35
CA ALA K 550 -67.34 -23.48 -17.44
C ALA K 550 -67.74 -24.96 -17.37
N GLN K 551 -68.92 -25.33 -17.89
CA GLN K 551 -69.29 -26.71 -18.23
C GLN K 551 -70.46 -26.73 -19.22
N GLU K 552 -70.20 -26.33 -20.47
CA GLU K 552 -71.16 -26.37 -21.58
C GLU K 552 -70.49 -26.91 -22.87
N ILE K 553 -71.29 -27.49 -23.77
CA ILE K 553 -70.82 -28.32 -24.89
C ILE K 553 -69.91 -27.58 -25.89
N PHE K 554 -69.05 -28.35 -26.57
CA PHE K 554 -68.32 -27.99 -27.79
C PHE K 554 -67.64 -26.62 -27.73
N ALA L 6 -47.86 -34.82 35.78
CA ALA L 6 -49.02 -34.38 34.99
C ALA L 6 -49.62 -33.11 35.56
N GLY L 7 -49.68 -32.03 34.76
CA GLY L 7 -50.29 -30.75 35.15
C GLY L 7 -51.79 -30.63 34.85
N VAL L 8 -52.36 -31.59 34.10
CA VAL L 8 -53.70 -31.57 33.49
C VAL L 8 -54.81 -31.15 34.46
N ARG L 9 -54.78 -31.64 35.70
CA ARG L 9 -55.80 -31.29 36.70
C ARG L 9 -55.66 -29.86 37.23
N CYS L 10 -54.46 -29.42 37.58
CA CYS L 10 -54.20 -28.02 37.96
C CYS L 10 -54.58 -27.06 36.79
N SER L 11 -54.29 -27.45 35.54
CA SER L 11 -54.80 -26.73 34.36
C SER L 11 -56.34 -26.69 34.32
N LEU L 12 -57.03 -27.83 34.40
CA LEU L 12 -58.48 -27.86 34.30
C LEU L 12 -59.19 -27.13 35.44
N LEU L 13 -58.62 -27.18 36.65
CA LEU L 13 -59.16 -26.47 37.81
C LEU L 13 -59.21 -24.96 37.55
N ARG L 14 -58.18 -24.37 36.92
CA ARG L 14 -58.20 -22.94 36.56
C ARG L 14 -59.14 -22.60 35.41
N LEU L 15 -59.50 -23.55 34.52
CA LEU L 15 -60.42 -23.29 33.41
C LEU L 15 -61.83 -22.94 33.93
N GLN L 16 -62.31 -23.67 34.93
CA GLN L 16 -63.57 -23.38 35.62
C GLN L 16 -63.55 -22.02 36.33
N GLU L 17 -62.39 -21.54 36.78
CA GLU L 17 -62.30 -20.19 37.37
C GLU L 17 -62.60 -19.12 36.32
N THR L 18 -62.10 -19.26 35.09
CA THR L 18 -62.33 -18.26 34.04
C THR L 18 -63.81 -18.09 33.67
N LEU L 19 -64.59 -19.16 33.77
CA LEU L 19 -66.04 -19.17 33.56
C LEU L 19 -66.82 -18.41 34.66
N SER L 20 -66.28 -18.37 35.88
CA SER L 20 -66.91 -17.76 37.08
C SER L 20 -66.41 -16.35 37.40
N ALA L 21 -65.31 -15.93 36.77
CA ALA L 21 -64.74 -14.57 36.89
C ALA L 21 -65.73 -13.47 36.43
N ALA L 22 -65.72 -12.32 37.09
CA ALA L 22 -66.63 -11.21 36.77
C ALA L 22 -66.30 -10.55 35.43
N ASP L 23 -65.02 -10.32 35.10
CA ASP L 23 -64.60 -9.77 33.80
C ASP L 23 -64.67 -10.87 32.72
N ARG L 24 -65.89 -11.17 32.25
CA ARG L 24 -66.15 -12.23 31.28
C ARG L 24 -65.42 -12.02 29.96
N CYS L 25 -65.33 -10.76 29.50
CA CYS L 25 -64.59 -10.38 28.30
C CYS L 25 -63.08 -10.71 28.43
N GLY L 26 -62.41 -10.25 29.50
CA GLY L 26 -60.98 -10.49 29.73
C GLY L 26 -60.64 -11.93 30.10
N ALA L 27 -61.47 -12.57 30.93
CA ALA L 27 -61.26 -13.94 31.39
C ALA L 27 -61.28 -14.97 30.24
N ALA L 28 -62.04 -14.74 29.17
CA ALA L 28 -61.98 -15.59 27.98
C ALA L 28 -60.55 -15.74 27.41
N LEU L 29 -59.73 -14.69 27.51
CA LEU L 29 -58.37 -14.69 26.97
C LEU L 29 -57.44 -15.62 27.77
N ALA L 30 -57.59 -15.66 29.09
CA ALA L 30 -56.92 -16.67 29.92
C ALA L 30 -57.43 -18.09 29.57
N GLY L 31 -58.75 -18.30 29.52
CA GLY L 31 -59.37 -19.60 29.26
C GLY L 31 -58.97 -20.21 27.90
N HIS L 32 -58.99 -19.42 26.84
CA HIS L 32 -58.55 -19.85 25.50
C HIS L 32 -57.11 -20.37 25.54
N GLN L 33 -56.16 -19.58 26.02
CA GLN L 33 -54.75 -19.95 25.99
C GLN L 33 -54.45 -21.09 26.97
N LEU L 34 -55.22 -21.22 28.03
CA LEU L 34 -55.17 -22.35 28.96
C LEU L 34 -55.60 -23.67 28.29
N ILE L 35 -56.69 -23.67 27.51
CA ILE L 35 -57.04 -24.83 26.69
C ILE L 35 -55.97 -25.08 25.62
N ARG L 36 -55.43 -24.01 25.01
CA ARG L 36 -54.35 -24.13 24.01
C ARG L 36 -53.09 -24.80 24.59
N GLY L 37 -52.80 -24.61 25.89
CA GLY L 37 -51.75 -25.35 26.60
C GLY L 37 -52.15 -26.79 26.95
N LEU L 38 -53.30 -26.98 27.57
CA LEU L 38 -53.85 -28.29 27.95
C LEU L 38 -53.89 -29.27 26.75
N GLY L 39 -54.35 -28.81 25.59
CA GLY L 39 -54.41 -29.59 24.35
C GLY L 39 -53.06 -29.85 23.65
N GLN L 40 -51.95 -29.26 24.13
CA GLN L 40 -50.58 -29.71 23.80
C GLN L 40 -50.10 -30.79 24.76
N GLU L 41 -50.41 -30.67 26.05
CA GLU L 41 -49.92 -31.61 27.06
C GLU L 41 -50.38 -33.05 26.79
N CYS L 42 -51.67 -33.30 26.56
CA CYS L 42 -52.16 -34.67 26.49
C CYS L 42 -52.15 -35.30 25.10
N VAL L 43 -51.94 -34.52 24.02
CA VAL L 43 -51.60 -35.10 22.70
C VAL L 43 -50.13 -35.55 22.68
N LEU L 44 -49.25 -34.83 23.38
CA LEU L 44 -47.80 -35.10 23.44
C LEU L 44 -47.48 -36.45 24.13
N SER L 45 -48.26 -36.79 25.15
CA SER L 45 -48.05 -37.94 26.04
C SER L 45 -47.77 -39.27 25.34
N SER L 46 -46.99 -40.12 26.03
CA SER L 46 -46.89 -41.56 25.80
C SER L 46 -46.54 -42.33 27.10
N SER L 47 -47.56 -42.65 27.91
CA SER L 47 -47.52 -43.69 28.98
C SER L 47 -48.95 -44.16 29.31
N PRO L 48 -49.31 -45.46 29.20
CA PRO L 48 -50.71 -45.94 29.27
C PRO L 48 -51.52 -45.50 30.50
N ALA L 49 -50.86 -45.38 31.65
CA ALA L 49 -51.46 -45.00 32.93
C ALA L 49 -51.49 -43.49 33.23
N VAL L 50 -50.84 -42.69 32.40
CA VAL L 50 -51.02 -41.24 32.37
C VAL L 50 -52.03 -40.85 31.29
N LEU L 51 -52.11 -41.63 30.20
CA LEU L 51 -53.24 -41.62 29.25
C LEU L 51 -54.54 -41.96 29.96
N ALA L 52 -54.53 -42.85 30.96
CA ALA L 52 -55.65 -43.05 31.88
C ALA L 52 -56.05 -41.73 32.56
N LEU L 53 -55.13 -40.97 33.15
CA LEU L 53 -55.42 -39.66 33.76
C LEU L 53 -56.07 -38.72 32.75
N GLN L 54 -55.49 -38.66 31.55
CA GLN L 54 -55.87 -37.72 30.51
C GLN L 54 -57.18 -38.10 29.81
N THR L 55 -57.55 -39.38 29.78
CA THR L 55 -58.89 -39.84 29.38
C THR L 55 -59.90 -39.78 30.54
N SER L 56 -59.45 -39.77 31.78
CA SER L 56 -60.32 -39.66 32.96
C SER L 56 -60.78 -38.21 33.23
N LEU L 57 -59.86 -37.23 33.18
CA LEU L 57 -60.18 -35.85 33.58
C LEU L 57 -60.61 -34.90 32.44
N VAL L 58 -60.23 -35.14 31.19
CA VAL L 58 -60.81 -34.44 30.04
C VAL L 58 -62.34 -34.57 29.97
N PHE L 59 -62.85 -35.79 30.12
CA PHE L 59 -64.29 -36.13 30.08
C PHE L 59 -64.93 -36.26 31.47
N SER L 60 -64.43 -35.48 32.43
CA SER L 60 -64.99 -35.44 33.78
C SER L 60 -66.45 -34.90 33.79
N ARG L 61 -67.18 -35.17 34.88
CA ARG L 61 -68.65 -34.98 35.04
C ARG L 61 -69.05 -33.70 35.79
N ASP L 62 -68.26 -33.33 36.80
CA ASP L 62 -68.41 -32.13 37.65
C ASP L 62 -67.50 -30.95 37.20
N PHE L 63 -66.62 -31.26 36.24
CA PHE L 63 -65.31 -30.68 35.94
C PHE L 63 -64.94 -31.15 34.52
N GLY L 64 -63.88 -30.63 33.90
CA GLY L 64 -63.49 -31.08 32.56
C GLY L 64 -64.14 -30.28 31.41
N LEU L 65 -63.91 -30.72 30.17
CA LEU L 65 -64.06 -29.87 28.98
C LEU L 65 -65.52 -29.69 28.51
N LEU L 66 -66.32 -30.77 28.50
CA LEU L 66 -67.69 -30.74 27.96
C LEU L 66 -68.64 -29.97 28.88
N VAL L 67 -68.44 -30.07 30.19
CA VAL L 67 -69.14 -29.26 31.21
C VAL L 67 -68.85 -27.78 30.98
N PHE L 68 -67.59 -27.41 30.79
CA PHE L 68 -67.21 -26.04 30.42
C PHE L 68 -67.91 -25.55 29.13
N VAL L 69 -67.98 -26.35 28.07
CA VAL L 69 -68.74 -25.98 26.85
C VAL L 69 -70.21 -25.74 27.19
N ARG L 70 -70.91 -26.75 27.70
CA ARG L 70 -72.36 -26.65 27.89
C ARG L 70 -72.76 -25.58 28.91
N LYS L 71 -71.93 -25.35 29.94
CA LYS L 71 -72.17 -24.32 30.98
C LYS L 71 -71.81 -22.90 30.49
N SER L 72 -70.88 -22.76 29.53
CA SER L 72 -70.56 -21.45 28.91
C SER L 72 -71.47 -21.07 27.72
N LEU L 73 -72.40 -21.94 27.30
CA LEU L 73 -73.03 -21.92 25.96
C LEU L 73 -74.02 -20.75 25.69
N ASN L 74 -74.33 -19.91 26.69
CA ASN L 74 -75.10 -18.67 26.52
C ASN L 74 -74.23 -17.43 26.18
N SER L 75 -72.91 -17.48 26.42
CA SER L 75 -71.96 -16.40 26.10
C SER L 75 -71.71 -16.24 24.60
N ILE L 76 -71.32 -15.03 24.16
CA ILE L 76 -70.74 -14.75 22.83
C ILE L 76 -69.22 -14.49 22.89
N GLU L 77 -68.68 -14.14 24.06
CA GLU L 77 -67.24 -13.95 24.29
C GLU L 77 -66.44 -15.25 24.12
N PHE L 78 -66.99 -16.40 24.49
CA PHE L 78 -66.25 -17.68 24.57
C PHE L 78 -66.15 -18.45 23.23
N ARG L 79 -66.49 -17.86 22.07
CA ARG L 79 -66.40 -18.50 20.72
C ARG L 79 -65.02 -19.12 20.45
N GLU L 80 -63.98 -18.41 20.83
CA GLU L 80 -62.58 -18.79 20.64
C GLU L 80 -62.24 -20.09 21.41
N CYS L 81 -62.76 -20.21 22.64
CA CYS L 81 -62.63 -21.42 23.45
C CYS L 81 -63.40 -22.59 22.80
N ARG L 82 -64.67 -22.37 22.48
CA ARG L 82 -65.58 -23.42 22.00
C ARG L 82 -65.24 -23.90 20.58
N GLU L 83 -64.54 -23.12 19.77
CA GLU L 83 -63.86 -23.61 18.55
C GLU L 83 -62.64 -24.49 18.88
N GLU L 84 -61.72 -23.99 19.71
CA GLU L 84 -60.48 -24.66 20.09
C GLU L 84 -60.71 -25.99 20.79
N ILE L 85 -61.64 -26.04 21.73
CA ILE L 85 -61.98 -27.23 22.48
C ILE L 85 -62.61 -28.29 21.56
N LEU L 86 -63.40 -27.91 20.55
CA LEU L 86 -63.88 -28.86 19.53
C LEU L 86 -62.75 -29.34 18.60
N LYS L 87 -61.86 -28.43 18.15
CA LYS L 87 -60.64 -28.81 17.40
C LYS L 87 -59.78 -29.80 18.21
N PHE L 88 -59.55 -29.52 19.49
CA PHE L 88 -58.84 -30.47 20.35
C PHE L 88 -59.56 -31.82 20.47
N LEU L 89 -60.88 -31.85 20.71
CA LEU L 89 -61.62 -33.13 20.81
C LEU L 89 -61.61 -33.93 19.49
N CYS L 90 -61.59 -33.25 18.34
CA CYS L 90 -61.37 -33.87 17.05
C CYS L 90 -60.04 -34.66 17.04
N ILE L 91 -58.93 -34.02 17.45
CA ILE L 91 -57.63 -34.69 17.62
C ILE L 91 -57.66 -35.78 18.70
N PHE L 92 -58.25 -35.54 19.87
CA PHE L 92 -58.25 -36.51 20.98
C PHE L 92 -59.08 -37.76 20.66
N LEU L 93 -60.25 -37.60 20.03
CA LEU L 93 -61.07 -38.71 19.54
C LEU L 93 -60.30 -39.54 18.50
N GLU L 94 -59.52 -38.91 17.61
CA GLU L 94 -58.63 -39.64 16.68
C GLU L 94 -57.43 -40.32 17.39
N LYS L 95 -56.81 -39.68 18.38
CA LYS L 95 -55.73 -40.26 19.19
C LYS L 95 -56.20 -41.53 19.89
N MET L 96 -57.40 -41.47 20.46
CA MET L 96 -57.92 -42.52 21.33
C MET L 96 -58.73 -43.60 20.59
N GLY L 97 -59.47 -43.20 19.55
CA GLY L 97 -60.28 -44.05 18.67
C GLY L 97 -61.59 -44.54 19.29
N GLN L 98 -61.84 -45.85 19.15
CA GLN L 98 -62.96 -46.59 19.76
C GLN L 98 -62.75 -46.99 21.24
N LYS L 99 -61.56 -46.75 21.81
CA LYS L 99 -61.04 -47.40 23.05
C LYS L 99 -62.06 -47.68 24.16
N ILE L 100 -62.77 -46.64 24.61
CA ILE L 100 -63.76 -46.71 25.71
C ILE L 100 -65.02 -45.96 25.26
N ALA L 101 -65.95 -46.72 24.66
CA ALA L 101 -67.24 -46.26 24.13
C ALA L 101 -68.36 -45.82 25.12
N PRO L 102 -68.54 -46.39 26.34
CA PRO L 102 -69.74 -46.30 27.20
C PRO L 102 -70.06 -44.91 27.76
N TYR L 103 -69.26 -43.88 27.44
CA TYR L 103 -69.47 -42.48 27.83
C TYR L 103 -69.72 -41.54 26.63
N SER L 104 -69.62 -42.05 25.40
CA SER L 104 -69.47 -41.26 24.16
C SER L 104 -70.66 -40.39 23.72
N VAL L 105 -71.90 -40.66 24.15
CA VAL L 105 -73.10 -39.91 23.72
C VAL L 105 -73.01 -38.41 24.07
N GLU L 106 -72.27 -38.06 25.12
CA GLU L 106 -72.18 -36.69 25.62
C GLU L 106 -71.34 -35.79 24.69
N ILE L 107 -70.40 -36.36 23.93
CA ILE L 107 -69.77 -35.66 22.80
C ILE L 107 -70.82 -35.34 21.73
N LYS L 108 -71.73 -36.28 21.35
CA LYS L 108 -72.84 -36.00 20.40
C LYS L 108 -73.74 -34.86 20.90
N ASN L 109 -74.16 -34.93 22.16
CA ASN L 109 -75.04 -33.92 22.78
C ASN L 109 -74.37 -32.54 22.81
N THR L 110 -73.06 -32.49 23.06
CA THR L 110 -72.28 -31.26 22.93
C THR L 110 -72.28 -30.71 21.49
N CYS L 111 -72.16 -31.57 20.48
CA CYS L 111 -72.15 -31.12 19.09
C CYS L 111 -73.50 -30.58 18.59
N THR L 112 -74.62 -31.29 18.80
CA THR L 112 -75.94 -30.77 18.39
C THR L 112 -76.37 -29.54 19.24
N SER L 113 -76.01 -29.48 20.54
CA SER L 113 -76.25 -28.28 21.36
C SER L 113 -75.42 -27.08 20.87
N VAL L 114 -74.12 -27.24 20.61
CA VAL L 114 -73.29 -26.20 20.00
C VAL L 114 -73.90 -25.75 18.65
N TYR L 115 -74.16 -26.67 17.72
CA TYR L 115 -74.70 -26.34 16.39
C TYR L 115 -76.00 -25.53 16.45
N THR L 116 -76.93 -25.88 17.33
CA THR L 116 -78.20 -25.15 17.44
C THR L 116 -78.05 -23.82 18.19
N LYS L 117 -77.29 -23.75 19.29
CA LYS L 117 -77.26 -22.55 20.15
C LYS L 117 -76.22 -21.50 19.71
N ASP L 118 -75.22 -21.85 18.89
CA ASP L 118 -74.22 -20.89 18.41
C ASP L 118 -74.45 -20.54 16.94
N ARG L 119 -74.61 -19.23 16.65
CA ARG L 119 -74.84 -18.71 15.30
C ARG L 119 -73.61 -18.78 14.40
N ALA L 120 -72.39 -18.68 14.95
CA ALA L 120 -71.18 -18.56 14.14
C ALA L 120 -70.91 -19.83 13.32
N ALA L 121 -70.78 -19.72 11.99
CA ALA L 121 -70.36 -20.84 11.14
C ALA L 121 -69.04 -21.48 11.66
N LYS L 122 -68.08 -20.70 12.18
CA LYS L 122 -66.82 -21.23 12.72
C LYS L 122 -66.93 -22.03 14.03
N CYS L 123 -68.08 -21.99 14.71
CA CYS L 123 -68.43 -22.97 15.73
C CYS L 123 -69.32 -24.11 15.17
N LYS L 124 -70.20 -23.85 14.20
CA LYS L 124 -71.00 -24.90 13.51
C LYS L 124 -70.11 -25.90 12.74
N ILE L 125 -69.05 -25.44 12.08
CA ILE L 125 -68.06 -26.28 11.38
C ILE L 125 -67.40 -27.32 12.32
N PRO L 126 -66.71 -26.98 13.44
CA PRO L 126 -66.17 -28.01 14.33
C PRO L 126 -67.25 -28.91 14.95
N ALA L 127 -68.44 -28.37 15.25
CA ALA L 127 -69.56 -29.18 15.77
C ALA L 127 -69.99 -30.27 14.77
N LEU L 128 -70.12 -29.92 13.49
CA LEU L 128 -70.33 -30.90 12.41
C LEU L 128 -69.12 -31.85 12.29
N ASP L 129 -67.90 -31.33 12.18
CA ASP L 129 -66.67 -32.14 12.01
C ASP L 129 -66.53 -33.24 13.07
N LEU L 130 -66.76 -32.88 14.33
CA LEU L 130 -66.69 -33.81 15.44
C LEU L 130 -67.81 -34.86 15.39
N LEU L 131 -69.02 -34.53 14.92
CA LEU L 131 -70.05 -35.54 14.61
C LEU L 131 -69.59 -36.48 13.51
N ILE L 132 -69.00 -35.99 12.42
CA ILE L 132 -68.59 -36.85 11.30
C ILE L 132 -67.68 -37.97 11.82
N LYS L 133 -66.62 -37.59 12.51
CA LYS L 133 -65.69 -38.55 13.09
C LYS L 133 -66.34 -39.43 14.17
N LEU L 134 -67.20 -38.87 15.03
CA LEU L 134 -67.88 -39.63 16.10
C LEU L 134 -68.76 -40.75 15.51
N LEU L 135 -69.67 -40.41 14.61
CA LEU L 135 -70.49 -41.40 13.91
C LEU L 135 -69.61 -42.43 13.16
N GLN L 136 -68.55 -41.97 12.48
CA GLN L 136 -67.67 -42.82 11.65
C GLN L 136 -66.91 -43.87 12.46
N THR L 137 -66.45 -43.52 13.66
CA THR L 137 -65.66 -44.40 14.53
C THR L 137 -66.49 -45.36 15.39
N PHE L 138 -67.71 -44.98 15.79
CA PHE L 138 -68.66 -45.84 16.50
C PHE L 138 -69.62 -46.64 15.58
N ARG L 139 -69.30 -46.79 14.29
CA ARG L 139 -70.10 -47.52 13.28
C ARG L 139 -70.56 -48.91 13.77
N SER L 140 -69.61 -49.69 14.32
CA SER L 140 -69.75 -51.06 14.88
C SER L 140 -70.08 -51.11 16.39
N SER L 141 -70.30 -49.97 17.04
CA SER L 141 -70.38 -49.87 18.50
C SER L 141 -71.63 -50.50 19.09
N ARG L 142 -71.60 -50.70 20.43
CA ARG L 142 -72.78 -50.91 21.27
C ARG L 142 -73.76 -49.73 21.25
N LEU L 143 -73.28 -48.49 21.16
CA LEU L 143 -74.04 -47.28 21.51
C LEU L 143 -74.87 -46.65 20.36
N MET L 144 -74.82 -47.19 19.15
CA MET L 144 -75.32 -46.49 17.96
C MET L 144 -76.85 -46.30 17.89
N ASP L 145 -77.65 -47.06 18.64
CA ASP L 145 -79.09 -46.83 18.81
C ASP L 145 -79.38 -45.64 19.75
N GLU L 146 -78.76 -45.58 20.94
CA GLU L 146 -78.98 -44.51 21.92
C GLU L 146 -78.45 -43.13 21.49
N PHE L 147 -77.67 -43.08 20.40
CA PHE L 147 -77.37 -41.85 19.67
C PHE L 147 -78.65 -41.14 19.15
N LYS L 148 -79.79 -41.85 19.01
CA LYS L 148 -81.06 -41.40 18.37
C LYS L 148 -80.87 -40.99 16.89
N ILE L 149 -80.22 -41.88 16.15
CA ILE L 149 -79.82 -41.70 14.75
C ILE L 149 -81.00 -41.32 13.83
N GLY L 150 -82.22 -41.78 14.13
CA GLY L 150 -83.43 -41.40 13.39
C GLY L 150 -83.96 -40.00 13.71
N GLU L 151 -83.70 -39.48 14.91
CA GLU L 151 -83.90 -38.06 15.18
C GLU L 151 -82.95 -37.23 14.31
N LEU L 152 -81.68 -37.64 14.25
CA LEU L 152 -80.58 -36.88 13.64
C LEU L 152 -80.79 -36.62 12.13
N PHE L 153 -81.37 -37.57 11.40
CA PHE L 153 -81.82 -37.31 10.03
C PHE L 153 -82.89 -36.22 10.00
N SER L 154 -83.97 -36.33 10.79
CA SER L 154 -85.09 -35.38 10.73
C SER L 154 -84.65 -33.95 11.10
N LYS L 155 -83.73 -33.80 12.08
CA LYS L 155 -83.23 -32.49 12.49
C LYS L 155 -82.40 -31.82 11.39
N PHE L 156 -81.45 -32.53 10.78
CA PHE L 156 -80.59 -31.94 9.75
C PHE L 156 -81.16 -31.98 8.30
N TYR L 157 -82.11 -32.87 7.97
CA TYR L 157 -82.90 -32.82 6.72
C TYR L 157 -83.80 -31.59 6.67
N GLY L 158 -84.45 -31.25 7.78
CA GLY L 158 -85.33 -30.09 7.88
C GLY L 158 -84.66 -28.77 7.50
N GLU L 159 -83.36 -28.63 7.77
CA GLU L 159 -82.55 -27.47 7.40
C GLU L 159 -82.51 -27.22 5.87
N LEU L 160 -82.80 -28.24 5.03
CA LEU L 160 -82.82 -28.04 3.58
C LEU L 160 -84.07 -27.28 3.10
N ALA L 161 -85.07 -27.15 4.00
CA ALA L 161 -86.25 -26.26 3.92
C ALA L 161 -85.89 -24.80 3.66
N LEU L 162 -84.70 -24.37 4.07
CA LEU L 162 -84.19 -23.02 3.92
C LEU L 162 -82.71 -23.03 3.52
N LYS L 163 -82.28 -24.04 2.72
CA LYS L 163 -80.88 -24.22 2.31
C LYS L 163 -80.27 -22.95 1.72
N LYS L 164 -81.07 -22.10 1.07
CA LYS L 164 -80.60 -20.81 0.51
C LYS L 164 -80.03 -19.83 1.55
N LYS L 165 -80.43 -19.94 2.83
CA LYS L 165 -79.98 -19.07 3.94
C LYS L 165 -78.72 -19.58 4.64
N ILE L 166 -78.42 -20.86 4.48
CA ILE L 166 -77.30 -21.54 5.15
C ILE L 166 -76.00 -21.11 4.46
N PRO L 167 -74.94 -20.72 5.19
CA PRO L 167 -73.70 -20.33 4.55
C PRO L 167 -73.09 -21.51 3.77
N ASP L 168 -72.45 -21.22 2.63
CA ASP L 168 -71.97 -22.21 1.66
C ASP L 168 -71.14 -23.34 2.30
N THR L 169 -70.19 -22.98 3.18
CA THR L 169 -69.29 -23.97 3.78
C THR L 169 -69.98 -24.83 4.85
N VAL L 170 -71.03 -24.33 5.51
CA VAL L 170 -71.86 -25.13 6.44
C VAL L 170 -72.71 -26.15 5.66
N LEU L 171 -73.20 -25.76 4.47
CA LEU L 171 -73.96 -26.65 3.58
C LEU L 171 -73.11 -27.77 2.96
N GLU L 172 -71.77 -27.66 2.93
CA GLU L 172 -70.94 -28.84 2.69
C GLU L 172 -71.22 -29.93 3.72
N LYS L 173 -71.14 -29.53 4.99
CA LYS L 173 -71.08 -30.43 6.13
C LYS L 173 -72.43 -31.04 6.43
N VAL L 174 -73.52 -30.31 6.20
CA VAL L 174 -74.88 -30.86 6.26
C VAL L 174 -75.05 -32.03 5.30
N TYR L 175 -74.50 -31.95 4.09
CA TYR L 175 -74.56 -33.04 3.13
C TYR L 175 -73.57 -34.16 3.39
N GLU L 176 -72.35 -33.83 3.83
CA GLU L 176 -71.40 -34.80 4.38
C GLU L 176 -72.02 -35.65 5.49
N LEU L 177 -72.68 -34.99 6.46
CA LEU L 177 -73.42 -35.64 7.53
C LEU L 177 -74.59 -36.47 6.99
N LEU L 178 -75.52 -35.85 6.25
CA LEU L 178 -76.77 -36.49 5.85
C LEU L 178 -76.55 -37.79 5.09
N GLY L 179 -75.65 -37.75 4.11
CA GLY L 179 -75.30 -38.94 3.37
C GLY L 179 -74.60 -40.00 4.24
N LEU L 180 -73.86 -39.60 5.29
CA LEU L 180 -73.27 -40.53 6.23
C LEU L 180 -74.27 -41.25 7.12
N LEU L 181 -75.42 -40.64 7.40
CA LEU L 181 -76.48 -41.33 8.16
C LEU L 181 -76.95 -42.59 7.44
N GLY L 182 -77.04 -42.54 6.10
CA GLY L 182 -77.30 -43.70 5.27
C GLY L 182 -76.20 -44.76 5.29
N GLU L 183 -74.96 -44.39 5.61
CA GLU L 183 -73.87 -45.35 5.77
C GLU L 183 -73.97 -46.14 7.06
N VAL L 184 -74.04 -45.45 8.20
CA VAL L 184 -73.71 -46.08 9.48
C VAL L 184 -74.83 -46.94 10.07
N HIS L 185 -76.10 -46.66 9.77
CA HIS L 185 -77.26 -47.32 10.41
C HIS L 185 -78.48 -47.42 9.49
N PRO L 186 -78.42 -48.27 8.45
CA PRO L 186 -79.39 -48.25 7.34
C PRO L 186 -80.84 -48.52 7.73
N SER L 187 -81.07 -49.39 8.70
CA SER L 187 -82.41 -49.81 9.13
C SER L 187 -83.29 -48.65 9.58
N GLU L 188 -82.72 -47.55 10.09
CA GLU L 188 -83.46 -46.35 10.53
C GLU L 188 -83.67 -45.33 9.39
N MET L 189 -82.93 -45.48 8.30
CA MET L 189 -83.01 -44.65 7.08
C MET L 189 -83.92 -45.23 5.97
N ILE L 190 -84.52 -46.42 6.18
CA ILE L 190 -85.03 -47.30 5.13
C ILE L 190 -86.05 -46.64 4.19
N ASN L 191 -86.96 -45.81 4.72
CA ASN L 191 -87.95 -45.08 3.92
C ASN L 191 -87.48 -43.68 3.48
N ASN L 192 -86.52 -43.08 4.20
CA ASN L 192 -86.05 -41.71 4.03
C ASN L 192 -85.10 -41.54 2.85
N ALA L 193 -84.20 -42.50 2.64
CA ALA L 193 -83.06 -42.36 1.72
C ALA L 193 -83.47 -42.14 0.25
N GLU L 194 -84.66 -42.60 -0.17
CA GLU L 194 -85.20 -42.34 -1.52
C GLU L 194 -85.56 -40.84 -1.74
N ASN L 195 -86.23 -40.20 -0.77
CA ASN L 195 -86.45 -38.75 -0.82
C ASN L 195 -85.11 -37.99 -0.77
N LEU L 196 -84.09 -38.53 -0.08
CA LEU L 196 -82.74 -37.97 -0.08
C LEU L 196 -82.04 -38.13 -1.43
N PHE L 197 -82.20 -39.26 -2.13
CA PHE L 197 -81.73 -39.37 -3.54
C PHE L 197 -82.35 -38.30 -4.46
N ARG L 198 -83.66 -38.10 -4.39
CA ARG L 198 -84.38 -37.01 -5.08
C ARG L 198 -83.77 -35.63 -4.73
N ALA L 199 -83.50 -35.36 -3.45
CA ALA L 199 -82.87 -34.13 -2.96
C ALA L 199 -81.42 -33.95 -3.50
N PHE L 200 -80.54 -34.96 -3.32
CA PHE L 200 -79.14 -34.91 -3.76
C PHE L 200 -79.04 -34.73 -5.29
N LEU L 201 -79.78 -35.52 -6.07
CA LEU L 201 -79.77 -35.39 -7.54
C LEU L 201 -80.37 -34.07 -7.99
N GLY L 202 -81.50 -33.66 -7.42
CA GLY L 202 -82.16 -32.40 -7.79
C GLY L 202 -81.28 -31.18 -7.49
N GLU L 203 -80.62 -31.14 -6.33
CA GLU L 203 -79.67 -30.07 -5.99
C GLU L 203 -78.43 -30.15 -6.92
N LEU L 204 -77.82 -31.31 -7.12
CA LEU L 204 -76.60 -31.41 -7.92
C LEU L 204 -76.81 -31.14 -9.42
N LYS L 205 -77.92 -31.58 -10.01
CA LYS L 205 -78.35 -31.18 -11.37
C LYS L 205 -78.44 -29.67 -11.46
N THR L 206 -79.16 -29.04 -10.52
CA THR L 206 -79.33 -27.58 -10.43
C THR L 206 -77.98 -26.88 -10.30
N GLN L 207 -77.09 -27.40 -9.44
CA GLN L 207 -75.79 -26.80 -9.18
C GLN L 207 -74.81 -26.96 -10.36
N MET L 208 -74.79 -28.10 -11.06
CA MET L 208 -73.93 -28.33 -12.25
C MET L 208 -74.42 -27.67 -13.54
N THR L 209 -75.73 -27.62 -13.76
CA THR L 209 -76.32 -27.27 -15.06
C THR L 209 -77.00 -25.88 -15.11
N SER L 210 -77.04 -25.10 -14.02
CA SER L 210 -77.64 -23.76 -13.99
C SER L 210 -76.93 -22.78 -14.92
N ALA L 211 -77.72 -22.00 -15.65
CA ALA L 211 -77.22 -20.95 -16.53
C ALA L 211 -76.94 -19.64 -15.78
N VAL L 212 -77.70 -19.33 -14.73
CA VAL L 212 -77.72 -17.98 -14.11
C VAL L 212 -76.48 -17.65 -13.26
N ARG L 213 -75.74 -18.65 -12.81
CA ARG L 213 -74.61 -18.53 -11.87
C ARG L 213 -73.52 -19.56 -12.17
N GLU L 214 -72.27 -19.24 -11.85
CA GLU L 214 -71.22 -20.25 -11.73
C GLU L 214 -71.46 -21.14 -10.49
N PRO L 215 -71.01 -22.40 -10.48
CA PRO L 215 -71.30 -23.31 -9.38
C PRO L 215 -70.67 -22.87 -8.05
N LYS L 216 -71.40 -23.07 -6.94
CA LYS L 216 -70.89 -22.99 -5.56
C LYS L 216 -70.08 -24.23 -5.24
N LEU L 217 -68.81 -24.23 -5.65
CA LEU L 217 -67.89 -25.37 -5.50
C LEU L 217 -67.97 -26.10 -4.13
N PRO L 218 -67.99 -25.43 -2.96
CA PRO L 218 -68.17 -26.12 -1.68
C PRO L 218 -69.44 -26.97 -1.62
N VAL L 219 -70.57 -26.44 -2.07
CA VAL L 219 -71.87 -27.13 -2.01
C VAL L 219 -71.87 -28.35 -2.94
N LEU L 220 -71.36 -28.19 -4.16
CA LEU L 220 -71.19 -29.28 -5.14
C LEU L 220 -70.34 -30.41 -4.54
N ALA L 221 -69.22 -30.06 -3.91
CA ALA L 221 -68.37 -31.02 -3.23
C ALA L 221 -69.11 -31.72 -2.07
N GLY L 222 -69.82 -30.99 -1.23
CA GLY L 222 -70.65 -31.56 -0.17
C GLY L 222 -71.65 -32.62 -0.68
N CYS L 223 -72.29 -32.40 -1.82
CA CYS L 223 -73.20 -33.38 -2.44
C CYS L 223 -72.48 -34.65 -2.85
N LEU L 224 -71.38 -34.54 -3.60
CA LEU L 224 -70.62 -35.71 -4.05
C LEU L 224 -70.04 -36.50 -2.86
N LYS L 225 -69.56 -35.80 -1.84
CA LYS L 225 -69.13 -36.43 -0.58
C LYS L 225 -70.28 -37.18 0.11
N GLY L 226 -71.42 -36.54 0.40
CA GLY L 226 -72.52 -37.23 1.08
C GLY L 226 -73.08 -38.42 0.28
N LEU L 227 -73.24 -38.23 -1.02
CA LEU L 227 -73.65 -39.26 -1.96
C LEU L 227 -72.75 -40.50 -1.93
N SER L 228 -71.45 -40.29 -1.69
CA SER L 228 -70.53 -41.42 -1.60
C SER L 228 -70.72 -42.33 -0.40
N SER L 229 -71.31 -41.82 0.67
CA SER L 229 -71.74 -42.67 1.78
C SER L 229 -73.12 -43.25 1.50
N LEU L 230 -74.03 -42.46 0.93
CA LEU L 230 -75.41 -42.86 0.64
C LEU L 230 -75.48 -44.17 -0.16
N LEU L 231 -74.70 -44.27 -1.24
CA LEU L 231 -74.68 -45.42 -2.14
C LEU L 231 -74.15 -46.74 -1.53
N CYS L 232 -73.58 -46.71 -0.32
CA CYS L 232 -72.99 -47.91 0.31
C CYS L 232 -74.06 -48.91 0.74
N ASN L 233 -75.14 -48.39 1.33
CA ASN L 233 -76.44 -49.05 1.37
C ASN L 233 -77.32 -48.55 0.17
N PHE L 234 -78.62 -48.87 0.11
CA PHE L 234 -79.57 -48.22 -0.83
C PHE L 234 -79.08 -48.16 -2.29
N THR L 235 -78.51 -49.26 -2.78
CA THR L 235 -77.79 -49.32 -4.06
C THR L 235 -78.63 -49.00 -5.28
N LYS L 236 -78.12 -48.06 -6.08
CA LYS L 236 -78.62 -47.65 -7.41
C LYS L 236 -77.76 -48.30 -8.48
N SER L 237 -77.61 -49.61 -8.37
CA SER L 237 -76.87 -50.47 -9.28
C SER L 237 -77.72 -50.75 -10.51
N MET L 238 -77.14 -50.57 -11.70
CA MET L 238 -77.81 -50.51 -13.02
C MET L 238 -78.80 -51.66 -13.38
N GLU L 239 -78.76 -52.82 -12.71
CA GLU L 239 -79.80 -53.87 -12.77
C GLU L 239 -81.23 -53.33 -12.55
N GLU L 240 -81.38 -52.35 -11.67
CA GLU L 240 -82.66 -51.71 -11.32
C GLU L 240 -82.44 -50.20 -11.16
N ASP L 241 -83.49 -49.42 -11.30
CA ASP L 241 -83.35 -47.96 -11.44
C ASP L 241 -82.27 -47.51 -12.47
N PRO L 242 -82.40 -47.88 -13.76
CA PRO L 242 -81.41 -47.58 -14.80
C PRO L 242 -81.29 -46.07 -15.11
N GLN L 243 -82.40 -45.32 -15.04
CA GLN L 243 -82.38 -43.88 -15.27
C GLN L 243 -81.61 -43.13 -14.19
N THR L 244 -81.96 -43.26 -12.90
CA THR L 244 -81.21 -42.56 -11.84
C THR L 244 -79.74 -42.98 -11.82
N SER L 245 -79.42 -44.26 -11.99
CA SER L 245 -78.03 -44.73 -12.02
C SER L 245 -77.21 -44.17 -13.19
N ARG L 246 -77.83 -43.95 -14.36
CA ARG L 246 -77.21 -43.20 -15.48
C ARG L 246 -76.98 -41.73 -15.12
N GLU L 247 -77.95 -41.09 -14.48
CA GLU L 247 -77.86 -39.68 -14.07
C GLU L 247 -76.72 -39.46 -13.06
N ILE L 248 -76.58 -40.35 -12.07
CA ILE L 248 -75.44 -40.30 -11.14
C ILE L 248 -74.12 -40.46 -11.91
N PHE L 249 -74.04 -41.42 -12.84
CA PHE L 249 -72.82 -41.66 -13.61
C PHE L 249 -72.41 -40.49 -14.50
N ASN L 250 -73.32 -39.93 -15.30
CA ASN L 250 -72.94 -38.80 -16.17
C ASN L 250 -72.75 -37.46 -15.40
N PHE L 251 -73.26 -37.29 -14.18
CA PHE L 251 -72.79 -36.22 -13.28
C PHE L 251 -71.39 -36.53 -12.74
N VAL L 252 -71.02 -37.80 -12.46
CA VAL L 252 -69.63 -38.17 -12.14
C VAL L 252 -68.69 -37.87 -13.33
N LEU L 253 -69.06 -38.17 -14.58
CA LEU L 253 -68.31 -37.68 -15.74
C LEU L 253 -68.19 -36.15 -15.75
N LYS L 254 -69.26 -35.38 -15.46
CA LYS L 254 -69.21 -33.89 -15.34
C LYS L 254 -68.25 -33.39 -14.24
N ALA L 255 -68.15 -34.09 -13.11
CA ALA L 255 -67.20 -33.76 -12.05
C ALA L 255 -65.75 -34.18 -12.39
N ILE L 256 -65.56 -35.37 -12.96
CA ILE L 256 -64.26 -36.01 -13.20
C ILE L 256 -63.51 -35.42 -14.40
N ARG L 257 -64.19 -35.12 -15.51
CA ARG L 257 -63.55 -34.58 -16.71
C ARG L 257 -62.99 -33.17 -16.43
N PRO L 258 -61.71 -32.89 -16.73
CA PRO L 258 -61.15 -31.55 -16.72
C PRO L 258 -61.59 -30.80 -18.01
N GLN L 259 -62.90 -30.59 -18.14
CA GLN L 259 -63.57 -29.96 -19.29
C GLN L 259 -63.08 -28.50 -19.51
N ILE L 260 -62.73 -27.86 -18.41
CA ILE L 260 -61.75 -26.79 -18.27
C ILE L 260 -61.06 -27.02 -16.90
N ASP L 261 -59.83 -26.57 -16.72
CA ASP L 261 -59.08 -26.74 -15.48
C ASP L 261 -59.56 -25.79 -14.35
N LEU L 262 -59.85 -26.32 -13.15
CA LEU L 262 -60.04 -25.50 -11.93
C LEU L 262 -58.69 -25.07 -11.33
N LYS L 263 -58.59 -23.96 -10.59
CA LYS L 263 -57.39 -23.64 -9.78
C LYS L 263 -57.46 -24.10 -8.30
N ARG L 264 -58.60 -24.65 -7.85
CA ARG L 264 -58.75 -25.53 -6.67
C ARG L 264 -59.63 -26.74 -7.02
N TYR L 265 -59.29 -27.92 -6.50
CA TYR L 265 -59.73 -29.23 -7.01
C TYR L 265 -60.58 -30.03 -6.01
N ALA L 266 -61.21 -29.39 -5.02
CA ALA L 266 -62.13 -30.08 -4.11
C ALA L 266 -63.25 -30.84 -4.85
N VAL L 267 -63.70 -30.32 -6.00
CA VAL L 267 -64.74 -30.93 -6.86
C VAL L 267 -64.31 -32.26 -7.53
N PRO L 268 -63.23 -32.30 -8.34
CA PRO L 268 -62.64 -33.55 -8.80
C PRO L 268 -62.29 -34.51 -7.65
N SER L 269 -61.69 -34.00 -6.58
CA SER L 269 -61.29 -34.77 -5.40
C SER L 269 -62.45 -35.55 -4.76
N ALA L 270 -63.61 -34.92 -4.66
CA ALA L 270 -64.84 -35.57 -4.21
C ALA L 270 -65.47 -36.52 -5.26
N GLY L 271 -65.46 -36.13 -6.54
CA GLY L 271 -65.95 -37.00 -7.60
C GLY L 271 -65.16 -38.30 -7.75
N LEU L 272 -63.87 -38.26 -7.48
CA LEU L 272 -62.98 -39.42 -7.51
C LEU L 272 -63.24 -40.42 -6.39
N ARG L 273 -63.45 -39.94 -5.15
CA ARG L 273 -63.81 -40.84 -4.06
C ARG L 273 -65.14 -41.54 -4.31
N LEU L 274 -66.14 -40.82 -4.81
CA LEU L 274 -67.43 -41.38 -5.25
C LEU L 274 -67.27 -42.49 -6.30
N PHE L 275 -66.55 -42.19 -7.37
CA PHE L 275 -66.26 -43.16 -8.42
C PHE L 275 -65.50 -44.38 -7.88
N ALA L 276 -64.53 -44.17 -6.98
CA ALA L 276 -63.74 -45.26 -6.43
C ALA L 276 -64.56 -46.25 -5.58
N LEU L 277 -65.43 -45.78 -4.70
CA LEU L 277 -66.21 -46.68 -3.85
C LEU L 277 -67.41 -47.30 -4.60
N HIS L 278 -67.88 -46.70 -5.70
CA HIS L 278 -69.15 -47.07 -6.34
C HIS L 278 -69.12 -47.32 -7.84
N ALA L 279 -67.95 -47.60 -8.39
CA ALA L 279 -67.89 -48.06 -9.75
C ALA L 279 -68.74 -49.32 -10.01
N SER L 280 -68.88 -50.20 -9.02
CA SER L 280 -69.85 -51.31 -8.99
C SER L 280 -71.30 -50.91 -9.35
N GLN L 281 -71.70 -49.68 -9.01
CA GLN L 281 -73.03 -49.16 -9.27
C GLN L 281 -73.27 -48.81 -10.75
N PHE L 282 -72.22 -48.46 -11.50
CA PHE L 282 -72.36 -47.79 -12.81
C PHE L 282 -71.66 -48.55 -13.96
N SER L 283 -71.46 -49.86 -13.80
CA SER L 283 -70.46 -50.62 -14.56
C SER L 283 -70.69 -50.77 -16.05
N THR L 284 -71.93 -50.84 -16.54
CA THR L 284 -72.18 -50.86 -17.99
C THR L 284 -71.61 -49.58 -18.64
N CYS L 285 -71.71 -48.45 -17.94
CA CYS L 285 -71.14 -47.18 -18.37
C CYS L 285 -69.61 -47.19 -18.39
N LEU L 286 -68.98 -47.96 -17.48
CA LEU L 286 -67.54 -48.16 -17.52
C LEU L 286 -67.10 -48.84 -18.83
N LEU L 287 -67.93 -49.69 -19.45
CA LEU L 287 -67.57 -50.29 -20.73
C LEU L 287 -68.06 -49.46 -21.92
N ASP L 288 -69.00 -48.54 -21.71
CA ASP L 288 -69.36 -47.53 -22.72
C ASP L 288 -68.25 -46.49 -22.89
N ASN L 289 -67.92 -45.75 -21.82
CA ASN L 289 -67.04 -44.56 -21.87
C ASN L 289 -65.54 -44.91 -21.68
N TYR L 290 -65.17 -46.18 -21.86
CA TYR L 290 -64.00 -46.80 -21.22
C TYR L 290 -62.65 -46.09 -21.45
N VAL L 291 -62.31 -45.69 -22.68
CA VAL L 291 -61.03 -44.99 -22.95
C VAL L 291 -61.00 -43.61 -22.28
N SER L 292 -62.04 -42.79 -22.44
CA SER L 292 -62.09 -41.45 -21.80
C SER L 292 -61.96 -41.54 -20.27
N LEU L 293 -62.54 -42.56 -19.65
CA LEU L 293 -62.38 -42.85 -18.23
C LEU L 293 -60.93 -43.12 -17.88
N PHE L 294 -60.26 -44.10 -18.52
CA PHE L 294 -58.88 -44.41 -18.18
C PHE L 294 -57.89 -43.30 -18.56
N GLU L 295 -58.12 -42.56 -19.66
CA GLU L 295 -57.36 -41.35 -20.03
C GLU L 295 -57.40 -40.28 -18.93
N VAL L 296 -58.60 -39.85 -18.52
CA VAL L 296 -58.76 -38.80 -17.50
C VAL L 296 -58.24 -39.27 -16.14
N LEU L 297 -58.52 -40.52 -15.76
CA LEU L 297 -58.06 -41.08 -14.48
C LEU L 297 -56.54 -41.14 -14.42
N LEU L 298 -55.89 -41.69 -15.46
CA LEU L 298 -54.44 -41.63 -15.63
C LEU L 298 -53.90 -40.19 -15.59
N LYS L 299 -54.54 -39.23 -16.28
CA LYS L 299 -54.12 -37.82 -16.26
C LYS L 299 -54.13 -37.24 -14.84
N TRP L 300 -55.18 -37.41 -14.04
CA TRP L 300 -55.17 -36.94 -12.65
C TRP L 300 -53.95 -37.45 -11.86
N CYS L 301 -53.43 -38.64 -12.19
CA CYS L 301 -52.27 -39.21 -11.50
C CYS L 301 -50.99 -38.40 -11.65
N ALA L 302 -50.89 -37.61 -12.71
CA ALA L 302 -49.78 -36.70 -12.94
C ALA L 302 -49.85 -35.40 -12.12
N HIS L 303 -51.01 -35.00 -11.59
CA HIS L 303 -51.13 -33.72 -10.89
C HIS L 303 -50.44 -33.78 -9.53
N THR L 304 -49.61 -32.78 -9.21
CA THR L 304 -48.65 -32.90 -8.10
C THR L 304 -49.26 -32.64 -6.69
N ASN L 305 -50.45 -32.02 -6.62
CA ASN L 305 -51.28 -31.91 -5.41
C ASN L 305 -51.42 -33.24 -4.71
N VAL L 306 -51.23 -33.29 -3.39
CA VAL L 306 -51.03 -34.67 -2.92
C VAL L 306 -52.33 -35.43 -2.65
N GLU L 307 -53.33 -34.83 -2.00
CA GLU L 307 -54.58 -35.57 -1.73
C GLU L 307 -55.38 -35.81 -2.98
N LEU L 308 -55.34 -34.87 -3.93
CA LEU L 308 -55.88 -35.11 -5.27
C LEU L 308 -55.25 -36.34 -5.88
N LYS L 309 -53.92 -36.42 -5.83
CA LYS L 309 -53.16 -37.55 -6.35
C LYS L 309 -53.57 -38.86 -5.67
N LYS L 310 -53.68 -38.92 -4.34
CA LYS L 310 -54.13 -40.12 -3.63
C LYS L 310 -55.58 -40.52 -4.00
N ALA L 311 -56.47 -39.53 -4.12
CA ALA L 311 -57.85 -39.74 -4.54
C ALA L 311 -57.94 -40.23 -6.00
N ALA L 312 -57.12 -39.66 -6.89
CA ALA L 312 -56.97 -40.08 -8.28
C ALA L 312 -56.65 -41.57 -8.36
N LEU L 313 -55.56 -41.92 -7.71
CA LEU L 313 -54.93 -43.21 -7.85
C LEU L 313 -55.78 -44.35 -7.32
N SER L 314 -56.36 -44.18 -6.13
CA SER L 314 -57.28 -45.15 -5.52
C SER L 314 -58.55 -45.42 -6.36
N ALA L 315 -58.92 -44.51 -7.27
CA ALA L 315 -60.02 -44.70 -8.21
C ALA L 315 -59.70 -45.64 -9.40
N LEU L 316 -58.46 -45.67 -9.92
CA LEU L 316 -58.11 -46.60 -11.00
C LEU L 316 -58.19 -48.06 -10.57
N GLU L 317 -57.73 -48.37 -9.36
CA GLU L 317 -57.79 -49.72 -8.79
C GLU L 317 -59.22 -50.29 -8.84
N SER L 318 -60.17 -49.52 -8.32
CA SER L 318 -61.56 -49.91 -8.28
C SER L 318 -62.21 -49.95 -9.66
N PHE L 319 -61.83 -49.03 -10.56
CA PHE L 319 -62.27 -49.05 -11.95
C PHE L 319 -61.91 -50.36 -12.64
N LEU L 320 -60.64 -50.75 -12.60
CA LEU L 320 -60.19 -52.06 -13.08
C LEU L 320 -60.87 -53.23 -12.30
N LYS L 321 -61.10 -53.10 -10.98
CA LYS L 321 -61.83 -54.09 -10.16
C LYS L 321 -63.20 -54.37 -10.74
N GLN L 322 -63.99 -53.32 -10.94
CA GLN L 322 -65.33 -53.49 -11.50
C GLN L 322 -65.31 -54.03 -12.92
N VAL L 323 -64.41 -53.50 -13.75
CA VAL L 323 -64.28 -53.94 -15.14
C VAL L 323 -63.89 -55.43 -15.20
N SER L 324 -63.09 -55.94 -14.26
CA SER L 324 -62.83 -57.37 -14.17
C SER L 324 -64.09 -58.23 -13.92
N ASN L 325 -64.94 -57.84 -12.96
CA ASN L 325 -66.20 -58.53 -12.67
C ASN L 325 -67.14 -58.52 -13.89
N MET L 326 -67.06 -57.49 -14.72
CA MET L 326 -67.87 -57.36 -15.92
C MET L 326 -67.58 -58.44 -16.98
N VAL L 327 -66.39 -59.07 -16.95
CA VAL L 327 -66.01 -60.17 -17.86
C VAL L 327 -65.51 -61.45 -17.15
N ALA L 328 -65.58 -61.51 -15.81
CA ALA L 328 -65.56 -62.75 -15.02
C ALA L 328 -66.75 -63.70 -15.34
N LYS L 329 -67.85 -63.11 -15.83
CA LYS L 329 -69.09 -63.75 -16.30
C LYS L 329 -69.59 -63.13 -17.63
N ASN L 330 -68.69 -62.93 -18.61
CA ASN L 330 -69.07 -62.55 -19.99
C ASN L 330 -68.22 -63.25 -21.08
N ALA L 331 -68.76 -63.27 -22.30
CA ALA L 331 -68.22 -63.89 -23.50
C ALA L 331 -66.97 -63.21 -24.08
N GLU L 332 -66.54 -63.73 -25.23
CA GLU L 332 -65.41 -63.28 -26.06
C GLU L 332 -65.50 -61.83 -26.57
N MET L 333 -66.68 -61.19 -26.53
CA MET L 333 -66.90 -59.85 -27.09
C MET L 333 -65.88 -58.80 -26.60
N HIS L 334 -65.31 -58.99 -25.42
CA HIS L 334 -64.43 -58.03 -24.74
C HIS L 334 -62.93 -58.26 -24.92
N LYS L 335 -62.48 -59.17 -25.79
CA LYS L 335 -61.04 -59.28 -26.14
C LYS L 335 -60.46 -57.94 -26.55
N ASN L 336 -61.17 -57.15 -27.37
CA ASN L 336 -60.79 -55.77 -27.76
C ASN L 336 -60.51 -54.86 -26.54
N LYS L 337 -61.39 -54.88 -25.53
CA LYS L 337 -61.19 -54.13 -24.28
C LYS L 337 -60.00 -54.68 -23.48
N LEU L 338 -59.94 -56.01 -23.27
CA LEU L 338 -58.84 -56.64 -22.51
C LEU L 338 -57.48 -56.37 -23.12
N GLN L 339 -57.39 -56.38 -24.45
CA GLN L 339 -56.22 -55.97 -25.19
C GLN L 339 -55.78 -54.55 -24.77
N TYR L 340 -56.69 -53.55 -24.74
CA TYR L 340 -56.32 -52.20 -24.33
C TYR L 340 -55.73 -52.16 -22.91
N PHE L 341 -56.34 -52.86 -21.93
CA PHE L 341 -55.83 -52.89 -20.54
C PHE L 341 -54.54 -53.69 -20.38
N MET L 342 -54.48 -54.89 -20.94
CA MET L 342 -53.28 -55.71 -20.87
C MET L 342 -52.12 -55.09 -21.65
N GLU L 343 -52.37 -54.24 -22.64
CA GLU L 343 -51.33 -53.39 -23.21
C GLU L 343 -50.94 -52.29 -22.23
N GLN L 344 -51.87 -51.35 -21.98
CA GLN L 344 -51.45 -50.01 -21.62
C GLN L 344 -50.81 -49.95 -20.24
N PHE L 345 -51.49 -50.41 -19.20
CA PHE L 345 -50.94 -50.32 -17.85
C PHE L 345 -49.70 -51.22 -17.69
N TYR L 346 -49.58 -52.31 -18.46
CA TYR L 346 -48.35 -53.10 -18.52
C TYR L 346 -47.21 -52.25 -19.10
N GLY L 347 -47.47 -51.47 -20.17
CA GLY L 347 -46.49 -50.53 -20.74
C GLY L 347 -46.00 -49.47 -19.76
N ILE L 348 -46.84 -49.07 -18.81
CA ILE L 348 -46.48 -48.22 -17.67
C ILE L 348 -45.64 -49.01 -16.67
N ILE L 349 -46.13 -50.15 -16.15
CA ILE L 349 -45.42 -50.91 -15.11
C ILE L 349 -43.99 -51.24 -15.54
N ARG L 350 -43.83 -51.71 -16.78
CA ARG L 350 -42.55 -52.18 -17.30
C ARG L 350 -41.51 -51.07 -17.56
N ASN L 351 -41.85 -49.79 -17.36
CA ASN L 351 -41.05 -48.60 -17.73
C ASN L 351 -41.01 -47.39 -16.75
N VAL L 352 -42.13 -47.02 -16.10
CA VAL L 352 -42.37 -45.61 -15.69
C VAL L 352 -41.52 -45.08 -14.53
N ASP L 353 -41.07 -43.83 -14.70
CA ASP L 353 -40.40 -43.01 -13.69
C ASP L 353 -41.43 -42.14 -12.94
N SER L 354 -42.31 -42.77 -12.15
CA SER L 354 -43.37 -42.08 -11.41
C SER L 354 -43.65 -42.69 -10.03
N ASN L 355 -44.53 -42.05 -9.24
CA ASN L 355 -44.81 -42.42 -7.84
C ASN L 355 -45.31 -43.87 -7.64
N ASN L 356 -45.03 -44.43 -6.47
CA ASN L 356 -45.43 -45.79 -6.07
C ASN L 356 -46.93 -46.06 -6.15
N LYS L 357 -47.75 -45.01 -6.06
CA LYS L 357 -49.19 -45.11 -6.27
C LYS L 357 -49.53 -45.46 -7.71
N GLU L 358 -49.17 -44.66 -8.73
CA GLU L 358 -49.41 -44.96 -10.17
C GLU L 358 -48.97 -46.38 -10.52
N LEU L 359 -47.77 -46.77 -10.10
CA LEU L 359 -47.13 -48.04 -10.45
C LEU L 359 -47.68 -49.27 -9.71
N SER L 360 -47.93 -49.20 -8.39
CA SER L 360 -48.49 -50.34 -7.63
C SER L 360 -49.97 -50.61 -7.95
N ILE L 361 -50.72 -49.63 -8.44
CA ILE L 361 -52.05 -49.86 -9.04
C ILE L 361 -51.95 -50.73 -10.26
N ALA L 362 -51.00 -50.47 -11.14
CA ALA L 362 -50.96 -51.19 -12.40
C ALA L 362 -50.57 -52.65 -12.15
N ILE L 363 -49.73 -52.90 -11.13
CA ILE L 363 -49.62 -54.22 -10.50
C ILE L 363 -50.96 -54.71 -9.92
N ARG L 364 -51.77 -53.89 -9.20
CA ARG L 364 -53.09 -54.37 -8.73
C ARG L 364 -53.93 -54.82 -9.94
N GLY L 365 -53.94 -54.00 -10.99
CA GLY L 365 -54.57 -54.26 -12.30
C GLY L 365 -54.26 -55.62 -12.85
N TYR L 366 -52.98 -55.94 -13.00
CA TYR L 366 -52.60 -57.19 -13.65
C TYR L 366 -53.05 -58.45 -12.90
N GLY L 367 -53.15 -58.35 -11.57
CA GLY L 367 -53.69 -59.43 -10.73
C GLY L 367 -55.13 -59.81 -11.09
N LEU L 368 -55.95 -58.78 -11.24
CA LEU L 368 -57.40 -58.91 -11.36
C LEU L 368 -57.88 -59.64 -12.61
N PHE L 369 -57.18 -59.43 -13.73
CA PHE L 369 -57.59 -59.91 -15.04
C PHE L 369 -57.42 -61.42 -15.27
N ALA L 370 -56.91 -62.18 -14.30
CA ALA L 370 -56.82 -63.63 -14.41
C ALA L 370 -58.19 -64.28 -14.59
N GLY L 371 -59.16 -63.96 -13.73
CA GLY L 371 -60.51 -64.53 -13.81
C GLY L 371 -61.27 -64.22 -15.11
N PRO L 372 -61.10 -63.02 -15.71
CA PRO L 372 -61.40 -62.74 -17.11
C PRO L 372 -60.65 -63.62 -18.13
N CYS L 373 -59.32 -63.65 -18.05
CA CYS L 373 -58.45 -64.19 -19.10
C CYS L 373 -58.46 -65.72 -19.19
N LYS L 374 -58.66 -66.43 -18.07
CA LYS L 374 -58.84 -67.89 -18.08
C LYS L 374 -59.93 -68.33 -19.08
N VAL L 375 -60.96 -67.48 -19.31
CA VAL L 375 -62.14 -67.78 -20.13
C VAL L 375 -61.79 -67.92 -21.63
N ILE L 376 -60.78 -67.20 -22.13
CA ILE L 376 -60.33 -67.37 -23.53
C ILE L 376 -59.17 -68.37 -23.64
N ASN L 377 -58.30 -68.47 -22.62
CA ASN L 377 -57.15 -69.36 -22.63
C ASN L 377 -56.53 -69.57 -21.25
N ALA L 378 -56.56 -70.81 -20.75
CA ALA L 378 -55.81 -71.23 -19.56
C ALA L 378 -54.29 -71.01 -19.70
N LYS L 379 -53.71 -71.19 -20.90
CA LYS L 379 -52.27 -71.02 -21.18
C LYS L 379 -51.82 -69.56 -21.35
N ASP L 380 -52.65 -68.59 -20.95
CA ASP L 380 -52.19 -67.22 -20.65
C ASP L 380 -52.17 -66.93 -19.13
N VAL L 381 -52.83 -67.78 -18.34
CA VAL L 381 -53.01 -67.64 -16.89
C VAL L 381 -51.69 -67.90 -16.13
N ASP L 382 -50.97 -68.94 -16.50
CA ASP L 382 -49.62 -69.22 -15.99
C ASP L 382 -48.64 -68.14 -16.38
N PHE L 383 -48.61 -67.76 -17.66
CA PHE L 383 -47.66 -66.76 -18.11
C PHE L 383 -47.88 -65.41 -17.46
N MET L 384 -49.11 -65.01 -17.10
CA MET L 384 -49.24 -63.83 -16.27
C MET L 384 -48.72 -64.02 -14.82
N TYR L 385 -48.70 -65.22 -14.24
CA TYR L 385 -48.01 -65.44 -12.96
C TYR L 385 -46.49 -65.40 -13.17
N VAL L 386 -45.99 -66.06 -14.21
CA VAL L 386 -44.57 -66.03 -14.60
C VAL L 386 -44.13 -64.59 -14.78
N GLU L 387 -44.92 -63.76 -15.47
CA GLU L 387 -44.61 -62.36 -15.69
C GLU L 387 -44.79 -61.46 -14.45
N LEU L 388 -45.70 -61.75 -13.49
CA LEU L 388 -45.76 -61.06 -12.22
C LEU L 388 -44.46 -61.25 -11.44
N ILE L 389 -44.00 -62.49 -11.25
CA ILE L 389 -42.74 -62.71 -10.53
C ILE L 389 -41.53 -62.27 -11.35
N GLN L 390 -41.51 -62.45 -12.68
CA GLN L 390 -40.46 -61.90 -13.54
C GLN L 390 -40.61 -60.39 -13.83
N ARG L 391 -41.63 -59.72 -13.26
CA ARG L 391 -41.69 -58.27 -12.97
C ARG L 391 -41.20 -57.90 -11.56
N CYS L 392 -41.25 -58.80 -10.57
CA CYS L 392 -40.81 -58.50 -9.20
C CYS L 392 -39.34 -58.14 -9.13
N LYS L 393 -38.52 -58.79 -9.96
CA LYS L 393 -37.12 -58.37 -10.13
C LYS L 393 -36.96 -56.90 -10.54
N GLN L 394 -37.99 -56.19 -11.07
CA GLN L 394 -37.77 -54.77 -11.41
C GLN L 394 -38.59 -53.80 -10.54
N MET L 395 -39.63 -54.28 -9.83
CA MET L 395 -40.21 -53.55 -8.70
C MET L 395 -39.21 -53.48 -7.52
N PHE L 396 -38.37 -54.50 -7.33
CA PHE L 396 -37.15 -54.41 -6.52
C PHE L 396 -36.22 -53.27 -6.97
N LEU L 397 -35.91 -53.23 -8.27
CA LEU L 397 -34.79 -52.49 -8.87
C LEU L 397 -35.13 -51.03 -9.18
N THR L 398 -35.55 -50.29 -8.14
CA THR L 398 -35.92 -48.86 -8.17
C THR L 398 -34.72 -47.90 -8.35
N GLN L 399 -33.49 -48.42 -8.23
CA GLN L 399 -32.23 -47.71 -8.31
C GLN L 399 -32.14 -46.57 -7.28
N THR L 400 -31.82 -46.95 -6.03
CA THR L 400 -31.68 -46.08 -4.84
C THR L 400 -32.84 -45.10 -4.66
N ASP L 401 -34.00 -45.66 -4.33
CA ASP L 401 -35.24 -44.91 -4.12
C ASP L 401 -35.65 -44.86 -2.64
N THR L 402 -34.78 -44.29 -1.81
CA THR L 402 -34.81 -44.43 -0.35
C THR L 402 -36.12 -43.99 0.30
N GLY L 403 -36.66 -44.83 1.19
CA GLY L 403 -37.73 -44.44 2.12
C GLY L 403 -39.13 -44.32 1.52
N ASP L 404 -39.31 -44.68 0.24
CA ASP L 404 -40.61 -44.61 -0.45
C ASP L 404 -41.07 -45.97 -1.00
N ASP L 405 -40.16 -46.76 -1.56
CA ASP L 405 -40.56 -47.92 -2.37
C ASP L 405 -41.12 -49.09 -1.56
N ARG L 406 -40.39 -49.72 -0.63
CA ARG L 406 -40.97 -50.77 0.26
C ARG L 406 -42.26 -50.28 0.96
N VAL L 407 -42.54 -48.99 1.21
CA VAL L 407 -43.77 -48.67 1.99
C VAL L 407 -45.09 -48.97 1.26
N TYR L 408 -45.07 -49.20 -0.07
CA TYR L 408 -46.24 -49.74 -0.81
C TYR L 408 -45.93 -50.75 -1.93
N GLN L 409 -44.65 -50.98 -2.28
CA GLN L 409 -44.28 -51.74 -3.48
C GLN L 409 -44.61 -53.25 -3.41
N MET L 410 -43.92 -54.04 -2.56
CA MET L 410 -44.06 -55.51 -2.53
C MET L 410 -45.40 -56.10 -2.09
N PRO L 411 -46.23 -55.54 -1.19
CA PRO L 411 -47.54 -56.16 -0.94
C PRO L 411 -48.37 -56.24 -2.21
N SER L 412 -48.22 -55.28 -3.14
CA SER L 412 -48.93 -55.33 -4.41
C SER L 412 -48.53 -56.55 -5.25
N PHE L 413 -47.31 -57.07 -5.14
CA PHE L 413 -46.90 -58.29 -5.86
C PHE L 413 -47.77 -59.48 -5.41
N LEU L 414 -48.04 -59.56 -4.11
CA LEU L 414 -48.79 -60.66 -3.51
C LEU L 414 -50.31 -60.46 -3.63
N GLN L 415 -50.78 -59.21 -3.62
CA GLN L 415 -52.20 -58.88 -3.82
C GLN L 415 -52.66 -58.92 -5.30
N SER L 416 -51.83 -59.52 -6.18
CA SER L 416 -52.05 -59.68 -7.61
C SER L 416 -51.69 -61.09 -8.13
N VAL L 417 -51.72 -62.13 -7.29
CA VAL L 417 -51.21 -63.48 -7.66
C VAL L 417 -52.01 -64.69 -7.12
N ALA L 418 -53.15 -64.50 -6.46
CA ALA L 418 -54.06 -65.60 -6.09
C ALA L 418 -55.06 -65.97 -7.21
N SER L 419 -55.56 -64.96 -7.90
CA SER L 419 -56.51 -65.00 -9.03
C SER L 419 -56.04 -65.85 -10.21
N VAL L 420 -54.74 -66.01 -10.37
CA VAL L 420 -54.09 -66.82 -11.41
C VAL L 420 -54.09 -68.32 -11.10
N LEU L 421 -54.68 -68.74 -9.98
CA LEU L 421 -54.75 -70.16 -9.58
C LEU L 421 -56.04 -70.53 -8.85
N LEU L 422 -56.73 -69.59 -8.21
CA LEU L 422 -57.91 -69.82 -7.37
C LEU L 422 -58.97 -70.80 -7.95
N TYR L 423 -59.19 -70.79 -9.27
CA TYR L 423 -60.15 -71.67 -9.94
C TYR L 423 -59.53 -72.82 -10.79
N LEU L 424 -58.19 -72.92 -10.83
CA LEU L 424 -57.42 -73.85 -11.70
C LEU L 424 -56.97 -75.13 -10.95
N ASP L 425 -56.30 -76.07 -11.64
CA ASP L 425 -55.50 -77.14 -11.01
C ASP L 425 -54.40 -77.76 -11.91
N THR L 426 -53.84 -77.03 -12.90
CA THR L 426 -53.11 -77.64 -14.03
C THR L 426 -51.59 -77.81 -13.89
N VAL L 427 -50.85 -76.96 -13.15
CA VAL L 427 -49.42 -76.68 -13.44
C VAL L 427 -48.45 -76.85 -12.23
N PRO L 428 -47.19 -77.34 -12.41
CA PRO L 428 -46.23 -77.55 -11.29
C PRO L 428 -45.29 -76.36 -11.07
N GLU L 429 -44.70 -76.18 -9.87
CA GLU L 429 -44.31 -74.82 -9.42
C GLU L 429 -42.99 -74.51 -8.64
N VAL L 430 -41.95 -74.05 -9.36
CA VAL L 430 -40.71 -73.32 -8.94
C VAL L 430 -40.93 -72.09 -8.07
N TYR L 431 -42.04 -71.51 -8.35
CA TYR L 431 -42.74 -70.40 -7.70
C TYR L 431 -43.02 -70.64 -6.23
N THR L 432 -43.19 -71.90 -5.84
CA THR L 432 -43.34 -72.26 -4.43
C THR L 432 -42.00 -72.12 -3.70
N PRO L 433 -40.88 -72.77 -4.10
CA PRO L 433 -39.59 -72.52 -3.48
C PRO L 433 -39.16 -71.06 -3.57
N VAL L 434 -39.27 -70.43 -4.74
CA VAL L 434 -38.98 -69.01 -4.91
C VAL L 434 -39.94 -68.16 -4.07
N LEU L 435 -41.06 -68.68 -3.56
CA LEU L 435 -41.85 -67.94 -2.60
C LEU L 435 -41.05 -67.61 -1.34
N GLU L 436 -40.00 -68.35 -0.98
CA GLU L 436 -39.04 -67.92 0.04
C GLU L 436 -38.55 -66.50 -0.20
N HIS L 437 -38.27 -66.13 -1.46
CA HIS L 437 -37.86 -64.77 -1.84
C HIS L 437 -38.90 -63.75 -1.39
N LEU L 438 -40.18 -64.01 -1.65
CA LEU L 438 -41.25 -63.12 -1.23
C LEU L 438 -41.50 -63.22 0.27
N VAL L 439 -41.50 -64.40 0.87
CA VAL L 439 -41.70 -64.63 2.32
C VAL L 439 -40.71 -63.82 3.13
N VAL L 440 -39.41 -64.07 2.93
CA VAL L 440 -38.39 -63.41 3.71
C VAL L 440 -38.42 -61.92 3.43
N MET L 441 -38.51 -61.49 2.15
CA MET L 441 -38.55 -60.06 1.78
C MET L 441 -39.70 -59.37 2.51
N GLN L 442 -40.88 -59.95 2.39
CA GLN L 442 -42.12 -59.38 2.90
C GLN L 442 -42.12 -59.27 4.43
N ILE L 443 -41.62 -60.30 5.12
CA ILE L 443 -41.70 -60.40 6.59
C ILE L 443 -40.55 -59.66 7.26
N ASP L 444 -39.38 -59.61 6.62
CA ASP L 444 -38.26 -58.70 6.95
C ASP L 444 -38.70 -57.22 6.94
N SER L 445 -39.58 -56.84 6.01
CA SER L 445 -40.03 -55.45 5.87
C SER L 445 -41.20 -55.07 6.80
N PHE L 446 -41.75 -56.01 7.57
CA PHE L 446 -42.79 -55.73 8.56
C PHE L 446 -42.41 -54.63 9.59
N PRO L 447 -41.18 -54.57 10.15
CA PRO L 447 -40.75 -53.47 11.02
C PRO L 447 -40.33 -52.20 10.26
N GLN L 448 -40.19 -52.25 8.93
CA GLN L 448 -39.62 -51.16 8.12
C GLN L 448 -40.65 -50.10 7.71
N TYR L 449 -41.92 -50.47 7.53
CA TYR L 449 -43.02 -49.53 7.33
C TYR L 449 -43.38 -48.75 8.61
N SER L 450 -44.30 -47.79 8.46
CA SER L 450 -45.21 -47.36 9.52
C SER L 450 -46.18 -48.51 9.84
N PRO L 451 -46.74 -48.60 11.06
CA PRO L 451 -47.30 -49.85 11.57
C PRO L 451 -48.48 -50.40 10.75
N LYS L 452 -49.44 -49.56 10.34
CA LYS L 452 -50.73 -49.99 9.74
C LYS L 452 -50.56 -50.89 8.52
N MET L 453 -49.51 -50.65 7.74
CA MET L 453 -49.12 -51.43 6.56
C MET L 453 -48.76 -52.91 6.89
N GLN L 454 -48.46 -53.25 8.14
CA GLN L 454 -48.23 -54.63 8.59
C GLN L 454 -49.44 -55.56 8.40
N LEU L 455 -50.67 -55.04 8.56
CA LEU L 455 -51.89 -55.80 8.27
C LEU L 455 -52.00 -56.13 6.77
N VAL L 456 -51.62 -55.18 5.90
CA VAL L 456 -51.57 -55.38 4.45
C VAL L 456 -50.50 -56.41 4.07
N CYS L 457 -49.36 -56.44 4.76
CA CYS L 457 -48.36 -57.48 4.57
C CYS L 457 -48.91 -58.87 4.98
N CYS L 458 -49.60 -59.00 6.12
CA CYS L 458 -50.30 -60.25 6.44
C CYS L 458 -51.32 -60.59 5.34
N ARG L 459 -52.04 -59.62 4.77
CA ARG L 459 -53.00 -59.90 3.67
C ARG L 459 -52.32 -60.42 2.41
N ALA L 460 -51.20 -59.82 2.05
CA ALA L 460 -50.35 -60.29 0.97
C ALA L 460 -49.92 -61.75 1.20
N ILE L 461 -49.29 -62.05 2.34
CA ILE L 461 -48.67 -63.36 2.56
C ILE L 461 -49.69 -64.42 2.95
N VAL L 462 -50.86 -63.98 3.42
CA VAL L 462 -52.02 -64.88 3.58
C VAL L 462 -52.52 -65.33 2.19
N LYS L 463 -52.83 -64.38 1.28
CA LYS L 463 -53.40 -64.68 -0.05
C LYS L 463 -52.55 -65.68 -0.83
N VAL L 464 -51.23 -65.56 -0.78
CA VAL L 464 -50.36 -66.46 -1.55
C VAL L 464 -50.29 -67.89 -1.01
N PHE L 465 -50.74 -68.17 0.21
CA PHE L 465 -50.91 -69.55 0.68
C PHE L 465 -52.23 -70.17 0.18
N LEU L 466 -53.32 -69.41 0.06
CA LEU L 466 -54.56 -69.92 -0.53
C LEU L 466 -54.40 -70.29 -2.01
N ALA L 467 -53.64 -69.48 -2.72
CA ALA L 467 -53.31 -69.72 -4.10
C ALA L 467 -52.71 -71.11 -4.26
N LEU L 468 -51.66 -71.43 -3.51
CA LEU L 468 -51.00 -72.75 -3.59
C LEU L 468 -51.97 -73.91 -3.29
N ALA L 469 -52.81 -73.80 -2.26
CA ALA L 469 -53.72 -74.88 -1.90
C ALA L 469 -54.77 -75.16 -2.99
N ALA L 470 -55.15 -74.16 -3.79
CA ALA L 470 -56.03 -74.36 -4.95
C ALA L 470 -55.43 -75.19 -6.08
N LYS L 471 -54.15 -75.60 -6.04
CA LYS L 471 -53.70 -76.81 -6.79
C LYS L 471 -54.54 -78.07 -6.47
N GLY L 472 -55.10 -78.21 -5.27
CA GLY L 472 -55.43 -79.53 -4.72
C GLY L 472 -54.19 -80.34 -4.23
N PRO L 473 -54.20 -81.69 -4.33
CA PRO L 473 -53.47 -82.64 -3.46
C PRO L 473 -51.95 -82.50 -3.25
N VAL L 474 -51.22 -81.92 -4.19
CA VAL L 474 -49.74 -81.92 -4.19
C VAL L 474 -49.14 -81.16 -3.00
N LEU L 475 -49.80 -80.09 -2.54
CA LEU L 475 -49.16 -78.95 -1.89
C LEU L 475 -48.27 -79.26 -0.68
N ARG L 476 -48.73 -80.15 0.20
CA ARG L 476 -48.37 -80.14 1.63
C ARG L 476 -46.86 -80.03 1.88
N ASN L 477 -46.10 -80.95 1.30
CA ASN L 477 -44.63 -81.03 1.36
C ASN L 477 -43.95 -79.70 1.03
N CYS L 478 -44.44 -79.06 -0.02
CA CYS L 478 -43.85 -77.88 -0.61
C CYS L 478 -43.90 -76.73 0.41
N ILE L 479 -45.11 -76.31 0.77
CA ILE L 479 -45.31 -75.18 1.67
C ILE L 479 -44.70 -75.45 3.04
N SER L 480 -44.84 -76.68 3.52
CA SER L 480 -44.25 -77.23 4.75
C SER L 480 -42.73 -77.05 4.83
N THR L 481 -42.05 -76.98 3.67
CA THR L 481 -40.61 -76.75 3.59
C THR L 481 -40.24 -75.36 3.06
N VAL L 482 -41.16 -74.62 2.41
CA VAL L 482 -40.96 -73.18 2.13
C VAL L 482 -40.98 -72.37 3.41
N VAL L 483 -41.93 -72.63 4.31
CA VAL L 483 -41.93 -72.03 5.66
C VAL L 483 -40.63 -72.34 6.39
N HIS L 484 -40.04 -73.50 6.10
CA HIS L 484 -38.88 -74.00 6.83
C HIS L 484 -37.55 -73.28 6.62
N GLN L 485 -37.15 -73.08 5.37
CA GLN L 485 -35.98 -72.25 5.08
C GLN L 485 -36.24 -70.81 5.54
N GLY L 486 -37.50 -70.40 5.61
CA GLY L 486 -37.89 -69.09 6.16
C GLY L 486 -37.69 -69.04 7.68
N LEU L 487 -38.14 -70.05 8.42
CA LEU L 487 -37.97 -70.10 9.87
C LEU L 487 -36.49 -70.13 10.26
N ILE L 488 -35.64 -70.81 9.45
CA ILE L 488 -34.19 -70.85 9.66
C ILE L 488 -33.57 -69.45 9.75
N ARG L 489 -34.18 -68.42 9.15
CA ARG L 489 -33.79 -67.02 9.37
C ARG L 489 -34.24 -66.49 10.72
N ILE L 490 -35.54 -66.44 11.04
CA ILE L 490 -36.01 -65.87 12.33
C ILE L 490 -35.37 -66.58 13.53
N CYS L 491 -35.11 -67.89 13.44
CA CYS L 491 -34.41 -68.57 14.52
C CYS L 491 -32.86 -68.40 14.48
N SER L 492 -32.22 -68.08 13.34
CA SER L 492 -30.80 -67.61 13.35
C SER L 492 -30.62 -66.07 13.48
N LYS L 493 -31.72 -65.31 13.61
CA LYS L 493 -31.81 -63.86 13.91
C LYS L 493 -31.33 -63.53 15.34
N PRO L 494 -30.54 -62.46 15.60
CA PRO L 494 -29.76 -62.40 16.85
C PRO L 494 -30.55 -62.03 18.14
N VAL L 495 -29.93 -62.42 19.27
CA VAL L 495 -30.33 -62.26 20.68
C VAL L 495 -29.04 -62.26 21.54
N VAL L 496 -29.04 -61.83 22.81
CA VAL L 496 -27.83 -61.80 23.69
C VAL L 496 -28.09 -62.24 25.16
N LEU L 497 -27.09 -62.88 25.81
CA LEU L 497 -27.09 -63.26 27.23
C LEU L 497 -25.68 -63.17 27.85
N PRO L 522 -35.66 -58.42 14.19
CA PRO L 522 -34.36 -58.24 14.80
C PRO L 522 -34.04 -59.23 15.93
N THR L 523 -35.06 -59.83 16.56
CA THR L 523 -34.93 -60.80 17.65
C THR L 523 -35.90 -61.96 17.49
N TYR L 524 -35.71 -63.01 18.31
CA TYR L 524 -36.67 -64.09 18.48
C TYR L 524 -38.10 -63.61 18.81
N LYS L 525 -38.32 -62.38 19.28
CA LYS L 525 -39.66 -61.85 19.61
C LYS L 525 -40.44 -61.37 18.38
N ASP L 526 -39.74 -60.91 17.35
CA ASP L 526 -40.31 -59.93 16.41
C ASP L 526 -41.37 -60.44 15.43
N TYR L 527 -41.10 -61.50 14.66
CA TYR L 527 -42.02 -61.89 13.59
C TYR L 527 -43.31 -62.58 14.10
N VAL L 528 -43.43 -62.78 15.43
CA VAL L 528 -44.35 -63.73 16.06
C VAL L 528 -45.82 -63.51 15.72
N ASP L 529 -46.21 -62.24 15.60
CA ASP L 529 -47.61 -61.89 15.39
C ASP L 529 -48.08 -62.26 13.99
N LEU L 530 -47.23 -62.05 12.98
CA LEU L 530 -47.46 -62.46 11.60
C LEU L 530 -47.77 -63.96 11.56
N PHE L 531 -46.87 -64.73 12.15
CA PHE L 531 -47.00 -66.17 12.28
C PHE L 531 -48.27 -66.53 13.06
N ARG L 532 -48.58 -65.85 14.17
CA ARG L 532 -49.84 -66.09 14.88
C ARG L 532 -51.05 -65.82 14.00
N HIS L 533 -51.09 -64.71 13.27
CA HIS L 533 -52.18 -64.37 12.34
C HIS L 533 -52.29 -65.35 11.17
N LEU L 534 -51.26 -66.11 10.85
CA LEU L 534 -51.30 -67.16 9.83
C LEU L 534 -51.75 -68.48 10.41
N LEU L 535 -51.37 -68.76 11.65
CA LEU L 535 -51.73 -69.96 12.37
C LEU L 535 -52.89 -69.60 13.33
N SER L 536 -53.95 -69.04 12.74
CA SER L 536 -55.24 -68.73 13.36
C SER L 536 -56.31 -68.61 12.26
N SER L 537 -57.32 -69.49 12.28
CA SER L 537 -58.30 -69.66 11.19
C SER L 537 -59.43 -68.61 11.18
N ASP L 538 -59.05 -67.34 11.12
CA ASP L 538 -59.97 -66.20 11.03
C ASP L 538 -60.67 -66.06 9.67
N GLN L 539 -61.69 -65.21 9.64
CA GLN L 539 -62.63 -64.98 8.52
C GLN L 539 -62.05 -64.19 7.33
N MET L 540 -60.72 -64.04 7.27
CA MET L 540 -59.93 -63.48 6.17
C MET L 540 -60.27 -64.07 4.77
N MET L 541 -60.85 -65.27 4.70
CA MET L 541 -61.40 -65.89 3.47
C MET L 541 -62.75 -65.27 3.06
N ASP L 542 -63.69 -65.13 3.99
CA ASP L 542 -65.03 -64.55 3.75
C ASP L 542 -64.90 -63.12 3.21
N SER L 543 -64.04 -62.38 3.90
CA SER L 543 -63.76 -60.96 3.77
C SER L 543 -62.84 -60.66 2.59
N SER L 557 -62.15 -73.32 3.54
CA SER L 557 -60.77 -73.70 3.66
C SER L 557 -60.20 -73.45 5.07
N GLU L 558 -61.07 -73.05 6.01
CA GLU L 558 -60.67 -72.46 7.30
C GLU L 558 -59.72 -73.34 8.13
N SER L 559 -60.01 -74.63 8.22
CA SER L 559 -59.17 -75.58 8.95
C SER L 559 -57.79 -75.74 8.33
N LEU L 560 -57.54 -75.31 7.10
CA LEU L 560 -56.20 -75.35 6.52
C LEU L 560 -55.30 -74.22 7.03
N ASN L 561 -55.80 -73.16 7.69
CA ASN L 561 -54.92 -72.30 8.52
C ASN L 561 -54.31 -73.07 9.70
N HIS L 562 -55.03 -74.08 10.18
CA HIS L 562 -54.55 -75.04 11.16
C HIS L 562 -53.79 -76.19 10.50
N LEU L 563 -54.15 -76.68 9.32
CA LEU L 563 -53.31 -77.63 8.61
C LEU L 563 -51.93 -77.03 8.30
N LEU L 564 -51.80 -75.70 8.24
CA LEU L 564 -50.49 -75.06 8.24
C LEU L 564 -49.74 -75.24 9.57
N TYR L 565 -50.44 -75.07 10.69
CA TYR L 565 -49.92 -75.36 12.04
C TYR L 565 -49.62 -76.84 12.18
N ASP L 566 -50.38 -77.70 11.51
CA ASP L 566 -50.11 -79.12 11.49
C ASP L 566 -48.69 -79.39 11.04
N GLU L 567 -48.21 -78.69 10.03
CA GLU L 567 -46.85 -78.90 9.59
C GLU L 567 -45.86 -78.22 10.50
N PHE L 568 -46.32 -77.22 11.23
CA PHE L 568 -45.62 -76.72 12.39
C PHE L 568 -45.48 -77.76 13.52
N VAL L 569 -46.14 -78.90 13.44
CA VAL L 569 -45.65 -80.12 14.08
C VAL L 569 -44.88 -80.95 13.07
N LYS L 570 -45.51 -81.36 11.97
CA LYS L 570 -45.05 -82.48 11.15
C LYS L 570 -43.63 -82.25 10.74
N SER L 571 -43.38 -81.14 10.06
CA SER L 571 -42.06 -80.78 9.61
C SER L 571 -41.19 -80.56 10.83
N VAL L 572 -41.66 -79.82 11.83
CA VAL L 572 -40.81 -79.36 12.95
C VAL L 572 -40.30 -80.49 13.80
N LEU L 573 -41.11 -81.51 14.07
CA LEU L 573 -40.54 -82.64 14.77
C LEU L 573 -39.83 -83.66 13.86
N LYS L 574 -40.28 -83.89 12.62
CA LYS L 574 -39.45 -84.53 11.60
C LYS L 574 -38.09 -83.83 11.49
N ILE L 575 -38.02 -82.54 11.76
CA ILE L 575 -36.81 -81.76 11.78
C ILE L 575 -35.90 -82.09 12.98
N VAL L 576 -36.28 -82.90 13.97
CA VAL L 576 -35.30 -83.43 14.94
C VAL L 576 -34.23 -84.29 14.23
N GLU L 577 -34.67 -85.03 13.22
CA GLU L 577 -33.86 -85.72 12.21
C GLU L 577 -32.98 -84.77 11.39
N LYS L 578 -33.28 -83.48 11.35
CA LYS L 578 -32.42 -82.49 10.72
C LYS L 578 -31.11 -82.36 11.53
N LEU L 579 -31.16 -82.47 12.86
CA LEU L 579 -30.14 -81.89 13.75
C LEU L 579 -29.10 -82.88 14.33
N ASP L 580 -27.80 -82.56 14.27
CA ASP L 580 -26.72 -83.40 14.83
C ASP L 580 -25.68 -82.64 15.70
N LEU L 581 -25.27 -83.25 16.83
CA LEU L 581 -24.62 -82.63 18.01
C LEU L 581 -24.12 -83.75 18.97
N THR L 582 -22.80 -83.94 19.20
CA THR L 582 -22.30 -84.79 20.32
C THR L 582 -20.86 -84.51 20.83
N LEU L 583 -20.78 -83.82 21.97
CA LEU L 583 -19.68 -83.90 22.96
C LEU L 583 -18.21 -83.77 22.53
N GLU L 584 -17.82 -82.70 21.81
CA GLU L 584 -16.42 -82.24 21.75
C GLU L 584 -16.31 -80.72 21.66
N ILE L 585 -15.21 -80.13 22.14
CA ILE L 585 -14.93 -78.70 21.96
C ILE L 585 -14.67 -78.38 20.49
N ALA L 609 -14.78 -81.02 35.07
CA ALA L 609 -14.66 -82.44 35.40
C ALA L 609 -15.91 -83.29 35.10
N ALA L 610 -17.07 -82.65 34.92
CA ALA L 610 -18.34 -83.25 34.51
C ALA L 610 -19.16 -82.30 33.62
N ASN L 611 -18.47 -81.55 32.75
CA ASN L 611 -19.05 -80.72 31.69
C ASN L 611 -18.50 -81.08 30.30
N LEU L 612 -19.29 -80.76 29.28
CA LEU L 612 -19.26 -81.31 27.91
C LEU L 612 -19.65 -80.22 26.89
N HIS L 613 -19.40 -80.38 25.59
CA HIS L 613 -19.59 -79.27 24.66
C HIS L 613 -20.20 -79.75 23.35
N PRO L 614 -21.14 -79.00 22.74
CA PRO L 614 -21.75 -79.40 21.48
C PRO L 614 -20.71 -79.31 20.38
N ALA L 615 -20.50 -80.41 19.64
CA ALA L 615 -19.50 -80.46 18.58
C ALA L 615 -19.85 -79.60 17.33
N LYS L 616 -21.14 -79.27 17.12
CA LYS L 616 -21.67 -78.56 15.94
C LYS L 616 -22.63 -77.42 16.33
N PRO L 617 -22.13 -76.20 16.60
CA PRO L 617 -22.94 -75.13 17.18
C PRO L 617 -24.21 -74.78 16.41
N LYS L 618 -24.22 -74.77 15.08
CA LYS L 618 -25.40 -74.35 14.28
C LYS L 618 -26.65 -75.16 14.64
N ASP L 619 -26.48 -76.45 14.89
CA ASP L 619 -27.59 -77.34 15.22
C ASP L 619 -28.15 -77.09 16.63
N PHE L 620 -27.53 -76.20 17.41
CA PHE L 620 -28.08 -75.61 18.63
C PHE L 620 -28.49 -74.13 18.44
N SER L 621 -27.60 -73.29 17.89
CA SER L 621 -27.69 -71.82 18.11
C SER L 621 -28.87 -71.14 17.43
N ALA L 622 -29.39 -71.71 16.33
CA ALA L 622 -30.68 -71.32 15.75
C ALA L 622 -31.82 -72.15 16.37
N PHE L 623 -31.60 -73.43 16.60
CA PHE L 623 -32.59 -74.38 17.09
C PHE L 623 -33.23 -73.99 18.43
N ILE L 624 -32.49 -73.35 19.33
CA ILE L 624 -33.07 -72.87 20.60
C ILE L 624 -33.84 -71.55 20.43
N ASN L 625 -33.74 -70.88 19.29
CA ASN L 625 -34.67 -69.84 18.89
C ASN L 625 -35.88 -70.43 18.15
N LEU L 626 -35.84 -71.66 17.61
CA LEU L 626 -37.06 -72.43 17.38
C LEU L 626 -37.73 -72.60 18.74
N VAL L 627 -37.01 -73.03 19.77
CA VAL L 627 -37.57 -73.17 21.12
C VAL L 627 -38.24 -71.87 21.59
N GLU L 628 -37.51 -70.77 21.59
CA GLU L 628 -38.02 -69.52 22.14
C GLU L 628 -39.08 -68.86 21.24
N PHE L 629 -39.09 -69.13 19.92
CA PHE L 629 -40.16 -68.64 19.07
C PHE L 629 -41.40 -69.53 19.16
N CYS L 630 -41.24 -70.85 19.17
CA CYS L 630 -42.30 -71.80 19.42
C CYS L 630 -42.89 -71.70 20.84
N ARG L 631 -42.16 -71.07 21.76
CA ARG L 631 -42.70 -70.57 23.02
C ARG L 631 -43.88 -69.60 22.88
N GLU L 632 -44.20 -69.16 21.66
CA GLU L 632 -45.57 -68.74 21.26
C GLU L 632 -46.09 -69.50 20.04
N ILE L 633 -45.24 -69.90 19.09
CA ILE L 633 -45.69 -70.58 17.87
C ILE L 633 -46.42 -71.91 18.17
N LEU L 634 -46.13 -72.58 19.30
CA LEU L 634 -46.93 -73.73 19.74
C LEU L 634 -48.23 -73.36 20.47
N PRO L 635 -48.24 -72.62 21.59
CA PRO L 635 -49.36 -72.55 22.55
C PRO L 635 -50.66 -71.89 22.04
N GLU L 636 -51.33 -72.60 21.14
CA GLU L 636 -52.77 -72.54 20.87
C GLU L 636 -53.29 -73.98 20.88
N LYS L 637 -54.53 -74.19 21.31
CA LYS L 637 -55.19 -75.50 21.45
C LYS L 637 -55.60 -76.12 20.09
N GLN L 638 -55.07 -75.57 19.00
CA GLN L 638 -55.55 -75.69 17.62
C GLN L 638 -57.08 -75.64 17.51
N ALA L 639 -57.75 -74.73 18.25
CA ALA L 639 -59.21 -74.65 18.30
C ALA L 639 -59.90 -76.01 18.62
N GLU L 640 -59.25 -76.83 19.45
CA GLU L 640 -59.58 -78.23 19.78
C GLU L 640 -59.32 -79.28 18.67
N PHE L 641 -58.84 -78.89 17.49
CA PHE L 641 -58.43 -79.82 16.42
C PHE L 641 -57.14 -80.61 16.75
N PHE L 642 -56.43 -80.29 17.84
CA PHE L 642 -55.04 -80.69 18.07
C PHE L 642 -54.77 -82.20 18.15
N GLU L 643 -55.81 -83.02 18.16
CA GLU L 643 -55.79 -84.43 18.47
C GLU L 643 -54.57 -85.21 17.94
N PRO L 644 -54.35 -85.32 16.62
CA PRO L 644 -53.45 -86.33 16.07
C PRO L 644 -52.02 -86.11 16.56
N TRP L 645 -51.71 -84.86 16.86
CA TRP L 645 -50.42 -84.48 17.33
C TRP L 645 -50.15 -84.88 18.75
N VAL L 646 -51.07 -84.73 19.69
CA VAL L 646 -50.67 -84.85 21.10
C VAL L 646 -49.89 -86.14 21.41
N TYR L 647 -50.47 -87.30 21.08
CA TYR L 647 -49.80 -88.59 21.30
C TYR L 647 -48.49 -88.68 20.52
N SER L 648 -48.57 -88.53 19.21
CA SER L 648 -47.45 -88.74 18.31
C SER L 648 -46.28 -87.79 18.57
N PHE L 649 -46.59 -86.52 18.83
CA PHE L 649 -45.63 -85.46 19.09
C PHE L 649 -44.84 -85.78 20.35
N SER L 650 -45.55 -85.97 21.46
CA SER L 650 -44.92 -86.16 22.76
C SER L 650 -44.09 -87.43 22.76
N TYR L 651 -44.63 -88.51 22.20
CA TYR L 651 -43.95 -89.74 21.91
C TYR L 651 -42.61 -89.47 21.19
N GLU L 652 -42.64 -88.84 20.02
CA GLU L 652 -41.44 -88.55 19.24
C GLU L 652 -40.40 -87.81 20.06
N LEU L 653 -40.82 -86.72 20.70
CA LEU L 653 -39.88 -85.87 21.39
C LEU L 653 -39.31 -86.58 22.62
N ILE L 654 -40.10 -87.41 23.32
CA ILE L 654 -39.55 -88.21 24.41
C ILE L 654 -38.53 -89.21 23.86
N LEU L 655 -38.92 -90.01 22.88
CA LEU L 655 -38.04 -91.03 22.35
C LEU L 655 -36.69 -90.43 21.97
N GLN L 656 -36.66 -89.25 21.37
CA GLN L 656 -35.39 -88.63 21.01
C GLN L 656 -34.78 -87.76 22.09
N SER L 657 -35.48 -87.33 23.14
CA SER L 657 -34.88 -86.51 24.20
C SER L 657 -33.74 -87.24 24.93
N THR L 658 -33.75 -88.55 24.80
CA THR L 658 -32.69 -89.51 25.08
C THR L 658 -31.34 -89.12 24.50
N ARG L 659 -31.33 -88.50 23.31
CA ARG L 659 -30.13 -88.10 22.58
C ARG L 659 -29.26 -87.16 23.41
N LEU L 660 -29.88 -86.23 24.14
CA LEU L 660 -29.14 -85.16 24.79
C LEU L 660 -29.71 -84.68 26.14
N PRO L 661 -29.20 -85.24 27.24
CA PRO L 661 -29.15 -84.54 28.51
C PRO L 661 -28.39 -83.20 28.33
N LEU L 662 -28.41 -82.31 29.33
CA LEU L 662 -27.91 -80.93 29.18
C LEU L 662 -28.67 -80.11 28.12
N ILE L 663 -29.72 -80.65 27.48
CA ILE L 663 -30.68 -79.83 26.72
C ILE L 663 -31.94 -79.51 27.52
N SER L 664 -32.13 -78.22 27.74
CA SER L 664 -33.32 -77.63 28.29
C SER L 664 -34.50 -77.65 27.32
N GLY L 665 -34.23 -77.34 26.06
CA GLY L 665 -35.27 -76.91 25.12
C GLY L 665 -36.36 -77.97 24.93
N PHE L 666 -35.98 -79.22 24.86
CA PHE L 666 -36.97 -80.27 24.64
C PHE L 666 -37.97 -80.27 25.79
N TYR L 667 -37.49 -80.27 27.03
CA TYR L 667 -38.35 -80.24 28.19
C TYR L 667 -39.22 -79.00 28.19
N LYS L 668 -38.71 -77.84 27.79
CA LYS L 668 -39.56 -76.65 27.60
C LYS L 668 -40.72 -76.98 26.65
N LEU L 669 -40.41 -77.43 25.45
CA LEU L 669 -41.42 -77.63 24.41
C LEU L 669 -42.38 -78.76 24.78
N LEU L 670 -41.86 -79.82 25.38
CA LEU L 670 -42.63 -80.90 25.96
C LEU L 670 -43.50 -80.43 27.13
N SER L 671 -43.04 -79.44 27.90
CA SER L 671 -43.88 -78.88 28.95
C SER L 671 -44.97 -78.02 28.35
N ILE L 672 -44.69 -77.26 27.28
CA ILE L 672 -45.71 -76.47 26.60
C ILE L 672 -46.78 -77.40 26.04
N THR L 673 -46.32 -78.50 25.44
CA THR L 673 -47.14 -79.64 25.04
C THR L 673 -48.03 -80.08 26.19
N VAL L 674 -47.46 -80.36 27.37
CA VAL L 674 -48.30 -80.88 28.46
C VAL L 674 -49.27 -79.85 29.00
N ARG L 675 -48.88 -78.58 29.10
CA ARG L 675 -49.75 -77.52 29.62
C ARG L 675 -50.91 -77.24 28.69
N ASN L 676 -50.64 -77.18 27.39
CA ASN L 676 -51.70 -77.11 26.41
C ASN L 676 -52.60 -78.36 26.49
N ALA L 677 -52.00 -79.55 26.60
CA ALA L 677 -52.72 -80.80 26.76
C ALA L 677 -53.59 -80.85 28.04
N LYS L 678 -53.24 -80.15 29.12
CA LYS L 678 -54.09 -80.00 30.31
C LYS L 678 -55.36 -79.26 29.98
N LYS L 679 -55.27 -78.16 29.26
CA LYS L 679 -56.47 -77.40 28.86
C LYS L 679 -57.33 -78.15 27.84
N ILE L 680 -56.69 -78.90 26.96
CA ILE L 680 -57.35 -79.88 26.08
C ILE L 680 -57.74 -81.20 26.79
N LYS L 681 -57.39 -81.35 28.08
CA LYS L 681 -57.83 -82.44 28.98
C LYS L 681 -57.66 -83.84 28.37
N TYR L 682 -56.64 -84.05 27.55
CA TYR L 682 -56.59 -85.24 26.71
C TYR L 682 -56.56 -86.55 27.52
N PHE L 683 -55.84 -86.50 28.65
CA PHE L 683 -55.66 -87.58 29.63
C PHE L 683 -56.83 -87.75 30.63
N GLU L 684 -57.94 -87.01 30.50
CA GLU L 684 -59.09 -87.09 31.43
C GLU L 684 -59.75 -88.49 31.39
N GLY L 685 -60.13 -89.08 32.54
CA GLY L 685 -60.59 -90.48 32.52
C GLY L 685 -59.50 -91.54 32.35
N VAL L 686 -58.21 -91.16 32.31
CA VAL L 686 -57.03 -92.03 32.25
C VAL L 686 -56.95 -92.83 30.94
N PRO L 698 -57.85 -94.50 22.35
CA PRO L 698 -56.75 -95.27 22.90
C PRO L 698 -55.42 -94.50 22.92
N GLU L 699 -55.29 -93.52 22.04
CA GLU L 699 -54.18 -92.55 22.01
C GLU L 699 -53.98 -91.90 23.38
N LYS L 700 -55.10 -91.58 24.05
CA LYS L 700 -55.09 -91.06 25.40
C LYS L 700 -54.38 -92.00 26.37
N TYR L 701 -54.82 -93.25 26.55
CA TYR L 701 -54.22 -94.10 27.56
C TYR L 701 -52.81 -94.59 27.19
N SER L 702 -52.48 -94.59 25.90
CA SER L 702 -51.14 -94.81 25.40
C SER L 702 -50.20 -93.71 25.89
N CYS L 703 -50.55 -92.45 25.62
CA CYS L 703 -49.80 -91.33 26.14
C CYS L 703 -49.80 -91.31 27.67
N PHE L 704 -50.92 -91.66 28.29
CA PHE L 704 -51.01 -91.75 29.73
C PHE L 704 -49.95 -92.70 30.27
N ALA L 705 -49.90 -93.93 29.76
CA ALA L 705 -48.88 -94.90 30.16
C ALA L 705 -47.47 -94.35 29.89
N LEU L 706 -47.24 -93.70 28.76
CA LEU L 706 -45.95 -93.04 28.49
C LEU L 706 -45.61 -92.08 29.62
N PHE L 707 -46.42 -91.08 29.89
CA PHE L 707 -46.03 -90.12 30.90
C PHE L 707 -45.96 -90.75 32.29
N VAL L 708 -46.83 -91.69 32.62
CA VAL L 708 -46.74 -92.40 33.91
C VAL L 708 -45.37 -93.06 34.05
N LYS L 709 -44.91 -93.80 33.03
CA LYS L 709 -43.58 -94.42 33.10
C LYS L 709 -42.47 -93.40 32.91
N PHE L 710 -42.73 -92.25 32.29
CA PHE L 710 -41.83 -91.11 32.36
C PHE L 710 -41.67 -90.59 33.80
N GLY L 711 -42.58 -90.93 34.70
CA GLY L 711 -42.43 -90.72 36.14
C GLY L 711 -41.31 -91.54 36.78
N LYS L 712 -40.91 -92.65 36.15
CA LYS L 712 -39.66 -93.35 36.46
C LYS L 712 -38.47 -92.78 35.67
N GLU L 713 -38.70 -91.73 34.90
CA GLU L 713 -37.73 -91.14 33.99
C GLU L 713 -37.06 -89.92 34.58
N VAL L 714 -37.38 -88.71 34.13
CA VAL L 714 -36.50 -87.59 34.48
C VAL L 714 -36.42 -87.41 35.99
N ALA L 715 -37.49 -87.76 36.69
CA ALA L 715 -37.58 -87.78 38.14
C ALA L 715 -36.54 -88.69 38.81
N VAL L 716 -36.13 -89.76 38.14
CA VAL L 716 -35.02 -90.62 38.58
C VAL L 716 -33.68 -90.08 38.08
N LYS L 717 -33.68 -89.46 36.90
CA LYS L 717 -32.49 -88.87 36.29
C LYS L 717 -31.97 -87.64 37.07
N MET L 718 -32.85 -87.03 37.87
CA MET L 718 -32.61 -85.89 38.75
C MET L 718 -31.21 -85.77 39.33
N LYS L 719 -30.72 -86.84 39.95
CA LYS L 719 -29.62 -86.76 40.91
C LYS L 719 -28.31 -86.31 40.27
N GLN L 720 -28.22 -86.33 38.94
CA GLN L 720 -27.07 -85.80 38.20
C GLN L 720 -27.11 -84.27 37.95
N TYR L 721 -28.28 -83.67 37.85
CA TYR L 721 -28.45 -82.46 37.07
C TYR L 721 -28.03 -81.14 37.71
N LYS L 722 -27.99 -80.10 36.85
CA LYS L 722 -27.14 -78.92 36.98
C LYS L 722 -27.74 -77.65 36.31
N ASP L 723 -28.04 -76.66 37.14
CA ASP L 723 -28.63 -75.34 36.83
C ASP L 723 -29.72 -75.35 35.74
N GLU L 724 -29.54 -74.71 34.58
CA GLU L 724 -30.64 -74.47 33.62
C GLU L 724 -31.28 -75.75 33.05
N LEU L 725 -30.48 -76.79 32.87
CA LEU L 725 -30.96 -78.11 32.52
C LEU L 725 -31.97 -78.60 33.57
N LEU L 726 -31.53 -78.59 34.81
CA LEU L 726 -32.31 -78.97 35.96
C LEU L 726 -33.54 -78.07 36.09
N ALA L 727 -33.42 -76.76 35.83
CA ALA L 727 -34.53 -75.82 35.94
C ALA L 727 -35.62 -76.03 34.88
N SER L 728 -35.22 -76.14 33.62
CA SER L 728 -36.15 -76.39 32.51
C SER L 728 -36.83 -77.76 32.62
N CYS L 729 -36.17 -78.77 33.17
CA CYS L 729 -36.79 -80.08 33.35
C CYS L 729 -37.68 -80.18 34.58
N LEU L 730 -37.32 -79.55 35.70
CA LEU L 730 -38.21 -79.43 36.85
C LEU L 730 -39.49 -78.73 36.44
N THR L 731 -39.35 -77.66 35.65
CA THR L 731 -40.49 -76.97 35.06
C THR L 731 -41.44 -77.97 34.41
N PHE L 732 -40.90 -78.88 33.62
CA PHE L 732 -41.72 -79.88 33.00
C PHE L 732 -42.48 -80.71 34.03
N LEU L 733 -41.80 -81.36 34.98
CA LEU L 733 -42.48 -82.25 35.92
C LEU L 733 -43.59 -81.55 36.66
N LEU L 734 -43.28 -80.39 37.18
CA LEU L 734 -44.22 -79.71 38.02
C LEU L 734 -45.43 -79.25 37.19
N SER L 735 -45.30 -79.11 35.88
CA SER L 735 -46.44 -78.79 35.02
C SER L 735 -47.25 -80.01 34.56
N LEU L 736 -46.87 -81.24 34.93
CA LEU L 736 -47.64 -82.46 34.61
C LEU L 736 -49.05 -82.46 35.22
N PRO L 737 -50.02 -83.15 34.64
CA PRO L 737 -51.40 -83.15 35.09
C PRO L 737 -51.59 -83.98 36.35
N HIS L 738 -52.44 -83.50 37.25
CA HIS L 738 -52.64 -84.17 38.55
C HIS L 738 -53.14 -85.59 38.38
N ASN L 739 -53.91 -85.83 37.32
CA ASN L 739 -54.51 -87.12 37.10
C ASN L 739 -53.44 -88.23 37.01
N ILE L 740 -52.24 -87.90 36.53
CA ILE L 740 -51.11 -88.80 36.61
C ILE L 740 -50.63 -88.90 38.05
N ILE L 741 -50.41 -87.75 38.66
CA ILE L 741 -49.64 -87.58 39.88
C ILE L 741 -50.41 -88.01 41.12
N GLU L 742 -51.54 -88.69 40.96
CA GLU L 742 -52.11 -89.49 42.03
C GLU L 742 -51.30 -90.77 42.32
N LEU L 743 -50.25 -91.09 41.56
CA LEU L 743 -49.46 -92.29 41.78
C LEU L 743 -48.13 -91.94 42.46
N ASP L 744 -47.88 -92.56 43.62
CA ASP L 744 -46.55 -92.73 44.25
C ASP L 744 -45.66 -91.50 44.19
N VAL L 745 -46.15 -90.42 44.78
CA VAL L 745 -45.57 -89.12 44.55
C VAL L 745 -44.19 -88.94 45.16
N ARG L 746 -43.66 -89.91 45.91
CA ARG L 746 -42.23 -90.04 46.22
C ARG L 746 -41.32 -89.79 45.01
N ALA L 747 -41.74 -90.11 43.78
CA ALA L 747 -41.14 -89.57 42.57
C ALA L 747 -40.85 -88.05 42.62
N TYR L 748 -41.88 -87.23 42.80
CA TYR L 748 -41.89 -85.77 42.75
C TYR L 748 -41.68 -85.07 44.07
N VAL L 749 -41.78 -85.73 45.22
CA VAL L 749 -41.36 -85.12 46.49
C VAL L 749 -40.02 -84.44 46.35
N PRO L 750 -38.96 -85.15 45.94
CA PRO L 750 -37.68 -84.50 45.76
C PRO L 750 -37.82 -83.43 44.71
N ALA L 751 -38.57 -83.62 43.62
CA ALA L 751 -38.67 -82.63 42.57
C ALA L 751 -39.17 -81.29 43.12
N LEU L 752 -40.32 -81.29 43.79
CA LEU L 752 -40.82 -80.08 44.39
C LEU L 752 -39.91 -79.58 45.50
N GLN L 753 -39.34 -80.46 46.32
CA GLN L 753 -38.38 -80.03 47.34
C GLN L 753 -37.21 -79.30 46.69
N MET L 754 -36.69 -79.84 45.61
CA MET L 754 -35.64 -79.20 44.84
C MET L 754 -36.15 -77.87 44.32
N ALA L 755 -37.36 -77.82 43.78
CA ALA L 755 -37.86 -76.61 43.16
C ALA L 755 -37.76 -75.42 44.12
N PHE L 756 -38.30 -75.54 45.32
CA PHE L 756 -38.20 -74.44 46.27
C PHE L 756 -36.75 -74.24 46.69
N LYS L 757 -36.06 -75.31 47.07
CA LYS L 757 -34.70 -75.25 47.62
C LYS L 757 -33.71 -74.61 46.63
N LEU L 758 -34.00 -74.68 45.34
CA LEU L 758 -33.21 -74.08 44.28
C LEU L 758 -33.71 -72.69 43.90
N GLY L 759 -35.02 -72.55 43.66
CA GLY L 759 -35.62 -71.40 42.97
C GLY L 759 -35.31 -70.06 43.61
N LEU L 760 -34.85 -70.04 44.86
CA LEU L 760 -34.46 -68.83 45.58
C LEU L 760 -33.27 -68.11 44.93
N SER L 761 -32.57 -68.77 44.03
CA SER L 761 -31.55 -68.15 43.18
C SER L 761 -31.79 -68.41 41.68
N TYR L 762 -33.05 -68.63 41.33
CA TYR L 762 -33.59 -68.38 40.00
C TYR L 762 -35.09 -68.18 40.16
N THR L 763 -35.44 -66.99 40.64
CA THR L 763 -36.70 -66.68 41.26
C THR L 763 -37.97 -67.19 40.57
N PRO L 764 -38.16 -67.13 39.25
CA PRO L 764 -39.41 -67.58 38.64
C PRO L 764 -39.49 -69.10 38.48
N LEU L 765 -38.46 -69.87 38.81
CA LEU L 765 -38.65 -71.31 39.00
C LEU L 765 -39.59 -71.64 40.16
N ALA L 766 -39.42 -70.97 41.30
CA ALA L 766 -40.30 -71.17 42.44
C ALA L 766 -41.76 -70.94 42.06
N GLU L 767 -42.01 -69.98 41.16
CA GLU L 767 -43.36 -69.69 40.67
C GLU L 767 -44.04 -70.92 40.02
N VAL L 768 -43.31 -71.79 39.32
CA VAL L 768 -43.88 -73.05 38.82
C VAL L 768 -44.33 -73.92 39.98
N GLY L 769 -43.54 -73.98 41.05
CA GLY L 769 -43.92 -74.73 42.23
C GLY L 769 -45.18 -74.19 42.89
N LEU L 770 -45.39 -72.88 42.86
CA LEU L 770 -46.67 -72.32 43.25
C LEU L 770 -47.76 -72.88 42.35
N ASN L 771 -47.61 -72.77 41.03
CA ASN L 771 -48.62 -73.26 40.09
C ASN L 771 -49.01 -74.69 40.44
N ALA L 772 -48.00 -75.52 40.63
CA ALA L 772 -48.17 -76.93 40.83
C ALA L 772 -48.83 -77.20 42.17
N LEU L 773 -48.30 -76.65 43.27
CA LEU L 773 -48.82 -76.94 44.58
C LEU L 773 -50.27 -76.49 44.67
N GLU L 774 -50.56 -75.35 44.09
CA GLU L 774 -51.92 -74.87 43.91
C GLU L 774 -52.79 -75.86 43.15
N GLU L 775 -52.47 -76.14 41.89
CA GLU L 775 -53.21 -77.07 41.06
C GLU L 775 -53.45 -78.42 41.75
N TRP L 776 -52.40 -78.95 42.36
CA TRP L 776 -52.47 -80.16 43.13
C TRP L 776 -53.46 -80.02 44.24
N SER L 777 -53.32 -79.00 45.07
CA SER L 777 -53.99 -79.00 46.35
C SER L 777 -55.50 -78.92 46.23
N ILE L 778 -56.04 -78.61 45.04
CA ILE L 778 -57.44 -78.88 44.71
C ILE L 778 -57.63 -80.22 44.00
N TYR L 779 -56.97 -80.46 42.86
CA TYR L 779 -57.39 -81.57 42.02
C TYR L 779 -56.90 -82.93 42.53
N ILE L 780 -55.94 -82.96 43.45
CA ILE L 780 -55.49 -84.16 44.15
C ILE L 780 -56.53 -84.60 45.19
N ASP L 781 -56.63 -85.91 45.42
CA ASP L 781 -57.36 -86.46 46.55
C ASP L 781 -56.70 -86.07 47.86
N ARG L 782 -57.41 -85.30 48.68
CA ARG L 782 -56.90 -84.78 49.93
C ARG L 782 -56.41 -85.89 50.87
N HIS L 783 -57.02 -87.08 50.90
CA HIS L 783 -56.55 -88.17 51.73
C HIS L 783 -55.27 -88.79 51.20
N VAL L 784 -55.10 -88.78 49.88
CA VAL L 784 -53.82 -89.12 49.28
C VAL L 784 -52.75 -88.14 49.75
N MET L 785 -53.08 -86.86 49.84
CA MET L 785 -52.07 -85.84 50.09
C MET L 785 -51.79 -85.56 51.55
N GLN L 786 -52.82 -85.63 52.40
CA GLN L 786 -52.77 -85.43 53.84
C GLN L 786 -51.52 -85.99 54.51
N PRO L 787 -51.04 -87.21 54.18
CA PRO L 787 -49.80 -87.71 54.78
C PRO L 787 -48.55 -87.03 54.24
N TYR L 788 -48.52 -86.74 52.96
CA TYR L 788 -47.31 -86.29 52.27
C TYR L 788 -46.87 -84.89 52.64
N TYR L 789 -47.80 -84.01 52.98
CA TYR L 789 -47.52 -82.58 53.11
C TYR L 789 -46.37 -82.26 54.04
N LYS L 790 -46.19 -83.09 55.06
CA LYS L 790 -45.10 -83.06 56.04
C LYS L 790 -43.74 -82.80 55.43
N ASP L 791 -43.51 -83.27 54.22
CA ASP L 791 -42.22 -83.15 53.57
C ASP L 791 -42.11 -81.91 52.71
N ILE L 792 -43.23 -81.29 52.35
CA ILE L 792 -43.28 -80.16 51.43
C ILE L 792 -43.18 -78.86 52.19
N LEU L 793 -44.06 -78.64 53.16
CA LEU L 793 -44.13 -77.37 53.86
C LEU L 793 -42.81 -76.92 54.44
N PRO L 794 -41.95 -77.78 55.01
CA PRO L 794 -40.78 -77.29 55.70
C PRO L 794 -39.88 -76.43 54.82
N CYS L 795 -39.74 -76.77 53.54
CA CYS L 795 -38.88 -76.01 52.65
C CYS L 795 -39.39 -74.59 52.37
N LEU L 796 -40.62 -74.24 52.76
CA LEU L 796 -41.12 -72.87 52.69
C LEU L 796 -40.77 -72.02 53.90
N ASP L 797 -40.16 -72.57 54.94
CA ASP L 797 -39.59 -71.80 56.04
C ASP L 797 -38.61 -70.72 55.52
N GLY L 798 -37.65 -71.13 54.69
CA GLY L 798 -36.61 -70.24 54.21
C GLY L 798 -37.18 -69.06 53.42
N TYR L 799 -38.26 -69.29 52.68
CA TYR L 799 -38.87 -68.24 51.87
C TYR L 799 -39.42 -67.08 52.69
N LEU L 800 -39.45 -67.23 54.01
CA LEU L 800 -39.92 -66.22 54.95
C LEU L 800 -38.90 -65.92 56.05
N LYS L 801 -37.63 -66.30 55.90
CA LYS L 801 -36.59 -66.24 56.95
C LYS L 801 -35.91 -64.88 57.23
N THR L 802 -36.04 -63.84 56.39
CA THR L 802 -35.39 -62.53 56.67
C THR L 802 -36.00 -61.34 55.90
N SER L 803 -35.81 -60.11 56.43
CA SER L 803 -36.16 -58.85 55.79
C SER L 803 -35.02 -58.28 54.92
N ALA L 804 -33.89 -58.98 54.81
CA ALA L 804 -32.75 -58.62 53.97
C ALA L 804 -32.23 -57.18 54.19
N LEU L 805 -32.13 -56.78 55.47
CA LEU L 805 -31.37 -55.63 56.00
C LEU L 805 -31.32 -54.41 55.06
N ALA L 845 -38.22 -61.43 34.99
CA ALA L 845 -38.95 -62.19 36.00
C ALA L 845 -39.70 -61.28 36.99
N ILE L 846 -40.82 -61.75 37.57
CA ILE L 846 -41.54 -60.98 38.59
C ILE L 846 -40.70 -60.81 39.85
N SER L 847 -40.92 -59.73 40.60
CA SER L 847 -40.03 -59.34 41.69
C SER L 847 -40.00 -60.36 42.84
N LEU L 848 -38.85 -60.55 43.47
CA LEU L 848 -38.67 -61.57 44.51
C LEU L 848 -39.66 -61.44 45.67
N GLU L 849 -40.08 -60.24 46.02
CA GLU L 849 -41.08 -60.08 47.07
C GLU L 849 -42.52 -60.31 46.64
N GLU L 850 -42.80 -60.45 45.33
CA GLU L 850 -44.00 -61.15 44.90
C GLU L 850 -44.02 -62.57 45.45
N ILE L 851 -42.89 -63.25 45.42
CA ILE L 851 -42.78 -64.61 45.91
C ILE L 851 -42.97 -64.66 47.42
N ARG L 852 -42.25 -63.82 48.17
CA ARG L 852 -42.37 -63.78 49.64
C ARG L 852 -43.82 -63.54 50.06
N ILE L 853 -44.56 -62.74 49.29
CA ILE L 853 -46.00 -62.60 49.41
C ILE L 853 -46.74 -63.90 49.05
N ARG L 854 -46.47 -64.51 47.90
CA ARG L 854 -47.29 -65.61 47.40
C ARG L 854 -47.30 -66.84 48.29
N VAL L 855 -46.19 -67.19 48.94
CA VAL L 855 -46.17 -68.29 49.87
C VAL L 855 -47.21 -68.11 50.97
N VAL L 856 -47.31 -66.94 51.58
CA VAL L 856 -48.33 -66.73 52.61
C VAL L 856 -49.73 -66.89 52.02
N GLN L 857 -50.00 -66.34 50.84
CA GLN L 857 -51.30 -66.50 50.19
C GLN L 857 -51.64 -67.98 50.00
N MET L 858 -50.66 -68.78 49.63
CA MET L 858 -50.83 -70.23 49.59
C MET L 858 -51.13 -70.77 50.98
N LEU L 859 -50.27 -70.57 51.96
CA LEU L 859 -50.42 -71.19 53.28
C LEU L 859 -51.81 -71.00 53.86
N GLY L 860 -52.39 -69.84 53.65
CA GLY L 860 -53.74 -69.60 54.08
C GLY L 860 -54.74 -70.37 53.23
N SER L 861 -54.69 -70.24 51.92
CA SER L 861 -55.67 -70.87 51.03
C SER L 861 -55.60 -72.40 51.10
N LEU L 862 -54.42 -72.93 51.44
CA LEU L 862 -54.14 -74.32 51.74
C LEU L 862 -54.86 -74.82 53.00
N GLY L 863 -55.20 -73.91 53.90
CA GLY L 863 -56.06 -74.16 55.05
C GLY L 863 -55.32 -74.54 56.31
N GLY L 864 -55.83 -74.09 57.45
CA GLY L 864 -55.17 -74.30 58.74
C GLY L 864 -54.90 -75.76 59.05
N GLN L 865 -55.73 -76.67 58.54
CA GLN L 865 -55.63 -78.10 58.81
C GLN L 865 -54.24 -78.65 58.52
N ILE L 866 -53.72 -78.29 57.36
CA ILE L 866 -52.47 -78.82 56.84
C ILE L 866 -51.31 -77.92 57.23
N ASN L 867 -51.55 -76.62 57.24
CA ASN L 867 -50.58 -75.57 57.50
C ASN L 867 -49.59 -75.87 58.62
N LYS L 868 -50.11 -76.33 59.76
CA LYS L 868 -49.38 -76.70 60.98
C LYS L 868 -48.23 -77.68 60.72
N ASN L 869 -48.20 -78.36 59.57
CA ASN L 869 -47.07 -79.18 59.15
C ASN L 869 -45.77 -78.39 59.09
N LEU L 870 -45.82 -77.08 58.77
CA LEU L 870 -44.62 -76.24 58.66
C LEU L 870 -43.78 -76.28 59.92
N LEU L 871 -44.46 -76.06 61.04
CA LEU L 871 -43.87 -76.08 62.36
C LEU L 871 -44.06 -77.46 62.97
N THR L 872 -43.24 -78.39 62.51
CA THR L 872 -43.05 -79.73 63.08
C THR L 872 -41.57 -79.91 63.39
N VAL L 873 -41.21 -80.68 64.41
CA VAL L 873 -39.82 -80.69 64.92
C VAL L 873 -38.81 -81.01 63.81
N THR L 874 -39.15 -81.91 62.91
CA THR L 874 -38.34 -82.30 61.74
C THR L 874 -38.04 -81.17 60.76
N SER L 875 -38.70 -80.03 60.87
CA SER L 875 -38.33 -78.80 60.14
C SER L 875 -37.04 -78.16 60.73
N SER L 876 -36.62 -78.53 61.94
CA SER L 876 -35.53 -77.86 62.68
C SER L 876 -34.12 -78.44 62.40
N ASP L 877 -33.98 -79.77 62.38
CA ASP L 877 -32.70 -80.46 62.55
C ASP L 877 -31.55 -79.90 61.71
N GLU L 878 -31.71 -79.84 60.39
CA GLU L 878 -30.60 -79.58 59.46
C GLU L 878 -30.21 -78.10 59.37
N MET L 879 -30.90 -77.22 60.11
CA MET L 879 -30.35 -75.94 60.60
C MET L 879 -29.80 -76.04 62.03
N MET L 880 -30.61 -76.62 62.93
CA MET L 880 -30.49 -76.45 64.38
C MET L 880 -29.18 -77.00 64.95
N LYS L 881 -28.48 -77.87 64.23
CA LYS L 881 -27.11 -78.26 64.55
C LYS L 881 -26.18 -77.04 64.72
N SER L 882 -26.47 -75.92 64.05
CA SER L 882 -25.78 -74.62 64.22
C SER L 882 -26.16 -73.86 65.50
N TYR L 883 -26.92 -74.46 66.41
CA TYR L 883 -27.29 -73.91 67.73
C TYR L 883 -26.90 -74.83 68.92
N VAL L 884 -25.92 -75.71 68.77
CA VAL L 884 -25.46 -76.60 69.86
C VAL L 884 -23.94 -76.65 70.03
N ALA L 885 -23.48 -76.81 71.27
CA ALA L 885 -22.11 -76.53 71.69
C ALA L 885 -21.05 -77.38 70.97
N TRP L 886 -19.89 -76.80 70.62
CA TRP L 886 -18.82 -77.54 69.94
C TRP L 886 -17.93 -78.32 70.86
N ASP L 887 -17.77 -77.86 72.09
CA ASP L 887 -17.26 -78.64 73.22
C ASP L 887 -18.00 -78.15 74.46
N ARG L 888 -18.13 -79.06 75.40
CA ARG L 888 -18.90 -78.92 76.63
C ARG L 888 -18.03 -78.32 77.72
N GLU L 889 -16.72 -78.50 77.60
CA GLU L 889 -15.75 -77.58 78.21
C GLU L 889 -15.69 -76.24 77.46
N LYS L 890 -14.98 -75.25 78.03
CA LYS L 890 -14.72 -73.94 77.45
C LYS L 890 -13.23 -73.81 77.20
N ARG L 891 -12.80 -74.23 76.01
CA ARG L 891 -11.43 -74.73 75.80
C ARG L 891 -10.29 -73.71 75.72
N LEU L 892 -10.43 -72.65 74.93
CA LEU L 892 -9.29 -71.85 74.51
C LEU L 892 -8.95 -70.78 75.54
N SER L 893 -8.45 -71.19 76.70
CA SER L 893 -8.10 -70.33 77.82
C SER L 893 -6.89 -69.45 77.53
N PHE L 894 -7.07 -68.13 77.66
CA PHE L 894 -6.12 -67.11 77.24
C PHE L 894 -6.03 -65.98 78.26
N ALA L 895 -4.83 -65.46 78.59
CA ALA L 895 -4.66 -64.41 79.61
C ALA L 895 -4.31 -63.04 79.03
N VAL L 896 -5.19 -62.06 79.22
CA VAL L 896 -5.08 -60.73 78.67
C VAL L 896 -3.95 -59.96 79.34
N PRO L 897 -2.99 -59.41 78.59
CA PRO L 897 -2.02 -58.46 79.13
C PRO L 897 -2.60 -57.04 79.25
N PHE L 898 -3.38 -56.76 80.29
CA PHE L 898 -3.47 -55.39 80.78
C PHE L 898 -2.15 -55.03 81.47
N ARG L 899 -1.90 -53.73 81.69
CA ARG L 899 -0.56 -53.23 82.04
C ARG L 899 0.00 -53.92 83.26
N GLU L 900 -0.80 -53.99 84.31
CA GLU L 900 -0.34 -54.30 85.66
C GLU L 900 -0.65 -55.74 86.11
N MET L 901 -1.63 -56.36 85.46
CA MET L 901 -2.31 -57.57 85.91
C MET L 901 -3.07 -58.19 84.73
N LYS L 902 -3.44 -59.48 84.85
CA LYS L 902 -3.95 -60.24 83.71
C LYS L 902 -5.30 -60.91 83.96
N PRO L 903 -6.35 -60.43 83.28
CA PRO L 903 -7.62 -61.16 83.09
C PRO L 903 -7.51 -62.38 82.18
N VAL L 904 -8.58 -63.16 81.99
CA VAL L 904 -8.59 -64.36 81.13
C VAL L 904 -9.85 -64.51 80.28
N ILE L 905 -9.71 -65.06 79.06
CA ILE L 905 -10.72 -65.27 78.00
C ILE L 905 -10.76 -66.74 77.58
N PHE L 906 -11.91 -67.24 77.16
CA PHE L 906 -12.07 -68.58 76.59
C PHE L 906 -12.49 -68.49 75.13
N LEU L 907 -11.53 -68.33 74.23
CA LEU L 907 -11.81 -68.01 72.83
C LEU L 907 -12.69 -69.04 72.09
N ASP L 908 -12.91 -70.24 72.65
CA ASP L 908 -13.73 -71.29 72.09
C ASP L 908 -14.99 -70.67 71.47
N VAL L 909 -15.65 -69.78 72.23
CA VAL L 909 -16.94 -69.18 71.86
C VAL L 909 -16.87 -68.24 70.66
N PHE L 910 -15.70 -67.78 70.25
CA PHE L 910 -15.57 -66.95 69.07
C PHE L 910 -15.52 -67.77 67.82
N LEU L 911 -14.78 -68.88 67.87
CA LEU L 911 -14.53 -69.71 66.71
C LEU L 911 -15.77 -69.99 65.85
N PRO L 912 -16.91 -70.45 66.39
CA PRO L 912 -18.05 -70.79 65.57
C PRO L 912 -18.66 -69.57 64.88
N ARG L 913 -18.42 -68.36 65.37
CA ARG L 913 -18.85 -67.16 64.65
C ARG L 913 -17.80 -66.64 63.70
N VAL L 914 -16.56 -66.60 64.15
CA VAL L 914 -15.45 -66.15 63.32
C VAL L 914 -15.34 -66.97 62.05
N THR L 915 -15.45 -68.28 62.16
CA THR L 915 -15.48 -69.17 61.02
C THR L 915 -16.59 -68.78 60.07
N GLU L 916 -17.80 -68.65 60.56
CA GLU L 916 -18.96 -68.37 59.74
C GLU L 916 -18.68 -67.16 58.87
N LEU L 917 -18.18 -66.09 59.49
CA LEU L 917 -17.77 -64.92 58.75
C LEU L 917 -16.66 -65.24 57.78
N ALA L 918 -15.58 -65.86 58.24
CA ALA L 918 -14.41 -66.06 57.41
C ALA L 918 -14.77 -66.85 56.15
N LEU L 919 -15.70 -67.80 56.23
CA LEU L 919 -16.25 -68.46 55.06
C LEU L 919 -17.07 -67.48 54.23
N THR L 920 -18.00 -66.76 54.84
CA THR L 920 -19.15 -66.18 54.14
C THR L 920 -19.07 -64.70 53.84
N ALA L 921 -18.47 -63.93 54.73
CA ALA L 921 -18.77 -62.51 54.93
C ALA L 921 -18.59 -61.71 53.64
N SER L 922 -19.67 -61.14 53.12
CA SER L 922 -19.70 -60.53 51.79
C SER L 922 -18.86 -59.27 51.67
N ASP L 923 -18.58 -58.56 52.75
CA ASP L 923 -17.76 -57.36 52.68
C ASP L 923 -16.29 -57.74 52.49
N ARG L 924 -15.69 -57.29 51.40
CA ARG L 924 -14.29 -57.57 51.04
C ARG L 924 -13.33 -57.25 52.18
N GLN L 925 -13.48 -56.05 52.70
CA GLN L 925 -12.59 -55.48 53.68
C GLN L 925 -12.78 -56.17 55.04
N THR L 926 -13.97 -56.69 55.32
CA THR L 926 -14.15 -57.62 56.45
C THR L 926 -13.42 -58.91 56.19
N LYS L 927 -13.66 -59.52 55.03
CA LYS L 927 -13.23 -60.88 54.76
C LYS L 927 -11.73 -60.99 54.80
N VAL L 928 -11.03 -60.07 54.14
CA VAL L 928 -9.58 -60.07 54.10
C VAL L 928 -8.93 -59.96 55.50
N ALA L 929 -9.56 -59.25 56.44
CA ALA L 929 -9.08 -59.21 57.82
C ALA L 929 -9.51 -60.44 58.59
N ALA L 930 -10.72 -60.93 58.35
CA ALA L 930 -11.30 -62.02 59.10
C ALA L 930 -10.39 -63.25 59.10
N CYS L 931 -9.79 -63.52 57.96
CA CYS L 931 -8.91 -64.66 57.79
C CYS L 931 -7.71 -64.60 58.72
N GLU L 932 -7.21 -63.40 59.01
CA GLU L 932 -6.11 -63.24 59.95
C GLU L 932 -6.54 -63.65 61.33
N LEU L 933 -7.78 -63.35 61.68
CA LEU L 933 -8.34 -63.78 62.94
C LEU L 933 -8.18 -65.27 63.01
N LEU L 934 -8.79 -65.95 62.05
CA LEU L 934 -8.88 -67.39 62.16
C LEU L 934 -7.51 -68.03 62.04
N HIS L 935 -6.70 -67.54 61.12
CA HIS L 935 -5.36 -68.02 60.96
C HIS L 935 -4.59 -67.92 62.25
N SER L 936 -4.58 -66.75 62.87
CA SER L 936 -3.83 -66.56 64.09
C SER L 936 -4.43 -67.39 65.21
N MET L 937 -5.76 -67.46 65.29
CA MET L 937 -6.42 -68.23 66.32
C MET L 937 -6.14 -69.72 66.18
N VAL L 938 -6.02 -70.26 64.96
CA VAL L 938 -5.64 -71.64 64.77
C VAL L 938 -4.35 -71.92 65.50
N MET L 939 -3.40 -71.02 65.40
CA MET L 939 -2.13 -71.17 66.06
C MET L 939 -2.33 -71.37 67.55
N PHE L 940 -3.26 -70.64 68.12
CA PHE L 940 -3.46 -70.71 69.53
C PHE L 940 -3.84 -72.12 69.96
N MET L 941 -4.63 -72.82 69.16
CA MET L 941 -4.97 -74.21 69.45
C MET L 941 -3.71 -75.03 69.60
N LEU L 942 -2.82 -74.93 68.62
CA LEU L 942 -1.60 -75.74 68.56
C LEU L 942 -0.71 -75.42 69.74
N GLY L 943 -0.65 -74.14 70.08
CA GLY L 943 -0.09 -73.69 71.32
C GLY L 943 -0.62 -74.50 72.48
N LYS L 944 -1.92 -74.52 72.68
CA LYS L 944 -2.48 -75.20 73.84
C LYS L 944 -2.32 -76.70 73.76
N ALA L 945 -2.35 -77.27 72.57
CA ALA L 945 -2.06 -78.67 72.33
C ALA L 945 -0.62 -79.03 72.72
N THR L 946 0.23 -78.04 72.87
CA THR L 946 1.61 -78.16 73.30
C THR L 946 1.92 -77.30 74.51
N GLN L 947 0.91 -76.78 75.18
CA GLN L 947 1.00 -76.39 76.57
C GLN L 947 0.97 -77.66 77.40
N MET L 948 1.96 -78.53 77.18
CA MET L 948 2.22 -79.66 78.06
C MET L 948 2.74 -79.05 79.36
N PRO L 949 1.96 -79.11 80.44
CA PRO L 949 2.31 -78.40 81.66
C PRO L 949 3.46 -79.12 82.36
N GLU L 950 4.25 -78.39 83.14
CA GLU L 950 5.05 -79.05 84.18
C GLU L 950 4.17 -79.58 85.32
N GLY L 951 2.91 -79.11 85.41
CA GLY L 951 1.88 -79.67 86.27
C GLY L 951 1.44 -81.08 85.87
N GLY L 952 0.60 -81.68 86.72
CA GLY L 952 0.17 -83.07 86.56
C GLY L 952 -0.90 -83.29 85.48
N GLN L 953 -1.62 -82.25 85.06
CA GLN L 953 -2.65 -82.35 84.03
C GLN L 953 -2.02 -82.51 82.65
N GLY L 954 -2.44 -83.52 81.88
CA GLY L 954 -2.07 -83.60 80.47
C GLY L 954 -2.71 -82.45 79.68
N ALA L 955 -2.09 -82.03 78.58
CA ALA L 955 -2.70 -81.05 77.70
C ALA L 955 -4.07 -81.60 77.19
N PRO L 956 -5.18 -80.88 77.40
CA PRO L 956 -6.50 -81.46 77.25
C PRO L 956 -6.87 -81.91 75.83
N PRO L 957 -7.96 -82.67 75.68
CA PRO L 957 -8.53 -83.05 74.40
C PRO L 957 -8.86 -81.84 73.52
N MET L 958 -8.82 -82.03 72.20
CA MET L 958 -9.22 -81.02 71.23
C MET L 958 -10.02 -81.57 70.05
N TYR L 959 -10.19 -82.89 70.00
CA TYR L 959 -10.77 -83.60 68.87
C TYR L 959 -12.05 -82.95 68.42
N GLN L 960 -12.93 -82.64 69.36
CA GLN L 960 -14.20 -82.00 69.05
C GLN L 960 -14.00 -80.78 68.17
N LEU L 961 -13.13 -79.89 68.63
CA LEU L 961 -12.91 -78.64 67.94
C LEU L 961 -12.33 -78.94 66.61
N TYR L 962 -11.26 -79.71 66.61
CA TYR L 962 -10.54 -80.04 65.39
C TYR L 962 -11.49 -80.50 64.32
N LYS L 963 -12.39 -81.42 64.66
CA LYS L 963 -13.39 -81.96 63.74
C LYS L 963 -14.24 -80.83 63.18
N ARG L 964 -14.85 -80.01 64.02
CA ARG L 964 -15.66 -78.87 63.54
C ARG L 964 -14.82 -77.72 63.01
N THR L 965 -13.51 -77.83 62.96
CA THR L 965 -12.64 -76.75 62.48
C THR L 965 -12.00 -77.08 61.17
N PHE L 966 -11.35 -78.21 61.06
CA PHE L 966 -10.45 -78.46 59.95
C PHE L 966 -11.18 -78.49 58.60
N PRO L 967 -12.42 -78.94 58.45
CA PRO L 967 -13.16 -78.79 57.22
C PRO L 967 -13.33 -77.34 56.80
N VAL L 968 -13.40 -76.44 57.76
CA VAL L 968 -13.51 -75.01 57.46
C VAL L 968 -12.30 -74.61 56.65
N LEU L 969 -11.12 -74.93 57.17
CA LEU L 969 -9.84 -74.54 56.60
C LEU L 969 -9.73 -74.98 55.16
N LEU L 970 -10.18 -76.18 54.83
CA LEU L 970 -10.09 -76.68 53.47
C LEU L 970 -10.96 -75.89 52.54
N ARG L 971 -12.16 -75.51 52.98
CA ARG L 971 -13.02 -74.64 52.18
C ARG L 971 -12.33 -73.30 51.98
N LEU L 972 -11.75 -72.79 53.05
CA LEU L 972 -11.01 -71.55 53.00
C LEU L 972 -9.73 -71.65 52.18
N ALA L 973 -9.19 -72.84 51.96
CA ALA L 973 -8.02 -73.02 51.12
C ALA L 973 -8.41 -73.13 49.66
N CYS L 974 -9.35 -73.99 49.28
CA CYS L 974 -9.75 -74.01 47.87
C CYS L 974 -10.54 -72.76 47.47
N ASP L 975 -10.88 -71.90 48.43
CA ASP L 975 -11.48 -70.57 48.27
C ASP L 975 -10.96 -69.84 47.03
N VAL L 976 -11.90 -69.32 46.24
CA VAL L 976 -11.61 -68.60 45.01
C VAL L 976 -10.70 -67.37 45.22
N ASP L 977 -10.69 -66.72 46.39
CA ASP L 977 -9.81 -65.55 46.59
C ASP L 977 -8.33 -65.94 46.64
N GLN L 978 -7.55 -65.43 45.68
CA GLN L 978 -6.09 -65.43 45.72
C GLN L 978 -5.50 -65.14 47.10
N VAL L 979 -5.81 -64.01 47.70
CA VAL L 979 -4.99 -63.51 48.79
C VAL L 979 -5.14 -64.40 50.02
N THR L 980 -6.37 -64.72 50.37
CA THR L 980 -6.61 -65.60 51.51
C THR L 980 -6.05 -66.99 51.23
N ARG L 981 -6.26 -67.49 50.02
CA ARG L 981 -5.74 -68.79 49.62
C ARG L 981 -4.24 -68.82 49.77
N GLN L 982 -3.55 -67.75 49.39
CA GLN L 982 -2.09 -67.68 49.49
C GLN L 982 -1.60 -67.79 50.93
N LEU L 983 -2.43 -67.52 51.94
CA LEU L 983 -2.12 -67.82 53.33
C LEU L 983 -2.51 -69.24 53.73
N TYR L 984 -3.75 -69.66 53.48
CA TYR L 984 -4.20 -70.95 53.96
C TYR L 984 -3.64 -72.15 53.20
N GLU L 985 -3.37 -72.02 51.92
CA GLU L 985 -2.81 -73.11 51.17
C GLU L 985 -1.47 -73.54 51.76
N PRO L 986 -0.55 -72.63 52.15
CA PRO L 986 0.57 -73.00 52.99
C PRO L 986 0.16 -73.62 54.31
N LEU L 987 -0.83 -73.03 54.98
CA LEU L 987 -1.19 -73.44 56.32
C LEU L 987 -1.48 -74.94 56.34
N VAL L 988 -2.37 -75.39 55.48
CA VAL L 988 -2.84 -76.77 55.54
C VAL L 988 -1.68 -77.73 55.40
N MET L 989 -0.67 -77.39 54.61
CA MET L 989 0.52 -78.19 54.51
C MET L 989 1.23 -78.30 55.84
N GLN L 990 1.52 -77.16 56.48
CA GLN L 990 2.13 -77.18 57.80
C GLN L 990 1.32 -78.04 58.77
N LEU L 991 0.00 -77.95 58.74
CA LEU L 991 -0.84 -78.75 59.60
C LEU L 991 -0.57 -80.23 59.36
N ILE L 992 -0.71 -80.68 58.12
CA ILE L 992 -0.49 -82.07 57.76
C ILE L 992 0.86 -82.47 58.29
N HIS L 993 1.86 -81.65 57.98
CA HIS L 993 3.23 -81.94 58.26
C HIS L 993 3.42 -82.15 59.74
N TRP L 994 2.83 -81.29 60.55
CA TRP L 994 2.81 -81.51 61.97
C TRP L 994 2.05 -82.79 62.29
N PHE L 995 0.77 -82.88 61.94
CA PHE L 995 -0.10 -83.89 62.52
C PHE L 995 0.32 -85.30 62.18
N THR L 996 0.90 -85.50 61.02
CA THR L 996 1.32 -86.81 60.58
C THR L 996 2.47 -87.40 61.40
N ASN L 997 3.02 -86.68 62.37
CA ASN L 997 4.17 -87.11 63.16
C ASN L 997 3.91 -88.18 64.24
N ASN L 998 2.68 -88.65 64.41
CA ASN L 998 2.31 -89.57 65.50
C ASN L 998 2.97 -90.94 65.38
N LYS L 999 3.03 -91.69 66.49
CA LYS L 999 3.65 -93.02 66.53
C LYS L 999 2.70 -94.20 66.56
N LYS L 1000 1.40 -94.02 66.88
CA LYS L 1000 0.46 -95.15 67.09
C LYS L 1000 -0.92 -94.98 66.46
N PHE L 1001 -1.60 -96.12 66.34
CA PHE L 1001 -2.61 -96.42 65.33
C PHE L 1001 -3.77 -95.44 65.12
N GLU L 1002 -4.52 -95.04 66.13
CA GLU L 1002 -5.62 -94.09 65.94
C GLU L 1002 -5.46 -92.89 66.87
N SER L 1003 -4.56 -92.00 66.48
CA SER L 1003 -4.59 -90.61 66.96
C SER L 1003 -5.94 -90.02 66.57
N GLN L 1004 -6.75 -89.67 67.56
CA GLN L 1004 -8.03 -89.04 67.28
C GLN L 1004 -7.84 -87.81 66.41
N ASP L 1005 -6.81 -87.01 66.64
CA ASP L 1005 -6.58 -85.80 65.86
C ASP L 1005 -6.32 -86.12 64.40
N THR L 1006 -5.45 -87.09 64.19
CA THR L 1006 -5.05 -87.53 62.87
C THR L 1006 -6.25 -88.05 62.14
N VAL L 1007 -7.06 -88.83 62.84
CA VAL L 1007 -8.31 -89.34 62.33
C VAL L 1007 -9.17 -88.19 61.92
N ALA L 1008 -9.33 -87.20 62.81
CA ALA L 1008 -10.20 -86.08 62.55
C ALA L 1008 -9.78 -85.37 61.28
N LEU L 1009 -8.49 -85.12 61.15
CA LEU L 1009 -7.98 -84.48 59.99
C LEU L 1009 -8.24 -85.31 58.75
N LEU L 1010 -7.80 -86.55 58.75
CA LEU L 1010 -7.99 -87.44 57.63
C LEU L 1010 -9.44 -87.43 57.20
N GLU L 1011 -10.34 -87.70 58.14
CA GLU L 1011 -11.76 -87.82 57.87
C GLU L 1011 -12.29 -86.52 57.28
N ALA L 1012 -11.79 -85.38 57.75
CA ALA L 1012 -12.19 -84.12 57.17
C ALA L 1012 -11.77 -84.08 55.71
N ILE L 1013 -10.55 -84.51 55.42
CA ILE L 1013 -10.02 -84.47 54.08
C ILE L 1013 -10.86 -85.35 53.19
N LEU L 1014 -11.10 -86.59 53.59
CA LEU L 1014 -11.93 -87.50 52.84
C LEU L 1014 -13.35 -86.96 52.68
N ASP L 1015 -13.94 -86.39 53.74
CA ASP L 1015 -15.26 -85.78 53.65
C ASP L 1015 -15.29 -84.62 52.67
N GLY L 1016 -14.13 -84.03 52.42
CA GLY L 1016 -13.99 -83.14 51.29
C GLY L 1016 -13.89 -83.89 49.97
N ILE L 1017 -13.07 -84.92 49.87
CA ILE L 1017 -12.86 -85.59 48.59
C ILE L 1017 -14.09 -86.33 48.06
N VAL L 1018 -15.08 -86.64 48.88
CA VAL L 1018 -16.32 -87.22 48.37
C VAL L 1018 -17.31 -86.16 47.95
N ASP L 1019 -17.07 -84.88 48.21
CA ASP L 1019 -18.12 -83.86 48.18
C ASP L 1019 -18.88 -83.84 46.84
N PRO L 1020 -20.22 -83.83 46.79
CA PRO L 1020 -20.94 -84.02 45.54
C PRO L 1020 -20.81 -82.83 44.61
N VAL L 1021 -20.88 -81.63 45.16
CA VAL L 1021 -21.00 -80.39 44.42
C VAL L 1021 -19.64 -79.95 43.88
N ASP L 1022 -18.57 -80.07 44.68
CA ASP L 1022 -17.39 -79.21 44.52
C ASP L 1022 -16.12 -79.91 44.01
N SER L 1023 -16.01 -79.98 42.70
CA SER L 1023 -14.81 -80.49 42.03
C SER L 1023 -13.58 -79.71 42.44
N THR L 1024 -13.71 -78.41 42.69
CA THR L 1024 -12.55 -77.57 43.04
C THR L 1024 -11.98 -77.97 44.39
N LEU L 1025 -12.85 -78.30 45.34
CA LEU L 1025 -12.43 -78.89 46.60
C LEU L 1025 -11.81 -80.24 46.32
N ARG L 1026 -12.50 -81.12 45.59
CA ARG L 1026 -11.99 -82.47 45.34
C ARG L 1026 -10.62 -82.43 44.69
N ASP L 1027 -10.39 -81.44 43.84
CA ASP L 1027 -9.09 -81.14 43.28
C ASP L 1027 -8.14 -80.78 44.42
N PHE L 1028 -8.45 -79.74 45.19
CA PHE L 1028 -7.53 -79.27 46.20
C PHE L 1028 -7.20 -80.31 47.26
N CYS L 1029 -8.23 -80.95 47.77
CA CYS L 1029 -8.12 -82.05 48.66
C CYS L 1029 -7.21 -83.14 48.09
N GLY L 1030 -7.25 -83.38 46.78
CA GLY L 1030 -6.38 -84.34 46.13
C GLY L 1030 -4.92 -84.04 46.43
N ARG L 1031 -4.56 -82.77 46.35
CA ARG L 1031 -3.21 -82.34 46.73
C ARG L 1031 -2.98 -82.68 48.19
N CYS L 1032 -3.88 -82.29 49.07
CA CYS L 1032 -3.68 -82.53 50.49
C CYS L 1032 -3.46 -84.00 50.79
N ILE L 1033 -4.20 -84.88 50.13
CA ILE L 1033 -4.07 -86.32 50.28
C ILE L 1033 -2.67 -86.76 49.91
N ARG L 1034 -2.20 -86.37 48.73
CA ARG L 1034 -0.86 -86.70 48.28
C ARG L 1034 0.14 -86.26 49.33
N GLU L 1035 0.05 -84.99 49.70
CA GLU L 1035 1.00 -84.39 50.61
C GLU L 1035 0.93 -85.10 51.95
N PHE L 1036 -0.26 -85.50 52.38
CA PHE L 1036 -0.46 -86.29 53.57
C PHE L 1036 0.41 -87.52 53.51
N LEU L 1037 0.24 -88.34 52.48
CA LEU L 1037 0.89 -89.62 52.50
C LEU L 1037 2.38 -89.43 52.39
N LYS L 1038 2.82 -88.52 51.52
CA LYS L 1038 4.23 -88.15 51.36
C LYS L 1038 4.84 -87.86 52.71
N TRP L 1039 4.21 -86.96 53.45
CA TRP L 1039 4.67 -86.63 54.79
C TRP L 1039 4.53 -87.78 55.77
N SER L 1040 3.54 -88.62 55.61
CA SER L 1040 3.37 -89.77 56.46
C SER L 1040 4.44 -90.83 56.24
N ILE L 1041 5.16 -90.80 55.12
CA ILE L 1041 6.43 -91.53 54.94
C ILE L 1041 7.56 -90.82 55.66
N LYS L 1042 7.57 -89.50 55.48
CA LYS L 1042 8.66 -88.60 55.82
C LYS L 1042 9.06 -88.60 57.28
N GLN L 1043 8.33 -89.27 58.15
CA GLN L 1043 8.45 -89.08 59.59
C GLN L 1043 8.69 -90.35 60.40
N ILE L 1044 9.13 -91.47 59.81
CA ILE L 1044 9.22 -92.73 60.56
C ILE L 1044 10.42 -93.61 60.21
N THR L 1045 10.96 -94.32 61.20
CA THR L 1045 12.06 -95.27 61.01
C THR L 1045 11.65 -96.42 60.11
N PRO L 1046 12.57 -96.99 59.33
CA PRO L 1046 12.28 -98.18 58.56
C PRO L 1046 11.79 -99.31 59.47
N GLN L 1047 12.50 -99.60 60.56
CA GLN L 1047 12.20 -100.77 61.40
C GLN L 1047 10.82 -100.71 62.06
N GLN L 1048 10.33 -99.51 62.37
CA GLN L 1048 8.96 -99.35 62.87
C GLN L 1048 7.94 -99.36 61.74
N GLN L 1049 8.22 -98.67 60.64
CA GLN L 1049 7.34 -98.70 59.48
C GLN L 1049 7.12 -100.12 58.94
N GLU L 1050 8.14 -100.95 58.97
CA GLU L 1050 8.06 -102.37 58.62
C GLU L 1050 7.21 -103.15 59.63
N LYS L 1051 7.39 -102.88 60.93
CA LYS L 1051 6.62 -103.51 62.00
C LYS L 1051 5.12 -103.15 61.93
N SER L 1052 4.79 -101.88 61.70
CA SER L 1052 3.41 -101.39 61.60
C SER L 1052 3.32 -100.00 60.95
N PRO L 1053 2.94 -99.87 59.68
CA PRO L 1053 2.89 -98.59 59.00
C PRO L 1053 1.59 -97.86 59.37
N VAL L 1054 1.55 -97.25 60.55
CA VAL L 1054 0.28 -96.99 61.22
C VAL L 1054 -0.68 -96.15 60.42
N ASN L 1055 -0.34 -94.93 60.05
CA ASN L 1055 -1.33 -94.12 59.34
C ASN L 1055 -1.59 -94.64 57.95
N THR L 1056 -0.66 -95.37 57.36
CA THR L 1056 -0.88 -96.03 56.09
C THR L 1056 -2.04 -97.01 56.16
N LYS L 1057 -2.04 -97.84 57.21
CA LYS L 1057 -3.15 -98.71 57.53
C LYS L 1057 -4.39 -97.86 57.75
N SER L 1058 -4.35 -96.93 58.69
CA SER L 1058 -5.52 -96.11 59.02
C SER L 1058 -6.03 -95.26 57.86
N LEU L 1059 -5.26 -95.06 56.81
CA LEU L 1059 -5.72 -94.52 55.56
C LEU L 1059 -6.38 -95.59 54.70
N PHE L 1060 -5.64 -96.61 54.32
CA PHE L 1060 -6.14 -97.55 53.33
C PHE L 1060 -7.49 -98.13 53.75
N LYS L 1061 -7.66 -98.45 55.02
CA LYS L 1061 -8.91 -99.01 55.52
C LYS L 1061 -10.09 -98.10 55.16
N ARG L 1062 -9.91 -96.80 55.31
CA ARG L 1062 -10.96 -95.84 55.01
C ARG L 1062 -11.12 -95.62 53.53
N LEU L 1063 -10.03 -95.68 52.78
CA LEU L 1063 -10.16 -95.71 51.33
C LEU L 1063 -10.98 -96.91 50.89
N TYR L 1064 -10.70 -98.09 51.42
CA TYR L 1064 -11.46 -99.26 51.05
C TYR L 1064 -12.93 -99.04 51.31
N SER L 1065 -13.32 -98.57 52.50
CA SER L 1065 -14.74 -98.41 52.78
C SER L 1065 -15.39 -97.47 51.76
N LEU L 1066 -14.72 -96.40 51.37
CA LEU L 1066 -15.26 -95.54 50.36
C LEU L 1066 -15.30 -96.21 48.99
N ALA L 1067 -14.34 -97.06 48.69
CA ALA L 1067 -14.43 -97.88 47.51
C ALA L 1067 -15.60 -98.89 47.57
N LEU L 1068 -16.04 -99.33 48.75
CA LEU L 1068 -17.16 -100.25 48.86
C LEU L 1068 -18.50 -99.56 49.08
N HIS L 1069 -18.55 -98.25 49.21
CA HIS L 1069 -19.81 -97.56 49.42
C HIS L 1069 -20.68 -97.67 48.17
N PRO L 1070 -21.99 -97.86 48.28
CA PRO L 1070 -22.86 -98.01 47.13
C PRO L 1070 -23.10 -96.71 46.39
N ASN L 1071 -23.03 -95.55 47.05
CA ASN L 1071 -23.22 -94.26 46.40
C ASN L 1071 -22.08 -93.98 45.44
N ALA L 1072 -22.36 -93.56 44.21
CA ALA L 1072 -21.30 -93.34 43.25
C ALA L 1072 -20.29 -92.30 43.68
N PHE L 1073 -20.69 -91.12 44.15
CA PHE L 1073 -19.72 -90.13 44.60
C PHE L 1073 -18.89 -90.64 45.76
N LYS L 1074 -19.46 -91.46 46.65
CA LYS L 1074 -18.72 -92.04 47.78
C LYS L 1074 -17.62 -92.98 47.30
N ARG L 1075 -17.75 -93.56 46.11
CA ARG L 1075 -16.64 -94.27 45.46
C ARG L 1075 -15.70 -93.32 44.75
N LEU L 1076 -16.24 -92.40 43.96
CA LEU L 1076 -15.46 -91.66 42.99
C LEU L 1076 -14.27 -90.97 43.64
N GLY L 1077 -14.49 -90.28 44.74
CA GLY L 1077 -13.42 -89.61 45.47
C GLY L 1077 -12.28 -90.55 45.80
N ALA L 1078 -12.57 -91.76 46.28
CA ALA L 1078 -11.51 -92.68 46.66
C ALA L 1078 -10.66 -93.08 45.47
N SER L 1079 -11.23 -93.23 44.28
CA SER L 1079 -10.38 -93.42 43.12
C SER L 1079 -9.46 -92.22 42.89
N LEU L 1080 -9.92 -90.97 43.07
CA LEU L 1080 -9.05 -89.81 42.88
C LEU L 1080 -7.92 -89.80 43.89
N ALA L 1081 -8.23 -90.08 45.14
CA ALA L 1081 -7.19 -90.26 46.14
C ALA L 1081 -6.21 -91.29 45.67
N PHE L 1082 -6.69 -92.44 45.21
CA PHE L 1082 -5.79 -93.48 44.86
C PHE L 1082 -4.89 -93.08 43.70
N ASN L 1083 -5.40 -92.38 42.68
CA ASN L 1083 -4.52 -91.82 41.67
C ASN L 1083 -3.51 -90.89 42.32
N ASN L 1084 -3.98 -89.91 43.07
CA ASN L 1084 -3.12 -88.89 43.63
C ASN L 1084 -2.09 -89.43 44.62
N ILE L 1085 -2.17 -90.67 45.15
CA ILE L 1085 -1.04 -91.27 45.87
C ILE L 1085 -0.20 -92.23 45.04
N TYR L 1086 -0.60 -92.64 43.83
CA TYR L 1086 0.07 -93.78 43.19
C TYR L 1086 1.57 -93.55 43.11
N ARG L 1087 1.91 -92.34 42.69
CA ARG L 1087 3.24 -91.83 42.43
C ARG L 1087 4.07 -91.63 43.72
N GLU L 1088 3.47 -91.85 44.88
CA GLU L 1088 4.12 -91.79 46.21
C GLU L 1088 3.82 -93.00 47.09
N PHE L 1089 2.91 -93.86 46.65
CA PHE L 1089 2.92 -95.27 47.02
C PHE L 1089 4.11 -95.93 46.35
N ARG L 1090 4.26 -97.26 46.35
CA ARG L 1090 5.33 -97.94 45.58
C ARG L 1090 6.73 -97.37 45.79
N GLU L 1091 6.98 -96.91 47.00
CA GLU L 1091 8.26 -96.34 47.38
C GLU L 1091 8.92 -97.15 48.48
N GLU L 1092 8.28 -97.33 49.61
CA GLU L 1092 8.74 -98.34 50.57
C GLU L 1092 8.39 -99.72 50.04
N GLU L 1093 9.24 -100.72 50.32
CA GLU L 1093 9.04 -102.09 49.87
C GLU L 1093 7.78 -102.67 50.52
N SER L 1094 7.68 -102.41 51.82
CA SER L 1094 6.62 -102.87 52.69
C SER L 1094 5.24 -102.60 52.14
N LEU L 1095 5.03 -101.42 51.58
CA LEU L 1095 3.71 -101.01 51.20
C LEU L 1095 3.17 -101.90 50.09
N VAL L 1096 3.89 -101.99 48.98
CA VAL L 1096 3.46 -102.87 47.92
C VAL L 1096 3.57 -104.32 48.36
N GLU L 1097 4.55 -104.68 49.19
CA GLU L 1097 4.59 -106.04 49.76
C GLU L 1097 3.29 -106.41 50.49
N GLN L 1098 2.73 -105.48 51.27
CA GLN L 1098 1.63 -105.78 52.19
C GLN L 1098 0.25 -105.51 51.63
N PHE L 1099 0.04 -104.37 50.98
CA PHE L 1099 -1.29 -103.88 50.65
C PHE L 1099 -1.77 -104.22 49.25
N VAL L 1100 -0.86 -104.54 48.32
CA VAL L 1100 -1.18 -104.33 46.91
C VAL L 1100 -2.30 -105.19 46.36
N PHE L 1101 -2.38 -106.47 46.71
CA PHE L 1101 -3.48 -107.32 46.26
C PHE L 1101 -4.81 -106.81 46.81
N GLU L 1102 -4.81 -106.44 48.10
CA GLU L 1102 -5.99 -105.93 48.74
C GLU L 1102 -6.45 -104.71 47.99
N ALA L 1103 -5.53 -103.77 47.75
CA ALA L 1103 -5.83 -102.60 46.97
C ALA L 1103 -6.43 -102.95 45.62
N LEU L 1104 -5.80 -103.84 44.87
CA LEU L 1104 -6.27 -104.23 43.56
C LEU L 1104 -7.68 -104.77 43.62
N VAL L 1105 -7.86 -105.84 44.40
CA VAL L 1105 -9.11 -106.55 44.47
C VAL L 1105 -10.23 -105.60 44.79
N ILE L 1106 -10.02 -104.73 45.77
CA ILE L 1106 -11.05 -103.78 46.16
C ILE L 1106 -11.43 -102.90 44.98
N TYR L 1107 -10.48 -102.43 44.20
CA TYR L 1107 -10.85 -101.63 43.06
C TYR L 1107 -11.63 -102.39 42.00
N MET L 1108 -11.38 -103.68 41.83
CA MET L 1108 -12.24 -104.49 40.96
C MET L 1108 -13.68 -104.40 41.41
N GLU L 1109 -13.91 -104.56 42.70
CA GLU L 1109 -15.25 -104.55 43.20
C GLU L 1109 -15.81 -103.15 43.08
N SER L 1110 -15.01 -102.12 43.32
CA SER L 1110 -15.52 -100.78 43.16
C SER L 1110 -15.86 -100.48 41.71
N LEU L 1111 -15.17 -101.12 40.76
CA LEU L 1111 -15.58 -101.06 39.37
C LEU L 1111 -16.89 -101.78 39.12
N ALA L 1112 -17.03 -102.96 39.69
CA ALA L 1112 -18.24 -103.77 39.53
C ALA L 1112 -19.44 -102.98 40.00
N LEU L 1113 -19.35 -102.39 41.18
CA LEU L 1113 -20.41 -101.56 41.74
C LEU L 1113 -20.73 -100.37 40.84
N ALA L 1114 -19.78 -99.86 40.06
CA ALA L 1114 -20.07 -98.78 39.15
C ALA L 1114 -21.00 -99.19 38.00
N HIS L 1115 -21.10 -100.48 37.71
CA HIS L 1115 -21.86 -101.00 36.59
C HIS L 1115 -23.27 -100.47 36.51
N ALA L 1116 -23.98 -100.36 37.65
CA ALA L 1116 -25.36 -99.91 37.69
C ALA L 1116 -25.55 -98.41 37.41
N ASP L 1117 -24.47 -97.62 37.46
CA ASP L 1117 -24.49 -96.17 37.36
C ASP L 1117 -24.48 -95.68 35.93
N GLU L 1118 -24.75 -94.38 35.74
CA GLU L 1118 -24.39 -93.71 34.50
C GLU L 1118 -22.87 -93.78 34.28
N LYS L 1119 -22.43 -93.84 33.02
CA LYS L 1119 -21.02 -93.64 32.65
C LYS L 1119 -20.62 -92.20 32.87
N SER L 1120 -21.55 -91.26 32.81
CA SER L 1120 -21.29 -89.82 32.86
C SER L 1120 -20.78 -89.26 34.19
N LEU L 1121 -20.63 -90.07 35.24
CA LEU L 1121 -19.79 -89.68 36.37
C LEU L 1121 -18.29 -89.86 36.08
N GLY L 1122 -17.92 -90.59 35.05
CA GLY L 1122 -16.54 -90.86 34.66
C GLY L 1122 -15.82 -91.88 35.56
N THR L 1123 -16.52 -92.45 36.53
CA THR L 1123 -15.97 -93.42 37.48
C THR L 1123 -15.27 -94.56 36.78
N ILE L 1124 -15.81 -95.04 35.67
CA ILE L 1124 -15.20 -96.07 34.83
C ILE L 1124 -13.75 -95.72 34.56
N GLN L 1125 -13.50 -94.55 34.00
CA GLN L 1125 -12.16 -94.12 33.61
C GLN L 1125 -11.29 -93.95 34.84
N GLN L 1126 -11.81 -93.28 35.87
CA GLN L 1126 -11.04 -93.09 37.09
C GLN L 1126 -10.58 -94.42 37.66
N CYS L 1127 -11.46 -95.39 37.62
CA CYS L 1127 -11.17 -96.70 38.10
C CYS L 1127 -10.18 -97.42 37.18
N CYS L 1128 -10.29 -97.22 35.86
CA CYS L 1128 -9.31 -97.76 34.93
C CYS L 1128 -7.92 -97.31 35.34
N ASP L 1129 -7.70 -96.00 35.46
CA ASP L 1129 -6.41 -95.52 35.91
C ASP L 1129 -5.98 -96.11 37.25
N ALA L 1130 -6.90 -96.21 38.22
CA ALA L 1130 -6.58 -96.80 39.51
C ALA L 1130 -6.04 -98.21 39.41
N ILE L 1131 -6.54 -98.99 38.46
CA ILE L 1131 -6.14 -100.36 38.25
C ILE L 1131 -4.91 -100.40 37.35
N ASP L 1132 -4.90 -99.55 36.34
CA ASP L 1132 -3.80 -99.44 35.42
C ASP L 1132 -2.53 -99.14 36.18
N HIS L 1133 -2.57 -98.21 37.12
CA HIS L 1133 -1.36 -97.88 37.83
C HIS L 1133 -0.94 -99.00 38.75
N LEU L 1134 -1.87 -99.82 39.21
CA LEU L 1134 -1.51 -101.06 39.85
C LEU L 1134 -0.82 -102.00 38.88
N CYS L 1135 -1.36 -102.20 37.69
CA CYS L 1135 -0.66 -102.95 36.66
C CYS L 1135 0.75 -102.41 36.44
N ARG L 1136 0.90 -101.09 36.36
CA ARG L 1136 2.19 -100.44 36.19
C ARG L 1136 3.15 -100.76 37.34
N ILE L 1137 2.65 -101.00 38.55
CA ILE L 1137 3.51 -101.46 39.63
C ILE L 1137 3.88 -102.92 39.41
N ILE L 1138 2.91 -103.72 39.04
CA ILE L 1138 3.08 -105.15 39.07
C ILE L 1138 3.97 -105.64 37.93
N GLU L 1139 4.01 -104.94 36.81
CA GLU L 1139 5.05 -105.12 35.78
C GLU L 1139 6.43 -105.29 36.41
N LYS L 1140 6.72 -104.49 37.44
CA LYS L 1140 7.99 -104.54 38.13
C LYS L 1140 7.92 -105.59 39.21
N LYS L 1141 7.21 -105.32 40.29
CA LYS L 1141 7.51 -106.03 41.54
C LYS L 1141 6.81 -107.37 41.74
N HIS L 1142 6.38 -108.01 40.67
CA HIS L 1142 6.12 -109.44 40.71
C HIS L 1142 7.35 -110.22 41.21
N VAL L 1143 8.56 -109.75 40.86
CA VAL L 1143 9.84 -110.25 41.37
C VAL L 1143 9.82 -110.48 42.87
N SER L 1144 9.20 -109.56 43.60
CA SER L 1144 9.04 -109.59 45.05
C SER L 1144 7.85 -110.45 45.48
N LEU L 1145 6.72 -110.29 44.80
CA LEU L 1145 5.47 -110.94 45.13
C LEU L 1145 5.45 -112.46 44.86
N ASN L 1146 6.34 -112.96 44.00
CA ASN L 1146 6.40 -114.39 43.74
C ASN L 1146 6.74 -115.21 44.99
N LYS L 1147 7.52 -114.64 45.92
CA LYS L 1147 7.85 -115.26 47.20
C LYS L 1147 6.55 -115.45 48.00
N ALA L 1148 6.29 -116.63 48.54
CA ALA L 1148 5.24 -116.76 49.55
C ALA L 1148 5.67 -116.00 50.80
N LYS L 1149 4.94 -114.94 51.19
CA LYS L 1149 5.27 -114.12 52.37
C LYS L 1149 3.98 -113.58 52.99
N LYS L 1150 4.04 -113.07 54.22
CA LYS L 1150 2.90 -112.52 54.97
C LYS L 1150 2.41 -111.19 54.37
N ARG L 1151 1.12 -111.09 54.11
CA ARG L 1151 0.45 -109.96 53.42
C ARG L 1151 -0.94 -109.80 54.00
N ARG L 1152 -1.62 -108.68 53.77
CA ARG L 1152 -3.00 -108.55 54.21
C ARG L 1152 -3.94 -109.31 53.28
N LEU L 1153 -4.70 -110.22 53.87
CA LEU L 1153 -5.63 -111.11 53.18
C LEU L 1153 -6.68 -110.29 52.45
N PRO L 1154 -6.72 -110.34 51.12
CA PRO L 1154 -7.74 -109.65 50.37
C PRO L 1154 -9.13 -110.14 50.73
N ARG L 1155 -10.10 -109.25 50.63
CA ARG L 1155 -11.47 -109.52 51.02
C ARG L 1155 -11.98 -110.81 50.35
N GLY L 1156 -12.22 -111.82 51.17
CA GLY L 1156 -12.86 -113.08 50.80
C GLY L 1156 -11.95 -114.26 50.45
N PHE L 1157 -10.64 -114.09 50.35
CA PHE L 1157 -9.77 -115.23 50.11
C PHE L 1157 -9.80 -116.21 51.29
N PRO L 1158 -9.57 -117.51 51.07
CA PRO L 1158 -9.36 -118.45 52.17
C PRO L 1158 -8.13 -118.03 53.00
N PRO L 1159 -8.27 -117.82 54.32
CA PRO L 1159 -7.18 -117.38 55.17
C PRO L 1159 -6.02 -118.36 55.12
N SER L 1160 -4.81 -117.84 55.06
CA SER L 1160 -3.59 -118.60 54.75
C SER L 1160 -2.39 -118.00 55.50
N ALA L 1161 -1.35 -118.79 55.76
CA ALA L 1161 -0.21 -118.35 56.57
C ALA L 1161 0.67 -117.30 55.89
N SER L 1162 0.59 -117.24 54.57
CA SER L 1162 1.31 -116.33 53.67
C SER L 1162 0.64 -116.39 52.30
N LEU L 1163 0.93 -115.46 51.40
CA LEU L 1163 0.25 -115.34 50.11
C LEU L 1163 1.24 -115.02 49.01
N CYS L 1164 0.87 -115.32 47.78
CA CYS L 1164 1.66 -115.08 46.58
C CYS L 1164 0.78 -114.83 45.36
N LEU L 1165 1.44 -114.40 44.30
CA LEU L 1165 0.79 -114.06 43.06
C LEU L 1165 -0.02 -115.20 42.44
N LEU L 1166 0.28 -116.46 42.73
CA LEU L 1166 -0.55 -117.59 42.31
C LEU L 1166 -1.96 -117.50 42.87
N ASP L 1167 -2.05 -117.28 44.16
CA ASP L 1167 -3.33 -117.22 44.82
C ASP L 1167 -4.17 -116.14 44.15
N LEU L 1168 -3.55 -114.99 43.88
CA LEU L 1168 -4.23 -113.92 43.18
C LEU L 1168 -4.65 -114.34 41.76
N VAL L 1169 -3.77 -114.85 40.92
CA VAL L 1169 -4.20 -115.13 39.56
C VAL L 1169 -5.28 -116.21 39.53
N LYS L 1170 -5.24 -117.17 40.44
CA LYS L 1170 -6.31 -118.15 40.55
C LYS L 1170 -7.62 -117.49 40.95
N TRP L 1171 -7.58 -116.52 41.84
CA TRP L 1171 -8.75 -115.72 42.12
C TRP L 1171 -9.19 -114.94 40.90
N LEU L 1172 -8.29 -114.37 40.12
CA LEU L 1172 -8.69 -113.68 38.90
C LEU L 1172 -9.40 -114.61 37.96
N LEU L 1173 -8.89 -115.84 37.81
CA LEU L 1173 -9.57 -116.82 36.99
C LEU L 1173 -11.01 -117.00 37.46
N ALA L 1174 -11.24 -117.12 38.77
CA ALA L 1174 -12.61 -117.24 39.28
C ALA L 1174 -13.51 -116.08 38.86
N HIS L 1175 -12.95 -114.89 38.66
CA HIS L 1175 -13.73 -113.73 38.23
C HIS L 1175 -13.97 -113.65 36.74
N CYS L 1176 -13.63 -114.64 35.95
CA CYS L 1176 -13.70 -114.44 34.50
C CYS L 1176 -15.12 -114.24 33.91
N GLY L 1177 -16.12 -114.98 34.39
CA GLY L 1177 -17.43 -115.09 33.78
C GLY L 1177 -18.50 -114.27 34.47
N ARG L 1178 -18.12 -113.22 35.21
CA ARG L 1178 -19.03 -112.39 36.03
C ARG L 1178 -19.67 -111.27 35.22
N PRO L 1179 -20.87 -110.80 35.54
CA PRO L 1179 -21.68 -110.00 34.62
C PRO L 1179 -21.31 -108.52 34.57
N GLN L 1180 -20.53 -108.03 35.51
CA GLN L 1180 -20.22 -106.61 35.65
C GLN L 1180 -19.20 -106.18 34.60
N THR L 1181 -19.66 -105.51 33.55
CA THR L 1181 -18.92 -105.47 32.28
C THR L 1181 -17.45 -105.10 32.44
N GLU L 1182 -17.12 -103.95 33.02
CA GLU L 1182 -15.73 -103.54 32.96
C GLU L 1182 -14.86 -104.32 33.91
N CYS L 1183 -15.43 -104.90 34.96
CA CYS L 1183 -14.71 -105.90 35.73
C CYS L 1183 -14.28 -107.05 34.82
N ARG L 1184 -15.19 -107.54 33.97
CA ARG L 1184 -14.91 -108.63 33.06
C ARG L 1184 -13.76 -108.26 32.13
N HIS L 1185 -13.86 -107.11 31.46
CA HIS L 1185 -12.80 -106.69 30.55
C HIS L 1185 -11.46 -106.59 31.26
N LYS L 1186 -11.44 -106.09 32.48
CA LYS L 1186 -10.19 -106.02 33.21
C LYS L 1186 -9.67 -107.40 33.52
N SER L 1187 -10.48 -108.29 34.07
CA SER L 1187 -9.93 -109.56 34.55
C SER L 1187 -9.32 -110.39 33.43
N ILE L 1188 -9.92 -110.34 32.24
CA ILE L 1188 -9.32 -110.85 31.01
C ILE L 1188 -7.92 -110.26 30.81
N GLU L 1189 -7.83 -108.94 30.68
CA GLU L 1189 -6.59 -108.29 30.30
C GLU L 1189 -5.53 -108.49 31.35
N LEU L 1190 -5.89 -108.33 32.61
CA LEU L 1190 -4.97 -108.51 33.69
C LEU L 1190 -4.46 -109.94 33.73
N PHE L 1191 -5.33 -110.93 33.55
CA PHE L 1191 -4.87 -112.31 33.59
C PHE L 1191 -3.81 -112.56 32.54
N TYR L 1192 -4.00 -112.08 31.31
CA TYR L 1192 -2.97 -112.17 30.27
C TYR L 1192 -1.67 -111.47 30.68
N LYS L 1193 -1.75 -110.27 31.27
CA LYS L 1193 -0.58 -109.58 31.84
C LYS L 1193 0.02 -110.30 33.04
N PHE L 1194 -0.63 -111.31 33.61
CA PHE L 1194 -0.16 -111.98 34.81
C PHE L 1194 0.23 -113.44 34.71
N VAL L 1195 -0.16 -114.19 33.68
CA VAL L 1195 0.45 -115.51 33.46
C VAL L 1195 1.98 -115.41 33.39
N PRO L 1196 2.56 -114.51 32.58
CA PRO L 1196 3.95 -114.64 32.17
C PRO L 1196 4.96 -114.35 33.27
N LEU L 1197 4.55 -114.19 34.52
CA LEU L 1197 5.37 -113.65 35.59
C LEU L 1197 5.24 -114.41 36.92
N LEU L 1198 4.38 -115.43 36.99
CA LEU L 1198 4.57 -116.46 38.00
C LEU L 1198 5.88 -117.21 37.74
N PRO L 1199 6.44 -117.97 38.69
CA PRO L 1199 7.81 -118.50 38.60
C PRO L 1199 8.14 -119.35 37.37
N GLY L 1200 7.15 -119.97 36.73
CA GLY L 1200 7.34 -120.65 35.45
C GLY L 1200 7.50 -119.71 34.25
N ASN L 1201 6.84 -118.54 34.25
CA ASN L 1201 6.85 -117.59 33.12
C ASN L 1201 6.41 -118.13 31.73
N ARG L 1202 5.57 -119.16 31.69
CA ARG L 1202 5.07 -119.83 30.49
C ARG L 1202 4.00 -118.97 29.75
N SER L 1203 3.60 -119.34 28.54
CA SER L 1203 2.43 -118.73 27.88
C SER L 1203 1.11 -119.14 28.54
N PRO L 1204 -0.01 -118.42 28.31
CA PRO L 1204 -1.31 -118.80 28.85
C PRO L 1204 -1.76 -120.17 28.37
N ASN L 1205 -1.63 -120.47 27.08
CA ASN L 1205 -2.06 -121.77 26.55
C ASN L 1205 -1.31 -122.91 27.27
N LEU L 1206 0.01 -122.78 27.36
CA LEU L 1206 0.85 -123.80 27.97
C LEU L 1206 0.68 -123.86 29.50
N TRP L 1207 0.38 -122.73 30.14
CA TRP L 1207 -0.02 -122.73 31.53
C TRP L 1207 -1.36 -123.47 31.73
N LEU L 1208 -2.36 -123.16 30.91
CA LEU L 1208 -3.70 -123.73 30.98
C LEU L 1208 -3.68 -125.25 30.81
N LYS L 1209 -2.82 -125.72 29.92
CA LYS L 1209 -2.61 -127.14 29.67
C LYS L 1209 -2.46 -127.90 30.99
N ASP L 1210 -1.76 -127.35 31.97
CA ASP L 1210 -1.60 -128.03 33.26
C ASP L 1210 -2.93 -128.17 34.01
N VAL L 1211 -3.60 -127.07 34.29
CA VAL L 1211 -4.84 -127.07 35.07
C VAL L 1211 -6.01 -127.71 34.33
N LEU L 1212 -6.11 -127.63 33.01
CA LEU L 1212 -7.09 -128.41 32.28
C LEU L 1212 -6.78 -129.93 32.38
N LYS L 1213 -5.50 -130.35 32.33
CA LYS L 1213 -5.11 -131.76 32.52
C LYS L 1213 -5.43 -132.24 33.93
N GLU L 1214 -5.30 -131.38 34.94
CA GLU L 1214 -5.65 -131.73 36.33
C GLU L 1214 -7.16 -131.68 36.62
N GLU L 1215 -7.83 -130.63 36.20
CA GLU L 1215 -9.17 -130.27 36.67
C GLU L 1215 -10.28 -130.62 35.68
N GLY L 1216 -9.96 -130.69 34.38
CA GLY L 1216 -10.91 -130.92 33.28
C GLY L 1216 -11.65 -129.65 32.86
N VAL L 1217 -12.12 -129.59 31.61
CA VAL L 1217 -12.84 -128.38 31.12
C VAL L 1217 -14.02 -128.00 32.00
N SER L 1218 -14.61 -128.99 32.68
CA SER L 1218 -15.56 -128.86 33.76
C SER L 1218 -15.24 -127.68 34.68
N PHE L 1219 -14.04 -127.66 35.26
CA PHE L 1219 -13.61 -126.62 36.17
C PHE L 1219 -13.72 -125.24 35.54
N LEU L 1220 -13.19 -125.09 34.33
CA LEU L 1220 -13.19 -123.81 33.65
C LEU L 1220 -14.59 -123.38 33.28
N ILE L 1221 -15.43 -124.28 32.79
CA ILE L 1221 -16.83 -123.98 32.48
C ILE L 1221 -17.56 -123.54 33.76
N ASN L 1222 -17.27 -124.21 34.86
CA ASN L 1222 -17.74 -123.84 36.17
C ASN L 1222 -17.16 -122.49 36.65
N THR L 1223 -16.42 -121.74 35.82
CA THR L 1223 -15.98 -120.38 36.07
C THR L 1223 -16.23 -119.42 34.92
N PHE L 1224 -16.32 -119.87 33.67
CA PHE L 1224 -16.85 -119.01 32.60
C PHE L 1224 -18.37 -118.92 32.59
N GLU L 1225 -19.02 -119.84 33.27
CA GLU L 1225 -20.47 -119.88 33.42
C GLU L 1225 -20.83 -120.00 34.90
N GLY L 1226 -20.13 -120.85 35.66
CA GLY L 1226 -20.19 -120.83 37.13
C GLY L 1226 -19.44 -119.64 37.73
N GLY L 1227 -19.32 -118.54 36.99
CA GLY L 1227 -18.46 -117.39 37.27
C GLY L 1227 -19.12 -116.30 38.10
N GLY L 1228 -18.49 -115.90 39.20
CA GLY L 1228 -19.08 -115.06 40.24
C GLY L 1228 -18.87 -115.66 41.63
N CYS L 1229 -19.75 -115.32 42.58
CA CYS L 1229 -19.64 -115.64 44.00
C CYS L 1229 -19.87 -117.13 44.37
N GLY L 1230 -18.95 -117.72 45.14
CA GLY L 1230 -19.08 -119.09 45.67
C GLY L 1230 -19.32 -120.11 44.55
N GLN L 1231 -20.52 -120.69 44.54
CA GLN L 1231 -21.08 -121.39 43.40
C GLN L 1231 -22.28 -120.55 42.92
N PRO L 1232 -22.07 -119.59 42.01
CA PRO L 1232 -23.09 -118.67 41.55
C PRO L 1232 -23.97 -119.28 40.44
N SER L 1233 -23.61 -120.46 39.95
CA SER L 1233 -24.52 -121.26 39.15
C SER L 1233 -24.98 -120.63 37.83
N GLY L 1234 -24.22 -119.72 37.20
CA GLY L 1234 -24.62 -119.14 35.91
C GLY L 1234 -24.75 -120.14 34.74
N ILE L 1235 -24.17 -121.33 34.90
CA ILE L 1235 -24.44 -122.54 34.13
C ILE L 1235 -25.93 -122.88 33.99
N LEU L 1236 -26.78 -122.46 34.93
CA LEU L 1236 -28.23 -122.66 34.88
C LEU L 1236 -28.84 -121.62 33.95
N ALA L 1237 -28.90 -121.91 32.66
CA ALA L 1237 -29.69 -121.14 31.70
C ALA L 1237 -31.19 -121.34 31.94
N GLN L 1238 -31.53 -122.54 32.37
CA GLN L 1238 -32.89 -123.03 32.52
C GLN L 1238 -33.82 -122.09 33.31
N PRO L 1239 -33.52 -121.61 34.53
CA PRO L 1239 -34.40 -120.69 35.27
C PRO L 1239 -34.78 -119.43 34.48
N THR L 1240 -33.93 -118.99 33.57
CA THR L 1240 -34.14 -117.82 32.71
C THR L 1240 -34.99 -118.16 31.48
N LEU L 1241 -34.88 -119.40 30.99
CA LEU L 1241 -35.77 -120.05 30.03
C LEU L 1241 -37.04 -120.61 30.70
N LEU L 1242 -37.31 -120.28 31.97
CA LEU L 1242 -38.45 -120.73 32.75
C LEU L 1242 -39.20 -119.56 33.41
N TYR L 1243 -38.60 -118.92 34.42
CA TYR L 1243 -39.16 -117.79 35.14
C TYR L 1243 -39.05 -116.52 34.31
N SER L 1249 -40.71 -111.86 31.03
CA SER L 1249 -40.68 -111.84 32.50
C SER L 1249 -40.43 -110.46 33.10
N LEU L 1250 -39.99 -110.45 34.35
CA LEU L 1250 -39.41 -109.31 35.01
C LEU L 1250 -38.21 -108.76 34.19
N GLN L 1251 -37.85 -107.50 34.40
CA GLN L 1251 -36.64 -106.92 33.79
C GLN L 1251 -35.35 -107.64 34.15
N ALA L 1252 -35.36 -108.59 35.09
CA ALA L 1252 -34.27 -109.53 35.36
C ALA L 1252 -33.88 -110.37 34.13
N THR L 1253 -34.68 -110.41 33.09
CA THR L 1253 -34.19 -110.78 31.75
C THR L 1253 -32.88 -110.10 31.42
N LEU L 1254 -32.72 -108.80 31.66
CA LEU L 1254 -31.45 -108.12 31.43
C LEU L 1254 -30.34 -108.72 32.26
N CYS L 1255 -30.57 -109.06 33.53
CA CYS L 1255 -29.55 -109.77 34.29
C CYS L 1255 -29.17 -111.07 33.59
N TRP L 1256 -30.12 -111.87 33.12
CA TRP L 1256 -29.76 -113.04 32.33
C TRP L 1256 -29.01 -112.65 31.05
N LEU L 1257 -29.45 -111.63 30.38
CA LEU L 1257 -28.85 -111.21 29.15
C LEU L 1257 -27.39 -110.85 29.40
N ASP L 1258 -27.08 -110.13 30.46
CA ASP L 1258 -25.71 -109.85 30.85
C ASP L 1258 -24.96 -111.13 31.11
N LEU L 1259 -25.59 -112.08 31.80
CA LEU L 1259 -24.93 -113.32 32.14
C LEU L 1259 -24.59 -114.10 30.86
N LEU L 1260 -25.48 -114.09 29.87
CA LEU L 1260 -25.20 -114.68 28.57
C LEU L 1260 -24.08 -113.94 27.89
N LEU L 1261 -24.11 -112.62 27.91
CA LEU L 1261 -23.05 -111.83 27.34
C LEU L 1261 -21.72 -112.17 27.99
N ALA L 1262 -21.64 -112.37 29.29
CA ALA L 1262 -20.38 -112.71 29.94
C ALA L 1262 -19.94 -114.10 29.58
N ALA L 1263 -20.85 -115.07 29.55
CA ALA L 1263 -20.52 -116.40 29.09
C ALA L 1263 -19.92 -116.31 27.67
N LEU L 1264 -20.61 -115.62 26.76
CA LEU L 1264 -20.07 -115.41 25.44
C LEU L 1264 -18.78 -114.66 25.50
N GLU L 1265 -18.64 -113.58 26.23
CA GLU L 1265 -17.43 -112.79 26.14
C GLU L 1265 -16.22 -113.54 26.68
N CYS L 1266 -16.43 -114.44 27.61
CA CYS L 1266 -15.43 -115.44 27.92
C CYS L 1266 -15.02 -116.16 26.63
N TYR L 1267 -15.90 -116.94 26.00
CA TYR L 1267 -15.57 -117.55 24.72
C TYR L 1267 -15.10 -116.53 23.66
N ASN L 1268 -15.55 -115.26 23.72
CA ASN L 1268 -15.16 -114.25 22.78
C ASN L 1268 -13.63 -113.98 22.89
N THR L 1269 -12.95 -114.35 23.98
CA THR L 1269 -11.49 -114.29 24.09
C THR L 1269 -10.79 -115.58 23.74
N PHE L 1270 -10.95 -116.65 24.51
CA PHE L 1270 -9.88 -117.64 24.57
C PHE L 1270 -9.79 -118.57 23.36
N ILE L 1271 -10.87 -118.79 22.62
CA ILE L 1271 -10.72 -119.36 21.28
C ILE L 1271 -10.03 -118.36 20.36
N GLY L 1272 -10.35 -117.08 20.43
CA GLY L 1272 -9.84 -116.07 19.48
C GLY L 1272 -8.35 -115.83 19.61
N GLU L 1273 -7.83 -115.84 20.83
CA GLU L 1273 -6.38 -115.90 21.10
C GLU L 1273 -5.79 -117.30 20.86
N ARG L 1274 -6.61 -118.30 20.55
CA ARG L 1274 -6.29 -119.73 20.49
C ARG L 1274 -5.48 -120.13 21.69
N THR L 1275 -6.14 -120.15 22.83
CA THR L 1275 -5.53 -120.45 24.12
C THR L 1275 -6.13 -121.67 24.82
N VAL L 1276 -7.27 -122.14 24.33
CA VAL L 1276 -7.86 -123.44 24.65
C VAL L 1276 -8.49 -123.98 23.37
N GLY L 1277 -8.42 -125.29 23.14
CA GLY L 1277 -8.80 -125.92 21.87
C GLY L 1277 -10.31 -126.10 21.71
N ALA L 1278 -10.87 -125.79 20.55
CA ALA L 1278 -12.31 -125.62 20.36
C ALA L 1278 -13.15 -126.84 20.82
N LEU L 1279 -12.74 -128.05 20.48
CA LEU L 1279 -13.44 -129.27 20.87
C LEU L 1279 -13.20 -129.66 22.34
N GLN L 1280 -12.31 -128.95 23.02
CA GLN L 1280 -12.31 -128.83 24.47
C GLN L 1280 -13.37 -127.81 24.89
N VAL L 1281 -13.29 -126.58 24.36
CA VAL L 1281 -14.10 -125.44 24.80
C VAL L 1281 -15.59 -125.77 24.80
N LEU L 1282 -16.11 -126.25 23.67
CA LEU L 1282 -17.46 -126.77 23.62
C LEU L 1282 -17.47 -128.18 24.19
N GLY L 1283 -17.45 -128.25 25.52
CA GLY L 1283 -17.32 -129.52 26.22
C GLY L 1283 -18.44 -130.52 25.87
N THR L 1284 -18.17 -131.80 26.01
CA THR L 1284 -19.12 -132.89 25.72
C THR L 1284 -20.32 -132.96 26.66
N GLU L 1285 -20.44 -132.05 27.64
CA GLU L 1285 -21.53 -131.93 28.60
C GLU L 1285 -21.59 -130.52 29.24
N ALA L 1286 -22.70 -130.21 29.92
CA ALA L 1286 -22.90 -129.08 30.82
C ALA L 1286 -22.74 -127.63 30.27
N GLN L 1287 -22.35 -127.44 29.01
CA GLN L 1287 -22.17 -126.13 28.39
C GLN L 1287 -23.48 -125.46 27.95
N SER L 1288 -24.42 -125.35 28.88
CA SER L 1288 -25.83 -125.14 28.61
C SER L 1288 -26.12 -123.93 27.73
N SER L 1289 -25.37 -122.84 27.96
CA SER L 1289 -25.58 -121.53 27.37
C SER L 1289 -25.63 -121.59 25.85
N LEU L 1290 -24.53 -122.00 25.23
CA LEU L 1290 -24.37 -121.93 23.80
C LEU L 1290 -25.36 -122.86 23.13
N LEU L 1291 -25.64 -123.96 23.82
CA LEU L 1291 -26.49 -125.03 23.29
C LEU L 1291 -28.00 -124.68 23.32
N LYS L 1292 -28.45 -123.80 24.22
CA LYS L 1292 -29.87 -123.46 24.40
C LYS L 1292 -30.10 -121.94 24.41
N ALA L 1293 -29.42 -121.23 25.29
CA ALA L 1293 -29.70 -119.82 25.51
C ALA L 1293 -29.54 -118.98 24.23
N VAL L 1294 -28.48 -119.27 23.48
CA VAL L 1294 -28.29 -118.79 22.12
C VAL L 1294 -29.39 -119.27 21.18
N ALA L 1295 -29.57 -120.58 21.11
CA ALA L 1295 -30.51 -121.18 20.18
C ALA L 1295 -31.94 -120.63 20.37
N PHE L 1296 -32.47 -120.70 21.58
CA PHE L 1296 -33.69 -120.09 22.01
C PHE L 1296 -33.80 -118.64 21.65
N PHE L 1297 -32.79 -117.85 21.98
CA PHE L 1297 -32.83 -116.44 21.71
C PHE L 1297 -33.06 -116.26 20.21
N LEU L 1298 -32.26 -116.89 19.37
CA LEU L 1298 -32.40 -116.91 17.91
C LEU L 1298 -33.74 -117.46 17.40
N GLU L 1299 -34.31 -118.43 18.09
CA GLU L 1299 -35.54 -119.11 17.68
C GLU L 1299 -36.79 -118.37 18.13
N SER L 1300 -36.70 -117.61 19.22
CA SER L 1300 -37.86 -117.34 20.05
C SER L 1300 -37.93 -115.92 20.63
N ILE L 1301 -36.84 -115.16 20.61
CA ILE L 1301 -36.82 -113.77 21.10
C ILE L 1301 -36.15 -112.81 20.11
N ALA L 1302 -35.20 -113.30 19.33
CA ALA L 1302 -34.49 -112.51 18.36
C ALA L 1302 -35.43 -111.92 17.31
N MET L 1303 -36.40 -112.69 16.82
CA MET L 1303 -37.32 -112.22 15.77
C MET L 1303 -38.29 -111.12 16.26
N HIS L 1304 -38.29 -110.79 17.56
CA HIS L 1304 -39.43 -110.21 18.27
C HIS L 1304 -39.05 -109.01 19.13
N ASP L 1305 -40.04 -108.18 19.45
CA ASP L 1305 -39.93 -107.21 20.55
C ASP L 1305 -40.17 -107.88 21.91
N ILE L 1306 -39.94 -107.09 22.96
CA ILE L 1306 -39.93 -107.47 24.37
C ILE L 1306 -41.07 -108.40 24.79
N ILE L 1307 -42.26 -108.20 24.23
CA ILE L 1307 -43.46 -108.92 24.63
C ILE L 1307 -43.40 -110.42 24.29
N ALA L 1308 -42.54 -110.89 23.36
CA ALA L 1308 -42.36 -112.33 23.18
C ALA L 1308 -41.74 -113.03 24.41
N ALA L 1309 -40.89 -112.31 25.16
CA ALA L 1309 -40.42 -112.75 26.48
C ALA L 1309 -41.49 -112.48 27.52
N GLU L 1310 -41.93 -111.24 27.54
CA GLU L 1310 -42.90 -110.73 28.48
C GLU L 1310 -44.35 -111.10 28.10
N LYS L 1311 -44.50 -112.38 27.71
CA LYS L 1311 -45.73 -113.16 27.57
C LYS L 1311 -45.60 -114.42 28.42
N CYS L 1312 -44.87 -115.40 27.93
CA CYS L 1312 -44.86 -116.76 28.47
C CYS L 1312 -43.95 -116.93 29.71
N PHE L 1313 -43.14 -115.92 29.99
CA PHE L 1313 -42.19 -115.88 31.09
C PHE L 1313 -42.65 -114.80 32.07
N GLY L 1314 -42.85 -115.09 33.36
CA GLY L 1314 -43.40 -114.12 34.32
C GLY L 1314 -44.65 -113.40 33.76
N THR L 1315 -44.57 -112.07 33.60
CA THR L 1315 -45.49 -111.30 32.75
C THR L 1315 -44.87 -110.00 32.22
N GLY L 1316 -45.47 -109.42 31.17
CA GLY L 1316 -45.25 -108.04 30.70
C GLY L 1316 -46.28 -107.06 31.28
N ALA L 1317 -45.85 -105.88 31.74
CA ALA L 1317 -46.62 -105.07 32.69
C ALA L 1317 -47.91 -104.46 32.13
N ALA L 1318 -48.88 -104.20 33.01
CA ALA L 1318 -50.19 -103.64 32.70
C ALA L 1318 -50.88 -104.38 31.54
N GLY L 1319 -51.24 -103.68 30.46
CA GLY L 1319 -51.70 -104.25 29.19
C GLY L 1319 -50.61 -104.55 28.15
N ASN L 1320 -49.43 -105.02 28.58
CA ASN L 1320 -48.25 -105.33 27.77
C ASN L 1320 -47.48 -104.13 27.17
N ARG L 1321 -47.70 -102.91 27.67
CA ARG L 1321 -47.10 -101.67 27.15
C ARG L 1321 -46.39 -100.83 28.21
N THR L 1322 -45.12 -100.52 27.97
CA THR L 1322 -44.17 -99.80 28.86
C THR L 1322 -43.08 -99.05 28.08
N SER L 1323 -42.26 -98.27 28.78
CA SER L 1323 -41.53 -97.10 28.24
C SER L 1323 -40.33 -97.42 27.34
N PRO L 1324 -39.91 -96.47 26.47
CA PRO L 1324 -38.61 -96.56 25.80
C PRO L 1324 -37.43 -96.50 26.76
N GLN L 1325 -37.54 -95.91 27.96
CA GLN L 1325 -36.50 -96.02 28.98
C GLN L 1325 -36.23 -97.47 29.40
N GLU L 1326 -37.22 -98.36 29.23
CA GLU L 1326 -37.03 -99.80 29.30
C GLU L 1326 -36.64 -100.35 27.93
N GLY L 1327 -37.49 -100.12 26.93
CA GLY L 1327 -37.39 -100.75 25.62
C GLY L 1327 -36.07 -100.48 24.91
N GLU L 1328 -35.54 -99.27 24.98
CA GLU L 1328 -34.26 -98.96 24.37
C GLU L 1328 -33.17 -99.78 25.03
N ARG L 1329 -33.13 -99.92 26.35
CA ARG L 1329 -32.13 -100.80 26.99
C ARG L 1329 -32.34 -102.25 26.63
N TYR L 1330 -33.58 -102.70 26.52
CA TYR L 1330 -33.84 -104.06 26.05
C TYR L 1330 -33.28 -104.24 24.64
N ASN L 1331 -33.73 -103.46 23.68
CA ASN L 1331 -33.35 -103.62 22.28
C ASN L 1331 -31.89 -103.31 22.02
N TYR L 1332 -31.35 -102.24 22.58
CA TYR L 1332 -29.91 -101.99 22.61
C TYR L 1332 -29.16 -103.24 23.08
N SER L 1333 -29.48 -103.74 24.26
CA SER L 1333 -28.65 -104.78 24.80
C SER L 1333 -28.81 -106.05 23.97
N LYS L 1334 -30.05 -106.38 23.63
CA LYS L 1334 -30.40 -107.45 22.69
C LYS L 1334 -29.57 -107.37 21.43
N CYS L 1335 -29.56 -106.21 20.80
CA CYS L 1335 -28.83 -106.01 19.58
C CYS L 1335 -27.30 -106.00 19.78
N THR L 1336 -26.81 -105.95 21.02
CA THR L 1336 -25.40 -106.25 21.30
C THR L 1336 -25.16 -107.73 21.19
N VAL L 1337 -26.04 -108.52 21.77
CA VAL L 1337 -25.75 -109.91 22.03
C VAL L 1337 -25.58 -110.68 20.73
N VAL L 1338 -26.41 -110.40 19.74
CA VAL L 1338 -26.21 -110.93 18.39
C VAL L 1338 -24.81 -110.67 17.88
N VAL L 1339 -24.25 -109.50 18.15
CA VAL L 1339 -22.93 -109.17 17.63
C VAL L 1339 -21.92 -110.13 18.20
N ARG L 1340 -21.94 -110.27 19.52
CA ARG L 1340 -20.99 -111.15 20.18
C ARG L 1340 -21.19 -112.58 19.72
N ILE L 1341 -22.42 -113.06 19.53
CA ILE L 1341 -22.64 -114.36 18.91
C ILE L 1341 -21.92 -114.48 17.59
N MET L 1342 -22.15 -113.53 16.70
CA MET L 1342 -21.62 -113.64 15.36
C MET L 1342 -20.11 -113.64 15.38
N GLU L 1343 -19.50 -112.75 16.16
CA GLU L 1343 -18.06 -112.68 16.30
C GLU L 1343 -17.52 -114.00 16.83
N PHE L 1344 -18.12 -114.50 17.89
CA PHE L 1344 -17.75 -115.77 18.46
C PHE L 1344 -17.88 -116.90 17.43
N THR L 1345 -19.03 -117.04 16.80
CA THR L 1345 -19.27 -118.15 15.88
C THR L 1345 -18.33 -118.11 14.69
N THR L 1346 -18.07 -116.94 14.12
CA THR L 1346 -17.02 -116.78 13.11
C THR L 1346 -15.71 -117.37 13.59
N THR L 1347 -15.37 -117.04 14.83
CA THR L 1347 -14.09 -117.37 15.45
C THR L 1347 -13.93 -118.88 15.67
N LEU L 1348 -15.02 -119.65 15.64
CA LEU L 1348 -14.94 -121.10 15.53
C LEU L 1348 -14.35 -121.53 14.19
N LEU L 1349 -14.99 -121.08 13.13
CA LEU L 1349 -14.71 -121.47 11.77
C LEU L 1349 -13.30 -121.02 11.35
N ASN L 1350 -12.91 -119.85 11.84
CA ASN L 1350 -11.61 -119.22 11.56
C ASN L 1350 -10.55 -119.53 12.62
N THR L 1351 -10.75 -120.59 13.40
CA THR L 1351 -9.66 -121.28 14.09
C THR L 1351 -9.66 -122.77 13.82
N SER L 1352 -10.79 -123.37 13.49
CA SER L 1352 -10.91 -124.80 13.33
C SER L 1352 -11.55 -125.21 11.99
N PRO L 1353 -10.96 -126.16 11.25
CA PRO L 1353 -11.61 -126.83 10.13
C PRO L 1353 -12.66 -127.85 10.61
N GLU L 1354 -12.84 -128.00 11.92
CA GLU L 1354 -13.71 -128.99 12.54
C GLU L 1354 -14.81 -128.38 13.42
N GLY L 1355 -14.71 -127.12 13.84
CA GLY L 1355 -15.63 -126.53 14.82
C GLY L 1355 -17.07 -126.59 14.37
N TRP L 1356 -17.26 -126.43 13.07
CA TRP L 1356 -18.55 -126.55 12.41
C TRP L 1356 -19.20 -127.94 12.61
N LYS L 1357 -18.45 -128.98 13.01
CA LYS L 1357 -18.92 -130.36 13.27
C LYS L 1357 -19.45 -130.62 14.68
N LEU L 1358 -19.10 -129.82 15.70
CA LEU L 1358 -19.81 -129.86 17.01
C LEU L 1358 -21.03 -128.93 17.04
N LEU L 1359 -20.92 -127.71 16.53
CA LEU L 1359 -22.09 -126.87 16.34
C LEU L 1359 -23.09 -127.47 15.33
N LYS L 1360 -22.65 -128.31 14.39
CA LYS L 1360 -23.52 -129.17 13.55
C LYS L 1360 -24.49 -130.02 14.36
N LYS L 1361 -24.20 -130.39 15.62
CA LYS L 1361 -25.19 -131.10 16.44
C LYS L 1361 -26.33 -130.17 16.89
N ASP L 1362 -26.08 -128.87 17.03
CA ASP L 1362 -27.10 -127.83 16.92
C ASP L 1362 -27.43 -127.59 15.44
N LEU L 1363 -27.80 -128.66 14.74
CA LEU L 1363 -27.98 -128.68 13.29
C LEU L 1363 -28.97 -127.61 12.83
N CYS L 1364 -29.98 -127.35 13.65
CA CYS L 1364 -30.95 -126.27 13.50
C CYS L 1364 -30.32 -124.91 13.86
N ASN L 1365 -29.24 -124.58 13.17
CA ASN L 1365 -28.66 -123.26 13.06
C ASN L 1365 -29.59 -122.28 12.30
N THR L 1366 -30.39 -122.76 11.35
CA THR L 1366 -31.02 -121.95 10.27
C THR L 1366 -31.80 -120.73 10.72
N HIS L 1367 -32.32 -120.71 11.94
CA HIS L 1367 -32.91 -119.51 12.53
C HIS L 1367 -31.94 -118.34 12.46
N LEU L 1368 -30.67 -118.58 12.78
CA LEU L 1368 -29.64 -117.57 12.70
C LEU L 1368 -29.48 -117.02 11.28
N MET L 1369 -29.78 -117.79 10.25
CA MET L 1369 -29.67 -117.28 8.90
C MET L 1369 -30.77 -116.29 8.56
N ARG L 1370 -32.02 -116.52 9.00
CA ARG L 1370 -33.06 -115.51 8.90
C ARG L 1370 -32.72 -114.28 9.74
N VAL L 1371 -32.09 -114.47 10.88
CA VAL L 1371 -31.49 -113.35 11.61
C VAL L 1371 -30.49 -112.62 10.73
N LEU L 1372 -29.58 -113.33 10.08
CA LEU L 1372 -28.54 -112.71 9.28
C LEU L 1372 -29.07 -111.97 8.07
N VAL L 1373 -29.99 -112.53 7.29
CA VAL L 1373 -30.61 -111.72 6.24
C VAL L 1373 -31.31 -110.50 6.83
N GLN L 1374 -31.97 -110.60 7.99
CA GLN L 1374 -32.53 -109.42 8.64
C GLN L 1374 -31.45 -108.42 8.98
N THR L 1375 -30.34 -108.90 9.52
CA THR L 1375 -29.16 -108.14 9.95
C THR L 1375 -28.59 -107.26 8.84
N LEU L 1376 -28.97 -107.49 7.59
CA LEU L 1376 -28.56 -106.69 6.45
C LEU L 1376 -29.74 -106.12 5.65
N CYS L 1377 -30.91 -106.75 5.63
CA CYS L 1377 -32.02 -106.27 4.80
C CYS L 1377 -32.88 -105.21 5.49
N GLU L 1378 -33.04 -105.26 6.81
CA GLU L 1378 -33.49 -104.12 7.60
C GLU L 1378 -33.13 -104.28 9.09
N PRO L 1379 -31.83 -104.36 9.44
CA PRO L 1379 -31.40 -104.39 10.83
C PRO L 1379 -31.85 -103.17 11.60
N ALA L 1380 -32.28 -102.09 10.95
CA ALA L 1380 -32.92 -100.96 11.62
C ALA L 1380 -34.22 -101.36 12.35
N SER L 1381 -34.87 -102.45 11.94
CA SER L 1381 -35.93 -103.10 12.71
C SER L 1381 -35.43 -103.75 14.00
N ILE L 1382 -34.13 -103.62 14.30
CA ILE L 1382 -33.45 -104.28 15.40
C ILE L 1382 -32.46 -103.33 16.14
N GLY L 1383 -31.46 -102.70 15.46
CA GLY L 1383 -30.36 -101.92 16.06
C GLY L 1383 -30.14 -100.44 15.64
N PHE L 1384 -30.36 -99.99 14.39
CA PHE L 1384 -30.08 -98.58 13.98
C PHE L 1384 -30.93 -97.50 14.66
N ASN L 1385 -31.93 -97.95 15.40
CA ASN L 1385 -32.79 -97.22 16.34
C ASN L 1385 -32.00 -96.51 17.46
N ILE L 1386 -30.75 -96.91 17.71
CA ILE L 1386 -29.91 -96.26 18.69
C ILE L 1386 -29.52 -94.84 18.24
N GLY L 1387 -29.05 -94.68 16.99
CA GLY L 1387 -28.68 -93.37 16.41
C GLY L 1387 -27.17 -93.04 16.32
N ASP L 1388 -26.27 -93.96 16.68
CA ASP L 1388 -24.84 -93.71 16.91
C ASP L 1388 -23.91 -94.53 16.01
N VAL L 1389 -23.56 -94.03 14.82
CA VAL L 1389 -22.69 -94.75 13.87
C VAL L 1389 -21.38 -95.27 14.49
N GLN L 1390 -20.91 -94.62 15.56
CA GLN L 1390 -19.87 -95.06 16.49
C GLN L 1390 -19.99 -96.54 16.89
N VAL L 1391 -21.17 -96.99 17.28
CA VAL L 1391 -21.51 -98.41 17.36
C VAL L 1391 -22.17 -98.86 16.04
N MET L 1392 -23.21 -98.24 15.66
CA MET L 1392 -24.17 -98.65 14.71
C MET L 1392 -23.72 -98.62 13.24
N ALA L 1393 -22.52 -98.24 12.86
CA ALA L 1393 -22.00 -98.36 11.52
C ALA L 1393 -20.72 -99.19 11.44
N HIS L 1394 -20.11 -99.57 12.57
CA HIS L 1394 -19.17 -100.69 12.55
C HIS L 1394 -19.93 -102.00 12.54
N LEU L 1395 -21.08 -102.09 13.22
CA LEU L 1395 -21.84 -103.33 13.28
C LEU L 1395 -22.18 -103.94 11.91
N PRO L 1396 -22.53 -103.19 10.85
CA PRO L 1396 -22.70 -103.78 9.53
C PRO L 1396 -21.33 -104.20 8.99
N ASP L 1397 -20.30 -103.38 9.11
CA ASP L 1397 -18.96 -103.71 8.60
C ASP L 1397 -18.34 -104.94 9.30
N VAL L 1398 -18.68 -105.13 10.57
CA VAL L 1398 -18.32 -106.31 11.33
C VAL L 1398 -19.15 -107.47 10.87
N CYS L 1399 -20.46 -107.28 10.70
CA CYS L 1399 -21.31 -108.33 10.19
C CYS L 1399 -20.74 -108.90 8.89
N VAL L 1400 -20.53 -108.04 7.90
CA VAL L 1400 -20.08 -108.44 6.57
C VAL L 1400 -18.77 -109.24 6.59
N ASN L 1401 -17.93 -109.05 7.61
CA ASN L 1401 -16.73 -109.85 7.75
C ASN L 1401 -17.10 -111.33 7.83
N LEU L 1402 -18.09 -111.68 8.66
CA LEU L 1402 -18.48 -113.07 8.86
C LEU L 1402 -18.86 -113.73 7.53
N MET L 1403 -19.42 -112.98 6.59
CA MET L 1403 -19.90 -113.55 5.36
C MET L 1403 -18.79 -114.16 4.54
N LYS L 1404 -17.52 -113.76 4.68
CA LYS L 1404 -16.45 -114.51 4.01
C LYS L 1404 -16.40 -115.93 4.56
N ALA L 1405 -16.40 -116.07 5.87
CA ALA L 1405 -16.55 -117.36 6.53
C ALA L 1405 -17.92 -118.03 6.29
N LEU L 1406 -18.81 -117.44 5.48
CA LEU L 1406 -19.97 -118.13 4.92
C LEU L 1406 -19.81 -118.47 3.43
N LYS L 1407 -19.28 -117.55 2.62
CA LYS L 1407 -19.01 -117.68 1.18
C LYS L 1407 -17.98 -118.78 0.94
N MET L 1408 -16.86 -118.70 1.66
CA MET L 1408 -15.89 -119.77 1.81
C MET L 1408 -16.17 -120.60 3.08
N SER L 1409 -17.45 -120.87 3.32
CA SER L 1409 -17.91 -122.06 4.02
C SER L 1409 -18.78 -122.86 3.05
N PRO L 1410 -18.80 -124.20 3.15
CA PRO L 1410 -19.68 -125.04 2.33
C PRO L 1410 -21.17 -124.73 2.48
N TYR L 1411 -21.60 -123.92 3.47
CA TYR L 1411 -23.00 -123.59 3.75
C TYR L 1411 -23.62 -122.56 2.75
N LYS L 1412 -22.84 -122.03 1.78
CA LYS L 1412 -23.11 -120.82 0.94
C LYS L 1412 -24.53 -120.69 0.40
N ASP L 1413 -25.11 -121.75 -0.16
CA ASP L 1413 -26.40 -121.71 -0.84
C ASP L 1413 -27.54 -121.17 0.02
N ILE L 1414 -27.44 -121.36 1.34
CA ILE L 1414 -28.52 -120.99 2.24
C ILE L 1414 -28.63 -119.49 2.40
N LEU L 1415 -27.58 -118.73 2.12
CA LEU L 1415 -27.74 -117.30 1.84
C LEU L 1415 -28.65 -117.02 0.64
N GLU L 1416 -28.51 -117.79 -0.43
CA GLU L 1416 -29.44 -117.76 -1.57
C GLU L 1416 -30.84 -118.19 -1.11
N THR L 1417 -30.97 -119.24 -0.29
CA THR L 1417 -32.27 -119.63 0.27
C THR L 1417 -32.91 -118.57 1.16
N HIS L 1418 -32.17 -117.58 1.66
CA HIS L 1418 -32.73 -116.42 2.33
C HIS L 1418 -33.00 -115.25 1.36
N LEU L 1419 -32.15 -115.03 0.36
CA LEU L 1419 -32.27 -113.93 -0.59
C LEU L 1419 -32.46 -114.42 -2.04
N ARG L 1420 -31.41 -114.85 -2.74
CA ARG L 1420 -31.44 -115.02 -4.22
C ARG L 1420 -32.39 -116.12 -4.74
N GLU L 1421 -32.86 -117.03 -3.89
CA GLU L 1421 -33.92 -117.99 -4.25
C GLU L 1421 -35.34 -117.36 -4.21
N LYS L 1422 -35.50 -116.14 -3.66
CA LYS L 1422 -36.77 -115.39 -3.52
C LYS L 1422 -36.76 -114.00 -4.18
N ILE L 1423 -35.86 -113.12 -3.76
CA ILE L 1423 -36.11 -111.66 -3.82
C ILE L 1423 -35.50 -110.91 -5.02
N THR L 1424 -34.49 -111.47 -5.68
CA THR L 1424 -33.69 -110.80 -6.72
C THR L 1424 -34.52 -110.32 -7.93
N ALA L 1425 -34.63 -109.00 -8.12
CA ALA L 1425 -35.31 -108.36 -9.24
C ALA L 1425 -34.50 -107.16 -9.79
N GLN L 1426 -34.51 -106.96 -11.12
CA GLN L 1426 -33.55 -106.08 -11.80
C GLN L 1426 -34.08 -104.65 -12.05
N SER L 1427 -35.28 -104.49 -12.59
CA SER L 1427 -35.75 -103.19 -13.13
C SER L 1427 -36.63 -102.39 -12.18
N ILE L 1428 -37.10 -102.94 -11.07
CA ILE L 1428 -38.11 -102.29 -10.20
C ILE L 1428 -37.63 -100.91 -9.71
N GLU L 1429 -36.33 -100.70 -9.51
CA GLU L 1429 -35.79 -99.39 -9.11
C GLU L 1429 -35.78 -98.38 -10.27
N GLU L 1430 -35.66 -98.83 -11.52
CA GLU L 1430 -35.92 -97.99 -12.70
C GLU L 1430 -37.43 -97.76 -12.92
N LEU L 1431 -38.28 -98.67 -12.44
CA LEU L 1431 -39.75 -98.51 -12.45
C LEU L 1431 -40.16 -97.34 -11.53
N CYS L 1432 -39.53 -97.27 -10.36
CA CYS L 1432 -39.68 -96.17 -9.39
C CYS L 1432 -39.00 -94.85 -9.85
N ALA L 1433 -38.33 -94.78 -11.02
CA ALA L 1433 -37.50 -93.62 -11.43
C ALA L 1433 -38.24 -92.29 -11.35
N VAL L 1434 -39.41 -92.21 -11.99
CA VAL L 1434 -40.26 -91.01 -11.97
C VAL L 1434 -40.85 -90.69 -10.59
N ASN L 1435 -40.75 -91.63 -9.64
CA ASN L 1435 -41.22 -91.45 -8.27
C ASN L 1435 -40.09 -91.00 -7.33
N LEU L 1436 -38.81 -91.28 -7.63
CA LEU L 1436 -37.72 -91.22 -6.63
C LEU L 1436 -37.59 -89.88 -5.89
N TYR L 1437 -37.52 -88.78 -6.64
CA TYR L 1437 -37.48 -87.43 -6.15
C TYR L 1437 -38.92 -86.87 -6.10
N GLY L 1438 -39.50 -86.77 -4.90
CA GLY L 1438 -40.89 -86.33 -4.73
C GLY L 1438 -41.55 -86.51 -3.34
N PRO L 1439 -42.84 -86.07 -3.23
CA PRO L 1439 -43.55 -85.79 -1.97
C PRO L 1439 -43.81 -87.00 -1.05
N ASP L 1440 -44.05 -88.16 -1.64
CA ASP L 1440 -44.40 -89.41 -0.96
C ASP L 1440 -43.18 -90.18 -0.42
N ALA L 1441 -41.98 -89.60 -0.40
CA ALA L 1441 -40.82 -90.23 0.22
C ALA L 1441 -41.06 -90.55 1.70
N GLN L 1442 -41.89 -89.75 2.38
CA GLN L 1442 -42.38 -89.93 3.76
C GLN L 1442 -43.22 -91.22 3.96
N VAL L 1443 -43.69 -91.85 2.87
CA VAL L 1443 -44.69 -92.95 2.90
C VAL L 1443 -44.27 -94.19 2.06
N ASP L 1444 -43.62 -94.07 0.89
CA ASP L 1444 -43.49 -95.20 -0.05
C ASP L 1444 -42.07 -95.61 -0.54
N ARG L 1445 -40.99 -94.96 -0.07
CA ARG L 1445 -39.60 -95.35 -0.43
C ARG L 1445 -38.77 -95.99 0.67
N SER L 1446 -39.43 -96.45 1.74
CA SER L 1446 -38.92 -97.48 2.64
C SER L 1446 -38.45 -98.75 1.89
N ARG L 1447 -39.17 -99.12 0.81
CA ARG L 1447 -38.76 -100.17 -0.17
C ARG L 1447 -37.37 -99.95 -0.77
N LEU L 1448 -36.91 -98.71 -0.87
CA LEU L 1448 -35.56 -98.37 -1.34
C LEU L 1448 -34.57 -98.20 -0.17
N ALA L 1449 -34.97 -97.63 0.97
CA ALA L 1449 -34.17 -97.66 2.19
C ALA L 1449 -33.73 -99.09 2.55
N ALA L 1450 -34.59 -100.08 2.27
CA ALA L 1450 -34.29 -101.50 2.32
C ALA L 1450 -33.14 -101.93 1.39
N VAL L 1451 -33.29 -101.67 0.09
CA VAL L 1451 -32.31 -102.10 -0.92
C VAL L 1451 -30.96 -101.45 -0.68
N VAL L 1452 -30.91 -100.12 -0.59
CA VAL L 1452 -29.65 -99.36 -0.61
C VAL L 1452 -28.71 -99.79 0.52
N SER L 1453 -29.26 -99.97 1.70
CA SER L 1453 -28.49 -100.52 2.80
C SER L 1453 -28.03 -101.93 2.46
N ALA L 1454 -28.93 -102.82 2.03
CA ALA L 1454 -28.65 -104.24 1.88
C ALA L 1454 -27.47 -104.56 0.93
N CYS L 1455 -27.59 -104.09 -0.29
CA CYS L 1455 -26.64 -104.36 -1.36
C CYS L 1455 -25.24 -103.83 -1.02
N LYS L 1456 -25.16 -102.65 -0.38
CA LYS L 1456 -23.87 -102.08 0.05
C LYS L 1456 -23.14 -103.07 0.94
N GLN L 1457 -23.83 -103.62 1.94
CA GLN L 1457 -23.19 -104.57 2.84
C GLN L 1457 -22.74 -105.79 2.07
N LEU L 1458 -23.59 -106.30 1.20
CA LEU L 1458 -23.26 -107.47 0.41
C LEU L 1458 -21.99 -107.31 -0.39
N HIS L 1459 -21.72 -106.13 -0.94
CA HIS L 1459 -20.42 -105.92 -1.57
C HIS L 1459 -19.32 -105.36 -0.67
N ARG L 1460 -19.61 -104.84 0.53
CA ARG L 1460 -18.56 -104.74 1.56
C ARG L 1460 -18.05 -106.15 1.92
N ALA L 1461 -18.95 -107.13 1.96
CA ALA L 1461 -18.64 -108.55 2.03
C ALA L 1461 -18.15 -109.14 0.69
N GLY L 1462 -18.14 -108.36 -0.38
CA GLY L 1462 -17.66 -108.74 -1.70
C GLY L 1462 -18.57 -109.71 -2.46
N LEU L 1463 -19.80 -109.97 -1.99
CA LEU L 1463 -20.60 -111.06 -2.55
C LEU L 1463 -21.41 -110.70 -3.78
N LEU L 1464 -21.53 -109.41 -4.08
CA LEU L 1464 -22.67 -108.94 -4.83
C LEU L 1464 -22.65 -109.37 -6.32
N HIS L 1465 -21.47 -109.66 -6.86
CA HIS L 1465 -21.29 -110.22 -8.21
C HIS L 1465 -21.69 -111.70 -8.32
N ASN L 1466 -22.12 -112.35 -7.23
CA ASN L 1466 -22.93 -113.57 -7.32
C ASN L 1466 -24.42 -113.28 -7.08
N ILE L 1467 -24.75 -112.15 -6.44
CA ILE L 1467 -26.15 -111.74 -6.20
C ILE L 1467 -26.77 -111.08 -7.44
N LEU L 1468 -26.00 -110.64 -8.43
CA LEU L 1468 -26.52 -110.41 -9.77
C LEU L 1468 -25.59 -111.04 -10.82
N PRO L 1469 -26.10 -111.74 -11.84
CA PRO L 1469 -25.25 -112.26 -12.90
C PRO L 1469 -24.70 -111.10 -13.74
N SER L 1470 -23.38 -111.00 -13.86
CA SER L 1470 -22.72 -110.00 -14.70
C SER L 1470 -23.16 -110.17 -16.15
N GLN L 1471 -23.75 -109.13 -16.75
CA GLN L 1471 -24.38 -109.24 -18.07
C GLN L 1471 -23.35 -109.41 -19.20
N SER L 1472 -22.24 -108.66 -19.17
CA SER L 1472 -21.26 -108.59 -20.28
C SER L 1472 -19.80 -108.40 -19.86
N THR L 1473 -19.52 -107.62 -18.80
CA THR L 1473 -18.16 -107.36 -18.27
C THR L 1473 -18.13 -107.37 -16.74
N ASP L 1474 -16.94 -107.19 -16.15
CA ASP L 1474 -16.79 -106.93 -14.72
C ASP L 1474 -17.55 -105.67 -14.26
N LEU L 1475 -17.82 -104.72 -15.16
CA LEU L 1475 -18.93 -103.79 -14.98
C LEU L 1475 -20.24 -104.49 -15.35
N HIS L 1476 -21.10 -104.68 -14.35
CA HIS L 1476 -22.54 -104.80 -14.58
C HIS L 1476 -23.01 -103.46 -15.18
N HIS L 1477 -23.32 -103.39 -16.49
CA HIS L 1477 -23.58 -102.10 -17.16
C HIS L 1477 -24.79 -101.33 -16.60
N SER L 1478 -25.72 -102.06 -15.99
CA SER L 1478 -26.79 -101.52 -15.14
C SER L 1478 -26.26 -100.51 -14.11
N VAL L 1479 -25.17 -100.81 -13.43
CA VAL L 1479 -24.48 -99.92 -12.51
C VAL L 1479 -24.06 -98.59 -13.16
N GLY L 1480 -23.48 -98.66 -14.37
CA GLY L 1480 -23.20 -97.44 -15.13
C GLY L 1480 -24.48 -96.68 -15.49
N THR L 1481 -25.52 -97.38 -15.93
CA THR L 1481 -26.80 -96.76 -16.25
C THR L 1481 -27.48 -96.20 -15.01
N GLU L 1482 -27.26 -96.75 -13.83
CA GLU L 1482 -27.79 -96.22 -12.57
C GLU L 1482 -27.13 -94.89 -12.23
N LEU L 1483 -25.80 -94.80 -12.37
CA LEU L 1483 -25.18 -93.50 -12.37
C LEU L 1483 -25.86 -92.63 -13.42
N LEU L 1484 -25.87 -93.00 -14.69
CA LEU L 1484 -26.40 -92.17 -15.77
C LEU L 1484 -27.87 -91.75 -15.57
N SER L 1485 -28.70 -92.61 -14.98
CA SER L 1485 -30.15 -92.57 -15.17
C SER L 1485 -31.01 -93.08 -14.01
N LEU L 1486 -30.43 -93.58 -12.91
CA LEU L 1486 -31.10 -93.48 -11.60
C LEU L 1486 -30.85 -92.07 -11.03
N VAL L 1487 -29.65 -91.50 -11.25
CA VAL L 1487 -29.32 -90.17 -10.74
C VAL L 1487 -28.83 -89.15 -11.77
N TYR L 1488 -27.94 -89.45 -12.71
CA TYR L 1488 -27.25 -88.37 -13.44
C TYR L 1488 -28.20 -87.61 -14.36
N LYS L 1489 -29.20 -88.29 -14.91
CA LYS L 1489 -30.38 -87.62 -15.45
C LYS L 1489 -31.47 -87.30 -14.43
N GLY L 1490 -31.67 -88.08 -13.36
CA GLY L 1490 -32.82 -87.77 -12.50
C GLY L 1490 -32.59 -86.58 -11.56
N ILE L 1491 -31.33 -86.27 -11.29
CA ILE L 1491 -30.92 -85.08 -10.54
C ILE L 1491 -31.28 -83.76 -11.28
N ALA L 1492 -31.51 -83.83 -12.60
CA ALA L 1492 -31.76 -82.69 -13.46
C ALA L 1492 -33.03 -82.88 -14.32
N PRO L 1493 -34.22 -82.56 -13.80
CA PRO L 1493 -35.52 -82.64 -14.50
C PRO L 1493 -35.73 -81.54 -15.56
N GLY L 1494 -34.76 -81.32 -16.45
CA GLY L 1494 -34.74 -80.28 -17.49
C GLY L 1494 -35.71 -80.47 -18.68
N ASP L 1495 -36.66 -81.40 -18.60
CA ASP L 1495 -37.71 -81.59 -19.61
C ASP L 1495 -38.89 -80.61 -19.43
N GLU L 1496 -39.43 -80.45 -18.22
CA GLU L 1496 -40.40 -79.39 -17.92
C GLU L 1496 -39.74 -78.04 -17.57
N ARG L 1497 -38.42 -78.05 -17.39
CA ARG L 1497 -37.56 -76.89 -17.09
C ARG L 1497 -37.99 -76.09 -15.83
N GLN L 1498 -38.80 -76.70 -14.97
CA GLN L 1498 -39.02 -76.24 -13.60
C GLN L 1498 -37.78 -76.50 -12.73
N CYS L 1499 -37.40 -75.44 -12.01
CA CYS L 1499 -36.12 -75.16 -11.38
C CYS L 1499 -35.43 -76.34 -10.69
N LEU L 1500 -34.10 -76.38 -10.83
CA LEU L 1500 -33.26 -77.43 -10.29
C LEU L 1500 -33.44 -77.50 -8.75
N PRO L 1501 -33.90 -78.64 -8.21
CA PRO L 1501 -34.17 -78.88 -6.79
C PRO L 1501 -32.96 -78.70 -5.85
N SER L 1502 -33.20 -78.02 -4.72
CA SER L 1502 -32.44 -78.23 -3.49
C SER L 1502 -32.98 -79.51 -2.84
N LEU L 1503 -32.19 -80.59 -2.88
CA LEU L 1503 -32.68 -81.95 -2.62
C LEU L 1503 -33.25 -82.09 -1.21
N ASP L 1504 -34.27 -82.94 -1.10
CA ASP L 1504 -34.68 -83.51 0.18
C ASP L 1504 -33.56 -84.42 0.67
N LEU L 1505 -32.96 -84.08 1.81
CA LEU L 1505 -31.57 -84.46 2.11
C LEU L 1505 -31.40 -85.98 2.23
N SER L 1506 -32.43 -86.66 2.69
CA SER L 1506 -32.44 -88.13 2.75
C SER L 1506 -32.25 -88.72 1.34
N CYS L 1507 -32.94 -88.14 0.37
CA CYS L 1507 -32.81 -88.54 -1.02
C CYS L 1507 -31.42 -88.23 -1.61
N LYS L 1508 -30.73 -87.18 -1.13
CA LYS L 1508 -29.31 -86.93 -1.44
C LYS L 1508 -28.45 -88.11 -0.98
N GLN L 1509 -28.56 -88.51 0.29
CA GLN L 1509 -27.67 -89.53 0.83
C GLN L 1509 -27.99 -90.93 0.32
N LEU L 1510 -29.25 -91.30 0.04
CA LEU L 1510 -29.52 -92.57 -0.67
C LEU L 1510 -29.02 -92.54 -2.12
N ALA L 1511 -29.13 -91.42 -2.85
CA ALA L 1511 -28.55 -91.28 -4.19
C ALA L 1511 -27.01 -91.37 -4.16
N SER L 1512 -26.39 -90.75 -3.15
CA SER L 1512 -24.98 -91.00 -2.83
C SER L 1512 -24.73 -92.48 -2.54
N GLY L 1513 -25.69 -93.15 -1.93
CA GLY L 1513 -25.68 -94.59 -1.69
C GLY L 1513 -25.63 -95.36 -3.01
N LEU L 1514 -26.40 -94.95 -4.01
CA LEU L 1514 -26.28 -95.52 -5.36
C LEU L 1514 -24.88 -95.29 -5.93
N LEU L 1515 -24.31 -94.09 -5.79
CA LEU L 1515 -22.96 -93.82 -6.30
C LEU L 1515 -21.91 -94.69 -5.59
N GLU L 1516 -21.95 -94.72 -4.27
CA GLU L 1516 -21.12 -95.60 -3.46
C GLU L 1516 -21.28 -97.04 -3.91
N LEU L 1517 -22.53 -97.48 -4.04
CA LEU L 1517 -22.85 -98.80 -4.53
C LEU L 1517 -22.29 -99.00 -5.93
N ALA L 1518 -22.24 -97.98 -6.77
CA ALA L 1518 -21.65 -98.11 -8.08
C ALA L 1518 -20.16 -98.43 -7.99
N PHE L 1519 -19.44 -97.76 -7.09
CA PHE L 1519 -18.03 -98.06 -6.86
C PHE L 1519 -17.78 -99.41 -6.19
N ALA L 1520 -18.81 -100.17 -5.81
CA ALA L 1520 -18.65 -101.58 -5.50
C ALA L 1520 -18.16 -102.41 -6.70
N PHE L 1521 -18.28 -101.89 -7.93
CA PHE L 1521 -18.16 -102.69 -9.15
C PHE L 1521 -17.00 -102.31 -10.07
N GLY L 1522 -16.57 -103.29 -10.85
CA GLY L 1522 -15.43 -103.20 -11.76
C GLY L 1522 -15.68 -102.31 -12.98
N GLY L 1523 -14.61 -101.74 -13.55
CA GLY L 1523 -14.66 -100.88 -14.75
C GLY L 1523 -15.40 -99.54 -14.61
N LEU L 1524 -15.99 -99.25 -13.44
CA LEU L 1524 -16.94 -98.16 -13.28
C LEU L 1524 -16.31 -96.80 -13.61
N CYS L 1525 -15.14 -96.54 -13.03
CA CYS L 1525 -14.50 -95.26 -13.19
C CYS L 1525 -14.03 -95.01 -14.64
N GLU L 1526 -13.93 -96.04 -15.48
CA GLU L 1526 -13.55 -95.90 -16.88
C GLU L 1526 -14.65 -95.27 -17.73
N ARG L 1527 -15.90 -95.23 -17.25
CA ARG L 1527 -16.93 -94.30 -17.76
C ARG L 1527 -16.90 -92.95 -17.02
N LEU L 1528 -16.76 -92.92 -15.70
CA LEU L 1528 -16.76 -91.69 -14.90
C LEU L 1528 -15.70 -90.71 -15.38
N VAL L 1529 -14.54 -91.23 -15.72
CA VAL L 1529 -13.43 -90.48 -16.29
C VAL L 1529 -13.78 -89.79 -17.63
N SER L 1530 -14.97 -90.06 -18.19
CA SER L 1530 -15.62 -89.22 -19.20
C SER L 1530 -16.91 -88.55 -18.68
N LEU L 1531 -17.70 -89.21 -17.83
CA LEU L 1531 -18.97 -88.70 -17.26
C LEU L 1531 -18.83 -87.50 -16.30
N LEU L 1532 -17.63 -87.26 -15.78
CA LEU L 1532 -17.25 -85.97 -15.19
C LEU L 1532 -17.42 -84.82 -16.20
N LEU L 1533 -16.92 -85.04 -17.42
CA LEU L 1533 -16.51 -84.03 -18.40
C LEU L 1533 -17.68 -83.44 -19.21
N ASN L 1534 -18.78 -83.09 -18.53
CA ASN L 1534 -20.06 -82.73 -19.16
C ASN L 1534 -20.20 -81.22 -19.28
N PRO L 1535 -20.37 -80.68 -20.51
CA PRO L 1535 -20.38 -79.24 -20.76
C PRO L 1535 -21.75 -78.59 -20.54
N ALA L 1536 -22.84 -79.37 -20.53
CA ALA L 1536 -24.22 -78.88 -20.54
C ALA L 1536 -24.46 -77.92 -19.37
N VAL L 1537 -24.63 -76.64 -19.69
CA VAL L 1537 -24.82 -75.61 -18.68
C VAL L 1537 -26.25 -75.69 -18.15
N LEU L 1538 -26.42 -75.81 -16.83
CA LEU L 1538 -27.72 -75.91 -16.18
C LEU L 1538 -28.33 -74.53 -15.99
N SER L 1539 -29.47 -74.28 -16.63
CA SER L 1539 -30.23 -73.03 -16.50
C SER L 1539 -31.10 -73.05 -15.23
N THR L 1540 -30.46 -73.28 -14.07
CA THR L 1540 -31.05 -73.79 -12.82
C THR L 1540 -32.47 -73.29 -12.52
N SER L 1549 -33.18 -71.03 -7.85
CA SER L 1549 -32.19 -70.26 -8.60
C SER L 1549 -32.44 -70.32 -10.12
N VAL L 1550 -31.77 -69.47 -10.89
CA VAL L 1550 -31.73 -69.51 -12.37
C VAL L 1550 -30.34 -69.23 -13.00
N ILE L 1551 -29.35 -68.85 -12.18
CA ILE L 1551 -27.95 -68.62 -12.59
C ILE L 1551 -27.32 -69.93 -13.07
N HIS L 1552 -26.43 -69.83 -14.05
CA HIS L 1552 -25.81 -70.95 -14.77
C HIS L 1552 -24.58 -71.57 -14.07
N PHE L 1553 -24.46 -72.91 -14.15
CA PHE L 1553 -23.19 -73.65 -14.13
C PHE L 1553 -23.36 -75.08 -14.67
N SER L 1554 -22.26 -75.77 -15.05
CA SER L 1554 -22.29 -77.08 -15.71
C SER L 1554 -23.01 -78.17 -14.89
N HIS L 1555 -23.60 -79.14 -15.59
CA HIS L 1555 -24.12 -80.36 -14.98
C HIS L 1555 -23.01 -81.28 -14.49
N GLY L 1556 -21.88 -81.41 -15.22
CA GLY L 1556 -20.70 -82.12 -14.73
C GLY L 1556 -20.11 -81.47 -13.49
N GLU L 1557 -20.07 -80.13 -13.47
CA GLU L 1557 -19.77 -79.33 -12.28
C GLU L 1557 -20.73 -79.65 -11.15
N TYR L 1558 -22.03 -79.45 -11.37
CA TYR L 1558 -23.04 -79.62 -10.35
C TYR L 1558 -22.94 -81.01 -9.75
N PHE L 1559 -22.86 -82.03 -10.60
CA PHE L 1559 -22.68 -83.40 -10.19
C PHE L 1559 -21.46 -83.54 -9.28
N TYR L 1560 -20.28 -83.21 -9.79
CA TYR L 1560 -19.04 -83.39 -9.03
C TYR L 1560 -19.10 -82.62 -7.71
N SER L 1561 -19.42 -81.32 -7.81
CA SER L 1561 -19.42 -80.38 -6.70
C SER L 1561 -20.47 -80.71 -5.64
N LEU L 1562 -21.65 -81.20 -6.03
CA LEU L 1562 -22.62 -81.75 -5.10
C LEU L 1562 -22.05 -83.00 -4.44
N PHE L 1563 -21.69 -83.98 -5.25
CA PHE L 1563 -21.27 -85.29 -4.77
C PHE L 1563 -19.80 -85.33 -4.42
N SER L 1564 -19.25 -84.21 -3.93
CA SER L 1564 -17.82 -84.05 -3.72
C SER L 1564 -17.37 -85.09 -2.73
N GLU L 1565 -17.76 -85.03 -1.45
CA GLU L 1565 -17.38 -86.05 -0.46
C GLU L 1565 -17.73 -87.47 -0.90
N THR L 1566 -18.84 -87.65 -1.60
CA THR L 1566 -19.25 -88.95 -2.10
C THR L 1566 -18.18 -89.55 -3.02
N ILE L 1567 -17.85 -88.84 -4.09
CA ILE L 1567 -16.79 -89.19 -5.02
C ILE L 1567 -15.47 -89.23 -4.24
N ASN L 1568 -15.23 -88.22 -3.44
CA ASN L 1568 -13.97 -87.86 -2.83
C ASN L 1568 -13.68 -88.58 -1.51
N THR L 1569 -14.43 -89.64 -1.23
CA THR L 1569 -14.09 -90.67 -0.27
C THR L 1569 -13.92 -92.01 -0.95
N GLU L 1570 -14.38 -92.15 -2.19
CA GLU L 1570 -14.62 -93.45 -2.82
C GLU L 1570 -13.99 -93.62 -4.20
N LEU L 1571 -14.07 -92.63 -5.08
CA LEU L 1571 -13.23 -92.54 -6.26
C LEU L 1571 -11.77 -92.77 -5.86
N LEU L 1572 -11.36 -92.27 -4.69
CA LEU L 1572 -10.04 -92.44 -4.09
C LEU L 1572 -9.50 -93.86 -4.02
N LYS L 1573 -10.35 -94.89 -4.15
CA LYS L 1573 -9.88 -96.26 -4.27
C LYS L 1573 -9.05 -96.41 -5.55
N ASN L 1574 -9.38 -95.64 -6.59
CA ASN L 1574 -8.52 -95.21 -7.69
C ASN L 1574 -7.76 -93.96 -7.23
N LEU L 1575 -6.42 -93.91 -7.35
CA LEU L 1575 -5.76 -92.66 -6.94
C LEU L 1575 -5.65 -91.74 -8.14
N ASP L 1576 -4.67 -92.01 -9.00
CA ASP L 1576 -4.33 -91.22 -10.18
C ASP L 1576 -4.89 -91.75 -11.51
N LEU L 1577 -5.46 -92.95 -11.51
CA LEU L 1577 -5.94 -93.65 -12.69
C LEU L 1577 -7.21 -93.01 -13.31
N ALA L 1578 -7.56 -91.82 -12.83
CA ALA L 1578 -8.34 -90.82 -13.55
C ALA L 1578 -7.60 -89.47 -13.68
N VAL L 1579 -6.74 -89.07 -12.72
CA VAL L 1579 -5.86 -87.88 -12.80
C VAL L 1579 -5.04 -87.89 -14.10
N LEU L 1580 -4.56 -89.06 -14.46
CA LEU L 1580 -3.88 -89.38 -15.71
C LEU L 1580 -4.71 -88.89 -16.89
N GLU L 1581 -5.95 -89.31 -17.02
CA GLU L 1581 -6.85 -88.87 -18.05
C GLU L 1581 -7.14 -87.38 -17.92
N LEU L 1582 -7.47 -86.96 -16.71
CA LEU L 1582 -7.83 -85.61 -16.30
C LEU L 1582 -6.81 -84.57 -16.82
N MET L 1583 -5.51 -84.86 -16.76
CA MET L 1583 -4.45 -83.98 -17.29
C MET L 1583 -3.96 -84.35 -18.70
N GLN L 1584 -3.83 -85.65 -18.99
CA GLN L 1584 -2.94 -86.15 -20.05
C GLN L 1584 -3.65 -87.07 -21.04
N SER L 1585 -4.34 -88.12 -20.57
CA SER L 1585 -5.04 -89.03 -21.51
C SER L 1585 -6.35 -88.39 -22.04
N SER L 1586 -6.53 -87.10 -21.80
CA SER L 1586 -7.26 -86.11 -22.59
C SER L 1586 -6.68 -84.73 -22.26
N VAL L 1587 -6.99 -83.70 -23.06
CA VAL L 1587 -6.58 -82.32 -22.77
C VAL L 1587 -6.96 -81.95 -21.34
N ASP L 1588 -5.98 -81.41 -20.61
CA ASP L 1588 -6.16 -80.91 -19.25
C ASP L 1588 -7.29 -79.88 -19.25
N ASN L 1589 -8.40 -80.24 -18.61
CA ASN L 1589 -9.67 -79.58 -18.86
C ASN L 1589 -9.60 -78.09 -18.57
N THR L 1590 -10.39 -77.31 -19.30
CA THR L 1590 -10.37 -75.84 -19.22
C THR L 1590 -10.65 -75.33 -17.80
N LYS L 1591 -11.43 -76.07 -16.98
CA LYS L 1591 -11.76 -75.70 -15.58
C LYS L 1591 -11.55 -76.85 -14.61
N MET L 1592 -12.56 -77.69 -14.47
CA MET L 1592 -12.81 -78.54 -13.31
C MET L 1592 -11.73 -79.57 -12.99
N VAL L 1593 -10.86 -79.95 -13.93
CA VAL L 1593 -9.73 -80.85 -13.65
C VAL L 1593 -9.03 -80.41 -12.37
N SER L 1594 -8.99 -79.10 -12.18
CA SER L 1594 -8.46 -78.48 -10.99
C SER L 1594 -9.39 -78.42 -9.80
N ALA L 1595 -10.68 -78.09 -9.94
CA ALA L 1595 -11.63 -78.15 -8.84
C ALA L 1595 -11.71 -79.57 -8.25
N VAL L 1596 -11.36 -80.58 -9.05
CA VAL L 1596 -11.02 -81.90 -8.57
C VAL L 1596 -10.05 -81.92 -7.39
N LEU L 1597 -9.01 -81.10 -7.45
CA LEU L 1597 -7.99 -81.06 -6.45
C LEU L 1597 -8.45 -80.18 -5.29
N ASN L 1598 -9.30 -79.16 -5.50
CA ASN L 1598 -9.94 -78.44 -4.40
C ASN L 1598 -10.79 -79.37 -3.54
N GLY L 1599 -11.76 -80.05 -4.15
CA GLY L 1599 -12.56 -81.04 -3.43
C GLY L 1599 -11.68 -82.15 -2.87
N MET L 1600 -10.58 -82.49 -3.54
CA MET L 1600 -9.64 -83.45 -2.98
C MET L 1600 -8.97 -82.99 -1.71
N LEU L 1601 -8.54 -81.74 -1.69
CA LEU L 1601 -7.66 -81.23 -0.66
C LEU L 1601 -8.43 -80.66 0.55
N ASP L 1602 -9.73 -80.95 0.60
CA ASP L 1602 -10.47 -81.07 1.85
C ASP L 1602 -10.09 -82.41 2.48
N GLN L 1603 -10.50 -83.50 1.84
CA GLN L 1603 -10.43 -84.82 2.46
C GLN L 1603 -8.99 -85.35 2.54
N SER L 1604 -8.21 -85.28 1.47
CA SER L 1604 -6.84 -85.80 1.50
C SER L 1604 -5.98 -85.11 2.57
N PHE L 1605 -6.21 -83.81 2.82
CA PHE L 1605 -5.54 -83.06 3.89
C PHE L 1605 -6.17 -83.32 5.27
N ARG L 1606 -7.44 -83.72 5.33
CA ARG L 1606 -8.12 -84.25 6.53
C ARG L 1606 -7.64 -85.66 6.91
N GLU L 1607 -7.20 -86.43 5.93
CA GLU L 1607 -7.12 -87.88 6.04
C GLU L 1607 -6.08 -88.39 7.05
N ARG L 1608 -6.58 -89.01 8.14
CA ARG L 1608 -5.83 -89.89 9.04
C ARG L 1608 -6.64 -91.13 9.46
N ALA L 1609 -7.81 -91.36 8.85
CA ALA L 1609 -8.77 -92.39 9.24
C ALA L 1609 -8.30 -93.77 8.75
N ASN L 1610 -7.35 -94.37 9.46
CA ASN L 1610 -6.71 -95.65 9.13
C ASN L 1610 -5.93 -95.69 7.78
N GLN L 1611 -5.68 -94.56 7.13
CA GLN L 1611 -4.81 -94.41 5.96
C GLN L 1611 -4.08 -93.06 6.01
N LYS L 1612 -2.90 -92.98 5.37
CA LYS L 1612 -2.16 -91.73 5.14
C LYS L 1612 -1.19 -91.88 3.94
N HIS L 1613 -0.07 -91.14 3.90
CA HIS L 1613 0.79 -90.94 2.72
C HIS L 1613 0.07 -90.37 1.51
N GLN L 1614 -1.14 -89.80 1.69
CA GLN L 1614 -2.00 -89.32 0.61
C GLN L 1614 -1.23 -88.39 -0.33
N GLY L 1615 -0.56 -87.39 0.24
CA GLY L 1615 0.26 -86.47 -0.54
C GLY L 1615 1.41 -87.13 -1.26
N LEU L 1616 2.10 -88.08 -0.62
CA LEU L 1616 3.24 -88.74 -1.23
C LEU L 1616 2.83 -89.53 -2.49
N LYS L 1617 1.81 -90.39 -2.36
CA LYS L 1617 1.34 -91.22 -3.47
C LYS L 1617 0.74 -90.35 -4.57
N LEU L 1618 -0.02 -89.31 -4.18
CA LEU L 1618 -0.51 -88.31 -5.10
C LEU L 1618 0.66 -87.69 -5.87
N ALA L 1619 1.63 -87.13 -5.15
CA ALA L 1619 2.69 -86.26 -5.66
C ALA L 1619 3.29 -86.84 -6.93
N THR L 1620 3.85 -88.05 -6.82
CA THR L 1620 4.63 -88.68 -7.88
C THR L 1620 3.88 -88.82 -9.18
N THR L 1621 2.55 -88.91 -9.14
CA THR L 1621 1.73 -88.81 -10.34
C THR L 1621 1.47 -87.34 -10.68
N ILE L 1622 0.86 -86.55 -9.79
CA ILE L 1622 0.43 -85.17 -10.08
C ILE L 1622 1.58 -84.26 -10.51
N LEU L 1623 2.83 -84.59 -10.19
CA LEU L 1623 4.03 -83.93 -10.71
C LEU L 1623 4.39 -84.36 -12.14
N GLN L 1624 4.43 -85.65 -12.45
CA GLN L 1624 4.69 -86.09 -13.82
C GLN L 1624 3.56 -85.56 -14.71
N HIS L 1625 2.35 -85.66 -14.20
CA HIS L 1625 1.17 -85.19 -14.88
C HIS L 1625 1.12 -83.67 -14.97
N TRP L 1626 1.70 -82.94 -14.02
CA TRP L 1626 1.89 -81.49 -14.10
C TRP L 1626 2.68 -81.08 -15.34
N LYS L 1627 3.58 -81.94 -15.87
CA LYS L 1627 4.25 -81.71 -17.17
C LYS L 1627 3.25 -81.27 -18.23
N LYS L 1628 2.09 -81.90 -18.21
CA LYS L 1628 1.08 -81.83 -19.25
C LYS L 1628 0.05 -80.74 -18.99
N CYS L 1629 0.25 -79.89 -17.97
CA CYS L 1629 -0.62 -78.74 -17.67
C CYS L 1629 -0.43 -77.66 -18.75
N ASP L 1630 -1.33 -77.64 -19.74
CA ASP L 1630 -1.16 -76.87 -20.97
C ASP L 1630 -2.28 -75.86 -21.23
N SER L 1631 -3.49 -76.03 -20.70
CA SER L 1631 -4.58 -75.08 -20.99
C SER L 1631 -4.40 -73.72 -20.30
N TRP L 1632 -3.74 -73.71 -19.14
CA TRP L 1632 -3.19 -72.49 -18.53
C TRP L 1632 -2.23 -71.74 -19.48
N TRP L 1633 -1.55 -72.44 -20.40
CA TRP L 1633 -0.57 -71.84 -21.31
C TRP L 1633 -1.22 -71.05 -22.47
N ALA L 1634 -2.56 -71.03 -22.56
CA ALA L 1634 -3.26 -69.92 -23.18
C ALA L 1634 -3.03 -68.66 -22.34
N LYS L 1635 -2.50 -67.59 -22.93
CA LYS L 1635 -2.22 -66.30 -22.25
C LYS L 1635 -3.42 -65.82 -21.43
N ASP L 1636 -4.56 -65.79 -22.09
CA ASP L 1636 -5.88 -65.44 -21.56
C ASP L 1636 -6.59 -66.62 -20.90
N SER L 1637 -5.87 -67.64 -20.43
CA SER L 1637 -6.47 -68.67 -19.60
C SER L 1637 -7.16 -67.98 -18.43
N PRO L 1638 -8.48 -68.15 -18.22
CA PRO L 1638 -9.25 -67.31 -17.33
C PRO L 1638 -8.66 -67.14 -15.93
N LEU L 1639 -8.99 -66.04 -15.26
CA LEU L 1639 -8.68 -65.82 -13.84
C LEU L 1639 -9.17 -66.98 -12.97
N GLU L 1640 -10.17 -67.71 -13.45
CA GLU L 1640 -10.64 -68.94 -12.83
C GLU L 1640 -9.52 -70.00 -12.84
N THR L 1641 -8.97 -70.33 -14.01
CA THR L 1641 -7.92 -71.33 -14.14
C THR L 1641 -6.61 -70.88 -13.50
N LYS L 1642 -6.31 -69.58 -13.56
CA LYS L 1642 -5.22 -69.04 -12.74
C LYS L 1642 -5.48 -69.31 -11.25
N MET L 1643 -6.65 -68.94 -10.72
CA MET L 1643 -7.01 -69.17 -9.32
C MET L 1643 -6.92 -70.65 -8.93
N ALA L 1644 -7.36 -71.54 -9.81
CA ALA L 1644 -7.31 -72.97 -9.59
C ALA L 1644 -5.88 -73.47 -9.41
N VAL L 1645 -5.00 -73.26 -10.40
CA VAL L 1645 -3.61 -73.76 -10.32
C VAL L 1645 -2.86 -73.12 -9.17
N LEU L 1646 -3.24 -71.90 -8.81
CA LEU L 1646 -2.80 -71.17 -7.63
C LEU L 1646 -3.19 -71.91 -6.36
N ALA L 1647 -4.48 -72.13 -6.13
CA ALA L 1647 -4.94 -72.78 -4.90
C ALA L 1647 -4.37 -74.20 -4.76
N LEU L 1648 -4.30 -74.92 -5.88
CA LEU L 1648 -3.62 -76.20 -6.01
C LEU L 1648 -2.17 -76.09 -5.55
N LEU L 1649 -1.39 -75.17 -6.11
CA LEU L 1649 0.01 -75.08 -5.74
C LEU L 1649 0.18 -74.82 -4.25
N ALA L 1650 -0.67 -73.99 -3.64
CA ALA L 1650 -0.67 -73.83 -2.20
C ALA L 1650 -0.85 -75.18 -1.51
N LYS L 1651 -1.93 -75.86 -1.90
CA LYS L 1651 -2.24 -77.15 -1.33
C LYS L 1651 -1.23 -78.24 -1.69
N ILE L 1652 -0.36 -78.09 -2.69
CA ILE L 1652 0.79 -78.98 -2.89
C ILE L 1652 1.68 -78.87 -1.67
N LEU L 1653 2.27 -77.70 -1.40
CA LEU L 1653 3.24 -77.59 -0.30
C LEU L 1653 2.58 -77.92 1.05
N GLN L 1654 1.26 -77.81 1.11
CA GLN L 1654 0.48 -78.34 2.21
C GLN L 1654 0.48 -79.88 2.24
N ILE L 1655 -0.02 -80.62 1.23
CA ILE L 1655 -0.14 -82.10 1.25
C ILE L 1655 1.17 -82.86 0.97
N ASP L 1656 1.93 -82.37 0.00
CA ASP L 1656 3.26 -82.82 -0.39
C ASP L 1656 4.29 -82.09 0.48
N SER L 1657 4.30 -82.45 1.77
CA SER L 1657 5.17 -81.86 2.79
C SER L 1657 6.58 -81.72 2.23
N SER L 1658 7.20 -80.55 2.33
CA SER L 1658 8.27 -80.14 1.39
C SER L 1658 9.51 -81.04 1.38
N VAL L 1659 9.72 -81.90 2.38
CA VAL L 1659 10.65 -83.05 2.35
C VAL L 1659 10.45 -83.96 1.11
N SER L 1660 9.22 -83.95 0.55
CA SER L 1660 8.76 -84.65 -0.65
C SER L 1660 8.62 -83.72 -1.88
N PHE L 1661 8.94 -82.43 -1.75
CA PHE L 1661 9.19 -81.52 -2.86
C PHE L 1661 10.57 -80.84 -2.66
N ASN L 1662 11.58 -81.62 -2.30
CA ASN L 1662 12.80 -81.07 -1.73
C ASN L 1662 13.72 -80.46 -2.80
N THR L 1663 14.05 -81.23 -3.84
CA THR L 1663 15.18 -80.92 -4.74
C THR L 1663 14.85 -81.06 -6.22
N SER L 1664 14.34 -82.23 -6.63
CA SER L 1664 13.98 -82.55 -8.02
C SER L 1664 12.71 -83.43 -8.09
N HIS L 1665 11.98 -83.49 -6.98
CA HIS L 1665 10.98 -84.53 -6.72
C HIS L 1665 9.78 -84.39 -7.64
N GLY L 1666 9.13 -83.24 -7.60
CA GLY L 1666 8.40 -82.70 -8.75
C GLY L 1666 9.38 -82.01 -9.70
N SER L 1667 9.13 -82.04 -11.00
CA SER L 1667 10.08 -81.51 -11.99
C SER L 1667 10.08 -79.99 -11.94
N PHE L 1668 11.05 -79.38 -11.29
CA PHE L 1668 11.19 -77.93 -11.20
C PHE L 1668 11.20 -77.23 -12.59
N PRO L 1669 11.87 -77.77 -13.63
CA PRO L 1669 11.79 -77.21 -14.99
C PRO L 1669 10.36 -77.07 -15.51
N GLU L 1670 9.45 -77.95 -15.12
CA GLU L 1670 8.03 -77.78 -15.37
C GLU L 1670 7.42 -76.85 -14.31
N VAL L 1671 7.35 -77.30 -13.06
CA VAL L 1671 6.38 -76.79 -12.09
C VAL L 1671 6.77 -75.44 -11.48
N PHE L 1672 8.05 -75.21 -11.28
CA PHE L 1672 8.53 -73.92 -10.79
C PHE L 1672 8.55 -72.87 -11.91
N THR L 1673 9.01 -73.18 -13.11
CA THR L 1673 8.97 -72.22 -14.24
C THR L 1673 7.52 -71.82 -14.56
N THR L 1674 6.60 -72.76 -14.41
CA THR L 1674 5.17 -72.51 -14.40
C THR L 1674 4.77 -71.51 -13.30
N TYR L 1675 5.18 -71.70 -12.04
CA TYR L 1675 4.92 -70.71 -11.00
C TYR L 1675 5.53 -69.32 -11.29
N ILE L 1676 6.74 -69.27 -11.84
CA ILE L 1676 7.38 -68.00 -12.23
C ILE L 1676 6.55 -67.29 -13.30
N SER L 1677 6.14 -68.01 -14.34
CA SER L 1677 5.30 -67.48 -15.41
C SER L 1677 3.88 -67.14 -14.92
N LEU L 1678 3.40 -67.80 -13.86
CA LEU L 1678 2.22 -67.40 -13.10
C LEU L 1678 2.42 -66.06 -12.37
N LEU L 1679 3.51 -65.87 -11.62
CA LEU L 1679 3.79 -64.59 -10.97
C LEU L 1679 3.86 -63.47 -12.00
N ALA L 1680 4.48 -63.73 -13.15
CA ALA L 1680 4.65 -62.78 -14.26
C ALA L 1680 3.36 -62.38 -15.01
N ASP L 1681 2.20 -62.96 -14.68
CA ASP L 1681 0.89 -62.62 -15.24
C ASP L 1681 0.47 -61.15 -14.94
N THR L 1682 0.26 -60.29 -15.95
CA THR L 1682 0.00 -58.88 -15.64
C THR L 1682 -1.48 -58.61 -15.43
N LYS L 1683 -2.35 -59.54 -15.83
CA LYS L 1683 -3.75 -59.61 -15.41
C LYS L 1683 -3.97 -60.20 -14.00
N LEU L 1684 -3.00 -60.91 -13.38
CA LEU L 1684 -3.09 -61.38 -11.99
C LEU L 1684 -3.02 -60.18 -11.03
N ASP L 1685 -4.11 -59.90 -10.32
CA ASP L 1685 -4.17 -58.72 -9.46
C ASP L 1685 -3.60 -58.98 -8.05
N LEU L 1686 -3.34 -57.90 -7.33
CA LEU L 1686 -2.31 -57.84 -6.30
C LEU L 1686 -2.63 -58.60 -4.99
N HIS L 1687 -3.89 -58.83 -4.64
CA HIS L 1687 -4.26 -59.76 -3.56
C HIS L 1687 -3.90 -61.21 -3.91
N LEU L 1688 -4.07 -61.57 -5.18
CA LEU L 1688 -3.80 -62.91 -5.69
C LEU L 1688 -2.31 -63.08 -5.97
N LYS L 1689 -1.63 -62.04 -6.46
CA LYS L 1689 -0.17 -61.91 -6.33
C LYS L 1689 0.23 -62.20 -4.88
N GLY L 1690 -0.50 -61.65 -3.90
CA GLY L 1690 -0.26 -61.80 -2.46
C GLY L 1690 -0.28 -63.26 -1.99
N GLN L 1691 -1.29 -64.03 -2.36
CA GLN L 1691 -1.20 -65.48 -2.17
C GLN L 1691 -0.04 -66.07 -2.97
N ALA L 1692 0.18 -65.68 -4.23
CA ALA L 1692 1.21 -66.29 -5.07
C ALA L 1692 2.57 -66.19 -4.37
N VAL L 1693 2.98 -64.98 -4.01
CA VAL L 1693 4.19 -64.76 -3.24
C VAL L 1693 4.16 -65.45 -1.87
N THR L 1694 3.00 -65.69 -1.25
CA THR L 1694 2.91 -66.44 0.01
C THR L 1694 3.42 -67.86 -0.10
N LEU L 1695 3.57 -68.41 -1.31
CA LEU L 1695 4.21 -69.70 -1.56
C LEU L 1695 5.49 -69.62 -2.40
N LEU L 1696 5.98 -68.43 -2.67
CA LEU L 1696 7.39 -68.27 -3.03
C LEU L 1696 8.36 -68.94 -2.03
N PRO L 1697 8.23 -68.79 -0.69
CA PRO L 1697 9.39 -68.91 0.19
C PRO L 1697 10.08 -70.26 0.11
N PHE L 1698 9.32 -71.32 -0.05
CA PHE L 1698 9.86 -72.68 -0.09
C PHE L 1698 10.86 -72.87 -1.24
N PHE L 1699 10.66 -72.16 -2.34
CA PHE L 1699 11.52 -72.15 -3.52
C PHE L 1699 12.83 -71.36 -3.28
N THR L 1700 13.01 -70.72 -2.14
CA THR L 1700 14.33 -70.12 -1.83
C THR L 1700 15.36 -71.19 -1.48
N SER L 1701 14.92 -72.43 -1.37
CA SER L 1701 15.74 -73.64 -1.34
C SER L 1701 16.54 -73.88 -2.62
N LEU L 1702 16.33 -73.16 -3.74
CA LEU L 1702 17.02 -73.57 -4.97
C LEU L 1702 18.43 -73.00 -5.00
N THR L 1703 19.44 -73.87 -5.04
CA THR L 1703 20.83 -73.46 -5.30
C THR L 1703 21.10 -73.20 -6.79
N GLY L 1704 20.31 -73.82 -7.67
CA GLY L 1704 20.51 -73.77 -9.12
C GLY L 1704 20.39 -72.37 -9.70
N GLY L 1705 20.90 -72.19 -10.91
CA GLY L 1705 20.66 -70.98 -11.71
C GLY L 1705 19.18 -70.74 -12.04
N SER L 1706 18.34 -71.75 -11.83
CA SER L 1706 16.87 -71.63 -11.76
C SER L 1706 16.39 -70.55 -10.77
N LEU L 1707 17.18 -70.24 -9.75
CA LEU L 1707 16.93 -69.16 -8.81
C LEU L 1707 17.21 -67.77 -9.39
N GLU L 1708 17.96 -67.64 -10.49
CA GLU L 1708 18.33 -66.33 -11.04
C GLU L 1708 17.10 -65.50 -11.40
N GLU L 1709 16.15 -66.12 -12.08
CA GLU L 1709 14.88 -65.49 -12.38
C GLU L 1709 13.97 -65.40 -11.15
N LEU L 1710 14.21 -66.11 -10.05
CA LEU L 1710 13.44 -65.88 -8.82
C LEU L 1710 13.74 -64.50 -8.25
N ARG L 1711 15.00 -64.03 -8.31
CA ARG L 1711 15.26 -62.60 -8.07
C ARG L 1711 14.62 -61.76 -9.16
N ARG L 1712 14.89 -62.01 -10.46
CA ARG L 1712 14.37 -61.11 -11.51
C ARG L 1712 12.85 -60.96 -11.52
N VAL L 1713 12.10 -62.04 -11.34
CA VAL L 1713 10.64 -62.01 -11.32
C VAL L 1713 10.14 -61.22 -10.12
N LEU L 1714 10.78 -61.33 -8.96
CA LEU L 1714 10.42 -60.56 -7.77
C LEU L 1714 10.86 -59.11 -7.88
N GLU L 1715 11.98 -58.81 -8.55
CA GLU L 1715 12.32 -57.45 -8.93
C GLU L 1715 11.25 -56.86 -9.86
N GLN L 1716 10.90 -57.56 -10.94
CA GLN L 1716 9.88 -57.15 -11.90
C GLN L 1716 8.51 -56.93 -11.24
N LEU L 1717 8.10 -57.84 -10.36
CA LEU L 1717 6.89 -57.75 -9.57
C LEU L 1717 6.88 -56.46 -8.75
N ILE L 1718 7.80 -56.33 -7.80
CA ILE L 1718 7.69 -55.24 -6.84
C ILE L 1718 7.92 -53.90 -7.50
N VAL L 1719 8.78 -53.82 -8.52
CA VAL L 1719 9.12 -52.54 -9.15
C VAL L 1719 8.00 -52.01 -10.02
N ALA L 1720 7.30 -52.88 -10.75
CA ALA L 1720 6.12 -52.48 -11.47
C ALA L 1720 4.97 -52.11 -10.52
N HIS L 1721 4.76 -52.93 -9.48
CA HIS L 1721 3.58 -52.79 -8.62
C HIS L 1721 3.74 -51.69 -7.56
N PHE L 1722 4.81 -51.75 -6.77
CA PHE L 1722 4.96 -50.93 -5.55
C PHE L 1722 5.73 -49.63 -5.79
N PRO L 1723 5.49 -48.60 -4.95
CA PRO L 1723 5.65 -47.22 -5.42
C PRO L 1723 7.11 -46.78 -5.63
N MET L 1724 7.46 -46.38 -6.86
CA MET L 1724 8.80 -45.90 -7.23
C MET L 1724 9.25 -44.70 -6.37
N GLN L 1725 8.28 -43.86 -6.02
CA GLN L 1725 8.35 -42.93 -4.90
C GLN L 1725 7.34 -43.39 -3.84
N SER L 1726 7.81 -43.90 -2.70
CA SER L 1726 6.95 -44.33 -1.57
C SER L 1726 6.53 -43.20 -0.64
N ARG L 1727 7.15 -42.03 -0.75
CA ARG L 1727 6.86 -40.85 0.06
C ARG L 1727 5.41 -40.38 0.01
N GLU L 1728 4.69 -40.74 -1.04
CA GLU L 1728 3.33 -40.28 -1.33
C GLU L 1728 2.34 -40.38 -0.16
N PHE L 1729 2.38 -41.46 0.60
CA PHE L 1729 1.18 -41.90 1.34
C PHE L 1729 1.22 -41.57 2.84
N PRO L 1730 0.23 -40.82 3.37
CA PRO L 1730 -0.19 -40.96 4.76
C PRO L 1730 -1.08 -42.22 4.89
N PRO L 1731 -1.35 -42.72 6.10
CA PRO L 1731 -2.16 -43.92 6.31
C PRO L 1731 -3.62 -43.76 5.85
N GLY L 1732 -4.17 -44.84 5.32
CA GLY L 1732 -5.63 -45.08 5.33
C GLY L 1732 -6.26 -45.25 3.94
N THR L 1733 -5.53 -44.99 2.86
CA THR L 1733 -5.96 -45.15 1.46
C THR L 1733 -5.60 -46.55 0.92
N PRO L 1734 -6.38 -47.25 0.07
CA PRO L 1734 -6.09 -48.64 -0.38
C PRO L 1734 -4.71 -48.81 -1.01
N ARG L 1735 -4.30 -47.77 -1.72
CA ARG L 1735 -2.98 -47.53 -2.29
C ARG L 1735 -1.84 -47.74 -1.27
N PHE L 1736 -2.09 -47.38 -0.01
CA PHE L 1736 -1.28 -47.66 1.16
C PHE L 1736 -1.70 -48.97 1.86
N ASN L 1737 -2.98 -49.17 2.16
CA ASN L 1737 -3.49 -50.23 3.05
C ASN L 1737 -3.16 -51.64 2.53
N ASN L 1738 -3.29 -51.85 1.23
CA ASN L 1738 -2.93 -53.10 0.59
C ASN L 1738 -1.43 -53.17 0.25
N TYR L 1739 -0.78 -52.01 0.13
CA TYR L 1739 0.67 -51.96 0.04
C TYR L 1739 1.32 -52.42 1.36
N VAL L 1740 0.90 -51.94 2.54
CA VAL L 1740 1.48 -52.37 3.83
C VAL L 1740 1.26 -53.85 4.12
N ASP L 1741 0.16 -54.43 3.65
CA ASP L 1741 0.01 -55.88 3.63
C ASP L 1741 1.10 -56.53 2.78
N CYS L 1742 1.32 -56.03 1.55
CA CYS L 1742 2.40 -56.55 0.71
C CYS L 1742 3.78 -56.36 1.34
N MET L 1743 4.07 -55.18 1.91
CA MET L 1743 5.31 -54.93 2.66
C MET L 1743 5.51 -55.95 3.79
N LYS L 1744 4.55 -56.12 4.69
CA LYS L 1744 4.69 -57.10 5.77
C LYS L 1744 4.76 -58.50 5.21
N LYS L 1745 4.07 -58.81 4.10
CA LYS L 1745 4.19 -60.13 3.47
C LYS L 1745 5.57 -60.38 2.90
N PHE L 1746 6.27 -59.39 2.37
CA PHE L 1746 7.66 -59.66 2.02
C PHE L 1746 8.53 -59.91 3.25
N LEU L 1747 8.21 -59.35 4.42
CA LEU L 1747 8.93 -59.65 5.66
C LEU L 1747 8.58 -61.03 6.25
N ASP L 1748 7.32 -61.44 6.18
CA ASP L 1748 6.95 -62.83 6.43
C ASP L 1748 7.77 -63.76 5.50
N ALA L 1749 7.84 -63.41 4.21
CA ALA L 1749 8.56 -64.20 3.23
C ALA L 1749 10.06 -64.32 3.56
N LEU L 1750 10.67 -63.23 4.00
CA LEU L 1750 12.01 -63.26 4.56
C LEU L 1750 12.08 -64.14 5.84
N GLU L 1751 11.16 -63.98 6.78
CA GLU L 1751 11.14 -64.70 8.06
C GLU L 1751 11.06 -66.21 7.84
N LEU L 1752 10.30 -66.65 6.84
CA LEU L 1752 10.23 -68.05 6.47
C LEU L 1752 11.50 -68.50 5.71
N SER L 1753 11.86 -67.79 4.63
CA SER L 1753 12.88 -68.23 3.67
C SER L 1753 14.30 -68.25 4.22
N GLN L 1754 14.60 -67.42 5.24
CA GLN L 1754 15.92 -67.30 5.85
C GLN L 1754 17.01 -67.06 4.79
N SER L 1755 16.70 -66.15 3.86
CA SER L 1755 17.28 -66.06 2.52
C SER L 1755 18.04 -64.77 2.26
N PRO L 1756 19.30 -64.83 1.79
CA PRO L 1756 20.00 -63.65 1.31
C PRO L 1756 19.37 -63.07 0.04
N MET L 1757 18.61 -63.84 -0.74
CA MET L 1757 17.91 -63.39 -1.95
C MET L 1757 16.72 -62.51 -1.60
N LEU L 1758 15.97 -62.86 -0.56
CA LEU L 1758 14.92 -61.98 -0.04
C LEU L 1758 15.50 -60.80 0.72
N LEU L 1759 16.57 -61.00 1.48
CA LEU L 1759 17.33 -59.90 2.06
C LEU L 1759 17.72 -58.88 0.97
N GLU L 1760 18.30 -59.34 -0.13
CA GLU L 1760 18.74 -58.56 -1.27
C GLU L 1760 17.61 -57.74 -1.90
N LEU L 1761 16.49 -58.38 -2.23
CA LEU L 1761 15.30 -57.67 -2.66
C LEU L 1761 14.87 -56.62 -1.64
N MET L 1762 14.76 -57.02 -0.36
CA MET L 1762 14.29 -56.15 0.71
C MET L 1762 15.17 -54.91 0.86
N THR L 1763 16.46 -54.99 0.57
CA THR L 1763 17.32 -53.82 0.67
C THR L 1763 16.87 -52.72 -0.29
N GLU L 1764 16.36 -53.07 -1.47
CA GLU L 1764 15.89 -52.10 -2.48
C GLU L 1764 14.64 -51.33 -2.03
N VAL L 1765 13.85 -51.90 -1.11
CA VAL L 1765 12.63 -51.27 -0.56
C VAL L 1765 12.87 -50.63 0.80
N LEU L 1766 13.63 -51.24 1.72
CA LEU L 1766 13.91 -50.60 3.02
C LEU L 1766 14.80 -49.37 2.81
N CYS L 1767 15.72 -49.40 1.84
CA CYS L 1767 16.51 -48.23 1.44
C CYS L 1767 15.81 -47.32 0.42
N ARG L 1768 14.48 -47.43 0.19
CA ARG L 1768 13.75 -46.60 -0.78
C ARG L 1768 13.82 -45.12 -0.42
N GLU L 1769 13.80 -44.79 0.85
CA GLU L 1769 14.19 -43.46 1.36
C GLU L 1769 14.55 -43.53 2.85
N GLN L 1770 15.22 -42.50 3.38
CA GLN L 1770 15.24 -42.28 4.82
C GLN L 1770 13.80 -42.01 5.28
N GLN L 1771 13.34 -42.66 6.34
CA GLN L 1771 11.96 -42.52 6.78
C GLN L 1771 10.95 -42.80 5.66
N HIS L 1772 11.16 -43.89 4.92
CA HIS L 1772 10.03 -44.59 4.30
C HIS L 1772 9.01 -44.77 5.43
N VAL L 1773 7.79 -44.25 5.30
CA VAL L 1773 7.04 -43.89 6.53
C VAL L 1773 6.76 -45.08 7.46
N MET L 1774 6.74 -46.31 6.95
CA MET L 1774 7.04 -47.50 7.75
C MET L 1774 8.55 -47.78 7.83
N GLU L 1775 9.11 -47.87 9.05
CA GLU L 1775 10.45 -48.44 9.29
C GLU L 1775 10.46 -49.48 10.42
N GLU L 1776 9.53 -49.34 11.35
CA GLU L 1776 9.38 -50.18 12.54
C GLU L 1776 9.32 -51.67 12.21
N LEU L 1777 8.56 -52.10 11.20
CA LEU L 1777 8.51 -53.53 10.88
C LEU L 1777 9.82 -53.99 10.29
N PHE L 1778 10.37 -53.30 9.30
CA PHE L 1778 11.62 -53.74 8.68
C PHE L 1778 12.75 -53.85 9.72
N GLN L 1779 12.74 -52.99 10.75
CA GLN L 1779 13.66 -53.06 11.87
C GLN L 1779 13.30 -54.16 12.89
N SER L 1780 12.12 -54.11 13.48
CA SER L 1780 11.73 -55.05 14.54
C SER L 1780 11.62 -56.50 14.06
N SER L 1781 11.19 -56.74 12.82
CA SER L 1781 11.13 -58.10 12.28
C SER L 1781 12.51 -58.74 12.21
N PHE L 1782 13.55 -57.94 11.93
CA PHE L 1782 14.91 -58.48 11.83
C PHE L 1782 15.38 -59.06 13.16
N ARG L 1783 14.89 -58.53 14.29
CA ARG L 1783 15.12 -59.09 15.62
C ARG L 1783 14.70 -60.56 15.71
N ARG L 1784 13.58 -60.92 15.07
CA ARG L 1784 13.11 -62.31 15.02
C ARG L 1784 13.98 -63.16 14.10
N ILE L 1785 14.33 -62.66 12.90
CA ILE L 1785 15.06 -63.46 11.89
C ILE L 1785 16.52 -63.76 12.28
N ALA L 1786 17.20 -62.83 12.94
CA ALA L 1786 18.54 -63.06 13.45
C ALA L 1786 18.60 -63.99 14.69
N ARG L 1787 17.51 -64.14 15.47
CA ARG L 1787 17.47 -64.95 16.71
C ARG L 1787 17.59 -66.46 16.46
N ARG L 1788 16.65 -67.02 15.69
CA ARG L 1788 16.51 -68.49 15.47
C ARG L 1788 17.59 -69.11 14.57
N GLY L 1789 18.25 -68.30 13.73
CA GLY L 1789 19.15 -68.78 12.69
C GLY L 1789 20.28 -69.68 13.22
N SER L 1790 20.38 -70.89 12.68
CA SER L 1790 21.54 -71.77 12.86
C SER L 1790 22.73 -71.20 12.07
N CYS L 1791 23.90 -71.11 12.70
CA CYS L 1791 24.97 -70.15 12.41
C CYS L 1791 25.33 -69.94 10.92
N VAL L 1792 25.48 -71.01 10.14
CA VAL L 1792 25.84 -70.92 8.72
C VAL L 1792 24.81 -70.12 7.90
N THR L 1793 23.54 -70.10 8.31
CA THR L 1793 22.50 -69.30 7.65
C THR L 1793 22.86 -67.82 7.72
N GLN L 1794 23.03 -67.25 8.92
CA GLN L 1794 23.40 -65.84 9.06
C GLN L 1794 24.79 -65.53 8.49
N VAL L 1795 25.73 -66.48 8.49
CA VAL L 1795 27.00 -66.31 7.75
C VAL L 1795 26.72 -66.03 6.29
N GLY L 1796 25.81 -66.77 5.65
CA GLY L 1796 25.39 -66.49 4.28
C GLY L 1796 24.64 -65.17 4.11
N LEU L 1797 23.70 -64.87 5.01
CA LEU L 1797 22.95 -63.61 4.99
C LEU L 1797 23.90 -62.40 4.96
N LEU L 1798 24.76 -62.32 5.98
CA LEU L 1798 25.69 -61.23 6.17
C LEU L 1798 26.62 -61.11 4.97
N GLU L 1799 27.10 -62.23 4.43
CA GLU L 1799 28.00 -62.13 3.30
C GLU L 1799 27.31 -61.55 2.09
N SER L 1800 26.04 -61.85 1.81
CA SER L 1800 25.39 -61.26 0.63
C SER L 1800 25.34 -59.75 0.71
N VAL L 1801 25.03 -59.19 1.89
CA VAL L 1801 24.99 -57.74 2.08
C VAL L 1801 26.40 -57.14 2.14
N TYR L 1802 27.38 -57.88 2.66
CA TYR L 1802 28.78 -57.48 2.60
C TYR L 1802 29.30 -57.47 1.17
N GLU L 1803 29.06 -58.52 0.40
CA GLU L 1803 29.45 -58.64 -1.01
C GLU L 1803 28.76 -57.56 -1.83
N MET L 1804 27.47 -57.35 -1.58
CA MET L 1804 26.74 -56.23 -2.16
C MET L 1804 27.39 -54.89 -1.79
N PHE L 1805 27.76 -54.68 -0.54
CA PHE L 1805 28.42 -53.46 -0.11
C PHE L 1805 29.81 -53.27 -0.74
N ARG L 1806 30.56 -54.37 -0.86
CA ARG L 1806 31.90 -54.45 -1.46
C ARG L 1806 31.91 -54.13 -2.94
N LYS L 1807 30.90 -54.58 -3.68
CA LYS L 1807 30.94 -54.94 -5.13
C LYS L 1807 31.48 -53.93 -6.17
N ASP L 1808 31.66 -52.65 -5.85
CA ASP L 1808 32.01 -51.59 -6.82
C ASP L 1808 31.03 -51.46 -8.01
N ASP L 1809 29.76 -51.81 -7.80
CA ASP L 1809 28.68 -51.41 -8.72
C ASP L 1809 28.38 -49.90 -8.59
N PRO L 1810 28.05 -49.20 -9.70
CA PRO L 1810 27.91 -47.75 -9.66
C PRO L 1810 26.51 -47.36 -9.20
N ARG L 1811 26.38 -46.69 -8.04
CA ARG L 1811 25.30 -46.55 -7.04
C ARG L 1811 25.66 -45.49 -5.98
N LEU L 1812 24.70 -44.82 -5.33
CA LEU L 1812 24.94 -43.65 -4.47
C LEU L 1812 25.53 -43.98 -3.09
N SER L 1813 26.23 -43.04 -2.45
CA SER L 1813 26.87 -43.32 -1.14
C SER L 1813 25.84 -43.52 -0.01
N PHE L 1814 24.69 -42.85 -0.07
CA PHE L 1814 23.48 -43.23 0.67
C PHE L 1814 23.17 -44.72 0.54
N THR L 1815 23.03 -45.21 -0.70
CA THR L 1815 22.67 -46.59 -1.02
C THR L 1815 23.68 -47.58 -0.48
N ARG L 1816 24.97 -47.23 -0.52
CA ARG L 1816 26.01 -48.07 0.10
C ARG L 1816 25.98 -48.02 1.62
N GLN L 1817 25.78 -46.85 2.23
CA GLN L 1817 25.69 -46.74 3.68
C GLN L 1817 24.43 -47.41 4.23
N SER L 1818 23.30 -47.23 3.56
CA SER L 1818 22.02 -47.75 4.03
C SER L 1818 22.07 -49.26 4.14
N PHE L 1819 22.66 -49.94 3.18
CA PHE L 1819 22.85 -51.38 3.25
C PHE L 1819 23.66 -51.75 4.49
N VAL L 1820 24.77 -51.09 4.78
CA VAL L 1820 25.53 -51.42 5.98
C VAL L 1820 24.75 -51.07 7.25
N ASP L 1821 24.38 -49.82 7.44
CA ASP L 1821 23.84 -49.37 8.72
C ASP L 1821 22.41 -49.89 8.94
N ARG L 1822 21.51 -49.56 8.01
CA ARG L 1822 20.08 -49.90 8.09
C ARG L 1822 19.81 -51.40 7.90
N SER L 1823 20.83 -52.23 7.59
CA SER L 1823 20.67 -53.69 7.60
C SER L 1823 21.84 -54.49 8.20
N LEU L 1824 23.07 -54.37 7.69
CA LEU L 1824 24.19 -55.23 8.08
C LEU L 1824 24.50 -55.13 9.58
N LEU L 1825 24.72 -53.92 10.10
CA LEU L 1825 24.90 -53.73 11.55
C LEU L 1825 23.65 -54.15 12.30
N THR L 1826 22.51 -53.80 11.71
CA THR L 1826 21.17 -54.10 12.19
C THR L 1826 20.84 -55.60 12.23
N LEU L 1827 21.77 -56.47 11.87
CA LEU L 1827 21.69 -57.92 12.09
C LEU L 1827 22.63 -58.43 13.20
N LEU L 1828 23.65 -57.67 13.58
CA LEU L 1828 24.81 -58.19 14.32
C LEU L 1828 24.74 -58.11 15.85
N TRP L 1829 23.74 -57.42 16.43
CA TRP L 1829 23.50 -57.38 17.89
C TRP L 1829 22.81 -58.64 18.45
N HIS L 1830 21.87 -59.20 17.67
CA HIS L 1830 20.73 -59.99 18.20
C HIS L 1830 21.04 -61.45 18.48
N CYS L 1831 21.91 -62.04 17.67
CA CYS L 1831 22.14 -63.48 17.52
C CYS L 1831 22.87 -64.13 18.71
N SER L 1832 23.00 -65.46 18.69
CA SER L 1832 23.95 -66.20 19.55
C SER L 1832 25.41 -65.82 19.26
N LEU L 1833 26.33 -66.40 20.03
CA LEU L 1833 27.75 -66.48 19.67
C LEU L 1833 27.94 -67.41 18.45
N ASP L 1834 29.18 -67.67 18.01
CA ASP L 1834 29.58 -68.33 16.73
C ASP L 1834 29.27 -67.55 15.46
N ALA L 1835 28.18 -66.78 15.43
CA ALA L 1835 27.90 -65.81 14.38
C ALA L 1835 29.02 -64.76 14.22
N LEU L 1836 29.80 -64.53 15.28
CA LEU L 1836 31.08 -63.83 15.22
C LEU L 1836 32.11 -64.63 14.40
N ARG L 1837 32.55 -65.76 14.95
CA ARG L 1837 33.82 -66.44 14.60
C ARG L 1837 33.87 -66.92 13.15
N GLU L 1838 32.76 -67.47 12.67
CA GLU L 1838 32.62 -67.78 11.26
C GLU L 1838 32.67 -66.52 10.39
N PHE L 1839 31.77 -65.57 10.58
CA PHE L 1839 31.67 -64.47 9.63
C PHE L 1839 32.91 -63.57 9.65
N PHE L 1840 33.47 -63.33 10.84
CA PHE L 1840 34.80 -62.74 11.03
C PHE L 1840 35.83 -63.34 10.07
N SER L 1841 35.99 -64.66 10.16
CA SER L 1841 36.98 -65.44 9.40
C SER L 1841 36.66 -65.52 7.91
N THR L 1842 35.59 -64.87 7.46
CA THR L 1842 35.48 -64.43 6.07
C THR L 1842 35.96 -62.97 5.91
N ILE L 1843 35.27 -61.99 6.45
CA ILE L 1843 35.37 -60.63 5.93
C ILE L 1843 36.64 -59.88 6.30
N VAL L 1844 37.24 -60.10 7.46
CA VAL L 1844 38.01 -59.00 8.08
C VAL L 1844 39.31 -58.65 7.33
N VAL L 1845 39.98 -59.63 6.76
CA VAL L 1845 41.13 -59.36 5.88
C VAL L 1845 40.68 -58.65 4.59
N ASP L 1846 39.63 -59.16 3.97
CA ASP L 1846 39.07 -58.62 2.73
C ASP L 1846 38.42 -57.23 2.94
N ALA L 1847 38.21 -56.84 4.18
CA ALA L 1847 37.83 -55.52 4.64
C ALA L 1847 39.03 -54.59 4.88
N ILE L 1848 39.93 -54.99 5.78
CA ILE L 1848 41.06 -54.16 6.21
C ILE L 1848 42.03 -53.86 5.06
N ASP L 1849 42.07 -54.72 4.04
CA ASP L 1849 42.86 -54.52 2.81
C ASP L 1849 42.53 -53.21 2.09
N VAL L 1850 41.28 -52.74 2.17
CA VAL L 1850 40.85 -51.46 1.60
C VAL L 1850 41.25 -50.30 2.50
N LEU L 1851 41.10 -50.45 3.81
CA LEU L 1851 41.38 -49.38 4.78
C LEU L 1851 42.80 -48.83 4.63
N LYS L 1852 43.77 -49.74 4.48
CA LYS L 1852 45.20 -49.51 4.80
C LYS L 1852 46.01 -48.59 3.86
N SER L 1853 45.59 -48.32 2.62
CA SER L 1853 46.42 -47.53 1.67
C SER L 1853 45.67 -46.68 0.64
N ARG L 1854 44.33 -46.72 0.60
CA ARG L 1854 43.52 -46.16 -0.50
C ARG L 1854 42.79 -44.88 -0.08
N PHE L 1855 43.04 -43.77 -0.78
CA PHE L 1855 42.61 -42.43 -0.35
C PHE L 1855 42.39 -41.40 -1.50
N THR L 1856 42.34 -41.83 -2.76
CA THR L 1856 42.25 -40.95 -3.95
C THR L 1856 40.80 -40.81 -4.46
N LYS L 1857 40.62 -40.32 -5.71
CA LYS L 1857 39.33 -40.07 -6.39
C LYS L 1857 38.46 -38.95 -5.78
N LEU L 1858 39.13 -38.03 -5.10
CA LEU L 1858 38.65 -36.66 -4.91
C LEU L 1858 38.43 -35.96 -6.27
N ASN L 1859 39.21 -36.38 -7.27
CA ASN L 1859 39.42 -35.76 -8.58
C ASN L 1859 38.17 -35.78 -9.49
N GLU L 1860 37.44 -36.91 -9.55
CA GLU L 1860 36.05 -36.96 -10.05
C GLU L 1860 35.03 -36.79 -8.91
N SER L 1861 35.43 -37.07 -7.65
CA SER L 1861 34.70 -36.87 -6.40
C SER L 1861 33.66 -37.96 -6.00
N THR L 1862 33.75 -39.18 -6.54
CA THR L 1862 33.13 -40.38 -5.94
C THR L 1862 33.79 -40.80 -4.60
N PHE L 1863 34.76 -40.03 -4.11
CA PHE L 1863 35.45 -40.22 -2.84
C PHE L 1863 34.57 -40.57 -1.65
N ASP L 1864 33.34 -40.05 -1.60
CA ASP L 1864 32.35 -40.40 -0.58
C ASP L 1864 32.10 -41.91 -0.52
N THR L 1865 32.27 -42.64 -1.62
CA THR L 1865 32.20 -44.11 -1.64
C THR L 1865 33.39 -44.73 -0.93
N GLN L 1866 34.62 -44.23 -1.14
CA GLN L 1866 35.80 -44.70 -0.40
C GLN L 1866 35.53 -44.56 1.09
N ILE L 1867 35.26 -43.35 1.56
CA ILE L 1867 35.03 -43.13 2.98
C ILE L 1867 33.80 -43.86 3.50
N THR L 1868 32.73 -44.02 2.73
CA THR L 1868 31.57 -44.81 3.18
C THR L 1868 31.98 -46.26 3.40
N LYS L 1869 32.82 -46.86 2.54
CA LYS L 1869 33.40 -48.17 2.83
C LYS L 1869 34.19 -48.12 4.13
N LYS L 1870 35.03 -47.10 4.30
CA LYS L 1870 35.91 -47.03 5.48
C LYS L 1870 35.09 -46.98 6.78
N MET L 1871 34.09 -46.10 6.87
CA MET L 1871 33.20 -46.07 8.03
C MET L 1871 32.34 -47.33 8.12
N GLY L 1872 31.88 -47.90 7.01
CA GLY L 1872 31.21 -49.19 7.01
C GLY L 1872 32.04 -50.24 7.74
N TYR L 1873 33.34 -50.35 7.43
CA TYR L 1873 34.24 -51.26 8.14
C TYR L 1873 34.44 -50.88 9.60
N TYR L 1874 34.66 -49.62 9.94
CA TYR L 1874 34.73 -49.26 11.35
C TYR L 1874 33.45 -49.60 12.11
N LYS L 1875 32.28 -49.47 11.49
CA LYS L 1875 31.02 -49.85 12.11
C LYS L 1875 30.83 -51.38 12.18
N ILE L 1876 31.35 -52.12 11.21
CA ILE L 1876 31.45 -53.58 11.26
C ILE L 1876 32.29 -54.00 12.45
N LEU L 1877 33.48 -53.42 12.56
CA LEU L 1877 34.41 -53.69 13.66
C LEU L 1877 33.77 -53.26 14.99
N ASP L 1878 33.06 -52.13 15.04
CA ASP L 1878 32.40 -51.65 16.25
C ASP L 1878 31.47 -52.71 16.88
N VAL L 1879 30.56 -53.29 16.09
CA VAL L 1879 29.61 -54.27 16.61
C VAL L 1879 30.32 -55.57 17.03
N MET L 1880 31.26 -56.08 16.26
CA MET L 1880 31.99 -57.28 16.69
C MET L 1880 32.83 -57.00 17.93
N TYR L 1881 33.56 -55.89 18.00
CA TYR L 1881 34.39 -55.61 19.15
C TYR L 1881 33.58 -55.21 20.39
N SER L 1882 32.30 -54.88 20.25
CA SER L 1882 31.40 -54.84 21.42
C SER L 1882 31.14 -56.22 22.04
N ARG L 1883 31.35 -57.29 21.26
CA ARG L 1883 31.09 -58.70 21.65
C ARG L 1883 32.37 -59.53 21.85
N LEU L 1884 33.45 -59.22 21.13
CA LEU L 1884 34.75 -59.93 21.20
C LEU L 1884 35.41 -59.79 22.57
N PRO L 1885 35.74 -60.90 23.25
CA PRO L 1885 36.45 -60.84 24.54
C PRO L 1885 37.92 -60.41 24.45
N LYS L 1886 38.48 -59.99 25.60
CA LYS L 1886 39.81 -59.36 25.75
C LYS L 1886 40.92 -60.19 25.10
N ASP L 1887 41.05 -61.42 25.56
CA ASP L 1887 42.09 -62.36 25.19
C ASP L 1887 41.78 -63.06 23.89
N ASP L 1888 40.51 -63.26 23.53
CA ASP L 1888 40.10 -63.82 22.25
C ASP L 1888 40.48 -62.94 21.03
N VAL L 1889 41.01 -61.72 21.26
CA VAL L 1889 41.61 -60.85 20.23
C VAL L 1889 43.07 -60.38 20.52
N HIS L 1890 43.77 -61.04 21.45
CA HIS L 1890 45.24 -60.99 21.57
C HIS L 1890 45.88 -62.40 21.69
N ALA L 1891 45.39 -63.28 22.56
CA ALA L 1891 45.93 -64.63 22.71
C ALA L 1891 45.75 -65.47 21.44
N LYS L 1892 46.59 -66.49 21.21
CA LYS L 1892 46.66 -67.30 19.97
C LYS L 1892 45.47 -68.26 19.78
N GLU L 1893 44.27 -67.72 19.75
CA GLU L 1893 43.12 -68.27 19.04
C GLU L 1893 43.35 -68.06 17.54
N SER L 1894 43.32 -69.13 16.74
CA SER L 1894 43.98 -69.15 15.43
C SER L 1894 43.43 -68.17 14.39
N LYS L 1895 42.27 -67.54 14.54
CA LYS L 1895 41.93 -66.40 13.67
C LYS L 1895 42.87 -65.20 13.84
N ILE L 1896 43.53 -65.04 14.99
CA ILE L 1896 44.61 -64.06 15.14
C ILE L 1896 45.80 -64.43 14.24
N ASN L 1897 46.14 -65.71 14.16
CA ASN L 1897 47.13 -66.23 13.21
C ASN L 1897 46.75 -65.88 11.78
N GLN L 1898 45.60 -66.34 11.32
CA GLN L 1898 45.22 -66.23 9.91
C GLN L 1898 44.95 -64.78 9.47
N VAL L 1899 44.51 -63.90 10.37
CA VAL L 1899 44.33 -62.47 10.07
C VAL L 1899 45.64 -61.67 10.21
N PHE L 1900 46.67 -62.24 10.83
CA PHE L 1900 48.04 -61.82 10.62
C PHE L 1900 48.81 -62.84 9.75
N HIS L 1901 50.07 -63.14 10.08
CA HIS L 1901 51.00 -63.89 9.23
C HIS L 1901 51.40 -65.23 9.85
N GLY L 1902 51.18 -66.34 9.14
CA GLY L 1902 51.43 -67.70 9.63
C GLY L 1902 50.64 -68.06 10.89
N SER L 1903 51.04 -69.11 11.61
CA SER L 1903 50.66 -69.26 13.02
C SER L 1903 51.41 -68.19 13.84
N CYS L 1904 50.83 -66.98 13.92
CA CYS L 1904 51.58 -65.74 14.14
C CYS L 1904 52.27 -65.65 15.51
N ILE L 1905 53.43 -64.97 15.53
CA ILE L 1905 54.33 -64.94 16.70
C ILE L 1905 53.85 -63.97 17.82
N THR L 1906 53.24 -62.83 17.46
CA THR L 1906 52.81 -61.80 18.44
C THR L 1906 51.47 -62.13 19.09
N GLU L 1907 51.14 -61.43 20.18
CA GLU L 1907 49.85 -61.55 20.89
C GLU L 1907 48.72 -60.80 20.16
N GLY L 1908 48.58 -61.04 18.85
CA GLY L 1908 47.76 -60.24 17.94
C GLY L 1908 48.15 -58.78 17.90
N ASN L 1909 49.36 -58.45 18.37
CA ASN L 1909 49.80 -57.09 18.61
C ASN L 1909 49.81 -56.30 17.31
N GLU L 1910 50.18 -56.94 16.20
CA GLU L 1910 50.28 -56.24 14.91
C GLU L 1910 48.92 -55.95 14.27
N LEU L 1911 47.97 -56.90 14.26
CA LEU L 1911 46.63 -56.61 13.74
C LEU L 1911 45.88 -55.59 14.61
N THR L 1912 46.04 -55.65 15.94
CA THR L 1912 45.42 -54.67 16.84
C THR L 1912 46.13 -53.33 16.75
N LYS L 1913 47.46 -53.26 16.68
CA LYS L 1913 48.16 -51.97 16.50
C LYS L 1913 47.92 -51.36 15.13
N THR L 1914 47.87 -52.13 14.05
CA THR L 1914 47.52 -51.58 12.72
C THR L 1914 46.08 -51.05 12.69
N LEU L 1915 45.12 -51.76 13.29
CA LEU L 1915 43.78 -51.23 13.53
C LEU L 1915 43.82 -49.94 14.36
N ILE L 1916 44.55 -49.93 15.48
CA ILE L 1916 44.70 -48.76 16.35
C ILE L 1916 45.28 -47.57 15.58
N LYS L 1917 46.35 -47.77 14.79
CA LYS L 1917 46.94 -46.71 13.97
C LYS L 1917 45.92 -46.19 12.96
N LEU L 1918 45.17 -47.07 12.30
CA LEU L 1918 44.21 -46.65 11.27
C LEU L 1918 43.02 -45.89 11.85
N CYS L 1919 42.40 -46.37 12.93
CA CYS L 1919 41.33 -45.64 13.60
C CYS L 1919 41.86 -44.29 14.11
N TYR L 1920 43.05 -44.27 14.75
CA TYR L 1920 43.69 -43.03 15.17
C TYR L 1920 43.88 -42.03 14.03
N ASP L 1921 44.62 -42.42 12.99
CA ASP L 1921 44.85 -41.58 11.82
C ASP L 1921 43.52 -41.09 11.21
N ALA L 1922 42.55 -41.98 11.04
CA ALA L 1922 41.25 -41.65 10.49
C ALA L 1922 40.44 -40.63 11.33
N PHE L 1923 40.73 -40.45 12.63
CA PHE L 1923 40.20 -39.31 13.37
C PHE L 1923 41.24 -38.22 13.63
N THR L 1924 42.50 -38.44 13.28
CA THR L 1924 43.56 -37.44 13.27
C THR L 1924 43.41 -36.48 12.08
N GLU L 1925 42.99 -37.00 10.93
CA GLU L 1925 43.05 -36.31 9.63
C GLU L 1925 42.41 -34.91 9.65
N ASN L 1926 43.27 -33.90 9.57
CA ASN L 1926 42.88 -32.50 9.59
C ASN L 1926 41.99 -32.14 8.40
N MET L 1927 41.12 -31.15 8.59
CA MET L 1927 40.22 -30.62 7.55
C MET L 1927 40.70 -29.27 6.96
N ALA L 1928 41.99 -28.96 7.09
CA ALA L 1928 42.60 -27.68 6.81
C ALA L 1928 42.38 -27.16 5.37
N GLY L 1929 42.50 -28.02 4.37
CA GLY L 1929 42.36 -27.68 2.94
C GLY L 1929 41.12 -28.28 2.29
N GLU L 1930 40.30 -28.98 3.06
CA GLU L 1930 39.21 -29.84 2.63
C GLU L 1930 38.04 -28.99 2.10
N ASN L 1931 38.11 -28.55 0.83
CA ASN L 1931 37.18 -27.59 0.22
C ASN L 1931 35.99 -28.21 -0.54
N GLN L 1932 35.93 -29.55 -0.66
CA GLN L 1932 34.84 -30.28 -1.34
C GLN L 1932 34.51 -31.57 -0.57
N LEU L 1933 33.27 -32.07 -0.65
CA LEU L 1933 32.76 -33.22 0.14
C LEU L 1933 32.99 -33.06 1.66
N LEU L 1934 32.97 -31.82 2.15
CA LEU L 1934 33.41 -31.43 3.48
C LEU L 1934 32.68 -32.23 4.54
N GLU L 1935 31.35 -32.14 4.52
CA GLU L 1935 30.49 -32.83 5.47
C GLU L 1935 30.73 -34.34 5.43
N ARG L 1936 30.70 -34.94 4.25
CA ARG L 1936 30.80 -36.40 4.11
C ARG L 1936 32.13 -36.95 4.61
N ARG L 1937 33.25 -36.25 4.36
CA ARG L 1937 34.58 -36.55 4.90
C ARG L 1937 34.70 -36.29 6.40
N ARG L 1938 34.11 -35.20 6.91
CA ARG L 1938 34.05 -34.88 8.35
C ARG L 1938 33.30 -35.97 9.09
N LEU L 1939 32.14 -36.38 8.60
CA LEU L 1939 31.33 -37.47 9.14
C LEU L 1939 32.14 -38.75 9.19
N TYR L 1940 32.98 -39.03 8.19
CA TYR L 1940 33.90 -40.16 8.27
C TYR L 1940 34.89 -40.02 9.42
N HIS L 1941 35.57 -38.88 9.56
CA HIS L 1941 36.42 -38.65 10.74
C HIS L 1941 35.66 -38.85 12.04
N CYS L 1942 34.37 -38.47 12.08
CA CYS L 1942 33.50 -38.73 13.23
C CYS L 1942 33.37 -40.22 13.52
N ALA L 1943 32.81 -40.97 12.58
CA ALA L 1943 32.56 -42.37 12.78
C ALA L 1943 33.86 -43.13 13.06
N ALA L 1944 35.01 -42.68 12.53
CA ALA L 1944 36.28 -43.33 12.77
C ALA L 1944 36.77 -43.25 14.22
N TYR L 1945 36.30 -42.28 14.98
CA TYR L 1945 36.49 -42.23 16.42
C TYR L 1945 35.80 -43.39 17.14
N ASN L 1946 34.69 -43.87 16.60
CA ASN L 1946 33.88 -44.88 17.25
C ASN L 1946 34.62 -46.19 17.46
N CYS L 1947 35.15 -46.83 16.41
CA CYS L 1947 35.63 -48.21 16.59
C CYS L 1947 36.81 -48.26 17.58
N ALA L 1948 37.63 -47.20 17.60
CA ALA L 1948 38.67 -47.06 18.60
C ALA L 1948 38.14 -47.28 20.01
N ILE L 1949 37.02 -46.61 20.34
CA ILE L 1949 36.36 -46.79 21.62
C ILE L 1949 36.06 -48.27 21.87
N SER L 1950 35.36 -48.92 20.95
CA SER L 1950 34.86 -50.26 21.19
C SER L 1950 35.94 -51.35 21.12
N VAL L 1951 37.09 -51.13 20.49
CA VAL L 1951 38.24 -52.03 20.69
C VAL L 1951 38.91 -51.74 22.04
N ILE L 1952 39.23 -50.47 22.32
CA ILE L 1952 40.06 -50.07 23.46
C ILE L 1952 39.41 -50.50 24.79
N CYS L 1953 38.10 -50.33 24.93
CA CYS L 1953 37.35 -50.75 26.12
C CYS L 1953 37.49 -52.24 26.45
N CYS L 1954 37.98 -53.07 25.52
CA CYS L 1954 38.20 -54.50 25.69
C CYS L 1954 39.69 -54.90 25.65
N VAL L 1955 40.48 -54.39 24.69
CA VAL L 1955 41.90 -54.81 24.54
C VAL L 1955 42.84 -54.08 25.51
N PHE L 1956 42.49 -52.87 25.95
CA PHE L 1956 43.30 -52.02 26.83
C PHE L 1956 42.47 -51.67 28.08
N ASN L 1957 42.28 -52.62 28.99
CA ASN L 1957 41.28 -52.53 30.09
C ASN L 1957 41.50 -51.36 31.08
N GLU L 1958 42.72 -50.83 31.21
CA GLU L 1958 43.17 -50.08 32.40
C GLU L 1958 43.57 -48.62 32.10
N LEU L 1959 43.35 -47.77 33.10
CA LEU L 1959 43.32 -46.30 33.01
C LEU L 1959 44.51 -45.69 32.28
N LYS L 1960 45.72 -46.16 32.55
CA LYS L 1960 46.98 -45.54 32.13
C LYS L 1960 47.37 -45.86 30.68
N PHE L 1961 46.56 -46.63 29.96
CA PHE L 1961 46.61 -46.67 28.50
C PHE L 1961 45.74 -45.58 27.85
N TYR L 1962 44.65 -45.12 28.48
CA TYR L 1962 43.64 -44.28 27.83
C TYR L 1962 44.10 -42.86 27.44
N GLN L 1963 45.19 -42.34 28.00
CA GLN L 1963 45.71 -41.03 27.62
C GLN L 1963 46.10 -40.96 26.13
N GLY L 1964 46.76 -41.99 25.63
CA GLY L 1964 47.28 -42.00 24.26
C GLY L 1964 46.17 -42.14 23.22
N PHE L 1965 45.61 -43.34 23.16
CA PHE L 1965 44.98 -43.97 21.98
C PHE L 1965 43.68 -43.35 21.45
N LEU L 1966 43.16 -42.32 22.11
CA LEU L 1966 42.00 -41.55 21.64
C LEU L 1966 42.07 -40.05 21.94
N PHE L 1967 43.20 -39.51 22.42
CA PHE L 1967 43.24 -38.14 22.95
C PHE L 1967 44.58 -37.39 22.84
N SER L 1968 45.74 -38.07 22.81
CA SER L 1968 47.08 -37.45 23.03
C SER L 1968 47.64 -36.60 21.88
N GLU L 1969 46.86 -35.67 21.36
CA GLU L 1969 47.27 -34.67 20.37
C GLU L 1969 47.92 -33.44 21.05
N LYS L 1970 49.24 -33.50 21.25
CA LYS L 1970 50.09 -32.31 21.21
C LYS L 1970 49.72 -31.49 19.96
N PRO L 1971 49.61 -30.15 20.03
CA PRO L 1971 49.24 -29.31 18.88
C PRO L 1971 50.43 -29.12 17.92
N GLU L 1972 50.97 -30.22 17.40
CA GLU L 1972 52.08 -30.18 16.43
C GLU L 1972 51.64 -29.59 15.08
N LYS L 1973 50.34 -29.73 14.74
CA LYS L 1973 49.63 -28.89 13.75
C LYS L 1973 48.12 -28.91 13.98
N ASN L 1974 47.42 -27.87 13.53
CA ASN L 1974 45.97 -27.78 13.29
C ASN L 1974 44.98 -28.19 14.42
N LEU L 1975 45.42 -28.33 15.67
CA LEU L 1975 44.56 -28.43 16.87
C LEU L 1975 43.54 -29.61 16.87
N LEU L 1976 42.39 -29.45 17.53
CA LEU L 1976 41.58 -30.53 18.12
C LEU L 1976 41.13 -31.64 17.16
N ILE L 1977 41.37 -32.90 17.52
CA ILE L 1977 40.74 -34.01 16.81
C ILE L 1977 39.20 -33.91 16.85
N PHE L 1978 38.65 -33.34 17.92
CA PHE L 1978 37.21 -33.13 18.07
C PHE L 1978 36.61 -32.10 17.09
N GLU L 1979 37.44 -31.27 16.45
CA GLU L 1979 37.04 -30.39 15.34
C GLU L 1979 37.08 -31.11 13.99
N ASN L 1980 37.76 -32.26 13.89
CA ASN L 1980 37.48 -33.21 12.81
C ASN L 1980 36.10 -33.86 13.01
N LEU L 1981 35.61 -33.94 14.25
CA LEU L 1981 34.36 -34.61 14.64
C LEU L 1981 33.12 -33.70 14.68
N ILE L 1982 33.25 -32.38 14.74
CA ILE L 1982 32.14 -31.50 14.36
C ILE L 1982 32.71 -30.35 13.53
N ASP L 1983 32.04 -30.03 12.42
CA ASP L 1983 32.28 -28.82 11.65
C ASP L 1983 31.76 -27.56 12.37
N LEU L 1984 32.40 -26.43 12.09
CA LEU L 1984 32.28 -25.15 12.83
C LEU L 1984 31.02 -24.31 12.55
N LYS L 1985 30.88 -23.65 11.39
CA LYS L 1985 29.79 -22.67 11.16
C LYS L 1985 28.46 -23.36 10.89
N ARG L 1986 27.85 -23.90 11.95
CA ARG L 1986 26.57 -24.62 11.92
C ARG L 1986 25.86 -24.63 13.27
N ARG L 1987 24.57 -24.97 13.22
CA ARG L 1987 23.61 -24.65 14.26
C ARG L 1987 22.77 -25.85 14.67
N TYR L 1988 22.27 -25.76 15.89
CA TYR L 1988 21.42 -26.74 16.58
C TYR L 1988 20.53 -25.96 17.57
N ASN L 1989 19.33 -26.45 17.91
CA ASN L 1989 18.35 -25.71 18.73
C ASN L 1989 17.86 -26.47 19.97
N PHE L 1990 17.60 -25.71 21.05
CA PHE L 1990 17.35 -26.22 22.38
C PHE L 1990 16.08 -25.57 22.96
N PRO L 1991 14.90 -26.02 22.50
CA PRO L 1991 13.62 -25.36 22.75
C PRO L 1991 13.14 -25.54 24.18
N VAL L 1992 12.17 -24.69 24.57
CA VAL L 1992 11.68 -24.52 25.94
C VAL L 1992 10.36 -25.28 26.20
N GLU L 1993 10.25 -25.90 27.38
CA GLU L 1993 9.12 -26.74 27.79
C GLU L 1993 7.84 -25.96 28.18
N VAL L 1994 6.74 -26.71 28.36
CA VAL L 1994 5.39 -26.23 28.72
C VAL L 1994 4.79 -27.13 29.81
N MET L 2085 17.98 -35.09 22.40
CA MET L 2085 16.66 -35.58 22.00
C MET L 2085 15.93 -34.56 21.13
N ASP L 2086 15.83 -33.32 21.58
CA ASP L 2086 15.22 -32.22 20.80
C ASP L 2086 16.21 -31.66 19.75
N GLU L 2087 17.49 -31.87 20.00
CA GLU L 2087 18.54 -31.99 18.97
C GLU L 2087 19.31 -33.28 19.33
N LEU L 2088 19.69 -34.06 18.33
CA LEU L 2088 19.85 -35.51 18.50
C LEU L 2088 21.28 -36.01 18.74
N ASN L 2089 21.39 -36.86 19.76
CA ASN L 2089 22.56 -37.67 20.12
C ASN L 2089 23.12 -38.52 18.97
N ARG L 2090 22.32 -38.83 17.94
CA ARG L 2090 22.75 -39.52 16.71
C ARG L 2090 23.70 -38.70 15.84
N HIS L 2091 24.04 -37.45 16.16
CA HIS L 2091 25.15 -36.76 15.50
C HIS L 2091 26.40 -37.63 15.54
N GLU L 2092 27.16 -37.64 14.45
CA GLU L 2092 27.93 -38.83 14.13
C GLU L 2092 29.01 -39.25 15.12
N CYS L 2093 29.71 -38.36 15.83
CA CYS L 2093 30.47 -38.81 16.98
C CYS L 2093 29.69 -38.79 18.31
N MET L 2094 28.64 -37.97 18.42
CA MET L 2094 27.93 -37.80 19.68
C MET L 2094 27.41 -39.13 20.21
N ALA L 2095 26.85 -39.99 19.36
CA ALA L 2095 26.41 -41.31 19.76
C ALA L 2095 27.55 -42.17 20.37
N PRO L 2096 28.65 -42.49 19.66
CA PRO L 2096 29.71 -43.32 20.23
C PRO L 2096 30.41 -42.70 21.44
N LEU L 2097 30.69 -41.39 21.47
CA LEU L 2097 31.26 -40.81 22.68
C LEU L 2097 30.27 -40.88 23.85
N THR L 2098 29.03 -40.45 23.68
CA THR L 2098 28.10 -40.42 24.80
C THR L 2098 27.70 -41.82 25.27
N ALA L 2099 27.73 -42.83 24.41
CA ALA L 2099 27.63 -44.22 24.83
C ALA L 2099 28.89 -44.70 25.59
N LEU L 2100 30.08 -44.22 25.23
CA LEU L 2100 31.31 -44.49 25.97
C LEU L 2100 31.25 -44.03 27.41
N VAL L 2101 31.03 -42.74 27.59
CA VAL L 2101 31.54 -42.08 28.80
C VAL L 2101 30.88 -42.61 30.07
N LYS L 2102 29.66 -43.17 30.00
CA LYS L 2102 29.05 -43.89 31.12
C LYS L 2102 29.87 -45.13 31.53
N HIS L 2103 30.43 -45.83 30.55
CA HIS L 2103 31.38 -46.94 30.72
C HIS L 2103 32.79 -46.46 31.10
N MET L 2104 33.15 -45.21 30.87
CA MET L 2104 34.38 -44.67 31.47
C MET L 2104 34.31 -44.60 33.00
N HIS L 2105 33.18 -44.90 33.63
CA HIS L 2105 33.15 -45.23 35.07
C HIS L 2105 34.05 -46.43 35.38
N ARG L 2106 34.05 -47.43 34.49
CA ARG L 2106 35.00 -48.55 34.48
C ARG L 2106 36.38 -48.09 34.01
N SER L 2107 36.43 -47.37 32.89
CA SER L 2107 37.66 -46.97 32.20
C SER L 2107 37.93 -45.46 32.27
N LEU L 2108 38.35 -44.98 33.43
CA LEU L 2108 38.54 -43.57 33.77
C LEU L 2108 39.66 -42.90 32.97
N PRO L 2119 44.84 -39.29 34.47
CA PRO L 2119 44.38 -40.57 33.99
C PRO L 2119 42.86 -40.62 34.07
N ARG L 2120 42.33 -40.33 35.25
CA ARG L 2120 41.01 -39.73 35.44
C ARG L 2120 40.92 -38.44 34.64
N ASP L 2121 42.03 -37.72 34.73
CA ASP L 2121 42.36 -36.42 34.23
C ASP L 2121 42.74 -36.39 32.75
N LEU L 2122 43.82 -37.09 32.40
CA LEU L 2122 44.67 -36.74 31.26
C LEU L 2122 44.09 -36.94 29.86
N PRO L 2123 43.28 -37.97 29.53
CA PRO L 2123 42.54 -37.99 28.28
C PRO L 2123 41.59 -36.81 28.17
N SER L 2124 41.30 -36.10 29.28
CA SER L 2124 40.44 -34.93 29.22
C SER L 2124 41.25 -33.62 29.27
N TRP L 2125 42.26 -33.47 30.12
CA TRP L 2125 42.88 -32.17 30.46
C TRP L 2125 43.13 -31.30 29.24
N MET L 2126 43.88 -31.80 28.25
CA MET L 2126 44.46 -31.00 27.16
C MET L 2126 43.42 -30.29 26.26
N LYS L 2127 42.14 -30.64 26.41
CA LYS L 2127 40.99 -29.99 25.78
C LYS L 2127 39.96 -29.52 26.81
N PHE L 2128 39.57 -30.40 27.73
CA PHE L 2128 38.46 -30.19 28.66
C PHE L 2128 38.81 -29.16 29.74
N LEU L 2129 40.01 -29.22 30.32
CA LEU L 2129 40.48 -28.20 31.27
C LEU L 2129 40.52 -26.80 30.61
N HIS L 2130 40.73 -26.73 29.30
CA HIS L 2130 41.05 -25.50 28.56
C HIS L 2130 39.90 -24.93 27.71
N GLY L 2131 38.80 -25.66 27.48
CA GLY L 2131 37.59 -25.20 26.78
C GLY L 2131 36.74 -24.21 27.59
N LYS L 2132 37.37 -23.12 28.04
CA LYS L 2132 36.90 -22.13 29.03
C LYS L 2132 37.75 -20.84 28.95
N LEU L 2133 37.52 -19.86 29.82
CA LEU L 2133 38.37 -18.67 30.01
C LEU L 2133 39.88 -19.03 30.07
N GLY L 2134 40.70 -18.33 29.31
CA GLY L 2134 42.06 -18.75 28.93
C GLY L 2134 42.14 -19.16 27.45
N ASN L 2135 41.20 -19.99 26.98
CA ASN L 2135 40.96 -20.25 25.56
C ASN L 2135 39.45 -20.34 25.23
N PRO L 2136 38.68 -19.27 25.51
CA PRO L 2136 37.23 -19.27 25.32
C PRO L 2136 36.85 -19.42 23.85
N ILE L 2137 37.81 -19.34 22.94
CA ILE L 2137 37.59 -19.59 21.53
C ILE L 2137 37.33 -21.07 21.26
N VAL L 2138 38.01 -22.02 21.91
CA VAL L 2138 37.94 -23.41 21.46
C VAL L 2138 36.53 -24.02 21.58
N PRO L 2139 35.72 -23.71 22.61
CA PRO L 2139 34.33 -24.13 22.67
C PRO L 2139 33.37 -23.23 21.89
N LEU L 2140 33.79 -22.20 21.15
CA LEU L 2140 32.87 -21.13 20.71
C LEU L 2140 31.57 -21.66 20.07
N ASN L 2141 31.70 -22.65 19.19
CA ASN L 2141 30.61 -23.56 18.80
C ASN L 2141 30.80 -24.98 19.37
N ILE L 2142 32.05 -25.47 19.49
CA ILE L 2142 32.38 -26.81 20.04
C ILE L 2142 31.94 -27.03 21.51
N ARG L 2143 31.39 -26.05 22.21
CA ARG L 2143 30.62 -26.28 23.44
C ARG L 2143 29.36 -27.09 23.21
N LEU L 2144 28.80 -27.04 22.01
CA LEU L 2144 27.75 -27.98 21.57
C LEU L 2144 28.31 -29.40 21.38
N PHE L 2145 29.64 -29.58 21.45
CA PHE L 2145 30.30 -30.81 21.88
C PHE L 2145 30.47 -30.74 23.41
N LEU L 2146 31.47 -30.03 23.92
CA LEU L 2146 32.00 -30.10 25.28
C LEU L 2146 30.91 -29.97 26.34
N ALA L 2147 30.11 -28.91 26.28
CA ALA L 2147 29.02 -28.73 27.21
C ALA L 2147 27.90 -29.74 27.02
N LYS L 2148 27.33 -29.94 25.82
CA LYS L 2148 26.20 -30.90 25.65
C LYS L 2148 26.59 -32.29 26.07
N LEU L 2149 27.81 -32.70 25.73
CA LEU L 2149 28.46 -33.90 26.23
C LEU L 2149 28.45 -33.90 27.76
N VAL L 2150 29.04 -32.89 28.40
CA VAL L 2150 29.14 -32.82 29.85
C VAL L 2150 27.78 -32.85 30.53
N ILE L 2151 26.76 -32.16 30.01
CA ILE L 2151 25.38 -32.30 30.48
C ILE L 2151 24.97 -33.76 30.47
N ASN L 2152 25.13 -34.41 29.32
CA ASN L 2152 24.84 -35.82 29.15
C ASN L 2152 25.94 -36.74 29.72
N THR L 2153 26.73 -36.22 30.67
CA THR L 2153 27.77 -36.93 31.43
C THR L 2153 27.69 -36.55 32.91
N GLU L 2154 26.74 -35.69 33.32
CA GLU L 2154 26.60 -35.26 34.71
C GLU L 2154 26.25 -36.44 35.65
N GLU L 2155 25.78 -37.55 35.07
CA GLU L 2155 25.65 -38.85 35.71
C GLU L 2155 26.99 -39.45 36.17
N VAL L 2156 28.11 -39.04 35.57
CA VAL L 2156 29.41 -39.72 35.62
C VAL L 2156 30.49 -38.93 36.35
N PHE L 2157 30.71 -37.68 35.93
CA PHE L 2157 31.99 -36.97 36.10
C PHE L 2157 32.40 -36.61 37.53
N ARG L 2158 31.54 -36.84 38.52
CA ARG L 2158 31.56 -36.24 39.87
C ARG L 2158 32.90 -36.16 40.63
N PRO L 2159 33.83 -37.15 40.63
CA PRO L 2159 34.89 -37.19 41.64
C PRO L 2159 35.82 -35.98 41.66
N TYR L 2160 36.09 -35.40 40.48
CA TYR L 2160 36.90 -34.18 40.29
C TYR L 2160 36.20 -33.15 39.37
N ALA L 2161 34.87 -33.09 39.50
CA ALA L 2161 34.00 -32.05 38.96
C ALA L 2161 34.35 -30.63 39.47
N LYS L 2162 35.17 -30.54 40.53
CA LYS L 2162 35.58 -29.31 41.23
C LYS L 2162 36.10 -28.22 40.30
N HIS L 2163 37.20 -28.46 39.60
CA HIS L 2163 37.86 -27.38 38.85
C HIS L 2163 37.06 -26.91 37.63
N TRP L 2164 36.29 -27.78 36.97
CA TRP L 2164 35.55 -27.42 35.76
C TRP L 2164 34.25 -26.65 36.01
N LEU L 2165 33.47 -26.95 37.07
CA LEU L 2165 32.06 -26.53 37.07
C LEU L 2165 31.87 -25.02 37.27
N SER L 2166 32.71 -24.33 38.04
CA SER L 2166 32.62 -22.86 38.13
C SER L 2166 32.96 -22.20 36.79
N PRO L 2167 33.99 -22.66 36.06
CA PRO L 2167 34.14 -22.36 34.65
C PRO L 2167 32.96 -22.76 33.73
N LEU L 2168 32.07 -23.69 34.08
CA LEU L 2168 30.84 -23.93 33.31
C LEU L 2168 29.83 -22.80 33.50
N LEU L 2169 29.66 -22.28 34.70
CA LEU L 2169 28.85 -21.07 34.89
C LEU L 2169 29.47 -19.90 34.11
N GLN L 2170 30.79 -19.74 34.11
CA GLN L 2170 31.48 -18.84 33.18
C GLN L 2170 31.17 -19.18 31.71
N LEU L 2171 31.12 -20.47 31.35
CA LEU L 2171 30.86 -20.89 29.97
C LEU L 2171 29.44 -20.48 29.57
N ALA L 2172 28.46 -20.63 30.46
CA ALA L 2172 27.10 -20.14 30.27
C ALA L 2172 27.03 -18.60 30.27
N ALA L 2173 27.92 -17.89 30.94
CA ALA L 2173 28.01 -16.43 30.82
C ALA L 2173 28.57 -15.95 29.47
N SER L 2174 28.80 -16.84 28.50
CA SER L 2174 29.08 -16.46 27.09
C SER L 2174 27.94 -15.68 26.45
N GLU L 2175 28.23 -15.00 25.34
CA GLU L 2175 27.32 -14.10 24.66
C GLU L 2175 26.19 -14.83 23.90
N ASN L 2176 26.36 -16.13 23.64
CA ASN L 2176 25.32 -17.04 23.19
C ASN L 2176 25.56 -18.41 23.85
N ASN L 2177 24.48 -19.19 24.00
CA ASN L 2177 24.43 -20.47 24.70
C ASN L 2177 23.29 -21.38 24.16
N GLY L 2178 23.20 -21.57 22.85
CA GLY L 2178 22.21 -22.48 22.26
C GLY L 2178 20.79 -21.91 22.12
N GLY L 2179 20.70 -20.64 21.76
CA GLY L 2179 19.48 -19.94 21.36
C GLY L 2179 19.76 -18.53 20.82
N GLU L 2180 18.92 -17.57 21.18
CA GLU L 2180 19.32 -16.15 21.26
C GLU L 2180 20.04 -15.82 22.59
N GLY L 2181 20.43 -16.86 23.33
CA GLY L 2181 20.79 -16.83 24.75
C GLY L 2181 20.94 -18.26 25.27
N ILE L 2182 20.72 -18.51 26.57
CA ILE L 2182 20.68 -19.87 27.13
C ILE L 2182 19.48 -20.67 26.66
N HIS L 2183 18.31 -20.06 26.44
CA HIS L 2183 17.12 -20.79 25.99
C HIS L 2183 16.86 -21.98 26.94
N TYR L 2184 16.86 -23.24 26.49
CA TYR L 2184 16.78 -24.38 27.42
C TYR L 2184 18.11 -24.79 28.08
N MET L 2185 19.25 -24.34 27.57
CA MET L 2185 20.56 -24.72 28.09
C MET L 2185 20.76 -24.38 29.56
N VAL L 2186 20.28 -23.25 30.02
CA VAL L 2186 20.39 -22.93 31.46
C VAL L 2186 19.67 -23.97 32.28
N VAL L 2187 18.52 -24.44 31.79
CA VAL L 2187 17.71 -25.44 32.47
C VAL L 2187 18.57 -26.66 32.73
N GLU L 2188 19.53 -26.95 31.85
CA GLU L 2188 20.37 -28.09 32.16
C GLU L 2188 21.52 -27.75 33.14
N ILE L 2189 22.16 -26.59 33.02
CA ILE L 2189 23.45 -26.31 33.70
C ILE L 2189 23.31 -26.25 35.23
N VAL L 2190 22.26 -25.61 35.75
CA VAL L 2190 21.99 -25.55 37.20
C VAL L 2190 21.90 -26.94 37.83
N ALA L 2191 21.44 -27.90 37.02
CA ALA L 2191 21.30 -29.28 37.44
C ALA L 2191 22.66 -29.91 37.80
N THR L 2192 23.80 -29.29 37.48
CA THR L 2192 25.10 -29.69 38.07
C THR L 2192 25.10 -29.68 39.61
N ILE L 2193 24.31 -28.81 40.22
CA ILE L 2193 24.09 -28.80 41.67
C ILE L 2193 22.69 -29.32 42.02
N LEU L 2194 21.70 -29.26 41.13
CA LEU L 2194 20.30 -29.63 41.46
C LEU L 2194 19.68 -30.86 40.76
N SER L 2195 20.36 -31.48 39.80
CA SER L 2195 20.03 -32.86 39.41
C SER L 2195 20.55 -33.80 40.48
N TRP L 2196 21.86 -33.79 40.70
CA TRP L 2196 22.48 -34.45 41.84
C TRP L 2196 23.30 -33.43 42.64
N THR L 2197 22.82 -33.12 43.85
CA THR L 2197 23.49 -32.22 44.79
C THR L 2197 24.56 -33.01 45.53
N GLY L 2198 25.71 -33.22 44.89
CA GLY L 2198 26.85 -33.92 45.49
C GLY L 2198 28.23 -33.45 44.99
N LEU L 2199 29.25 -33.70 45.81
CA LEU L 2199 30.62 -33.24 45.65
C LEU L 2199 30.75 -31.72 45.43
N ALA L 2200 31.16 -31.27 44.25
CA ALA L 2200 31.71 -29.93 44.05
C ALA L 2200 30.70 -28.75 44.17
N THR L 2201 31.25 -27.56 44.40
CA THR L 2201 30.54 -26.25 44.38
C THR L 2201 31.28 -25.16 43.59
N PRO L 2202 30.59 -24.32 42.77
CA PRO L 2202 31.21 -23.28 41.99
C PRO L 2202 31.54 -22.01 42.81
N THR L 2203 31.23 -21.97 44.12
CA THR L 2203 31.06 -20.72 44.88
C THR L 2203 31.55 -20.84 46.32
N GLY L 2204 32.02 -19.76 46.91
CA GLY L 2204 32.67 -19.77 48.23
C GLY L 2204 34.09 -20.33 48.17
N VAL L 2205 34.38 -21.18 47.19
CA VAL L 2205 35.73 -21.50 46.72
C VAL L 2205 36.34 -20.30 45.96
N PRO L 2206 35.76 -19.83 44.83
CA PRO L 2206 35.91 -18.45 44.36
C PRO L 2206 34.74 -17.58 44.83
N LYS L 2207 34.88 -16.25 44.89
CA LYS L 2207 33.68 -15.42 45.07
C LYS L 2207 33.02 -15.28 43.71
N ASP L 2208 32.05 -16.14 43.42
CA ASP L 2208 31.56 -16.32 42.04
C ASP L 2208 30.82 -15.07 41.51
N GLU L 2209 30.00 -14.47 42.38
CA GLU L 2209 29.55 -13.08 42.31
C GLU L 2209 28.93 -12.67 40.94
N VAL L 2210 29.52 -11.68 40.25
CA VAL L 2210 28.83 -10.93 39.20
C VAL L 2210 28.43 -11.82 38.01
N LEU L 2211 29.27 -12.78 37.61
CA LEU L 2211 28.93 -13.73 36.54
C LEU L 2211 27.68 -14.53 36.88
N ALA L 2212 27.54 -14.99 38.12
CA ALA L 2212 26.33 -15.70 38.50
C ALA L 2212 25.11 -14.76 38.57
N ASN L 2213 25.31 -13.48 38.92
CA ASN L 2213 24.25 -12.49 38.76
C ASN L 2213 23.96 -12.14 37.28
N ARG L 2214 24.91 -12.34 36.35
CA ARG L 2214 24.62 -12.36 34.90
C ARG L 2214 23.72 -13.53 34.54
N LEU L 2215 24.03 -14.74 35.02
CA LEU L 2215 23.17 -15.92 34.84
C LEU L 2215 21.76 -15.64 35.38
N LEU L 2216 21.64 -15.02 36.54
CA LEU L 2216 20.35 -14.62 37.08
C LEU L 2216 19.67 -13.59 36.16
N ASN L 2217 20.31 -12.47 35.80
CA ASN L 2217 19.66 -11.48 34.95
C ASN L 2217 19.37 -11.96 33.52
N PHE L 2218 20.05 -13.02 33.05
CA PHE L 2218 19.71 -13.79 31.85
C PHE L 2218 18.24 -14.28 31.91
N LEU L 2219 17.76 -14.63 33.11
CA LEU L 2219 16.39 -15.08 33.40
C LEU L 2219 15.38 -13.91 33.50
N MET L 2220 15.84 -12.66 33.33
CA MET L 2220 15.14 -11.46 33.83
C MET L 2220 15.08 -10.31 32.82
N LYS L 2221 16.21 -9.84 32.28
CA LYS L 2221 16.31 -8.56 31.56
C LYS L 2221 15.40 -8.47 30.32
N HIS L 2222 15.11 -9.62 29.72
CA HIS L 2222 14.35 -9.84 28.48
C HIS L 2222 13.45 -11.09 28.62
N VAL L 2223 12.87 -11.23 29.81
CA VAL L 2223 12.18 -12.43 30.33
C VAL L 2223 10.78 -12.73 29.74
N PHE L 2224 10.09 -11.69 29.28
CA PHE L 2224 8.72 -11.72 28.73
C PHE L 2224 8.52 -12.81 27.68
N HIS L 2225 7.42 -13.57 27.75
CA HIS L 2225 7.02 -14.54 26.72
C HIS L 2225 5.49 -14.82 26.72
N PRO L 2226 4.91 -15.39 25.65
CA PRO L 2226 3.46 -15.50 25.46
C PRO L 2226 2.83 -16.65 26.26
N LYS L 2227 1.49 -16.68 26.26
CA LYS L 2227 0.64 -17.81 26.71
C LYS L 2227 0.97 -18.30 28.12
N ARG L 2228 1.52 -17.44 28.97
CA ARG L 2228 1.94 -17.70 30.36
C ARG L 2228 3.10 -18.71 30.49
N ALA L 2229 3.06 -19.85 29.82
CA ALA L 2229 3.92 -21.00 30.09
C ALA L 2229 5.43 -20.75 29.89
N VAL L 2230 5.86 -20.39 28.67
CA VAL L 2230 7.31 -20.25 28.36
C VAL L 2230 7.95 -19.13 29.18
N PHE L 2231 7.21 -18.06 29.40
CA PHE L 2231 7.56 -16.97 30.29
C PHE L 2231 7.72 -17.48 31.72
N ARG L 2232 6.67 -18.10 32.28
CA ARG L 2232 6.60 -18.62 33.65
C ARG L 2232 7.66 -19.67 33.94
N HIS L 2233 8.11 -20.44 32.95
CA HIS L 2233 9.18 -21.43 33.09
C HIS L 2233 10.57 -20.83 33.36
N ASN L 2234 10.83 -19.57 33.04
CA ASN L 2234 11.93 -18.86 33.70
C ASN L 2234 11.60 -18.80 35.20
N LEU L 2235 10.48 -18.14 35.47
CA LEU L 2235 10.10 -17.61 36.76
C LEU L 2235 10.07 -18.70 37.82
N GLU L 2236 9.32 -19.76 37.56
CA GLU L 2236 9.07 -20.81 38.54
C GLU L 2236 10.31 -21.66 38.87
N ILE L 2237 11.40 -21.45 38.13
CA ILE L 2237 12.69 -22.09 38.37
C ILE L 2237 13.69 -21.13 39.03
N ILE L 2238 13.66 -19.81 38.72
CA ILE L 2238 14.45 -18.82 39.48
C ILE L 2238 14.17 -18.96 40.98
N LYS L 2239 12.90 -19.19 41.31
CA LYS L 2239 12.40 -19.34 42.68
C LYS L 2239 13.09 -20.46 43.47
N THR L 2240 13.65 -21.44 42.77
CA THR L 2240 14.31 -22.63 43.33
C THR L 2240 15.81 -22.69 42.96
N LEU L 2241 16.32 -21.75 42.14
CA LEU L 2241 17.74 -21.62 41.82
C LEU L 2241 18.63 -21.31 43.04
N VAL L 2242 18.45 -20.12 43.64
CA VAL L 2242 19.41 -19.58 44.65
C VAL L 2242 19.34 -20.27 46.00
N GLU L 2243 18.26 -21.00 46.26
CA GLU L 2243 17.85 -21.38 47.60
C GLU L 2243 18.80 -22.38 48.23
N CYS L 2244 19.10 -23.46 47.53
CA CYS L 2244 20.10 -24.45 47.94
C CYS L 2244 21.54 -23.94 47.71
N TRP L 2245 21.70 -22.99 46.79
CA TRP L 2245 22.99 -22.42 46.46
C TRP L 2245 23.53 -21.51 47.58
N LYS L 2246 24.83 -21.25 47.53
CA LYS L 2246 25.63 -20.58 48.54
C LYS L 2246 25.42 -19.06 48.54
N ASP L 2247 25.70 -18.31 49.56
CA ASP L 2247 25.57 -16.94 49.79
C ASP L 2247 24.16 -16.42 49.46
N CYS L 2248 23.99 -15.16 49.03
CA CYS L 2248 22.70 -14.58 48.63
C CYS L 2248 22.72 -13.70 47.35
N LEU L 2249 23.87 -13.10 46.98
CA LEU L 2249 24.06 -12.31 45.75
C LEU L 2249 23.03 -11.18 45.52
N SER L 2250 22.74 -10.37 46.55
CA SER L 2250 21.66 -9.38 46.52
C SER L 2250 21.66 -8.53 45.25
N ILE L 2251 20.49 -8.46 44.62
CA ILE L 2251 20.29 -7.97 43.25
C ILE L 2251 20.26 -6.43 43.19
N PRO L 2252 20.78 -5.80 42.12
CA PRO L 2252 20.62 -4.36 41.91
C PRO L 2252 19.16 -3.97 41.70
N TYR L 2253 18.69 -2.96 42.43
CA TYR L 2253 17.30 -2.49 42.39
C TYR L 2253 16.90 -1.90 41.03
N ARG L 2254 17.89 -1.53 40.21
CA ARG L 2254 17.75 -1.24 38.78
C ARG L 2254 17.02 -2.35 38.01
N LEU L 2255 17.38 -3.62 38.20
CA LEU L 2255 16.74 -4.76 37.53
C LEU L 2255 15.28 -4.86 37.92
N ILE L 2256 15.08 -4.90 39.23
CA ILE L 2256 13.82 -5.03 39.93
C ILE L 2256 12.85 -3.93 39.46
N PHE L 2257 13.37 -2.73 39.18
CA PHE L 2257 12.59 -1.51 39.01
C PHE L 2257 11.73 -1.61 37.79
N GLU L 2258 12.40 -1.67 36.64
CA GLU L 2258 11.79 -1.57 35.34
C GLU L 2258 10.71 -2.62 35.21
N LYS L 2259 10.94 -3.79 35.79
CA LYS L 2259 10.04 -4.93 35.74
C LYS L 2259 8.70 -4.70 36.44
N PHE L 2260 8.57 -3.74 37.34
CA PHE L 2260 7.26 -3.25 37.79
C PHE L 2260 6.98 -1.78 37.44
N SER L 2261 7.86 -1.06 36.73
CA SER L 2261 7.75 0.40 36.58
C SER L 2261 7.94 0.95 35.17
N GLY L 2262 8.27 0.13 34.18
CA GLY L 2262 8.65 0.60 32.84
C GLY L 2262 7.50 1.32 32.13
N LYS L 2263 6.44 0.57 31.82
CA LYS L 2263 5.17 1.05 31.25
C LYS L 2263 4.08 0.91 32.31
N ASP L 2264 3.42 2.00 32.68
CA ASP L 2264 2.23 1.89 33.55
C ASP L 2264 1.19 1.07 32.77
N PRO L 2265 0.88 -0.17 33.18
CA PRO L 2265 0.32 -1.16 32.28
C PRO L 2265 -1.11 -0.83 31.84
N ASN L 2266 -1.39 -1.30 30.64
CA ASN L 2266 -2.73 -1.54 30.09
C ASN L 2266 -2.78 -3.06 29.70
N SER L 2267 -2.14 -3.88 30.54
CA SER L 2267 -1.52 -5.18 30.19
C SER L 2267 -1.18 -6.05 31.40
N LYS L 2268 -0.95 -7.36 31.18
CA LYS L 2268 -0.56 -8.34 32.22
C LYS L 2268 0.90 -8.24 32.65
N ASP L 2269 1.77 -7.91 31.70
CA ASP L 2269 3.23 -7.94 31.78
C ASP L 2269 3.87 -7.36 33.06
N ASN L 2270 3.42 -6.21 33.56
CA ASN L 2270 4.09 -5.49 34.65
C ASN L 2270 4.09 -6.24 36.00
N SER L 2271 3.27 -7.29 36.13
CA SER L 2271 3.34 -8.24 37.25
C SER L 2271 4.59 -9.15 37.24
N VAL L 2272 5.48 -8.94 36.28
CA VAL L 2272 6.83 -9.53 36.28
C VAL L 2272 7.71 -8.99 37.40
N GLY L 2273 7.88 -7.67 37.54
CA GLY L 2273 8.62 -7.10 38.67
C GLY L 2273 7.99 -7.46 40.01
N ILE L 2274 6.67 -7.65 40.01
CA ILE L 2274 5.87 -8.12 41.16
C ILE L 2274 6.24 -9.56 41.54
N GLN L 2275 6.25 -10.48 40.58
CA GLN L 2275 6.79 -11.82 40.81
C GLN L 2275 8.21 -11.72 41.40
N LEU L 2276 9.08 -10.97 40.71
CA LEU L 2276 10.51 -10.87 40.98
C LEU L 2276 10.80 -10.42 42.39
N LEU L 2277 10.19 -9.31 42.77
CA LEU L 2277 10.37 -8.73 44.09
C LEU L 2277 9.85 -9.69 45.16
N GLY L 2278 8.80 -10.45 44.85
CA GLY L 2278 8.34 -11.59 45.62
C GLY L 2278 9.39 -12.68 45.81
N ILE L 2279 10.37 -12.84 44.91
CA ILE L 2279 11.40 -13.88 45.04
C ILE L 2279 12.48 -13.48 46.05
N VAL L 2280 12.86 -12.19 46.10
CA VAL L 2280 13.71 -11.65 47.18
C VAL L 2280 12.96 -11.48 48.49
N MET L 2281 11.67 -11.80 48.48
CA MET L 2281 10.97 -12.26 49.66
C MET L 2281 11.16 -13.80 49.77
N ALA L 2282 10.83 -14.60 48.78
CA ALA L 2282 10.62 -16.04 48.91
C ALA L 2282 11.75 -16.83 49.62
N ASN L 2283 13.01 -16.54 49.29
CA ASN L 2283 14.15 -17.35 49.77
C ASN L 2283 14.64 -16.90 51.16
N ASP L 2284 13.80 -17.05 52.18
CA ASP L 2284 13.97 -16.50 53.53
C ASP L 2284 14.26 -14.99 53.56
N LEU L 2285 13.80 -14.28 52.51
CA LEU L 2285 13.80 -12.84 52.38
C LEU L 2285 15.24 -12.26 52.48
N PRO L 2286 16.15 -12.48 51.53
CA PRO L 2286 17.47 -11.86 51.55
C PRO L 2286 17.36 -10.32 51.53
N PRO L 2287 18.42 -9.57 51.89
CA PRO L 2287 18.48 -8.11 51.81
C PRO L 2287 17.86 -7.50 50.52
N TYR L 2288 16.78 -6.73 50.68
CA TYR L 2288 16.15 -5.91 49.65
C TYR L 2288 16.57 -4.44 49.82
N ASP L 2289 15.93 -3.69 50.73
CA ASP L 2289 16.56 -2.54 51.41
C ASP L 2289 17.27 -1.54 50.46
N PRO L 2290 16.53 -0.86 49.54
CA PRO L 2290 17.14 -0.28 48.35
C PRO L 2290 18.13 0.86 48.64
N GLN L 2291 19.21 0.92 47.86
CA GLN L 2291 20.35 1.86 47.92
C GLN L 2291 20.89 2.20 46.52
N CYS L 2292 21.38 1.31 45.74
CA CYS L 2292 21.95 1.36 44.46
C CYS L 2292 20.93 1.81 43.41
N GLY L 2293 21.27 2.81 42.60
CA GLY L 2293 20.48 3.25 41.45
C GLY L 2293 19.15 3.96 41.73
N ILE L 2294 18.48 3.67 42.86
CA ILE L 2294 17.14 4.22 43.17
C ILE L 2294 16.84 4.35 44.68
N GLN L 2295 15.86 5.19 45.01
CA GLN L 2295 15.54 5.67 46.36
C GLN L 2295 14.18 5.17 46.84
N SER L 2296 14.07 4.97 48.16
CA SER L 2296 13.12 4.04 48.76
C SER L 2296 11.64 4.38 48.57
N SER L 2297 11.15 5.49 49.13
CA SER L 2297 9.69 5.69 49.24
C SER L 2297 9.03 5.85 47.87
N GLU L 2298 9.68 6.49 46.91
CA GLU L 2298 9.17 6.57 45.54
C GLU L 2298 9.05 5.18 44.90
N TYR L 2299 10.04 4.34 45.13
CA TYR L 2299 10.09 2.95 44.65
C TYR L 2299 8.85 2.19 45.12
N PHE L 2300 8.46 2.41 46.37
CA PHE L 2300 7.24 1.90 46.95
C PHE L 2300 5.99 2.58 46.41
N GLN L 2301 6.01 3.89 46.18
CA GLN L 2301 4.84 4.61 45.68
C GLN L 2301 4.46 4.08 44.30
N ALA L 2302 5.44 3.97 43.40
CA ALA L 2302 5.24 3.31 42.13
C ALA L 2302 4.74 1.88 42.35
N LEU L 2303 5.27 1.18 43.36
CA LEU L 2303 4.87 -0.18 43.63
C LEU L 2303 3.42 -0.30 44.09
N VAL L 2304 2.94 0.55 45.00
CA VAL L 2304 1.53 0.56 45.36
C VAL L 2304 0.64 0.97 44.18
N ASN L 2305 1.09 1.80 43.23
CA ASN L 2305 0.27 2.11 42.05
C ASN L 2305 -0.07 0.88 41.20
N ASN L 2306 0.64 -0.24 41.34
CA ASN L 2306 0.35 -1.45 40.58
C ASN L 2306 -1.07 -1.99 40.84
N MET L 2307 -1.60 -1.84 42.06
CA MET L 2307 -2.98 -2.21 42.36
C MET L 2307 -4.04 -1.26 41.81
N SER L 2308 -3.66 -0.24 41.03
CA SER L 2308 -4.62 0.61 40.32
C SER L 2308 -5.10 0.01 38.99
N PHE L 2309 -4.37 -0.94 38.40
CA PHE L 2309 -4.63 -1.43 37.03
C PHE L 2309 -5.75 -2.49 36.97
N VAL L 2310 -6.97 -2.09 37.36
CA VAL L 2310 -8.12 -2.97 37.68
C VAL L 2310 -8.81 -3.67 36.49
N ARG L 2311 -8.43 -3.41 35.24
CA ARG L 2311 -8.96 -4.14 34.06
C ARG L 2311 -8.68 -5.66 34.02
N TYR L 2312 -7.67 -6.20 34.73
CA TYR L 2312 -7.23 -7.60 34.63
C TYR L 2312 -7.04 -8.29 36.00
N LYS L 2313 -7.67 -9.46 36.19
CA LYS L 2313 -7.90 -10.11 37.50
C LYS L 2313 -6.64 -10.54 38.27
N GLU L 2314 -5.55 -10.78 37.56
CA GLU L 2314 -4.24 -11.15 38.11
C GLU L 2314 -3.27 -9.96 38.31
N VAL L 2315 -3.56 -8.79 37.73
CA VAL L 2315 -2.62 -7.65 37.71
C VAL L 2315 -2.66 -6.85 39.02
N TYR L 2316 -3.78 -6.22 39.34
CA TYR L 2316 -3.83 -5.22 40.41
C TYR L 2316 -3.65 -5.85 41.81
N ALA L 2317 -4.31 -6.98 42.08
CA ALA L 2317 -4.31 -7.63 43.40
C ALA L 2317 -2.91 -8.11 43.79
N ALA L 2318 -2.12 -8.52 42.80
CA ALA L 2318 -0.81 -9.10 43.06
C ALA L 2318 0.11 -8.14 43.83
N ALA L 2319 0.06 -6.84 43.51
CA ALA L 2319 0.92 -5.85 44.14
C ALA L 2319 0.75 -5.88 45.66
N ALA L 2320 -0.48 -5.95 46.16
CA ALA L 2320 -0.77 -5.99 47.59
C ALA L 2320 -0.24 -7.26 48.28
N GLU L 2321 0.01 -8.37 47.58
CA GLU L 2321 0.76 -9.49 48.17
C GLU L 2321 2.20 -9.07 48.47
N VAL L 2322 2.92 -8.66 47.43
CA VAL L 2322 4.31 -8.24 47.52
C VAL L 2322 4.47 -7.21 48.64
N LEU L 2323 3.60 -6.20 48.61
CA LEU L 2323 3.54 -5.12 49.58
C LEU L 2323 3.18 -5.59 50.99
N GLY L 2324 2.25 -6.54 51.17
CA GLY L 2324 2.01 -7.13 52.48
C GLY L 2324 3.25 -7.82 53.07
N LEU L 2325 4.05 -8.51 52.25
CA LEU L 2325 5.32 -9.08 52.72
C LEU L 2325 6.42 -8.04 52.90
N ILE L 2326 6.37 -6.87 52.25
CA ILE L 2326 7.19 -5.73 52.69
C ILE L 2326 6.92 -5.47 54.16
N LEU L 2327 5.66 -5.46 54.61
CA LEU L 2327 5.41 -5.19 56.02
C LEU L 2327 5.98 -6.31 56.89
N ARG L 2328 5.81 -7.58 56.53
CA ARG L 2328 6.43 -8.69 57.30
C ARG L 2328 7.96 -8.48 57.41
N TYR L 2329 8.56 -8.11 56.29
CA TYR L 2329 9.99 -7.91 56.14
C TYR L 2329 10.47 -6.69 56.91
N VAL L 2330 9.95 -5.50 56.63
CA VAL L 2330 10.31 -4.26 57.30
C VAL L 2330 9.92 -4.27 58.77
N MET L 2331 8.87 -5.01 59.16
CA MET L 2331 8.59 -5.25 60.56
C MET L 2331 9.76 -6.01 61.20
N GLU L 2332 10.19 -7.15 60.64
CA GLU L 2332 11.12 -8.06 61.35
C GLU L 2332 12.61 -7.85 61.05
N ARG L 2333 12.95 -7.32 59.87
CA ARG L 2333 14.20 -6.56 59.63
C ARG L 2333 14.15 -5.19 60.34
N LYS L 2334 12.97 -4.76 60.81
CA LYS L 2334 12.75 -3.59 61.68
C LYS L 2334 13.16 -2.21 61.11
N ASN L 2335 13.10 -2.03 59.81
CA ASN L 2335 13.76 -0.88 59.17
C ASN L 2335 13.14 0.48 59.60
N ILE L 2336 13.98 1.51 59.77
CA ILE L 2336 13.68 2.79 60.44
C ILE L 2336 12.62 3.66 59.72
N LEU L 2337 12.29 3.38 58.45
CA LEU L 2337 11.22 4.07 57.74
C LEU L 2337 9.82 3.84 58.34
N GLU L 2338 9.66 2.78 59.14
CA GLU L 2338 8.39 2.08 59.34
C GLU L 2338 7.20 2.92 59.81
N GLU L 2339 7.41 4.06 60.45
CA GLU L 2339 6.34 4.96 60.92
C GLU L 2339 5.66 5.71 59.76
N SER L 2340 6.38 6.60 59.08
CA SER L 2340 5.85 7.34 57.92
C SER L 2340 5.50 6.40 56.76
N LEU L 2341 6.22 5.28 56.64
CA LEU L 2341 5.86 4.20 55.74
C LEU L 2341 4.45 3.69 56.05
N CYS L 2342 4.16 3.38 57.31
CA CYS L 2342 2.85 2.86 57.69
C CYS L 2342 1.75 3.88 57.45
N GLU L 2343 2.01 5.16 57.73
CA GLU L 2343 1.09 6.23 57.33
C GLU L 2343 0.88 6.28 55.81
N LEU L 2344 1.91 6.06 54.99
CA LEU L 2344 1.76 5.96 53.53
C LEU L 2344 0.89 4.76 53.15
N VAL L 2345 1.06 3.60 53.78
CA VAL L 2345 0.20 2.44 53.51
C VAL L 2345 -1.25 2.75 53.93
N ALA L 2346 -1.45 3.33 55.10
CA ALA L 2346 -2.78 3.73 55.55
C ALA L 2346 -3.41 4.70 54.57
N LYS L 2347 -2.67 5.72 54.16
CA LYS L 2347 -3.08 6.70 53.13
C LYS L 2347 -3.42 6.02 51.81
N GLN L 2348 -2.61 5.07 51.35
CA GLN L 2348 -2.88 4.33 50.12
C GLN L 2348 -4.21 3.56 50.19
N LEU L 2349 -4.45 2.80 51.26
CA LEU L 2349 -5.74 2.10 51.44
C LEU L 2349 -6.90 3.09 51.55
N LYS L 2350 -6.72 4.20 52.28
CA LYS L 2350 -7.74 5.23 52.52
C LYS L 2350 -8.08 6.09 51.31
N GLN L 2351 -7.19 6.23 50.33
CA GLN L 2351 -7.52 6.88 49.07
C GLN L 2351 -8.44 6.03 48.18
N HIS L 2352 -8.42 4.70 48.34
CA HIS L 2352 -8.81 3.81 47.24
C HIS L 2352 -9.73 2.65 47.62
N GLN L 2353 -9.75 2.17 48.87
CA GLN L 2353 -10.94 1.47 49.36
C GLN L 2353 -12.16 2.39 49.40
N ASN L 2354 -11.95 3.71 49.46
CA ASN L 2354 -13.01 4.71 49.28
C ASN L 2354 -13.65 4.68 47.88
N THR L 2355 -12.98 4.16 46.84
CA THR L 2355 -13.43 4.30 45.43
C THR L 2355 -13.42 3.01 44.62
N MET L 2356 -12.89 1.92 45.18
CA MET L 2356 -12.64 0.64 44.49
C MET L 2356 -12.83 -0.51 45.48
N GLU L 2357 -14.08 -0.72 45.89
CA GLU L 2357 -14.39 -1.30 47.20
C GLU L 2357 -14.03 -2.77 47.34
N ASP L 2358 -14.42 -3.59 46.35
CA ASP L 2358 -14.02 -4.99 46.27
C ASP L 2358 -12.51 -5.09 46.19
N LYS L 2359 -11.92 -4.38 45.22
CA LYS L 2359 -10.50 -4.51 44.84
C LYS L 2359 -9.61 -4.15 46.02
N PHE L 2360 -10.07 -3.20 46.85
CA PHE L 2360 -9.36 -2.78 48.03
C PHE L 2360 -9.78 -3.50 49.34
N ILE L 2361 -10.93 -4.19 49.42
CA ILE L 2361 -11.17 -5.24 50.44
C ILE L 2361 -10.26 -6.45 50.17
N VAL L 2362 -10.11 -6.84 48.91
CA VAL L 2362 -9.13 -7.85 48.47
C VAL L 2362 -7.71 -7.40 48.82
N CYS L 2363 -7.43 -6.09 48.71
CA CYS L 2363 -6.13 -5.50 49.07
C CYS L 2363 -5.87 -5.52 50.60
N LEU L 2364 -6.86 -5.10 51.40
CA LEU L 2364 -6.85 -5.22 52.84
C LEU L 2364 -6.88 -6.70 53.31
N ASN L 2365 -7.09 -7.67 52.43
CA ASN L 2365 -6.87 -9.10 52.65
C ASN L 2365 -5.47 -9.55 52.23
N LYS L 2366 -4.83 -8.97 51.20
CA LYS L 2366 -3.40 -9.22 50.95
C LYS L 2366 -2.52 -8.58 52.03
N VAL L 2367 -2.74 -7.31 52.37
CA VAL L 2367 -2.43 -6.80 53.72
C VAL L 2367 -3.32 -7.56 54.71
N THR L 2368 -3.07 -7.60 56.00
CA THR L 2368 -3.84 -8.44 56.94
C THR L 2368 -3.56 -9.94 56.81
N LYS L 2369 -3.80 -10.61 55.67
CA LYS L 2369 -3.43 -12.04 55.56
C LYS L 2369 -1.92 -12.23 55.46
N SER L 2370 -1.24 -11.49 54.58
CA SER L 2370 0.19 -11.71 54.31
C SER L 2370 1.10 -11.13 55.41
N PHE L 2371 0.70 -10.00 56.01
CA PHE L 2371 1.07 -9.68 57.39
C PHE L 2371 -0.08 -8.94 58.10
N PRO L 2372 -0.41 -9.22 59.37
CA PRO L 2372 -1.66 -8.76 60.00
C PRO L 2372 -1.95 -7.25 60.10
N PRO L 2373 -1.00 -6.37 60.44
CA PRO L 2373 -1.30 -5.04 61.00
C PRO L 2373 -2.41 -4.11 60.48
N LEU L 2374 -2.44 -3.72 59.19
CA LEU L 2374 -3.06 -2.42 58.85
C LEU L 2374 -4.55 -2.23 59.17
N ALA L 2375 -5.38 -3.28 59.18
CA ALA L 2375 -6.84 -3.11 59.24
C ALA L 2375 -7.40 -2.43 60.51
N ASP L 2376 -6.62 -2.31 61.59
CA ASP L 2376 -7.05 -1.72 62.88
C ASP L 2376 -7.77 -0.37 62.73
N ARG L 2377 -7.22 0.49 61.86
CA ARG L 2377 -7.76 1.84 61.59
C ARG L 2377 -9.15 1.76 60.93
N PHE L 2378 -9.40 0.69 60.19
CA PHE L 2378 -10.51 0.54 59.26
C PHE L 2378 -11.71 -0.22 59.84
N MET L 2379 -11.50 -1.19 60.72
CA MET L 2379 -12.37 -2.37 60.96
C MET L 2379 -13.90 -2.16 60.88
N ASN L 2380 -14.45 -1.08 61.43
CA ASN L 2380 -15.88 -0.71 61.25
C ASN L 2380 -16.30 -0.75 59.77
N ALA L 2381 -15.51 -0.13 58.89
CA ALA L 2381 -15.69 -0.09 57.45
C ALA L 2381 -15.38 -1.41 56.70
N VAL L 2382 -15.08 -2.51 57.42
CA VAL L 2382 -14.96 -3.88 56.87
C VAL L 2382 -16.19 -4.70 57.24
N PHE L 2383 -16.56 -4.74 58.54
CA PHE L 2383 -17.84 -5.30 58.98
C PHE L 2383 -19.01 -4.73 58.18
N PHE L 2384 -18.93 -3.43 57.88
CA PHE L 2384 -19.73 -2.66 56.94
C PHE L 2384 -20.15 -3.40 55.66
N LEU L 2385 -19.22 -4.13 55.02
CA LEU L 2385 -19.48 -4.75 53.71
C LEU L 2385 -19.75 -6.26 53.79
N LEU L 2386 -19.46 -6.94 54.90
CA LEU L 2386 -19.71 -8.38 55.06
C LEU L 2386 -21.17 -8.82 54.81
N PRO L 2387 -22.22 -8.04 55.18
CA PRO L 2387 -23.59 -8.31 54.75
C PRO L 2387 -23.93 -7.84 53.31
N LYS L 2388 -23.08 -7.07 52.62
CA LYS L 2388 -23.36 -6.54 51.29
C LYS L 2388 -22.85 -7.46 50.18
N PHE L 2389 -21.76 -8.19 50.46
CA PHE L 2389 -21.13 -9.17 49.57
C PHE L 2389 -21.36 -10.60 50.07
N HIS L 2390 -21.94 -11.47 49.23
CA HIS L 2390 -21.94 -12.93 49.45
C HIS L 2390 -20.68 -13.59 48.89
N GLY L 2391 -20.59 -14.92 48.99
CA GLY L 2391 -19.66 -15.74 48.22
C GLY L 2391 -18.18 -15.56 48.58
N VAL L 2392 -17.30 -15.53 47.59
CA VAL L 2392 -15.85 -15.37 47.79
C VAL L 2392 -15.54 -14.16 48.67
N LEU L 2393 -16.19 -13.02 48.44
CA LEU L 2393 -16.02 -11.82 49.26
C LEU L 2393 -16.66 -11.93 50.65
N LYS L 2394 -17.67 -12.80 50.87
CA LYS L 2394 -18.02 -13.23 52.24
C LYS L 2394 -16.77 -13.80 52.91
N THR L 2395 -16.14 -14.76 52.25
CA THR L 2395 -14.97 -15.45 52.81
C THR L 2395 -13.76 -14.53 52.97
N LEU L 2396 -13.48 -13.60 52.05
CA LEU L 2396 -12.34 -12.68 52.16
C LEU L 2396 -12.60 -11.54 53.13
N CYS L 2397 -13.84 -11.07 53.24
CA CYS L 2397 -14.23 -10.07 54.25
C CYS L 2397 -14.11 -10.67 55.67
N LEU L 2398 -14.67 -11.87 55.87
CA LEU L 2398 -14.40 -12.72 57.04
C LEU L 2398 -12.90 -12.88 57.26
N GLU L 2399 -12.12 -13.21 56.25
CA GLU L 2399 -10.70 -13.47 56.38
C GLU L 2399 -9.89 -12.22 56.74
N VAL L 2400 -10.36 -11.01 56.44
CA VAL L 2400 -9.75 -9.78 56.99
C VAL L 2400 -10.05 -9.66 58.47
N VAL L 2401 -11.32 -9.83 58.87
CA VAL L 2401 -11.71 -9.77 60.28
C VAL L 2401 -10.95 -10.81 61.09
N LEU L 2402 -10.86 -12.03 60.57
CA LEU L 2402 -10.10 -13.14 61.11
C LEU L 2402 -8.63 -12.80 61.28
N CYS L 2403 -7.94 -12.51 60.17
CA CYS L 2403 -6.48 -12.41 60.20
C CYS L 2403 -6.02 -11.28 61.10
N ARG L 2404 -6.84 -10.21 61.23
CA ARG L 2404 -6.55 -9.08 62.11
C ARG L 2404 -7.55 -8.96 63.26
N VAL L 2405 -7.97 -10.09 63.82
CA VAL L 2405 -8.88 -10.09 64.97
C VAL L 2405 -8.19 -9.55 66.23
N GLU L 2406 -8.81 -8.55 66.85
CA GLU L 2406 -8.43 -7.96 68.15
C GLU L 2406 -9.70 -7.67 68.99
N GLY L 2407 -10.76 -8.46 68.80
CA GLY L 2407 -11.99 -8.40 69.61
C GLY L 2407 -12.87 -7.17 69.37
N MET L 2408 -12.68 -6.49 68.23
CA MET L 2408 -13.33 -5.23 67.87
C MET L 2408 -14.84 -5.27 68.14
N THR L 2409 -15.39 -4.14 68.60
CA THR L 2409 -16.83 -3.93 68.77
C THR L 2409 -17.54 -4.90 69.73
N GLU L 2410 -16.84 -5.44 70.74
CA GLU L 2410 -17.46 -6.21 71.84
C GLU L 2410 -18.39 -7.30 71.29
N LEU L 2411 -17.81 -8.20 70.50
CA LEU L 2411 -18.28 -8.61 69.17
C LEU L 2411 -19.78 -8.90 69.06
N TYR L 2412 -20.39 -9.51 70.06
CA TYR L 2412 -21.79 -9.90 69.99
C TYR L 2412 -22.72 -8.70 69.82
N PHE L 2413 -22.38 -7.49 70.28
CA PHE L 2413 -23.24 -6.32 70.02
C PHE L 2413 -23.08 -5.70 68.61
N GLN L 2414 -22.13 -6.20 67.80
CA GLN L 2414 -22.15 -6.10 66.33
C GLN L 2414 -22.82 -7.33 65.68
N LEU L 2415 -22.63 -8.53 66.26
CA LEU L 2415 -22.66 -9.79 65.50
C LEU L 2415 -23.69 -10.82 65.98
N LYS L 2416 -24.27 -10.65 67.17
CA LYS L 2416 -25.12 -11.64 67.88
C LYS L 2416 -26.30 -12.14 67.04
N SER L 2417 -26.84 -11.26 66.21
CA SER L 2417 -27.71 -11.60 65.10
C SER L 2417 -26.96 -11.60 63.77
N LYS L 2418 -26.20 -10.54 63.49
CA LYS L 2418 -25.91 -10.06 62.13
C LYS L 2418 -25.25 -11.07 61.18
N ASP L 2419 -24.48 -12.02 61.70
CA ASP L 2419 -23.97 -13.15 60.91
C ASP L 2419 -24.30 -14.50 61.54
N PHE L 2420 -23.82 -14.76 62.77
CA PHE L 2420 -23.72 -16.13 63.26
C PHE L 2420 -25.06 -16.84 63.49
N VAL L 2421 -26.18 -16.13 63.52
CA VAL L 2421 -27.51 -16.77 63.51
C VAL L 2421 -27.79 -17.54 62.22
N GLN L 2422 -27.31 -17.09 61.05
CA GLN L 2422 -27.75 -17.64 59.76
C GLN L 2422 -26.67 -17.75 58.68
N VAL L 2423 -25.66 -16.87 58.62
CA VAL L 2423 -24.50 -17.05 57.74
C VAL L 2423 -23.71 -18.30 58.10
N MET L 2424 -23.70 -18.63 59.40
CA MET L 2424 -23.23 -19.90 59.92
C MET L 2424 -23.99 -21.08 59.28
N ARG L 2425 -25.32 -20.97 59.20
CA ARG L 2425 -26.24 -21.91 58.54
C ARG L 2425 -26.17 -21.87 57.00
N HIS L 2426 -25.23 -21.13 56.39
CA HIS L 2426 -25.15 -20.92 54.94
C HIS L 2426 -24.04 -21.75 54.27
N ARG L 2427 -24.41 -22.35 53.14
CA ARG L 2427 -23.91 -23.60 52.54
C ARG L 2427 -22.41 -23.77 52.25
N ASP L 2428 -21.74 -22.84 51.57
CA ASP L 2428 -20.51 -23.19 50.81
C ASP L 2428 -19.35 -23.66 51.68
N ASP L 2429 -18.72 -24.78 51.35
CA ASP L 2429 -17.78 -25.43 52.27
C ASP L 2429 -16.63 -24.52 52.73
N GLU L 2430 -16.03 -23.73 51.84
CA GLU L 2430 -15.02 -22.73 52.22
C GLU L 2430 -15.57 -21.63 53.14
N ARG L 2431 -16.79 -21.13 52.90
CA ARG L 2431 -17.45 -20.17 53.78
C ARG L 2431 -17.65 -20.74 55.17
N GLN L 2432 -18.17 -21.96 55.23
CA GLN L 2432 -18.36 -22.69 56.47
C GLN L 2432 -17.01 -22.96 57.16
N LYS L 2433 -15.98 -23.28 56.38
CA LYS L 2433 -14.62 -23.53 56.88
C LYS L 2433 -14.04 -22.28 57.54
N VAL L 2434 -13.93 -21.15 56.84
CA VAL L 2434 -13.41 -19.94 57.49
C VAL L 2434 -14.30 -19.51 58.65
N CYS L 2435 -15.62 -19.74 58.56
CA CYS L 2435 -16.58 -19.46 59.61
C CYS L 2435 -16.26 -20.21 60.92
N LEU L 2436 -16.16 -21.54 60.88
CA LEU L 2436 -15.68 -22.29 62.05
C LEU L 2436 -14.26 -21.88 62.44
N ASP L 2437 -13.42 -21.52 61.48
CA ASP L 2437 -12.10 -21.02 61.81
C ASP L 2437 -12.19 -19.71 62.62
N ILE L 2438 -13.22 -18.87 62.46
CA ILE L 2438 -13.45 -17.72 63.36
C ILE L 2438 -13.79 -18.23 64.76
N ILE L 2439 -14.81 -19.09 64.84
CA ILE L 2439 -15.29 -19.68 66.10
C ILE L 2439 -14.11 -20.14 66.95
N TYR L 2440 -13.24 -20.92 66.34
CA TYR L 2440 -12.23 -21.67 67.06
C TYR L 2440 -11.19 -20.80 67.82
N LYS L 2441 -11.08 -19.50 67.51
CA LYS L 2441 -10.20 -18.57 68.25
C LYS L 2441 -10.93 -17.56 69.12
N MET L 2442 -12.22 -17.30 68.90
CA MET L 2442 -12.99 -16.40 69.77
C MET L 2442 -13.20 -16.96 71.19
N MET L 2443 -12.84 -18.23 71.42
CA MET L 2443 -13.01 -18.98 72.68
C MET L 2443 -12.86 -18.13 73.95
N PRO L 2444 -11.69 -17.52 74.20
CA PRO L 2444 -11.40 -17.03 75.54
C PRO L 2444 -12.28 -15.85 75.93
N LYS L 2445 -12.86 -15.15 74.94
CA LYS L 2445 -13.67 -13.96 75.16
C LYS L 2445 -15.17 -14.25 75.16
N LEU L 2446 -15.59 -15.50 75.02
CA LEU L 2446 -17.00 -15.88 75.13
C LEU L 2446 -17.41 -16.03 76.61
N LYS L 2447 -18.52 -15.42 77.02
CA LYS L 2447 -19.28 -15.74 78.24
C LYS L 2447 -20.16 -16.97 77.98
N PRO L 2448 -20.51 -17.77 79.01
CA PRO L 2448 -21.30 -18.97 78.85
C PRO L 2448 -22.67 -18.74 78.20
N VAL L 2449 -23.20 -17.52 78.30
CA VAL L 2449 -24.45 -17.13 77.62
C VAL L 2449 -24.30 -17.30 76.12
N GLU L 2450 -23.43 -16.52 75.48
CA GLU L 2450 -23.25 -16.71 74.04
C GLU L 2450 -22.64 -18.05 73.71
N LEU L 2451 -21.84 -18.64 74.59
CA LEU L 2451 -21.30 -19.97 74.35
C LEU L 2451 -22.45 -20.98 74.20
N ARG L 2452 -23.51 -20.86 75.00
CA ARG L 2452 -24.74 -21.63 74.81
C ARG L 2452 -25.41 -21.21 73.52
N GLU L 2453 -25.57 -19.93 73.26
CA GLU L 2453 -26.25 -19.48 72.04
C GLU L 2453 -25.56 -19.96 70.76
N LEU L 2454 -24.23 -20.06 70.77
CA LEU L 2454 -23.42 -20.34 69.59
C LEU L 2454 -23.05 -21.80 69.45
N LEU L 2455 -22.85 -22.55 70.55
CA LEU L 2455 -22.53 -23.95 70.38
C LEU L 2455 -23.62 -24.69 69.62
N ASN L 2456 -24.87 -24.39 69.92
CA ASN L 2456 -25.98 -25.12 69.32
C ASN L 2456 -26.01 -25.03 67.77
N PRO L 2457 -25.90 -23.86 67.13
CA PRO L 2457 -25.73 -23.82 65.68
C PRO L 2457 -24.40 -24.41 65.18
N VAL L 2458 -23.39 -24.64 66.03
CA VAL L 2458 -22.19 -25.42 65.66
C VAL L 2458 -22.48 -26.92 65.70
N VAL L 2459 -23.28 -27.37 66.65
CA VAL L 2459 -23.67 -28.78 66.76
C VAL L 2459 -24.31 -29.28 65.47
N GLU L 2460 -24.94 -28.39 64.72
CA GLU L 2460 -25.45 -28.64 63.38
C GLU L 2460 -24.46 -29.28 62.38
N PHE L 2461 -23.15 -29.07 62.53
CA PHE L 2461 -22.18 -29.63 61.59
C PHE L 2461 -22.04 -31.16 61.67
N VAL L 2462 -22.77 -31.80 62.60
CA VAL L 2462 -22.93 -33.26 62.70
C VAL L 2462 -23.43 -33.88 61.39
N SER L 2463 -24.15 -33.09 60.60
CA SER L 2463 -24.66 -33.44 59.27
C SER L 2463 -23.62 -33.39 58.14
N HIS L 2464 -22.48 -32.74 58.32
CA HIS L 2464 -21.77 -32.15 57.18
C HIS L 2464 -20.85 -33.11 56.39
N PRO L 2465 -20.93 -33.20 55.02
CA PRO L 2465 -20.11 -34.12 54.23
C PRO L 2465 -18.60 -33.83 54.22
N SER L 2466 -18.17 -32.60 54.53
CA SER L 2466 -16.75 -32.24 54.57
C SER L 2466 -16.14 -32.59 55.90
N THR L 2467 -15.30 -33.64 55.93
CA THR L 2467 -14.42 -33.95 57.07
C THR L 2467 -13.49 -32.78 57.35
N THR L 2468 -13.06 -32.07 56.30
CA THR L 2468 -12.26 -30.86 56.43
C THR L 2468 -13.01 -29.76 57.18
N CYS L 2469 -14.32 -29.61 57.01
CA CYS L 2469 -15.09 -28.65 57.82
C CYS L 2469 -15.41 -29.19 59.22
N ARG L 2470 -15.92 -30.42 59.26
CA ARG L 2470 -16.34 -31.15 60.46
C ARG L 2470 -15.21 -31.32 61.47
N GLU L 2471 -13.96 -31.48 61.03
CA GLU L 2471 -12.83 -31.59 61.95
C GLU L 2471 -12.79 -30.36 62.87
N GLN L 2472 -13.11 -29.20 62.34
CA GLN L 2472 -12.99 -27.97 63.08
C GLN L 2472 -14.14 -27.83 64.05
N MET L 2473 -15.33 -28.29 63.68
CA MET L 2473 -16.41 -28.54 64.62
C MET L 2473 -15.90 -29.42 65.76
N TYR L 2474 -15.07 -30.42 65.48
CA TYR L 2474 -14.52 -31.23 66.55
C TYR L 2474 -13.42 -30.49 67.33
N ASN L 2475 -12.52 -29.75 66.68
CA ASN L 2475 -11.51 -28.91 67.36
C ASN L 2475 -12.16 -27.98 68.37
N ILE L 2476 -13.28 -27.42 67.96
CA ILE L 2476 -14.14 -26.62 68.77
C ILE L 2476 -14.63 -27.44 69.93
N LEU L 2477 -15.42 -28.47 69.66
CA LEU L 2477 -16.06 -29.26 70.72
C LEU L 2477 -15.05 -29.77 71.75
N MET L 2478 -13.87 -30.16 71.29
CA MET L 2478 -12.75 -30.55 72.13
C MET L 2478 -12.31 -29.42 73.06
N TRP L 2479 -12.23 -28.20 72.55
CA TRP L 2479 -11.94 -27.05 73.38
C TRP L 2479 -13.05 -26.82 74.40
N ILE L 2480 -14.31 -26.88 73.97
CA ILE L 2480 -15.43 -26.79 74.90
C ILE L 2480 -15.26 -27.79 76.04
N HIS L 2481 -15.06 -29.04 75.66
CA HIS L 2481 -15.01 -30.16 76.57
C HIS L 2481 -13.90 -29.92 77.58
N ASP L 2482 -12.69 -29.68 77.11
CA ASP L 2482 -11.56 -29.59 78.02
C ASP L 2482 -11.69 -28.41 78.96
N ASN L 2483 -12.25 -27.29 78.51
CA ASN L 2483 -12.42 -26.13 79.36
C ASN L 2483 -13.64 -26.19 80.27
N TYR L 2484 -14.66 -26.99 79.94
CA TYR L 2484 -15.93 -27.04 80.68
C TYR L 2484 -16.32 -28.42 81.22
N ARG L 2485 -15.40 -29.40 81.13
CA ARG L 2485 -15.37 -30.53 82.06
C ARG L 2485 -15.42 -30.03 83.50
N ASP L 2486 -16.22 -30.69 84.32
CA ASP L 2486 -16.76 -30.17 85.56
C ASP L 2486 -15.68 -29.96 86.63
N PRO L 2487 -15.36 -28.72 87.03
CA PRO L 2487 -14.71 -28.48 88.31
C PRO L 2487 -15.67 -28.82 89.47
N GLU L 2488 -15.23 -28.56 90.71
CA GLU L 2488 -15.90 -28.95 91.96
C GLU L 2488 -17.39 -28.58 92.03
N SER L 2489 -17.74 -27.34 91.66
CA SER L 2489 -19.11 -26.86 91.48
C SER L 2489 -19.13 -25.53 90.71
N GLU L 2490 -20.28 -25.16 90.15
CA GLU L 2490 -20.43 -23.98 89.30
C GLU L 2490 -21.61 -23.07 89.70
N THR L 2491 -21.37 -21.76 89.62
CA THR L 2491 -22.44 -20.77 89.51
C THR L 2491 -23.07 -20.83 88.13
N ASP L 2492 -22.26 -20.86 87.08
CA ASP L 2492 -22.70 -20.74 85.70
C ASP L 2492 -22.99 -22.13 85.16
N ASN L 2493 -24.25 -22.54 85.26
CA ASN L 2493 -24.68 -23.92 85.06
C ASN L 2493 -24.36 -24.48 83.66
N ASP L 2494 -24.45 -23.64 82.63
CA ASP L 2494 -23.98 -23.96 81.28
C ASP L 2494 -22.50 -24.35 81.26
N SER L 2495 -21.66 -23.77 82.11
CA SER L 2495 -20.26 -24.17 82.22
C SER L 2495 -20.07 -25.56 82.83
N GLN L 2496 -21.14 -26.35 83.04
CA GLN L 2496 -20.98 -27.80 82.88
C GLN L 2496 -22.08 -28.44 82.01
N GLU L 2497 -23.10 -27.72 81.53
CA GLU L 2497 -24.23 -28.28 80.79
C GLU L 2497 -24.18 -28.00 79.29
N ILE L 2498 -23.44 -26.98 78.85
CA ILE L 2498 -22.85 -27.05 77.52
C ILE L 2498 -21.96 -28.30 77.50
N PHE L 2499 -21.20 -28.55 78.57
CA PHE L 2499 -20.43 -29.77 78.68
C PHE L 2499 -21.30 -31.02 78.73
N LYS L 2500 -22.45 -31.04 79.42
CA LYS L 2500 -23.44 -32.13 79.37
C LYS L 2500 -23.98 -32.40 77.97
N LEU L 2501 -23.96 -31.41 77.08
CA LEU L 2501 -24.11 -31.62 75.64
C LEU L 2501 -22.79 -32.10 74.99
N ALA L 2502 -21.67 -31.39 75.13
CA ALA L 2502 -20.42 -31.73 74.46
C ALA L 2502 -19.94 -33.16 74.75
N LYS L 2503 -19.97 -33.53 76.03
CA LYS L 2503 -19.66 -34.85 76.57
C LYS L 2503 -20.57 -35.93 76.00
N ASP L 2504 -21.69 -35.56 75.37
CA ASP L 2504 -22.49 -36.42 74.50
C ASP L 2504 -22.09 -36.28 73.03
N VAL L 2505 -22.06 -35.10 72.44
CA VAL L 2505 -21.85 -34.99 70.99
C VAL L 2505 -20.42 -35.38 70.57
N LEU L 2506 -19.46 -35.40 71.49
CA LEU L 2506 -18.21 -36.14 71.29
C LEU L 2506 -18.41 -37.64 71.13
N ILE L 2507 -19.28 -38.24 71.93
CA ILE L 2507 -19.71 -39.62 71.70
C ILE L 2507 -20.32 -39.72 70.31
N GLN L 2508 -21.17 -38.77 69.91
CA GLN L 2508 -21.69 -38.74 68.54
C GLN L 2508 -20.62 -38.48 67.47
N GLY L 2509 -19.39 -38.20 67.87
CA GLY L 2509 -18.24 -38.24 66.98
C GLY L 2509 -17.61 -39.61 66.81
N LEU L 2510 -17.66 -40.42 67.85
CA LEU L 2510 -16.88 -41.64 67.96
C LEU L 2510 -17.23 -42.70 66.90
N ILE L 2511 -18.41 -42.64 66.28
CA ILE L 2511 -18.89 -43.58 65.23
C ILE L 2511 -18.60 -43.19 63.78
N ASP L 2512 -18.11 -41.99 63.55
CA ASP L 2512 -18.37 -41.28 62.30
C ASP L 2512 -17.73 -41.83 61.00
N GLU L 2513 -18.21 -41.29 59.88
CA GLU L 2513 -18.04 -41.64 58.45
C GLU L 2513 -16.63 -41.40 57.85
N ASN L 2514 -15.71 -40.95 58.68
CA ASN L 2514 -14.26 -40.88 58.45
C ASN L 2514 -13.52 -41.53 59.62
N PRO L 2515 -12.75 -42.62 59.39
CA PRO L 2515 -12.10 -43.35 60.47
C PRO L 2515 -10.98 -42.54 61.15
N GLY L 2516 -10.31 -41.66 60.42
CA GLY L 2516 -9.41 -40.68 61.01
C GLY L 2516 -10.10 -39.82 62.07
N LEU L 2517 -11.34 -39.38 61.82
CA LEU L 2517 -12.07 -38.59 62.81
C LEU L 2517 -12.36 -39.39 64.06
N GLN L 2518 -12.80 -40.65 63.99
CA GLN L 2518 -12.92 -41.49 65.18
C GLN L 2518 -11.59 -41.54 65.96
N LEU L 2519 -10.47 -41.73 65.27
CA LEU L 2519 -9.15 -41.78 65.88
C LEU L 2519 -8.77 -40.43 66.50
N ILE L 2520 -9.08 -39.34 65.81
CA ILE L 2520 -8.87 -37.98 66.30
C ILE L 2520 -9.71 -37.74 67.55
N ILE L 2521 -10.94 -38.21 67.57
CA ILE L 2521 -11.76 -38.21 68.78
C ILE L 2521 -11.15 -39.08 69.87
N ARG L 2522 -10.55 -40.22 69.51
CA ARG L 2522 -9.75 -40.99 70.48
C ARG L 2522 -8.56 -40.20 71.01
N ASN L 2523 -8.03 -39.19 70.31
CA ASN L 2523 -6.72 -38.61 70.64
C ASN L 2523 -6.60 -38.22 72.11
N PHE L 2524 -7.65 -37.66 72.72
CA PHE L 2524 -7.70 -37.57 74.17
C PHE L 2524 -8.75 -38.42 74.85
N TRP L 2525 -9.75 -39.03 74.19
CA TRP L 2525 -10.52 -40.02 74.96
C TRP L 2525 -9.60 -41.11 75.49
N SER L 2526 -8.61 -41.49 74.70
CA SER L 2526 -7.52 -42.38 75.10
C SER L 2526 -6.66 -41.82 76.23
N HIS L 2527 -6.64 -40.51 76.42
CA HIS L 2527 -5.68 -39.85 77.31
C HIS L 2527 -5.93 -40.19 78.76
N GLU L 2528 -4.83 -40.34 79.49
CA GLU L 2528 -4.74 -40.99 80.80
C GLU L 2528 -5.57 -40.33 81.91
N THR L 2529 -5.84 -39.04 81.77
CA THR L 2529 -6.73 -38.29 82.67
C THR L 2529 -8.14 -38.18 82.07
N ARG L 2530 -8.28 -38.33 80.75
CA ARG L 2530 -9.53 -38.14 79.99
C ARG L 2530 -10.33 -39.42 79.77
N LEU L 2531 -9.74 -40.57 80.08
CA LEU L 2531 -10.40 -41.80 80.51
C LEU L 2531 -9.37 -42.66 81.25
N PRO L 2532 -9.61 -43.13 82.49
CA PRO L 2532 -8.56 -43.74 83.34
C PRO L 2532 -7.67 -44.83 82.70
N SER L 2533 -6.46 -44.94 83.24
CA SER L 2533 -5.37 -45.80 82.73
C SER L 2533 -5.05 -47.02 83.60
N ASN L 2534 -5.80 -47.20 84.69
CA ASN L 2534 -5.98 -48.51 85.33
C ASN L 2534 -7.30 -49.10 84.85
N THR L 2535 -7.30 -50.36 84.43
CA THR L 2535 -8.36 -50.85 83.56
C THR L 2535 -9.67 -51.15 84.30
N LEU L 2536 -9.65 -51.36 85.60
CA LEU L 2536 -10.88 -51.39 86.36
C LEU L 2536 -11.57 -50.02 86.37
N ASP L 2537 -10.87 -48.96 86.77
CA ASP L 2537 -11.45 -47.61 86.75
C ASP L 2537 -11.82 -47.21 85.32
N ARG L 2538 -11.02 -47.62 84.33
CA ARG L 2538 -11.41 -47.51 82.92
C ARG L 2538 -12.80 -48.06 82.76
N LEU L 2539 -13.01 -49.32 83.13
CA LEU L 2539 -14.27 -50.00 82.88
C LEU L 2539 -15.43 -49.22 83.51
N LEU L 2540 -15.29 -48.78 84.76
CA LEU L 2540 -16.29 -47.93 85.40
C LEU L 2540 -16.62 -46.70 84.55
N ALA L 2541 -15.62 -46.07 83.98
CA ALA L 2541 -15.81 -44.90 83.14
C ALA L 2541 -16.19 -45.24 81.69
N LEU L 2542 -15.98 -46.46 81.19
CA LEU L 2542 -16.58 -46.87 79.93
C LEU L 2542 -18.10 -46.75 80.01
N ASN L 2543 -18.69 -46.97 81.19
CA ASN L 2543 -20.12 -46.75 81.38
C ASN L 2543 -20.54 -45.28 81.38
N SER L 2544 -19.60 -44.33 81.30
CA SER L 2544 -19.92 -42.95 80.94
C SER L 2544 -20.29 -42.81 79.46
N LEU L 2545 -19.79 -43.70 78.60
CA LEU L 2545 -19.80 -43.52 77.15
C LEU L 2545 -21.18 -43.66 76.50
N TYR L 2546 -22.14 -44.27 77.19
CA TYR L 2546 -23.44 -44.52 76.61
C TYR L 2546 -24.12 -43.21 76.22
N SER L 2547 -24.50 -43.12 74.95
CA SER L 2547 -25.50 -42.20 74.44
C SER L 2547 -26.40 -42.98 73.51
N PRO L 2548 -27.72 -42.77 73.52
CA PRO L 2548 -28.62 -43.58 72.74
C PRO L 2548 -28.27 -43.67 71.26
N LYS L 2549 -27.71 -42.60 70.69
CA LYS L 2549 -27.35 -42.56 69.28
C LYS L 2549 -26.13 -43.43 68.92
N ILE L 2550 -25.56 -44.12 69.91
CA ILE L 2550 -24.78 -45.33 69.74
C ILE L 2550 -25.45 -46.51 70.46
N GLU L 2551 -25.81 -47.53 69.70
CA GLU L 2551 -26.27 -48.80 70.26
C GLU L 2551 -25.57 -49.91 69.50
N VAL L 2552 -25.95 -50.10 68.23
CA VAL L 2552 -25.48 -51.17 67.33
C VAL L 2552 -23.97 -51.32 67.40
N HIS L 2553 -23.34 -50.18 67.44
CA HIS L 2553 -21.93 -49.91 67.37
C HIS L 2553 -21.29 -49.87 68.75
N PHE L 2554 -21.98 -49.38 69.78
CA PHE L 2554 -21.34 -48.88 71.00
C PHE L 2554 -20.38 -49.88 71.61
N LEU L 2555 -20.84 -51.12 71.82
CA LEU L 2555 -20.00 -52.14 72.41
C LEU L 2555 -18.72 -52.32 71.61
N SER L 2556 -18.82 -52.31 70.28
CA SER L 2556 -17.65 -52.59 69.47
C SER L 2556 -16.55 -51.56 69.60
N LEU L 2557 -16.87 -50.41 70.20
CA LEU L 2557 -15.93 -49.32 70.41
C LEU L 2557 -15.56 -49.24 71.88
N ALA L 2558 -16.55 -49.37 72.77
CA ALA L 2558 -16.36 -49.48 74.21
C ALA L 2558 -15.28 -50.49 74.57
N THR L 2559 -15.26 -51.58 73.81
CA THR L 2559 -14.27 -52.64 73.91
C THR L 2559 -12.90 -52.21 73.42
N ASN L 2560 -12.78 -51.60 72.23
CA ASN L 2560 -11.48 -51.44 71.61
C ASN L 2560 -10.56 -50.52 72.42
N PHE L 2561 -11.13 -49.60 73.19
CA PHE L 2561 -10.36 -48.80 74.12
C PHE L 2561 -9.48 -49.67 75.00
N LEU L 2562 -10.03 -50.74 75.55
CA LEU L 2562 -9.32 -51.63 76.47
C LEU L 2562 -8.09 -52.19 75.76
N LEU L 2563 -8.28 -52.58 74.52
CA LEU L 2563 -7.28 -53.23 73.71
C LEU L 2563 -6.28 -52.24 73.09
N GLU L 2564 -6.27 -50.99 73.57
CA GLU L 2564 -5.11 -50.11 73.56
C GLU L 2564 -4.40 -50.06 74.91
N MET L 2565 -5.13 -50.02 76.02
CA MET L 2565 -4.53 -49.93 77.36
C MET L 2565 -3.65 -51.13 77.67
N THR L 2566 -4.02 -52.28 77.12
CA THR L 2566 -3.20 -53.48 77.05
C THR L 2566 -1.74 -53.16 76.70
N SER L 2567 -1.52 -52.26 75.75
CA SER L 2567 -0.27 -52.22 74.99
C SER L 2567 0.97 -51.94 75.81
N MET L 2568 0.81 -51.24 76.92
CA MET L 2568 1.94 -50.79 77.74
C MET L 2568 2.27 -51.77 78.87
N SER L 2569 1.59 -52.91 78.92
CA SER L 2569 2.07 -54.06 79.68
C SER L 2569 3.44 -54.50 79.15
N PRO L 2570 4.46 -54.74 80.00
CA PRO L 2570 5.78 -55.12 79.54
C PRO L 2570 5.81 -56.49 78.86
N ASP L 2571 4.76 -57.31 78.95
CA ASP L 2571 4.69 -58.54 78.16
C ASP L 2571 3.74 -58.45 76.95
N TYR L 2572 2.94 -57.40 76.80
CA TYR L 2572 2.07 -57.25 75.62
C TYR L 2572 2.87 -57.31 74.30
N PRO L 2573 4.07 -56.71 74.24
CA PRO L 2573 4.91 -56.82 73.05
C PRO L 2573 5.62 -58.15 72.87
N ASN L 2574 5.32 -59.25 73.59
CA ASN L 2574 6.28 -60.36 73.81
C ASN L 2574 5.69 -61.81 73.67
N PRO L 2575 6.48 -62.83 73.28
CA PRO L 2575 6.05 -64.22 72.98
C PRO L 2575 5.16 -64.91 74.01
N MET L 2576 4.16 -65.65 73.54
CA MET L 2576 3.20 -66.47 74.29
C MET L 2576 3.72 -67.88 74.51
N PHE L 2577 4.17 -68.51 73.43
CA PHE L 2577 4.79 -69.81 73.56
C PHE L 2577 6.27 -69.59 73.87
N GLU L 2578 6.83 -70.37 74.80
CA GLU L 2578 8.18 -70.18 75.34
C GLU L 2578 9.06 -71.43 75.17
N HIS L 2579 8.73 -72.24 74.16
CA HIS L 2579 9.56 -73.28 73.58
C HIS L 2579 9.26 -73.41 72.09
N PRO L 2580 10.17 -73.95 71.27
CA PRO L 2580 9.94 -74.06 69.86
C PRO L 2580 8.96 -75.19 69.63
N LEU L 2581 7.71 -74.83 69.41
CA LEU L 2581 6.63 -75.68 68.97
C LEU L 2581 7.01 -76.55 67.76
N SER L 2582 7.98 -76.10 66.96
CA SER L 2582 8.55 -76.87 65.87
C SER L 2582 9.24 -78.17 66.34
N GLU L 2583 9.76 -78.20 67.56
CA GLU L 2583 10.42 -79.35 68.15
C GLU L 2583 9.59 -79.93 69.31
N CYS L 2584 10.19 -80.82 70.09
CA CYS L 2584 9.86 -81.09 71.50
C CYS L 2584 8.39 -81.43 71.86
N GLU L 2585 7.54 -81.85 70.92
CA GLU L 2585 6.11 -82.02 71.15
C GLU L 2585 5.43 -83.16 70.35
N PHE L 2586 4.27 -83.61 70.85
CA PHE L 2586 3.47 -84.76 70.39
C PHE L 2586 2.07 -84.70 71.04
N GLN L 2587 1.25 -85.75 70.92
CA GLN L 2587 0.23 -86.08 71.93
C GLN L 2587 -0.14 -87.58 71.93
N GLU L 2588 -0.65 -88.10 73.06
CA GLU L 2588 -1.21 -89.46 73.12
C GLU L 2588 -2.57 -89.55 73.83
N TYR L 2589 -3.48 -90.33 73.26
CA TYR L 2589 -4.79 -90.67 73.82
C TYR L 2589 -4.80 -92.10 74.43
N THR L 2590 -3.72 -92.52 75.09
CA THR L 2590 -3.55 -93.88 75.63
C THR L 2590 -4.37 -94.14 76.90
N ILE L 2591 -5.69 -93.99 76.79
CA ILE L 2591 -6.62 -93.90 77.93
C ILE L 2591 -7.96 -94.56 77.60
N ASP L 2592 -8.69 -95.00 78.62
CA ASP L 2592 -10.07 -95.49 78.56
C ASP L 2592 -11.05 -94.49 79.19
N SER L 2593 -10.89 -93.21 78.84
CA SER L 2593 -11.68 -92.12 79.42
C SER L 2593 -13.16 -92.21 79.03
N ASP L 2594 -14.03 -91.61 79.83
CA ASP L 2594 -15.41 -91.37 79.41
C ASP L 2594 -15.48 -90.59 78.09
N TRP L 2595 -14.48 -89.82 77.70
CA TRP L 2595 -14.54 -89.19 76.39
C TRP L 2595 -14.30 -90.19 75.24
N ARG L 2596 -13.79 -91.41 75.50
CA ARG L 2596 -13.72 -92.41 74.44
C ARG L 2596 -15.10 -92.95 74.10
N PHE L 2597 -15.96 -93.11 75.11
CA PHE L 2597 -17.32 -93.58 74.84
C PHE L 2597 -18.06 -92.59 73.95
N ARG L 2598 -17.93 -91.30 74.26
CA ARG L 2598 -18.53 -90.19 73.49
C ARG L 2598 -17.95 -90.10 72.09
N SER L 2599 -16.68 -90.39 71.93
CA SER L 2599 -16.03 -90.38 70.61
C SER L 2599 -16.47 -91.58 69.77
N THR L 2600 -16.65 -92.77 70.34
CA THR L 2600 -17.09 -93.93 69.55
C THR L 2600 -18.60 -93.93 69.29
N VAL L 2601 -19.40 -93.20 70.09
CA VAL L 2601 -20.79 -92.81 69.78
C VAL L 2601 -20.88 -91.93 68.53
N LEU L 2602 -19.89 -91.06 68.32
CA LEU L 2602 -19.89 -90.11 67.23
C LEU L 2602 -19.73 -90.84 65.90
N THR L 2603 -18.62 -91.55 65.76
CA THR L 2603 -18.36 -92.52 64.71
C THR L 2603 -17.18 -93.33 65.21
N PRO L 2604 -17.24 -94.65 65.26
CA PRO L 2604 -16.15 -95.40 65.86
C PRO L 2604 -14.90 -95.36 64.98
N MET L 2605 -13.75 -95.27 65.65
CA MET L 2605 -12.44 -95.49 65.07
C MET L 2605 -12.09 -96.98 65.07
N PHE L 2606 -11.16 -97.38 64.22
CA PHE L 2606 -10.72 -98.76 64.16
C PHE L 2606 -9.91 -99.13 65.40
N VAL L 2607 -9.69 -100.41 65.57
CA VAL L 2607 -8.62 -101.04 66.33
C VAL L 2607 -8.20 -102.22 65.48
N GLU L 2608 -6.95 -102.65 65.56
CA GLU L 2608 -6.47 -103.83 64.86
C GLU L 2608 -5.15 -104.29 65.49
N THR L 2609 -5.19 -105.06 66.58
CA THR L 2609 -3.98 -105.81 66.95
C THR L 2609 -3.83 -106.95 65.95
N GLN L 2610 -4.85 -107.81 65.86
CA GLN L 2610 -5.01 -108.79 64.79
C GLN L 2610 -3.73 -109.62 64.52
N ALA L 2611 -2.94 -109.92 65.54
CA ALA L 2611 -1.73 -110.75 65.34
C ALA L 2611 -2.14 -112.21 65.06
N SER L 2612 -1.54 -112.86 64.07
CA SER L 2612 -2.00 -114.20 63.65
C SER L 2612 -1.59 -115.32 64.62
N GLN L 2613 -0.53 -115.15 65.43
CA GLN L 2613 -0.14 -116.14 66.44
C GLN L 2613 0.38 -115.45 67.71
N GLY L 2614 0.22 -116.11 68.86
CA GLY L 2614 0.61 -115.55 70.16
C GLY L 2614 -0.09 -114.24 70.52
N PRO L 2630 19.18 -90.50 61.23
CA PRO L 2630 18.35 -91.28 62.15
C PRO L 2630 18.18 -90.63 63.53
N VAL L 2631 18.49 -89.33 63.62
CA VAL L 2631 18.57 -88.56 64.87
C VAL L 2631 17.22 -88.47 65.61
N ALA L 2632 17.22 -88.08 66.87
CA ALA L 2632 16.02 -87.58 67.55
C ALA L 2632 15.54 -86.25 66.95
N GLY L 2633 14.22 -86.01 66.90
CA GLY L 2633 13.65 -84.81 66.29
C GLY L 2633 13.90 -84.68 64.77
N GLN L 2634 13.86 -85.81 64.04
CA GLN L 2634 14.43 -85.94 62.70
C GLN L 2634 13.49 -86.62 61.67
N ILE L 2635 13.65 -86.20 60.42
CA ILE L 2635 12.77 -86.29 59.25
C ILE L 2635 13.44 -87.09 58.13
N ARG L 2636 12.94 -88.21 57.58
CA ARG L 2636 13.57 -88.84 56.38
C ARG L 2636 13.76 -87.80 55.24
N ALA L 2637 15.00 -87.40 54.95
CA ALA L 2637 15.38 -86.31 54.06
C ALA L 2637 15.43 -86.74 52.60
N THR L 2638 15.46 -85.80 51.63
CA THR L 2638 15.16 -86.19 50.25
C THR L 2638 16.15 -87.19 49.68
N GLN L 2639 15.64 -88.13 48.88
CA GLN L 2639 16.41 -89.04 48.03
C GLN L 2639 15.86 -88.91 46.61
N GLN L 2640 16.60 -88.22 45.73
CA GLN L 2640 15.97 -87.55 44.58
C GLN L 2640 15.62 -88.52 43.45
N GLN L 2641 16.45 -89.50 43.18
CA GLN L 2641 16.28 -90.46 42.09
C GLN L 2641 14.90 -91.16 42.15
N HIS L 2642 14.36 -91.45 40.96
CA HIS L 2642 13.07 -92.10 40.77
C HIS L 2642 13.30 -93.49 40.20
N ASP L 2643 12.87 -94.54 40.87
CA ASP L 2643 13.15 -95.92 40.49
C ASP L 2643 12.14 -96.46 39.46
N PHE L 2644 11.80 -95.62 38.48
CA PHE L 2644 10.89 -95.90 37.39
C PHE L 2644 11.28 -95.17 36.10
N THR L 2645 10.86 -95.73 34.96
CA THR L 2645 10.58 -94.93 33.77
C THR L 2645 9.17 -94.42 33.92
N LEU L 2646 9.02 -93.11 34.08
CA LEU L 2646 7.81 -92.50 34.62
C LEU L 2646 6.60 -92.60 33.68
N THR L 2647 5.42 -92.41 34.25
CA THR L 2647 4.22 -91.94 33.55
C THR L 2647 4.51 -90.58 32.91
N GLN L 2648 4.09 -90.34 31.66
CA GLN L 2648 4.60 -89.21 30.87
C GLN L 2648 3.62 -88.68 29.81
N THR L 2649 3.71 -87.40 29.46
CA THR L 2649 2.88 -86.76 28.43
C THR L 2649 3.14 -87.26 27.01
N GLN L 2768 20.38 -95.05 45.49
CA GLN L 2768 20.53 -94.07 46.58
C GLN L 2768 20.08 -94.66 47.93
N VAL L 2769 20.10 -93.85 49.00
CA VAL L 2769 19.98 -94.30 50.40
C VAL L 2769 19.15 -93.35 51.27
N VAL L 2770 18.64 -93.85 52.40
CA VAL L 2770 18.00 -93.07 53.46
C VAL L 2770 18.92 -91.97 53.97
N LEU L 2771 18.32 -90.84 54.28
CA LEU L 2771 18.93 -89.68 54.90
C LEU L 2771 17.92 -89.10 55.88
N TYR L 2772 18.35 -88.25 56.78
CA TYR L 2772 17.48 -87.66 57.80
C TYR L 2772 17.79 -86.18 57.94
N ARG L 2773 16.77 -85.31 58.11
CA ARG L 2773 17.05 -83.90 58.31
C ARG L 2773 16.17 -83.40 59.45
N SER L 2774 16.32 -82.14 59.82
CA SER L 2774 15.31 -81.44 60.60
C SER L 2774 14.79 -80.25 59.80
N TYR L 2775 13.84 -79.54 60.38
CA TYR L 2775 12.89 -78.73 59.63
C TYR L 2775 13.52 -77.52 58.94
N ARG L 2776 13.14 -77.28 57.69
CA ARG L 2776 13.22 -75.94 57.13
C ARG L 2776 12.31 -75.05 57.95
N HIS L 2777 12.59 -73.76 57.98
CA HIS L 2777 11.71 -72.79 58.62
C HIS L 2777 10.35 -72.67 57.91
N GLY L 2778 10.22 -73.17 56.67
CA GLY L 2778 8.96 -73.30 55.95
C GLY L 2778 8.14 -74.58 56.20
N ASP L 2779 8.68 -75.59 56.88
CA ASP L 2779 7.97 -76.87 57.11
C ASP L 2779 6.90 -76.79 58.20
N LEU L 2780 7.17 -76.05 59.27
CA LEU L 2780 6.39 -75.91 60.50
C LEU L 2780 5.98 -74.46 60.73
N PRO L 2781 4.89 -74.18 61.44
CA PRO L 2781 4.33 -72.82 61.55
C PRO L 2781 5.17 -71.95 62.50
N ASP L 2782 4.69 -70.75 62.87
CA ASP L 2782 5.32 -69.96 63.94
C ASP L 2782 5.49 -70.77 65.22
N ILE L 2783 6.75 -70.95 65.63
CA ILE L 2783 7.13 -71.53 66.90
C ILE L 2783 6.48 -70.83 68.08
N GLN L 2784 6.45 -69.50 68.12
CA GLN L 2784 6.33 -68.72 69.34
C GLN L 2784 5.80 -67.29 69.02
N ILE L 2785 4.50 -67.18 68.69
CA ILE L 2785 3.76 -65.91 68.52
C ILE L 2785 3.67 -65.15 69.85
N LYS L 2786 3.54 -63.81 69.89
CA LYS L 2786 3.44 -62.93 71.11
C LYS L 2786 1.99 -62.56 71.50
N HIS L 2787 1.60 -62.21 72.78
CA HIS L 2787 0.20 -61.82 72.91
C HIS L 2787 -0.24 -60.73 71.93
N SER L 2788 0.67 -59.87 71.48
CA SER L 2788 0.38 -58.78 70.57
C SER L 2788 -0.46 -59.18 69.36
N SER L 2789 0.00 -60.17 68.61
CA SER L 2789 -0.64 -60.54 67.36
C SER L 2789 -2.00 -61.21 67.56
N LEU L 2790 -2.29 -61.67 68.79
CA LEU L 2790 -3.61 -62.21 69.14
C LEU L 2790 -4.62 -61.09 69.05
N ILE L 2791 -4.42 -60.06 69.87
CA ILE L 2791 -5.46 -59.09 70.09
C ILE L 2791 -5.60 -58.20 68.85
N THR L 2792 -4.47 -57.76 68.32
CA THR L 2792 -4.41 -56.70 67.34
C THR L 2792 -5.35 -56.82 66.12
N PRO L 2793 -5.43 -57.92 65.37
CA PRO L 2793 -6.22 -57.94 64.15
C PRO L 2793 -7.73 -57.81 64.38
N LEU L 2794 -8.22 -58.12 65.57
CA LEU L 2794 -9.63 -58.33 65.83
C LEU L 2794 -10.44 -57.06 65.65
N GLN L 2795 -9.95 -55.95 66.20
CA GLN L 2795 -10.73 -54.74 66.43
C GLN L 2795 -11.53 -54.28 65.21
N ALA L 2796 -10.86 -54.22 64.07
CA ALA L 2796 -11.43 -53.75 62.82
C ALA L 2796 -12.64 -54.58 62.36
N VAL L 2797 -12.65 -55.86 62.71
CA VAL L 2797 -13.76 -56.77 62.45
C VAL L 2797 -14.72 -56.86 63.64
N ALA L 2798 -14.24 -56.68 64.86
CA ALA L 2798 -15.08 -56.58 66.04
C ALA L 2798 -16.08 -55.42 65.91
N GLN L 2799 -15.73 -54.36 65.17
CA GLN L 2799 -16.67 -53.32 64.75
C GLN L 2799 -17.81 -53.86 63.87
N ARG L 2800 -17.52 -54.81 62.99
CA ARG L 2800 -18.34 -55.22 61.84
C ARG L 2800 -19.26 -56.40 62.14
N ASP L 2801 -18.81 -57.32 62.99
CA ASP L 2801 -19.58 -58.36 63.63
C ASP L 2801 -19.70 -58.04 65.12
N PRO L 2802 -20.77 -57.36 65.51
CA PRO L 2802 -21.00 -57.02 66.91
C PRO L 2802 -21.25 -58.28 67.74
N ILE L 2803 -21.43 -59.42 67.09
CA ILE L 2803 -21.87 -60.63 67.73
C ILE L 2803 -20.69 -61.18 68.50
N ILE L 2804 -19.52 -61.21 67.87
CA ILE L 2804 -18.28 -61.41 68.59
C ILE L 2804 -18.07 -60.28 69.60
N ALA L 2805 -18.49 -59.05 69.31
CA ALA L 2805 -18.29 -57.98 70.25
C ALA L 2805 -19.04 -58.22 71.56
N LYS L 2806 -20.31 -58.64 71.44
CA LYS L 2806 -21.17 -59.03 72.54
C LYS L 2806 -20.47 -60.09 73.38
N GLN L 2807 -20.08 -61.15 72.70
CA GLN L 2807 -19.45 -62.32 73.29
C GLN L 2807 -18.15 -61.93 73.95
N LEU L 2808 -17.43 -61.03 73.33
CA LEU L 2808 -16.19 -60.56 73.85
C LEU L 2808 -16.44 -59.74 75.10
N PHE L 2809 -17.37 -58.80 75.07
CA PHE L 2809 -17.49 -57.84 76.15
C PHE L 2809 -17.75 -58.51 77.45
N SER L 2810 -18.79 -59.33 77.45
CA SER L 2810 -19.16 -60.10 78.62
C SER L 2810 -17.95 -60.86 79.13
N SER L 2811 -17.18 -61.47 78.24
CA SER L 2811 -16.04 -62.28 78.63
C SER L 2811 -14.94 -61.46 79.25
N LEU L 2812 -14.71 -60.25 78.75
CA LEU L 2812 -13.81 -59.35 79.45
C LEU L 2812 -14.39 -59.07 80.82
N PHE L 2813 -15.60 -58.54 80.82
CA PHE L 2813 -16.27 -57.92 81.94
C PHE L 2813 -16.30 -58.89 83.10
N SER L 2814 -16.80 -60.08 82.83
CA SER L 2814 -16.87 -61.17 83.79
C SER L 2814 -15.52 -61.46 84.40
N GLY L 2815 -14.47 -61.56 83.59
CA GLY L 2815 -13.13 -61.75 84.07
C GLY L 2815 -12.70 -60.59 84.94
N ILE L 2816 -12.94 -59.36 84.47
CA ILE L 2816 -12.44 -58.13 85.04
C ILE L 2816 -12.83 -58.00 86.50
N LEU L 2817 -14.02 -58.46 86.91
CA LEU L 2817 -14.34 -58.47 88.33
C LEU L 2817 -13.35 -59.33 89.12
N LYS L 2818 -13.11 -60.54 88.64
CA LYS L 2818 -12.55 -61.64 89.41
C LYS L 2818 -11.02 -61.63 89.52
N GLU L 2819 -10.53 -60.50 90.00
CA GLU L 2819 -9.26 -60.45 90.73
C GLU L 2819 -9.51 -60.42 92.25
N MET L 2820 -10.55 -59.70 92.69
CA MET L 2820 -11.02 -59.67 94.08
C MET L 2820 -9.93 -59.25 95.10
N ASP L 2821 -9.93 -59.81 96.31
CA ASP L 2821 -9.26 -59.31 97.51
C ASP L 2821 -7.74 -59.12 97.40
N LYS L 2822 -7.07 -59.82 96.48
CA LYS L 2822 -5.64 -59.57 96.21
C LYS L 2822 -5.37 -58.20 95.59
N PHE L 2823 -6.40 -57.48 95.15
CA PHE L 2823 -6.33 -56.08 94.72
C PHE L 2823 -7.37 -55.13 95.33
N LYS L 2824 -8.63 -55.54 95.53
CA LYS L 2824 -9.69 -54.62 95.99
C LYS L 2824 -10.54 -55.21 97.11
N THR L 2825 -10.75 -54.41 98.15
CA THR L 2825 -11.46 -54.79 99.40
C THR L 2825 -12.98 -54.70 99.27
N LEU L 2826 -13.68 -55.25 100.27
CA LEU L 2826 -15.15 -55.36 100.34
C LEU L 2826 -15.87 -54.07 99.96
N SER L 2827 -15.53 -52.98 100.65
CA SER L 2827 -16.21 -51.70 100.49
C SER L 2827 -16.12 -51.24 99.05
N GLU L 2828 -14.91 -51.19 98.50
CA GLU L 2828 -14.64 -50.69 97.14
C GLU L 2828 -15.46 -51.44 96.11
N LYS L 2829 -15.35 -52.78 96.08
CA LYS L 2829 -16.07 -53.64 95.14
C LYS L 2829 -17.55 -53.37 95.19
N ASN L 2830 -18.09 -53.25 96.40
CA ASN L 2830 -19.52 -53.13 96.57
C ASN L 2830 -20.04 -51.72 96.25
N ASN L 2831 -19.32 -50.66 96.61
CA ASN L 2831 -19.69 -49.29 96.22
C ASN L 2831 -19.78 -49.18 94.69
N ILE L 2832 -18.81 -49.79 94.02
CA ILE L 2832 -18.72 -49.92 92.57
C ILE L 2832 -19.91 -50.69 92.01
N THR L 2833 -20.29 -51.83 92.57
CA THR L 2833 -21.46 -52.55 92.07
C THR L 2833 -22.70 -51.69 92.12
N GLN L 2834 -22.80 -50.75 93.05
CA GLN L 2834 -24.01 -49.94 93.12
C GLN L 2834 -24.08 -49.03 91.89
N LYS L 2835 -22.97 -48.38 91.54
CA LYS L 2835 -22.94 -47.53 90.35
C LYS L 2835 -23.05 -48.37 89.09
N LEU L 2836 -22.43 -49.54 89.03
CA LEU L 2836 -22.63 -50.47 87.92
C LEU L 2836 -24.09 -50.77 87.71
N LEU L 2837 -24.75 -51.28 88.75
CA LEU L 2837 -26.16 -51.57 88.74
C LEU L 2837 -26.97 -50.35 88.29
N GLN L 2838 -26.68 -49.19 88.86
CA GLN L 2838 -27.43 -47.99 88.60
C GLN L 2838 -27.39 -47.63 87.11
N ASP L 2839 -26.22 -47.64 86.50
CA ASP L 2839 -26.11 -47.33 85.07
C ASP L 2839 -26.46 -48.52 84.17
N PHE L 2840 -26.39 -49.73 84.69
CA PHE L 2840 -27.04 -50.84 84.02
C PHE L 2840 -28.53 -50.57 83.92
N ASN L 2841 -29.16 -50.06 84.99
CA ASN L 2841 -30.52 -49.57 84.87
C ASN L 2841 -30.55 -48.44 83.85
N ARG L 2842 -29.69 -47.41 83.97
CA ARG L 2842 -29.71 -46.30 83.01
C ARG L 2842 -29.72 -46.80 81.56
N PHE L 2843 -28.90 -47.76 81.17
CA PHE L 2843 -28.94 -48.29 79.82
C PHE L 2843 -30.35 -48.67 79.40
N LEU L 2844 -31.00 -49.48 80.22
CA LEU L 2844 -32.30 -50.08 79.92
C LEU L 2844 -33.42 -49.03 79.99
N ASN L 2845 -33.26 -48.04 80.87
CA ASN L 2845 -34.10 -46.85 81.03
C ASN L 2845 -34.07 -45.95 79.78
N THR L 2846 -32.95 -45.94 79.08
CA THR L 2846 -32.64 -44.96 78.04
C THR L 2846 -32.70 -45.55 76.64
N THR L 2847 -32.33 -46.82 76.45
CA THR L 2847 -32.45 -47.43 75.13
C THR L 2847 -33.91 -47.40 74.66
N PHE L 2848 -34.14 -46.98 73.41
CA PHE L 2848 -35.49 -46.77 72.85
C PHE L 2848 -35.75 -47.49 71.50
N SER L 2849 -34.66 -47.84 70.84
CA SER L 2849 -34.47 -48.76 69.73
C SER L 2849 -34.49 -50.22 70.16
N PHE L 2850 -33.98 -50.50 71.38
CA PHE L 2850 -33.72 -51.83 71.91
C PHE L 2850 -33.03 -52.77 70.90
N PHE L 2851 -31.82 -52.42 70.41
CA PHE L 2851 -31.12 -53.25 69.44
C PHE L 2851 -30.52 -54.50 70.13
N PRO L 2852 -31.04 -55.71 69.89
CA PRO L 2852 -30.95 -56.76 70.90
C PRO L 2852 -29.56 -57.21 71.31
N PRO L 2853 -28.54 -57.28 70.44
CA PRO L 2853 -27.20 -57.66 70.84
C PRO L 2853 -26.67 -56.85 72.03
N PHE L 2854 -26.89 -55.53 72.05
CA PHE L 2854 -26.53 -54.71 73.21
C PHE L 2854 -27.30 -55.13 74.44
N VAL L 2855 -28.63 -55.12 74.33
CA VAL L 2855 -29.52 -55.26 75.48
C VAL L 2855 -29.25 -56.62 76.13
N SER L 2856 -29.26 -57.65 75.28
CA SER L 2856 -28.94 -59.02 75.65
C SER L 2856 -27.61 -59.08 76.33
N CYS L 2857 -26.59 -58.38 75.85
CA CYS L 2857 -25.31 -58.47 76.48
C CYS L 2857 -25.33 -57.95 77.92
N ILE L 2858 -25.98 -56.81 78.18
CA ILE L 2858 -26.11 -56.28 79.55
C ILE L 2858 -26.72 -57.35 80.44
N GLN L 2859 -27.72 -58.05 79.91
CA GLN L 2859 -28.39 -59.10 80.63
C GLN L 2859 -27.46 -60.31 80.81
N ASP L 2860 -26.72 -60.70 79.77
CA ASP L 2860 -25.83 -61.86 79.76
C ASP L 2860 -24.64 -61.66 80.72
N ILE L 2861 -24.21 -60.41 80.84
CA ILE L 2861 -23.30 -59.93 81.88
C ILE L 2861 -23.91 -60.11 83.26
N SER L 2862 -25.17 -59.74 83.41
CA SER L 2862 -25.84 -59.83 84.70
C SER L 2862 -25.93 -61.26 85.23
N CYS L 2863 -25.82 -62.29 84.37
CA CYS L 2863 -25.74 -63.70 84.84
C CYS L 2863 -24.56 -63.94 85.78
N GLN L 2864 -23.47 -63.24 85.53
CA GLN L 2864 -22.16 -63.76 85.89
C GLN L 2864 -21.87 -63.54 87.37
N HIS L 2865 -22.46 -62.54 88.02
CA HIS L 2865 -22.16 -62.18 89.40
C HIS L 2865 -23.40 -61.79 90.20
N ALA L 2866 -23.44 -62.19 91.47
CA ALA L 2866 -24.65 -62.17 92.29
C ALA L 2866 -25.28 -60.78 92.45
N ALA L 2867 -24.46 -59.77 92.75
CA ALA L 2867 -24.96 -58.43 92.99
C ALA L 2867 -25.67 -57.83 91.77
N LEU L 2868 -25.31 -58.25 90.56
CA LEU L 2868 -25.90 -57.72 89.32
C LEU L 2868 -27.39 -58.06 89.16
N LEU L 2869 -27.84 -59.05 89.91
CA LEU L 2869 -29.14 -59.70 89.74
C LEU L 2869 -30.30 -58.85 90.24
N SER L 2870 -30.02 -57.70 90.86
CA SER L 2870 -31.05 -56.84 91.41
C SER L 2870 -31.53 -55.79 90.43
N LEU L 2871 -31.45 -56.11 89.12
CA LEU L 2871 -31.97 -55.27 88.05
C LEU L 2871 -33.46 -55.00 88.21
N ASP L 2872 -33.89 -53.84 87.71
CA ASP L 2872 -35.30 -53.49 87.70
C ASP L 2872 -36.10 -54.56 86.93
N PRO L 2873 -36.96 -55.30 87.63
CA PRO L 2873 -37.67 -56.40 87.00
C PRO L 2873 -38.52 -55.92 85.82
N ALA L 2874 -39.18 -54.79 85.98
CA ALA L 2874 -39.96 -54.22 84.90
C ALA L 2874 -39.05 -53.67 83.80
N ALA L 2875 -37.84 -53.18 84.12
CA ALA L 2875 -36.93 -52.77 83.08
C ALA L 2875 -36.47 -53.98 82.26
N VAL L 2876 -36.18 -55.08 82.92
CA VAL L 2876 -35.85 -56.34 82.26
C VAL L 2876 -36.96 -56.73 81.31
N SER L 2877 -38.21 -56.76 81.78
CA SER L 2877 -39.32 -57.16 80.92
C SER L 2877 -39.55 -56.15 79.82
N ALA L 2878 -39.54 -54.86 80.13
CA ALA L 2878 -39.68 -53.78 79.16
C ALA L 2878 -38.63 -53.87 78.06
N GLY L 2879 -37.39 -54.18 78.44
CA GLY L 2879 -36.36 -54.57 77.51
C GLY L 2879 -36.83 -55.74 76.68
N CYS L 2880 -36.96 -56.89 77.34
CA CYS L 2880 -37.16 -58.16 76.66
C CYS L 2880 -38.30 -58.15 75.67
N LEU L 2881 -39.43 -57.52 76.01
CA LEU L 2881 -40.62 -57.58 75.18
C LEU L 2881 -40.36 -56.92 73.82
N ALA L 2882 -39.89 -55.67 73.82
CA ALA L 2882 -39.59 -55.01 72.56
C ALA L 2882 -38.43 -55.72 71.86
N SER L 2883 -37.49 -56.25 72.65
CA SER L 2883 -36.27 -56.86 72.16
C SER L 2883 -36.44 -58.23 71.55
N LEU L 2884 -37.58 -58.91 71.75
CA LEU L 2884 -37.69 -60.35 71.52
C LEU L 2884 -36.63 -61.15 72.34
N GLN L 2885 -36.37 -60.73 73.58
CA GLN L 2885 -35.34 -61.30 74.45
C GLN L 2885 -35.88 -61.94 75.73
N GLN L 2886 -37.12 -62.36 75.68
CA GLN L 2886 -37.77 -63.12 76.74
C GLN L 2886 -36.91 -64.25 77.30
N PRO L 2887 -36.15 -65.03 76.52
CA PRO L 2887 -35.39 -66.16 77.06
C PRO L 2887 -34.41 -65.71 78.11
N VAL L 2888 -33.54 -64.77 77.75
CA VAL L 2888 -32.59 -64.20 78.70
C VAL L 2888 -33.31 -63.47 79.81
N GLY L 2889 -34.44 -62.83 79.50
CA GLY L 2889 -35.29 -62.25 80.53
C GLY L 2889 -35.63 -63.27 81.58
N ILE L 2890 -36.09 -64.44 81.17
CA ILE L 2890 -36.43 -65.48 82.10
C ILE L 2890 -35.21 -65.90 82.90
N ARG L 2891 -34.11 -66.20 82.22
CA ARG L 2891 -32.91 -66.73 82.89
C ARG L 2891 -32.46 -65.80 84.00
N LEU L 2892 -32.39 -64.53 83.67
CA LEU L 2892 -32.02 -63.51 84.62
C LEU L 2892 -32.92 -63.60 85.83
N LEU L 2893 -34.21 -63.64 85.61
CA LEU L 2893 -35.14 -63.68 86.72
C LEU L 2893 -35.03 -64.96 87.53
N GLU L 2894 -34.81 -66.09 86.88
CA GLU L 2894 -34.72 -67.35 87.62
C GLU L 2894 -33.47 -67.39 88.48
N GLU L 2895 -32.33 -66.98 87.94
CA GLU L 2895 -31.13 -66.87 88.75
C GLU L 2895 -31.30 -65.84 89.84
N ALA L 2896 -31.97 -64.73 89.57
CA ALA L 2896 -32.29 -63.80 90.62
C ALA L 2896 -33.08 -64.51 91.71
N LEU L 2897 -34.18 -65.14 91.36
CA LEU L 2897 -35.05 -65.76 92.35
C LEU L 2897 -34.31 -66.78 93.19
N LEU L 2898 -33.42 -67.58 92.61
CA LEU L 2898 -32.66 -68.54 93.39
C LEU L 2898 -31.52 -67.91 94.15
N ARG L 2899 -30.66 -67.13 93.50
CA ARG L 2899 -29.45 -66.68 94.19
C ARG L 2899 -29.80 -65.63 95.23
N LEU L 2900 -30.91 -64.92 95.05
CA LEU L 2900 -31.50 -64.06 96.06
C LEU L 2900 -32.47 -64.81 97.01
N LEU L 2901 -32.56 -66.14 96.96
CA LEU L 2901 -33.47 -66.93 97.79
C LEU L 2901 -33.35 -66.68 99.30
N PRO L 2902 -32.17 -66.78 99.94
CA PRO L 2902 -32.12 -66.97 101.38
C PRO L 2902 -32.57 -65.76 102.19
N ALA L 2903 -32.43 -64.56 101.63
CA ALA L 2903 -32.58 -63.26 102.31
C ALA L 2903 -33.91 -63.09 103.05
N LEU L 2916 -41.86 -62.98 98.98
CA LEU L 2916 -41.29 -61.81 99.63
C LEU L 2916 -41.18 -60.61 98.67
N PRO L 2917 -41.26 -59.35 99.14
CA PRO L 2917 -41.75 -58.23 98.34
C PRO L 2917 -41.19 -58.02 96.93
N PRO L 2918 -39.87 -57.97 96.70
CA PRO L 2918 -39.38 -57.81 95.34
C PRO L 2918 -39.55 -59.12 94.55
N ASP L 2919 -39.43 -60.29 95.19
CA ASP L 2919 -39.73 -61.57 94.57
C ASP L 2919 -41.13 -61.58 94.03
N VAL L 2920 -42.10 -61.07 94.78
CA VAL L 2920 -43.45 -60.91 94.30
C VAL L 2920 -43.48 -60.11 93.01
N LEU L 2921 -42.78 -58.98 92.93
CA LEU L 2921 -42.73 -58.23 91.68
C LEU L 2921 -42.12 -59.08 90.57
N ARG L 2922 -40.96 -59.65 90.84
CA ARG L 2922 -40.21 -60.48 89.90
C ARG L 2922 -41.11 -61.56 89.35
N TRP L 2923 -41.87 -62.23 90.20
CA TRP L 2923 -42.76 -63.29 89.82
C TRP L 2923 -43.76 -62.83 88.78
N VAL L 2924 -44.36 -61.65 88.94
CA VAL L 2924 -45.31 -61.15 87.95
C VAL L 2924 -44.63 -60.93 86.61
N GLU L 2925 -43.42 -60.42 86.62
CA GLU L 2925 -42.69 -60.15 85.39
C GLU L 2925 -42.30 -61.44 84.71
N LEU L 2926 -41.79 -62.38 85.48
CA LEU L 2926 -41.46 -63.71 85.01
C LEU L 2926 -42.66 -64.29 84.28
N ALA L 2927 -43.81 -64.22 84.93
CA ALA L 2927 -45.03 -64.66 84.32
C ALA L 2927 -45.30 -63.91 83.02
N LYS L 2928 -45.19 -62.58 83.00
CA LYS L 2928 -45.51 -61.83 81.78
C LYS L 2928 -44.62 -62.23 80.60
N LEU L 2929 -43.35 -62.49 80.85
CA LEU L 2929 -42.49 -63.02 79.79
C LEU L 2929 -43.09 -64.30 79.23
N TYR L 2930 -43.34 -65.28 80.08
CA TYR L 2930 -43.91 -66.53 79.62
C TYR L 2930 -45.19 -66.33 78.86
N ARG L 2931 -46.04 -65.41 79.32
CA ARG L 2931 -47.31 -65.13 78.66
C ARG L 2931 -47.08 -64.73 77.22
N SER L 2932 -46.10 -63.89 76.97
CA SER L 2932 -45.81 -63.44 75.61
C SER L 2932 -45.24 -64.53 74.69
N ILE L 2933 -44.85 -65.72 75.19
CA ILE L 2933 -44.35 -66.85 74.38
C ILE L 2933 -45.19 -68.14 74.45
N GLY L 2934 -46.30 -68.12 75.18
CA GLY L 2934 -47.37 -69.10 75.04
C GLY L 2934 -47.30 -70.30 75.99
N GLU L 2935 -46.52 -70.24 77.05
CA GLU L 2935 -46.20 -71.39 77.91
C GLU L 2935 -47.03 -71.41 79.19
N TYR L 2936 -48.31 -71.08 79.11
CA TYR L 2936 -49.17 -70.78 80.24
C TYR L 2936 -49.13 -71.82 81.35
N ASP L 2937 -48.87 -73.07 81.02
CA ASP L 2937 -48.70 -74.16 81.96
C ASP L 2937 -47.73 -73.82 83.09
N VAL L 2938 -46.64 -73.14 82.77
CA VAL L 2938 -45.68 -72.66 83.78
C VAL L 2938 -46.35 -71.67 84.69
N LEU L 2939 -47.14 -70.78 84.12
CA LEU L 2939 -47.83 -69.73 84.83
C LEU L 2939 -48.78 -70.30 85.86
N ARG L 2940 -49.48 -71.37 85.47
CA ARG L 2940 -50.29 -72.12 86.40
C ARG L 2940 -49.45 -72.53 87.58
N GLY L 2941 -48.29 -73.14 87.33
CA GLY L 2941 -47.33 -73.51 88.37
C GLY L 2941 -46.92 -72.35 89.28
N ILE L 2942 -46.62 -71.19 88.71
CA ILE L 2942 -46.28 -69.99 89.48
C ILE L 2942 -47.41 -69.66 90.44
N PHE L 2943 -48.62 -69.54 89.92
CA PHE L 2943 -49.72 -69.04 90.71
C PHE L 2943 -50.22 -70.06 91.69
N THR L 2944 -50.56 -71.24 91.21
CA THR L 2944 -51.09 -72.33 92.04
C THR L 2944 -50.25 -72.57 93.29
N SER L 2945 -48.95 -72.43 93.19
CA SER L 2945 -48.03 -73.01 94.16
C SER L 2945 -47.09 -71.99 94.74
N GLU L 2946 -47.25 -70.71 94.39
CA GLU L 2946 -46.55 -69.65 95.09
C GLU L 2946 -47.33 -68.34 95.16
N ILE L 2947 -47.90 -67.88 94.04
CA ILE L 2947 -48.37 -66.50 93.98
C ILE L 2947 -49.85 -66.34 94.38
N GLY L 2948 -50.73 -67.20 93.86
CA GLY L 2948 -51.98 -67.48 94.54
C GLY L 2948 -51.75 -67.94 95.97
N THR L 2949 -52.64 -67.51 96.87
CA THR L 2949 -52.70 -67.94 98.28
C THR L 2949 -54.02 -68.61 98.64
N LYS L 2950 -55.11 -68.17 98.02
CA LYS L 2950 -56.46 -68.53 98.43
C LYS L 2950 -56.93 -69.82 97.79
N GLN L 2951 -57.84 -70.52 98.45
CA GLN L 2951 -58.45 -71.76 97.95
C GLN L 2951 -59.10 -71.54 96.57
N ILE L 2952 -59.79 -70.40 96.43
CA ILE L 2952 -60.50 -70.00 95.21
C ILE L 2952 -59.59 -70.01 93.97
N THR L 2953 -58.34 -69.60 94.14
CA THR L 2953 -57.39 -69.41 93.04
C THR L 2953 -57.09 -70.73 92.35
N GLN L 2954 -56.60 -71.72 93.09
CA GLN L 2954 -56.46 -73.05 92.53
C GLN L 2954 -57.79 -73.51 91.93
N SER L 2955 -58.89 -73.36 92.67
CA SER L 2955 -60.15 -73.97 92.28
C SER L 2955 -60.64 -73.46 90.93
N ALA L 2956 -60.40 -72.19 90.64
CA ALA L 2956 -60.72 -71.62 89.36
C ALA L 2956 -59.83 -72.21 88.26
N LEU L 2957 -58.52 -72.18 88.48
CA LEU L 2957 -57.54 -72.73 87.56
C LEU L 2957 -57.80 -74.16 87.25
N LEU L 2958 -58.31 -74.91 88.21
CA LEU L 2958 -58.57 -76.32 88.09
C LEU L 2958 -59.63 -76.58 87.02
N ALA L 2959 -60.81 -75.98 87.17
CA ALA L 2959 -61.87 -76.12 86.17
C ALA L 2959 -61.45 -75.53 84.83
N GLU L 2960 -60.71 -74.44 84.87
CA GLU L 2960 -60.14 -73.84 83.68
C GLU L 2960 -59.16 -74.77 82.98
N ALA L 2961 -58.32 -75.47 83.73
CA ALA L 2961 -57.39 -76.43 83.20
C ALA L 2961 -58.16 -77.58 82.57
N ARG L 2962 -59.26 -78.03 83.20
CA ARG L 2962 -60.21 -78.97 82.60
C ARG L 2962 -60.98 -78.40 81.43
N SER L 2963 -60.67 -77.18 81.02
CA SER L 2963 -61.30 -76.46 79.92
C SER L 2963 -62.80 -76.29 80.16
N ASP L 2964 -63.15 -75.82 81.35
CA ASP L 2964 -64.43 -75.15 81.56
C ASP L 2964 -64.22 -73.83 82.28
N TYR L 2965 -64.03 -72.81 81.46
CA TYR L 2965 -63.90 -71.43 81.88
C TYR L 2965 -65.13 -70.86 82.58
N SER L 2966 -66.30 -71.47 82.48
CA SER L 2966 -67.54 -70.83 82.94
C SER L 2966 -67.53 -70.63 84.43
N GLU L 2967 -67.53 -71.71 85.21
CA GLU L 2967 -67.46 -71.55 86.64
C GLU L 2967 -66.15 -70.89 87.05
N ALA L 2968 -65.05 -71.13 86.35
CA ALA L 2968 -63.78 -70.47 86.66
C ALA L 2968 -63.92 -68.95 86.60
N ALA L 2969 -64.55 -68.43 85.54
CA ALA L 2969 -64.85 -67.01 85.39
C ALA L 2969 -65.62 -66.51 86.61
N LYS L 2970 -66.68 -67.22 86.95
CA LYS L 2970 -67.51 -66.83 88.08
C LYS L 2970 -66.75 -66.95 89.39
N GLN L 2971 -65.88 -67.93 89.59
CA GLN L 2971 -65.03 -68.03 90.77
C GLN L 2971 -64.10 -66.82 90.87
N TYR L 2972 -63.54 -66.36 89.74
CA TYR L 2972 -62.76 -65.13 89.76
C TYR L 2972 -63.63 -63.92 90.08
N ASP L 2973 -64.80 -63.80 89.46
CA ASP L 2973 -65.70 -62.68 89.68
C ASP L 2973 -66.13 -62.59 91.15
N GLU L 2974 -66.51 -63.74 91.70
CA GLU L 2974 -66.82 -63.95 93.10
C GLU L 2974 -65.68 -63.51 94.00
N ALA L 2975 -64.44 -63.89 93.68
CA ALA L 2975 -63.29 -63.40 94.41
C ALA L 2975 -63.08 -61.88 94.25
N LEU L 2976 -63.21 -61.35 93.04
CA LEU L 2976 -62.98 -59.95 92.74
C LEU L 2976 -63.93 -59.06 93.51
N ASN L 2977 -65.20 -59.46 93.57
CA ASN L 2977 -66.25 -58.68 94.22
C ASN L 2977 -66.50 -59.10 95.68
N LYS L 2978 -65.85 -60.14 96.18
CA LYS L 2978 -65.77 -60.40 97.62
C LYS L 2978 -64.94 -59.32 98.29
N GLN L 2979 -65.56 -58.56 99.19
CA GLN L 2979 -64.89 -57.47 99.89
C GLN L 2979 -64.35 -57.89 101.26
N ASP L 2980 -64.47 -59.17 101.66
CA ASP L 2980 -64.16 -59.61 103.03
C ASP L 2980 -63.60 -61.04 103.08
N TRP L 2981 -62.66 -61.28 104.00
CA TRP L 2981 -61.71 -62.39 103.97
C TRP L 2981 -61.19 -62.72 105.37
N VAL L 2982 -60.64 -63.91 105.58
CA VAL L 2982 -60.01 -64.33 106.85
C VAL L 2982 -58.70 -63.60 107.19
N ASP L 2983 -58.27 -62.67 106.36
CA ASP L 2983 -57.16 -61.73 106.60
C ASP L 2983 -57.42 -60.31 106.06
N GLY L 2984 -58.57 -60.08 105.41
CA GLY L 2984 -58.86 -58.88 104.62
C GLY L 2984 -57.89 -58.60 103.47
N GLU L 2985 -56.97 -59.51 103.12
CA GLU L 2985 -55.73 -59.23 102.39
C GLU L 2985 -55.25 -60.34 101.42
N PRO L 2986 -56.07 -60.79 100.46
CA PRO L 2986 -55.50 -61.32 99.23
C PRO L 2986 -54.66 -60.20 98.60
N THR L 2987 -53.45 -60.52 98.15
CA THR L 2987 -52.43 -59.52 97.84
C THR L 2987 -52.79 -58.68 96.63
N GLU L 2988 -52.14 -57.52 96.53
CA GLU L 2988 -52.28 -56.64 95.38
C GLU L 2988 -52.03 -57.41 94.07
N ALA L 2989 -51.05 -58.31 94.08
CA ALA L 2989 -50.73 -59.17 92.95
C ALA L 2989 -51.78 -60.27 92.67
N GLU L 2990 -52.27 -60.99 93.67
CA GLU L 2990 -53.25 -62.06 93.42
C GLU L 2990 -54.51 -61.46 92.80
N LYS L 2991 -54.89 -60.29 93.28
CA LYS L 2991 -55.93 -59.49 92.67
C LYS L 2991 -55.54 -59.12 91.24
N ASP L 2992 -54.35 -58.58 91.00
CA ASP L 2992 -53.92 -58.26 89.63
C ASP L 2992 -54.02 -59.47 88.71
N PHE L 2993 -53.71 -60.63 89.25
CA PHE L 2993 -53.79 -61.87 88.51
C PHE L 2993 -55.23 -62.21 88.15
N TRP L 2994 -56.14 -62.24 89.12
CA TRP L 2994 -57.57 -62.49 88.85
C TRP L 2994 -58.12 -61.54 87.82
N GLU L 2995 -57.77 -60.27 87.98
CA GLU L 2995 -58.21 -59.18 87.13
C GLU L 2995 -57.82 -59.41 85.67
N LEU L 2996 -56.77 -60.16 85.41
CA LEU L 2996 -56.45 -60.63 84.08
C LEU L 2996 -57.11 -61.96 83.77
N ALA L 2997 -57.01 -62.90 84.72
CA ALA L 2997 -57.37 -64.28 84.51
C ALA L 2997 -58.79 -64.43 84.00
N SER L 2998 -59.69 -63.79 84.72
CA SER L 2998 -61.09 -63.63 84.38
C SER L 2998 -61.33 -63.23 82.92
N LEU L 2999 -60.46 -62.41 82.33
CA LEU L 2999 -60.65 -61.90 80.97
C LEU L 2999 -60.54 -63.01 79.93
N ASP L 3000 -59.52 -63.85 80.05
CA ASP L 3000 -59.31 -64.90 79.07
C ASP L 3000 -60.48 -65.85 79.07
N CYS L 3001 -61.01 -66.12 80.25
CA CYS L 3001 -62.17 -66.97 80.41
C CYS L 3001 -63.26 -66.51 79.46
N TYR L 3002 -63.63 -65.24 79.58
CA TYR L 3002 -64.62 -64.66 78.72
C TYR L 3002 -64.21 -64.72 77.27
N ASN L 3003 -62.94 -64.48 76.97
CA ASN L 3003 -62.47 -64.50 75.62
C ASN L 3003 -62.72 -65.86 74.96
N HIS L 3004 -62.38 -66.96 75.63
CA HIS L 3004 -62.70 -68.29 75.11
C HIS L 3004 -64.20 -68.54 75.12
N LEU L 3005 -64.90 -68.17 76.18
CA LEU L 3005 -66.35 -68.29 76.27
C LEU L 3005 -67.09 -67.40 75.25
N ALA L 3006 -66.40 -66.64 74.43
CA ALA L 3006 -66.98 -65.68 73.52
C ALA L 3006 -67.91 -64.68 74.22
N GLU L 3007 -67.65 -64.45 75.51
CA GLU L 3007 -68.52 -63.69 76.40
C GLU L 3007 -68.30 -62.17 76.25
N TRP L 3008 -68.51 -61.67 75.04
CA TRP L 3008 -68.05 -60.34 74.65
C TRP L 3008 -68.65 -59.19 75.43
N LYS L 3009 -69.91 -59.32 75.87
CA LYS L 3009 -70.58 -58.25 76.62
C LYS L 3009 -69.93 -58.05 77.98
N SER L 3010 -69.79 -59.11 78.76
CA SER L 3010 -68.99 -58.99 79.98
C SER L 3010 -67.57 -58.60 79.64
N LEU L 3011 -67.05 -59.00 78.48
CA LEU L 3011 -65.67 -58.69 78.16
C LEU L 3011 -65.43 -57.19 77.97
N GLU L 3012 -66.20 -56.51 77.13
CA GLU L 3012 -66.06 -55.06 77.00
C GLU L 3012 -66.32 -54.41 78.36
N TYR L 3013 -67.34 -54.87 79.09
CA TYR L 3013 -67.68 -54.34 80.39
C TYR L 3013 -66.51 -54.49 81.35
N CYS L 3014 -65.97 -55.68 81.58
CA CYS L 3014 -64.88 -55.89 82.53
C CYS L 3014 -63.58 -55.27 82.04
N SER L 3015 -63.34 -55.25 80.73
CA SER L 3015 -62.15 -54.62 80.17
C SER L 3015 -62.11 -53.13 80.47
N THR L 3016 -63.27 -52.52 80.73
CA THR L 3016 -63.40 -51.10 81.05
C THR L 3016 -63.85 -50.82 82.48
N ALA L 3017 -64.57 -51.70 83.16
CA ALA L 3017 -65.19 -51.38 84.44
C ALA L 3017 -64.17 -50.92 85.50
N SER L 3018 -63.02 -51.58 85.58
CA SER L 3018 -61.94 -51.19 86.48
C SER L 3018 -61.16 -49.96 86.01
N ILE L 3019 -61.46 -49.40 84.84
CA ILE L 3019 -60.92 -48.12 84.41
C ILE L 3019 -61.68 -47.00 85.13
N ASP L 3020 -61.17 -46.65 86.30
CA ASP L 3020 -61.26 -45.33 86.93
C ASP L 3020 -62.64 -44.63 86.91
N SER L 3021 -63.70 -45.38 87.22
CA SER L 3021 -65.10 -44.88 87.28
C SER L 3021 -65.62 -44.27 85.96
N GLU L 3022 -65.10 -44.69 84.81
CA GLU L 3022 -65.62 -44.32 83.50
C GLU L 3022 -66.92 -45.08 83.16
N ASN L 3023 -67.88 -45.01 84.08
CA ASN L 3023 -69.28 -45.40 83.86
C ASN L 3023 -69.90 -44.51 82.77
N PRO L 3024 -69.66 -43.18 82.78
CA PRO L 3024 -69.68 -42.40 81.55
C PRO L 3024 -68.44 -42.86 80.76
N PRO L 3025 -68.60 -43.50 79.59
CA PRO L 3025 -67.55 -44.36 79.04
C PRO L 3025 -66.45 -43.56 78.35
N ASP L 3026 -65.47 -43.01 79.07
CA ASP L 3026 -64.25 -42.63 78.38
C ASP L 3026 -63.50 -43.88 77.92
N LEU L 3027 -63.24 -43.82 76.64
CA LEU L 3027 -62.51 -44.75 75.78
C LEU L 3027 -60.98 -44.54 75.86
N ASN L 3028 -60.54 -43.30 76.05
CA ASN L 3028 -59.17 -42.83 75.80
C ASN L 3028 -58.23 -42.89 77.01
N LYS L 3029 -58.73 -43.08 78.24
CA LYS L 3029 -57.92 -43.19 79.47
C LYS L 3029 -56.74 -44.18 79.37
N ILE L 3030 -56.85 -45.17 78.50
CA ILE L 3030 -55.81 -46.16 78.14
C ILE L 3030 -54.44 -45.51 77.91
N TRP L 3031 -54.42 -44.39 77.20
CA TRP L 3031 -53.20 -43.66 76.88
C TRP L 3031 -52.42 -43.20 78.13
N SER L 3032 -53.04 -43.21 79.31
CA SER L 3032 -52.38 -42.87 80.58
C SER L 3032 -51.33 -43.89 81.04
N GLU L 3033 -51.37 -45.12 80.55
CA GLU L 3033 -50.47 -46.16 81.05
C GLU L 3033 -50.21 -47.21 79.98
N PRO L 3034 -48.96 -47.49 79.60
CA PRO L 3034 -48.64 -48.66 78.79
C PRO L 3034 -49.13 -49.95 79.43
N PHE L 3035 -49.18 -50.06 80.75
CA PHE L 3035 -49.85 -51.17 81.42
C PHE L 3035 -51.27 -51.36 80.91
N TYR L 3036 -52.05 -50.29 80.77
CA TYR L 3036 -53.42 -50.38 80.28
C TYR L 3036 -53.46 -50.67 78.79
N GLN L 3037 -52.62 -49.97 78.01
CA GLN L 3037 -52.49 -50.13 76.55
C GLN L 3037 -52.17 -51.57 76.19
N GLU L 3038 -51.29 -52.20 76.95
CA GLU L 3038 -51.05 -53.62 76.79
C GLU L 3038 -52.27 -54.41 77.20
N THR L 3039 -52.72 -54.19 78.44
CA THR L 3039 -53.59 -55.14 79.10
C THR L 3039 -54.96 -55.20 78.45
N TYR L 3040 -55.71 -54.11 78.50
CA TYR L 3040 -57.16 -54.19 78.28
C TYR L 3040 -57.55 -54.03 76.83
N LEU L 3041 -56.74 -53.23 76.14
CA LEU L 3041 -56.96 -52.80 74.78
C LEU L 3041 -57.28 -53.94 73.81
N PRO L 3042 -56.54 -55.06 73.79
CA PRO L 3042 -56.74 -56.08 72.76
C PRO L 3042 -58.15 -56.64 72.87
N TYR L 3043 -58.50 -57.08 74.07
CA TYR L 3043 -59.82 -57.59 74.39
C TYR L 3043 -60.90 -56.60 74.02
N MET L 3044 -60.68 -55.33 74.33
CA MET L 3044 -61.71 -54.35 74.07
C MET L 3044 -61.95 -54.22 72.56
N ILE L 3045 -60.89 -54.12 71.77
CA ILE L 3045 -61.00 -54.03 70.31
C ILE L 3045 -61.76 -55.23 69.82
N ARG L 3046 -61.28 -56.40 70.26
CA ARG L 3046 -61.84 -57.69 69.91
C ARG L 3046 -63.33 -57.70 70.18
N SER L 3047 -63.72 -57.49 71.43
CA SER L 3047 -65.10 -57.61 71.86
C SER L 3047 -65.99 -56.68 71.10
N LYS L 3048 -65.63 -55.39 71.03
CA LYS L 3048 -66.42 -54.42 70.28
C LYS L 3048 -66.58 -54.87 68.85
N LEU L 3049 -65.50 -55.34 68.26
CA LEU L 3049 -65.56 -55.72 66.87
C LEU L 3049 -66.42 -56.98 66.69
N LYS L 3050 -66.33 -57.97 67.58
CA LYS L 3050 -67.17 -59.18 67.48
C LYS L 3050 -68.63 -58.81 67.57
N LEU L 3051 -68.97 -57.94 68.50
CA LEU L 3051 -70.30 -57.42 68.66
C LEU L 3051 -70.74 -56.69 67.38
N LEU L 3052 -69.91 -55.81 66.83
CA LEU L 3052 -70.19 -55.17 65.54
C LEU L 3052 -70.40 -56.18 64.41
N LEU L 3053 -69.65 -57.28 64.41
CA LEU L 3053 -69.73 -58.30 63.38
C LEU L 3053 -70.91 -59.25 63.58
N GLN L 3054 -71.36 -59.41 64.81
CA GLN L 3054 -72.67 -59.97 65.17
C GLN L 3054 -73.81 -59.00 64.87
N GLY L 3055 -73.52 -57.92 64.14
CA GLY L 3055 -74.50 -56.95 63.70
C GLY L 3055 -74.93 -55.98 64.78
N GLU L 3056 -74.23 -55.88 65.92
CA GLU L 3056 -74.59 -54.83 66.85
C GLU L 3056 -74.23 -53.46 66.26
N ALA L 3057 -74.66 -52.41 66.95
CA ALA L 3057 -74.43 -51.03 66.51
C ALA L 3057 -73.92 -50.23 67.71
N ASP L 3058 -72.68 -49.76 67.59
CA ASP L 3058 -72.11 -48.67 68.37
C ASP L 3058 -70.82 -48.15 67.69
N GLN L 3059 -70.91 -47.03 66.99
CA GLN L 3059 -69.75 -46.41 66.35
C GLN L 3059 -68.67 -45.93 67.34
N SER L 3060 -68.81 -46.12 68.65
CA SER L 3060 -67.80 -45.71 69.63
C SER L 3060 -66.41 -46.28 69.35
N LEU L 3061 -66.30 -47.44 68.72
CA LEU L 3061 -64.99 -47.94 68.32
C LEU L 3061 -64.39 -47.09 67.20
N LEU L 3062 -65.08 -46.94 66.07
CA LEU L 3062 -64.61 -46.10 64.97
C LEU L 3062 -64.35 -44.67 65.46
N THR L 3063 -65.17 -44.21 66.40
CA THR L 3063 -64.97 -42.93 67.09
C THR L 3063 -63.62 -42.91 67.77
N PHE L 3064 -63.40 -43.83 68.70
CA PHE L 3064 -62.14 -43.93 69.45
C PHE L 3064 -60.94 -44.15 68.53
N ILE L 3065 -61.10 -44.94 67.47
CA ILE L 3065 -60.07 -45.21 66.49
C ILE L 3065 -59.77 -43.96 65.67
N ASP L 3066 -60.78 -43.26 65.20
CA ASP L 3066 -60.56 -42.06 64.42
C ASP L 3066 -59.94 -40.97 65.30
N LYS L 3067 -60.36 -40.87 66.56
CA LYS L 3067 -59.68 -40.06 67.58
C LYS L 3067 -58.21 -40.47 67.74
N ALA L 3068 -57.92 -41.78 67.70
CA ALA L 3068 -56.57 -42.29 67.78
C ALA L 3068 -55.76 -41.99 66.52
N MET L 3069 -56.34 -42.12 65.33
CA MET L 3069 -55.75 -41.80 64.03
C MET L 3069 -55.20 -40.38 63.94
N HIS L 3070 -55.76 -39.45 64.69
CA HIS L 3070 -55.26 -38.09 64.78
C HIS L 3070 -53.84 -38.03 65.36
N GLY L 3071 -53.53 -38.95 66.29
CA GLY L 3071 -52.23 -39.08 66.93
C GLY L 3071 -51.18 -39.83 66.10
N GLU L 3072 -49.95 -39.85 66.59
CA GLU L 3072 -48.87 -40.59 65.96
C GLU L 3072 -48.84 -42.05 66.42
N LEU L 3073 -48.51 -42.34 67.68
CA LEU L 3073 -48.53 -43.72 68.20
C LEU L 3073 -49.93 -44.28 68.05
N GLN L 3074 -50.92 -43.45 68.38
CA GLN L 3074 -52.34 -43.74 68.23
C GLN L 3074 -52.82 -43.88 66.78
N LYS L 3075 -51.95 -43.68 65.78
CA LYS L 3075 -52.05 -44.32 64.46
C LYS L 3075 -51.12 -45.54 64.38
N ALA L 3076 -49.83 -45.33 64.50
CA ALA L 3076 -48.78 -46.27 64.13
C ALA L 3076 -48.90 -47.65 64.77
N ILE L 3077 -49.19 -47.74 66.08
CA ILE L 3077 -49.25 -49.05 66.76
C ILE L 3077 -50.46 -49.86 66.30
N LEU L 3078 -51.51 -49.18 65.83
CA LEU L 3078 -52.67 -49.80 65.23
C LEU L 3078 -52.35 -50.32 63.84
N GLU L 3079 -51.71 -49.50 63.01
CA GLU L 3079 -51.27 -49.90 61.67
C GLU L 3079 -50.33 -51.09 61.72
N LEU L 3080 -49.54 -51.22 62.80
CA LEU L 3080 -48.70 -52.38 63.07
C LEU L 3080 -49.52 -53.58 63.58
N HIS L 3081 -50.04 -53.49 64.80
CA HIS L 3081 -50.49 -54.66 65.55
C HIS L 3081 -51.92 -55.05 65.28
N TYR L 3082 -52.69 -54.17 64.67
CA TYR L 3082 -54.14 -54.36 64.52
C TYR L 3082 -54.60 -54.07 63.10
N SER L 3083 -53.71 -54.19 62.12
CA SER L 3083 -54.05 -53.84 60.74
C SER L 3083 -55.15 -54.74 60.19
N GLN L 3084 -55.26 -55.95 60.74
CA GLN L 3084 -56.39 -56.83 60.51
C GLN L 3084 -57.68 -56.11 60.87
N GLU L 3085 -57.78 -55.66 62.10
CA GLU L 3085 -58.97 -55.04 62.62
C GLU L 3085 -59.23 -53.74 61.89
N LEU L 3086 -58.18 -52.92 61.67
CA LEU L 3086 -58.31 -51.70 60.88
C LEU L 3086 -58.90 -52.00 59.49
N SER L 3087 -58.40 -53.03 58.83
CA SER L 3087 -58.92 -53.40 57.54
C SER L 3087 -60.40 -53.76 57.65
N LEU L 3088 -60.75 -54.61 58.62
CA LEU L 3088 -62.12 -55.06 58.80
C LEU L 3088 -63.06 -53.91 59.07
N LEU L 3089 -62.63 -52.93 59.85
CA LEU L 3089 -63.41 -51.74 60.11
C LEU L 3089 -63.58 -50.92 58.83
N TYR L 3090 -62.59 -50.83 57.94
CA TYR L 3090 -62.82 -50.21 56.64
C TYR L 3090 -63.83 -50.98 55.80
N LEU L 3091 -63.80 -52.32 55.78
CA LEU L 3091 -64.85 -53.11 55.13
C LEU L 3091 -66.21 -52.90 55.79
N LEU L 3092 -66.23 -52.76 57.10
CA LEU L 3092 -67.44 -52.47 57.86
C LEU L 3092 -68.03 -51.12 57.39
N GLN L 3093 -67.17 -50.17 57.00
CA GLN L 3093 -67.54 -48.91 56.36
C GLN L 3093 -67.52 -48.97 54.82
N ASP L 3094 -67.68 -50.16 54.21
CA ASP L 3094 -67.78 -50.40 52.75
C ASP L 3094 -66.54 -50.00 51.92
N ASP L 3095 -65.41 -49.73 52.56
CA ASP L 3095 -64.18 -49.23 51.93
C ASP L 3095 -63.25 -50.36 51.50
N VAL L 3096 -63.16 -50.59 50.18
CA VAL L 3096 -62.25 -51.54 49.56
C VAL L 3096 -60.80 -51.11 49.70
N ASP L 3097 -60.45 -49.92 49.22
CA ASP L 3097 -59.07 -49.45 49.18
C ASP L 3097 -58.38 -49.52 50.53
N ARG L 3098 -58.95 -48.90 51.56
CA ARG L 3098 -58.26 -48.73 52.83
C ARG L 3098 -58.23 -50.04 53.58
N ALA L 3099 -59.27 -50.87 53.45
CA ALA L 3099 -59.18 -52.24 53.90
C ALA L 3099 -58.09 -53.02 53.14
N LYS L 3100 -58.00 -52.85 51.82
CA LYS L 3100 -57.00 -53.47 50.94
C LYS L 3100 -55.60 -53.04 51.33
N TYR L 3101 -55.41 -51.77 51.69
CA TYR L 3101 -54.16 -51.34 52.29
C TYR L 3101 -53.90 -52.05 53.61
N TYR L 3102 -54.78 -51.91 54.61
CA TYR L 3102 -54.43 -52.41 55.94
C TYR L 3102 -54.22 -53.92 55.97
N ILE L 3103 -54.87 -54.65 55.07
CA ILE L 3103 -54.58 -56.07 54.90
C ILE L 3103 -53.28 -56.30 54.14
N GLN L 3104 -53.01 -55.57 53.05
CA GLN L 3104 -51.73 -55.64 52.35
C GLN L 3104 -50.56 -55.44 53.31
N ASN L 3105 -50.68 -54.43 54.15
CA ASN L 3105 -49.78 -54.19 55.26
C ASN L 3105 -49.72 -55.38 56.21
N GLY L 3106 -50.88 -55.86 56.66
CA GLY L 3106 -50.94 -56.97 57.61
C GLY L 3106 -50.09 -58.17 57.20
N ILE L 3107 -50.12 -58.52 55.92
CA ILE L 3107 -49.26 -59.58 55.36
C ILE L 3107 -47.79 -59.32 55.71
N GLN L 3108 -47.30 -58.13 55.39
CA GLN L 3108 -45.91 -57.76 55.62
C GLN L 3108 -45.61 -57.75 57.11
N SER L 3109 -46.56 -57.24 57.89
CA SER L 3109 -46.42 -57.16 59.33
C SER L 3109 -46.19 -58.57 59.86
N PHE L 3110 -47.05 -59.51 59.50
CA PHE L 3110 -46.89 -60.89 59.93
C PHE L 3110 -45.51 -61.41 59.55
N MET L 3111 -45.10 -61.24 58.30
CA MET L 3111 -43.85 -61.82 57.81
C MET L 3111 -42.69 -61.42 58.69
N GLN L 3112 -42.62 -60.15 59.04
CA GLN L 3112 -41.59 -59.69 59.94
C GLN L 3112 -41.83 -60.18 61.36
N ASN L 3113 -43.08 -60.13 61.84
CA ASN L 3113 -43.40 -60.60 63.17
C ASN L 3113 -42.89 -62.01 63.35
N TYR L 3114 -43.39 -62.93 62.55
CA TYR L 3114 -42.96 -64.31 62.57
C TYR L 3114 -41.46 -64.44 62.33
N SER L 3115 -40.94 -63.82 61.28
CA SER L 3115 -39.56 -64.07 60.87
C SER L 3115 -38.57 -63.59 61.92
N SER L 3116 -38.98 -62.70 62.83
CA SER L 3116 -38.15 -62.29 63.96
C SER L 3116 -38.20 -63.24 65.17
N ILE L 3117 -39.25 -64.03 65.35
CA ILE L 3117 -39.36 -65.03 66.41
C ILE L 3117 -38.27 -66.08 66.24
N ASP L 3118 -37.66 -66.47 67.36
CA ASP L 3118 -36.60 -67.46 67.33
C ASP L 3118 -37.15 -68.81 66.87
N VAL L 3119 -36.27 -69.62 66.27
CA VAL L 3119 -36.68 -70.91 65.73
C VAL L 3119 -37.05 -71.87 66.86
N LEU L 3120 -36.38 -71.71 68.00
CA LEU L 3120 -36.61 -72.48 69.22
C LEU L 3120 -37.87 -72.06 70.00
N LEU L 3121 -38.53 -70.96 69.62
CA LEU L 3121 -39.79 -70.52 70.23
C LEU L 3121 -40.99 -71.14 69.53
N HIS L 3122 -40.94 -72.45 69.33
CA HIS L 3122 -41.89 -73.20 68.51
C HIS L 3122 -43.32 -72.90 68.90
N GLN L 3123 -43.61 -72.87 70.19
CA GLN L 3123 -44.91 -72.53 70.70
C GLN L 3123 -45.42 -71.22 70.15
N SER L 3124 -44.62 -70.16 70.25
CA SER L 3124 -45.05 -68.84 69.82
C SER L 3124 -45.10 -68.74 68.31
N ARG L 3125 -44.11 -69.33 67.59
CA ARG L 3125 -44.10 -69.40 66.12
C ARG L 3125 -45.42 -69.94 65.62
N LEU L 3126 -45.78 -71.10 66.15
CA LEU L 3126 -47.05 -71.75 65.92
C LEU L 3126 -48.19 -70.81 66.24
N THR L 3127 -48.20 -70.24 67.43
CA THR L 3127 -49.29 -69.40 67.93
C THR L 3127 -49.57 -68.21 67.00
N LYS L 3128 -48.55 -67.70 66.32
CA LYS L 3128 -48.72 -66.60 65.39
C LYS L 3128 -49.49 -67.00 64.15
N LEU L 3129 -49.35 -68.25 63.77
CA LEU L 3129 -49.47 -68.65 62.40
C LEU L 3129 -50.88 -68.78 61.86
N GLN L 3130 -51.82 -69.23 62.67
CA GLN L 3130 -53.16 -69.60 62.23
C GLN L 3130 -53.89 -68.42 61.61
N SER L 3131 -53.66 -67.24 62.20
CA SER L 3131 -54.21 -65.96 61.76
C SER L 3131 -54.12 -65.76 60.25
N VAL L 3132 -53.09 -66.30 59.62
CA VAL L 3132 -52.89 -66.30 58.17
C VAL L 3132 -54.16 -66.61 57.42
N GLN L 3133 -54.92 -67.60 57.87
CA GLN L 3133 -56.13 -67.98 57.19
C GLN L 3133 -57.09 -66.81 57.15
N ALA L 3134 -57.31 -66.16 58.28
CA ALA L 3134 -58.21 -65.03 58.34
C ALA L 3134 -57.76 -63.96 57.36
N LEU L 3135 -56.47 -63.64 57.35
CA LEU L 3135 -55.98 -62.60 56.47
C LEU L 3135 -56.17 -62.99 55.02
N THR L 3136 -55.93 -64.24 54.70
CA THR L 3136 -56.12 -64.73 53.35
C THR L 3136 -57.58 -64.68 52.93
N GLU L 3137 -58.49 -65.05 53.82
CA GLU L 3137 -59.91 -65.04 53.50
C GLU L 3137 -60.41 -63.63 53.32
N ILE L 3138 -59.94 -62.72 54.14
CA ILE L 3138 -60.18 -61.31 53.93
C ILE L 3138 -59.70 -60.96 52.52
N GLN L 3139 -58.49 -61.37 52.15
CA GLN L 3139 -57.90 -61.08 50.84
C GLN L 3139 -58.74 -61.64 49.67
N GLU L 3140 -59.11 -62.90 49.74
CA GLU L 3140 -59.95 -63.56 48.76
C GLU L 3140 -61.29 -62.84 48.64
N PHE L 3141 -61.92 -62.56 49.77
CA PHE L 3141 -63.23 -61.95 49.83
C PHE L 3141 -63.21 -60.56 49.22
N ILE L 3142 -62.22 -59.74 49.63
CA ILE L 3142 -61.93 -58.46 49.02
C ILE L 3142 -61.83 -58.61 47.52
N SER L 3143 -61.09 -59.59 47.04
CA SER L 3143 -60.89 -59.78 45.61
C SER L 3143 -62.22 -60.10 44.92
N PHE L 3144 -62.96 -61.05 45.47
CA PHE L 3144 -64.22 -61.54 44.95
C PHE L 3144 -65.23 -60.40 44.84
N ILE L 3145 -65.38 -59.61 45.89
CA ILE L 3145 -66.30 -58.48 45.89
C ILE L 3145 -65.75 -57.28 45.08
N SER L 3146 -64.43 -57.16 44.90
CA SER L 3146 -63.81 -56.09 44.09
C SER L 3146 -64.10 -56.23 42.60
N LYS L 3147 -64.40 -57.45 42.17
CA LYS L 3147 -64.58 -57.80 40.77
C LYS L 3147 -66.09 -57.88 40.48
N GLN L 3148 -66.59 -57.11 39.54
CA GLN L 3148 -68.04 -56.98 39.34
C GLN L 3148 -68.72 -58.25 38.79
N GLY L 3149 -68.00 -59.12 38.04
CA GLY L 3149 -68.56 -60.32 37.46
C GLY L 3149 -69.07 -61.32 38.46
N ASN L 3150 -68.72 -61.17 39.73
CA ASN L 3150 -69.15 -62.12 40.76
C ASN L 3150 -70.56 -61.82 41.24
N LEU L 3151 -71.03 -60.59 41.08
CA LEU L 3151 -72.36 -60.20 41.54
C LEU L 3151 -73.45 -60.45 40.51
N SER L 3152 -73.08 -60.83 39.28
CA SER L 3152 -74.08 -61.08 38.24
C SER L 3152 -74.67 -62.48 38.37
N SER L 3153 -73.84 -63.51 38.30
CA SER L 3153 -74.22 -64.93 38.33
C SER L 3153 -74.05 -65.55 39.71
N GLN L 3154 -75.00 -66.37 40.11
CA GLN L 3154 -74.90 -67.21 41.30
C GLN L 3154 -73.78 -68.27 41.22
N VAL L 3155 -73.29 -68.63 40.03
CA VAL L 3155 -72.31 -69.72 39.84
C VAL L 3155 -70.98 -69.51 40.58
N PRO L 3156 -70.23 -68.42 40.35
CA PRO L 3156 -68.95 -68.20 41.04
C PRO L 3156 -69.11 -68.12 42.56
N LEU L 3157 -70.27 -67.66 43.04
CA LEU L 3157 -70.59 -67.66 44.45
C LEU L 3157 -70.83 -69.08 44.99
N LYS L 3158 -71.60 -69.90 44.28
CA LYS L 3158 -71.81 -71.31 44.64
C LYS L 3158 -70.48 -72.04 44.76
N ARG L 3159 -69.59 -71.79 43.80
CA ARG L 3159 -68.20 -72.26 43.83
C ARG L 3159 -67.47 -71.73 45.06
N LEU L 3160 -67.56 -70.43 45.39
CA LEU L 3160 -66.88 -69.87 46.55
C LEU L 3160 -67.18 -70.65 47.80
N LEU L 3161 -68.46 -70.87 48.11
CA LEU L 3161 -68.81 -71.55 49.35
C LEU L 3161 -68.14 -72.93 49.43
N ASN L 3162 -68.05 -73.62 48.30
CA ASN L 3162 -67.39 -74.91 48.27
C ASN L 3162 -65.94 -74.82 48.73
N THR L 3163 -65.27 -73.72 48.44
CA THR L 3163 -63.91 -73.52 48.95
C THR L 3163 -63.94 -73.36 50.47
N TRP L 3164 -64.89 -72.59 51.00
CA TRP L 3164 -64.95 -72.32 52.43
C TRP L 3164 -65.34 -73.56 53.20
N THR L 3165 -66.25 -74.37 52.66
CA THR L 3165 -66.51 -75.67 53.27
C THR L 3165 -65.28 -76.54 53.27
N ASN L 3166 -64.48 -76.49 52.21
CA ASN L 3166 -63.33 -77.38 52.11
C ASN L 3166 -62.14 -76.89 52.94
N ARG L 3167 -62.12 -75.60 53.26
CA ARG L 3167 -60.99 -74.91 53.89
C ARG L 3167 -61.33 -74.54 55.33
N TYR L 3168 -61.68 -75.48 56.17
CA TYR L 3168 -61.86 -75.20 57.60
C TYR L 3168 -60.55 -75.17 58.38
N PRO L 3169 -60.57 -74.69 59.62
CA PRO L 3169 -59.56 -75.01 60.60
C PRO L 3169 -59.65 -76.48 61.01
N ASP L 3170 -58.71 -76.91 61.82
CA ASP L 3170 -58.52 -78.22 62.43
C ASP L 3170 -59.27 -78.30 63.74
N ALA L 3171 -60.17 -79.28 63.87
CA ALA L 3171 -61.08 -79.36 65.00
C ALA L 3171 -60.44 -79.90 66.30
N LYS L 3172 -59.23 -80.43 66.26
CA LYS L 3172 -58.57 -81.07 67.41
C LYS L 3172 -57.31 -80.32 67.82
N MET L 3173 -56.64 -79.62 66.91
CA MET L 3173 -55.53 -78.74 67.22
C MET L 3173 -55.82 -77.24 67.13
N ASP L 3174 -56.74 -76.72 66.33
CA ASP L 3174 -56.95 -75.25 66.33
C ASP L 3174 -57.83 -74.81 67.49
N PRO L 3175 -57.39 -73.93 68.39
CA PRO L 3175 -58.15 -73.62 69.59
C PRO L 3175 -59.33 -72.68 69.31
N MET L 3176 -60.28 -72.64 70.25
CA MET L 3176 -61.63 -72.30 69.88
C MET L 3176 -61.80 -70.87 69.46
N ASN L 3177 -61.11 -69.98 70.15
CA ASN L 3177 -61.04 -68.59 69.78
C ASN L 3177 -60.67 -68.42 68.31
N ILE L 3178 -59.78 -69.25 67.79
CA ILE L 3178 -59.36 -69.14 66.40
C ILE L 3178 -60.44 -69.65 65.46
N TRP L 3179 -61.15 -70.70 65.87
CA TRP L 3179 -62.33 -71.15 65.18
C TRP L 3179 -63.33 -70.01 65.09
N ASP L 3180 -63.59 -69.40 66.23
CA ASP L 3180 -64.57 -68.34 66.38
C ASP L 3180 -64.36 -67.27 65.35
N ASP L 3181 -63.11 -66.92 65.17
CA ASP L 3181 -62.74 -65.87 64.29
C ASP L 3181 -63.17 -66.18 62.88
N ILE L 3182 -62.61 -67.18 62.22
CA ILE L 3182 -62.95 -67.47 60.82
C ILE L 3182 -64.45 -67.66 60.63
N ILE L 3183 -65.08 -68.33 61.59
CA ILE L 3183 -66.50 -68.61 61.50
C ILE L 3183 -67.27 -67.31 61.51
N THR L 3184 -67.07 -66.49 62.54
CA THR L 3184 -67.72 -65.20 62.67
C THR L 3184 -67.48 -64.36 61.44
N ASN L 3185 -66.23 -64.36 60.99
CA ASN L 3185 -65.79 -63.50 59.93
C ASN L 3185 -66.48 -63.88 58.63
N ARG L 3186 -66.48 -65.17 58.28
CA ARG L 3186 -67.27 -65.66 57.15
C ARG L 3186 -68.74 -65.36 57.30
N CYS L 3187 -69.30 -65.56 58.48
CA CYS L 3187 -70.70 -65.26 58.73
C CYS L 3187 -71.00 -63.81 58.32
N PHE L 3188 -70.13 -62.89 58.73
CA PHE L 3188 -70.21 -61.50 58.34
C PHE L 3188 -70.00 -61.29 56.85
N PHE L 3189 -68.99 -61.90 56.24
CA PHE L 3189 -68.74 -61.76 54.80
C PHE L 3189 -69.90 -62.24 53.95
N LEU L 3190 -70.54 -63.33 54.36
CA LEU L 3190 -71.74 -63.76 53.69
C LEU L 3190 -72.88 -62.81 53.95
N SER L 3191 -73.02 -62.23 55.15
CA SER L 3191 -73.99 -61.17 55.33
C SER L 3191 -73.74 -60.01 54.36
N LYS L 3192 -72.49 -59.67 54.05
CA LYS L 3192 -72.16 -58.65 53.05
C LYS L 3192 -72.53 -59.10 51.64
N ILE L 3193 -72.21 -60.31 51.21
CA ILE L 3193 -72.65 -60.79 49.90
C ILE L 3193 -74.17 -60.84 49.82
N GLU L 3194 -74.80 -61.28 50.89
CA GLU L 3194 -76.23 -61.34 51.04
C GLU L 3194 -76.79 -59.94 50.77
N GLU L 3195 -76.15 -58.89 51.29
CA GLU L 3195 -76.51 -57.52 50.96
C GLU L 3195 -76.21 -57.12 49.52
N LYS L 3196 -75.11 -57.60 48.90
CA LYS L 3196 -74.77 -57.22 47.51
C LYS L 3196 -75.81 -57.72 46.51
N LEU L 3197 -76.34 -58.93 46.72
CA LEU L 3197 -77.37 -59.50 45.85
C LEU L 3197 -78.80 -59.29 46.37
N THR L 3198 -78.97 -59.10 47.68
CA THR L 3198 -80.27 -59.15 48.38
C THR L 3198 -80.20 -58.51 49.77
N GLU L 3225 -80.53 -70.90 42.10
CA GLU L 3225 -81.26 -71.00 43.36
C GLU L 3225 -81.20 -69.68 44.13
N ASP L 3226 -82.00 -69.53 45.16
CA ASP L 3226 -81.83 -68.50 46.17
C ASP L 3226 -80.50 -68.67 46.94
N ILE L 3227 -79.56 -67.82 46.57
CA ILE L 3227 -78.29 -67.65 47.26
C ILE L 3227 -78.46 -67.36 48.76
N SER L 3228 -79.54 -66.69 49.18
CA SER L 3228 -79.70 -66.27 50.57
C SER L 3228 -79.92 -67.48 51.48
N SER L 3229 -80.89 -68.31 51.14
CA SER L 3229 -81.11 -69.57 51.85
C SER L 3229 -79.89 -70.48 51.72
N LEU L 3230 -79.18 -70.50 50.58
CA LEU L 3230 -77.92 -71.21 50.48
C LEU L 3230 -76.90 -70.65 51.47
N ILE L 3231 -76.82 -69.34 51.63
CA ILE L 3231 -75.96 -68.71 52.62
C ILE L 3231 -76.40 -69.12 54.02
N ARG L 3232 -77.69 -69.10 54.36
CA ARG L 3232 -78.12 -69.61 55.67
C ARG L 3232 -77.75 -71.06 55.84
N SER L 3233 -77.86 -71.88 54.79
CA SER L 3233 -77.40 -73.26 54.81
C SER L 3233 -75.95 -73.35 55.19
N CYS L 3234 -75.12 -72.52 54.59
CA CYS L 3234 -73.74 -72.45 55.00
C CYS L 3234 -73.63 -72.01 56.45
N LYS L 3235 -74.21 -70.87 56.84
CA LYS L 3235 -74.16 -70.32 58.21
C LYS L 3235 -74.45 -71.37 59.26
N PHE L 3236 -75.52 -72.09 59.02
CA PHE L 3236 -75.96 -73.17 59.89
C PHE L 3236 -74.90 -74.26 59.96
N SER L 3237 -74.50 -74.79 58.81
CA SER L 3237 -73.50 -75.84 58.73
C SER L 3237 -72.20 -75.45 59.44
N MET L 3238 -71.80 -74.20 59.27
CA MET L 3238 -70.61 -73.66 59.87
C MET L 3238 -70.75 -73.64 61.38
N LYS L 3239 -71.86 -73.12 61.89
CA LYS L 3239 -72.12 -73.21 63.32
C LYS L 3239 -71.97 -74.66 63.76
N MET L 3240 -72.48 -75.61 63.01
CA MET L 3240 -72.31 -77.01 63.38
C MET L 3240 -70.85 -77.40 63.47
N LYS L 3241 -70.08 -77.18 62.41
CA LYS L 3241 -68.67 -77.57 62.43
C LYS L 3241 -67.96 -76.89 63.58
N MET L 3242 -68.32 -75.66 63.91
CA MET L 3242 -67.74 -74.99 65.07
C MET L 3242 -68.15 -75.69 66.35
N ILE L 3243 -69.43 -75.98 66.50
CA ILE L 3243 -69.95 -76.66 67.67
C ILE L 3243 -69.22 -77.96 67.86
N ASP L 3244 -69.01 -78.68 66.77
CA ASP L 3244 -68.28 -79.94 66.77
C ASP L 3244 -66.90 -79.79 67.36
N SER L 3245 -66.15 -78.76 66.99
CA SER L 3245 -64.87 -78.56 67.63
C SER L 3245 -65.02 -78.36 69.14
N ALA L 3246 -65.95 -77.51 69.58
CA ALA L 3246 -66.15 -77.23 71.00
C ALA L 3246 -66.68 -78.42 71.81
N ARG L 3247 -67.05 -79.50 71.13
CA ARG L 3247 -67.29 -80.79 71.74
C ARG L 3247 -66.00 -81.57 71.79
N LYS L 3248 -65.35 -81.79 70.64
CA LYS L 3248 -64.10 -82.53 70.53
C LYS L 3248 -63.01 -81.98 71.45
N GLN L 3249 -63.08 -80.68 71.74
CA GLN L 3249 -62.19 -79.96 72.64
C GLN L 3249 -62.83 -79.62 73.97
N ASN L 3250 -64.00 -80.17 74.25
CA ASN L 3250 -64.69 -80.11 75.52
C ASN L 3250 -64.94 -78.70 76.08
N ASN L 3251 -65.04 -77.71 75.20
CA ASN L 3251 -65.61 -76.41 75.55
C ASN L 3251 -67.14 -76.49 75.51
N PHE L 3252 -67.67 -77.40 76.31
CA PHE L 3252 -69.08 -77.69 76.34
C PHE L 3252 -69.88 -76.43 76.68
N SER L 3253 -69.37 -75.61 77.57
CA SER L 3253 -70.05 -74.38 77.97
C SER L 3253 -70.27 -73.48 76.77
N LEU L 3254 -69.28 -73.33 75.90
CA LEU L 3254 -69.45 -72.59 74.65
C LEU L 3254 -70.47 -73.26 73.74
N ALA L 3255 -70.40 -74.58 73.64
CA ALA L 3255 -71.37 -75.29 72.85
C ALA L 3255 -72.80 -75.03 73.36
N MET L 3256 -73.04 -74.85 74.66
CA MET L 3256 -74.34 -74.41 75.15
C MET L 3256 -74.78 -73.11 74.53
N LYS L 3257 -73.90 -72.12 74.48
CA LYS L 3257 -74.24 -70.82 73.90
C LYS L 3257 -74.69 -71.01 72.47
N LEU L 3258 -73.85 -71.70 71.71
CA LEU L 3258 -74.10 -71.93 70.29
C LEU L 3258 -75.38 -72.69 70.06
N LEU L 3259 -75.62 -73.73 70.86
CA LEU L 3259 -76.86 -74.47 70.81
C LEU L 3259 -78.02 -73.53 70.96
N LYS L 3260 -78.05 -72.76 72.04
CA LYS L 3260 -79.15 -71.88 72.32
C LYS L 3260 -79.39 -70.71 71.35
N GLU L 3261 -78.41 -70.36 70.49
CA GLU L 3261 -78.63 -69.50 69.34
C GLU L 3261 -79.46 -70.19 68.26
N LEU L 3262 -79.42 -71.52 68.21
CA LEU L 3262 -80.07 -72.32 67.18
C LEU L 3262 -81.24 -73.16 67.70
N HIS L 3263 -81.42 -73.29 69.01
CA HIS L 3263 -82.31 -74.27 69.67
C HIS L 3263 -83.72 -74.24 69.12
N LYS L 3264 -84.24 -73.03 68.90
CA LYS L 3264 -85.49 -72.80 68.20
C LYS L 3264 -85.29 -72.51 66.72
N GLU L 3265 -84.27 -71.74 66.37
CA GLU L 3265 -84.05 -71.31 64.98
C GLU L 3265 -83.96 -72.49 64.01
N SER L 3266 -83.25 -73.54 64.38
CA SER L 3266 -83.10 -74.73 63.53
C SER L 3266 -84.43 -75.43 63.22
N LYS L 3267 -85.46 -75.15 64.02
CA LYS L 3267 -86.76 -75.82 64.01
C LYS L 3267 -87.68 -75.24 62.93
N THR L 3268 -87.17 -75.25 61.71
CA THR L 3268 -87.62 -74.46 60.56
C THR L 3268 -87.49 -75.25 59.27
N ARG L 3269 -86.27 -75.50 58.80
CA ARG L 3269 -85.97 -76.57 57.88
C ARG L 3269 -86.06 -77.88 58.66
N ASP L 3270 -85.63 -78.94 58.03
CA ASP L 3270 -86.13 -80.29 58.29
C ASP L 3270 -84.97 -81.17 58.74
N ASP L 3271 -84.17 -81.53 57.75
CA ASP L 3271 -82.77 -81.82 57.84
C ASP L 3271 -82.05 -80.96 58.89
N TRP L 3272 -82.30 -79.66 58.92
CA TRP L 3272 -81.65 -78.79 59.89
C TRP L 3272 -82.03 -79.18 61.30
N LEU L 3273 -83.31 -79.45 61.53
CA LEU L 3273 -83.82 -79.75 62.86
C LEU L 3273 -83.20 -81.04 63.33
N VAL L 3274 -83.23 -82.01 62.45
CA VAL L 3274 -82.63 -83.31 62.65
C VAL L 3274 -81.17 -83.15 63.08
N SER L 3275 -80.42 -82.35 62.32
CA SER L 3275 -79.02 -82.08 62.60
C SER L 3275 -78.86 -81.49 63.98
N TRP L 3276 -79.71 -80.55 64.34
CA TRP L 3276 -79.64 -79.89 65.62
C TRP L 3276 -79.83 -80.90 66.74
N VAL L 3277 -80.87 -81.71 66.63
CA VAL L 3277 -81.20 -82.74 67.62
C VAL L 3277 -80.01 -83.63 67.83
N GLN L 3278 -79.49 -84.17 66.73
CA GLN L 3278 -78.35 -85.07 66.77
C GLN L 3278 -77.20 -84.41 67.52
N SER L 3279 -76.87 -83.19 67.12
CA SER L 3279 -75.77 -82.47 67.71
C SER L 3279 -75.96 -82.30 69.21
N TYR L 3280 -77.14 -81.87 69.60
CA TYR L 3280 -77.45 -81.70 71.00
C TYR L 3280 -77.26 -82.99 71.75
N CYS L 3281 -77.76 -84.07 71.18
CA CYS L 3281 -77.67 -85.34 71.84
C CYS L 3281 -76.21 -85.78 71.95
N ARG L 3282 -75.42 -85.65 70.88
CA ARG L 3282 -73.98 -85.94 70.94
C ARG L 3282 -73.32 -85.16 72.06
N LEU L 3283 -73.65 -83.89 72.16
CA LEU L 3283 -73.04 -83.08 73.19
C LEU L 3283 -73.43 -83.60 74.57
N SER L 3284 -74.70 -83.92 74.72
CA SER L 3284 -75.17 -84.52 75.96
C SER L 3284 -74.35 -85.74 76.28
N HIS L 3285 -74.08 -86.59 75.28
CA HIS L 3285 -73.27 -87.77 75.48
C HIS L 3285 -71.87 -87.41 75.92
N CYS L 3286 -71.18 -86.50 75.24
CA CYS L 3286 -69.83 -86.18 75.66
C CYS L 3286 -69.82 -85.60 77.07
N ARG L 3287 -70.78 -84.74 77.38
CA ARG L 3287 -70.92 -84.21 78.71
C ARG L 3287 -71.16 -85.35 79.70
N SER L 3288 -71.92 -86.34 79.30
CA SER L 3288 -72.21 -87.50 80.13
C SER L 3288 -71.04 -88.42 80.39
N ARG L 3289 -69.80 -88.12 79.98
CA ARG L 3289 -68.66 -88.87 80.52
C ARG L 3289 -68.22 -88.34 81.87
N SER L 3290 -68.10 -87.02 81.99
CA SER L 3290 -67.16 -86.36 82.91
C SER L 3290 -67.64 -86.25 84.36
N GLN L 3291 -68.35 -87.26 84.81
CA GLN L 3291 -69.51 -87.08 85.69
C GLN L 3291 -69.78 -88.28 86.62
N GLY L 3292 -70.53 -88.10 87.69
CA GLY L 3292 -71.07 -89.18 88.57
C GLY L 3292 -72.40 -89.77 88.09
N CYS L 3293 -72.95 -90.80 88.72
CA CYS L 3293 -74.05 -91.58 88.13
C CYS L 3293 -75.34 -90.81 87.94
N SER L 3294 -75.90 -90.24 89.00
CA SER L 3294 -77.12 -89.46 88.89
C SER L 3294 -76.93 -88.34 87.88
N GLU L 3295 -75.80 -87.65 87.99
CA GLU L 3295 -75.37 -86.59 87.11
C GLU L 3295 -75.34 -87.04 85.64
N GLN L 3296 -74.79 -88.20 85.33
CA GLN L 3296 -74.81 -88.76 83.98
C GLN L 3296 -76.24 -89.02 83.52
N VAL L 3297 -77.03 -89.71 84.34
CA VAL L 3297 -78.40 -90.07 83.98
C VAL L 3297 -79.21 -88.82 83.69
N LEU L 3298 -79.10 -87.83 84.55
CA LEU L 3298 -79.68 -86.52 84.35
C LEU L 3298 -79.18 -85.88 83.06
N THR L 3299 -77.88 -85.95 82.80
CA THR L 3299 -77.25 -85.38 81.60
C THR L 3299 -77.75 -86.01 80.30
N VAL L 3300 -78.35 -87.20 80.33
CA VAL L 3300 -78.89 -87.83 79.14
C VAL L 3300 -80.40 -87.96 79.12
N LEU L 3301 -81.06 -87.98 80.27
CA LEU L 3301 -82.50 -88.17 80.40
C LEU L 3301 -83.25 -87.27 79.43
N LYS L 3302 -82.85 -86.01 79.41
CA LYS L 3302 -83.46 -85.00 78.54
C LYS L 3302 -83.38 -85.39 77.06
N THR L 3303 -82.29 -85.99 76.61
CA THR L 3303 -82.16 -86.38 75.20
C THR L 3303 -83.28 -87.28 74.74
N VAL L 3304 -83.77 -88.15 75.63
CA VAL L 3304 -84.84 -89.09 75.30
C VAL L 3304 -86.04 -88.33 74.75
N SER L 3305 -86.30 -87.15 75.32
CA SER L 3305 -87.40 -86.28 74.97
C SER L 3305 -87.27 -85.66 73.59
N LEU L 3306 -86.04 -85.50 73.09
CA LEU L 3306 -85.82 -85.07 71.71
C LEU L 3306 -85.93 -86.26 70.79
N LEU L 3307 -85.38 -87.38 71.21
CA LEU L 3307 -85.33 -88.59 70.41
C LEU L 3307 -86.74 -89.15 70.20
N ASP L 3308 -87.63 -89.02 71.19
CA ASP L 3308 -89.05 -89.31 71.03
C ASP L 3308 -89.85 -88.15 70.42
N GLU L 3309 -89.22 -87.06 69.96
CA GLU L 3309 -89.85 -86.26 68.90
C GLU L 3309 -89.92 -87.16 67.68
N ASN L 3310 -91.07 -87.18 67.03
CA ASN L 3310 -91.33 -88.06 65.92
C ASN L 3310 -92.28 -87.46 64.90
N ASN L 3311 -92.48 -86.13 64.86
CA ASN L 3311 -92.88 -85.51 63.60
C ASN L 3311 -91.77 -85.71 62.55
N VAL L 3312 -90.52 -85.71 63.01
CA VAL L 3312 -89.32 -86.07 62.27
C VAL L 3312 -89.35 -87.47 61.66
N SER L 3313 -90.25 -88.36 62.10
CA SER L 3313 -90.25 -89.74 61.61
C SER L 3313 -90.47 -89.79 60.11
N SER L 3314 -91.19 -88.83 59.55
CA SER L 3314 -91.38 -88.77 58.10
C SER L 3314 -90.05 -88.54 57.40
N TYR L 3315 -89.23 -87.63 57.93
CA TYR L 3315 -87.91 -87.40 57.34
C TYR L 3315 -87.00 -88.60 57.56
N LEU L 3316 -87.08 -89.23 58.73
CA LEU L 3316 -86.23 -90.38 59.01
C LEU L 3316 -86.58 -91.57 58.13
N SER L 3317 -87.85 -91.69 57.75
CA SER L 3317 -88.29 -92.78 56.88
C SER L 3317 -87.88 -92.59 55.43
N LYS L 3318 -87.42 -91.37 55.12
CA LYS L 3318 -86.89 -90.89 53.85
C LYS L 3318 -85.36 -90.84 53.85
N ASN L 3319 -84.75 -90.54 54.99
CA ASN L 3319 -83.31 -90.26 55.14
C ASN L 3319 -82.65 -91.24 56.12
N ILE L 3320 -82.44 -92.43 55.58
CA ILE L 3320 -81.78 -93.58 56.18
C ILE L 3320 -80.52 -93.21 56.95
N LEU L 3321 -79.72 -92.30 56.41
CA LEU L 3321 -78.46 -91.89 56.99
C LEU L 3321 -78.70 -91.31 58.37
N ALA L 3322 -79.58 -90.33 58.43
CA ALA L 3322 -79.98 -89.78 59.70
C ALA L 3322 -80.65 -90.82 60.58
N PHE L 3323 -81.47 -91.71 60.02
CA PHE L 3323 -82.19 -92.70 60.81
C PHE L 3323 -81.27 -93.64 61.55
N ARG L 3324 -80.27 -94.15 60.84
CA ARG L 3324 -79.12 -94.86 61.38
C ARG L 3324 -78.54 -94.06 62.54
N ASP L 3325 -78.20 -92.81 62.30
CA ASP L 3325 -77.58 -91.96 63.31
C ASP L 3325 -78.46 -91.82 64.55
N GLN L 3326 -79.74 -91.68 64.29
CA GLN L 3326 -80.76 -91.57 65.31
C GLN L 3326 -80.77 -92.80 66.19
N ASN L 3327 -80.94 -93.96 65.58
CA ASN L 3327 -80.87 -95.19 66.32
C ASN L 3327 -79.56 -95.32 67.07
N ILE L 3328 -78.44 -94.95 66.46
CA ILE L 3328 -77.13 -95.09 67.08
C ILE L 3328 -77.11 -94.34 68.38
N LEU L 3329 -77.44 -93.06 68.32
CA LEU L 3329 -77.47 -92.24 69.49
C LEU L 3329 -78.43 -92.83 70.50
N LEU L 3330 -79.58 -93.27 70.02
CA LEU L 3330 -80.62 -93.77 70.88
C LEU L 3330 -80.12 -94.96 71.68
N GLY L 3331 -79.64 -96.01 71.02
CA GLY L 3331 -79.07 -97.14 71.73
C GLY L 3331 -77.96 -96.71 72.66
N THR L 3332 -77.08 -95.82 72.19
CA THR L 3332 -75.97 -95.33 73.01
C THR L 3332 -76.48 -94.72 74.30
N THR L 3333 -77.58 -94.01 74.20
CA THR L 3333 -78.17 -93.34 75.33
C THR L 3333 -78.51 -94.34 76.41
N TYR L 3334 -79.24 -95.38 76.03
CA TYR L 3334 -79.60 -96.42 76.97
C TYR L 3334 -78.35 -97.06 77.53
N ARG L 3335 -77.36 -97.32 76.69
CA ARG L 3335 -76.14 -97.97 77.12
C ARG L 3335 -75.54 -97.21 78.26
N ILE L 3336 -75.41 -95.90 78.09
CA ILE L 3336 -74.81 -95.04 79.10
C ILE L 3336 -75.54 -95.25 80.42
N ILE L 3337 -76.85 -95.16 80.36
CA ILE L 3337 -77.71 -95.28 81.53
C ILE L 3337 -77.50 -96.62 82.18
N ALA L 3338 -77.54 -97.67 81.38
CA ALA L 3338 -77.44 -99.01 81.88
C ALA L 3338 -76.09 -99.23 82.55
N ASN L 3339 -75.02 -98.70 81.97
CA ASN L 3339 -73.73 -98.76 82.60
C ASN L 3339 -73.74 -97.97 83.91
N ALA L 3340 -74.29 -96.77 83.91
CA ALA L 3340 -74.32 -95.95 85.09
C ALA L 3340 -75.05 -96.66 86.23
N LEU L 3341 -76.23 -97.17 85.95
CA LEU L 3341 -76.98 -97.93 86.92
C LEU L 3341 -76.17 -99.14 87.35
N SER L 3342 -75.75 -100.00 86.43
CA SER L 3342 -75.15 -101.29 86.75
C SER L 3342 -73.85 -101.16 87.55
N SER L 3343 -73.17 -100.03 87.46
CA SER L 3343 -72.00 -99.79 88.29
C SER L 3343 -72.37 -99.60 89.76
N GLU L 3344 -73.55 -99.07 90.04
CA GLU L 3344 -74.00 -98.57 91.35
C GLU L 3344 -75.53 -98.76 91.49
N PRO L 3345 -76.04 -100.00 91.44
CA PRO L 3345 -77.40 -100.31 91.01
C PRO L 3345 -78.54 -99.64 91.79
N ALA L 3346 -78.36 -99.28 93.06
CA ALA L 3346 -79.37 -98.57 93.84
C ALA L 3346 -79.45 -97.05 93.58
N CYS L 3347 -78.46 -96.47 92.87
CA CYS L 3347 -78.32 -95.02 92.72
C CYS L 3347 -79.49 -94.31 92.03
N LEU L 3348 -80.43 -95.05 91.44
CA LEU L 3348 -81.73 -94.56 91.01
C LEU L 3348 -82.41 -93.72 92.10
N ALA L 3349 -82.24 -94.12 93.38
CA ALA L 3349 -82.77 -93.43 94.54
C ALA L 3349 -82.25 -91.98 94.70
N GLU L 3350 -81.12 -91.62 94.09
CA GLU L 3350 -80.48 -90.31 94.24
C GLU L 3350 -81.13 -89.22 93.38
N ILE L 3351 -81.95 -89.63 92.41
CA ILE L 3351 -82.66 -88.79 91.45
C ILE L 3351 -84.08 -88.52 91.95
N GLU L 3352 -84.52 -87.28 91.77
CA GLU L 3352 -85.85 -86.79 92.14
C GLU L 3352 -86.95 -87.69 91.57
N GLU L 3353 -87.95 -88.02 92.39
CA GLU L 3353 -88.80 -89.19 92.17
C GLU L 3353 -89.51 -89.22 90.82
N ASP L 3354 -89.97 -88.08 90.33
CA ASP L 3354 -90.57 -87.97 88.99
C ASP L 3354 -89.65 -88.53 87.90
N LYS L 3355 -88.38 -88.17 87.97
CA LYS L 3355 -87.37 -88.68 87.06
C LYS L 3355 -87.02 -90.13 87.40
N ALA L 3356 -86.95 -90.52 88.67
CA ALA L 3356 -86.76 -91.94 89.03
C ALA L 3356 -87.85 -92.82 88.42
N ARG L 3357 -89.07 -92.29 88.35
CA ARG L 3357 -90.18 -92.91 87.65
C ARG L 3357 -89.94 -92.88 86.14
N ARG L 3358 -89.65 -91.72 85.53
CA ARG L 3358 -89.36 -91.57 84.09
C ARG L 3358 -88.40 -92.64 83.60
N ILE L 3359 -87.39 -92.96 84.41
CA ILE L 3359 -86.46 -94.06 84.15
C ILE L 3359 -87.14 -95.42 84.15
N LEU L 3360 -87.74 -95.81 85.27
CA LEU L 3360 -88.38 -97.11 85.41
C LEU L 3360 -89.46 -97.30 84.35
N GLU L 3361 -90.25 -96.26 84.12
CA GLU L 3361 -91.24 -96.15 83.06
C GLU L 3361 -90.66 -96.57 81.72
N LEU L 3362 -89.59 -95.90 81.29
CA LEU L 3362 -89.14 -95.98 79.91
C LEU L 3362 -88.07 -97.07 79.68
N SER L 3363 -87.51 -97.64 80.75
CA SER L 3363 -86.99 -99.01 80.70
C SER L 3363 -88.13 -99.99 80.43
N GLY L 3364 -89.28 -99.81 81.09
CA GLY L 3364 -90.48 -100.62 80.94
C GLY L 3364 -90.51 -101.92 81.75
N SER L 3365 -89.40 -102.32 82.37
CA SER L 3365 -89.32 -103.45 83.31
C SER L 3365 -89.84 -103.02 84.72
N SER L 3366 -91.08 -102.53 84.78
CA SER L 3366 -91.77 -102.07 86.00
C SER L 3366 -92.07 -103.19 87.02
N SER L 3367 -91.55 -104.40 86.76
CA SER L 3367 -91.20 -105.38 87.78
C SER L 3367 -90.31 -104.77 88.87
N GLU L 3368 -89.60 -103.69 88.56
CA GLU L 3368 -88.90 -102.84 89.52
C GLU L 3368 -87.79 -103.58 90.27
N ASP L 3369 -86.93 -104.24 89.47
CA ASP L 3369 -85.62 -104.77 89.84
C ASP L 3369 -84.56 -104.13 88.95
N SER L 3370 -83.61 -103.36 89.50
CA SER L 3370 -82.66 -102.56 88.71
C SER L 3370 -81.92 -103.41 87.68
N GLU L 3371 -81.49 -104.59 88.09
CA GLU L 3371 -80.89 -105.65 87.31
C GLU L 3371 -81.76 -106.07 86.11
N LYS L 3372 -83.07 -106.25 86.31
CA LYS L 3372 -84.01 -106.52 85.22
C LYS L 3372 -84.25 -105.30 84.36
N VAL L 3373 -84.39 -104.10 84.94
CA VAL L 3373 -84.46 -102.87 84.13
C VAL L 3373 -83.15 -102.69 83.36
N ILE L 3374 -81.99 -103.12 83.86
CA ILE L 3374 -80.72 -103.02 83.15
C ILE L 3374 -80.66 -104.00 81.99
N ALA L 3375 -80.99 -105.27 82.19
CA ALA L 3375 -81.11 -106.22 81.12
C ALA L 3375 -82.10 -105.74 80.06
N GLY L 3376 -83.27 -105.31 80.50
CA GLY L 3376 -84.27 -104.68 79.65
C GLY L 3376 -83.68 -103.53 78.86
N LEU L 3377 -83.08 -102.55 79.52
CA LEU L 3377 -82.43 -101.41 78.88
C LEU L 3377 -81.45 -101.86 77.82
N TYR L 3378 -80.56 -102.79 78.15
CA TYR L 3378 -79.56 -103.27 77.22
C TYR L 3378 -80.21 -103.89 75.99
N GLN L 3379 -81.22 -104.72 76.22
CA GLN L 3379 -82.02 -105.29 75.15
C GLN L 3379 -82.62 -104.17 74.30
N ARG L 3380 -83.30 -103.21 74.93
CA ARG L 3380 -83.92 -102.08 74.24
C ARG L 3380 -82.86 -101.35 73.41
N ALA L 3381 -81.68 -101.15 73.99
CA ALA L 3381 -80.56 -100.52 73.32
C ALA L 3381 -80.19 -101.28 72.06
N PHE L 3382 -79.98 -102.58 72.21
CA PHE L 3382 -79.58 -103.43 71.12
C PHE L 3382 -80.57 -103.34 69.98
N GLN L 3383 -81.85 -103.15 70.24
CA GLN L 3383 -82.83 -103.01 69.17
C GLN L 3383 -82.49 -101.86 68.26
N HIS L 3384 -82.30 -100.67 68.84
CA HIS L 3384 -81.92 -99.52 68.02
C HIS L 3384 -80.64 -99.83 67.26
N LEU L 3385 -79.65 -100.38 67.95
CA LEU L 3385 -78.35 -100.57 67.34
C LEU L 3385 -78.42 -101.55 66.18
N SER L 3386 -78.99 -102.72 66.42
CA SER L 3386 -79.07 -103.75 65.41
C SER L 3386 -79.83 -103.22 64.20
N GLU L 3387 -80.92 -102.52 64.43
CA GLU L 3387 -81.60 -101.83 63.35
C GLU L 3387 -80.72 -100.78 62.66
N ALA L 3388 -79.98 -99.98 63.42
CA ALA L 3388 -79.13 -98.96 62.84
C ALA L 3388 -78.13 -99.58 61.89
N VAL L 3389 -77.49 -100.64 62.36
CA VAL L 3389 -76.53 -101.39 61.59
C VAL L 3389 -77.21 -101.91 60.34
N GLN L 3390 -78.44 -102.41 60.44
CA GLN L 3390 -79.14 -102.94 59.29
C GLN L 3390 -79.42 -101.85 58.27
N ALA L 3391 -80.03 -100.75 58.72
CA ALA L 3391 -80.19 -99.57 57.91
C ALA L 3391 -78.85 -99.08 57.31
N ALA L 3392 -77.74 -99.28 58.01
CA ALA L 3392 -76.43 -98.92 57.50
C ALA L 3392 -75.95 -99.87 56.41
N GLU L 3393 -76.18 -101.17 56.56
CA GLU L 3393 -75.85 -102.16 55.54
C GLU L 3393 -76.67 -101.97 54.25
N GLU L 3394 -77.76 -101.21 54.29
CA GLU L 3394 -78.73 -101.11 53.21
C GLU L 3394 -78.56 -99.81 52.37
N GLU L 3395 -78.49 -99.94 51.05
CA GLU L 3395 -78.31 -98.85 50.09
C GLU L 3395 -77.13 -97.96 50.45
N ALA L 3396 -76.06 -98.58 50.96
CA ALA L 3396 -74.80 -97.88 51.21
C ALA L 3396 -73.66 -98.74 50.66
N GLN L 3397 -73.38 -98.58 49.37
CA GLN L 3397 -72.31 -99.31 48.71
C GLN L 3397 -71.67 -98.45 47.62
N PRO L 3398 -70.99 -97.36 47.97
CA PRO L 3398 -70.34 -96.54 46.94
C PRO L 3398 -69.15 -97.28 46.35
N PRO L 3399 -68.96 -97.19 45.03
CA PRO L 3399 -67.78 -97.83 44.43
C PRO L 3399 -66.47 -97.27 44.96
N PRO L 3405 -68.34 -91.31 53.03
CA PRO L 3405 -69.47 -91.58 53.91
C PRO L 3405 -69.21 -92.74 54.88
N ALA L 3406 -68.15 -93.51 54.67
CA ALA L 3406 -67.85 -94.78 55.31
C ALA L 3406 -67.86 -94.73 56.84
N ALA L 3407 -67.57 -93.55 57.35
CA ALA L 3407 -67.48 -93.22 58.77
C ALA L 3407 -68.68 -93.76 59.54
N GLY L 3408 -69.89 -93.42 59.13
CA GLY L 3408 -71.10 -93.87 59.79
C GLY L 3408 -71.32 -95.38 59.68
N VAL L 3409 -70.93 -95.98 58.57
CA VAL L 3409 -71.09 -97.43 58.37
C VAL L 3409 -70.27 -98.16 59.43
N ILE L 3410 -69.01 -97.78 59.46
CA ILE L 3410 -68.01 -98.31 60.37
C ILE L 3410 -68.47 -98.06 61.79
N ASP L 3411 -68.80 -96.81 62.08
CA ASP L 3411 -69.23 -96.34 63.37
C ASP L 3411 -70.34 -97.24 63.90
N ALA L 3412 -71.35 -97.51 63.09
CA ALA L 3412 -72.42 -98.38 63.49
C ALA L 3412 -71.88 -99.74 63.92
N TYR L 3413 -71.14 -100.38 63.02
CA TYR L 3413 -70.68 -101.74 63.20
C TYR L 3413 -69.85 -101.85 64.47
N MET L 3414 -68.93 -100.91 64.62
CA MET L 3414 -68.09 -100.81 65.79
C MET L 3414 -68.93 -100.62 67.02
N THR L 3415 -69.85 -99.68 66.97
CA THR L 3415 -70.60 -99.32 68.14
C THR L 3415 -71.33 -100.53 68.68
N LEU L 3416 -71.98 -101.26 67.79
CA LEU L 3416 -72.64 -102.48 68.18
C LEU L 3416 -71.65 -103.44 68.83
N ALA L 3417 -70.52 -103.63 68.19
CA ALA L 3417 -69.50 -104.52 68.69
C ALA L 3417 -69.01 -104.07 70.07
N ASP L 3418 -68.82 -102.78 70.29
CA ASP L 3418 -68.34 -102.23 71.54
C ASP L 3418 -69.26 -102.60 72.67
N PHE L 3419 -70.54 -102.45 72.42
CA PHE L 3419 -71.52 -102.87 73.37
C PHE L 3419 -71.43 -104.38 73.61
N CYS L 3420 -71.40 -105.16 72.56
CA CYS L 3420 -71.37 -106.60 72.71
C CYS L 3420 -70.15 -107.05 73.51
N ASP L 3421 -68.99 -106.46 73.26
CA ASP L 3421 -67.78 -106.80 73.97
C ASP L 3421 -67.91 -106.57 75.47
N GLN L 3422 -68.39 -105.40 75.90
CA GLN L 3422 -68.54 -105.17 77.33
C GLN L 3422 -69.49 -106.22 77.94
N GLN L 3423 -70.53 -106.62 77.22
CA GLN L 3423 -71.43 -107.63 77.74
C GLN L 3423 -70.74 -108.98 77.83
N LEU L 3424 -70.05 -109.39 76.77
CA LEU L 3424 -69.32 -110.65 76.77
C LEU L 3424 -68.32 -110.67 77.92
N ARG L 3425 -67.70 -109.54 78.21
CA ARG L 3425 -66.83 -109.42 79.36
C ARG L 3425 -67.58 -109.53 80.67
N LYS L 3426 -68.75 -108.93 80.83
CA LYS L 3426 -69.55 -109.13 82.05
C LYS L 3426 -69.85 -110.60 82.25
N GLU L 3427 -70.17 -111.33 81.20
CA GLU L 3427 -70.26 -112.79 81.29
C GLU L 3427 -68.92 -113.40 81.72
N GLU L 3428 -67.82 -113.12 81.02
CA GLU L 3428 -66.51 -113.72 81.31
C GLU L 3428 -66.03 -113.41 82.73
N GLU L 3429 -66.27 -112.20 83.21
CA GLU L 3429 -65.98 -111.74 84.55
C GLU L 3429 -66.78 -112.49 85.62
N ASN L 3430 -67.99 -112.95 85.29
CA ASN L 3430 -68.96 -113.44 86.25
C ASN L 3430 -69.02 -114.97 86.25
N ALA L 3431 -68.83 -115.57 87.42
CA ALA L 3431 -69.06 -117.01 87.59
C ALA L 3431 -70.56 -117.33 87.47
N SER L 3432 -71.43 -116.60 88.19
CA SER L 3432 -72.87 -116.73 88.01
C SER L 3432 -73.31 -115.97 86.77
N VAL L 3433 -73.84 -116.69 85.78
CA VAL L 3433 -74.22 -116.12 84.50
C VAL L 3433 -75.71 -116.35 84.32
N ILE L 3434 -76.51 -115.32 84.62
CA ILE L 3434 -77.94 -115.36 84.30
C ILE L 3434 -78.21 -114.87 82.88
N ASP L 3435 -77.39 -113.96 82.37
CA ASP L 3435 -77.55 -113.46 81.00
C ASP L 3435 -76.98 -114.46 80.00
N SER L 3436 -77.67 -115.58 79.81
CA SER L 3436 -77.22 -116.63 78.90
C SER L 3436 -77.99 -116.64 77.59
N ALA L 3437 -79.32 -116.65 77.65
CA ALA L 3437 -80.12 -116.61 76.42
C ALA L 3437 -79.98 -115.26 75.71
N GLU L 3438 -79.72 -114.19 76.45
CA GLU L 3438 -79.54 -112.88 75.84
C GLU L 3438 -78.22 -112.82 75.09
N LEU L 3439 -77.13 -113.22 75.75
CA LEU L 3439 -75.80 -113.16 75.16
C LEU L 3439 -75.51 -114.45 74.38
N GLN L 3440 -76.43 -114.81 73.49
CA GLN L 3440 -76.24 -115.98 72.64
C GLN L 3440 -75.77 -115.55 71.27
N ALA L 3441 -76.48 -114.63 70.63
CA ALA L 3441 -76.11 -114.21 69.29
C ALA L 3441 -74.74 -113.53 69.27
N TYR L 3442 -74.37 -112.85 70.37
CA TYR L 3442 -73.34 -111.82 70.35
C TYR L 3442 -71.99 -112.30 69.82
N PRO L 3443 -71.44 -113.45 70.24
CA PRO L 3443 -70.16 -113.88 69.73
C PRO L 3443 -70.18 -114.05 68.22
N ALA L 3444 -71.16 -114.76 67.69
CA ALA L 3444 -71.21 -114.98 66.25
C ALA L 3444 -71.50 -113.68 65.51
N LEU L 3445 -72.39 -112.88 66.07
CA LEU L 3445 -72.80 -111.61 65.50
C LEU L 3445 -71.62 -110.67 65.25
N VAL L 3446 -70.83 -110.41 66.29
CA VAL L 3446 -69.77 -109.40 66.27
C VAL L 3446 -68.84 -109.58 65.09
N VAL L 3447 -68.48 -110.82 64.82
CA VAL L 3447 -67.55 -111.19 63.77
C VAL L 3447 -67.98 -110.60 62.45
N GLU L 3448 -69.21 -110.88 62.07
CA GLU L 3448 -69.75 -110.46 60.80
C GLU L 3448 -69.73 -108.94 60.67
N LYS L 3449 -69.82 -108.24 61.80
CA LYS L 3449 -69.66 -106.80 61.80
C LYS L 3449 -68.21 -106.42 61.60
N MET L 3450 -67.30 -106.86 62.46
CA MET L 3450 -65.92 -106.38 62.35
C MET L 3450 -65.34 -106.71 61.00
N LEU L 3451 -65.55 -107.90 60.47
CA LEU L 3451 -64.95 -108.23 59.17
C LEU L 3451 -65.62 -107.51 58.01
N LYS L 3452 -66.87 -107.07 58.15
CA LYS L 3452 -67.37 -106.02 57.26
C LYS L 3452 -66.55 -104.76 57.48
N ALA L 3453 -66.47 -104.27 58.72
CA ALA L 3453 -65.80 -103.00 59.02
C ALA L 3453 -64.36 -102.94 58.53
N LEU L 3454 -63.65 -104.05 58.65
CA LEU L 3454 -62.24 -104.09 58.34
C LEU L 3454 -62.02 -103.96 56.84
N LYS L 3455 -62.94 -104.48 56.02
CA LYS L 3455 -62.93 -104.22 54.57
C LYS L 3455 -63.05 -102.74 54.25
N LEU L 3456 -63.61 -101.96 55.15
CA LEU L 3456 -63.77 -100.51 54.99
C LEU L 3456 -62.55 -99.74 55.50
N ASN L 3457 -61.44 -100.42 55.77
CA ASN L 3457 -60.19 -99.83 56.23
C ASN L 3457 -60.26 -99.26 57.67
N SER L 3458 -61.08 -99.81 58.56
CA SER L 3458 -61.19 -99.29 59.91
C SER L 3458 -59.90 -99.50 60.65
N ASN L 3459 -59.19 -98.41 60.90
CA ASN L 3459 -58.04 -98.44 61.76
C ASN L 3459 -58.42 -98.95 63.15
N GLU L 3460 -59.58 -98.61 63.70
CA GLU L 3460 -59.86 -99.06 65.04
C GLU L 3460 -60.16 -100.54 65.12
N ALA L 3461 -60.83 -101.09 64.12
CA ALA L 3461 -61.03 -102.52 64.07
C ALA L 3461 -59.70 -103.23 64.00
N ARG L 3462 -58.80 -102.71 63.17
CA ARG L 3462 -57.44 -103.20 63.01
C ARG L 3462 -56.69 -103.15 64.33
N LEU L 3463 -56.94 -102.14 65.14
CA LEU L 3463 -56.35 -102.03 66.47
C LEU L 3463 -56.93 -103.03 67.45
N LYS L 3464 -58.21 -103.34 67.32
CA LYS L 3464 -58.93 -104.28 68.17
C LYS L 3464 -58.80 -105.74 67.74
N PHE L 3465 -58.38 -105.98 66.52
CA PHE L 3465 -58.49 -107.26 65.85
C PHE L 3465 -58.12 -108.51 66.66
N PRO L 3466 -57.04 -108.53 67.45
CA PRO L 3466 -56.74 -109.63 68.34
C PRO L 3466 -57.89 -110.12 69.19
N ARG L 3467 -58.89 -109.30 69.47
CA ARG L 3467 -60.09 -109.74 70.17
C ARG L 3467 -60.69 -110.98 69.56
N LEU L 3468 -60.84 -110.99 68.26
CA LEU L 3468 -61.42 -112.12 67.55
C LEU L 3468 -60.67 -113.39 67.88
N LEU L 3469 -59.36 -113.28 67.90
CA LEU L 3469 -58.47 -114.40 68.05
C LEU L 3469 -58.56 -115.03 69.44
N GLN L 3470 -59.02 -114.29 70.44
CA GLN L 3470 -59.33 -114.83 71.76
C GLN L 3470 -60.81 -115.16 71.94
N ILE L 3471 -61.70 -114.48 71.23
CA ILE L 3471 -63.13 -114.80 71.21
C ILE L 3471 -63.36 -116.19 70.63
N ILE L 3472 -62.79 -116.53 69.48
CA ILE L 3472 -63.05 -117.82 68.86
C ILE L 3472 -62.70 -118.97 69.78
N GLU L 3473 -61.66 -118.79 70.59
CA GLU L 3473 -61.24 -119.76 71.58
C GLU L 3473 -62.27 -119.99 72.67
N ARG L 3474 -63.04 -118.95 73.02
CA ARG L 3474 -64.16 -119.04 73.94
C ARG L 3474 -65.43 -119.56 73.27
N TYR L 3475 -65.61 -119.26 71.99
CA TYR L 3475 -66.82 -119.55 71.24
C TYR L 3475 -66.58 -120.47 70.04
N PRO L 3476 -65.84 -121.58 70.22
CA PRO L 3476 -65.38 -122.39 69.11
C PRO L 3476 -66.50 -123.14 68.42
N GLU L 3477 -67.70 -123.12 68.96
CA GLU L 3477 -68.83 -123.89 68.47
C GLU L 3477 -69.21 -123.38 67.10
N GLU L 3478 -69.40 -122.06 66.97
CA GLU L 3478 -70.04 -121.48 65.79
C GLU L 3478 -69.47 -120.15 65.36
N THR L 3479 -68.38 -119.71 65.97
CA THR L 3479 -67.58 -118.68 65.33
C THR L 3479 -66.90 -119.21 64.07
N LEU L 3480 -66.27 -120.38 64.18
CA LEU L 3480 -65.19 -120.74 63.25
C LEU L 3480 -65.70 -120.77 61.82
N SER L 3481 -66.85 -121.37 61.59
CA SER L 3481 -67.42 -121.55 60.27
C SER L 3481 -67.64 -120.21 59.58
N LEU L 3482 -68.35 -119.32 60.27
CA LEU L 3482 -68.71 -118.00 59.79
C LEU L 3482 -67.47 -117.19 59.49
N MET L 3483 -66.57 -117.12 60.47
CA MET L 3483 -65.30 -116.44 60.33
C MET L 3483 -64.56 -116.95 59.11
N THR L 3484 -64.50 -118.26 58.96
CA THR L 3484 -63.73 -118.87 57.89
C THR L 3484 -64.29 -118.47 56.54
N LYS L 3485 -65.59 -118.70 56.30
CA LYS L 3485 -66.16 -118.38 54.98
C LYS L 3485 -66.12 -116.88 54.67
N GLU L 3486 -66.02 -116.06 55.71
CA GLU L 3486 -65.94 -114.62 55.61
C GLU L 3486 -64.53 -114.13 55.31
N ILE L 3487 -63.54 -114.58 56.07
CA ILE L 3487 -62.32 -113.80 56.30
C ILE L 3487 -61.48 -113.56 55.05
N SER L 3488 -61.57 -114.44 54.07
CA SER L 3488 -60.99 -114.30 52.72
C SER L 3488 -61.23 -112.92 52.09
N SER L 3489 -62.38 -112.34 52.37
CA SER L 3489 -62.77 -111.04 51.85
C SER L 3489 -62.01 -109.85 52.44
N VAL L 3490 -61.10 -110.06 53.40
CA VAL L 3490 -60.32 -108.99 54.08
C VAL L 3490 -58.92 -108.81 53.48
N PRO L 3491 -58.46 -107.60 53.16
CA PRO L 3491 -57.15 -107.41 52.55
C PRO L 3491 -56.03 -107.89 53.44
N CYS L 3492 -55.12 -108.70 52.90
CA CYS L 3492 -54.06 -109.34 53.67
C CYS L 3492 -53.25 -108.30 54.45
N TRP L 3493 -52.89 -107.21 53.80
CA TRP L 3493 -52.05 -106.18 54.39
C TRP L 3493 -52.73 -105.39 55.49
N GLN L 3494 -54.01 -105.60 55.75
CA GLN L 3494 -54.55 -105.08 56.99
C GLN L 3494 -53.98 -105.82 58.20
N PHE L 3495 -53.61 -107.07 58.09
CA PHE L 3495 -53.35 -107.84 59.30
C PHE L 3495 -52.01 -107.60 59.95
N ILE L 3496 -51.04 -107.13 59.18
CA ILE L 3496 -49.61 -107.37 59.40
C ILE L 3496 -49.15 -107.13 60.82
N SER L 3497 -49.66 -106.08 61.44
CA SER L 3497 -49.42 -105.80 62.85
C SER L 3497 -49.42 -107.04 63.73
N TRP L 3498 -50.44 -107.88 63.59
CA TRP L 3498 -50.73 -108.94 64.55
C TRP L 3498 -50.14 -110.27 64.20
N ILE L 3499 -49.21 -110.27 63.26
CA ILE L 3499 -48.78 -111.48 62.63
C ILE L 3499 -48.35 -112.53 63.63
N SER L 3500 -47.68 -112.13 64.70
CA SER L 3500 -47.23 -113.03 65.75
C SER L 3500 -48.35 -113.91 66.26
N HIS L 3501 -49.47 -113.32 66.62
CA HIS L 3501 -50.63 -114.04 67.11
C HIS L 3501 -51.06 -115.05 66.09
N MET L 3502 -51.17 -114.61 64.84
CA MET L 3502 -51.67 -115.43 63.76
C MET L 3502 -50.79 -116.65 63.61
N VAL L 3503 -49.49 -116.46 63.52
CA VAL L 3503 -48.59 -117.60 63.34
C VAL L 3503 -48.46 -118.43 64.59
N ALA L 3504 -48.73 -117.85 65.75
CA ALA L 3504 -48.68 -118.55 67.01
C ALA L 3504 -49.87 -119.50 67.23
N LEU L 3505 -50.86 -119.60 66.32
CA LEU L 3505 -51.94 -120.53 66.53
C LEU L 3505 -52.18 -121.42 65.31
N LEU L 3506 -51.16 -121.58 64.46
CA LEU L 3506 -51.27 -122.45 63.30
C LEU L 3506 -51.27 -123.93 63.67
N ASP L 3507 -50.98 -124.25 64.91
CA ASP L 3507 -50.97 -125.57 65.49
C ASP L 3507 -52.29 -125.92 66.18
N LYS L 3508 -53.02 -124.92 66.72
CA LYS L 3508 -54.34 -125.12 67.33
C LYS L 3508 -55.41 -125.15 66.25
N ASP L 3509 -56.52 -125.85 66.41
CA ASP L 3509 -57.47 -126.12 65.31
C ASP L 3509 -57.97 -124.85 64.60
N GLN L 3510 -58.08 -123.77 65.34
CA GLN L 3510 -58.40 -122.45 64.86
C GLN L 3510 -57.47 -121.95 63.77
N ALA L 3511 -56.34 -122.61 63.56
CA ALA L 3511 -55.56 -122.59 62.34
C ALA L 3511 -56.44 -122.53 61.09
N VAL L 3512 -57.53 -123.30 61.07
CA VAL L 3512 -58.48 -123.37 59.97
C VAL L 3512 -58.87 -121.99 59.46
N ALA L 3513 -59.11 -121.03 60.35
CA ALA L 3513 -59.47 -119.68 59.97
C ALA L 3513 -58.30 -118.97 59.27
N VAL L 3514 -57.11 -119.06 59.83
CA VAL L 3514 -55.97 -118.25 59.43
C VAL L 3514 -55.17 -118.85 58.30
N GLN L 3515 -55.21 -120.16 58.08
CA GLN L 3515 -54.23 -120.82 57.23
C GLN L 3515 -54.18 -120.22 55.82
N HIS L 3516 -55.34 -120.04 55.20
CA HIS L 3516 -55.43 -119.35 53.92
C HIS L 3516 -54.81 -117.95 54.00
N SER L 3517 -55.15 -117.20 55.03
CA SER L 3517 -54.77 -115.82 55.19
C SER L 3517 -53.26 -115.70 55.27
N VAL L 3518 -52.66 -116.48 56.15
CA VAL L 3518 -51.23 -116.44 56.40
C VAL L 3518 -50.47 -116.81 55.14
N GLU L 3519 -50.97 -117.79 54.40
CA GLU L 3519 -50.33 -118.12 53.16
C GLU L 3519 -50.41 -116.96 52.18
N GLU L 3520 -51.53 -116.26 52.11
CA GLU L 3520 -51.58 -115.09 51.26
C GLU L 3520 -50.58 -114.02 51.69
N ILE L 3521 -50.46 -113.78 52.99
CA ILE L 3521 -49.48 -112.81 53.50
C ILE L 3521 -48.08 -113.21 53.08
N THR L 3522 -47.75 -114.49 53.23
CA THR L 3522 -46.49 -115.03 52.74
C THR L 3522 -46.31 -114.72 51.28
N ASP L 3523 -47.32 -115.01 50.49
CA ASP L 3523 -47.29 -114.88 49.06
C ASP L 3523 -47.25 -113.43 48.57
N ASN L 3524 -47.26 -112.45 49.46
CA ASN L 3524 -47.06 -111.05 49.10
C ASN L 3524 -45.91 -110.38 49.84
N TYR L 3525 -45.67 -110.77 51.08
CA TYR L 3525 -44.85 -110.02 52.01
C TYR L 3525 -43.98 -110.97 52.80
N PRO L 3526 -43.10 -111.72 52.13
CA PRO L 3526 -42.36 -112.79 52.76
C PRO L 3526 -41.45 -112.23 53.85
N GLN L 3527 -40.82 -111.10 53.53
CA GLN L 3527 -39.98 -110.37 54.45
C GLN L 3527 -40.74 -109.88 55.67
N ALA L 3528 -42.08 -109.79 55.63
CA ALA L 3528 -42.83 -109.51 56.83
C ALA L 3528 -42.91 -110.78 57.66
N ILE L 3529 -43.47 -111.85 57.11
CA ILE L 3529 -43.85 -112.99 57.94
C ILE L 3529 -42.66 -113.72 58.55
N VAL L 3530 -41.54 -113.70 57.87
CA VAL L 3530 -40.47 -114.64 58.10
C VAL L 3530 -40.02 -114.71 59.57
N TYR L 3531 -39.67 -113.61 60.21
CA TYR L 3531 -39.19 -113.68 61.58
C TYR L 3531 -40.22 -114.22 62.54
N PRO L 3532 -41.46 -113.71 62.54
CA PRO L 3532 -42.53 -114.33 63.30
C PRO L 3532 -42.62 -115.82 63.05
N PHE L 3533 -42.57 -116.21 61.78
CA PHE L 3533 -42.66 -117.62 61.45
C PHE L 3533 -41.54 -118.39 62.08
N ILE L 3534 -40.30 -117.89 62.01
CA ILE L 3534 -39.16 -118.56 62.59
C ILE L 3534 -39.39 -118.82 64.05
N ILE L 3535 -39.71 -117.79 64.81
CA ILE L 3535 -39.80 -117.89 66.26
C ILE L 3535 -40.91 -118.86 66.66
N SER L 3536 -41.94 -118.94 65.84
CA SER L 3536 -43.06 -119.84 66.07
C SER L 3536 -42.74 -121.27 65.64
N SER L 3537 -41.98 -121.42 64.56
CA SER L 3537 -41.56 -122.70 64.03
C SER L 3537 -40.74 -123.46 65.03
N GLU L 3538 -39.92 -122.77 65.81
CA GLU L 3538 -39.14 -123.37 66.88
C GLU L 3538 -39.97 -123.64 68.16
N SER L 3539 -41.29 -123.56 68.12
CA SER L 3539 -42.12 -123.49 69.32
C SER L 3539 -43.41 -124.32 69.33
N TYR L 3540 -44.00 -124.66 68.19
CA TYR L 3540 -45.16 -125.55 68.08
C TYR L 3540 -44.93 -126.95 68.65
N SER L 3541 -46.02 -127.68 68.88
CA SER L 3541 -46.06 -129.13 68.88
C SER L 3541 -47.44 -129.57 68.40
N PHE L 3542 -47.50 -130.17 67.23
CA PHE L 3542 -48.76 -130.60 66.61
C PHE L 3542 -49.39 -131.79 67.33
N LYS L 3543 -50.72 -131.92 67.23
CA LYS L 3543 -51.43 -133.15 67.58
C LYS L 3543 -51.22 -134.24 66.54
N ASP L 3544 -51.04 -135.47 67.03
CA ASP L 3544 -50.82 -136.65 66.19
C ASP L 3544 -52.16 -137.22 65.68
N THR L 3545 -52.89 -136.36 64.97
CA THR L 3545 -54.29 -136.50 64.55
C THR L 3545 -54.48 -135.75 63.24
N SER L 3546 -55.49 -136.04 62.40
CA SER L 3546 -55.57 -135.41 61.08
C SER L 3546 -55.56 -133.89 61.18
N THR L 3547 -56.23 -133.31 62.17
CA THR L 3547 -56.14 -131.87 62.46
C THR L 3547 -54.71 -131.37 62.66
N GLY L 3548 -53.93 -131.98 63.56
CA GLY L 3548 -52.55 -131.56 63.73
C GLY L 3548 -51.67 -131.91 62.54
N HIS L 3549 -51.91 -133.04 61.88
CA HIS L 3549 -51.21 -133.40 60.65
C HIS L 3549 -51.44 -132.37 59.55
N LYS L 3550 -52.69 -132.02 59.27
CA LYS L 3550 -53.06 -130.95 58.34
C LYS L 3550 -52.27 -129.69 58.64
N ASN L 3551 -52.26 -129.30 59.91
CA ASN L 3551 -51.52 -128.15 60.35
C ASN L 3551 -50.01 -128.32 60.11
N LYS L 3552 -49.44 -129.45 60.50
CA LYS L 3552 -48.01 -129.75 60.37
C LYS L 3552 -47.58 -129.75 58.93
N GLU L 3553 -48.43 -130.28 58.07
CA GLU L 3553 -48.23 -130.34 56.64
C GLU L 3553 -48.33 -128.96 56.00
N PHE L 3554 -49.32 -128.15 56.38
CA PHE L 3554 -49.38 -126.77 55.96
C PHE L 3554 -48.13 -126.02 56.40
N VAL L 3555 -47.70 -126.24 57.64
CA VAL L 3555 -46.50 -125.60 58.16
C VAL L 3555 -45.30 -126.03 57.38
N ALA L 3556 -45.17 -127.29 57.01
CA ALA L 3556 -44.12 -127.70 56.11
C ALA L 3556 -44.20 -126.96 54.77
N ARG L 3557 -45.39 -126.76 54.21
CA ARG L 3557 -45.55 -125.97 52.98
C ARG L 3557 -45.14 -124.53 53.16
N ILE L 3558 -45.49 -123.89 54.27
CA ILE L 3558 -44.98 -122.55 54.52
C ILE L 3558 -43.47 -122.58 54.63
N LYS L 3559 -42.94 -123.42 55.52
CA LYS L 3559 -41.51 -123.54 55.84
C LYS L 3559 -40.68 -123.70 54.59
N SER L 3560 -41.06 -124.66 53.76
CA SER L 3560 -40.44 -124.84 52.45
C SER L 3560 -40.64 -123.63 51.55
N LYS L 3561 -41.83 -123.03 51.49
CA LYS L 3561 -42.07 -121.81 50.72
C LYS L 3561 -41.51 -120.55 51.38
N LEU L 3562 -40.66 -120.68 52.39
CA LEU L 3562 -39.77 -119.63 52.85
C LEU L 3562 -38.30 -119.97 52.58
N ASP L 3563 -37.95 -121.25 52.50
CA ASP L 3563 -36.58 -121.71 52.31
C ASP L 3563 -35.94 -121.38 50.94
N GLN L 3564 -36.66 -120.77 50.00
CA GLN L 3564 -36.02 -120.02 48.92
C GLN L 3564 -35.28 -118.80 49.51
N GLY L 3565 -35.94 -118.01 50.35
CA GLY L 3565 -35.31 -117.06 51.26
C GLY L 3565 -34.43 -117.74 52.32
N GLY L 3566 -34.58 -119.05 52.51
CA GLY L 3566 -33.64 -119.94 53.17
C GLY L 3566 -32.19 -119.75 52.71
N VAL L 3567 -32.00 -119.41 51.43
CA VAL L 3567 -30.72 -118.98 50.90
C VAL L 3567 -30.18 -117.78 51.68
N ILE L 3568 -30.98 -116.72 51.81
CA ILE L 3568 -30.57 -115.48 52.44
C ILE L 3568 -30.38 -115.65 53.94
N GLN L 3569 -31.35 -116.25 54.63
CA GLN L 3569 -31.39 -116.27 56.08
C GLN L 3569 -30.24 -117.01 56.75
N ASP L 3570 -29.28 -117.54 56.02
CA ASP L 3570 -27.98 -117.83 56.65
C ASP L 3570 -27.39 -116.59 57.34
N PHE L 3571 -27.83 -115.43 56.88
CA PHE L 3571 -27.73 -114.16 57.53
C PHE L 3571 -28.00 -114.25 59.03
N ILE L 3572 -28.95 -115.07 59.45
CA ILE L 3572 -29.22 -115.26 60.86
C ILE L 3572 -27.99 -115.81 61.52
N ASN L 3573 -27.48 -116.90 60.99
CA ASN L 3573 -26.29 -117.54 61.49
C ASN L 3573 -25.15 -116.50 61.51
N ALA L 3574 -25.09 -115.67 60.48
CA ALA L 3574 -24.06 -114.66 60.34
C ALA L 3574 -24.14 -113.62 61.46
N LEU L 3575 -25.32 -113.08 61.72
CA LEU L 3575 -25.52 -112.27 62.89
C LEU L 3575 -25.13 -113.03 64.15
N ASP L 3576 -25.49 -114.31 64.22
CA ASP L 3576 -25.29 -115.10 65.41
C ASP L 3576 -23.83 -115.10 65.82
N GLN L 3577 -22.91 -115.11 64.85
CA GLN L 3577 -21.47 -115.05 65.11
C GLN L 3577 -21.06 -113.90 66.02
N LEU L 3578 -21.79 -112.79 65.97
CA LEU L 3578 -21.50 -111.62 66.78
C LEU L 3578 -21.73 -111.83 68.25
N SER L 3579 -22.62 -112.75 68.66
CA SER L 3579 -22.77 -112.94 70.09
C SER L 3579 -21.47 -113.44 70.70
N ASN L 3580 -21.22 -113.08 71.97
CA ASN L 3580 -20.10 -113.65 72.68
C ASN L 3580 -20.38 -115.12 72.96
N PRO L 3581 -19.52 -116.04 72.48
CA PRO L 3581 -19.77 -117.47 72.63
C PRO L 3581 -19.84 -117.85 74.11
N GLU L 3582 -18.94 -117.31 74.93
CA GLU L 3582 -18.95 -117.53 76.36
C GLU L 3582 -20.26 -117.09 77.04
N LEU L 3583 -20.93 -116.06 76.54
CA LEU L 3583 -22.25 -115.72 77.06
C LEU L 3583 -23.27 -116.77 76.68
N LEU L 3584 -23.25 -117.24 75.45
CA LEU L 3584 -24.18 -118.29 75.06
C LEU L 3584 -23.97 -119.55 75.89
N PHE L 3585 -22.71 -119.90 76.16
CA PHE L 3585 -22.38 -121.01 77.03
C PHE L 3585 -22.88 -120.76 78.46
N LYS L 3586 -22.76 -119.54 78.99
CA LYS L 3586 -23.36 -119.18 80.27
C LYS L 3586 -24.88 -119.40 80.26
N ASP L 3587 -25.60 -119.01 79.21
CA ASP L 3587 -27.04 -119.23 79.13
C ASP L 3587 -27.40 -120.71 79.10
N TRP L 3588 -26.80 -121.45 78.18
CA TRP L 3588 -27.05 -122.87 78.05
C TRP L 3588 -26.75 -123.61 79.35
N SER L 3589 -25.59 -123.34 79.95
CA SER L 3589 -25.25 -123.88 81.26
C SER L 3589 -26.08 -123.29 82.40
N ASN L 3590 -26.94 -122.30 82.18
CA ASN L 3590 -27.99 -121.94 83.12
C ASN L 3590 -29.25 -122.77 82.83
N ASP L 3591 -29.67 -122.87 81.58
CA ASP L 3591 -30.94 -123.51 81.24
C ASP L 3591 -30.92 -125.04 81.38
N VAL L 3592 -29.82 -125.72 81.05
CA VAL L 3592 -29.72 -127.15 81.35
C VAL L 3592 -29.52 -127.39 82.85
N ARG L 3593 -28.92 -126.44 83.57
CA ARG L 3593 -28.78 -126.48 85.04
C ARG L 3593 -30.13 -126.38 85.73
N ALA L 3594 -31.11 -125.72 85.11
CA ALA L 3594 -32.50 -125.91 85.47
C ALA L 3594 -33.01 -127.27 84.97
N GLU L 3595 -32.86 -127.62 83.69
CA GLU L 3595 -33.44 -128.83 83.09
C GLU L 3595 -33.09 -130.12 83.85
N LEU L 3596 -31.81 -130.29 84.20
CA LEU L 3596 -31.25 -131.42 84.93
C LEU L 3596 -31.80 -131.56 86.37
N ALA L 3597 -32.42 -130.50 86.90
CA ALA L 3597 -33.07 -130.47 88.20
C ALA L 3597 -34.57 -130.13 88.12
N LYS L 3598 -35.14 -129.98 86.91
CA LYS L 3598 -36.55 -129.61 86.67
C LYS L 3598 -37.53 -130.74 86.99
N THR L 3599 -37.00 -131.96 86.98
CA THR L 3599 -37.64 -133.27 87.00
C THR L 3599 -36.57 -134.27 87.43
N PRO L 3600 -36.90 -135.52 87.78
CA PRO L 3600 -35.92 -136.59 87.63
C PRO L 3600 -35.28 -136.55 86.26
N VAL L 3601 -33.95 -136.75 86.14
CA VAL L 3601 -33.17 -136.44 84.90
C VAL L 3601 -33.76 -137.00 83.59
N ASN L 3602 -33.88 -136.13 82.58
CA ASN L 3602 -34.74 -136.33 81.41
C ASN L 3602 -33.90 -136.40 80.10
N LYS L 3603 -33.47 -137.61 79.74
CA LYS L 3603 -32.28 -137.84 78.90
C LYS L 3603 -32.34 -137.24 77.49
N LYS L 3604 -33.32 -137.62 76.66
CA LYS L 3604 -33.42 -137.15 75.26
C LYS L 3604 -33.35 -135.62 75.20
N ASN L 3605 -34.15 -134.95 76.02
CA ASN L 3605 -34.19 -133.50 76.08
C ASN L 3605 -32.87 -132.90 76.59
N ILE L 3606 -32.25 -133.45 77.63
CA ILE L 3606 -30.94 -133.00 78.11
C ILE L 3606 -29.88 -133.06 76.98
N GLU L 3607 -29.85 -134.14 76.20
CA GLU L 3607 -28.96 -134.21 75.04
C GLU L 3607 -29.38 -133.24 73.92
N LYS L 3608 -30.68 -133.00 73.67
CA LYS L 3608 -31.12 -132.01 72.68
C LYS L 3608 -30.51 -130.64 72.94
N MET L 3609 -30.36 -130.28 74.22
CA MET L 3609 -29.69 -129.04 74.62
C MET L 3609 -28.17 -129.12 74.40
N TYR L 3610 -27.54 -130.27 74.68
CA TYR L 3610 -26.15 -130.44 74.29
C TYR L 3610 -25.98 -130.33 72.78
N GLU L 3611 -26.88 -130.88 71.98
CA GLU L 3611 -26.86 -130.74 70.53
C GLU L 3611 -26.94 -129.27 70.15
N ARG L 3612 -27.86 -128.50 70.73
CA ARG L 3612 -27.90 -127.04 70.52
C ARG L 3612 -26.53 -126.41 70.82
N MET L 3613 -25.96 -126.72 71.98
CA MET L 3613 -24.67 -126.17 72.41
C MET L 3613 -23.55 -126.54 71.44
N TYR L 3614 -23.39 -127.82 71.13
CA TYR L 3614 -22.24 -128.28 70.37
C TYR L 3614 -22.36 -127.92 68.90
N ALA L 3615 -23.58 -127.94 68.35
CA ALA L 3615 -23.82 -127.45 67.00
C ALA L 3615 -23.46 -125.97 66.92
N ALA L 3616 -23.81 -125.19 67.94
CA ALA L 3616 -23.44 -123.79 67.98
C ALA L 3616 -21.93 -123.60 68.15
N LEU L 3617 -21.33 -124.23 69.15
CA LEU L 3617 -20.07 -123.82 69.78
C LEU L 3617 -19.09 -124.97 70.07
N GLY L 3618 -19.39 -126.19 69.63
CA GLY L 3618 -18.49 -127.33 69.77
C GLY L 3618 -17.78 -127.75 68.48
N ASP L 3619 -18.47 -127.77 67.34
CA ASP L 3619 -17.91 -128.18 66.03
C ASP L 3619 -17.11 -127.06 65.32
N PRO L 3620 -15.82 -127.25 64.95
CA PRO L 3620 -15.07 -126.25 64.18
C PRO L 3620 -15.48 -126.19 62.72
N LYS L 3621 -16.21 -127.17 62.22
CA LYS L 3621 -16.65 -127.20 60.83
C LYS L 3621 -18.04 -126.58 60.66
N ALA L 3622 -18.19 -125.34 61.13
CA ALA L 3622 -19.45 -124.63 61.01
C ALA L 3622 -19.56 -123.94 59.66
N PRO L 3623 -20.78 -123.70 59.17
CA PRO L 3623 -20.95 -123.06 57.87
C PRO L 3623 -20.36 -121.66 57.80
N GLY L 3624 -20.74 -120.79 58.73
CA GLY L 3624 -20.28 -119.43 58.72
C GLY L 3624 -19.44 -119.05 59.93
N LEU L 3625 -18.54 -119.93 60.39
CA LEU L 3625 -17.69 -119.66 61.54
C LEU L 3625 -16.73 -118.48 61.31
N GLY L 3626 -16.62 -117.59 62.29
CA GLY L 3626 -15.62 -116.52 62.28
C GLY L 3626 -14.35 -116.88 63.03
N ALA L 3627 -13.24 -116.34 62.56
CA ALA L 3627 -11.92 -116.64 63.10
C ALA L 3627 -11.78 -116.26 64.58
N PHE L 3628 -12.46 -115.23 65.03
CA PHE L 3628 -12.49 -114.96 66.46
C PHE L 3628 -13.15 -116.11 67.23
N ARG L 3629 -14.40 -116.48 66.92
CA ARG L 3629 -15.09 -117.55 67.64
C ARG L 3629 -14.40 -118.90 67.55
N ARG L 3630 -13.72 -119.19 66.44
CA ARG L 3630 -12.90 -120.39 66.24
C ARG L 3630 -11.92 -120.61 67.38
N LYS L 3631 -11.35 -119.53 67.89
CA LYS L 3631 -10.47 -119.50 69.06
C LYS L 3631 -11.10 -120.18 70.26
N PHE L 3632 -12.30 -119.75 70.64
CA PHE L 3632 -13.03 -120.33 71.75
C PHE L 3632 -13.29 -121.81 71.52
N ILE L 3633 -13.68 -122.18 70.29
CA ILE L 3633 -13.99 -123.58 69.95
C ILE L 3633 -12.74 -124.43 70.14
N GLN L 3634 -11.61 -124.05 69.56
CA GLN L 3634 -10.37 -124.80 69.75
C GLN L 3634 -9.99 -124.89 71.22
N THR L 3635 -10.12 -123.79 71.96
CA THR L 3635 -9.69 -123.74 73.36
C THR L 3635 -10.63 -124.47 74.31
N PHE L 3636 -11.87 -124.82 73.94
CA PHE L 3636 -12.80 -125.45 74.88
C PHE L 3636 -13.65 -126.60 74.34
N GLY L 3637 -13.87 -126.71 73.03
CA GLY L 3637 -14.65 -127.80 72.43
C GLY L 3637 -14.10 -129.17 72.82
N LYS L 3638 -12.77 -129.27 72.81
CA LYS L 3638 -12.01 -130.39 73.36
C LYS L 3638 -12.50 -130.80 74.75
N GLU L 3639 -12.56 -129.84 75.67
CA GLU L 3639 -12.87 -130.07 77.06
C GLU L 3639 -14.37 -130.35 77.29
N PHE L 3640 -15.24 -129.86 76.40
CA PHE L 3640 -16.63 -130.28 76.40
C PHE L 3640 -16.76 -131.76 76.09
N ASP L 3641 -15.85 -132.31 75.28
CA ASP L 3641 -15.80 -133.76 75.06
C ASP L 3641 -15.35 -134.54 76.30
N LYS L 3642 -14.71 -133.88 77.28
CA LYS L 3642 -14.02 -134.53 78.41
C LYS L 3642 -14.75 -134.35 79.74
N HIS L 3643 -15.21 -133.14 80.06
CA HIS L 3643 -15.95 -132.88 81.30
C HIS L 3643 -17.42 -133.26 81.13
N PHE L 3644 -18.06 -132.81 80.05
CA PHE L 3644 -19.19 -133.54 79.48
C PHE L 3644 -18.64 -134.67 78.60
N GLY L 3645 -19.52 -135.45 77.97
CA GLY L 3645 -19.10 -136.37 76.93
C GLY L 3645 -19.28 -135.74 75.56
N LYS L 3646 -18.59 -136.29 74.56
CA LYS L 3646 -19.04 -136.23 73.15
C LYS L 3646 -20.49 -136.74 73.10
N GLY L 3647 -21.38 -136.04 72.41
CA GLY L 3647 -22.82 -136.34 72.41
C GLY L 3647 -23.55 -136.18 73.76
N GLY L 3648 -22.84 -135.70 74.80
CA GLY L 3648 -23.40 -135.40 76.13
C GLY L 3648 -23.40 -136.56 77.13
N SER L 3649 -22.75 -137.69 76.84
CA SER L 3649 -22.91 -138.93 77.63
C SER L 3649 -22.70 -138.76 79.14
N LYS L 3650 -21.63 -138.08 79.57
CA LYS L 3650 -21.39 -137.74 80.97
C LYS L 3650 -22.51 -136.87 81.53
N LEU L 3651 -22.85 -135.78 80.83
CA LEU L 3651 -23.92 -134.85 81.20
C LEU L 3651 -25.30 -135.52 81.33
N LEU L 3652 -25.54 -136.57 80.57
CA LEU L 3652 -26.80 -137.31 80.54
C LEU L 3652 -27.14 -138.02 81.86
N ARG L 3653 -26.17 -138.13 82.78
CA ARG L 3653 -26.24 -138.88 84.05
C ARG L 3653 -25.65 -138.14 85.25
N MET L 3654 -24.64 -137.31 85.01
CA MET L 3654 -24.00 -136.35 85.92
C MET L 3654 -25.01 -135.57 86.77
N LYS L 3655 -24.68 -135.26 88.04
CA LYS L 3655 -25.64 -134.64 88.94
C LYS L 3655 -25.40 -133.14 89.01
N LEU L 3656 -26.42 -132.37 89.37
CA LEU L 3656 -26.34 -130.93 89.17
C LEU L 3656 -25.26 -130.25 90.03
N SER L 3657 -25.07 -130.66 91.27
CA SER L 3657 -24.00 -130.13 92.11
C SER L 3657 -22.62 -130.25 91.45
N ASP L 3658 -22.43 -131.25 90.59
CA ASP L 3658 -21.24 -131.40 89.76
C ASP L 3658 -21.32 -130.48 88.52
N PHE L 3659 -22.43 -130.49 87.78
CA PHE L 3659 -22.52 -129.76 86.52
C PHE L 3659 -22.39 -128.25 86.71
N ASN L 3660 -23.06 -127.73 87.74
CA ASN L 3660 -23.01 -126.34 88.17
C ASN L 3660 -21.54 -125.92 88.31
N ASP L 3661 -20.76 -126.58 89.16
CA ASP L 3661 -19.34 -126.23 89.30
C ASP L 3661 -18.47 -126.60 88.10
N ILE L 3662 -18.80 -127.62 87.31
CA ILE L 3662 -18.10 -127.88 86.06
C ILE L 3662 -18.22 -126.66 85.14
N THR L 3663 -19.44 -126.18 84.92
CA THR L 3663 -19.65 -125.01 84.06
C THR L 3663 -19.18 -123.73 84.73
N ASN L 3664 -19.27 -123.59 86.05
CA ASN L 3664 -18.63 -122.47 86.73
C ASN L 3664 -17.14 -122.48 86.46
N MET L 3665 -16.45 -123.60 86.60
CA MET L 3665 -15.02 -123.72 86.32
C MET L 3665 -14.71 -123.34 84.88
N LEU L 3666 -15.49 -123.85 83.92
CA LEU L 3666 -15.33 -123.49 82.51
C LEU L 3666 -15.44 -121.97 82.33
N LEU L 3667 -16.46 -121.35 82.89
CA LEU L 3667 -16.67 -119.91 82.77
C LEU L 3667 -15.63 -119.08 83.53
N LEU L 3668 -15.19 -119.54 84.70
CA LEU L 3668 -14.12 -118.93 85.48
C LEU L 3668 -12.81 -118.89 84.69
N LYS L 3669 -12.60 -119.80 83.73
CA LYS L 3669 -11.43 -119.77 82.84
C LYS L 3669 -11.69 -119.15 81.45
N MET L 3670 -12.91 -119.22 80.92
CA MET L 3670 -13.31 -118.49 79.71
C MET L 3670 -13.33 -116.97 79.95
N ASN L 3671 -14.05 -116.52 80.97
CA ASN L 3671 -14.28 -115.11 81.31
C ASN L 3671 -13.05 -114.42 81.91
N LYS L 3672 -11.96 -115.17 82.11
CA LYS L 3672 -10.70 -114.74 82.70
C LYS L 3672 -10.19 -113.49 81.98
N ASP L 3673 -10.01 -113.59 80.67
CA ASP L 3673 -9.99 -112.48 79.73
C ASP L 3673 -10.34 -112.98 78.31
N SER L 3674 -10.86 -112.09 77.49
CA SER L 3674 -11.27 -112.37 76.10
C SER L 3674 -11.54 -111.06 75.38
N LYS L 3675 -10.56 -110.54 74.63
CA LYS L 3675 -10.73 -109.28 73.91
C LYS L 3675 -11.79 -109.44 72.82
N PRO L 3676 -12.91 -108.71 72.87
CA PRO L 3676 -13.92 -108.81 71.84
C PRO L 3676 -13.36 -108.30 70.50
N PRO L 3677 -13.68 -108.96 69.38
CA PRO L 3677 -13.10 -108.65 68.09
C PRO L 3677 -13.44 -107.21 67.66
N GLY L 3678 -12.57 -106.62 66.86
CA GLY L 3678 -12.74 -105.23 66.46
C GLY L 3678 -13.53 -105.00 65.18
N ASN L 3679 -13.54 -105.95 64.24
CA ASN L 3679 -13.83 -105.64 62.84
C ASN L 3679 -14.41 -106.85 62.12
N LEU L 3680 -15.44 -106.70 61.29
CA LEU L 3680 -16.21 -107.80 60.75
C LEU L 3680 -15.41 -108.96 60.15
N LYS L 3681 -14.29 -108.73 59.47
CA LYS L 3681 -13.49 -109.85 58.96
C LYS L 3681 -12.82 -110.69 60.05
N GLU L 3682 -12.64 -110.17 61.25
CA GLU L 3682 -12.27 -110.98 62.42
C GLU L 3682 -13.49 -111.51 63.15
N CYS L 3683 -14.54 -110.71 63.24
CA CYS L 3683 -15.73 -111.05 64.01
C CYS L 3683 -16.51 -112.19 63.37
N SER L 3684 -16.70 -112.12 62.06
CA SER L 3684 -17.86 -112.74 61.39
C SER L 3684 -17.69 -112.53 59.89
N PRO L 3685 -16.87 -113.35 59.24
CA PRO L 3685 -16.41 -113.11 57.88
C PRO L 3685 -17.51 -112.83 56.88
N TRP L 3686 -18.70 -113.38 57.05
CA TRP L 3686 -19.68 -113.30 55.99
C TRP L 3686 -20.16 -111.89 55.71
N MET L 3687 -20.40 -111.08 56.73
CA MET L 3687 -20.82 -109.72 56.44
C MET L 3687 -19.74 -108.95 55.68
N SER L 3688 -18.48 -109.17 56.00
CA SER L 3688 -17.36 -108.63 55.24
C SER L 3688 -17.24 -109.19 53.81
N ASP L 3689 -18.08 -110.12 53.35
CA ASP L 3689 -18.31 -110.27 51.92
C ASP L 3689 -19.59 -109.61 51.51
N PHE L 3690 -20.65 -109.65 52.30
CA PHE L 3690 -21.99 -109.57 51.76
C PHE L 3690 -22.16 -108.56 50.62
N LYS L 3691 -22.75 -109.01 49.52
CA LYS L 3691 -22.82 -108.26 48.28
C LYS L 3691 -24.16 -108.36 47.60
N VAL L 3692 -24.36 -107.54 46.57
CA VAL L 3692 -25.27 -107.93 45.49
C VAL L 3692 -24.74 -109.20 44.85
N GLU L 3693 -25.51 -110.27 44.92
CA GLU L 3693 -25.21 -111.55 44.28
C GLU L 3693 -26.48 -111.94 43.53
N PHE L 3694 -26.33 -112.49 42.35
CA PHE L 3694 -27.37 -112.33 41.35
C PHE L 3694 -28.35 -113.49 41.22
N LEU L 3695 -29.37 -113.29 40.36
CA LEU L 3695 -30.55 -114.15 40.18
C LEU L 3695 -31.39 -114.25 41.46
N ARG L 3696 -31.35 -113.20 42.30
CA ARG L 3696 -31.56 -113.33 43.76
C ARG L 3696 -32.76 -112.54 44.29
N ASN L 3697 -33.27 -113.05 45.39
CA ASN L 3697 -34.25 -112.40 46.26
C ASN L 3697 -33.51 -111.36 47.17
N GLU L 3698 -33.59 -110.07 46.86
CA GLU L 3698 -32.84 -109.04 47.60
C GLU L 3698 -33.34 -108.84 49.03
N LEU L 3699 -32.44 -108.82 50.01
CA LEU L 3699 -32.80 -108.65 51.41
C LEU L 3699 -33.19 -107.21 51.75
N GLU L 3700 -34.39 -107.02 52.25
CA GLU L 3700 -34.87 -105.79 52.88
C GLU L 3700 -34.32 -105.62 54.31
N ILE L 3701 -34.05 -104.39 54.75
CA ILE L 3701 -33.64 -104.14 56.14
C ILE L 3701 -34.76 -104.58 57.09
N PRO L 3702 -34.47 -105.29 58.18
CA PRO L 3702 -35.49 -105.79 59.10
C PRO L 3702 -36.48 -104.74 59.62
N GLY L 3703 -37.73 -105.12 59.82
CA GLY L 3703 -38.67 -104.32 60.61
C GLY L 3703 -39.31 -103.11 59.95
N GLN L 3704 -39.20 -102.94 58.64
CA GLN L 3704 -39.79 -101.75 57.99
C GLN L 3704 -41.31 -101.80 57.90
N TYR L 3705 -41.93 -102.96 57.97
CA TYR L 3705 -43.38 -103.04 57.89
C TYR L 3705 -44.09 -102.44 59.09
N ASP L 3706 -45.25 -101.85 58.83
CA ASP L 3706 -46.25 -101.48 59.81
C ASP L 3706 -47.63 -101.72 59.19
N GLY L 3707 -48.64 -102.02 60.01
CA GLY L 3707 -49.94 -102.48 59.50
C GLY L 3707 -50.80 -101.36 58.97
N ARG L 3708 -50.45 -100.76 57.83
CA ARG L 3708 -51.18 -99.67 57.19
C ARG L 3708 -51.07 -99.73 55.68
N GLY L 3709 -52.07 -99.18 55.00
CA GLY L 3709 -51.95 -98.66 53.63
C GLY L 3709 -51.16 -99.52 52.66
N LYS L 3710 -51.53 -100.81 52.54
CA LYS L 3710 -51.09 -101.74 51.49
C LYS L 3710 -49.60 -101.53 51.19
N PRO L 3711 -48.72 -101.93 52.11
CA PRO L 3711 -47.33 -101.53 52.13
C PRO L 3711 -46.56 -102.04 50.93
N LEU L 3712 -45.41 -101.42 50.67
CA LEU L 3712 -44.73 -101.44 49.38
C LEU L 3712 -43.24 -101.74 49.53
N PRO L 3713 -42.85 -103.01 49.56
CA PRO L 3713 -41.47 -103.39 49.66
C PRO L 3713 -40.54 -102.73 48.65
N GLU L 3714 -41.03 -102.37 47.47
CA GLU L 3714 -40.22 -101.67 46.50
C GLU L 3714 -39.72 -100.28 46.99
N TYR L 3715 -40.33 -99.71 48.02
CA TYR L 3715 -39.72 -98.66 48.82
C TYR L 3715 -38.82 -99.16 49.92
N HIS L 3716 -39.22 -100.22 50.61
CA HIS L 3716 -38.55 -100.62 51.82
C HIS L 3716 -37.07 -100.87 51.50
N VAL L 3717 -36.17 -100.21 52.19
CA VAL L 3717 -34.76 -100.19 51.84
C VAL L 3717 -34.13 -101.56 51.99
N ARG L 3718 -33.24 -101.89 51.07
CA ARG L 3718 -32.62 -103.18 50.87
C ARG L 3718 -31.17 -103.08 51.27
N ILE L 3719 -30.61 -104.16 51.76
CA ILE L 3719 -29.24 -104.15 52.26
C ILE L 3719 -28.27 -104.19 51.09
N ALA L 3720 -27.10 -103.56 51.21
CA ALA L 3720 -26.06 -103.63 50.20
C ALA L 3720 -24.65 -103.61 50.78
N GLY L 3721 -24.47 -103.84 52.08
CA GLY L 3721 -23.16 -103.93 52.70
C GLY L 3721 -23.14 -103.42 54.13
N PHE L 3722 -22.02 -103.58 54.78
CA PHE L 3722 -21.84 -103.30 56.21
C PHE L 3722 -20.63 -102.39 56.40
N ASP L 3723 -20.63 -101.52 57.39
CA ASP L 3723 -19.36 -100.91 57.81
C ASP L 3723 -18.44 -102.00 58.37
N GLU L 3724 -17.14 -101.95 58.07
CA GLU L 3724 -16.20 -102.89 58.65
C GLU L 3724 -16.13 -102.75 60.17
N ARG L 3725 -16.52 -101.59 60.69
CA ARG L 3725 -16.52 -101.30 62.10
C ARG L 3725 -17.58 -102.04 62.85
N VAL L 3726 -17.27 -102.20 64.12
CA VAL L 3726 -18.10 -102.77 65.15
C VAL L 3726 -17.83 -101.96 66.39
N THR L 3727 -18.76 -101.85 67.31
CA THR L 3727 -18.41 -101.46 68.67
C THR L 3727 -19.21 -102.21 69.69
N VAL L 3728 -18.50 -102.72 70.67
CA VAL L 3728 -19.07 -103.26 71.90
C VAL L 3728 -19.60 -102.15 72.76
N MET L 3729 -20.76 -102.35 73.36
CA MET L 3729 -21.29 -101.46 74.39
C MET L 3729 -21.27 -102.13 75.77
N ALA L 3730 -21.14 -101.33 76.82
CA ALA L 3730 -20.52 -101.77 78.06
C ALA L 3730 -21.30 -102.78 78.91
N SER L 3731 -22.62 -102.89 78.78
CA SER L 3731 -23.46 -103.71 79.68
C SER L 3731 -23.06 -105.18 79.70
N LEU L 3732 -23.52 -105.95 80.69
CA LEU L 3732 -23.01 -107.32 80.93
C LEU L 3732 -23.01 -108.19 79.68
N ARG L 3733 -24.02 -108.07 78.82
CA ARG L 3733 -24.14 -108.85 77.59
C ARG L 3733 -23.26 -108.35 76.45
N ARG L 3734 -22.43 -107.33 76.68
CA ARG L 3734 -21.48 -106.72 75.72
C ARG L 3734 -22.07 -106.56 74.32
N PRO L 3735 -23.29 -106.04 74.17
CA PRO L 3735 -23.98 -106.03 72.88
C PRO L 3735 -23.22 -105.26 71.80
N LYS L 3736 -23.44 -105.60 70.54
CA LYS L 3736 -22.67 -105.09 69.40
C LYS L 3736 -23.43 -104.06 68.62
N ARG L 3737 -22.78 -102.95 68.29
CA ARG L 3737 -23.27 -101.93 67.37
C ARG L 3737 -22.66 -102.17 66.02
N ILE L 3738 -23.48 -102.32 64.98
CA ILE L 3738 -23.03 -102.49 63.60
C ILE L 3738 -23.70 -101.43 62.76
N ILE L 3739 -23.29 -101.27 61.51
CA ILE L 3739 -23.95 -100.34 60.61
C ILE L 3739 -24.24 -101.00 59.30
N ILE L 3740 -25.44 -100.80 58.80
CA ILE L 3740 -25.87 -101.35 57.54
C ILE L 3740 -25.90 -100.26 56.52
N ARG L 3741 -25.33 -100.48 55.35
CA ARG L 3741 -25.55 -99.66 54.17
C ARG L 3741 -26.82 -100.09 53.51
N GLY L 3742 -27.74 -99.17 53.30
CA GLY L 3742 -28.82 -99.47 52.39
C GLY L 3742 -28.34 -99.46 50.95
N HIS L 3743 -29.17 -99.95 50.04
CA HIS L 3743 -29.11 -99.58 48.64
C HIS L 3743 -29.59 -98.13 48.49
N ASP L 3744 -30.60 -97.74 49.24
CA ASP L 3744 -30.69 -96.34 49.62
C ASP L 3744 -29.43 -96.01 50.39
N GLU L 3745 -28.78 -94.94 49.99
CA GLU L 3745 -27.40 -94.76 50.34
C GLU L 3745 -27.14 -94.20 51.74
N ARG L 3746 -28.16 -93.88 52.54
CA ARG L 3746 -27.91 -93.59 53.97
C ARG L 3746 -27.46 -94.84 54.73
N GLU L 3747 -27.10 -94.68 55.99
CA GLU L 3747 -26.69 -95.79 56.83
C GLU L 3747 -27.61 -95.98 58.02
N HIS L 3748 -27.77 -97.21 58.49
CA HIS L 3748 -28.85 -97.55 59.39
C HIS L 3748 -28.15 -98.31 60.49
N PRO L 3749 -27.78 -97.63 61.57
CA PRO L 3749 -27.10 -98.27 62.67
C PRO L 3749 -28.08 -99.13 63.44
N PHE L 3750 -27.60 -100.21 64.01
CA PHE L 3750 -28.38 -101.11 64.81
C PHE L 3750 -27.58 -101.64 65.95
N LEU L 3751 -28.22 -101.83 67.10
CA LEU L 3751 -27.70 -102.75 68.08
C LEU L 3751 -28.16 -104.16 67.75
N VAL L 3752 -27.34 -105.12 68.12
CA VAL L 3752 -27.56 -106.56 68.07
C VAL L 3752 -27.57 -107.09 69.49
N LYS L 3753 -28.71 -107.63 69.93
CA LYS L 3753 -28.84 -108.30 71.21
C LYS L 3753 -29.11 -109.77 70.96
N GLY L 3754 -28.22 -110.62 71.48
CA GLY L 3754 -28.27 -112.05 71.30
C GLY L 3754 -28.37 -112.83 72.60
N GLY L 3755 -28.78 -114.08 72.47
CA GLY L 3755 -29.16 -114.93 73.59
C GLY L 3755 -30.37 -114.40 74.37
N GLU L 3756 -31.06 -113.36 73.90
CA GLU L 3756 -32.07 -112.65 74.67
C GLU L 3756 -33.36 -112.57 73.87
N ASP L 3757 -34.50 -112.83 74.51
CA ASP L 3757 -35.81 -112.77 73.88
C ASP L 3757 -36.39 -111.37 73.93
N LEU L 3758 -36.39 -110.70 72.78
CA LEU L 3758 -36.82 -109.32 72.72
C LEU L 3758 -38.34 -109.16 72.63
N ARG L 3759 -39.11 -110.24 72.43
CA ARG L 3759 -40.53 -110.11 72.12
C ARG L 3759 -41.26 -109.28 73.12
N GLN L 3760 -40.94 -109.46 74.40
CA GLN L 3760 -41.51 -108.70 75.49
C GLN L 3760 -41.45 -107.22 75.17
N ASP L 3761 -40.25 -106.70 74.99
CA ASP L 3761 -40.08 -105.30 74.64
C ASP L 3761 -40.73 -104.98 73.31
N GLN L 3762 -40.72 -105.88 72.34
CA GLN L 3762 -41.34 -105.58 71.06
C GLN L 3762 -42.78 -105.13 71.26
N ARG L 3763 -43.53 -105.76 72.16
CA ARG L 3763 -44.93 -105.42 72.31
C ARG L 3763 -45.10 -104.12 73.04
N VAL L 3764 -44.16 -103.83 73.93
CA VAL L 3764 -44.14 -102.53 74.54
C VAL L 3764 -44.12 -101.47 73.45
N GLU L 3765 -43.44 -101.69 72.35
CA GLU L 3765 -43.53 -100.70 71.29
C GLU L 3765 -44.89 -100.69 70.64
N GLN L 3766 -45.49 -101.84 70.39
CA GLN L 3766 -46.83 -101.85 69.82
C GLN L 3766 -47.78 -101.07 70.72
N LEU L 3767 -47.71 -101.30 72.01
CA LEU L 3767 -48.45 -100.53 72.98
C LEU L 3767 -48.13 -99.06 72.85
N PHE L 3768 -46.86 -98.72 72.70
CA PHE L 3768 -46.50 -97.33 72.66
C PHE L 3768 -47.05 -96.67 71.41
N GLN L 3769 -47.05 -97.35 70.27
CA GLN L 3769 -47.73 -96.82 69.10
C GLN L 3769 -49.20 -96.58 69.40
N VAL L 3770 -49.84 -97.54 70.04
CA VAL L 3770 -51.24 -97.40 70.44
C VAL L 3770 -51.42 -96.20 71.34
N MET L 3771 -50.59 -96.05 72.36
CA MET L 3771 -50.68 -94.90 73.22
C MET L 3771 -50.49 -93.61 72.44
N ASN L 3772 -49.51 -93.56 71.56
CA ASN L 3772 -49.31 -92.39 70.73
C ASN L 3772 -50.51 -92.16 69.82
N GLY L 3773 -51.21 -93.20 69.38
CA GLY L 3773 -52.46 -93.04 68.64
C GLY L 3773 -53.52 -92.33 69.48
N ILE L 3774 -53.75 -92.80 70.69
CA ILE L 3774 -54.67 -92.14 71.62
C ILE L 3774 -54.27 -90.69 71.83
N LEU L 3775 -53.02 -90.45 72.14
CA LEU L 3775 -52.55 -89.14 72.49
C LEU L 3775 -52.53 -88.21 71.28
N ALA L 3776 -52.35 -88.75 70.08
CA ALA L 3776 -52.54 -87.96 68.88
C ALA L 3776 -53.98 -87.51 68.75
N GLN L 3777 -54.92 -88.34 69.17
CA GLN L 3777 -56.34 -88.03 69.08
C GLN L 3777 -56.90 -87.22 70.23
N ASP L 3778 -56.25 -87.18 71.38
CA ASP L 3778 -56.62 -86.22 72.41
C ASP L 3778 -56.23 -84.79 72.02
N SER L 3779 -57.23 -83.94 71.86
CA SER L 3779 -57.03 -82.54 71.51
C SER L 3779 -56.10 -81.80 72.48
N ALA L 3780 -56.34 -81.82 73.78
CA ALA L 3780 -55.53 -81.10 74.76
C ALA L 3780 -54.05 -81.52 74.78
N CYS L 3781 -53.77 -82.75 74.39
CA CYS L 3781 -52.42 -83.25 74.21
C CYS L 3781 -51.86 -82.94 72.83
N SER L 3782 -52.68 -82.93 71.80
CA SER L 3782 -52.25 -82.65 70.44
C SER L 3782 -51.78 -81.22 70.28
N GLN L 3783 -52.40 -80.28 70.98
CA GLN L 3783 -51.94 -78.89 71.04
C GLN L 3783 -50.62 -78.73 71.79
N ARG L 3784 -50.22 -79.76 72.53
CA ARG L 3784 -48.90 -79.87 73.14
C ARG L 3784 -48.00 -80.83 72.38
N ALA L 3785 -48.40 -81.27 71.20
CA ALA L 3785 -47.61 -82.12 70.30
C ALA L 3785 -47.04 -83.39 70.94
N LEU L 3786 -47.64 -83.89 72.01
CA LEU L 3786 -47.03 -84.89 72.86
C LEU L 3786 -46.92 -86.23 72.15
N GLN L 3787 -45.81 -86.92 72.38
CA GLN L 3787 -45.53 -88.26 71.87
C GLN L 3787 -44.49 -88.92 72.74
N LEU L 3788 -44.52 -90.22 72.84
CA LEU L 3788 -43.34 -90.98 73.19
C LEU L 3788 -42.50 -91.17 71.93
N ARG L 3789 -41.19 -91.36 72.04
CA ARG L 3789 -40.41 -91.96 70.93
C ARG L 3789 -40.33 -93.46 71.09
N THR L 3790 -40.48 -94.18 69.99
CA THR L 3790 -40.16 -95.61 69.91
C THR L 3790 -39.11 -95.85 68.85
N TYR L 3791 -38.23 -96.78 69.14
CA TYR L 3791 -37.30 -97.34 68.19
C TYR L 3791 -37.79 -98.73 67.84
N SER L 3792 -37.87 -99.07 66.57
CA SER L 3792 -38.34 -100.36 66.14
C SER L 3792 -37.53 -101.49 66.76
N VAL L 3793 -38.17 -102.60 67.05
CA VAL L 3793 -37.52 -103.76 67.66
C VAL L 3793 -37.88 -105.00 66.91
N VAL L 3794 -36.93 -105.87 66.62
CA VAL L 3794 -37.18 -107.06 65.83
C VAL L 3794 -36.37 -108.19 66.38
N PRO L 3795 -36.90 -109.03 67.27
CA PRO L 3795 -36.41 -110.39 67.39
C PRO L 3795 -36.52 -111.09 66.03
N MET L 3796 -35.44 -111.71 65.55
CA MET L 3796 -35.49 -112.69 64.47
C MET L 3796 -35.58 -114.10 65.03
N THR L 3797 -35.01 -114.36 66.19
CA THR L 3797 -35.15 -115.62 66.87
C THR L 3797 -35.42 -115.39 68.33
N SER L 3798 -35.95 -116.40 69.00
CA SER L 3798 -36.09 -116.43 70.44
C SER L 3798 -34.82 -116.02 71.18
N ARG L 3799 -33.65 -116.33 70.61
CA ARG L 3799 -32.38 -115.87 71.16
C ARG L 3799 -31.97 -114.51 70.61
N LEU L 3800 -32.36 -114.08 69.43
CA LEU L 3800 -31.61 -113.05 68.73
C LEU L 3800 -32.47 -111.97 68.10
N GLY L 3801 -32.07 -110.72 68.30
CA GLY L 3801 -32.71 -109.63 67.61
C GLY L 3801 -31.96 -108.32 67.60
N LEU L 3802 -32.52 -107.43 66.80
CA LEU L 3802 -32.06 -106.08 66.58
C LEU L 3802 -32.95 -105.05 67.26
N ILE L 3803 -32.31 -104.09 67.87
CA ILE L 3803 -32.91 -102.83 68.26
C ILE L 3803 -32.38 -101.75 67.34
N GLU L 3804 -33.23 -100.93 66.78
CA GLU L 3804 -32.79 -99.74 66.06
C GLU L 3804 -32.01 -98.78 66.97
N TRP L 3805 -30.86 -98.30 66.52
CA TRP L 3805 -30.02 -97.38 67.30
C TRP L 3805 -30.47 -95.92 67.10
N LEU L 3806 -30.06 -95.02 68.00
CA LEU L 3806 -30.42 -93.60 67.98
C LEU L 3806 -29.24 -92.63 68.05
N GLU L 3807 -29.24 -91.65 67.17
CA GLU L 3807 -28.13 -90.72 67.00
C GLU L 3807 -27.96 -89.72 68.14
N ASN L 3808 -26.71 -89.46 68.50
CA ASN L 3808 -26.32 -88.56 69.57
C ASN L 3808 -27.20 -88.71 70.80
N THR L 3809 -27.06 -89.90 71.38
CA THR L 3809 -27.74 -90.26 72.60
C THR L 3809 -26.73 -90.76 73.60
N VAL L 3810 -27.03 -90.61 74.88
CA VAL L 3810 -26.24 -91.13 76.00
C VAL L 3810 -27.16 -91.65 77.08
N THR L 3811 -26.70 -92.53 77.96
CA THR L 3811 -27.47 -92.72 79.18
C THR L 3811 -27.44 -91.45 79.98
N LEU L 3812 -28.48 -91.30 80.75
CA LEU L 3812 -28.57 -90.30 81.75
C LEU L 3812 -27.41 -90.41 82.76
N LYS L 3813 -27.05 -91.61 83.21
CA LYS L 3813 -25.88 -91.79 84.09
C LYS L 3813 -24.63 -91.22 83.47
N ASP L 3814 -24.41 -91.48 82.21
CA ASP L 3814 -23.24 -90.97 81.54
C ASP L 3814 -23.27 -89.46 81.40
N LEU L 3815 -24.39 -88.86 81.01
CA LEU L 3815 -24.51 -87.41 81.02
C LEU L 3815 -24.17 -86.82 82.39
N LEU L 3816 -24.68 -87.42 83.45
CA LEU L 3816 -24.42 -86.95 84.80
C LEU L 3816 -22.95 -87.04 85.17
N LEU L 3817 -22.36 -88.22 85.02
CA LEU L 3817 -20.98 -88.39 85.45
C LEU L 3817 -20.01 -87.69 84.51
N ASN L 3818 -20.36 -87.52 83.23
CA ASN L 3818 -19.68 -86.58 82.35
C ASN L 3818 -19.71 -85.17 82.87
N THR L 3819 -20.58 -84.77 83.79
CA THR L 3819 -20.62 -83.39 84.30
C THR L 3819 -19.81 -83.19 85.58
N MET L 3820 -19.53 -84.24 86.35
CA MET L 3820 -18.77 -84.13 87.61
C MET L 3820 -17.31 -83.76 87.42
N SER L 3821 -16.82 -82.77 88.15
CA SER L 3821 -15.41 -82.42 88.21
C SER L 3821 -14.55 -83.56 88.74
N GLN L 3822 -13.23 -83.47 88.59
CA GLN L 3822 -12.35 -84.57 88.96
C GLN L 3822 -12.52 -84.97 90.42
N GLU L 3823 -12.52 -84.01 91.33
CA GLU L 3823 -12.77 -84.27 92.72
C GLU L 3823 -14.20 -84.72 92.99
N GLU L 3824 -15.23 -84.16 92.34
CA GLU L 3824 -16.61 -84.61 92.52
C GLU L 3824 -16.71 -86.09 92.13
N LYS L 3825 -16.28 -86.39 90.92
CA LYS L 3825 -16.22 -87.72 90.34
C LYS L 3825 -15.46 -88.66 91.27
N ALA L 3826 -14.22 -88.32 91.60
CA ALA L 3826 -13.33 -89.18 92.35
C ALA L 3826 -13.89 -89.52 93.73
N ALA L 3827 -14.37 -88.52 94.48
CA ALA L 3827 -15.00 -88.81 95.75
C ALA L 3827 -16.20 -89.71 95.53
N TYR L 3828 -17.06 -89.36 94.58
CA TYR L 3828 -18.30 -90.08 94.36
C TYR L 3828 -18.12 -91.56 94.00
N LEU L 3829 -16.99 -91.95 93.40
CA LEU L 3829 -16.75 -93.36 93.11
C LEU L 3829 -16.76 -94.22 94.37
N SER L 3830 -16.08 -93.77 95.43
CA SER L 3830 -15.52 -94.68 96.45
C SER L 3830 -15.50 -94.12 97.87
N ASP L 3831 -15.69 -92.81 98.05
CA ASP L 3831 -15.57 -92.14 99.35
C ASP L 3831 -16.47 -92.83 100.39
N PRO L 3832 -15.97 -93.24 101.57
CA PRO L 3832 -16.78 -93.85 102.62
C PRO L 3832 -17.98 -93.01 103.05
N ARG L 3833 -17.96 -91.69 102.79
CA ARG L 3833 -19.07 -90.76 103.01
C ARG L 3833 -19.81 -90.33 101.75
N ALA L 3834 -19.38 -90.70 100.55
CA ALA L 3834 -20.24 -90.53 99.38
C ALA L 3834 -21.49 -91.43 99.52
N PRO L 3835 -22.66 -90.99 99.02
CA PRO L 3835 -23.91 -91.75 99.07
C PRO L 3835 -23.82 -93.25 98.81
N PRO L 3836 -23.00 -93.78 97.87
CA PRO L 3836 -22.94 -95.22 97.63
C PRO L 3836 -22.35 -96.02 98.81
N CYS L 3837 -21.33 -95.49 99.48
CA CYS L 3837 -20.78 -96.08 100.70
C CYS L 3837 -21.68 -95.78 101.90
N GLU L 3838 -22.05 -94.51 102.09
CA GLU L 3838 -22.81 -94.09 103.26
C GLU L 3838 -24.14 -94.84 103.35
N TYR L 3839 -24.80 -95.13 102.23
CA TYR L 3839 -26.04 -95.88 102.25
C TYR L 3839 -25.85 -97.35 102.67
N LYS L 3840 -24.89 -98.10 102.10
CA LYS L 3840 -24.64 -99.46 102.55
C LYS L 3840 -24.20 -99.49 104.02
N ASP L 3841 -23.42 -98.49 104.45
CA ASP L 3841 -23.05 -98.41 105.86
C ASP L 3841 -24.28 -98.21 106.74
N TRP L 3842 -25.22 -97.37 106.29
CA TRP L 3842 -26.44 -97.15 107.06
C TRP L 3842 -27.31 -98.40 107.09
N LEU L 3843 -27.37 -99.12 105.96
CA LEU L 3843 -28.11 -100.38 105.94
C LEU L 3843 -27.49 -101.41 106.88
N THR L 3844 -26.15 -101.41 106.86
CA THR L 3844 -25.30 -102.32 107.60
C THR L 3844 -25.53 -102.08 109.07
N LYS L 3845 -25.51 -100.85 109.57
CA LYS L 3845 -25.76 -100.66 111.00
C LYS L 3845 -27.24 -100.79 111.37
N MET L 3846 -28.17 -100.33 110.51
CA MET L 3846 -29.63 -100.47 110.73
C MET L 3846 -30.16 -101.90 110.57
N SER L 3847 -29.32 -102.86 110.22
CA SER L 3847 -29.70 -104.27 110.08
C SER L 3847 -28.69 -105.26 110.62
N GLY L 3848 -27.40 -104.93 110.66
CA GLY L 3848 -26.38 -105.85 111.12
C GLY L 3848 -25.89 -106.84 110.09
N LYS L 3849 -26.47 -106.86 108.90
CA LYS L 3849 -26.06 -107.77 107.83
C LYS L 3849 -25.41 -107.00 106.69
N HIS L 3850 -24.76 -107.76 105.80
CA HIS L 3850 -24.09 -107.20 104.64
C HIS L 3850 -24.61 -107.82 103.34
N ASP L 3851 -25.89 -108.14 103.18
CA ASP L 3851 -26.41 -108.69 101.90
C ASP L 3851 -27.87 -108.27 101.64
N VAL L 3852 -28.58 -108.85 100.67
CA VAL L 3852 -29.99 -108.58 100.32
C VAL L 3852 -30.92 -108.52 101.54
N GLY L 3853 -30.72 -109.38 102.53
CA GLY L 3853 -31.49 -109.33 103.78
C GLY L 3853 -31.32 -108.04 104.60
N ALA L 3854 -30.31 -107.21 104.35
CA ALA L 3854 -30.15 -105.91 105.02
C ALA L 3854 -31.32 -104.95 104.70
N TYR L 3855 -31.82 -104.93 103.46
CA TYR L 3855 -33.03 -104.19 103.11
C TYR L 3855 -34.23 -104.73 103.87
N MET L 3856 -34.44 -106.04 103.83
CA MET L 3856 -35.52 -106.75 104.55
C MET L 3856 -35.53 -106.40 106.04
N LEU L 3857 -34.41 -106.62 106.72
CA LEU L 3857 -34.27 -106.27 108.13
C LEU L 3857 -34.42 -104.78 108.38
N MET L 3858 -33.88 -103.89 107.54
CA MET L 3858 -34.02 -102.45 107.73
C MET L 3858 -35.47 -101.98 107.60
N TYR L 3859 -36.32 -102.63 106.78
CA TYR L 3859 -37.76 -102.35 106.81
C TYR L 3859 -38.42 -102.68 108.15
N LYS L 3860 -37.86 -103.62 108.92
CA LYS L 3860 -38.23 -103.85 110.33
C LYS L 3860 -37.48 -102.92 111.30
N GLY L 3861 -36.24 -102.54 110.97
CA GLY L 3861 -35.27 -101.93 111.88
C GLY L 3861 -35.20 -100.41 111.90
N ALA L 3862 -35.38 -99.74 110.75
CA ALA L 3862 -35.37 -98.29 110.68
C ALA L 3862 -36.79 -97.73 110.64
N ASN L 3863 -37.11 -96.77 111.50
CA ASN L 3863 -38.30 -95.93 111.34
C ASN L 3863 -38.02 -94.79 110.33
N ARG L 3864 -39.06 -94.01 110.06
CA ARG L 3864 -38.99 -92.75 109.31
C ARG L 3864 -37.79 -91.89 109.71
N THR L 3865 -37.60 -91.60 110.99
CA THR L 3865 -36.56 -90.69 111.51
C THR L 3865 -35.15 -91.20 111.21
N GLU L 3866 -34.90 -92.47 111.52
CA GLU L 3866 -33.60 -93.09 111.31
C GLU L 3866 -33.21 -93.10 109.83
N THR L 3867 -34.18 -93.29 108.91
CA THR L 3867 -33.91 -93.19 107.48
C THR L 3867 -33.79 -91.76 106.99
N VAL L 3868 -34.75 -90.89 107.33
CA VAL L 3868 -34.78 -89.49 106.90
C VAL L 3868 -33.47 -88.81 107.24
N THR L 3869 -33.02 -88.91 108.49
CA THR L 3869 -31.79 -88.26 108.95
C THR L 3869 -30.59 -88.60 108.06
N SER L 3870 -30.21 -89.88 108.01
CA SER L 3870 -29.12 -90.32 107.14
C SER L 3870 -29.42 -89.95 105.69
N PHE L 3871 -30.67 -90.07 105.25
CA PHE L 3871 -31.00 -89.84 103.86
C PHE L 3871 -30.84 -88.37 103.46
N ARG L 3872 -31.21 -87.41 104.31
CA ARG L 3872 -30.94 -86.01 104.05
C ARG L 3872 -29.44 -85.74 104.03
N LYS L 3873 -28.71 -86.31 104.99
CA LYS L 3873 -27.25 -86.18 105.04
C LYS L 3873 -26.60 -86.73 103.77
N ARG L 3874 -27.10 -87.86 103.27
CA ARG L 3874 -26.72 -88.49 102.02
C ARG L 3874 -26.99 -87.61 100.82
N GLU L 3875 -28.24 -87.19 100.64
CA GLU L 3875 -28.65 -86.33 99.52
C GLU L 3875 -27.84 -85.05 99.45
N SER L 3876 -27.47 -84.49 100.60
CA SER L 3876 -26.70 -83.25 100.66
C SER L 3876 -25.40 -83.38 99.88
N LYS L 3877 -24.79 -84.56 99.91
CA LYS L 3877 -23.50 -84.82 99.27
C LYS L 3877 -23.62 -84.93 97.75
N VAL L 3878 -24.82 -85.01 97.19
CA VAL L 3878 -24.95 -85.04 95.74
C VAL L 3878 -24.91 -83.62 95.20
N PRO L 3879 -24.06 -83.28 94.23
CA PRO L 3879 -24.02 -81.94 93.63
C PRO L 3879 -25.41 -81.48 93.15
N ALA L 3880 -25.86 -80.33 93.62
CA ALA L 3880 -27.26 -79.97 93.49
C ALA L 3880 -27.66 -79.67 92.05
N ASP L 3881 -26.78 -79.00 91.32
CA ASP L 3881 -27.03 -78.42 90.01
C ASP L 3881 -26.84 -79.38 88.85
N LEU L 3882 -26.34 -80.59 89.11
CA LEU L 3882 -25.57 -81.33 88.13
C LEU L 3882 -26.21 -81.38 86.74
N LEU L 3883 -27.45 -81.80 86.64
CA LEU L 3883 -28.09 -81.86 85.33
C LEU L 3883 -28.19 -80.48 84.70
N LYS L 3884 -28.59 -79.47 85.47
CA LYS L 3884 -28.65 -78.09 85.00
C LYS L 3884 -27.31 -77.65 84.48
N ARG L 3885 -26.27 -77.91 85.26
CA ARG L 3885 -24.88 -77.64 84.91
C ARG L 3885 -24.52 -78.32 83.60
N ALA L 3886 -25.02 -79.52 83.38
CA ALA L 3886 -24.83 -80.18 82.12
C ALA L 3886 -25.45 -79.35 81.00
N PHE L 3887 -26.74 -79.07 81.10
CA PHE L 3887 -27.47 -78.37 80.05
C PHE L 3887 -26.86 -77.04 79.68
N VAL L 3888 -26.54 -76.21 80.67
CA VAL L 3888 -26.01 -74.86 80.43
C VAL L 3888 -24.69 -74.91 79.68
N ARG L 3889 -23.98 -76.04 79.75
CA ARG L 3889 -22.79 -76.28 78.95
C ARG L 3889 -22.95 -77.45 78.01
N MET L 3890 -24.15 -77.53 77.43
CA MET L 3890 -24.34 -78.14 76.12
C MET L 3890 -25.32 -77.33 75.27
N SER L 3891 -25.54 -76.06 75.61
CA SER L 3891 -26.44 -75.14 74.91
C SER L 3891 -25.70 -73.84 74.58
N THR L 3892 -26.04 -73.17 73.47
CA THR L 3892 -25.36 -71.92 73.06
C THR L 3892 -25.61 -70.75 73.99
N SER L 3893 -26.87 -70.56 74.32
CA SER L 3893 -27.48 -69.28 74.67
C SER L 3893 -28.84 -69.59 75.28
N PRO L 3894 -29.49 -68.66 75.98
CA PRO L 3894 -30.54 -69.03 76.92
C PRO L 3894 -31.78 -69.63 76.27
N GLU L 3895 -32.03 -69.42 74.98
CA GLU L 3895 -33.05 -70.13 74.22
C GLU L 3895 -32.74 -71.63 74.14
N ALA L 3896 -31.48 -71.94 73.83
CA ALA L 3896 -30.93 -73.26 73.86
C ALA L 3896 -30.87 -73.80 75.29
N PHE L 3897 -31.08 -72.99 76.33
CA PHE L 3897 -31.37 -73.52 77.64
C PHE L 3897 -32.85 -73.76 77.85
N LEU L 3898 -33.69 -72.74 77.68
CA LEU L 3898 -35.12 -72.81 77.95
C LEU L 3898 -35.77 -73.94 77.15
N ALA L 3899 -35.52 -73.97 75.84
CA ALA L 3899 -36.15 -74.92 74.95
C ALA L 3899 -35.81 -76.32 75.41
N LEU L 3900 -34.52 -76.61 75.63
CA LEU L 3900 -34.14 -77.92 76.11
C LEU L 3900 -34.81 -78.21 77.43
N ARG L 3901 -34.77 -77.32 78.41
CA ARG L 3901 -35.40 -77.63 79.69
C ARG L 3901 -36.87 -77.95 79.50
N SER L 3902 -37.59 -77.20 78.68
CA SER L 3902 -39.00 -77.48 78.43
C SER L 3902 -39.17 -78.86 77.84
N HIS L 3903 -38.33 -79.20 76.89
CA HIS L 3903 -38.49 -80.42 76.12
C HIS L 3903 -38.25 -81.63 76.98
N PHE L 3904 -37.14 -81.60 77.68
CA PHE L 3904 -36.82 -82.60 78.66
C PHE L 3904 -37.95 -82.74 79.62
N ALA L 3905 -38.37 -81.65 80.24
CA ALA L 3905 -39.36 -81.75 81.29
C ALA L 3905 -40.64 -82.42 80.77
N SER L 3906 -41.15 -81.95 79.63
CA SER L 3906 -42.33 -82.53 79.02
C SER L 3906 -42.14 -84.03 78.87
N SER L 3907 -41.06 -84.41 78.22
CA SER L 3907 -40.83 -85.80 77.88
C SER L 3907 -40.69 -86.63 79.14
N HIS L 3908 -40.01 -86.16 80.17
CA HIS L 3908 -39.82 -86.95 81.36
C HIS L 3908 -41.14 -87.24 82.04
N ALA L 3909 -41.98 -86.21 82.16
CA ALA L 3909 -43.29 -86.39 82.74
C ALA L 3909 -44.08 -87.40 81.92
N LEU L 3910 -44.15 -87.20 80.62
CA LEU L 3910 -44.95 -88.04 79.74
C LEU L 3910 -44.58 -89.49 79.91
N ILE L 3911 -43.30 -89.77 79.97
CA ILE L 3911 -42.87 -91.14 80.13
C ILE L 3911 -43.23 -91.65 81.50
N CYS L 3912 -43.04 -90.86 82.56
CA CYS L 3912 -43.34 -91.30 83.90
C CYS L 3912 -44.77 -91.78 84.04
N ILE L 3913 -45.74 -90.98 83.59
CA ILE L 3913 -47.12 -91.42 83.69
C ILE L 3913 -47.32 -92.69 82.88
N SER L 3914 -46.77 -92.75 81.68
CA SER L 3914 -46.92 -93.91 80.82
C SER L 3914 -46.44 -95.16 81.49
N HIS L 3915 -45.30 -95.07 82.15
CA HIS L 3915 -44.74 -96.21 82.83
C HIS L 3915 -45.52 -96.64 84.03
N TRP L 3916 -46.13 -95.70 84.75
CA TRP L 3916 -47.01 -96.12 85.81
C TRP L 3916 -48.21 -96.86 85.28
N ILE L 3917 -48.78 -96.42 84.17
CA ILE L 3917 -49.90 -97.12 83.55
C ILE L 3917 -49.52 -98.55 83.23
N LEU L 3918 -48.36 -98.77 82.64
CA LEU L 3918 -47.91 -100.12 82.36
C LEU L 3918 -47.24 -100.81 83.53
N GLY L 3919 -47.12 -100.16 84.68
CA GLY L 3919 -46.40 -100.71 85.82
C GLY L 3919 -44.95 -101.07 85.50
N ILE L 3920 -44.24 -100.33 84.67
CA ILE L 3920 -42.82 -100.62 84.46
C ILE L 3920 -42.03 -100.16 85.68
N GLY L 3921 -41.24 -101.03 86.30
CA GLY L 3921 -40.62 -100.74 87.62
C GLY L 3921 -39.12 -100.47 87.65
N ASP L 3922 -38.33 -101.08 86.76
CA ASP L 3922 -36.87 -101.03 86.80
C ASP L 3922 -36.35 -99.76 86.11
N ARG L 3923 -36.73 -98.62 86.68
CA ARG L 3923 -36.36 -97.31 86.13
C ARG L 3923 -35.16 -96.70 86.84
N HIS L 3924 -33.99 -97.34 86.72
CA HIS L 3924 -32.79 -96.75 87.24
C HIS L 3924 -32.17 -95.79 86.22
N LEU L 3925 -31.03 -95.21 86.57
CA LEU L 3925 -30.44 -94.15 85.75
C LEU L 3925 -29.96 -94.64 84.39
N ASN L 3926 -29.63 -95.92 84.26
CA ASN L 3926 -29.14 -96.44 82.98
C ASN L 3926 -30.25 -96.83 82.03
N ASN L 3927 -31.52 -96.75 82.45
CA ASN L 3927 -32.64 -97.06 81.58
C ASN L 3927 -33.29 -95.81 80.99
N PHE L 3928 -32.65 -94.65 81.16
CA PHE L 3928 -33.10 -93.40 80.57
C PHE L 3928 -32.02 -92.86 79.66
N MET L 3929 -32.37 -92.58 78.41
CA MET L 3929 -31.46 -92.00 77.45
C MET L 3929 -31.90 -90.58 77.10
N VAL L 3930 -30.93 -89.69 76.96
CA VAL L 3930 -31.18 -88.28 76.68
C VAL L 3930 -30.55 -87.95 75.33
N ALA L 3931 -31.33 -87.39 74.42
CA ALA L 3931 -30.81 -86.95 73.13
C ALA L 3931 -30.16 -85.58 73.18
N MET L 3932 -29.21 -85.36 72.27
CA MET L 3932 -28.55 -84.07 72.16
C MET L 3932 -29.28 -83.19 71.19
N GLU L 3933 -29.74 -83.75 70.07
CA GLU L 3933 -30.38 -82.95 69.05
C GLU L 3933 -31.74 -82.44 69.50
N THR L 3934 -32.36 -83.01 70.52
CA THR L 3934 -33.43 -82.35 71.30
C THR L 3934 -33.41 -82.89 72.72
N GLY L 3935 -34.00 -82.19 73.68
CA GLY L 3935 -34.01 -82.65 75.06
C GLY L 3935 -34.96 -83.82 75.35
N GLY L 3936 -35.45 -84.55 74.37
CA GLY L 3936 -36.48 -85.58 74.57
C GLY L 3936 -35.92 -86.89 75.14
N VAL L 3937 -36.20 -87.19 76.39
CA VAL L 3937 -35.76 -88.41 77.10
C VAL L 3937 -36.36 -89.66 76.47
N ILE L 3938 -35.70 -90.82 76.58
CA ILE L 3938 -36.13 -92.06 75.85
C ILE L 3938 -36.00 -93.25 76.83
N GLY L 3939 -37.08 -93.99 77.02
CA GLY L 3939 -37.09 -95.15 77.90
C GLY L 3939 -36.71 -96.41 77.16
N ILE L 3940 -35.91 -97.25 77.82
CA ILE L 3940 -35.43 -98.50 77.26
C ILE L 3940 -35.43 -99.56 78.36
N ASP L 3941 -35.07 -100.79 77.98
CA ASP L 3941 -34.87 -101.90 78.89
C ASP L 3941 -36.15 -102.19 79.69
N PHE L 3942 -37.18 -102.60 78.95
CA PHE L 3942 -38.49 -102.91 79.52
C PHE L 3942 -38.50 -104.40 79.86
N GLY L 3943 -37.76 -104.74 80.91
CA GLY L 3943 -37.56 -106.11 81.42
C GLY L 3943 -38.51 -106.50 82.55
N HIS L 3944 -39.53 -105.67 82.79
CA HIS L 3944 -40.41 -105.73 83.94
C HIS L 3944 -41.69 -105.00 83.62
N ALA L 3945 -42.60 -105.69 82.95
CA ALA L 3945 -43.91 -105.13 82.67
C ALA L 3945 -44.84 -105.34 83.89
N PHE L 3946 -45.92 -104.56 84.01
CA PHE L 3946 -47.01 -104.81 84.95
C PHE L 3946 -46.55 -105.15 86.39
N GLY L 3947 -45.77 -104.28 87.01
CA GLY L 3947 -45.42 -104.39 88.43
C GLY L 3947 -44.43 -105.51 88.77
N SER L 3948 -43.87 -106.19 87.77
CA SER L 3948 -43.01 -107.36 87.98
C SER L 3948 -41.85 -107.10 88.95
N ALA L 3949 -41.25 -105.92 88.92
CA ALA L 3949 -40.16 -105.56 89.83
C ALA L 3949 -40.63 -105.42 91.29
N THR L 3950 -41.73 -104.72 91.52
CA THR L 3950 -42.37 -104.61 92.84
C THR L 3950 -42.90 -105.95 93.34
N GLN L 3951 -43.22 -106.89 92.45
CA GLN L 3951 -43.80 -108.17 92.81
C GLN L 3951 -42.75 -109.25 93.16
N PHE L 3952 -41.76 -109.50 92.30
CA PHE L 3952 -40.93 -110.71 92.42
C PHE L 3952 -39.52 -110.49 92.96
N LEU L 3953 -39.02 -109.25 93.00
CA LEU L 3953 -37.69 -108.99 93.53
C LEU L 3953 -37.68 -109.12 95.06
N PRO L 3954 -36.59 -109.57 95.70
CA PRO L 3954 -36.52 -109.65 97.15
C PRO L 3954 -36.58 -108.27 97.80
N VAL L 3955 -35.94 -107.29 97.18
CA VAL L 3955 -36.04 -105.89 97.55
C VAL L 3955 -37.11 -105.27 96.65
N PRO L 3956 -38.30 -104.94 97.15
CA PRO L 3956 -39.36 -104.42 96.30
C PRO L 3956 -39.07 -102.95 96.02
N GLU L 3957 -39.28 -102.49 94.79
CA GLU L 3957 -39.12 -101.08 94.43
C GLU L 3957 -40.51 -100.43 94.30
N LEU L 3958 -40.73 -99.38 95.09
CA LEU L 3958 -42.06 -98.92 95.45
C LEU L 3958 -42.52 -97.66 94.70
N MET L 3959 -41.63 -96.98 93.99
CA MET L 3959 -42.03 -95.78 93.25
C MET L 3959 -42.86 -96.14 92.01
N PRO L 3960 -43.75 -95.26 91.55
CA PRO L 3960 -44.49 -95.46 90.32
C PRO L 3960 -43.62 -95.25 89.07
N PHE L 3961 -42.60 -94.41 89.18
CA PHE L 3961 -41.61 -94.02 88.18
C PHE L 3961 -40.53 -93.23 88.91
N ARG L 3962 -39.42 -92.93 88.26
CA ARG L 3962 -38.35 -92.13 88.84
C ARG L 3962 -38.65 -90.63 88.82
N LEU L 3963 -38.49 -89.95 89.95
CA LEU L 3963 -38.60 -88.50 90.01
C LEU L 3963 -37.74 -87.93 91.14
N THR L 3964 -36.48 -88.34 91.15
CA THR L 3964 -35.53 -88.02 92.21
C THR L 3964 -35.01 -86.59 92.15
N ARG L 3965 -34.21 -86.23 93.13
CA ARG L 3965 -33.79 -84.86 93.43
C ARG L 3965 -33.46 -84.02 92.21
N GLN L 3966 -32.60 -84.54 91.34
CA GLN L 3966 -32.03 -83.76 90.25
C GLN L 3966 -33.11 -83.23 89.30
N PHE L 3967 -34.15 -84.01 89.06
CA PHE L 3967 -35.27 -83.56 88.26
C PHE L 3967 -35.91 -82.33 88.85
N ILE L 3968 -36.23 -82.39 90.13
CA ILE L 3968 -36.82 -81.26 90.83
C ILE L 3968 -35.85 -80.09 90.77
N ASN L 3969 -34.57 -80.36 90.99
CA ASN L 3969 -33.57 -79.33 91.06
C ASN L 3969 -33.42 -78.60 89.73
N LEU L 3970 -33.55 -79.29 88.62
CA LEU L 3970 -33.55 -78.66 87.32
C LEU L 3970 -34.63 -77.56 87.25
N MET L 3971 -35.75 -77.79 87.93
CA MET L 3971 -36.83 -76.84 88.03
C MET L 3971 -36.80 -76.08 89.35
N LEU L 3972 -35.62 -75.89 89.95
CA LEU L 3972 -35.51 -75.49 91.37
C LEU L 3972 -36.41 -74.33 91.81
N PRO L 3973 -36.54 -73.21 91.06
CA PRO L 3973 -37.33 -72.10 91.57
C PRO L 3973 -38.83 -72.38 91.50
N MET L 3974 -39.20 -73.40 90.73
CA MET L 3974 -40.47 -73.53 90.04
C MET L 3974 -40.87 -75.00 90.00
N LYS L 3975 -41.27 -75.51 91.16
CA LYS L 3975 -41.45 -76.94 91.41
C LYS L 3975 -42.52 -77.62 90.56
N GLU L 3976 -42.58 -78.95 90.63
CA GLU L 3976 -43.23 -79.85 89.67
C GLU L 3976 -44.65 -79.48 89.28
N THR L 3977 -45.38 -78.87 90.21
CA THR L 3977 -46.77 -78.37 90.13
C THR L 3977 -46.99 -77.32 89.04
N GLY L 3978 -45.97 -76.94 88.30
CA GLY L 3978 -46.12 -76.40 86.96
C GLY L 3978 -46.13 -77.48 85.89
N LEU L 3979 -45.16 -77.42 84.98
CA LEU L 3979 -45.22 -78.10 83.69
C LEU L 3979 -45.42 -79.59 83.84
N MET L 3980 -44.63 -80.24 84.67
CA MET L 3980 -44.71 -81.68 84.82
C MET L 3980 -46.11 -82.07 85.25
N TYR L 3981 -46.56 -81.47 86.34
CA TYR L 3981 -47.88 -81.72 86.85
C TYR L 3981 -48.95 -81.50 85.79
N SER L 3982 -48.84 -80.41 85.03
CA SER L 3982 -49.80 -80.10 83.98
C SER L 3982 -49.86 -81.22 82.95
N ILE L 3983 -48.71 -81.57 82.38
CA ILE L 3983 -48.63 -82.58 81.34
C ILE L 3983 -49.09 -83.92 81.85
N MET L 3984 -48.63 -84.32 83.03
CA MET L 3984 -49.05 -85.58 83.62
C MET L 3984 -50.57 -85.64 83.65
N VAL L 3985 -51.21 -84.56 84.10
CA VAL L 3985 -52.65 -84.48 84.16
C VAL L 3985 -53.29 -84.58 82.79
N HIS L 3986 -52.83 -83.82 81.78
CA HIS L 3986 -53.39 -83.93 80.43
C HIS L 3986 -53.28 -85.32 79.88
N ALA L 3987 -52.14 -85.96 80.09
CA ALA L 3987 -51.94 -87.32 79.63
C ALA L 3987 -52.95 -88.28 80.25
N LEU L 3988 -53.06 -88.26 81.58
CA LEU L 3988 -53.85 -89.27 82.24
C LEU L 3988 -55.31 -89.15 81.86
N ARG L 3989 -55.78 -87.91 81.71
CA ARG L 3989 -57.12 -87.66 81.22
C ARG L 3989 -57.29 -88.17 79.82
N ALA L 3990 -56.36 -87.86 78.94
CA ALA L 3990 -56.41 -88.28 77.57
C ALA L 3990 -56.49 -89.78 77.46
N PHE L 3991 -55.72 -90.53 78.26
CA PHE L 3991 -55.90 -91.97 78.32
C PHE L 3991 -57.26 -92.35 78.86
N ARG L 3992 -57.64 -91.85 80.02
CA ARG L 3992 -58.88 -92.23 80.66
C ARG L 3992 -60.11 -91.85 79.86
N SER L 3993 -59.97 -91.01 78.83
CA SER L 3993 -61.02 -90.79 77.85
C SER L 3993 -61.50 -92.06 77.17
N ASP L 3994 -60.64 -93.08 77.05
CA ASP L 3994 -60.97 -94.29 76.30
C ASP L 3994 -60.17 -95.49 76.84
N PRO L 3995 -60.55 -96.03 78.01
CA PRO L 3995 -59.88 -97.19 78.55
C PRO L 3995 -59.94 -98.38 77.60
N GLY L 3996 -60.98 -98.51 76.78
CA GLY L 3996 -61.25 -99.68 75.96
C GLY L 3996 -60.06 -100.17 75.15
N LEU L 3997 -59.58 -99.38 74.19
CA LEU L 3997 -58.55 -99.86 73.27
C LEU L 3997 -57.28 -100.24 74.02
N LEU L 3998 -56.83 -99.36 74.92
CA LEU L 3998 -55.63 -99.65 75.68
C LEU L 3998 -55.82 -100.86 76.59
N THR L 3999 -57.01 -100.97 77.20
CA THR L 3999 -57.29 -102.13 78.05
C THR L 3999 -57.29 -103.42 77.24
N ASN L 4000 -57.91 -103.39 76.05
CA ASN L 4000 -57.90 -104.57 75.19
C ASN L 4000 -56.48 -104.96 74.79
N THR L 4001 -55.66 -103.97 74.45
CA THR L 4001 -54.29 -104.26 74.04
C THR L 4001 -53.48 -104.82 75.19
N MET L 4002 -53.64 -104.27 76.39
CA MET L 4002 -52.92 -104.79 77.55
C MET L 4002 -53.39 -106.19 77.91
N ASP L 4003 -54.69 -106.47 77.73
CA ASP L 4003 -55.21 -107.80 78.00
C ASP L 4003 -54.66 -108.81 76.99
N VAL L 4004 -54.53 -108.40 75.73
CA VAL L 4004 -53.89 -109.26 74.73
C VAL L 4004 -52.43 -109.48 75.08
N PHE L 4005 -51.76 -108.44 75.60
CA PHE L 4005 -50.37 -108.56 76.01
C PHE L 4005 -50.20 -109.59 77.12
N VAL L 4006 -50.95 -109.42 78.22
CA VAL L 4006 -50.76 -110.27 79.40
C VAL L 4006 -51.22 -111.70 79.18
N LYS L 4007 -51.97 -111.98 78.12
CA LYS L 4007 -52.44 -113.33 77.84
C LYS L 4007 -51.60 -114.06 76.80
N GLU L 4008 -50.44 -113.53 76.46
CA GLU L 4008 -49.56 -114.21 75.51
C GLU L 4008 -48.97 -115.47 76.15
N PRO L 4009 -48.92 -116.59 75.43
CA PRO L 4009 -48.33 -117.81 76.01
C PRO L 4009 -46.83 -117.71 76.25
N SER L 4010 -46.14 -116.78 75.59
CA SER L 4010 -44.70 -116.60 75.80
C SER L 4010 -44.39 -115.69 76.98
N PHE L 4011 -45.40 -115.12 77.63
CA PHE L 4011 -45.19 -114.23 78.77
C PHE L 4011 -45.53 -114.90 80.10
N ASP L 4012 -45.21 -116.19 80.22
CA ASP L 4012 -45.47 -116.94 81.44
C ASP L 4012 -44.34 -116.69 82.44
N TRP L 4013 -44.34 -117.47 83.52
CA TRP L 4013 -43.32 -117.33 84.56
C TRP L 4013 -41.98 -117.93 84.13
N LYS L 4014 -42.01 -118.95 83.28
CA LYS L 4014 -40.76 -119.59 82.85
C LYS L 4014 -39.89 -118.63 82.05
N ASN L 4015 -40.48 -117.82 81.18
CA ASN L 4015 -39.69 -116.84 80.43
C ASN L 4015 -39.17 -115.74 81.33
N PHE L 4016 -40.02 -115.32 82.26
CA PHE L 4016 -39.73 -114.22 83.16
C PHE L 4016 -38.57 -114.55 84.11
N GLU L 4017 -38.61 -115.67 84.83
CA GLU L 4017 -37.58 -115.97 85.82
C GLU L 4017 -36.22 -116.21 85.15
N GLN L 4018 -36.18 -116.77 83.94
CA GLN L 4018 -34.94 -116.87 83.17
C GLN L 4018 -34.47 -115.53 82.55
N LYS L 4019 -35.23 -114.43 82.68
CA LYS L 4019 -34.66 -113.06 82.68
C LYS L 4019 -34.16 -112.66 84.08
N MET L 4020 -34.92 -112.90 85.14
CA MET L 4020 -34.59 -112.43 86.50
C MET L 4020 -33.23 -112.92 87.02
N LEU L 4021 -32.72 -114.03 86.51
CA LEU L 4021 -31.33 -114.44 86.72
C LEU L 4021 -30.31 -113.33 86.40
N LYS L 4022 -30.57 -112.56 85.34
CA LYS L 4022 -29.61 -111.70 84.63
C LYS L 4022 -29.52 -110.28 85.20
N LYS L 4023 -29.55 -110.16 86.53
CA LYS L 4023 -29.64 -108.87 87.27
C LYS L 4023 -28.53 -108.64 88.30
N GLY L 4024 -27.36 -109.22 88.09
CA GLY L 4024 -26.14 -108.93 88.87
C GLY L 4024 -26.25 -109.24 90.37
N GLY L 4025 -26.94 -110.31 90.76
CA GLY L 4025 -27.11 -110.70 92.17
C GLY L 4025 -28.14 -109.88 92.96
N SER L 4026 -28.85 -108.95 92.33
CA SER L 4026 -29.94 -108.20 92.98
C SER L 4026 -31.16 -109.07 93.28
N TRP L 4027 -31.40 -110.15 92.52
CA TRP L 4027 -32.48 -111.09 92.80
C TRP L 4027 -32.16 -112.01 93.99
N ILE L 4028 -33.12 -112.91 94.27
CA ILE L 4028 -33.00 -114.13 95.07
C ILE L 4028 -32.17 -115.14 94.25
N GLN L 4029 -30.90 -115.25 94.59
CA GLN L 4029 -29.84 -115.64 93.65
C GLN L 4029 -30.01 -117.00 92.93
N GLU L 4030 -30.06 -118.12 93.65
CA GLU L 4030 -30.30 -119.47 93.09
C GLU L 4030 -31.25 -120.29 93.97
N ILE L 4031 -32.25 -119.63 94.55
CA ILE L 4031 -33.21 -120.18 95.53
C ILE L 4031 -34.58 -119.47 95.42
N ASN L 4032 -35.65 -120.21 95.78
CA ASN L 4032 -37.07 -119.83 95.85
C ASN L 4032 -37.66 -119.15 94.59
N VAL L 4033 -37.80 -119.90 93.49
CA VAL L 4033 -38.64 -119.52 92.33
C VAL L 4033 -40.15 -119.65 92.61
N ALA L 4034 -40.56 -120.58 93.48
CA ALA L 4034 -41.96 -120.76 93.94
C ALA L 4034 -43.00 -120.67 92.82
N GLU L 4035 -42.86 -121.50 91.79
CA GLU L 4035 -43.33 -121.24 90.43
C GLU L 4035 -44.83 -121.00 90.22
N LYS L 4036 -45.72 -121.43 91.12
CA LYS L 4036 -47.15 -121.02 91.09
C LYS L 4036 -47.32 -119.59 91.63
N ASN L 4037 -46.50 -118.71 91.09
CA ASN L 4037 -46.26 -117.32 91.42
C ASN L 4037 -46.95 -116.38 90.42
N TRP L 4038 -47.42 -116.88 89.27
CA TRP L 4038 -47.88 -116.08 88.15
C TRP L 4038 -49.41 -115.91 88.13
N TYR L 4039 -49.90 -114.68 88.13
CA TYR L 4039 -51.32 -114.35 88.32
C TYR L 4039 -51.81 -113.36 87.25
N PRO L 4040 -51.87 -113.78 85.98
CA PRO L 4040 -51.99 -112.86 84.86
C PRO L 4040 -53.28 -112.02 84.83
N ARG L 4041 -54.41 -112.52 85.34
CA ARG L 4041 -55.60 -111.69 85.36
C ARG L 4041 -55.48 -110.52 86.32
N GLN L 4042 -54.73 -110.68 87.42
CA GLN L 4042 -54.58 -109.58 88.37
C GLN L 4042 -53.84 -108.41 87.74
N LYS L 4043 -52.95 -108.67 86.77
CA LYS L 4043 -52.25 -107.60 86.09
C LYS L 4043 -53.22 -106.68 85.35
N ILE L 4044 -54.06 -107.26 84.50
CA ILE L 4044 -55.02 -106.45 83.76
C ILE L 4044 -56.08 -105.88 84.70
N CYS L 4045 -56.40 -106.57 85.80
CA CYS L 4045 -57.34 -106.02 86.77
C CYS L 4045 -56.78 -104.75 87.40
N TYR L 4046 -55.51 -104.77 87.81
CA TYR L 4046 -54.89 -103.58 88.39
C TYR L 4046 -54.72 -102.49 87.34
N ALA L 4047 -54.47 -102.87 86.09
CA ALA L 4047 -54.41 -101.86 85.03
C ALA L 4047 -55.75 -101.17 84.85
N LYS L 4048 -56.84 -101.93 84.84
CA LYS L 4048 -58.16 -101.32 84.73
C LYS L 4048 -58.49 -100.48 85.95
N ARG L 4049 -58.03 -100.90 87.13
CA ARG L 4049 -58.24 -100.10 88.32
C ARG L 4049 -57.49 -98.77 88.24
N LYS L 4050 -56.25 -98.80 87.76
CA LYS L 4050 -55.50 -97.57 87.53
C LYS L 4050 -56.22 -96.66 86.55
N LEU L 4051 -56.69 -97.23 85.43
CA LEU L 4051 -57.39 -96.44 84.43
C LEU L 4051 -58.79 -96.03 84.88
N ALA L 4052 -59.28 -96.56 85.99
CA ALA L 4052 -60.60 -96.21 86.50
C ALA L 4052 -60.56 -95.14 87.58
N GLY L 4053 -59.38 -94.85 88.15
CA GLY L 4053 -59.25 -93.81 89.14
C GLY L 4053 -58.92 -94.31 90.53
N ALA L 4054 -58.17 -95.41 90.60
CA ALA L 4054 -57.80 -95.98 91.89
C ALA L 4054 -56.61 -95.23 92.49
N ASN L 4055 -56.44 -95.40 93.79
CA ASN L 4055 -55.32 -94.77 94.50
C ASN L 4055 -54.04 -95.54 94.21
N PRO L 4056 -52.96 -94.87 93.81
CA PRO L 4056 -51.72 -95.61 93.53
C PRO L 4056 -51.18 -96.39 94.73
N ALA L 4057 -51.31 -95.84 95.94
CA ALA L 4057 -50.86 -96.55 97.13
C ALA L 4057 -51.62 -97.84 97.33
N VAL L 4058 -52.92 -97.85 97.04
CA VAL L 4058 -53.70 -99.08 97.19
C VAL L 4058 -53.25 -100.13 96.18
N ILE L 4059 -52.94 -99.72 94.95
CA ILE L 4059 -52.45 -100.66 93.96
C ILE L 4059 -51.09 -101.21 94.37
N THR L 4060 -50.23 -100.35 94.92
CA THR L 4060 -48.92 -100.82 95.39
C THR L 4060 -49.08 -101.81 96.54
N CYS L 4061 -49.99 -101.54 97.47
CA CYS L 4061 -50.24 -102.46 98.56
C CYS L 4061 -50.80 -103.78 98.07
N ASP L 4062 -51.67 -103.74 97.05
CA ASP L 4062 -52.20 -105.00 96.50
C ASP L 4062 -51.10 -105.80 95.82
N GLU L 4063 -50.21 -105.14 95.08
CA GLU L 4063 -49.10 -105.84 94.47
C GLU L 4063 -48.16 -106.43 95.52
N LEU L 4064 -47.94 -105.70 96.61
CA LEU L 4064 -47.12 -106.22 97.69
C LEU L 4064 -47.78 -107.44 98.34
N LEU L 4065 -49.10 -107.38 98.53
CA LEU L 4065 -49.81 -108.53 99.11
C LEU L 4065 -49.74 -109.74 98.19
N LEU L 4066 -49.80 -109.50 96.87
CA LEU L 4066 -49.70 -110.61 95.93
C LEU L 4066 -48.30 -111.20 95.88
N GLY L 4067 -47.27 -110.36 95.97
CA GLY L 4067 -45.91 -110.83 95.84
C GLY L 4067 -45.26 -111.35 97.11
N HIS L 4068 -45.19 -110.51 98.14
CA HIS L 4068 -44.55 -110.84 99.40
C HIS L 4068 -45.63 -110.88 100.48
N GLU L 4069 -46.26 -112.04 100.63
CA GLU L 4069 -47.30 -112.23 101.64
C GLU L 4069 -46.74 -112.89 102.90
N LYS L 4070 -45.82 -113.84 102.73
CA LYS L 4070 -45.21 -114.54 103.85
C LYS L 4070 -43.92 -113.89 104.34
N ALA L 4071 -43.51 -112.78 103.74
CA ALA L 4071 -42.31 -112.11 104.17
C ALA L 4071 -42.51 -111.51 105.56
N PRO L 4072 -41.47 -111.48 106.41
CA PRO L 4072 -41.65 -110.92 107.76
C PRO L 4072 -41.81 -109.41 107.79
N ALA L 4073 -41.60 -108.71 106.68
CA ALA L 4073 -41.73 -107.27 106.62
C ALA L 4073 -42.88 -106.81 105.73
N PHE L 4074 -43.86 -107.70 105.48
CA PHE L 4074 -45.00 -107.33 104.64
C PHE L 4074 -45.78 -106.17 105.25
N ARG L 4075 -46.00 -106.21 106.56
CA ARG L 4075 -46.69 -105.12 107.23
C ARG L 4075 -45.91 -103.82 107.12
N ASP L 4076 -44.60 -103.87 107.31
CA ASP L 4076 -43.78 -102.67 107.13
C ASP L 4076 -43.76 -102.23 105.68
N TYR L 4077 -43.76 -103.18 104.74
CA TYR L 4077 -43.83 -102.84 103.32
C TYR L 4077 -45.08 -102.03 103.02
N VAL L 4078 -46.25 -102.52 103.45
CA VAL L 4078 -47.48 -101.81 103.14
C VAL L 4078 -47.61 -100.53 103.96
N ALA L 4079 -46.99 -100.47 105.14
CA ALA L 4079 -47.02 -99.24 105.92
C ALA L 4079 -46.20 -98.15 105.25
N VAL L 4080 -45.08 -98.52 104.63
CA VAL L 4080 -44.26 -97.54 103.92
C VAL L 4080 -44.93 -97.15 102.60
N ALA L 4081 -45.50 -98.14 101.90
CA ALA L 4081 -46.13 -97.84 100.61
C ALA L 4081 -47.40 -97.02 100.77
N ARG L 4082 -48.11 -97.19 101.89
CA ARG L 4082 -49.36 -96.47 102.07
C ARG L 4082 -49.13 -95.08 102.64
N GLY L 4083 -48.06 -94.88 103.41
CA GLY L 4083 -47.75 -93.59 103.97
C GLY L 4083 -48.55 -93.29 105.21
N SER L 4084 -48.35 -92.08 105.74
CA SER L 4084 -49.04 -91.60 106.92
C SER L 4084 -49.90 -90.39 106.55
N LYS L 4085 -51.01 -90.22 107.28
CA LYS L 4085 -51.91 -89.11 107.03
C LYS L 4085 -51.38 -87.78 107.55
N ASP L 4086 -50.12 -87.72 108.00
CA ASP L 4086 -49.55 -86.51 108.56
C ASP L 4086 -48.67 -85.74 107.59
N HIS L 4087 -47.94 -86.44 106.71
CA HIS L 4087 -46.99 -85.79 105.82
C HIS L 4087 -47.22 -86.07 104.34
N ASN L 4088 -47.74 -87.23 103.98
CA ASN L 4088 -47.91 -87.62 102.58
C ASN L 4088 -49.39 -87.70 102.27
N ILE L 4089 -49.82 -86.95 101.25
CA ILE L 4089 -51.22 -86.99 100.84
C ILE L 4089 -51.40 -88.09 99.80
N ARG L 4090 -51.49 -89.33 100.26
CA ARG L 4090 -51.98 -90.44 99.45
C ARG L 4090 -52.86 -91.32 100.32
N ALA L 4091 -52.76 -91.11 101.64
CA ALA L 4091 -53.63 -91.79 102.59
C ALA L 4091 -54.78 -90.91 103.05
N GLN L 4092 -54.72 -89.61 102.78
CA GLN L 4092 -55.80 -88.67 103.07
C GLN L 4092 -56.85 -88.64 101.98
N GLU L 4093 -56.79 -89.59 101.04
CA GLU L 4093 -57.70 -89.68 99.91
C GLU L 4093 -58.36 -91.04 99.88
N PRO L 4094 -59.54 -91.16 99.25
CA PRO L 4094 -60.18 -92.48 99.14
C PRO L 4094 -59.37 -93.47 98.32
N GLU L 4095 -59.81 -94.73 98.31
CA GLU L 4095 -59.10 -95.78 97.59
C GLU L 4095 -59.53 -95.90 96.14
N SER L 4096 -60.57 -95.18 95.72
CA SER L 4096 -61.04 -95.25 94.34
C SER L 4096 -61.86 -94.01 94.04
N GLY L 4097 -62.23 -93.86 92.77
CA GLY L 4097 -63.01 -92.70 92.35
C GLY L 4097 -62.25 -91.40 92.32
N LEU L 4098 -60.92 -91.46 92.39
CA LEU L 4098 -60.12 -90.24 92.36
C LEU L 4098 -60.10 -89.66 90.94
N SER L 4099 -59.95 -88.34 90.87
CA SER L 4099 -59.83 -87.68 89.59
C SER L 4099 -58.39 -87.79 89.08
N GLU L 4100 -58.16 -87.28 87.86
CA GLU L 4100 -56.83 -87.31 87.29
C GLU L 4100 -55.86 -86.45 88.09
N GLU L 4101 -56.31 -85.27 88.54
CA GLU L 4101 -55.45 -84.38 89.30
C GLU L 4101 -55.06 -85.00 90.64
N THR L 4102 -56.04 -85.59 91.34
CA THR L 4102 -55.73 -86.23 92.61
C THR L 4102 -54.80 -87.43 92.41
N GLN L 4103 -55.01 -88.19 91.33
CA GLN L 4103 -54.11 -89.31 91.04
C GLN L 4103 -52.70 -88.84 90.79
N VAL L 4104 -52.53 -87.76 90.02
CA VAL L 4104 -51.19 -87.25 89.75
C VAL L 4104 -50.55 -86.69 91.01
N LYS L 4105 -51.34 -86.04 91.88
CA LYS L 4105 -50.81 -85.56 93.14
C LYS L 4105 -50.33 -86.72 94.01
N CYS L 4106 -51.12 -87.80 94.08
CA CYS L 4106 -50.70 -88.97 94.86
C CYS L 4106 -49.46 -89.61 94.25
N LEU L 4107 -49.37 -89.64 92.92
CA LEU L 4107 -48.19 -90.20 92.26
C LEU L 4107 -46.95 -89.39 92.59
N MET L 4108 -47.04 -88.05 92.53
CA MET L 4108 -45.88 -87.23 92.84
C MET L 4108 -45.53 -87.26 94.32
N ASP L 4109 -46.52 -87.49 95.18
CA ASP L 4109 -46.24 -87.62 96.60
C ASP L 4109 -45.56 -88.94 96.91
N GLN L 4110 -45.95 -90.01 96.22
CA GLN L 4110 -45.35 -91.31 96.45
C GLN L 4110 -43.97 -91.44 95.82
N ALA L 4111 -43.76 -90.83 94.65
CA ALA L 4111 -42.47 -90.91 93.98
C ALA L 4111 -41.41 -90.02 94.61
N THR L 4112 -41.82 -89.02 95.38
CA THR L 4112 -40.88 -88.12 96.06
C THR L 4112 -40.88 -88.30 97.56
N ASP L 4113 -41.54 -89.33 98.08
CA ASP L 4113 -41.55 -89.59 99.51
C ASP L 4113 -40.15 -89.97 99.98
N PRO L 4114 -39.55 -89.22 100.92
CA PRO L 4114 -38.22 -89.60 101.41
C PRO L 4114 -38.24 -90.90 102.20
N ASN L 4115 -39.34 -91.25 102.84
CA ASN L 4115 -39.42 -92.51 103.57
C ASN L 4115 -39.34 -93.71 102.63
N ILE L 4116 -39.82 -93.55 101.39
CA ILE L 4116 -39.72 -94.62 100.41
C ILE L 4116 -38.34 -94.62 99.75
N LEU L 4117 -37.81 -93.45 99.45
CA LEU L 4117 -36.51 -93.37 98.78
C LEU L 4117 -35.37 -93.80 99.69
N GLY L 4118 -35.52 -93.62 101.00
CA GLY L 4118 -34.49 -94.04 101.94
C GLY L 4118 -34.38 -95.54 102.11
N ARG L 4119 -35.32 -96.30 101.54
CA ARG L 4119 -35.33 -97.75 101.67
C ARG L 4119 -35.20 -98.44 100.32
N THR L 4120 -34.83 -97.71 99.27
CA THR L 4120 -34.75 -98.27 97.93
C THR L 4120 -33.46 -99.05 97.74
N TRP L 4121 -33.51 -100.04 96.85
CA TRP L 4121 -32.32 -100.79 96.46
C TRP L 4121 -31.22 -99.84 95.99
N GLU L 4122 -29.98 -100.12 96.42
CA GLU L 4122 -28.88 -99.19 96.18
C GLU L 4122 -28.54 -99.02 94.71
N GLY L 4123 -28.82 -100.02 93.88
CA GLY L 4123 -28.58 -99.88 92.45
C GLY L 4123 -29.53 -98.93 91.76
N TRP L 4124 -30.67 -98.61 92.38
CA TRP L 4124 -31.60 -97.66 91.79
C TRP L 4124 -31.14 -96.23 91.99
N GLU L 4125 -30.25 -95.99 92.96
CA GLU L 4125 -29.68 -94.68 93.27
C GLU L 4125 -30.77 -93.65 93.52
N PRO L 4126 -31.51 -93.76 94.63
CA PRO L 4126 -32.58 -92.79 94.90
C PRO L 4126 -32.05 -91.41 95.30
N TRP L 4127 -30.79 -91.31 95.72
CA TRP L 4127 -30.25 -90.01 96.13
C TRP L 4127 -30.00 -89.10 94.92
N MET L 4128 -29.82 -89.69 93.74
CA MET L 4128 -29.56 -88.89 92.54
C MET L 4128 -30.48 -89.30 91.40
N MET O 1 -112.67 83.90 59.83
CA MET O 1 -111.40 84.65 60.00
C MET O 1 -110.29 83.71 60.51
N GLU O 2 -109.02 84.02 60.21
CA GLU O 2 -107.83 83.30 60.71
C GLU O 2 -106.94 84.25 61.56
N ARG O 3 -106.17 83.66 62.48
CA ARG O 3 -105.02 84.33 63.11
C ARG O 3 -103.81 83.40 63.15
N LYS O 4 -102.63 83.98 63.33
CA LYS O 4 -101.40 83.23 63.44
C LYS O 4 -100.39 83.99 64.28
N ILE O 5 -100.03 83.39 65.40
CA ILE O 5 -99.01 83.89 66.27
C ILE O 5 -97.68 83.26 65.89
N SER O 6 -96.65 84.07 65.92
CA SER O 6 -95.35 83.77 65.38
C SER O 6 -94.33 84.38 66.32
N ARG O 7 -93.20 83.73 66.53
CA ARG O 7 -92.15 84.22 67.42
C ARG O 7 -90.96 84.73 66.60
N ILE O 8 -90.41 85.90 66.95
CA ILE O 8 -89.43 86.70 66.19
C ILE O 8 -88.39 87.35 67.11
N HIS O 9 -87.33 87.94 66.54
CA HIS O 9 -86.42 88.83 67.29
C HIS O 9 -86.28 90.19 66.63
N LEU O 10 -86.44 91.23 67.44
CA LEU O 10 -86.00 92.56 67.06
C LEU O 10 -84.48 92.68 67.01
N VAL O 11 -83.90 93.35 66.01
CA VAL O 11 -82.46 93.69 66.02
C VAL O 11 -82.11 94.66 67.14
N SER O 12 -83.06 95.49 67.57
CA SER O 12 -82.91 96.30 68.79
C SER O 12 -82.70 95.45 70.04
N GLU O 13 -83.20 94.22 70.05
CA GLU O 13 -83.36 93.38 71.24
C GLU O 13 -83.05 91.89 70.93
N PRO O 14 -81.77 91.49 70.98
CA PRO O 14 -81.29 90.13 70.69
C PRO O 14 -81.91 89.02 71.57
N SER O 15 -81.89 89.19 72.90
CA SER O 15 -82.23 88.13 73.87
C SER O 15 -83.74 88.04 74.20
N ILE O 16 -84.47 89.14 73.99
CA ILE O 16 -85.93 89.18 74.08
C ILE O 16 -86.53 88.54 72.83
N THR O 17 -87.18 87.39 72.97
CA THR O 17 -88.09 86.87 71.93
C THR O 17 -89.37 87.70 71.92
N HIS O 18 -89.80 88.13 70.75
CA HIS O 18 -91.03 88.89 70.55
C HIS O 18 -92.05 88.01 69.85
N PHE O 19 -93.33 88.27 70.06
CA PHE O 19 -94.39 87.59 69.36
C PHE O 19 -95.12 88.54 68.47
N LEU O 20 -95.18 88.13 67.23
CA LEU O 20 -95.99 88.70 66.20
C LEU O 20 -97.30 87.92 66.19
N GLN O 21 -98.42 88.60 66.13
CA GLN O 21 -99.71 88.01 65.89
C GLN O 21 -100.30 88.67 64.66
N VAL O 22 -100.66 87.87 63.68
CA VAL O 22 -101.30 88.33 62.45
C VAL O 22 -102.69 87.80 62.39
N SER O 23 -103.64 88.58 61.90
CA SER O 23 -105.04 88.20 61.94
C SER O 23 -105.70 88.74 60.68
N TRP O 24 -106.34 87.86 59.91
CA TRP O 24 -106.81 88.13 58.55
C TRP O 24 -107.82 87.11 58.06
N GLU O 25 -108.44 87.39 56.92
CA GLU O 25 -109.56 86.60 56.40
C GLU O 25 -109.12 85.70 55.23
N LYS O 26 -108.46 84.59 55.62
CA LYS O 26 -107.88 83.47 54.84
C LYS O 26 -106.80 83.79 53.80
N THR O 27 -107.04 84.71 52.86
CA THR O 27 -105.91 85.26 52.08
C THR O 27 -105.25 86.39 52.86
N LEU O 28 -103.99 86.22 53.21
CA LEU O 28 -103.17 87.30 53.76
C LEU O 28 -103.05 88.47 52.78
N GLU O 29 -103.13 88.14 51.48
CA GLU O 29 -103.24 89.04 50.33
C GLU O 29 -104.36 90.08 50.45
N SER O 30 -105.45 89.79 51.17
CA SER O 30 -106.57 90.73 51.35
C SER O 30 -106.31 91.82 52.41
N GLY O 31 -105.13 91.88 53.01
CA GLY O 31 -104.81 92.77 54.13
C GLY O 31 -104.98 92.06 55.49
N PHE O 32 -104.40 92.62 56.55
CA PHE O 32 -104.37 91.99 57.87
C PHE O 32 -104.23 92.99 59.02
N VAL O 33 -104.68 92.63 60.23
CA VAL O 33 -104.25 93.28 61.48
C VAL O 33 -103.04 92.54 62.02
N ILE O 34 -102.16 93.29 62.65
CA ILE O 34 -100.88 92.81 63.16
C ILE O 34 -100.67 93.33 64.59
N THR O 35 -100.22 92.50 65.53
CA THR O 35 -99.83 92.87 66.91
C THR O 35 -98.39 92.38 67.13
N LEU O 36 -97.57 93.18 67.83
CA LEU O 36 -96.28 92.78 68.38
C LEU O 36 -96.37 92.83 69.91
N THR O 37 -95.69 91.93 70.59
CA THR O 37 -95.52 91.98 72.04
C THR O 37 -94.20 91.31 72.40
N ASP O 38 -93.69 91.61 73.60
CA ASP O 38 -92.46 91.07 74.15
C ASP O 38 -92.61 90.44 75.53
N GLY O 39 -93.83 90.06 75.91
CA GLY O 39 -94.15 89.60 77.26
C GLY O 39 -94.29 90.73 78.30
N HIS O 40 -93.85 91.95 78.01
CA HIS O 40 -93.93 93.11 78.92
C HIS O 40 -94.87 94.21 78.38
N SER O 41 -94.93 94.40 77.06
CA SER O 41 -95.70 95.46 76.37
C SER O 41 -96.27 94.93 75.05
N ALA O 42 -97.19 95.67 74.43
CA ALA O 42 -97.78 95.30 73.14
C ALA O 42 -97.99 96.54 72.25
N TRP O 43 -98.05 96.30 70.95
CA TRP O 43 -98.27 97.29 69.90
C TRP O 43 -99.07 96.69 68.74
N THR O 44 -99.83 97.49 67.98
CA THR O 44 -100.75 97.00 66.91
C THR O 44 -100.73 97.88 65.66
N GLY O 45 -101.15 97.34 64.50
CA GLY O 45 -101.39 98.09 63.25
C GLY O 45 -102.10 97.23 62.16
N THR O 46 -102.15 97.74 60.91
CA THR O 46 -102.93 97.16 59.78
C THR O 46 -102.23 97.32 58.39
N VAL O 47 -102.42 96.42 57.40
CA VAL O 47 -101.97 96.51 55.96
C VAL O 47 -103.12 96.04 55.03
N SER O 48 -103.18 96.49 53.76
CA SER O 48 -104.35 96.36 52.84
C SER O 48 -104.06 95.75 51.43
N GLU O 49 -105.11 95.45 50.65
CA GLU O 49 -105.08 94.76 49.33
C GLU O 49 -104.15 95.42 48.30
N SER O 50 -104.42 96.69 48.01
CA SER O 50 -103.73 97.47 46.99
C SER O 50 -102.30 97.77 47.40
N GLU O 51 -102.02 97.95 48.70
CA GLU O 51 -100.68 98.06 49.28
C GLU O 51 -99.84 96.83 48.95
N ILE O 52 -100.34 95.63 49.23
CA ILE O 52 -99.59 94.40 48.93
C ILE O 52 -99.39 94.23 47.38
N SER O 53 -100.39 94.57 46.54
CA SER O 53 -100.20 94.56 45.06
C SER O 53 -99.08 95.48 44.63
N GLN O 54 -99.19 96.71 45.11
CA GLN O 54 -98.26 97.77 44.85
C GLN O 54 -96.86 97.38 45.32
N GLU O 55 -96.71 96.79 46.51
CA GLU O 55 -95.45 96.32 47.12
C GLU O 55 -94.81 95.11 46.41
N ALA O 56 -95.56 94.40 45.60
CA ALA O 56 -95.01 93.29 44.85
C ALA O 56 -94.60 93.74 43.45
N ASP O 57 -95.43 94.61 42.89
CA ASP O 57 -95.12 95.42 41.73
C ASP O 57 -93.85 96.28 41.97
N ASP O 58 -93.67 96.79 43.20
CA ASP O 58 -92.52 97.47 43.83
C ASP O 58 -91.21 96.68 43.83
N MET O 59 -91.33 95.36 43.79
CA MET O 59 -90.19 94.48 43.69
C MET O 59 -90.19 93.66 42.37
N ALA O 60 -91.02 94.07 41.40
CA ALA O 60 -91.15 93.49 40.05
C ALA O 60 -91.44 91.99 40.06
N MET O 61 -92.32 91.54 40.98
CA MET O 61 -92.61 90.13 41.25
C MET O 61 -94.09 89.81 41.14
N GLU O 62 -94.38 88.57 40.73
CA GLU O 62 -95.73 88.00 40.69
C GLU O 62 -96.38 88.00 42.09
N LYS O 63 -97.56 88.61 42.21
CA LYS O 63 -98.39 88.51 43.44
C LYS O 63 -98.86 87.07 43.63
N GLY O 64 -98.96 86.63 44.89
CA GLY O 64 -99.00 85.20 45.24
C GLY O 64 -97.60 84.64 45.53
N LYS O 65 -96.59 84.89 44.67
CA LYS O 65 -95.18 84.57 44.98
C LYS O 65 -94.61 85.50 46.06
N TYR O 66 -94.92 86.78 45.94
CA TYR O 66 -94.64 87.76 46.98
C TYR O 66 -95.45 87.53 48.26
N VAL O 67 -96.71 87.11 48.11
CA VAL O 67 -97.54 86.70 49.24
C VAL O 67 -96.91 85.50 49.94
N GLY O 68 -96.31 84.56 49.18
CA GLY O 68 -95.42 83.52 49.68
C GLY O 68 -94.38 84.07 50.67
N GLU O 69 -93.54 85.02 50.25
CA GLU O 69 -92.58 85.69 51.15
C GLU O 69 -93.24 86.28 52.42
N LEU O 70 -94.40 86.92 52.29
CA LEU O 70 -95.17 87.42 53.43
C LEU O 70 -95.69 86.30 54.36
N ARG O 71 -96.20 85.18 53.83
CA ARG O 71 -96.58 84.01 54.64
C ARG O 71 -95.38 83.52 55.42
N LYS O 72 -94.27 83.40 54.73
CA LYS O 72 -93.08 82.81 55.27
C LYS O 72 -92.46 83.66 56.38
N ALA O 73 -92.36 84.97 56.18
CA ALA O 73 -91.94 85.93 57.19
C ALA O 73 -92.92 86.00 58.35
N LEU O 74 -94.16 86.33 58.03
CA LEU O 74 -95.12 86.79 59.02
C LEU O 74 -95.83 85.62 59.73
N LEU O 75 -96.01 84.50 59.03
CA LEU O 75 -96.75 83.32 59.46
C LEU O 75 -95.86 82.13 59.89
N SER O 76 -94.56 82.34 60.16
CA SER O 76 -93.57 81.25 60.44
C SER O 76 -93.42 80.23 59.31
N GLY O 77 -93.96 80.50 58.12
CA GLY O 77 -93.88 79.57 56.99
C GLY O 77 -92.47 79.43 56.41
N ALA O 78 -91.44 79.95 57.09
CA ALA O 78 -90.05 79.90 56.69
C ALA O 78 -89.65 78.48 56.26
N GLY O 79 -89.20 78.36 55.00
CA GLY O 79 -88.53 77.15 54.52
C GLY O 79 -87.19 76.99 55.21
N PRO O 80 -86.51 75.86 55.01
CA PRO O 80 -85.24 75.59 55.67
C PRO O 80 -84.15 76.62 55.33
N ALA O 81 -84.22 77.21 54.14
CA ALA O 81 -83.30 78.24 53.68
C ALA O 81 -83.54 79.64 54.25
N ASP O 82 -84.67 79.90 54.90
CA ASP O 82 -85.13 81.26 55.15
C ASP O 82 -84.89 81.76 56.58
N VAL O 83 -84.17 82.88 56.70
CA VAL O 83 -83.92 83.58 57.97
C VAL O 83 -84.51 84.99 57.89
N TYR O 84 -85.39 85.35 58.83
CA TYR O 84 -86.08 86.63 58.86
C TYR O 84 -85.73 87.45 60.10
N THR O 85 -85.78 88.77 59.96
CA THR O 85 -85.28 89.74 60.94
C THR O 85 -86.27 90.89 61.11
N PHE O 86 -86.42 91.38 62.33
CA PHE O 86 -87.51 92.27 62.72
C PHE O 86 -86.89 93.53 63.35
N ASN O 87 -87.43 94.72 63.08
CA ASN O 87 -86.89 95.99 63.56
C ASN O 87 -88.03 96.90 64.02
N PHE O 88 -87.83 97.56 65.14
CA PHE O 88 -88.90 98.34 65.76
C PHE O 88 -88.32 99.32 66.76
N SER O 89 -88.63 100.60 66.58
CA SER O 89 -88.65 101.51 67.71
C SER O 89 -90.02 101.40 68.36
N LYS O 90 -90.03 101.26 69.68
CA LYS O 90 -91.23 101.26 70.52
C LYS O 90 -91.73 102.66 70.82
N GLU O 91 -90.83 103.59 70.63
CA GLU O 91 -90.95 105.01 70.85
C GLU O 91 -91.72 105.59 69.66
N SER O 92 -91.16 105.50 68.45
CA SER O 92 -91.86 105.92 67.22
C SER O 92 -92.93 104.93 66.81
N CYS O 93 -92.82 103.70 67.28
CA CYS O 93 -93.60 102.58 66.81
C CYS O 93 -93.41 102.30 65.30
N TYR O 94 -92.30 102.71 64.67
CA TYR O 94 -91.98 102.28 63.30
C TYR O 94 -91.39 100.88 63.33
N PHE O 95 -92.12 99.95 62.74
CA PHE O 95 -91.66 98.60 62.45
C PHE O 95 -91.09 98.52 61.04
N PHE O 96 -90.13 97.63 60.83
CA PHE O 96 -89.84 97.07 59.52
C PHE O 96 -89.18 95.69 59.68
N PHE O 97 -89.33 94.82 58.68
CA PHE O 97 -88.83 93.44 58.69
C PHE O 97 -88.08 93.14 57.41
N GLU O 98 -87.33 92.05 57.46
CA GLU O 98 -86.21 91.73 56.58
C GLU O 98 -85.99 90.23 56.45
N LYS O 99 -85.24 89.83 55.42
CA LYS O 99 -84.75 88.47 55.19
C LYS O 99 -83.22 88.52 55.03
N ASN O 100 -82.51 87.54 55.57
CA ASN O 100 -81.04 87.57 55.64
C ASN O 100 -80.40 86.51 54.73
N LEU O 101 -79.59 86.96 53.77
CA LEU O 101 -78.78 86.15 52.83
C LEU O 101 -77.79 87.07 52.10
N LYS O 102 -76.81 86.52 51.38
CA LYS O 102 -75.77 87.29 50.63
C LYS O 102 -74.97 88.28 51.51
N ASP O 103 -74.95 87.95 52.80
CA ASP O 103 -74.32 88.58 53.97
C ASP O 103 -74.99 89.86 54.44
N VAL O 104 -76.26 89.98 54.12
CA VAL O 104 -77.02 91.18 54.39
C VAL O 104 -78.37 90.83 54.94
N SER O 105 -78.93 91.79 55.63
CA SER O 105 -80.35 91.81 55.80
C SER O 105 -81.02 92.68 54.75
N PHE O 106 -82.19 92.23 54.30
CA PHE O 106 -83.00 92.90 53.29
C PHE O 106 -84.44 93.08 53.66
N ARG O 107 -84.87 94.33 53.84
CA ARG O 107 -86.25 94.62 54.21
C ARG O 107 -87.26 93.97 53.24
N LEU O 108 -88.37 93.46 53.78
CA LEU O 108 -89.55 93.00 53.03
C LEU O 108 -90.71 94.02 53.09
N GLY O 109 -90.80 94.82 54.14
CA GLY O 109 -91.89 95.78 54.37
C GLY O 109 -91.69 96.61 55.66
N SER O 110 -92.54 97.61 55.87
CA SER O 110 -92.55 98.43 57.10
C SER O 110 -93.96 98.84 57.52
N PHE O 111 -94.14 99.05 58.84
CA PHE O 111 -95.44 99.37 59.44
C PHE O 111 -95.30 100.55 60.42
N ASN O 112 -96.36 101.35 60.50
CA ASN O 112 -96.74 102.19 61.64
C ASN O 112 -97.46 101.33 62.69
N LEU O 113 -96.85 100.98 63.83
CA LEU O 113 -97.61 100.45 64.97
C LEU O 113 -98.06 101.58 65.91
N GLU O 114 -98.91 101.24 66.85
CA GLU O 114 -99.38 102.09 67.95
C GLU O 114 -99.17 101.29 69.25
N LYS O 115 -98.66 101.88 70.35
CA LYS O 115 -98.58 101.15 71.63
C LYS O 115 -99.96 100.86 72.19
N VAL O 116 -100.23 99.59 72.48
CA VAL O 116 -101.51 99.09 72.99
C VAL O 116 -101.67 99.40 74.47
N GLU O 117 -102.90 99.78 74.82
CA GLU O 117 -103.31 100.35 76.11
C GLU O 117 -103.61 99.29 77.19
N ASN O 118 -103.94 98.05 76.80
CA ASN O 118 -104.31 96.96 77.71
C ASN O 118 -103.39 95.73 77.50
N PRO O 119 -102.06 95.89 77.69
CA PRO O 119 -101.05 94.92 77.30
C PRO O 119 -101.34 93.50 77.82
N ALA O 120 -101.41 93.35 79.15
CA ALA O 120 -101.60 92.07 79.83
C ALA O 120 -102.93 91.38 79.38
N GLU O 121 -103.95 92.11 78.91
CA GLU O 121 -105.22 91.53 78.46
C GLU O 121 -105.22 90.92 77.05
N VAL O 122 -104.68 91.60 76.04
CA VAL O 122 -104.50 90.96 74.73
C VAL O 122 -103.50 89.81 74.85
N ILE O 123 -102.50 89.94 75.72
CA ILE O 123 -101.64 88.81 76.10
C ILE O 123 -102.51 87.66 76.65
N ARG O 124 -103.36 87.88 77.68
CA ARG O 124 -104.21 86.81 78.26
C ARG O 124 -104.99 86.06 77.20
N GLU O 125 -105.72 86.79 76.38
CA GLU O 125 -106.47 86.23 75.28
C GLU O 125 -105.56 85.38 74.37
N LEU O 126 -104.42 85.96 73.99
CA LEU O 126 -103.46 85.37 73.06
C LEU O 126 -103.06 83.96 73.50
N ILE O 127 -102.69 83.79 74.77
CA ILE O 127 -102.11 82.53 75.24
C ILE O 127 -103.19 81.49 75.58
N CYS O 128 -104.40 81.92 75.96
CA CYS O 128 -105.55 81.00 76.13
C CYS O 128 -105.88 80.27 74.83
N TYR O 129 -105.96 81.02 73.72
CA TYR O 129 -106.11 80.44 72.37
C TYR O 129 -105.05 79.36 72.14
N CYS O 130 -103.82 79.62 72.60
CA CYS O 130 -102.74 78.72 72.31
C CYS O 130 -102.92 77.40 73.09
N LEU O 131 -103.19 77.46 74.40
CA LEU O 131 -103.52 76.27 75.22
C LEU O 131 -104.62 75.43 74.53
N ASP O 132 -105.69 76.06 74.05
CA ASP O 132 -106.81 75.40 73.35
C ASP O 132 -106.35 74.72 72.05
N THR O 133 -105.62 75.46 71.22
CA THR O 133 -105.24 74.98 69.88
C THR O 133 -104.30 73.82 69.93
N ILE O 134 -103.39 73.82 70.92
CA ILE O 134 -102.50 72.70 71.08
C ILE O 134 -103.42 71.48 71.34
N ALA O 135 -104.33 71.61 72.31
CA ALA O 135 -105.19 70.53 72.77
C ALA O 135 -106.06 69.94 71.62
N GLU O 136 -106.50 70.73 70.65
CA GLU O 136 -107.29 70.20 69.52
C GLU O 136 -106.51 69.31 68.56
N ASN O 137 -105.28 69.68 68.22
CA ASN O 137 -104.40 68.89 67.34
C ASN O 137 -103.86 67.66 68.03
N GLN O 138 -103.72 67.77 69.35
CA GLN O 138 -103.44 66.65 70.23
C GLN O 138 -104.53 65.56 70.13
N ALA O 139 -105.82 65.92 70.19
CA ALA O 139 -106.88 64.90 70.21
C ALA O 139 -107.01 64.10 68.91
N LYS O 140 -106.80 64.77 67.78
CA LYS O 140 -106.65 64.13 66.48
C LYS O 140 -105.48 63.16 66.41
N ASN O 141 -104.36 63.55 67.02
CA ASN O 141 -103.15 62.76 67.03
C ASN O 141 -103.33 61.42 67.76
N GLU O 142 -103.95 61.44 68.94
CA GLU O 142 -104.21 60.26 69.77
C GLU O 142 -104.94 59.16 69.00
N HIS O 143 -105.94 59.56 68.22
CA HIS O 143 -106.71 58.64 67.40
C HIS O 143 -105.87 57.95 66.33
N LEU O 144 -105.07 58.73 65.60
CA LEU O 144 -104.18 58.19 64.58
C LEU O 144 -103.12 57.23 65.14
N GLN O 145 -102.64 57.49 66.37
CA GLN O 145 -101.71 56.61 67.10
C GLN O 145 -102.31 55.23 67.39
N LYS O 146 -103.53 55.20 67.95
CA LYS O 146 -104.24 53.94 68.31
C LYS O 146 -104.41 52.99 67.11
N GLU O 147 -104.67 53.57 65.94
CA GLU O 147 -104.65 52.82 64.69
C GLU O 147 -103.27 52.27 64.33
N ASN O 148 -102.24 53.12 64.38
CA ASN O 148 -100.86 52.73 64.06
C ASN O 148 -100.40 51.51 64.89
N GLU O 149 -100.63 51.52 66.21
CA GLU O 149 -100.28 50.42 67.14
C GLU O 149 -100.94 49.10 66.78
N ARG O 150 -102.27 49.13 66.56
CA ARG O 150 -103.08 47.97 66.20
C ARG O 150 -102.56 47.31 64.94
N LEU O 151 -102.33 48.16 63.96
CA LEU O 151 -101.89 47.80 62.63
C LEU O 151 -100.49 47.19 62.57
N LEU O 152 -99.53 47.75 63.31
CA LEU O 152 -98.16 47.27 63.34
C LEU O 152 -98.04 45.87 63.94
N ARG O 153 -98.73 45.62 65.07
CA ARG O 153 -98.87 44.29 65.69
C ARG O 153 -99.46 43.31 64.68
N ASP O 154 -100.64 43.63 64.19
CA ASP O 154 -101.38 42.73 63.33
C ASP O 154 -100.62 42.43 62.02
N TRP O 155 -99.82 43.34 61.47
CA TRP O 155 -99.01 43.06 60.26
C TRP O 155 -97.98 41.95 60.49
N ASN O 156 -97.19 42.09 61.55
CA ASN O 156 -96.19 41.10 61.96
C ASN O 156 -96.81 39.72 62.15
N ASP O 157 -98.00 39.70 62.74
CA ASP O 157 -98.75 38.50 63.10
C ASP O 157 -99.05 37.60 61.90
N VAL O 158 -99.64 38.20 60.86
CA VAL O 158 -100.03 37.44 59.69
C VAL O 158 -98.80 37.03 58.86
N GLN O 159 -97.78 37.88 58.81
CA GLN O 159 -96.54 37.60 58.08
C GLN O 159 -95.95 36.25 58.51
N GLY O 160 -95.95 35.98 59.82
CA GLY O 160 -95.52 34.69 60.39
C GLY O 160 -96.48 33.54 60.07
N ARG O 161 -97.78 33.69 60.39
CA ARG O 161 -98.75 32.59 60.20
C ARG O 161 -98.85 32.16 58.73
N PHE O 162 -98.83 33.10 57.80
CA PHE O 162 -98.89 32.83 56.35
C PHE O 162 -97.80 31.88 55.88
N GLU O 163 -96.56 32.18 56.26
CA GLU O 163 -95.37 31.43 55.86
C GLU O 163 -95.38 30.00 56.43
N LYS O 164 -95.93 29.79 57.64
CA LYS O 164 -96.19 28.45 58.20
C LYS O 164 -97.22 27.66 57.37
N CYS O 165 -98.32 28.30 57.01
CA CYS O 165 -99.38 27.64 56.23
C CYS O 165 -98.93 27.23 54.84
N VAL O 166 -98.14 28.07 54.17
CA VAL O 166 -97.50 27.75 52.88
C VAL O 166 -96.72 26.43 52.95
N SER O 167 -95.99 26.22 54.04
CA SER O 167 -95.18 25.01 54.25
C SER O 167 -96.01 23.73 54.44
N ALA O 168 -97.09 23.80 55.24
CA ALA O 168 -97.98 22.67 55.48
C ALA O 168 -98.74 22.24 54.20
N LYS O 169 -99.16 23.22 53.39
CA LYS O 169 -99.81 23.00 52.09
C LYS O 169 -98.90 22.19 51.15
N GLU O 170 -97.63 22.59 51.07
CA GLU O 170 -96.66 21.98 50.16
C GLU O 170 -96.30 20.52 50.52
N ALA O 171 -96.59 20.05 51.74
CA ALA O 171 -96.51 18.64 52.10
C ALA O 171 -97.77 17.83 51.70
N LEU O 172 -98.96 18.46 51.78
CA LEU O 172 -100.26 17.80 51.76
C LEU O 172 -100.56 16.93 50.53
N GLU O 173 -100.29 17.41 49.31
CA GLU O 173 -100.69 16.69 48.10
C GLU O 173 -100.14 15.26 48.10
N THR O 174 -98.82 15.14 48.31
CA THR O 174 -98.17 13.84 48.31
C THR O 174 -98.65 12.99 49.48
N ASP O 175 -98.96 13.58 50.63
CA ASP O 175 -99.58 12.85 51.75
C ASP O 175 -100.81 12.11 51.25
N LEU O 176 -101.77 12.80 50.67
CA LEU O 176 -103.00 12.22 50.14
C LEU O 176 -102.76 11.14 49.07
N TYR O 177 -101.82 11.35 48.14
CA TYR O 177 -101.48 10.33 47.14
C TYR O 177 -101.00 9.03 47.74
N LYS O 178 -100.08 9.09 48.70
CA LYS O 178 -99.55 7.91 49.39
C LYS O 178 -100.72 7.09 49.93
N ARG O 179 -101.63 7.76 50.65
CA ARG O 179 -102.83 7.17 51.22
C ARG O 179 -103.68 6.47 50.12
N PHE O 180 -103.95 7.19 49.03
CA PHE O 180 -104.81 6.69 47.95
C PHE O 180 -104.21 5.49 47.18
N ILE O 181 -102.90 5.48 46.88
CA ILE O 181 -102.26 4.36 46.16
C ILE O 181 -102.49 3.04 46.87
N LEU O 182 -102.21 3.05 48.17
CA LEU O 182 -102.38 1.90 49.03
C LEU O 182 -103.85 1.45 49.02
N VAL O 183 -104.79 2.34 49.34
CA VAL O 183 -106.23 2.02 49.36
C VAL O 183 -106.68 1.49 47.98
N LEU O 184 -106.24 2.09 46.88
CA LEU O 184 -106.62 1.71 45.52
C LEU O 184 -106.01 0.40 45.02
N ASN O 185 -104.77 0.09 45.36
CA ASN O 185 -104.15 -1.19 45.04
C ASN O 185 -104.67 -2.30 45.96
N GLU O 186 -105.02 -2.02 47.22
CA GLU O 186 -105.78 -3.00 48.00
C GLU O 186 -107.16 -3.22 47.37
N LYS O 187 -107.86 -2.17 46.92
CA LYS O 187 -109.20 -2.37 46.37
C LYS O 187 -109.12 -3.33 45.16
N LYS O 188 -108.13 -3.16 44.27
CA LYS O 188 -107.79 -4.14 43.21
C LYS O 188 -107.56 -5.55 43.78
N THR O 189 -106.80 -5.65 44.87
CA THR O 189 -106.55 -6.92 45.58
C THR O 189 -107.83 -7.54 46.16
N LYS O 190 -108.77 -6.74 46.66
CA LYS O 190 -110.10 -7.20 47.17
C LYS O 190 -110.94 -7.78 46.05
N ILE O 191 -110.91 -7.14 44.87
CA ILE O 191 -111.55 -7.67 43.67
C ILE O 191 -111.00 -9.09 43.40
N ARG O 192 -109.67 -9.25 43.25
CA ARG O 192 -108.98 -10.56 42.99
C ARG O 192 -109.30 -11.65 44.03
N SER O 193 -109.49 -11.30 45.29
CA SER O 193 -109.84 -12.25 46.37
C SER O 193 -111.29 -12.75 46.26
N LEU O 194 -112.26 -11.83 46.22
CA LEU O 194 -113.69 -12.13 46.05
C LEU O 194 -113.93 -12.98 44.80
N HIS O 195 -113.28 -12.61 43.70
CA HIS O 195 -113.24 -13.38 42.46
C HIS O 195 -112.75 -14.83 42.71
N ASN O 196 -111.59 -15.03 43.33
CA ASN O 196 -111.06 -16.38 43.56
C ASN O 196 -112.01 -17.23 44.42
N LYS O 197 -112.68 -16.62 45.40
CA LYS O 197 -113.69 -17.30 46.22
C LYS O 197 -114.93 -17.67 45.39
N LEU O 198 -115.34 -16.78 44.48
CA LEU O 198 -116.42 -17.04 43.52
C LEU O 198 -116.11 -18.25 42.63
N LEU O 199 -114.87 -18.35 42.14
CA LEU O 199 -114.38 -19.48 41.36
C LEU O 199 -114.46 -20.79 42.13
N ASN O 200 -114.03 -20.78 43.39
CA ASN O 200 -114.08 -21.95 44.24
C ASN O 200 -115.52 -22.33 44.63
N ALA O 201 -116.52 -21.51 44.28
CA ALA O 201 -117.92 -21.80 44.55
C ALA O 201 -118.86 -21.11 43.55
N MET P 1 -86.19 68.10 82.08
CA MET P 1 -87.17 69.00 82.76
C MET P 1 -88.54 68.83 82.13
N GLU P 2 -89.58 68.89 82.95
CA GLU P 2 -90.97 68.86 82.51
C GLU P 2 -91.71 70.04 83.14
N ARG P 3 -92.89 70.26 82.59
CA ARG P 3 -93.65 71.48 82.79
C ARG P 3 -95.10 71.23 82.48
N LYS P 4 -95.92 72.12 83.02
CA LYS P 4 -97.37 72.21 82.87
C LYS P 4 -97.76 73.70 82.94
N ILE P 5 -98.82 74.10 82.23
CA ILE P 5 -99.41 75.45 82.24
C ILE P 5 -100.94 75.36 82.32
N SER P 6 -101.56 76.13 83.22
CA SER P 6 -103.03 76.14 83.34
C SER P 6 -103.63 77.49 83.80
N ARG P 7 -104.83 77.78 83.28
CA ARG P 7 -105.67 78.95 83.56
C ARG P 7 -106.46 78.76 84.88
N ILE P 8 -106.43 79.77 85.74
CA ILE P 8 -107.04 79.79 87.10
C ILE P 8 -107.70 81.16 87.39
N HIS P 9 -108.31 81.28 88.57
CA HIS P 9 -108.80 82.50 89.20
C HIS P 9 -108.33 82.55 90.66
N LEU P 10 -108.33 83.73 91.30
CA LEU P 10 -108.20 83.86 92.75
C LEU P 10 -109.44 84.49 93.36
N VAL P 11 -109.87 84.05 94.55
CA VAL P 11 -111.04 84.67 95.23
C VAL P 11 -110.76 86.13 95.65
N SER P 12 -109.49 86.46 95.81
CA SER P 12 -108.94 87.81 96.01
C SER P 12 -109.13 88.74 94.77
N GLU P 13 -109.28 88.22 93.55
CA GLU P 13 -109.59 88.97 92.30
C GLU P 13 -110.60 88.18 91.44
N PRO P 14 -111.88 88.13 91.83
CA PRO P 14 -112.86 87.22 91.26
C PRO P 14 -113.18 87.47 89.77
N SER P 15 -112.88 88.66 89.27
CA SER P 15 -113.38 89.18 87.98
C SER P 15 -112.50 88.88 86.76
N ILE P 16 -111.36 88.20 86.94
CA ILE P 16 -110.30 88.19 85.92
C ILE P 16 -109.48 86.89 85.88
N THR P 17 -109.06 86.45 84.69
CA THR P 17 -108.26 85.23 84.46
C THR P 17 -106.80 85.41 84.92
N HIS P 18 -106.20 84.40 85.57
CA HIS P 18 -104.74 84.28 85.83
C HIS P 18 -104.21 82.97 85.26
N PHE P 19 -102.89 82.83 85.28
CA PHE P 19 -102.16 81.66 84.83
C PHE P 19 -101.18 81.16 85.90
N LEU P 20 -101.26 79.88 86.25
CA LEU P 20 -100.27 79.19 87.07
C LEU P 20 -99.44 78.27 86.17
N GLN P 21 -98.12 78.36 86.25
CA GLN P 21 -97.23 77.47 85.53
C GLN P 21 -96.47 76.67 86.58
N VAL P 22 -96.34 75.36 86.33
CA VAL P 22 -95.69 74.43 87.22
C VAL P 22 -94.61 73.67 86.47
N SER P 23 -93.36 73.79 86.86
CA SER P 23 -92.24 73.18 86.13
C SER P 23 -91.36 72.46 87.10
N TRP P 24 -91.00 71.25 86.75
CA TRP P 24 -90.31 70.39 87.65
C TRP P 24 -89.30 69.55 86.94
N GLU P 25 -88.33 69.07 87.69
CA GLU P 25 -87.37 68.17 87.10
C GLU P 25 -87.78 66.73 87.37
N LYS P 26 -87.80 65.96 86.28
CA LYS P 26 -88.34 64.62 86.07
C LYS P 26 -89.78 64.49 86.55
N THR P 27 -89.97 64.51 87.86
CA THR P 27 -91.25 64.42 88.55
C THR P 27 -91.52 65.66 89.40
N LEU P 28 -92.82 65.91 89.56
CA LEU P 28 -93.39 66.84 90.51
C LEU P 28 -92.71 66.69 91.89
N GLU P 29 -92.54 65.44 92.29
CA GLU P 29 -92.01 64.98 93.57
C GLU P 29 -90.59 65.44 93.90
N SER P 30 -89.68 65.58 92.91
CA SER P 30 -88.31 66.04 93.20
C SER P 30 -88.30 67.50 93.69
N GLY P 31 -89.42 68.20 93.56
CA GLY P 31 -89.44 69.62 93.74
C GLY P 31 -89.51 70.36 92.43
N PHE P 32 -89.91 71.60 92.56
CA PHE P 32 -90.43 72.28 91.41
C PHE P 32 -90.41 73.78 91.59
N VAL P 33 -90.48 74.43 90.43
CA VAL P 33 -90.66 75.85 90.27
C VAL P 33 -92.13 76.05 89.91
N ILE P 34 -92.80 76.92 90.65
CA ILE P 34 -94.16 77.34 90.39
C ILE P 34 -94.20 78.85 90.22
N THR P 35 -95.00 79.30 89.29
CA THR P 35 -95.07 80.70 88.88
C THR P 35 -96.52 81.09 88.76
N LEU P 36 -96.89 82.27 89.23
CA LEU P 36 -98.20 82.90 88.98
C LEU P 36 -97.98 84.17 88.17
N THR P 37 -98.91 84.44 87.26
CA THR P 37 -99.06 85.72 86.57
C THR P 37 -100.51 86.03 86.16
N ASP P 38 -100.81 87.33 86.03
CA ASP P 38 -102.06 87.98 85.59
C ASP P 38 -102.07 88.35 84.08
N GLY P 39 -100.94 88.20 83.39
CA GLY P 39 -100.64 88.81 82.08
C GLY P 39 -99.59 89.94 82.18
N HIS P 40 -99.27 90.45 83.39
CA HIS P 40 -98.54 91.70 83.61
C HIS P 40 -97.26 91.58 84.49
N SER P 41 -97.30 90.77 85.57
CA SER P 41 -96.31 90.80 86.66
C SER P 41 -95.69 89.43 86.97
N ALA P 42 -94.51 89.39 87.57
CA ALA P 42 -93.84 88.12 87.81
C ALA P 42 -93.83 87.76 89.29
N TRP P 43 -94.54 86.68 89.59
CA TRP P 43 -94.54 86.00 90.86
C TRP P 43 -94.06 84.57 90.72
N THR P 44 -93.14 84.16 91.59
CA THR P 44 -92.46 82.89 91.43
C THR P 44 -92.34 82.17 92.78
N GLY P 45 -92.06 80.87 92.78
CA GLY P 45 -91.47 80.23 93.95
C GLY P 45 -90.98 78.82 93.69
N THR P 46 -89.84 78.55 94.30
CA THR P 46 -89.16 77.28 94.22
C THR P 46 -89.40 76.53 95.51
N VAL P 47 -89.85 75.30 95.39
CA VAL P 47 -90.25 74.52 96.54
C VAL P 47 -89.96 73.09 96.20
N SER P 48 -89.03 72.52 96.96
CA SER P 48 -88.29 71.32 96.55
C SER P 48 -88.38 70.21 97.54
N GLU P 49 -87.98 69.02 97.08
CA GLU P 49 -88.13 67.72 97.72
C GLU P 49 -88.34 67.81 99.24
N SER P 50 -87.31 68.26 99.98
CA SER P 50 -87.25 68.22 101.45
C SER P 50 -88.37 68.99 102.14
N GLU P 51 -89.05 69.90 101.45
CA GLU P 51 -90.22 70.61 101.96
C GLU P 51 -91.45 70.54 101.02
N ILE P 52 -91.42 69.69 99.98
CA ILE P 52 -92.66 69.09 99.45
C ILE P 52 -93.03 67.84 100.22
N SER P 53 -92.11 66.93 100.51
CA SER P 53 -92.42 65.78 101.38
C SER P 53 -92.46 66.12 102.87
N GLN P 54 -92.15 67.37 103.28
CA GLN P 54 -92.54 67.90 104.60
C GLN P 54 -94.04 68.24 104.68
N GLU P 55 -94.70 68.52 103.55
CA GLU P 55 -96.14 68.86 103.54
C GLU P 55 -96.98 67.67 104.04
N ALA P 56 -96.79 66.49 103.43
CA ALA P 56 -97.37 65.19 103.81
C ALA P 56 -96.70 64.60 105.08
N ASP P 57 -96.47 65.45 106.07
CA ASP P 57 -95.83 65.14 107.35
C ASP P 57 -96.32 66.14 108.39
N ASP P 58 -96.36 67.43 108.02
CA ASP P 58 -97.12 68.48 108.71
C ASP P 58 -98.63 68.17 108.72
N MET P 59 -99.21 67.82 107.56
CA MET P 59 -100.58 67.28 107.44
C MET P 59 -100.67 65.74 107.61
N ALA P 60 -99.70 65.12 108.32
CA ALA P 60 -99.69 63.72 108.80
C ALA P 60 -99.70 62.56 107.78
N MET P 61 -100.12 62.81 106.55
CA MET P 61 -100.76 61.79 105.72
C MET P 61 -99.94 61.24 104.55
N GLU P 62 -100.55 60.34 103.78
CA GLU P 62 -99.95 59.78 102.57
C GLU P 62 -99.62 60.88 101.56
N LYS P 63 -98.35 60.95 101.13
CA LYS P 63 -97.95 61.65 99.90
C LYS P 63 -98.77 61.10 98.70
N GLY P 64 -99.31 59.87 98.79
CA GLY P 64 -100.22 59.25 97.81
C GLY P 64 -101.42 60.11 97.41
N LYS P 65 -102.50 60.15 98.20
CA LYS P 65 -103.64 61.03 97.87
C LYS P 65 -103.26 62.49 97.95
N TYR P 66 -102.31 62.95 98.77
CA TYR P 66 -101.90 64.36 98.73
C TYR P 66 -101.34 64.76 97.36
N VAL P 67 -100.32 64.09 96.83
CA VAL P 67 -99.74 64.48 95.53
C VAL P 67 -100.71 64.19 94.38
N GLY P 68 -101.56 63.16 94.48
CA GLY P 68 -102.66 62.89 93.53
C GLY P 68 -103.80 63.93 93.58
N GLU P 69 -104.16 64.40 94.78
CA GLU P 69 -105.05 65.54 95.02
C GLU P 69 -104.41 66.83 94.51
N LEU P 70 -103.12 67.07 94.75
CA LEU P 70 -102.40 68.24 94.24
C LEU P 70 -102.36 68.23 92.71
N ARG P 71 -102.10 67.12 92.02
CA ARG P 71 -102.16 67.13 90.55
C ARG P 71 -103.58 67.25 89.99
N LYS P 72 -104.63 66.84 90.73
CA LYS P 72 -106.01 67.24 90.40
C LYS P 72 -106.27 68.74 90.65
N ALA P 73 -105.75 69.29 91.74
CA ALA P 73 -105.91 70.68 92.14
C ALA P 73 -105.14 71.66 91.24
N LEU P 74 -103.82 71.52 91.22
CA LEU P 74 -102.82 72.39 90.60
C LEU P 74 -102.70 72.21 89.09
N LEU P 75 -102.38 70.99 88.67
CA LEU P 75 -102.18 70.63 87.26
C LEU P 75 -103.54 70.36 86.58
N SER P 76 -104.54 71.20 86.87
CA SER P 76 -105.95 71.08 86.48
C SER P 76 -106.54 69.71 86.87
N VAL P 83 -113.87 70.18 95.19
CA VAL P 83 -113.52 71.47 94.58
C VAL P 83 -112.22 72.03 95.16
N TYR P 84 -111.44 72.75 94.35
CA TYR P 84 -110.26 73.51 94.78
C TYR P 84 -110.48 75.00 94.56
N THR P 85 -109.83 75.80 95.40
CA THR P 85 -109.98 77.26 95.44
C THR P 85 -108.59 77.86 95.69
N PHE P 86 -108.26 78.98 95.05
CA PHE P 86 -106.90 79.54 94.99
C PHE P 86 -106.91 80.99 95.50
N ASN P 87 -105.90 81.36 96.29
CA ASN P 87 -105.76 82.71 96.85
C ASN P 87 -104.27 83.08 96.92
N PHE P 88 -103.99 84.38 96.79
CA PHE P 88 -102.64 84.96 96.80
C PHE P 88 -102.65 86.36 97.45
N SER P 89 -101.51 86.92 97.88
CA SER P 89 -101.38 88.38 97.99
C SER P 89 -99.95 88.83 97.68
N LYS P 90 -99.83 90.04 97.14
CA LYS P 90 -98.75 90.46 96.24
C LYS P 90 -97.53 91.03 96.96
N GLU P 91 -97.79 91.69 98.08
CA GLU P 91 -96.79 92.13 99.04
C GLU P 91 -96.11 90.97 99.79
N SER P 92 -96.88 90.32 100.66
CA SER P 92 -96.56 89.14 101.48
C SER P 92 -96.17 87.93 100.66
N CYS P 93 -96.66 87.88 99.42
CA CYS P 93 -96.44 86.79 98.52
C CYS P 93 -96.92 85.42 99.02
N TYR P 94 -97.91 85.41 99.91
CA TYR P 94 -98.48 84.17 100.39
C TYR P 94 -99.58 83.67 99.45
N PHE P 95 -99.42 82.48 98.90
CA PHE P 95 -100.40 81.76 98.11
C PHE P 95 -100.91 80.56 98.91
N PHE P 96 -102.19 80.23 98.82
CA PHE P 96 -102.74 78.99 99.37
C PHE P 96 -103.94 78.49 98.57
N PHE P 97 -104.24 77.20 98.75
CA PHE P 97 -105.40 76.51 98.21
C PHE P 97 -105.88 75.42 99.17
N GLU P 98 -107.16 75.06 99.07
CA GLU P 98 -107.75 74.04 99.94
C GLU P 98 -108.85 73.19 99.28
N LYS P 99 -109.00 71.94 99.74
CA LYS P 99 -110.01 70.99 99.25
C LYS P 99 -111.34 71.34 99.93
N ASN P 100 -112.29 71.80 99.13
CA ASN P 100 -113.66 72.12 99.54
C ASN P 100 -114.53 70.88 99.30
N LEU P 101 -115.19 70.37 100.35
CA LEU P 101 -116.07 69.20 100.28
C LEU P 101 -117.54 69.59 100.56
N LYS P 102 -118.44 68.60 100.59
CA LYS P 102 -119.85 68.77 100.95
C LYS P 102 -120.00 69.17 102.43
N ASP P 103 -120.21 70.46 102.70
CA ASP P 103 -120.39 71.09 104.03
C ASP P 103 -119.24 70.87 105.05
N VAL P 104 -118.05 70.48 104.60
CA VAL P 104 -116.76 70.58 105.35
C VAL P 104 -115.65 71.03 104.39
N SER P 105 -114.57 71.60 104.93
CA SER P 105 -113.46 72.15 104.13
C SER P 105 -112.13 72.01 104.89
N PHE P 106 -111.02 71.69 104.23
CA PHE P 106 -109.72 71.49 104.90
C PHE P 106 -108.50 71.87 104.03
N ARG P 107 -107.44 72.35 104.67
CA ARG P 107 -106.23 72.87 104.01
C ARG P 107 -105.50 71.82 103.19
N LEU P 108 -105.07 72.22 101.98
CA LEU P 108 -104.37 71.34 101.04
C LEU P 108 -102.98 71.86 100.66
N GLY P 109 -102.73 73.17 100.60
CA GLY P 109 -101.35 73.64 100.47
C GLY P 109 -101.20 75.16 100.41
N SER P 110 -99.97 75.62 100.62
CA SER P 110 -99.65 77.03 100.54
C SER P 110 -98.19 77.26 100.17
N PHE P 111 -97.90 78.31 99.42
CA PHE P 111 -96.54 78.78 99.20
C PHE P 111 -96.45 80.20 99.64
N ASN P 112 -95.53 80.44 100.55
CA ASN P 112 -94.92 81.75 100.57
C ASN P 112 -94.08 81.72 99.28
N LEU P 113 -94.60 82.37 98.24
CA LEU P 113 -93.88 82.75 97.03
C LEU P 113 -93.04 83.99 97.27
N GLU P 114 -92.26 84.37 96.27
CA GLU P 114 -91.40 85.55 96.23
C GLU P 114 -91.40 86.06 94.76
N LYS P 115 -91.86 87.28 94.51
CA LYS P 115 -91.94 87.78 93.12
C LYS P 115 -90.59 88.19 92.55
N VAL P 116 -90.54 88.26 91.24
CA VAL P 116 -89.30 88.51 90.51
C VAL P 116 -89.53 89.65 89.54
N GLU P 117 -88.44 90.27 89.11
CA GLU P 117 -88.48 91.43 88.26
C GLU P 117 -88.40 91.14 86.76
N ASN P 118 -88.85 89.96 86.31
CA ASN P 118 -89.03 89.61 84.88
C ASN P 118 -90.43 89.06 84.62
N PRO P 119 -91.47 89.92 84.60
CA PRO P 119 -92.76 89.55 84.02
C PRO P 119 -92.64 89.06 82.58
N ALA P 120 -91.83 89.72 81.77
CA ALA P 120 -91.74 89.42 80.35
C ALA P 120 -91.13 88.06 80.04
N GLU P 121 -89.96 87.74 80.60
CA GLU P 121 -89.29 86.46 80.33
C GLU P 121 -90.17 85.27 80.66
N VAL P 122 -91.00 85.44 81.68
CA VAL P 122 -92.00 84.48 82.07
C VAL P 122 -93.09 84.27 81.01
N ILE P 123 -93.79 85.33 80.59
CA ILE P 123 -94.89 85.24 79.58
C ILE P 123 -94.38 84.73 78.25
N ARG P 124 -93.12 85.06 77.95
CA ARG P 124 -92.47 84.68 76.71
C ARG P 124 -92.34 83.19 76.49
N GLU P 125 -91.75 82.50 77.45
CA GLU P 125 -91.57 81.04 77.38
C GLU P 125 -92.90 80.31 77.18
N LEU P 126 -93.92 80.78 77.87
CA LEU P 126 -95.22 80.17 77.93
C LEU P 126 -95.96 80.16 76.58
N ILE P 127 -96.03 81.31 75.92
CA ILE P 127 -96.67 81.39 74.61
C ILE P 127 -95.89 80.58 73.57
N CYS P 128 -94.56 80.68 73.60
CA CYS P 128 -93.67 79.87 72.77
C CYS P 128 -94.03 78.39 72.86
N TYR P 129 -94.17 77.87 74.08
CA TYR P 129 -94.51 76.47 74.34
C TYR P 129 -95.75 76.06 73.56
N CYS P 130 -96.80 76.88 73.60
CA CYS P 130 -98.04 76.54 72.94
C CYS P 130 -97.89 76.53 71.41
N LEU P 131 -97.28 77.58 70.83
CA LEU P 131 -97.09 77.69 69.38
C LEU P 131 -96.29 76.54 68.79
N ASP P 132 -95.22 76.15 69.46
CA ASP P 132 -94.42 74.98 69.10
C ASP P 132 -95.26 73.71 69.15
N THR P 133 -95.94 73.50 70.28
CA THR P 133 -96.58 72.23 70.59
C THR P 133 -97.77 71.98 69.65
N ILE P 134 -98.50 73.02 69.25
CA ILE P 134 -99.54 72.95 68.20
C ILE P 134 -98.96 72.47 66.88
N ALA P 135 -97.91 73.14 66.41
CA ALA P 135 -97.34 72.90 65.09
C ALA P 135 -96.72 71.50 64.95
N GLU P 136 -96.17 70.96 66.05
CA GLU P 136 -95.75 69.57 66.08
C GLU P 136 -96.88 68.60 65.76
N ASN P 137 -98.05 68.78 66.41
CA ASN P 137 -99.14 67.84 66.24
C ASN P 137 -99.70 67.80 64.85
N GLN P 138 -99.77 68.94 64.20
CA GLN P 138 -100.21 69.04 62.81
C GLN P 138 -99.39 68.13 61.90
N ALA P 139 -98.06 68.26 61.96
CA ALA P 139 -97.16 67.43 61.18
C ALA P 139 -97.33 65.93 61.52
N LYS P 140 -97.39 65.58 62.81
CA LYS P 140 -97.60 64.18 63.25
C LYS P 140 -98.93 63.62 62.74
N ASN P 141 -99.99 64.42 62.75
CA ASN P 141 -101.31 64.00 62.28
C ASN P 141 -101.31 63.62 60.81
N GLU P 142 -100.55 64.36 60.02
CA GLU P 142 -100.35 64.04 58.62
C GLU P 142 -99.55 62.74 58.46
N HIS P 143 -98.41 62.62 59.14
CA HIS P 143 -97.52 61.46 59.00
C HIS P 143 -98.20 60.16 59.42
N LEU P 144 -98.86 60.16 60.58
CA LEU P 144 -99.58 58.99 61.06
C LEU P 144 -100.63 58.55 60.07
N GLN P 145 -101.36 59.51 59.51
CA GLN P 145 -102.39 59.24 58.55
C GLN P 145 -101.83 58.48 57.32
N LYS P 146 -100.69 58.94 56.79
CA LYS P 146 -100.00 58.27 55.68
C LYS P 146 -99.46 56.89 56.06
N GLU P 147 -98.78 56.81 57.19
CA GLU P 147 -98.16 55.57 57.67
C GLU P 147 -99.18 54.45 57.83
N ASN P 148 -100.31 54.75 58.47
CA ASN P 148 -101.23 53.70 58.85
C ASN P 148 -102.28 53.39 57.76
N GLU P 149 -102.41 54.25 56.73
CA GLU P 149 -102.86 53.78 55.43
C GLU P 149 -101.95 52.65 54.95
N ARG P 150 -100.62 52.86 54.92
CA ARG P 150 -99.66 51.88 54.40
C ARG P 150 -99.69 50.55 55.17
N LEU P 151 -99.84 50.60 56.49
CA LEU P 151 -100.02 49.39 57.31
C LEU P 151 -101.30 48.62 56.92
N LEU P 152 -102.44 49.30 56.79
CA LEU P 152 -103.71 48.63 56.43
C LEU P 152 -103.65 48.01 55.05
N ARG P 153 -103.14 48.83 54.12
CA ARG P 153 -102.86 48.46 52.74
C ARG P 153 -102.04 47.15 52.69
N ASP P 154 -100.94 47.06 53.45
CA ASP P 154 -100.15 45.81 53.54
C ASP P 154 -100.88 44.64 54.23
N TRP P 155 -101.62 44.90 55.31
CA TRP P 155 -102.34 43.85 56.05
C TRP P 155 -103.38 43.15 55.20
N ASN P 156 -104.17 43.94 54.49
CA ASN P 156 -105.13 43.46 53.52
C ASN P 156 -104.46 42.64 52.40
N ASP P 157 -103.22 42.96 52.00
CA ASP P 157 -102.50 42.16 51.01
C ASP P 157 -102.08 40.80 51.54
N VAL P 158 -101.48 40.72 52.74
CA VAL P 158 -101.11 39.42 53.29
C VAL P 158 -102.35 38.60 53.67
N GLN P 159 -103.41 39.24 54.18
CA GLN P 159 -104.76 38.64 54.25
C GLN P 159 -105.04 37.95 52.93
N GLY P 160 -105.08 38.71 51.83
CA GLY P 160 -105.31 38.21 50.47
C GLY P 160 -104.48 36.98 50.12
N ARG P 161 -103.15 37.06 50.22
CA ARG P 161 -102.26 35.94 49.89
C ARG P 161 -102.55 34.70 50.71
N PHE P 162 -102.87 34.90 51.98
CA PHE P 162 -103.27 33.83 52.85
C PHE P 162 -104.63 33.25 52.46
N GLU P 163 -105.62 34.08 52.11
CA GLU P 163 -106.91 33.59 51.62
C GLU P 163 -106.77 32.77 50.34
N LYS P 164 -105.82 33.13 49.48
CA LYS P 164 -105.45 32.32 48.31
C LYS P 164 -104.89 30.97 48.75
N CYS P 165 -103.92 30.94 49.68
CA CYS P 165 -103.35 29.70 50.19
C CYS P 165 -104.39 28.78 50.85
N VAL P 166 -105.31 29.34 51.64
CA VAL P 166 -106.39 28.59 52.28
C VAL P 166 -107.42 28.10 51.25
N SER P 167 -107.80 28.93 50.26
CA SER P 167 -108.67 28.49 49.16
C SER P 167 -108.01 27.40 48.33
N ALA P 168 -106.71 27.53 48.05
CA ALA P 168 -105.92 26.54 47.34
C ALA P 168 -105.85 25.23 48.14
N LYS P 169 -105.71 25.28 49.47
CA LYS P 169 -105.77 24.08 50.32
C LYS P 169 -107.16 23.44 50.33
N GLU P 170 -108.24 24.20 50.44
CA GLU P 170 -109.60 23.63 50.36
C GLU P 170 -109.82 22.99 48.98
N ALA P 171 -109.53 23.69 47.89
CA ALA P 171 -109.59 23.15 46.52
C ALA P 171 -108.71 21.91 46.37
N LEU P 172 -107.48 21.92 46.92
CA LEU P 172 -106.58 20.76 46.91
C LEU P 172 -107.19 19.57 47.63
N GLU P 173 -107.86 19.76 48.78
CA GLU P 173 -108.60 18.66 49.43
C GLU P 173 -109.77 18.17 48.58
N THR P 174 -110.73 19.03 48.25
CA THR P 174 -111.94 18.58 47.56
C THR P 174 -111.61 18.01 46.19
N ASP P 175 -110.73 18.63 45.39
CA ASP P 175 -110.34 18.14 44.07
C ASP P 175 -109.78 16.72 44.12
N LEU P 176 -108.87 16.48 45.06
CA LEU P 176 -108.25 15.18 45.24
C LEU P 176 -109.24 14.12 45.79
N TYR P 177 -110.08 14.45 46.77
CA TYR P 177 -111.09 13.51 47.26
C TYR P 177 -112.21 13.23 46.25
N LYS P 178 -112.65 14.16 45.39
CA LYS P 178 -113.65 13.88 44.32
C LYS P 178 -113.14 12.80 43.36
N ARG P 179 -111.91 12.99 42.88
CA ARG P 179 -111.22 12.08 41.97
C ARG P 179 -111.00 10.71 42.61
N PHE P 180 -110.55 10.72 43.87
CA PHE P 180 -110.46 9.53 44.68
C PHE P 180 -111.83 8.84 44.82
N ILE P 181 -112.91 9.56 45.16
CA ILE P 181 -114.30 9.07 45.27
C ILE P 181 -114.78 8.43 43.96
N LEU P 182 -114.53 9.02 42.78
CA LEU P 182 -114.85 8.38 41.51
C LEU P 182 -114.09 7.04 41.36
N VAL P 183 -112.76 7.07 41.39
CA VAL P 183 -111.89 5.88 41.18
C VAL P 183 -112.16 4.79 42.23
N LEU P 184 -112.40 5.21 43.46
CA LEU P 184 -112.75 4.36 44.58
C LEU P 184 -114.16 3.79 44.40
N ASN P 185 -115.19 4.60 44.11
CA ASN P 185 -116.57 4.14 43.98
C ASN P 185 -116.78 3.12 42.87
N GLU P 186 -115.97 3.14 41.81
CA GLU P 186 -116.01 2.09 40.80
C GLU P 186 -115.50 0.76 41.35
N LYS P 187 -114.38 0.77 42.09
CA LYS P 187 -113.88 -0.42 42.78
C LYS P 187 -114.88 -0.90 43.81
N LYS P 188 -115.47 -0.01 44.62
CA LYS P 188 -116.55 -0.39 45.56
C LYS P 188 -117.75 -1.00 44.83
N THR P 189 -118.18 -0.46 43.70
CA THR P 189 -119.31 -1.01 42.92
C THR P 189 -119.03 -2.42 42.40
N LYS P 190 -117.80 -2.67 41.92
CA LYS P 190 -117.36 -4.02 41.53
C LYS P 190 -117.24 -4.97 42.72
N ILE P 191 -116.64 -4.51 43.81
CA ILE P 191 -116.52 -5.24 45.09
C ILE P 191 -117.93 -5.60 45.62
N ARG P 192 -118.92 -4.71 45.51
CA ARG P 192 -120.33 -4.92 45.86
C ARG P 192 -121.00 -5.96 44.98
N SER P 193 -120.82 -5.85 43.68
CA SER P 193 -121.27 -6.85 42.71
C SER P 193 -120.72 -8.24 43.04
N LEU P 194 -119.40 -8.39 43.22
CA LEU P 194 -118.76 -9.66 43.63
C LEU P 194 -119.21 -10.13 45.04
N HIS P 195 -119.31 -9.25 46.03
CA HIS P 195 -119.79 -9.55 47.39
C HIS P 195 -121.21 -10.15 47.35
N ASN P 196 -122.11 -9.54 46.58
CA ASN P 196 -123.48 -10.04 46.36
C ASN P 196 -123.49 -11.35 45.53
N LYS P 197 -122.70 -11.45 44.46
CA LYS P 197 -122.51 -12.70 43.66
C LYS P 197 -121.94 -13.84 44.51
N LEU P 198 -121.12 -13.52 45.50
CA LEU P 198 -120.53 -14.47 46.44
C LEU P 198 -121.49 -14.97 47.50
N LEU P 199 -122.33 -14.08 48.04
CA LEU P 199 -123.43 -14.46 48.92
C LEU P 199 -124.39 -15.44 48.21
N ASN P 200 -124.74 -15.15 46.96
CA ASN P 200 -125.58 -16.03 46.16
C ASN P 200 -124.87 -17.33 45.69
N ALA P 201 -123.55 -17.27 45.50
CA ALA P 201 -122.71 -18.42 45.18
C ALA P 201 -121.24 -18.22 45.60
N ARG Q 179 5.41 53.76 10.12
CA ARG Q 179 4.19 53.98 9.34
C ARG Q 179 3.93 55.46 9.10
N CYS Q 180 3.09 55.76 8.09
CA CYS Q 180 2.78 57.09 7.56
C CYS Q 180 2.71 58.27 8.57
N PRO Q 181 1.99 58.22 9.71
CA PRO Q 181 1.47 59.43 10.34
C PRO Q 181 2.48 60.53 10.73
N GLY Q 182 3.70 60.16 11.11
CA GLY Q 182 4.76 61.08 11.56
C GLY Q 182 5.96 61.24 10.61
N GLU Q 183 5.97 60.55 9.47
CA GLU Q 183 7.18 60.38 8.65
C GLU Q 183 7.11 61.23 7.38
N SER Q 184 8.08 62.11 7.12
CA SER Q 184 7.95 63.13 6.06
C SER Q 184 8.07 62.56 4.65
N LEU Q 185 7.31 63.07 3.68
CA LEU Q 185 7.40 62.58 2.30
C LEU Q 185 8.59 63.15 1.52
N ILE Q 186 9.12 64.31 1.91
CA ILE Q 186 10.31 64.92 1.31
C ILE Q 186 11.57 64.11 1.68
N ASN Q 187 11.60 63.61 2.91
CA ASN Q 187 12.78 63.03 3.52
C ASN Q 187 12.37 61.86 4.43
N PRO Q 188 12.22 60.64 3.86
CA PRO Q 188 11.57 59.51 4.52
C PRO Q 188 12.34 58.96 5.70
N GLY Q 189 11.63 58.24 6.58
CA GLY Q 189 12.11 57.73 7.86
C GLY Q 189 12.25 58.80 8.94
N PHE Q 190 12.78 59.98 8.60
CA PHE Q 190 12.88 61.13 9.49
C PHE Q 190 11.51 61.75 9.78
N LYS Q 191 11.38 62.28 10.99
CA LYS Q 191 10.10 62.77 11.55
C LYS Q 191 9.73 64.12 10.94
N SER Q 192 8.46 64.38 10.65
CA SER Q 192 8.05 65.58 9.92
C SER Q 192 8.40 66.90 10.64
N LYS Q 193 9.10 67.81 9.95
CA LYS Q 193 9.43 69.15 10.46
C LYS Q 193 8.20 70.05 10.49
N LYS Q 194 7.73 70.39 11.69
CA LYS Q 194 6.57 71.28 11.91
C LYS Q 194 6.95 72.74 11.63
N PRO Q 195 6.00 73.61 11.28
CA PRO Q 195 6.29 74.88 10.60
C PRO Q 195 6.68 76.03 11.54
N ALA Q 196 7.84 75.91 12.20
CA ALA Q 196 8.61 76.94 12.91
C ALA Q 196 7.99 77.62 14.15
N GLY Q 197 6.70 77.90 14.18
CA GLY Q 197 6.01 78.49 15.33
C GLY Q 197 6.52 79.89 15.71
N GLY Q 198 6.92 80.07 16.96
CA GLY Q 198 7.21 81.35 17.61
C GLY Q 198 6.16 81.76 18.64
N VAL Q 199 6.37 82.88 19.33
CA VAL Q 199 5.44 83.40 20.34
C VAL Q 199 4.14 83.92 19.73
N ASP Q 200 3.00 83.44 20.20
CA ASP Q 200 1.65 83.92 19.88
C ASP Q 200 0.66 83.50 20.97
N PHE Q 201 -0.15 84.40 21.55
CA PHE Q 201 -0.84 84.05 22.79
C PHE Q 201 -2.24 83.49 22.55
N ARG R 179 -51.90 18.28 5.19
CA ARG R 179 -51.41 19.22 6.21
C ARG R 179 -52.56 19.96 6.90
N CYS R 180 -52.28 20.52 8.08
CA CYS R 180 -53.22 21.16 9.00
C CYS R 180 -54.41 21.95 8.40
N PRO R 181 -54.25 22.89 7.43
CA PRO R 181 -55.20 23.99 7.27
C PRO R 181 -56.68 23.62 7.02
N GLY R 182 -56.95 22.51 6.34
CA GLY R 182 -58.31 22.06 6.00
C GLY R 182 -58.80 20.81 6.72
N GLU R 183 -58.01 20.21 7.60
CA GLU R 183 -58.24 18.84 8.11
C GLU R 183 -58.73 18.88 9.56
N SER R 184 -59.89 18.29 9.87
CA SER R 184 -60.54 18.50 11.19
C SER R 184 -59.84 17.77 12.34
N LEU R 185 -59.78 18.38 13.53
CA LEU R 185 -59.15 17.73 14.68
C LEU R 185 -60.03 16.68 15.36
N ILE R 186 -61.36 16.76 15.22
CA ILE R 186 -62.30 15.77 15.75
C ILE R 186 -62.22 14.47 14.95
N ASN R 187 -62.01 14.59 13.63
CA ASN R 187 -62.12 13.50 12.70
C ASN R 187 -61.06 13.66 11.59
N PRO R 188 -59.84 13.17 11.80
CA PRO R 188 -58.67 13.50 10.99
C PRO R 188 -58.73 12.93 9.57
N GLY R 189 -57.94 13.53 8.68
CA GLY R 189 -57.93 13.27 7.24
C GLY R 189 -59.13 13.86 6.50
N PHE R 190 -60.34 13.75 7.06
CA PHE R 190 -61.55 14.35 6.52
C PHE R 190 -61.54 15.88 6.64
N LYS R 191 -62.17 16.53 5.69
CA LYS R 191 -62.14 17.99 5.52
C LYS R 191 -63.06 18.67 6.54
N SER R 192 -62.68 19.81 7.11
CA SER R 192 -63.43 20.43 8.21
C SER R 192 -64.87 20.82 7.84
N LYS R 193 -65.85 20.37 8.62
CA LYS R 193 -67.28 20.72 8.44
C LYS R 193 -67.54 22.16 8.89
N LYS R 194 -67.84 23.04 7.93
CA LYS R 194 -68.15 24.47 8.18
C LYS R 194 -69.55 24.62 8.78
N PRO R 195 -69.84 25.69 9.53
CA PRO R 195 -70.97 25.72 10.46
C PRO R 195 -72.33 26.08 9.83
N ALA R 196 -72.84 25.20 8.98
CA ALA R 196 -74.21 25.11 8.45
C ALA R 196 -74.76 26.27 7.58
N GLY R 197 -74.44 27.52 7.86
CA GLY R 197 -74.87 28.66 7.05
C GLY R 197 -76.39 28.86 7.01
N GLY R 198 -76.95 28.93 5.79
CA GLY R 198 -78.32 29.33 5.49
C GLY R 198 -78.39 30.72 4.83
N VAL R 199 -79.60 31.14 4.45
CA VAL R 199 -79.83 32.45 3.80
C VAL R 199 -79.61 33.62 4.77
N ASP R 200 -78.76 34.58 4.37
CA ASP R 200 -78.54 35.86 5.06
C ASP R 200 -77.93 36.87 4.07
N PHE R 201 -78.47 38.09 3.94
CA PHE R 201 -78.08 38.92 2.79
C PHE R 201 -76.92 39.87 3.10
N SER S 656 42.83 87.94 -38.73
CA SER S 656 43.19 89.22 -38.11
C SER S 656 44.38 89.08 -37.15
N ASN S 657 45.18 90.15 -37.03
CA ASN S 657 46.32 90.30 -36.10
C ASN S 657 46.14 91.54 -35.19
N ILE S 658 44.91 92.08 -35.10
CA ILE S 658 44.60 93.36 -34.44
C ILE S 658 44.17 93.18 -32.98
N PHE S 659 43.33 92.17 -32.67
CA PHE S 659 42.80 91.97 -31.32
C PHE S 659 43.74 91.21 -30.39
N GLU S 660 44.77 90.53 -30.90
CA GLU S 660 45.93 90.18 -30.09
C GLU S 660 46.48 91.40 -29.35
N ASP S 661 47.02 91.18 -28.15
CA ASP S 661 47.41 92.22 -27.18
C ASP S 661 46.23 92.97 -26.54
N VAL S 662 44.98 92.68 -26.94
CA VAL S 662 43.75 93.22 -26.33
C VAL S 662 42.96 92.08 -25.68
N GLU S 663 42.75 92.16 -24.36
CA GLU S 663 42.12 91.11 -23.57
C GLU S 663 40.69 91.43 -23.17
N PHE S 664 39.83 90.44 -23.40
CA PHE S 664 38.37 90.53 -23.34
C PHE S 664 37.78 89.56 -22.33
N CYS S 665 36.69 89.97 -21.70
CA CYS S 665 35.85 89.05 -20.96
C CYS S 665 34.48 88.85 -21.63
N VAL S 666 34.13 87.65 -22.06
CA VAL S 666 32.79 87.36 -22.62
C VAL S 666 31.89 86.80 -21.52
N MET S 667 31.49 87.67 -20.60
CA MET S 667 30.75 87.30 -19.40
C MET S 667 29.33 86.77 -19.68
N SER S 668 28.73 87.05 -20.84
CA SER S 668 27.47 86.42 -21.27
C SER S 668 27.24 86.51 -22.79
N GLY S 669 26.25 85.78 -23.31
CA GLY S 669 25.79 85.84 -24.70
C GLY S 669 24.26 85.69 -24.82
N THR S 670 23.78 84.64 -25.50
CA THR S 670 22.35 84.28 -25.69
C THR S 670 21.49 85.46 -26.10
N GLN S 673 22.34 84.65 -30.36
CA GLN S 673 23.78 84.69 -30.62
C GLN S 673 24.53 83.67 -29.74
N PRO S 674 25.52 82.91 -30.26
CA PRO S 674 26.09 81.78 -29.52
C PRO S 674 27.27 82.23 -28.67
N LYS S 675 27.10 82.36 -27.34
CA LYS S 675 28.17 82.71 -26.37
C LYS S 675 29.49 81.97 -26.58
N PRO S 676 29.53 80.63 -26.66
CA PRO S 676 30.80 79.93 -26.86
C PRO S 676 31.40 80.19 -28.26
N ASP S 677 30.58 80.55 -29.25
CA ASP S 677 31.10 80.98 -30.56
C ASP S 677 31.57 82.44 -30.56
N LEU S 678 31.09 83.30 -29.66
CA LEU S 678 31.56 84.68 -29.56
C LEU S 678 33.08 84.70 -29.37
N GLU S 679 33.56 83.99 -28.36
CA GLU S 679 35.00 83.89 -28.15
C GLU S 679 35.72 83.09 -29.26
N ASN S 680 35.05 82.16 -29.96
CA ASN S 680 35.67 81.49 -31.10
C ASN S 680 35.86 82.44 -32.28
N ARG S 681 34.88 83.29 -32.57
CA ARG S 681 35.04 84.35 -33.59
C ARG S 681 36.20 85.25 -33.17
N ILE S 682 36.21 85.64 -31.91
CA ILE S 682 37.31 86.40 -31.30
C ILE S 682 38.65 85.66 -31.47
N ALA S 683 38.67 84.33 -31.38
CA ALA S 683 39.89 83.54 -31.46
C ALA S 683 40.55 83.53 -32.84
N GLU S 684 39.79 83.58 -33.94
CA GLU S 684 40.38 83.74 -35.28
C GLU S 684 40.77 85.19 -35.56
N PHE S 685 40.28 86.14 -34.76
CA PHE S 685 40.86 87.48 -34.63
C PHE S 685 41.90 87.56 -33.48
N GLY S 686 42.20 86.45 -32.82
CA GLY S 686 43.14 86.36 -31.72
C GLY S 686 42.88 87.26 -30.51
N GLY S 687 41.68 87.83 -30.32
CA GLY S 687 41.40 88.62 -29.11
C GLY S 687 41.60 87.80 -27.83
N TYR S 688 42.30 88.34 -26.83
CA TYR S 688 42.78 87.55 -25.70
C TYR S 688 41.65 87.23 -24.71
N ILE S 689 41.08 86.04 -24.83
CA ILE S 689 39.94 85.60 -24.03
C ILE S 689 40.28 85.38 -22.55
N VAL S 690 39.43 85.90 -21.66
CA VAL S 690 39.51 85.77 -20.20
C VAL S 690 38.13 85.41 -19.64
N GLN S 691 38.03 84.42 -18.75
CA GLN S 691 36.73 83.97 -18.21
C GLN S 691 36.16 84.86 -17.09
N ASN S 692 37.02 85.62 -16.39
CA ASN S 692 36.66 86.40 -15.22
C ASN S 692 37.57 87.64 -15.17
N PRO S 693 37.04 88.87 -15.22
CA PRO S 693 37.86 90.05 -15.46
C PRO S 693 38.66 90.45 -14.23
N GLY S 694 39.99 90.32 -14.31
CA GLY S 694 40.88 90.93 -13.33
C GLY S 694 41.08 92.43 -13.59
N PRO S 695 41.86 93.13 -12.76
CA PRO S 695 42.18 94.55 -12.96
C PRO S 695 43.04 94.81 -14.22
N ASP S 696 43.59 93.77 -14.83
CA ASP S 696 44.38 93.83 -16.06
C ASP S 696 43.53 94.10 -17.32
N THR S 697 42.27 93.63 -17.35
CA THR S 697 41.59 93.45 -18.62
C THR S 697 41.19 94.77 -19.27
N TYR S 698 40.99 94.78 -20.59
CA TYR S 698 40.53 95.98 -21.27
C TYR S 698 39.06 96.29 -20.93
N CYS S 699 38.16 95.35 -21.21
CA CYS S 699 36.72 95.56 -21.13
C CYS S 699 35.97 94.23 -21.04
N VAL S 700 34.70 94.30 -20.65
CA VAL S 700 33.83 93.14 -20.44
C VAL S 700 32.60 93.24 -21.35
N ILE S 701 32.29 92.11 -21.96
CA ILE S 701 31.38 91.89 -23.06
C ILE S 701 30.27 90.98 -22.55
N ALA S 702 29.00 91.33 -22.75
CA ALA S 702 27.89 90.52 -22.25
C ALA S 702 26.63 90.66 -23.11
N GLY S 703 26.21 89.57 -23.77
CA GLY S 703 24.97 89.49 -24.55
C GLY S 703 23.66 89.83 -23.82
N SER S 704 23.69 89.83 -22.49
CA SER S 704 22.60 90.15 -21.57
C SER S 704 23.20 90.37 -20.17
N GLU S 705 22.45 90.97 -19.26
CA GLU S 705 22.85 91.06 -17.85
C GLU S 705 22.92 89.67 -17.16
N ASN S 706 23.79 89.53 -16.17
CA ASN S 706 23.79 88.49 -15.14
C ASN S 706 24.16 89.17 -13.80
N ILE S 707 24.04 88.44 -12.70
CA ILE S 707 24.40 88.98 -11.39
C ILE S 707 25.86 89.44 -11.33
N ARG S 708 26.77 88.78 -12.05
CA ARG S 708 28.16 89.21 -12.11
C ARG S 708 28.29 90.57 -12.79
N VAL S 709 27.50 90.85 -13.84
CA VAL S 709 27.40 92.16 -14.47
C VAL S 709 26.84 93.17 -13.47
N LYS S 710 25.79 92.85 -12.70
CA LYS S 710 25.38 93.72 -11.59
C LYS S 710 26.52 93.95 -10.60
N ASN S 711 27.32 92.94 -10.25
CA ASN S 711 28.47 93.15 -9.36
C ASN S 711 29.42 94.20 -9.96
N ILE S 712 29.58 94.22 -11.28
CA ILE S 712 30.41 95.16 -12.03
C ILE S 712 29.68 96.48 -12.37
N ILE S 713 28.38 96.59 -12.11
CA ILE S 713 27.73 97.90 -11.95
C ILE S 713 28.00 98.43 -10.55
N LEU S 714 27.93 97.57 -9.52
CA LEU S 714 28.18 97.97 -8.13
C LEU S 714 29.64 98.34 -7.87
N SER S 715 30.58 97.60 -8.45
CA SER S 715 32.01 97.88 -8.42
C SER S 715 32.36 98.52 -9.75
N ASN S 716 32.54 99.83 -9.73
CA ASN S 716 32.64 100.66 -10.93
C ASN S 716 33.87 100.40 -11.79
N LYS S 717 34.71 99.53 -11.22
CA LYS S 717 35.68 98.62 -11.75
C LYS S 717 35.74 98.89 -13.25
N HIS S 718 34.89 98.38 -14.10
CA HIS S 718 35.35 98.14 -15.45
C HIS S 718 34.46 98.63 -16.56
N ASP S 719 35.07 98.66 -17.74
CA ASP S 719 34.45 99.06 -18.97
C ASP S 719 33.58 97.94 -19.54
N VAL S 720 32.28 98.19 -19.60
CA VAL S 720 31.21 97.24 -19.99
C VAL S 720 30.70 97.62 -21.36
N VAL S 721 30.50 96.65 -22.22
CA VAL S 721 30.43 96.92 -23.63
C VAL S 721 29.24 96.14 -24.22
N LYS S 722 28.48 96.83 -25.07
CA LYS S 722 27.39 96.27 -25.90
C LYS S 722 27.87 94.91 -26.51
N PRO S 723 26.97 93.94 -26.74
CA PRO S 723 27.28 92.65 -27.35
C PRO S 723 28.06 92.77 -28.65
N ALA S 724 27.49 93.60 -29.52
CA ALA S 724 27.97 93.86 -30.87
C ALA S 724 29.40 94.38 -30.84
N TRP S 725 29.91 95.06 -29.82
CA TRP S 725 31.28 95.58 -29.84
C TRP S 725 32.32 94.48 -29.96
N LEU S 726 31.98 93.23 -29.67
CA LEU S 726 32.86 92.10 -29.97
C LEU S 726 32.34 91.15 -31.01
N LEU S 727 31.59 91.77 -31.91
CA LEU S 727 31.18 91.34 -33.23
C LEU S 727 31.29 92.52 -34.25
N GLU S 728 31.77 93.69 -33.81
CA GLU S 728 31.97 94.97 -34.52
C GLU S 728 33.37 95.50 -34.21
N CYS S 729 33.97 95.19 -33.04
CA CYS S 729 35.43 95.12 -32.95
C CYS S 729 35.90 94.39 -34.22
N PHE S 730 35.18 93.35 -34.65
CA PHE S 730 35.37 92.54 -35.85
C PHE S 730 35.38 93.31 -37.19
N LYS S 731 35.09 94.62 -37.15
CA LYS S 731 35.25 95.62 -38.21
C LYS S 731 35.94 96.92 -37.70
N THR S 732 36.34 97.01 -36.43
CA THR S 732 37.10 98.09 -35.76
C THR S 732 38.33 97.52 -35.02
N LYS S 733 38.70 98.10 -33.87
CA LYS S 733 39.81 97.66 -33.03
C LYS S 733 39.64 98.22 -31.62
N SER S 734 38.59 97.80 -30.94
CA SER S 734 38.18 98.42 -29.69
C SER S 734 38.71 97.67 -28.48
N PHE S 735 39.31 98.43 -27.56
CA PHE S 735 40.32 97.94 -26.66
C PHE S 735 40.43 98.87 -25.40
N VAL S 736 39.59 98.79 -24.36
CA VAL S 736 39.42 99.96 -23.44
C VAL S 736 39.09 99.54 -21.96
N PRO S 737 39.91 99.79 -20.84
CA PRO S 737 40.12 99.22 -19.38
C PRO S 737 39.20 98.81 -18.08
N TRP S 738 39.75 99.01 -16.84
CA TRP S 738 39.51 98.12 -15.64
C TRP S 738 39.61 98.57 -14.12
N GLN S 739 39.39 97.66 -13.08
CA GLN S 739 39.90 97.67 -11.62
C GLN S 739 39.88 96.32 -10.75
N PRO S 740 40.23 96.32 -9.41
CA PRO S 740 39.87 95.41 -8.28
C PRO S 740 39.35 96.17 -6.99
N ARG S 741 39.78 95.91 -5.73
CA ARG S 741 39.71 96.88 -4.57
C ARG S 741 40.82 96.73 -3.50
N PHE S 742 41.26 97.86 -2.94
CA PHE S 742 41.84 98.07 -1.60
C PHE S 742 41.90 99.57 -1.25
N MET S 743 41.41 99.99 -0.08
CA MET S 743 41.61 101.35 0.43
C MET S 743 42.65 101.32 1.54
N ILE S 744 43.64 102.23 1.54
CA ILE S 744 44.71 102.11 2.53
C ILE S 744 45.36 103.38 3.01
N HIS S 745 45.30 103.45 4.33
CA HIS S 745 45.95 104.44 5.13
C HIS S 745 46.69 103.71 6.22
N MET S 746 47.74 103.01 5.82
CA MET S 746 48.87 102.78 6.72
C MET S 746 49.47 104.18 6.92
N CYS S 747 50.75 104.38 6.76
CA CYS S 747 51.17 105.70 6.32
C CYS S 747 50.68 105.72 4.86
N PRO S 748 49.52 106.32 4.48
CA PRO S 748 48.88 106.13 3.17
C PRO S 748 49.88 106.14 2.06
N SER S 749 49.62 105.36 1.02
CA SER S 749 50.68 105.09 0.05
C SER S 749 50.26 105.13 -1.41
N THR S 750 49.17 104.47 -1.81
CA THR S 750 48.61 104.43 -3.16
C THR S 750 48.13 105.80 -3.63
N LYS S 751 47.49 106.63 -2.80
CA LYS S 751 47.01 107.94 -3.22
C LYS S 751 48.15 108.90 -3.54
N GLU S 752 49.24 108.89 -2.78
CA GLU S 752 50.44 109.67 -3.06
C GLU S 752 51.22 109.10 -4.25
N HIS S 753 51.25 107.77 -4.42
CA HIS S 753 51.70 107.17 -5.68
C HIS S 753 50.81 107.65 -6.84
N PHE S 754 49.50 107.77 -6.65
CA PHE S 754 48.56 108.34 -7.61
C PHE S 754 48.62 109.87 -7.68
N ALA S 755 49.39 110.55 -6.84
CA ALA S 755 49.77 111.95 -7.09
C ALA S 755 50.91 112.04 -8.12
N ARG S 756 51.67 110.95 -8.28
CA ARG S 756 52.55 110.68 -9.43
C ARG S 756 51.80 110.03 -10.58
N GLU S 757 50.82 109.17 -10.30
CA GLU S 757 50.26 108.22 -11.28
C GLU S 757 48.81 108.45 -11.73
N TYR S 758 48.04 109.34 -11.12
CA TYR S 758 46.73 109.75 -11.63
C TYR S 758 46.67 111.26 -11.80
N ASP S 759 45.87 111.73 -12.76
CA ASP S 759 45.27 113.04 -12.59
C ASP S 759 44.44 113.04 -11.31
N CYS S 760 44.57 114.13 -10.54
CA CYS S 760 43.98 114.35 -9.21
C CYS S 760 42.53 113.90 -9.05
N TYR S 761 41.71 114.13 -10.06
CA TYR S 761 40.28 113.80 -10.06
C TYR S 761 39.98 112.29 -10.02
N GLY S 762 40.91 111.45 -10.47
CA GLY S 762 40.72 110.00 -10.58
C GLY S 762 41.10 109.38 -11.93
N ASP S 763 41.38 110.16 -12.99
CA ASP S 763 41.82 109.57 -14.25
C ASP S 763 43.28 109.15 -14.18
N SER S 764 43.53 107.85 -14.01
CA SER S 764 44.89 107.34 -13.87
C SER S 764 45.72 107.67 -15.12
N TYR S 765 46.91 108.30 -14.99
CA TYR S 765 47.83 108.54 -16.12
C TYR S 765 48.18 107.21 -16.80
N PHE S 766 48.48 106.19 -15.99
CA PHE S 766 49.08 104.94 -16.44
C PHE S 766 48.06 103.94 -17.05
N ILE S 767 46.73 104.21 -17.04
CA ILE S 767 45.71 103.35 -17.68
C ILE S 767 44.53 104.14 -18.32
N ASP S 768 44.21 103.85 -19.56
CA ASP S 768 43.01 104.38 -20.23
C ASP S 768 41.69 104.21 -19.42
N THR S 769 40.69 105.08 -19.60
CA THR S 769 39.44 105.06 -18.80
C THR S 769 38.21 105.05 -19.68
N ASP S 770 37.08 104.66 -19.10
CA ASP S 770 35.99 103.99 -19.82
C ASP S 770 34.54 104.51 -19.65
N LEU S 771 33.45 104.04 -20.33
CA LEU S 771 32.13 104.78 -20.25
C LEU S 771 31.71 104.98 -18.80
N ASN S 772 31.57 103.89 -18.07
CA ASN S 772 31.14 103.94 -16.69
C ASN S 772 32.15 104.73 -15.84
N GLN S 773 33.45 104.58 -16.08
CA GLN S 773 34.49 105.30 -15.32
C GLN S 773 34.55 106.78 -15.58
N LEU S 774 34.24 107.22 -16.78
CA LEU S 774 34.15 108.64 -17.03
C LEU S 774 32.91 109.26 -16.41
N LYS S 775 31.75 108.60 -16.54
CA LYS S 775 30.51 109.02 -15.85
C LYS S 775 30.72 109.24 -14.36
N GLU S 776 31.47 108.35 -13.70
CA GLU S 776 31.81 108.49 -12.29
C GLU S 776 32.65 109.73 -11.99
N VAL S 777 33.74 109.95 -12.75
CA VAL S 777 34.55 111.16 -12.61
C VAL S 777 33.71 112.42 -12.75
N PHE S 778 32.92 112.52 -13.81
CA PHE S 778 32.05 113.66 -14.08
C PHE S 778 31.06 113.94 -12.93
N SER S 779 30.51 112.89 -12.31
CA SER S 779 29.58 113.03 -11.18
C SER S 779 30.24 113.56 -9.88
N GLY S 780 31.56 113.47 -9.75
CA GLY S 780 32.34 113.96 -8.61
C GLY S 780 32.73 115.46 -8.67
N ILE S 781 32.63 116.08 -9.85
CA ILE S 781 33.20 117.40 -10.17
C ILE S 781 32.41 118.59 -9.54
N LYS S 782 33.11 119.72 -9.26
CA LYS S 782 32.55 121.08 -9.02
C LYS S 782 33.37 122.18 -9.71
N ASN S 783 32.72 123.31 -9.99
CA ASN S 783 33.05 124.20 -11.11
C ASN S 783 34.36 125.01 -11.00
N SER S 784 34.96 125.31 -12.18
CA SER S 784 36.17 126.13 -12.39
C SER S 784 36.33 126.50 -13.88
N ASN S 785 37.48 127.05 -14.30
CA ASN S 785 37.95 127.04 -15.69
C ASN S 785 39.47 127.26 -15.71
N GLU S 786 40.19 126.50 -16.50
CA GLU S 786 41.63 126.66 -16.70
C GLU S 786 41.95 127.31 -18.05
N GLN S 787 43.18 127.84 -18.21
CA GLN S 787 43.48 128.99 -19.11
C GLN S 787 42.62 130.17 -18.60
N THR S 788 42.84 131.39 -19.07
CA THR S 788 41.84 132.41 -18.70
C THR S 788 40.52 132.01 -19.36
N PRO S 789 39.37 132.22 -18.69
CA PRO S 789 38.07 131.98 -19.31
C PRO S 789 37.97 132.63 -20.69
N GLU S 790 38.48 133.85 -20.84
CA GLU S 790 38.48 134.56 -22.13
C GLU S 790 39.35 133.86 -23.19
N GLU S 791 40.51 133.34 -22.80
CA GLU S 791 41.35 132.54 -23.70
C GLU S 791 40.58 131.29 -24.12
N MET S 792 40.04 130.54 -23.15
CA MET S 792 39.37 129.28 -23.43
C MET S 792 38.15 129.40 -24.30
N ALA S 793 37.30 130.36 -24.03
CA ALA S 793 36.11 130.60 -24.82
C ALA S 793 36.47 130.80 -26.29
N SER S 794 37.46 131.64 -26.57
CA SER S 794 37.87 131.89 -27.96
C SER S 794 38.60 130.72 -28.60
N LEU S 795 39.40 129.93 -27.87
CA LEU S 795 39.99 128.70 -28.43
C LEU S 795 38.91 127.76 -28.97
N ILE S 796 37.84 127.57 -28.20
CA ILE S 796 36.72 126.68 -28.56
C ILE S 796 35.92 127.26 -29.73
N ALA S 797 35.57 128.54 -29.64
CA ALA S 797 34.79 129.24 -30.66
C ALA S 797 35.49 129.21 -32.02
N ASP S 798 36.78 129.54 -32.03
CA ASP S 798 37.58 129.57 -33.24
C ASP S 798 37.66 128.22 -33.93
N LEU S 799 37.90 127.17 -33.15
CA LEU S 799 38.00 125.83 -33.68
C LEU S 799 36.66 125.36 -34.30
N GLU S 800 35.54 125.51 -33.58
CA GLU S 800 34.24 125.18 -34.17
C GLU S 800 33.87 126.08 -35.36
N TYR S 801 34.31 127.35 -35.39
CA TYR S 801 34.11 128.23 -36.55
C TYR S 801 34.91 127.74 -37.77
N ARG S 802 36.22 127.52 -37.62
CA ARG S 802 37.09 127.14 -38.75
C ARG S 802 36.60 125.87 -39.41
N TYR S 803 36.42 124.85 -38.60
CA TYR S 803 36.08 123.51 -39.06
C TYR S 803 34.58 123.27 -39.14
N SER S 804 33.78 124.34 -39.09
CA SER S 804 32.33 124.26 -39.22
C SER S 804 31.67 123.37 -38.17
N TRP S 805 32.30 123.08 -37.02
CA TRP S 805 31.63 122.30 -35.97
C TRP S 805 30.65 123.14 -35.17
N ASP S 806 30.67 124.46 -35.36
CA ASP S 806 29.55 125.31 -35.03
C ASP S 806 28.33 124.91 -35.88
N CYS S 807 28.46 123.99 -36.86
CA CYS S 807 27.45 123.27 -37.64
C CYS S 807 27.20 121.83 -37.13
N SER S 808 27.83 121.37 -36.04
CA SER S 808 27.53 120.07 -35.39
C SER S 808 26.03 119.95 -35.17
N PRO S 809 25.33 118.82 -35.34
CA PRO S 809 23.91 118.90 -35.58
C PRO S 809 23.14 119.62 -34.49
N LEU S 810 23.33 119.19 -33.26
CA LEU S 810 22.70 119.80 -32.10
C LEU S 810 23.40 121.12 -31.72
N SER S 811 24.54 121.47 -32.30
CA SER S 811 25.21 122.73 -32.03
C SER S 811 25.26 123.66 -33.27
N MET S 812 24.50 123.35 -34.33
CA MET S 812 24.81 123.86 -35.68
C MET S 812 24.51 125.35 -35.85
N PHE S 813 23.71 125.90 -34.93
CA PHE S 813 23.46 127.32 -34.89
C PHE S 813 24.25 128.01 -33.77
N ARG S 814 25.29 127.39 -33.20
CA ARG S 814 26.02 127.93 -32.04
C ARG S 814 26.51 129.34 -32.26
N ARG S 815 26.99 129.60 -33.48
CA ARG S 815 27.51 130.92 -33.88
C ARG S 815 26.46 131.75 -34.62
N HIS S 816 25.19 131.49 -34.30
CA HIS S 816 24.05 132.35 -34.57
C HIS S 816 23.42 132.92 -33.30
N THR S 817 23.54 134.23 -33.11
CA THR S 817 22.63 134.99 -32.24
C THR S 817 21.37 135.32 -33.03
N VAL S 818 20.19 134.98 -32.50
CA VAL S 818 18.91 135.00 -33.23
C VAL S 818 17.83 135.77 -32.48
N TYR S 819 17.24 136.77 -33.12
CA TYR S 819 15.93 137.33 -32.75
C TYR S 819 14.82 136.64 -33.57
N LEU S 820 13.60 136.65 -33.02
CA LEU S 820 12.45 135.87 -33.46
C LEU S 820 11.21 136.77 -33.39
N ASP S 821 10.38 136.81 -34.43
CA ASP S 821 9.29 137.79 -34.52
C ASP S 821 7.99 137.42 -33.75
N SER S 822 8.13 137.14 -32.46
CA SER S 822 7.04 136.83 -31.50
C SER S 822 6.49 138.05 -30.75
N TYR S 823 6.78 139.25 -31.22
CA TYR S 823 6.46 140.52 -30.55
C TYR S 823 5.74 141.46 -31.52
N ALA S 824 4.49 141.86 -31.19
CA ALA S 824 3.70 142.74 -32.06
C ALA S 824 4.36 144.13 -32.21
N VAL S 825 5.11 144.55 -31.19
CA VAL S 825 6.02 145.69 -31.25
C VAL S 825 7.45 145.17 -31.06
N ILE S 826 8.33 145.36 -32.06
CA ILE S 826 9.74 144.93 -32.00
C ILE S 826 10.36 145.47 -30.68
N ASN S 827 11.02 144.59 -29.91
CA ASN S 827 11.68 144.85 -28.61
C ASN S 827 10.79 145.24 -27.38
N ASP S 828 9.44 145.27 -27.44
CA ASP S 828 8.58 145.47 -26.24
C ASP S 828 8.16 144.12 -25.64
N LEU S 829 8.81 143.72 -24.54
CA LEU S 829 8.79 142.36 -23.99
C LEU S 829 7.41 141.86 -23.52
N SER S 830 6.34 142.65 -23.59
CA SER S 830 5.04 142.00 -23.68
C SER S 830 3.97 142.68 -24.52
N THR S 831 4.36 142.66 -25.80
CA THR S 831 3.48 142.66 -26.97
C THR S 831 3.54 141.22 -27.52
N LYS S 832 3.75 140.24 -26.61
CA LYS S 832 4.19 138.87 -26.88
C LYS S 832 3.03 138.11 -27.55
N ASN S 833 3.19 137.82 -28.83
CA ASN S 833 2.27 137.06 -29.69
C ASN S 833 2.30 135.54 -29.37
N GLU S 834 2.35 135.13 -28.11
CA GLU S 834 2.51 133.71 -27.76
C GLU S 834 1.32 132.82 -28.16
N GLY S 835 1.55 131.51 -28.29
CA GLY S 835 0.65 130.58 -28.99
C GLY S 835 1.00 130.36 -30.47
N THR S 836 1.90 131.17 -31.01
CA THR S 836 2.49 131.14 -32.35
C THR S 836 3.38 129.92 -32.57
N ARG S 837 3.34 129.26 -33.73
CA ARG S 837 4.35 128.22 -34.05
C ARG S 837 5.80 128.70 -34.13
N LEU S 838 6.03 130.02 -34.14
CA LEU S 838 7.34 130.60 -33.78
C LEU S 838 7.86 130.18 -32.40
N ALA S 839 7.00 129.98 -31.39
CA ALA S 839 7.40 129.47 -30.08
C ALA S 839 8.13 128.13 -30.23
N ILE S 840 7.57 127.26 -31.07
CA ILE S 840 8.14 125.96 -31.38
C ILE S 840 9.43 126.07 -32.22
N LYS S 841 9.56 127.06 -33.11
CA LYS S 841 10.85 127.32 -33.80
C LYS S 841 11.94 127.87 -32.88
N ALA S 842 11.61 128.62 -31.84
CA ALA S 842 12.59 128.99 -30.81
C ALA S 842 13.06 127.77 -30.01
N LEU S 843 12.17 126.82 -29.72
CA LEU S 843 12.52 125.51 -29.15
C LEU S 843 13.44 124.74 -30.10
N GLU S 844 13.09 124.64 -31.39
CA GLU S 844 13.94 124.00 -32.39
C GLU S 844 15.34 124.70 -32.52
N LEU S 845 15.45 126.05 -32.51
CA LEU S 845 16.75 126.78 -32.57
C LEU S 845 17.62 126.56 -31.34
N ARG S 846 17.02 126.72 -30.17
CA ARG S 846 17.67 126.39 -28.92
C ARG S 846 18.07 124.89 -28.88
N PHE S 847 17.24 123.95 -29.36
CA PHE S 847 17.54 122.50 -29.45
C PHE S 847 18.77 122.24 -30.34
N HIS S 848 19.14 123.19 -31.19
CA HIS S 848 20.30 123.08 -32.06
C HIS S 848 21.35 124.21 -31.88
N GLY S 849 21.38 124.83 -30.69
CA GLY S 849 22.52 125.62 -30.20
C GLY S 849 22.44 127.14 -30.41
N ALA S 850 21.41 127.69 -31.05
CA ALA S 850 21.30 129.13 -31.29
C ALA S 850 21.19 129.93 -29.98
N LYS S 851 21.87 131.08 -29.92
CA LYS S 851 21.66 132.08 -28.86
C LYS S 851 20.40 132.87 -29.20
N VAL S 852 19.25 132.27 -28.94
CA VAL S 852 17.93 132.91 -29.06
C VAL S 852 17.84 134.02 -28.02
N VAL S 853 17.36 135.19 -28.45
CA VAL S 853 17.38 136.44 -27.68
C VAL S 853 15.99 137.12 -27.68
N SER S 854 15.67 137.93 -26.66
CA SER S 854 14.40 138.72 -26.56
C SER S 854 14.59 140.25 -26.71
N CYS S 855 15.73 140.70 -27.25
CA CYS S 855 15.95 142.08 -27.72
C CYS S 855 16.86 142.13 -28.97
N LEU S 856 16.42 142.83 -30.03
CA LEU S 856 17.12 143.04 -31.31
C LEU S 856 18.30 144.04 -31.16
N ALA S 857 19.14 143.91 -30.13
CA ALA S 857 20.34 144.72 -29.95
C ALA S 857 21.41 144.37 -30.98
N GLU S 858 22.48 145.16 -31.00
CA GLU S 858 23.56 145.08 -31.98
C GLU S 858 24.31 143.71 -32.00
N GLY S 859 24.15 142.87 -30.97
CA GLY S 859 24.73 141.51 -30.87
C GLY S 859 24.09 140.45 -31.78
N VAL S 860 23.01 140.76 -32.50
CA VAL S 860 22.20 139.78 -33.27
C VAL S 860 22.70 139.58 -34.70
N SER S 861 22.81 138.32 -35.12
CA SER S 861 23.14 137.96 -36.50
C SER S 861 21.93 137.70 -37.39
N HIS S 862 20.80 137.26 -36.82
CA HIS S 862 19.64 136.79 -37.56
C HIS S 862 18.32 137.24 -36.93
N VAL S 863 17.32 137.55 -37.74
CA VAL S 863 15.92 137.68 -37.36
C VAL S 863 15.15 136.59 -38.10
N ILE S 864 14.21 135.93 -37.43
CA ILE S 864 13.38 134.89 -38.05
C ILE S 864 11.93 135.30 -38.14
N ILE S 865 11.35 135.15 -39.33
CA ILE S 865 10.02 135.62 -39.70
C ILE S 865 9.06 134.44 -39.92
N GLY S 866 7.86 134.53 -39.35
CA GLY S 866 6.80 133.54 -39.50
C GLY S 866 5.83 133.79 -40.66
N GLU S 867 4.55 133.45 -40.47
CA GLU S 867 3.50 133.75 -41.46
C GLU S 867 3.23 135.26 -41.55
N ASP S 868 3.18 135.95 -40.41
CA ASP S 868 2.95 137.39 -40.35
C ASP S 868 4.20 138.16 -40.83
N HIS S 869 4.11 138.80 -42.01
CA HIS S 869 5.14 139.69 -42.54
C HIS S 869 4.90 141.16 -42.15
N SER S 870 3.96 141.47 -41.26
CA SER S 870 3.60 142.85 -40.88
C SER S 870 4.81 143.74 -40.57
N ARG S 871 5.83 143.20 -39.89
CA ARG S 871 6.99 143.96 -39.41
C ARG S 871 8.24 143.87 -40.29
N VAL S 872 8.23 143.19 -41.44
CA VAL S 872 9.45 143.01 -42.26
C VAL S 872 9.98 144.34 -42.81
N ALA S 873 9.09 145.24 -43.23
CA ALA S 873 9.45 146.60 -43.64
C ALA S 873 10.19 147.34 -42.53
N ASP S 874 9.79 147.08 -41.29
CA ASP S 874 10.35 147.70 -40.09
C ASP S 874 11.64 147.04 -39.67
N PHE S 875 11.77 145.71 -39.73
CA PHE S 875 13.06 145.04 -39.57
C PHE S 875 14.04 145.57 -40.61
N LYS S 876 13.67 145.60 -41.89
CA LYS S 876 14.49 146.15 -42.97
C LYS S 876 14.85 147.61 -42.74
N ALA S 877 13.90 148.45 -42.36
CA ALA S 877 14.13 149.86 -42.06
C ALA S 877 15.03 150.04 -40.83
N PHE S 878 14.79 149.26 -39.77
CA PHE S 878 15.58 149.27 -38.55
C PHE S 878 17.02 148.82 -38.84
N ARG S 879 17.18 147.77 -39.65
CA ARG S 879 18.45 147.21 -40.11
C ARG S 879 19.31 148.19 -40.90
N ARG S 880 18.72 149.21 -41.53
CA ARG S 880 19.48 150.36 -42.09
C ARG S 880 20.32 151.08 -41.03
N THR S 881 19.93 151.05 -39.75
CA THR S 881 20.67 151.66 -38.61
C THR S 881 21.98 150.92 -38.28
N PHE S 882 21.99 149.60 -38.40
CA PHE S 882 22.98 148.74 -37.71
C PHE S 882 24.37 148.81 -38.33
N LYS S 883 25.38 148.66 -37.46
CA LYS S 883 26.80 148.57 -37.84
C LYS S 883 27.20 147.16 -38.33
N ARG S 884 26.74 146.10 -37.66
CA ARG S 884 26.73 144.71 -38.19
C ARG S 884 25.29 144.27 -38.36
N LYS S 885 24.94 143.93 -39.60
CA LYS S 885 23.58 143.90 -40.09
C LYS S 885 23.03 142.47 -40.04
N PHE S 886 21.94 142.28 -39.31
CA PHE S 886 21.34 140.96 -39.22
C PHE S 886 20.71 140.56 -40.54
N LYS S 887 20.83 139.27 -40.83
CA LYS S 887 20.00 138.64 -41.84
C LYS S 887 18.58 138.51 -41.32
N ILE S 888 17.61 138.57 -42.21
CA ILE S 888 16.23 138.21 -41.91
C ILE S 888 15.98 136.92 -42.66
N LEU S 889 15.49 135.88 -42.01
CA LEU S 889 15.31 134.56 -42.61
C LEU S 889 13.92 134.02 -42.35
N LYS S 890 13.41 133.24 -43.31
CA LYS S 890 12.18 132.45 -43.15
C LYS S 890 12.31 131.39 -42.04
N GLU S 891 11.17 130.95 -41.48
CA GLU S 891 11.12 129.77 -40.58
C GLU S 891 11.78 128.51 -41.17
N SER S 892 11.71 128.32 -42.49
CA SER S 892 12.17 127.10 -43.18
C SER S 892 13.69 126.90 -43.12
N TRP S 893 14.52 127.94 -42.94
CA TRP S 893 15.99 127.80 -42.82
C TRP S 893 16.38 126.85 -41.70
N VAL S 894 15.74 127.06 -40.54
CA VAL S 894 15.97 126.23 -39.37
C VAL S 894 15.39 124.83 -39.57
N THR S 895 14.15 124.69 -40.08
CA THR S 895 13.56 123.38 -40.36
C THR S 895 14.45 122.51 -41.27
N ASP S 896 14.89 123.06 -42.40
CA ASP S 896 15.69 122.34 -43.39
C ASP S 896 17.07 121.97 -42.85
N SER S 897 17.73 122.92 -42.18
CA SER S 897 19.05 122.68 -41.59
C SER S 897 18.99 121.56 -40.55
N ILE S 898 17.93 121.53 -39.73
CA ILE S 898 17.66 120.44 -38.79
C ILE S 898 17.39 119.11 -39.51
N ASP S 899 16.49 119.07 -40.51
CA ASP S 899 16.16 117.84 -41.25
C ASP S 899 17.37 117.24 -41.98
N LYS S 900 18.24 118.07 -42.55
CA LYS S 900 19.51 117.66 -43.19
C LYS S 900 20.67 117.48 -42.19
N CYS S 901 20.46 117.71 -40.89
CA CYS S 901 21.47 117.66 -39.82
C CYS S 901 22.70 118.57 -40.04
N GLU S 902 22.55 119.65 -40.80
CA GLU S 902 23.64 120.46 -41.36
C GLU S 902 23.13 121.88 -41.62
N LEU S 903 23.92 122.92 -41.39
CA LEU S 903 23.53 124.26 -41.82
C LEU S 903 23.31 124.30 -43.33
N GLN S 904 22.04 124.37 -43.74
CA GLN S 904 21.73 124.90 -45.06
C GLN S 904 21.90 126.39 -44.96
N GLU S 905 22.42 127.01 -46.01
CA GLU S 905 22.89 128.37 -45.82
C GLU S 905 22.03 129.45 -46.45
N GLU S 906 21.96 130.48 -45.64
CA GLU S 906 20.90 131.46 -45.49
C GLU S 906 20.37 132.15 -46.73
N ASN S 907 21.14 132.31 -47.81
CA ASN S 907 20.78 133.27 -48.86
C ASN S 907 19.63 132.84 -49.77
N GLN S 908 19.31 131.55 -49.82
CA GLN S 908 18.06 131.05 -50.41
C GLN S 908 16.84 131.19 -49.46
N TYR S 909 17.06 131.49 -48.16
CA TYR S 909 16.02 131.70 -47.13
C TYR S 909 15.87 133.17 -46.71
N LEU S 910 16.59 134.08 -47.35
CA LEU S 910 16.55 135.50 -47.06
C LEU S 910 15.13 136.09 -47.20
N ILE S 911 14.70 136.81 -46.16
CA ILE S 911 13.41 137.50 -45.89
C ILE S 911 12.18 136.60 -45.77
N SER T 656 -83.43 -11.21 56.39
CA SER T 656 -84.81 -10.99 55.94
C SER T 656 -85.23 -11.97 54.85
N ASN T 657 -86.52 -12.31 54.82
CA ASN T 657 -87.19 -13.14 53.80
C ASN T 657 -88.38 -12.40 53.14
N ILE T 658 -88.43 -11.07 53.30
CA ILE T 658 -89.57 -10.22 52.92
C ILE T 658 -89.43 -9.63 51.51
N PHE T 659 -88.23 -9.14 51.15
CA PHE T 659 -88.01 -8.48 49.85
C PHE T 659 -87.77 -9.44 48.69
N GLU T 660 -87.45 -10.71 48.95
CA GLU T 660 -87.64 -11.76 47.96
C GLU T 660 -89.06 -11.71 47.37
N ASP T 661 -89.20 -12.08 46.10
CA ASP T 661 -90.42 -11.91 45.29
C ASP T 661 -90.76 -10.44 44.93
N VAL T 662 -89.98 -9.47 45.42
CA VAL T 662 -90.10 -8.04 45.07
C VAL T 662 -88.84 -7.59 44.34
N GLU T 663 -89.00 -7.13 43.10
CA GLU T 663 -87.89 -6.77 42.22
C GLU T 663 -87.70 -5.27 42.05
N PHE T 664 -86.45 -4.84 42.21
CA PHE T 664 -86.00 -3.47 42.35
C PHE T 664 -85.02 -3.07 41.27
N CYS T 665 -85.07 -1.81 40.86
CA CYS T 665 -84.00 -1.22 40.09
C CYS T 665 -83.24 -0.14 40.86
N VAL T 666 -81.95 -0.30 41.14
CA VAL T 666 -81.14 0.73 41.79
C VAL T 666 -80.41 1.57 40.73
N MET T 667 -81.19 2.39 40.03
CA MET T 667 -80.72 3.17 38.88
C MET T 667 -79.67 4.25 39.24
N SER T 668 -79.59 4.70 40.50
CA SER T 668 -78.48 5.56 40.97
C SER T 668 -78.31 5.53 42.51
N GLY T 669 -77.20 6.10 43.00
CA GLY T 669 -76.92 6.31 44.43
C GLY T 669 -76.22 7.65 44.70
N THR T 670 -75.00 7.61 45.24
CA THR T 670 -74.12 8.76 45.55
C THR T 670 -74.85 9.90 46.26
N GLN T 673 -73.90 8.08 50.18
CA GLN T 673 -74.43 6.72 50.25
C GLN T 673 -73.87 5.82 49.13
N PRO T 674 -73.47 4.56 49.38
CA PRO T 674 -72.72 3.79 48.40
C PRO T 674 -73.67 3.00 47.49
N LYS T 675 -73.88 3.44 46.24
CA LYS T 675 -74.71 2.74 45.22
C LYS T 675 -74.48 1.23 45.13
N PRO T 676 -73.25 0.72 44.96
CA PRO T 676 -73.04 -0.72 44.89
C PRO T 676 -73.34 -1.43 46.22
N ASP T 677 -73.25 -0.73 47.36
CA ASP T 677 -73.69 -1.29 48.63
C ASP T 677 -75.21 -1.24 48.84
N LEU T 678 -75.93 -0.34 48.17
CA LEU T 678 -77.39 -0.27 48.26
C LEU T 678 -77.98 -1.63 47.89
N GLU T 679 -77.62 -2.16 46.72
CA GLU T 679 -78.08 -3.48 46.31
C GLU T 679 -77.47 -4.60 47.16
N ASN T 680 -76.29 -4.43 47.77
CA ASN T 680 -75.76 -5.43 48.69
C ASN T 680 -76.55 -5.50 49.99
N ARG T 681 -76.96 -4.36 50.55
CA ARG T 681 -77.87 -4.33 51.70
C ARG T 681 -79.18 -5.01 51.31
N ILE T 682 -79.70 -4.66 50.13
CA ILE T 682 -80.87 -5.31 49.55
C ILE T 682 -80.65 -6.82 49.42
N ALA T 683 -79.44 -7.28 49.09
CA ALA T 683 -79.15 -8.70 48.87
C ALA T 683 -79.22 -9.55 50.15
N GLU T 684 -78.86 -9.03 51.32
CA GLU T 684 -79.06 -9.75 52.58
C GLU T 684 -80.51 -9.68 53.07
N PHE T 685 -81.30 -8.74 52.51
CA PHE T 685 -82.77 -8.81 52.54
C PHE T 685 -83.36 -9.54 51.31
N GLY T 686 -82.51 -10.07 50.43
CA GLY T 686 -82.91 -10.77 49.23
C GLY T 686 -83.79 -10.02 48.23
N GLY T 687 -83.90 -8.69 48.28
CA GLY T 687 -84.66 -7.94 47.29
C GLY T 687 -84.13 -8.17 45.86
N TYR T 688 -85.01 -8.46 44.90
CA TYR T 688 -84.59 -8.97 43.60
C TYR T 688 -84.00 -7.86 42.72
N ILE T 689 -82.67 -7.76 42.68
CA ILE T 689 -81.95 -6.71 41.97
C ILE T 689 -82.04 -6.85 40.44
N VAL T 690 -82.32 -5.72 39.78
CA VAL T 690 -82.41 -5.58 38.32
C VAL T 690 -81.64 -4.33 37.88
N GLN T 691 -80.79 -4.42 36.85
CA GLN T 691 -79.97 -3.28 36.40
C GLN T 691 -80.71 -2.26 35.54
N ASN T 692 -81.80 -2.66 34.88
CA ASN T 692 -82.53 -1.85 33.92
C ASN T 692 -84.02 -2.26 33.96
N PRO T 693 -84.96 -1.36 34.30
CA PRO T 693 -86.31 -1.75 34.64
C PRO T 693 -87.12 -2.14 33.40
N GLY T 694 -87.48 -3.41 33.30
CA GLY T 694 -88.48 -3.87 32.33
C GLY T 694 -89.91 -3.59 32.83
N PRO T 695 -90.94 -3.92 32.04
CA PRO T 695 -92.34 -3.75 32.44
C PRO T 695 -92.75 -4.68 33.61
N ASP T 696 -91.93 -5.67 33.96
CA ASP T 696 -92.11 -6.58 35.08
C ASP T 696 -91.90 -5.92 36.46
N THR T 697 -91.01 -4.94 36.55
CA THR T 697 -90.45 -4.60 37.86
C THR T 697 -91.44 -3.88 38.77
N TYR T 698 -91.21 -3.93 40.08
CA TYR T 698 -92.08 -3.22 41.02
C TYR T 698 -91.86 -1.71 40.91
N CYS T 699 -90.63 -1.25 41.14
CA CYS T 699 -90.32 0.17 41.27
C CYS T 699 -88.83 0.43 41.05
N VAL T 700 -88.48 1.70 40.84
CA VAL T 700 -87.11 2.14 40.55
C VAL T 700 -86.64 3.15 41.60
N ILE T 701 -85.41 2.93 42.04
CA ILE T 701 -84.75 3.50 43.19
C ILE T 701 -83.56 4.31 42.67
N ALA T 702 -83.40 5.56 43.08
CA ALA T 702 -82.31 6.39 42.59
C ALA T 702 -81.88 7.46 43.61
N GLY T 703 -80.66 7.33 44.14
CA GLY T 703 -80.03 8.26 45.09
C GLY T 703 -79.98 9.72 44.64
N SER T 704 -79.95 9.97 43.34
CA SER T 704 -80.18 11.27 42.70
C SER T 704 -80.73 11.09 41.28
N GLU T 705 -81.52 12.04 40.80
CA GLU T 705 -82.30 11.93 39.55
C GLU T 705 -81.90 12.98 38.48
N ASN T 706 -80.80 13.71 38.65
CA ASN T 706 -80.43 14.91 37.89
C ASN T 706 -80.44 14.72 36.35
N ILE T 707 -79.97 13.57 35.86
CA ILE T 707 -79.98 13.20 34.44
C ILE T 707 -80.55 11.78 34.24
N ARG T 708 -79.79 10.75 34.66
CA ARG T 708 -79.94 9.33 34.24
C ARG T 708 -81.36 8.74 34.33
N VAL T 709 -82.20 9.23 35.24
CA VAL T 709 -83.56 8.72 35.44
C VAL T 709 -84.57 9.26 34.41
N LYS T 710 -84.43 10.49 33.90
CA LYS T 710 -85.62 11.25 33.44
C LYS T 710 -86.31 10.82 32.13
N ASN T 711 -85.76 9.90 31.36
CA ASN T 711 -86.48 9.06 30.39
C ASN T 711 -87.72 8.44 31.02
N ILE T 712 -87.64 8.07 32.30
CA ILE T 712 -88.72 7.48 33.10
C ILE T 712 -89.63 8.55 33.76
N ILE T 713 -89.30 9.83 33.69
CA ILE T 713 -90.29 10.90 33.84
C ILE T 713 -91.04 11.08 32.52
N LEU T 714 -90.35 11.04 31.38
CA LEU T 714 -90.97 11.20 30.06
C LEU T 714 -91.87 10.01 29.67
N SER T 715 -91.46 8.80 30.01
CA SER T 715 -92.25 7.58 29.85
C SER T 715 -92.81 7.23 31.21
N ASN T 716 -94.09 7.52 31.39
CA ASN T 716 -94.74 7.50 32.71
C ASN T 716 -94.85 6.11 33.35
N LYS T 717 -94.43 5.15 32.53
CA LYS T 717 -93.88 3.85 32.77
C LYS T 717 -93.96 3.61 34.28
N HIS T 718 -93.09 4.08 35.12
CA HIS T 718 -92.88 3.33 36.34
C HIS T 718 -92.87 4.12 37.63
N ASP T 719 -92.97 3.36 38.70
CA ASP T 719 -92.98 3.86 40.06
C ASP T 719 -91.56 4.17 40.52
N VAL T 720 -91.31 5.45 40.79
CA VAL T 720 -90.00 6.03 41.13
C VAL T 720 -90.01 6.39 42.61
N VAL T 721 -88.93 6.09 43.29
CA VAL T 721 -88.99 6.00 44.73
C VAL T 721 -87.77 6.71 45.32
N LYS T 722 -88.01 7.51 46.37
CA LYS T 722 -87.01 8.18 47.21
C LYS T 722 -85.85 7.16 47.52
N PRO T 723 -84.61 7.62 47.68
CA PRO T 723 -83.45 6.79 48.02
C PRO T 723 -83.69 5.87 49.21
N ALA T 724 -84.15 6.53 50.28
CA ALA T 724 -84.39 5.94 51.57
C ALA T 724 -85.40 4.79 51.47
N TRP T 725 -86.35 4.74 50.52
CA TRP T 725 -87.33 3.64 50.46
C TRP T 725 -86.68 2.29 50.26
N LEU T 726 -85.43 2.23 49.80
CA LEU T 726 -84.68 0.98 49.79
C LEU T 726 -83.47 0.95 50.70
N LEU T 727 -83.67 1.69 51.78
CA LEU T 727 -82.96 1.69 53.05
C LEU T 727 -83.98 1.80 54.24
N GLU T 728 -85.28 1.84 53.94
CA GLU T 728 -86.45 1.97 54.84
C GLU T 728 -87.49 0.92 54.46
N CYS T 729 -87.56 0.46 53.19
CA CYS T 729 -88.04 -0.89 52.91
C CYS T 729 -87.38 -1.80 53.96
N PHE T 730 -86.12 -1.57 54.29
CA PHE T 730 -85.29 -2.24 55.30
C PHE T 730 -85.85 -2.22 56.74
N LYS T 731 -86.96 -1.50 56.96
CA LYS T 731 -87.82 -1.49 58.16
C LYS T 731 -89.33 -1.60 57.80
N THR T 732 -89.71 -1.70 56.52
CA THR T 732 -91.06 -1.92 55.96
C THR T 732 -91.07 -3.12 54.99
N LYS T 733 -91.87 -3.06 53.92
CA LYS T 733 -91.98 -4.08 52.88
C LYS T 733 -92.60 -3.48 51.62
N SER T 734 -91.90 -2.53 51.02
CA SER T 734 -92.47 -1.72 49.96
C SER T 734 -92.12 -2.26 48.58
N PHE T 735 -93.15 -2.38 47.74
CA PHE T 735 -93.18 -3.33 46.64
C PHE T 735 -94.21 -2.88 45.57
N VAL T 736 -93.96 -1.95 44.65
CA VAL T 736 -95.09 -1.23 43.96
C VAL T 736 -94.76 -0.81 42.49
N PRO T 737 -95.41 -1.28 41.33
CA PRO T 737 -95.15 -1.41 39.79
C PRO T 737 -94.59 -0.46 38.55
N TRP T 738 -95.12 -0.68 37.31
CA TRP T 738 -94.35 -0.55 36.01
C TRP T 738 -94.98 -0.21 34.59
N GLN T 739 -94.18 -0.14 33.46
CA GLN T 739 -94.55 -0.35 31.96
C GLN T 739 -93.40 -0.63 30.88
N PRO T 740 -93.79 -0.88 29.59
CA PRO T 740 -93.09 -0.61 28.33
C PRO T 740 -93.89 0.46 27.52
N ARG T 741 -93.79 0.53 26.19
CA ARG T 741 -94.80 1.21 25.32
C ARG T 741 -95.04 0.50 23.98
N PHE T 742 -96.30 0.43 23.54
CA PHE T 742 -96.74 0.04 22.17
C PHE T 742 -98.24 0.38 21.97
N MET T 743 -98.62 1.11 20.91
CA MET T 743 -100.01 1.47 20.62
C MET T 743 -100.49 0.70 19.40
N ILE T 744 -101.68 0.10 19.43
CA ILE T 744 -102.08 -0.76 18.32
C ILE T 744 -103.55 -0.84 17.98
N HIS T 745 -103.75 -0.52 16.71
CA HIS T 745 -105.00 -0.64 16.03
C HIS T 745 -104.71 -1.37 14.75
N MET T 746 -104.40 -2.65 14.88
CA MET T 746 -104.72 -3.61 13.83
C MET T 746 -106.25 -3.65 13.80
N CYS T 747 -106.89 -4.80 13.82
CA CYS T 747 -108.20 -4.81 14.44
C CYS T 747 -107.86 -4.62 15.93
N PRO T 748 -107.95 -3.40 16.55
CA PRO T 748 -107.39 -3.11 17.87
C PRO T 748 -107.63 -4.24 18.83
N SER T 749 -106.70 -4.44 19.75
CA SER T 749 -106.71 -5.69 20.51
C SER T 749 -106.43 -5.55 22.01
N THR T 750 -105.38 -4.83 22.41
CA THR T 750 -104.97 -4.58 23.79
C THR T 750 -106.00 -3.75 24.55
N LYS T 751 -106.64 -2.73 23.96
CA LYS T 751 -107.63 -1.90 24.66
C LYS T 751 -108.89 -2.69 25.00
N GLU T 752 -109.36 -3.56 24.12
CA GLU T 752 -110.50 -4.45 24.37
C GLU T 752 -110.10 -5.57 25.35
N HIS T 753 -108.87 -6.09 25.29
CA HIS T 753 -108.33 -6.93 26.35
C HIS T 753 -108.31 -6.16 27.68
N PHE T 754 -107.96 -4.87 27.67
CA PHE T 754 -108.03 -3.98 28.82
C PHE T 754 -109.46 -3.53 29.16
N ALA T 755 -110.47 -3.86 28.36
CA ALA T 755 -111.87 -3.77 28.80
C ALA T 755 -112.25 -4.98 29.69
N ARG T 756 -111.50 -6.09 29.55
CA ARG T 756 -111.44 -7.19 30.52
C ARG T 756 -110.43 -6.93 31.63
N GLU T 757 -109.30 -6.26 31.33
CA GLU T 757 -108.12 -6.24 32.18
C GLU T 757 -107.74 -4.92 32.84
N TYR T 758 -108.36 -3.79 32.50
CA TYR T 758 -108.20 -2.54 33.23
C TYR T 758 -109.56 -2.00 33.66
N ASP T 759 -109.58 -1.26 34.78
CA ASP T 759 -110.59 -0.23 34.92
C ASP T 759 -110.45 0.77 33.77
N CYS T 760 -111.58 1.16 33.20
CA CYS T 760 -111.74 2.01 32.01
C CYS T 760 -110.80 3.23 31.95
N TYR T 761 -110.59 3.88 33.09
CA TYR T 761 -109.77 5.08 33.20
C TYR T 761 -108.27 4.86 32.93
N GLY T 762 -107.78 3.63 33.11
CA GLY T 762 -106.37 3.30 32.98
C GLY T 762 -105.77 2.49 34.16
N ASP T 763 -106.46 2.31 35.29
CA ASP T 763 -105.93 1.47 36.37
C ASP T 763 -106.08 -0.01 36.04
N SER T 764 -105.00 -0.65 35.61
CA SER T 764 -105.04 -2.06 35.22
C SER T 764 -105.50 -2.93 36.39
N TYR T 765 -106.52 -3.78 36.23
CA TYR T 765 -106.94 -4.75 37.27
C TYR T 765 -105.76 -5.65 37.65
N PHE T 766 -105.03 -6.14 36.64
CA PHE T 766 -104.04 -7.20 36.80
C PHE T 766 -102.68 -6.70 37.34
N ILE T 767 -102.44 -5.39 37.54
CA ILE T 767 -101.20 -4.85 38.14
C ILE T 767 -101.42 -3.61 39.05
N ASP T 768 -100.86 -3.60 40.26
CA ASP T 768 -100.83 -2.42 41.14
C ASP T 768 -100.28 -1.13 40.47
N THR T 769 -100.70 0.07 40.88
CA THR T 769 -100.29 1.32 40.21
C THR T 769 -100.06 2.45 41.22
N ASP T 770 -99.07 3.32 40.94
CA ASP T 770 -98.34 4.02 42.02
C ASP T 770 -97.97 5.48 41.70
N LEU T 771 -97.05 6.23 42.39
CA LEU T 771 -97.26 7.71 42.59
C LEU T 771 -97.48 8.42 41.27
N ASN T 772 -96.50 8.31 40.38
CA ASN T 772 -96.55 8.97 39.09
C ASN T 772 -97.75 8.46 38.27
N GLN T 773 -98.05 7.17 38.31
CA GLN T 773 -99.19 6.60 37.58
C GLN T 773 -100.55 6.99 38.07
N LEU T 774 -100.69 7.22 39.37
CA LEU T 774 -101.95 7.73 39.87
C LEU T 774 -102.13 9.21 39.53
N LYS T 775 -101.09 10.04 39.68
CA LYS T 775 -101.11 11.45 39.25
C LYS T 775 -101.56 11.59 37.79
N GLU T 776 -101.09 10.70 36.91
CA GLU T 776 -101.51 10.69 35.50
C GLU T 776 -103.00 10.39 35.32
N VAL T 777 -103.51 9.33 35.96
CA VAL T 777 -104.95 9.02 35.94
C VAL T 777 -105.79 10.20 36.40
N PHE T 778 -105.46 10.77 37.55
CA PHE T 778 -106.16 11.93 38.12
C PHE T 778 -106.20 13.13 37.17
N SER T 779 -105.12 13.39 36.45
CA SER T 779 -105.04 14.50 35.50
C SER T 779 -105.91 14.31 34.23
N GLY T 780 -106.32 13.06 33.92
CA GLY T 780 -107.20 12.73 32.80
C GLY T 780 -108.71 12.87 33.07
N ILE T 781 -109.11 12.97 34.34
CA ILE T 781 -110.51 12.84 34.81
C ILE T 781 -111.39 14.08 34.51
N LYS T 782 -112.71 13.87 34.34
CA LYS T 782 -113.80 14.88 34.41
C LYS T 782 -115.04 14.39 35.17
N ASN T 783 -115.80 15.32 35.72
CA ASN T 783 -116.62 15.12 36.94
C ASN T 783 -117.86 14.21 36.81
N SER T 784 -118.21 13.55 37.93
CA SER T 784 -119.39 12.68 38.13
C SER T 784 -119.61 12.38 39.63
N ASN T 785 -120.49 11.44 40.00
CA ASN T 785 -120.49 10.75 41.29
C ASN T 785 -121.23 9.43 41.17
N GLU T 786 -120.70 8.35 41.71
CA GLU T 786 -121.36 7.05 41.76
C GLU T 786 -121.91 6.74 43.15
N GLN T 787 -122.83 5.76 43.26
CA GLN T 787 -123.89 5.71 44.28
C GLN T 787 -124.73 6.99 44.11
N THR T 788 -125.88 7.14 44.75
CA THR T 788 -126.50 8.46 44.69
C THR T 788 -125.58 9.44 45.42
N PRO T 789 -125.43 10.69 44.96
CA PRO T 789 -124.66 11.69 45.67
C PRO T 789 -125.06 11.76 47.14
N GLU T 790 -126.36 11.67 47.44
CA GLU T 790 -126.86 11.68 48.82
C GLU T 790 -126.41 10.46 49.63
N GLU T 791 -126.40 9.28 49.02
CA GLU T 791 -125.85 8.08 49.65
C GLU T 791 -124.37 8.29 49.95
N MET T 792 -123.60 8.69 48.93
CA MET T 792 -122.15 8.84 49.07
C MET T 792 -121.72 9.84 50.10
N ALA T 793 -122.33 11.02 50.09
CA ALA T 793 -122.01 12.04 51.07
C ALA T 793 -122.15 11.52 52.50
N SER T 794 -123.27 10.85 52.79
CA SER T 794 -123.49 10.30 54.13
C SER T 794 -122.58 9.12 54.47
N LEU T 795 -122.24 8.23 53.52
CA LEU T 795 -121.25 7.17 53.77
C LEU T 795 -119.92 7.75 54.28
N ILE T 796 -119.44 8.81 53.62
CA ILE T 796 -118.17 9.47 53.96
C ILE T 796 -118.28 10.20 55.30
N ALA T 797 -119.35 10.98 55.48
CA ALA T 797 -119.59 11.76 56.69
C ALA T 797 -119.66 10.85 57.93
N ASP T 798 -120.42 9.78 57.84
CA ASP T 798 -120.61 8.84 58.93
C ASP T 798 -119.30 8.18 59.35
N LEU T 799 -118.51 7.74 58.37
CA LEU T 799 -117.24 7.10 58.65
C LEU T 799 -116.26 8.06 59.33
N GLU T 800 -116.07 9.27 58.81
CA GLU T 800 -115.23 10.26 59.48
C GLU T 800 -115.78 10.70 60.85
N TYR T 801 -117.11 10.72 61.04
CA TYR T 801 -117.71 10.99 62.35
C TYR T 801 -117.40 9.88 63.37
N ARG T 802 -117.70 8.62 63.02
CA ARG T 802 -117.53 7.47 63.94
C ARG T 802 -116.10 7.38 64.43
N TYR T 803 -115.19 7.35 63.48
CA TYR T 803 -113.77 7.11 63.74
C TYR T 803 -113.00 8.41 63.96
N SER T 804 -113.69 9.51 64.20
CA SER T 804 -113.08 10.81 64.49
C SER T 804 -112.14 11.31 63.39
N TRP T 805 -112.23 10.82 62.14
CA TRP T 805 -111.40 11.36 61.06
C TRP T 805 -111.92 12.70 60.56
N ASP T 806 -113.11 13.08 60.97
CA ASP T 806 -113.53 14.48 60.93
C ASP T 806 -112.62 15.32 61.84
N CYS T 807 -111.71 14.71 62.63
CA CYS T 807 -110.58 15.26 63.37
C CYS T 807 -109.21 15.09 62.66
N SER T 808 -109.14 14.53 61.44
CA SER T 808 -107.91 14.48 60.61
C SER T 808 -107.29 15.86 60.57
N PRO T 809 -105.96 16.08 60.63
CA PRO T 809 -105.49 17.40 61.06
C PRO T 809 -106.00 18.54 60.21
N LEU T 810 -105.82 18.44 58.89
CA LEU T 810 -106.30 19.44 57.95
C LEU T 810 -107.82 19.30 57.72
N SER T 811 -108.48 18.29 58.21
CA SER T 811 -109.92 18.13 58.08
C SER T 811 -110.65 18.17 59.45
N MET T 812 -109.97 18.58 60.54
CA MET T 812 -110.38 18.23 61.90
C MET T 812 -111.63 18.99 62.36
N PHE T 813 -111.96 20.08 61.66
CA PHE T 813 -113.19 20.81 61.90
C PHE T 813 -114.24 20.51 60.83
N ARG T 814 -114.11 19.45 60.03
CA ARG T 814 -115.02 19.16 58.90
C ARG T 814 -116.48 19.14 59.30
N ARG T 815 -116.75 18.58 60.48
CA ARG T 815 -118.10 18.47 61.03
C ARG T 815 -118.40 19.59 62.04
N HIS T 816 -117.75 20.74 61.82
CA HIS T 816 -118.09 22.04 62.39
C HIS T 816 -118.53 23.03 61.33
N THR T 817 -119.81 23.41 61.36
CA THR T 817 -120.28 24.66 60.75
C THR T 817 -120.03 25.79 61.73
N VAL T 818 -119.35 26.87 61.30
CA VAL T 818 -118.82 27.92 62.18
C VAL T 818 -119.22 29.31 61.71
N TYR T 819 -119.85 30.09 62.58
CA TYR T 819 -119.94 31.55 62.48
C TYR T 819 -118.80 32.20 63.30
N LEU T 820 -118.43 33.42 62.91
CA LEU T 820 -117.24 34.15 63.35
C LEU T 820 -117.63 35.61 63.60
N ASP T 821 -117.23 36.20 64.72
CA ASP T 821 -117.73 37.53 65.12
C ASP T 821 -117.01 38.74 64.45
N SER T 822 -116.96 38.74 63.12
CA SER T 822 -116.38 39.81 62.28
C SER T 822 -117.40 40.88 61.82
N TYR T 823 -118.57 40.93 62.45
CA TYR T 823 -119.69 41.77 62.06
C TYR T 823 -120.19 42.60 63.26
N ALA T 824 -120.13 43.94 63.17
CA ALA T 824 -120.57 44.81 64.27
C ALA T 824 -122.07 44.65 64.57
N VAL T 825 -122.85 44.29 63.56
CA VAL T 825 -124.23 43.82 63.70
C VAL T 825 -124.29 42.36 63.24
N ILE T 826 -124.67 41.44 64.14
CA ILE T 826 -124.79 39.99 63.84
C ILE T 826 -125.67 39.83 62.57
N ASN T 827 -125.19 39.06 61.58
CA ASN T 827 -125.82 38.78 60.27
C ASN T 827 -126.01 39.96 59.26
N ASP T 828 -125.54 41.20 59.49
CA ASP T 828 -125.55 42.27 58.45
C ASP T 828 -124.22 42.31 57.68
N LEU T 829 -124.22 41.76 56.46
CA LEU T 829 -123.01 41.42 55.69
C LEU T 829 -122.12 42.60 55.30
N SER T 830 -122.44 43.85 55.64
CA SER T 830 -121.35 44.82 55.79
C SER T 830 -121.50 45.89 56.86
N THR T 831 -121.46 45.29 58.05
CA THR T 831 -121.01 45.89 59.31
C THR T 831 -119.63 45.25 59.58
N LYS T 832 -118.92 44.88 58.51
CA LYS T 832 -117.78 43.97 58.47
C LYS T 832 -116.58 44.64 59.14
N ASN T 833 -116.21 44.17 60.33
CA ASN T 833 -115.07 44.61 61.15
C ASN T 833 -113.72 44.14 60.56
N GLU T 834 -113.50 44.17 59.25
CA GLU T 834 -112.30 43.59 58.64
C GLU T 834 -110.99 44.32 59.03
N GLY T 835 -109.86 43.62 58.90
CA GLY T 835 -108.59 44.02 59.53
C GLY T 835 -108.32 43.36 60.90
N THR T 836 -109.35 42.70 61.44
CA THR T 836 -109.37 41.92 62.69
C THR T 836 -108.55 40.64 62.57
N ARG T 837 -107.78 40.25 63.60
CA ARG T 837 -107.15 38.90 63.60
C ARG T 837 -108.11 37.71 63.59
N LEU T 838 -109.41 37.94 63.79
CA LEU T 838 -110.46 37.00 63.39
C LEU T 838 -110.44 36.62 61.90
N ALA T 839 -110.05 37.53 60.98
CA ALA T 839 -109.89 37.22 59.57
C ALA T 839 -108.89 36.06 59.38
N ILE T 840 -107.79 36.13 60.12
CA ILE T 840 -106.75 35.10 60.14
C ILE T 840 -107.23 33.81 60.80
N LYS T 841 -108.09 33.86 61.84
CA LYS T 841 -108.72 32.64 62.40
C LYS T 841 -109.72 31.98 61.46
N ALA T 842 -110.43 32.73 60.61
CA ALA T 842 -111.25 32.14 59.55
C ALA T 842 -110.38 31.42 58.50
N LEU T 843 -109.22 31.97 58.16
CA LEU T 843 -108.21 31.30 57.33
C LEU T 843 -107.72 30.02 58.01
N GLU T 844 -107.35 30.08 59.29
CA GLU T 844 -106.95 28.90 60.05
C GLU T 844 -108.09 27.83 60.13
N LEU T 845 -109.37 28.19 60.35
CA LEU T 845 -110.51 27.23 60.36
C LEU T 845 -110.78 26.57 59.02
N ARG T 846 -110.84 27.38 57.97
CA ARG T 846 -110.92 26.89 56.61
C ARG T 846 -109.69 26.03 56.27
N PHE T 847 -108.46 26.39 56.68
CA PHE T 847 -107.23 25.59 56.47
C PHE T 847 -107.31 24.21 57.14
N HIS T 848 -108.23 24.04 58.10
CA HIS T 848 -108.45 22.78 58.79
C HIS T 848 -109.90 22.22 58.67
N GLY T 849 -110.62 22.61 57.62
CA GLY T 849 -111.83 21.93 57.14
C GLY T 849 -113.18 22.48 57.62
N ALA T 850 -113.22 23.50 58.47
CA ALA T 850 -114.49 24.05 58.96
C ALA T 850 -115.35 24.66 57.83
N LYS T 851 -116.66 24.44 57.89
CA LYS T 851 -117.64 25.17 57.06
C LYS T 851 -117.88 26.54 57.69
N VAL T 852 -116.93 27.44 57.47
CA VAL T 852 -117.02 28.85 57.86
C VAL T 852 -118.14 29.50 57.05
N VAL T 853 -118.98 30.27 57.73
CA VAL T 853 -120.25 30.82 57.19
C VAL T 853 -120.37 32.33 57.49
N SER T 854 -121.11 33.09 56.67
CA SER T 854 -121.40 34.54 56.87
C SER T 854 -122.86 34.87 57.25
N CYS T 855 -123.63 33.87 57.73
CA CYS T 855 -124.93 34.05 58.39
C CYS T 855 -125.15 33.01 59.52
N LEU T 856 -125.52 33.47 60.73
CA LEU T 856 -125.82 32.67 61.92
C LEU T 856 -127.19 31.95 61.81
N ALA T 857 -127.50 31.31 60.66
CA ALA T 857 -128.71 30.51 60.48
C ALA T 857 -128.64 29.21 61.30
N GLU T 858 -129.76 28.49 61.33
CA GLU T 858 -129.96 27.30 62.14
C GLU T 858 -128.98 26.13 61.82
N GLY T 859 -128.27 26.17 60.68
CA GLY T 859 -127.24 25.20 60.29
C GLY T 859 -125.91 25.25 61.07
N VAL T 860 -125.72 26.24 61.96
CA VAL T 860 -124.43 26.51 62.64
C VAL T 860 -124.25 25.73 63.94
N SER T 861 -123.08 25.13 64.11
CA SER T 861 -122.71 24.44 65.36
C SER T 861 -121.92 25.31 66.33
N HIS T 862 -121.18 26.31 65.84
CA HIS T 862 -120.22 27.09 66.63
C HIS T 862 -120.24 28.56 66.25
N VAL T 863 -120.06 29.46 67.22
CA VAL T 863 -119.71 30.87 67.06
C VAL T 863 -118.34 31.07 67.68
N ILE T 864 -117.46 31.84 67.03
CA ILE T 864 -116.13 32.12 67.55
C ILE T 864 -115.97 33.60 67.89
N ILE T 865 -115.48 33.86 69.10
CA ILE T 865 -115.37 35.19 69.71
C ILE T 865 -113.92 35.63 69.85
N GLY T 866 -113.63 36.88 69.44
CA GLY T 866 -112.31 37.48 69.55
C GLY T 866 -112.06 38.26 70.85
N GLU T 867 -111.29 39.35 70.77
CA GLU T 867 -111.07 40.26 71.91
C GLU T 867 -112.35 41.01 72.29
N ASP T 868 -113.10 41.48 71.31
CA ASP T 868 -114.37 42.20 71.52
C ASP T 868 -115.47 41.23 71.98
N HIS T 869 -115.89 41.33 73.24
CA HIS T 869 -117.03 40.57 73.80
C HIS T 869 -118.35 41.36 73.71
N SER T 870 -118.39 42.50 73.00
CA SER T 870 -119.59 43.37 72.92
C SER T 870 -120.88 42.61 72.62
N ARG T 871 -120.82 41.60 71.73
CA ARG T 871 -122.01 40.88 71.25
C ARG T 871 -122.29 39.53 71.94
N VAL T 872 -121.51 39.12 72.95
CA VAL T 872 -121.70 37.78 73.57
C VAL T 872 -123.05 37.64 74.27
N ALA T 873 -123.51 38.69 74.95
CA ALA T 873 -124.84 38.76 75.54
C ALA T 873 -125.93 38.52 74.49
N ASP T 874 -125.70 39.03 73.28
CA ASP T 874 -126.62 38.94 72.16
C ASP T 874 -126.51 37.60 71.46
N PHE T 875 -125.33 37.01 71.28
CA PHE T 875 -125.21 35.62 70.85
C PHE T 875 -125.92 34.72 71.83
N LYS T 876 -125.67 34.84 73.13
CA LYS T 876 -126.35 34.07 74.18
C LYS T 876 -127.85 34.28 74.17
N ALA T 877 -128.33 35.52 74.06
CA ALA T 877 -129.75 35.84 73.99
C ALA T 877 -130.39 35.29 72.71
N PHE T 878 -129.71 35.42 71.57
CA PHE T 878 -130.15 34.92 70.26
C PHE T 878 -130.23 33.39 70.30
N ARG T 879 -129.21 32.74 70.88
CA ARG T 879 -129.11 31.28 71.08
C ARG T 879 -130.22 30.69 71.92
N ARG T 880 -130.89 31.48 72.79
CA ARG T 880 -132.16 31.07 73.44
C ARG T 880 -133.26 30.72 72.43
N THR T 881 -133.23 31.30 71.22
CA THR T 881 -134.21 31.03 70.12
C THR T 881 -134.05 29.63 69.51
N PHE T 882 -132.81 29.15 69.37
CA PHE T 882 -132.47 28.06 68.45
C PHE T 882 -132.97 26.70 68.88
N LYS T 883 -133.29 25.86 67.90
CA LYS T 883 -133.67 24.45 68.07
C LYS T 883 -132.47 23.52 68.26
N ARG T 884 -131.40 23.70 67.47
CA ARG T 884 -130.05 23.14 67.75
C ARG T 884 -129.09 24.29 68.01
N LYS T 885 -128.51 24.27 69.20
CA LYS T 885 -127.92 25.44 69.85
C LYS T 885 -126.42 25.46 69.62
N PHE T 886 -125.92 26.53 69.00
CA PHE T 886 -124.50 26.65 68.76
C PHE T 886 -123.74 26.86 70.07
N LYS T 887 -122.56 26.26 70.11
CA LYS T 887 -121.56 26.63 71.08
C LYS T 887 -120.97 27.98 70.74
N ILE T 888 -120.58 28.75 71.74
CA ILE T 888 -119.78 29.95 71.55
C ILE T 888 -118.40 29.60 72.09
N LEU T 889 -117.34 29.82 71.33
CA LEU T 889 -115.99 29.42 71.72
C LEU T 889 -115.00 30.57 71.54
N LYS T 890 -113.98 30.60 72.40
CA LYS T 890 -112.83 31.50 72.25
C LYS T 890 -112.04 31.21 70.96
N GLU T 891 -111.28 32.20 70.48
CA GLU T 891 -110.28 32.02 69.41
C GLU T 891 -109.28 30.87 69.69
N SER T 892 -108.93 30.64 70.95
CA SER T 892 -107.88 29.68 71.35
C SER T 892 -108.26 28.21 71.08
N TRP T 893 -109.55 27.83 70.97
CA TRP T 893 -109.97 26.45 70.65
C TRP T 893 -109.37 25.97 69.34
N VAL T 894 -109.46 26.84 68.33
CA VAL T 894 -108.92 26.55 67.02
C VAL T 894 -107.39 26.57 67.03
N THR T 895 -106.76 27.57 67.66
CA THR T 895 -105.28 27.62 67.79
C THR T 895 -104.71 26.34 68.40
N ASP T 896 -105.25 25.93 69.55
CA ASP T 896 -104.74 24.76 70.29
C ASP T 896 -104.98 23.46 69.53
N SER T 897 -106.17 23.28 68.96
CA SER T 897 -106.49 22.10 68.18
C SER T 897 -105.56 21.96 66.97
N ILE T 898 -105.25 23.07 66.30
CA ILE T 898 -104.26 23.11 65.22
C ILE T 898 -102.84 22.78 65.73
N ASP T 899 -102.36 23.42 66.81
CA ASP T 899 -101.02 23.17 67.36
C ASP T 899 -100.81 21.72 67.82
N LYS T 900 -101.83 21.10 68.42
CA LYS T 900 -101.85 19.68 68.80
C LYS T 900 -102.21 18.72 67.66
N CYS T 901 -102.51 19.22 66.46
CA CYS T 901 -102.95 18.46 65.28
C CYS T 901 -104.22 17.60 65.49
N GLU T 902 -105.06 17.97 66.45
CA GLU T 902 -106.15 17.15 67.01
C GLU T 902 -107.24 18.06 67.57
N LEU T 903 -108.52 17.72 67.42
CA LEU T 903 -109.57 18.46 68.12
C LEU T 903 -109.34 18.41 69.63
N GLN T 904 -108.89 19.53 70.21
CA GLN T 904 -109.11 19.77 71.63
C GLN T 904 -110.56 20.14 71.77
N GLU T 905 -111.21 19.67 72.83
CA GLU T 905 -112.66 19.74 72.83
C GLU T 905 -113.26 20.80 73.74
N GLU T 906 -114.29 21.36 73.14
CA GLU T 906 -114.82 22.69 73.29
C GLU T 906 -115.12 23.20 74.69
N ASN T 907 -115.41 22.34 75.67
CA ASN T 907 -116.05 22.82 76.91
C ASN T 907 -115.12 23.57 77.88
N GLN T 908 -113.81 23.41 77.74
CA GLN T 908 -112.82 24.30 78.37
C GLN T 908 -112.62 25.64 77.62
N TYR T 909 -113.12 25.77 76.39
CA TYR T 909 -113.07 26.99 75.54
C TYR T 909 -114.42 27.71 75.39
N LEU T 910 -115.45 27.24 76.10
CA LEU T 910 -116.78 27.82 76.06
C LEU T 910 -116.78 29.30 76.48
N ILE T 911 -117.42 30.12 75.64
CA ILE T 911 -117.62 31.59 75.66
C ILE T 911 -116.35 32.44 75.55
MG MG U . 87.94 10.84 -98.92
PG ATP V . 86.62 7.95 -100.22
O1G ATP V . 87.37 9.13 -100.75
O2G ATP V . 85.60 8.31 -99.17
O3G ATP V . 86.05 7.07 -101.31
PB ATP V . 88.97 7.42 -98.53
O1B ATP V . 88.98 8.91 -98.35
O2B ATP V . 90.17 6.73 -99.05
O3B ATP V . 87.72 7.04 -99.45
PA ATP V . 89.03 6.96 -95.63
O1A ATP V . 88.97 8.42 -95.31
O2A ATP V . 90.35 6.26 -95.47
O3A ATP V . 88.53 6.74 -97.15
O5' ATP V . 87.90 6.18 -94.82
C5' ATP V . 86.85 5.50 -95.54
C4' ATP V . 85.53 5.74 -94.86
O4' ATP V . 85.69 5.58 -93.43
C3' ATP V . 84.93 7.14 -95.03
O3' ATP V . 84.18 7.22 -96.22
C2' ATP V . 84.05 7.25 -93.78
O2' ATP V . 82.80 6.65 -93.97
C1' ATP V . 84.90 6.52 -92.75
N9 ATP V . 85.77 7.38 -91.96
C8 ATP V . 86.94 7.96 -92.35
N7 ATP V . 87.50 8.69 -91.41
C5 ATP V . 86.63 8.56 -90.32
C6 ATP V . 86.66 9.08 -89.02
N6 ATP V . 87.60 9.86 -88.58
N1 ATP V . 85.64 8.76 -88.20
C2 ATP V . 84.67 7.96 -88.67
N3 ATP V . 84.53 7.41 -89.87
C4 ATP V . 85.57 7.76 -90.66
MG MG W . -30.94 -101.25 81.48
PG ATP X . -27.58 -101.56 82.13
O1G ATP X . -28.86 -101.90 82.84
O2G ATP X . -27.65 -100.22 81.43
O3G ATP X . -26.37 -101.69 83.02
PB ATP X . -28.45 -103.35 79.99
O1B ATP X . -29.79 -102.75 80.23
O2B ATP X . -28.27 -104.83 80.06
O3B ATP X . -27.40 -102.65 80.97
PA ATP X . -28.59 -102.77 77.12
O1A ATP X . -29.90 -102.07 77.23
O2A ATP X . -28.58 -104.15 76.52
O3A ATP X . -27.91 -102.84 78.57
O5' ATP X . -27.55 -101.86 76.32
C5' ATP X . -26.36 -101.39 77.00
C4' ATP X . -26.12 -99.94 76.66
O4' ATP X . -26.30 -99.75 75.24
C3' ATP X . -27.05 -98.93 77.31
O3' ATP X . -26.58 -98.56 78.60
C2' ATP X . -26.98 -97.77 76.32
O2' ATP X . -25.87 -96.94 76.55
C1' ATP X . -26.89 -98.49 74.99
N9 ATP X . -28.18 -98.72 74.34
C8 ATP X . -29.14 -99.63 74.66
N7 ATP X . -30.18 -99.59 73.88
C5 ATP X . -29.88 -98.57 72.98
C6 ATP X . -30.59 -98.03 71.88
N6 ATP X . -31.75 -98.44 71.53
N1 ATP X . -30.00 -97.02 71.20
C2 ATP X . -28.80 -96.61 71.59
N3 ATP X . -28.04 -97.04 72.60
C4 ATP X . -28.65 -98.03 73.26
#